data_6QBX
#
_entry.id   6QBX
#
_cell.length_a   1.000
_cell.length_b   1.000
_cell.length_c   1.000
_cell.angle_alpha   90.000
_cell.angle_beta   90.000
_cell.angle_gamma   90.000
#
_symmetry.space_group_name_H-M   'P 1'
#
loop_
_entity.id
_entity.type
_entity.pdbx_description
1 polymer 'Ubiquinol-cytochrome c reductase core protein 1'
2 polymer 'Ubiquinol-cytochrome c reductase core protein 2'
3 polymer 'Cytochrome b'
4 polymer 'Cytochrome c1'
5 polymer 'Cytochrome b-c1 complex subunit Rieske, mitochondrial'
6 polymer 'Cytochrome b-c1 complex subunit 7'
7 polymer 'Ubiquinol-cytochrome c reductase complex III subunit VII'
8 polymer 'Cytochrome b-c1 complex subunit 6'
9 polymer UQCRFS1N
10 polymer 'Ubiquinol-cytochrome c reductase, complex III subunit X'
11 polymer 'NADH dehydrogenase [ubiquinone] flavoprotein 1, mitochondrial'
12 polymer NDUFV2
13 polymer 'NADH:ubiquinone oxidoreductase core subunit S1'
14 polymer NDUFS2
15 polymer 'NADH:ubiquinone oxidoreductase core subunit S3'
16 polymer NDUFS7
17 polymer NDUFS8
18 polymer NDUFV3
19 polymer NDUFS6
20 polymer 'NADH:ubiquinone oxidoreductase subunit S4'
21 polymer 'NADH:ubiquinone oxidoreductase subunit A9'
22 polymer 'NADH dehydrogenase [ubiquinone] 1 alpha subcomplex subunit 2'
23 polymer NDUFA5
24 polymer 'NADH:ubiquinone oxidoreductase subunit A6'
25 polymer NDUFA7
26 polymer 'NADH dehydrogenase [ubiquinone] 1 alpha subcomplex subunit 12'
27 polymer 'Acyl carrier protein'
28 polymer NDUFA13
29 polymer 'NADH-ubiquinone oxidoreductase chain 3'
30 polymer 'NADH-ubiquinone oxidoreductase chain 1'
31 polymer 'NADH-ubiquinone oxidoreductase chain 6'
32 polymer 'NADH-ubiquinone oxidoreductase chain 4L'
33 polymer 'NADH-ubiquinone oxidoreductase chain 5'
34 polymer 'NADH-ubiquinone oxidoreductase chain 4'
35 polymer 'NADH-ubiquinone oxidoreductase chain 2'
36 polymer NDUFA11
37 polymer 'NADH:ubiquinone oxidoreductase subunit B5'
38 polymer 'NADH dehydrogenase [ubiquinone] 1 alpha subcomplex subunit 8'
39 polymer NDUFB10
40 polymer 'NADH dehydrogenase [ubiquinone] 1 alpha subcomplex subunit 10, mitochondrial'
41 polymer 'NADH:ubiquinone oxidoreductase subunit S5'
42 polymer 'NADH:ubiquinone oxidoreductase subunit A3'
43 polymer 'NADH:ubiquinone oxidoreductase subunit B3'
44 polymer 'NADH dehydrogenase [ubiquinone] 1 subunit C2'
45 polymer 'NADH:ubiquinone oxidoreductase subunit B4'
46 polymer NDUFB6
47 polymer 'NADH:ubiquinone oxidoreductase subunit B7'
48 polymer 'NADH:ubiquinone oxidoreductase subunit B9'
49 polymer 'NADH:ubiquinone oxidoreductase subunit B2'
50 polymer 'NADH dehydrogenase [ubiquinone] 1 beta subcomplex subunit 8, mitochondrial'
51 polymer NDUFB11
52 polymer NDUFC1
53 polymer NDUFB1
54 polymer NDUFA1
55 non-polymer 'PROTOPORPHYRIN IX CONTAINING FE'
56 non-polymer 'HEME C'
57 non-polymer 'FE2/S2 (INORGANIC) CLUSTER'
58 non-polymer 'IRON/SULFUR CLUSTER'
59 non-polymer 'FLAVIN MONONUCLEOTIDE'
60 non-polymer 1,2-Distearoyl-sn-glycerophosphoethanolamine
61 non-polymer 'ZINC ION'
62 non-polymer 'NADPH DIHYDRO-NICOTINAMIDE-ADENINE-DINUCLEOTIDE PHOSPHATE'
63 non-polymer 'S-[2-({N-[(2S)-2-hydroxy-3,3-dimethyl-4-(phosphonooxy)butanoyl]-beta-alanyl}amino)ethyl] tetradecanethioate'
64 non-polymer 1,2-DIACYL-SN-GLYCERO-3-PHOSPHOCHOLINE
#
loop_
_entity_poly.entity_id
_entity_poly.type
_entity_poly.pdbx_seq_one_letter_code
_entity_poly.pdbx_strand_id
1 'polypeptide(L)'
;TATYAQALQSVPETQVSQLDNGLRVASEQSSQPTCTVGVWIDAGSRYETEKNNGAGYFVEHLAFKGTKNRPGNALEKEVE
SMGAHLNAYSTREHTAYYIKALSKDLPKAVELLADIVQNCSLEDSQIEKERDVILQELQENDTSMRDVVFNYLHATAFQG
TPLAQSVEGPSENVRKLSRADLTEYLSRHYKAPRMVLAAAGGLEHRQLLDLAQKHFSGLSGTYDEDAVPTLTPCRFTGSE
IRHREDGLPLAHVAIAVEGPGWANPDNVALQVANAIIGHYDCTYGGGMHLSSPLASVAVTNKLCQSFQTFNICYADTGLL
GAHFVCDHMSIDDMMFVLQGQWMRLCTSATESEVVRGKNLLRNALVSHLDGTTPVCEDIGRSLLTYGRRIPLAEWESRIA
EVDARVVREVCSKYFYDQCPAVAGFGPIEQLPDYNRIRSGMFWLRF
;
a1,a3
2 'polypeptide(L)'
;SLKVAPKAKATAAPAGVPQHPQDLEFTRLPNGLVIASLENYAPASRIGLFIKAGSRYENFNNLGTSHLLRLASSLTTKGA
SSFKITRGIEAVGGKLSVTSTRENMAYTVECLRDDVDILMEFLLNVTTAPEFRRWEVAALQSQLRIDKAVAFQNPQAHVI
ENLHAAAYRNALANSLYCPDYRIGKVTPDELHDYVQNHFTSARMALIGLGVSHPVLKQVAEQFLNIRGGLGLSGAKAKYR
GGEIREQNGDSLVHAALVAESAAIGSAEANAFSVLQHVLGAGPHVKRGSNATSSLYQAVAKGVHQPFDVSAFNASYSDSG
LFGFYTISQAASAGDVIKAAYNQVKTIAQGNLSNPDVQAAKNKLKAGYLMSVESSEGFLDEVGCQALAAGSYTPPSTVLQ
QIDAVADADVINAAKKFVSGRKSMAASGNLGHTPFIDEL
;
a2,a4
3 'polypeptide(L)'
;MINIRKTHPLMKIVNNAFIDLPAPSNISSWWNFGSLLGICLILQILTGLFLAMHYTPDTTTAFSSVTHICRDVNYGWIIR
YMHANGASMFFICLFMHVGRGLYYGSYTFLETWNIGVILLFATMATAFMGYVLPWGQMSFWGATVITNLLSAIPYIGTNL
VEWIWGGFSVDKATLTRFFAFHFIFPFIIAALAMVHLLFLHETGSNNPTGIPSDTDKIPFHPYYTIKDILGAILLILILM
LLVLFTPDLLGDPDNYTPANPLNTPPHIKPEWYFLFAYAILRSIPNKLGGVLALVLSILVLVIMPLLHTSKQRSMMFRPI
SQCMFWILVADLLTLTWIGGQPVEHPYIIIGQLASIMYFLIILVMMPVASIIENNLLKW
;
b1,b2
4 'polypeptide(L)'
;SDLELHPPSYPWSHRGLLSSLDHTSIRRGFQVYKQVCSSCHSMDYVAYRHLVGVCYTEDEAKALAEEVEVQDGPNEDGEM
FMRPGKLSDYFPKPYPNPEAARAANNGALPPDLSYIVRARHGGEDYVFSLLTGYCEPPRVSLREGLYFNPYFPGQAIGMA
PPIYNEVLEFDDGTPATMSQVAKDVCTFLRWAAEPEHDHRKRMGLKMLLMMGLLLPLVYAMKRHKWSVLKSRKLAYRPPK
;
c1,c2
5 'polypeptide(L)'
;SHTDIKVPDFSDYRRPEVLDSTKSSKESSEARKGFSYLITATTTVGVAYAAKNVVSQFVSSMSASADVLAMSKIEIKLSD
IPEGKNMAFKWRGKPLFVRHRTKKEIDQEAAVEVSQLRDPQHDLERVKKPEWVILIGVCTHLGCVPIANAGDFGGYYCPC
HGSHYDASGRIRKGPAPLNLEVPSYEFTSDDMVIVG
;
f1,f2
6 'polypeptide(L)'
;AGRPAVSASSKWLEGIRKWYYNAAGFNKLGLMRDDTIHENDDVKEAIRRLPENLYNDRVFRIKRALDLSMRQQILPKEQW
TKYEEDKFYLEPYLKEVIRERKEREEWTKK
;
d1,d2
7 'polypeptide(L)'
;GRQFGHLTRVRHVITYSLSPFEQRAFPHYFSKGIPNVLRRTRACILRVAPPFVVFYLVYTWGTQEFEKSKRKNPAAYEND
K
;
q1,q2
8 'polypeptide(L)' GDPKEEEEEEEELVDPLTTVREQCEQLEKCVKARERLELCDERVSSRSQTEEDCTEELFDFLHARDHCVAHKLFNSLK h1,h2
9 'polypeptide(L)'
;(UNK)(UNK)(UNK)(UNK)(UNK)(UNK)(UNK)(UNK)(UNK)(UNK)(UNK)(UNK)(UNK)(UNK)(UNK)(UNK)
(UNK)(UNK)(UNK)(UNK)(UNK)(UNK)(UNK)(UNK)(UNK)(UNK)(UNK)(UNK)(UNK)(UNK)(UNK)(UNK)
(UNK)(UNK)(UNK)(UNK)(UNK)(UNK)(UNK)(UNK)(UNK)(UNK)(UNK)(UNK)(UNK)(UNK)(UNK)(UNK)
(UNK)(UNK)(UNK)(UNK)(UNK)(UNK)(UNK)(UNK)(UNK)(UNK)(UNK)(UNK)(UNK)(UNK)(UNK)(UNK)
(UNK)(UNK)(UNK)(UNK)(UNK)(UNK)(UNK)(UNK)(UNK)(UNK)(UNK)(UNK)(UNK)(UNK)
;
x1,x2
10 'polypeptide(L)' AAPTLTARLYSLLFRRTSTFALTIVVGALFFERAFDQGADAIYEHINEGKLWKHIKHKYENKE i1,i2
11 'polypeptide(L)'
;FSGDTTAPKKTSFGSLKDEDRIFTNLYGRHDWRLKGAQSRGDWYKTKEILLKGPDWILGEVKTSGLRGRGGAGFPTGLKW
SFMNKPSDGRPKYLVVNADEGEPGTCKDREIIRHDPHKLVEGCLVGGRAMGARAAYIYIRGEFYNEASNLQVAIREAYEA
GLIGKNACGSGYDFDVFVVRGAGAYICGEETALIESIEGKQGKPRLKPPFPADVGVFGCPTTVANVETVAVSPTICRRGG
AWFASFGRERNSGTKLFNISGHVNNPCTVEEEMSVPLKELIEKHAGGVTGGWDNLLAVIPGGSSTPLIPKSVCETVLMDF
DALIQAQTGLGTAAVIVMDRSTDIVKAIARLIEFYKHESCGQCTPCREGVDWMNKVMARFVRGDARPAEIDSLWEISKQI
EGHTICALGDGAAWPVQGLIRHFRPELEERMQRFAQQHQARQAAS
;
V1
12 'polypeptide(L)'
;GAGGALFVHRDTPKNNPETPFDFTPENYKRIEAIVKNYPEGHKAAAVLPVLDLAQRQNGWLPISAMNKVAEILQVPPMRV
YEVATFYTMYNRKPVGKYHIQVCTTTPCMLRNSDSILEAIQKKLGIKVGETTPDKLFTLIEVECLGACVNAPMVQINDNY
YEDLTPKDIEEIIDELKAGKIPKPGPRSGRFSCEPAGGLTSLTEPPKGPGFGVQAGL
;
V2
13 'polypeptide(L)'
;TATAASNLIEVFVDGQSVMVEPGTTVLQACEKVGMQIPRFCYHERLSVAGNCRMCLVEIEKAPKVVAACAMPVMKGWNIL
TNSEKTKKAREGVMEFLLANHPLDCPICDQGGECDLQDQSMMFGSDRSRFLEGKRAVEDKNIGPLVKTIMTRCIQCTRCI
RFASEIAGVDDLGTTGRGNDMQVGTYIEKMFMSELSGNIIDICPVGALTSKPYAFTARPWETRKTESIDVMDAVGSNIVV
STRTGEVMRILPRMHEDINEEWISDKTRFAYDGLKRQRLTEPMVRNEKGLLTHTTWEDALSRVAGMLQSCQGNDVAAIAG
GLVDAEALIALKDLLNRVDSDTLCTEEVFPTAGAGTDLRSNYLLNTTIAGVEEADVVLLVGTNPRFEAPLFNARIRKSWL
HNDLKVALIGSPVDLTYRYDHLGDSPKILQDIASGSHPFSQVLQEAKKPMVVLGSSALQRNDGAAILAAVSNIAQKIRTS
SGVTGDWKVMNILHRIASQVAALDLGYKPGVEAIRKNPPKMLFLLGADGGCVTRQDLPKDCFIVYQGHHGDVGAPIADVI
LPGAAYTEKSATYVNTEGRAQQTKVAVMPPGLAREDWKIIRALSEIAGMTLPYDTLDQVRNRLEEVSPNLVRYDDVEGAN
YFQQASELSKLVNQQLLADPLVPPQLTIKDFYMTDSISRASQTMAKCVKAVTEGAHAVEEPSIC
;
S1
14 'polypeptide(L)'
;ARQWQPDVEWAEQYGGAVMYPTKETAHWKPPPWNDVDPPKDTLVSNLTLNFGPQHPAAHGVLRLVMELSGEMVRKCDPHI
GLLHRGTEKLIEYKTYLQALPYFDRLDYVSMMCNEQAYSLAVEKLLNIQPPPRAQWIRVLFGEITRLLNHIMAVTTHALD
IGAMTPFFWMFEEREKMFEFYERVSGARMHAAYVRPGGVHQDLPLGLMDDIYEFSKNFSLRIDELEEMLTNNRIWRNRTV
DIGVVTAEDALNYGFSGVMLRGSGIQWDLRKTQPYDVYDQVEFDVPIGSRGDCYDRYLCRVEEMRQSIRIISQCLNKMPP
GEIKVDDAKVSPPKRAEMKTSMESLIHHFKLYTEGYQVPPGATYTAIEAPKGEFGVYLVSDGSSRPYRCKIKAPGFAHLA
GLDKMSKGHMLADVVAIIGTQDIVFGEVDR
;
S2
15 'polypeptide(L)'
;ESASADTRPTVRPRNDVAHKQLSAFGEYVAEILPKYVQQVQVSCFSELEICIHPDGVIPVLTFLRDHSNAQFKSLADLTA
VDIPTRQNRFEIVYNLLSLRFNSRIRVKTYTDELTPVESSVSVYKAANWYEREIWDMFGVFFANHPDLRRILTDYGFEGH
PFRKDFPLSGYVELRYDDEVKRVVAEPVELAQEFRKFDLNSPWEAFPAYRQPPESLKLEAGDKKPEAK
;
S3
16 'polypeptide(L)'
;PSSTQPAVSQARAVVPKPAALPSSRGEYVVAKLDDLINWARRSSLWPMTFGLACCAVEMMHMAAPRYDMDRFGVVFRASP
RQSDVMIVAGTLTNKMAPALRKVYDQMPEPRYVVSMGSCANGGGYYHYSYSVVRGCDRIVPVDIYVPGCPPTAEALLYGI
LQLQKKIKREKRLRIWYRR
;
S7
17 'polypeptide(L)'
;TYKYVNLREPSMDMKSVTDRAAQTLLWTELIRGLGMTLSYLFREPATINYPFEKGPLSPRFRGEHALRRYPSGEERCIAC
KLCEAVCPAQAITIEAEPRADGSRRTTRYDIDMTKCIYCGFCQEACPVDAIVEGPNFEFSTETHEELLYNKEKLLNNGDK
WEAEIAANIQADYLYR
;
S8
18 'polypeptide(L)' SAESGKNEKGLPPNPKKQSPPKKPASAAPTEPFDNTTYKNLQHHDYSTYTFLDLNLDLSKFRMPQPSSGRESPRH V3
19 'polypeptide(L)'
;GVRTSPTGEKVTHTGQVYDDEDYRRVRFVGRQKEVNENFAIDLIAEQPVSQVGSRVISCDGGGGALGHPRVYINLDKETK
TGTCGYCGLQFRQQHH
;
S6
20 'polypeptide(L)'
;AQDQTRDTQLITVDEKLDITTLTGVPEEHIKTRKARIFVPARNNMQSGVNNTKKWKMEFDTRERWENPLMGWASTADPLS
NLVLTFSTKEDAIAFAEKNGWSYDVEERKVPKPKSKSYGANFSWNKRTRVSTK
;
S4
21 'polypeptide(L)'
;LHHAVIPHGKGGRSSVSGIVATVFGATGFLGRYLVNHLGRMGSQVIVPYRCEPYDTMHLRPMGDLGQIIFMDWNGRDKDS
IRRAVEHSNVVINLVGREWETKNFDFEDVFVKIPQAIAQVSKEAGVEKFIHISHLNADIKSSSKYLRNKAVGEKEVRETF
PEATIIKPADIFGREDRFLNYFANIRWFGGVPLISLGKKTVKQPVYIVDVTKGIINAIKDPDARGKTFAFVGPNRYLLFD
LVQYVFAVAHRPFLPYPMPHFAYRWIGRLFEISPFEPWTTRDKVERIHTTDRTLPHLPGLEDLGVQATPLELKAIEVLRR
HRTYRWLSSEIEDVQPAK
;
A9
22 'polypeptide(L)'
;AAAAAIRGVRGKLGLREIRIHLCQRSPGSQGVRDFIEKRYVELKKANPDLPILIRECSDVQPKLWARYAFGQEKNVSLNN
FSADQVTRALENVLSSKA
;
A2
23 'polypeptide(L)'
;AGLLKKTTGLVGLAVCETPHERLKILYTKILDVLGHIPKNAAYRKYTEQITNEKLSIVKAEPDVKKLEEQLQGGQIEEVI
LQAENELSLARKMIQWKPWEPLVEEPPASQWKWPI
;
A5
24 'polypeptide(L)'
;AASGLRQAAVAASTSVKPIFSRDMNEAKRRVRELYRAWYREVPNTVHLFQLDISVKQGRDKVREMFKKNAHVTDPRVVDL
LVIKGKMELEETINVWKQRTHVMRFFHETEAPRPKDFLSKFYVGHDP
;
A6
25 'polypeptide(L)'
;ASATRLIQGLRNWASGRDLQAKLQLRYQEISKRTQPPPKLPVGPSHRLSNNYYCARDGRREAMPPSIVMSSQKVLVAGKP
AESSAVAASEKKAVSPAPPIKRWELSQDEPYL
;
A7
26 'polypeptide(L)'
;MELLQVLKRGLQQVSGHGGLRGYLRVLFRANDVRVGTLVGEDKYGNKYYEDNKQFFGRHRWVIYTTEMNGKNTFWDVDGS
MVPPEWHRWLHCMTDDPPTVKPPTARKFIWTNHKFNLSGTPQQYVPYSTTRKKIQEWVPPSTPYK
;
AL
27 'polypeptide(L)'
;SDAPPLTLEGIKDRVLYVLKLYDKIDPEKLSVNSHFMKDLGLDSLDQVEIIMAMEDEFGFEIPDIDAEKLMCPQEIVDYI
ADKKDVYE
;
AA,AB
28 'polypeptide(L)'
;AASKVKQDMPPVGGYGPIDYKRNLPRRGLSGYSMFAVGIGALLFGYWSMMRWNRERRRLQIEDFEARIALMPLLQAEKDR
RVLQMLRENLEEEATIMKDVPGWKVGESVFHTTRWVTPMMGELYGLRTGEEILSSTYGFIWYT
;
AM
29 'polypeptide(L)'
;MNLMITLLTNFTLATLLVTIAFWLPQLNVYSEKTSPYECGFDPMGSARLPFSMKFFLVAITFLLFDLEIALLLPLPWASQ
TTNLNTMLTMALLLIFLLAVSLAYEWTQKGLEWTE
;
D3
30 'polypeptide(L)'
;MFMINVLTLIIPILLAVAFLTLVERKVLGYMQFRKGPNVVGPYGLLQPIADAIKLFIKEPLRPATSSISMFILAPILALT
LALTMWIPLPMPYPLINMNLGVLFMLAMSSLAVYSILWSGWASNSKYALIGALRAVAQTISYEVTLAIILLSVLLMNGSF
TLSTLIITQEQVWLIFPAWPLAMMWFISTLAETNRAPFDLTEGESELVSGFNVEYAAGPFALFFMAEYANIIMMNIFTTT
LFLGAFHNPYMPELYTINFTIKSLLLSITFLWIRASYPRFRYDQLMHLLWKNFLPLTLALCMWHVSLPILLSSIPPQT
;
D1
31 'polypeptide(L)'
;MMTYIVFILSIIFVMGFVGFSSKPSPIYGGLGLIVSGGVGCGIVLNFGGSFLGLMVFLIYLGGMMVVFGYTTAMATEQYP
EVWVSNKVVLGTFITGLLMEFLMVYYVLKDKEVEIVFKFNGMGDWVIYDTGDSGFFSEEAMGIAALYSYGTWLVIVTGWS
LLIGVVVIMEITRGN
;
D6
32 'polypeptide(L)'
;MSLVYMNIMMAFTVSLTGLLMYRSHLMSSLLCLEGMMLSLFILATLMILNSHFTLASMMPIILLVFAACEAALGLSLLVM
VSNTYGTDYVQNLNLLQC
;
4L
33 'polypeptide(L)'
;MNLFSSLTLVTLILLTMPIAAINFNTHKFTNYPLYVKTTISCAFITSMIPTMMFIHTGQEMIISNWHWLTIQTLKLSLSF
KMDFFSMMFVPVALFVTWSIMEFSMWYMHSDPNINQFFKYLLLFLITMLILVTANNLFQLFIGWEGVGIMSFLLIGWWYG
RTDANTAALQAILYNRIGDIGFILAMAWFLINLNTWDLQQIFMLNPNDSNLPLMGLILAATGKSAQFGLHPWLPSAMEGP
TPVSALLHSSTMVVAGIFLLIRFYPLTENNKFGQSIMLCLGAMTTLFTAMCALTQNDIKKIIAFSTSSQLGLMMVTIGIN
QPHLAFLHICTHAFFKAMLFMCSGSIIHSLNDEQDIRKMGGLFKAMPFTTTALIIGSLALTGMPFLTGFYSKDLIIESAN
TSYTNAWALLMTLVATSFTAIYSTRIIFFALLGQPRFPTLININENNPFLINSIKRLLIGSLFAGFIISNNIPPMTIPQM
TMPHYLKMTALTVTILGFILALEISNTTHYLKFNYPSNTFKFSNLLGYYPTIMHRLTPYMNLTMSQKSASSLLDLIWLET
ILPKTISLAQMKMSTTITSQKGLIKLYFLSFLITILISTTLLNFHE
;
D5
34 'polypeptide(L)'
;MLKYIIPTMMLMPLTWLSKNSMIWINTTLHSLLISLTSLLLLNQFGDNSLNFSLTFFSDSLSTPLLILTMWLLPLMLMAS
QHHLSKENLARKKLFISMLILLQLFLIMTFTATELIFFYIMFEATLVPTLIIITRWGNQTERLNAGLYFLFYTLAGSLPL
LVALIYIQNTMGSLNFLILQYWVQPMPNSWSNTFMWLACMMAFMVKMPLYGLHLWLPKAHVEAPIAGSMVLAAILLKLGG
YGMMRITLLLNPITDFMAYPFIMLSLWGMIMTSSICLRQTDLKSLIAYSSVSHMALVIVAILIQTPWSYMGATALMIAHG
LTSSMLFCLANSNYERVHSRTMILARGLQTLLPLMAAWWLLASLTNLALPPSINLIGELFVVMSTFSWSNITIILMGLNM
VITALYSLYMLITTQRGKHTHHINNILPSFTRENALMSLHMLPLLLLSLNPKIILGPLY
;
D4
35 'polypeptide(L)'
;MNPIILIIILMTVMLGTIIVMISTHWLLIWIGFEMNMLAIIPIMMKKHNPRATEASTKYFLTQSTASMLLMMAIIINLMF
SGQWTVMKLFNPMASMLMTMALAMKLGMAPFHFWVPEVTQGIPLSSGLILLTWQKLAPMSVLYQILPSINLDLILTLSIL
SITIGGWGGLNQTQLRKIMAYSSIAHMGWMTAVLLYNPTMTLLNLIIYIIMTSTMFTLFMANSTTTTLSLSHTWNKAPIM
TILVLITLLSMGGLPPLSGFMPKWMIIQEMTKNDSIILPTLMAITALLNLYFYMRLTYSTALTMFPSTNNMKMKWQFPTT
KRMTLLPTMTVLSTMLLPLTPILSILE
;
D2
36 'polypeptide(L)'
;AKTLLHQYWDIPEGTECHRKTYAATSIGGASGLVVSAYSVALKTPTSFLEGVARTGRYTFTAAAIGAIFGLTSCISAQVR
EKPDDPLNYLIGGCAGGLTLGARTRSYGIGAAACAYMGLTAALVKMGQLEGWKVFAEPKV
;
AK
37 'polypeptide(L)'
;SGDHGKRLFIIKPSGFYDKRFLKLLRFYILLTGIPVVIGITLINVFIGEAELAEIPEGYVPEHWEYFKHPISRWIARTFF
DAPEKNYERTMAILQIESEKAELRLKELEVRRLMRAKGDGPWFQYPTIDKALIDHSPKATPDN
;
B5
38 'polypeptide(L)'
;PGIVELPSLEDLKVQEVKVSSSVLKAAAHHYGAQCDKPNKEFMLCRWEEKDPRRCLEEGKLVNQCALEFFRQIKRHCAEP
FTEYWTCIDYSGLQLFRRCRKEQAQFDKCVLDKLGWVRPDLGELSKVTKVKTDRPLPENPYHSRARPEPNPEVEGDLKPA
RHGSRLFFWTM
;
A8
39 'polypeptide(L)'
;PDSWDKDVYPEPPRRTPAPSPQTSLPNPITYLTKAFDLLVDRPVTLVREFIERQHAKNKYYYYHREFRRVPDITECHEKD
VLCMFEAEMQWKRDYKVDQEIVNIIQERLKACQQREGESHRQNCAKELQQFTQVVKAYQDRYHDLGAHYSARKCLAKQKQ
RMLAERKATKEAAAA
;
BJ
40 'polypeptide(L)'
;LQYGPLAYILGEKTTKKMTENSKLITVDGNICSGKSKLAKEVAEKLGLKHFPEAGIHYADSTTGDGKPLPVRFSGNCSLE
KFYDDPKSNDGNSYRLQAWLYASRLLQYADALEHLLSTGQGVVLERSIYSDFVFLEAMYRQGFIRKQCVDHYNQVKKVTV
CEYLPPHVVIYVDVPVSEVQSRIQKKGNPHEMKITSAYLQDIENVYKGTFLPEMSEKCEVLQYSAWEAEDAEKVVEDIQY
LKYDKGPWLDQDDRKLHNLRMLVQDKLEVLNYTSIPVFLPEVTIGAHQSDRVFQEFTELPGRKYRAGYNEDVGDKWIWLK
;
AJ
41 'polypeptide(L)'
;PFFDVQKKLGVDLDHWMTIQSAEQPHRIPARCHAFEKEWIECAHGIGSIRAEKECKIEFEDFRECLLRQKTMKRLNAIKR
QRDKLIKEGKYTPPPHHSGQEDLRP
;
S5
42 'polypeptide(L)'
;APRVAAFLKNVWAKEPVLVASFAIAGLAVILPTLSPYTKYSLMINRATPYNYPVPLRDDGNMPDVPSHPQDPQGPSLEWL
KRL
;
A3
43 'polypeptide(L)'
;AHGHGHEHGPSKMELPDYKQWKIEGTPLETVQEKLAARGLRDPWGRNEAWRYMGGFANNVSFVGALLKGFKWGFAAFVVA
VGAEYYLESQKKDKKHH
;
B3
44 'polypeptide(L)'
;MMTGRQARAPLQFLPDEARSLPPPKLTDPRLAYIGFLGYCSGLIDNAIRRRPVLSAGLHRQFLYITSFVFVGYYLLKRQD
YMYAVRDHDMFSYIKSHPEDFPEKDKKTYREVFEEFHPVR
;
C2
45 'polypeptide(L)'
;SFPKYEPSRLASLPTTLDPAEYDISSETRKAQAERLAIRSRLKREYQLQYNDPSRRGVVEDPALIRWTCARSANVYPNFR
PNTKTSLLGALFGIGPLIFWYYVFKTDRDRKEKLIQEGKLDRTFNISY
;
B4
46 'polypeptide(L)'
;SGYTPDEKLRLQQLRELRRRWLKDQELSPREPVLPPRRVSPVERFWNKFLQDGALWKNVIYKTYRHSIFAFTHVLIPVWI
IHYYLKYHVTTKPYTIVEKKPRIFPGDTILETGEVIPPMKEFPDQHH
;
B6
47 'polypeptide(L)'
;GAHLARRYLGDASVEPEPLRMPTFPPDYGFPERKEREMVATQQEMNDAQLVLQQRDYCAHYLIRFLKCKRDSFPNFLACK
HEQHDWDYCEHLDYVKRMKEFERERRLLQRKKRREQREA
;
B7
48 'polypeptide(L)'
;AFLPSAAYLTHQQKVLQLYKRALRHLESRCVHRDKYRYFACLLRARFDEHKNEKDMVKATQLLREAEKEFWHGQHPQPYI
FPESPGGTSYERYECYKVPEWCLDDWHPSEKAMYPDYFAKREQWKKLRRESWEREVKQLQEETPVGGPRTEALPPARKQG
DLPPLWWHIVTRPRERPM
;
B9
49 'polypeptide(L)' AGGGAHIEPRYRQFPQLTRSQVIQAEFFSATMWFWILWRFWHDSDAVLGHFPYPDPSQWTDEELGIPPDDED B2
50 'polypeptide(L)'
;ASHITKDMLPGPYPKTPEERAAAAKKYNMRVEDYEPYPDDGMGYGDYPKLPDRSQQERDPWYDWDHPDLRLNWGEPMHWD
LDMYIRNRVDTSPTPVNWNLMCKHLFGFVAFMLFMFWVGETYPTYQPVGPKQYPYNNLYLERGGDPNKEPEPVVHYEI
;
B8
51 'polypeptide(L)'
;ESSSSRAVIAPSTLAGKRPSEPTLRWQEDPEPEDENLYEKNPDSHGYDKDPAVDVWNMRVVFFFGFSIVLVLGSTFVAYL
PDYRMQEWARREAERLVKYREAHGLPLMESNCFDPSKIQLPEDED
;
BK
52 'polypeptide(L)' KFYIQEPPHGSPNWLKVGLTLGTSAFLWIYLIKQHNEDVLEYKRRNGLE C1
53 'polypeptide(L)' MNLLQVVRDHWIHVLVPVGFVFGYYLDRKNDEKLAAFRNKSLLYKRELKPNEEVTWK B1
54 'polypeptide(L)' MWFEVLPGIAVMGVCLFIPGMATARIHRFSNGGREKRVAHYSYQWYLMERDRRVSGVNRYYVSKGLENID A1
#
loop_
_chem_comp.id
_chem_comp.type
_chem_comp.name
_chem_comp.formula
3PE non-polymer 1,2-Distearoyl-sn-glycerophosphoethanolamine 'C41 H82 N O8 P'
FES non-polymer 'FE2/S2 (INORGANIC) CLUSTER' 'Fe2 S2'
FMN non-polymer 'FLAVIN MONONUCLEOTIDE' 'C17 H21 N4 O9 P'
HEC non-polymer 'HEME C' 'C34 H34 Fe N4 O4'
HEM non-polymer 'PROTOPORPHYRIN IX CONTAINING FE' 'C34 H32 Fe N4 O4'
NDP non-polymer 'NADPH DIHYDRO-NICOTINAMIDE-ADENINE-DINUCLEOTIDE PHOSPHATE' 'C21 H30 N7 O17 P3'
PC1 non-polymer 1,2-DIACYL-SN-GLYCERO-3-PHOSPHOCHOLINE 'C44 H88 N O8 P'
SF4 non-polymer 'IRON/SULFUR CLUSTER' 'Fe4 S4'
ZMP non-polymer 'S-[2-({N-[(2S)-2-hydroxy-3,3-dimethyl-4-(phosphonooxy)butanoyl]-beta-alanyl}amino)ethyl] tetradecanethioate' 'C25 H49 N2 O8 P S'
ZN non-polymer 'ZINC ION' 'Zn 2'
#
# COMPACT_ATOMS: atom_id res chain seq x y z
N ALA A 2 36.57 42.63 33.50
CA ALA A 2 36.71 42.17 34.87
C ALA A 2 35.37 42.21 35.60
N THR A 3 35.42 42.37 36.91
CA THR A 3 34.25 42.30 37.78
C THR A 3 34.13 43.60 38.58
N TYR A 4 33.25 43.59 39.59
CA TYR A 4 32.87 44.81 40.30
C TYR A 4 34.02 45.38 41.11
N ALA A 5 34.82 44.53 41.75
CA ALA A 5 35.90 45.04 42.61
C ALA A 5 37.01 45.66 41.77
N GLN A 6 37.42 45.00 40.69
CA GLN A 6 38.51 45.49 39.86
C GLN A 6 38.11 46.76 39.11
N ALA A 7 36.89 46.81 38.59
CA ALA A 7 36.46 47.99 37.86
C ALA A 7 36.11 49.14 38.80
N LEU A 8 35.41 48.84 39.89
CA LEU A 8 35.06 49.87 40.87
C LEU A 8 36.25 50.37 41.66
N GLN A 9 37.37 49.64 41.65
CA GLN A 9 38.58 50.12 42.31
C GLN A 9 39.20 51.28 41.53
N SER A 10 39.06 51.29 40.21
CA SER A 10 39.64 52.33 39.37
C SER A 10 38.60 53.43 39.17
N VAL A 11 38.63 54.42 40.05
CA VAL A 11 37.74 55.58 40.02
C VAL A 11 38.48 56.71 40.74
N PRO A 12 38.48 57.93 40.21
CA PRO A 12 39.22 59.01 40.86
C PRO A 12 38.55 59.47 42.15
N GLU A 13 39.37 60.01 43.05
CA GLU A 13 38.99 60.15 44.45
C GLU A 13 38.20 61.41 44.75
N THR A 14 37.93 62.26 43.75
CA THR A 14 37.30 63.58 43.93
C THR A 14 38.09 64.42 44.92
N GLN A 15 39.24 64.89 44.44
CA GLN A 15 40.16 65.67 45.26
C GLN A 15 39.50 66.97 45.68
N VAL A 16 39.14 67.05 46.96
CA VAL A 16 38.48 68.21 47.51
C VAL A 16 39.53 69.12 48.12
N SER A 17 39.17 70.39 48.27
CA SER A 17 39.96 71.35 49.01
C SER A 17 39.01 72.44 49.47
N GLN A 18 39.49 73.24 50.42
CA GLN A 18 38.65 74.24 51.07
C GLN A 18 39.35 75.59 50.99
N LEU A 19 38.74 76.54 50.29
CA LEU A 19 39.20 77.92 50.38
C LEU A 19 38.55 78.59 51.57
N ASP A 20 39.36 79.33 52.31
CA ASP A 20 39.19 79.62 53.72
C ASP A 20 38.39 80.90 53.94
N ASN A 21 37.26 81.00 53.25
CA ASN A 21 36.28 82.03 53.49
C ASN A 21 34.87 81.45 53.36
N GLY A 22 34.76 80.14 53.14
CA GLY A 22 33.47 79.49 52.98
C GLY A 22 33.32 78.85 51.62
N LEU A 23 34.43 78.62 50.91
CA LEU A 23 34.38 78.09 49.56
C LEU A 23 34.81 76.64 49.58
N ARG A 24 34.05 75.76 48.93
CA ARG A 24 34.47 74.37 48.79
C ARG A 24 34.78 74.10 47.33
N VAL A 25 36.05 73.82 47.03
CA VAL A 25 36.47 73.55 45.66
C VAL A 25 36.69 72.05 45.50
N ALA A 26 36.24 71.51 44.37
CA ALA A 26 36.25 70.07 44.14
C ALA A 26 36.75 69.82 42.73
N SER A 27 37.94 69.23 42.61
CA SER A 27 38.47 68.84 41.32
C SER A 27 38.36 67.33 41.17
N GLU A 28 38.05 66.90 39.95
CA GLU A 28 38.11 65.49 39.58
C GLU A 28 39.05 65.40 38.38
N GLN A 29 40.33 65.12 38.67
CA GLN A 29 41.29 64.84 37.62
C GLN A 29 40.93 63.53 36.95
N SER A 30 40.85 63.56 35.62
CA SER A 30 40.40 62.38 34.89
C SER A 30 41.32 62.12 33.70
N SER A 31 40.90 61.24 32.79
CA SER A 31 41.75 60.86 31.68
C SER A 31 41.05 61.08 30.34
N GLN A 32 40.44 62.26 30.16
CA GLN A 32 39.91 62.67 28.86
C GLN A 32 40.12 64.17 28.69
N PRO A 33 40.45 64.62 27.45
CA PRO A 33 40.81 66.04 27.24
C PRO A 33 39.62 66.99 27.25
N THR A 34 39.21 67.44 28.43
CA THR A 34 38.05 68.33 28.56
C THR A 34 38.20 69.15 29.83
N CYS A 35 37.22 70.04 30.04
CA CYS A 35 36.96 70.59 31.36
C CYS A 35 35.51 71.00 31.45
N THR A 36 34.93 70.82 32.63
CA THR A 36 33.65 71.41 32.97
C THR A 36 33.81 72.09 34.31
N VAL A 37 33.54 73.40 34.33
CA VAL A 37 33.82 74.26 35.47
C VAL A 37 32.52 74.90 35.89
N GLY A 38 32.11 74.68 37.12
CA GLY A 38 30.81 75.14 37.56
C GLY A 38 30.86 75.76 38.94
N VAL A 39 29.92 76.67 39.17
CA VAL A 39 29.70 77.31 40.46
C VAL A 39 28.28 76.99 40.90
N TRP A 40 28.14 76.28 42.00
CA TRP A 40 26.84 75.98 42.60
C TRP A 40 26.70 76.79 43.88
N ILE A 41 25.71 77.67 43.90
CA ILE A 41 25.35 78.41 45.10
C ILE A 41 23.95 77.97 45.51
N ASP A 42 23.82 77.54 46.77
CA ASP A 42 22.56 77.01 47.31
C ASP A 42 21.61 78.18 47.56
N ALA A 43 20.98 78.65 46.49
CA ALA A 43 20.13 79.84 46.56
C ALA A 43 18.91 79.63 45.67
N GLY A 44 17.78 79.35 46.31
CA GLY A 44 16.53 79.21 45.58
C GLY A 44 15.38 79.79 46.36
N SER A 45 14.15 79.40 46.00
CA SER A 45 12.97 79.95 46.64
C SER A 45 12.86 79.52 48.10
N ARG A 46 13.46 78.37 48.43
CA ARG A 46 13.50 77.90 49.81
C ARG A 46 14.25 78.87 50.71
N TYR A 47 15.33 79.47 50.19
CA TYR A 47 16.04 80.50 50.92
C TYR A 47 15.39 81.87 50.80
N GLU A 48 14.48 82.05 49.84
CA GLU A 48 13.97 83.38 49.56
C GLU A 48 12.86 83.79 50.52
N THR A 49 12.62 85.10 50.54
CA THR A 49 11.62 85.71 51.41
C THR A 49 10.25 85.58 50.77
N GLU A 50 9.27 86.29 51.32
CA GLU A 50 7.93 86.24 50.72
C GLU A 50 7.83 87.20 49.55
N LYS A 51 8.28 88.44 49.72
CA LYS A 51 8.10 89.49 48.74
C LYS A 51 9.24 89.57 47.72
N ASN A 52 10.03 88.51 47.57
CA ASN A 52 11.02 88.40 46.51
C ASN A 52 11.02 86.99 45.94
N ASN A 53 9.82 86.47 45.65
CA ASN A 53 9.65 85.11 45.15
C ASN A 53 10.19 85.03 43.73
N GLY A 54 11.30 84.32 43.56
CA GLY A 54 11.83 84.08 42.23
C GLY A 54 12.83 85.08 41.73
N ALA A 55 13.38 85.92 42.61
CA ALA A 55 14.39 86.88 42.19
C ALA A 55 15.73 86.24 41.85
N GLY A 56 15.95 84.97 42.23
CA GLY A 56 17.13 84.28 41.76
C GLY A 56 17.03 83.90 40.29
N TYR A 57 15.83 83.59 39.83
CA TYR A 57 15.57 83.43 38.40
C TYR A 57 15.77 84.75 37.68
N PHE A 58 15.36 85.84 38.33
CA PHE A 58 15.62 87.20 37.84
C PHE A 58 17.11 87.48 37.78
N VAL A 59 17.88 86.92 38.72
CA VAL A 59 19.34 87.04 38.67
C VAL A 59 19.92 86.25 37.51
N GLU A 60 19.48 85.00 37.34
CA GLU A 60 20.07 84.18 36.28
C GLU A 60 19.57 84.60 34.90
N HIS A 61 18.60 85.49 34.82
CA HIS A 61 18.46 86.33 33.64
C HIS A 61 19.44 87.49 33.63
N LEU A 62 19.54 88.23 34.74
CA LEU A 62 20.38 89.41 34.78
C LEU A 62 21.86 89.11 35.00
N ALA A 63 22.28 87.84 35.01
CA ALA A 63 23.66 87.54 35.38
C ALA A 63 24.63 87.83 34.25
N PHE A 64 24.32 87.38 33.05
CA PHE A 64 25.29 87.42 31.97
C PHE A 64 25.33 88.76 31.24
N LYS A 65 24.44 89.69 31.57
CA LYS A 65 24.27 90.92 30.81
C LYS A 65 25.02 92.09 31.43
N GLY A 66 26.18 91.86 32.03
CA GLY A 66 27.02 92.97 32.46
C GLY A 66 27.52 92.93 33.88
N THR A 67 28.82 93.15 34.06
CA THR A 67 29.41 93.26 35.39
C THR A 67 30.18 94.57 35.50
N LYS A 68 30.96 94.72 36.58
CA LYS A 68 31.69 95.96 36.83
C LYS A 68 33.04 96.02 36.12
N ASN A 69 33.70 94.89 35.92
CA ASN A 69 34.97 94.83 35.20
C ASN A 69 34.85 94.27 33.80
N ARG A 70 34.05 93.22 33.61
CA ARG A 70 33.91 92.60 32.30
C ARG A 70 32.49 92.71 31.79
N PRO A 71 32.27 93.39 30.65
CA PRO A 71 30.91 93.68 30.19
C PRO A 71 30.19 92.44 29.69
N GLY A 72 28.86 92.61 29.51
CA GLY A 72 28.01 91.46 29.24
C GLY A 72 28.13 90.94 27.81
N ASN A 73 28.10 91.83 26.83
CA ASN A 73 28.37 91.41 25.46
C ASN A 73 29.82 90.99 25.28
N ALA A 74 30.73 91.61 26.04
CA ALA A 74 32.11 91.17 26.03
C ALA A 74 32.28 89.82 26.69
N LEU A 75 31.41 89.49 27.66
CA LEU A 75 31.43 88.18 28.31
C LEU A 75 31.16 87.06 27.32
N GLU A 76 29.99 87.11 26.68
CA GLU A 76 29.62 86.10 25.70
C GLU A 76 30.49 86.18 24.46
N LYS A 77 31.03 87.37 24.17
CA LYS A 77 32.00 87.52 23.10
C LYS A 77 33.28 86.75 23.39
N GLU A 78 33.77 86.81 24.63
CA GLU A 78 34.97 86.04 24.98
C GLU A 78 34.65 84.55 25.08
N VAL A 79 33.41 84.20 25.44
CA VAL A 79 32.97 82.81 25.42
C VAL A 79 33.07 82.24 24.01
N GLU A 80 32.52 82.97 23.03
CA GLU A 80 32.63 82.57 21.64
C GLU A 80 34.05 82.71 21.10
N SER A 81 34.88 83.54 21.74
CA SER A 81 36.27 83.66 21.33
C SER A 81 37.07 82.42 21.73
N MET A 82 36.84 81.89 22.92
CA MET A 82 37.61 80.74 23.36
C MET A 82 36.92 79.40 23.12
N GLY A 83 35.75 79.39 22.49
CA GLY A 83 35.08 78.15 22.16
C GLY A 83 34.53 77.41 23.36
N ALA A 84 33.70 78.08 24.15
CA ALA A 84 33.12 77.52 25.35
C ALA A 84 31.62 77.32 25.17
N HIS A 85 31.02 76.65 26.15
CA HIS A 85 29.59 76.37 26.17
C HIS A 85 29.10 76.82 27.54
N LEU A 86 28.59 78.05 27.61
CA LEU A 86 28.13 78.64 28.85
C LEU A 86 26.68 78.30 29.10
N ASN A 87 26.35 77.94 30.34
CA ASN A 87 25.03 77.40 30.63
C ASN A 87 24.74 77.64 32.10
N ALA A 88 23.45 77.69 32.43
CA ALA A 88 23.03 77.97 33.79
C ALA A 88 21.63 77.44 34.00
N TYR A 89 21.34 77.06 35.24
CA TYR A 89 19.99 76.62 35.61
C TYR A 89 19.77 76.87 37.10
N SER A 90 18.57 76.54 37.56
CA SER A 90 18.20 76.87 38.93
C SER A 90 17.00 76.03 39.35
N THR A 91 17.02 75.59 40.61
CA THR A 91 15.93 74.90 41.25
C THR A 91 15.20 75.84 42.19
N ARG A 92 14.31 75.28 43.01
CA ARG A 92 13.73 76.01 44.13
C ARG A 92 14.67 76.12 45.32
N GLU A 93 15.81 75.51 45.24
CA GLU A 93 16.76 75.55 46.35
C GLU A 93 18.15 76.00 45.90
N HIS A 94 18.57 75.63 44.70
CA HIS A 94 19.96 75.78 44.29
C HIS A 94 20.04 76.70 43.08
N THR A 95 21.27 76.96 42.64
CA THR A 95 21.55 77.80 41.48
C THR A 95 22.89 77.37 40.93
N ALA A 96 22.97 77.20 39.61
CA ALA A 96 24.16 76.67 38.97
C ALA A 96 24.54 77.50 37.75
N TYR A 97 25.83 77.84 37.67
CA TYR A 97 26.41 78.50 36.50
C TYR A 97 27.62 77.68 36.08
N TYR A 98 27.56 77.01 34.92
CA TYR A 98 28.68 76.18 34.52
C TYR A 98 29.12 76.48 33.09
N ILE A 99 30.31 75.99 32.77
CA ILE A 99 31.03 76.26 31.53
C ILE A 99 31.62 74.95 31.05
N LYS A 100 31.34 74.58 29.80
CA LYS A 100 31.88 73.38 29.16
C LYS A 100 32.95 73.80 28.15
N ALA A 101 34.20 73.45 28.41
CA ALA A 101 35.30 73.99 27.60
C ALA A 101 36.48 73.02 27.61
N LEU A 102 37.64 73.51 27.17
CA LEU A 102 38.91 72.81 27.25
C LEU A 102 39.73 73.38 28.40
N SER A 103 40.57 72.52 29.01
CA SER A 103 41.22 72.84 30.27
C SER A 103 42.24 73.98 30.17
N LYS A 104 42.70 74.32 28.97
CA LYS A 104 43.56 75.50 28.86
C LYS A 104 42.78 76.80 28.91
N ASP A 105 41.46 76.75 28.68
CA ASP A 105 40.61 77.92 28.77
C ASP A 105 40.16 78.19 30.19
N LEU A 106 40.62 77.35 31.13
CA LEU A 106 40.29 77.51 32.55
C LEU A 106 40.66 78.84 33.21
N PRO A 107 41.82 79.50 32.93
CA PRO A 107 42.06 80.78 33.62
C PRO A 107 41.11 81.90 33.21
N LYS A 108 40.81 82.03 31.90
CA LYS A 108 39.79 82.96 31.46
C LYS A 108 38.41 82.58 32.01
N ALA A 109 38.18 81.27 32.18
CA ALA A 109 36.91 80.79 32.72
C ALA A 109 36.73 81.23 34.18
N VAL A 110 37.75 80.99 35.01
CA VAL A 110 37.69 81.39 36.41
C VAL A 110 37.67 82.91 36.53
N GLU A 111 38.32 83.61 35.60
CA GLU A 111 38.28 85.07 35.52
C GLU A 111 36.86 85.61 35.35
N LEU A 112 36.23 85.23 34.23
CA LEU A 112 34.88 85.71 33.93
C LEU A 112 33.86 85.21 34.94
N LEU A 113 34.02 83.96 35.38
CA LEU A 113 33.04 83.37 36.28
C LEU A 113 33.16 83.93 37.69
N ALA A 114 34.36 84.32 38.13
CA ALA A 114 34.51 84.97 39.42
C ALA A 114 34.01 86.41 39.38
N ASP A 115 34.16 87.09 38.24
CA ASP A 115 33.51 88.40 38.09
C ASP A 115 32.00 88.27 38.16
N ILE A 116 31.46 87.18 37.59
CA ILE A 116 30.03 86.87 37.72
C ILE A 116 29.66 86.63 39.18
N VAL A 117 30.55 85.97 39.94
CA VAL A 117 30.28 85.69 41.35
C VAL A 117 30.18 86.98 42.16
N GLN A 118 31.23 87.81 42.13
CA GLN A 118 31.35 88.82 43.18
C GLN A 118 31.08 90.26 42.75
N ASN A 119 30.93 90.56 41.46
CA ASN A 119 30.79 91.96 41.03
C ASN A 119 29.66 92.13 40.01
N CYS A 120 28.47 91.62 40.30
CA CYS A 120 27.39 91.81 39.35
C CYS A 120 26.78 93.21 39.52
N SER A 121 25.88 93.56 38.60
CA SER A 121 25.30 94.90 38.58
C SER A 121 23.89 94.83 38.02
N LEU A 122 23.27 96.00 37.89
CA LEU A 122 21.93 96.13 37.32
C LEU A 122 21.90 97.31 36.37
N GLU A 123 21.33 97.09 35.18
CA GLU A 123 21.21 98.11 34.13
C GLU A 123 19.73 98.31 33.85
N ASP A 124 19.24 99.54 34.06
CA ASP A 124 17.81 99.78 34.22
C ASP A 124 17.03 99.60 32.92
N SER A 125 17.59 100.04 31.80
CA SER A 125 16.96 99.76 30.51
C SER A 125 17.00 98.27 30.22
N GLN A 126 18.14 97.63 30.46
CA GLN A 126 18.23 96.18 30.35
C GLN A 126 17.37 95.47 31.38
N ILE A 127 17.11 96.10 32.53
CA ILE A 127 16.30 95.41 33.51
C ILE A 127 14.82 95.48 33.09
N GLU A 128 14.43 96.55 32.37
CA GLU A 128 13.07 96.57 31.83
C GLU A 128 12.92 95.58 30.69
N LYS A 129 13.97 95.47 29.85
CA LYS A 129 13.94 94.48 28.76
C LYS A 129 13.90 93.05 29.29
N GLU A 130 14.65 92.77 30.37
CA GLU A 130 14.61 91.43 30.94
C GLU A 130 13.29 91.16 31.66
N ARG A 131 12.66 92.21 32.22
CA ARG A 131 11.31 92.07 32.76
C ARG A 131 10.33 91.65 31.66
N ASP A 132 10.43 92.29 30.49
CA ASP A 132 9.59 91.89 29.36
C ASP A 132 9.92 90.48 28.88
N VAL A 133 11.20 90.10 28.94
CA VAL A 133 11.60 88.74 28.55
C VAL A 133 11.00 87.71 29.49
N ILE A 134 11.00 88.00 30.80
CA ILE A 134 10.42 87.07 31.77
C ILE A 134 8.90 86.97 31.59
N LEU A 135 8.25 88.09 31.22
CA LEU A 135 6.82 88.04 30.91
C LEU A 135 6.54 87.16 29.68
N GLN A 136 7.32 87.35 28.62
CA GLN A 136 7.15 86.55 27.40
C GLN A 136 7.47 85.09 27.63
N GLU A 137 8.39 84.79 28.55
CA GLU A 137 8.75 83.40 28.78
C GLU A 137 7.81 82.70 29.75
N LEU A 138 7.20 83.42 30.70
CA LEU A 138 6.06 82.84 31.40
C LEU A 138 4.91 82.56 30.46
N GLN A 139 4.70 83.45 29.48
CA GLN A 139 3.70 83.21 28.44
C GLN A 139 4.00 81.94 27.65
N GLU A 140 5.22 81.81 27.15
CA GLU A 140 5.56 80.66 26.30
C GLU A 140 5.89 79.40 27.11
N ASN A 141 5.97 79.48 28.44
CA ASN A 141 6.13 78.31 29.28
C ASN A 141 4.90 78.06 30.16
N ASP A 142 3.78 78.68 29.84
CA ASP A 142 2.49 78.10 30.24
C ASP A 142 2.09 76.94 29.34
N THR A 143 2.82 76.71 28.24
CA THR A 143 2.42 75.73 27.23
C THR A 143 2.64 74.30 27.71
N SER A 144 3.89 73.96 28.03
CA SER A 144 4.24 72.60 28.43
C SER A 144 3.59 72.27 29.77
N MET A 145 2.76 71.24 29.77
CA MET A 145 1.90 70.95 30.91
C MET A 145 2.67 70.39 32.10
N ARG A 146 3.86 69.84 31.86
CA ARG A 146 4.51 68.97 32.85
C ARG A 146 5.01 69.76 34.06
N ASP A 147 5.83 70.78 33.84
CA ASP A 147 6.30 71.55 34.99
C ASP A 147 5.24 72.47 35.55
N VAL A 148 4.20 72.77 34.77
CA VAL A 148 2.98 73.36 35.32
C VAL A 148 2.37 72.44 36.37
N VAL A 149 2.28 71.14 36.04
CA VAL A 149 1.76 70.15 36.97
C VAL A 149 2.66 70.02 38.19
N PHE A 150 3.97 70.07 38.00
CA PHE A 150 4.85 69.85 39.15
C PHE A 150 4.93 71.08 40.06
N ASN A 151 4.91 72.29 39.51
CA ASN A 151 4.82 73.48 40.34
C ASN A 151 3.47 73.55 41.04
N TYR A 152 2.42 73.16 40.32
CA TYR A 152 1.08 73.02 40.86
C TYR A 152 1.06 72.02 42.01
N LEU A 153 1.80 70.93 41.86
CA LEU A 153 1.87 69.87 42.87
C LEU A 153 2.63 70.33 44.10
N HIS A 154 3.70 71.09 43.92
CA HIS A 154 4.44 71.58 45.07
C HIS A 154 3.62 72.62 45.84
N ALA A 155 2.90 73.47 45.10
CA ALA A 155 2.06 74.49 45.71
C ALA A 155 0.90 73.87 46.49
N THR A 156 0.35 72.75 46.04
CA THR A 156 -0.67 72.10 46.86
C THR A 156 -0.07 71.20 47.93
N ALA A 157 1.18 70.77 47.79
CA ALA A 157 1.76 69.86 48.77
C ALA A 157 2.25 70.59 50.01
N PHE A 158 2.81 71.79 49.84
CA PHE A 158 3.39 72.52 50.97
C PHE A 158 2.62 73.81 51.16
N GLN A 159 1.44 73.73 51.79
CA GLN A 159 0.56 74.88 51.81
C GLN A 159 0.91 75.81 52.96
N GLY A 160 1.04 77.10 52.66
CA GLY A 160 1.31 78.10 53.67
C GLY A 160 2.78 78.31 53.95
N THR A 161 3.54 77.23 53.91
CA THR A 161 4.97 77.29 54.15
C THR A 161 5.67 77.95 52.96
N PRO A 162 6.78 78.65 53.20
CA PRO A 162 7.54 79.26 52.10
C PRO A 162 8.34 78.29 51.25
N LEU A 163 8.22 76.98 51.43
CA LEU A 163 8.89 76.03 50.56
C LEU A 163 8.15 75.82 49.25
N ALA A 164 6.85 76.13 49.21
CA ALA A 164 6.10 76.15 47.97
C ALA A 164 5.88 77.56 47.45
N GLN A 165 6.77 78.48 47.78
CA GLN A 165 6.91 79.69 46.99
C GLN A 165 7.26 79.29 45.57
N SER A 166 6.47 79.78 44.62
CA SER A 166 6.63 79.37 43.23
C SER A 166 7.94 79.93 42.66
N VAL A 167 8.39 79.31 41.56
CA VAL A 167 9.72 79.56 41.03
C VAL A 167 9.81 80.97 40.45
N GLU A 168 8.69 81.53 39.99
CA GLU A 168 8.73 82.85 39.39
C GLU A 168 7.71 83.80 40.00
N GLY A 169 7.06 83.42 41.10
CA GLY A 169 6.15 84.30 41.80
C GLY A 169 4.89 84.61 41.01
N PRO A 170 4.03 85.46 41.56
CA PRO A 170 2.95 86.03 40.75
C PRO A 170 3.50 87.07 39.78
N SER A 171 2.66 87.44 38.82
CA SER A 171 3.08 88.35 37.76
C SER A 171 3.31 89.76 38.28
N GLU A 172 2.49 90.20 39.24
CA GLU A 172 2.68 91.51 39.84
C GLU A 172 3.94 91.56 40.68
N ASN A 173 4.35 90.42 41.25
CA ASN A 173 5.64 90.33 41.92
C ASN A 173 6.78 90.48 40.91
N VAL A 174 6.60 89.95 39.69
CA VAL A 174 7.64 90.07 38.67
C VAL A 174 7.79 91.52 38.26
N ARG A 175 6.69 92.23 38.07
CA ARG A 175 6.79 93.61 37.63
C ARG A 175 7.07 94.61 38.77
N LYS A 176 7.51 94.16 39.96
CA LYS A 176 7.94 95.10 40.99
C LYS A 176 9.23 94.68 41.68
N LEU A 177 9.96 93.70 41.16
CA LEU A 177 11.27 93.34 41.71
C LEU A 177 12.23 94.49 41.40
N SER A 178 12.45 95.34 42.39
CA SER A 178 13.10 96.62 42.18
C SER A 178 14.62 96.48 42.17
N ARG A 179 15.29 97.58 41.84
CA ARG A 179 16.75 97.58 41.75
C ARG A 179 17.39 97.46 43.11
N ALA A 180 16.92 98.24 44.09
CA ALA A 180 17.47 98.19 45.44
C ALA A 180 17.19 96.84 46.10
N ASP A 181 15.99 96.28 45.88
CA ASP A 181 15.67 94.99 46.46
C ASP A 181 16.47 93.85 45.80
N LEU A 182 16.78 93.98 44.51
CA LEU A 182 17.57 92.92 43.86
C LEU A 182 19.04 93.02 44.25
N THR A 183 19.57 94.24 44.40
CA THR A 183 20.92 94.36 44.95
C THR A 183 20.98 93.91 46.41
N GLU A 184 19.89 94.11 47.16
CA GLU A 184 19.80 93.58 48.52
C GLU A 184 19.80 92.06 48.52
N TYR A 185 19.07 91.45 47.59
CA TYR A 185 19.07 90.00 47.39
C TYR A 185 20.46 89.47 47.07
N LEU A 186 21.18 90.18 46.21
CA LEU A 186 22.54 89.79 45.85
C LEU A 186 23.47 89.91 47.06
N SER A 187 23.32 90.97 47.85
CA SER A 187 24.18 91.15 49.01
C SER A 187 23.88 90.13 50.11
N ARG A 188 22.63 89.71 50.23
CA ARG A 188 22.26 88.78 51.29
C ARG A 188 22.63 87.34 50.95
N HIS A 189 22.31 86.89 49.74
CA HIS A 189 22.36 85.44 49.51
C HIS A 189 23.67 84.93 48.94
N TYR A 190 24.06 85.39 47.75
CA TYR A 190 25.05 84.65 46.95
C TYR A 190 26.49 84.87 47.38
N LYS A 191 26.86 84.85 48.67
CA LYS A 191 28.19 85.33 49.01
C LYS A 191 29.07 84.28 49.65
N ALA A 192 28.96 84.02 50.95
CA ALA A 192 30.04 83.23 51.54
C ALA A 192 29.82 81.73 51.72
N PRO A 193 28.85 81.26 52.52
CA PRO A 193 28.99 79.91 53.09
C PRO A 193 28.51 78.81 52.18
N ARG A 194 28.05 79.15 51.00
CA ARG A 194 27.04 78.38 50.30
C ARG A 194 27.49 77.99 48.90
N MET A 195 28.79 77.97 48.63
CA MET A 195 29.25 77.85 47.25
C MET A 195 30.33 76.79 47.06
N VAL A 196 30.10 75.99 46.01
CA VAL A 196 30.97 74.91 45.57
C VAL A 196 31.50 75.26 44.18
N LEU A 197 32.81 75.31 44.05
CA LEU A 197 33.48 75.50 42.77
C LEU A 197 34.02 74.15 42.30
N ALA A 198 33.46 73.63 41.23
CA ALA A 198 33.82 72.30 40.76
C ALA A 198 34.51 72.38 39.40
N ALA A 199 35.42 71.44 39.19
CA ALA A 199 36.16 71.34 37.94
C ALA A 199 36.42 69.87 37.65
N ALA A 200 35.85 69.36 36.56
CA ALA A 200 35.96 67.96 36.22
C ALA A 200 36.60 67.79 34.85
N GLY A 201 37.51 66.82 34.74
CA GLY A 201 38.08 66.45 33.45
C GLY A 201 39.54 66.05 33.59
N GLY A 202 40.24 66.07 32.47
CA GLY A 202 41.68 65.82 32.47
C GLY A 202 42.47 67.05 32.83
N LEU A 203 42.37 67.46 34.08
CA LEU A 203 42.87 68.76 34.54
C LEU A 203 43.82 68.62 35.72
N GLU A 204 44.14 69.73 36.38
CA GLU A 204 45.05 69.76 37.52
C GLU A 204 44.43 70.49 38.70
N HIS A 205 44.90 70.14 39.89
CA HIS A 205 44.31 70.53 41.16
C HIS A 205 45.00 71.74 41.79
N ARG A 206 46.32 71.77 41.74
CA ARG A 206 47.08 72.77 42.49
C ARG A 206 47.04 74.13 41.81
N GLN A 207 47.17 74.18 40.48
CA GLN A 207 47.17 75.45 39.77
C GLN A 207 45.78 76.07 39.78
N LEU A 208 44.74 75.24 39.65
CA LEU A 208 43.37 75.71 39.81
C LEU A 208 43.12 76.19 41.24
N LEU A 209 43.73 75.51 42.21
CA LEU A 209 43.62 75.93 43.62
C LEU A 209 44.25 77.31 43.82
N ASP A 210 45.41 77.53 43.21
CA ASP A 210 46.11 78.80 43.35
C ASP A 210 45.38 79.92 42.63
N LEU A 211 44.85 79.66 41.43
CA LEU A 211 44.14 80.72 40.73
C LEU A 211 42.76 80.97 41.30
N ALA A 212 42.13 79.99 41.95
CA ALA A 212 40.94 80.27 42.72
C ALA A 212 41.26 81.09 43.96
N GLN A 213 42.43 80.85 44.57
CA GLN A 213 42.89 81.69 45.67
C GLN A 213 43.19 83.11 45.18
N LYS A 214 43.57 83.25 43.92
CA LYS A 214 43.74 84.58 43.32
C LYS A 214 42.40 85.28 43.11
N HIS A 215 41.50 84.64 42.35
CA HIS A 215 40.27 85.29 41.94
C HIS A 215 39.25 85.45 43.06
N PHE A 216 39.25 84.56 44.04
CA PHE A 216 38.34 84.65 45.17
C PHE A 216 38.99 85.30 46.38
N SER A 217 39.91 86.24 46.14
CA SER A 217 40.60 86.95 47.23
C SER A 217 39.76 88.15 47.62
N GLY A 218 39.23 88.14 48.84
CA GLY A 218 38.51 89.29 49.34
C GLY A 218 37.02 89.27 49.10
N LEU A 219 36.37 88.19 49.53
CA LEU A 219 34.91 88.08 49.40
C LEU A 219 34.19 88.77 50.55
N SER A 220 34.80 88.80 51.75
CA SER A 220 34.33 89.52 52.94
C SER A 220 32.97 89.06 53.43
N GLY A 221 32.60 87.80 53.16
CA GLY A 221 31.31 87.34 53.60
C GLY A 221 31.35 86.68 54.96
N THR A 222 30.61 87.22 55.91
CA THR A 222 30.50 86.62 57.24
C THR A 222 29.19 87.02 57.92
N PRO A 229 21.05 80.74 59.91
CA PRO A 229 19.88 81.61 60.02
C PRO A 229 18.82 81.30 58.97
N THR A 230 19.20 80.53 57.95
CA THR A 230 18.28 80.18 56.87
C THR A 230 18.28 78.65 56.78
N LEU A 231 17.66 78.08 55.75
CA LEU A 231 17.50 76.63 55.55
C LEU A 231 16.81 76.00 56.78
N THR A 232 15.61 76.40 56.98
CA THR A 232 14.79 75.92 58.07
C THR A 232 13.78 74.91 57.55
N PRO A 233 13.32 73.96 58.37
CA PRO A 233 12.33 72.98 57.89
C PRO A 233 10.97 73.61 57.63
N CYS A 234 10.09 72.80 57.03
CA CYS A 234 8.74 73.22 56.65
C CYS A 234 7.77 72.07 56.89
N ARG A 235 6.50 72.31 56.57
CA ARG A 235 5.42 71.35 56.79
C ARG A 235 5.02 70.66 55.49
N PHE A 236 4.85 69.35 55.56
CA PHE A 236 4.18 68.58 54.51
C PHE A 236 2.72 68.44 54.90
N THR A 237 1.84 69.20 54.25
CA THR A 237 0.43 69.15 54.60
C THR A 237 -0.25 67.90 54.04
N GLY A 238 -0.30 67.80 52.71
CA GLY A 238 -1.04 66.73 52.07
C GLY A 238 -2.44 67.19 51.73
N SER A 239 -2.76 67.27 50.43
CA SER A 239 -3.99 67.95 50.00
C SER A 239 -4.31 67.52 48.57
N GLU A 240 -5.25 68.25 47.96
CA GLU A 240 -5.70 67.98 46.60
C GLU A 240 -5.91 69.31 45.90
N ILE A 241 -5.60 69.35 44.61
CA ILE A 241 -6.03 70.44 43.76
C ILE A 241 -6.39 69.87 42.41
N ARG A 242 -7.45 70.40 41.81
CA ARG A 242 -7.88 69.93 40.51
C ARG A 242 -8.13 71.12 39.58
N HIS A 243 -7.54 71.04 38.39
CA HIS A 243 -7.81 72.02 37.33
C HIS A 243 -8.74 71.35 36.34
N ARG A 244 -10.01 71.75 36.39
CA ARG A 244 -10.94 71.37 35.36
C ARG A 244 -10.75 72.34 34.20
N GLU A 245 -10.20 71.81 33.11
CA GLU A 245 -9.90 72.55 31.89
C GLU A 245 -10.05 71.55 30.74
N ASP A 246 -11.25 71.50 30.17
CA ASP A 246 -11.58 70.51 29.16
C ASP A 246 -11.14 70.90 27.76
N GLY A 247 -10.36 71.98 27.62
CA GLY A 247 -9.81 72.36 26.34
C GLY A 247 -8.41 71.83 26.15
N LEU A 248 -8.05 70.82 26.93
CA LEU A 248 -6.74 70.20 26.89
C LEU A 248 -6.84 68.79 26.32
N PRO A 249 -5.84 68.33 25.55
CA PRO A 249 -6.00 67.05 24.84
C PRO A 249 -5.88 65.82 25.72
N LEU A 250 -5.01 65.85 26.73
CA LEU A 250 -4.80 64.69 27.58
C LEU A 250 -4.88 65.11 29.05
N ALA A 251 -4.80 64.12 29.93
CA ALA A 251 -4.96 64.31 31.37
C ALA A 251 -3.64 64.07 32.07
N HIS A 252 -3.29 64.97 32.99
CA HIS A 252 -2.02 64.94 33.71
C HIS A 252 -2.31 64.89 35.20
N VAL A 253 -2.03 63.75 35.85
CA VAL A 253 -2.35 63.59 37.26
C VAL A 253 -1.11 63.11 37.99
N ALA A 254 -0.73 63.82 39.06
CA ALA A 254 0.38 63.44 39.90
C ALA A 254 -0.08 63.26 41.33
N ILE A 255 0.52 62.29 42.02
CA ILE A 255 0.25 62.05 43.43
C ILE A 255 1.58 61.82 44.15
N ALA A 256 1.71 62.39 45.35
CA ALA A 256 2.97 62.32 46.07
C ALA A 256 2.74 62.18 47.57
N VAL A 257 3.63 61.46 48.24
CA VAL A 257 3.70 61.43 49.68
C VAL A 257 5.00 62.10 50.09
N GLU A 258 5.19 62.28 51.40
CA GLU A 258 6.42 62.93 51.87
C GLU A 258 7.60 61.99 51.76
N GLY A 259 8.67 62.46 51.11
CA GLY A 259 9.87 61.68 50.95
C GLY A 259 10.87 61.93 52.08
N PRO A 260 11.87 61.05 52.18
CA PRO A 260 12.82 61.17 53.30
C PRO A 260 13.77 62.36 53.22
N GLY A 261 14.45 62.53 52.08
CA GLY A 261 15.51 63.52 51.98
C GLY A 261 16.83 62.93 51.52
N TRP A 262 17.93 63.41 52.08
CA TRP A 262 19.26 62.99 51.63
C TRP A 262 19.92 61.97 52.55
N ALA A 263 19.87 62.20 53.87
CA ALA A 263 20.79 61.56 54.81
C ALA A 263 20.26 60.26 55.39
N ASN A 264 19.47 59.50 54.63
CA ASN A 264 18.96 58.25 55.15
C ASN A 264 19.20 57.12 54.18
N PRO A 265 19.44 55.90 54.68
CA PRO A 265 19.40 54.72 53.81
C PRO A 265 18.00 54.39 53.33
N ASP A 266 16.98 54.95 54.00
CA ASP A 266 15.62 54.96 53.49
C ASP A 266 15.56 55.52 52.08
N ASN A 267 16.33 56.58 51.80
CA ASN A 267 16.42 57.12 50.46
C ASN A 267 17.02 56.11 49.49
N VAL A 268 17.95 55.27 49.95
CA VAL A 268 18.52 54.25 49.07
C VAL A 268 17.49 53.16 48.77
N ALA A 269 16.72 52.76 49.78
CA ALA A 269 15.67 51.77 49.57
C ALA A 269 14.57 52.31 48.65
N LEU A 270 14.25 53.59 48.78
CA LEU A 270 13.26 54.18 47.89
C LEU A 270 13.82 54.44 46.49
N GLN A 271 15.14 54.60 46.34
CA GLN A 271 15.71 54.61 45.00
C GLN A 271 15.61 53.23 44.35
N VAL A 272 15.73 52.17 45.14
CA VAL A 272 15.48 50.84 44.61
C VAL A 272 14.01 50.67 44.21
N ALA A 273 13.10 51.22 45.02
CA ALA A 273 11.67 51.13 44.70
C ALA A 273 11.32 51.94 43.45
N ASN A 274 11.90 53.13 43.30
CA ASN A 274 11.68 53.91 42.10
C ASN A 274 12.48 53.40 40.91
N ALA A 275 13.42 52.48 41.13
CA ALA A 275 13.95 51.73 40.00
C ALA A 275 13.01 50.60 39.60
N ILE A 276 12.27 50.05 40.57
CA ILE A 276 11.26 49.05 40.26
C ILE A 276 10.14 49.67 39.41
N ILE A 277 9.64 50.83 39.82
CA ILE A 277 8.44 51.35 39.16
C ILE A 277 8.80 52.31 38.03
N GLY A 278 9.49 53.43 38.34
CA GLY A 278 10.27 54.11 37.31
C GLY A 278 9.81 55.35 36.55
N HIS A 279 8.80 55.35 35.68
CA HIS A 279 8.76 55.85 34.29
C HIS A 279 8.90 54.81 33.18
N TYR A 280 7.77 54.15 32.95
CA TYR A 280 7.43 53.68 31.63
C TYR A 280 6.91 54.83 30.77
N ASP A 281 7.31 54.83 29.49
CA ASP A 281 6.80 55.74 28.49
C ASP A 281 6.33 54.91 27.29
N CYS A 282 5.26 55.40 26.62
CA CYS A 282 4.49 54.53 25.74
C CYS A 282 5.21 54.15 24.45
N THR A 283 6.17 54.96 24.00
CA THR A 283 6.82 54.71 22.72
C THR A 283 7.97 53.72 22.81
N TYR A 284 8.03 52.91 23.86
CA TYR A 284 9.12 51.96 24.01
C TYR A 284 8.90 50.77 23.08
N GLY A 285 10.00 50.26 22.51
CA GLY A 285 9.93 49.15 21.60
C GLY A 285 9.50 47.86 22.28
N GLY A 286 8.27 47.46 22.02
CA GLY A 286 7.67 46.37 22.77
C GLY A 286 7.04 46.89 24.04
N GLY A 287 5.76 46.61 24.24
CA GLY A 287 5.07 47.10 25.42
C GLY A 287 4.41 46.03 26.25
N MET A 288 4.11 44.89 25.63
CA MET A 288 3.30 43.88 26.28
C MET A 288 4.09 43.05 27.29
N HIS A 289 5.29 42.63 26.91
CA HIS A 289 6.03 41.61 27.64
C HIS A 289 7.08 42.20 28.57
N LEU A 290 6.79 43.36 29.16
CA LEU A 290 7.76 43.99 30.03
C LEU A 290 7.72 43.36 31.42
N SER A 291 8.88 43.39 32.10
CA SER A 291 9.08 42.63 33.33
C SER A 291 8.20 43.14 34.47
N SER A 292 8.08 44.46 34.58
CA SER A 292 7.21 45.04 35.60
C SER A 292 5.76 44.75 35.23
N PRO A 293 4.97 44.14 36.12
CA PRO A 293 3.58 43.82 35.77
C PRO A 293 2.70 45.03 35.58
N LEU A 294 3.03 46.15 36.20
CA LEU A 294 2.34 47.42 35.93
C LEU A 294 2.46 47.81 34.46
N ALA A 295 3.63 47.55 33.87
CA ALA A 295 3.83 47.87 32.45
C ALA A 295 2.97 46.99 31.56
N SER A 296 2.95 45.68 31.85
CA SER A 296 2.15 44.75 31.06
C SER A 296 0.66 45.06 31.17
N VAL A 297 0.19 45.41 32.37
CA VAL A 297 -1.22 45.73 32.57
C VAL A 297 -1.59 47.02 31.84
N ALA A 298 -0.83 48.09 32.08
CA ALA A 298 -1.16 49.39 31.50
C ALA A 298 -0.97 49.43 29.99
N VAL A 299 -0.18 48.54 29.41
CA VAL A 299 -0.12 48.47 27.95
C VAL A 299 -1.18 47.52 27.39
N THR A 300 -1.48 46.42 28.10
CA THR A 300 -2.47 45.46 27.63
C THR A 300 -3.86 46.07 27.61
N ASN A 301 -4.17 46.92 28.57
CA ASN A 301 -5.42 47.66 28.54
C ASN A 301 -5.26 49.05 27.93
N LYS A 302 -4.04 49.42 27.52
CA LYS A 302 -3.72 50.65 26.78
C LYS A 302 -4.17 51.90 27.54
N LEU A 303 -3.90 51.93 28.84
CA LEU A 303 -4.52 52.93 29.70
C LEU A 303 -3.77 54.26 29.62
N CYS A 304 -2.50 54.27 30.02
CA CYS A 304 -1.77 55.50 30.19
C CYS A 304 -1.07 55.91 28.90
N GLN A 305 -0.65 57.17 28.86
CA GLN A 305 0.27 57.62 27.83
C GLN A 305 1.71 57.65 28.33
N SER A 306 1.90 57.82 29.63
CA SER A 306 3.20 57.66 30.29
C SER A 306 2.98 57.63 31.80
N PHE A 307 3.99 57.18 32.53
CA PHE A 307 4.06 57.46 33.96
C PHE A 307 5.51 57.46 34.43
N GLN A 308 5.85 58.49 35.21
CA GLN A 308 7.13 58.61 35.89
C GLN A 308 6.92 58.50 37.40
N THR A 309 7.67 57.59 38.02
CA THR A 309 7.46 57.21 39.41
C THR A 309 8.81 57.16 40.08
N PHE A 310 9.02 58.07 41.02
CA PHE A 310 10.29 58.73 41.24
C PHE A 310 10.34 59.29 42.67
N ASN A 311 11.43 60.01 42.95
CA ASN A 311 11.74 60.58 44.25
C ASN A 311 12.42 61.94 44.04
N ILE A 312 12.02 62.93 44.84
CA ILE A 312 12.68 64.23 44.88
C ILE A 312 13.16 64.45 46.31
N CYS A 313 14.46 64.69 46.47
CA CYS A 313 15.09 64.74 47.78
C CYS A 313 15.63 66.15 48.03
N TYR A 314 14.88 66.94 48.81
CA TYR A 314 15.40 68.19 49.34
C TYR A 314 16.10 67.88 50.66
N ALA A 315 16.59 68.94 51.32
CA ALA A 315 17.55 68.80 52.41
C ALA A 315 16.91 68.15 53.63
N ASP A 316 17.05 66.82 53.69
CA ASP A 316 16.38 65.93 54.64
C ASP A 316 14.86 66.09 54.62
N THR A 317 14.31 66.37 53.44
CA THR A 317 12.86 66.51 53.26
C THR A 317 12.54 66.27 51.78
N GLY A 318 11.31 66.55 51.39
CA GLY A 318 10.99 66.43 49.98
C GLY A 318 9.81 65.53 49.67
N LEU A 319 9.74 65.04 48.42
CA LEU A 319 8.56 64.37 47.92
C LEU A 319 8.90 63.02 47.30
N LEU A 320 7.89 62.16 47.23
CA LEU A 320 8.07 60.81 46.73
C LEU A 320 6.80 60.41 46.01
N GLY A 321 6.86 60.20 44.71
CA GLY A 321 5.59 60.00 44.06
C GLY A 321 5.58 59.62 42.60
N ALA A 322 4.56 60.10 41.90
CA ALA A 322 4.25 59.62 40.56
C ALA A 322 3.50 60.68 39.79
N HIS A 323 3.75 60.73 38.50
CA HIS A 323 2.96 61.50 37.56
C HIS A 323 2.62 60.62 36.37
N PHE A 324 1.34 60.51 36.07
CA PHE A 324 0.93 59.75 34.90
C PHE A 324 0.11 60.63 33.97
N VAL A 325 0.37 60.44 32.68
CA VAL A 325 -0.34 61.10 31.60
C VAL A 325 -1.20 60.04 30.93
N CYS A 326 -2.49 60.32 30.80
CA CYS A 326 -3.40 59.35 30.22
C CYS A 326 -4.61 60.06 29.62
N ASP A 327 -5.30 59.33 28.75
CA ASP A 327 -6.58 59.76 28.22
C ASP A 327 -7.60 59.83 29.36
N HIS A 328 -8.63 60.65 29.17
CA HIS A 328 -9.64 60.87 30.20
C HIS A 328 -10.60 59.69 30.40
N MET A 329 -10.37 58.52 29.80
CA MET A 329 -11.16 57.33 30.05
C MET A 329 -10.38 56.27 30.81
N SER A 330 -9.17 56.58 31.27
CA SER A 330 -8.33 55.61 31.94
C SER A 330 -7.65 56.24 33.15
N ILE A 331 -8.44 56.92 33.98
CA ILE A 331 -7.92 57.54 35.19
C ILE A 331 -8.01 56.59 36.37
N ASP A 332 -9.21 56.05 36.63
CA ASP A 332 -9.40 55.27 37.85
C ASP A 332 -8.72 53.90 37.77
N ASP A 333 -8.68 53.29 36.58
CA ASP A 333 -8.02 52.00 36.45
C ASP A 333 -6.51 52.13 36.61
N MET A 334 -5.93 53.17 36.01
CA MET A 334 -4.52 53.50 36.21
C MET A 334 -4.23 53.78 37.67
N MET A 335 -5.13 54.52 38.33
CA MET A 335 -4.97 54.86 39.75
C MET A 335 -5.02 53.61 40.62
N PHE A 336 -5.95 52.70 40.33
CA PHE A 336 -6.08 51.47 41.10
C PHE A 336 -4.88 50.56 40.93
N VAL A 337 -4.38 50.41 39.70
CA VAL A 337 -3.25 49.50 39.52
C VAL A 337 -1.95 50.12 40.04
N LEU A 338 -1.86 51.46 40.04
CA LEU A 338 -0.73 52.13 40.70
C LEU A 338 -0.76 51.90 42.21
N GLN A 339 -1.94 52.07 42.84
CA GLN A 339 -2.07 51.77 44.26
C GLN A 339 -1.82 50.31 44.57
N GLY A 340 -2.20 49.41 43.65
CA GLY A 340 -1.95 48.00 43.85
C GLY A 340 -0.47 47.66 43.80
N GLN A 341 0.28 48.36 42.94
CA GLN A 341 1.73 48.16 42.92
C GLN A 341 2.40 48.68 44.19
N TRP A 342 1.96 49.85 44.68
CA TRP A 342 2.51 50.37 45.93
C TRP A 342 2.21 49.45 47.10
N MET A 343 0.97 48.98 47.22
CA MET A 343 0.62 48.13 48.34
C MET A 343 1.13 46.71 48.19
N ARG A 344 1.48 46.29 46.97
CA ARG A 344 2.15 45.00 46.79
C ARG A 344 3.62 45.09 47.17
N LEU A 345 4.25 46.24 46.94
CA LEU A 345 5.57 46.45 47.53
C LEU A 345 5.50 46.55 49.05
N CYS A 346 4.39 47.05 49.58
CA CYS A 346 4.26 47.13 51.03
C CYS A 346 4.08 45.75 51.66
N THR A 347 2.99 45.07 51.34
CA THR A 347 2.53 43.95 52.14
C THR A 347 3.00 42.59 51.65
N SER A 348 3.17 42.40 50.35
CA SER A 348 3.56 41.11 49.80
C SER A 348 4.79 41.24 48.93
N ALA A 349 5.82 41.92 49.46
CA ALA A 349 7.04 42.17 48.72
C ALA A 349 7.84 40.88 48.54
N THR A 350 8.07 40.52 47.28
CA THR A 350 8.78 39.29 46.94
C THR A 350 10.27 39.59 46.82
N GLU A 351 11.03 38.67 46.23
CA GLU A 351 12.46 38.79 46.09
C GLU A 351 12.90 39.19 44.68
N SER A 352 12.22 38.64 43.65
CA SER A 352 12.62 38.88 42.27
C SER A 352 12.46 40.33 41.87
N GLU A 353 11.47 41.02 42.44
CA GLU A 353 11.31 42.44 42.16
C GLU A 353 12.43 43.27 42.78
N VAL A 354 12.95 42.86 43.94
CA VAL A 354 14.07 43.57 44.55
C VAL A 354 15.34 43.31 43.74
N VAL A 355 15.50 42.08 43.22
CA VAL A 355 16.64 41.75 42.35
C VAL A 355 16.62 42.61 41.10
N ARG A 356 15.45 42.69 40.45
CA ARG A 356 15.32 43.47 39.23
C ARG A 356 15.52 44.96 39.49
N GLY A 357 15.00 45.46 40.62
CA GLY A 357 15.19 46.86 40.95
C GLY A 357 16.63 47.21 41.24
N LYS A 358 17.36 46.29 41.88
CA LYS A 358 18.78 46.53 42.11
C LYS A 358 19.58 46.49 40.82
N ASN A 359 19.28 45.55 39.92
CA ASN A 359 19.95 45.51 38.61
C ASN A 359 19.70 46.78 37.80
N LEU A 360 18.45 47.23 37.76
CA LEU A 360 18.14 48.43 37.00
C LEU A 360 18.69 49.69 37.65
N LEU A 361 18.75 49.74 38.99
CA LEU A 361 19.30 50.94 39.63
C LEU A 361 20.80 51.03 39.46
N ARG A 362 21.50 49.88 39.55
CA ARG A 362 22.94 49.84 39.26
C ARG A 362 23.22 50.28 37.84
N ASN A 363 22.49 49.71 36.87
CA ASN A 363 22.74 50.02 35.47
C ASN A 363 22.40 51.47 35.15
N ALA A 364 21.33 52.00 35.76
CA ALA A 364 20.95 53.38 35.52
C ALA A 364 21.96 54.35 36.12
N LEU A 365 22.49 54.03 37.30
CA LEU A 365 23.43 54.97 37.92
C LEU A 365 24.79 54.92 37.22
N VAL A 366 25.21 53.73 36.75
CA VAL A 366 26.47 53.63 36.02
C VAL A 366 26.36 54.31 34.66
N SER A 367 25.25 54.10 33.94
CA SER A 367 25.04 54.79 32.69
C SER A 367 24.81 56.28 32.88
N HIS A 368 24.35 56.70 34.06
CA HIS A 368 24.27 58.12 34.37
C HIS A 368 25.65 58.73 34.53
N LEU A 369 26.49 58.12 35.37
CA LEU A 369 27.77 58.73 35.73
C LEU A 369 28.80 58.51 34.62
N ASP A 370 28.60 59.25 33.54
CA ASP A 370 29.50 59.27 32.40
C ASP A 370 29.20 60.53 31.60
N GLY A 371 30.20 61.04 30.89
CA GLY A 371 30.08 62.31 30.22
C GLY A 371 30.44 63.47 31.14
N THR A 372 30.62 64.64 30.53
CA THR A 372 31.11 65.79 31.27
C THR A 372 30.03 66.38 32.16
N THR A 373 28.87 66.70 31.57
CA THR A 373 27.76 67.31 32.32
C THR A 373 27.19 66.43 33.43
N PRO A 374 26.87 65.13 33.24
CA PRO A 374 26.31 64.38 34.39
C PRO A 374 27.30 64.14 35.51
N VAL A 375 28.58 63.94 35.20
CA VAL A 375 29.58 63.73 36.26
C VAL A 375 29.86 65.04 37.00
N CYS A 376 29.93 66.16 36.27
CA CYS A 376 30.16 67.44 36.95
C CYS A 376 28.95 67.86 37.78
N GLU A 377 27.74 67.60 37.29
CA GLU A 377 26.56 67.88 38.10
C GLU A 377 26.43 66.89 39.24
N ASP A 378 27.00 65.68 39.10
CA ASP A 378 27.10 64.77 40.22
C ASP A 378 28.01 65.34 41.30
N ILE A 379 29.12 65.97 40.89
CA ILE A 379 30.00 66.65 41.84
C ILE A 379 29.26 67.76 42.57
N GLY A 380 28.54 68.59 41.80
CA GLY A 380 27.73 69.66 42.34
C GLY A 380 26.68 69.19 43.34
N ARG A 381 25.78 68.32 42.89
CA ARG A 381 24.70 67.80 43.73
C ARG A 381 25.20 66.90 44.84
N SER A 382 26.42 66.40 44.75
CA SER A 382 27.04 65.74 45.90
C SER A 382 27.40 66.77 46.95
N LEU A 383 28.21 67.75 46.57
CA LEU A 383 28.68 68.73 47.55
C LEU A 383 27.65 69.80 47.90
N LEU A 384 26.40 69.69 47.45
CA LEU A 384 25.36 70.60 47.93
C LEU A 384 25.08 70.37 49.42
N THR A 385 24.87 69.12 49.83
CA THR A 385 24.52 68.80 51.22
C THR A 385 25.35 67.71 51.86
N TYR A 386 26.03 66.84 51.10
CA TYR A 386 26.68 65.67 51.68
C TYR A 386 27.90 66.01 52.53
N GLY A 387 28.53 67.15 52.31
CA GLY A 387 29.81 67.42 52.91
C GLY A 387 30.99 66.75 52.22
N ARG A 388 30.73 66.02 51.16
CA ARG A 388 31.75 65.32 50.35
C ARG A 388 31.07 64.92 49.04
N ARG A 389 31.80 64.18 48.22
CA ARG A 389 31.21 63.49 47.08
C ARG A 389 31.28 62.00 47.32
N ILE A 390 30.16 61.33 47.13
CA ILE A 390 30.09 59.88 47.32
C ILE A 390 30.49 59.23 46.00
N PRO A 391 31.43 58.29 46.02
CA PRO A 391 31.83 57.61 44.79
C PRO A 391 30.83 56.52 44.44
N LEU A 392 31.14 55.80 43.35
CA LEU A 392 30.25 54.73 42.88
C LEU A 392 30.30 53.52 43.79
N ALA A 393 31.43 53.31 44.48
CA ALA A 393 31.62 52.10 45.29
C ALA A 393 30.74 52.13 46.53
N GLU A 394 30.56 53.30 47.14
CA GLU A 394 29.74 53.38 48.34
C GLU A 394 28.26 53.21 48.02
N TRP A 395 27.82 53.71 46.87
CA TRP A 395 26.45 53.43 46.45
C TRP A 395 26.28 51.96 46.06
N GLU A 396 27.34 51.34 45.52
CA GLU A 396 27.30 49.90 45.25
C GLU A 396 27.13 49.10 46.54
N SER A 397 27.85 49.51 47.59
CA SER A 397 27.71 48.85 48.89
C SER A 397 26.32 49.06 49.48
N ARG A 398 25.82 50.30 49.47
CA ARG A 398 24.50 50.56 50.04
C ARG A 398 23.36 50.00 49.20
N ILE A 399 23.62 49.64 47.93
CA ILE A 399 22.67 48.80 47.20
C ILE A 399 22.74 47.37 47.71
N ALA A 400 23.95 46.85 47.89
CA ALA A 400 24.11 45.47 48.35
C ALA A 400 23.68 45.25 49.81
N GLU A 401 23.50 46.31 50.58
CA GLU A 401 23.18 46.22 52.01
C GLU A 401 21.68 46.11 52.29
N VAL A 402 20.83 45.97 51.26
CA VAL A 402 19.39 45.94 51.45
C VAL A 402 18.82 44.69 50.77
N ASP A 403 18.12 43.87 51.55
CA ASP A 403 17.37 42.72 51.07
C ASP A 403 15.89 43.06 51.02
N ALA A 404 15.04 42.06 50.78
CA ALA A 404 13.62 42.31 50.58
C ALA A 404 12.91 42.73 51.86
N ARG A 405 13.40 42.27 53.02
CA ARG A 405 12.75 42.56 54.30
C ARG A 405 12.82 44.05 54.63
N VAL A 406 13.98 44.66 54.41
CA VAL A 406 14.13 46.10 54.60
C VAL A 406 13.29 46.86 53.60
N VAL A 407 13.09 46.31 52.39
CA VAL A 407 12.28 46.97 51.38
C VAL A 407 10.82 47.05 51.81
N ARG A 408 10.27 45.93 52.29
CA ARG A 408 8.88 45.99 52.76
C ARG A 408 8.75 46.76 54.07
N GLU A 409 9.82 46.81 54.88
CA GLU A 409 9.81 47.69 56.04
C GLU A 409 9.73 49.16 55.65
N VAL A 410 10.50 49.57 54.65
CA VAL A 410 10.50 50.97 54.21
C VAL A 410 9.17 51.31 53.54
N CYS A 411 8.62 50.38 52.75
CA CYS A 411 7.35 50.66 52.09
C CYS A 411 6.20 50.72 53.08
N SER A 412 6.22 49.87 54.12
CA SER A 412 5.24 50.01 55.19
C SER A 412 5.50 51.26 56.03
N LYS A 413 6.74 51.73 56.05
CA LYS A 413 7.09 52.91 56.83
C LYS A 413 6.57 54.18 56.17
N TYR A 414 6.58 54.23 54.84
CA TYR A 414 6.26 55.46 54.13
C TYR A 414 4.92 55.45 53.41
N PHE A 415 4.51 54.34 52.80
CA PHE A 415 3.39 54.41 51.88
C PHE A 415 2.04 54.09 52.50
N TYR A 416 2.02 53.22 53.52
CA TYR A 416 0.76 52.60 53.92
C TYR A 416 -0.07 53.56 54.75
N ASP A 417 -1.30 53.80 54.29
CA ASP A 417 -2.37 54.50 55.01
C ASP A 417 -1.95 55.93 55.35
N GLN A 418 -1.78 56.72 54.30
CA GLN A 418 -1.16 58.04 54.42
C GLN A 418 -2.13 59.13 53.97
N CYS A 419 -1.61 60.36 53.92
CA CYS A 419 -2.34 61.55 53.48
C CYS A 419 -1.59 62.13 52.29
N PRO A 420 -1.93 61.75 51.07
CA PRO A 420 -1.16 62.17 49.91
C PRO A 420 -1.44 63.62 49.50
N ALA A 421 -0.79 63.99 48.40
CA ALA A 421 -1.04 65.26 47.73
C ALA A 421 -1.28 64.94 46.26
N VAL A 422 -2.45 65.32 45.77
CA VAL A 422 -2.89 65.02 44.43
C VAL A 422 -3.03 66.32 43.66
N ALA A 423 -2.40 66.37 42.49
CA ALA A 423 -2.56 67.48 41.56
C ALA A 423 -3.11 66.92 40.25
N GLY A 424 -4.32 67.34 39.91
CA GLY A 424 -4.96 66.93 38.65
C GLY A 424 -5.02 68.12 37.71
N PHE A 425 -4.83 67.85 36.42
CA PHE A 425 -4.73 68.92 35.43
C PHE A 425 -5.36 68.44 34.13
N GLY A 426 -6.44 69.11 33.71
CA GLY A 426 -7.01 68.86 32.40
C GLY A 426 -8.45 68.40 32.41
N PRO A 427 -8.74 67.38 31.59
CA PRO A 427 -10.03 66.67 31.61
C PRO A 427 -10.03 65.54 32.63
N ILE A 428 -10.19 65.93 33.90
CA ILE A 428 -9.89 65.04 35.01
C ILE A 428 -11.14 64.73 35.82
N GLU A 429 -12.29 64.73 35.17
CA GLU A 429 -13.55 64.55 35.90
C GLU A 429 -13.71 63.13 36.42
N GLN A 430 -13.13 62.14 35.73
CA GLN A 430 -13.33 60.75 36.12
C GLN A 430 -12.50 60.37 37.35
N LEU A 431 -11.59 61.23 37.79
CA LEU A 431 -10.88 61.00 39.04
C LEU A 431 -11.86 61.08 40.21
N PRO A 432 -11.96 60.04 41.04
CA PRO A 432 -12.92 60.08 42.15
C PRO A 432 -12.47 61.01 43.26
N ASP A 433 -13.37 61.20 44.22
CA ASP A 433 -13.15 62.12 45.32
C ASP A 433 -12.08 61.58 46.26
N TYR A 434 -11.52 62.49 47.08
CA TYR A 434 -10.25 62.27 47.76
C TYR A 434 -10.33 61.13 48.78
N ASN A 435 -11.47 60.99 49.45
CA ASN A 435 -11.61 59.94 50.44
C ASN A 435 -11.68 58.55 49.82
N ARG A 436 -12.04 58.44 48.54
CA ARG A 436 -11.88 57.17 47.84
C ARG A 436 -10.42 56.80 47.71
N ILE A 437 -9.56 57.78 47.37
CA ILE A 437 -8.12 57.51 47.30
C ILE A 437 -7.57 57.19 48.67
N ARG A 438 -8.13 57.81 49.72
CA ARG A 438 -7.69 57.49 51.08
C ARG A 438 -8.08 56.07 51.48
N SER A 439 -9.36 55.72 51.33
CA SER A 439 -9.84 54.40 51.75
C SER A 439 -9.45 53.28 50.81
N GLY A 440 -8.90 53.59 49.64
CA GLY A 440 -8.37 52.56 48.78
C GLY A 440 -6.85 52.58 48.76
N MET A 441 -6.28 53.57 49.44
CA MET A 441 -4.83 53.68 49.49
C MET A 441 -4.23 52.60 50.39
N PHE A 442 -4.87 52.32 51.51
CA PHE A 442 -4.46 51.20 52.35
C PHE A 442 -5.28 49.97 52.01
N TRP A 443 -4.62 48.82 51.92
CA TRP A 443 -5.30 47.58 51.64
C TRP A 443 -6.03 47.06 52.87
N LEU A 444 -7.35 46.98 52.78
CA LEU A 444 -8.15 46.10 53.61
C LEU A 444 -8.39 44.75 52.93
N ARG A 445 -7.52 44.39 51.97
CA ARG A 445 -7.58 43.19 51.13
C ARG A 445 -8.83 43.15 50.25
N PHE A 446 -9.34 44.34 49.90
CA PHE A 446 -10.54 44.54 49.06
C PHE A 446 -11.78 43.77 49.51
N HIS B 20 45.42 56.54 32.86
CA HIS B 20 44.96 55.57 31.87
C HIS B 20 45.72 55.74 30.55
N PRO B 21 46.86 55.05 30.42
CA PRO B 21 47.64 55.16 29.18
C PRO B 21 47.21 54.21 28.07
N GLN B 22 46.02 53.65 28.16
CA GLN B 22 45.53 52.71 27.16
C GLN B 22 44.82 53.45 26.03
N ASP B 23 44.49 52.69 24.98
CA ASP B 23 43.79 53.22 23.82
C ASP B 23 43.07 52.09 23.11
N LEU B 24 42.15 52.46 22.23
CA LEU B 24 41.33 51.47 21.54
C LEU B 24 42.05 50.89 20.33
N GLU B 25 41.57 49.74 19.89
CA GLU B 25 42.27 48.87 18.95
C GLU B 25 41.38 48.63 17.74
N PHE B 26 41.91 48.96 16.56
CA PHE B 26 41.26 48.68 15.29
C PHE B 26 41.61 47.29 14.82
N THR B 27 40.65 46.60 14.21
CA THR B 27 40.87 45.27 13.62
C THR B 27 39.84 45.09 12.52
N ARG B 28 40.22 44.41 11.44
CA ARG B 28 39.34 44.23 10.29
C ARG B 28 39.29 42.76 9.92
N LEU B 29 38.18 42.10 10.23
CA LEU B 29 38.02 40.69 9.92
C LEU B 29 37.78 40.50 8.42
N PRO B 30 38.40 39.45 7.82
CA PRO B 30 38.69 39.49 6.37
C PRO B 30 37.49 39.31 5.48
N ASN B 31 36.36 38.83 6.01
CA ASN B 31 35.11 38.91 5.25
C ASN B 31 34.70 40.35 5.03
N GLY B 32 35.10 41.25 5.93
CA GLY B 32 34.97 42.66 5.69
C GLY B 32 34.60 43.49 6.90
N LEU B 33 34.41 42.86 8.06
CA LEU B 33 33.80 43.68 9.10
C LEU B 33 34.84 44.39 9.95
N VAL B 34 34.41 45.45 10.62
CA VAL B 34 35.31 46.36 11.31
C VAL B 34 35.02 46.29 12.81
N ILE B 35 36.03 45.93 13.60
CA ILE B 35 35.90 45.82 15.05
C ILE B 35 36.83 46.82 15.70
N ALA B 36 36.27 47.69 16.54
CA ALA B 36 37.05 48.46 17.48
C ALA B 36 36.84 47.88 18.87
N SER B 37 37.91 47.75 19.63
CA SER B 37 37.82 47.26 21.00
C SER B 37 38.46 48.25 21.95
N LEU B 38 37.82 48.46 23.11
CA LEU B 38 38.36 49.33 24.13
C LEU B 38 38.20 48.64 25.47
N GLU B 39 39.18 48.86 26.36
CA GLU B 39 39.14 48.31 27.71
C GLU B 39 39.57 49.43 28.66
N ASN B 40 38.60 50.20 29.12
CA ASN B 40 38.81 51.08 30.26
C ASN B 40 38.25 50.42 31.51
N TYR B 41 38.80 50.80 32.66
CA TYR B 41 38.38 50.19 33.91
C TYR B 41 37.27 51.00 34.58
N ALA B 42 36.25 51.30 33.79
CA ALA B 42 34.95 51.78 34.21
C ALA B 42 33.90 50.77 33.77
N PRO B 43 32.93 50.46 34.64
CA PRO B 43 32.04 49.32 34.36
C PRO B 43 31.01 49.58 33.26
N ALA B 44 30.91 50.80 32.73
CA ALA B 44 29.92 51.13 31.71
C ALA B 44 30.29 50.49 30.39
N SER B 45 29.79 49.28 30.14
CA SER B 45 30.15 48.51 28.95
C SER B 45 29.12 48.74 27.86
N ARG B 46 29.59 49.14 26.68
CA ARG B 46 28.74 49.44 25.54
C ARG B 46 29.16 48.60 24.35
N ILE B 47 28.18 48.05 23.64
CA ILE B 47 28.41 47.31 22.41
C ILE B 47 27.54 47.96 21.35
N GLY B 48 28.18 48.62 20.38
CA GLY B 48 27.50 49.17 19.25
C GLY B 48 27.73 48.28 18.03
N LEU B 49 26.70 48.18 17.18
CA LEU B 49 26.80 47.42 15.95
C LEU B 49 26.10 48.22 14.88
N PHE B 50 26.88 48.73 13.92
CA PHE B 50 26.38 49.65 12.92
C PHE B 50 26.34 48.92 11.59
N ILE B 51 25.25 49.11 10.85
CA ILE B 51 25.02 48.40 9.59
C ILE B 51 24.71 49.41 8.50
N LYS B 52 25.43 49.29 7.38
CA LYS B 52 25.12 49.96 6.11
C LYS B 52 23.98 49.24 5.39
N ALA B 53 22.79 49.34 5.97
CA ALA B 53 21.57 48.89 5.32
C ALA B 53 20.46 49.90 5.61
N GLY B 54 20.77 51.18 5.45
CA GLY B 54 19.84 52.24 5.76
C GLY B 54 18.71 52.35 4.75
N SER B 55 17.94 53.43 4.89
CA SER B 55 16.73 53.64 4.11
C SER B 55 17.01 53.93 2.64
N ARG B 56 18.25 54.20 2.27
CA ARG B 56 18.59 54.44 0.88
C ARG B 56 18.77 53.15 0.09
N TYR B 57 18.67 51.98 0.73
CA TYR B 57 18.73 50.70 0.04
C TYR B 57 17.35 50.08 -0.16
N GLU B 58 16.30 50.91 -0.15
CA GLU B 58 14.94 50.47 -0.36
C GLU B 58 14.34 51.27 -1.51
N ASN B 59 13.39 50.68 -2.23
CA ASN B 59 12.87 51.27 -3.45
C ASN B 59 11.39 51.63 -3.28
N PHE B 60 10.76 51.94 -4.41
CA PHE B 60 9.36 52.37 -4.41
C PHE B 60 8.40 51.27 -4.01
N ASN B 61 8.84 50.00 -4.05
CA ASN B 61 7.98 48.89 -3.66
C ASN B 61 7.84 48.78 -2.15
N ASN B 62 8.80 49.29 -1.38
CA ASN B 62 8.82 49.11 0.07
C ASN B 62 9.10 50.43 0.77
N LEU B 63 8.35 51.47 0.38
CA LEU B 63 8.54 52.81 0.94
C LEU B 63 8.14 52.85 2.40
N GLY B 64 9.10 53.14 3.27
CA GLY B 64 8.83 53.26 4.68
C GLY B 64 8.99 51.96 5.45
N THR B 65 10.06 51.23 5.14
CA THR B 65 10.32 49.93 5.75
C THR B 65 11.40 50.01 6.81
N SER B 66 12.26 51.02 6.73
CA SER B 66 13.31 51.22 7.74
C SER B 66 12.75 51.55 9.11
N HIS B 67 11.63 52.28 9.17
CA HIS B 67 10.97 52.57 10.44
C HIS B 67 10.41 51.30 11.06
N LEU B 68 9.81 50.45 10.23
CA LEU B 68 9.28 49.15 10.68
C LEU B 68 10.39 48.26 11.21
N LEU B 69 11.49 48.14 10.46
CA LEU B 69 12.59 47.28 10.89
C LEU B 69 13.34 47.88 12.06
N ARG B 70 13.31 49.20 12.23
CA ARG B 70 13.89 49.80 13.43
C ARG B 70 13.06 49.47 14.66
N LEU B 71 11.73 49.44 14.51
CA LEU B 71 10.88 49.11 15.65
C LEU B 71 10.75 47.60 15.90
N ALA B 72 11.67 46.77 15.42
CA ALA B 72 11.55 45.32 15.47
C ALA B 72 12.33 44.72 16.64
N SER B 73 12.31 45.37 17.80
CA SER B 73 13.13 44.94 18.93
C SER B 73 12.63 43.63 19.54
N SER B 74 11.32 43.45 19.62
CA SER B 74 10.73 42.37 20.41
C SER B 74 10.37 41.17 19.54
N LEU B 75 11.18 40.85 18.55
CA LEU B 75 10.90 39.73 17.68
C LEU B 75 11.19 38.41 18.39
N THR B 76 10.66 37.34 17.83
CA THR B 76 11.08 35.99 18.19
C THR B 76 12.31 35.63 17.37
N THR B 77 13.29 35.01 18.02
CA THR B 77 14.51 34.63 17.35
C THR B 77 14.65 33.12 17.31
N LYS B 78 15.35 32.63 16.29
CA LYS B 78 15.66 31.21 16.16
C LYS B 78 16.78 30.89 17.15
N GLY B 79 16.37 30.61 18.38
CA GLY B 79 17.30 30.41 19.48
C GLY B 79 16.79 30.97 20.80
N ALA B 80 15.94 31.99 20.73
CA ALA B 80 15.32 32.57 21.91
C ALA B 80 14.00 33.21 21.50
N SER B 81 12.91 32.79 22.11
CA SER B 81 11.62 33.40 21.82
C SER B 81 11.52 34.77 22.47
N SER B 82 10.50 35.53 22.05
CA SER B 82 10.47 36.97 22.29
C SER B 82 10.24 37.30 23.76
N PHE B 83 9.42 36.51 24.45
CA PHE B 83 9.26 36.67 25.88
C PHE B 83 10.57 36.45 26.61
N LYS B 84 11.31 35.41 26.22
CA LYS B 84 12.61 35.12 26.81
C LYS B 84 13.58 36.26 26.57
N ILE B 85 13.53 36.86 25.38
CA ILE B 85 14.42 37.95 25.02
C ILE B 85 14.14 39.19 25.87
N THR B 86 12.89 39.65 25.86
CA THR B 86 12.55 40.88 26.57
C THR B 86 12.75 40.72 28.08
N ARG B 87 12.37 39.56 28.63
CA ARG B 87 12.54 39.39 30.06
C ARG B 87 13.98 39.14 30.45
N GLY B 88 14.78 38.48 29.62
CA GLY B 88 16.19 38.31 29.94
C GLY B 88 16.95 39.62 29.89
N ILE B 89 16.64 40.47 28.90
CA ILE B 89 17.28 41.77 28.79
C ILE B 89 16.88 42.67 29.95
N GLU B 90 15.60 42.72 30.27
CA GLU B 90 15.19 43.61 31.35
C GLU B 90 15.41 43.02 32.74
N ALA B 91 15.77 41.73 32.82
CA ALA B 91 16.14 41.13 34.09
C ALA B 91 17.62 41.24 34.37
N VAL B 92 18.48 41.19 33.34
CA VAL B 92 19.88 41.54 33.57
C VAL B 92 20.06 43.04 33.66
N GLY B 93 19.06 43.82 33.25
CA GLY B 93 19.09 45.26 33.41
C GLY B 93 19.78 46.04 32.32
N GLY B 94 20.01 45.44 31.16
CA GLY B 94 20.67 46.13 30.08
C GLY B 94 19.70 46.88 29.19
N LYS B 95 20.21 47.92 28.54
CA LYS B 95 19.41 48.77 27.67
C LYS B 95 19.79 48.54 26.22
N LEU B 96 18.78 48.26 25.39
CA LEU B 96 18.92 48.08 23.96
C LEU B 96 18.24 49.25 23.25
N SER B 97 19.04 50.15 22.69
CA SER B 97 18.54 51.24 21.87
C SER B 97 18.93 51.00 20.42
N VAL B 98 18.11 51.50 19.51
CA VAL B 98 18.38 51.41 18.08
C VAL B 98 18.19 52.81 17.51
N THR B 99 19.25 53.36 16.93
CA THR B 99 19.17 54.69 16.33
C THR B 99 19.65 54.65 14.89
N SER B 100 19.08 55.52 14.07
CA SER B 100 19.30 55.37 12.63
C SER B 100 19.24 56.71 11.90
N THR B 101 19.96 56.74 10.78
CA THR B 101 19.86 57.75 9.74
C THR B 101 19.69 57.05 8.40
N ARG B 102 19.55 57.86 7.34
CA ARG B 102 19.20 57.37 6.00
C ARG B 102 20.23 56.40 5.44
N GLU B 103 21.46 56.48 5.92
CA GLU B 103 22.52 55.57 5.52
C GLU B 103 22.65 54.36 6.43
N ASN B 104 22.40 54.53 7.73
CA ASN B 104 22.92 53.56 8.68
C ASN B 104 21.92 53.25 9.79
N MET B 105 21.96 52.01 10.25
CA MET B 105 21.20 51.58 11.40
C MET B 105 22.16 51.18 12.51
N ALA B 106 21.72 51.34 13.76
CA ALA B 106 22.63 51.26 14.90
C ALA B 106 21.96 50.50 16.04
N TYR B 107 22.47 49.30 16.33
CA TYR B 107 22.04 48.52 17.49
C TYR B 107 23.05 48.77 18.61
N THR B 108 22.66 49.54 19.61
CA THR B 108 23.52 49.80 20.76
C THR B 108 22.94 49.12 21.98
N VAL B 109 23.80 48.52 22.79
CA VAL B 109 23.39 47.91 24.05
C VAL B 109 24.39 48.29 25.14
N GLU B 110 23.89 48.88 26.23
CA GLU B 110 24.74 49.29 27.32
C GLU B 110 24.31 48.67 28.64
N CYS B 111 25.30 48.33 29.46
CA CYS B 111 25.13 47.51 30.65
C CYS B 111 26.40 47.59 31.49
N LEU B 112 26.51 46.71 32.48
CA LEU B 112 27.74 46.50 33.23
C LEU B 112 28.59 45.43 32.58
N ARG B 113 29.86 45.36 32.99
CA ARG B 113 30.77 44.37 32.41
C ARG B 113 30.54 42.96 32.94
N ASP B 114 29.70 42.80 33.96
CA ASP B 114 29.16 41.49 34.33
C ASP B 114 27.86 41.18 33.60
N ASP B 115 27.51 41.96 32.58
CA ASP B 115 26.25 41.82 31.87
C ASP B 115 26.43 41.74 30.36
N VAL B 116 27.60 41.32 29.89
CA VAL B 116 27.93 41.48 28.49
C VAL B 116 27.79 40.21 27.66
N ASP B 117 27.92 39.03 28.27
CA ASP B 117 27.89 37.80 27.50
C ASP B 117 26.48 37.45 27.05
N ILE B 118 25.52 37.51 27.97
CA ILE B 118 24.15 37.15 27.61
C ILE B 118 23.50 38.25 26.77
N LEU B 119 23.85 39.52 26.99
CA LEU B 119 23.33 40.57 26.13
C LEU B 119 24.00 40.56 24.77
N MET B 120 25.25 40.12 24.72
CA MET B 120 25.89 39.83 23.43
C MET B 120 25.14 38.73 22.70
N GLU B 121 24.72 37.70 23.43
CA GLU B 121 23.99 36.61 22.79
C GLU B 121 22.60 37.05 22.31
N PHE B 122 21.92 37.92 23.07
CA PHE B 122 20.65 38.47 22.60
C PHE B 122 20.83 39.37 21.39
N LEU B 123 21.91 40.17 21.35
CA LEU B 123 22.17 41.01 20.19
C LEU B 123 22.50 40.18 18.97
N LEU B 124 23.22 39.07 19.18
CA LEU B 124 23.44 38.08 18.12
C LEU B 124 22.13 37.49 17.63
N ASN B 125 21.20 37.24 18.56
CA ASN B 125 19.90 36.70 18.18
C ASN B 125 19.12 37.71 17.33
N VAL B 126 19.13 38.98 17.74
CA VAL B 126 18.41 40.04 17.04
C VAL B 126 18.97 40.22 15.62
N THR B 127 20.29 40.20 15.48
CA THR B 127 20.86 40.36 14.14
C THR B 127 20.72 39.09 13.31
N THR B 128 21.29 37.98 13.78
CA THR B 128 21.42 36.76 13.00
C THR B 128 20.30 35.76 13.23
N ALA B 129 19.14 36.20 13.69
CA ALA B 129 17.98 35.30 13.80
C ALA B 129 16.69 36.07 13.57
N PRO B 130 16.24 36.17 12.32
CA PRO B 130 14.90 36.67 12.04
C PRO B 130 13.86 35.56 11.97
N GLU B 131 12.65 35.85 12.45
CA GLU B 131 11.51 34.98 12.19
C GLU B 131 10.35 35.72 11.51
N PHE B 132 9.96 36.88 12.03
CA PHE B 132 9.02 37.84 11.41
C PHE B 132 7.64 37.23 11.15
N ARG B 133 6.94 36.94 12.23
CA ARG B 133 5.58 36.44 12.12
C ARG B 133 4.57 37.58 12.18
N ARG B 134 3.33 37.27 11.81
CA ARG B 134 2.43 38.25 11.19
C ARG B 134 1.66 39.12 12.18
N TRP B 135 1.18 38.53 13.29
CA TRP B 135 0.46 39.29 14.30
C TRP B 135 1.34 40.34 14.96
N GLU B 136 2.62 40.01 15.12
CA GLU B 136 3.60 40.97 15.59
C GLU B 136 3.76 42.12 14.60
N VAL B 137 3.66 41.81 13.31
CA VAL B 137 3.77 42.84 12.28
C VAL B 137 2.57 43.78 12.35
N ALA B 138 1.36 43.25 12.57
CA ALA B 138 0.19 44.13 12.64
C ALA B 138 0.19 45.03 13.87
N ALA B 139 0.54 44.46 15.03
CA ALA B 139 0.71 45.28 16.23
C ALA B 139 1.82 46.32 16.05
N LEU B 140 2.84 45.96 15.30
CA LEU B 140 3.89 46.91 15.00
C LEU B 140 3.44 47.97 13.99
N GLN B 141 2.42 47.68 13.15
CA GLN B 141 1.86 48.74 12.30
C GLN B 141 1.16 49.80 13.12
N SER B 142 0.40 49.35 14.12
CA SER B 142 -0.19 50.29 15.07
C SER B 142 0.90 51.10 15.77
N GLN B 143 1.99 50.43 16.14
CA GLN B 143 3.13 51.13 16.74
C GLN B 143 3.78 52.11 15.77
N LEU B 144 3.76 51.80 14.47
CA LEU B 144 4.29 52.71 13.46
C LEU B 144 3.50 54.00 13.40
N ARG B 145 2.17 53.90 13.45
CA ARG B 145 1.37 55.13 13.45
C ARG B 145 1.58 55.92 14.74
N ILE B 146 1.77 55.23 15.89
CA ILE B 146 2.05 55.91 17.16
C ILE B 146 3.36 56.70 17.07
N ASP B 147 4.43 56.02 16.67
CA ASP B 147 5.75 56.65 16.61
C ASP B 147 5.80 57.73 15.54
N LYS B 148 5.07 57.55 14.44
CA LYS B 148 4.99 58.59 13.41
C LYS B 148 4.32 59.84 13.95
N ALA B 149 3.27 59.67 14.77
CA ALA B 149 2.60 60.82 15.37
C ALA B 149 3.54 61.55 16.32
N VAL B 150 4.24 60.81 17.18
CA VAL B 150 5.11 61.42 18.17
C VAL B 150 6.35 62.05 17.50
N ALA B 151 6.74 61.53 16.33
CA ALA B 151 7.85 62.11 15.60
C ALA B 151 7.43 63.38 14.87
N PHE B 152 6.42 63.30 14.02
CA PHE B 152 6.02 64.44 13.21
C PHE B 152 5.16 65.44 13.96
N GLN B 153 4.93 65.28 15.27
CA GLN B 153 4.34 66.37 16.03
C GLN B 153 5.36 67.43 16.41
N ASN B 154 6.64 67.22 16.12
CA ASN B 154 7.62 68.31 16.12
C ASN B 154 7.92 68.72 14.70
N PRO B 155 7.83 70.01 14.37
CA PRO B 155 7.84 70.41 12.95
C PRO B 155 9.18 70.29 12.27
N GLN B 156 10.28 70.34 13.03
CA GLN B 156 11.61 70.39 12.44
C GLN B 156 11.93 69.12 11.67
N ALA B 157 11.56 67.97 12.22
CA ALA B 157 11.80 66.69 11.55
C ALA B 157 11.01 66.59 10.26
N HIS B 158 9.79 67.13 10.24
CA HIS B 158 8.98 67.08 9.03
C HIS B 158 9.55 67.99 7.95
N VAL B 159 10.06 69.16 8.35
CA VAL B 159 10.69 70.07 7.40
C VAL B 159 11.95 69.45 6.81
N ILE B 160 12.72 68.74 7.64
CA ILE B 160 13.93 68.10 7.13
C ILE B 160 13.58 66.90 6.23
N GLU B 161 12.49 66.20 6.51
CA GLU B 161 12.08 65.10 5.63
C GLU B 161 11.60 65.63 4.28
N ASN B 162 10.82 66.71 4.27
CA ASN B 162 10.45 67.35 3.01
C ASN B 162 11.66 67.97 2.32
N LEU B 163 12.70 68.32 3.07
CA LEU B 163 13.92 68.85 2.47
C LEU B 163 14.66 67.76 1.72
N HIS B 164 14.84 66.60 2.35
CA HIS B 164 15.47 65.48 1.66
C HIS B 164 14.62 64.94 0.52
N ALA B 165 13.30 65.08 0.62
CA ALA B 165 12.47 64.79 -0.54
C ALA B 165 12.51 65.91 -1.58
N ALA B 166 13.02 67.08 -1.23
CA ALA B 166 13.02 68.23 -2.12
C ALA B 166 14.36 68.48 -2.80
N ALA B 167 15.37 67.66 -2.52
CA ALA B 167 16.69 67.86 -3.08
C ALA B 167 17.24 66.66 -3.81
N TYR B 168 16.64 65.48 -3.64
CA TYR B 168 17.12 64.27 -4.28
C TYR B 168 16.01 63.69 -5.14
N ARG B 169 16.37 63.29 -6.36
CA ARG B 169 15.46 62.61 -7.26
C ARG B 169 15.58 61.10 -7.14
N ASN B 170 16.21 60.61 -6.08
CA ASN B 170 16.69 59.24 -6.03
C ASN B 170 16.64 58.78 -4.57
N ALA B 171 17.38 57.73 -4.24
CA ALA B 171 17.22 56.93 -3.03
C ALA B 171 17.46 57.69 -1.72
N LEU B 172 18.07 58.87 -1.74
CA LEU B 172 18.15 59.65 -0.51
C LEU B 172 16.90 60.49 -0.26
N ALA B 173 15.94 60.50 -1.18
CA ALA B 173 14.67 61.16 -0.92
C ALA B 173 13.70 60.30 -0.14
N ASN B 174 14.07 59.06 0.17
CA ASN B 174 13.26 58.25 1.04
C ASN B 174 13.34 58.77 2.47
N SER B 175 12.36 58.41 3.28
CA SER B 175 12.28 58.96 4.61
C SER B 175 12.89 58.02 5.65
N LEU B 176 13.19 58.61 6.82
CA LEU B 176 13.42 57.80 8.00
C LEU B 176 12.19 57.00 8.35
N TYR B 177 11.06 57.69 8.46
CA TYR B 177 9.82 57.09 8.91
C TYR B 177 9.07 56.53 7.71
N CYS B 178 7.81 56.23 7.88
CA CYS B 178 7.01 55.67 6.80
C CYS B 178 5.96 56.69 6.36
N PRO B 179 5.60 56.70 5.06
CA PRO B 179 4.49 57.53 4.62
C PRO B 179 3.12 57.00 5.05
N ASP B 180 2.06 57.66 4.57
CA ASP B 180 0.73 57.42 5.13
C ASP B 180 0.16 56.09 4.69
N TYR B 181 0.03 55.90 3.37
CA TYR B 181 -0.70 54.75 2.85
C TYR B 181 0.03 53.43 3.07
N ARG B 182 1.35 53.47 3.23
CA ARG B 182 2.09 52.24 3.47
C ARG B 182 1.96 51.70 4.88
N ILE B 183 1.33 52.45 5.80
CA ILE B 183 1.08 51.96 7.13
C ILE B 183 0.03 50.86 7.06
N GLY B 184 0.40 49.67 7.52
CA GLY B 184 -0.48 48.51 7.48
C GLY B 184 -0.29 47.65 6.26
N LYS B 185 -0.04 48.28 5.10
CA LYS B 185 0.07 47.53 3.85
C LYS B 185 1.39 46.77 3.73
N VAL B 186 2.40 47.14 4.50
CA VAL B 186 3.71 46.48 4.40
C VAL B 186 3.64 45.12 5.08
N THR B 187 4.15 44.09 4.39
CA THR B 187 4.13 42.67 4.66
C THR B 187 5.46 42.20 5.20
N PRO B 188 5.48 41.18 6.06
CA PRO B 188 6.76 40.66 6.57
C PRO B 188 7.60 39.92 5.53
N ASP B 189 7.06 39.61 4.36
CA ASP B 189 7.85 38.91 3.37
C ASP B 189 8.90 39.83 2.74
N GLU B 190 8.56 41.11 2.58
CA GLU B 190 9.55 42.09 2.17
C GLU B 190 10.61 42.28 3.25
N LEU B 191 10.23 42.13 4.51
CA LEU B 191 11.21 42.14 5.59
C LEU B 191 12.16 40.96 5.50
N HIS B 192 11.62 39.77 5.19
CA HIS B 192 12.46 38.60 4.94
C HIS B 192 13.46 38.85 3.83
N ASP B 193 12.98 39.37 2.69
CA ASP B 193 13.83 39.58 1.53
C ASP B 193 14.91 40.62 1.80
N TYR B 194 14.52 41.74 2.42
CA TYR B 194 15.44 42.84 2.70
C TYR B 194 16.50 42.44 3.72
N VAL B 195 16.11 41.71 4.77
CA VAL B 195 17.07 41.28 5.76
C VAL B 195 17.99 40.18 5.20
N GLN B 196 17.48 39.31 4.32
CA GLN B 196 18.33 38.29 3.71
C GLN B 196 19.38 38.89 2.80
N ASN B 197 18.99 39.82 1.91
CA ASN B 197 19.97 40.31 0.95
C ASN B 197 20.44 41.74 1.24
N HIS B 198 20.36 42.19 2.49
CA HIS B 198 20.97 43.47 2.83
C HIS B 198 21.71 43.49 4.17
N PHE B 199 21.87 42.36 4.83
CA PHE B 199 22.70 42.27 6.04
C PHE B 199 23.92 41.42 5.73
N THR B 200 24.92 42.07 5.14
CA THR B 200 26.14 41.42 4.69
C THR B 200 27.25 41.60 5.71
N SER B 201 28.16 40.62 5.77
CA SER B 201 29.22 40.66 6.75
C SER B 201 30.27 41.72 6.44
N ALA B 202 30.38 42.15 5.19
CA ALA B 202 31.37 43.18 4.83
C ALA B 202 30.89 44.58 5.17
N ARG B 203 29.67 44.74 5.66
CA ARG B 203 29.09 46.05 5.92
C ARG B 203 28.63 46.16 7.37
N MET B 204 29.46 45.68 8.30
CA MET B 204 29.11 45.69 9.72
C MET B 204 30.28 46.19 10.55
N ALA B 205 29.96 47.02 11.55
CA ALA B 205 30.97 47.58 12.44
C ALA B 205 30.59 47.27 13.88
N LEU B 206 31.43 46.50 14.55
CA LEU B 206 31.25 46.15 15.95
C LEU B 206 32.21 46.99 16.79
N ILE B 207 31.65 47.84 17.64
CA ILE B 207 32.41 48.80 18.42
C ILE B 207 32.17 48.45 19.88
N GLY B 208 33.15 47.83 20.52
CA GLY B 208 33.02 47.41 21.91
C GLY B 208 33.84 48.32 22.82
N LEU B 209 33.22 48.71 23.92
CA LEU B 209 33.86 49.55 24.92
C LEU B 209 33.67 48.91 26.27
N GLY B 210 34.78 48.58 26.93
CA GLY B 210 34.76 48.00 28.25
C GLY B 210 34.98 46.51 28.28
N VAL B 211 34.93 45.84 27.13
CA VAL B 211 35.10 44.40 27.05
C VAL B 211 36.37 44.09 26.26
N SER B 212 36.80 42.84 26.36
CA SER B 212 38.07 42.44 25.78
C SER B 212 37.97 42.30 24.27
N HIS B 213 39.13 42.31 23.62
CA HIS B 213 39.18 42.15 22.18
C HIS B 213 38.97 40.73 21.67
N PRO B 214 39.65 39.66 22.18
CA PRO B 214 39.48 38.35 21.52
C PRO B 214 38.13 37.70 21.70
N VAL B 215 37.37 38.05 22.74
CA VAL B 215 36.02 37.50 22.86
C VAL B 215 35.11 38.11 21.80
N LEU B 216 35.22 39.43 21.59
CA LEU B 216 34.53 40.09 20.48
C LEU B 216 34.97 39.53 19.14
N LYS B 217 36.26 39.17 19.02
CA LYS B 217 36.76 38.59 17.79
C LYS B 217 36.18 37.20 17.54
N GLN B 218 36.11 36.36 18.58
CA GLN B 218 35.49 35.04 18.45
C GLN B 218 34.02 35.14 18.06
N VAL B 219 33.30 36.06 18.68
CA VAL B 219 31.86 36.20 18.44
C VAL B 219 31.61 36.71 17.02
N ALA B 220 32.22 37.85 16.66
CA ALA B 220 32.04 38.41 15.33
C ALA B 220 32.82 37.69 14.24
N GLU B 221 33.58 36.65 14.60
CA GLU B 221 34.32 35.83 13.66
C GLU B 221 33.60 34.52 13.34
N GLN B 222 32.90 33.95 14.30
CA GLN B 222 32.19 32.70 14.08
C GLN B 222 30.67 32.86 14.03
N PHE B 223 30.14 34.07 14.24
CA PHE B 223 28.72 34.23 14.46
C PHE B 223 28.00 35.15 13.48
N LEU B 224 28.62 35.55 12.37
CA LEU B 224 27.86 36.24 11.32
C LEU B 224 27.81 35.44 10.03
N ASN B 225 28.94 35.24 9.36
CA ASN B 225 29.10 34.44 8.14
C ASN B 225 28.04 34.73 7.06
N ILE B 226 28.04 35.95 6.54
CA ILE B 226 27.10 36.23 5.45
C ILE B 226 27.85 36.56 4.17
N ARG B 227 28.54 37.70 4.17
CA ARG B 227 29.11 38.26 2.95
C ARG B 227 30.09 39.38 3.27
N GLY B 234 20.82 50.79 -5.54
CA GLY B 234 22.17 50.75 -5.03
C GLY B 234 23.10 51.76 -5.67
N ALA B 235 22.57 52.53 -6.62
CA ALA B 235 23.37 53.52 -7.33
C ALA B 235 23.44 54.81 -6.51
N LYS B 236 24.03 55.85 -7.08
CA LYS B 236 24.16 57.12 -6.39
C LYS B 236 22.83 57.85 -6.36
N ALA B 237 22.76 58.89 -5.53
CA ALA B 237 21.57 59.72 -5.41
C ALA B 237 21.86 61.05 -6.07
N LYS B 238 21.20 61.31 -7.20
CA LYS B 238 21.42 62.54 -7.93
C LYS B 238 20.80 63.72 -7.19
N TYR B 239 21.39 64.89 -7.39
CA TYR B 239 20.76 66.11 -6.95
C TYR B 239 19.53 66.39 -7.82
N ARG B 240 18.50 66.98 -7.23
CA ARG B 240 17.26 67.22 -7.93
C ARG B 240 16.99 68.71 -8.16
N GLY B 241 16.92 69.50 -7.09
CA GLY B 241 16.62 70.92 -7.23
C GLY B 241 15.14 71.14 -7.28
N GLY B 242 14.58 71.83 -6.31
CA GLY B 242 13.15 72.01 -6.26
C GLY B 242 12.70 72.40 -4.87
N GLU B 243 11.39 72.58 -4.74
CA GLU B 243 10.83 73.12 -3.51
C GLU B 243 9.60 72.30 -3.12
N ILE B 244 9.43 72.16 -1.81
CA ILE B 244 8.29 71.44 -1.24
C ILE B 244 7.71 72.25 -0.10
N ARG B 245 6.40 72.47 -0.14
CA ARG B 245 5.72 73.39 0.75
C ARG B 245 4.72 72.66 1.63
N GLU B 246 4.63 73.09 2.89
CA GLU B 246 3.74 72.52 3.89
C GLU B 246 2.88 73.64 4.46
N GLN B 247 1.71 73.83 3.88
CA GLN B 247 0.73 74.76 4.43
C GLN B 247 0.19 74.17 5.73
N ASN B 248 0.61 74.72 6.86
CA ASN B 248 0.33 74.12 8.16
C ASN B 248 -0.18 75.16 9.14
N GLY B 249 0.18 76.42 8.92
CA GLY B 249 -0.41 77.57 9.59
C GLY B 249 -0.30 77.65 11.10
N ASP B 250 0.92 77.68 11.65
CA ASP B 250 1.11 77.82 13.08
C ASP B 250 1.85 79.11 13.43
N SER B 251 1.82 80.10 12.52
CA SER B 251 2.46 81.42 12.66
C SER B 251 3.97 81.34 12.90
N LEU B 252 4.60 80.24 12.49
CA LEU B 252 6.03 80.03 12.70
C LEU B 252 6.58 79.44 11.42
N VAL B 253 7.14 80.30 10.56
CA VAL B 253 7.69 79.85 9.29
C VAL B 253 8.96 79.07 9.56
N HIS B 254 9.01 77.83 9.06
CA HIS B 254 10.21 77.01 9.07
C HIS B 254 10.67 76.88 7.62
N ALA B 255 11.83 77.44 7.30
CA ALA B 255 12.31 77.46 5.93
C ALA B 255 13.75 76.98 5.89
N ALA B 256 14.00 75.90 5.14
CA ALA B 256 15.34 75.36 4.97
C ALA B 256 15.75 75.55 3.52
N LEU B 257 16.76 76.41 3.30
CA LEU B 257 17.27 76.69 1.96
C LEU B 257 18.62 76.01 1.83
N VAL B 258 18.69 74.97 1.00
CA VAL B 258 19.81 74.04 0.95
C VAL B 258 20.20 73.82 -0.50
N ALA B 259 21.51 73.93 -0.79
CA ALA B 259 22.11 73.46 -2.03
C ALA B 259 22.97 72.23 -1.75
N GLU B 260 23.53 71.65 -2.80
CA GLU B 260 24.41 70.49 -2.66
C GLU B 260 25.82 70.95 -2.31
N SER B 261 26.48 70.24 -1.39
CA SER B 261 27.79 70.66 -0.90
C SER B 261 28.92 69.70 -1.24
N ALA B 262 28.93 68.49 -0.67
CA ALA B 262 30.15 67.67 -0.65
C ALA B 262 29.94 66.28 -0.05
N ALA B 263 30.68 65.30 -0.53
CA ALA B 263 30.70 63.99 0.11
C ALA B 263 31.53 64.03 1.39
N ILE B 264 31.40 62.97 2.19
CA ILE B 264 31.97 62.96 3.53
C ILE B 264 33.48 62.74 3.46
N GLY B 265 34.20 63.31 4.42
CA GLY B 265 35.61 63.06 4.61
C GLY B 265 36.54 63.99 3.87
N SER B 266 36.04 64.71 2.87
CA SER B 266 36.91 65.55 2.05
C SER B 266 37.26 66.83 2.79
N ALA B 267 38.42 67.40 2.45
CA ALA B 267 38.85 68.66 3.02
C ALA B 267 37.95 69.81 2.56
N GLU B 268 37.33 69.66 1.38
CA GLU B 268 36.28 70.59 0.99
C GLU B 268 35.08 70.48 1.93
N ALA B 269 34.72 69.27 2.35
CA ALA B 269 33.62 69.13 3.30
C ALA B 269 34.00 69.67 4.67
N ASN B 270 35.26 69.54 5.07
CA ASN B 270 35.71 70.20 6.29
C ASN B 270 35.71 71.72 6.12
N ALA B 271 35.92 72.21 4.90
CA ALA B 271 35.77 73.63 4.64
C ALA B 271 34.30 74.05 4.71
N PHE B 272 33.38 73.16 4.33
CA PHE B 272 31.98 73.41 4.58
C PHE B 272 31.66 73.44 6.07
N SER B 273 32.34 72.63 6.86
CA SER B 273 32.19 72.71 8.32
C SER B 273 32.71 74.04 8.85
N VAL B 274 33.84 74.50 8.31
CA VAL B 274 34.33 75.85 8.61
C VAL B 274 33.31 76.89 8.18
N LEU B 275 32.63 76.65 7.05
CA LEU B 275 31.66 77.59 6.53
C LEU B 275 30.42 77.68 7.40
N GLN B 276 29.95 76.53 7.91
CA GLN B 276 28.78 76.57 8.80
C GLN B 276 29.15 77.17 10.14
N HIS B 277 30.38 76.97 10.61
CA HIS B 277 30.78 77.65 11.84
C HIS B 277 31.01 79.14 11.63
N VAL B 278 31.32 79.57 10.41
CA VAL B 278 31.38 81.01 10.12
C VAL B 278 29.98 81.60 10.12
N LEU B 279 29.05 80.95 9.41
CA LEU B 279 27.71 81.50 9.25
C LEU B 279 26.92 81.46 10.56
N GLY B 280 27.15 80.46 11.40
CA GLY B 280 26.54 80.45 12.71
C GLY B 280 25.61 79.30 12.99
N ALA B 281 25.69 78.76 14.20
CA ALA B 281 24.92 77.60 14.61
C ALA B 281 23.98 77.99 15.74
N GLY B 282 23.37 76.99 16.39
CA GLY B 282 22.54 77.22 17.55
C GLY B 282 23.27 77.90 18.69
N PRO B 283 22.51 78.48 19.63
CA PRO B 283 23.11 79.33 20.67
C PRO B 283 24.00 78.58 21.64
N HIS B 284 25.32 78.81 21.53
CA HIS B 284 26.26 78.19 22.46
C HIS B 284 26.13 78.81 23.84
N VAL B 285 26.06 80.12 23.91
CA VAL B 285 25.58 80.77 25.12
C VAL B 285 24.09 80.54 25.21
N LYS B 286 23.64 79.93 26.31
CA LYS B 286 22.22 79.90 26.61
C LYS B 286 21.73 81.32 26.85
N ARG B 287 20.71 81.72 26.09
CA ARG B 287 20.20 83.10 26.00
C ARG B 287 21.33 84.05 25.58
N GLY B 288 21.81 83.84 24.36
CA GLY B 288 22.91 84.61 23.82
C GLY B 288 22.52 85.37 22.57
N SER B 289 23.16 86.53 22.38
CA SER B 289 22.95 87.32 21.18
C SER B 289 23.62 86.70 19.97
N ASN B 290 24.66 85.89 20.18
CA ASN B 290 25.37 85.11 19.17
C ASN B 290 25.96 86.01 18.08
N ALA B 291 26.92 86.83 18.50
CA ALA B 291 27.54 87.81 17.61
C ALA B 291 28.45 87.16 16.56
N THR B 292 28.99 85.98 16.84
CA THR B 292 29.88 85.33 15.89
C THR B 292 29.12 84.75 14.70
N SER B 293 27.83 84.44 14.89
CA SER B 293 26.98 84.06 13.76
C SER B 293 26.82 85.25 12.82
N SER B 294 26.82 84.97 11.52
CA SER B 294 26.70 86.05 10.55
C SER B 294 25.24 86.30 10.19
N LEU B 295 24.49 85.22 9.98
CA LEU B 295 23.12 85.31 9.51
C LEU B 295 22.21 85.95 10.55
N TYR B 296 22.31 85.50 11.81
CA TYR B 296 21.43 85.98 12.85
C TYR B 296 21.69 87.44 13.18
N GLN B 297 22.96 87.85 13.17
CA GLN B 297 23.27 89.25 13.44
C GLN B 297 22.85 90.13 12.28
N ALA B 298 22.98 89.63 11.04
CA ALA B 298 22.55 90.41 9.88
C ALA B 298 21.04 90.63 9.89
N VAL B 299 20.27 89.58 10.14
CA VAL B 299 18.82 89.70 10.07
C VAL B 299 18.27 90.42 11.30
N ALA B 300 18.84 90.18 12.49
CA ALA B 300 18.40 90.89 13.69
C ALA B 300 18.83 92.34 13.68
N LYS B 301 19.89 92.68 12.94
CA LYS B 301 20.20 94.07 12.65
C LYS B 301 19.28 94.64 11.59
N GLY B 302 18.67 93.79 10.77
CA GLY B 302 17.69 94.23 9.80
C GLY B 302 16.24 94.15 10.22
N VAL B 303 15.88 93.12 10.99
CA VAL B 303 14.49 92.82 11.34
C VAL B 303 14.33 92.89 12.85
N HIS B 304 13.41 93.73 13.32
CA HIS B 304 13.16 93.89 14.75
C HIS B 304 11.96 93.06 15.20
N GLN B 305 12.08 91.76 14.98
CA GLN B 305 11.10 90.75 15.39
C GLN B 305 11.84 89.58 16.01
N PRO B 306 11.19 88.78 16.85
CA PRO B 306 11.84 87.57 17.38
C PRO B 306 11.87 86.46 16.36
N PHE B 307 13.03 85.82 16.24
CA PHE B 307 13.22 84.73 15.28
C PHE B 307 14.44 83.91 15.72
N ASP B 308 14.85 82.99 14.85
CA ASP B 308 16.08 82.22 15.00
C ASP B 308 16.53 81.83 13.60
N VAL B 309 17.82 82.00 13.30
CA VAL B 309 18.39 81.60 12.02
C VAL B 309 19.69 80.87 12.31
N SER B 310 19.80 79.63 11.84
CA SER B 310 21.02 78.86 12.03
C SER B 310 21.48 78.29 10.71
N ALA B 311 22.64 77.64 10.73
CA ALA B 311 23.13 76.89 9.58
C ALA B 311 22.76 75.42 9.70
N PHE B 312 22.97 74.69 8.61
CA PHE B 312 22.70 73.26 8.57
C PHE B 312 23.58 72.62 7.50
N ASN B 313 24.22 71.51 7.86
CA ASN B 313 25.02 70.76 6.91
C ASN B 313 24.94 69.29 7.25
N ALA B 314 24.57 68.49 6.26
CA ALA B 314 24.59 67.04 6.39
C ALA B 314 25.32 66.49 5.17
N SER B 315 26.52 65.97 5.38
CA SER B 315 27.32 65.41 4.31
C SER B 315 27.17 63.90 4.32
N TYR B 316 27.18 63.32 3.12
CA TYR B 316 26.79 61.93 2.97
C TYR B 316 27.88 61.16 2.24
N SER B 317 27.61 59.86 2.03
CA SER B 317 28.61 58.96 1.48
C SER B 317 28.90 59.23 0.01
N ASP B 318 27.95 59.82 -0.73
CA ASP B 318 28.16 60.14 -2.13
C ASP B 318 27.78 61.56 -2.52
N SER B 319 26.98 62.26 -1.73
CA SER B 319 26.64 63.66 -1.99
C SER B 319 26.64 64.40 -0.68
N GLY B 320 26.04 65.59 -0.67
CA GLY B 320 25.96 66.36 0.56
C GLY B 320 24.91 67.44 0.44
N LEU B 321 24.64 68.09 1.57
CA LEU B 321 23.64 69.13 1.64
C LEU B 321 24.13 70.22 2.59
N PHE B 322 24.13 71.45 2.12
CA PHE B 322 24.40 72.60 2.96
C PHE B 322 23.35 73.66 2.73
N GLY B 323 22.86 74.25 3.82
CA GLY B 323 21.97 75.38 3.69
C GLY B 323 21.82 76.09 5.01
N PHE B 324 20.88 77.02 5.05
CA PHE B 324 20.54 77.70 6.28
C PHE B 324 19.07 77.48 6.61
N TYR B 325 18.80 77.35 7.90
CA TYR B 325 17.49 76.98 8.42
C TYR B 325 16.97 78.13 9.26
N THR B 326 15.79 78.64 8.91
CA THR B 326 15.20 79.78 9.57
C THR B 326 13.90 79.38 10.25
N ILE B 327 13.71 79.87 11.46
CA ILE B 327 12.44 79.84 12.17
C ILE B 327 12.06 81.28 12.43
N SER B 328 10.85 81.67 12.04
CA SER B 328 10.49 83.08 12.11
C SER B 328 8.99 83.24 12.32
N GLN B 329 8.58 84.50 12.40
CA GLN B 329 7.17 84.84 12.49
C GLN B 329 6.50 84.66 11.14
N ALA B 330 5.18 84.81 11.12
CA ALA B 330 4.42 84.74 9.89
C ALA B 330 4.31 86.08 9.18
N ALA B 331 4.71 87.18 9.83
CA ALA B 331 4.51 88.49 9.24
C ALA B 331 5.66 88.88 8.33
N SER B 332 6.90 88.59 8.71
CA SER B 332 8.07 89.17 8.06
C SER B 332 9.11 88.08 7.75
N ALA B 333 8.66 86.99 7.12
CA ALA B 333 9.61 85.97 6.69
C ALA B 333 10.40 86.40 5.47
N GLY B 334 9.81 87.23 4.60
CA GLY B 334 10.48 87.63 3.38
C GLY B 334 11.68 88.53 3.63
N ASP B 335 11.57 89.43 4.62
CA ASP B 335 12.70 90.25 5.02
C ASP B 335 13.84 89.40 5.55
N VAL B 336 13.50 88.33 6.28
CA VAL B 336 14.47 87.39 6.81
C VAL B 336 15.21 86.70 5.68
N ILE B 337 14.47 86.18 4.70
CA ILE B 337 15.10 85.41 3.62
C ILE B 337 15.94 86.32 2.72
N LYS B 338 15.45 87.53 2.44
CA LYS B 338 16.22 88.44 1.60
C LYS B 338 17.48 88.94 2.30
N ALA B 339 17.39 89.30 3.59
CA ALA B 339 18.56 89.76 4.31
C ALA B 339 19.59 88.64 4.49
N ALA B 340 19.12 87.42 4.72
CA ALA B 340 20.02 86.28 4.82
C ALA B 340 20.70 86.00 3.49
N TYR B 341 19.97 86.13 2.38
CA TYR B 341 20.57 85.81 1.08
C TYR B 341 21.57 86.89 0.67
N ASN B 342 21.27 88.16 0.97
CA ASN B 342 22.25 89.22 0.72
C ASN B 342 23.48 89.08 1.61
N GLN B 343 23.30 88.58 2.84
CA GLN B 343 24.45 88.36 3.71
C GLN B 343 25.32 87.22 3.19
N VAL B 344 24.69 86.16 2.67
CA VAL B 344 25.46 85.05 2.10
C VAL B 344 26.20 85.50 0.83
N LYS B 345 25.58 86.37 0.02
CA LYS B 345 26.29 86.89 -1.15
C LYS B 345 27.45 87.80 -0.78
N THR B 346 27.26 88.71 0.19
CA THR B 346 28.35 89.61 0.54
C THR B 346 29.46 88.91 1.31
N ILE B 347 29.19 87.74 1.91
CA ILE B 347 30.27 86.92 2.43
C ILE B 347 30.95 86.15 1.31
N ALA B 348 30.18 85.70 0.32
CA ALA B 348 30.73 84.95 -0.81
C ALA B 348 31.58 85.83 -1.73
N GLN B 349 31.40 87.14 -1.70
CA GLN B 349 32.29 88.02 -2.46
C GLN B 349 33.59 88.34 -1.72
N GLY B 350 33.88 87.67 -0.61
CA GLY B 350 35.19 87.76 0.02
C GLY B 350 35.36 88.78 1.13
N ASN B 351 34.51 88.73 2.15
CA ASN B 351 34.64 89.60 3.34
C ASN B 351 34.60 88.72 4.59
N LEU B 352 35.78 88.47 5.17
CA LEU B 352 35.91 87.55 6.30
C LEU B 352 37.21 87.83 7.02
N SER B 353 37.15 87.95 8.35
CA SER B 353 38.32 88.26 9.15
C SER B 353 38.99 86.97 9.61
N ASN B 354 40.32 86.96 9.56
CA ASN B 354 41.09 85.74 9.79
C ASN B 354 41.10 85.23 11.24
N PRO B 355 41.14 86.08 12.29
CA PRO B 355 40.83 85.55 13.63
C PRO B 355 39.40 85.09 13.80
N ASP B 356 38.44 85.63 13.04
CA ASP B 356 37.10 85.05 13.06
C ASP B 356 37.08 83.69 12.38
N VAL B 357 37.90 83.49 11.36
CA VAL B 357 38.06 82.17 10.75
C VAL B 357 38.68 81.20 11.74
N GLN B 358 39.68 81.66 12.52
CA GLN B 358 40.23 80.81 13.58
C GLN B 358 39.23 80.55 14.69
N ALA B 359 38.33 81.50 14.96
CA ALA B 359 37.26 81.26 15.92
C ALA B 359 36.28 80.21 15.41
N ALA B 360 36.03 80.19 14.10
CA ALA B 360 35.20 79.13 13.52
C ALA B 360 35.92 77.78 13.55
N LYS B 361 37.24 77.79 13.37
CA LYS B 361 38.01 76.56 13.47
C LYS B 361 38.00 76.02 14.90
N ASN B 362 38.07 76.92 15.89
CA ASN B 362 37.92 76.49 17.27
C ASN B 362 36.49 76.07 17.60
N LYS B 363 35.49 76.63 16.90
CA LYS B 363 34.14 76.10 17.00
C LYS B 363 34.07 74.67 16.52
N LEU B 364 34.72 74.38 15.38
CA LEU B 364 34.75 73.01 14.87
C LEU B 364 35.54 72.09 15.79
N LYS B 365 36.60 72.62 16.41
CA LYS B 365 37.36 71.86 17.41
C LYS B 365 36.51 71.52 18.62
N ALA B 366 35.78 72.51 19.14
CA ALA B 366 34.91 72.31 20.29
C ALA B 366 33.78 71.35 19.96
N GLY B 367 33.26 71.43 18.73
CA GLY B 367 32.23 70.51 18.31
C GLY B 367 32.71 69.07 18.23
N TYR B 368 33.83 68.84 17.54
CA TYR B 368 34.32 67.47 17.38
C TYR B 368 34.82 66.90 18.69
N LEU B 369 35.40 67.72 19.57
CA LEU B 369 35.81 67.16 20.85
C LEU B 369 34.59 66.94 21.74
N MET B 370 33.92 68.02 22.15
CA MET B 370 32.91 67.94 23.19
C MET B 370 31.53 67.59 22.65
N SER B 371 31.46 67.02 21.46
CA SER B 371 30.25 66.34 21.00
C SER B 371 30.32 64.84 21.15
N VAL B 372 31.53 64.25 21.16
CA VAL B 372 31.69 62.81 21.26
C VAL B 372 32.43 62.41 22.54
N GLU B 373 32.64 63.35 23.46
CA GLU B 373 33.25 62.98 24.74
C GLU B 373 32.32 62.14 25.60
N SER B 374 31.01 62.25 25.41
CA SER B 374 30.10 61.27 25.98
C SER B 374 30.27 59.94 25.27
N SER B 375 29.95 58.86 25.98
CA SER B 375 30.12 57.52 25.43
C SER B 375 29.14 57.26 24.29
N GLU B 376 27.97 57.89 24.36
CA GLU B 376 27.00 57.84 23.27
C GLU B 376 27.59 58.41 21.99
N GLY B 377 28.11 59.65 22.07
CA GLY B 377 28.67 60.29 20.90
C GLY B 377 29.96 59.66 20.43
N PHE B 378 30.77 59.15 21.37
CA PHE B 378 31.98 58.41 21.01
C PHE B 378 31.64 57.17 20.21
N LEU B 379 30.73 56.35 20.75
CA LEU B 379 30.26 55.14 20.07
C LEU B 379 29.69 55.46 18.70
N ASP B 380 28.87 56.52 18.63
CA ASP B 380 28.18 56.90 17.40
C ASP B 380 29.17 57.33 16.31
N GLU B 381 29.95 58.37 16.58
CA GLU B 381 30.79 58.91 15.51
C GLU B 381 32.00 58.04 15.22
N VAL B 382 32.58 57.39 16.24
CA VAL B 382 33.69 56.48 16.01
C VAL B 382 33.25 55.27 15.20
N GLY B 383 32.07 54.71 15.51
CA GLY B 383 31.59 53.60 14.71
C GLY B 383 31.19 53.99 13.30
N CYS B 384 30.60 55.18 13.13
CA CYS B 384 30.23 55.63 11.79
C CYS B 384 31.46 55.93 10.94
N GLN B 385 32.53 56.44 11.54
CA GLN B 385 33.75 56.67 10.76
C GLN B 385 34.45 55.35 10.47
N ALA B 386 34.57 54.45 11.46
CA ALA B 386 35.23 53.18 11.26
C ALA B 386 34.47 52.26 10.31
N LEU B 387 33.16 52.47 10.16
CA LEU B 387 32.44 51.78 9.09
C LEU B 387 32.55 52.55 7.79
N ALA B 388 32.70 53.87 7.87
CA ALA B 388 32.78 54.68 6.66
C ALA B 388 34.20 54.68 6.09
N ALA B 389 35.16 55.15 6.87
CA ALA B 389 36.51 55.36 6.38
C ALA B 389 37.37 54.10 6.40
N GLY B 390 36.91 53.01 7.01
CA GLY B 390 37.70 51.80 7.06
C GLY B 390 38.90 51.86 7.96
N SER B 391 38.91 52.79 8.92
CA SER B 391 40.02 52.96 9.85
C SER B 391 39.52 53.72 11.06
N TYR B 392 40.35 53.77 12.10
CA TYR B 392 40.12 54.66 13.22
C TYR B 392 41.07 55.86 13.14
N THR B 393 40.55 57.04 13.45
CA THR B 393 41.31 58.26 13.42
C THR B 393 41.39 58.85 14.82
N PRO B 394 42.58 59.17 15.32
CA PRO B 394 42.71 59.79 16.64
C PRO B 394 42.18 61.21 16.65
N PRO B 395 41.83 61.76 17.82
CA PRO B 395 41.26 63.12 17.85
C PRO B 395 42.25 64.22 17.52
N SER B 396 43.53 64.06 17.87
CA SER B 396 44.50 65.13 17.70
C SER B 396 44.80 65.41 16.24
N THR B 397 44.91 64.36 15.43
CA THR B 397 45.11 64.57 14.00
C THR B 397 43.84 65.10 13.33
N VAL B 398 42.67 64.84 13.91
CA VAL B 398 41.45 65.49 13.42
C VAL B 398 41.50 66.98 13.72
N LEU B 399 41.95 67.36 14.92
CA LEU B 399 42.08 68.79 15.26
C LEU B 399 43.11 69.48 14.36
N GLN B 400 44.19 68.76 14.01
CA GLN B 400 45.20 69.32 13.14
C GLN B 400 44.68 69.47 11.70
N GLN B 401 43.89 68.50 11.22
CA GLN B 401 43.28 68.64 9.89
C GLN B 401 42.16 69.67 9.88
N ILE B 402 41.53 69.95 11.03
CA ILE B 402 40.65 71.10 11.15
C ILE B 402 41.43 72.39 10.97
N ASP B 403 42.53 72.52 11.72
CA ASP B 403 43.32 73.74 11.70
C ASP B 403 44.13 73.91 10.43
N ALA B 404 44.23 72.89 9.59
CA ALA B 404 44.99 72.95 8.35
C ALA B 404 44.13 73.29 7.14
N VAL B 405 43.10 74.11 7.32
CA VAL B 405 42.18 74.48 6.26
C VAL B 405 42.35 75.96 5.96
N ALA B 406 42.49 76.30 4.68
CA ALA B 406 42.78 77.66 4.24
C ALA B 406 41.49 78.48 4.13
N ASP B 407 41.59 79.66 3.51
CA ASP B 407 40.48 80.58 3.36
C ASP B 407 39.92 80.64 1.95
N ALA B 408 40.74 80.28 0.95
CA ALA B 408 40.25 80.21 -0.43
C ALA B 408 39.20 79.11 -0.57
N ASP B 409 39.32 78.03 0.20
CA ASP B 409 38.26 77.02 0.24
C ASP B 409 36.99 77.58 0.84
N VAL B 410 37.09 78.49 1.81
CA VAL B 410 35.91 79.11 2.40
C VAL B 410 35.22 80.02 1.38
N ILE B 411 36.01 80.83 0.66
CA ILE B 411 35.46 81.73 -0.35
C ILE B 411 34.86 80.94 -1.51
N ASN B 412 35.52 79.86 -1.92
CA ASN B 412 35.02 79.04 -3.02
C ASN B 412 33.79 78.24 -2.62
N ALA B 413 33.70 77.79 -1.37
CA ALA B 413 32.50 77.11 -0.92
C ALA B 413 31.32 78.07 -0.80
N ALA B 414 31.57 79.31 -0.38
CA ALA B 414 30.50 80.29 -0.31
C ALA B 414 30.01 80.68 -1.71
N LYS B 415 30.95 80.83 -2.66
CA LYS B 415 30.56 81.05 -4.04
C LYS B 415 29.85 79.83 -4.62
N LYS B 416 30.24 78.64 -4.19
CA LYS B 416 29.56 77.42 -4.61
C LYS B 416 28.13 77.35 -4.08
N PHE B 417 27.90 77.88 -2.88
CA PHE B 417 26.55 77.89 -2.36
C PHE B 417 25.68 78.94 -3.03
N VAL B 418 26.23 80.13 -3.31
CA VAL B 418 25.44 81.16 -3.97
C VAL B 418 25.15 80.76 -5.42
N SER B 419 26.17 80.32 -6.14
CA SER B 419 26.02 79.94 -7.54
C SER B 419 25.32 78.60 -7.73
N GLY B 420 25.21 77.79 -6.68
CA GLY B 420 24.65 76.46 -6.83
C GLY B 420 23.15 76.46 -7.00
N ARG B 421 22.63 75.33 -7.50
CA ARG B 421 21.20 75.17 -7.71
C ARG B 421 20.47 75.08 -6.37
N LYS B 422 19.19 75.41 -6.40
CA LYS B 422 18.45 75.71 -5.19
C LYS B 422 17.49 74.59 -4.85
N SER B 423 17.55 74.13 -3.60
CA SER B 423 16.55 73.26 -3.01
C SER B 423 15.94 73.99 -1.83
N MET B 424 14.62 73.91 -1.68
CA MET B 424 13.96 74.63 -0.61
C MET B 424 12.83 73.79 -0.02
N ALA B 425 12.82 73.70 1.31
CA ALA B 425 11.70 73.17 2.06
C ALA B 425 11.07 74.32 2.83
N ALA B 426 9.74 74.39 2.83
CA ALA B 426 9.06 75.46 3.52
C ALA B 426 7.84 74.91 4.26
N SER B 427 7.53 75.53 5.39
CA SER B 427 6.32 75.16 6.12
C SER B 427 5.81 76.37 6.89
N GLY B 428 4.51 76.60 6.81
CA GLY B 428 3.86 77.66 7.54
C GLY B 428 3.08 78.54 6.60
N ASN B 429 2.77 79.74 7.07
CA ASN B 429 2.06 80.74 6.28
C ASN B 429 2.97 81.20 5.15
N LEU B 430 2.70 80.71 3.95
CA LEU B 430 3.59 80.94 2.81
C LEU B 430 3.40 82.30 2.15
N GLY B 431 2.51 83.14 2.67
CA GLY B 431 2.15 84.38 1.99
C GLY B 431 3.16 85.51 2.09
N HIS B 432 4.32 85.24 2.68
CA HIS B 432 5.37 86.24 2.81
C HIS B 432 6.73 85.61 2.55
N THR B 433 6.82 84.82 1.48
CA THR B 433 8.02 84.09 1.14
C THR B 433 8.40 84.35 -0.31
N PRO B 434 9.66 84.65 -0.60
CA PRO B 434 10.13 84.59 -1.99
C PRO B 434 10.22 83.14 -2.45
N PHE B 435 9.61 82.85 -3.61
CA PHE B 435 9.37 81.48 -4.03
C PHE B 435 10.45 80.94 -4.97
N ILE B 436 10.60 81.57 -6.13
CA ILE B 436 11.56 81.17 -7.15
C ILE B 436 12.39 82.38 -7.55
N ASP B 437 11.69 83.49 -7.83
CA ASP B 437 12.28 84.66 -8.45
C ASP B 437 13.33 85.31 -7.57
N GLU B 438 12.94 85.74 -6.37
CA GLU B 438 13.81 86.48 -5.47
C GLU B 438 14.42 85.60 -4.38
N LEU B 439 14.75 84.36 -4.72
CA LEU B 439 15.47 83.48 -3.80
C LEU B 439 16.88 84.00 -3.55
N ILE C 2 -7.96 44.29 35.74
CA ILE C 2 -7.88 45.49 36.56
C ILE C 2 -8.66 45.27 37.83
N ASN C 3 -9.98 45.29 37.69
CA ASN C 3 -10.90 45.30 38.80
C ASN C 3 -11.87 44.14 38.65
N ILE C 4 -12.27 43.58 39.79
CA ILE C 4 -13.36 42.61 39.76
C ILE C 4 -14.68 43.34 39.78
N ARG C 5 -14.73 44.50 40.45
CA ARG C 5 -15.96 45.27 40.58
C ARG C 5 -16.45 45.82 39.24
N LYS C 6 -15.53 46.30 38.41
CA LYS C 6 -15.93 46.89 37.14
C LYS C 6 -16.13 45.87 36.03
N THR C 7 -15.82 44.60 36.25
CA THR C 7 -15.89 43.60 35.21
C THR C 7 -16.89 42.48 35.48
N HIS C 8 -17.15 42.14 36.74
CA HIS C 8 -18.05 41.04 37.04
C HIS C 8 -19.49 41.46 36.79
N PRO C 9 -20.29 40.65 36.09
CA PRO C 9 -21.60 41.11 35.64
C PRO C 9 -22.67 41.21 36.73
N LEU C 10 -22.32 40.96 37.98
CA LEU C 10 -23.13 41.38 39.12
C LEU C 10 -22.55 42.60 39.81
N MET C 11 -21.22 42.62 39.97
CA MET C 11 -20.58 43.76 40.58
C MET C 11 -20.59 44.98 39.67
N LYS C 12 -20.81 44.80 38.37
CA LYS C 12 -21.13 45.95 37.53
C LYS C 12 -22.44 46.60 37.95
N ILE C 13 -23.44 45.79 38.27
CA ILE C 13 -24.73 46.32 38.73
C ILE C 13 -24.56 47.01 40.08
N VAL C 14 -23.79 46.40 40.98
CA VAL C 14 -23.58 47.00 42.29
C VAL C 14 -22.72 48.27 42.19
N ASN C 15 -21.77 48.30 41.24
CA ASN C 15 -20.91 49.45 41.06
C ASN C 15 -21.67 50.63 40.47
N ASN C 16 -22.47 50.38 39.45
CA ASN C 16 -23.26 51.45 38.86
C ASN C 16 -24.54 51.72 39.62
N ALA C 17 -24.78 51.02 40.73
CA ALA C 17 -25.80 51.41 41.68
C ALA C 17 -25.24 52.25 42.83
N PHE C 18 -24.24 51.73 43.53
CA PHE C 18 -23.85 52.26 44.83
C PHE C 18 -22.42 52.79 44.89
N ILE C 19 -21.46 52.14 44.24
CA ILE C 19 -20.05 52.53 44.42
C ILE C 19 -19.75 53.79 43.61
N ASP C 20 -19.99 53.76 42.30
CA ASP C 20 -19.61 54.85 41.41
C ASP C 20 -20.83 55.52 40.80
N LEU C 21 -21.86 55.74 41.59
CA LEU C 21 -23.02 56.48 41.14
C LEU C 21 -22.72 57.97 41.22
N PRO C 22 -22.87 58.72 40.14
CA PRO C 22 -22.70 60.17 40.23
C PRO C 22 -23.87 60.81 40.96
N ALA C 23 -23.64 61.15 42.21
CA ALA C 23 -24.61 61.69 43.13
C ALA C 23 -24.38 63.18 43.33
N PRO C 24 -25.41 63.96 43.69
CA PRO C 24 -25.20 65.38 43.89
C PRO C 24 -24.40 65.67 45.14
N SER C 25 -23.77 66.84 45.14
CA SER C 25 -23.07 67.36 46.30
C SER C 25 -23.92 68.37 47.04
N ASN C 26 -25.24 68.19 47.06
CA ASN C 26 -26.10 69.23 47.60
C ASN C 26 -27.17 68.72 48.55
N ILE C 27 -27.52 67.44 48.55
CA ILE C 27 -28.76 67.00 49.17
C ILE C 27 -28.59 66.85 50.67
N SER C 28 -29.61 67.27 51.39
CA SER C 28 -29.65 67.27 52.85
C SER C 28 -30.20 65.94 53.36
N SER C 29 -30.60 65.92 54.63
CA SER C 29 -31.20 64.73 55.23
C SER C 29 -32.56 64.39 54.65
N TRP C 30 -33.18 65.33 53.92
CA TRP C 30 -34.47 65.07 53.29
C TRP C 30 -34.37 64.06 52.15
N TRP C 31 -33.17 63.78 51.66
CA TRP C 31 -32.98 62.78 50.63
C TRP C 31 -32.53 61.43 51.15
N ASN C 32 -32.36 61.29 52.47
CA ASN C 32 -32.02 59.99 53.02
C ASN C 32 -33.19 59.01 52.99
N PHE C 33 -34.40 59.51 52.80
CA PHE C 33 -35.60 58.73 53.07
C PHE C 33 -35.87 57.63 52.05
N GLY C 34 -35.20 57.65 50.89
CA GLY C 34 -35.29 56.50 50.02
C GLY C 34 -34.60 55.28 50.63
N SER C 35 -33.39 55.49 51.13
CA SER C 35 -32.69 54.43 51.84
C SER C 35 -33.38 54.09 53.15
N LEU C 36 -34.04 55.08 53.78
CA LEU C 36 -34.76 54.80 55.02
C LEU C 36 -35.99 53.93 54.75
N LEU C 37 -36.70 54.18 53.64
CA LEU C 37 -37.80 53.31 53.28
C LEU C 37 -37.30 51.93 52.86
N GLY C 38 -36.13 51.85 52.24
CA GLY C 38 -35.57 50.55 51.90
C GLY C 38 -35.22 49.71 53.12
N ILE C 39 -34.60 50.34 54.12
CA ILE C 39 -34.25 49.62 55.33
C ILE C 39 -35.49 49.32 56.18
N CYS C 40 -36.47 50.23 56.20
CA CYS C 40 -37.75 49.92 56.85
C CYS C 40 -38.46 48.78 56.16
N LEU C 41 -38.34 48.69 54.83
CA LEU C 41 -39.02 47.63 54.11
C LEU C 41 -38.37 46.29 54.36
N ILE C 42 -37.04 46.23 54.40
CA ILE C 42 -36.40 44.94 54.67
C ILE C 42 -36.59 44.55 56.13
N LEU C 43 -36.70 45.53 57.04
CA LEU C 43 -37.02 45.24 58.43
C LEU C 43 -38.43 44.68 58.56
N GLN C 44 -39.38 45.26 57.84
CA GLN C 44 -40.74 44.73 57.83
C GLN C 44 -40.80 43.34 57.25
N ILE C 45 -40.01 43.07 56.19
CA ILE C 45 -39.96 41.74 55.60
C ILE C 45 -39.45 40.72 56.60
N LEU C 46 -38.37 41.05 57.31
CA LEU C 46 -37.74 40.05 58.18
C LEU C 46 -38.57 39.82 59.45
N THR C 47 -39.04 40.89 60.09
CA THR C 47 -39.86 40.72 61.29
C THR C 47 -41.22 40.10 60.96
N GLY C 48 -41.80 40.46 59.81
CA GLY C 48 -43.00 39.79 59.37
C GLY C 48 -42.77 38.32 59.05
N LEU C 49 -41.57 37.98 58.57
CA LEU C 49 -41.25 36.58 58.32
C LEU C 49 -41.23 35.78 59.62
N PHE C 50 -40.61 36.33 60.67
CA PHE C 50 -40.58 35.59 61.94
C PHE C 50 -41.97 35.50 62.57
N LEU C 51 -42.71 36.62 62.55
CA LEU C 51 -44.08 36.63 63.05
C LEU C 51 -44.98 35.70 62.26
N ALA C 52 -44.73 35.54 60.97
CA ALA C 52 -45.46 34.56 60.19
C ALA C 52 -44.98 33.15 60.44
N MET C 53 -43.76 32.97 60.96
CA MET C 53 -43.37 31.62 61.35
C MET C 53 -44.11 31.19 62.60
N HIS C 54 -44.44 32.10 63.51
CA HIS C 54 -45.09 31.66 64.75
C HIS C 54 -46.59 31.94 64.78
N TYR C 55 -47.26 31.94 63.63
CA TYR C 55 -48.66 32.36 63.56
C TYR C 55 -49.53 31.32 62.87
N THR C 56 -50.77 31.22 63.33
CA THR C 56 -51.78 30.39 62.71
C THR C 56 -52.97 31.25 62.31
N PRO C 57 -53.30 31.34 61.02
CA PRO C 57 -54.46 32.14 60.60
C PRO C 57 -55.80 31.44 60.69
N ASP C 58 -56.41 31.44 61.87
CA ASP C 58 -57.81 31.03 62.00
C ASP C 58 -58.48 31.95 62.99
N THR C 59 -59.81 32.13 62.83
CA THR C 59 -60.55 33.19 63.51
C THR C 59 -60.61 33.02 65.01
N THR C 60 -60.39 31.81 65.53
CA THR C 60 -60.19 31.62 66.95
C THR C 60 -58.72 31.64 67.34
N THR C 61 -57.86 31.08 66.49
CA THR C 61 -56.45 30.95 66.83
C THR C 61 -55.64 32.20 66.52
N ALA C 62 -56.24 33.23 65.92
CA ALA C 62 -55.48 34.43 65.58
C ALA C 62 -55.14 35.24 66.84
N PHE C 63 -56.17 35.62 67.58
CA PHE C 63 -55.98 36.37 68.82
C PHE C 63 -55.23 35.54 69.86
N SER C 64 -55.53 34.25 69.91
CA SER C 64 -54.83 33.32 70.80
C SER C 64 -53.36 33.20 70.42
N SER C 65 -53.06 33.18 69.12
CA SER C 65 -51.69 33.00 68.69
C SER C 65 -50.88 34.26 68.88
N VAL C 66 -51.49 35.43 68.69
CA VAL C 66 -50.76 36.67 68.98
C VAL C 66 -50.55 36.81 70.49
N THR C 67 -51.49 36.29 71.29
CA THR C 67 -51.26 36.20 72.73
C THR C 67 -50.11 35.26 73.06
N HIS C 68 -50.03 34.14 72.34
CA HIS C 68 -48.92 33.20 72.47
C HIS C 68 -47.58 33.84 72.14
N ILE C 69 -47.55 34.67 71.09
CA ILE C 69 -46.31 35.32 70.71
C ILE C 69 -45.95 36.42 71.72
N CYS C 70 -46.95 37.10 72.28
CA CYS C 70 -46.64 38.13 73.26
C CYS C 70 -46.25 37.54 74.61
N ARG C 71 -46.61 36.30 74.91
CA ARG C 71 -46.33 35.77 76.24
C ARG C 71 -45.23 34.70 76.26
N ASP C 72 -45.37 33.66 75.44
CA ASP C 72 -44.58 32.44 75.62
C ASP C 72 -43.18 32.54 75.01
N VAL C 73 -43.11 32.81 73.71
CA VAL C 73 -41.85 32.73 72.98
C VAL C 73 -40.97 33.91 73.35
N ASN C 74 -39.66 33.66 73.48
CA ASN C 74 -38.70 34.70 73.83
C ASN C 74 -38.68 35.80 72.78
N TYR C 75 -38.86 37.04 73.25
CA TYR C 75 -38.79 38.27 72.47
C TYR C 75 -39.89 38.36 71.39
N GLY C 76 -40.91 37.51 71.49
CA GLY C 76 -41.97 37.54 70.52
C GLY C 76 -42.78 38.82 70.59
N TRP C 77 -42.95 39.35 71.80
CA TRP C 77 -43.62 40.63 71.95
C TRP C 77 -42.77 41.78 71.39
N ILE C 78 -41.43 41.70 71.48
CA ILE C 78 -40.65 42.80 70.92
C ILE C 78 -40.63 42.71 69.40
N ILE C 79 -40.72 41.52 68.82
CA ILE C 79 -40.70 41.49 67.36
C ILE C 79 -42.08 41.85 66.81
N ARG C 80 -43.14 41.54 67.57
CA ARG C 80 -44.47 42.02 67.22
C ARG C 80 -44.51 43.55 67.21
N TYR C 81 -43.97 44.16 68.28
CA TYR C 81 -43.96 45.61 68.34
C TYR C 81 -43.03 46.22 67.30
N MET C 82 -41.92 45.54 66.97
CA MET C 82 -41.06 45.98 65.87
C MET C 82 -41.83 46.04 64.56
N HIS C 83 -42.61 45.01 64.24
CA HIS C 83 -43.31 45.00 62.96
C HIS C 83 -44.41 46.05 62.92
N ALA C 84 -45.13 46.24 64.03
CA ALA C 84 -46.20 47.25 64.06
C ALA C 84 -45.65 48.68 63.96
N ASN C 85 -44.75 49.04 64.89
CA ASN C 85 -44.22 50.39 64.86
C ASN C 85 -43.28 50.62 63.69
N GLY C 86 -42.68 49.57 63.12
CA GLY C 86 -41.94 49.73 61.90
C GLY C 86 -42.83 50.05 60.73
N ALA C 87 -44.05 49.49 60.71
CA ALA C 87 -45.04 49.91 59.72
C ALA C 87 -45.42 51.39 59.89
N SER C 88 -45.60 51.82 61.14
CA SER C 88 -45.98 53.22 61.38
C SER C 88 -44.86 54.19 60.98
N MET C 89 -43.63 53.89 61.38
CA MET C 89 -42.49 54.71 60.97
C MET C 89 -42.24 54.62 59.47
N PHE C 90 -42.59 53.49 58.86
CA PHE C 90 -42.50 53.36 57.41
C PHE C 90 -43.42 54.34 56.73
N PHE C 91 -44.66 54.45 57.20
CA PHE C 91 -45.56 55.39 56.55
C PHE C 91 -45.19 56.85 56.81
N ILE C 92 -44.63 57.15 57.98
CA ILE C 92 -44.19 58.53 58.21
C ILE C 92 -43.00 58.88 57.30
N CYS C 93 -42.05 57.95 57.14
CA CYS C 93 -40.95 58.19 56.22
C CYS C 93 -41.42 58.23 54.76
N LEU C 94 -42.48 57.49 54.44
CA LEU C 94 -43.05 57.54 53.10
C LEU C 94 -43.67 58.90 52.80
N PHE C 95 -44.38 59.48 53.77
CA PHE C 95 -44.94 60.80 53.50
C PHE C 95 -43.89 61.90 53.53
N MET C 96 -42.81 61.73 54.29
CA MET C 96 -41.70 62.68 54.17
C MET C 96 -41.02 62.57 52.81
N HIS C 97 -40.92 61.36 52.27
CA HIS C 97 -40.38 61.12 50.93
C HIS C 97 -41.25 61.79 49.87
N VAL C 98 -42.57 61.63 49.98
CA VAL C 98 -43.49 62.21 49.01
C VAL C 98 -43.52 63.73 49.13
N GLY C 99 -43.47 64.26 50.35
CA GLY C 99 -43.42 65.70 50.53
C GLY C 99 -42.15 66.32 49.99
N ARG C 100 -41.03 65.60 50.12
CA ARG C 100 -39.78 66.02 49.48
C ARG C 100 -39.94 66.07 47.98
N GLY C 101 -40.45 64.98 47.39
CA GLY C 101 -40.61 64.89 45.96
C GLY C 101 -41.61 65.88 45.38
N LEU C 102 -42.53 66.38 46.19
CA LEU C 102 -43.45 67.38 45.68
C LEU C 102 -42.91 68.79 45.89
N TYR C 103 -42.32 69.07 47.06
CA TYR C 103 -41.87 70.42 47.37
C TYR C 103 -40.60 70.81 46.62
N TYR C 104 -39.68 69.87 46.39
CA TYR C 104 -38.45 70.20 45.72
C TYR C 104 -38.53 70.02 44.21
N GLY C 105 -39.73 69.94 43.66
CA GLY C 105 -39.93 69.90 42.23
C GLY C 105 -39.44 68.67 41.52
N SER C 106 -39.15 67.60 42.26
CA SER C 106 -38.61 66.40 41.66
C SER C 106 -39.64 65.59 40.91
N TYR C 107 -40.91 66.00 40.95
CA TYR C 107 -41.96 65.28 40.24
C TYR C 107 -42.03 65.65 38.77
N THR C 108 -41.02 66.35 38.22
CA THR C 108 -40.94 66.50 36.77
C THR C 108 -40.57 65.20 36.06
N PHE C 109 -40.07 64.22 36.79
CA PHE C 109 -39.94 62.87 36.26
C PHE C 109 -41.32 62.25 36.09
N LEU C 110 -41.48 61.44 35.04
CA LEU C 110 -42.76 60.81 34.78
C LEU C 110 -42.85 59.39 35.32
N GLU C 111 -42.01 58.50 34.80
CA GLU C 111 -42.17 57.07 35.08
C GLU C 111 -41.75 56.72 36.49
N THR C 112 -40.78 57.46 37.05
CA THR C 112 -40.48 57.39 38.48
C THR C 112 -41.72 57.69 39.31
N TRP C 113 -42.46 58.72 38.92
CA TRP C 113 -43.66 59.11 39.66
C TRP C 113 -44.76 58.07 39.50
N ASN C 114 -44.88 57.48 38.31
CA ASN C 114 -45.91 56.45 38.09
C ASN C 114 -45.63 55.19 38.90
N ILE C 115 -44.36 54.74 38.91
CA ILE C 115 -44.03 53.55 39.68
C ILE C 115 -44.11 53.84 41.18
N GLY C 116 -43.83 55.08 41.59
CA GLY C 116 -44.03 55.44 42.98
C GLY C 116 -45.49 55.44 43.39
N VAL C 117 -46.38 55.83 42.48
CA VAL C 117 -47.82 55.75 42.77
C VAL C 117 -48.27 54.30 42.91
N ILE C 118 -47.74 53.41 42.04
CA ILE C 118 -48.07 51.99 42.17
C ILE C 118 -47.54 51.42 43.48
N LEU C 119 -46.35 51.89 43.90
CA LEU C 119 -45.84 51.56 45.23
C LEU C 119 -46.75 52.05 46.33
N LEU C 120 -47.35 53.23 46.16
CA LEU C 120 -48.22 53.78 47.19
C LEU C 120 -49.49 52.94 47.34
N PHE C 121 -50.12 52.60 46.22
CA PHE C 121 -51.27 51.67 46.26
C PHE C 121 -50.92 50.35 46.90
N ALA C 122 -49.76 49.78 46.54
CA ALA C 122 -49.39 48.46 47.02
C ALA C 122 -49.12 48.47 48.51
N THR C 123 -48.37 49.47 49.01
CA THR C 123 -48.09 49.53 50.45
C THR C 123 -49.32 49.86 51.27
N MET C 124 -50.23 50.70 50.75
CA MET C 124 -51.43 51.03 51.51
C MET C 124 -52.35 49.83 51.64
N ALA C 125 -52.58 49.10 50.53
CA ALA C 125 -53.39 47.88 50.63
C ALA C 125 -52.70 46.80 51.44
N THR C 126 -51.37 46.73 51.36
CA THR C 126 -50.60 45.72 52.08
C THR C 126 -50.68 45.93 53.59
N ALA C 127 -50.40 47.16 54.04
CA ALA C 127 -50.49 47.46 55.46
C ALA C 127 -51.93 47.43 55.96
N PHE C 128 -52.92 47.69 55.10
CA PHE C 128 -54.29 47.49 55.54
C PHE C 128 -54.59 46.02 55.82
N MET C 129 -54.15 45.13 54.93
CA MET C 129 -54.36 43.70 55.17
C MET C 129 -53.56 43.22 56.40
N GLY C 130 -52.37 43.80 56.60
CA GLY C 130 -51.58 43.50 57.77
C GLY C 130 -52.27 43.93 59.05
N TYR C 131 -52.93 45.08 59.04
CA TYR C 131 -53.72 45.49 60.20
C TYR C 131 -54.99 44.66 60.37
N VAL C 132 -55.51 44.07 59.29
CA VAL C 132 -56.63 43.15 59.45
C VAL C 132 -56.18 41.85 60.12
N LEU C 133 -54.92 41.45 59.91
CA LEU C 133 -54.40 40.20 60.47
C LEU C 133 -54.50 39.97 61.99
N PRO C 134 -54.39 40.97 62.90
CA PRO C 134 -54.60 40.66 64.32
C PRO C 134 -56.00 40.22 64.70
N TRP C 135 -56.99 40.35 63.80
CA TRP C 135 -58.39 39.93 64.01
C TRP C 135 -59.00 40.65 65.21
N GLY C 136 -58.59 41.89 65.43
CA GLY C 136 -59.18 42.70 66.47
C GLY C 136 -60.54 43.20 66.07
N GLN C 137 -61.19 43.87 67.02
CA GLN C 137 -62.53 44.36 66.77
C GLN C 137 -62.50 45.53 65.78
N MET C 138 -61.55 46.44 65.98
CA MET C 138 -61.31 47.53 65.04
C MET C 138 -60.96 47.00 63.65
N SER C 139 -60.17 45.92 63.61
CA SER C 139 -59.75 45.36 62.32
C SER C 139 -60.91 44.69 61.61
N PHE C 140 -61.79 44.03 62.37
CA PHE C 140 -62.97 43.40 61.79
C PHE C 140 -63.88 44.43 61.15
N TRP C 141 -64.20 45.50 61.90
CA TRP C 141 -65.08 46.52 61.35
C TRP C 141 -64.41 47.29 60.22
N GLY C 142 -63.10 47.54 60.30
CA GLY C 142 -62.41 48.24 59.23
C GLY C 142 -62.32 47.44 57.95
N ALA C 143 -62.16 46.12 58.07
CA ALA C 143 -62.25 45.24 56.91
C ALA C 143 -63.62 45.29 56.29
N THR C 144 -64.67 45.31 57.13
CA THR C 144 -66.03 45.44 56.63
C THR C 144 -66.23 46.76 55.89
N VAL C 145 -65.71 47.86 56.45
CA VAL C 145 -65.87 49.20 55.86
C VAL C 145 -65.18 49.28 54.51
N ILE C 146 -63.90 48.88 54.44
CA ILE C 146 -63.15 49.03 53.20
C ILE C 146 -63.62 48.04 52.14
N THR C 147 -64.06 46.85 52.53
CA THR C 147 -64.52 45.92 51.51
C THR C 147 -65.90 46.31 50.98
N ASN C 148 -66.74 46.92 51.80
CA ASN C 148 -67.98 47.42 51.22
C ASN C 148 -67.79 48.72 50.45
N LEU C 149 -66.73 49.48 50.75
CA LEU C 149 -66.31 50.56 49.86
C LEU C 149 -65.89 50.03 48.50
N LEU C 150 -65.28 48.85 48.48
CA LEU C 150 -65.06 48.19 47.20
C LEU C 150 -66.38 47.77 46.56
N SER C 151 -67.40 47.47 47.37
CA SER C 151 -68.73 47.16 46.82
C SER C 151 -69.54 48.40 46.47
N ALA C 152 -68.99 49.60 46.67
CA ALA C 152 -69.76 50.82 46.43
C ALA C 152 -70.03 51.06 44.94
N ILE C 153 -69.19 50.54 44.06
CA ILE C 153 -69.43 50.70 42.62
C ILE C 153 -70.59 49.80 42.21
N PRO C 154 -71.64 50.33 41.58
CA PRO C 154 -72.79 49.50 41.21
C PRO C 154 -72.46 48.54 40.08
N TYR C 155 -73.34 47.53 39.95
CA TYR C 155 -73.43 46.53 38.89
C TYR C 155 -72.31 45.47 38.97
N ILE C 156 -71.29 45.70 39.78
CA ILE C 156 -70.18 44.75 39.94
C ILE C 156 -70.01 44.48 41.43
N GLY C 157 -70.37 45.47 42.26
CA GLY C 157 -69.95 45.57 43.65
C GLY C 157 -70.23 44.42 44.61
N THR C 158 -71.49 44.03 44.75
CA THR C 158 -71.85 43.00 45.71
C THR C 158 -71.30 41.64 45.29
N ASN C 159 -71.33 41.34 43.99
CA ASN C 159 -70.79 40.10 43.48
C ASN C 159 -69.28 40.04 43.65
N LEU C 160 -68.59 41.12 43.28
CA LEU C 160 -67.13 41.18 43.40
C LEU C 160 -66.68 41.14 44.85
N VAL C 161 -67.46 41.71 45.76
CA VAL C 161 -67.05 41.77 47.15
C VAL C 161 -67.42 40.51 47.94
N GLU C 162 -68.52 39.85 47.62
CA GLU C 162 -68.73 38.50 48.14
C GLU C 162 -67.83 37.50 47.45
N TRP C 163 -67.28 37.85 46.30
CA TRP C 163 -66.24 37.03 45.68
C TRP C 163 -64.91 37.16 46.43
N ILE C 164 -64.56 38.36 46.87
CA ILE C 164 -63.34 38.51 47.66
C ILE C 164 -63.64 38.42 49.16
N TRP C 165 -64.85 37.98 49.52
CA TRP C 165 -65.13 37.58 50.89
C TRP C 165 -64.91 36.09 51.10
N GLY C 166 -65.64 35.26 50.35
CA GLY C 166 -65.69 33.86 50.64
C GLY C 166 -66.98 33.52 51.35
N GLY C 167 -68.06 34.11 50.88
CA GLY C 167 -69.37 33.92 51.46
C GLY C 167 -70.11 35.22 51.52
N PHE C 168 -71.28 35.19 52.16
CA PHE C 168 -72.13 36.34 52.31
C PHE C 168 -71.80 37.14 53.56
N SER C 169 -70.71 36.81 54.24
CA SER C 169 -70.25 37.52 55.41
C SER C 169 -68.75 37.29 55.54
N VAL C 170 -68.17 37.88 56.57
CA VAL C 170 -66.74 37.71 56.84
C VAL C 170 -66.50 36.29 57.33
N ASP C 171 -65.58 35.60 56.66
CA ASP C 171 -65.35 34.18 56.85
C ASP C 171 -63.97 33.97 57.47
N LYS C 172 -63.71 32.73 57.91
CA LYS C 172 -62.35 32.26 58.08
C LYS C 172 -61.57 32.40 56.76
N ALA C 173 -62.23 32.10 55.64
CA ALA C 173 -61.62 32.16 54.32
C ALA C 173 -61.18 33.56 53.95
N THR C 174 -61.93 34.58 54.39
CA THR C 174 -61.52 35.97 54.19
C THR C 174 -60.22 36.27 54.91
N LEU C 175 -60.06 35.71 56.13
CA LEU C 175 -58.83 35.93 56.87
C LEU C 175 -57.67 35.19 56.21
N THR C 176 -57.92 34.01 55.64
CA THR C 176 -56.86 33.31 54.92
C THR C 176 -56.46 34.05 53.66
N ARG C 177 -57.45 34.62 52.95
CA ARG C 177 -57.18 35.42 51.77
C ARG C 177 -56.32 36.64 52.12
N PHE C 178 -56.68 37.34 53.19
CA PHE C 178 -55.91 38.51 53.59
C PHE C 178 -54.53 38.15 54.10
N PHE C 179 -54.40 36.97 54.73
CA PHE C 179 -53.09 36.50 55.12
C PHE C 179 -52.21 36.23 53.91
N ALA C 180 -52.78 35.61 52.87
CA ALA C 180 -52.01 35.30 51.68
C ALA C 180 -51.58 36.56 50.94
N PHE C 181 -52.47 37.54 50.80
CA PHE C 181 -52.10 38.72 50.04
C PHE C 181 -51.16 39.63 50.81
N HIS C 182 -51.34 39.80 52.13
CA HIS C 182 -50.32 40.50 52.92
C HIS C 182 -49.02 39.73 52.96
N PHE C 183 -49.10 38.42 52.84
CA PHE C 183 -47.95 37.56 52.91
C PHE C 183 -47.14 37.58 51.63
N ILE C 184 -47.75 37.97 50.51
CA ILE C 184 -47.08 37.97 49.22
C ILE C 184 -46.77 39.37 48.68
N PHE C 185 -47.50 40.41 49.08
CA PHE C 185 -47.33 41.73 48.47
C PHE C 185 -45.96 42.43 48.63
N PRO C 186 -45.27 42.43 49.79
CA PRO C 186 -44.04 43.24 49.87
C PRO C 186 -42.88 42.76 49.01
N PHE C 187 -42.90 41.53 48.52
CA PHE C 187 -41.89 41.13 47.55
C PHE C 187 -42.13 41.81 46.20
N ILE C 188 -43.39 41.93 45.80
CA ILE C 188 -43.76 42.74 44.65
C ILE C 188 -43.43 44.21 44.90
N ILE C 189 -43.56 44.66 46.14
CA ILE C 189 -43.24 46.05 46.47
C ILE C 189 -41.74 46.30 46.35
N ALA C 190 -40.92 45.34 46.77
CA ALA C 190 -39.47 45.48 46.60
C ALA C 190 -39.06 45.41 45.14
N ALA C 191 -39.75 44.59 44.34
CA ALA C 191 -39.47 44.56 42.91
C ALA C 191 -39.82 45.90 42.24
N LEU C 192 -40.96 46.47 42.60
CA LEU C 192 -41.33 47.77 42.04
C LEU C 192 -40.42 48.87 42.57
N ALA C 193 -39.88 48.72 43.78
CA ALA C 193 -38.88 49.65 44.26
C ALA C 193 -37.59 49.54 43.46
N MET C 194 -37.24 48.33 43.01
CA MET C 194 -36.08 48.18 42.16
C MET C 194 -36.31 48.81 40.79
N VAL C 195 -37.53 48.73 40.26
CA VAL C 195 -37.83 49.36 38.98
C VAL C 195 -37.84 50.88 39.11
N HIS C 196 -38.39 51.38 40.23
CA HIS C 196 -38.32 52.78 40.64
C HIS C 196 -36.88 53.30 40.66
N LEU C 197 -36.00 52.58 41.37
CA LEU C 197 -34.58 52.95 41.41
C LEU C 197 -33.93 52.82 40.05
N LEU C 198 -34.40 51.91 39.20
CA LEU C 198 -33.81 51.72 37.88
C LEU C 198 -34.07 52.93 36.99
N PHE C 199 -35.32 53.40 36.95
CA PHE C 199 -35.60 54.61 36.18
C PHE C 199 -34.97 55.85 36.82
N LEU C 200 -34.76 55.82 38.13
CA LEU C 200 -34.08 56.95 38.76
C LEU C 200 -32.62 57.02 38.32
N HIS C 201 -31.92 55.88 38.31
CA HIS C 201 -30.56 55.85 37.78
C HIS C 201 -30.51 56.08 36.28
N GLU C 202 -31.61 55.83 35.57
CA GLU C 202 -31.71 56.28 34.19
C GLU C 202 -31.64 57.80 34.11
N THR C 203 -32.51 58.49 34.86
CA THR C 203 -32.56 59.94 34.73
C THR C 203 -31.40 60.62 35.45
N GLY C 204 -31.29 60.45 36.76
CA GLY C 204 -30.31 61.17 37.53
C GLY C 204 -30.97 61.93 38.66
N SER C 205 -30.22 62.26 39.71
CA SER C 205 -30.83 62.78 40.93
C SER C 205 -31.07 64.28 40.83
N ASN C 206 -31.39 64.90 41.96
CA ASN C 206 -31.84 66.28 42.01
C ASN C 206 -31.09 66.98 43.14
N ASN C 207 -31.25 68.31 43.24
CA ASN C 207 -30.68 69.13 44.30
C ASN C 207 -31.81 69.84 45.02
N PRO C 208 -31.57 70.58 46.12
CA PRO C 208 -32.63 71.44 46.64
C PRO C 208 -33.03 72.58 45.72
N THR C 209 -32.15 73.00 44.80
CA THR C 209 -32.34 74.26 44.09
C THR C 209 -33.09 74.13 42.78
N GLY C 210 -33.16 72.94 42.21
CA GLY C 210 -33.68 72.79 40.87
C GLY C 210 -32.65 72.97 39.77
N ILE C 211 -31.45 73.43 40.12
CA ILE C 211 -30.40 73.63 39.12
C ILE C 211 -29.74 72.29 38.82
N PRO C 212 -29.60 71.90 37.56
CA PRO C 212 -28.90 70.65 37.24
C PRO C 212 -27.42 70.73 37.59
N SER C 213 -26.92 69.66 38.19
CA SER C 213 -25.65 69.70 38.92
C SER C 213 -24.61 68.76 38.35
N ASP C 214 -24.40 68.79 37.02
CA ASP C 214 -23.40 67.93 36.39
C ASP C 214 -21.97 68.34 36.70
N THR C 215 -21.75 69.56 37.18
CA THR C 215 -20.38 69.97 37.46
C THR C 215 -19.85 69.38 38.75
N ASP C 216 -20.71 68.89 39.63
CA ASP C 216 -20.28 68.49 40.96
C ASP C 216 -20.90 67.16 41.35
N LYS C 217 -20.82 66.18 40.46
CA LYS C 217 -21.23 64.82 40.78
C LYS C 217 -20.18 64.17 41.68
N ILE C 218 -20.57 63.87 42.92
CA ILE C 218 -19.67 63.23 43.88
C ILE C 218 -20.14 61.78 44.04
N PRO C 219 -19.26 60.84 44.38
CA PRO C 219 -19.69 59.44 44.48
C PRO C 219 -20.53 59.20 45.73
N PHE C 220 -21.38 58.18 45.62
CA PHE C 220 -22.29 57.82 46.71
C PHE C 220 -21.51 57.33 47.93
N HIS C 221 -20.50 56.51 47.70
CA HIS C 221 -19.49 55.99 48.61
C HIS C 221 -18.23 56.85 48.55
N PRO C 222 -17.60 57.19 49.68
CA PRO C 222 -17.99 56.89 51.07
C PRO C 222 -18.63 58.07 51.77
N TYR C 223 -19.60 58.70 51.13
CA TYR C 223 -20.24 59.88 51.70
C TYR C 223 -21.71 59.64 52.04
N TYR C 224 -22.51 59.26 51.06
CA TYR C 224 -23.91 59.02 51.36
C TYR C 224 -24.12 57.64 51.98
N THR C 225 -23.15 56.75 51.86
CA THR C 225 -23.17 55.50 52.63
C THR C 225 -23.15 55.80 54.12
N ILE C 226 -22.18 56.62 54.57
CA ILE C 226 -22.07 56.90 56.00
C ILE C 226 -23.17 57.85 56.45
N LYS C 227 -23.68 58.70 55.54
CA LYS C 227 -24.79 59.55 55.94
C LYS C 227 -26.09 58.75 56.07
N ASP C 228 -26.28 57.72 55.24
CA ASP C 228 -27.41 56.83 55.40
C ASP C 228 -27.24 55.94 56.62
N ILE C 229 -26.00 55.62 57.00
CA ILE C 229 -25.77 54.91 58.25
C ILE C 229 -26.21 55.75 59.43
N LEU C 230 -25.86 57.04 59.43
CA LEU C 230 -26.27 57.94 60.50
C LEU C 230 -27.79 58.09 60.57
N GLY C 231 -28.42 58.31 59.40
CA GLY C 231 -29.87 58.44 59.37
C GLY C 231 -30.60 57.17 59.75
N ALA C 232 -30.05 56.01 59.37
CA ALA C 232 -30.68 54.75 59.70
C ALA C 232 -30.50 54.41 61.17
N ILE C 233 -29.37 54.78 61.78
CA ILE C 233 -29.21 54.58 63.22
C ILE C 233 -30.17 55.48 63.98
N LEU C 234 -30.40 56.71 63.49
CA LEU C 234 -31.39 57.58 64.11
C LEU C 234 -32.80 57.00 64.00
N LEU C 235 -33.14 56.44 62.83
CA LEU C 235 -34.42 55.78 62.65
C LEU C 235 -34.57 54.55 63.54
N ILE C 236 -33.51 53.76 63.67
CA ILE C 236 -33.55 52.57 64.52
C ILE C 236 -33.73 52.94 65.98
N LEU C 237 -33.06 54.02 66.44
CA LEU C 237 -33.20 54.39 67.84
C LEU C 237 -34.59 54.97 68.13
N ILE C 238 -35.14 55.74 67.19
CA ILE C 238 -36.51 56.23 67.34
C ILE C 238 -37.49 55.07 67.34
N LEU C 239 -37.26 54.10 66.47
CA LEU C 239 -38.13 52.93 66.39
C LEU C 239 -38.05 52.09 67.67
N MET C 240 -36.87 51.98 68.25
CA MET C 240 -36.73 51.18 69.46
C MET C 240 -37.27 51.90 70.69
N LEU C 241 -37.12 53.22 70.78
CA LEU C 241 -37.78 53.94 71.85
C LEU C 241 -39.30 53.93 71.68
N LEU C 242 -39.78 53.81 70.44
CA LEU C 242 -41.21 53.68 70.22
C LEU C 242 -41.71 52.29 70.60
N VAL C 243 -40.94 51.25 70.29
CA VAL C 243 -41.39 49.89 70.63
C VAL C 243 -41.10 49.51 72.08
N LEU C 244 -40.28 50.28 72.79
CA LEU C 244 -39.94 49.96 74.16
C LEU C 244 -40.59 50.89 75.17
N PHE C 245 -40.50 52.20 74.97
CA PHE C 245 -40.96 53.07 76.04
C PHE C 245 -42.46 53.31 75.99
N THR C 246 -43.03 53.56 74.82
CA THR C 246 -44.49 53.66 74.67
C THR C 246 -44.94 52.89 73.43
N PRO C 247 -45.18 51.58 73.57
CA PRO C 247 -45.64 50.80 72.40
C PRO C 247 -47.07 51.10 71.98
N ASP C 248 -47.85 51.82 72.78
CA ASP C 248 -49.23 52.14 72.44
C ASP C 248 -49.48 53.64 72.43
N LEU C 249 -48.44 54.46 72.31
CA LEU C 249 -48.65 55.87 71.99
C LEU C 249 -49.23 56.00 70.59
N LEU C 250 -48.78 55.16 69.67
CA LEU C 250 -49.35 55.06 68.34
C LEU C 250 -49.99 53.71 68.08
N GLY C 251 -49.92 52.80 69.05
CA GLY C 251 -50.75 51.62 69.01
C GLY C 251 -52.10 51.92 69.62
N ASP C 252 -53.16 51.77 68.85
CA ASP C 252 -54.49 52.08 69.34
C ASP C 252 -54.96 51.00 70.29
N PRO C 253 -55.43 51.36 71.49
CA PRO C 253 -55.80 50.34 72.49
C PRO C 253 -57.01 49.50 72.13
N ASP C 254 -57.87 49.96 71.24
CA ASP C 254 -59.13 49.27 70.99
C ASP C 254 -58.96 48.03 70.11
N ASN C 255 -57.74 47.69 69.71
CA ASN C 255 -57.51 46.53 68.86
C ASN C 255 -57.52 45.22 69.65
N TYR C 256 -57.37 45.29 70.98
CA TYR C 256 -56.97 44.15 71.79
C TYR C 256 -58.14 43.34 72.33
N THR C 257 -59.25 43.30 71.61
CA THR C 257 -60.36 42.45 72.02
C THR C 257 -60.62 41.40 70.95
N PRO C 258 -61.19 40.25 71.31
CA PRO C 258 -61.60 39.28 70.29
C PRO C 258 -62.73 39.82 69.43
N ALA C 259 -62.70 39.46 68.15
CA ALA C 259 -63.64 39.99 67.18
C ALA C 259 -65.02 39.38 67.37
N ASN C 260 -65.80 39.96 68.26
CA ASN C 260 -67.19 39.55 68.45
C ASN C 260 -68.01 40.05 67.27
N PRO C 261 -68.71 39.18 66.53
CA PRO C 261 -69.51 39.65 65.39
C PRO C 261 -70.78 40.40 65.76
N LEU C 262 -71.05 40.64 67.05
CA LEU C 262 -72.23 41.40 67.47
C LEU C 262 -71.84 42.57 68.36
N ASN C 263 -70.58 43.00 68.32
CA ASN C 263 -70.05 43.87 69.36
C ASN C 263 -70.43 45.33 69.13
N THR C 264 -70.03 45.89 67.99
CA THR C 264 -70.26 47.27 67.54
C THR C 264 -69.79 48.32 68.56
N PRO C 265 -68.48 48.60 68.61
CA PRO C 265 -67.98 49.66 69.50
C PRO C 265 -68.44 51.03 69.05
N PRO C 266 -68.47 52.02 69.95
CA PRO C 266 -68.82 53.39 69.53
C PRO C 266 -67.78 54.01 68.61
N HIS C 267 -66.53 54.04 69.05
CA HIS C 267 -65.46 54.55 68.21
C HIS C 267 -65.12 53.52 67.13
N ILE C 268 -64.88 54.00 65.93
CA ILE C 268 -64.32 53.17 64.87
C ILE C 268 -63.48 54.06 63.96
N LYS C 269 -62.30 53.56 63.62
CA LYS C 269 -61.38 54.27 62.75
C LYS C 269 -60.43 53.25 62.17
N PRO C 270 -59.84 53.52 61.02
CA PRO C 270 -58.64 52.77 60.61
C PRO C 270 -57.44 53.26 61.42
N GLU C 271 -56.30 52.64 61.16
CA GLU C 271 -55.12 53.04 61.90
C GLU C 271 -54.64 54.40 61.39
N TRP C 272 -54.02 55.17 62.29
CA TRP C 272 -53.93 56.63 62.22
C TRP C 272 -53.19 57.18 61.00
N TYR C 273 -52.51 56.33 60.23
CA TYR C 273 -52.02 56.79 58.94
C TYR C 273 -53.14 56.91 57.90
N PHE C 274 -54.22 56.16 58.05
CA PHE C 274 -55.33 56.17 57.10
C PHE C 274 -56.40 57.19 57.43
N LEU C 275 -56.08 58.27 58.14
CA LEU C 275 -57.16 59.14 58.59
C LEU C 275 -57.68 60.06 57.49
N PHE C 276 -56.77 60.61 56.66
CA PHE C 276 -57.22 61.52 55.61
C PHE C 276 -57.91 60.77 54.49
N ALA C 277 -57.57 59.49 54.28
CA ALA C 277 -58.33 58.67 53.35
C ALA C 277 -59.66 58.23 53.93
N TYR C 278 -59.83 58.34 55.25
CA TYR C 278 -61.09 58.05 55.91
C TYR C 278 -61.92 59.29 56.15
N ALA C 279 -61.31 60.48 56.14
CA ALA C 279 -62.06 61.70 56.37
C ALA C 279 -62.74 62.20 55.10
N ILE C 280 -62.10 62.06 53.94
CA ILE C 280 -62.67 62.56 52.70
C ILE C 280 -63.87 61.70 52.29
N LEU C 281 -63.86 60.43 52.67
CA LEU C 281 -65.05 59.59 52.53
C LEU C 281 -66.21 60.13 53.35
N ARG C 282 -65.98 60.40 54.63
CA ARG C 282 -67.04 60.91 55.50
C ARG C 282 -67.24 62.41 55.36
N SER C 283 -66.54 63.07 54.43
CA SER C 283 -66.74 64.49 54.22
C SER C 283 -68.00 64.74 53.39
N ILE C 284 -68.00 64.29 52.14
CA ILE C 284 -69.09 64.54 51.22
C ILE C 284 -70.11 63.42 51.38
N PRO C 285 -71.36 63.72 51.76
CA PRO C 285 -72.32 62.66 52.04
C PRO C 285 -72.81 61.98 50.77
N ASN C 286 -72.00 61.07 50.24
CA ASN C 286 -72.36 60.31 49.05
C ASN C 286 -71.55 59.02 49.06
N LYS C 287 -72.18 57.94 48.61
CA LYS C 287 -71.53 56.63 48.57
C LYS C 287 -70.52 56.55 47.44
N LEU C 288 -71.05 56.58 46.21
CA LEU C 288 -70.19 56.59 45.03
C LEU C 288 -69.42 57.89 44.92
N GLY C 289 -70.04 58.99 45.36
CA GLY C 289 -69.31 60.25 45.45
C GLY C 289 -68.18 60.22 46.46
N GLY C 290 -68.34 59.47 47.55
CA GLY C 290 -67.26 59.38 48.53
C GLY C 290 -66.09 58.55 48.04
N VAL C 291 -66.37 57.35 47.52
CA VAL C 291 -65.29 56.54 46.98
C VAL C 291 -64.68 57.19 45.73
N LEU C 292 -65.49 57.94 44.96
CA LEU C 292 -64.99 58.65 43.80
C LEU C 292 -64.12 59.83 44.21
N ALA C 293 -64.46 60.50 45.31
CA ALA C 293 -63.62 61.58 45.81
C ALA C 293 -62.29 61.06 46.35
N LEU C 294 -62.30 59.86 46.93
CA LEU C 294 -61.04 59.24 47.36
C LEU C 294 -60.14 58.93 46.17
N VAL C 295 -60.72 58.27 45.16
CA VAL C 295 -59.98 57.95 43.93
C VAL C 295 -59.51 59.22 43.23
N LEU C 296 -60.34 60.28 43.28
CA LEU C 296 -59.95 61.57 42.71
C LEU C 296 -58.80 62.22 43.46
N SER C 297 -58.79 62.10 44.79
CA SER C 297 -57.69 62.66 45.59
C SER C 297 -56.36 62.04 45.20
N ILE C 298 -56.32 60.70 45.18
CA ILE C 298 -55.05 60.03 44.86
C ILE C 298 -54.68 60.26 43.39
N LEU C 299 -55.64 60.18 42.47
CA LEU C 299 -55.29 60.35 41.07
C LEU C 299 -54.97 61.81 40.70
N VAL C 300 -55.44 62.79 41.46
CA VAL C 300 -54.98 64.17 41.23
C VAL C 300 -53.55 64.33 41.74
N LEU C 301 -53.21 63.66 42.85
CA LEU C 301 -51.80 63.59 43.25
C LEU C 301 -50.93 62.87 42.22
N VAL C 302 -51.51 62.00 41.40
CA VAL C 302 -50.80 61.48 40.23
C VAL C 302 -50.74 62.55 39.14
N ILE C 303 -51.82 63.33 38.98
CA ILE C 303 -51.96 64.30 37.90
C ILE C 303 -50.93 65.41 37.99
N MET C 304 -50.44 65.70 39.23
CA MET C 304 -49.53 66.78 39.61
C MET C 304 -48.42 67.21 38.62
N PRO C 305 -47.70 66.32 37.90
CA PRO C 305 -46.76 66.82 36.88
C PRO C 305 -47.40 67.49 35.67
N LEU C 306 -48.70 67.32 35.44
CA LEU C 306 -49.36 68.15 34.43
C LEU C 306 -49.50 69.57 34.91
N LEU C 307 -49.64 69.76 36.23
CA LEU C 307 -49.95 71.06 36.81
C LEU C 307 -48.75 71.99 36.88
N HIS C 308 -47.54 71.50 36.63
CA HIS C 308 -46.37 72.35 36.72
C HIS C 308 -46.31 73.27 35.51
N THR C 309 -46.55 74.56 35.75
CA THR C 309 -46.58 75.57 34.70
C THR C 309 -45.46 76.58 34.82
N SER C 310 -44.62 76.47 35.85
CA SER C 310 -43.59 77.47 36.11
C SER C 310 -42.42 77.31 35.16
N LYS C 311 -41.48 78.24 35.25
CA LYS C 311 -40.21 78.13 34.56
C LYS C 311 -39.11 77.58 35.45
N GLN C 312 -39.36 77.49 36.76
CA GLN C 312 -38.40 76.94 37.71
C GLN C 312 -38.67 75.46 37.90
N ARG C 313 -37.92 74.84 38.82
CA ARG C 313 -38.18 73.46 39.21
C ARG C 313 -38.61 73.36 40.67
N SER C 314 -37.80 73.85 41.60
CA SER C 314 -38.03 73.68 43.02
C SER C 314 -38.59 74.95 43.64
N MET C 315 -39.29 74.77 44.76
CA MET C 315 -39.91 75.87 45.50
C MET C 315 -38.98 76.51 46.50
N MET C 316 -37.67 76.24 46.39
CA MET C 316 -36.71 76.90 47.26
C MET C 316 -36.59 78.38 46.94
N PHE C 317 -36.85 78.76 45.70
CA PHE C 317 -36.69 80.14 45.28
C PHE C 317 -37.99 80.93 45.20
N ARG C 318 -39.15 80.26 45.26
CA ARG C 318 -40.44 80.92 45.08
C ARG C 318 -41.19 80.96 46.41
N PRO C 319 -41.13 82.06 47.14
CA PRO C 319 -41.57 82.06 48.54
C PRO C 319 -43.08 81.99 48.75
N ILE C 320 -43.87 82.59 47.86
CA ILE C 320 -45.31 82.68 48.10
C ILE C 320 -45.98 81.33 47.83
N SER C 321 -45.60 80.66 46.74
CA SER C 321 -46.09 79.31 46.51
C SER C 321 -45.51 78.32 47.52
N GLN C 322 -44.34 78.62 48.08
CA GLN C 322 -43.84 77.85 49.21
C GLN C 322 -44.75 77.97 50.41
N CYS C 323 -45.19 79.19 50.74
CA CYS C 323 -46.12 79.39 51.85
C CYS C 323 -47.47 78.75 51.57
N MET C 324 -47.91 78.76 50.31
CA MET C 324 -49.12 78.04 49.93
C MET C 324 -48.95 76.54 50.12
N PHE C 325 -47.76 76.01 49.83
CA PHE C 325 -47.50 74.61 50.10
C PHE C 325 -47.50 74.31 51.60
N TRP C 326 -47.03 75.25 52.42
CA TRP C 326 -47.12 75.00 53.85
C TRP C 326 -48.54 75.12 54.38
N ILE C 327 -49.39 75.89 53.69
CA ILE C 327 -50.83 75.84 53.97
C ILE C 327 -51.36 74.45 53.65
N LEU C 328 -50.87 73.83 52.57
CA LEU C 328 -51.26 72.46 52.25
C LEU C 328 -50.75 71.47 53.31
N VAL C 329 -49.55 71.69 53.84
CA VAL C 329 -48.99 70.84 54.89
C VAL C 329 -49.85 70.93 56.15
N ALA C 330 -50.21 72.17 56.52
CA ALA C 330 -51.08 72.38 57.68
C ALA C 330 -52.46 71.79 57.47
N ASP C 331 -52.95 71.78 56.23
CA ASP C 331 -54.25 71.17 55.98
C ASP C 331 -54.18 69.65 56.04
N LEU C 332 -53.04 69.07 55.64
CA LEU C 332 -52.81 67.64 55.87
C LEU C 332 -52.83 67.31 57.35
N LEU C 333 -52.17 68.13 58.16
CA LEU C 333 -52.15 67.87 59.60
C LEU C 333 -53.53 68.12 60.21
N THR C 334 -54.31 69.03 59.62
CA THR C 334 -55.69 69.26 60.06
C THR C 334 -56.58 68.07 59.76
N LEU C 335 -56.42 67.47 58.58
CA LEU C 335 -57.16 66.26 58.27
C LEU C 335 -56.75 65.11 59.16
N THR C 336 -55.48 65.06 59.56
CA THR C 336 -55.04 64.06 60.54
C THR C 336 -55.70 64.29 61.90
N TRP C 337 -55.83 65.55 62.30
CA TRP C 337 -56.45 65.89 63.58
C TRP C 337 -57.95 65.59 63.58
N ILE C 338 -58.63 65.88 62.47
CA ILE C 338 -60.05 65.55 62.32
C ILE C 338 -60.23 64.04 62.27
N GLY C 339 -59.29 63.32 61.66
CA GLY C 339 -59.29 61.87 61.76
C GLY C 339 -59.08 61.39 63.18
N GLY C 340 -58.37 62.18 63.99
CA GLY C 340 -58.25 61.92 65.41
C GLY C 340 -59.39 62.42 66.26
N GLN C 341 -60.44 62.94 65.64
CA GLN C 341 -61.62 63.39 66.37
C GLN C 341 -62.86 62.63 65.88
N PRO C 342 -63.85 62.39 66.77
CA PRO C 342 -64.97 61.50 66.40
C PRO C 342 -65.90 62.02 65.32
N VAL C 343 -66.84 61.17 64.92
CA VAL C 343 -67.75 61.44 63.80
C VAL C 343 -68.93 62.20 64.37
N GLU C 344 -68.83 63.53 64.36
CA GLU C 344 -69.88 64.41 64.85
C GLU C 344 -70.02 65.59 63.90
N HIS C 345 -71.06 66.39 64.11
CA HIS C 345 -71.56 67.33 63.10
C HIS C 345 -70.66 68.56 62.83
N PRO C 346 -70.20 69.34 63.83
CA PRO C 346 -69.36 70.51 63.46
C PRO C 346 -68.00 70.11 62.95
N TYR C 347 -67.49 68.97 63.42
CA TYR C 347 -66.24 68.48 62.88
C TYR C 347 -66.38 68.00 61.44
N ILE C 348 -67.56 67.50 61.06
CA ILE C 348 -67.77 67.16 59.65
C ILE C 348 -67.94 68.43 58.83
N ILE C 349 -68.50 69.50 59.41
CA ILE C 349 -68.55 70.81 58.72
C ILE C 349 -67.14 71.31 58.40
N ILE C 350 -66.29 71.38 59.42
CA ILE C 350 -64.94 71.88 59.18
C ILE C 350 -64.08 70.86 58.43
N GLY C 351 -64.47 69.59 58.42
CA GLY C 351 -63.78 68.63 57.59
C GLY C 351 -64.12 68.77 56.12
N GLN C 352 -65.37 69.11 55.81
CA GLN C 352 -65.73 69.45 54.44
C GLN C 352 -65.02 70.72 54.00
N LEU C 353 -64.94 71.71 54.91
CA LEU C 353 -64.16 72.91 54.63
C LEU C 353 -62.69 72.57 54.34
N ALA C 354 -62.11 71.68 55.14
CA ALA C 354 -60.70 71.32 54.98
C ALA C 354 -60.47 70.52 53.71
N SER C 355 -61.39 69.61 53.37
CA SER C 355 -61.18 68.76 52.19
C SER C 355 -61.41 69.54 50.91
N ILE C 356 -62.41 70.42 50.88
CA ILE C 356 -62.61 71.23 49.69
C ILE C 356 -61.51 72.29 49.57
N MET C 357 -60.95 72.76 50.69
CA MET C 357 -59.81 73.66 50.63
C MET C 357 -58.54 72.93 50.18
N TYR C 358 -58.41 71.66 50.57
CA TYR C 358 -57.35 70.78 50.08
C TYR C 358 -57.41 70.65 48.56
N PHE C 359 -58.60 70.35 48.03
CA PHE C 359 -58.73 70.25 46.58
C PHE C 359 -58.63 71.60 45.88
N LEU C 360 -58.97 72.68 46.58
CA LEU C 360 -58.84 74.00 46.00
C LEU C 360 -57.38 74.41 45.90
N ILE C 361 -56.55 73.94 46.84
CA ILE C 361 -55.12 74.21 46.74
C ILE C 361 -54.49 73.36 45.64
N ILE C 362 -54.76 72.05 45.65
CA ILE C 362 -54.02 71.15 44.78
C ILE C 362 -54.51 71.23 43.34
N LEU C 363 -55.81 71.36 43.13
CA LEU C 363 -56.34 71.42 41.77
C LEU C 363 -56.02 72.75 41.09
N VAL C 364 -56.38 73.86 41.71
CA VAL C 364 -56.48 75.15 41.04
C VAL C 364 -55.38 76.10 41.47
N MET C 365 -55.14 76.23 42.77
CA MET C 365 -54.29 77.30 43.26
C MET C 365 -52.80 77.06 43.03
N MET C 366 -52.36 75.81 42.87
CA MET C 366 -50.94 75.59 42.59
C MET C 366 -50.53 76.11 41.21
N PRO C 367 -51.17 75.75 40.08
CA PRO C 367 -50.70 76.30 38.80
C PRO C 367 -50.98 77.79 38.66
N VAL C 368 -52.13 78.27 39.14
CA VAL C 368 -52.45 79.68 38.99
C VAL C 368 -51.56 80.54 39.88
N ALA C 369 -51.30 80.08 41.11
CA ALA C 369 -50.41 80.79 42.01
C ALA C 369 -48.98 80.81 41.46
N SER C 370 -48.49 79.65 40.99
CA SER C 370 -47.13 79.61 40.47
C SER C 370 -47.00 80.33 39.14
N ILE C 371 -48.07 80.46 38.35
CA ILE C 371 -47.95 81.22 37.12
C ILE C 371 -48.03 82.71 37.40
N ILE C 372 -48.66 83.12 38.51
CA ILE C 372 -48.50 84.50 38.97
C ILE C 372 -47.07 84.73 39.47
N GLU C 373 -46.45 83.69 40.05
CA GLU C 373 -45.05 83.80 40.45
C GLU C 373 -44.12 83.93 39.24
N ASN C 374 -44.43 83.19 38.17
CA ASN C 374 -43.69 83.34 36.92
C ASN C 374 -43.91 84.73 36.31
N ASN C 375 -45.17 85.20 36.33
CA ASN C 375 -45.52 86.47 35.72
C ASN C 375 -44.91 87.64 36.49
N LEU C 376 -44.64 87.47 37.78
CA LEU C 376 -44.18 88.59 38.58
C LEU C 376 -42.69 88.87 38.39
N LEU C 377 -41.91 87.89 37.92
CA LEU C 377 -40.47 88.06 37.81
C LEU C 377 -40.03 88.72 36.50
N LYS C 378 -40.93 89.51 35.89
CA LYS C 378 -40.70 90.21 34.62
C LYS C 378 -40.37 89.24 33.50
N TRP C 379 -41.02 88.09 33.49
CA TRP C 379 -40.80 87.10 32.45
C TRP C 379 -42.09 86.89 31.67
N SER D 1 -76.89 58.28 78.44
CA SER D 1 -75.80 59.20 78.69
C SER D 1 -75.00 59.46 77.42
N ASP D 2 -74.03 58.57 77.17
CA ASP D 2 -73.06 58.67 76.08
C ASP D 2 -72.26 59.97 76.12
N LEU D 3 -72.01 60.47 77.33
CA LEU D 3 -71.03 61.51 77.61
C LEU D 3 -69.99 60.83 78.49
N GLU D 4 -68.92 60.35 77.87
CA GLU D 4 -67.91 59.61 78.60
C GLU D 4 -67.11 60.54 79.52
N LEU D 5 -66.90 60.09 80.74
CA LEU D 5 -66.23 60.89 81.76
C LEU D 5 -64.72 60.82 81.57
N HIS D 6 -64.06 61.95 81.82
CA HIS D 6 -62.59 61.98 81.74
C HIS D 6 -61.99 61.17 82.89
N PRO D 7 -61.07 60.26 82.62
CA PRO D 7 -60.32 59.63 83.71
C PRO D 7 -59.13 60.48 84.11
N PRO D 8 -59.01 60.83 85.38
CA PRO D 8 -57.81 61.53 85.84
C PRO D 8 -56.69 60.56 86.17
N SER D 9 -55.48 60.84 85.69
CA SER D 9 -54.36 59.93 85.90
C SER D 9 -53.83 60.04 87.32
N TYR D 10 -53.36 58.91 87.85
CA TYR D 10 -52.89 58.82 89.21
C TYR D 10 -51.42 58.46 89.23
N PRO D 11 -50.65 58.95 90.22
CA PRO D 11 -49.21 58.71 90.24
C PRO D 11 -48.81 57.29 90.63
N TRP D 12 -48.73 56.39 89.64
CA TRP D 12 -48.24 55.04 89.90
C TRP D 12 -46.76 55.05 90.27
N SER D 13 -46.34 53.92 90.83
CA SER D 13 -44.92 53.63 91.05
C SER D 13 -44.29 52.92 89.85
N HIS D 14 -45.06 52.64 88.81
CA HIS D 14 -44.53 52.07 87.57
C HIS D 14 -44.82 52.98 86.37
N ARG D 15 -45.11 54.25 86.62
CA ARG D 15 -45.66 55.12 85.58
C ARG D 15 -44.57 55.71 84.69
N GLY D 16 -43.43 56.06 85.27
CA GLY D 16 -42.42 56.85 84.57
C GLY D 16 -41.63 56.08 83.53
N LEU D 17 -40.57 56.73 83.04
CA LEU D 17 -39.68 56.11 82.08
C LEU D 17 -38.87 54.98 82.72
N LEU D 18 -38.46 55.18 83.97
CA LEU D 18 -37.72 54.15 84.72
C LEU D 18 -38.38 53.95 86.07
N SER D 19 -39.69 53.71 86.05
CA SER D 19 -40.45 53.32 87.21
C SER D 19 -40.92 51.89 87.01
N SER D 20 -40.55 51.00 87.93
CA SER D 20 -40.75 49.56 87.80
C SER D 20 -42.02 49.10 88.52
N LEU D 21 -42.48 47.90 88.14
CA LEU D 21 -43.65 47.30 88.77
C LEU D 21 -43.31 46.74 90.15
N ASP D 22 -44.33 46.15 90.78
CA ASP D 22 -44.22 45.58 92.12
C ASP D 22 -44.67 44.12 92.02
N HIS D 23 -43.69 43.21 91.97
CA HIS D 23 -44.00 41.79 91.88
C HIS D 23 -44.69 41.27 93.13
N THR D 24 -44.40 41.88 94.29
CA THR D 24 -45.12 41.58 95.51
C THR D 24 -46.60 41.95 95.37
N SER D 25 -46.87 43.08 94.74
CA SER D 25 -48.26 43.46 94.48
C SER D 25 -48.92 42.57 93.46
N ILE D 26 -48.14 42.04 92.50
CA ILE D 26 -48.68 41.06 91.55
C ILE D 26 -49.09 39.79 92.27
N ARG D 27 -48.27 39.34 93.24
CA ARG D 27 -48.61 38.20 94.09
C ARG D 27 -49.88 38.47 94.91
N ARG D 28 -49.99 39.68 95.48
CA ARG D 28 -51.16 40.05 96.26
C ARG D 28 -52.42 40.03 95.41
N GLY D 29 -52.38 40.71 94.26
CA GLY D 29 -53.54 40.76 93.39
C GLY D 29 -53.90 39.42 92.77
N PHE D 30 -52.91 38.55 92.56
CA PHE D 30 -53.21 37.20 92.11
C PHE D 30 -53.96 36.42 93.16
N GLN D 31 -53.51 36.50 94.42
CA GLN D 31 -54.23 35.80 95.48
C GLN D 31 -55.62 36.41 95.70
N VAL D 32 -55.77 37.71 95.49
CA VAL D 32 -57.06 38.36 95.65
C VAL D 32 -58.01 37.96 94.54
N TYR D 33 -57.51 37.88 93.30
CA TYR D 33 -58.32 37.34 92.20
C TYR D 33 -58.68 35.88 92.43
N LYS D 34 -57.77 35.12 93.03
CA LYS D 34 -58.02 33.70 93.26
C LYS D 34 -59.03 33.49 94.37
N GLN D 35 -59.10 34.40 95.34
CA GLN D 35 -60.02 34.21 96.46
C GLN D 35 -61.46 34.54 96.08
N VAL D 36 -61.70 35.68 95.43
CA VAL D 36 -63.07 36.11 95.14
C VAL D 36 -63.28 36.38 93.66
N CYS D 37 -62.41 37.21 93.07
CA CYS D 37 -62.67 37.86 91.78
C CYS D 37 -62.70 36.91 90.59
N SER D 38 -62.31 35.65 90.74
CA SER D 38 -62.36 34.72 89.63
C SER D 38 -63.75 34.18 89.36
N SER D 39 -64.74 34.55 90.17
CA SER D 39 -66.04 33.89 90.10
C SER D 39 -66.89 34.36 88.93
N CYS D 40 -66.54 35.48 88.30
CA CYS D 40 -67.29 35.91 87.13
C CYS D 40 -66.35 36.13 85.96
N HIS D 41 -65.14 36.58 86.27
CA HIS D 41 -64.15 36.86 85.25
C HIS D 41 -63.24 35.65 85.02
N SER D 42 -62.67 35.60 83.83
CA SER D 42 -61.65 34.62 83.50
C SER D 42 -60.40 35.34 83.01
N MET D 43 -59.28 34.63 83.07
CA MET D 43 -58.00 35.13 82.58
C MET D 43 -57.34 34.01 81.79
N ASP D 44 -58.10 33.49 80.81
CA ASP D 44 -57.88 32.19 80.19
C ASP D 44 -56.52 32.04 79.51
N TYR D 45 -55.86 33.14 79.16
CA TYR D 45 -54.59 33.08 78.46
C TYR D 45 -53.39 32.96 79.41
N VAL D 46 -53.63 32.82 80.71
CA VAL D 46 -52.59 32.68 81.71
C VAL D 46 -52.90 31.44 82.53
N ALA D 47 -52.06 30.42 82.42
CA ALA D 47 -52.14 29.26 83.28
C ALA D 47 -51.32 29.49 84.54
N TYR D 48 -51.27 28.47 85.39
CA TYR D 48 -50.46 28.56 86.61
C TYR D 48 -48.98 28.49 86.29
N ARG D 49 -48.60 27.85 85.17
CA ARG D 49 -47.20 27.64 84.84
C ARG D 49 -46.50 28.89 84.31
N HIS D 50 -47.21 30.01 84.14
CA HIS D 50 -46.52 31.25 83.87
C HIS D 50 -45.87 31.82 85.12
N LEU D 51 -46.37 31.43 86.31
CA LEU D 51 -45.87 31.91 87.58
C LEU D 51 -44.78 31.02 88.15
N VAL D 52 -43.98 30.37 87.30
CA VAL D 52 -42.88 29.54 87.79
C VAL D 52 -41.79 30.42 88.39
N GLY D 53 -41.43 31.50 87.71
CA GLY D 53 -40.35 32.34 88.18
C GLY D 53 -40.69 33.80 88.34
N VAL D 54 -41.98 34.11 88.37
CA VAL D 54 -42.41 35.51 88.51
C VAL D 54 -42.21 35.97 89.95
N CYS D 55 -42.88 35.33 90.88
CA CYS D 55 -42.71 35.63 92.30
C CYS D 55 -42.60 34.41 93.19
N TYR D 56 -43.09 33.25 92.76
CA TYR D 56 -43.01 32.02 93.53
C TYR D 56 -41.82 31.20 93.07
N THR D 57 -41.58 30.09 93.75
CA THR D 57 -40.77 29.02 93.20
C THR D 57 -41.71 28.04 92.52
N GLU D 58 -41.24 26.83 92.19
CA GLU D 58 -42.15 25.81 91.69
C GLU D 58 -43.04 25.27 92.80
N ASP D 59 -42.63 25.42 94.07
CA ASP D 59 -43.31 24.81 95.20
C ASP D 59 -44.70 25.39 95.41
N GLU D 60 -44.77 26.70 95.70
CA GLU D 60 -46.06 27.35 95.86
C GLU D 60 -46.81 27.46 94.55
N ALA D 61 -46.11 27.37 93.41
CA ALA D 61 -46.78 27.20 92.13
C ALA D 61 -47.56 25.88 92.10
N LYS D 62 -46.93 24.79 92.57
CA LYS D 62 -47.65 23.52 92.66
C LYS D 62 -48.73 23.55 93.72
N ALA D 63 -48.56 24.36 94.76
CA ALA D 63 -49.62 24.53 95.76
C ALA D 63 -50.84 25.20 95.15
N LEU D 64 -50.64 26.32 94.47
CA LEU D 64 -51.72 27.04 93.80
C LEU D 64 -52.29 26.26 92.63
N ALA D 65 -51.52 25.36 92.03
CA ALA D 65 -52.03 24.59 90.91
C ALA D 65 -52.71 23.29 91.33
N GLU D 66 -52.41 22.77 92.52
CA GLU D 66 -53.04 21.53 92.96
C GLU D 66 -54.13 21.73 93.99
N GLU D 67 -54.21 22.90 94.63
CA GLU D 67 -55.42 23.20 95.40
C GLU D 67 -56.61 23.33 94.47
N VAL D 68 -56.47 24.11 93.41
CA VAL D 68 -57.49 24.18 92.38
C VAL D 68 -57.39 22.92 91.53
N GLU D 69 -58.52 22.26 91.31
CA GLU D 69 -58.57 20.96 90.65
C GLU D 69 -59.59 21.03 89.53
N VAL D 70 -59.19 20.69 88.30
CA VAL D 70 -60.06 20.96 87.16
C VAL D 70 -60.43 19.71 86.37
N GLN D 71 -59.46 19.07 85.72
CA GLN D 71 -59.82 18.11 84.68
C GLN D 71 -58.62 17.27 84.27
N ASP D 72 -58.84 15.98 84.06
CA ASP D 72 -57.89 15.10 83.40
C ASP D 72 -58.34 14.86 81.97
N GLY D 73 -57.40 14.52 81.11
CA GLY D 73 -57.70 14.20 79.73
C GLY D 73 -58.13 12.77 79.56
N PRO D 74 -58.11 12.27 78.31
CA PRO D 74 -58.48 10.87 78.07
C PRO D 74 -57.41 9.91 78.56
N ASN D 75 -57.64 9.29 79.71
CA ASN D 75 -56.72 8.29 80.25
C ASN D 75 -57.21 6.89 79.90
N GLU D 76 -57.24 6.64 78.58
CA GLU D 76 -57.70 5.38 77.96
C GLU D 76 -59.16 5.07 78.32
N ASP D 77 -59.93 6.11 78.63
CA ASP D 77 -61.36 6.01 78.89
C ASP D 77 -62.08 7.01 78.01
N GLY D 78 -61.45 8.17 77.79
CA GLY D 78 -62.01 9.22 76.97
C GLY D 78 -63.25 9.87 77.56
N GLU D 79 -63.24 10.13 78.87
CA GLU D 79 -64.43 10.65 79.55
C GLU D 79 -64.18 11.88 80.39
N MET D 80 -62.94 12.41 80.41
CA MET D 80 -62.61 13.77 80.90
C MET D 80 -62.94 13.96 82.38
N PHE D 81 -62.36 13.10 83.22
CA PHE D 81 -62.58 13.14 84.66
C PHE D 81 -61.64 14.16 85.29
N MET D 82 -61.52 14.13 86.62
CA MET D 82 -60.87 15.17 87.38
C MET D 82 -59.36 15.00 87.47
N ARG D 83 -58.67 16.12 87.68
CA ARG D 83 -57.24 16.16 87.97
C ARG D 83 -56.95 17.48 88.67
N PRO D 84 -56.00 17.50 89.63
CA PRO D 84 -55.55 18.79 90.17
C PRO D 84 -54.87 19.67 89.14
N GLY D 85 -53.92 19.10 88.41
CA GLY D 85 -53.19 19.85 87.41
C GLY D 85 -51.86 20.35 87.92
N LYS D 86 -50.78 19.72 87.45
CA LYS D 86 -49.45 20.09 87.92
C LYS D 86 -49.04 21.44 87.37
N LEU D 87 -48.90 21.54 86.05
CA LEU D 87 -48.69 22.82 85.38
C LEU D 87 -49.48 22.98 84.10
N SER D 88 -50.05 21.90 83.55
CA SER D 88 -50.60 21.95 82.21
C SER D 88 -51.95 22.65 82.17
N ASP D 89 -52.72 22.58 83.25
CA ASP D 89 -54.07 23.12 83.24
C ASP D 89 -54.06 24.65 83.23
N TYR D 90 -54.95 25.22 82.43
CA TYR D 90 -55.19 26.65 82.40
C TYR D 90 -56.15 27.03 83.52
N PHE D 91 -56.51 28.29 83.58
CA PHE D 91 -57.45 28.71 84.60
C PHE D 91 -58.86 28.29 84.19
N PRO D 92 -59.63 27.66 85.07
CA PRO D 92 -60.91 27.08 84.65
C PRO D 92 -61.95 28.16 84.39
N LYS D 93 -62.66 27.99 83.29
CA LYS D 93 -63.76 28.88 82.96
C LYS D 93 -64.94 28.54 83.85
N PRO D 94 -65.45 29.49 84.65
CA PRO D 94 -66.59 29.17 85.52
C PRO D 94 -67.87 28.89 84.76
N TYR D 95 -68.01 29.49 83.58
CA TYR D 95 -69.18 29.25 82.74
C TYR D 95 -68.68 29.14 81.31
N PRO D 96 -68.77 27.95 80.69
CA PRO D 96 -68.06 27.68 79.44
C PRO D 96 -68.57 28.46 78.24
N ASN D 97 -69.85 28.35 77.97
CA ASN D 97 -70.46 29.05 76.86
C ASN D 97 -70.68 30.52 77.22
N PRO D 98 -70.83 31.39 76.21
CA PRO D 98 -71.27 32.76 76.50
C PRO D 98 -72.65 32.81 77.13
N GLU D 99 -73.58 31.98 76.65
CA GLU D 99 -74.89 31.92 77.26
C GLU D 99 -74.85 31.25 78.64
N ALA D 100 -73.81 30.46 78.92
CA ALA D 100 -73.62 29.94 80.28
C ALA D 100 -73.31 31.05 81.25
N ALA D 101 -72.49 32.01 80.84
CA ALA D 101 -72.25 33.17 81.68
C ALA D 101 -73.43 34.12 81.67
N ARG D 102 -74.20 34.14 80.59
CA ARG D 102 -75.43 34.91 80.55
C ARG D 102 -76.57 34.27 81.32
N ALA D 103 -76.38 33.05 81.81
CA ALA D 103 -77.43 32.40 82.59
C ALA D 103 -77.42 32.87 84.05
N ALA D 104 -76.24 32.93 84.66
CA ALA D 104 -76.14 33.37 86.05
C ALA D 104 -76.17 34.90 86.13
N ASN D 105 -75.30 35.56 85.40
CA ASN D 105 -75.37 37.01 85.31
C ASN D 105 -76.57 37.40 84.44
N ASN D 106 -77.10 38.58 84.68
CA ASN D 106 -78.29 39.06 83.96
C ASN D 106 -77.85 39.46 82.55
N GLY D 107 -77.77 38.45 81.68
CA GLY D 107 -76.98 38.60 80.47
C GLY D 107 -75.56 38.86 80.92
N ALA D 108 -75.04 40.04 80.56
CA ALA D 108 -73.95 40.73 81.27
C ALA D 108 -72.68 39.89 81.33
N LEU D 109 -72.10 39.66 80.16
CA LEU D 109 -70.86 38.91 80.05
C LEU D 109 -69.72 39.66 80.72
N PRO D 110 -69.00 39.06 81.67
CA PRO D 110 -67.76 39.65 82.15
C PRO D 110 -66.65 39.41 81.14
N PRO D 111 -66.04 40.46 80.61
CA PRO D 111 -64.98 40.26 79.62
C PRO D 111 -63.72 39.72 80.27
N ASP D 112 -63.05 38.81 79.55
CA ASP D 112 -61.92 38.10 80.13
C ASP D 112 -60.72 39.02 80.34
N LEU D 113 -60.02 38.80 81.45
CA LEU D 113 -59.06 39.75 81.99
C LEU D 113 -57.67 39.61 81.41
N SER D 114 -57.55 39.11 80.19
CA SER D 114 -56.31 39.16 79.44
C SER D 114 -55.89 40.60 79.14
N TYR D 115 -56.68 41.30 78.34
CA TYR D 115 -56.32 42.60 77.80
C TYR D 115 -57.35 43.67 78.15
N ILE D 116 -57.90 43.63 79.37
CA ILE D 116 -58.86 44.65 79.77
C ILE D 116 -58.16 45.97 80.01
N VAL D 117 -56.95 45.93 80.57
CA VAL D 117 -56.19 47.14 80.81
C VAL D 117 -55.75 47.78 79.51
N ARG D 118 -55.31 46.96 78.56
CA ARG D 118 -54.82 47.44 77.27
C ARG D 118 -55.93 47.62 76.23
N ALA D 119 -57.17 47.28 76.56
CA ALA D 119 -58.26 47.31 75.60
C ALA D 119 -59.15 48.54 75.73
N ARG D 120 -58.92 49.40 76.71
CA ARG D 120 -59.78 50.53 76.94
C ARG D 120 -58.96 51.81 76.91
N HIS D 121 -59.64 52.92 76.61
CA HIS D 121 -58.99 54.22 76.62
C HIS D 121 -58.70 54.63 78.06
N GLY D 122 -57.44 54.97 78.32
CA GLY D 122 -56.98 55.08 79.68
C GLY D 122 -56.46 53.74 80.16
N GLY D 123 -55.29 53.73 80.78
CA GLY D 123 -54.67 52.49 81.18
C GLY D 123 -55.21 51.95 82.49
N GLU D 124 -54.32 51.60 83.39
CA GLU D 124 -54.70 51.02 84.67
C GLU D 124 -55.14 52.05 85.70
N ASP D 125 -54.86 53.33 85.48
CA ASP D 125 -55.51 54.38 86.27
C ASP D 125 -57.01 54.41 86.04
N TYR D 126 -57.44 54.14 84.81
CA TYR D 126 -58.86 54.02 84.50
C TYR D 126 -59.50 52.88 85.28
N VAL D 127 -58.82 51.73 85.35
CA VAL D 127 -59.40 50.57 86.01
C VAL D 127 -59.40 50.78 87.53
N PHE D 128 -58.36 51.45 88.05
CA PHE D 128 -58.33 51.74 89.49
C PHE D 128 -59.39 52.75 89.88
N SER D 129 -59.58 53.80 89.07
CA SER D 129 -60.64 54.78 89.35
C SER D 129 -62.01 54.15 89.20
N LEU D 130 -62.17 53.20 88.27
CA LEU D 130 -63.41 52.46 88.10
C LEU D 130 -63.75 51.65 89.34
N LEU D 131 -62.79 50.83 89.79
CA LEU D 131 -63.02 49.95 90.93
C LEU D 131 -63.01 50.70 92.25
N THR D 132 -62.47 51.91 92.29
CA THR D 132 -62.35 52.63 93.54
C THR D 132 -63.51 53.59 93.73
N GLY D 133 -63.81 54.41 92.71
CA GLY D 133 -64.86 55.41 92.81
C GLY D 133 -66.25 54.97 92.40
N TYR D 134 -66.94 54.19 93.21
CA TYR D 134 -68.33 53.88 92.97
C TYR D 134 -69.24 54.95 93.57
N CYS D 135 -70.41 55.12 92.96
CA CYS D 135 -71.43 56.00 93.51
C CYS D 135 -72.80 55.54 93.01
N GLU D 136 -73.84 56.08 93.65
CA GLU D 136 -75.21 55.63 93.45
C GLU D 136 -75.76 56.16 92.14
N PRO D 137 -76.81 55.52 91.59
CA PRO D 137 -77.48 56.09 90.40
C PRO D 137 -78.37 57.27 90.77
N PRO D 138 -78.05 58.47 90.27
CA PRO D 138 -78.76 59.67 90.71
C PRO D 138 -80.22 59.73 90.28
N ARG D 139 -80.46 59.69 88.97
CA ARG D 139 -81.73 60.15 88.42
C ARG D 139 -82.36 59.15 87.44
N VAL D 140 -81.76 57.99 87.25
CA VAL D 140 -82.25 57.02 86.27
C VAL D 140 -82.73 55.80 87.04
N SER D 141 -84.05 55.70 87.24
CA SER D 141 -84.68 54.45 87.67
C SER D 141 -84.64 53.52 86.47
N LEU D 142 -83.62 52.66 86.41
CA LEU D 142 -83.26 52.02 85.15
C LEU D 142 -83.90 50.65 84.94
N ARG D 143 -83.51 49.65 85.73
CA ARG D 143 -84.20 48.36 85.69
C ARG D 143 -84.21 47.60 87.01
N GLU D 144 -83.53 48.10 88.06
CA GLU D 144 -83.21 47.36 89.30
C GLU D 144 -82.50 46.03 88.97
N GLY D 145 -81.64 46.08 87.96
CA GLY D 145 -80.82 44.94 87.61
C GLY D 145 -79.40 45.37 87.32
N LEU D 146 -79.20 46.67 87.19
CA LEU D 146 -77.89 47.23 86.91
C LEU D 146 -77.53 48.27 87.98
N TYR D 147 -76.23 48.49 88.11
CA TYR D 147 -75.67 49.33 89.15
C TYR D 147 -74.89 50.47 88.49
N PHE D 148 -74.84 51.62 89.15
CA PHE D 148 -74.30 52.81 88.53
C PHE D 148 -72.78 52.74 88.41
N ASN D 149 -72.26 53.39 87.38
CA ASN D 149 -70.82 53.31 87.17
C ASN D 149 -70.30 54.61 86.56
N PRO D 150 -69.48 55.39 87.28
CA PRO D 150 -69.06 56.71 86.78
C PRO D 150 -68.16 56.68 85.57
N TYR D 151 -67.09 55.89 85.61
CA TYR D 151 -66.12 55.81 84.53
C TYR D 151 -66.53 54.74 83.51
N PHE D 152 -67.72 54.92 82.93
CA PHE D 152 -68.28 53.87 82.10
C PHE D 152 -69.29 54.49 81.14
N PRO D 153 -69.35 54.04 79.89
CA PRO D 153 -70.39 54.56 78.98
C PRO D 153 -71.72 53.85 79.19
N GLY D 154 -72.76 54.63 79.41
CA GLY D 154 -74.06 54.10 79.79
C GLY D 154 -74.29 54.06 81.28
N GLN D 155 -73.21 53.90 82.05
CA GLN D 155 -73.18 54.08 83.50
C GLN D 155 -74.07 53.07 84.22
N ALA D 156 -74.13 51.86 83.69
CA ALA D 156 -74.98 50.80 84.24
C ALA D 156 -74.24 49.47 84.08
N ILE D 157 -73.56 49.04 85.13
CA ILE D 157 -72.82 47.79 85.11
C ILE D 157 -73.65 46.76 85.87
N GLY D 158 -73.40 45.48 85.59
CA GLY D 158 -74.07 44.42 86.29
C GLY D 158 -73.18 43.82 87.36
N MET D 159 -72.34 44.64 87.97
CA MET D 159 -71.32 44.16 88.90
C MET D 159 -71.48 44.87 90.22
N ALA D 160 -71.73 44.10 91.27
CA ALA D 160 -71.67 44.62 92.63
C ALA D 160 -70.22 44.89 92.99
N PRO D 161 -69.94 45.97 93.74
CA PRO D 161 -68.54 46.40 93.95
C PRO D 161 -67.77 45.43 94.82
N PRO D 162 -66.64 44.90 94.31
CA PRO D 162 -65.89 43.87 95.05
C PRO D 162 -64.89 44.41 96.05
N ILE D 163 -65.07 45.67 96.46
CA ILE D 163 -64.14 46.34 97.35
C ILE D 163 -64.65 46.29 98.78
N TYR D 164 -65.39 45.23 99.11
CA TYR D 164 -65.80 44.92 100.47
C TYR D 164 -64.63 44.94 101.44
N ASN D 165 -64.81 45.66 102.54
CA ASN D 165 -63.70 46.08 103.38
C ASN D 165 -63.35 44.94 104.33
N GLU D 166 -62.08 44.51 104.29
CA GLU D 166 -61.48 43.55 105.22
C GLU D 166 -62.17 42.18 105.17
N VAL D 167 -62.20 41.62 103.96
CA VAL D 167 -62.78 40.31 103.70
C VAL D 167 -61.80 39.33 103.10
N LEU D 168 -60.56 39.75 102.84
CA LEU D 168 -59.60 38.96 102.08
C LEU D 168 -58.35 38.58 102.89
N GLU D 169 -57.90 39.47 103.78
CA GLU D 169 -56.76 39.35 104.68
C GLU D 169 -55.50 38.78 104.03
N PHE D 170 -54.90 39.54 103.14
CA PHE D 170 -53.65 39.11 102.53
C PHE D 170 -52.51 39.17 103.55
N ASP D 171 -51.38 38.58 103.17
CA ASP D 171 -50.47 37.91 104.10
C ASP D 171 -49.57 38.84 104.92
N ASP D 172 -49.71 40.15 104.80
CA ASP D 172 -48.81 41.05 105.53
C ASP D 172 -49.37 41.40 106.91
N GLY D 173 -48.75 42.39 107.55
CA GLY D 173 -49.20 42.85 108.85
C GLY D 173 -50.26 43.93 108.80
N THR D 174 -50.45 44.57 107.64
CA THR D 174 -51.50 45.57 107.50
C THR D 174 -52.85 44.91 107.21
N PRO D 175 -53.94 45.52 107.64
CA PRO D 175 -55.27 45.01 107.28
C PRO D 175 -55.54 45.13 105.80
N ALA D 176 -56.45 44.30 105.32
CA ALA D 176 -56.84 44.30 103.90
C ALA D 176 -57.92 45.37 103.72
N THR D 177 -57.48 46.63 103.67
CA THR D 177 -58.38 47.74 103.50
C THR D 177 -58.84 47.83 102.04
N MET D 178 -59.64 48.84 101.73
CA MET D 178 -60.27 48.97 100.42
C MET D 178 -59.26 49.40 99.35
N SER D 179 -58.58 50.52 99.59
CA SER D 179 -57.74 51.13 98.56
C SER D 179 -56.49 50.30 98.30
N GLN D 180 -55.93 49.69 99.35
CA GLN D 180 -54.76 48.82 99.19
C GLN D 180 -55.07 47.64 98.29
N VAL D 181 -56.20 46.97 98.51
CA VAL D 181 -56.51 45.79 97.73
C VAL D 181 -56.92 46.18 96.31
N ALA D 182 -57.50 47.38 96.13
CA ALA D 182 -57.84 47.85 94.79
C ALA D 182 -56.58 48.14 93.98
N LYS D 183 -55.61 48.82 94.59
CA LYS D 183 -54.34 49.10 93.90
C LYS D 183 -53.58 47.83 93.61
N ASP D 184 -53.61 46.86 94.53
CA ASP D 184 -52.90 45.60 94.32
C ASP D 184 -53.50 44.79 93.18
N VAL D 185 -54.84 44.71 93.11
CA VAL D 185 -55.44 43.91 92.05
C VAL D 185 -55.33 44.62 90.70
N CYS D 186 -55.29 45.96 90.68
CA CYS D 186 -55.09 46.63 89.40
C CYS D 186 -53.65 46.54 88.92
N THR D 187 -52.67 46.51 89.86
CA THR D 187 -51.29 46.27 89.47
C THR D 187 -51.12 44.86 88.92
N PHE D 188 -51.80 43.89 89.54
CA PHE D 188 -51.85 42.53 89.00
C PHE D 188 -52.48 42.49 87.61
N LEU D 189 -53.49 43.31 87.36
CA LEU D 189 -54.08 43.30 86.02
C LEU D 189 -53.22 44.03 85.00
N ARG D 190 -52.39 44.98 85.43
CA ARG D 190 -51.39 45.52 84.53
C ARG D 190 -50.36 44.45 84.16
N TRP D 191 -50.01 43.60 85.14
CA TRP D 191 -49.14 42.47 84.82
C TRP D 191 -49.84 41.44 83.94
N ALA D 192 -51.16 41.30 84.09
CA ALA D 192 -51.91 40.38 83.23
C ALA D 192 -51.96 40.90 81.80
N ALA D 193 -52.09 42.22 81.63
CA ALA D 193 -52.12 42.80 80.30
C ALA D 193 -50.75 42.78 79.65
N GLU D 194 -49.78 43.42 80.26
CA GLU D 194 -48.45 43.36 79.67
C GLU D 194 -47.60 42.36 80.42
N PRO D 195 -46.97 41.41 79.73
CA PRO D 195 -46.23 40.35 80.45
C PRO D 195 -44.94 40.82 81.09
N GLU D 196 -44.14 41.64 80.41
CA GLU D 196 -42.75 41.85 80.78
C GLU D 196 -42.41 43.34 80.78
N HIS D 197 -43.21 44.12 81.51
CA HIS D 197 -43.02 45.57 81.61
C HIS D 197 -41.63 45.92 82.14
N ASP D 198 -41.20 45.24 83.19
CA ASP D 198 -39.92 45.55 83.81
C ASP D 198 -38.75 45.11 82.94
N HIS D 199 -38.89 43.98 82.25
CA HIS D 199 -37.84 43.58 81.31
C HIS D 199 -37.84 44.47 80.08
N ARG D 200 -39.01 45.01 79.71
CA ARG D 200 -39.10 45.97 78.62
C ARG D 200 -38.32 47.23 78.97
N LYS D 201 -38.52 47.77 80.16
CA LYS D 201 -37.74 48.94 80.58
C LYS D 201 -36.27 48.59 80.81
N ARG D 202 -35.95 47.34 81.13
CA ARG D 202 -34.56 46.94 81.25
C ARG D 202 -33.85 47.01 79.89
N MET D 203 -34.48 46.46 78.85
CA MET D 203 -33.91 46.60 77.51
C MET D 203 -33.96 48.04 77.03
N GLY D 204 -34.96 48.80 77.49
CA GLY D 204 -35.00 50.23 77.17
C GLY D 204 -33.82 50.99 77.75
N LEU D 205 -33.43 50.66 78.98
CA LEU D 205 -32.28 51.34 79.58
C LEU D 205 -30.96 50.86 78.99
N LYS D 206 -30.87 49.55 78.67
CA LYS D 206 -29.69 49.03 77.97
C LYS D 206 -29.50 49.71 76.63
N MET D 207 -30.58 49.90 75.88
CA MET D 207 -30.44 50.53 74.57
C MET D 207 -30.38 52.05 74.66
N LEU D 208 -30.85 52.65 75.76
CA LEU D 208 -30.49 54.04 76.03
C LEU D 208 -29.00 54.20 76.22
N LEU D 209 -28.36 53.27 76.94
CA LEU D 209 -26.91 53.36 77.10
C LEU D 209 -26.19 53.08 75.78
N MET D 210 -26.71 52.15 74.99
CA MET D 210 -26.27 51.93 73.60
C MET D 210 -26.27 53.22 72.79
N MET D 211 -27.45 53.84 72.66
CA MET D 211 -27.58 55.01 71.79
C MET D 211 -26.91 56.25 72.38
N GLY D 212 -26.78 56.30 73.71
CA GLY D 212 -26.02 57.37 74.31
C GLY D 212 -24.53 57.24 74.06
N LEU D 213 -24.05 56.01 73.88
CA LEU D 213 -22.64 55.85 73.55
C LEU D 213 -22.37 55.86 72.05
N LEU D 214 -23.36 55.54 71.22
CA LEU D 214 -23.12 55.38 69.78
C LEU D 214 -23.36 56.65 68.97
N LEU D 215 -24.22 57.54 69.42
CA LEU D 215 -24.49 58.78 68.68
C LEU D 215 -23.34 59.78 68.59
N PRO D 216 -22.43 59.92 69.57
CA PRO D 216 -21.20 60.71 69.26
C PRO D 216 -20.30 60.04 68.26
N LEU D 217 -20.25 58.71 68.23
CA LEU D 217 -19.29 57.99 67.40
C LEU D 217 -19.64 58.11 65.91
N VAL D 218 -20.87 57.75 65.55
CA VAL D 218 -21.25 57.70 64.14
C VAL D 218 -21.37 59.11 63.57
N TYR D 219 -21.91 60.04 64.35
CA TYR D 219 -21.97 61.43 63.93
C TYR D 219 -20.57 62.04 63.83
N ALA D 220 -19.65 61.60 64.69
CA ALA D 220 -18.27 62.04 64.58
C ALA D 220 -17.61 61.57 63.29
N MET D 221 -17.85 60.30 62.93
CA MET D 221 -17.30 59.79 61.68
C MET D 221 -17.94 60.47 60.46
N LYS D 222 -19.24 60.77 60.54
CA LYS D 222 -19.92 61.44 59.42
C LYS D 222 -19.40 62.87 59.25
N ARG D 223 -19.19 63.59 60.35
CA ARG D 223 -18.61 64.92 60.27
C ARG D 223 -17.17 64.87 59.78
N HIS D 224 -16.45 63.81 60.17
CA HIS D 224 -15.07 63.62 59.74
C HIS D 224 -14.97 63.40 58.24
N LYS D 225 -15.84 62.57 57.69
CA LYS D 225 -15.78 62.26 56.27
C LYS D 225 -16.57 63.21 55.40
N TRP D 226 -17.36 64.11 55.97
CA TRP D 226 -17.98 65.20 55.21
C TRP D 226 -17.27 66.54 55.37
N SER D 227 -16.28 66.65 56.26
CA SER D 227 -15.57 67.92 56.37
C SER D 227 -14.56 68.14 55.24
N VAL D 228 -14.31 67.11 54.41
CA VAL D 228 -13.53 67.31 53.20
C VAL D 228 -14.27 68.23 52.24
N LEU D 229 -15.58 68.00 52.07
CA LEU D 229 -16.38 68.88 51.24
C LEU D 229 -16.54 70.25 51.88
N LYS D 230 -16.49 70.33 53.21
CA LYS D 230 -16.59 71.61 53.89
C LYS D 230 -15.34 72.45 53.75
N SER D 231 -14.22 71.85 53.35
CA SER D 231 -12.96 72.58 53.28
C SER D 231 -12.53 72.92 51.87
N ARG D 232 -13.12 72.31 50.84
CA ARG D 232 -12.72 72.60 49.47
C ARG D 232 -13.28 73.95 49.06
N LYS D 233 -12.45 74.74 48.40
CA LYS D 233 -12.83 76.08 48.01
C LYS D 233 -12.44 76.35 46.56
N LEU D 234 -13.17 77.29 45.96
CA LEU D 234 -13.22 77.44 44.51
C LEU D 234 -12.39 78.63 44.05
N ALA D 235 -11.67 78.43 42.94
CA ALA D 235 -10.99 79.50 42.25
C ALA D 235 -11.33 79.43 40.77
N TYR D 236 -11.21 80.57 40.11
CA TYR D 236 -11.71 80.73 38.75
C TYR D 236 -10.56 81.16 37.85
N ARG D 237 -10.09 80.24 36.99
CA ARG D 237 -9.07 80.50 35.99
C ARG D 237 -9.70 80.44 34.60
N PRO D 238 -10.19 81.57 34.10
CA PRO D 238 -10.09 81.88 32.67
C PRO D 238 -8.92 82.80 32.41
N PRO D 239 -8.62 83.12 31.14
CA PRO D 239 -7.71 84.25 30.93
C PRO D 239 -8.30 85.59 31.34
N SER E 1 0.82 81.83 34.02
CA SER E 1 -0.51 81.42 34.44
C SER E 1 -0.50 80.69 35.78
N HIS E 2 0.09 79.50 35.78
CA HIS E 2 0.13 78.67 36.98
C HIS E 2 1.02 79.27 38.06
N THR E 3 1.96 80.13 37.69
CA THR E 3 2.78 80.82 38.67
C THR E 3 2.01 81.87 39.42
N ASP E 4 0.88 82.31 38.90
CA ASP E 4 0.01 83.24 39.62
C ASP E 4 -0.90 82.55 40.62
N ILE E 5 -0.91 81.22 40.65
CA ILE E 5 -1.80 80.45 41.52
C ILE E 5 -1.30 80.57 42.96
N LYS E 6 -2.11 81.19 43.82
CA LYS E 6 -1.81 81.34 45.23
C LYS E 6 -2.85 80.58 46.05
N VAL E 7 -2.39 79.61 46.83
CA VAL E 7 -3.29 78.71 47.54
C VAL E 7 -3.88 79.45 48.74
N PRO E 8 -5.19 79.39 48.97
CA PRO E 8 -5.77 79.94 50.20
C PRO E 8 -5.31 79.17 51.44
N ASP E 9 -5.54 79.78 52.61
CA ASP E 9 -5.07 79.23 53.87
C ASP E 9 -6.25 78.87 54.75
N PHE E 10 -6.09 77.84 55.58
CA PHE E 10 -7.21 77.18 56.23
C PHE E 10 -7.00 77.05 57.73
N SER E 11 -6.50 78.08 58.39
CA SER E 11 -6.26 77.99 59.83
C SER E 11 -7.54 78.09 60.65
N ASP E 12 -8.66 78.45 60.04
CA ASP E 12 -9.95 78.28 60.69
C ASP E 12 -10.34 76.81 60.82
N TYR E 13 -9.75 75.94 59.99
CA TYR E 13 -10.14 74.54 59.95
C TYR E 13 -9.09 73.60 60.54
N ARG E 14 -7.81 73.94 60.45
CA ARG E 14 -6.71 73.03 60.80
C ARG E 14 -6.73 72.63 62.27
N ARG E 15 -5.96 71.59 62.57
CA ARG E 15 -5.74 71.23 63.96
C ARG E 15 -4.75 72.20 64.60
N PRO E 16 -4.95 72.54 65.87
CA PRO E 16 -3.99 73.42 66.56
C PRO E 16 -2.64 72.78 66.82
N GLU E 17 -2.54 71.44 66.73
CA GLU E 17 -1.23 70.79 66.86
C GLU E 17 -0.35 71.08 65.65
N VAL E 18 -0.95 71.27 64.49
CA VAL E 18 -0.16 71.40 63.27
C VAL E 18 -0.38 72.81 62.75
N LEU E 19 -0.52 73.77 63.67
CA LEU E 19 -0.38 75.18 63.35
C LEU E 19 1.07 75.63 63.35
N ASP E 20 2.02 74.71 63.34
CA ASP E 20 3.44 75.02 63.35
C ASP E 20 3.98 74.70 61.95
N SER E 21 4.29 75.75 61.18
CA SER E 21 4.64 75.58 59.79
C SER E 21 6.04 74.98 59.62
N THR E 22 6.98 75.41 60.47
CA THR E 22 8.38 74.98 60.32
C THR E 22 8.57 73.52 60.72
N LYS E 23 8.05 73.14 61.88
CA LYS E 23 8.26 71.80 62.42
C LYS E 23 7.49 70.76 61.59
N SER E 24 8.21 69.82 60.99
CA SER E 24 7.63 68.93 60.01
C SER E 24 6.74 67.88 60.67
N SER E 25 5.84 67.32 59.85
CA SER E 25 4.75 66.48 60.35
C SER E 25 5.00 64.99 60.16
N LYS E 26 6.26 64.56 60.20
CA LYS E 26 6.61 63.15 60.30
C LYS E 26 6.52 62.61 61.72
N GLU E 27 6.07 63.43 62.66
CA GLU E 27 6.14 63.13 64.08
C GLU E 27 4.76 63.01 64.72
N SER E 28 3.88 63.99 64.48
CA SER E 28 2.52 63.98 65.02
C SER E 28 1.53 63.29 64.08
N SER E 29 2.02 62.45 63.17
CA SER E 29 1.14 61.78 62.22
C SER E 29 0.36 60.66 62.89
N GLU E 30 1.08 59.78 63.59
CA GLU E 30 0.45 58.64 64.27
C GLU E 30 -0.48 59.08 65.37
N ALA E 31 -0.28 60.28 65.93
CA ALA E 31 -1.23 60.83 66.89
C ALA E 31 -2.61 61.04 66.27
N ARG E 32 -2.65 61.72 65.12
CA ARG E 32 -3.90 61.96 64.41
C ARG E 32 -4.51 60.66 63.91
N LYS E 33 -3.66 59.76 63.42
CA LYS E 33 -4.13 58.49 62.88
C LYS E 33 -4.75 57.62 63.99
N GLY E 34 -4.06 57.49 65.12
CA GLY E 34 -4.57 56.71 66.22
C GLY E 34 -5.78 57.32 66.88
N PHE E 35 -5.87 58.66 66.89
CA PHE E 35 -7.05 59.36 67.38
C PHE E 35 -8.28 59.01 66.55
N SER E 36 -8.21 59.25 65.23
CA SER E 36 -9.38 58.99 64.39
C SER E 36 -9.67 57.50 64.27
N TYR E 37 -8.64 56.66 64.25
CA TYR E 37 -8.88 55.22 64.13
C TYR E 37 -9.39 54.64 65.44
N LEU E 38 -9.06 55.26 66.58
CA LEU E 38 -9.66 54.84 67.84
C LEU E 38 -11.13 55.22 67.88
N ILE E 39 -11.49 56.38 67.31
CA ILE E 39 -12.91 56.75 67.23
C ILE E 39 -13.69 55.78 66.35
N THR E 40 -13.13 55.46 65.17
CA THR E 40 -13.80 54.51 64.29
C THR E 40 -13.82 53.09 64.88
N ALA E 41 -12.79 52.73 65.65
CA ALA E 41 -12.75 51.43 66.30
C ALA E 41 -13.80 51.33 67.38
N THR E 42 -13.98 52.38 68.18
CA THR E 42 -15.02 52.40 69.20
C THR E 42 -16.40 52.32 68.56
N THR E 43 -16.57 53.01 67.43
CA THR E 43 -17.81 52.94 66.65
C THR E 43 -18.12 51.51 66.20
N THR E 44 -17.12 50.85 65.60
CA THR E 44 -17.32 49.51 65.07
C THR E 44 -17.52 48.48 66.18
N VAL E 45 -16.85 48.68 67.33
CA VAL E 45 -17.05 47.81 68.49
C VAL E 45 -18.48 47.90 69.00
N GLY E 46 -19.02 49.13 69.12
CA GLY E 46 -20.40 49.29 69.56
C GLY E 46 -21.41 48.71 68.57
N VAL E 47 -21.17 48.92 67.27
CA VAL E 47 -22.09 48.39 66.26
C VAL E 47 -22.03 46.86 66.21
N ALA E 48 -20.83 46.28 66.39
CA ALA E 48 -20.69 44.83 66.38
C ALA E 48 -21.35 44.22 67.61
N TYR E 49 -21.28 44.89 68.76
CA TYR E 49 -21.91 44.35 69.94
C TYR E 49 -23.43 44.46 69.87
N ALA E 50 -23.94 45.56 69.30
CA ALA E 50 -25.38 45.65 69.04
C ALA E 50 -25.82 44.58 68.04
N ALA E 51 -24.97 44.27 67.06
CA ALA E 51 -25.29 43.25 66.07
C ALA E 51 -25.37 41.87 66.70
N LYS E 52 -24.43 41.54 67.59
CA LYS E 52 -24.50 40.23 68.23
C LYS E 52 -25.60 40.14 69.27
N ASN E 53 -26.03 41.28 69.86
CA ASN E 53 -27.24 41.24 70.67
C ASN E 53 -28.49 40.98 69.83
N VAL E 54 -28.56 41.56 68.63
CA VAL E 54 -29.70 41.32 67.74
C VAL E 54 -29.73 39.86 67.27
N VAL E 55 -28.55 39.31 66.95
CA VAL E 55 -28.47 37.89 66.60
C VAL E 55 -28.83 37.01 67.79
N SER E 56 -28.47 37.42 69.01
CA SER E 56 -28.88 36.72 70.22
C SER E 56 -30.39 36.72 70.38
N GLN E 57 -31.02 37.88 70.11
CA GLN E 57 -32.47 38.00 70.14
C GLN E 57 -33.14 37.03 69.18
N PHE E 58 -32.65 36.98 67.94
CA PHE E 58 -33.32 36.16 66.94
C PHE E 58 -33.07 34.66 67.14
N VAL E 59 -31.85 34.28 67.53
CA VAL E 59 -31.55 32.88 67.83
C VAL E 59 -32.36 32.39 69.03
N SER E 60 -32.40 33.18 70.11
CA SER E 60 -33.20 32.79 71.26
C SER E 60 -34.69 32.90 70.99
N SER E 61 -35.11 33.65 69.97
CA SER E 61 -36.51 33.67 69.60
C SER E 61 -36.92 32.41 68.86
N MET E 62 -36.07 31.91 67.97
CA MET E 62 -36.41 30.68 67.28
C MET E 62 -36.08 29.42 68.08
N SER E 63 -35.75 29.53 69.37
CA SER E 63 -35.23 28.38 70.09
C SER E 63 -36.35 27.47 70.60
N ALA E 64 -37.18 27.96 71.51
CA ALA E 64 -38.14 27.11 72.20
C ALA E 64 -39.26 27.96 72.79
N SER E 65 -40.36 27.30 73.09
CA SER E 65 -41.54 27.92 73.70
C SER E 65 -41.66 27.48 75.16
N ALA E 66 -42.75 27.89 75.79
CA ALA E 66 -42.98 27.57 77.19
C ALA E 66 -43.78 26.29 77.40
N ASP E 67 -44.61 25.91 76.44
CA ASP E 67 -45.33 24.64 76.54
C ASP E 67 -44.41 23.45 76.29
N VAL E 68 -43.26 23.69 75.65
CA VAL E 68 -42.21 22.69 75.55
C VAL E 68 -41.74 22.27 76.95
N LEU E 69 -41.61 23.23 77.85
CA LEU E 69 -41.24 22.97 79.23
C LEU E 69 -42.44 22.66 80.12
N ALA E 70 -43.55 22.22 79.52
CA ALA E 70 -44.73 21.75 80.25
C ALA E 70 -44.95 20.29 79.85
N MET E 71 -44.50 19.38 80.69
CA MET E 71 -44.59 17.94 80.42
C MET E 71 -44.81 17.20 81.74
N SER E 72 -45.11 15.91 81.63
CA SER E 72 -45.60 15.12 82.74
C SER E 72 -44.71 13.92 83.02
N LYS E 73 -44.78 13.45 84.27
CA LYS E 73 -44.20 12.20 84.73
C LYS E 73 -45.34 11.24 85.05
N ILE E 74 -45.08 9.93 84.95
CA ILE E 74 -46.19 9.00 84.84
C ILE E 74 -45.99 7.85 85.83
N GLU E 75 -47.10 7.15 86.13
CA GLU E 75 -47.08 5.90 86.90
C GLU E 75 -47.62 4.81 85.99
N ILE E 76 -46.71 4.05 85.38
CA ILE E 76 -47.08 2.99 84.45
C ILE E 76 -47.65 1.80 85.20
N LYS E 77 -48.86 1.38 84.81
CA LYS E 77 -49.45 0.13 85.28
C LYS E 77 -48.98 -1.02 84.40
N LEU E 78 -48.41 -2.04 85.04
CA LEU E 78 -47.62 -3.04 84.32
C LEU E 78 -48.44 -4.21 83.80
N SER E 79 -49.24 -4.84 84.67
CA SER E 79 -49.82 -6.16 84.39
C SER E 79 -51.00 -6.13 83.42
N ASP E 80 -51.31 -5.01 82.78
CA ASP E 80 -52.29 -4.98 81.69
C ASP E 80 -51.63 -5.14 80.33
N ILE E 81 -50.47 -5.81 80.28
CA ILE E 81 -49.70 -6.00 79.06
C ILE E 81 -49.59 -7.49 78.79
N PRO E 82 -49.78 -7.95 77.56
CA PRO E 82 -49.54 -9.36 77.24
C PRO E 82 -48.08 -9.73 77.44
N GLU E 83 -47.85 -10.87 78.08
CA GLU E 83 -46.48 -11.29 78.43
C GLU E 83 -45.80 -11.79 77.18
N GLY E 84 -44.92 -10.95 76.63
CA GLY E 84 -44.34 -11.16 75.32
C GLY E 84 -44.71 -10.03 74.40
N LYS E 85 -44.93 -8.84 74.96
CA LYS E 85 -45.38 -7.72 74.14
C LYS E 85 -44.94 -6.40 74.79
N ASN E 86 -44.69 -5.42 73.95
CA ASN E 86 -44.34 -4.06 74.33
C ASN E 86 -45.58 -3.17 74.23
N MET E 87 -45.64 -2.16 75.11
CA MET E 87 -46.75 -1.23 75.16
C MET E 87 -46.21 0.20 75.08
N ALA E 88 -46.89 1.02 74.28
CA ALA E 88 -46.48 2.39 74.02
C ALA E 88 -47.31 3.37 74.81
N PHE E 89 -46.65 4.39 75.35
CA PHE E 89 -47.28 5.46 76.12
C PHE E 89 -46.79 6.80 75.57
N LYS E 90 -47.28 7.89 76.17
CA LYS E 90 -46.92 9.23 75.73
C LYS E 90 -46.07 9.88 76.82
N TRP E 91 -44.78 10.02 76.55
CA TRP E 91 -43.86 10.79 77.39
C TRP E 91 -43.08 11.72 76.49
N ARG E 92 -43.15 13.03 76.76
CA ARG E 92 -42.57 14.11 75.95
C ARG E 92 -43.04 14.05 74.49
N GLY E 93 -44.24 13.55 74.26
CA GLY E 93 -44.70 13.32 72.90
C GLY E 93 -44.05 12.15 72.19
N LYS E 94 -43.21 11.37 72.87
CA LYS E 94 -42.57 10.17 72.36
C LYS E 94 -43.20 8.93 72.96
N PRO E 95 -43.25 7.84 72.21
CA PRO E 95 -43.79 6.59 72.78
C PRO E 95 -42.86 5.95 73.81
N LEU E 96 -43.23 6.06 75.08
CA LEU E 96 -42.59 5.31 76.14
C LEU E 96 -42.87 3.83 75.97
N PHE E 97 -41.82 3.04 75.80
CA PHE E 97 -41.96 1.60 75.66
C PHE E 97 -41.88 0.95 77.03
N VAL E 98 -42.84 0.07 77.33
CA VAL E 98 -42.77 -0.81 78.50
C VAL E 98 -43.07 -2.21 77.98
N ARG E 99 -42.07 -3.07 77.96
CA ARG E 99 -42.25 -4.41 77.43
C ARG E 99 -42.28 -5.42 78.56
N HIS E 100 -43.31 -6.28 78.53
CA HIS E 100 -43.38 -7.47 79.36
C HIS E 100 -42.80 -8.63 78.56
N ARG E 101 -41.70 -9.18 79.04
CA ARG E 101 -40.85 -10.10 78.29
C ARG E 101 -41.18 -11.55 78.63
N THR E 102 -40.57 -12.45 77.86
CA THR E 102 -40.64 -13.88 78.08
C THR E 102 -39.31 -14.39 78.60
N LYS E 103 -39.31 -15.64 79.07
CA LYS E 103 -38.06 -16.31 79.40
C LYS E 103 -37.23 -16.59 78.15
N LYS E 104 -37.91 -16.76 77.01
CA LYS E 104 -37.24 -16.96 75.72
C LYS E 104 -36.35 -15.78 75.36
N GLU E 105 -36.87 -14.56 75.55
CA GLU E 105 -36.07 -13.38 75.25
C GLU E 105 -35.01 -13.13 76.31
N ILE E 106 -35.22 -13.61 77.53
CA ILE E 106 -34.15 -13.58 78.53
C ILE E 106 -32.99 -14.48 78.09
N ASP E 107 -33.31 -15.65 77.53
CA ASP E 107 -32.28 -16.53 76.99
C ASP E 107 -31.57 -15.90 75.79
N GLN E 108 -32.34 -15.24 74.92
CA GLN E 108 -31.77 -14.58 73.74
C GLN E 108 -30.85 -13.43 74.12
N GLU E 109 -31.25 -12.62 75.12
CA GLU E 109 -30.42 -11.52 75.57
C GLU E 109 -29.22 -12.00 76.37
N ALA E 110 -29.37 -13.11 77.09
CA ALA E 110 -28.24 -13.67 77.81
C ALA E 110 -27.25 -14.34 76.87
N ALA E 111 -27.67 -14.71 75.66
CA ALA E 111 -26.77 -15.25 74.66
C ALA E 111 -26.06 -14.18 73.84
N VAL E 112 -26.25 -12.90 74.17
CA VAL E 112 -25.61 -11.82 73.44
C VAL E 112 -24.17 -11.67 73.92
N GLU E 113 -23.22 -11.73 73.00
CA GLU E 113 -21.82 -11.56 73.33
C GLU E 113 -21.53 -10.07 73.51
N VAL E 114 -20.49 -9.78 74.31
CA VAL E 114 -20.18 -8.41 74.70
C VAL E 114 -19.67 -7.59 73.51
N SER E 115 -18.65 -8.11 72.81
CA SER E 115 -18.07 -7.37 71.69
C SER E 115 -18.96 -7.36 70.46
N GLN E 116 -20.04 -8.17 70.43
CA GLN E 116 -21.07 -7.99 69.42
C GLN E 116 -21.82 -6.68 69.62
N LEU E 117 -21.88 -6.18 70.85
CA LEU E 117 -22.49 -4.90 71.16
C LEU E 117 -21.42 -3.81 71.05
N ARG E 118 -21.76 -2.70 70.40
CA ARG E 118 -20.89 -1.53 70.38
C ARG E 118 -21.35 -0.44 71.33
N ASP E 119 -22.54 -0.58 71.90
CA ASP E 119 -22.93 0.12 73.11
C ASP E 119 -22.90 -0.93 74.20
N PRO E 120 -21.71 -1.23 74.79
CA PRO E 120 -21.54 -2.49 75.53
C PRO E 120 -22.27 -2.54 76.86
N GLN E 121 -23.41 -3.24 76.85
CA GLN E 121 -24.28 -3.35 78.01
C GLN E 121 -24.93 -4.73 77.94
N HIS E 122 -24.46 -5.65 78.78
CA HIS E 122 -25.08 -6.96 78.79
C HIS E 122 -26.42 -6.89 79.52
N ASP E 123 -27.26 -7.90 79.28
CA ASP E 123 -28.61 -7.90 79.87
C ASP E 123 -28.55 -8.13 81.37
N LEU E 124 -27.57 -8.87 81.86
CA LEU E 124 -27.39 -9.03 83.31
C LEU E 124 -26.69 -7.85 83.96
N GLU E 125 -26.39 -6.80 83.21
CA GLU E 125 -25.93 -5.55 83.77
C GLU E 125 -27.06 -4.56 84.02
N ARG E 126 -28.25 -4.83 83.49
CA ARG E 126 -29.31 -3.82 83.35
C ARG E 126 -30.64 -4.33 83.88
N VAL E 127 -30.64 -4.86 85.10
CA VAL E 127 -31.87 -5.34 85.71
C VAL E 127 -32.00 -4.78 87.12
N LYS E 128 -33.25 -4.46 87.50
CA LYS E 128 -33.72 -4.46 88.88
C LYS E 128 -34.90 -5.40 89.06
N LYS E 129 -35.82 -5.42 88.09
CA LYS E 129 -36.80 -6.48 87.94
C LYS E 129 -36.65 -7.08 86.53
N PRO E 130 -36.35 -8.37 86.39
CA PRO E 130 -36.07 -8.93 85.07
C PRO E 130 -37.30 -9.12 84.18
N GLU E 131 -38.47 -9.28 84.77
CA GLU E 131 -39.70 -9.53 84.02
C GLU E 131 -40.48 -8.25 83.71
N TRP E 132 -39.83 -7.08 83.80
CA TRP E 132 -40.39 -5.83 83.28
C TRP E 132 -39.24 -5.01 82.73
N VAL E 133 -39.36 -4.53 81.49
CA VAL E 133 -38.33 -3.66 80.92
C VAL E 133 -38.97 -2.38 80.42
N ILE E 134 -38.27 -1.25 80.60
CA ILE E 134 -38.75 0.08 80.26
C ILE E 134 -37.72 0.75 79.36
N LEU E 135 -38.18 1.34 78.25
CA LEU E 135 -37.31 1.88 77.21
C LEU E 135 -37.95 3.14 76.63
N ILE E 136 -37.15 3.91 75.91
CA ILE E 136 -37.63 5.05 75.12
C ILE E 136 -37.50 4.67 73.65
N GLY E 137 -38.59 4.81 72.91
CA GLY E 137 -38.64 4.32 71.54
C GLY E 137 -38.20 5.28 70.46
N VAL E 138 -36.90 5.60 70.42
CA VAL E 138 -36.30 6.39 69.35
C VAL E 138 -35.02 5.67 68.91
N CYS E 139 -35.02 5.12 67.70
CA CYS E 139 -33.82 4.50 67.15
C CYS E 139 -32.73 5.54 66.93
N THR E 140 -31.53 5.25 67.44
CA THR E 140 -30.46 6.23 67.37
C THR E 140 -29.84 6.37 65.99
N HIS E 141 -30.29 5.61 64.99
CA HIS E 141 -29.85 5.89 63.64
C HIS E 141 -30.43 7.20 63.15
N LEU E 142 -31.76 7.25 62.94
CA LEU E 142 -32.39 8.47 62.46
C LEU E 142 -33.77 8.72 63.10
N GLY E 143 -34.06 8.11 64.24
CA GLY E 143 -35.30 8.42 64.94
C GLY E 143 -36.57 7.89 64.34
N CYS E 144 -36.76 6.58 64.35
CA CYS E 144 -38.04 5.98 64.01
C CYS E 144 -38.43 5.01 65.10
N VAL E 145 -39.72 4.70 65.16
CA VAL E 145 -40.26 3.78 66.16
C VAL E 145 -40.15 2.36 65.60
N PRO E 146 -39.44 1.46 66.28
CA PRO E 146 -39.29 0.09 65.77
C PRO E 146 -40.54 -0.76 65.90
N ILE E 147 -40.45 -2.00 65.44
CA ILE E 147 -41.59 -2.93 65.40
C ILE E 147 -41.36 -4.02 66.43
N ALA E 148 -42.27 -4.15 67.38
CA ALA E 148 -42.16 -5.22 68.38
C ALA E 148 -42.50 -6.56 67.75
N ASN E 149 -41.73 -7.58 68.13
CA ASN E 149 -41.87 -8.98 67.70
C ASN E 149 -41.80 -9.12 66.17
N ALA E 150 -40.66 -8.71 65.62
CA ALA E 150 -40.41 -8.80 64.19
C ALA E 150 -38.91 -8.91 63.96
N GLY E 151 -38.52 -8.90 62.68
CA GLY E 151 -37.12 -8.90 62.31
C GLY E 151 -36.49 -10.28 62.36
N ASP E 152 -35.24 -10.34 61.88
CA ASP E 152 -34.52 -11.60 61.82
C ASP E 152 -34.11 -12.08 63.22
N PHE E 153 -33.80 -11.15 64.11
CA PHE E 153 -33.50 -11.50 65.50
C PHE E 153 -34.74 -11.87 66.29
N GLY E 154 -35.93 -11.62 65.75
CA GLY E 154 -37.18 -11.95 66.40
C GLY E 154 -37.71 -10.89 67.34
N GLY E 155 -36.89 -9.96 67.77
CA GLY E 155 -37.33 -8.95 68.71
C GLY E 155 -37.77 -7.66 68.03
N TYR E 156 -37.00 -6.60 68.19
CA TYR E 156 -37.35 -5.33 67.61
C TYR E 156 -36.72 -5.17 66.23
N TYR E 157 -37.27 -4.24 65.45
CA TYR E 157 -36.81 -3.98 64.10
C TYR E 157 -37.27 -2.59 63.72
N CYS E 158 -36.31 -1.68 63.50
CA CYS E 158 -36.66 -0.31 63.13
C CYS E 158 -36.79 -0.23 61.62
N PRO E 159 -38.00 -0.08 61.07
CA PRO E 159 -38.22 -0.38 59.65
C PRO E 159 -37.80 0.71 58.68
N CYS E 160 -37.30 1.85 59.16
CA CYS E 160 -36.91 2.93 58.27
C CYS E 160 -35.69 2.55 57.44
N HIS E 161 -34.73 1.86 58.05
CA HIS E 161 -33.50 1.48 57.36
C HIS E 161 -33.08 0.05 57.66
N GLY E 162 -33.82 -0.67 58.49
CA GLY E 162 -33.42 -2.01 58.87
C GLY E 162 -32.36 -2.05 59.96
N SER E 163 -32.68 -1.51 61.13
CA SER E 163 -31.81 -1.66 62.29
C SER E 163 -32.02 -3.05 62.90
N HIS E 164 -30.96 -3.84 62.93
CA HIS E 164 -31.03 -5.21 63.43
C HIS E 164 -30.97 -5.18 64.95
N TYR E 165 -32.12 -4.88 65.55
CA TYR E 165 -32.26 -4.97 66.99
C TYR E 165 -32.58 -6.40 67.42
N ASP E 166 -32.03 -6.77 68.57
CA ASP E 166 -32.28 -8.06 69.20
C ASP E 166 -33.61 -8.07 69.95
N ALA E 167 -33.79 -9.02 70.88
CA ALA E 167 -35.03 -9.14 71.64
C ALA E 167 -35.34 -7.88 72.43
N SER E 168 -34.44 -7.47 73.31
CA SER E 168 -34.67 -6.24 74.08
C SER E 168 -34.42 -4.98 73.27
N GLY E 169 -33.93 -5.09 72.04
CA GLY E 169 -33.85 -3.97 71.13
C GLY E 169 -32.52 -3.28 71.05
N ARG E 170 -31.42 -3.96 71.34
CA ARG E 170 -30.10 -3.36 71.31
C ARG E 170 -29.38 -3.81 70.03
N ILE E 171 -28.52 -2.93 69.53
CA ILE E 171 -27.97 -3.08 68.19
C ILE E 171 -26.84 -4.11 68.21
N ARG E 172 -26.77 -4.92 67.15
CA ARG E 172 -25.70 -5.90 66.99
C ARG E 172 -24.76 -5.52 65.86
N LYS E 173 -25.30 -5.35 64.63
CA LYS E 173 -24.54 -4.83 63.51
C LYS E 173 -25.54 -4.11 62.61
N GLY E 174 -25.66 -2.79 62.80
CA GLY E 174 -26.61 -2.01 62.07
C GLY E 174 -26.28 -0.53 62.10
N PRO E 175 -27.18 0.29 61.53
CA PRO E 175 -26.92 1.73 61.47
C PRO E 175 -27.24 2.50 62.76
N ALA E 176 -27.61 1.81 63.84
CA ALA E 176 -27.88 2.47 65.11
C ALA E 176 -26.62 2.49 65.96
N PRO E 177 -26.06 3.66 66.25
CA PRO E 177 -24.84 3.68 67.09
C PRO E 177 -25.11 3.40 68.56
N LEU E 178 -26.16 3.98 69.15
CA LEU E 178 -26.47 3.81 70.56
C LEU E 178 -27.77 3.05 70.73
N ASN E 179 -27.97 2.55 71.96
CA ASN E 179 -29.21 1.87 72.32
C ASN E 179 -30.25 2.88 72.77
N LEU E 180 -31.32 2.40 73.40
CA LEU E 180 -32.42 3.28 73.74
C LEU E 180 -32.16 4.01 75.07
N GLU E 181 -32.83 5.15 75.22
CA GLU E 181 -32.83 5.86 76.49
C GLU E 181 -33.70 5.11 77.50
N VAL E 182 -33.33 5.19 78.78
CA VAL E 182 -34.15 4.68 79.87
C VAL E 182 -34.25 5.75 80.95
N PRO E 183 -35.45 6.25 81.26
CA PRO E 183 -35.59 7.27 82.31
C PRO E 183 -35.50 6.71 83.73
N SER E 184 -35.78 7.54 84.75
CA SER E 184 -35.72 7.06 86.12
C SER E 184 -36.95 6.21 86.40
N TYR E 185 -36.75 4.90 86.59
CA TYR E 185 -37.83 3.96 86.83
C TYR E 185 -37.73 3.43 88.25
N GLU E 186 -38.83 3.54 89.01
CA GLU E 186 -38.90 3.04 90.38
C GLU E 186 -40.08 2.08 90.45
N PHE E 187 -39.80 0.78 90.50
CA PHE E 187 -40.86 -0.21 90.63
C PHE E 187 -41.43 -0.14 92.04
N THR E 188 -42.75 -0.01 92.13
CA THR E 188 -43.46 -0.33 93.36
C THR E 188 -44.13 -1.68 93.12
N SER E 189 -43.76 -2.66 93.93
CA SER E 189 -44.06 -4.08 93.72
C SER E 189 -45.54 -4.44 93.90
N ASP E 190 -46.41 -3.44 94.08
CA ASP E 190 -47.85 -3.60 93.97
C ASP E 190 -48.32 -3.39 92.53
N ASP E 191 -47.45 -3.72 91.56
CA ASP E 191 -47.68 -3.64 90.13
C ASP E 191 -47.92 -2.19 89.69
N MET E 192 -46.93 -1.34 89.99
CA MET E 192 -46.80 -0.04 89.35
C MET E 192 -45.31 0.25 89.16
N VAL E 193 -45.02 1.21 88.29
CA VAL E 193 -43.66 1.74 88.25
C VAL E 193 -43.75 3.25 88.01
N ILE E 194 -43.16 4.03 88.92
CA ILE E 194 -43.10 5.48 88.77
C ILE E 194 -41.99 5.79 87.78
N VAL E 195 -42.37 6.34 86.63
CA VAL E 195 -41.43 6.87 85.64
C VAL E 195 -41.30 8.36 85.90
N GLY E 196 -40.14 8.75 86.44
CA GLY E 196 -39.81 10.12 86.75
C GLY E 196 -38.34 10.42 86.49
N LYS F 11 -44.46 102.71 41.81
CA LYS F 11 -45.54 101.85 41.38
C LYS F 11 -45.68 100.71 42.39
N TRP F 12 -46.92 100.26 42.59
CA TRP F 12 -47.18 99.23 43.60
C TRP F 12 -46.62 97.87 43.18
N LEU F 13 -46.88 97.46 41.94
CA LEU F 13 -46.42 96.16 41.49
C LEU F 13 -44.90 96.13 41.30
N GLU F 14 -44.28 97.26 40.97
CA GLU F 14 -42.82 97.26 40.85
C GLU F 14 -42.16 97.20 42.23
N GLY F 15 -42.79 97.79 43.24
CA GLY F 15 -42.31 97.60 44.60
C GLY F 15 -42.51 96.18 45.09
N ILE F 16 -43.60 95.53 44.65
CA ILE F 16 -43.80 94.10 44.90
C ILE F 16 -42.68 93.29 44.25
N ARG F 17 -42.28 93.67 43.03
CA ARG F 17 -41.19 92.99 42.34
C ARG F 17 -39.85 93.14 43.06
N LYS F 18 -39.55 94.35 43.58
CA LYS F 18 -38.30 94.54 44.31
C LYS F 18 -38.30 93.78 45.63
N TRP F 19 -39.42 93.83 46.36
CA TRP F 19 -39.58 93.06 47.59
C TRP F 19 -39.51 91.56 47.34
N TYR F 20 -39.99 91.12 46.18
CA TYR F 20 -40.00 89.72 45.85
C TYR F 20 -38.63 89.22 45.43
N TYR F 21 -37.85 90.05 44.73
CA TYR F 21 -36.47 89.67 44.43
C TYR F 21 -35.60 89.71 45.68
N ASN F 22 -35.94 90.55 46.64
CA ASN F 22 -35.23 90.52 47.91
C ASN F 22 -35.57 89.27 48.70
N ALA F 23 -36.84 88.85 48.67
CA ALA F 23 -37.26 87.67 49.42
C ALA F 23 -37.05 86.36 48.68
N ALA F 24 -36.63 86.40 47.41
CA ALA F 24 -36.44 85.16 46.66
C ALA F 24 -35.20 84.42 47.13
N GLY F 25 -34.11 85.15 47.34
CA GLY F 25 -32.98 84.63 48.09
C GLY F 25 -31.83 84.04 47.33
N PHE F 26 -31.62 84.44 46.07
CA PHE F 26 -30.42 84.03 45.36
C PHE F 26 -29.50 85.19 45.03
N ASN F 27 -29.91 86.44 45.29
CA ASN F 27 -28.93 87.50 45.50
C ASN F 27 -28.07 87.20 46.71
N LYS F 28 -28.66 86.55 47.72
CA LYS F 28 -27.89 85.95 48.80
C LYS F 28 -26.92 84.91 48.26
N LEU F 29 -27.38 84.08 47.33
CA LEU F 29 -26.59 82.98 46.82
C LEU F 29 -25.64 83.38 45.70
N GLY F 30 -25.75 84.60 45.20
CA GLY F 30 -24.88 85.01 44.11
C GLY F 30 -25.27 84.37 42.80
N LEU F 31 -26.52 84.55 42.38
CA LEU F 31 -27.03 84.01 41.13
C LEU F 31 -27.65 85.12 40.30
N MET F 32 -28.16 84.75 39.13
CA MET F 32 -28.77 85.74 38.22
C MET F 32 -30.08 85.24 37.63
N ARG F 33 -30.56 85.95 36.62
CA ARG F 33 -31.80 85.59 35.93
C ARG F 33 -31.66 84.24 35.23
N ASP F 34 -30.49 84.00 34.65
CA ASP F 34 -30.30 82.94 33.67
C ASP F 34 -29.74 81.67 34.30
N ASP F 35 -30.01 81.45 35.57
CA ASP F 35 -29.48 80.30 36.28
C ASP F 35 -30.56 79.52 37.01
N THR F 36 -31.81 79.97 36.97
CA THR F 36 -32.90 79.38 37.71
C THR F 36 -33.87 78.61 36.84
N ILE F 37 -33.49 78.32 35.61
CA ILE F 37 -34.44 77.83 34.61
C ILE F 37 -34.52 76.31 34.67
N HIS F 38 -35.75 75.80 34.59
CA HIS F 38 -35.94 74.36 34.51
C HIS F 38 -35.59 73.88 33.11
N GLU F 39 -35.02 72.69 33.03
CA GLU F 39 -34.61 72.12 31.76
C GLU F 39 -35.77 71.32 31.15
N ASN F 40 -36.38 71.87 30.11
CA ASN F 40 -37.07 71.06 29.12
C ASN F 40 -36.07 70.77 28.00
N ASP F 41 -36.54 70.31 26.84
CA ASP F 41 -35.63 70.14 25.71
C ASP F 41 -35.15 71.49 25.17
N ASP F 42 -36.06 72.45 25.06
CA ASP F 42 -35.73 73.71 24.42
C ASP F 42 -34.89 74.61 25.30
N VAL F 43 -35.02 74.51 26.62
CA VAL F 43 -34.11 75.23 27.51
C VAL F 43 -32.69 74.71 27.34
N LYS F 44 -32.53 73.38 27.23
CA LYS F 44 -31.23 72.79 26.99
C LYS F 44 -30.67 73.21 25.63
N GLU F 45 -31.54 73.35 24.64
CA GLU F 45 -31.10 73.81 23.33
C GLU F 45 -30.62 75.25 23.37
N ALA F 46 -31.33 76.11 24.11
CA ALA F 46 -30.87 77.48 24.27
C ALA F 46 -29.61 77.57 25.13
N ILE F 47 -29.36 76.59 26.01
CA ILE F 47 -28.10 76.58 26.75
C ILE F 47 -26.96 76.18 25.83
N ARG F 48 -27.21 75.25 24.89
CA ARG F 48 -26.20 74.93 23.89
C ARG F 48 -25.93 76.11 22.97
N ARG F 49 -26.95 76.94 22.72
CA ARG F 49 -26.78 78.17 21.96
C ARG F 49 -26.39 79.30 22.92
N LEU F 50 -25.15 79.28 23.37
CA LEU F 50 -24.67 80.35 24.25
C LEU F 50 -23.27 80.78 23.86
N PRO F 51 -22.91 82.04 24.15
CA PRO F 51 -21.52 82.47 23.97
C PRO F 51 -20.60 81.75 24.94
N GLU F 52 -19.30 81.81 24.64
CA GLU F 52 -18.33 81.02 25.40
C GLU F 52 -18.10 81.59 26.79
N ASN F 53 -17.90 82.91 26.88
CA ASN F 53 -17.62 83.56 28.16
C ASN F 53 -18.83 83.53 29.07
N LEU F 54 -20.03 83.71 28.51
CA LEU F 54 -21.25 83.61 29.31
C LEU F 54 -21.49 82.18 29.79
N TYR F 55 -21.16 81.18 28.97
CA TYR F 55 -21.36 79.80 29.39
C TYR F 55 -20.38 79.40 30.48
N ASN F 56 -19.14 79.90 30.40
CA ASN F 56 -18.16 79.61 31.44
C ASN F 56 -18.50 80.35 32.74
N ASP F 57 -18.99 81.58 32.64
CA ASP F 57 -19.51 82.27 33.82
C ASP F 57 -20.71 81.55 34.41
N ARG F 58 -21.55 80.94 33.55
CA ARG F 58 -22.72 80.23 34.05
C ARG F 58 -22.33 78.97 34.80
N VAL F 59 -21.37 78.21 34.28
CA VAL F 59 -20.97 77.01 35.02
C VAL F 59 -20.21 77.38 36.30
N PHE F 60 -19.50 78.52 36.31
CA PHE F 60 -18.83 78.90 37.55
C PHE F 60 -19.84 79.37 38.60
N ARG F 61 -20.87 80.10 38.19
CA ARG F 61 -21.91 80.51 39.15
C ARG F 61 -22.70 79.32 39.65
N ILE F 62 -22.95 78.33 38.78
CA ILE F 62 -23.61 77.10 39.21
C ILE F 62 -22.75 76.35 40.23
N LYS F 63 -21.44 76.28 39.99
CA LYS F 63 -20.57 75.55 40.91
C LYS F 63 -20.43 76.29 42.24
N ARG F 64 -20.43 77.62 42.21
CA ARG F 64 -20.44 78.39 43.46
C ARG F 64 -21.71 78.16 44.25
N ALA F 65 -22.88 78.22 43.59
CA ALA F 65 -24.13 78.03 44.29
C ALA F 65 -24.26 76.61 44.85
N LEU F 66 -23.75 75.62 44.12
CA LEU F 66 -23.74 74.24 44.60
C LEU F 66 -22.86 74.08 45.84
N ASP F 67 -21.62 74.61 45.80
CA ASP F 67 -20.74 74.47 46.95
C ASP F 67 -21.24 75.27 48.16
N LEU F 68 -21.85 76.43 47.93
CA LEU F 68 -22.41 77.20 49.03
C LEU F 68 -23.61 76.50 49.65
N SER F 69 -24.56 76.04 48.83
CA SER F 69 -25.73 75.38 49.38
C SER F 69 -25.41 74.03 49.98
N MET F 70 -24.30 73.41 49.57
CA MET F 70 -23.77 72.30 50.34
C MET F 70 -23.31 72.76 51.71
N ARG F 71 -22.42 73.76 51.74
CA ARG F 71 -21.93 74.24 53.02
C ARG F 71 -22.93 75.15 53.75
N GLN F 72 -24.07 75.46 53.11
CA GLN F 72 -25.20 76.17 53.72
C GLN F 72 -24.82 77.55 54.22
N GLN F 73 -23.83 78.16 53.58
CA GLN F 73 -23.34 79.47 53.92
C GLN F 73 -23.73 80.45 52.84
N ILE F 74 -24.14 81.65 53.25
CA ILE F 74 -24.49 82.73 52.33
C ILE F 74 -23.35 83.73 52.30
N LEU F 75 -22.90 84.08 51.10
CA LEU F 75 -21.87 85.10 50.94
C LEU F 75 -22.39 86.45 51.44
N PRO F 76 -21.53 87.26 52.07
CA PRO F 76 -22.01 88.45 52.79
C PRO F 76 -22.55 89.57 51.92
N LYS F 77 -22.90 90.68 52.58
CA LYS F 77 -23.65 91.79 51.99
C LYS F 77 -22.90 92.46 50.84
N GLU F 78 -21.57 92.39 50.84
CA GLU F 78 -20.76 93.05 49.82
C GLU F 78 -20.71 92.30 48.49
N GLN F 79 -21.33 91.12 48.39
CA GLN F 79 -21.20 90.29 47.20
C GLN F 79 -22.54 89.90 46.60
N TRP F 80 -23.59 90.65 46.90
CA TRP F 80 -24.93 90.28 46.47
C TRP F 80 -25.27 90.93 45.13
N THR F 81 -25.97 90.16 44.30
CA THR F 81 -26.34 90.63 42.96
C THR F 81 -27.51 91.59 43.07
N LYS F 82 -27.32 92.84 42.67
CA LYS F 82 -28.34 93.86 42.88
C LYS F 82 -29.45 93.73 41.85
N TYR F 83 -30.40 94.66 41.91
CA TYR F 83 -31.72 94.41 41.35
C TYR F 83 -31.80 94.70 39.85
N GLU F 84 -31.19 95.78 39.38
CA GLU F 84 -31.21 96.09 37.95
C GLU F 84 -29.82 96.34 37.40
N GLU F 85 -28.81 95.69 37.97
CA GLU F 85 -27.49 95.64 37.38
C GLU F 85 -27.32 94.41 36.48
N ASP F 86 -28.38 93.63 36.32
CA ASP F 86 -28.27 92.26 35.84
C ASP F 86 -28.01 92.22 34.34
N LYS F 87 -26.92 91.55 33.95
CA LYS F 87 -26.62 91.29 32.54
C LYS F 87 -27.33 90.01 32.11
N PHE F 88 -28.65 90.13 31.97
CA PHE F 88 -29.49 89.03 31.54
C PHE F 88 -29.19 88.66 30.08
N TYR F 89 -29.06 87.36 29.81
CA TYR F 89 -28.63 86.99 28.45
C TYR F 89 -29.34 85.82 27.80
N LEU F 90 -29.96 84.89 28.54
CA LEU F 90 -30.47 83.69 27.91
C LEU F 90 -31.81 83.91 27.21
N GLU F 91 -32.47 85.03 27.47
CA GLU F 91 -33.81 85.26 26.93
C GLU F 91 -33.90 85.43 25.39
N PRO F 92 -32.98 86.11 24.69
CA PRO F 92 -33.12 86.14 23.22
C PRO F 92 -32.95 84.79 22.54
N TYR F 93 -31.98 83.99 22.98
CA TYR F 93 -31.82 82.62 22.48
C TYR F 93 -33.06 81.79 22.75
N LEU F 94 -33.62 81.95 23.95
CA LEU F 94 -34.82 81.22 24.36
C LEU F 94 -36.02 81.61 23.50
N LYS F 95 -36.16 82.91 23.21
CA LYS F 95 -37.26 83.35 22.36
C LYS F 95 -37.10 82.87 20.93
N GLU F 96 -35.86 82.84 20.43
CA GLU F 96 -35.63 82.32 19.08
C GLU F 96 -35.95 80.82 19.01
N VAL F 97 -35.59 80.07 20.05
CA VAL F 97 -35.87 78.63 20.05
C VAL F 97 -37.38 78.38 20.16
N ILE F 98 -38.07 79.19 20.97
CA ILE F 98 -39.53 79.05 21.07
C ILE F 98 -40.20 79.39 19.74
N ARG F 99 -39.73 80.45 19.07
CA ARG F 99 -40.30 80.80 17.77
C ARG F 99 -40.05 79.72 16.72
N GLU F 100 -38.86 79.12 16.71
CA GLU F 100 -38.56 78.08 15.74
C GLU F 100 -39.34 76.80 16.04
N ARG F 101 -39.50 76.48 17.32
CA ARG F 101 -40.27 75.31 17.72
C ARG F 101 -41.75 75.48 17.37
N LYS F 102 -42.30 76.67 17.63
CA LYS F 102 -43.71 76.91 17.31
C LYS F 102 -43.92 77.03 15.81
N GLU F 103 -42.92 77.53 15.08
CA GLU F 103 -42.97 77.53 13.62
C GLU F 103 -43.05 76.11 13.08
N ARG F 104 -42.20 75.22 13.59
CA ARG F 104 -42.20 73.84 13.13
C ARG F 104 -43.50 73.12 13.48
N GLU F 105 -44.00 73.34 14.70
CA GLU F 105 -45.22 72.66 15.11
C GLU F 105 -46.44 73.19 14.36
N GLU F 106 -46.49 74.50 14.09
CA GLU F 106 -47.62 75.04 13.35
C GLU F 106 -47.53 74.68 11.87
N TRP F 107 -46.31 74.52 11.35
CA TRP F 107 -46.14 74.01 10.00
C TRP F 107 -46.59 72.57 9.88
N THR F 108 -46.49 71.81 10.96
CA THR F 108 -47.14 70.49 10.96
C THR F 108 -48.64 70.59 11.16
N LYS F 109 -49.13 71.63 11.85
CA LYS F 109 -50.57 71.78 12.07
C LYS F 109 -51.31 72.13 10.79
N LYS F 110 -50.69 72.94 9.93
CA LYS F 110 -51.36 73.41 8.72
C LYS F 110 -51.59 72.28 7.71
N GLY G 1 -26.52 62.23 33.73
CA GLY G 1 -27.32 61.05 33.96
C GLY G 1 -26.51 59.77 34.08
N ARG G 2 -25.56 59.59 33.16
CA ARG G 2 -24.76 58.38 33.10
C ARG G 2 -23.61 58.44 34.11
N GLN G 3 -22.63 57.56 33.97
CA GLN G 3 -21.43 57.58 34.80
C GLN G 3 -20.53 58.76 34.40
N PHE G 4 -19.35 58.83 35.00
CA PHE G 4 -18.43 59.93 34.75
C PHE G 4 -17.82 59.81 33.35
N GLY G 5 -17.19 60.88 32.91
CA GLY G 5 -16.38 60.88 31.70
C GLY G 5 -16.87 61.78 30.58
N HIS G 6 -18.15 62.13 30.55
CA HIS G 6 -18.74 62.80 29.40
C HIS G 6 -19.55 64.04 29.72
N LEU G 7 -19.73 64.39 31.00
CA LEU G 7 -20.96 65.03 31.46
C LEU G 7 -21.11 66.45 30.94
N THR G 8 -20.19 67.34 31.30
CA THR G 8 -20.24 68.71 30.80
C THR G 8 -18.84 69.26 30.60
N ARG G 9 -18.67 70.05 29.54
CA ARG G 9 -17.37 70.56 29.13
C ARG G 9 -17.10 71.86 29.87
N VAL G 10 -16.25 71.80 30.89
CA VAL G 10 -15.98 72.93 31.77
C VAL G 10 -14.47 73.20 31.79
N ARG G 11 -14.09 74.43 31.51
CA ARG G 11 -12.73 74.92 31.61
C ARG G 11 -12.65 75.90 32.77
N HIS G 12 -11.47 76.52 32.97
CA HIS G 12 -11.35 77.73 33.73
C HIS G 12 -11.69 77.53 35.21
N VAL G 13 -11.56 76.31 35.77
CA VAL G 13 -11.96 76.09 37.17
C VAL G 13 -10.84 75.41 37.95
N ILE G 14 -10.51 75.97 39.12
CA ILE G 14 -9.58 75.39 40.07
C ILE G 14 -10.34 75.05 41.35
N THR G 15 -10.09 73.88 41.92
CA THR G 15 -10.65 73.52 43.23
C THR G 15 -9.54 73.07 44.16
N TYR G 16 -9.47 73.73 45.33
CA TYR G 16 -8.53 73.40 46.39
C TYR G 16 -9.24 72.52 47.41
N SER G 17 -8.67 71.35 47.70
CA SER G 17 -9.21 70.44 48.71
C SER G 17 -8.11 70.07 49.69
N LEU G 18 -8.53 69.71 50.91
CA LEU G 18 -7.61 69.42 51.99
C LEU G 18 -7.84 68.02 52.52
N SER G 19 -6.75 67.33 52.88
CA SER G 19 -6.87 66.05 53.58
C SER G 19 -7.48 66.30 54.96
N PRO G 20 -8.44 65.47 55.39
CA PRO G 20 -9.19 65.78 56.62
C PRO G 20 -8.39 65.62 57.90
N PHE G 21 -7.24 64.94 57.86
CA PHE G 21 -6.49 64.76 59.10
C PHE G 21 -5.78 66.02 59.54
N GLU G 22 -5.51 66.95 58.64
CA GLU G 22 -4.99 68.25 59.07
C GLU G 22 -6.06 69.04 59.82
N GLN G 23 -7.33 68.83 59.52
CA GLN G 23 -8.37 69.70 60.03
C GLN G 23 -9.18 69.04 61.15
N ARG G 24 -9.68 69.88 62.05
CA ARG G 24 -10.51 69.46 63.16
C ARG G 24 -11.89 69.02 62.66
N ALA G 25 -12.58 68.26 63.52
CA ALA G 25 -13.90 67.77 63.15
C ALA G 25 -14.95 68.86 63.21
N PHE G 26 -15.00 69.62 64.31
CA PHE G 26 -16.04 70.59 64.58
C PHE G 26 -15.45 71.98 64.80
N PRO G 27 -15.11 72.71 63.74
CA PRO G 27 -14.56 74.06 63.92
C PRO G 27 -15.65 75.07 64.25
N HIS G 28 -15.60 75.59 65.48
CA HIS G 28 -16.50 76.64 65.99
C HIS G 28 -17.97 76.23 65.90
N TYR G 29 -18.30 75.15 66.59
CA TYR G 29 -19.67 74.64 66.54
C TYR G 29 -20.61 75.57 67.32
N PHE G 30 -20.19 76.05 68.47
CA PHE G 30 -21.05 76.82 69.35
C PHE G 30 -20.84 78.32 69.22
N SER G 31 -20.15 78.78 68.18
CA SER G 31 -19.91 80.21 68.01
C SER G 31 -20.15 80.72 66.60
N LYS G 32 -20.15 79.87 65.57
CA LYS G 32 -20.49 80.28 64.21
C LYS G 32 -21.67 79.51 63.64
N GLY G 33 -21.69 78.19 63.86
CA GLY G 33 -22.81 77.39 63.39
C GLY G 33 -24.09 77.66 64.12
N ILE G 34 -24.01 78.09 65.37
CA ILE G 34 -25.21 78.46 66.12
C ILE G 34 -25.80 79.77 65.58
N PRO G 35 -25.04 80.85 65.27
CA PRO G 35 -25.67 81.95 64.52
C PRO G 35 -26.13 81.58 63.12
N ASN G 36 -25.46 80.64 62.45
CA ASN G 36 -25.95 80.18 61.13
C ASN G 36 -27.31 79.51 61.25
N VAL G 37 -27.45 78.57 62.20
CA VAL G 37 -28.71 77.84 62.32
C VAL G 37 -29.80 78.74 62.91
N LEU G 38 -29.42 79.73 63.72
CA LEU G 38 -30.42 80.68 64.20
C LEU G 38 -30.91 81.59 63.08
N ARG G 39 -30.04 81.94 62.14
CA ARG G 39 -30.50 82.74 61.01
C ARG G 39 -31.38 81.92 60.07
N ARG G 40 -31.00 80.66 59.82
CA ARG G 40 -31.79 79.80 58.95
C ARG G 40 -33.14 79.47 59.58
N THR G 41 -33.19 79.34 60.90
CA THR G 41 -34.47 79.21 61.59
C THR G 41 -35.28 80.49 61.48
N ARG G 42 -34.63 81.63 61.74
CA ARG G 42 -35.29 82.93 61.81
C ARG G 42 -35.86 83.37 60.46
N ALA G 43 -35.30 82.87 59.36
CA ALA G 43 -35.83 83.23 58.05
C ALA G 43 -37.20 82.60 57.80
N CYS G 44 -37.31 81.28 57.97
CA CYS G 44 -38.42 80.53 57.38
C CYS G 44 -39.59 80.27 58.32
N ILE G 45 -39.37 80.24 59.64
CA ILE G 45 -40.44 79.80 60.55
C ILE G 45 -41.57 80.82 60.66
N LEU G 46 -41.30 82.08 60.36
CA LEU G 46 -42.36 83.09 60.28
C LEU G 46 -43.13 83.02 58.98
N ARG G 47 -42.77 82.10 58.09
CA ARG G 47 -43.55 81.74 56.91
C ARG G 47 -44.19 80.38 57.01
N VAL G 48 -43.57 79.47 57.75
CA VAL G 48 -44.03 78.08 57.84
C VAL G 48 -44.99 77.88 59.02
N ALA G 49 -44.61 78.38 60.20
CA ALA G 49 -45.48 78.30 61.36
C ALA G 49 -46.80 79.07 61.34
N PRO G 50 -46.99 80.21 60.64
CA PRO G 50 -48.32 80.88 60.70
C PRO G 50 -49.46 80.08 60.08
N PRO G 51 -49.24 79.13 59.16
CA PRO G 51 -50.30 78.13 58.96
C PRO G 51 -50.59 77.26 60.20
N PHE G 52 -49.59 76.96 61.02
CA PHE G 52 -49.84 76.12 62.19
C PHE G 52 -50.52 76.87 63.33
N VAL G 53 -50.36 78.20 63.41
CA VAL G 53 -51.14 78.92 64.40
C VAL G 53 -52.58 79.08 63.94
N VAL G 54 -52.82 79.04 62.63
CA VAL G 54 -54.18 78.87 62.12
C VAL G 54 -54.74 77.53 62.53
N PHE G 55 -53.91 76.47 62.44
CA PHE G 55 -54.32 75.14 62.92
C PHE G 55 -54.65 75.14 64.40
N TYR G 56 -53.84 75.83 65.20
CA TYR G 56 -54.07 75.83 66.64
C TYR G 56 -55.27 76.69 67.01
N LEU G 57 -55.56 77.75 66.26
CA LEU G 57 -56.78 78.50 66.49
C LEU G 57 -58.01 77.68 66.10
N VAL G 58 -57.91 76.89 65.03
CA VAL G 58 -59.00 75.99 64.66
C VAL G 58 -59.19 74.92 65.74
N TYR G 59 -58.08 74.42 66.28
CA TYR G 59 -58.08 73.49 67.40
C TYR G 59 -58.88 74.01 68.58
N THR G 60 -58.45 75.16 69.12
CA THR G 60 -59.10 75.72 70.32
C THR G 60 -60.53 76.17 70.06
N TRP G 61 -60.75 76.90 68.96
CA TRP G 61 -62.04 77.49 68.63
C TRP G 61 -63.09 76.43 68.33
N GLY G 62 -62.77 75.48 67.45
CA GLY G 62 -63.70 74.41 67.15
C GLY G 62 -63.93 73.47 68.31
N THR G 63 -62.89 73.23 69.14
CA THR G 63 -63.06 72.36 70.29
C THR G 63 -64.02 72.97 71.30
N GLN G 64 -63.83 74.26 71.62
CA GLN G 64 -64.71 74.89 72.61
C GLN G 64 -66.12 75.10 72.08
N GLU G 65 -66.26 75.42 70.79
CA GLU G 65 -67.60 75.54 70.22
C GLU G 65 -68.31 74.19 70.18
N PHE G 66 -67.56 73.11 69.94
CA PHE G 66 -68.14 71.78 69.96
C PHE G 66 -68.58 71.36 71.36
N GLU G 67 -67.78 71.69 72.37
CA GLU G 67 -68.16 71.30 73.73
C GLU G 67 -69.33 72.14 74.23
N LYS G 68 -69.39 73.41 73.83
CA LYS G 68 -70.56 74.24 74.13
C LYS G 68 -71.81 73.69 73.45
N SER G 69 -71.68 73.21 72.22
CA SER G 69 -72.85 72.72 71.49
C SER G 69 -73.31 71.34 71.99
N LYS G 70 -72.39 70.51 72.46
CA LYS G 70 -72.74 69.15 72.85
C LYS G 70 -72.85 68.93 74.35
N ARG G 71 -72.63 69.96 75.17
CA ARG G 71 -72.81 69.79 76.61
C ARG G 71 -73.92 70.66 77.16
N LYS G 72 -75.07 70.68 76.47
CA LYS G 72 -76.20 71.51 76.88
C LYS G 72 -77.20 70.76 77.76
N ASN G 73 -76.77 69.72 78.46
CA ASN G 73 -77.66 69.01 79.37
C ASN G 73 -77.85 69.81 80.64
N LEU H 13 -65.14 52.23 108.87
CA LEU H 13 -63.68 52.20 108.77
C LEU H 13 -63.19 53.46 108.06
N VAL H 14 -61.98 53.88 108.41
CA VAL H 14 -61.36 55.07 107.82
C VAL H 14 -60.80 54.66 106.46
N ASP H 15 -61.58 54.91 105.41
CA ASP H 15 -61.16 54.61 104.04
C ASP H 15 -60.36 55.77 103.50
N PRO H 16 -59.12 55.56 103.05
CA PRO H 16 -58.30 56.69 102.58
C PRO H 16 -58.83 57.35 101.33
N LEU H 17 -59.48 56.59 100.43
CA LEU H 17 -60.29 57.17 99.38
C LEU H 17 -61.34 58.10 99.95
N THR H 18 -62.15 57.59 100.89
CA THR H 18 -63.22 58.38 101.46
C THR H 18 -62.67 59.50 102.34
N THR H 19 -61.52 59.28 102.98
CA THR H 19 -60.93 60.30 103.84
C THR H 19 -60.44 61.49 103.02
N VAL H 20 -59.69 61.22 101.94
CA VAL H 20 -59.24 62.29 101.06
C VAL H 20 -60.41 62.91 100.30
N ARG H 21 -61.45 62.12 100.01
CA ARG H 21 -62.64 62.66 99.35
C ARG H 21 -63.41 63.62 100.27
N GLU H 22 -63.43 63.32 101.57
CA GLU H 22 -64.09 64.21 102.54
C GLU H 22 -63.26 65.46 102.78
N GLN H 23 -61.96 65.31 103.01
CA GLN H 23 -61.12 66.46 103.32
C GLN H 23 -60.66 67.22 102.08
N CYS H 24 -61.05 66.80 100.87
CA CYS H 24 -60.54 67.39 99.65
C CYS H 24 -61.59 68.23 98.92
N GLU H 25 -62.86 68.14 99.32
CA GLU H 25 -63.94 68.94 98.75
C GLU H 25 -64.07 70.32 99.42
N GLN H 26 -62.98 70.80 100.01
CA GLN H 26 -62.91 72.09 100.68
C GLN H 26 -62.72 73.26 99.71
N LEU H 27 -62.51 72.97 98.43
CA LEU H 27 -62.04 73.95 97.45
C LEU H 27 -63.20 74.76 96.88
N GLU H 28 -62.83 75.87 96.23
CA GLU H 28 -63.77 76.78 95.58
C GLU H 28 -64.70 76.07 94.60
N LYS H 29 -64.11 75.37 93.62
CA LYS H 29 -64.87 74.66 92.60
C LYS H 29 -65.77 73.59 93.21
N CYS H 30 -65.29 72.92 94.26
CA CYS H 30 -66.04 71.86 94.92
C CYS H 30 -67.32 72.38 95.54
N VAL H 31 -67.20 73.40 96.39
CA VAL H 31 -68.36 73.96 97.09
C VAL H 31 -69.31 74.64 96.11
N LYS H 32 -68.76 75.41 95.16
CA LYS H 32 -69.63 76.15 94.25
C LYS H 32 -70.36 75.23 93.29
N ALA H 33 -69.70 74.18 92.79
CA ALA H 33 -70.41 73.19 91.98
C ALA H 33 -71.37 72.36 92.81
N ARG H 34 -71.11 72.20 94.11
CA ARG H 34 -72.07 71.55 94.97
C ARG H 34 -73.37 72.35 95.07
N GLU H 35 -73.26 73.66 95.24
CA GLU H 35 -74.49 74.46 95.27
C GLU H 35 -75.12 74.57 93.89
N ARG H 36 -74.32 74.50 92.81
CA ARG H 36 -74.89 74.50 91.47
C ARG H 36 -75.68 73.23 91.20
N LEU H 37 -75.17 72.09 91.68
CA LEU H 37 -75.90 70.85 91.49
C LEU H 37 -77.13 70.80 92.39
N GLU H 38 -77.08 71.44 93.56
CA GLU H 38 -78.28 71.49 94.39
C GLU H 38 -79.34 72.43 93.82
N LEU H 39 -78.93 73.51 93.15
CA LEU H 39 -79.94 74.31 92.46
C LEU H 39 -80.42 73.61 91.20
N CYS H 40 -79.62 72.73 90.61
CA CYS H 40 -80.13 71.88 89.54
C CYS H 40 -81.16 70.89 90.06
N ASP H 41 -80.93 70.37 91.27
CA ASP H 41 -81.92 69.54 91.95
C ASP H 41 -83.21 70.32 92.19
N GLU H 42 -83.08 71.58 92.63
CA GLU H 42 -84.23 72.47 92.76
C GLU H 42 -84.95 72.69 91.44
N ARG H 43 -84.19 72.75 90.34
CA ARG H 43 -84.78 73.00 89.03
C ARG H 43 -85.53 71.76 88.52
N VAL H 44 -84.95 70.57 88.72
CA VAL H 44 -85.62 69.33 88.35
C VAL H 44 -86.83 69.09 89.25
N SER H 45 -86.78 69.58 90.48
CA SER H 45 -87.94 69.53 91.35
C SER H 45 -89.04 70.49 90.88
N SER H 46 -88.65 71.70 90.48
CA SER H 46 -89.63 72.72 90.08
C SER H 46 -90.08 72.51 88.65
N ARG H 47 -89.15 72.62 87.69
CA ARG H 47 -89.46 72.34 86.28
C ARG H 47 -89.32 70.84 86.05
N SER H 48 -90.30 70.11 86.60
CA SER H 48 -90.28 68.66 86.64
C SER H 48 -90.80 68.07 85.33
N GLN H 49 -90.86 66.74 85.29
CA GLN H 49 -91.19 65.93 84.11
C GLN H 49 -90.26 66.29 82.94
N THR H 50 -88.97 66.04 83.15
CA THR H 50 -87.97 66.53 82.23
C THR H 50 -87.07 65.40 81.74
N GLU H 51 -86.25 65.75 80.75
CA GLU H 51 -85.28 64.86 80.15
C GLU H 51 -83.90 65.46 80.34
N GLU H 52 -83.62 65.92 81.57
CA GLU H 52 -82.35 66.57 81.91
C GLU H 52 -82.02 66.18 83.35
N ASP H 53 -81.05 65.28 83.50
CA ASP H 53 -80.77 64.61 84.77
C ASP H 53 -79.55 65.19 85.50
N CYS H 54 -79.31 66.50 85.38
CA CYS H 54 -78.26 67.24 86.07
C CYS H 54 -76.87 66.66 85.79
N THR H 55 -76.49 66.73 84.52
CA THR H 55 -75.26 66.09 84.07
C THR H 55 -74.03 66.91 84.47
N GLU H 56 -73.93 68.13 83.93
CA GLU H 56 -72.63 68.81 83.80
C GLU H 56 -72.08 69.25 85.14
N GLU H 57 -72.93 69.79 86.02
CA GLU H 57 -72.47 70.24 87.32
C GLU H 57 -72.00 69.08 88.19
N LEU H 58 -72.72 67.96 88.16
CA LEU H 58 -72.34 66.81 88.99
C LEU H 58 -71.08 66.14 88.47
N PHE H 59 -70.99 65.95 87.16
CA PHE H 59 -69.77 65.34 86.62
C PHE H 59 -68.57 66.27 86.70
N ASP H 60 -68.78 67.58 86.64
CA ASP H 60 -67.64 68.49 86.83
C ASP H 60 -67.23 68.58 88.29
N PHE H 61 -68.19 68.45 89.21
CA PHE H 61 -67.86 68.36 90.63
C PHE H 61 -67.03 67.13 90.92
N LEU H 62 -67.46 65.97 90.43
CA LEU H 62 -66.66 64.77 90.61
C LEU H 62 -65.37 64.83 89.81
N HIS H 63 -65.34 65.59 88.72
CA HIS H 63 -64.13 65.73 87.92
C HIS H 63 -63.05 66.50 88.67
N ALA H 64 -63.42 67.66 89.22
CA ALA H 64 -62.47 68.45 90.01
C ALA H 64 -62.11 67.75 91.32
N ARG H 65 -63.06 67.04 91.92
CA ARG H 65 -62.78 66.28 93.13
C ARG H 65 -61.83 65.14 92.83
N ASP H 66 -61.97 64.50 91.67
CA ASP H 66 -61.05 63.45 91.30
C ASP H 66 -59.67 63.98 90.92
N HIS H 67 -59.60 65.22 90.42
CA HIS H 67 -58.29 65.87 90.25
C HIS H 67 -57.58 66.10 91.59
N CYS H 68 -58.32 66.64 92.57
CA CYS H 68 -57.67 66.91 93.86
C CYS H 68 -57.38 65.62 94.61
N VAL H 69 -58.17 64.57 94.35
CA VAL H 69 -57.82 63.23 94.79
C VAL H 69 -56.55 62.75 94.09
N ALA H 70 -56.46 63.00 92.77
CA ALA H 70 -55.37 62.50 91.95
C ALA H 70 -54.03 63.08 92.36
N HIS H 71 -54.02 64.31 92.87
CA HIS H 71 -52.76 64.83 93.38
C HIS H 71 -52.38 64.20 94.71
N LYS H 72 -53.35 63.96 95.59
CA LYS H 72 -53.09 63.92 97.02
C LYS H 72 -53.75 62.70 97.68
N LEU H 73 -53.57 61.52 97.09
CA LEU H 73 -54.12 60.30 97.69
C LEU H 73 -53.07 59.22 97.96
N PHE H 74 -52.08 59.04 97.10
CA PHE H 74 -51.11 57.96 97.25
C PHE H 74 -49.96 58.30 98.18
N ASN H 75 -50.18 59.24 99.11
CA ASN H 75 -49.13 59.70 100.00
C ASN H 75 -48.72 58.61 100.98
N SER H 76 -49.66 58.14 101.80
CA SER H 76 -49.43 57.04 102.71
C SER H 76 -50.22 55.81 102.28
N LEU H 77 -50.30 55.59 100.97
CA LEU H 77 -51.07 54.48 100.45
C LEU H 77 -50.10 53.38 100.06
N UNK I 1 25.21 62.24 10.92
CA UNK I 1 25.57 61.43 12.08
C UNK I 1 25.43 62.26 13.34
N UNK I 2 26.54 62.48 14.04
CA UNK I 2 26.60 63.34 15.21
C UNK I 2 27.23 64.69 14.90
N UNK I 3 26.97 65.22 13.71
CA UNK I 3 27.53 66.49 13.27
C UNK I 3 26.65 67.67 13.65
N UNK I 4 25.82 67.52 14.68
CA UNK I 4 25.00 68.58 15.29
C UNK I 4 24.05 69.22 14.28
N UNK I 5 23.06 68.44 13.86
CA UNK I 5 22.00 69.02 13.08
C UNK I 5 21.27 68.18 12.04
N UNK I 6 21.87 67.09 11.58
CA UNK I 6 21.12 66.19 10.72
C UNK I 6 20.16 65.35 11.56
N UNK I 7 19.07 64.93 10.93
CA UNK I 7 18.03 64.20 11.64
C UNK I 7 18.46 62.76 11.91
N UNK I 8 18.00 62.21 13.03
CA UNK I 8 18.34 60.86 13.43
C UNK I 8 17.25 60.35 14.36
N UNK I 9 16.73 59.17 14.08
CA UNK I 9 15.61 58.64 14.83
C UNK I 9 16.07 57.58 15.83
N UNK I 10 15.26 57.38 16.87
CA UNK I 10 15.61 56.47 17.96
C UNK I 10 14.42 55.61 18.34
N UNK I 11 14.72 54.44 18.90
CA UNK I 11 13.71 53.52 19.44
C UNK I 11 14.41 52.63 20.44
N UNK I 12 14.06 52.73 21.72
CA UNK I 12 14.81 52.06 22.76
C UNK I 12 13.90 51.27 23.68
N UNK I 13 14.38 50.08 24.09
CA UNK I 13 13.62 49.19 24.95
C UNK I 13 13.53 49.68 26.39
N UNK I 14 14.36 50.63 26.80
CA UNK I 14 14.25 51.19 28.13
C UNK I 14 14.49 52.70 28.17
N UNK I 15 14.69 53.35 27.03
CA UNK I 15 14.79 54.80 26.94
C UNK I 15 13.78 55.30 25.92
N UNK I 16 13.59 56.62 25.91
CA UNK I 16 12.53 57.20 25.10
C UNK I 16 12.95 57.30 23.65
N UNK I 17 12.06 57.85 22.83
CA UNK I 17 12.35 58.24 21.46
C UNK I 17 12.17 59.74 21.34
N UNK I 18 12.97 60.37 20.49
CA UNK I 18 12.96 61.82 20.40
C UNK I 18 13.36 62.26 19.00
N UNK I 19 13.32 63.57 18.78
CA UNK I 19 13.70 64.20 17.52
C UNK I 19 15.13 64.71 17.67
N UNK I 20 16.10 63.82 17.36
CA UNK I 20 17.52 64.15 17.48
C UNK I 20 17.96 64.89 16.21
N UNK I 21 17.66 66.18 16.18
CA UNK I 21 18.07 67.04 15.07
C UNK I 21 18.30 68.44 15.63
N UNK I 22 19.54 68.73 15.99
CA UNK I 22 19.90 70.03 16.57
C UNK I 22 20.46 70.96 15.50
N UNK I 23 19.60 71.28 14.52
CA UNK I 23 20.00 72.11 13.39
C UNK I 23 20.05 73.59 13.77
N LEU J 5 0.75 56.96 74.30
CA LEU J 5 -0.52 56.26 74.40
C LEU J 5 -1.11 56.06 73.00
N THR J 6 -1.12 57.13 72.21
CA THR J 6 -1.78 57.07 70.91
C THR J 6 -0.90 56.38 69.87
N ALA J 7 0.38 56.78 69.80
CA ALA J 7 1.29 56.20 68.82
C ALA J 7 1.60 54.74 69.14
N ARG J 8 1.64 54.39 70.42
CA ARG J 8 1.74 52.99 70.81
C ARG J 8 0.52 52.20 70.35
N LEU J 9 -0.66 52.81 70.42
CA LEU J 9 -1.88 52.14 70.00
C LEU J 9 -1.92 51.93 68.49
N TYR J 10 -1.49 52.93 67.72
CA TYR J 10 -1.38 52.77 66.27
C TYR J 10 -0.31 51.76 65.90
N SER J 11 0.79 51.72 66.67
CA SER J 11 1.84 50.74 66.41
C SER J 11 1.36 49.32 66.67
N LEU J 12 0.60 49.11 67.74
CA LEU J 12 0.20 47.76 68.10
C LEU J 12 -0.99 47.28 67.27
N LEU J 13 -2.07 48.04 67.22
CA LEU J 13 -3.35 47.49 66.80
C LEU J 13 -3.88 48.08 65.50
N PHE J 14 -3.08 48.83 64.76
CA PHE J 14 -3.58 49.50 63.56
C PHE J 14 -2.55 49.47 62.43
N ARG J 15 -1.96 48.30 62.19
CA ARG J 15 -1.04 48.15 61.06
C ARG J 15 -1.64 47.29 59.94
N ARG J 16 -2.14 46.11 60.27
CA ARG J 16 -2.76 45.24 59.29
C ARG J 16 -4.21 44.96 59.66
N THR J 17 -4.96 44.45 58.70
CA THR J 17 -6.42 44.40 58.82
C THR J 17 -6.87 43.29 59.78
N SER J 18 -6.16 42.17 59.81
CA SER J 18 -6.56 41.05 60.68
C SER J 18 -6.38 41.39 62.15
N THR J 19 -5.31 42.13 62.48
CA THR J 19 -5.10 42.56 63.86
C THR J 19 -6.16 43.56 64.29
N PHE J 20 -6.58 44.43 63.36
CA PHE J 20 -7.66 45.38 63.65
C PHE J 20 -8.98 44.65 63.90
N ALA J 21 -9.26 43.62 63.09
CA ALA J 21 -10.49 42.85 63.29
C ALA J 21 -10.46 42.09 64.61
N LEU J 22 -9.31 41.51 64.95
CA LEU J 22 -9.19 40.78 66.21
C LEU J 22 -9.35 41.72 67.40
N THR J 23 -8.74 42.91 67.35
CA THR J 23 -8.83 43.79 68.50
C THR J 23 -10.21 44.43 68.61
N ILE J 24 -10.95 44.59 67.50
CA ILE J 24 -12.30 45.11 67.69
C ILE J 24 -13.24 44.01 68.18
N VAL J 25 -13.00 42.75 67.84
CA VAL J 25 -13.83 41.67 68.39
C VAL J 25 -13.53 41.48 69.88
N VAL J 26 -12.26 41.58 70.28
CA VAL J 26 -11.90 41.45 71.69
C VAL J 26 -12.43 42.66 72.50
N GLY J 27 -12.40 43.84 71.89
CA GLY J 27 -13.05 44.99 72.51
C GLY J 27 -14.55 44.83 72.64
N ALA J 28 -15.17 44.15 71.66
CA ALA J 28 -16.61 43.88 71.73
C ALA J 28 -16.93 42.92 72.86
N LEU J 29 -16.07 41.93 73.10
CA LEU J 29 -16.35 40.99 74.19
C LEU J 29 -16.11 41.63 75.56
N PHE J 30 -15.07 42.46 75.69
CA PHE J 30 -14.88 43.15 76.96
C PHE J 30 -15.96 44.19 77.21
N PHE J 31 -16.45 44.81 76.14
CA PHE J 31 -17.58 45.72 76.28
C PHE J 31 -18.86 44.98 76.61
N GLU J 32 -19.03 43.75 76.10
CA GLU J 32 -20.13 42.87 76.50
C GLU J 32 -20.12 42.65 78.01
N ARG J 33 -18.97 42.26 78.54
CA ARG J 33 -18.75 42.04 79.97
C ARG J 33 -19.11 43.26 80.82
N ALA J 34 -18.37 44.35 80.62
CA ALA J 34 -18.53 45.54 81.47
C ALA J 34 -19.86 46.23 81.23
N PHE J 35 -20.36 46.22 80.00
CA PHE J 35 -21.59 46.92 79.67
C PHE J 35 -22.81 46.19 80.21
N ASP J 36 -22.82 44.85 80.12
CA ASP J 36 -23.90 44.09 80.73
C ASP J 36 -23.91 44.22 82.24
N GLN J 37 -22.73 44.18 82.88
CA GLN J 37 -22.69 44.29 84.33
C GLN J 37 -23.10 45.68 84.82
N GLY J 38 -22.60 46.73 84.16
CA GLY J 38 -23.00 48.09 84.55
C GLY J 38 -24.46 48.38 84.28
N ALA J 39 -24.99 47.88 83.15
CA ALA J 39 -26.39 48.13 82.79
C ALA J 39 -27.34 47.45 83.77
N ASP J 40 -27.06 46.18 84.10
CA ASP J 40 -27.90 45.48 85.07
C ASP J 40 -27.77 46.09 86.46
N ALA J 41 -26.56 46.55 86.82
CA ALA J 41 -26.33 47.14 88.13
C ALA J 41 -27.11 48.44 88.29
N ILE J 42 -27.01 49.34 87.31
CA ILE J 42 -27.71 50.62 87.40
C ILE J 42 -29.21 50.42 87.30
N TYR J 43 -29.67 49.47 86.47
CA TYR J 43 -31.10 49.25 86.32
C TYR J 43 -31.72 48.72 87.61
N GLU J 44 -31.07 47.75 88.25
CA GLU J 44 -31.65 47.27 89.49
C GLU J 44 -31.32 48.17 90.67
N HIS J 45 -30.40 49.13 90.51
CA HIS J 45 -30.17 50.10 91.58
C HIS J 45 -31.19 51.22 91.58
N ILE J 46 -31.70 51.61 90.41
CA ILE J 46 -32.77 52.62 90.40
C ILE J 46 -34.14 52.00 90.62
N ASN J 47 -34.22 50.68 90.70
CA ASN J 47 -35.46 49.98 90.99
C ASN J 47 -35.37 49.18 92.28
N GLU J 48 -34.53 49.63 93.20
CA GLU J 48 -34.44 49.02 94.52
C GLU J 48 -35.74 49.20 95.29
N GLY J 49 -36.05 48.23 96.14
CA GLY J 49 -37.34 48.23 96.79
C GLY J 49 -38.24 47.13 96.27
N LYS J 50 -39.19 47.48 95.40
CA LYS J 50 -40.19 46.52 94.94
C LYS J 50 -39.75 45.74 93.69
N LEU J 51 -38.52 45.23 93.73
CA LEU J 51 -37.97 44.36 92.71
C LEU J 51 -37.90 42.94 93.25
N TRP J 52 -37.88 41.97 92.33
CA TRP J 52 -38.11 40.57 92.70
C TRP J 52 -36.98 39.99 93.53
N LYS J 53 -35.74 40.48 93.36
CA LYS J 53 -34.60 39.91 94.08
C LYS J 53 -34.67 40.13 95.58
N HIS J 54 -35.39 41.16 96.04
CA HIS J 54 -35.64 41.32 97.47
C HIS J 54 -36.54 40.22 97.99
N ILE J 55 -37.55 39.83 97.21
CA ILE J 55 -38.47 38.78 97.63
C ILE J 55 -37.81 37.42 97.54
N LYS J 56 -36.92 37.23 96.55
CA LYS J 56 -36.12 36.02 96.49
C LYS J 56 -35.11 35.97 97.64
N HIS J 57 -34.65 37.15 98.10
CA HIS J 57 -33.80 37.23 99.27
C HIS J 57 -34.56 36.81 100.53
N LYS J 58 -35.83 37.22 100.64
CA LYS J 58 -36.62 36.76 101.77
C LYS J 58 -36.98 35.29 101.64
N TYR J 59 -37.27 34.83 100.43
CA TYR J 59 -37.94 33.54 100.24
C TYR J 59 -37.12 32.59 99.36
N ALA K 2 -46.34 82.25 -14.37
CA ALA K 2 -47.75 82.03 -14.67
C ALA K 2 -47.92 81.41 -16.04
N THR K 3 -49.18 81.39 -16.51
CA THR K 3 -49.62 80.77 -17.77
C THR K 3 -49.17 79.30 -17.84
N TYR K 4 -49.67 78.52 -16.88
CA TYR K 4 -49.13 77.19 -16.66
C TYR K 4 -49.58 76.18 -17.72
N ALA K 5 -50.89 75.93 -17.81
CA ALA K 5 -51.38 75.01 -18.83
C ALA K 5 -51.25 75.62 -20.22
N GLN K 6 -51.26 76.95 -20.29
CA GLN K 6 -51.01 77.66 -21.54
C GLN K 6 -49.58 77.45 -22.03
N ALA K 7 -48.65 77.15 -21.11
CA ALA K 7 -47.32 76.68 -21.50
C ALA K 7 -47.23 75.17 -21.64
N LEU K 8 -48.14 74.43 -21.01
CA LEU K 8 -48.18 72.98 -21.19
C LEU K 8 -48.65 72.61 -22.59
N GLN K 9 -49.53 73.41 -23.18
CA GLN K 9 -49.98 73.14 -24.54
C GLN K 9 -48.90 73.45 -25.58
N SER K 10 -47.85 74.19 -25.20
CA SER K 10 -46.85 74.67 -26.13
C SER K 10 -45.91 73.58 -26.63
N VAL K 11 -45.90 72.41 -26.01
CA VAL K 11 -45.02 71.32 -26.44
C VAL K 11 -45.59 70.73 -27.72
N PRO K 12 -44.81 70.61 -28.79
CA PRO K 12 -45.33 70.08 -30.05
C PRO K 12 -45.52 68.58 -30.00
N GLU K 13 -46.26 68.07 -30.97
CA GLU K 13 -46.61 66.66 -31.03
C GLU K 13 -45.60 65.91 -31.88
N THR K 14 -45.25 64.70 -31.44
CA THR K 14 -44.24 63.88 -32.10
C THR K 14 -44.89 63.08 -33.23
N GLN K 15 -44.40 63.29 -34.46
CA GLN K 15 -44.92 62.58 -35.60
C GLN K 15 -44.53 61.11 -35.55
N VAL K 16 -45.52 60.24 -35.80
CA VAL K 16 -45.37 58.78 -35.72
C VAL K 16 -45.84 58.19 -37.03
N SER K 17 -44.95 57.44 -37.70
CA SER K 17 -45.28 56.79 -38.96
C SER K 17 -44.73 55.38 -38.96
N GLN K 18 -45.22 54.58 -39.92
CA GLN K 18 -44.90 53.17 -40.00
C GLN K 18 -44.38 52.85 -41.39
N LEU K 19 -43.31 52.06 -41.44
CA LEU K 19 -42.62 51.74 -42.68
C LEU K 19 -42.74 50.25 -42.98
N ASP K 20 -42.67 49.96 -44.30
CA ASP K 20 -43.11 48.69 -44.89
C ASP K 20 -42.39 47.49 -44.30
N ASN K 21 -41.16 47.66 -43.84
CA ASN K 21 -40.51 46.63 -43.06
C ASN K 21 -40.95 46.62 -41.61
N GLY K 22 -42.01 47.34 -41.26
CA GLY K 22 -42.48 47.38 -39.89
C GLY K 22 -41.75 48.35 -39.01
N LEU K 23 -41.08 49.34 -39.59
CA LEU K 23 -40.28 50.26 -38.79
C LEU K 23 -41.19 51.31 -38.17
N ARG K 24 -40.95 51.66 -36.91
CA ARG K 24 -41.72 52.73 -36.27
C ARG K 24 -40.84 53.98 -36.22
N VAL K 25 -41.16 54.98 -37.03
CA VAL K 25 -40.38 56.21 -37.04
C VAL K 25 -41.15 57.29 -36.29
N ALA K 26 -40.42 58.07 -35.48
CA ALA K 26 -41.05 59.14 -34.70
C ALA K 26 -40.07 60.27 -34.51
N SER K 27 -40.57 61.49 -34.62
CA SER K 27 -39.71 62.66 -34.60
C SER K 27 -40.40 63.83 -33.94
N GLU K 28 -39.63 64.60 -33.19
CA GLU K 28 -40.08 65.89 -32.69
C GLU K 28 -39.23 67.00 -33.31
N GLN K 29 -39.90 67.98 -33.91
CA GLN K 29 -39.24 69.08 -34.59
C GLN K 29 -39.27 70.31 -33.69
N SER K 30 -38.08 70.81 -33.36
CA SER K 30 -37.90 72.01 -32.55
C SER K 30 -37.02 72.99 -33.31
N SER K 31 -36.57 74.04 -32.61
CA SER K 31 -35.71 75.06 -33.21
C SER K 31 -34.37 75.14 -32.48
N GLN K 32 -33.77 73.99 -32.22
CA GLN K 32 -32.42 73.91 -31.68
C GLN K 32 -31.55 73.16 -32.68
N PRO K 33 -30.38 73.70 -33.05
CA PRO K 33 -29.59 73.09 -34.12
C PRO K 33 -28.92 71.76 -33.76
N THR K 34 -29.02 71.30 -32.52
CA THR K 34 -28.40 70.04 -32.11
C THR K 34 -29.51 69.02 -31.85
N CYS K 35 -29.41 67.87 -32.52
CA CYS K 35 -30.42 66.82 -32.47
C CYS K 35 -29.85 65.53 -31.91
N THR K 36 -30.76 64.64 -31.54
CA THR K 36 -30.45 63.28 -31.11
C THR K 36 -31.23 62.30 -31.97
N VAL K 37 -30.51 61.43 -32.67
CA VAL K 37 -31.12 60.50 -33.62
C VAL K 37 -30.70 59.09 -33.25
N GLY K 38 -31.67 58.20 -33.09
CA GLY K 38 -31.28 56.88 -32.63
C GLY K 38 -32.27 55.80 -32.96
N VAL K 39 -31.84 54.57 -32.63
CA VAL K 39 -32.58 53.35 -32.88
C VAL K 39 -32.77 52.63 -31.54
N TRP K 40 -34.02 52.31 -31.22
CA TRP K 40 -34.39 51.50 -30.08
C TRP K 40 -34.87 50.15 -30.57
N ILE K 41 -34.27 49.08 -30.05
CA ILE K 41 -34.62 47.72 -30.41
C ILE K 41 -35.01 46.99 -29.14
N ASP K 42 -36.20 46.39 -29.14
CA ASP K 42 -36.68 45.62 -28.00
C ASP K 42 -35.95 44.27 -27.99
N ALA K 43 -34.73 44.28 -27.47
CA ALA K 43 -33.93 43.07 -27.33
C ALA K 43 -32.94 43.30 -26.19
N GLY K 44 -33.25 42.72 -25.04
CA GLY K 44 -32.34 42.83 -23.92
C GLY K 44 -31.69 41.50 -23.60
N SER K 45 -31.72 41.12 -22.33
CA SER K 45 -31.31 39.79 -21.92
C SER K 45 -32.50 38.90 -21.62
N ARG K 46 -33.72 39.43 -21.69
CA ARG K 46 -34.90 38.62 -21.44
C ARG K 46 -35.17 37.68 -22.60
N TYR K 47 -34.90 38.12 -23.82
CA TYR K 47 -35.12 37.32 -25.00
C TYR K 47 -33.99 36.33 -25.30
N GLU K 48 -33.11 36.07 -24.34
CA GLU K 48 -32.04 35.12 -24.56
C GLU K 48 -32.55 33.70 -24.30
N THR K 49 -31.72 32.73 -24.63
CA THR K 49 -32.05 31.33 -24.33
C THR K 49 -31.47 30.97 -22.97
N GLU K 50 -31.42 29.66 -22.69
CA GLU K 50 -30.86 29.19 -21.43
C GLU K 50 -29.35 29.35 -21.40
N LYS K 51 -28.70 29.17 -22.55
CA LYS K 51 -27.24 29.21 -22.61
C LYS K 51 -26.71 30.26 -23.59
N ASN K 52 -27.53 31.24 -23.98
CA ASN K 52 -27.03 32.42 -24.68
C ASN K 52 -26.90 33.60 -23.73
N ASN K 53 -26.50 33.34 -22.50
CA ASN K 53 -26.20 34.42 -21.58
C ASN K 53 -24.94 35.14 -22.04
N GLY K 54 -24.98 36.46 -22.04
CA GLY K 54 -23.86 37.26 -22.46
C GLY K 54 -23.65 37.26 -23.95
N ALA K 55 -24.70 37.65 -24.70
CA ALA K 55 -24.61 37.78 -26.14
C ALA K 55 -24.91 39.21 -26.58
N GLY K 56 -26.03 39.78 -26.15
CA GLY K 56 -26.39 41.12 -26.57
C GLY K 56 -25.46 42.18 -26.05
N TYR K 57 -24.87 41.96 -24.88
CA TYR K 57 -23.83 42.86 -24.38
C TYR K 57 -22.58 42.78 -25.25
N PHE K 58 -22.26 41.58 -25.74
CA PHE K 58 -21.11 41.40 -26.60
C PHE K 58 -21.33 42.08 -27.94
N VAL K 59 -22.55 41.98 -28.47
CA VAL K 59 -22.89 42.65 -29.72
C VAL K 59 -22.95 44.15 -29.51
N GLU K 60 -23.33 44.60 -28.32
CA GLU K 60 -23.28 46.01 -27.97
C GLU K 60 -21.85 46.53 -28.01
N HIS K 61 -20.90 45.73 -27.56
CA HIS K 61 -19.50 46.12 -27.70
C HIS K 61 -18.89 45.70 -29.03
N LEU K 62 -19.65 45.13 -29.94
CA LEU K 62 -19.18 44.90 -31.30
C LEU K 62 -20.21 45.29 -32.34
N ALA K 63 -20.87 46.42 -32.13
CA ALA K 63 -21.60 47.06 -33.21
C ALA K 63 -20.74 48.07 -33.96
N PHE K 64 -19.48 48.24 -33.54
CA PHE K 64 -18.66 49.37 -33.94
C PHE K 64 -17.40 48.95 -34.66
N LYS K 65 -16.68 47.98 -34.12
CA LYS K 65 -15.37 47.59 -34.62
C LYS K 65 -15.43 46.58 -35.75
N GLY K 66 -16.61 46.35 -36.31
CA GLY K 66 -16.72 45.41 -37.41
C GLY K 66 -17.86 45.73 -38.35
N THR K 67 -17.54 45.85 -39.63
CA THR K 67 -18.52 46.18 -40.65
C THR K 67 -17.98 45.74 -42.00
N LYS K 68 -18.86 45.75 -42.99
CA LYS K 68 -18.50 45.33 -44.34
C LYS K 68 -18.44 46.49 -45.34
N ASN K 69 -18.71 47.71 -44.89
CA ASN K 69 -18.71 48.88 -45.77
C ASN K 69 -17.44 49.70 -45.58
N ARG K 70 -17.19 50.14 -44.34
CA ARG K 70 -16.10 51.07 -44.04
C ARG K 70 -15.29 50.49 -42.88
N PRO K 71 -14.38 49.56 -43.16
CA PRO K 71 -13.72 48.81 -42.08
C PRO K 71 -12.66 49.63 -41.34
N GLY K 72 -12.20 49.04 -40.24
CA GLY K 72 -11.08 49.53 -39.46
C GLY K 72 -11.40 50.63 -38.47
N ASN K 73 -11.49 51.86 -38.95
CA ASN K 73 -11.74 52.98 -38.04
C ASN K 73 -12.61 54.08 -38.63
N ALA K 74 -13.17 53.90 -39.83
CA ALA K 74 -13.81 55.00 -40.55
C ALA K 74 -15.09 55.46 -39.86
N LEU K 75 -15.73 54.57 -39.10
CA LEU K 75 -16.85 54.96 -38.25
C LEU K 75 -16.43 56.00 -37.21
N GLU K 76 -15.40 55.67 -36.43
CA GLU K 76 -14.85 56.62 -35.46
C GLU K 76 -14.34 57.88 -36.14
N LYS K 77 -13.76 57.72 -37.33
CA LYS K 77 -13.18 58.85 -38.05
C LYS K 77 -14.24 59.85 -38.46
N GLU K 78 -15.34 59.38 -39.05
CA GLU K 78 -16.36 60.33 -39.48
C GLU K 78 -17.21 60.84 -38.33
N VAL K 79 -17.40 60.03 -37.28
CA VAL K 79 -18.15 60.51 -36.11
C VAL K 79 -17.37 61.60 -35.38
N GLU K 80 -16.06 61.42 -35.23
CA GLU K 80 -15.25 62.51 -34.71
C GLU K 80 -15.08 63.64 -35.70
N SER K 81 -15.22 63.36 -37.00
CA SER K 81 -15.08 64.39 -38.03
C SER K 81 -16.27 65.31 -38.11
N MET K 82 -17.44 64.86 -37.68
CA MET K 82 -18.57 65.76 -37.51
C MET K 82 -18.78 66.17 -36.06
N GLY K 83 -17.91 65.74 -35.15
CA GLY K 83 -18.04 66.10 -33.75
C GLY K 83 -19.20 65.45 -33.03
N ALA K 84 -19.87 64.49 -33.67
CA ALA K 84 -21.01 63.81 -33.09
C ALA K 84 -20.55 62.85 -31.99
N HIS K 85 -21.50 62.37 -31.21
CA HIS K 85 -21.25 61.35 -30.22
C HIS K 85 -22.07 60.12 -30.51
N LEU K 86 -21.42 58.97 -30.42
CA LEU K 86 -22.02 57.67 -30.72
C LEU K 86 -22.18 56.93 -29.39
N ASN K 87 -23.37 57.03 -28.82
CA ASN K 87 -23.65 56.47 -27.51
C ASN K 87 -24.57 55.27 -27.66
N ALA K 88 -24.51 54.38 -26.67
CA ALA K 88 -25.30 53.16 -26.70
C ALA K 88 -25.49 52.65 -25.28
N TYR K 89 -26.64 52.03 -25.04
CA TYR K 89 -26.81 51.34 -23.78
C TYR K 89 -27.72 50.13 -24.00
N SER K 90 -27.63 49.18 -23.07
CA SER K 90 -28.46 47.98 -23.14
C SER K 90 -28.83 47.56 -21.73
N THR K 91 -30.11 47.30 -21.52
CA THR K 91 -30.65 46.84 -20.27
C THR K 91 -31.24 45.45 -20.47
N ARG K 92 -31.94 44.96 -19.45
CA ARG K 92 -32.67 43.71 -19.61
C ARG K 92 -33.85 43.87 -20.56
N GLU K 93 -34.37 45.09 -20.68
CA GLU K 93 -35.60 45.33 -21.42
C GLU K 93 -35.33 45.70 -22.88
N HIS K 94 -34.61 46.79 -23.10
CA HIS K 94 -34.41 47.32 -24.44
C HIS K 94 -32.92 47.53 -24.70
N THR K 95 -32.62 47.98 -25.91
CA THR K 95 -31.24 48.27 -26.29
C THR K 95 -31.27 49.42 -27.29
N ALA K 96 -30.46 50.45 -27.04
CA ALA K 96 -30.52 51.66 -27.85
C ALA K 96 -29.13 52.06 -28.34
N TYR K 97 -29.09 52.44 -29.62
CA TYR K 97 -27.92 53.05 -30.26
C TYR K 97 -28.32 54.43 -30.76
N TYR K 98 -27.71 55.48 -30.23
CA TYR K 98 -28.06 56.81 -30.72
C TYR K 98 -26.82 57.65 -30.96
N ILE K 99 -27.03 58.74 -31.69
CA ILE K 99 -25.99 59.69 -32.06
C ILE K 99 -26.49 61.09 -31.75
N LYS K 100 -25.71 61.83 -30.99
CA LYS K 100 -25.94 63.24 -30.73
C LYS K 100 -25.12 64.04 -31.73
N ALA K 101 -25.80 64.86 -32.55
CA ALA K 101 -25.10 65.53 -33.64
C ALA K 101 -25.80 66.84 -33.97
N LEU K 102 -25.29 67.51 -35.00
CA LEU K 102 -25.91 68.70 -35.54
C LEU K 102 -27.17 68.31 -36.32
N SER K 103 -28.05 69.30 -36.55
CA SER K 103 -29.26 69.05 -37.32
C SER K 103 -28.95 68.72 -38.77
N LYS K 104 -28.12 69.55 -39.42
CA LYS K 104 -27.83 69.37 -40.84
C LYS K 104 -26.74 68.34 -41.09
N ASP K 105 -26.29 67.63 -40.06
CA ASP K 105 -25.43 66.45 -40.21
C ASP K 105 -26.26 65.18 -40.21
N LEU K 106 -27.52 65.26 -40.63
CA LEU K 106 -28.43 64.14 -40.48
C LEU K 106 -28.19 62.98 -41.46
N PRO K 107 -28.09 63.17 -42.80
CA PRO K 107 -28.00 61.98 -43.67
C PRO K 107 -26.71 61.19 -43.53
N LYS K 108 -25.61 61.85 -43.17
CA LYS K 108 -24.39 61.12 -42.89
C LYS K 108 -24.54 60.25 -41.65
N ALA K 109 -25.23 60.75 -40.63
CA ALA K 109 -25.49 59.94 -39.44
C ALA K 109 -26.46 58.82 -39.74
N VAL K 110 -27.40 59.03 -40.66
CA VAL K 110 -28.33 57.99 -41.07
C VAL K 110 -27.59 56.85 -41.75
N GLU K 111 -26.68 57.19 -42.67
CA GLU K 111 -25.88 56.17 -43.34
C GLU K 111 -24.95 55.46 -42.36
N LEU K 112 -24.37 56.20 -41.40
CA LEU K 112 -23.49 55.58 -40.42
C LEU K 112 -24.25 54.64 -39.49
N LEU K 113 -25.46 55.01 -39.08
CA LEU K 113 -26.22 54.15 -38.20
C LEU K 113 -26.77 52.92 -38.91
N ALA K 114 -27.09 53.07 -40.21
CA ALA K 114 -27.41 51.91 -41.03
C ALA K 114 -26.21 50.99 -41.15
N ASP K 115 -25.01 51.56 -41.36
CA ASP K 115 -23.79 50.78 -41.46
C ASP K 115 -23.46 50.06 -40.16
N ILE K 116 -23.84 50.66 -39.03
CA ILE K 116 -23.68 49.98 -37.74
C ILE K 116 -24.66 48.81 -37.63
N VAL K 117 -25.95 49.08 -37.85
CA VAL K 117 -26.96 48.09 -37.50
C VAL K 117 -27.02 46.95 -38.51
N GLN K 118 -27.33 47.27 -39.78
CA GLN K 118 -27.64 46.18 -40.71
C GLN K 118 -26.42 45.67 -41.47
N ASN K 119 -25.27 46.32 -41.34
CA ASN K 119 -24.06 45.91 -42.03
C ASN K 119 -23.04 45.33 -41.04
N CYS K 120 -23.53 44.59 -40.05
CA CYS K 120 -22.65 44.07 -39.02
C CYS K 120 -21.90 42.83 -39.52
N SER K 121 -20.62 42.75 -39.19
CA SER K 121 -19.80 41.59 -39.50
C SER K 121 -18.68 41.51 -38.48
N LEU K 122 -18.51 40.34 -37.87
CA LEU K 122 -17.63 40.17 -36.73
C LEU K 122 -16.56 39.14 -37.06
N GLU K 123 -15.30 39.57 -37.04
CA GLU K 123 -14.20 38.69 -37.36
C GLU K 123 -13.77 37.89 -36.13
N ASP K 124 -12.76 37.05 -36.31
CA ASP K 124 -12.29 36.20 -35.22
C ASP K 124 -11.25 36.87 -34.34
N SER K 125 -10.42 37.74 -34.92
CA SER K 125 -9.58 38.62 -34.11
C SER K 125 -10.45 39.58 -33.31
N GLN K 126 -11.56 40.02 -33.90
CA GLN K 126 -12.55 40.84 -33.20
C GLN K 126 -13.10 40.12 -31.98
N ILE K 127 -13.52 38.87 -32.14
CA ILE K 127 -14.17 38.17 -31.05
C ILE K 127 -13.16 37.80 -29.98
N GLU K 128 -11.89 37.57 -30.37
CA GLU K 128 -10.85 37.29 -29.38
C GLU K 128 -10.53 38.51 -28.55
N LYS K 129 -10.28 39.64 -29.22
CA LYS K 129 -9.93 40.89 -28.54
C LYS K 129 -11.04 41.35 -27.61
N GLU K 130 -12.29 41.34 -28.11
CA GLU K 130 -13.37 41.79 -27.27
C GLU K 130 -13.77 40.77 -26.21
N ARG K 131 -13.46 39.48 -26.41
CA ARG K 131 -13.61 38.52 -25.32
C ARG K 131 -12.72 38.89 -24.15
N ASP K 132 -11.44 39.18 -24.42
CA ASP K 132 -10.52 39.51 -23.34
C ASP K 132 -10.86 40.85 -22.69
N VAL K 133 -11.23 41.85 -23.50
CA VAL K 133 -11.55 43.16 -22.93
C VAL K 133 -12.88 43.13 -22.16
N ILE K 134 -13.84 42.31 -22.57
CA ILE K 134 -15.10 42.25 -21.84
C ILE K 134 -14.98 41.41 -20.55
N LEU K 135 -14.09 40.41 -20.53
CA LEU K 135 -13.76 39.79 -19.25
C LEU K 135 -13.09 40.79 -18.30
N GLN K 136 -12.27 41.69 -18.85
CA GLN K 136 -11.77 42.79 -18.04
C GLN K 136 -12.88 43.76 -17.63
N GLU K 137 -13.91 43.93 -18.46
CA GLU K 137 -15.02 44.80 -18.10
C GLU K 137 -15.82 44.24 -16.93
N LEU K 138 -16.00 42.92 -16.90
CA LEU K 138 -16.65 42.31 -15.74
C LEU K 138 -15.78 42.41 -14.49
N GLN K 139 -14.47 42.21 -14.63
CA GLN K 139 -13.58 42.38 -13.48
C GLN K 139 -13.56 43.82 -12.98
N GLU K 140 -13.76 44.79 -13.88
CA GLU K 140 -13.82 46.19 -13.44
C GLU K 140 -15.18 46.58 -12.90
N ASN K 141 -16.27 45.94 -13.34
CA ASN K 141 -17.57 46.15 -12.74
C ASN K 141 -17.78 45.39 -11.44
N ASP K 142 -16.86 44.49 -11.07
CA ASP K 142 -16.92 43.84 -9.77
C ASP K 142 -16.69 44.77 -8.60
N THR K 143 -16.19 45.99 -8.84
CA THR K 143 -15.96 46.96 -7.77
C THR K 143 -17.16 47.86 -7.52
N SER K 144 -17.91 48.20 -8.56
CA SER K 144 -19.10 49.05 -8.41
C SER K 144 -20.19 48.23 -7.75
N MET K 145 -20.33 48.41 -6.44
CA MET K 145 -21.14 47.53 -5.60
C MET K 145 -22.63 47.65 -5.88
N ARG K 146 -23.07 48.80 -6.40
CA ARG K 146 -24.50 49.06 -6.57
C ARG K 146 -25.11 48.19 -7.65
N ASP K 147 -24.45 48.06 -8.80
CA ASP K 147 -24.97 47.18 -9.82
C ASP K 147 -24.81 45.71 -9.46
N VAL K 148 -23.83 45.38 -8.61
CA VAL K 148 -23.75 44.04 -8.06
C VAL K 148 -24.97 43.74 -7.20
N VAL K 149 -25.39 44.73 -6.41
CA VAL K 149 -26.57 44.55 -5.56
C VAL K 149 -27.84 44.45 -6.39
N PHE K 150 -27.97 45.25 -7.44
CA PHE K 150 -29.17 45.15 -8.27
C PHE K 150 -29.20 43.87 -9.10
N ASN K 151 -28.03 43.37 -9.53
CA ASN K 151 -28.00 42.09 -10.21
C ASN K 151 -28.32 40.95 -9.26
N TYR K 152 -27.86 41.05 -8.00
CA TYR K 152 -28.27 40.07 -7.01
C TYR K 152 -29.76 40.16 -6.72
N LEU K 153 -30.33 41.36 -6.78
CA LEU K 153 -31.76 41.52 -6.51
C LEU K 153 -32.60 40.86 -7.60
N HIS K 154 -32.26 41.11 -8.87
CA HIS K 154 -32.97 40.43 -9.95
C HIS K 154 -32.74 38.93 -9.91
N ALA K 155 -31.51 38.50 -9.63
CA ALA K 155 -31.16 37.09 -9.64
C ALA K 155 -31.78 36.33 -8.48
N THR K 156 -32.17 37.01 -7.40
CA THR K 156 -32.89 36.34 -6.34
C THR K 156 -34.39 36.58 -6.39
N ALA K 157 -34.86 37.51 -7.24
CA ALA K 157 -36.27 37.81 -7.29
C ALA K 157 -36.98 37.23 -8.50
N PHE K 158 -36.27 36.71 -9.48
CA PHE K 158 -36.97 36.16 -10.63
C PHE K 158 -36.43 34.78 -11.00
N GLN K 159 -36.33 33.92 -9.99
CA GLN K 159 -35.61 32.65 -10.06
C GLN K 159 -36.17 31.72 -11.11
N GLY K 160 -35.30 31.22 -11.97
CA GLY K 160 -35.72 30.33 -13.04
C GLY K 160 -36.07 31.01 -14.34
N THR K 161 -36.92 32.03 -14.29
CA THR K 161 -37.25 32.81 -15.47
C THR K 161 -36.03 33.59 -15.93
N PRO K 162 -35.89 33.85 -17.23
CA PRO K 162 -34.67 34.50 -17.74
C PRO K 162 -34.53 35.96 -17.36
N LEU K 163 -35.47 36.55 -16.64
CA LEU K 163 -35.29 37.92 -16.17
C LEU K 163 -34.22 38.00 -15.09
N ALA K 164 -34.02 36.92 -14.35
CA ALA K 164 -32.98 36.86 -13.33
C ALA K 164 -31.58 36.69 -13.90
N GLN K 165 -31.45 36.51 -15.21
CA GLN K 165 -30.14 36.50 -15.83
C GLN K 165 -29.51 37.88 -15.73
N SER K 166 -28.22 37.92 -15.42
CA SER K 166 -27.50 39.17 -15.57
C SER K 166 -27.36 39.50 -17.05
N VAL K 167 -27.13 40.78 -17.34
CA VAL K 167 -27.13 41.23 -18.73
C VAL K 167 -25.89 40.72 -19.44
N GLU K 168 -24.75 40.69 -18.75
CA GLU K 168 -23.46 40.44 -19.36
C GLU K 168 -23.06 38.98 -19.32
N GLY K 169 -23.71 38.16 -18.50
CA GLY K 169 -23.47 36.74 -18.49
C GLY K 169 -22.19 36.32 -17.78
N PRO K 170 -22.18 35.09 -17.28
CA PRO K 170 -20.96 34.57 -16.64
C PRO K 170 -19.89 34.24 -17.66
N SER K 171 -18.67 34.07 -17.15
CA SER K 171 -17.49 34.04 -18.00
C SER K 171 -17.42 32.79 -18.87
N GLU K 172 -17.95 31.67 -18.38
CA GLU K 172 -17.90 30.43 -19.13
C GLU K 172 -19.07 30.29 -20.10
N ASN K 173 -19.91 31.32 -20.21
CA ASN K 173 -20.74 31.50 -21.39
C ASN K 173 -20.19 32.58 -22.30
N VAL K 174 -19.33 33.45 -21.79
CA VAL K 174 -18.69 34.46 -22.64
C VAL K 174 -17.63 33.80 -23.52
N ARG K 175 -16.77 32.99 -22.92
CA ARG K 175 -15.61 32.50 -23.65
C ARG K 175 -15.90 31.29 -24.54
N LYS K 176 -17.18 30.96 -24.78
CA LYS K 176 -17.50 29.82 -25.64
C LYS K 176 -18.52 30.19 -26.72
N LEU K 177 -18.73 31.49 -26.97
CA LEU K 177 -19.55 31.93 -28.08
C LEU K 177 -18.69 32.23 -29.29
N SER K 178 -19.29 32.13 -30.48
CA SER K 178 -18.58 32.20 -31.74
C SER K 178 -19.36 33.08 -32.71
N ARG K 179 -18.96 33.03 -33.98
CA ARG K 179 -19.55 33.92 -34.99
C ARG K 179 -20.95 33.46 -35.38
N ALA K 180 -21.17 32.14 -35.41
CA ALA K 180 -22.47 31.62 -35.81
C ALA K 180 -23.55 31.95 -34.79
N ASP K 181 -23.19 31.96 -33.51
CA ASP K 181 -24.17 32.26 -32.47
C ASP K 181 -24.55 33.73 -32.48
N LEU K 182 -23.59 34.60 -32.75
CA LEU K 182 -23.92 36.02 -32.85
C LEU K 182 -24.67 36.32 -34.14
N THR K 183 -24.39 35.56 -35.20
CA THR K 183 -25.20 35.64 -36.42
C THR K 183 -26.64 35.24 -36.15
N GLU K 184 -26.83 34.19 -35.34
CA GLU K 184 -28.15 33.80 -34.88
C GLU K 184 -28.80 34.91 -34.06
N TYR K 185 -28.01 35.57 -33.21
CA TYR K 185 -28.52 36.67 -32.39
C TYR K 185 -28.99 37.83 -33.27
N LEU K 186 -28.21 38.16 -34.30
CA LEU K 186 -28.59 39.27 -35.17
C LEU K 186 -29.80 38.90 -36.02
N SER K 187 -29.87 37.67 -36.50
CA SER K 187 -30.99 37.23 -37.31
C SER K 187 -32.23 36.94 -36.49
N ARG K 188 -32.14 36.93 -35.17
CA ARG K 188 -33.31 36.71 -34.34
C ARG K 188 -33.75 37.96 -33.58
N HIS K 189 -32.86 38.92 -33.35
CA HIS K 189 -33.14 40.04 -32.46
C HIS K 189 -33.19 41.38 -33.17
N TYR K 190 -32.12 41.78 -33.86
CA TYR K 190 -32.07 43.11 -34.47
C TYR K 190 -32.75 43.06 -35.83
N LYS K 191 -34.07 42.91 -35.80
CA LYS K 191 -34.84 42.71 -37.01
C LYS K 191 -35.67 43.95 -37.28
N ALA K 192 -36.24 44.00 -38.48
CA ALA K 192 -36.96 45.16 -38.99
C ALA K 192 -38.30 45.51 -38.33
N PRO K 193 -39.22 44.59 -38.03
CA PRO K 193 -40.53 45.05 -37.53
C PRO K 193 -40.54 45.51 -36.08
N ARG K 194 -39.56 45.13 -35.27
CA ARG K 194 -39.64 45.41 -33.84
C ARG K 194 -38.84 46.65 -33.42
N MET K 195 -38.34 47.44 -34.35
CA MET K 195 -37.45 48.53 -34.01
C MET K 195 -38.02 49.91 -34.33
N VAL K 196 -37.49 50.91 -33.61
CA VAL K 196 -38.01 52.27 -33.59
C VAL K 196 -36.88 53.23 -33.92
N LEU K 197 -37.09 54.08 -34.91
CA LEU K 197 -36.18 55.16 -35.27
C LEU K 197 -36.75 56.46 -34.74
N ALA K 198 -36.14 57.00 -33.68
CA ALA K 198 -36.63 58.20 -33.05
C ALA K 198 -35.61 59.32 -33.18
N ALA K 199 -36.08 60.51 -33.52
CA ALA K 199 -35.20 61.66 -33.64
C ALA K 199 -35.86 62.89 -33.06
N ALA K 200 -35.12 63.61 -32.24
CA ALA K 200 -35.63 64.81 -31.60
C ALA K 200 -34.67 65.97 -31.85
N GLY K 201 -35.24 67.13 -32.16
CA GLY K 201 -34.42 68.31 -32.30
C GLY K 201 -34.87 69.24 -33.41
N GLY K 202 -33.91 69.91 -34.05
CA GLY K 202 -34.23 70.81 -35.13
C GLY K 202 -34.17 70.18 -36.50
N LEU K 203 -34.84 69.05 -36.68
CA LEU K 203 -34.89 68.38 -37.96
C LEU K 203 -36.33 68.16 -38.38
N GLU K 204 -36.57 68.24 -39.68
CA GLU K 204 -37.92 68.08 -40.22
C GLU K 204 -38.31 66.61 -40.23
N HIS K 205 -39.62 66.36 -40.11
CA HIS K 205 -40.10 64.99 -40.20
C HIS K 205 -40.07 64.48 -41.63
N ARG K 206 -40.16 65.39 -42.60
CA ARG K 206 -40.04 65.03 -44.01
C ARG K 206 -38.67 64.42 -44.30
N GLN K 207 -37.60 65.08 -43.81
CA GLN K 207 -36.25 64.62 -44.06
C GLN K 207 -35.99 63.28 -43.39
N LEU K 208 -36.44 63.11 -42.15
CA LEU K 208 -36.23 61.84 -41.46
C LEU K 208 -37.03 60.72 -42.10
N LEU K 209 -38.27 60.99 -42.49
CA LEU K 209 -39.12 59.97 -43.12
C LEU K 209 -38.53 59.52 -44.45
N ASP K 210 -38.09 60.47 -45.28
CA ASP K 210 -37.58 60.08 -46.58
C ASP K 210 -36.17 59.51 -46.48
N LEU K 211 -35.39 59.91 -45.48
CA LEU K 211 -34.08 59.30 -45.26
C LEU K 211 -34.21 57.87 -44.77
N ALA K 212 -35.16 57.60 -43.88
CA ALA K 212 -35.44 56.23 -43.47
C ALA K 212 -35.99 55.42 -44.64
N GLN K 213 -36.78 56.07 -45.49
CA GLN K 213 -37.31 55.43 -46.69
C GLN K 213 -36.20 55.02 -47.63
N LYS K 214 -35.17 55.84 -47.75
CA LYS K 214 -34.06 55.51 -48.64
C LYS K 214 -33.16 54.44 -48.04
N HIS K 215 -32.70 54.64 -46.80
CA HIS K 215 -31.56 53.88 -46.31
C HIS K 215 -31.88 52.92 -45.18
N PHE K 216 -33.13 52.85 -44.74
CA PHE K 216 -33.59 51.74 -43.89
C PHE K 216 -34.58 50.86 -44.65
N SER K 217 -34.40 50.74 -45.95
CA SER K 217 -35.27 49.91 -46.77
C SER K 217 -34.56 48.62 -47.14
N GLY K 218 -35.34 47.56 -47.29
CA GLY K 218 -34.80 46.25 -47.62
C GLY K 218 -34.09 45.58 -46.46
N LEU K 219 -34.57 45.81 -45.23
CA LEU K 219 -33.90 45.25 -44.05
C LEU K 219 -34.35 43.83 -43.75
N SER K 220 -35.60 43.65 -43.34
CA SER K 220 -36.13 42.35 -42.95
C SER K 220 -37.66 42.37 -42.86
N GLY K 221 -38.23 41.39 -42.18
CA GLY K 221 -39.66 41.33 -41.96
C GLY K 221 -40.20 39.92 -41.94
N THR K 222 -39.31 38.96 -42.17
CA THR K 222 -39.63 37.55 -42.09
C THR K 222 -38.41 36.84 -41.51
N TYR K 223 -38.64 35.97 -40.53
CA TYR K 223 -37.53 35.31 -39.87
C TYR K 223 -36.98 34.17 -40.72
N ASP K 224 -36.07 33.39 -40.12
CA ASP K 224 -35.41 32.31 -40.86
C ASP K 224 -36.39 31.22 -41.21
N GLU K 225 -36.96 30.58 -40.20
CA GLU K 225 -38.15 29.74 -40.37
C GLU K 225 -39.30 30.31 -39.55
N ASP K 226 -39.05 30.47 -38.24
CA ASP K 226 -40.05 30.74 -37.22
C ASP K 226 -39.35 31.49 -36.09
N ALA K 227 -39.81 31.27 -34.86
CA ALA K 227 -39.09 31.55 -33.62
C ALA K 227 -39.03 33.03 -33.29
N VAL K 228 -40.15 33.71 -33.42
CA VAL K 228 -40.30 35.02 -32.77
C VAL K 228 -40.31 34.80 -31.25
N PRO K 229 -39.59 35.61 -30.48
CA PRO K 229 -39.70 35.52 -29.02
C PRO K 229 -41.04 36.06 -28.54
N THR K 230 -41.35 35.74 -27.30
CA THR K 230 -42.60 36.15 -26.68
C THR K 230 -42.29 36.63 -25.27
N LEU K 231 -43.04 37.65 -24.81
CA LEU K 231 -42.92 38.11 -23.44
C LEU K 231 -43.35 37.00 -22.48
N THR K 232 -42.37 36.39 -21.82
CA THR K 232 -42.66 35.32 -20.88
C THR K 232 -43.10 35.92 -19.55
N PRO K 233 -44.29 35.58 -19.05
CA PRO K 233 -44.70 36.08 -17.74
C PRO K 233 -43.83 35.46 -16.64
N CYS K 234 -43.23 36.32 -15.83
CA CYS K 234 -42.27 35.90 -14.84
C CYS K 234 -42.90 35.86 -13.46
N ARG K 235 -42.21 35.20 -12.53
CA ARG K 235 -42.71 35.00 -11.18
C ARG K 235 -41.84 35.77 -10.19
N PHE K 236 -42.45 36.73 -9.51
CA PHE K 236 -41.75 37.38 -8.39
C PHE K 236 -41.74 36.42 -7.22
N THR K 237 -40.56 35.93 -6.85
CA THR K 237 -40.48 34.96 -5.76
C THR K 237 -40.64 35.64 -4.41
N GLY K 238 -39.72 36.52 -4.06
CA GLY K 238 -39.73 37.07 -2.74
C GLY K 238 -38.90 36.17 -1.86
N SER K 239 -37.73 36.63 -1.48
CA SER K 239 -36.70 35.78 -0.88
C SER K 239 -35.61 36.71 -0.37
N GLU K 240 -34.48 36.14 0.04
CA GLU K 240 -33.32 36.98 0.22
C GLU K 240 -32.06 36.23 -0.16
N ILE K 241 -31.08 37.03 -0.58
CA ILE K 241 -29.70 36.58 -0.72
C ILE K 241 -28.84 37.54 0.09
N ARG K 242 -27.92 36.99 0.87
CA ARG K 242 -27.01 37.84 1.61
C ARG K 242 -25.58 37.41 1.33
N HIS K 243 -24.77 38.38 0.95
CA HIS K 243 -23.38 38.13 0.58
C HIS K 243 -22.55 38.74 1.69
N ARG K 244 -22.20 37.88 2.65
CA ARG K 244 -21.39 38.28 3.77
C ARG K 244 -19.94 38.37 3.31
N GLU K 245 -19.42 39.60 3.35
CA GLU K 245 -18.07 39.98 2.95
C GLU K 245 -17.69 41.16 3.85
N ASP K 246 -17.05 40.86 4.98
CA ASP K 246 -16.86 41.82 6.06
C ASP K 246 -15.63 42.69 5.90
N GLY K 247 -15.07 42.81 4.70
CA GLY K 247 -13.88 43.61 4.51
C GLY K 247 -14.12 44.88 3.72
N LEU K 248 -15.36 45.33 3.68
CA LEU K 248 -15.76 46.47 2.88
C LEU K 248 -16.25 47.61 3.78
N PRO K 249 -16.08 48.87 3.37
CA PRO K 249 -16.39 49.96 4.29
C PRO K 249 -17.88 50.22 4.49
N LEU K 250 -18.75 49.80 3.57
CA LEU K 250 -20.17 50.11 3.68
C LEU K 250 -21.01 48.87 3.40
N ALA K 251 -22.18 48.83 4.03
CA ALA K 251 -23.14 47.75 3.80
C ALA K 251 -24.26 48.25 2.91
N HIS K 252 -24.56 47.48 1.86
CA HIS K 252 -25.63 47.79 0.93
C HIS K 252 -26.82 46.91 1.24
N VAL K 253 -28.01 47.51 1.29
CA VAL K 253 -29.24 46.77 1.52
C VAL K 253 -30.25 47.18 0.48
N ALA K 254 -30.81 46.20 -0.24
CA ALA K 254 -31.89 46.44 -1.19
C ALA K 254 -33.10 45.63 -0.81
N ILE K 255 -34.27 46.26 -0.89
CA ILE K 255 -35.54 45.59 -0.60
C ILE K 255 -36.56 45.99 -1.66
N ALA K 256 -37.19 45.00 -2.29
CA ALA K 256 -38.11 45.29 -3.39
C ALA K 256 -39.36 44.44 -3.30
N VAL K 257 -40.46 44.99 -3.80
CA VAL K 257 -41.73 44.27 -3.91
C VAL K 257 -42.26 44.39 -5.33
N GLU K 258 -43.49 43.92 -5.54
CA GLU K 258 -44.16 43.73 -6.83
C GLU K 258 -44.15 44.92 -7.78
N GLY K 259 -44.31 44.66 -9.08
CA GLY K 259 -44.34 45.70 -10.07
C GLY K 259 -45.70 45.92 -10.68
N PRO K 260 -46.03 47.18 -11.01
CA PRO K 260 -47.32 47.47 -11.62
C PRO K 260 -47.37 47.19 -13.11
N GLY K 261 -46.24 46.93 -13.75
CA GLY K 261 -46.23 46.83 -15.20
C GLY K 261 -46.23 48.19 -15.82
N TRP K 262 -47.08 48.40 -16.82
CA TRP K 262 -47.22 49.71 -17.44
C TRP K 262 -48.65 50.06 -17.80
N ALA K 263 -49.61 49.17 -17.55
CA ALA K 263 -50.96 49.26 -18.10
C ALA K 263 -51.97 49.77 -17.09
N ASN K 264 -51.58 50.73 -16.26
CA ASN K 264 -52.41 51.10 -15.11
C ASN K 264 -52.02 52.49 -14.64
N PRO K 265 -52.96 53.26 -14.07
CA PRO K 265 -52.61 54.45 -13.28
C PRO K 265 -52.04 54.12 -11.92
N ASP K 266 -52.01 52.84 -11.56
CA ASP K 266 -51.27 52.38 -10.39
C ASP K 266 -49.79 52.73 -10.51
N ASN K 267 -49.25 52.72 -11.73
CA ASN K 267 -47.90 53.22 -11.96
C ASN K 267 -47.79 54.70 -11.57
N VAL K 268 -48.82 55.48 -11.88
CA VAL K 268 -48.80 56.90 -11.53
C VAL K 268 -48.85 57.08 -10.01
N ALA K 269 -49.66 56.27 -9.33
CA ALA K 269 -49.73 56.35 -7.87
C ALA K 269 -48.42 55.91 -7.22
N LEU K 270 -47.77 54.89 -7.79
CA LEU K 270 -46.50 54.44 -7.22
C LEU K 270 -45.39 55.43 -7.50
N GLN K 271 -45.47 56.15 -8.62
CA GLN K 271 -44.52 57.25 -8.83
C GLN K 271 -44.80 58.41 -7.88
N VAL K 272 -46.06 58.62 -7.48
CA VAL K 272 -46.36 59.60 -6.45
C VAL K 272 -45.72 59.19 -5.12
N ALA K 273 -45.87 57.92 -4.76
CA ALA K 273 -45.35 57.45 -3.47
C ALA K 273 -43.83 57.44 -3.44
N ASN K 274 -43.19 57.03 -4.52
CA ASN K 274 -41.73 57.05 -4.56
C ASN K 274 -41.17 58.39 -5.01
N ALA K 275 -42.02 59.36 -5.28
CA ALA K 275 -41.59 60.74 -5.23
C ALA K 275 -41.73 61.32 -3.84
N ILE K 276 -42.64 60.77 -3.03
CA ILE K 276 -42.69 61.15 -1.62
C ILE K 276 -41.44 60.65 -0.91
N ILE K 277 -41.05 59.40 -1.12
CA ILE K 277 -39.87 58.96 -0.39
C ILE K 277 -38.61 59.33 -1.15
N GLY K 278 -38.37 58.76 -2.36
CA GLY K 278 -37.40 59.41 -3.24
C GLY K 278 -35.96 59.19 -2.79
N HIS K 279 -35.15 60.24 -2.86
CA HIS K 279 -33.72 60.07 -2.67
C HIS K 279 -33.15 61.02 -1.62
N TYR K 280 -32.18 60.51 -0.86
CA TYR K 280 -31.34 61.31 0.02
C TYR K 280 -29.90 60.81 -0.11
N ASP K 281 -28.96 61.75 -0.12
CA ASP K 281 -27.55 61.46 0.04
C ASP K 281 -27.02 62.31 1.18
N CYS K 282 -25.95 61.84 1.82
CA CYS K 282 -25.37 62.57 2.96
C CYS K 282 -24.59 63.83 2.54
N THR K 283 -24.69 64.32 1.31
CA THR K 283 -24.02 65.54 0.88
C THR K 283 -25.04 66.59 0.46
N TYR K 284 -26.07 66.81 1.25
CA TYR K 284 -27.05 67.84 0.93
C TYR K 284 -26.81 69.05 1.82
N GLY K 285 -27.62 70.08 1.62
CA GLY K 285 -27.57 71.25 2.46
C GLY K 285 -28.77 71.30 3.38
N GLY K 286 -28.55 71.06 4.66
CA GLY K 286 -29.62 71.15 5.62
C GLY K 286 -30.54 69.94 5.61
N GLY K 287 -30.01 68.79 5.98
CA GLY K 287 -30.84 67.62 6.14
C GLY K 287 -31.61 67.58 7.44
N MET K 288 -31.40 68.55 8.33
CA MET K 288 -32.06 68.59 9.62
C MET K 288 -33.55 68.86 9.51
N HIS K 289 -34.01 69.49 8.43
CA HIS K 289 -35.40 69.92 8.35
C HIS K 289 -35.99 69.63 6.98
N LEU K 290 -35.67 68.47 6.42
CA LEU K 290 -36.21 68.11 5.12
C LEU K 290 -37.68 67.72 5.25
N SER K 291 -38.34 67.64 4.09
CA SER K 291 -39.79 67.41 4.10
C SER K 291 -40.13 65.93 4.22
N SER K 292 -39.37 65.06 3.57
CA SER K 292 -39.57 63.64 3.76
C SER K 292 -39.03 63.25 5.13
N PRO K 293 -39.85 62.67 6.02
CA PRO K 293 -39.40 62.42 7.39
C PRO K 293 -38.41 61.29 7.52
N LEU K 294 -38.28 60.43 6.51
CA LEU K 294 -37.29 59.36 6.53
C LEU K 294 -35.88 59.94 6.53
N ALA K 295 -35.63 60.90 5.64
CA ALA K 295 -34.35 61.60 5.65
C ALA K 295 -34.18 62.44 6.90
N SER K 296 -35.29 62.93 7.47
CA SER K 296 -35.22 63.66 8.73
C SER K 296 -34.72 62.79 9.87
N VAL K 297 -35.22 61.55 9.95
CA VAL K 297 -34.75 60.62 10.96
C VAL K 297 -33.32 60.18 10.66
N ALA K 298 -32.98 60.03 9.38
CA ALA K 298 -31.64 59.59 9.02
C ALA K 298 -30.59 60.66 9.30
N VAL K 299 -30.98 61.93 9.29
CA VAL K 299 -30.06 62.98 9.71
C VAL K 299 -30.09 63.13 11.24
N THR K 300 -31.26 62.95 11.86
CA THR K 300 -31.42 63.14 13.29
C THR K 300 -30.63 62.11 14.08
N ASN K 301 -30.90 60.83 13.85
CA ASN K 301 -30.20 59.78 14.56
C ASN K 301 -28.85 59.45 13.93
N LYS K 302 -28.55 60.03 12.76
CA LYS K 302 -27.30 59.83 12.02
C LYS K 302 -27.07 58.36 11.69
N LEU K 303 -28.10 57.71 11.14
CA LEU K 303 -28.03 56.27 10.92
C LEU K 303 -27.31 55.91 9.62
N CYS K 304 -27.89 56.26 8.49
CA CYS K 304 -27.45 55.72 7.20
C CYS K 304 -26.57 56.72 6.47
N GLN K 305 -25.90 56.23 5.43
CA GLN K 305 -25.24 57.14 4.51
C GLN K 305 -26.23 57.71 3.51
N SER K 306 -26.87 56.85 2.73
CA SER K 306 -27.73 57.36 1.66
C SER K 306 -28.79 56.33 1.30
N PHE K 307 -29.79 56.79 0.54
CA PHE K 307 -30.79 55.88 0.00
C PHE K 307 -31.45 56.49 -1.23
N GLN K 308 -31.87 55.60 -2.13
CA GLN K 308 -32.89 55.92 -3.11
C GLN K 308 -34.05 54.96 -2.91
N THR K 309 -35.25 55.44 -3.22
CA THR K 309 -36.49 54.71 -3.00
C THR K 309 -37.40 55.03 -4.17
N PHE K 310 -37.67 53.98 -4.96
CA PHE K 310 -37.63 54.01 -6.41
C PHE K 310 -38.54 52.94 -7.02
N ASN K 311 -38.57 52.95 -8.35
CA ASN K 311 -39.38 52.06 -9.18
C ASN K 311 -38.58 51.63 -10.40
N ILE K 312 -38.75 50.37 -10.83
CA ILE K 312 -38.27 49.87 -12.11
C ILE K 312 -39.37 48.98 -12.68
N CYS K 313 -39.85 49.27 -13.88
CA CYS K 313 -40.98 48.53 -14.42
C CYS K 313 -40.57 47.78 -15.69
N TYR K 314 -41.34 46.73 -15.98
CA TYR K 314 -41.17 45.92 -17.18
C TYR K 314 -42.55 45.50 -17.64
N ALA K 315 -42.59 44.90 -18.84
CA ALA K 315 -43.82 44.34 -19.38
C ALA K 315 -44.38 43.28 -18.44
N ASP K 316 -45.54 43.59 -17.86
CA ASP K 316 -46.31 42.80 -16.90
C ASP K 316 -45.62 42.59 -15.56
N THR K 317 -44.52 43.30 -15.27
CA THR K 317 -43.83 43.02 -14.00
C THR K 317 -43.01 44.24 -13.59
N GLY K 318 -42.19 44.07 -12.56
CA GLY K 318 -41.32 45.14 -12.13
C GLY K 318 -40.89 44.95 -10.70
N LEU K 319 -39.86 45.71 -10.33
CA LEU K 319 -39.40 45.79 -8.96
C LEU K 319 -39.70 47.19 -8.43
N LEU K 320 -39.99 47.25 -7.14
CA LEU K 320 -40.47 48.50 -6.55
C LEU K 320 -39.94 48.57 -5.13
N GLY K 321 -38.98 49.42 -4.85
CA GLY K 321 -38.29 49.29 -3.58
C GLY K 321 -37.42 50.40 -3.09
N ALA K 322 -36.39 50.00 -2.34
CA ALA K 322 -35.61 50.90 -1.51
C ALA K 322 -34.20 50.34 -1.39
N HIS K 323 -33.23 51.16 -1.77
CA HIS K 323 -31.81 50.84 -1.72
C HIS K 323 -31.18 51.82 -0.75
N PHE K 324 -30.69 51.31 0.38
CA PHE K 324 -29.94 52.18 1.28
C PHE K 324 -28.57 51.60 1.60
N VAL K 325 -27.60 52.50 1.67
CA VAL K 325 -26.23 52.18 1.99
C VAL K 325 -25.95 52.79 3.36
N CYS K 326 -25.41 51.99 4.26
CA CYS K 326 -25.25 52.43 5.64
C CYS K 326 -24.07 51.71 6.29
N ASP K 327 -23.68 52.24 7.45
CA ASP K 327 -22.69 51.62 8.32
C ASP K 327 -23.20 50.26 8.82
N HIS K 328 -22.28 49.40 9.25
CA HIS K 328 -22.62 48.05 9.70
C HIS K 328 -23.26 48.01 11.08
N MET K 329 -23.61 49.15 11.67
CA MET K 329 -24.30 49.20 12.95
C MET K 329 -25.70 49.77 12.89
N SER K 330 -26.04 50.52 11.85
CA SER K 330 -27.35 51.15 11.75
C SER K 330 -28.28 50.41 10.81
N ILE K 331 -28.09 49.11 10.63
CA ILE K 331 -28.90 48.37 9.67
C ILE K 331 -30.32 48.18 10.20
N ASP K 332 -30.45 47.70 11.44
CA ASP K 332 -31.76 47.39 11.98
C ASP K 332 -32.58 48.64 12.23
N ASP K 333 -31.92 49.71 12.68
CA ASP K 333 -32.62 50.97 12.97
C ASP K 333 -33.17 51.60 11.70
N MET K 334 -32.31 51.75 10.69
CA MET K 334 -32.74 52.32 9.41
C MET K 334 -33.74 51.41 8.71
N MET K 335 -33.60 50.10 8.90
CA MET K 335 -34.53 49.13 8.31
C MET K 335 -35.93 49.28 8.89
N PHE K 336 -36.02 49.33 10.22
CA PHE K 336 -37.32 49.46 10.86
C PHE K 336 -37.94 50.82 10.58
N VAL K 337 -37.13 51.87 10.52
CA VAL K 337 -37.67 53.19 10.21
C VAL K 337 -38.15 53.25 8.76
N LEU K 338 -37.50 52.52 7.86
CA LEU K 338 -37.96 52.43 6.48
C LEU K 338 -39.32 51.73 6.38
N GLN K 339 -39.46 50.59 7.08
CA GLN K 339 -40.75 49.90 7.10
C GLN K 339 -41.83 50.74 7.77
N GLY K 340 -41.46 51.52 8.80
CA GLY K 340 -42.41 52.41 9.43
C GLY K 340 -42.85 53.55 8.54
N GLN K 341 -41.95 54.06 7.70
CA GLN K 341 -42.34 55.10 6.75
C GLN K 341 -43.22 54.55 5.64
N TRP K 342 -42.99 53.31 5.21
CA TRP K 342 -43.93 52.66 4.30
C TRP K 342 -45.31 52.54 4.91
N MET K 343 -45.41 52.06 6.16
CA MET K 343 -46.72 51.92 6.79
C MET K 343 -47.36 53.27 7.07
N ARG K 344 -46.55 54.28 7.39
CA ARG K 344 -47.09 55.62 7.62
C ARG K 344 -47.60 56.23 6.32
N LEU K 345 -47.05 55.83 5.18
CA LEU K 345 -47.70 56.18 3.93
C LEU K 345 -48.88 55.26 3.61
N CYS K 346 -48.94 54.08 4.23
CA CYS K 346 -50.06 53.18 3.94
C CYS K 346 -51.35 53.62 4.61
N THR K 347 -51.30 54.06 5.87
CA THR K 347 -52.56 54.34 6.57
C THR K 347 -52.75 55.79 7.01
N SER K 348 -51.79 56.68 6.78
CA SER K 348 -51.91 58.05 7.27
C SER K 348 -51.71 59.03 6.12
N ALA K 349 -52.46 58.82 5.04
CA ALA K 349 -52.32 59.61 3.81
C ALA K 349 -52.89 61.01 4.06
N THR K 350 -52.07 61.86 4.65
CA THR K 350 -52.44 63.26 4.86
C THR K 350 -52.35 64.02 3.56
N GLU K 351 -52.97 65.20 3.54
CA GLU K 351 -53.12 65.93 2.29
C GLU K 351 -51.80 66.56 1.84
N SER K 352 -51.03 67.10 2.79
CA SER K 352 -49.84 67.86 2.44
C SER K 352 -48.76 66.99 1.82
N GLU K 353 -48.63 65.75 2.28
CA GLU K 353 -47.65 64.85 1.67
C GLU K 353 -48.07 64.42 0.27
N VAL K 354 -49.38 64.33 0.02
CA VAL K 354 -49.84 63.95 -1.31
C VAL K 354 -49.63 65.11 -2.29
N VAL K 355 -49.90 66.34 -1.83
CA VAL K 355 -49.64 67.51 -2.67
C VAL K 355 -48.15 67.67 -2.92
N ARG K 356 -47.33 67.34 -1.90
CA ARG K 356 -45.88 67.38 -2.08
C ARG K 356 -45.42 66.33 -3.08
N GLY K 357 -46.00 65.14 -3.04
CA GLY K 357 -45.63 64.11 -4.00
C GLY K 357 -46.03 64.47 -5.42
N LYS K 358 -47.19 65.12 -5.57
CA LYS K 358 -47.61 65.56 -6.89
C LYS K 358 -46.69 66.65 -7.43
N ASN K 359 -46.36 67.64 -6.60
CA ASN K 359 -45.47 68.71 -7.05
C ASN K 359 -44.06 68.19 -7.32
N LEU K 360 -43.59 67.23 -6.53
CA LEU K 360 -42.27 66.65 -6.76
C LEU K 360 -42.24 65.82 -8.04
N LEU K 361 -43.32 65.08 -8.32
CA LEU K 361 -43.32 64.28 -9.55
C LEU K 361 -43.42 65.17 -10.78
N ARG K 362 -44.18 66.28 -10.68
CA ARG K 362 -44.20 67.27 -11.76
C ARG K 362 -42.83 67.88 -11.97
N ASN K 363 -42.16 68.27 -10.88
CA ASN K 363 -40.86 68.92 -10.99
C ASN K 363 -39.81 67.97 -11.56
N ALA K 364 -39.86 66.71 -11.14
CA ALA K 364 -38.94 65.70 -11.67
C ALA K 364 -39.18 65.47 -13.15
N LEU K 365 -40.45 65.36 -13.55
CA LEU K 365 -40.77 65.10 -14.95
C LEU K 365 -40.40 66.28 -15.85
N VAL K 366 -40.68 67.49 -15.40
CA VAL K 366 -40.43 68.68 -16.22
C VAL K 366 -38.93 68.97 -16.31
N SER K 367 -38.23 68.99 -15.17
CA SER K 367 -36.80 69.28 -15.22
C SER K 367 -35.99 68.13 -15.81
N HIS K 368 -36.51 66.90 -15.81
CA HIS K 368 -35.83 65.82 -16.47
C HIS K 368 -36.01 65.87 -17.98
N LEU K 369 -37.27 65.98 -18.43
CA LEU K 369 -37.55 65.93 -19.86
C LEU K 369 -37.32 67.31 -20.49
N ASP K 370 -36.05 67.65 -20.64
CA ASP K 370 -35.61 68.83 -21.35
C ASP K 370 -34.21 68.55 -21.88
N GLY K 371 -33.91 69.12 -23.03
CA GLY K 371 -32.74 68.62 -23.74
C GLY K 371 -33.12 67.48 -24.67
N THR K 372 -32.38 67.37 -25.77
CA THR K 372 -32.79 66.47 -26.85
C THR K 372 -32.62 65.01 -26.47
N THR K 373 -31.60 64.68 -25.69
CA THR K 373 -31.37 63.27 -25.34
C THR K 373 -32.40 62.68 -24.39
N PRO K 374 -32.81 63.32 -23.28
CA PRO K 374 -33.86 62.68 -22.45
C PRO K 374 -35.21 62.64 -23.11
N VAL K 375 -35.56 63.65 -23.92
CA VAL K 375 -36.84 63.61 -24.62
C VAL K 375 -36.83 62.56 -25.71
N CYS K 376 -35.67 62.35 -26.36
CA CYS K 376 -35.56 61.31 -27.37
C CYS K 376 -35.64 59.92 -26.75
N GLU K 377 -35.05 59.76 -25.56
CA GLU K 377 -35.18 58.52 -24.82
C GLU K 377 -36.62 58.27 -24.38
N ASP K 378 -37.32 59.34 -23.97
CA ASP K 378 -38.73 59.23 -23.63
C ASP K 378 -39.56 58.79 -24.84
N ILE K 379 -39.23 59.29 -26.03
CA ILE K 379 -39.95 58.89 -27.22
C ILE K 379 -39.69 57.42 -27.55
N GLY K 380 -38.44 56.98 -27.40
CA GLY K 380 -38.11 55.58 -27.66
C GLY K 380 -38.81 54.62 -26.71
N ARG K 381 -38.69 54.87 -25.40
CA ARG K 381 -39.34 54.00 -24.43
C ARG K 381 -40.85 54.22 -24.35
N SER K 382 -41.38 55.28 -24.95
CA SER K 382 -42.82 55.38 -25.11
C SER K 382 -43.30 54.46 -26.22
N LEU K 383 -42.66 54.53 -27.39
CA LEU K 383 -43.07 53.69 -28.51
C LEU K 383 -42.76 52.22 -28.27
N LEU K 384 -41.86 51.89 -27.35
CA LEU K 384 -41.64 50.48 -27.08
C LEU K 384 -42.60 49.90 -26.05
N THR K 385 -42.95 50.67 -25.01
CA THR K 385 -43.75 50.12 -23.92
C THR K 385 -45.25 50.37 -24.12
N TYR K 386 -45.65 51.63 -24.23
CA TYR K 386 -47.07 51.93 -24.37
C TYR K 386 -47.57 51.67 -25.78
N GLY K 387 -46.75 51.94 -26.78
CA GLY K 387 -47.17 51.87 -28.17
C GLY K 387 -47.35 53.26 -28.74
N ARG K 388 -47.89 54.16 -27.93
CA ARG K 388 -48.03 55.56 -28.28
C ARG K 388 -46.93 56.36 -27.61
N ARG K 389 -46.85 57.64 -27.95
CA ARG K 389 -46.14 58.60 -27.13
C ARG K 389 -47.13 59.15 -26.11
N ILE K 390 -46.67 59.36 -24.90
CA ILE K 390 -47.50 59.90 -23.84
C ILE K 390 -47.22 61.41 -23.73
N PRO K 391 -48.21 62.26 -23.94
CA PRO K 391 -48.00 63.69 -23.77
C PRO K 391 -47.87 64.06 -22.30
N LEU K 392 -47.30 65.25 -22.06
CA LEU K 392 -47.10 65.68 -20.68
C LEU K 392 -48.39 66.18 -20.05
N ALA K 393 -49.32 66.69 -20.86
CA ALA K 393 -50.63 67.07 -20.33
C ALA K 393 -51.41 65.84 -19.88
N GLU K 394 -51.15 64.68 -20.48
CA GLU K 394 -51.74 63.45 -19.98
C GLU K 394 -51.19 63.08 -18.61
N TRP K 395 -49.89 63.31 -18.38
CA TRP K 395 -49.34 63.10 -17.04
C TRP K 395 -49.94 64.09 -16.05
N GLU K 396 -50.20 65.33 -16.49
CA GLU K 396 -50.89 66.29 -15.64
C GLU K 396 -52.30 65.82 -15.30
N SER K 397 -52.97 65.19 -16.26
CA SER K 397 -54.31 64.64 -16.01
C SER K 397 -54.27 63.48 -15.03
N ARG K 398 -53.29 62.57 -15.18
CA ARG K 398 -53.20 61.44 -14.27
C ARG K 398 -52.80 61.87 -12.87
N ILE K 399 -52.04 62.96 -12.75
CA ILE K 399 -51.79 63.55 -11.45
C ILE K 399 -53.06 64.16 -10.87
N ALA K 400 -53.80 64.90 -11.69
CA ALA K 400 -54.98 65.60 -11.21
C ALA K 400 -56.13 64.66 -10.88
N GLU K 401 -56.10 63.43 -11.35
CA GLU K 401 -57.14 62.47 -11.00
C GLU K 401 -56.76 61.61 -9.80
N VAL K 402 -55.79 62.03 -8.99
CA VAL K 402 -55.31 61.24 -7.86
C VAL K 402 -55.36 62.08 -6.60
N ASP K 403 -56.10 61.62 -5.60
CA ASP K 403 -56.18 62.20 -4.27
C ASP K 403 -55.44 61.30 -3.28
N ALA K 404 -55.55 61.63 -1.99
CA ALA K 404 -54.89 60.83 -0.96
C ALA K 404 -55.51 59.45 -0.82
N ARG K 405 -56.79 59.31 -1.17
CA ARG K 405 -57.50 58.06 -0.95
C ARG K 405 -56.97 56.94 -1.84
N VAL K 406 -56.85 57.22 -3.13
CA VAL K 406 -56.34 56.24 -4.08
C VAL K 406 -54.86 55.95 -3.80
N VAL K 407 -54.13 56.95 -3.28
CA VAL K 407 -52.73 56.75 -2.90
C VAL K 407 -52.61 55.70 -1.79
N ARG K 408 -53.39 55.87 -0.72
CA ARG K 408 -53.28 54.89 0.35
C ARG K 408 -53.92 53.55 -0.01
N GLU K 409 -54.86 53.53 -0.96
CA GLU K 409 -55.36 52.24 -1.45
C GLU K 409 -54.30 51.47 -2.22
N VAL K 410 -53.60 52.14 -3.13
CA VAL K 410 -52.55 51.46 -3.89
C VAL K 410 -51.36 51.11 -3.00
N CYS K 411 -51.03 51.97 -2.04
CA CYS K 411 -49.94 51.66 -1.12
C CYS K 411 -50.30 50.53 -0.16
N SER K 412 -51.58 50.36 0.17
CA SER K 412 -51.98 49.21 0.97
C SER K 412 -52.23 47.98 0.12
N LYS K 413 -52.30 48.13 -1.20
CA LYS K 413 -52.38 46.95 -2.06
C LYS K 413 -51.02 46.38 -2.38
N TYR K 414 -50.04 47.22 -2.71
CA TYR K 414 -48.76 46.75 -3.22
C TYR K 414 -47.66 46.70 -2.17
N PHE K 415 -47.93 47.09 -0.95
CA PHE K 415 -46.88 47.02 0.08
C PHE K 415 -47.33 46.28 1.33
N TYR K 416 -48.58 46.46 1.74
CA TYR K 416 -49.08 45.90 2.99
C TYR K 416 -49.20 44.39 2.85
N ASP K 417 -48.36 43.68 3.62
CA ASP K 417 -48.30 42.21 3.68
C ASP K 417 -47.97 41.63 2.30
N GLN K 418 -46.82 42.06 1.78
CA GLN K 418 -46.27 41.49 0.55
C GLN K 418 -44.87 40.99 0.82
N CYS K 419 -44.51 39.89 0.15
CA CYS K 419 -43.22 39.25 0.35
C CYS K 419 -42.10 40.11 -0.22
N PRO K 420 -41.10 40.49 0.57
CA PRO K 420 -39.98 41.26 0.02
C PRO K 420 -38.96 40.36 -0.67
N ALA K 421 -38.17 41.02 -1.52
CA ALA K 421 -36.95 40.46 -2.07
C ALA K 421 -35.83 41.30 -1.50
N VAL K 422 -35.02 40.69 -0.64
CA VAL K 422 -33.96 41.38 0.06
C VAL K 422 -32.64 40.89 -0.49
N ALA K 423 -31.78 41.82 -0.86
CA ALA K 423 -30.42 41.51 -1.28
C ALA K 423 -29.49 42.34 -0.42
N GLY K 424 -28.64 41.67 0.35
CA GLY K 424 -27.71 42.35 1.24
C GLY K 424 -26.29 42.06 0.81
N PHE K 425 -25.43 43.08 0.91
CA PHE K 425 -24.05 42.89 0.50
C PHE K 425 -23.11 43.64 1.43
N GLY K 426 -22.13 42.91 1.98
CA GLY K 426 -21.06 43.54 2.71
C GLY K 426 -20.96 43.09 4.15
N PRO K 427 -20.81 44.05 5.07
CA PRO K 427 -20.83 43.78 6.53
C PRO K 427 -22.26 43.80 7.05
N ILE K 428 -22.97 42.72 6.77
CA ILE K 428 -24.41 42.69 6.88
C ILE K 428 -24.83 41.67 7.93
N GLU K 429 -24.04 41.53 8.98
CA GLU K 429 -24.37 40.57 10.02
C GLU K 429 -25.58 41.00 10.82
N GLN K 430 -25.78 42.31 11.00
CA GLN K 430 -26.94 42.83 11.70
C GLN K 430 -28.12 43.08 10.76
N LEU K 431 -28.14 42.41 9.61
CA LEU K 431 -29.33 42.42 8.78
C LEU K 431 -30.45 41.71 9.52
N PRO K 432 -31.65 42.26 9.53
CA PRO K 432 -32.78 41.55 10.13
C PRO K 432 -33.10 40.31 9.32
N ASP K 433 -33.51 39.26 10.03
CA ASP K 433 -33.84 38.03 9.36
C ASP K 433 -35.18 38.21 8.63
N TYR K 434 -35.43 37.32 7.66
CA TYR K 434 -36.56 37.50 6.77
C TYR K 434 -37.89 37.36 7.48
N ASN K 435 -37.94 36.55 8.54
CA ASN K 435 -39.17 36.45 9.31
C ASN K 435 -39.41 37.73 10.11
N ARG K 436 -38.35 38.36 10.60
CA ARG K 436 -38.55 39.64 11.28
C ARG K 436 -38.90 40.73 10.28
N ILE K 437 -38.43 40.63 9.03
CA ILE K 437 -38.81 41.60 8.00
C ILE K 437 -40.29 41.46 7.67
N ARG K 438 -40.73 40.23 7.43
CA ARG K 438 -42.13 40.00 7.06
C ARG K 438 -43.06 40.32 8.21
N SER K 439 -42.63 40.07 9.46
CA SER K 439 -43.40 40.49 10.61
C SER K 439 -43.41 42.01 10.73
N GLY K 440 -42.31 42.66 10.39
CA GLY K 440 -42.23 44.10 10.46
C GLY K 440 -42.94 44.83 9.35
N MET K 441 -43.36 44.13 8.30
CA MET K 441 -44.18 44.76 7.26
C MET K 441 -45.52 45.23 7.80
N PHE K 442 -46.37 44.32 8.24
CA PHE K 442 -47.67 44.73 8.76
C PHE K 442 -47.55 45.08 10.23
N TRP K 443 -48.52 45.87 10.71
CA TRP K 443 -48.68 46.12 12.13
C TRP K 443 -50.08 45.71 12.55
N LEU K 444 -50.18 45.11 13.72
CA LEU K 444 -51.44 44.68 14.29
C LEU K 444 -51.91 45.60 15.41
N ARG K 445 -51.12 46.61 15.75
CA ARG K 445 -51.38 47.45 16.92
C ARG K 445 -52.44 48.52 16.62
N HIS L 20 -44.92 83.51 -32.79
CA HIS L 20 -44.04 84.06 -31.77
C HIS L 20 -42.69 83.35 -31.72
N PRO L 21 -41.61 84.09 -32.02
CA PRO L 21 -40.26 83.51 -31.90
C PRO L 21 -39.71 83.58 -30.48
N GLN L 22 -40.11 84.62 -29.74
CA GLN L 22 -39.74 84.87 -28.33
C GLN L 22 -38.22 84.94 -28.17
N ASP L 23 -37.67 86.01 -28.75
CA ASP L 23 -36.23 86.19 -28.88
C ASP L 23 -35.57 86.46 -27.53
N LEU L 24 -34.25 86.36 -27.52
CA LEU L 24 -33.47 86.53 -26.30
C LEU L 24 -33.37 88.02 -25.94
N GLU L 25 -33.36 88.29 -24.63
CA GLU L 25 -33.15 89.64 -24.13
C GLU L 25 -31.93 89.69 -23.22
N PHE L 26 -30.94 90.44 -23.66
CA PHE L 26 -29.88 90.97 -22.82
C PHE L 26 -30.29 92.35 -22.33
N THR L 27 -29.98 92.69 -21.08
CA THR L 27 -30.18 94.06 -20.61
C THR L 27 -29.21 94.33 -19.47
N ARG L 28 -28.26 95.21 -19.68
CA ARG L 28 -27.43 95.66 -18.57
C ARG L 28 -28.17 96.73 -17.79
N LEU L 29 -28.33 96.51 -16.50
CA LEU L 29 -28.89 97.60 -15.73
C LEU L 29 -27.74 98.40 -15.13
N PRO L 30 -27.71 99.72 -15.37
CA PRO L 30 -26.56 100.56 -14.97
C PRO L 30 -26.56 100.99 -13.50
N ASN L 31 -26.90 100.06 -12.62
CA ASN L 31 -26.38 100.09 -11.26
C ASN L 31 -25.08 99.32 -11.20
N GLY L 32 -24.86 98.43 -12.16
CA GLY L 32 -23.67 97.63 -12.24
C GLY L 32 -23.98 96.20 -12.55
N LEU L 33 -25.27 95.86 -12.71
CA LEU L 33 -25.67 94.46 -12.81
C LEU L 33 -26.20 94.17 -14.20
N VAL L 34 -26.52 92.90 -14.45
CA VAL L 34 -27.05 92.54 -15.77
C VAL L 34 -28.20 91.55 -15.59
N ILE L 35 -29.20 91.67 -16.46
CA ILE L 35 -30.43 90.90 -16.41
C ILE L 35 -30.67 90.30 -17.79
N ALA L 36 -30.76 88.98 -17.84
CA ALA L 36 -31.12 88.29 -19.07
C ALA L 36 -32.47 87.63 -18.89
N SER L 37 -33.31 87.75 -19.92
CA SER L 37 -34.61 87.10 -19.91
C SER L 37 -34.82 86.39 -21.24
N LEU L 38 -35.31 85.17 -21.17
CA LEU L 38 -35.58 84.39 -22.38
C LEU L 38 -36.81 83.54 -22.11
N GLU L 39 -37.95 83.96 -22.66
CA GLU L 39 -39.19 83.22 -22.50
C GLU L 39 -39.17 82.05 -23.47
N ASN L 40 -38.59 80.94 -23.03
CA ASN L 40 -38.74 79.68 -23.73
C ASN L 40 -39.95 78.93 -23.21
N TYR L 41 -40.67 78.28 -24.11
CA TYR L 41 -41.87 77.56 -23.70
C TYR L 41 -41.57 76.09 -23.42
N ALA L 42 -40.56 75.87 -22.60
CA ALA L 42 -40.49 74.69 -21.76
C ALA L 42 -41.11 75.02 -20.41
N PRO L 43 -41.84 74.09 -19.80
CA PRO L 43 -42.62 74.43 -18.60
C PRO L 43 -41.79 74.76 -17.37
N ALA L 44 -40.48 74.50 -17.38
CA ALA L 44 -39.64 74.77 -16.21
C ALA L 44 -39.39 76.27 -16.09
N SER L 45 -38.64 76.62 -15.05
CA SER L 45 -38.24 78.00 -14.83
C SER L 45 -36.89 77.95 -14.13
N ARG L 46 -35.86 78.45 -14.80
CA ARG L 46 -34.49 78.45 -14.29
C ARG L 46 -34.07 79.88 -14.00
N ILE L 47 -33.72 80.15 -12.76
CA ILE L 47 -33.19 81.44 -12.34
C ILE L 47 -31.78 81.21 -11.85
N GLY L 48 -30.88 82.12 -12.19
CA GLY L 48 -29.51 81.95 -11.75
C GLY L 48 -28.81 83.26 -11.45
N LEU L 49 -28.20 83.35 -10.27
CA LEU L 49 -27.36 84.48 -9.93
C LEU L 49 -25.90 84.06 -10.00
N PHE L 50 -25.14 84.74 -10.84
CA PHE L 50 -23.72 84.48 -11.01
C PHE L 50 -22.94 85.67 -10.46
N ILE L 51 -21.92 85.39 -9.66
CA ILE L 51 -21.15 86.42 -8.96
C ILE L 51 -19.67 86.13 -9.13
N LYS L 52 -18.87 87.17 -9.43
CA LYS L 52 -17.41 87.06 -9.44
C LYS L 52 -16.85 86.99 -8.03
N ALA L 53 -17.14 85.91 -7.30
CA ALA L 53 -16.66 85.71 -5.95
C ALA L 53 -16.16 84.29 -5.79
N GLY L 54 -15.35 83.84 -6.74
CA GLY L 54 -14.85 82.49 -6.73
C GLY L 54 -13.80 82.26 -5.66
N SER L 55 -13.15 81.10 -5.77
CA SER L 55 -12.19 80.68 -4.76
C SER L 55 -10.87 81.44 -4.84
N ARG L 56 -10.64 82.21 -5.90
CA ARG L 56 -9.39 82.95 -6.02
C ARG L 56 -9.29 84.11 -5.03
N TYR L 57 -10.42 84.57 -4.51
CA TYR L 57 -10.37 85.76 -3.67
C TYR L 57 -10.01 85.45 -2.24
N GLU L 58 -9.91 84.18 -1.87
CA GLU L 58 -9.30 83.80 -0.60
C GLU L 58 -7.80 84.02 -0.70
N ASN L 59 -7.26 84.90 0.15
CA ASN L 59 -5.82 85.03 0.23
C ASN L 59 -5.29 83.98 1.23
N PHE L 60 -4.03 84.11 1.64
CA PHE L 60 -3.46 83.15 2.56
C PHE L 60 -3.76 83.46 4.02
N ASN L 61 -4.80 84.26 4.29
CA ASN L 61 -5.22 84.58 5.65
C ASN L 61 -6.66 84.21 5.95
N ASN L 62 -7.49 83.93 4.95
CA ASN L 62 -8.90 83.68 5.20
C ASN L 62 -9.42 82.51 4.36
N LEU L 63 -8.65 81.43 4.30
CA LEU L 63 -8.99 80.30 3.45
C LEU L 63 -10.20 79.55 3.99
N GLY L 64 -10.79 78.73 3.12
CA GLY L 64 -11.98 78.00 3.47
C GLY L 64 -13.25 78.83 3.55
N THR L 65 -13.18 80.11 3.17
CA THR L 65 -14.34 80.97 3.25
C THR L 65 -15.33 80.67 2.12
N SER L 66 -14.81 80.37 0.92
CA SER L 66 -15.66 80.19 -0.25
C SER L 66 -16.41 78.87 -0.21
N HIS L 67 -15.74 77.80 0.20
CA HIS L 67 -16.39 76.49 0.31
C HIS L 67 -17.46 76.50 1.40
N LEU L 68 -17.14 77.07 2.56
CA LEU L 68 -18.10 77.19 3.65
C LEU L 68 -19.26 78.08 3.26
N LEU L 69 -19.01 79.10 2.45
CA LEU L 69 -20.11 79.93 1.95
C LEU L 69 -20.92 79.17 0.92
N ARG L 70 -20.28 78.26 0.18
CA ARG L 70 -20.99 77.48 -0.81
C ARG L 70 -21.92 76.47 -0.16
N LEU L 71 -21.49 75.89 0.96
CA LEU L 71 -22.39 75.03 1.71
C LEU L 71 -23.34 75.81 2.62
N ALA L 72 -23.32 77.13 2.58
CA ALA L 72 -24.17 77.97 3.40
C ALA L 72 -25.52 78.28 2.75
N SER L 73 -26.00 77.37 1.89
CA SER L 73 -27.28 77.57 1.23
C SER L 73 -28.44 77.51 2.23
N SER L 74 -28.45 76.48 3.06
CA SER L 74 -29.59 76.15 3.92
C SER L 74 -29.54 76.86 5.27
N LEU L 75 -28.88 77.99 5.37
CA LEU L 75 -28.80 78.70 6.64
C LEU L 75 -29.86 79.80 6.69
N THR L 76 -29.99 80.42 7.86
CA THR L 76 -31.01 81.43 8.07
C THR L 76 -30.63 82.76 7.44
N THR L 77 -31.66 83.47 6.98
CA THR L 77 -31.55 84.84 6.50
C THR L 77 -32.54 85.71 7.26
N LYS L 78 -32.24 87.01 7.32
CA LYS L 78 -33.22 87.96 7.84
C LYS L 78 -34.36 88.10 6.84
N GLY L 79 -35.58 87.84 7.29
CA GLY L 79 -36.74 87.84 6.43
C GLY L 79 -37.43 86.50 6.45
N ALA L 80 -36.65 85.42 6.50
CA ALA L 80 -37.19 84.07 6.51
C ALA L 80 -36.14 83.13 7.07
N SER L 81 -36.48 82.43 8.15
CA SER L 81 -35.56 81.48 8.75
C SER L 81 -35.43 80.23 7.88
N SER L 82 -34.42 79.41 8.20
CA SER L 82 -34.01 78.33 7.31
C SER L 82 -35.03 77.20 7.24
N PHE L 83 -35.85 77.04 8.28
CA PHE L 83 -36.86 75.98 8.26
C PHE L 83 -37.91 76.24 7.20
N LYS L 84 -38.39 77.49 7.11
CA LYS L 84 -39.37 77.80 6.08
C LYS L 84 -38.74 77.77 4.70
N ILE L 85 -37.45 78.09 4.60
CA ILE L 85 -36.71 78.00 3.33
C ILE L 85 -36.72 76.56 2.82
N THR L 86 -36.22 75.64 3.65
CA THR L 86 -36.09 74.24 3.23
C THR L 86 -37.45 73.60 3.01
N ARG L 87 -38.41 73.86 3.92
CA ARG L 87 -39.71 73.23 3.75
C ARG L 87 -40.49 73.82 2.58
N GLY L 88 -40.30 75.09 2.26
CA GLY L 88 -40.98 75.66 1.12
C GLY L 88 -40.38 75.23 -0.21
N ILE L 89 -39.05 75.09 -0.25
CA ILE L 89 -38.42 74.65 -1.49
C ILE L 89 -38.74 73.19 -1.77
N GLU L 90 -38.71 72.33 -0.74
CA GLU L 90 -39.17 70.98 -1.00
C GLU L 90 -40.69 70.85 -1.04
N ALA L 91 -41.43 71.90 -0.64
CA ALA L 91 -42.88 71.88 -0.81
C ALA L 91 -43.25 72.16 -2.26
N VAL L 92 -42.61 73.15 -2.88
CA VAL L 92 -42.78 73.35 -4.31
C VAL L 92 -41.94 72.38 -5.12
N GLY L 93 -40.98 71.71 -4.48
CA GLY L 93 -40.15 70.76 -5.18
C GLY L 93 -39.10 71.35 -6.08
N GLY L 94 -38.76 72.62 -5.88
CA GLY L 94 -37.70 73.22 -6.67
C GLY L 94 -36.33 72.69 -6.27
N LYS L 95 -35.39 72.81 -7.18
CA LYS L 95 -34.01 72.41 -6.95
C LYS L 95 -33.14 73.66 -6.84
N LEU L 96 -32.39 73.75 -5.76
CA LEU L 96 -31.53 74.89 -5.48
C LEU L 96 -30.09 74.37 -5.47
N SER L 97 -29.46 74.39 -6.64
CA SER L 97 -28.12 73.87 -6.81
C SER L 97 -27.12 75.02 -6.89
N VAL L 98 -25.98 74.84 -6.24
CA VAL L 98 -24.96 75.87 -6.16
C VAL L 98 -23.71 75.33 -6.80
N THR L 99 -23.16 76.06 -7.76
CA THR L 99 -21.91 75.63 -8.38
C THR L 99 -20.90 76.76 -8.36
N SER L 100 -19.64 76.39 -8.18
CA SER L 100 -18.55 77.35 -8.05
C SER L 100 -17.38 76.91 -8.91
N THR L 101 -16.93 77.83 -9.75
CA THR L 101 -15.61 77.82 -10.35
C THR L 101 -14.74 78.79 -9.57
N ARG L 102 -13.44 78.78 -9.89
CA ARG L 102 -12.48 79.61 -9.18
C ARG L 102 -12.69 81.10 -9.35
N GLU L 103 -13.49 81.53 -10.32
CA GLU L 103 -13.90 82.91 -10.42
C GLU L 103 -15.40 83.13 -10.22
N ASN L 104 -16.19 82.08 -9.99
CA ASN L 104 -17.63 82.29 -9.97
C ASN L 104 -18.31 81.51 -8.86
N MET L 105 -19.16 82.19 -8.12
CA MET L 105 -20.22 81.54 -7.36
C MET L 105 -21.51 81.62 -8.14
N ALA L 106 -22.35 80.60 -7.99
CA ALA L 106 -23.54 80.49 -8.80
C ALA L 106 -24.65 79.83 -8.01
N TYR L 107 -25.72 80.59 -7.76
CA TYR L 107 -26.91 80.05 -7.12
C TYR L 107 -27.96 79.85 -8.20
N THR L 108 -28.41 78.61 -8.40
CA THR L 108 -29.39 78.29 -9.43
C THR L 108 -30.62 77.70 -8.77
N VAL L 109 -31.78 78.29 -9.02
CA VAL L 109 -33.04 77.78 -8.54
C VAL L 109 -33.92 77.46 -9.74
N GLU L 110 -34.29 76.19 -9.87
CA GLU L 110 -35.09 75.76 -11.01
C GLU L 110 -36.31 74.99 -10.51
N CYS L 111 -37.47 75.37 -11.03
CA CYS L 111 -38.74 74.97 -10.46
C CYS L 111 -39.81 75.05 -11.55
N LEU L 112 -41.07 75.04 -11.13
CA LEU L 112 -42.17 75.29 -12.06
C LEU L 112 -42.46 76.78 -12.16
N ARG L 113 -43.30 77.13 -13.13
CA ARG L 113 -43.61 78.51 -13.46
C ARG L 113 -44.78 79.07 -12.67
N ASP L 114 -45.02 78.57 -11.47
CA ASP L 114 -46.05 79.12 -10.59
C ASP L 114 -45.46 80.00 -9.49
N ASP L 115 -44.60 79.43 -8.65
CA ASP L 115 -44.16 80.05 -7.40
C ASP L 115 -42.79 80.70 -7.54
N VAL L 116 -42.49 81.30 -8.70
CA VAL L 116 -41.19 81.92 -8.90
C VAL L 116 -41.05 83.23 -8.13
N ASP L 117 -42.15 83.82 -7.68
CA ASP L 117 -42.08 85.08 -6.93
C ASP L 117 -41.73 84.84 -5.46
N ILE L 118 -42.36 83.86 -4.81
CA ILE L 118 -42.03 83.55 -3.43
C ILE L 118 -40.66 82.90 -3.33
N LEU L 119 -40.31 82.04 -4.30
CA LEU L 119 -38.96 81.52 -4.36
C LEU L 119 -37.97 82.59 -4.73
N MET L 120 -38.42 83.61 -5.46
CA MET L 120 -37.57 84.76 -5.70
C MET L 120 -37.33 85.53 -4.40
N GLU L 121 -38.32 85.58 -3.52
CA GLU L 121 -38.09 86.17 -2.19
C GLU L 121 -37.08 85.36 -1.38
N PHE L 122 -37.22 84.03 -1.39
CA PHE L 122 -36.24 83.16 -0.70
C PHE L 122 -34.83 83.37 -1.24
N LEU L 123 -34.70 83.33 -2.57
CA LEU L 123 -33.40 83.46 -3.20
C LEU L 123 -32.79 84.84 -2.97
N LEU L 124 -33.60 85.89 -3.04
CA LEU L 124 -33.04 87.22 -2.86
C LEU L 124 -32.71 87.49 -1.40
N ASN L 125 -33.40 86.84 -0.46
CA ASN L 125 -32.96 86.92 0.94
C ASN L 125 -31.61 86.22 1.12
N VAL L 126 -31.45 85.05 0.50
CA VAL L 126 -30.19 84.31 0.55
C VAL L 126 -29.04 85.12 -0.04
N THR L 127 -29.30 85.80 -1.15
CA THR L 127 -28.22 86.52 -1.82
C THR L 127 -27.96 87.92 -1.26
N THR L 128 -28.97 88.58 -0.70
CA THR L 128 -28.74 89.90 -0.12
C THR L 128 -28.16 89.78 1.29
N ALA L 129 -28.90 89.18 2.21
CA ALA L 129 -28.58 89.31 3.63
C ALA L 129 -28.84 88.01 4.39
N PRO L 130 -27.83 87.18 4.57
CA PRO L 130 -27.96 86.06 5.53
C PRO L 130 -27.57 86.47 6.94
N GLU L 131 -27.72 85.55 7.89
CA GLU L 131 -27.52 85.83 9.30
C GLU L 131 -26.25 85.19 9.86
N PHE L 132 -26.04 83.90 9.55
CA PHE L 132 -24.88 83.11 9.96
C PHE L 132 -24.76 83.04 11.49
N ARG L 133 -25.73 82.36 12.08
CA ARG L 133 -25.63 81.98 13.49
C ARG L 133 -24.66 80.82 13.67
N ARG L 134 -23.95 80.84 14.80
CA ARG L 134 -22.68 80.13 14.93
C ARG L 134 -22.85 78.61 15.07
N TRP L 135 -23.93 78.15 15.69
CA TRP L 135 -24.16 76.71 15.84
C TRP L 135 -24.43 76.04 14.49
N GLU L 136 -25.13 76.76 13.60
CA GLU L 136 -25.32 76.29 12.23
C GLU L 136 -23.99 76.21 11.51
N VAL L 137 -23.08 77.14 11.81
CA VAL L 137 -21.76 77.12 11.20
C VAL L 137 -20.95 75.93 11.72
N ALA L 138 -21.15 75.52 12.97
CA ALA L 138 -20.43 74.34 13.48
C ALA L 138 -20.95 73.05 12.84
N ALA L 139 -22.27 72.93 12.71
CA ALA L 139 -22.85 71.82 11.96
C ALA L 139 -22.35 71.81 10.52
N LEU L 140 -22.16 72.99 9.94
CA LEU L 140 -21.63 73.06 8.60
C LEU L 140 -20.14 72.79 8.54
N GLN L 141 -19.40 72.96 9.64
CA GLN L 141 -18.01 72.50 9.70
C GLN L 141 -17.95 70.99 9.53
N SER L 142 -18.79 70.28 10.29
CA SER L 142 -18.89 68.82 10.13
C SER L 142 -19.31 68.44 8.71
N GLN L 143 -20.25 69.21 8.16
CA GLN L 143 -20.67 69.01 6.77
C GLN L 143 -19.53 69.24 5.79
N LEU L 144 -18.66 70.23 6.08
CA LEU L 144 -17.50 70.51 5.23
C LEU L 144 -16.55 69.34 5.20
N ARG L 145 -16.28 68.74 6.36
CA ARG L 145 -15.38 67.59 6.39
C ARG L 145 -15.93 66.42 5.60
N ILE L 146 -17.23 66.12 5.79
CA ILE L 146 -17.84 64.99 5.07
C ILE L 146 -17.87 65.25 3.57
N ASP L 147 -18.20 66.48 3.16
CA ASP L 147 -18.29 66.79 1.74
C ASP L 147 -16.93 66.86 1.07
N LYS L 148 -15.89 67.29 1.81
CA LYS L 148 -14.55 67.25 1.25
C LYS L 148 -14.10 65.82 1.02
N ALA L 149 -14.44 64.92 1.94
CA ALA L 149 -14.13 63.51 1.72
C ALA L 149 -14.84 62.95 0.51
N VAL L 150 -16.13 63.27 0.35
CA VAL L 150 -16.92 62.76 -0.78
C VAL L 150 -16.41 63.33 -2.10
N ALA L 151 -15.94 64.57 -2.09
CA ALA L 151 -15.41 65.16 -3.32
C ALA L 151 -14.05 64.56 -3.68
N PHE L 152 -13.15 64.46 -2.70
CA PHE L 152 -11.80 63.97 -2.98
C PHE L 152 -11.66 62.46 -2.88
N GLN L 153 -12.77 61.71 -2.89
CA GLN L 153 -12.62 60.26 -3.04
C GLN L 153 -12.14 59.86 -4.43
N ASN L 154 -12.23 60.77 -5.41
CA ASN L 154 -11.71 60.55 -6.75
C ASN L 154 -10.32 61.16 -6.89
N PRO L 155 -9.43 60.50 -7.63
CA PRO L 155 -8.05 61.02 -7.76
C PRO L 155 -7.95 62.25 -8.65
N GLN L 156 -8.95 62.47 -9.50
CA GLN L 156 -8.89 63.57 -10.47
C GLN L 156 -8.94 64.91 -9.78
N ALA L 157 -9.70 65.01 -8.69
CA ALA L 157 -9.73 66.25 -7.92
C ALA L 157 -8.39 66.54 -7.26
N HIS L 158 -7.72 65.48 -6.76
CA HIS L 158 -6.37 65.63 -6.21
C HIS L 158 -5.41 66.16 -7.26
N VAL L 159 -5.43 65.55 -8.46
CA VAL L 159 -4.47 65.91 -9.51
C VAL L 159 -4.72 67.33 -10.00
N ILE L 160 -5.98 67.67 -10.27
CA ILE L 160 -6.30 68.99 -10.81
C ILE L 160 -6.08 70.09 -9.77
N GLU L 161 -6.37 69.82 -8.50
CA GLU L 161 -6.18 70.88 -7.51
C GLU L 161 -4.71 71.08 -7.16
N ASN L 162 -3.92 70.01 -7.12
CA ASN L 162 -2.49 70.22 -6.98
C ASN L 162 -1.87 70.82 -8.24
N LEU L 163 -2.49 70.62 -9.40
CA LEU L 163 -2.03 71.24 -10.62
C LEU L 163 -2.25 72.74 -10.60
N HIS L 164 -3.44 73.16 -10.16
CA HIS L 164 -3.71 74.59 -10.04
C HIS L 164 -2.94 75.23 -8.91
N ALA L 165 -2.67 74.49 -7.83
CA ALA L 165 -1.82 75.02 -6.77
C ALA L 165 -0.34 74.84 -7.04
N ALA L 166 0.02 74.26 -8.19
CA ALA L 166 1.41 74.11 -8.59
C ALA L 166 1.91 75.24 -9.47
N ALA L 167 1.08 75.75 -10.35
CA ALA L 167 1.53 76.69 -11.37
C ALA L 167 1.48 78.15 -10.93
N TYR L 168 0.81 78.46 -9.82
CA TYR L 168 0.54 79.84 -9.47
C TYR L 168 1.09 80.17 -8.09
N ARG L 169 1.64 81.37 -7.98
CA ARG L 169 2.10 81.91 -6.72
C ARG L 169 1.05 82.80 -6.06
N ASN L 170 -0.18 82.78 -6.56
CA ASN L 170 -1.14 83.84 -6.26
C ASN L 170 -2.54 83.23 -6.33
N ALA L 171 -3.54 84.08 -6.58
CA ALA L 171 -4.96 83.79 -6.41
C ALA L 171 -5.45 82.52 -7.11
N LEU L 172 -4.87 82.15 -8.26
CA LEU L 172 -5.34 80.96 -8.93
C LEU L 172 -4.81 79.67 -8.32
N ALA L 173 -3.89 79.74 -7.38
CA ALA L 173 -3.43 78.54 -6.68
C ALA L 173 -4.41 78.10 -5.60
N ASN L 174 -5.39 78.93 -5.24
CA ASN L 174 -6.30 78.60 -4.16
C ASN L 174 -7.29 77.53 -4.59
N SER L 175 -7.49 76.55 -3.73
CA SER L 175 -8.34 75.43 -4.05
C SER L 175 -9.81 75.81 -3.98
N LEU L 176 -10.64 75.00 -4.64
CA LEU L 176 -12.09 75.06 -4.44
C LEU L 176 -12.43 74.73 -3.00
N TYR L 177 -11.75 73.74 -2.44
CA TYR L 177 -12.09 73.18 -1.15
C TYR L 177 -11.17 73.72 -0.07
N CYS L 178 -11.65 73.68 1.15
CA CYS L 178 -10.85 74.08 2.28
C CYS L 178 -9.78 73.02 2.56
N PRO L 179 -8.55 73.43 2.87
CA PRO L 179 -7.49 72.45 3.16
C PRO L 179 -7.68 71.73 4.49
N ASP L 180 -6.73 70.85 4.82
CA ASP L 180 -6.95 69.87 5.88
C ASP L 180 -6.90 70.50 7.27
N TYR L 181 -5.85 71.26 7.57
CA TYR L 181 -5.70 71.78 8.93
C TYR L 181 -6.67 72.93 9.18
N ARG L 182 -7.11 73.61 8.13
CA ARG L 182 -8.04 74.72 8.28
C ARG L 182 -9.46 74.28 8.60
N ILE L 183 -9.74 72.98 8.58
CA ILE L 183 -11.04 72.48 9.00
C ILE L 183 -11.18 72.66 10.50
N GLY L 184 -12.26 73.30 10.93
CA GLY L 184 -12.53 73.51 12.33
C GLY L 184 -11.99 74.81 12.89
N LYS L 185 -11.18 75.55 12.13
CA LYS L 185 -10.65 76.82 12.61
C LYS L 185 -11.54 78.00 12.25
N VAL L 186 -12.22 77.93 11.10
CA VAL L 186 -12.74 79.14 10.46
C VAL L 186 -14.01 79.65 11.14
N THR L 187 -13.93 80.88 11.65
CA THR L 187 -15.04 81.60 12.24
C THR L 187 -15.90 82.18 11.13
N PRO L 188 -17.19 82.47 11.39
CA PRO L 188 -18.01 83.12 10.36
C PRO L 188 -17.79 84.61 10.20
N ASP L 189 -16.83 85.22 10.91
CA ASP L 189 -16.57 86.64 10.69
C ASP L 189 -15.86 86.87 9.37
N GLU L 190 -15.04 85.91 8.93
CA GLU L 190 -14.52 85.92 7.56
C GLU L 190 -15.66 85.85 6.56
N LEU L 191 -16.72 85.08 6.87
CA LEU L 191 -17.88 85.01 5.98
C LEU L 191 -18.62 86.33 5.93
N HIS L 192 -18.78 87.00 7.07
CA HIS L 192 -19.45 88.30 7.09
C HIS L 192 -18.66 89.35 6.31
N ASP L 193 -17.34 89.38 6.49
CA ASP L 193 -16.54 90.33 5.72
C ASP L 193 -16.50 89.97 4.24
N TYR L 194 -16.60 88.69 3.91
CA TYR L 194 -16.62 88.29 2.51
C TYR L 194 -17.92 88.70 1.83
N VAL L 195 -19.04 88.60 2.56
CA VAL L 195 -20.31 89.13 2.07
C VAL L 195 -20.26 90.64 1.95
N GLN L 196 -19.58 91.31 2.89
CA GLN L 196 -19.53 92.77 2.88
C GLN L 196 -18.68 93.31 1.73
N ASN L 197 -17.62 92.62 1.32
CA ASN L 197 -16.82 93.20 0.25
C ASN L 197 -17.06 92.61 -1.13
N HIS L 198 -17.49 91.35 -1.24
CA HIS L 198 -17.60 90.74 -2.56
C HIS L 198 -19.00 90.71 -3.14
N PHE L 199 -20.03 90.45 -2.34
CA PHE L 199 -21.39 90.44 -2.86
C PHE L 199 -21.83 91.88 -3.05
N THR L 200 -21.59 92.40 -4.25
CA THR L 200 -21.93 93.76 -4.60
C THR L 200 -22.93 93.76 -5.74
N SER L 201 -23.63 94.89 -5.91
CA SER L 201 -24.56 95.02 -7.02
C SER L 201 -23.84 95.17 -8.35
N ALA L 202 -22.55 95.54 -8.34
CA ALA L 202 -21.80 95.71 -9.57
C ALA L 202 -21.28 94.39 -10.13
N ARG L 203 -21.49 93.28 -9.43
CA ARG L 203 -20.92 91.99 -9.78
C ARG L 203 -21.99 90.91 -9.80
N MET L 204 -23.13 91.19 -10.43
CA MET L 204 -24.29 90.31 -10.38
C MET L 204 -24.86 90.09 -11.76
N ALA L 205 -24.90 88.82 -12.18
CA ALA L 205 -25.56 88.41 -13.41
C ALA L 205 -26.81 87.62 -13.04
N LEU L 206 -27.97 88.21 -13.28
CA LEU L 206 -29.25 87.58 -12.98
C LEU L 206 -29.86 87.07 -14.28
N ILE L 207 -30.06 85.76 -14.37
CA ILE L 207 -30.50 85.13 -15.60
C ILE L 207 -31.84 84.46 -15.34
N GLY L 208 -32.78 84.63 -16.26
CA GLY L 208 -34.09 84.03 -16.13
C GLY L 208 -34.64 83.40 -17.41
N LEU L 209 -34.90 82.10 -17.34
CA LEU L 209 -35.45 81.34 -18.46
C LEU L 209 -36.77 80.75 -18.02
N GLY L 210 -37.86 81.29 -18.52
CA GLY L 210 -39.18 80.79 -18.17
C GLY L 210 -40.04 81.86 -17.53
N VAL L 211 -39.43 82.69 -16.69
CA VAL L 211 -40.16 83.79 -16.07
C VAL L 211 -40.34 84.91 -17.09
N SER L 212 -41.30 85.78 -16.80
CA SER L 212 -41.57 86.92 -17.64
C SER L 212 -40.64 88.08 -17.32
N HIS L 213 -40.40 88.92 -18.33
CA HIS L 213 -39.43 90.00 -18.17
C HIS L 213 -39.85 91.13 -17.22
N PRO L 214 -41.08 91.68 -17.26
CA PRO L 214 -41.38 92.77 -16.31
C PRO L 214 -41.49 92.32 -14.87
N VAL L 215 -41.97 91.11 -14.62
CA VAL L 215 -42.08 90.61 -13.24
C VAL L 215 -40.68 90.41 -12.65
N LEU L 216 -39.81 89.71 -13.39
CA LEU L 216 -38.43 89.51 -12.95
C LEU L 216 -37.70 90.84 -12.81
N LYS L 217 -37.92 91.76 -13.75
CA LYS L 217 -37.26 93.06 -13.73
C LYS L 217 -37.71 93.88 -12.53
N GLN L 218 -39.00 93.85 -12.22
CA GLN L 218 -39.52 94.67 -11.13
C GLN L 218 -39.10 94.12 -9.77
N VAL L 219 -39.18 92.81 -9.58
CA VAL L 219 -38.78 92.23 -8.29
C VAL L 219 -37.27 92.34 -8.10
N ALA L 220 -36.50 92.18 -9.19
CA ALA L 220 -35.05 92.36 -9.13
C ALA L 220 -34.66 93.79 -8.85
N GLU L 221 -35.45 94.77 -9.34
CA GLU L 221 -35.19 96.14 -8.95
C GLU L 221 -35.68 96.44 -7.53
N GLN L 222 -36.62 95.64 -7.02
CA GLN L 222 -37.07 95.83 -5.64
C GLN L 222 -36.01 95.37 -4.63
N PHE L 223 -35.64 94.10 -4.68
CA PHE L 223 -34.83 93.55 -3.60
C PHE L 223 -33.33 93.81 -3.73
N LEU L 224 -32.86 94.59 -4.70
CA LEU L 224 -31.41 94.64 -4.93
C LEU L 224 -30.88 96.07 -4.92
N ASN L 225 -31.41 96.92 -4.07
CA ASN L 225 -30.78 98.23 -3.86
C ASN L 225 -29.83 98.17 -2.66
N ILE L 226 -28.95 97.17 -2.67
CA ILE L 226 -28.07 96.86 -1.54
C ILE L 226 -26.68 96.56 -2.07
N ARG L 227 -25.68 97.26 -1.56
CA ARG L 227 -24.30 97.02 -1.93
C ARG L 227 -23.70 95.88 -1.12
N ALA L 235 -6.74 88.47 -6.94
CA ALA L 235 -6.74 89.55 -7.92
C ALA L 235 -5.40 89.62 -8.64
N LYS L 236 -5.44 89.40 -9.96
CA LYS L 236 -4.30 89.50 -10.89
C LYS L 236 -3.17 88.53 -10.48
N ALA L 237 -3.50 87.25 -10.65
CA ALA L 237 -2.60 86.17 -10.26
C ALA L 237 -1.33 86.15 -11.12
N LYS L 238 -0.26 85.62 -10.54
CA LYS L 238 1.04 85.58 -11.19
C LYS L 238 1.52 84.15 -11.31
N TYR L 239 2.19 83.84 -12.43
CA TYR L 239 2.64 82.48 -12.69
C TYR L 239 3.91 82.18 -11.90
N ARG L 240 3.93 81.00 -11.29
CA ARG L 240 5.07 80.54 -10.51
C ARG L 240 5.87 79.46 -11.21
N GLY L 241 5.21 78.38 -11.62
CA GLY L 241 5.88 77.28 -12.28
C GLY L 241 6.36 76.22 -11.31
N GLY L 242 6.58 75.02 -11.85
CA GLY L 242 7.12 73.95 -11.05
C GLY L 242 6.32 72.67 -11.10
N GLU L 243 6.34 71.92 -10.01
CA GLU L 243 5.64 70.64 -9.96
C GLU L 243 5.11 70.42 -8.55
N ILE L 244 4.12 69.54 -8.46
CA ILE L 244 3.70 68.97 -7.18
C ILE L 244 3.59 67.46 -7.33
N ARG L 245 4.30 66.74 -6.48
CA ARG L 245 4.38 65.29 -6.54
C ARG L 245 3.68 64.70 -5.34
N GLU L 246 2.82 63.72 -5.59
CA GLU L 246 1.94 63.12 -4.57
C GLU L 246 2.07 61.61 -4.72
N GLN L 247 3.02 61.03 -4.00
CA GLN L 247 3.25 59.59 -4.02
C GLN L 247 2.08 58.91 -3.32
N ASN L 248 1.20 58.29 -4.09
CA ASN L 248 0.03 57.63 -3.55
C ASN L 248 0.13 56.11 -3.59
N GLY L 249 0.91 55.57 -4.53
CA GLY L 249 1.14 54.13 -4.59
C GLY L 249 -0.07 53.31 -4.95
N ASP L 250 -0.98 53.85 -5.77
CA ASP L 250 -2.19 53.15 -6.14
C ASP L 250 -2.06 52.45 -7.48
N SER L 251 -0.82 52.18 -7.91
CA SER L 251 -0.42 51.40 -9.09
C SER L 251 -0.84 52.01 -10.42
N LEU L 252 -1.45 53.19 -10.44
CA LEU L 252 -1.85 53.84 -11.68
C LEU L 252 -1.42 55.31 -11.59
N VAL L 253 -0.45 55.69 -12.41
CA VAL L 253 0.06 57.05 -12.39
C VAL L 253 -0.97 57.98 -13.02
N HIS L 254 -1.39 59.00 -12.27
CA HIS L 254 -2.21 60.07 -12.82
C HIS L 254 -1.31 61.28 -12.92
N ALA L 255 -0.91 61.64 -14.13
CA ALA L 255 -0.03 62.77 -14.35
C ALA L 255 -0.75 63.86 -15.11
N ALA L 256 -0.31 65.09 -14.92
CA ALA L 256 -0.88 66.23 -15.62
C ALA L 256 0.24 67.21 -15.92
N LEU L 257 0.46 67.47 -17.22
CA LEU L 257 1.51 68.36 -17.69
C LEU L 257 0.85 69.57 -18.32
N VAL L 258 1.16 70.76 -17.79
CA VAL L 258 0.43 71.98 -18.13
C VAL L 258 1.41 73.14 -18.23
N ALA L 259 1.33 73.88 -19.34
CA ALA L 259 1.98 75.17 -19.46
C ALA L 259 0.94 76.28 -19.54
N GLU L 260 1.42 77.50 -19.67
CA GLU L 260 0.61 78.70 -19.64
C GLU L 260 0.32 79.17 -21.06
N SER L 261 -0.96 79.35 -21.40
CA SER L 261 -1.33 79.56 -22.80
C SER L 261 -1.92 80.94 -23.08
N ALA L 262 -3.11 81.24 -22.56
CA ALA L 262 -3.88 82.41 -23.01
C ALA L 262 -5.08 82.68 -22.12
N ALA L 263 -5.24 83.92 -21.68
CA ALA L 263 -6.49 84.32 -21.05
C ALA L 263 -7.60 84.30 -22.09
N ILE L 264 -8.76 83.77 -21.71
CA ILE L 264 -9.82 83.53 -22.68
C ILE L 264 -10.40 84.87 -23.12
N GLY L 265 -10.80 84.93 -24.39
CA GLY L 265 -11.18 86.20 -24.98
C GLY L 265 -10.13 86.66 -25.98
N SER L 266 -9.54 85.72 -26.70
CA SER L 266 -8.61 86.04 -27.77
C SER L 266 -8.69 84.99 -28.86
N ALA L 267 -8.32 85.41 -30.07
CA ALA L 267 -8.25 84.48 -31.20
C ALA L 267 -7.17 83.43 -30.99
N GLU L 268 -6.12 83.79 -30.25
CA GLU L 268 -5.13 82.80 -29.82
C GLU L 268 -5.76 81.76 -28.89
N ALA L 269 -6.68 82.18 -28.02
CA ALA L 269 -7.32 81.23 -27.12
C ALA L 269 -8.27 80.29 -27.87
N ASN L 270 -8.99 80.83 -28.86
CA ASN L 270 -9.77 79.97 -29.73
C ASN L 270 -8.88 79.01 -30.52
N ALA L 271 -7.68 79.45 -30.88
CA ALA L 271 -6.73 78.56 -31.53
C ALA L 271 -6.21 77.49 -30.57
N PHE L 272 -6.10 77.81 -29.28
CA PHE L 272 -5.76 76.77 -28.30
C PHE L 272 -6.89 75.76 -28.13
N SER L 273 -8.15 76.21 -28.24
CA SER L 273 -9.27 75.26 -28.25
C SER L 273 -9.21 74.34 -29.46
N VAL L 274 -8.91 74.91 -30.63
CA VAL L 274 -8.70 74.11 -31.83
C VAL L 274 -7.47 73.19 -31.66
N LEU L 275 -6.49 73.65 -30.88
CA LEU L 275 -5.30 72.84 -30.63
C LEU L 275 -5.62 71.61 -29.78
N GLN L 276 -6.45 71.78 -28.75
CA GLN L 276 -6.80 70.59 -27.97
C GLN L 276 -7.76 69.69 -28.73
N HIS L 277 -8.53 70.22 -29.68
CA HIS L 277 -9.27 69.31 -30.55
C HIS L 277 -8.38 68.64 -31.60
N VAL L 278 -7.24 69.25 -31.93
CA VAL L 278 -6.24 68.55 -32.74
C VAL L 278 -5.63 67.41 -31.96
N LEU L 279 -5.34 67.64 -30.68
CA LEU L 279 -4.79 66.61 -29.80
C LEU L 279 -5.76 65.48 -29.56
N GLY L 280 -6.89 65.78 -28.92
CA GLY L 280 -7.86 64.77 -28.57
C GLY L 280 -8.43 64.99 -27.19
N ALA L 281 -9.76 65.09 -27.12
CA ALA L 281 -10.51 65.47 -25.95
C ALA L 281 -11.38 64.28 -25.53
N GLY L 282 -12.37 64.55 -24.67
CA GLY L 282 -13.40 63.59 -24.30
C GLY L 282 -14.03 62.90 -25.50
N PRO L 283 -13.88 61.56 -25.56
CA PRO L 283 -14.13 60.82 -26.80
C PRO L 283 -15.57 60.80 -27.29
N HIS L 284 -15.76 60.17 -28.44
CA HIS L 284 -17.00 60.27 -29.19
C HIS L 284 -17.66 58.93 -29.45
N VAL L 285 -16.89 57.87 -29.58
CA VAL L 285 -17.42 56.51 -29.52
C VAL L 285 -17.15 56.00 -28.11
N LYS L 286 -18.23 55.84 -27.35
CA LYS L 286 -18.13 55.33 -25.99
C LYS L 286 -17.71 53.87 -26.02
N ARG L 287 -16.70 53.54 -25.20
CA ARG L 287 -16.01 52.24 -25.20
C ARG L 287 -15.43 51.93 -26.58
N GLY L 288 -14.75 52.93 -27.15
CA GLY L 288 -14.08 52.77 -28.42
C GLY L 288 -12.57 52.91 -28.32
N SER L 289 -11.92 53.39 -29.38
CA SER L 289 -10.46 53.50 -29.39
C SER L 289 -9.93 54.85 -29.83
N ASN L 290 -10.68 55.63 -30.63
CA ASN L 290 -10.31 56.97 -31.10
C ASN L 290 -9.00 56.95 -31.91
N ALA L 291 -9.04 56.28 -33.05
CA ALA L 291 -7.86 56.16 -33.90
C ALA L 291 -7.57 57.43 -34.70
N THR L 292 -8.49 58.39 -34.72
CA THR L 292 -8.19 59.66 -35.35
C THR L 292 -7.40 60.55 -34.40
N SER L 293 -7.52 60.30 -33.09
CA SER L 293 -6.89 61.13 -32.08
C SER L 293 -5.36 61.05 -32.17
N SER L 294 -4.73 62.21 -32.03
CA SER L 294 -3.30 62.31 -32.29
C SER L 294 -2.49 61.63 -31.19
N LEU L 295 -2.73 62.04 -29.94
CA LEU L 295 -1.93 61.55 -28.83
C LEU L 295 -2.17 60.07 -28.54
N TYR L 296 -3.41 59.60 -28.75
CA TYR L 296 -3.70 58.20 -28.49
C TYR L 296 -2.96 57.29 -29.47
N GLN L 297 -2.97 57.64 -30.75
CA GLN L 297 -2.24 56.83 -31.70
C GLN L 297 -0.74 57.04 -31.60
N ALA L 298 -0.30 58.19 -31.08
CA ALA L 298 1.11 58.37 -30.75
C ALA L 298 1.58 57.39 -29.69
N VAL L 299 0.84 57.31 -28.58
CA VAL L 299 1.26 56.42 -27.51
C VAL L 299 0.95 54.97 -27.87
N ALA L 300 -0.06 54.71 -28.70
CA ALA L 300 -0.30 53.38 -29.21
C ALA L 300 0.82 52.93 -30.14
N LYS L 301 1.43 53.87 -30.85
CA LYS L 301 2.68 53.58 -31.53
C LYS L 301 3.79 53.31 -30.53
N GLY L 302 3.78 54.01 -29.39
CA GLY L 302 4.79 53.78 -28.38
C GLY L 302 4.54 52.64 -27.41
N VAL L 303 3.46 52.72 -26.62
CA VAL L 303 3.22 51.82 -25.50
C VAL L 303 1.83 51.22 -25.64
N HIS L 304 1.76 49.90 -25.85
CA HIS L 304 0.48 49.22 -26.00
C HIS L 304 -0.03 48.60 -24.71
N GLN L 305 -0.04 49.40 -23.65
CA GLN L 305 -0.60 49.00 -22.36
C GLN L 305 -2.00 49.61 -22.20
N PRO L 306 -2.72 49.25 -21.13
CA PRO L 306 -3.90 50.05 -20.78
C PRO L 306 -3.52 51.44 -20.30
N PHE L 307 -3.77 52.46 -21.13
CA PHE L 307 -3.49 53.84 -20.77
C PHE L 307 -4.68 54.70 -21.19
N ASP L 308 -4.53 56.01 -20.97
CA ASP L 308 -5.50 57.00 -21.40
C ASP L 308 -4.78 58.34 -21.44
N VAL L 309 -4.91 59.06 -22.54
CA VAL L 309 -4.28 60.37 -22.71
C VAL L 309 -5.34 61.35 -23.16
N SER L 310 -5.50 62.46 -22.43
CA SER L 310 -6.53 63.44 -22.77
C SER L 310 -5.95 64.85 -22.74
N ALA L 311 -6.40 65.70 -23.66
CA ALA L 311 -5.96 67.08 -23.67
C ALA L 311 -6.71 67.88 -22.61
N PHE L 312 -6.35 69.16 -22.49
CA PHE L 312 -6.79 69.98 -21.36
C PHE L 312 -6.62 71.44 -21.73
N ASN L 313 -7.69 72.22 -21.62
CA ASN L 313 -7.63 73.67 -21.74
C ASN L 313 -8.62 74.26 -20.75
N ALA L 314 -8.11 74.91 -19.71
CA ALA L 314 -8.93 75.74 -18.83
C ALA L 314 -8.41 77.16 -18.94
N SER L 315 -9.29 78.13 -18.69
CA SER L 315 -8.85 79.51 -18.77
C SER L 315 -9.71 80.37 -17.87
N TYR L 316 -9.23 81.58 -17.61
CA TYR L 316 -9.90 82.48 -16.69
C TYR L 316 -9.83 83.89 -17.26
N SER L 317 -10.24 84.85 -16.45
CA SER L 317 -10.28 86.25 -16.89
C SER L 317 -8.94 86.95 -16.70
N ASP L 318 -7.92 86.25 -16.26
CA ASP L 318 -6.57 86.83 -16.20
C ASP L 318 -5.53 86.00 -16.90
N SER L 319 -5.62 84.67 -16.84
CA SER L 319 -4.72 83.80 -17.57
C SER L 319 -5.40 82.44 -17.75
N GLY L 320 -4.62 81.46 -18.19
CA GLY L 320 -5.17 80.15 -18.47
C GLY L 320 -4.10 79.10 -18.44
N LEU L 321 -4.55 77.85 -18.50
CA LEU L 321 -3.70 76.68 -18.36
C LEU L 321 -4.02 75.68 -19.46
N PHE L 322 -3.02 75.32 -20.25
CA PHE L 322 -3.14 74.32 -21.30
C PHE L 322 -2.29 73.12 -20.96
N GLY L 323 -2.71 71.95 -21.43
CA GLY L 323 -1.84 70.79 -21.32
C GLY L 323 -2.57 69.49 -21.58
N PHE L 324 -2.13 68.45 -20.88
CA PHE L 324 -2.73 67.13 -21.03
C PHE L 324 -2.64 66.38 -19.71
N TYR L 325 -3.31 65.23 -19.70
CA TYR L 325 -3.61 64.46 -18.50
C TYR L 325 -3.56 63.00 -18.88
N THR L 326 -2.68 62.24 -18.23
CA THR L 326 -2.43 60.85 -18.60
C THR L 326 -2.71 59.93 -17.43
N ILE L 327 -3.57 58.95 -17.66
CA ILE L 327 -3.79 57.83 -16.77
C ILE L 327 -2.97 56.67 -17.30
N SER L 328 -2.02 56.18 -16.52
CA SER L 328 -1.07 55.21 -17.04
C SER L 328 -0.73 54.18 -15.97
N GLN L 329 0.10 53.23 -16.36
CA GLN L 329 0.46 52.10 -15.53
C GLN L 329 1.52 52.48 -14.50
N ALA L 330 2.12 51.46 -13.87
CA ALA L 330 3.09 51.69 -12.81
C ALA L 330 4.44 52.12 -13.35
N ALA L 331 5.06 51.27 -14.17
CA ALA L 331 6.43 51.49 -14.63
C ALA L 331 6.51 51.92 -16.08
N SER L 332 5.39 52.23 -16.73
CA SER L 332 5.39 52.66 -18.11
C SER L 332 4.97 54.11 -18.28
N ALA L 333 4.88 54.87 -17.19
CA ALA L 333 4.28 56.19 -17.23
C ALA L 333 5.16 57.19 -17.96
N GLY L 334 6.46 57.20 -17.63
CA GLY L 334 7.36 58.21 -18.15
C GLY L 334 7.60 58.10 -19.63
N ASP L 335 7.63 56.88 -20.16
CA ASP L 335 7.81 56.72 -21.60
C ASP L 335 6.57 57.17 -22.36
N VAL L 336 5.39 56.97 -21.76
CA VAL L 336 4.15 57.52 -22.32
C VAL L 336 4.20 59.04 -22.36
N ILE L 337 4.65 59.66 -21.27
CA ILE L 337 4.71 61.12 -21.21
C ILE L 337 5.74 61.67 -22.20
N LYS L 338 6.88 60.98 -22.33
CA LYS L 338 7.91 61.43 -23.26
C LYS L 338 7.48 61.26 -24.70
N ALA L 339 6.79 60.16 -25.02
CA ALA L 339 6.30 59.96 -26.39
C ALA L 339 5.21 60.96 -26.74
N ALA L 340 4.36 61.31 -25.77
CA ALA L 340 3.36 62.34 -26.01
C ALA L 340 4.00 63.70 -26.19
N TYR L 341 5.07 63.98 -25.45
CA TYR L 341 5.76 65.25 -25.60
C TYR L 341 6.49 65.34 -26.94
N ASN L 342 7.03 64.21 -27.42
CA ASN L 342 7.61 64.20 -28.76
C ASN L 342 6.56 64.33 -29.84
N GLN L 343 5.34 63.82 -29.60
CA GLN L 343 4.26 64.04 -30.55
C GLN L 343 3.84 65.50 -30.58
N VAL L 344 3.84 66.17 -29.42
CA VAL L 344 3.53 67.59 -29.41
C VAL L 344 4.64 68.38 -30.11
N LYS L 345 5.89 67.92 -29.98
CA LYS L 345 6.99 68.55 -30.72
C LYS L 345 6.85 68.35 -32.22
N THR L 346 6.41 67.17 -32.67
CA THR L 346 6.28 66.96 -34.12
C THR L 346 4.98 67.53 -34.68
N ILE L 347 4.00 67.88 -33.84
CA ILE L 347 2.88 68.66 -34.33
C ILE L 347 3.24 70.14 -34.38
N ALA L 348 4.01 70.61 -33.39
CA ALA L 348 4.59 71.94 -33.43
C ALA L 348 5.65 72.10 -34.51
N GLN L 349 6.13 71.00 -35.08
CA GLN L 349 7.00 71.05 -36.24
C GLN L 349 6.32 71.76 -37.42
N GLY L 350 5.03 71.47 -37.63
CA GLY L 350 4.30 72.08 -38.71
C GLY L 350 3.71 71.05 -39.65
N ASN L 351 3.75 69.78 -39.25
CA ASN L 351 3.18 68.69 -40.03
C ASN L 351 1.72 68.45 -39.67
N LEU L 352 0.94 69.53 -39.74
CA LEU L 352 -0.46 69.53 -39.35
C LEU L 352 -1.28 69.85 -40.60
N SER L 353 -1.86 68.82 -41.20
CA SER L 353 -2.55 69.00 -42.47
C SER L 353 -3.89 69.68 -42.26
N ASN L 354 -4.50 70.07 -43.39
CA ASN L 354 -5.77 70.79 -43.38
C ASN L 354 -6.96 70.02 -42.79
N PRO L 355 -7.26 68.75 -43.16
CA PRO L 355 -8.50 68.15 -42.64
C PRO L 355 -8.50 67.86 -41.16
N ASP L 356 -7.34 67.71 -40.53
CA ASP L 356 -7.31 67.63 -39.07
C ASP L 356 -7.78 68.93 -38.44
N VAL L 357 -7.35 70.07 -39.00
CA VAL L 357 -7.79 71.36 -38.47
C VAL L 357 -9.26 71.59 -38.76
N GLN L 358 -9.74 71.13 -39.93
CA GLN L 358 -11.14 71.32 -40.25
C GLN L 358 -12.05 70.44 -39.39
N ALA L 359 -11.67 69.17 -39.20
CA ALA L 359 -12.43 68.30 -38.31
C ALA L 359 -12.32 68.75 -36.85
N ALA L 360 -11.21 69.39 -36.48
CA ALA L 360 -11.12 69.98 -35.15
C ALA L 360 -12.08 71.15 -35.00
N LYS L 361 -12.23 71.96 -36.05
CA LYS L 361 -13.24 73.02 -36.04
C LYS L 361 -14.65 72.44 -35.96
N ASN L 362 -14.88 71.31 -36.62
CA ASN L 362 -16.19 70.66 -36.54
C ASN L 362 -16.46 70.14 -35.13
N LYS L 363 -15.44 69.56 -34.49
CA LYS L 363 -15.55 69.15 -33.10
C LYS L 363 -15.86 70.33 -32.20
N LEU L 364 -15.22 71.48 -32.45
CA LEU L 364 -15.45 72.64 -31.61
C LEU L 364 -16.85 73.20 -31.80
N LYS L 365 -17.33 73.20 -33.05
CA LYS L 365 -18.70 73.64 -33.33
C LYS L 365 -19.73 72.75 -32.65
N ALA L 366 -19.56 71.42 -32.81
CA ALA L 366 -20.50 70.48 -32.21
C ALA L 366 -20.46 70.54 -30.69
N GLY L 367 -19.27 70.73 -30.12
CA GLY L 367 -19.15 70.82 -28.67
C GLY L 367 -19.78 72.09 -28.11
N TYR L 368 -19.59 73.22 -28.80
CA TYR L 368 -20.19 74.46 -28.32
C TYR L 368 -21.70 74.43 -28.47
N LEU L 369 -22.21 73.80 -29.53
CA LEU L 369 -23.65 73.68 -29.65
C LEU L 369 -24.22 72.67 -28.65
N MET L 370 -23.42 71.68 -28.27
CA MET L 370 -23.84 70.79 -27.20
C MET L 370 -23.76 71.45 -25.84
N SER L 371 -22.96 72.50 -25.70
CA SER L 371 -22.99 73.28 -24.47
C SER L 371 -24.29 74.06 -24.32
N VAL L 372 -24.99 74.32 -25.42
CA VAL L 372 -26.25 75.06 -25.37
C VAL L 372 -27.39 74.21 -25.93
N GLU L 373 -27.28 72.89 -25.78
CA GLU L 373 -28.43 72.02 -25.99
C GLU L 373 -29.53 72.36 -25.00
N SER L 374 -29.25 72.10 -23.74
CA SER L 374 -30.21 72.27 -22.67
C SER L 374 -30.00 73.61 -21.98
N SER L 375 -31.01 74.03 -21.24
CA SER L 375 -30.97 75.33 -20.59
C SER L 375 -30.09 75.37 -19.35
N GLU L 376 -29.58 74.23 -18.89
CA GLU L 376 -28.60 74.24 -17.82
C GLU L 376 -27.27 74.83 -18.28
N GLY L 377 -26.66 74.21 -19.28
CA GLY L 377 -25.42 74.74 -19.83
C GLY L 377 -25.60 76.05 -20.55
N PHE L 378 -26.77 76.25 -21.17
CA PHE L 378 -27.10 77.55 -21.76
C PHE L 378 -27.18 78.61 -20.69
N LEU L 379 -27.79 78.28 -19.56
CA LEU L 379 -27.86 79.17 -18.41
C LEU L 379 -26.47 79.56 -17.94
N ASP L 380 -25.58 78.57 -17.81
CA ASP L 380 -24.23 78.84 -17.34
C ASP L 380 -23.44 79.67 -18.34
N GLU L 381 -23.57 79.36 -19.64
CA GLU L 381 -22.78 80.07 -20.64
C GLU L 381 -23.25 81.51 -20.80
N VAL L 382 -24.58 81.73 -20.81
CA VAL L 382 -25.11 83.09 -20.94
C VAL L 382 -24.74 83.92 -19.72
N GLY L 383 -24.88 83.36 -18.52
CA GLY L 383 -24.53 84.12 -17.34
C GLY L 383 -23.05 84.41 -17.22
N CYS L 384 -22.20 83.42 -17.54
CA CYS L 384 -20.76 83.62 -17.43
C CYS L 384 -20.25 84.55 -18.51
N GLN L 385 -20.88 84.61 -19.67
CA GLN L 385 -20.45 85.58 -20.66
C GLN L 385 -20.95 86.97 -20.33
N ALA L 386 -22.18 87.06 -19.80
CA ALA L 386 -22.72 88.37 -19.43
C ALA L 386 -22.02 88.95 -18.23
N LEU L 387 -21.43 88.10 -17.38
CA LEU L 387 -20.64 88.60 -16.28
C LEU L 387 -19.19 88.85 -16.67
N ALA L 388 -18.63 87.97 -17.51
CA ALA L 388 -17.23 88.06 -17.91
C ALA L 388 -17.00 89.04 -19.04
N ALA L 389 -18.04 89.48 -19.73
CA ALA L 389 -17.88 90.46 -20.80
C ALA L 389 -18.87 91.61 -20.76
N GLY L 390 -20.02 91.46 -20.11
CA GLY L 390 -21.01 92.52 -20.11
C GLY L 390 -21.72 92.72 -21.43
N SER L 391 -21.72 91.70 -22.29
CA SER L 391 -22.29 91.81 -23.63
C SER L 391 -22.60 90.42 -24.14
N TYR L 392 -23.86 90.17 -24.50
CA TYR L 392 -24.24 88.86 -25.01
C TYR L 392 -23.80 88.70 -26.45
N THR L 393 -23.44 87.46 -26.80
CA THR L 393 -23.10 87.09 -28.16
C THR L 393 -23.94 85.89 -28.57
N PRO L 394 -24.63 85.95 -29.72
CA PRO L 394 -25.38 84.78 -30.20
C PRO L 394 -24.43 83.67 -30.64
N PRO L 395 -24.88 82.41 -30.62
CA PRO L 395 -23.96 81.30 -30.93
C PRO L 395 -23.52 81.23 -32.38
N SER L 396 -24.29 81.82 -33.31
CA SER L 396 -23.98 81.71 -34.72
C SER L 396 -22.71 82.47 -35.08
N THR L 397 -22.58 83.69 -34.60
CA THR L 397 -21.35 84.43 -34.83
C THR L 397 -20.19 83.90 -33.99
N VAL L 398 -20.48 83.17 -32.90
CA VAL L 398 -19.42 82.42 -32.22
C VAL L 398 -18.89 81.31 -33.12
N LEU L 399 -19.78 80.60 -33.80
CA LEU L 399 -19.34 79.60 -34.78
C LEU L 399 -18.62 80.24 -35.95
N GLN L 400 -19.03 81.46 -36.31
CA GLN L 400 -18.33 82.22 -37.34
C GLN L 400 -16.90 82.54 -36.91
N GLN L 401 -16.71 82.92 -35.66
CA GLN L 401 -15.37 83.15 -35.16
C GLN L 401 -14.59 81.86 -34.97
N ILE L 402 -15.28 80.74 -34.80
CA ILE L 402 -14.62 79.44 -34.77
C ILE L 402 -14.02 79.12 -36.12
N ASP L 403 -14.83 79.12 -37.17
CA ASP L 403 -14.28 78.80 -38.49
C ASP L 403 -13.65 80.01 -39.18
N ALA L 404 -13.47 81.12 -38.46
CA ALA L 404 -12.79 82.28 -39.03
C ALA L 404 -11.28 82.05 -39.09
N VAL L 405 -10.67 81.67 -37.96
CA VAL L 405 -9.22 81.64 -37.82
C VAL L 405 -8.62 80.47 -38.61
N ALA L 406 -7.30 80.48 -38.76
CA ALA L 406 -6.57 79.47 -39.51
C ALA L 406 -5.49 78.86 -38.63
N ASP L 407 -4.63 78.06 -39.24
CA ASP L 407 -3.66 77.26 -38.50
C ASP L 407 -2.37 77.98 -38.16
N ALA L 408 -2.25 79.27 -38.52
CA ALA L 408 -1.02 80.00 -38.22
C ALA L 408 -0.85 80.21 -36.71
N ASP L 409 -1.92 80.69 -36.06
CA ASP L 409 -1.93 80.78 -34.61
C ASP L 409 -1.83 79.42 -33.96
N VAL L 410 -2.34 78.37 -34.62
CA VAL L 410 -2.31 77.03 -34.07
C VAL L 410 -0.88 76.50 -34.01
N ILE L 411 -0.15 76.63 -35.12
CA ILE L 411 1.24 76.16 -35.15
C ILE L 411 2.11 77.02 -34.24
N ASN L 412 1.85 78.34 -34.19
CA ASN L 412 2.62 79.20 -33.31
C ASN L 412 2.32 78.93 -31.83
N ALA L 413 1.09 78.54 -31.51
CA ALA L 413 0.72 78.19 -30.16
C ALA L 413 1.30 76.84 -29.74
N ALA L 414 1.38 75.89 -30.67
CA ALA L 414 2.04 74.63 -30.38
C ALA L 414 3.53 74.82 -30.15
N LYS L 415 4.16 75.67 -30.95
CA LYS L 415 5.56 76.02 -30.73
C LYS L 415 5.75 76.76 -29.40
N LYS L 416 4.79 77.62 -29.04
CA LYS L 416 4.81 78.33 -27.78
C LYS L 416 4.67 77.38 -26.59
N PHE L 417 3.89 76.32 -26.76
CA PHE L 417 3.79 75.31 -25.70
C PHE L 417 5.07 74.50 -25.59
N VAL L 418 5.70 74.18 -26.72
CA VAL L 418 6.93 73.39 -26.67
C VAL L 418 8.07 74.20 -26.03
N SER L 419 8.17 75.48 -26.36
CA SER L 419 9.23 76.32 -25.82
C SER L 419 8.84 77.00 -24.51
N GLY L 420 7.94 76.41 -23.72
CA GLY L 420 7.38 77.07 -22.56
C GLY L 420 8.06 76.71 -21.25
N ARG L 421 7.58 77.38 -20.19
CA ARG L 421 8.04 77.15 -18.81
C ARG L 421 7.04 76.23 -18.14
N LYS L 422 7.31 74.93 -18.20
CA LYS L 422 6.31 73.91 -17.93
C LYS L 422 6.09 73.69 -16.43
N SER L 423 4.85 73.32 -16.10
CA SER L 423 4.47 72.90 -14.76
C SER L 423 3.83 71.52 -14.84
N MET L 424 3.90 70.77 -13.75
CA MET L 424 3.22 69.48 -13.74
C MET L 424 2.81 69.08 -12.32
N ALA L 425 1.84 68.18 -12.27
CA ALA L 425 1.43 67.54 -11.03
C ALA L 425 1.29 66.05 -11.28
N ALA L 426 1.88 65.25 -10.41
CA ALA L 426 1.84 63.81 -10.58
C ALA L 426 1.33 63.16 -9.30
N SER L 427 0.64 62.03 -9.43
CA SER L 427 0.18 61.31 -8.27
C SER L 427 0.21 59.82 -8.55
N GLY L 428 0.56 59.04 -7.51
CA GLY L 428 0.48 57.59 -7.55
C GLY L 428 1.84 56.96 -7.30
N ASN L 429 2.08 55.82 -7.96
CA ASN L 429 3.34 55.09 -7.87
C ASN L 429 4.30 55.74 -8.85
N LEU L 430 4.99 56.78 -8.37
CA LEU L 430 5.68 57.74 -9.22
C LEU L 430 7.18 57.44 -9.35
N GLY L 431 7.54 56.16 -9.42
CA GLY L 431 8.95 55.79 -9.45
C GLY L 431 9.62 56.07 -10.78
N HIS L 432 8.85 56.13 -11.86
CA HIS L 432 9.39 56.37 -13.20
C HIS L 432 8.90 57.70 -13.76
N THR L 433 8.94 58.72 -12.91
CA THR L 433 8.44 60.04 -13.28
C THR L 433 9.57 60.89 -13.83
N PRO L 434 9.51 61.32 -15.08
CA PRO L 434 10.43 62.35 -15.55
C PRO L 434 10.13 63.67 -14.86
N PHE L 435 11.18 64.37 -14.46
CA PHE L 435 11.00 65.42 -13.48
C PHE L 435 10.42 66.69 -14.09
N ILE L 436 11.27 67.48 -14.75
CA ILE L 436 10.94 68.39 -15.85
C ILE L 436 12.07 68.20 -16.85
N ASP L 437 13.30 68.28 -16.32
CA ASP L 437 14.53 68.19 -17.10
C ASP L 437 14.65 66.86 -17.82
N GLU L 438 14.16 65.78 -17.23
CA GLU L 438 14.40 64.46 -17.77
C GLU L 438 13.53 64.12 -18.98
N LEU L 439 12.59 65.00 -19.35
CA LEU L 439 11.64 64.75 -20.43
C LEU L 439 12.26 64.56 -21.81
N ILE M 2 -35.60 56.46 18.51
CA ILE M 2 -35.33 55.75 17.27
C ILE M 2 -36.43 54.71 17.13
N ASN M 3 -36.17 53.50 17.60
CA ASN M 3 -37.21 52.52 17.83
C ASN M 3 -37.68 52.65 19.27
N ILE M 4 -38.93 52.21 19.50
CA ILE M 4 -39.46 52.15 20.86
C ILE M 4 -38.65 51.17 21.70
N ARG M 5 -38.25 50.06 21.09
CA ARG M 5 -37.63 48.97 21.83
C ARG M 5 -36.19 49.26 22.22
N LYS M 6 -35.50 50.15 21.51
CA LYS M 6 -34.07 50.39 21.74
C LYS M 6 -33.79 51.67 22.49
N THR M 7 -34.78 52.21 23.16
CA THR M 7 -34.61 53.42 23.97
C THR M 7 -35.13 53.26 25.40
N HIS M 8 -36.22 52.54 25.58
CA HIS M 8 -36.91 52.46 26.86
C HIS M 8 -36.15 51.55 27.80
N PRO M 9 -35.92 51.96 29.06
CA PRO M 9 -34.98 51.22 29.93
C PRO M 9 -35.45 49.85 30.36
N LEU M 10 -36.76 49.62 30.48
CA LEU M 10 -37.27 48.26 30.60
C LEU M 10 -37.08 47.50 29.30
N MET M 11 -37.41 48.14 28.19
CA MET M 11 -37.41 47.46 26.91
C MET M 11 -36.00 47.19 26.41
N LYS M 12 -34.99 47.88 26.94
CA LYS M 12 -33.60 47.47 26.71
C LYS M 12 -33.35 46.07 27.25
N ILE M 13 -33.81 45.80 28.48
CA ILE M 13 -33.55 44.53 29.13
C ILE M 13 -34.41 43.43 28.51
N VAL M 14 -35.68 43.75 28.23
CA VAL M 14 -36.55 42.77 27.59
C VAL M 14 -36.12 42.53 26.14
N ASN M 15 -35.47 43.52 25.52
CA ASN M 15 -34.94 43.34 24.17
C ASN M 15 -33.73 42.42 24.20
N ASN M 16 -32.86 42.60 25.19
CA ASN M 16 -31.72 41.71 25.35
C ASN M 16 -32.14 40.31 25.78
N ALA M 17 -33.30 40.16 26.41
CA ALA M 17 -33.76 38.84 26.83
C ALA M 17 -34.49 38.09 25.70
N PHE M 18 -35.46 38.72 25.07
CA PHE M 18 -36.42 38.01 24.23
C PHE M 18 -36.37 38.34 22.75
N ILE M 19 -35.78 39.47 22.35
CA ILE M 19 -35.89 39.87 20.95
C ILE M 19 -34.52 39.99 20.32
N ASP M 20 -33.64 40.82 20.88
CA ASP M 20 -32.27 40.91 20.42
C ASP M 20 -31.34 39.97 21.16
N LEU M 21 -31.84 38.82 21.58
CA LEU M 21 -30.99 37.77 22.11
C LEU M 21 -30.49 36.90 20.97
N PRO M 22 -29.20 36.88 20.67
CA PRO M 22 -28.70 35.91 19.70
C PRO M 22 -28.71 34.51 20.29
N ALA M 23 -28.79 33.53 19.41
CA ALA M 23 -28.85 32.13 19.81
C ALA M 23 -28.36 31.30 18.63
N PRO M 24 -27.75 30.14 18.88
CA PRO M 24 -27.29 29.31 17.75
C PRO M 24 -28.46 28.71 17.02
N SER M 25 -28.20 28.24 15.81
CA SER M 25 -29.25 27.83 14.90
C SER M 25 -29.45 26.33 14.86
N ASN M 26 -28.72 25.57 15.65
CA ASN M 26 -28.81 24.12 15.61
C ASN M 26 -29.38 23.55 16.92
N ILE M 27 -30.31 24.27 17.52
CA ILE M 27 -30.78 23.94 18.86
C ILE M 27 -31.74 22.75 18.81
N SER M 28 -31.43 21.71 19.56
CA SER M 28 -32.25 20.52 19.65
C SER M 28 -33.38 20.74 20.64
N SER M 29 -34.15 19.68 20.89
CA SER M 29 -35.29 19.78 21.80
C SER M 29 -34.85 19.87 23.25
N TRP M 30 -33.60 19.57 23.56
CA TRP M 30 -33.15 19.55 24.95
C TRP M 30 -33.03 20.96 25.53
N TRP M 31 -32.94 21.99 24.69
CA TRP M 31 -32.96 23.36 25.16
C TRP M 31 -34.36 23.93 25.27
N ASN M 32 -35.38 23.08 25.34
CA ASN M 32 -36.70 23.55 25.72
C ASN M 32 -36.88 23.60 27.22
N PHE M 33 -36.05 22.86 27.96
CA PHE M 33 -36.30 22.63 29.37
C PHE M 33 -36.01 23.84 30.24
N GLY M 34 -35.28 24.84 29.73
CA GLY M 34 -35.16 26.08 30.48
C GLY M 34 -36.48 26.82 30.57
N SER M 35 -37.15 26.98 29.44
CA SER M 35 -38.47 27.59 29.45
C SER M 35 -39.50 26.68 30.10
N LEU M 36 -39.31 25.35 30.01
CA LEU M 36 -40.19 24.44 30.72
C LEU M 36 -40.08 24.61 32.22
N LEU M 37 -38.85 24.78 32.73
CA LEU M 37 -38.70 25.01 34.17
C LEU M 37 -39.24 26.37 34.57
N GLY M 38 -39.10 27.38 33.71
CA GLY M 38 -39.67 28.69 34.01
C GLY M 38 -41.18 28.67 34.07
N ILE M 39 -41.82 27.99 33.13
CA ILE M 39 -43.27 27.96 33.08
C ILE M 39 -43.82 27.04 34.17
N CYS M 40 -43.12 25.95 34.47
CA CYS M 40 -43.47 25.14 35.63
C CYS M 40 -43.33 25.94 36.92
N LEU M 41 -42.33 26.82 37.01
CA LEU M 41 -42.14 27.59 38.24
C LEU M 41 -43.24 28.61 38.43
N ILE M 42 -43.62 29.33 37.36
CA ILE M 42 -44.69 30.32 37.53
C ILE M 42 -46.03 29.63 37.73
N LEU M 43 -46.22 28.43 37.17
CA LEU M 43 -47.45 27.69 37.40
C LEU M 43 -47.52 27.16 38.82
N GLN M 44 -46.38 26.72 39.36
CA GLN M 44 -46.32 26.29 40.76
C GLN M 44 -46.59 27.45 41.70
N ILE M 45 -46.07 28.64 41.38
CA ILE M 45 -46.31 29.80 42.23
C ILE M 45 -47.79 30.22 42.18
N LEU M 46 -48.41 30.10 41.01
CA LEU M 46 -49.83 30.43 40.90
C LEU M 46 -50.71 29.45 41.67
N THR M 47 -50.46 28.14 41.50
CA THR M 47 -51.24 27.14 42.24
C THR M 47 -50.98 27.22 43.74
N GLY M 48 -49.75 27.55 44.13
CA GLY M 48 -49.45 27.75 45.53
C GLY M 48 -50.14 28.97 46.10
N LEU M 49 -50.33 30.01 45.29
CA LEU M 49 -51.06 31.17 45.77
C LEU M 49 -52.53 30.85 45.98
N PHE M 50 -53.11 30.02 45.10
CA PHE M 50 -54.51 29.62 45.31
C PHE M 50 -54.65 28.75 46.56
N LEU M 51 -53.73 27.80 46.74
CA LEU M 51 -53.72 26.99 47.95
C LEU M 51 -53.49 27.84 49.19
N ALA M 52 -52.69 28.90 49.09
CA ALA M 52 -52.50 29.80 50.20
C ALA M 52 -53.75 30.59 50.51
N MET M 53 -54.58 30.83 49.51
CA MET M 53 -55.88 31.43 49.81
C MET M 53 -56.88 30.42 50.36
N HIS M 54 -56.59 29.12 50.34
CA HIS M 54 -57.51 28.18 51.00
C HIS M 54 -56.79 27.17 51.89
N TYR M 55 -55.88 27.61 52.77
CA TYR M 55 -55.24 26.66 53.67
C TYR M 55 -55.10 27.23 55.07
N THR M 56 -55.32 26.37 56.08
CA THR M 56 -55.28 26.73 57.49
C THR M 56 -54.20 25.92 58.18
N PRO M 57 -52.99 26.44 58.32
CA PRO M 57 -51.90 25.64 58.89
C PRO M 57 -51.98 25.42 60.39
N ASP M 58 -52.75 24.42 60.80
CA ASP M 58 -52.85 24.00 62.19
C ASP M 58 -53.11 22.50 62.21
N THR M 59 -52.37 21.77 63.06
CA THR M 59 -52.19 20.32 62.90
C THR M 59 -53.50 19.55 63.05
N THR M 60 -54.43 20.04 63.86
CA THR M 60 -55.73 19.40 63.93
C THR M 60 -56.56 19.72 62.69
N THR M 61 -56.43 20.94 62.17
CA THR M 61 -57.28 21.42 61.10
C THR M 61 -56.60 21.43 59.74
N ALA M 62 -55.33 21.04 59.65
CA ALA M 62 -54.64 21.06 58.36
C ALA M 62 -55.15 19.96 57.46
N PHE M 63 -55.30 18.75 58.01
CA PHE M 63 -55.79 17.64 57.21
C PHE M 63 -57.27 17.84 56.85
N SER M 64 -58.04 18.39 57.78
CA SER M 64 -59.43 18.73 57.49
C SER M 64 -59.53 19.82 56.43
N SER M 65 -58.59 20.78 56.44
CA SER M 65 -58.58 21.81 55.41
C SER M 65 -58.17 21.26 54.06
N VAL M 66 -57.22 20.32 54.02
CA VAL M 66 -56.83 19.68 52.77
C VAL M 66 -57.99 18.89 52.19
N THR M 67 -58.74 18.21 53.05
CA THR M 67 -59.94 17.51 52.60
C THR M 67 -61.00 18.49 52.11
N HIS M 68 -61.13 19.63 52.79
CA HIS M 68 -62.03 20.70 52.36
C HIS M 68 -61.65 21.24 50.99
N ILE M 69 -60.34 21.31 50.71
CA ILE M 69 -59.88 21.72 49.39
C ILE M 69 -60.27 20.68 48.34
N CYS M 70 -59.92 19.41 48.60
CA CYS M 70 -60.08 18.38 47.58
C CYS M 70 -61.54 17.98 47.35
N ARG M 71 -62.43 18.30 48.28
CA ARG M 71 -63.84 17.94 48.12
C ARG M 71 -64.74 19.17 48.07
N ASP M 72 -64.61 20.05 49.04
CA ASP M 72 -65.58 21.12 49.26
C ASP M 72 -65.34 22.29 48.30
N VAL M 73 -64.09 22.70 48.13
CA VAL M 73 -63.77 23.89 47.35
C VAL M 73 -64.02 23.64 45.87
N ASN M 74 -64.62 24.63 45.20
CA ASN M 74 -64.77 24.65 43.77
C ASN M 74 -63.42 24.55 43.08
N TYR M 75 -63.17 23.40 42.43
CA TYR M 75 -61.97 23.11 41.63
C TYR M 75 -60.69 23.10 42.47
N GLY M 76 -60.83 22.97 43.79
CA GLY M 76 -59.67 22.83 44.64
C GLY M 76 -58.92 21.54 44.39
N TRP M 77 -59.62 20.52 43.92
CA TRP M 77 -58.95 19.28 43.55
C TRP M 77 -58.08 19.46 42.31
N ILE M 78 -58.54 20.24 41.31
CA ILE M 78 -57.68 20.44 40.15
C ILE M 78 -56.51 21.32 40.52
N ILE M 79 -56.68 22.27 41.45
CA ILE M 79 -55.55 23.13 41.77
C ILE M 79 -54.52 22.38 42.63
N ARG M 80 -54.99 21.53 43.55
CA ARG M 80 -54.08 20.76 44.40
C ARG M 80 -53.31 19.73 43.58
N TYR M 81 -54.01 18.99 42.74
CA TYR M 81 -53.33 18.00 41.92
C TYR M 81 -52.45 18.66 40.86
N MET M 82 -52.81 19.87 40.41
CA MET M 82 -51.93 20.61 39.52
C MET M 82 -50.64 21.02 40.22
N HIS M 83 -50.73 21.41 41.50
CA HIS M 83 -49.54 21.77 42.26
C HIS M 83 -48.63 20.56 42.46
N ALA M 84 -49.22 19.42 42.85
CA ALA M 84 -48.42 18.23 43.13
C ALA M 84 -47.77 17.65 41.87
N ASN M 85 -48.58 17.43 40.83
CA ASN M 85 -48.02 16.85 39.61
C ASN M 85 -47.16 17.84 38.86
N GLY M 86 -47.39 19.14 39.03
CA GLY M 86 -46.49 20.13 38.48
C GLY M 86 -45.16 20.15 39.19
N ALA M 87 -45.16 19.88 40.49
CA ALA M 87 -43.90 19.69 41.20
C ALA M 87 -43.14 18.49 40.66
N SER M 88 -43.86 17.40 40.38
CA SER M 88 -43.21 16.19 39.86
C SER M 88 -42.62 16.43 38.47
N MET M 89 -43.41 17.01 37.56
CA MET M 89 -42.88 17.34 36.24
C MET M 89 -41.83 18.44 36.29
N PHE M 90 -41.86 19.29 37.31
CA PHE M 90 -40.82 20.28 37.51
C PHE M 90 -39.48 19.60 37.76
N PHE M 91 -39.46 18.63 38.67
CA PHE M 91 -38.21 17.93 38.91
C PHE M 91 -37.80 17.04 37.74
N ILE M 92 -38.75 16.53 36.97
CA ILE M 92 -38.41 15.76 35.76
C ILE M 92 -37.71 16.64 34.74
N CYS M 93 -38.30 17.80 34.44
CA CYS M 93 -37.66 18.74 33.52
C CYS M 93 -36.36 19.29 34.09
N LEU M 94 -36.24 19.37 35.42
CA LEU M 94 -34.99 19.76 36.05
C LEU M 94 -33.89 18.75 35.80
N PHE M 95 -34.20 17.46 35.93
CA PHE M 95 -33.17 16.45 35.65
C PHE M 95 -32.83 16.39 34.17
N MET M 96 -33.79 16.70 33.29
CA MET M 96 -33.43 16.80 31.88
C MET M 96 -32.52 17.99 31.60
N HIS M 97 -32.76 19.12 32.28
CA HIS M 97 -31.93 20.30 32.15
C HIS M 97 -30.51 20.05 32.66
N VAL M 98 -30.39 19.37 33.80
CA VAL M 98 -29.09 19.05 34.35
C VAL M 98 -28.35 18.04 33.47
N GLY M 99 -29.10 17.06 32.94
CA GLY M 99 -28.48 16.08 32.06
C GLY M 99 -27.97 16.69 30.77
N ARG M 100 -28.70 17.67 30.23
CA ARG M 100 -28.21 18.43 29.08
C ARG M 100 -26.94 19.18 29.45
N GLY M 101 -26.97 19.91 30.57
CA GLY M 101 -25.85 20.74 30.95
C GLY M 101 -24.60 19.96 31.30
N LEU M 102 -24.74 18.72 31.72
CA LEU M 102 -23.58 17.88 31.96
C LEU M 102 -23.20 17.07 30.73
N TYR M 103 -24.13 16.85 29.82
CA TYR M 103 -23.83 16.06 28.64
C TYR M 103 -23.09 16.89 27.60
N TYR M 104 -23.63 18.05 27.23
CA TYR M 104 -23.07 18.79 26.11
C TYR M 104 -21.90 19.67 26.49
N GLY M 105 -21.29 19.46 27.66
CA GLY M 105 -20.12 20.22 28.02
C GLY M 105 -20.41 21.65 28.42
N SER M 106 -21.63 21.93 28.87
CA SER M 106 -21.94 23.25 29.34
C SER M 106 -21.54 23.47 30.79
N TYR M 107 -20.93 22.48 31.43
CA TYR M 107 -20.33 22.68 32.74
C TYR M 107 -19.00 23.41 32.67
N THR M 108 -18.44 23.61 31.47
CA THR M 108 -17.28 24.49 31.34
C THR M 108 -17.65 25.95 31.61
N PHE M 109 -18.91 26.31 31.46
CA PHE M 109 -19.42 27.52 32.08
C PHE M 109 -19.33 27.34 33.58
N LEU M 110 -18.63 28.26 34.25
CA LEU M 110 -18.31 28.07 35.66
C LEU M 110 -19.37 28.67 36.57
N GLU M 111 -19.56 29.98 36.47
CA GLU M 111 -20.45 30.72 37.36
C GLU M 111 -21.91 30.33 37.18
N THR M 112 -22.31 30.01 35.95
CA THR M 112 -23.66 29.54 35.69
C THR M 112 -23.89 28.19 36.35
N TRP M 113 -22.88 27.31 36.30
CA TRP M 113 -22.97 26.01 36.95
C TRP M 113 -23.10 26.15 38.46
N ASN M 114 -22.33 27.06 39.05
CA ASN M 114 -22.40 27.22 40.51
C ASN M 114 -23.75 27.78 40.95
N ILE M 115 -24.29 28.75 40.21
CA ILE M 115 -25.61 29.29 40.55
C ILE M 115 -26.69 28.23 40.37
N GLY M 116 -26.51 27.37 39.36
CA GLY M 116 -27.42 26.23 39.20
C GLY M 116 -27.41 25.29 40.39
N VAL M 117 -26.22 24.99 40.93
CA VAL M 117 -26.12 24.07 42.07
C VAL M 117 -26.80 24.65 43.30
N ILE M 118 -26.60 25.95 43.54
CA ILE M 118 -27.24 26.61 44.68
C ILE M 118 -28.77 26.59 44.53
N LEU M 119 -29.24 26.78 43.30
CA LEU M 119 -30.66 26.61 43.03
C LEU M 119 -31.14 25.19 43.24
N LEU M 120 -30.29 24.20 42.97
CA LEU M 120 -30.72 22.81 43.17
C LEU M 120 -30.90 22.49 44.64
N PHE M 121 -30.00 23.02 45.49
CA PHE M 121 -30.20 22.91 46.94
C PHE M 121 -31.51 23.57 47.36
N ALA M 122 -31.78 24.77 46.83
CA ALA M 122 -32.99 25.49 47.20
C ALA M 122 -34.25 24.74 46.78
N THR M 123 -34.24 24.15 45.59
CA THR M 123 -35.43 23.46 45.10
C THR M 123 -35.67 22.15 45.85
N MET M 124 -34.61 21.41 46.17
CA MET M 124 -34.81 20.18 46.93
C MET M 124 -35.32 20.47 48.34
N ALA M 125 -34.79 21.51 48.99
CA ALA M 125 -35.28 21.88 50.32
C ALA M 125 -36.72 22.37 50.25
N THR M 126 -37.06 23.12 49.20
CA THR M 126 -38.42 23.61 49.01
C THR M 126 -39.40 22.45 48.83
N ALA M 127 -38.99 21.45 48.04
CA ALA M 127 -39.85 20.30 47.79
C ALA M 127 -40.07 19.49 49.06
N PHE M 128 -39.02 19.31 49.87
CA PHE M 128 -39.21 18.54 51.09
C PHE M 128 -40.07 19.26 52.12
N MET M 129 -39.89 20.58 52.24
CA MET M 129 -40.70 21.33 53.20
C MET M 129 -42.17 21.35 52.80
N GLY M 130 -42.45 21.60 51.52
CA GLY M 130 -43.81 21.52 51.03
C GLY M 130 -44.40 20.13 51.09
N TYR M 131 -43.55 19.11 50.98
CA TYR M 131 -44.05 17.74 51.07
C TYR M 131 -44.40 17.37 52.50
N VAL M 132 -43.68 17.90 53.49
CA VAL M 132 -44.05 17.64 54.87
C VAL M 132 -45.36 18.36 55.21
N LEU M 133 -45.54 19.57 54.65
CA LEU M 133 -46.69 20.42 54.99
C LEU M 133 -48.13 19.90 55.00
N PRO M 134 -48.56 18.89 54.22
CA PRO M 134 -49.94 18.41 54.38
C PRO M 134 -50.17 17.50 55.58
N TRP M 135 -49.18 17.36 56.47
CA TRP M 135 -49.34 16.72 57.78
C TRP M 135 -49.75 15.26 57.61
N GLY M 136 -49.01 14.56 56.75
CA GLY M 136 -49.25 13.17 56.45
C GLY M 136 -48.38 12.24 57.27
N GLN M 137 -48.65 10.95 57.12
CA GLN M 137 -47.93 9.93 57.84
C GLN M 137 -46.46 9.89 57.42
N MET M 138 -46.23 9.71 56.11
CA MET M 138 -44.89 9.73 55.56
C MET M 138 -44.25 11.10 55.71
N SER M 139 -45.07 12.15 55.69
CA SER M 139 -44.61 13.51 55.94
C SER M 139 -43.97 13.63 57.32
N PHE M 140 -44.69 13.19 58.35
CA PHE M 140 -44.20 13.23 59.72
C PHE M 140 -42.93 12.40 59.89
N TRP M 141 -42.95 11.17 59.38
CA TRP M 141 -41.81 10.28 59.64
C TRP M 141 -40.58 10.69 58.85
N GLY M 142 -40.74 11.09 57.58
CA GLY M 142 -39.61 11.59 56.83
C GLY M 142 -39.09 12.92 57.33
N ALA M 143 -39.96 13.73 57.94
CA ALA M 143 -39.52 14.94 58.60
C ALA M 143 -38.62 14.62 59.79
N THR M 144 -39.01 13.64 60.60
CA THR M 144 -38.16 13.22 61.72
C THR M 144 -36.85 12.61 61.21
N VAL M 145 -36.90 11.88 60.10
CA VAL M 145 -35.72 11.25 59.53
C VAL M 145 -34.71 12.30 59.06
N ILE M 146 -35.18 13.27 58.26
CA ILE M 146 -34.25 14.27 57.74
C ILE M 146 -33.83 15.28 58.82
N THR M 147 -34.64 15.47 59.86
CA THR M 147 -34.17 16.24 61.01
C THR M 147 -33.02 15.53 61.72
N ASN M 148 -33.14 14.20 61.88
CA ASN M 148 -32.03 13.48 62.51
C ASN M 148 -30.82 13.39 61.60
N LEU M 149 -31.03 13.41 60.28
CA LEU M 149 -29.94 13.57 59.32
C LEU M 149 -29.20 14.88 59.54
N LEU M 150 -29.94 15.94 59.86
CA LEU M 150 -29.27 17.17 60.26
C LEU M 150 -28.58 17.01 61.61
N SER M 151 -29.10 16.13 62.48
CA SER M 151 -28.46 15.90 63.78
C SER M 151 -27.24 14.98 63.70
N ALA M 152 -26.92 14.47 62.51
CA ALA M 152 -25.90 13.43 62.39
C ALA M 152 -24.49 13.89 62.78
N ILE M 153 -24.17 15.17 62.62
CA ILE M 153 -22.81 15.65 62.83
C ILE M 153 -22.62 15.98 64.31
N PRO M 154 -21.52 15.57 64.95
CA PRO M 154 -21.29 15.95 66.35
C PRO M 154 -21.07 17.45 66.52
N TYR M 155 -21.59 17.97 67.64
CA TYR M 155 -21.45 19.33 68.18
C TYR M 155 -22.23 20.38 67.38
N ILE M 156 -22.73 19.99 66.20
CA ILE M 156 -23.42 20.91 65.32
C ILE M 156 -24.89 20.55 65.17
N GLY M 157 -25.24 19.27 65.29
CA GLY M 157 -26.58 18.81 65.05
C GLY M 157 -27.62 19.18 66.08
N THR M 158 -27.25 19.17 67.36
CA THR M 158 -28.21 19.39 68.44
C THR M 158 -28.78 20.80 68.41
N ASN M 159 -27.89 21.79 68.23
CA ASN M 159 -28.30 23.19 68.14
C ASN M 159 -29.21 23.43 66.95
N LEU M 160 -28.86 22.87 65.79
CA LEU M 160 -29.65 23.08 64.60
C LEU M 160 -31.00 22.39 64.68
N VAL M 161 -31.02 21.18 65.24
CA VAL M 161 -32.25 20.38 65.34
C VAL M 161 -33.24 21.02 66.29
N GLU M 162 -32.80 21.37 67.50
CA GLU M 162 -33.73 21.99 68.43
C GLU M 162 -33.71 23.50 68.34
N TRP M 163 -33.12 24.04 67.27
CA TRP M 163 -33.32 25.41 66.83
C TRP M 163 -34.32 25.51 65.69
N ILE M 164 -34.50 24.44 64.91
CA ILE M 164 -35.55 24.42 63.89
C ILE M 164 -36.82 23.72 64.37
N TRP M 165 -36.72 22.87 65.41
CA TRP M 165 -37.92 22.25 65.97
C TRP M 165 -38.76 23.26 66.73
N GLY M 166 -38.15 23.98 67.66
CA GLY M 166 -38.93 24.71 68.64
C GLY M 166 -39.56 23.79 69.65
N GLY M 167 -38.89 22.69 69.98
CA GLY M 167 -39.41 21.73 70.94
C GLY M 167 -38.56 20.48 71.05
N PHE M 168 -39.21 19.32 71.06
CA PHE M 168 -38.50 18.05 71.05
C PHE M 168 -39.17 17.03 70.14
N SER M 169 -40.05 17.50 69.27
CA SER M 169 -40.83 16.67 68.36
C SER M 169 -41.27 17.56 67.19
N VAL M 170 -42.27 17.11 66.45
CA VAL M 170 -42.90 17.93 65.44
C VAL M 170 -44.06 18.66 66.13
N ASP M 171 -43.82 19.92 66.46
CA ASP M 171 -44.80 20.81 67.05
C ASP M 171 -45.73 21.35 65.97
N LYS M 172 -46.85 21.95 66.41
CA LYS M 172 -47.62 22.84 65.55
C LYS M 172 -46.74 23.99 65.05
N ALA M 173 -45.85 24.48 65.91
CA ALA M 173 -44.88 25.49 65.52
C ALA M 173 -43.96 25.00 64.41
N THR M 174 -43.60 23.72 64.41
CA THR M 174 -42.78 23.16 63.35
C THR M 174 -43.52 23.16 62.02
N LEU M 175 -44.83 22.86 62.06
CA LEU M 175 -45.66 22.94 60.88
C LEU M 175 -45.74 24.37 60.34
N THR M 176 -45.89 25.36 61.22
CA THR M 176 -46.00 26.73 60.76
C THR M 176 -44.66 27.25 60.24
N ARG M 177 -43.54 26.84 60.85
CA ARG M 177 -42.21 27.14 60.33
C ARG M 177 -42.03 26.59 58.94
N PHE M 178 -42.47 25.35 58.71
CA PHE M 178 -42.39 24.78 57.38
C PHE M 178 -43.28 25.50 56.39
N PHE M 179 -44.44 26.00 56.84
CA PHE M 179 -45.32 26.73 55.93
C PHE M 179 -44.69 28.05 55.50
N ALA M 180 -44.07 28.76 56.44
CA ALA M 180 -43.41 30.01 56.11
C ALA M 180 -42.20 29.80 55.20
N PHE M 181 -41.45 28.71 55.42
CA PHE M 181 -40.29 28.50 54.55
C PHE M 181 -40.69 28.00 53.17
N HIS M 182 -41.72 27.15 53.07
CA HIS M 182 -42.19 26.72 51.75
C HIS M 182 -42.82 27.86 50.98
N PHE M 183 -43.29 28.90 51.67
CA PHE M 183 -43.65 30.10 50.92
C PHE M 183 -42.41 30.86 50.46
N ILE M 184 -41.48 31.14 51.37
CA ILE M 184 -40.47 32.15 51.04
C ILE M 184 -39.35 31.62 50.15
N PHE M 185 -39.09 30.31 50.12
CA PHE M 185 -37.99 29.83 49.28
C PHE M 185 -38.17 29.91 47.76
N PRO M 186 -39.35 29.67 47.14
CA PRO M 186 -39.41 29.80 45.67
C PRO M 186 -39.21 31.21 45.13
N PHE M 187 -39.43 32.26 45.91
CA PHE M 187 -39.10 33.59 45.40
C PHE M 187 -37.59 33.80 45.38
N ILE M 188 -36.88 33.22 46.36
CA ILE M 188 -35.42 33.20 46.33
C ILE M 188 -34.94 32.38 45.13
N ILE M 189 -35.67 31.29 44.83
CA ILE M 189 -35.38 30.50 43.63
C ILE M 189 -35.57 31.33 42.38
N ALA M 190 -36.62 32.15 42.33
CA ALA M 190 -36.87 33.01 41.17
C ALA M 190 -35.78 34.05 40.99
N ALA M 191 -35.33 34.66 42.10
CA ALA M 191 -34.28 35.66 42.00
C ALA M 191 -32.95 35.05 41.58
N LEU M 192 -32.58 33.91 42.16
CA LEU M 192 -31.34 33.29 41.74
C LEU M 192 -31.45 32.66 40.35
N ALA M 193 -32.67 32.36 39.89
CA ALA M 193 -32.83 31.95 38.50
C ALA M 193 -32.63 33.14 37.56
N MET M 194 -33.05 34.33 38.00
CA MET M 194 -32.71 35.53 37.23
C MET M 194 -31.20 35.75 37.19
N VAL M 195 -30.50 35.43 38.28
CA VAL M 195 -29.04 35.56 38.30
C VAL M 195 -28.38 34.54 37.37
N HIS M 196 -28.89 33.31 37.40
CA HIS M 196 -28.52 32.24 36.46
C HIS M 196 -28.67 32.68 35.01
N LEU M 197 -29.85 33.20 34.67
CA LEU M 197 -30.12 33.66 33.32
C LEU M 197 -29.29 34.90 32.98
N LEU M 198 -28.91 35.69 33.98
CA LEU M 198 -28.10 36.88 33.75
C LEU M 198 -26.68 36.52 33.36
N PHE M 199 -26.07 35.58 34.11
CA PHE M 199 -24.75 35.08 33.72
C PHE M 199 -24.78 34.41 32.37
N LEU M 200 -25.88 33.73 32.03
CA LEU M 200 -25.95 33.10 30.72
C LEU M 200 -26.05 34.14 29.60
N HIS M 201 -26.91 35.15 29.77
CA HIS M 201 -27.02 36.21 28.77
C HIS M 201 -25.79 37.10 28.71
N GLU M 202 -24.94 37.06 29.73
CA GLU M 202 -23.60 37.61 29.53
C GLU M 202 -22.78 36.69 28.63
N THR M 203 -22.75 35.40 28.93
CA THR M 203 -21.81 34.50 28.26
C THR M 203 -22.34 33.95 26.94
N GLY M 204 -23.60 33.58 26.86
CA GLY M 204 -24.16 33.04 25.63
C GLY M 204 -24.35 31.54 25.68
N SER M 205 -25.10 31.04 24.69
CA SER M 205 -25.56 29.66 24.68
C SER M 205 -24.53 28.74 24.04
N ASN M 206 -24.88 27.46 23.97
CA ASN M 206 -24.01 26.42 23.47
C ASN M 206 -24.76 25.58 22.45
N ASN M 207 -24.03 25.09 21.46
CA ASN M 207 -24.58 24.25 20.41
C ASN M 207 -24.39 22.79 20.78
N PRO M 208 -25.05 21.84 20.07
CA PRO M 208 -24.79 20.43 20.34
C PRO M 208 -23.45 19.90 19.82
N THR M 209 -22.55 20.76 19.36
CA THR M 209 -21.24 20.32 18.91
C THR M 209 -20.11 20.79 19.79
N GLY M 210 -20.30 21.85 20.54
CA GLY M 210 -19.20 22.46 21.28
C GLY M 210 -18.41 23.48 20.49
N ILE M 211 -18.64 23.58 19.20
CA ILE M 211 -18.03 24.62 18.37
C ILE M 211 -18.63 25.96 18.75
N PRO M 212 -17.84 27.04 18.89
CA PRO M 212 -18.46 28.36 19.11
C PRO M 212 -19.28 28.80 17.91
N SER M 213 -20.54 29.14 18.18
CA SER M 213 -21.50 29.46 17.13
C SER M 213 -21.53 30.94 16.78
N ASP M 214 -20.37 31.60 16.86
CA ASP M 214 -20.25 33.04 16.65
C ASP M 214 -20.55 33.48 15.23
N THR M 215 -20.64 32.55 14.28
CA THR M 215 -20.92 32.89 12.90
C THR M 215 -22.37 32.66 12.50
N ASP M 216 -23.14 31.94 13.32
CA ASP M 216 -24.50 31.54 12.97
C ASP M 216 -25.44 31.81 14.14
N LYS M 217 -25.38 33.02 14.67
CA LYS M 217 -26.32 33.45 15.69
C LYS M 217 -27.60 33.95 15.04
N ILE M 218 -28.73 33.38 15.44
CA ILE M 218 -30.04 33.80 14.94
C ILE M 218 -30.80 34.41 16.11
N PRO M 219 -31.75 35.31 15.91
CA PRO M 219 -32.41 35.93 17.06
C PRO M 219 -33.36 34.97 17.74
N PHE M 220 -33.72 35.34 18.97
CA PHE M 220 -34.61 34.52 19.78
C PHE M 220 -36.01 34.52 19.19
N HIS M 221 -36.62 35.69 19.12
CA HIS M 221 -37.91 35.82 18.46
C HIS M 221 -37.70 35.95 16.95
N PRO M 222 -38.59 35.37 16.12
CA PRO M 222 -39.73 34.50 16.36
C PRO M 222 -39.41 33.04 16.08
N TYR M 223 -38.31 32.55 16.62
CA TYR M 223 -37.91 31.17 16.42
C TYR M 223 -38.03 30.36 17.72
N TYR M 224 -37.31 30.77 18.75
CA TYR M 224 -37.39 30.04 19.99
C TYR M 224 -38.59 30.44 20.81
N THR M 225 -39.22 31.57 20.50
CA THR M 225 -40.49 31.90 21.13
C THR M 225 -41.55 30.86 20.79
N ILE M 226 -41.71 30.57 19.49
CA ILE M 226 -42.70 29.57 19.12
C ILE M 226 -42.21 28.18 19.48
N LYS M 227 -40.90 27.97 19.57
CA LYS M 227 -40.40 26.67 20.02
C LYS M 227 -40.73 26.45 21.50
N ASP M 228 -40.60 27.48 22.31
CA ASP M 228 -40.93 27.37 23.72
C ASP M 228 -42.43 27.31 23.96
N ILE M 229 -43.23 27.95 23.10
CA ILE M 229 -44.67 27.80 23.22
C ILE M 229 -45.08 26.37 22.87
N LEU M 230 -44.43 25.76 21.89
CA LEU M 230 -44.68 24.35 21.60
C LEU M 230 -44.26 23.45 22.76
N GLY M 231 -43.13 23.78 23.39
CA GLY M 231 -42.71 23.04 24.57
C GLY M 231 -43.68 23.19 25.73
N ALA M 232 -44.21 24.39 25.93
CA ALA M 232 -45.18 24.62 27.00
C ALA M 232 -46.51 23.92 26.74
N ILE M 233 -46.91 23.84 25.47
CA ILE M 233 -48.16 23.15 25.16
C ILE M 233 -48.00 21.64 25.35
N LEU M 234 -46.85 21.08 24.97
CA LEU M 234 -46.59 19.68 25.32
C LEU M 234 -46.50 19.46 26.82
N LEU M 235 -45.96 20.44 27.55
CA LEU M 235 -45.90 20.37 29.00
C LEU M 235 -47.29 20.33 29.63
N ILE M 236 -48.18 21.21 29.19
CA ILE M 236 -49.54 21.24 29.72
C ILE M 236 -50.32 20.01 29.27
N LEU M 237 -49.98 19.46 28.09
CA LEU M 237 -50.56 18.17 27.69
C LEU M 237 -50.20 17.05 28.66
N ILE M 238 -48.91 16.94 29.01
CA ILE M 238 -48.48 15.92 29.96
C ILE M 238 -49.06 16.17 31.35
N LEU M 239 -49.09 17.43 31.76
CA LEU M 239 -49.55 17.78 33.10
C LEU M 239 -51.05 17.56 33.25
N MET M 240 -51.83 17.88 32.21
CA MET M 240 -53.25 17.62 32.27
C MET M 240 -53.57 16.14 32.13
N LEU M 241 -52.73 15.38 31.40
CA LEU M 241 -52.84 13.92 31.40
C LEU M 241 -52.72 13.37 32.81
N LEU M 242 -51.68 13.78 33.54
CA LEU M 242 -51.45 13.23 34.87
C LEU M 242 -52.44 13.77 35.90
N VAL M 243 -52.97 14.99 35.74
CA VAL M 243 -53.92 15.47 36.73
C VAL M 243 -55.36 15.14 36.39
N LEU M 244 -55.65 14.67 35.17
CA LEU M 244 -57.02 14.34 34.82
C LEU M 244 -57.20 12.88 34.47
N PHE M 245 -56.17 12.05 34.61
CA PHE M 245 -56.40 10.61 34.49
C PHE M 245 -55.99 9.83 35.74
N THR M 246 -54.75 9.94 36.19
CA THR M 246 -54.27 9.21 37.36
C THR M 246 -53.44 10.12 38.23
N PRO M 247 -54.06 10.81 39.19
CA PRO M 247 -53.29 11.59 40.17
C PRO M 247 -52.47 10.73 41.11
N ASP M 248 -52.85 9.47 41.30
CA ASP M 248 -52.14 8.56 42.18
C ASP M 248 -51.11 7.71 41.44
N LEU M 249 -50.76 8.07 40.21
CA LEU M 249 -49.71 7.35 39.51
C LEU M 249 -48.34 7.62 40.12
N LEU M 250 -48.15 8.80 40.69
CA LEU M 250 -46.87 9.15 41.28
C LEU M 250 -46.93 9.44 42.77
N GLY M 251 -48.12 9.60 43.33
CA GLY M 251 -48.25 9.87 44.75
C GLY M 251 -48.01 8.64 45.61
N ASP M 252 -48.29 8.80 46.89
CA ASP M 252 -48.15 7.74 47.86
C ASP M 252 -49.47 7.50 48.57
N PRO M 253 -49.98 6.27 48.61
CA PRO M 253 -51.19 5.99 49.39
C PRO M 253 -50.98 6.14 50.90
N ASP M 254 -49.74 6.09 51.39
CA ASP M 254 -49.49 6.31 52.81
C ASP M 254 -49.67 7.77 53.19
N ASN M 255 -49.62 8.69 52.22
CA ASN M 255 -49.78 10.10 52.53
C ASN M 255 -51.23 10.44 52.88
N TYR M 256 -52.18 9.67 52.36
CA TYR M 256 -53.60 10.01 52.49
C TYR M 256 -54.22 9.56 53.81
N THR M 257 -53.43 9.29 54.83
CA THR M 257 -53.94 8.96 56.15
C THR M 257 -53.63 10.09 57.13
N PRO M 258 -54.40 10.22 58.21
CA PRO M 258 -54.06 11.19 59.25
C PRO M 258 -52.76 10.84 59.95
N ALA M 259 -52.14 11.87 60.53
CA ALA M 259 -50.83 11.71 61.15
C ALA M 259 -50.95 10.99 62.48
N ASN M 260 -50.14 9.96 62.65
CA ASN M 260 -50.09 9.18 63.89
C ASN M 260 -48.65 9.16 64.38
N PRO M 261 -48.36 9.63 65.58
CA PRO M 261 -47.00 9.52 66.11
C PRO M 261 -46.71 8.16 66.74
N LEU M 262 -47.49 7.14 66.39
CA LEU M 262 -47.35 5.81 66.99
C LEU M 262 -47.16 4.68 66.00
N ASN M 263 -47.55 4.83 64.73
CA ASN M 263 -47.78 3.66 63.90
C ASN M 263 -46.49 3.14 63.25
N THR M 264 -45.78 4.01 62.52
CA THR M 264 -44.60 3.71 61.70
C THR M 264 -44.93 2.60 60.70
N PRO M 265 -45.62 2.91 59.59
CA PRO M 265 -46.01 1.85 58.66
C PRO M 265 -44.80 1.22 58.01
N PRO M 266 -44.91 -0.05 57.58
CA PRO M 266 -43.78 -0.69 56.89
C PRO M 266 -43.49 -0.07 55.54
N HIS M 267 -44.51 0.42 54.85
CA HIS M 267 -44.31 1.33 53.72
C HIS M 267 -43.72 2.61 54.29
N ILE M 268 -42.42 2.80 54.08
CA ILE M 268 -41.65 3.78 54.83
C ILE M 268 -40.86 4.71 53.92
N LYS M 269 -40.86 4.48 52.61
CA LYS M 269 -39.95 5.14 51.70
C LYS M 269 -40.35 6.60 51.49
N PRO M 270 -39.37 7.50 51.37
CA PRO M 270 -39.69 8.92 51.15
C PRO M 270 -40.17 9.23 49.74
N GLU M 271 -40.29 10.52 49.44
CA GLU M 271 -40.72 11.00 48.14
C GLU M 271 -39.77 10.54 47.03
N TRP M 272 -40.34 10.29 45.84
CA TRP M 272 -39.66 9.51 44.82
C TRP M 272 -38.48 10.23 44.21
N TYR M 273 -38.54 11.55 44.09
CA TYR M 273 -37.40 12.29 43.59
C TYR M 273 -36.43 12.72 44.69
N PHE M 274 -36.46 12.01 45.82
CA PHE M 274 -35.39 12.07 46.81
C PHE M 274 -34.75 10.71 47.02
N LEU M 275 -35.14 9.71 46.23
CA LEU M 275 -34.69 8.35 46.50
C LEU M 275 -33.24 8.14 46.10
N PHE M 276 -32.76 8.91 45.11
CA PHE M 276 -31.33 8.90 44.86
C PHE M 276 -30.57 9.60 45.98
N ALA M 277 -31.22 10.51 46.70
CA ALA M 277 -30.67 11.09 47.91
C ALA M 277 -31.02 10.29 49.15
N TYR M 278 -31.68 9.14 48.99
CA TYR M 278 -32.04 8.27 50.09
C TYR M 278 -31.41 6.90 50.00
N ALA M 279 -31.19 6.38 48.79
CA ALA M 279 -30.56 5.08 48.65
C ALA M 279 -29.06 5.15 48.87
N ILE M 280 -28.43 6.29 48.57
CA ILE M 280 -27.01 6.43 48.85
C ILE M 280 -26.79 6.64 50.34
N LEU M 281 -27.81 7.11 51.05
CA LEU M 281 -27.72 7.33 52.50
C LEU M 281 -27.48 6.04 53.25
N ARG M 282 -28.43 5.12 53.19
CA ARG M 282 -28.32 3.86 53.90
C ARG M 282 -27.51 2.81 53.15
N SER M 283 -26.82 3.21 52.07
CA SER M 283 -25.86 2.32 51.44
C SER M 283 -24.64 2.15 52.34
N ILE M 284 -23.94 3.25 52.63
CA ILE M 284 -22.80 3.21 53.53
C ILE M 284 -23.30 3.08 54.97
N PRO M 285 -22.91 2.02 55.69
CA PRO M 285 -23.55 1.72 56.98
C PRO M 285 -23.13 2.65 58.10
N ASN M 286 -23.44 3.93 57.98
CA ASN M 286 -23.00 4.92 58.95
C ASN M 286 -23.91 6.13 58.84
N LYS M 287 -24.18 6.75 59.98
CA LYS M 287 -25.00 7.96 60.03
C LYS M 287 -24.25 9.14 59.43
N LEU M 288 -23.12 9.50 60.06
CA LEU M 288 -22.28 10.58 59.59
C LEU M 288 -21.66 10.28 58.23
N GLY M 289 -21.27 9.03 58.02
CA GLY M 289 -20.72 8.63 56.72
C GLY M 289 -21.74 8.72 55.61
N GLY M 290 -23.01 8.38 55.91
CA GLY M 290 -24.05 8.47 54.89
C GLY M 290 -24.41 9.90 54.54
N VAL M 291 -24.53 10.77 55.55
CA VAL M 291 -24.85 12.15 55.23
C VAL M 291 -23.67 12.86 54.55
N LEU M 292 -22.43 12.48 54.92
CA LEU M 292 -21.27 13.03 54.22
C LEU M 292 -21.18 12.49 52.81
N ALA M 293 -21.63 11.24 52.57
CA ALA M 293 -21.64 10.69 51.22
C ALA M 293 -22.63 11.42 50.32
N LEU M 294 -23.82 11.76 50.85
CA LEU M 294 -24.80 12.49 50.05
C LEU M 294 -24.33 13.91 49.73
N VAL M 295 -23.85 14.61 50.77
CA VAL M 295 -23.33 15.97 50.59
C VAL M 295 -22.15 15.97 49.63
N LEU M 296 -21.27 14.97 49.73
CA LEU M 296 -20.17 14.85 48.79
C LEU M 296 -20.62 14.43 47.40
N SER M 297 -21.78 13.78 47.25
CA SER M 297 -22.29 13.52 45.91
C SER M 297 -22.63 14.82 45.19
N ILE M 298 -23.41 15.68 45.85
CA ILE M 298 -23.75 16.95 45.17
C ILE M 298 -22.52 17.88 45.10
N LEU M 299 -21.59 17.77 46.07
CA LEU M 299 -20.36 18.56 45.96
C LEU M 299 -19.42 18.04 44.87
N VAL M 300 -19.49 16.75 44.53
CA VAL M 300 -18.74 16.27 43.38
C VAL M 300 -19.38 16.77 42.09
N LEU M 301 -20.71 16.91 42.09
CA LEU M 301 -21.36 17.63 40.99
C LEU M 301 -20.91 19.09 40.90
N VAL M 302 -20.53 19.69 42.02
CA VAL M 302 -19.87 21.01 41.96
C VAL M 302 -18.47 20.88 41.38
N ILE M 303 -17.75 19.81 41.74
CA ILE M 303 -16.36 19.61 41.32
C ILE M 303 -16.24 19.43 39.82
N MET M 304 -17.27 18.86 39.17
CA MET M 304 -17.32 18.45 37.77
C MET M 304 -16.71 19.34 36.67
N PRO M 305 -16.68 20.68 36.79
CA PRO M 305 -15.81 21.45 35.87
C PRO M 305 -14.33 21.12 36.00
N LEU M 306 -13.87 20.69 37.17
CA LEU M 306 -12.46 20.38 37.32
C LEU M 306 -12.10 18.99 36.82
N LEU M 307 -13.07 18.20 36.39
CA LEU M 307 -12.81 16.92 35.75
C LEU M 307 -12.85 17.02 34.23
N HIS M 308 -13.01 18.22 33.69
CA HIS M 308 -12.99 18.44 32.25
C HIS M 308 -11.57 18.29 31.72
N THR M 309 -11.20 17.09 31.29
CA THR M 309 -9.83 16.82 30.88
C THR M 309 -9.75 16.29 29.44
N SER M 310 -10.71 16.69 28.62
CA SER M 310 -10.61 16.55 27.18
C SER M 310 -10.66 17.94 26.55
N LYS M 311 -10.07 18.06 25.36
CA LYS M 311 -10.06 19.33 24.67
C LYS M 311 -11.14 19.43 23.60
N GLN M 312 -12.21 18.66 23.73
CA GLN M 312 -13.46 18.94 23.07
C GLN M 312 -14.57 18.78 24.11
N ARG M 313 -15.43 19.79 24.21
CA ARG M 313 -16.30 19.87 25.38
C ARG M 313 -17.49 18.93 25.28
N SER M 314 -17.94 18.59 24.07
CA SER M 314 -19.14 17.77 23.92
C SER M 314 -18.87 16.32 24.29
N MET M 315 -19.96 15.56 24.36
CA MET M 315 -19.89 14.11 24.45
C MET M 315 -20.44 13.44 23.21
N MET M 316 -21.00 14.20 22.27
CA MET M 316 -21.40 13.61 21.00
C MET M 316 -20.18 13.33 20.12
N PHE M 317 -19.02 13.91 20.43
CA PHE M 317 -17.78 13.55 19.76
C PHE M 317 -16.81 12.84 20.69
N ARG M 318 -17.30 12.29 21.80
CA ARG M 318 -16.51 11.41 22.66
C ARG M 318 -17.39 10.20 22.97
N PRO M 319 -17.39 9.20 22.07
CA PRO M 319 -18.43 8.16 22.14
C PRO M 319 -18.31 7.20 23.31
N ILE M 320 -17.09 6.87 23.76
CA ILE M 320 -16.96 5.98 24.90
C ILE M 320 -17.31 6.73 26.19
N SER M 321 -17.00 8.02 26.23
CA SER M 321 -17.47 8.88 27.32
C SER M 321 -18.99 9.01 27.29
N GLN M 322 -19.58 8.98 26.09
CA GLN M 322 -21.03 8.99 25.96
C GLN M 322 -21.63 7.69 26.49
N CYS M 323 -20.97 6.57 26.25
CA CYS M 323 -21.43 5.29 26.80
C CYS M 323 -21.32 5.28 28.32
N MET M 324 -20.25 5.85 28.86
CA MET M 324 -20.11 5.99 30.32
C MET M 324 -21.21 6.87 30.89
N PHE M 325 -21.60 7.90 30.15
CA PHE M 325 -22.73 8.74 30.55
C PHE M 325 -24.03 7.95 30.59
N TRP M 326 -24.25 7.08 29.60
CA TRP M 326 -25.47 6.28 29.62
C TRP M 326 -25.48 5.28 30.76
N ILE M 327 -24.31 4.70 31.08
CA ILE M 327 -24.21 3.79 32.23
C ILE M 327 -24.47 4.56 33.53
N LEU M 328 -24.03 5.82 33.59
CA LEU M 328 -24.31 6.64 34.77
C LEU M 328 -25.80 6.96 34.90
N VAL M 329 -26.48 7.15 33.76
CA VAL M 329 -27.94 7.34 33.79
C VAL M 329 -28.64 6.09 34.28
N ALA M 330 -28.17 4.92 33.83
CA ALA M 330 -28.72 3.65 34.29
C ALA M 330 -28.52 3.47 35.79
N ASP M 331 -27.35 3.86 36.29
CA ASP M 331 -27.09 3.70 37.71
C ASP M 331 -27.92 4.68 38.55
N LEU M 332 -28.17 5.87 38.01
CA LEU M 332 -29.08 6.81 38.66
C LEU M 332 -30.48 6.23 38.80
N LEU M 333 -31.01 5.65 37.72
CA LEU M 333 -32.36 5.12 37.80
C LEU M 333 -32.40 3.86 38.65
N THR M 334 -31.28 3.13 38.71
CA THR M 334 -31.16 1.98 39.61
C THR M 334 -31.23 2.43 41.06
N LEU M 335 -30.53 3.51 41.40
CA LEU M 335 -30.60 4.01 42.77
C LEU M 335 -31.97 4.59 43.09
N THR M 336 -32.67 5.11 42.09
CA THR M 336 -34.07 5.51 42.29
C THR M 336 -34.93 4.30 42.68
N TRP M 337 -34.76 3.20 41.96
CA TRP M 337 -35.52 1.99 42.28
C TRP M 337 -35.11 1.41 43.64
N ILE M 338 -33.83 1.51 44.00
CA ILE M 338 -33.37 0.99 45.28
C ILE M 338 -33.90 1.84 46.43
N GLY M 339 -33.98 3.15 46.24
CA GLY M 339 -34.68 3.99 47.19
C GLY M 339 -36.16 3.66 47.27
N GLY M 340 -36.73 3.13 46.20
CA GLY M 340 -38.10 2.66 46.25
C GLY M 340 -38.31 1.23 46.73
N GLN M 341 -37.35 0.65 47.44
CA GLN M 341 -37.44 -0.71 47.92
C GLN M 341 -37.10 -0.80 49.40
N PRO M 342 -37.57 -1.85 50.09
CA PRO M 342 -37.17 -2.06 51.49
C PRO M 342 -35.74 -2.59 51.64
N VAL M 343 -35.36 -2.93 52.86
CA VAL M 343 -33.99 -3.31 53.18
C VAL M 343 -33.98 -4.81 53.48
N GLU M 344 -33.58 -5.61 52.50
CA GLU M 344 -33.20 -6.98 52.74
C GLU M 344 -31.91 -7.28 52.00
N HIS M 345 -31.53 -8.56 51.92
CA HIS M 345 -30.14 -8.91 51.62
C HIS M 345 -29.71 -8.61 50.18
N PRO M 346 -30.43 -9.04 49.12
CA PRO M 346 -29.96 -8.66 47.77
C PRO M 346 -30.08 -7.17 47.49
N TYR M 347 -31.03 -6.51 48.15
CA TYR M 347 -31.16 -5.06 47.99
C TYR M 347 -30.00 -4.33 48.64
N ILE M 348 -29.52 -4.81 49.79
CA ILE M 348 -28.33 -4.27 50.42
C ILE M 348 -27.12 -4.42 49.51
N ILE M 349 -26.98 -5.63 48.92
CA ILE M 349 -25.86 -5.92 48.01
C ILE M 349 -25.84 -4.95 46.83
N ILE M 350 -26.95 -4.90 46.08
CA ILE M 350 -26.94 -4.10 44.87
C ILE M 350 -27.02 -2.62 45.16
N GLY M 351 -27.49 -2.22 46.34
CA GLY M 351 -27.45 -0.81 46.72
C GLY M 351 -26.03 -0.34 46.97
N GLN M 352 -25.25 -1.12 47.74
CA GLN M 352 -23.86 -0.74 47.97
C GLN M 352 -23.03 -0.81 46.69
N LEU M 353 -23.28 -1.83 45.86
CA LEU M 353 -22.54 -1.93 44.61
C LEU M 353 -22.90 -0.81 43.64
N ALA M 354 -24.18 -0.41 43.59
CA ALA M 354 -24.56 0.67 42.70
C ALA M 354 -24.06 2.03 43.20
N SER M 355 -23.97 2.22 44.52
CA SER M 355 -23.40 3.48 45.02
C SER M 355 -21.91 3.56 44.71
N ILE M 356 -21.19 2.45 44.86
CA ILE M 356 -19.76 2.43 44.53
C ILE M 356 -19.56 2.63 43.04
N MET M 357 -20.43 2.06 42.20
CA MET M 357 -20.31 2.28 40.76
C MET M 357 -20.67 3.70 40.37
N TYR M 358 -21.63 4.32 41.07
CA TYR M 358 -21.98 5.73 40.88
C TYR M 358 -20.77 6.62 41.07
N PHE M 359 -20.15 6.53 42.24
CA PHE M 359 -19.00 7.38 42.49
C PHE M 359 -17.78 6.96 41.69
N LEU M 360 -17.70 5.70 41.27
CA LEU M 360 -16.58 5.29 40.43
C LEU M 360 -16.70 5.88 39.04
N ILE M 361 -17.93 5.99 38.51
CA ILE M 361 -18.12 6.60 37.20
C ILE M 361 -17.87 8.10 37.27
N ILE M 362 -18.48 8.79 38.22
CA ILE M 362 -18.37 10.24 38.21
C ILE M 362 -16.98 10.69 38.65
N LEU M 363 -16.36 9.97 39.58
CA LEU M 363 -15.11 10.47 40.15
C LEU M 363 -13.89 10.14 39.29
N VAL M 364 -13.75 8.91 38.83
CA VAL M 364 -12.49 8.40 38.31
C VAL M 364 -12.58 8.03 36.83
N MET M 365 -13.60 7.24 36.46
CA MET M 365 -13.55 6.49 35.20
C MET M 365 -13.71 7.40 33.99
N MET M 366 -14.66 8.33 34.03
CA MET M 366 -14.86 9.23 32.90
C MET M 366 -13.70 10.17 32.61
N PRO M 367 -12.99 10.79 33.59
CA PRO M 367 -11.77 11.53 33.22
C PRO M 367 -10.68 10.67 32.62
N VAL M 368 -10.48 9.44 33.12
CA VAL M 368 -9.42 8.59 32.59
C VAL M 368 -9.76 8.11 31.18
N ALA M 369 -11.04 7.85 30.91
CA ALA M 369 -11.46 7.50 29.56
C ALA M 369 -11.30 8.66 28.60
N SER M 370 -11.69 9.88 29.02
CA SER M 370 -11.49 11.04 28.17
C SER M 370 -10.01 11.34 27.94
N ILE M 371 -9.16 11.05 28.93
CA ILE M 371 -7.72 11.17 28.75
C ILE M 371 -7.21 10.13 27.75
N ILE M 372 -7.75 8.92 27.76
CA ILE M 372 -7.21 7.95 26.81
C ILE M 372 -7.73 8.23 25.39
N GLU M 373 -8.89 8.85 25.22
CA GLU M 373 -9.22 9.28 23.87
C GLU M 373 -8.45 10.55 23.46
N ASN M 374 -8.04 11.37 24.43
CA ASN M 374 -7.08 12.43 24.16
C ASN M 374 -5.75 11.86 23.70
N ASN M 375 -5.37 10.70 24.26
CA ASN M 375 -4.17 10.01 23.83
C ASN M 375 -4.33 9.40 22.45
N LEU M 376 -5.56 9.04 22.07
CA LEU M 376 -5.78 8.39 20.78
C LEU M 376 -5.54 9.35 19.62
N LEU M 377 -6.21 10.49 19.62
CA LEU M 377 -6.18 11.37 18.46
C LEU M 377 -4.96 12.29 18.42
N LYS M 378 -4.00 12.13 19.34
CA LYS M 378 -2.75 12.89 19.42
C LYS M 378 -3.01 14.40 19.52
N TRP M 379 -3.57 14.81 20.66
CA TRP M 379 -3.71 16.24 20.90
C TRP M 379 -2.73 16.70 21.97
N ASP N 2 -44.93 -14.06 56.23
CA ASP N 2 -45.94 -13.14 55.74
C ASP N 2 -45.68 -12.73 54.30
N LEU N 3 -46.76 -12.53 53.54
CA LEU N 3 -46.68 -12.15 52.15
C LEU N 3 -47.54 -10.92 51.90
N GLU N 4 -46.98 -9.94 51.21
CA GLU N 4 -47.72 -8.75 50.80
C GLU N 4 -48.41 -9.10 49.49
N LEU N 5 -49.57 -9.73 49.62
CA LEU N 5 -50.25 -10.33 48.47
C LEU N 5 -50.90 -9.27 47.60
N HIS N 6 -50.65 -9.37 46.30
CA HIS N 6 -51.25 -8.49 45.32
C HIS N 6 -52.71 -8.87 45.09
N PRO N 7 -53.67 -7.97 45.33
CA PRO N 7 -55.07 -8.32 45.10
C PRO N 7 -55.37 -8.44 43.62
N PRO N 8 -56.34 -9.25 43.24
CA PRO N 8 -56.59 -9.48 41.81
C PRO N 8 -57.25 -8.30 41.12
N SER N 9 -56.99 -8.20 39.83
CA SER N 9 -57.47 -7.09 39.02
C SER N 9 -58.92 -7.33 38.62
N TYR N 10 -59.75 -6.30 38.76
CA TYR N 10 -61.20 -6.45 38.62
C TYR N 10 -61.72 -5.48 37.56
N PRO N 11 -62.37 -5.96 36.52
CA PRO N 11 -63.03 -5.04 35.58
C PRO N 11 -64.31 -4.45 36.15
N TRP N 12 -64.20 -3.34 36.87
CA TRP N 12 -65.37 -2.69 37.46
C TRP N 12 -66.14 -1.88 36.40
N SER N 13 -67.05 -1.04 36.86
CA SER N 13 -67.79 -0.13 36.00
C SER N 13 -66.99 1.09 35.59
N HIS N 14 -65.78 1.27 36.12
CA HIS N 14 -64.95 2.42 35.78
C HIS N 14 -63.49 2.03 35.61
N ARG N 15 -63.24 0.79 35.20
CA ARG N 15 -61.87 0.38 34.91
C ARG N 15 -61.37 1.00 33.63
N GLY N 16 -62.28 1.24 32.67
CA GLY N 16 -61.90 1.94 31.46
C GLY N 16 -61.54 3.39 31.73
N LEU N 17 -60.74 3.96 30.81
CA LEU N 17 -60.14 5.27 31.02
C LEU N 17 -61.13 6.42 31.00
N LEU N 18 -62.34 6.19 30.50
CA LEU N 18 -63.35 7.25 30.42
C LEU N 18 -64.70 6.84 30.97
N SER N 19 -64.87 5.59 31.39
CA SER N 19 -66.18 5.08 31.79
C SER N 19 -66.60 5.63 33.15
N SER N 20 -67.86 6.04 33.24
CA SER N 20 -68.37 6.77 34.40
C SER N 20 -68.67 5.82 35.56
N LEU N 21 -69.27 6.36 36.62
CA LEU N 21 -69.63 5.59 37.80
C LEU N 21 -71.13 5.30 37.82
N ASP N 22 -71.48 4.08 38.20
CA ASP N 22 -72.88 3.67 38.35
C ASP N 22 -73.45 4.38 39.58
N HIS N 23 -74.25 5.42 39.31
CA HIS N 23 -74.80 6.23 40.39
C HIS N 23 -75.88 5.51 41.18
N THR N 24 -76.64 4.61 40.53
CA THR N 24 -77.59 3.80 41.26
C THR N 24 -76.89 2.82 42.18
N SER N 25 -75.73 2.32 41.73
CA SER N 25 -74.88 1.53 42.61
C SER N 25 -74.34 2.36 43.76
N ILE N 26 -74.07 3.65 43.54
CA ILE N 26 -73.62 4.50 44.65
C ILE N 26 -74.76 4.74 45.64
N ARG N 27 -76.00 4.89 45.14
CA ARG N 27 -77.17 5.01 46.02
C ARG N 27 -77.35 3.76 46.88
N ARG N 28 -77.38 2.59 46.24
CA ARG N 28 -77.55 1.38 47.03
C ARG N 28 -76.32 1.04 47.86
N GLY N 29 -75.14 1.54 47.49
CA GLY N 29 -73.99 1.40 48.37
C GLY N 29 -74.05 2.28 49.59
N PHE N 30 -74.65 3.47 49.45
CA PHE N 30 -74.97 4.26 50.63
C PHE N 30 -76.00 3.57 51.50
N GLN N 31 -76.95 2.88 50.87
CA GLN N 31 -77.91 2.08 51.62
C GLN N 31 -77.21 0.97 52.40
N VAL N 32 -76.18 0.36 51.78
CA VAL N 32 -75.34 -0.63 52.45
C VAL N 32 -74.66 -0.02 53.66
N TYR N 33 -74.04 1.15 53.47
CA TYR N 33 -73.31 1.79 54.56
C TYR N 33 -74.24 2.17 55.72
N LYS N 34 -75.41 2.72 55.40
CA LYS N 34 -76.27 3.26 56.43
C LYS N 34 -77.04 2.17 57.17
N GLN N 35 -77.42 1.09 56.49
CA GLN N 35 -78.21 0.07 57.18
C GLN N 35 -77.36 -0.81 58.09
N VAL N 36 -76.26 -1.36 57.56
CA VAL N 36 -75.51 -2.35 58.30
C VAL N 36 -74.13 -1.84 58.74
N CYS N 37 -73.53 -0.89 58.02
CA CYS N 37 -72.14 -0.55 58.29
C CYS N 37 -71.97 0.65 59.20
N SER N 38 -72.90 1.60 59.21
CA SER N 38 -72.73 2.84 59.98
C SER N 38 -73.03 2.63 61.46
N SER N 39 -72.26 1.72 62.07
CA SER N 39 -72.29 1.54 63.51
C SER N 39 -70.91 1.39 64.12
N CYS N 40 -69.87 1.18 63.31
CA CYS N 40 -68.54 1.00 63.85
C CYS N 40 -67.58 1.98 63.19
N HIS N 41 -67.81 2.29 61.92
CA HIS N 41 -66.90 3.11 61.15
C HIS N 41 -67.43 4.54 61.06
N SER N 42 -66.54 5.49 61.26
CA SER N 42 -66.86 6.89 61.03
C SER N 42 -66.44 7.29 59.62
N MET N 43 -67.20 8.20 59.02
CA MET N 43 -66.96 8.64 57.64
C MET N 43 -67.05 10.17 57.60
N ASP N 44 -66.20 10.77 58.44
CA ASP N 44 -66.35 12.13 58.96
C ASP N 44 -66.44 13.22 57.89
N TYR N 45 -65.75 13.03 56.77
CA TYR N 45 -65.50 14.14 55.86
C TYR N 45 -66.51 14.25 54.73
N VAL N 46 -67.61 13.51 54.80
CA VAL N 46 -68.68 13.60 53.81
C VAL N 46 -69.95 14.00 54.54
N ALA N 47 -70.40 15.23 54.32
CA ALA N 47 -71.66 15.65 54.91
C ALA N 47 -72.82 15.02 54.15
N TYR N 48 -74.02 15.15 54.74
CA TYR N 48 -75.23 14.70 54.06
C TYR N 48 -75.55 15.56 52.85
N ARG N 49 -75.10 16.82 52.84
CA ARG N 49 -75.32 17.70 51.70
C ARG N 49 -74.44 17.35 50.51
N HIS N 50 -73.47 16.46 50.68
CA HIS N 50 -72.68 15.97 49.56
C HIS N 50 -73.31 14.77 48.87
N LEU N 51 -74.62 14.60 49.00
CA LEU N 51 -75.35 13.57 48.29
C LEU N 51 -76.45 14.15 47.40
N VAL N 52 -76.57 15.48 47.36
CA VAL N 52 -77.77 16.12 46.86
C VAL N 52 -77.89 16.04 45.34
N GLY N 53 -76.78 15.88 44.63
CA GLY N 53 -76.84 15.76 43.19
C GLY N 53 -76.08 14.57 42.68
N VAL N 54 -75.79 13.63 43.59
CA VAL N 54 -74.96 12.47 43.28
C VAL N 54 -75.79 11.20 43.22
N CYS N 55 -76.46 10.85 44.31
CA CYS N 55 -77.19 9.60 44.36
C CYS N 55 -78.57 9.74 44.99
N TYR N 56 -79.00 10.95 45.35
CA TYR N 56 -80.35 11.16 45.84
C TYR N 56 -80.86 12.52 45.38
N THR N 57 -82.15 12.73 45.62
CA THR N 57 -82.74 14.06 45.54
C THR N 57 -82.66 14.69 46.93
N GLU N 58 -83.38 15.79 47.13
CA GLU N 58 -83.28 16.51 48.39
C GLU N 58 -84.17 15.90 49.48
N ASP N 59 -85.36 15.44 49.11
CA ASP N 59 -86.38 15.04 50.09
C ASP N 59 -85.95 13.82 50.90
N GLU N 60 -85.51 12.77 50.19
CA GLU N 60 -84.98 11.58 50.85
C GLU N 60 -83.73 11.91 51.65
N ALA N 61 -82.89 12.80 51.10
CA ALA N 61 -81.71 13.27 51.83
C ALA N 61 -82.11 14.05 53.08
N LYS N 62 -83.18 14.86 52.99
CA LYS N 62 -83.62 15.63 54.15
C LYS N 62 -84.15 14.73 55.25
N ALA N 63 -84.92 13.69 54.90
CA ALA N 63 -85.42 12.77 55.91
C ALA N 63 -84.29 11.96 56.54
N LEU N 64 -83.45 11.34 55.71
CA LEU N 64 -82.36 10.52 56.19
C LEU N 64 -81.29 11.33 56.93
N ALA N 65 -81.22 12.64 56.70
CA ALA N 65 -80.30 13.48 57.43
C ALA N 65 -80.91 14.04 58.71
N GLU N 66 -82.23 14.24 58.75
CA GLU N 66 -82.89 14.67 59.96
C GLU N 66 -83.31 13.50 60.84
N GLU N 67 -82.89 12.28 60.51
CA GLU N 67 -83.00 11.18 61.45
C GLU N 67 -82.24 11.40 62.76
N VAL N 68 -80.92 11.48 62.67
CA VAL N 68 -80.05 11.31 63.84
C VAL N 68 -79.83 12.67 64.50
N GLU N 69 -79.65 12.66 65.82
CA GLU N 69 -79.30 13.87 66.57
C GLU N 69 -77.94 14.41 66.13
N VAL N 70 -77.77 15.73 66.26
CA VAL N 70 -76.49 16.38 66.02
C VAL N 70 -75.91 16.77 67.36
N GLN N 71 -76.80 17.11 68.30
CA GLN N 71 -76.46 17.69 69.60
C GLN N 71 -75.66 19.00 69.40
N ASP N 72 -76.41 19.98 68.91
CA ASP N 72 -75.95 21.35 68.70
C ASP N 72 -75.43 21.96 70.03
N GLY N 73 -74.77 23.11 69.91
CA GLY N 73 -74.02 23.67 71.00
C GLY N 73 -74.89 24.41 72.01
N PRO N 74 -74.52 25.65 72.34
CA PRO N 74 -75.19 26.35 73.45
C PRO N 74 -76.62 26.76 73.13
N ASN N 75 -77.50 26.53 74.11
CA ASN N 75 -78.87 27.02 74.11
C ASN N 75 -78.89 28.42 74.70
N GLU N 76 -80.08 28.95 74.99
CA GLU N 76 -80.14 30.18 75.77
C GLU N 76 -79.72 29.94 77.22
N ASP N 77 -80.07 28.77 77.76
CA ASP N 77 -79.72 28.43 79.14
C ASP N 77 -78.22 28.22 79.33
N GLY N 78 -77.49 27.90 78.25
CA GLY N 78 -76.05 27.91 78.28
C GLY N 78 -75.40 26.55 78.32
N GLU N 79 -76.13 25.47 78.55
CA GLU N 79 -75.47 24.18 78.70
C GLU N 79 -75.19 23.53 77.34
N MET N 80 -76.25 23.07 76.67
CA MET N 80 -76.28 22.30 75.42
C MET N 80 -77.76 22.06 75.08
N PHE N 81 -77.98 21.52 73.89
CA PHE N 81 -79.28 20.99 73.48
C PHE N 81 -79.02 20.03 72.31
N MET N 82 -80.10 19.54 71.69
CA MET N 82 -79.99 18.58 70.60
C MET N 82 -80.75 19.09 69.38
N ARG N 83 -80.42 18.52 68.23
CA ARG N 83 -81.01 18.96 66.97
C ARG N 83 -80.84 17.85 65.95
N PRO N 84 -81.82 17.62 65.05
CA PRO N 84 -81.63 16.60 64.01
C PRO N 84 -80.70 17.03 62.89
N GLY N 85 -80.70 18.31 62.52
CA GLY N 85 -79.74 18.83 61.57
C GLY N 85 -80.13 18.61 60.12
N LYS N 86 -80.18 19.67 59.32
CA LYS N 86 -80.71 19.54 57.97
C LYS N 86 -79.65 19.03 56.99
N LEU N 87 -78.67 19.87 56.67
CA LEU N 87 -77.63 19.50 55.72
C LEU N 87 -76.23 19.97 56.08
N SER N 88 -76.08 20.91 57.02
CA SER N 88 -74.78 21.51 57.33
C SER N 88 -73.94 20.67 58.27
N ASP N 89 -74.31 19.42 58.51
CA ASP N 89 -73.67 18.61 59.52
C ASP N 89 -73.20 17.31 58.90
N TYR N 90 -72.20 16.71 59.55
CA TYR N 90 -71.48 15.56 59.00
C TYR N 90 -72.28 14.29 59.17
N PHE N 91 -71.68 13.18 58.81
CA PHE N 91 -72.19 11.86 59.14
C PHE N 91 -71.94 11.59 60.61
N PRO N 92 -72.83 10.85 61.30
CA PRO N 92 -73.04 11.07 62.74
C PRO N 92 -71.91 10.64 63.66
N LYS N 93 -70.78 10.12 63.14
CA LYS N 93 -69.55 9.82 63.89
C LYS N 93 -69.83 8.85 65.03
N PRO N 94 -70.10 7.58 64.74
CA PRO N 94 -70.66 6.68 65.78
C PRO N 94 -69.73 6.38 66.94
N TYR N 95 -68.42 6.58 66.79
CA TYR N 95 -67.48 6.43 67.89
C TYR N 95 -66.84 7.77 68.24
N PRO N 96 -67.05 8.30 69.45
CA PRO N 96 -66.56 9.64 69.78
C PRO N 96 -65.05 9.77 69.91
N ASN N 97 -64.43 8.91 70.70
CA ASN N 97 -63.02 9.04 71.01
C ASN N 97 -62.25 7.83 70.51
N PRO N 98 -60.95 7.99 70.20
CA PRO N 98 -60.20 6.84 69.66
C PRO N 98 -59.94 5.73 70.66
N GLU N 99 -59.57 6.07 71.90
CA GLU N 99 -59.44 5.05 72.93
C GLU N 99 -60.79 4.49 73.32
N ALA N 100 -61.85 5.29 73.24
CA ALA N 100 -63.19 4.78 73.47
C ALA N 100 -63.69 3.93 72.30
N ALA N 101 -63.08 4.06 71.12
CA ALA N 101 -63.43 3.19 70.01
C ALA N 101 -62.67 1.88 70.06
N ARG N 102 -61.38 1.93 70.41
CA ARG N 102 -60.60 0.72 70.58
C ARG N 102 -61.05 -0.07 71.80
N ALA N 103 -61.52 0.62 72.84
CA ALA N 103 -62.09 -0.06 74.00
C ALA N 103 -63.42 -0.71 73.67
N ALA N 104 -64.13 -0.25 72.63
CA ALA N 104 -65.35 -0.90 72.20
C ALA N 104 -65.08 -2.22 71.49
N ASN N 105 -63.87 -2.42 71.01
CA ASN N 105 -63.48 -3.64 70.32
C ASN N 105 -62.45 -4.38 71.15
N ASN N 106 -61.95 -5.48 70.61
CA ASN N 106 -60.83 -6.19 71.23
C ASN N 106 -59.52 -5.71 70.62
N GLY N 107 -59.29 -4.40 70.76
CA GLY N 107 -58.20 -3.75 70.07
C GLY N 107 -58.60 -3.39 68.65
N ALA N 108 -57.63 -2.79 67.94
CA ALA N 108 -57.70 -2.46 66.52
C ALA N 108 -58.87 -1.53 66.20
N LEU N 109 -58.73 -0.28 66.65
CA LEU N 109 -59.75 0.74 66.39
C LEU N 109 -59.96 0.92 64.88
N PRO N 110 -61.19 1.02 64.42
CA PRO N 110 -61.45 1.01 62.99
C PRO N 110 -61.08 2.33 62.34
N PRO N 111 -60.63 2.31 61.10
CA PRO N 111 -60.24 3.55 60.42
C PRO N 111 -61.45 4.32 59.92
N ASP N 112 -61.20 5.58 59.59
CA ASP N 112 -62.23 6.39 58.95
C ASP N 112 -62.37 6.00 57.49
N LEU N 113 -63.61 6.00 57.00
CA LEU N 113 -63.94 5.47 55.68
C LEU N 113 -64.07 6.55 54.62
N SER N 114 -63.25 7.60 54.69
CA SER N 114 -63.23 8.58 53.62
C SER N 114 -62.11 8.36 52.61
N TYR N 115 -60.96 7.87 53.06
CA TYR N 115 -59.77 7.77 52.21
C TYR N 115 -59.25 6.34 52.10
N ILE N 116 -60.10 5.33 52.34
CA ILE N 116 -59.63 3.95 52.42
C ILE N 116 -59.23 3.43 51.05
N VAL N 117 -60.12 3.57 50.07
CA VAL N 117 -59.88 3.07 48.72
C VAL N 117 -58.68 3.78 48.09
N ARG N 118 -58.49 5.05 48.41
CA ARG N 118 -57.38 5.82 47.89
C ARG N 118 -56.13 5.70 48.76
N ALA N 119 -56.20 4.97 49.88
CA ALA N 119 -55.10 5.03 50.84
C ALA N 119 -54.71 3.68 51.43
N ARG N 120 -54.84 2.59 50.68
CA ARG N 120 -54.41 1.30 51.20
C ARG N 120 -53.52 0.54 50.21
N HIS N 121 -52.81 1.29 49.35
CA HIS N 121 -51.94 0.75 48.30
C HIS N 121 -52.69 -0.22 47.40
N GLY N 122 -53.88 0.19 47.02
CA GLY N 122 -54.81 -0.63 46.29
C GLY N 122 -56.19 -0.02 46.40
N GLY N 123 -56.95 -0.06 45.32
CA GLY N 123 -58.24 0.59 45.32
C GLY N 123 -59.33 -0.25 45.98
N GLU N 124 -60.51 -0.27 45.34
CA GLU N 124 -61.59 -1.11 45.84
C GLU N 124 -61.41 -2.57 45.49
N ASP N 125 -60.39 -2.90 44.69
CA ASP N 125 -60.04 -4.29 44.46
C ASP N 125 -59.55 -4.94 45.75
N TYR N 126 -58.74 -4.22 46.51
CA TYR N 126 -58.33 -4.69 47.83
C TYR N 126 -59.52 -4.78 48.77
N VAL N 127 -60.49 -3.87 48.64
CA VAL N 127 -61.68 -3.92 49.47
C VAL N 127 -62.49 -5.17 49.17
N PHE N 128 -62.67 -5.48 47.88
CA PHE N 128 -63.44 -6.65 47.50
C PHE N 128 -62.72 -7.93 47.91
N SER N 129 -61.40 -7.98 47.70
CA SER N 129 -60.64 -9.19 47.99
C SER N 129 -60.56 -9.44 49.50
N LEU N 130 -60.42 -8.37 50.28
CA LEU N 130 -60.44 -8.49 51.72
C LEU N 130 -61.81 -8.91 52.22
N LEU N 131 -62.86 -8.33 51.66
CA LEU N 131 -64.18 -8.51 52.23
C LEU N 131 -64.83 -9.81 51.79
N THR N 132 -64.32 -10.45 50.74
CA THR N 132 -64.84 -11.75 50.38
C THR N 132 -63.84 -12.89 50.54
N GLY N 133 -62.57 -12.58 50.82
CA GLY N 133 -61.55 -13.63 50.85
C GLY N 133 -61.36 -14.31 52.18
N TYR N 134 -62.42 -14.40 52.98
CA TYR N 134 -62.34 -15.06 54.28
C TYR N 134 -62.23 -16.57 54.11
N CYS N 135 -61.55 -17.19 55.07
CA CYS N 135 -61.41 -18.63 55.12
C CYS N 135 -61.02 -19.02 56.54
N GLU N 136 -61.30 -20.27 56.89
CA GLU N 136 -60.85 -20.80 58.15
C GLU N 136 -59.33 -20.97 58.13
N PRO N 137 -58.67 -20.75 59.25
CA PRO N 137 -57.20 -20.80 59.27
C PRO N 137 -56.68 -22.23 59.21
N PRO N 138 -55.55 -22.45 58.55
CA PRO N 138 -54.84 -23.73 58.65
C PRO N 138 -53.82 -23.73 59.78
N ARG N 139 -54.32 -23.57 61.01
CA ARG N 139 -53.57 -23.62 62.28
C ARG N 139 -52.47 -22.55 62.32
N VAL N 140 -52.95 -21.31 62.39
CA VAL N 140 -52.11 -20.17 62.71
C VAL N 140 -52.52 -19.71 64.11
N SER N 141 -51.86 -18.66 64.62
CA SER N 141 -51.98 -18.35 66.05
C SER N 141 -53.34 -17.75 66.39
N LEU N 142 -53.64 -16.56 65.85
CA LEU N 142 -54.89 -15.82 66.04
C LEU N 142 -55.16 -15.56 67.53
N ARG N 143 -54.34 -14.68 68.10
CA ARG N 143 -54.31 -14.48 69.54
C ARG N 143 -55.56 -13.78 70.07
N GLU N 144 -56.58 -14.58 70.39
CA GLU N 144 -57.67 -14.29 71.32
C GLU N 144 -58.71 -13.29 70.78
N GLY N 145 -58.39 -12.60 69.69
CA GLY N 145 -59.35 -11.69 69.11
C GLY N 145 -59.25 -11.63 67.61
N LEU N 146 -58.35 -12.43 67.06
CA LEU N 146 -57.91 -12.27 65.68
C LEU N 146 -58.61 -13.29 64.80
N TYR N 147 -59.16 -12.81 63.69
CA TYR N 147 -59.86 -13.65 62.73
C TYR N 147 -59.01 -13.72 61.47
N PHE N 148 -58.80 -14.92 60.97
CA PHE N 148 -57.86 -15.13 59.87
C PHE N 148 -58.43 -14.60 58.57
N ASN N 149 -57.64 -13.82 57.86
CA ASN N 149 -58.03 -13.36 56.53
C ASN N 149 -56.76 -13.09 55.74
N PRO N 150 -56.53 -13.83 54.64
CA PRO N 150 -55.21 -13.80 53.99
C PRO N 150 -54.87 -12.51 53.29
N TYR N 151 -55.86 -11.74 52.85
CA TYR N 151 -55.57 -10.51 52.11
C TYR N 151 -55.26 -9.34 53.04
N PHE N 152 -54.32 -9.52 53.95
CA PHE N 152 -54.07 -8.51 54.96
C PHE N 152 -52.66 -8.66 55.50
N PRO N 153 -51.87 -7.58 55.55
CA PRO N 153 -50.56 -7.67 56.21
C PRO N 153 -50.69 -7.79 57.72
N GLY N 154 -50.35 -8.96 58.23
CA GLY N 154 -50.50 -9.28 59.64
C GLY N 154 -51.35 -10.51 59.92
N GLN N 155 -52.25 -10.87 59.00
CA GLN N 155 -53.17 -12.02 59.12
C GLN N 155 -54.00 -11.94 60.39
N ALA N 156 -54.49 -10.74 60.70
CA ALA N 156 -55.11 -10.49 62.00
C ALA N 156 -56.11 -9.36 61.82
N ILE N 157 -57.40 -9.69 61.76
CA ILE N 157 -58.46 -8.71 61.58
C ILE N 157 -59.54 -8.98 62.61
N GLY N 158 -59.80 -8.00 63.48
CA GLY N 158 -60.88 -8.14 64.44
C GLY N 158 -62.26 -8.07 63.82
N MET N 159 -62.38 -7.41 62.67
CA MET N 159 -63.66 -7.29 61.97
C MET N 159 -64.06 -8.64 61.38
N ALA N 160 -65.06 -9.27 62.01
CA ALA N 160 -65.72 -10.41 61.41
C ALA N 160 -66.50 -9.95 60.18
N PRO N 161 -66.72 -10.83 59.20
CA PRO N 161 -67.43 -10.42 57.98
C PRO N 161 -68.91 -10.19 58.24
N PRO N 162 -69.41 -8.98 57.94
CA PRO N 162 -70.87 -8.74 58.01
C PRO N 162 -71.52 -8.96 56.67
N ILE N 163 -70.80 -9.63 55.76
CA ILE N 163 -71.02 -9.44 54.34
C ILE N 163 -72.25 -10.19 53.83
N TYR N 164 -72.55 -11.37 54.37
CA TYR N 164 -73.74 -12.06 53.89
C TYR N 164 -74.79 -12.30 54.96
N ASN N 165 -74.39 -12.68 56.16
CA ASN N 165 -75.33 -12.91 57.24
C ASN N 165 -75.99 -11.61 57.66
N GLU N 166 -77.31 -11.67 57.88
CA GLU N 166 -78.18 -10.52 58.11
C GLU N 166 -78.11 -9.53 56.95
N VAL N 167 -78.68 -9.97 55.82
CA VAL N 167 -78.82 -9.14 54.62
C VAL N 167 -79.61 -7.85 54.93
N LEU N 168 -79.40 -6.84 54.11
CA LEU N 168 -79.92 -5.51 54.38
C LEU N 168 -81.11 -5.11 53.52
N GLU N 169 -81.49 -5.93 52.54
CA GLU N 169 -82.78 -5.85 51.83
C GLU N 169 -83.00 -4.53 51.08
N PHE N 170 -82.31 -4.36 49.95
CA PHE N 170 -82.51 -3.22 49.07
C PHE N 170 -83.97 -3.06 48.64
N ASP N 171 -84.34 -1.83 48.29
CA ASP N 171 -85.73 -1.56 47.94
C ASP N 171 -86.11 -2.14 46.59
N ASP N 172 -85.15 -2.24 45.67
CA ASP N 172 -85.43 -2.79 44.35
C ASP N 172 -85.50 -4.31 44.35
N GLY N 173 -85.07 -4.96 45.43
CA GLY N 173 -85.03 -6.40 45.44
C GLY N 173 -83.89 -6.96 44.64
N THR N 174 -82.80 -6.22 44.52
CA THR N 174 -81.58 -6.77 43.96
C THR N 174 -81.00 -7.75 44.96
N PRO N 175 -80.63 -8.99 44.53
CA PRO N 175 -80.28 -10.05 45.50
C PRO N 175 -79.07 -9.75 46.37
N ALA N 176 -79.32 -9.63 47.68
CA ALA N 176 -78.29 -9.31 48.67
C ALA N 176 -77.45 -10.55 48.93
N THR N 177 -76.57 -10.83 47.97
CA THR N 177 -75.62 -11.94 48.02
C THR N 177 -74.42 -11.55 48.87
N MET N 178 -73.33 -12.27 48.73
CA MET N 178 -72.05 -11.68 49.09
C MET N 178 -71.57 -10.75 47.98
N SER N 179 -71.72 -11.19 46.74
CA SER N 179 -71.06 -10.58 45.60
C SER N 179 -71.63 -9.20 45.27
N GLN N 180 -72.96 -9.12 45.18
CA GLN N 180 -73.58 -7.88 44.74
C GLN N 180 -73.48 -6.79 45.80
N VAL N 181 -73.67 -7.16 47.08
CA VAL N 181 -73.54 -6.15 48.13
C VAL N 181 -72.08 -5.74 48.30
N ALA N 182 -71.13 -6.64 47.98
CA ALA N 182 -69.73 -6.25 48.03
C ALA N 182 -69.37 -5.30 46.90
N LYS N 183 -69.93 -5.52 45.71
CA LYS N 183 -69.76 -4.60 44.60
C LYS N 183 -70.34 -3.22 44.92
N ASP N 184 -71.51 -3.22 45.60
CA ASP N 184 -72.14 -1.96 45.99
C ASP N 184 -71.27 -1.19 46.97
N VAL N 185 -70.73 -1.87 47.97
CA VAL N 185 -69.97 -1.13 48.97
C VAL N 185 -68.59 -0.73 48.42
N CYS N 186 -68.05 -1.50 47.47
CA CYS N 186 -66.80 -1.09 46.83
C CYS N 186 -66.99 0.15 45.97
N THR N 187 -68.07 0.20 45.18
CA THR N 187 -68.37 1.38 44.37
C THR N 187 -68.66 2.58 45.25
N PHE N 188 -69.36 2.37 46.37
CA PHE N 188 -69.68 3.48 47.25
C PHE N 188 -68.44 4.02 47.96
N LEU N 189 -67.52 3.15 48.36
CA LEU N 189 -66.30 3.65 48.98
C LEU N 189 -65.36 4.27 47.96
N ARG N 190 -65.41 3.83 46.70
CA ARG N 190 -64.66 4.49 45.64
C ARG N 190 -65.17 5.91 45.41
N TRP N 191 -66.49 6.08 45.40
CA TRP N 191 -67.06 7.42 45.33
C TRP N 191 -66.69 8.25 46.54
N ALA N 192 -66.80 7.67 47.73
CA ALA N 192 -66.48 8.39 48.96
C ALA N 192 -65.00 8.71 49.08
N ALA N 193 -64.15 8.01 48.33
CA ALA N 193 -62.78 8.46 48.17
C ALA N 193 -62.73 9.68 47.25
N GLU N 194 -63.20 9.54 46.02
CA GLU N 194 -63.04 10.60 45.01
C GLU N 194 -64.37 11.02 44.42
N PRO N 195 -65.00 12.08 44.93
CA PRO N 195 -66.24 12.56 44.30
C PRO N 195 -66.04 13.25 42.96
N GLU N 196 -64.79 13.55 42.60
CA GLU N 196 -64.46 14.23 41.36
C GLU N 196 -64.22 13.26 40.21
N HIS N 197 -64.58 11.99 40.38
CA HIS N 197 -64.13 10.93 39.49
C HIS N 197 -64.76 11.04 38.11
N ASP N 198 -66.10 11.13 38.06
CA ASP N 198 -66.78 11.30 36.79
C ASP N 198 -66.50 12.68 36.20
N HIS N 199 -66.36 13.70 37.05
CA HIS N 199 -66.09 15.03 36.55
C HIS N 199 -64.67 15.14 36.01
N ARG N 200 -63.70 14.44 36.63
CA ARG N 200 -62.35 14.47 36.07
C ARG N 200 -62.28 13.68 34.78
N LYS N 201 -63.07 12.61 34.63
CA LYS N 201 -63.09 11.94 33.34
C LYS N 201 -63.74 12.80 32.26
N ARG N 202 -64.76 13.59 32.63
CA ARG N 202 -65.39 14.50 31.66
C ARG N 202 -64.41 15.59 31.20
N MET N 203 -63.75 16.25 32.15
CA MET N 203 -62.81 17.28 31.72
C MET N 203 -61.55 16.70 31.09
N GLY N 204 -61.20 15.44 31.39
CA GLY N 204 -60.11 14.80 30.68
C GLY N 204 -60.46 14.49 29.24
N LEU N 205 -61.72 14.11 28.98
CA LEU N 205 -62.14 13.91 27.60
C LEU N 205 -62.22 15.23 26.85
N LYS N 206 -62.65 16.30 27.52
CA LYS N 206 -62.61 17.62 26.91
C LYS N 206 -61.19 18.06 26.60
N MET N 207 -60.25 17.71 27.47
CA MET N 207 -58.84 18.02 27.24
C MET N 207 -58.28 17.23 26.05
N LEU N 208 -58.65 15.94 25.96
CA LEU N 208 -58.20 15.12 24.85
C LEU N 208 -58.73 15.63 23.52
N LEU N 209 -59.96 16.09 23.49
CA LEU N 209 -60.49 16.63 22.24
C LEU N 209 -59.94 18.01 21.91
N MET N 210 -59.65 18.83 22.93
CA MET N 210 -58.94 20.08 22.69
C MET N 210 -57.54 19.85 22.13
N MET N 211 -56.86 18.80 22.60
CA MET N 211 -55.50 18.55 22.13
C MET N 211 -55.47 17.71 20.87
N GLY N 212 -56.57 17.09 20.49
CA GLY N 212 -56.69 16.48 19.19
C GLY N 212 -57.10 17.51 18.15
N LEU N 213 -57.67 18.63 18.62
CA LEU N 213 -58.00 19.73 17.74
C LEU N 213 -56.92 20.81 17.68
N LEU N 214 -56.01 20.84 18.66
CA LEU N 214 -55.10 21.96 18.86
C LEU N 214 -53.68 21.68 18.40
N LEU N 215 -53.12 20.53 18.77
CA LEU N 215 -51.67 20.34 18.64
C LEU N 215 -51.14 20.25 17.20
N PRO N 216 -51.79 19.60 16.21
CA PRO N 216 -51.20 19.65 14.86
C PRO N 216 -51.18 21.02 14.24
N LEU N 217 -52.08 21.92 14.61
CA LEU N 217 -52.01 23.28 14.07
C LEU N 217 -50.89 24.08 14.73
N VAL N 218 -50.61 23.85 16.01
CA VAL N 218 -49.47 24.49 16.65
C VAL N 218 -48.17 24.00 16.05
N TYR N 219 -48.09 22.70 15.77
CA TYR N 219 -46.88 22.15 15.17
C TYR N 219 -46.73 22.63 13.73
N ALA N 220 -47.85 22.79 13.02
CA ALA N 220 -47.80 23.36 11.69
C ALA N 220 -47.37 24.82 11.72
N MET N 221 -47.77 25.55 12.76
CA MET N 221 -47.33 26.92 12.94
C MET N 221 -45.83 27.01 13.21
N LYS N 222 -45.31 26.09 14.02
CA LYS N 222 -43.88 26.05 14.31
C LYS N 222 -43.07 25.71 13.06
N ARG N 223 -43.50 24.69 12.32
CA ARG N 223 -42.78 24.33 11.10
C ARG N 223 -42.91 25.42 10.04
N HIS N 224 -44.03 26.15 10.03
CA HIS N 224 -44.23 27.21 9.06
C HIS N 224 -43.34 28.42 9.36
N LYS N 225 -43.11 28.72 10.64
CA LYS N 225 -42.12 29.75 10.93
C LYS N 225 -40.70 29.27 10.68
N TRP N 226 -40.38 28.04 11.08
CA TRP N 226 -39.03 27.53 10.92
C TRP N 226 -38.71 27.09 9.50
N SER N 227 -39.64 27.25 8.55
CA SER N 227 -39.41 26.77 7.20
C SER N 227 -38.31 27.53 6.45
N VAL N 228 -37.92 28.70 6.92
CA VAL N 228 -36.82 29.42 6.28
C VAL N 228 -35.50 28.72 6.55
N LEU N 229 -35.19 28.48 7.83
CA LEU N 229 -33.91 27.90 8.19
C LEU N 229 -33.84 26.41 7.92
N LYS N 230 -34.93 25.75 7.56
CA LYS N 230 -34.85 24.36 7.12
C LYS N 230 -34.52 24.24 5.65
N SER N 231 -34.35 25.37 4.95
CA SER N 231 -34.13 25.34 3.50
C SER N 231 -33.05 26.28 3.03
N ARG N 232 -32.42 27.04 3.91
CA ARG N 232 -31.36 27.96 3.50
C ARG N 232 -30.15 27.19 3.01
N LYS N 233 -29.47 27.74 2.02
CA LYS N 233 -28.38 27.00 1.37
C LYS N 233 -27.20 27.92 1.13
N LEU N 234 -26.02 27.40 1.41
CA LEU N 234 -24.81 28.18 1.43
C LEU N 234 -24.06 28.07 0.11
N ALA N 235 -23.13 29.00 -0.09
CA ALA N 235 -22.22 28.99 -1.23
C ALA N 235 -20.97 29.74 -0.81
N TYR N 236 -19.82 29.27 -1.27
CA TYR N 236 -18.55 29.74 -0.77
C TYR N 236 -17.84 30.55 -1.86
N ARG N 237 -17.75 31.86 -1.65
CA ARG N 237 -17.05 32.78 -2.55
C ARG N 237 -15.83 33.39 -1.89
N PRO N 238 -14.67 32.82 -2.16
CA PRO N 238 -13.41 33.53 -2.02
C PRO N 238 -13.00 34.13 -3.35
N PRO N 239 -11.87 34.86 -3.43
CA PRO N 239 -11.34 35.14 -4.76
C PRO N 239 -10.71 33.92 -5.42
N HIS O 2 -19.15 37.96 -10.02
CA HIS O 2 -20.36 38.15 -9.23
C HIS O 2 -21.57 37.92 -10.11
N THR O 3 -21.33 37.93 -11.42
CA THR O 3 -22.41 37.74 -12.38
C THR O 3 -22.90 36.30 -12.41
N ASP O 4 -22.08 35.36 -11.96
CA ASP O 4 -22.40 33.93 -12.02
C ASP O 4 -23.14 33.44 -10.79
N ILE O 5 -23.85 34.31 -10.09
CA ILE O 5 -24.49 33.96 -8.83
C ILE O 5 -25.98 33.78 -9.12
N LYS O 6 -26.38 32.53 -9.31
CA LYS O 6 -27.77 32.18 -9.50
C LYS O 6 -28.16 31.12 -8.48
N VAL O 7 -29.46 31.06 -8.18
CA VAL O 7 -29.98 30.20 -7.13
C VAL O 7 -29.93 28.75 -7.58
N PRO O 8 -29.99 27.79 -6.68
CA PRO O 8 -30.32 26.42 -7.05
C PRO O 8 -31.82 26.25 -7.11
N ASP O 9 -32.26 25.07 -7.54
CA ASP O 9 -33.68 24.79 -7.62
C ASP O 9 -34.25 24.49 -6.23
N PHE O 10 -35.56 24.69 -6.11
CA PHE O 10 -36.25 24.34 -4.87
C PHE O 10 -37.57 23.65 -5.17
N SER O 11 -37.65 22.93 -6.29
CA SER O 11 -38.86 22.19 -6.62
C SER O 11 -39.12 21.04 -5.66
N ASP O 12 -38.10 20.63 -4.90
CA ASP O 12 -38.28 19.73 -3.78
C ASP O 12 -39.04 20.41 -2.63
N TYR O 13 -39.09 21.74 -2.61
CA TYR O 13 -39.67 22.50 -1.52
C TYR O 13 -40.89 23.32 -1.92
N ARG O 14 -40.99 23.75 -3.18
CA ARG O 14 -42.02 24.69 -3.60
C ARG O 14 -43.38 24.02 -3.70
N ARG O 15 -44.42 24.85 -3.64
CA ARG O 15 -45.79 24.38 -3.66
C ARG O 15 -46.25 24.10 -5.09
N PRO O 16 -47.28 23.28 -5.26
CA PRO O 16 -47.81 23.07 -6.62
C PRO O 16 -48.45 24.30 -7.22
N GLU O 17 -48.96 25.22 -6.39
CA GLU O 17 -49.57 26.44 -6.90
C GLU O 17 -48.54 27.40 -7.47
N VAL O 18 -47.29 27.30 -7.04
CA VAL O 18 -46.28 28.30 -7.32
C VAL O 18 -45.25 27.82 -8.35
N LEU O 19 -45.07 26.49 -8.49
CA LEU O 19 -43.94 25.89 -9.20
C LEU O 19 -43.89 26.27 -10.67
N ASP O 20 -45.02 26.60 -11.28
CA ASP O 20 -45.03 27.01 -12.69
C ASP O 20 -44.42 28.41 -12.81
N SER O 21 -43.18 28.45 -13.27
CA SER O 21 -42.51 29.73 -13.52
C SER O 21 -43.07 30.44 -14.74
N THR O 22 -43.79 29.72 -15.60
CA THR O 22 -44.41 30.35 -16.77
C THR O 22 -45.60 31.20 -16.37
N LYS O 23 -46.37 30.75 -15.37
CA LYS O 23 -47.58 31.44 -14.98
C LYS O 23 -47.26 32.63 -14.09
N SER O 24 -48.30 33.28 -13.59
CA SER O 24 -48.17 34.53 -12.85
C SER O 24 -47.71 34.27 -11.41
N SER O 25 -47.74 35.32 -10.59
CA SER O 25 -47.24 35.23 -9.22
C SER O 25 -48.26 35.76 -8.24
N LYS O 26 -49.11 36.68 -8.69
CA LYS O 26 -50.06 37.31 -7.78
C LYS O 26 -51.21 36.39 -7.41
N GLU O 27 -51.56 35.47 -8.30
CA GLU O 27 -52.76 34.69 -8.13
C GLU O 27 -52.57 33.49 -7.22
N SER O 28 -51.37 32.93 -7.15
CA SER O 28 -51.06 31.90 -6.19
C SER O 28 -50.65 32.46 -4.84
N SER O 29 -50.72 33.77 -4.66
CA SER O 29 -50.23 34.41 -3.43
C SER O 29 -51.32 34.61 -2.40
N GLU O 30 -52.49 35.06 -2.85
CA GLU O 30 -53.54 35.49 -1.94
C GLU O 30 -54.16 34.31 -1.21
N ALA O 31 -54.46 33.22 -1.93
CA ALA O 31 -54.96 32.01 -1.29
C ALA O 31 -53.90 31.36 -0.40
N ARG O 32 -52.63 31.55 -0.75
CA ARG O 32 -51.53 31.03 0.08
C ARG O 32 -51.47 31.73 1.43
N LYS O 33 -51.53 33.08 1.40
CA LYS O 33 -51.61 33.84 2.64
C LYS O 33 -52.88 33.52 3.40
N GLY O 34 -53.96 33.23 2.68
CA GLY O 34 -55.21 32.86 3.33
C GLY O 34 -55.11 31.56 4.10
N PHE O 35 -54.46 30.55 3.52
CA PHE O 35 -54.27 29.29 4.21
C PHE O 35 -53.34 29.44 5.41
N SER O 36 -52.26 30.21 5.26
CA SER O 36 -51.32 30.40 6.36
C SER O 36 -51.96 31.17 7.52
N TYR O 37 -52.71 32.21 7.21
CA TYR O 37 -53.36 32.94 8.29
C TYR O 37 -54.58 32.23 8.82
N LEU O 38 -55.14 31.28 8.06
CA LEU O 38 -56.13 30.37 8.61
C LEU O 38 -55.52 29.48 9.68
N ILE O 39 -54.28 29.02 9.44
CA ILE O 39 -53.54 28.26 10.45
C ILE O 39 -53.33 29.08 11.71
N THR O 40 -52.82 30.31 11.55
CA THR O 40 -52.57 31.20 12.70
C THR O 40 -53.86 31.50 13.46
N ALA O 41 -54.95 31.76 12.73
CA ALA O 41 -56.21 32.14 13.34
C ALA O 41 -56.83 30.99 14.10
N THR O 42 -56.81 29.77 13.54
CA THR O 42 -57.44 28.65 14.24
C THR O 42 -56.63 28.25 15.47
N THR O 43 -55.30 28.34 15.38
CA THR O 43 -54.46 28.09 16.55
C THR O 43 -54.72 29.11 17.66
N THR O 44 -54.81 30.40 17.30
CA THR O 44 -55.05 31.43 18.30
C THR O 44 -56.45 31.32 18.91
N VAL O 45 -57.44 30.91 18.10
CA VAL O 45 -58.80 30.70 18.61
C VAL O 45 -58.82 29.59 19.65
N GLY O 46 -58.20 28.45 19.34
CA GLY O 46 -58.19 27.34 20.28
C GLY O 46 -57.45 27.65 21.57
N VAL O 47 -56.28 28.29 21.45
CA VAL O 47 -55.48 28.60 22.64
C VAL O 47 -56.18 29.64 23.51
N ALA O 48 -56.69 30.71 22.91
CA ALA O 48 -57.36 31.74 23.69
C ALA O 48 -58.67 31.25 24.28
N TYR O 49 -59.36 30.32 23.62
CA TYR O 49 -60.59 29.81 24.21
C TYR O 49 -60.30 28.86 25.38
N ALA O 50 -59.28 28.01 25.27
CA ALA O 50 -58.89 27.20 26.42
C ALA O 50 -58.41 28.06 27.58
N ALA O 51 -57.71 29.16 27.28
CA ALA O 51 -57.24 30.05 28.32
C ALA O 51 -58.39 30.80 29.01
N LYS O 52 -59.42 31.18 28.25
CA LYS O 52 -60.54 31.86 28.90
C LYS O 52 -61.40 30.89 29.71
N ASN O 53 -61.44 29.61 29.31
CA ASN O 53 -62.05 28.60 30.18
C ASN O 53 -61.27 28.46 31.48
N VAL O 54 -59.94 28.45 31.40
CA VAL O 54 -59.09 28.32 32.59
C VAL O 54 -59.26 29.54 33.52
N VAL O 55 -59.33 30.74 32.95
CA VAL O 55 -59.51 31.95 33.75
C VAL O 55 -60.88 31.96 34.42
N SER O 56 -61.93 31.59 33.69
CA SER O 56 -63.26 31.55 34.29
C SER O 56 -63.38 30.48 35.36
N GLN O 57 -62.69 29.34 35.19
CA GLN O 57 -62.71 28.31 36.22
C GLN O 57 -61.90 28.72 37.45
N PHE O 58 -60.86 29.52 37.28
CA PHE O 58 -60.16 30.06 38.45
C PHE O 58 -61.01 31.09 39.18
N VAL O 59 -61.76 31.91 38.44
CA VAL O 59 -62.71 32.86 39.04
C VAL O 59 -63.77 32.11 39.84
N SER O 60 -64.28 31.01 39.29
CA SER O 60 -65.20 30.15 40.03
C SER O 60 -64.52 29.52 41.24
N SER O 61 -63.22 29.24 41.15
CA SER O 61 -62.51 28.66 42.29
C SER O 61 -62.34 29.65 43.42
N MET O 62 -62.23 30.93 43.10
CA MET O 62 -62.12 31.96 44.13
C MET O 62 -63.48 32.46 44.63
N SER O 63 -64.56 31.72 44.39
CA SER O 63 -65.89 32.25 44.71
C SER O 63 -66.19 32.19 46.20
N ALA O 64 -66.31 30.99 46.75
CA ALA O 64 -66.70 30.75 48.13
C ALA O 64 -66.41 29.29 48.45
N SER O 65 -66.91 28.83 49.59
CA SER O 65 -66.76 27.45 50.03
C SER O 65 -68.03 26.66 49.75
N ALA O 66 -68.07 25.41 50.23
CA ALA O 66 -69.22 24.54 50.03
C ALA O 66 -70.24 24.65 51.15
N ASP O 67 -69.83 25.05 52.35
CA ASP O 67 -70.78 25.30 53.42
C ASP O 67 -71.46 26.66 53.28
N VAL O 68 -71.00 27.49 52.35
CA VAL O 68 -71.66 28.76 52.06
C VAL O 68 -73.05 28.51 51.51
N LEU O 69 -73.20 27.46 50.70
CA LEU O 69 -74.48 27.04 50.14
C LEU O 69 -75.32 26.21 51.10
N ALA O 70 -74.99 26.22 52.39
CA ALA O 70 -75.64 25.40 53.41
C ALA O 70 -76.08 26.24 54.59
N MET O 71 -76.73 27.37 54.31
CA MET O 71 -77.27 28.26 55.33
C MET O 71 -78.71 28.59 54.96
N SER O 72 -79.61 28.53 55.93
CA SER O 72 -81.04 28.55 55.63
C SER O 72 -81.79 29.26 56.75
N LYS O 73 -83.10 29.01 56.82
CA LYS O 73 -84.07 29.81 57.55
C LYS O 73 -83.86 29.69 59.07
N ILE O 74 -84.61 30.51 59.80
CA ILE O 74 -84.61 30.50 61.26
C ILE O 74 -86.04 30.69 61.74
N GLU O 75 -86.37 30.10 62.89
CA GLU O 75 -87.58 30.47 63.60
C GLU O 75 -87.24 31.59 64.57
N ILE O 76 -88.14 32.59 64.67
CA ILE O 76 -87.91 33.75 65.51
C ILE O 76 -89.16 33.98 66.37
N LYS O 77 -88.96 33.98 67.68
CA LYS O 77 -90.00 34.28 68.65
C LYS O 77 -89.52 35.42 69.55
N LEU O 78 -90.36 36.43 69.72
CA LEU O 78 -89.99 37.68 70.37
C LEU O 78 -90.96 38.01 71.49
N SER O 79 -91.23 37.04 72.34
CA SER O 79 -92.08 37.22 73.52
C SER O 79 -91.26 37.37 74.79
N ASP O 80 -90.09 37.98 74.70
CA ASP O 80 -89.17 38.04 75.83
C ASP O 80 -88.55 39.42 76.04
N ILE O 81 -88.64 40.33 75.07
CA ILE O 81 -87.79 41.52 75.03
C ILE O 81 -88.36 42.58 75.97
N PRO O 82 -87.55 43.18 76.85
CA PRO O 82 -87.97 44.39 77.56
C PRO O 82 -88.21 45.53 76.58
N GLU O 83 -89.20 46.37 76.90
CA GLU O 83 -89.79 47.27 75.91
C GLU O 83 -88.84 48.42 75.58
N GLY O 84 -88.62 48.64 74.28
CA GLY O 84 -87.68 49.62 73.81
C GLY O 84 -86.31 49.08 73.46
N LYS O 85 -86.15 47.76 73.38
CA LYS O 85 -84.84 47.16 73.21
C LYS O 85 -84.82 46.30 71.95
N ASN O 86 -83.67 46.23 71.30
CA ASN O 86 -83.49 45.49 70.05
C ASN O 86 -82.77 44.18 70.33
N MET O 87 -83.37 43.07 69.93
CA MET O 87 -82.80 41.74 70.10
C MET O 87 -82.17 41.29 68.79
N ALA O 88 -81.04 40.57 68.90
CA ALA O 88 -80.27 40.12 67.76
C ALA O 88 -80.31 38.60 67.63
N PHE O 89 -80.33 38.12 66.40
CA PHE O 89 -80.29 36.69 66.12
C PHE O 89 -79.39 36.40 64.94
N LYS O 90 -78.56 35.36 65.06
CA LYS O 90 -77.68 34.94 63.98
C LYS O 90 -78.49 34.40 62.81
N TRP O 91 -78.15 34.84 61.60
CA TRP O 91 -78.92 34.47 60.41
C TRP O 91 -78.00 34.55 59.20
N ARG O 92 -77.61 33.37 58.68
CA ARG O 92 -76.68 33.22 57.56
C ARG O 92 -75.34 33.91 57.85
N GLY O 93 -74.85 33.76 59.08
CA GLY O 93 -73.63 34.42 59.48
C GLY O 93 -73.76 35.91 59.66
N LYS O 94 -74.98 36.43 59.77
CA LYS O 94 -75.27 37.85 59.84
C LYS O 94 -76.37 38.07 60.87
N PRO O 95 -76.45 39.26 61.48
CA PRO O 95 -77.51 39.51 62.47
C PRO O 95 -78.92 39.60 61.89
N LEU O 96 -79.90 39.73 62.79
CA LEU O 96 -81.32 39.78 62.45
C LEU O 96 -82.00 40.43 63.65
N PHE O 97 -82.58 41.61 63.45
CA PHE O 97 -82.98 42.43 64.59
C PHE O 97 -84.50 42.43 64.74
N VAL O 98 -84.95 42.27 65.98
CA VAL O 98 -86.35 42.46 66.33
C VAL O 98 -86.40 43.38 67.56
N ARG O 99 -86.91 44.60 67.38
CA ARG O 99 -86.93 45.57 68.46
C ARG O 99 -88.34 45.73 69.00
N HIS O 100 -88.46 45.60 70.32
CA HIS O 100 -89.67 45.98 71.04
C HIS O 100 -89.60 47.47 71.28
N ARG O 101 -90.51 48.22 70.66
CA ARG O 101 -90.52 49.67 70.74
C ARG O 101 -91.48 50.12 71.81
N THR O 102 -91.03 51.05 72.65
CA THR O 102 -91.95 51.75 73.54
C THR O 102 -92.87 52.63 72.70
N LYS O 103 -94.14 52.71 73.08
CA LYS O 103 -95.15 53.33 72.23
C LYS O 103 -94.98 54.84 72.10
N LYS O 104 -94.13 55.48 72.90
CA LYS O 104 -93.80 56.89 72.66
C LYS O 104 -93.01 57.06 71.37
N GLU O 105 -92.11 56.12 71.08
CA GLU O 105 -91.35 56.17 69.84
C GLU O 105 -92.25 55.94 68.62
N ILE O 106 -93.23 55.03 68.74
CA ILE O 106 -94.15 54.79 67.62
C ILE O 106 -95.12 55.95 67.49
N ASP O 107 -95.48 56.61 68.60
CA ASP O 107 -96.24 57.86 68.51
C ASP O 107 -95.44 58.95 67.83
N GLN O 108 -94.12 58.97 68.03
CA GLN O 108 -93.27 59.89 67.27
C GLN O 108 -93.27 59.57 65.78
N GLU O 109 -93.10 58.28 65.44
CA GLU O 109 -92.96 57.90 64.03
C GLU O 109 -94.27 58.07 63.27
N ALA O 110 -95.40 57.69 63.87
CA ALA O 110 -96.69 57.92 63.24
C ALA O 110 -97.10 59.38 63.32
N ALA O 111 -96.61 60.11 64.32
CA ALA O 111 -96.93 61.53 64.44
C ALA O 111 -96.16 62.36 63.42
N VAL O 112 -94.88 62.03 63.21
CA VAL O 112 -94.13 62.67 62.15
C VAL O 112 -94.60 62.09 60.82
N GLU O 113 -94.45 62.87 59.75
CA GLU O 113 -94.97 62.48 58.46
C GLU O 113 -94.11 61.39 57.82
N VAL O 114 -94.59 60.87 56.70
CA VAL O 114 -93.96 59.76 56.01
C VAL O 114 -93.34 60.19 54.68
N SER O 115 -94.00 61.13 53.98
CA SER O 115 -93.54 61.59 52.67
C SER O 115 -92.31 62.49 52.73
N GLN O 116 -91.86 62.89 53.92
CA GLN O 116 -90.68 63.73 54.06
C GLN O 116 -89.41 63.03 53.64
N LEU O 117 -89.39 61.70 53.66
CA LEU O 117 -88.17 60.94 53.42
C LEU O 117 -87.84 60.93 51.92
N ARG O 118 -86.71 60.29 51.61
CA ARG O 118 -86.32 60.11 50.22
C ARG O 118 -87.15 59.03 49.53
N ASP O 119 -87.80 58.16 50.30
CA ASP O 119 -88.76 57.19 49.78
C ASP O 119 -89.75 56.85 50.89
N PRO O 120 -91.02 57.24 50.75
CA PRO O 120 -92.01 56.94 51.79
C PRO O 120 -92.55 55.53 51.65
N GLN O 121 -92.91 54.96 52.81
CA GLN O 121 -93.40 53.58 52.88
C GLN O 121 -94.11 53.42 54.20
N HIS O 122 -95.39 53.06 54.14
CA HIS O 122 -96.19 52.98 55.36
C HIS O 122 -95.78 51.75 56.17
N ASP O 123 -95.99 51.84 57.49
CA ASP O 123 -95.52 50.80 58.40
C ASP O 123 -96.30 49.50 58.22
N LEU O 124 -97.56 49.58 57.81
CA LEU O 124 -98.33 48.39 57.50
C LEU O 124 -97.88 47.71 56.20
N GLU O 125 -97.18 48.45 55.33
CA GLU O 125 -96.58 47.84 54.14
C GLU O 125 -95.26 47.14 54.43
N ARG O 126 -94.85 47.07 55.70
CA ARG O 126 -93.63 46.40 56.12
C ARG O 126 -93.84 45.35 57.20
N VAL O 127 -94.92 45.42 57.98
CA VAL O 127 -95.11 44.53 59.12
C VAL O 127 -96.61 44.29 59.29
N LYS O 128 -96.94 43.16 59.91
CA LYS O 128 -98.29 42.92 60.42
C LYS O 128 -98.42 43.21 61.92
N LYS O 129 -97.31 43.48 62.60
CA LYS O 129 -97.28 43.67 64.04
C LYS O 129 -96.77 45.08 64.29
N PRO O 130 -97.67 46.08 64.39
CA PRO O 130 -97.25 47.49 64.36
C PRO O 130 -96.61 48.01 65.64
N GLU O 131 -96.48 47.19 66.69
CA GLU O 131 -95.79 47.61 67.91
C GLU O 131 -94.57 46.73 68.21
N TRP O 132 -94.05 46.04 67.19
CA TRP O 132 -92.86 45.22 67.33
C TRP O 132 -92.15 45.28 65.98
N VAL O 133 -91.06 46.03 65.86
CA VAL O 133 -90.46 46.23 64.54
C VAL O 133 -89.48 45.09 64.27
N ILE O 134 -89.48 44.62 63.03
CA ILE O 134 -88.72 43.45 62.61
C ILE O 134 -87.87 43.88 61.41
N LEU O 135 -86.55 43.92 61.58
CA LEU O 135 -85.65 44.55 60.62
C LEU O 135 -84.43 43.68 60.36
N ILE O 136 -83.83 43.93 59.19
CA ILE O 136 -82.44 43.57 58.92
C ILE O 136 -81.67 44.85 59.22
N GLY O 137 -81.24 45.00 60.47
CA GLY O 137 -80.63 46.23 60.92
C GLY O 137 -79.15 46.33 60.64
N VAL O 138 -78.80 46.23 59.36
CA VAL O 138 -77.45 46.49 58.88
C VAL O 138 -77.55 47.62 57.84
N CYS O 139 -76.56 48.50 57.82
CA CYS O 139 -76.68 49.72 57.03
C CYS O 139 -76.60 49.43 55.53
N THR O 140 -77.06 50.39 54.73
CA THR O 140 -77.07 50.26 53.28
C THR O 140 -75.94 51.02 52.61
N HIS O 141 -75.23 51.89 53.34
CA HIS O 141 -74.02 52.49 52.79
C HIS O 141 -72.92 51.46 52.67
N LEU O 142 -72.47 50.92 53.82
CA LEU O 142 -71.33 50.02 53.84
C LEU O 142 -71.55 48.80 54.72
N GLY O 143 -72.80 48.49 55.08
CA GLY O 143 -73.05 47.34 55.92
C GLY O 143 -72.56 47.48 57.34
N CYS O 144 -73.20 48.34 58.12
CA CYS O 144 -72.84 48.53 59.51
C CYS O 144 -74.07 48.38 60.40
N VAL O 145 -73.85 47.79 61.58
CA VAL O 145 -74.88 47.65 62.61
C VAL O 145 -74.94 48.94 63.42
N PRO O 146 -76.08 49.61 63.51
CA PRO O 146 -76.14 50.89 64.21
C PRO O 146 -76.20 50.74 65.73
N ILE O 147 -75.82 51.82 66.41
CA ILE O 147 -76.10 52.00 67.83
C ILE O 147 -77.49 52.60 67.97
N ALA O 148 -78.36 51.93 68.70
CA ALA O 148 -79.72 52.45 68.86
C ALA O 148 -79.75 53.57 69.87
N ASN O 149 -80.83 54.36 69.81
CA ASN O 149 -81.24 55.33 70.83
C ASN O 149 -80.22 56.48 70.97
N ALA O 150 -79.83 57.05 69.83
CA ALA O 150 -78.91 58.19 69.79
C ALA O 150 -79.02 58.87 68.43
N GLY O 151 -78.81 60.18 68.43
CA GLY O 151 -78.76 60.95 67.20
C GLY O 151 -79.70 62.16 67.26
N ASP O 152 -80.38 62.41 66.15
CA ASP O 152 -81.31 63.52 66.03
C ASP O 152 -82.52 63.34 66.93
N PHE O 153 -83.30 62.29 66.67
CA PHE O 153 -84.49 61.97 67.44
C PHE O 153 -84.24 60.88 68.47
N GLY O 154 -83.01 60.39 68.59
CA GLY O 154 -82.70 59.31 69.49
C GLY O 154 -82.96 57.95 68.87
N GLY O 155 -82.33 57.68 67.74
CA GLY O 155 -82.60 56.48 66.98
C GLY O 155 -81.33 55.67 66.75
N TYR O 156 -81.28 55.05 65.56
CA TYR O 156 -80.22 54.13 65.19
C TYR O 156 -79.03 54.93 64.67
N TYR O 157 -78.11 55.28 65.57
CA TYR O 157 -76.87 55.93 65.15
C TYR O 157 -75.95 54.88 64.52
N CYS O 158 -75.80 54.94 63.21
CA CYS O 158 -74.82 54.11 62.53
C CYS O 158 -73.42 54.61 62.91
N PRO O 159 -72.61 53.82 63.60
CA PRO O 159 -71.32 54.36 64.10
C PRO O 159 -70.28 54.52 63.03
N CYS O 160 -70.49 54.00 61.83
CA CYS O 160 -69.49 54.10 60.78
C CYS O 160 -69.44 55.51 60.21
N HIS O 161 -70.59 56.12 59.93
CA HIS O 161 -70.58 57.49 59.42
C HIS O 161 -71.63 58.41 60.00
N GLY O 162 -72.62 57.91 60.73
CA GLY O 162 -73.64 58.76 61.31
C GLY O 162 -74.96 58.76 60.60
N SER O 163 -75.35 57.65 59.99
CA SER O 163 -76.67 57.55 59.36
C SER O 163 -77.73 57.46 60.44
N HIS O 164 -78.30 58.61 60.80
CA HIS O 164 -79.35 58.67 61.82
C HIS O 164 -80.63 58.11 61.23
N TYR O 165 -80.97 56.88 61.62
CA TYR O 165 -82.19 56.25 61.16
C TYR O 165 -83.36 56.68 62.04
N ASP O 166 -84.50 56.02 61.87
CA ASP O 166 -85.63 56.15 62.75
C ASP O 166 -85.67 54.97 63.71
N ALA O 167 -86.75 54.85 64.46
CA ALA O 167 -87.00 53.64 65.24
C ALA O 167 -87.73 52.57 64.43
N SER O 168 -87.97 52.82 63.14
CA SER O 168 -88.72 51.91 62.28
C SER O 168 -87.91 51.25 61.18
N GLY O 169 -86.81 51.85 60.73
CA GLY O 169 -85.99 51.22 59.72
C GLY O 169 -85.73 52.04 58.47
N ARG O 170 -85.80 53.37 58.57
CA ARG O 170 -85.62 54.26 57.44
C ARG O 170 -84.74 55.43 57.81
N ILE O 171 -83.95 55.89 56.83
CA ILE O 171 -82.94 56.92 57.04
C ILE O 171 -83.58 58.29 57.22
N ARG O 172 -83.09 59.04 58.21
CA ARG O 172 -83.42 60.45 58.37
C ARG O 172 -82.28 61.36 57.94
N LYS O 173 -81.09 61.17 58.49
CA LYS O 173 -79.94 62.00 58.14
C LYS O 173 -78.69 61.13 58.11
N GLY O 174 -77.92 61.25 57.04
CA GLY O 174 -76.72 60.47 56.86
C GLY O 174 -76.41 60.31 55.39
N PRO O 175 -75.25 59.73 55.06
CA PRO O 175 -74.89 59.53 53.65
C PRO O 175 -75.53 58.31 53.00
N ALA O 176 -76.43 57.62 53.69
CA ALA O 176 -76.98 56.36 53.19
C ALA O 176 -77.95 56.61 52.03
N PRO O 177 -77.66 56.09 50.83
CA PRO O 177 -78.50 56.43 49.67
C PRO O 177 -79.78 55.63 49.56
N LEU O 178 -79.91 54.51 50.25
CA LEU O 178 -81.08 53.65 50.09
C LEU O 178 -81.75 53.32 51.43
N ASN O 179 -82.71 52.39 51.38
CA ASN O 179 -83.45 51.98 52.56
C ASN O 179 -82.96 50.60 53.01
N LEU O 180 -83.53 50.11 54.10
CA LEU O 180 -83.02 48.90 54.72
C LEU O 180 -83.67 47.64 54.14
N GLU O 181 -83.02 46.52 54.38
CA GLU O 181 -83.49 45.22 53.92
C GLU O 181 -84.61 44.72 54.83
N VAL O 182 -85.60 44.07 54.24
CA VAL O 182 -86.64 43.39 55.02
C VAL O 182 -86.30 41.91 55.12
N PRO O 183 -86.61 41.24 56.22
CA PRO O 183 -86.47 39.79 56.26
C PRO O 183 -87.68 39.14 55.63
N SER O 184 -87.45 37.98 55.00
CA SER O 184 -88.56 37.23 54.40
C SER O 184 -89.37 36.64 55.54
N TYR O 185 -90.51 37.26 55.84
CA TYR O 185 -91.29 36.94 57.02
C TYR O 185 -92.39 35.94 56.68
N GLU O 186 -92.56 34.95 57.55
CA GLU O 186 -93.70 34.04 57.53
C GLU O 186 -94.28 34.14 58.93
N PHE O 187 -95.25 35.05 59.09
CA PHE O 187 -95.84 35.31 60.40
C PHE O 187 -96.82 34.21 60.76
N THR O 188 -96.63 33.61 61.94
CA THR O 188 -97.57 32.65 62.50
C THR O 188 -97.89 33.06 63.93
N SER O 189 -99.00 32.47 64.40
CA SER O 189 -100.07 33.15 65.13
C SER O 189 -99.64 34.18 66.17
N ASP O 190 -98.98 33.74 67.24
CA ASP O 190 -98.84 34.60 68.41
C ASP O 190 -97.69 35.57 68.25
N ASP O 191 -96.47 35.04 68.19
CA ASP O 191 -95.27 35.84 68.02
C ASP O 191 -94.29 35.17 67.06
N MET O 192 -94.67 34.10 66.39
CA MET O 192 -93.70 33.28 65.69
C MET O 192 -93.53 33.79 64.26
N VAL O 193 -92.30 33.65 63.75
CA VAL O 193 -92.08 33.95 62.34
C VAL O 193 -90.95 33.06 61.81
N ILE O 194 -91.22 32.39 60.69
CA ILE O 194 -90.17 31.78 59.91
C ILE O 194 -89.51 32.88 59.08
N VAL O 195 -88.22 33.12 59.32
CA VAL O 195 -87.47 34.15 58.64
C VAL O 195 -86.55 33.46 57.64
N GLY O 196 -86.66 33.87 56.37
CA GLY O 196 -85.80 33.38 55.31
C GLY O 196 -85.23 34.49 54.45
N SER P 9 1.75 -3.46 17.24
CA SER P 9 2.59 -2.90 16.19
C SER P 9 1.92 -1.70 15.53
N SER P 10 2.39 -1.35 14.33
CA SER P 10 1.83 -0.20 13.63
C SER P 10 0.50 -0.52 12.96
N LYS P 11 0.27 -1.78 12.60
CA LYS P 11 -1.00 -2.15 11.98
C LYS P 11 -2.13 -2.17 12.99
N TRP P 12 -1.82 -2.32 14.27
CA TRP P 12 -2.83 -2.37 15.31
C TRP P 12 -3.34 -0.97 15.64
N LEU P 13 -2.41 -0.03 15.86
CA LEU P 13 -2.77 1.33 16.26
C LEU P 13 -3.50 2.08 15.15
N GLU P 14 -3.09 1.87 13.90
CA GLU P 14 -3.75 2.56 12.78
C GLU P 14 -5.15 2.02 12.56
N GLY P 15 -5.36 0.72 12.77
CA GLY P 15 -6.70 0.17 12.71
C GLY P 15 -7.61 0.70 13.82
N ILE P 16 -7.04 0.85 15.02
CA ILE P 16 -7.82 1.44 16.12
C ILE P 16 -8.18 2.89 15.83
N ARG P 17 -7.21 3.66 15.29
CA ARG P 17 -7.46 5.05 14.95
C ARG P 17 -8.50 5.19 13.84
N LYS P 18 -8.48 4.28 12.86
CA LYS P 18 -9.48 4.33 11.81
C LYS P 18 -10.86 3.94 12.33
N TRP P 19 -10.93 2.98 13.25
CA TRP P 19 -12.22 2.61 13.82
C TRP P 19 -12.80 3.73 14.67
N TYR P 20 -11.97 4.36 15.49
CA TYR P 20 -12.44 5.46 16.31
C TYR P 20 -12.74 6.70 15.49
N TYR P 21 -12.10 6.85 14.32
CA TYR P 21 -12.45 7.96 13.44
C TYR P 21 -13.77 7.70 12.73
N ASN P 22 -14.03 6.46 12.31
CA ASN P 22 -15.29 6.16 11.65
C ASN P 22 -16.46 6.18 12.64
N ALA P 23 -16.21 5.92 13.91
CA ALA P 23 -17.26 6.00 14.92
C ALA P 23 -17.17 7.27 15.74
N ALA P 24 -16.30 8.21 15.38
CA ALA P 24 -16.17 9.43 16.15
C ALA P 24 -17.35 10.37 15.90
N GLY P 25 -17.64 10.64 14.64
CA GLY P 25 -18.80 11.43 14.30
C GLY P 25 -18.52 12.59 13.38
N PHE P 26 -17.38 13.25 13.56
CA PHE P 26 -17.11 14.48 12.82
C PHE P 26 -16.69 14.22 11.38
N ASN P 27 -16.42 12.96 11.01
CA ASN P 27 -16.29 12.64 9.60
C ASN P 27 -17.64 12.75 8.89
N LYS P 28 -18.71 12.39 9.60
CA LYS P 28 -20.04 12.46 9.03
C LYS P 28 -20.47 13.90 8.78
N LEU P 29 -20.16 14.80 9.72
CA LEU P 29 -20.61 16.18 9.64
C LEU P 29 -19.69 17.07 8.83
N GLY P 30 -18.70 16.48 8.15
CA GLY P 30 -17.87 17.23 7.23
C GLY P 30 -16.89 18.16 7.91
N LEU P 31 -16.15 17.64 8.89
CA LEU P 31 -15.17 18.43 9.61
C LEU P 31 -13.82 17.71 9.58
N MET P 32 -12.84 18.33 10.24
CA MET P 32 -11.52 17.74 10.38
C MET P 32 -11.14 17.70 11.85
N ARG P 33 -9.87 17.42 12.16
CA ARG P 33 -9.41 17.39 13.55
C ARG P 33 -9.59 18.75 14.20
N ASP P 34 -9.00 19.78 13.61
CA ASP P 34 -8.94 21.11 14.22
C ASP P 34 -10.28 21.80 14.29
N ASP P 35 -11.30 21.29 13.60
CA ASP P 35 -12.62 21.91 13.65
C ASP P 35 -13.29 21.67 14.99
N THR P 36 -12.95 20.57 15.66
CA THR P 36 -13.70 20.09 16.82
C THR P 36 -12.91 20.29 18.11
N ILE P 37 -12.26 21.43 18.25
CA ILE P 37 -11.43 21.68 19.42
C ILE P 37 -12.20 22.61 20.36
N HIS P 38 -11.91 22.48 21.65
CA HIS P 38 -12.48 23.38 22.66
C HIS P 38 -11.53 24.53 22.89
N GLU P 39 -12.09 25.70 23.14
CA GLU P 39 -11.34 26.96 23.06
C GLU P 39 -11.15 27.58 24.42
N ASN P 40 -9.89 27.88 24.75
CA ASN P 40 -9.51 28.71 25.89
C ASN P 40 -8.79 29.93 25.35
N ASP P 41 -8.09 30.67 26.23
CA ASP P 41 -7.25 31.78 25.77
C ASP P 41 -6.19 31.32 24.78
N ASP P 42 -5.59 30.14 25.04
CA ASP P 42 -4.52 29.64 24.17
C ASP P 42 -5.06 29.21 22.80
N VAL P 43 -6.19 28.51 22.78
CA VAL P 43 -6.74 28.04 21.52
C VAL P 43 -7.26 29.20 20.68
N LYS P 44 -7.89 30.19 21.33
CA LYS P 44 -8.35 31.37 20.60
C LYS P 44 -7.18 32.22 20.13
N GLU P 45 -6.07 32.23 20.87
CA GLU P 45 -4.84 32.83 20.37
C GLU P 45 -4.34 32.11 19.12
N ALA P 46 -4.40 30.79 19.12
CA ALA P 46 -3.96 30.02 17.96
C ALA P 46 -4.88 30.22 16.76
N ILE P 47 -6.18 30.41 17.01
CA ILE P 47 -7.11 30.76 15.94
C ILE P 47 -6.79 32.14 15.39
N ARG P 48 -6.40 33.07 16.27
CA ARG P 48 -6.03 34.41 15.83
C ARG P 48 -4.74 34.39 15.00
N ARG P 49 -3.86 33.43 15.24
CA ARG P 49 -2.62 33.34 14.48
C ARG P 49 -2.75 32.55 13.18
N LEU P 50 -3.97 32.28 12.71
CA LEU P 50 -4.15 31.44 11.53
C LEU P 50 -3.92 32.21 10.24
N PRO P 51 -3.54 31.52 9.16
CA PRO P 51 -3.59 32.14 7.83
C PRO P 51 -5.01 32.42 7.40
N GLU P 52 -5.15 33.30 6.42
CA GLU P 52 -6.46 33.86 6.13
C GLU P 52 -7.34 32.90 5.34
N ASN P 53 -6.78 32.26 4.30
CA ASN P 53 -7.56 31.32 3.50
C ASN P 53 -7.93 30.08 4.30
N LEU P 54 -7.02 29.61 5.16
CA LEU P 54 -7.32 28.51 6.06
C LEU P 54 -8.39 28.91 7.08
N TYR P 55 -8.37 30.16 7.52
CA TYR P 55 -9.42 30.64 8.42
C TYR P 55 -10.77 30.66 7.74
N ASN P 56 -10.80 31.06 6.47
CA ASN P 56 -12.07 31.11 5.75
C ASN P 56 -12.59 29.71 5.44
N ASP P 57 -11.68 28.79 5.12
CA ASP P 57 -12.09 27.39 4.96
C ASP P 57 -12.61 26.83 6.27
N ARG P 58 -12.00 27.23 7.39
CA ARG P 58 -12.44 26.77 8.70
C ARG P 58 -13.84 27.26 9.01
N VAL P 59 -14.11 28.54 8.75
CA VAL P 59 -15.43 29.04 9.11
C VAL P 59 -16.49 28.54 8.13
N PHE P 60 -16.12 28.24 6.87
CA PHE P 60 -17.10 27.66 5.97
C PHE P 60 -17.44 26.23 6.35
N ARG P 61 -16.44 25.44 6.76
CA ARG P 61 -16.71 24.08 7.21
C ARG P 61 -17.53 24.08 8.50
N ILE P 62 -17.23 25.01 9.41
CA ILE P 62 -18.02 25.16 10.64
C ILE P 62 -19.47 25.53 10.31
N LYS P 63 -19.67 26.40 9.33
CA LYS P 63 -21.03 26.83 9.03
C LYS P 63 -21.80 25.73 8.29
N ARG P 64 -21.11 24.91 7.50
CA ARG P 64 -21.78 23.73 6.94
C ARG P 64 -22.16 22.75 8.04
N ALA P 65 -21.30 22.57 9.03
CA ALA P 65 -21.61 21.65 10.12
C ALA P 65 -22.78 22.16 10.95
N LEU P 66 -22.87 23.47 11.17
CA LEU P 66 -24.00 24.02 11.91
C LEU P 66 -25.28 23.92 11.09
N ASP P 67 -25.20 24.04 9.76
CA ASP P 67 -26.34 23.75 8.90
C ASP P 67 -26.81 22.31 9.03
N LEU P 68 -25.86 21.36 9.00
CA LEU P 68 -26.20 19.95 9.07
C LEU P 68 -26.81 19.59 10.42
N SER P 69 -26.32 20.20 11.48
CA SER P 69 -26.95 20.01 12.78
C SER P 69 -28.25 20.79 12.91
N MET P 70 -28.45 21.80 12.07
CA MET P 70 -29.70 22.55 12.11
C MET P 70 -30.86 21.73 11.53
N ARG P 71 -30.69 21.15 10.36
CA ARG P 71 -31.77 20.27 9.91
C ARG P 71 -31.56 18.81 10.28
N GLN P 72 -30.57 18.54 11.15
CA GLN P 72 -30.33 17.23 11.77
C GLN P 72 -30.09 16.14 10.74
N GLN P 73 -29.45 16.48 9.64
CA GLN P 73 -29.23 15.59 8.52
C GLN P 73 -27.75 15.57 8.18
N ILE P 74 -27.24 14.40 7.89
CA ILE P 74 -25.84 14.20 7.56
C ILE P 74 -25.67 14.44 6.07
N LEU P 75 -24.47 14.89 5.66
CA LEU P 75 -24.06 14.81 4.27
C LEU P 75 -24.06 13.36 3.79
N PRO P 76 -24.19 13.13 2.48
CA PRO P 76 -24.14 11.75 1.97
C PRO P 76 -22.78 11.07 2.09
N LYS P 77 -22.69 9.86 1.54
CA LYS P 77 -21.58 8.95 1.83
C LYS P 77 -20.26 9.48 1.28
N GLU P 78 -20.23 9.89 0.01
CA GLU P 78 -18.98 10.33 -0.59
C GLU P 78 -18.59 11.73 -0.17
N GLN P 79 -19.52 12.51 0.37
CA GLN P 79 -19.19 13.86 0.78
C GLN P 79 -18.58 13.92 2.17
N TRP P 80 -18.34 12.78 2.81
CA TRP P 80 -17.55 12.73 4.03
C TRP P 80 -16.09 12.98 3.69
N THR P 81 -15.50 14.00 4.30
CA THR P 81 -14.06 14.17 4.22
C THR P 81 -13.43 13.05 5.04
N LYS P 82 -12.84 12.07 4.35
CA LYS P 82 -12.49 10.80 4.98
C LYS P 82 -11.18 10.92 5.74
N TYR P 83 -10.70 9.77 6.23
CA TYR P 83 -9.45 9.70 6.96
C TYR P 83 -8.28 9.92 6.01
N GLU P 84 -7.13 10.26 6.58
CA GLU P 84 -5.79 10.43 5.98
C GLU P 84 -5.73 11.53 4.92
N GLU P 85 -6.76 12.37 4.80
CA GLU P 85 -6.61 13.69 4.20
C GLU P 85 -7.04 14.78 5.16
N ASP P 86 -6.99 14.50 6.46
CA ASP P 86 -7.35 15.48 7.47
C ASP P 86 -6.20 16.46 7.69
N LYS P 87 -6.51 17.75 7.71
CA LYS P 87 -5.50 18.80 7.75
C LYS P 87 -5.19 19.17 9.18
N PHE P 88 -3.95 18.95 9.59
CA PHE P 88 -3.49 19.31 10.92
C PHE P 88 -2.89 20.71 10.94
N TYR P 89 -3.66 21.68 10.45
CA TYR P 89 -3.14 23.01 10.16
C TYR P 89 -2.89 23.83 11.42
N LEU P 90 -3.70 23.64 12.46
CA LEU P 90 -3.55 24.40 13.69
C LEU P 90 -2.51 23.78 14.62
N GLU P 91 -1.85 22.69 14.18
CA GLU P 91 -0.95 21.95 15.07
C GLU P 91 0.32 22.71 15.46
N PRO P 92 1.13 23.28 14.54
CA PRO P 92 2.36 23.94 15.01
C PRO P 92 2.11 25.24 15.75
N TYR P 93 1.06 25.99 15.36
CA TYR P 93 0.78 27.27 15.99
C TYR P 93 0.34 27.07 17.44
N LEU P 94 -0.68 26.23 17.66
CA LEU P 94 -1.15 25.92 19.00
C LEU P 94 -0.10 25.18 19.81
N LYS P 95 0.73 24.36 19.14
CA LYS P 95 1.86 23.71 19.79
C LYS P 95 2.83 24.73 20.38
N GLU P 96 3.20 25.72 19.58
CA GLU P 96 4.06 26.80 20.07
C GLU P 96 3.36 27.67 21.11
N VAL P 97 2.03 27.79 21.04
CA VAL P 97 1.31 28.60 22.03
C VAL P 97 1.35 27.92 23.39
N ILE P 98 1.08 26.61 23.45
CA ILE P 98 1.14 25.90 24.72
C ILE P 98 2.58 25.84 25.23
N ARG P 99 3.56 25.71 24.32
CA ARG P 99 4.96 25.71 24.73
C ARG P 99 5.38 27.05 25.33
N GLU P 100 4.97 28.15 24.72
CA GLU P 100 5.31 29.46 25.26
C GLU P 100 4.52 29.79 26.51
N ARG P 101 3.33 29.20 26.68
CA ARG P 101 2.59 29.36 27.92
C ARG P 101 3.30 28.64 29.06
N LYS P 102 3.81 27.43 28.80
CA LYS P 102 4.62 26.74 29.77
C LYS P 102 5.93 27.47 30.04
N GLU P 103 6.46 28.16 29.03
CA GLU P 103 7.66 28.97 29.21
C GLU P 103 7.41 30.15 30.14
N ARG P 104 6.28 30.84 29.97
CA ARG P 104 5.89 31.90 30.92
C ARG P 104 5.66 31.35 32.33
N GLU P 105 5.04 30.17 32.44
CA GLU P 105 4.77 29.58 33.75
C GLU P 105 6.07 29.23 34.48
N GLU P 106 6.97 28.54 33.79
CA GLU P 106 8.24 28.16 34.40
C GLU P 106 9.24 29.30 34.44
N TRP P 107 8.93 30.45 33.85
CA TRP P 107 9.74 31.63 34.14
C TRP P 107 9.23 32.35 35.37
N THR P 108 7.91 32.44 35.54
CA THR P 108 7.31 33.09 36.69
C THR P 108 7.18 32.18 37.90
N LYS P 109 7.68 30.96 37.84
CA LYS P 109 7.78 30.12 39.04
C LYS P 109 8.77 30.71 40.04
N ARG Q 2 -22.90 39.93 25.18
CA ARG Q 2 -22.68 39.78 23.75
C ARG Q 2 -23.62 40.65 22.94
N GLN Q 3 -23.30 41.94 22.84
CA GLN Q 3 -24.09 42.85 22.03
C GLN Q 3 -23.90 42.52 20.56
N PHE Q 4 -24.98 42.62 19.80
CA PHE Q 4 -25.11 41.96 18.51
C PHE Q 4 -24.71 42.90 17.38
N GLY Q 5 -23.65 42.54 16.66
CA GLY Q 5 -23.16 43.32 15.54
C GLY Q 5 -21.65 43.39 15.42
N HIS Q 6 -20.94 42.79 16.39
CA HIS Q 6 -19.49 42.72 16.36
C HIS Q 6 -19.03 41.32 16.75
N LEU Q 7 -19.60 40.29 16.13
CA LEU Q 7 -19.27 38.93 16.52
C LEU Q 7 -17.96 38.45 15.90
N THR Q 8 -17.88 38.40 14.58
CA THR Q 8 -16.71 37.83 13.92
C THR Q 8 -16.53 38.42 12.53
N ARG Q 9 -15.41 38.07 11.91
CA ARG Q 9 -15.09 38.47 10.55
C ARG Q 9 -15.35 37.29 9.61
N VAL Q 10 -16.31 37.46 8.69
CA VAL Q 10 -16.63 36.44 7.71
C VAL Q 10 -16.76 37.10 6.34
N ARG Q 11 -15.89 36.72 5.41
CA ARG Q 11 -15.98 37.09 4.02
C ARG Q 11 -16.46 35.85 3.26
N HIS Q 12 -16.50 35.93 1.91
CA HIS Q 12 -16.48 34.75 1.08
C HIS Q 12 -17.73 33.88 1.25
N VAL Q 13 -18.88 34.42 1.72
CA VAL Q 13 -20.04 33.58 1.95
C VAL Q 13 -21.28 34.19 1.28
N ILE Q 14 -22.02 33.39 0.52
CA ILE Q 14 -23.31 33.76 -0.01
C ILE Q 14 -24.36 32.83 0.58
N THR Q 15 -25.46 33.39 1.08
CA THR Q 15 -26.58 32.62 1.60
C THR Q 15 -27.80 32.86 0.73
N TYR Q 16 -28.36 31.78 0.17
CA TYR Q 16 -29.64 31.79 -0.51
C TYR Q 16 -30.71 31.34 0.47
N SER Q 17 -31.85 32.03 0.50
CA SER Q 17 -32.99 31.53 1.28
C SER Q 17 -34.29 32.11 0.75
N LEU Q 18 -35.36 31.34 0.87
CA LEU Q 18 -36.64 31.60 0.25
C LEU Q 18 -37.66 32.00 1.31
N SER Q 19 -38.80 32.53 0.87
CA SER Q 19 -39.85 32.98 1.77
C SER Q 19 -40.54 31.80 2.45
N PRO Q 20 -41.15 32.02 3.62
CA PRO Q 20 -41.89 30.92 4.26
C PRO Q 20 -43.17 30.54 3.55
N PHE Q 21 -43.75 31.42 2.74
CA PHE Q 21 -45.03 31.10 2.14
C PHE Q 21 -44.89 30.19 0.94
N GLU Q 22 -44.01 30.54 0.00
CA GLU Q 22 -44.02 29.90 -1.31
C GLU Q 22 -43.46 28.49 -1.29
N GLN Q 23 -42.59 28.14 -0.34
CA GLN Q 23 -42.26 26.75 -0.16
C GLN Q 23 -43.29 26.09 0.74
N ARG Q 24 -43.45 24.79 0.59
CA ARG Q 24 -44.52 24.09 1.28
C ARG Q 24 -44.20 23.93 2.76
N ALA Q 25 -45.19 23.47 3.51
CA ALA Q 25 -45.05 23.37 4.96
C ALA Q 25 -44.13 22.21 5.34
N PHE Q 26 -44.44 21.01 4.87
CA PHE Q 26 -43.74 19.79 5.27
C PHE Q 26 -43.13 19.14 4.04
N PRO Q 27 -41.88 19.46 3.71
CA PRO Q 27 -41.27 18.94 2.47
C PRO Q 27 -40.83 17.50 2.62
N HIS Q 28 -41.58 16.58 1.99
CA HIS Q 28 -41.32 15.13 1.97
C HIS Q 28 -41.26 14.57 3.39
N TYR Q 29 -42.36 14.74 4.11
CA TYR Q 29 -42.39 14.44 5.54
C TYR Q 29 -42.40 12.95 5.81
N PHE Q 30 -42.94 12.16 4.89
CA PHE Q 30 -42.91 10.71 5.01
C PHE Q 30 -41.83 10.06 4.17
N SER Q 31 -41.64 10.52 2.92
CA SER Q 31 -40.70 9.87 2.02
C SER Q 31 -39.25 10.13 2.41
N LYS Q 32 -38.98 11.13 3.24
CA LYS Q 32 -37.66 11.39 3.77
C LYS Q 32 -37.60 11.38 5.29
N GLY Q 33 -38.73 11.66 5.96
CA GLY Q 33 -38.72 11.70 7.41
C GLY Q 33 -38.58 10.33 8.04
N ILE Q 34 -39.20 9.31 7.46
CA ILE Q 34 -39.09 7.99 8.06
C ILE Q 34 -37.70 7.37 7.82
N PRO Q 35 -36.99 7.57 6.68
CA PRO Q 35 -35.57 7.14 6.71
C PRO Q 35 -34.70 8.04 7.56
N ASN Q 36 -35.09 9.30 7.77
CA ASN Q 36 -34.33 10.15 8.67
C ASN Q 36 -34.39 9.63 10.11
N VAL Q 37 -35.60 9.29 10.57
CA VAL Q 37 -35.72 8.82 11.95
C VAL Q 37 -35.20 7.39 12.07
N LEU Q 38 -35.20 6.61 10.98
CA LEU Q 38 -34.58 5.30 11.09
C LEU Q 38 -33.06 5.38 11.08
N ARG Q 39 -32.48 6.38 10.41
CA ARG Q 39 -31.04 6.60 10.52
C ARG Q 39 -30.67 7.08 11.92
N ARG Q 40 -31.53 7.91 12.53
CA ARG Q 40 -31.29 8.32 13.90
C ARG Q 40 -31.40 7.15 14.87
N THR Q 41 -32.33 6.23 14.62
CA THR Q 41 -32.45 5.04 15.45
C THR Q 41 -31.24 4.12 15.29
N ARG Q 42 -30.77 3.95 14.05
CA ARG Q 42 -29.58 3.13 13.80
C ARG Q 42 -28.33 3.77 14.37
N ALA Q 43 -28.31 5.09 14.56
CA ALA Q 43 -27.15 5.78 15.11
C ALA Q 43 -27.24 6.00 16.62
N CYS Q 44 -28.09 5.25 17.34
CA CYS Q 44 -28.14 5.44 18.79
C CYS Q 44 -28.19 4.16 19.61
N ILE Q 45 -28.62 3.01 19.07
CA ILE Q 45 -28.76 1.83 19.93
C ILE Q 45 -27.44 1.18 20.28
N LEU Q 46 -26.34 1.56 19.63
CA LEU Q 46 -25.00 1.25 20.12
C LEU Q 46 -24.77 1.78 21.53
N ARG Q 47 -25.39 2.90 21.87
CA ARG Q 47 -25.16 3.56 23.13
C ARG Q 47 -26.37 3.54 24.07
N VAL Q 48 -27.55 3.21 23.55
CA VAL Q 48 -28.69 3.01 24.43
C VAL Q 48 -28.84 1.53 24.80
N ALA Q 49 -28.44 0.64 23.90
CA ALA Q 49 -28.61 -0.80 24.13
C ALA Q 49 -27.83 -1.41 25.31
N PRO Q 50 -26.58 -1.03 25.63
CA PRO Q 50 -25.91 -1.72 26.76
C PRO Q 50 -26.51 -1.41 28.14
N PRO Q 51 -26.70 -0.13 28.58
CA PRO Q 51 -26.94 0.06 30.03
C PRO Q 51 -28.33 -0.29 30.51
N PHE Q 52 -29.35 0.03 29.70
CA PHE Q 52 -30.72 -0.16 30.17
C PHE Q 52 -31.12 -1.63 30.19
N VAL Q 53 -30.50 -2.47 29.36
CA VAL Q 53 -30.82 -3.89 29.47
C VAL Q 53 -30.13 -4.48 30.69
N VAL Q 54 -28.99 -3.91 31.11
CA VAL Q 54 -28.38 -4.29 32.37
C VAL Q 54 -29.30 -3.90 33.53
N PHE Q 55 -29.93 -2.73 33.43
CA PHE Q 55 -30.87 -2.32 34.46
C PHE Q 55 -32.08 -3.24 34.51
N TYR Q 56 -32.62 -3.64 33.35
CA TYR Q 56 -33.82 -4.47 33.37
C TYR Q 56 -33.51 -5.87 33.89
N LEU Q 57 -32.35 -6.43 33.53
CA LEU Q 57 -32.03 -7.76 34.02
C LEU Q 57 -31.70 -7.77 35.51
N VAL Q 58 -31.01 -6.74 35.99
CA VAL Q 58 -30.75 -6.65 37.43
C VAL Q 58 -32.05 -6.39 38.19
N TYR Q 59 -33.00 -5.67 37.57
CA TYR Q 59 -34.32 -5.46 38.16
C TYR Q 59 -35.07 -6.77 38.34
N THR Q 60 -35.16 -7.57 37.29
CA THR Q 60 -35.91 -8.83 37.40
C THR Q 60 -35.19 -9.84 38.27
N TRP Q 61 -33.86 -9.85 38.26
CA TRP Q 61 -33.10 -10.76 39.12
C TRP Q 61 -33.22 -10.37 40.58
N GLY Q 62 -33.25 -9.08 40.87
CA GLY Q 62 -33.46 -8.64 42.24
C GLY Q 62 -34.86 -8.97 42.74
N THR Q 63 -35.85 -8.85 41.86
CA THR Q 63 -37.21 -9.25 42.23
C THR Q 63 -37.29 -10.75 42.51
N GLN Q 64 -36.60 -11.55 41.69
CA GLN Q 64 -36.59 -13.01 41.88
C GLN Q 64 -35.89 -13.40 43.18
N GLU Q 65 -34.75 -12.78 43.47
CA GLU Q 65 -34.04 -13.08 44.71
C GLU Q 65 -34.82 -12.63 45.93
N PHE Q 66 -35.55 -11.52 45.81
CA PHE Q 66 -36.39 -11.06 46.90
C PHE Q 66 -37.52 -12.04 47.17
N GLU Q 67 -38.09 -12.63 46.10
CA GLU Q 67 -39.11 -13.67 46.27
C GLU Q 67 -38.53 -14.92 46.94
N LYS Q 68 -37.37 -15.38 46.47
CA LYS Q 68 -36.79 -16.62 46.98
C LYS Q 68 -36.32 -16.47 48.42
N SER Q 69 -35.80 -15.30 48.79
CA SER Q 69 -35.48 -15.06 50.19
C SER Q 69 -36.70 -14.75 51.04
N LYS Q 70 -37.82 -14.40 50.41
CA LYS Q 70 -39.03 -14.18 51.19
C LYS Q 70 -39.73 -15.49 51.50
N ARG Q 71 -39.62 -16.49 50.62
CA ARG Q 71 -40.14 -17.81 50.94
C ARG Q 71 -39.18 -18.54 51.88
N LYS Q 72 -39.75 -19.24 52.88
CA LYS Q 72 -38.96 -19.79 53.97
C LYS Q 72 -38.22 -21.06 53.56
N ASN Q 73 -38.97 -22.09 53.17
CA ASN Q 73 -38.52 -23.46 52.87
C ASN Q 73 -37.71 -24.04 54.04
N PRO Q 74 -38.36 -24.45 55.14
CA PRO Q 74 -37.62 -24.97 56.30
C PRO Q 74 -37.08 -26.38 56.09
N ALA Q 75 -36.48 -26.94 57.15
CA ALA Q 75 -35.99 -28.33 57.11
C ALA Q 75 -36.06 -28.87 58.54
N ALA Q 76 -37.12 -29.60 58.85
CA ALA Q 76 -37.29 -30.16 60.18
C ALA Q 76 -37.65 -31.64 60.12
N LEU R 13 -80.82 -17.51 46.91
CA LEU R 13 -80.17 -16.67 47.90
C LEU R 13 -78.71 -17.05 48.07
N VAL R 14 -78.27 -18.07 47.32
CA VAL R 14 -76.89 -18.52 47.32
C VAL R 14 -76.19 -17.90 46.11
N ASP R 15 -75.07 -17.23 46.37
CA ASP R 15 -74.37 -16.52 45.31
C ASP R 15 -73.62 -17.48 44.39
N PRO R 16 -73.45 -17.12 43.11
CA PRO R 16 -72.59 -17.90 42.22
C PRO R 16 -71.10 -17.62 42.36
N LEU R 17 -70.68 -16.94 43.43
CA LEU R 17 -69.26 -16.84 43.75
C LEU R 17 -68.64 -18.23 43.97
N THR R 18 -69.34 -19.06 44.75
CA THR R 18 -68.91 -20.43 44.95
C THR R 18 -68.98 -21.23 43.65
N THR R 19 -69.95 -20.91 42.80
CA THR R 19 -70.10 -21.61 41.53
C THR R 19 -68.94 -21.29 40.58
N VAL R 20 -68.54 -20.01 40.50
CA VAL R 20 -67.43 -19.68 39.61
C VAL R 20 -66.10 -20.11 40.23
N ARG R 21 -66.03 -20.21 41.56
CA ARG R 21 -64.82 -20.77 42.19
C ARG R 21 -64.68 -22.25 41.87
N GLU R 22 -65.79 -22.98 41.91
CA GLU R 22 -65.79 -24.39 41.50
C GLU R 22 -65.59 -24.51 39.99
N GLN R 23 -65.98 -23.48 39.24
CA GLN R 23 -65.80 -23.48 37.80
C GLN R 23 -64.33 -23.31 37.42
N CYS R 24 -63.60 -22.49 38.17
CA CYS R 24 -62.23 -22.16 37.79
C CYS R 24 -61.22 -22.94 38.61
N GLU R 25 -61.49 -24.22 38.87
CA GLU R 25 -60.54 -25.04 39.59
C GLU R 25 -60.37 -26.43 39.01
N GLN R 26 -60.80 -26.67 37.78
CA GLN R 26 -60.96 -28.04 37.30
C GLN R 26 -59.76 -28.58 36.54
N LEU R 27 -59.11 -27.77 35.69
CA LEU R 27 -57.89 -28.18 34.97
C LEU R 27 -56.84 -27.10 35.19
N GLU R 28 -56.12 -27.19 36.30
CA GLU R 28 -55.41 -26.02 36.78
C GLU R 28 -54.36 -26.40 37.81
N LYS R 29 -53.43 -25.47 38.03
CA LYS R 29 -52.64 -25.43 39.24
C LYS R 29 -53.49 -25.33 40.51
N CYS R 30 -54.78 -24.97 40.40
CA CYS R 30 -55.75 -25.31 41.44
C CYS R 30 -55.70 -26.79 41.80
N VAL R 31 -55.79 -27.67 40.80
CA VAL R 31 -55.74 -29.11 41.06
C VAL R 31 -54.36 -29.51 41.59
N LYS R 32 -53.31 -28.98 40.97
CA LYS R 32 -51.95 -29.33 41.38
C LYS R 32 -51.64 -28.85 42.80
N ALA R 33 -52.05 -27.63 43.13
CA ALA R 33 -51.78 -27.06 44.43
C ALA R 33 -52.82 -27.44 45.48
N ARG R 34 -53.94 -28.05 45.11
CA ARG R 34 -54.76 -28.67 46.14
C ARG R 34 -54.31 -30.09 46.43
N GLU R 35 -53.67 -30.76 45.47
CA GLU R 35 -52.84 -31.92 45.83
C GLU R 35 -51.71 -31.50 46.77
N ARG R 36 -51.08 -30.35 46.48
CA ARG R 36 -50.05 -29.84 47.38
C ARG R 36 -50.65 -29.38 48.72
N LEU R 37 -51.92 -28.97 48.72
CA LEU R 37 -52.63 -28.72 49.97
C LEU R 37 -52.80 -30.00 50.77
N GLU R 38 -53.11 -31.11 50.11
CA GLU R 38 -53.17 -32.40 50.79
C GLU R 38 -51.81 -32.76 51.38
N LEU R 39 -50.74 -32.46 50.64
CA LEU R 39 -49.37 -32.65 51.10
C LEU R 39 -49.10 -31.88 52.39
N CYS R 40 -49.30 -30.56 52.37
CA CYS R 40 -48.98 -29.76 53.55
C CYS R 40 -49.96 -30.00 54.69
N ASP R 41 -51.21 -30.33 54.37
CA ASP R 41 -52.23 -30.58 55.38
C ASP R 41 -51.90 -31.85 56.17
N GLU R 42 -51.56 -32.93 55.47
CA GLU R 42 -51.16 -34.13 56.18
C GLU R 42 -49.75 -34.05 56.75
N ARG R 43 -48.94 -33.11 56.24
CA ARG R 43 -47.67 -32.78 56.90
C ARG R 43 -47.93 -32.18 58.27
N VAL R 44 -48.92 -31.29 58.38
CA VAL R 44 -49.31 -30.74 59.67
C VAL R 44 -49.97 -31.82 60.53
N SER R 45 -50.75 -32.71 59.89
CA SER R 45 -51.55 -33.69 60.62
C SER R 45 -50.67 -34.75 61.30
N SER R 46 -49.76 -35.37 60.55
CA SER R 46 -48.92 -36.42 61.13
C SER R 46 -47.59 -35.89 61.62
N ARG R 47 -47.58 -34.67 62.17
CA ARG R 47 -46.40 -34.13 62.83
C ARG R 47 -46.85 -33.21 63.94
N SER R 48 -46.45 -33.51 65.17
CA SER R 48 -46.81 -32.69 66.31
C SER R 48 -45.76 -31.61 66.55
N GLN R 49 -46.23 -30.45 67.03
CA GLN R 49 -45.43 -29.24 67.23
C GLN R 49 -44.71 -28.83 65.94
N THR R 50 -45.41 -28.94 64.83
CA THR R 50 -44.79 -28.67 63.53
C THR R 50 -44.61 -27.17 63.32
N GLU R 51 -43.80 -26.84 62.32
CA GLU R 51 -43.53 -25.46 61.94
C GLU R 51 -44.14 -25.09 60.59
N GLU R 52 -44.28 -26.07 59.69
CA GLU R 52 -44.82 -25.83 58.36
C GLU R 52 -46.28 -25.40 58.46
N ASP R 53 -46.59 -24.22 57.93
CA ASP R 53 -47.88 -23.60 58.18
C ASP R 53 -49.00 -24.24 57.38
N CYS R 54 -48.68 -24.80 56.20
CA CYS R 54 -49.64 -25.09 55.13
C CYS R 54 -50.50 -23.86 54.86
N THR R 55 -49.81 -22.72 54.70
CA THR R 55 -50.45 -21.43 54.46
C THR R 55 -49.74 -20.77 53.29
N GLU R 56 -48.47 -21.11 53.07
CA GLU R 56 -47.72 -20.61 51.91
C GLU R 56 -48.33 -21.13 50.61
N GLU R 57 -48.63 -22.42 50.59
CA GLU R 57 -49.39 -23.02 49.48
C GLU R 57 -50.78 -22.41 49.39
N LEU R 58 -51.40 -22.09 50.54
CA LEU R 58 -52.71 -21.45 50.55
C LEU R 58 -52.67 -20.11 49.84
N PHE R 59 -51.66 -19.28 50.16
CA PHE R 59 -51.47 -17.99 49.48
C PHE R 59 -51.32 -18.17 47.99
N ASP R 60 -50.48 -19.12 47.54
CA ASP R 60 -50.25 -19.08 46.10
C ASP R 60 -51.38 -19.73 45.31
N PHE R 61 -52.11 -20.73 45.85
CA PHE R 61 -53.24 -21.19 45.04
C PHE R 61 -54.43 -20.25 45.14
N LEU R 62 -54.62 -19.54 46.27
CA LEU R 62 -55.71 -18.57 46.26
C LEU R 62 -55.37 -17.39 45.36
N HIS R 63 -54.08 -17.05 45.22
CA HIS R 63 -53.67 -16.05 44.24
C HIS R 63 -53.98 -16.48 42.81
N ALA R 64 -53.60 -17.72 42.45
CA ALA R 64 -53.85 -18.22 41.10
C ALA R 64 -55.36 -18.32 40.81
N ARG R 65 -56.12 -18.88 41.75
CA ARG R 65 -57.55 -19.05 41.49
C ARG R 65 -58.29 -17.73 41.55
N ASP R 66 -57.82 -16.77 42.34
CA ASP R 66 -58.56 -15.51 42.37
C ASP R 66 -58.18 -14.64 41.19
N HIS R 67 -57.01 -14.84 40.60
CA HIS R 67 -56.73 -14.24 39.30
C HIS R 67 -57.66 -14.81 38.22
N CYS R 68 -57.77 -16.15 38.17
CA CYS R 68 -58.57 -16.75 37.10
C CYS R 68 -60.08 -16.56 37.33
N VAL R 69 -60.49 -16.30 38.57
CA VAL R 69 -61.87 -15.95 38.86
C VAL R 69 -62.12 -14.46 38.63
N ALA R 70 -61.10 -13.62 38.89
CA ALA R 70 -61.17 -12.19 38.62
C ALA R 70 -61.35 -11.90 37.16
N HIS R 71 -60.75 -12.72 36.29
CA HIS R 71 -61.06 -12.62 34.88
C HIS R 71 -62.50 -13.03 34.57
N LYS R 72 -63.13 -13.85 35.41
CA LYS R 72 -64.30 -14.65 35.03
C LYS R 72 -65.40 -14.60 36.08
N LEU R 73 -65.77 -13.42 36.58
CA LEU R 73 -66.82 -13.38 37.58
C LEU R 73 -67.97 -12.46 37.22
N PHE R 74 -67.68 -11.33 36.59
CA PHE R 74 -68.56 -10.17 36.71
C PHE R 74 -69.76 -10.19 35.76
N ASN R 75 -70.16 -11.36 35.27
CA ASN R 75 -71.26 -11.45 34.31
C ASN R 75 -72.61 -11.69 34.97
N SER R 76 -72.66 -11.92 36.28
CA SER R 76 -73.90 -12.23 36.97
C SER R 76 -74.10 -11.28 38.15
N LEU R 77 -73.92 -9.99 37.89
CA LEU R 77 -74.12 -8.97 38.91
C LEU R 77 -75.15 -7.94 38.46
N UNK S 1 -18.20 80.67 -25.97
CA UNK S 1 -17.53 79.65 -25.20
C UNK S 1 -16.81 80.26 -24.01
N UNK S 2 -17.48 81.19 -23.32
CA UNK S 2 -16.88 81.90 -22.19
C UNK S 2 -17.36 81.26 -20.90
N UNK S 3 -16.71 80.15 -20.55
CA UNK S 3 -16.99 79.44 -19.29
C UNK S 3 -15.70 78.74 -18.87
N UNK S 4 -15.82 77.80 -17.93
CA UNK S 4 -14.69 77.01 -17.46
C UNK S 4 -14.88 75.51 -17.65
N UNK S 5 -16.12 75.02 -17.63
CA UNK S 5 -16.42 73.62 -17.87
C UNK S 5 -17.19 73.39 -19.17
N UNK S 6 -17.58 74.46 -19.88
CA UNK S 6 -18.13 74.29 -21.21
C UNK S 6 -17.05 73.92 -22.22
N UNK S 7 -15.79 74.20 -21.91
CA UNK S 7 -14.67 73.72 -22.70
C UNK S 7 -14.36 72.25 -22.45
N UNK S 8 -15.03 71.63 -21.48
CA UNK S 8 -15.01 70.19 -21.20
C UNK S 8 -13.61 69.70 -20.85
N UNK S 9 -12.89 70.48 -20.05
CA UNK S 9 -11.57 70.07 -19.59
C UNK S 9 -11.40 70.20 -18.09
N UNK S 10 -11.95 71.24 -17.47
CA UNK S 10 -11.66 71.59 -16.08
C UNK S 10 -12.61 70.86 -15.13
N UNK S 11 -12.63 71.30 -13.87
CA UNK S 11 -13.56 70.80 -12.88
C UNK S 11 -14.04 71.95 -12.02
N UNK S 12 -15.28 71.84 -11.54
CA UNK S 12 -15.90 72.85 -10.72
C UNK S 12 -16.83 72.18 -9.73
N UNK S 13 -17.03 72.81 -8.58
CA UNK S 13 -17.76 72.15 -7.51
C UNK S 13 -19.24 72.48 -7.59
N UNK S 14 -20.07 71.55 -7.09
CA UNK S 14 -21.53 71.74 -7.15
C UNK S 14 -22.16 71.14 -5.90
N UNK S 15 -22.35 71.99 -4.89
CA UNK S 15 -23.16 71.59 -3.75
C UNK S 15 -24.63 71.76 -4.10
N UNK S 16 -25.50 71.29 -3.22
CA UNK S 16 -26.93 71.39 -3.48
C UNK S 16 -27.67 71.60 -2.17
N UNK S 17 -28.98 71.81 -2.29
CA UNK S 17 -29.83 71.96 -1.11
C UNK S 17 -31.12 71.18 -1.19
N UNK S 18 -31.53 70.68 -2.36
CA UNK S 18 -32.64 69.76 -2.44
C UNK S 18 -32.43 68.66 -3.47
N UNK S 19 -31.26 68.60 -4.10
CA UNK S 19 -30.92 67.55 -5.07
C UNK S 19 -29.58 66.96 -4.68
N UNK S 20 -29.10 66.04 -5.51
CA UNK S 20 -27.79 65.43 -5.28
C UNK S 20 -26.68 66.45 -5.52
N UNK S 21 -25.52 66.20 -4.92
CA UNK S 21 -24.41 67.12 -4.98
C UNK S 21 -23.10 66.36 -5.12
N UNK S 22 -22.36 66.67 -6.18
CA UNK S 22 -21.04 66.10 -6.43
C UNK S 22 -20.22 67.17 -7.16
N UNK S 23 -19.07 66.78 -7.70
CA UNK S 23 -18.21 67.75 -8.40
C UNK S 23 -17.42 67.00 -9.47
N UNK S 24 -17.84 67.17 -10.72
CA UNK S 24 -17.14 66.56 -11.84
C UNK S 24 -17.44 67.36 -13.09
N UNK S 25 -16.47 67.40 -13.99
CA UNK S 25 -16.66 67.87 -15.35
C UNK S 25 -15.61 67.18 -16.20
N UNK S 26 -15.75 67.31 -17.51
CA UNK S 26 -14.83 66.65 -18.44
C UNK S 26 -13.49 67.36 -18.45
N PRO T 3 -61.03 26.39 -3.46
CA PRO T 3 -60.01 27.12 -4.23
C PRO T 3 -60.10 28.63 -4.04
N THR T 4 -61.15 29.25 -4.56
CA THR T 4 -61.32 30.69 -4.46
C THR T 4 -61.80 31.12 -3.08
N LEU T 5 -62.43 30.21 -2.32
CA LEU T 5 -63.04 30.58 -1.04
C LEU T 5 -62.02 30.93 0.03
N THR T 6 -60.78 30.46 -0.10
CA THR T 6 -59.74 30.89 0.83
C THR T 6 -59.16 32.24 0.45
N ALA T 7 -59.16 32.57 -0.85
CA ALA T 7 -58.67 33.88 -1.28
C ALA T 7 -59.61 34.99 -0.82
N ARG T 8 -60.93 34.77 -0.96
CA ARG T 8 -61.89 35.73 -0.41
C ARG T 8 -61.90 35.70 1.11
N LEU T 9 -61.49 34.58 1.72
CA LEU T 9 -61.32 34.53 3.17
C LEU T 9 -60.20 35.45 3.62
N TYR T 10 -59.08 35.44 2.89
CA TYR T 10 -58.00 36.39 3.15
C TYR T 10 -58.41 37.82 2.86
N SER T 11 -59.21 38.02 1.81
CA SER T 11 -59.63 39.38 1.45
C SER T 11 -60.60 39.97 2.46
N LEU T 12 -61.40 39.13 3.12
CA LEU T 12 -62.37 39.61 4.10
C LEU T 12 -61.83 39.64 5.52
N LEU T 13 -61.39 38.49 6.04
CA LEU T 13 -61.12 38.36 7.46
C LEU T 13 -59.65 38.49 7.81
N PHE T 14 -58.78 38.80 6.85
CA PHE T 14 -57.36 38.93 7.14
C PHE T 14 -56.70 40.11 6.47
N ARG T 15 -57.42 40.91 5.67
CA ARG T 15 -56.83 42.11 5.10
C ARG T 15 -56.54 43.15 6.17
N ARG T 16 -57.36 43.20 7.22
CA ARG T 16 -57.15 44.11 8.34
C ARG T 16 -57.01 43.31 9.63
N THR T 17 -56.98 44.01 10.75
CA THR T 17 -56.67 43.44 12.05
C THR T 17 -57.85 43.45 13.02
N SER T 18 -58.64 44.52 13.03
CA SER T 18 -59.85 44.55 13.86
C SER T 18 -60.88 43.55 13.37
N THR T 19 -60.92 43.29 12.06
CA THR T 19 -61.76 42.22 11.52
C THR T 19 -61.28 40.87 12.01
N PHE T 20 -59.96 40.69 12.11
CA PHE T 20 -59.38 39.47 12.66
C PHE T 20 -59.74 39.28 14.13
N ALA T 21 -59.76 40.38 14.89
CA ALA T 21 -60.15 40.31 16.30
C ALA T 21 -61.63 39.98 16.45
N LEU T 22 -62.49 40.58 15.63
CA LEU T 22 -63.91 40.23 15.62
C LEU T 22 -64.11 38.78 15.24
N THR T 23 -63.29 38.28 14.31
CA THR T 23 -63.37 36.90 13.87
C THR T 23 -63.01 35.94 14.99
N ILE T 24 -61.93 36.24 15.72
CA ILE T 24 -61.52 35.30 16.76
C ILE T 24 -62.46 35.36 17.97
N VAL T 25 -63.07 36.52 18.24
CA VAL T 25 -64.04 36.60 19.34
C VAL T 25 -65.32 35.83 19.00
N VAL T 26 -65.88 36.05 17.80
CA VAL T 26 -67.10 35.36 17.41
C VAL T 26 -66.85 33.86 17.26
N GLY T 27 -65.67 33.49 16.74
CA GLY T 27 -65.31 32.09 16.68
C GLY T 27 -65.13 31.46 18.05
N ALA T 28 -64.64 32.24 19.02
CA ALA T 28 -64.49 31.74 20.38
C ALA T 28 -65.84 31.43 21.01
N LEU T 29 -66.80 32.36 20.90
CA LEU T 29 -68.12 32.13 21.49
C LEU T 29 -68.88 31.01 20.76
N PHE T 30 -68.76 30.96 19.44
CA PHE T 30 -69.44 29.94 18.64
C PHE T 30 -68.88 28.56 18.92
N PHE T 31 -67.55 28.43 18.91
CA PHE T 31 -66.92 27.15 19.21
C PHE T 31 -67.12 26.76 20.67
N GLU T 32 -67.25 27.74 21.57
CA GLU T 32 -67.60 27.50 22.97
C GLU T 32 -68.89 26.70 23.09
N ARG T 33 -69.99 27.28 22.60
CA ARG T 33 -71.28 26.61 22.79
C ARG T 33 -71.37 25.33 21.97
N ALA T 34 -70.93 25.36 20.71
CA ALA T 34 -71.05 24.20 19.85
C ALA T 34 -70.19 23.04 20.33
N PHE T 35 -68.96 23.33 20.81
CA PHE T 35 -68.08 22.27 21.24
C PHE T 35 -68.46 21.73 22.62
N ASP T 36 -69.03 22.57 23.50
CA ASP T 36 -69.51 22.03 24.77
C ASP T 36 -70.71 21.11 24.56
N GLN T 37 -71.62 21.49 23.65
CA GLN T 37 -72.72 20.60 23.33
C GLN T 37 -72.24 19.33 22.65
N GLY T 38 -71.21 19.43 21.81
CA GLY T 38 -70.64 18.23 21.21
C GLY T 38 -69.93 17.33 22.20
N ALA T 39 -69.28 17.91 23.21
CA ALA T 39 -68.63 17.12 24.25
C ALA T 39 -69.65 16.38 25.10
N ASP T 40 -70.74 17.06 25.48
CA ASP T 40 -71.80 16.35 26.20
C ASP T 40 -72.51 15.33 25.33
N ALA T 41 -72.56 15.56 24.01
CA ALA T 41 -73.11 14.56 23.11
C ALA T 41 -72.25 13.30 23.07
N ILE T 42 -70.92 13.46 23.01
CA ILE T 42 -70.02 12.31 23.05
C ILE T 42 -70.11 11.60 24.39
N TYR T 43 -70.24 12.36 25.48
CA TYR T 43 -70.31 11.75 26.80
C TYR T 43 -71.65 11.05 27.05
N GLU T 44 -72.72 11.46 26.36
CA GLU T 44 -73.92 10.63 26.33
C GLU T 44 -73.69 9.38 25.50
N HIS T 45 -73.12 9.54 24.30
CA HIS T 45 -72.97 8.45 23.34
C HIS T 45 -72.03 7.35 23.81
N ILE T 46 -71.15 7.64 24.77
CA ILE T 46 -70.20 6.62 25.21
C ILE T 46 -70.84 5.65 26.21
N ASN T 47 -71.81 6.09 27.01
CA ASN T 47 -72.36 5.21 28.04
C ASN T 47 -73.82 4.85 27.81
N GLU T 48 -74.71 5.85 27.74
CA GLU T 48 -76.14 5.78 27.46
C GLU T 48 -76.98 5.10 28.55
N GLY T 49 -76.35 4.53 29.58
CA GLY T 49 -77.13 3.83 30.59
C GLY T 49 -76.57 3.95 31.99
N LYS T 50 -75.55 4.78 32.16
CA LYS T 50 -74.93 4.98 33.47
C LYS T 50 -74.98 6.43 33.93
N LEU T 51 -75.65 7.30 33.19
CA LEU T 51 -75.64 8.72 33.50
C LEU T 51 -76.70 9.02 34.55
N TRP T 52 -76.34 9.88 35.51
CA TRP T 52 -77.20 10.16 36.66
C TRP T 52 -78.51 10.83 36.29
N LYS T 53 -78.60 11.41 35.09
CA LYS T 53 -79.81 12.14 34.69
C LYS T 53 -81.00 11.21 34.50
N HIS T 54 -80.84 10.15 33.69
CA HIS T 54 -81.99 9.30 33.39
C HIS T 54 -82.37 8.44 34.59
N ILE T 55 -81.39 7.97 35.34
CA ILE T 55 -81.70 7.19 36.53
C ILE T 55 -81.78 8.09 37.76
N LYS T 56 -81.99 9.39 37.56
CA LYS T 56 -82.58 10.20 38.61
C LYS T 56 -83.98 10.69 38.27
N HIS T 57 -84.32 10.86 36.98
CA HIS T 57 -85.71 11.23 36.75
C HIS T 57 -86.61 10.01 36.70
N LYS T 58 -86.08 8.82 36.40
CA LYS T 58 -86.95 7.65 36.49
C LYS T 58 -87.16 7.18 37.92
N TYR T 59 -86.30 7.58 38.86
CA TYR T 59 -86.45 7.15 40.25
C TYR T 59 -86.88 8.30 41.15
N LYS U 10 122.92 -23.63 -86.46
CA LYS U 10 122.88 -24.37 -85.21
C LYS U 10 124.26 -24.90 -84.82
N THR U 11 124.49 -24.99 -83.52
CA THR U 11 125.69 -25.59 -82.97
C THR U 11 125.33 -26.90 -82.25
N SER U 12 126.35 -27.55 -81.72
CA SER U 12 126.17 -28.83 -81.04
C SER U 12 125.98 -28.64 -79.55
N PHE U 13 124.96 -27.82 -79.23
CA PHE U 13 124.47 -27.56 -77.87
C PHE U 13 125.55 -27.01 -76.95
N GLY U 14 126.47 -26.21 -77.49
CA GLY U 14 127.47 -25.55 -76.70
C GLY U 14 128.75 -26.33 -76.53
N SER U 15 129.83 -25.84 -77.15
CA SER U 15 131.17 -26.35 -76.91
C SER U 15 132.12 -25.18 -77.21
N LEU U 16 132.53 -24.46 -76.17
CA LEU U 16 133.19 -23.18 -76.38
C LEU U 16 134.61 -23.36 -76.87
N LYS U 17 135.02 -22.48 -77.77
CA LYS U 17 136.35 -22.44 -78.34
C LYS U 17 136.78 -20.97 -78.41
N ASP U 18 138.08 -20.73 -78.31
CA ASP U 18 138.59 -19.38 -78.14
C ASP U 18 138.54 -18.63 -79.47
N GLU U 19 139.00 -17.36 -79.46
CA GLU U 19 138.90 -16.28 -80.45
C GLU U 19 137.47 -15.75 -80.54
N ASP U 20 136.52 -16.35 -79.82
CA ASP U 20 135.10 -16.06 -79.94
C ASP U 20 134.43 -15.98 -78.57
N ARG U 21 135.15 -15.50 -77.56
CA ARG U 21 134.59 -15.30 -76.23
C ARG U 21 133.84 -13.99 -76.14
N ILE U 22 133.54 -13.53 -74.94
CA ILE U 22 132.91 -12.24 -74.75
C ILE U 22 133.81 -11.33 -73.92
N PHE U 23 134.13 -11.75 -72.70
CA PHE U 23 134.97 -10.96 -71.81
C PHE U 23 136.08 -11.82 -71.24
N THR U 24 137.25 -11.22 -71.12
CA THR U 24 138.47 -11.92 -70.76
C THR U 24 138.83 -11.63 -69.30
N ASN U 25 140.04 -12.04 -68.92
CA ASN U 25 140.64 -11.86 -67.60
C ASN U 25 139.81 -12.56 -66.52
N LEU U 26 139.74 -13.88 -66.65
CA LEU U 26 139.28 -14.71 -65.55
C LEU U 26 140.27 -14.67 -64.40
N TYR U 27 141.54 -14.94 -64.68
CA TYR U 27 142.54 -14.96 -63.63
C TYR U 27 143.90 -14.54 -64.16
N GLY U 28 144.53 -13.58 -63.48
CA GLY U 28 145.91 -13.17 -63.67
C GLY U 28 146.38 -12.90 -65.09
N ARG U 29 145.74 -11.96 -65.78
CA ARG U 29 146.12 -11.66 -67.15
C ARG U 29 147.17 -10.56 -67.18
N HIS U 30 147.35 -9.94 -68.36
CA HIS U 30 148.52 -9.13 -68.69
C HIS U 30 148.78 -8.01 -67.67
N ASP U 31 147.72 -7.32 -67.26
CA ASP U 31 147.82 -6.27 -66.25
C ASP U 31 146.44 -6.00 -65.67
N TRP U 32 146.37 -4.96 -64.86
CA TRP U 32 145.12 -4.32 -64.46
C TRP U 32 145.31 -2.81 -64.57
N ARG U 33 144.86 -2.26 -65.69
CA ARG U 33 145.07 -0.86 -66.04
C ARG U 33 144.14 -0.57 -67.21
N LEU U 34 143.80 0.71 -67.39
CA LEU U 34 143.06 1.09 -68.58
C LEU U 34 143.88 0.92 -69.85
N LYS U 35 145.22 0.92 -69.74
CA LYS U 35 146.08 0.54 -70.86
C LYS U 35 145.81 -0.90 -71.28
N GLY U 36 145.77 -1.81 -70.32
CA GLY U 36 145.44 -3.19 -70.62
C GLY U 36 144.00 -3.38 -71.04
N ALA U 37 143.09 -2.57 -70.52
CA ALA U 37 141.70 -2.61 -70.96
C ALA U 37 141.55 -2.11 -72.38
N GLN U 38 142.38 -1.15 -72.78
CA GLN U 38 142.38 -0.67 -74.16
C GLN U 38 143.05 -1.70 -75.07
N SER U 39 143.98 -2.49 -74.54
CA SER U 39 144.53 -3.60 -75.32
C SER U 39 143.49 -4.70 -75.50
N ARG U 40 142.71 -5.00 -74.45
CA ARG U 40 141.67 -6.01 -74.54
C ARG U 40 140.50 -5.56 -75.40
N GLY U 41 140.23 -4.26 -75.42
CA GLY U 41 139.21 -3.74 -76.32
C GLY U 41 138.15 -2.84 -75.72
N ASP U 42 138.39 -2.28 -74.54
CA ASP U 42 137.50 -1.25 -74.04
C ASP U 42 137.69 0.04 -74.80
N TRP U 43 136.61 0.84 -74.86
CA TRP U 43 136.57 2.17 -75.48
C TRP U 43 136.93 2.11 -76.96
N TYR U 44 136.31 1.18 -77.67
CA TYR U 44 136.55 1.01 -79.10
C TYR U 44 135.29 1.45 -79.85
N LYS U 45 135.35 2.67 -80.40
CA LYS U 45 134.37 3.22 -81.34
C LYS U 45 132.98 3.32 -80.72
N THR U 46 132.93 3.52 -79.40
CA THR U 46 131.69 3.43 -78.66
C THR U 46 130.77 4.62 -78.87
N LYS U 47 131.29 5.73 -79.42
CA LYS U 47 130.47 6.91 -79.63
C LYS U 47 129.42 6.65 -80.70
N GLU U 48 129.78 5.88 -81.73
CA GLU U 48 128.83 5.54 -82.77
C GLU U 48 127.79 4.53 -82.28
N ILE U 49 128.11 3.77 -81.23
CA ILE U 49 127.13 2.89 -80.62
C ILE U 49 126.17 3.70 -79.74
N LEU U 50 126.71 4.64 -78.97
CA LEU U 50 125.89 5.38 -78.02
C LEU U 50 125.00 6.41 -78.72
N LEU U 51 125.49 7.04 -79.78
CA LEU U 51 124.84 8.19 -80.38
C LEU U 51 123.88 7.81 -81.49
N LYS U 52 123.27 6.63 -81.43
CA LYS U 52 122.55 6.09 -82.57
C LYS U 52 121.03 6.06 -82.37
N GLY U 53 120.54 5.40 -81.34
CA GLY U 53 119.12 5.32 -81.10
C GLY U 53 118.73 4.20 -80.16
N PRO U 54 117.78 4.48 -79.26
CA PRO U 54 117.46 3.50 -78.21
C PRO U 54 116.78 2.24 -78.71
N ASP U 55 115.88 2.38 -79.70
CA ASP U 55 115.21 1.21 -80.26
C ASP U 55 116.18 0.31 -81.00
N TRP U 56 117.28 0.85 -81.53
CA TRP U 56 118.30 0.01 -82.13
C TRP U 56 119.02 -0.84 -81.10
N ILE U 57 119.30 -0.25 -79.92
CA ILE U 57 119.88 -1.02 -78.82
C ILE U 57 118.92 -2.09 -78.33
N LEU U 58 117.63 -1.73 -78.18
CA LEU U 58 116.63 -2.71 -77.77
C LEU U 58 116.45 -3.80 -78.83
N GLY U 59 116.58 -3.45 -80.10
CA GLY U 59 116.52 -4.45 -81.16
C GLY U 59 117.72 -5.35 -81.20
N GLU U 60 118.91 -4.81 -80.87
CA GLU U 60 120.09 -5.65 -80.77
C GLU U 60 119.97 -6.61 -79.60
N VAL U 61 119.35 -6.16 -78.51
CA VAL U 61 119.08 -7.03 -77.37
C VAL U 61 118.10 -8.14 -77.77
N LYS U 62 116.96 -7.77 -78.33
CA LYS U 62 115.94 -8.75 -78.68
C LYS U 62 116.27 -9.58 -79.91
N THR U 63 117.30 -9.21 -80.67
CA THR U 63 117.79 -10.02 -81.79
C THR U 63 118.87 -10.99 -81.33
N SER U 64 119.81 -10.51 -80.51
CA SER U 64 120.80 -11.38 -79.92
C SER U 64 120.19 -12.34 -78.91
N GLY U 65 119.05 -12.00 -78.33
CA GLY U 65 118.39 -12.88 -77.38
C GLY U 65 119.10 -12.99 -76.06
N LEU U 66 119.54 -11.85 -75.51
CA LEU U 66 120.20 -11.84 -74.21
C LEU U 66 119.20 -12.16 -73.11
N ARG U 67 119.59 -13.08 -72.23
CA ARG U 67 118.73 -13.55 -71.16
C ARG U 67 119.05 -12.77 -69.89
N GLY U 68 118.00 -12.33 -69.19
CA GLY U 68 118.16 -11.60 -67.95
C GLY U 68 118.70 -12.45 -66.83
N ARG U 69 119.95 -12.21 -66.45
CA ARG U 69 120.63 -13.02 -65.46
C ARG U 69 120.25 -12.57 -64.05
N GLY U 70 120.94 -13.08 -63.05
CA GLY U 70 120.67 -12.74 -61.66
C GLY U 70 120.11 -13.86 -60.84
N GLY U 71 120.01 -15.08 -61.39
CA GLY U 71 119.45 -16.20 -60.68
C GLY U 71 117.98 -16.45 -60.95
N ALA U 72 117.28 -15.52 -61.61
CA ALA U 72 115.83 -15.62 -61.77
C ALA U 72 115.44 -16.02 -63.19
N GLY U 73 115.88 -15.27 -64.19
CA GLY U 73 115.49 -15.54 -65.55
C GLY U 73 114.46 -14.57 -66.12
N PHE U 74 114.66 -13.28 -65.88
CA PHE U 74 113.77 -12.27 -66.43
C PHE U 74 113.99 -12.12 -67.93
N PRO U 75 113.01 -11.56 -68.65
CA PRO U 75 113.28 -11.13 -70.03
C PRO U 75 113.97 -9.77 -70.04
N THR U 76 115.02 -9.66 -70.86
CA THR U 76 115.86 -8.47 -70.84
C THR U 76 115.20 -7.30 -71.56
N GLY U 77 114.97 -7.46 -72.87
CA GLY U 77 114.54 -6.35 -73.70
C GLY U 77 113.14 -5.88 -73.39
N LEU U 78 112.30 -6.78 -72.88
CA LEU U 78 110.94 -6.39 -72.51
C LEU U 78 110.95 -5.45 -71.31
N LYS U 79 111.72 -5.77 -70.27
CA LYS U 79 111.86 -4.89 -69.11
C LYS U 79 112.52 -3.57 -69.50
N TRP U 80 113.58 -3.64 -70.31
CA TRP U 80 114.28 -2.41 -70.66
C TRP U 80 113.47 -1.57 -71.65
N SER U 81 112.46 -2.15 -72.30
CA SER U 81 111.47 -1.39 -73.05
C SER U 81 110.32 -0.93 -72.18
N PHE U 82 110.07 -1.57 -71.02
CA PHE U 82 109.19 -0.97 -70.03
C PHE U 82 109.81 0.26 -69.41
N MET U 83 111.13 0.41 -69.50
CA MET U 83 111.83 1.59 -68.99
C MET U 83 111.73 2.84 -69.90
N ASN U 84 110.76 2.93 -70.82
CA ASN U 84 110.70 4.04 -71.78
C ASN U 84 109.64 5.08 -71.44
N LYS U 85 109.48 5.48 -70.17
CA LYS U 85 108.69 6.68 -69.96
C LYS U 85 109.52 7.91 -70.34
N PRO U 86 108.91 8.94 -70.94
CA PRO U 86 109.65 10.18 -71.23
C PRO U 86 110.16 10.88 -69.98
N SER U 87 111.31 11.52 -70.12
CA SER U 87 112.03 12.12 -68.98
C SER U 87 111.33 13.38 -68.53
N ASP U 88 110.55 13.26 -67.46
CA ASP U 88 109.92 14.38 -66.80
C ASP U 88 110.90 14.96 -65.77
N GLY U 89 110.41 15.75 -64.82
CA GLY U 89 111.27 16.35 -63.80
C GLY U 89 111.80 15.41 -62.72
N ARG U 90 111.81 14.11 -63.01
CA ARG U 90 112.39 13.09 -62.18
C ARG U 90 113.43 12.33 -63.00
N PRO U 91 114.65 12.20 -62.54
CA PRO U 91 115.68 11.49 -63.32
C PRO U 91 115.48 9.98 -63.28
N LYS U 92 116.36 9.26 -63.95
CA LYS U 92 116.30 7.82 -64.06
C LYS U 92 117.64 7.22 -63.68
N TYR U 93 117.60 6.12 -62.92
CA TYR U 93 118.79 5.57 -62.31
C TYR U 93 119.01 4.13 -62.76
N LEU U 94 120.28 3.77 -62.83
CA LEU U 94 120.71 2.42 -63.16
C LEU U 94 121.43 1.85 -61.95
N VAL U 95 120.77 0.96 -61.22
CA VAL U 95 121.32 0.40 -60.00
C VAL U 95 121.99 -0.92 -60.35
N VAL U 96 123.30 -0.96 -60.22
CA VAL U 96 124.08 -2.17 -60.49
C VAL U 96 124.13 -3.00 -59.22
N ASN U 97 123.59 -4.21 -59.29
CA ASN U 97 123.60 -5.13 -58.17
C ASN U 97 124.93 -5.87 -58.17
N ALA U 98 125.94 -5.31 -57.50
CA ALA U 98 127.26 -5.90 -57.42
C ALA U 98 127.41 -6.86 -56.25
N ASP U 99 126.33 -7.49 -55.81
CA ASP U 99 126.35 -8.32 -54.62
C ASP U 99 126.59 -9.78 -54.98
N GLU U 100 126.76 -10.59 -53.95
CA GLU U 100 126.73 -12.04 -54.08
C GLU U 100 125.84 -12.62 -52.99
N GLY U 101 124.66 -13.06 -53.38
CA GLY U 101 123.86 -13.96 -52.59
C GLY U 101 124.05 -15.39 -53.04
N GLU U 102 123.17 -16.27 -52.56
CA GLU U 102 123.08 -17.69 -52.91
C GLU U 102 124.40 -18.41 -52.70
N PRO U 103 124.78 -18.73 -51.43
CA PRO U 103 126.11 -19.27 -51.10
C PRO U 103 126.59 -20.44 -51.93
N GLY U 104 127.72 -20.24 -52.62
CA GLY U 104 128.22 -21.13 -53.64
C GLY U 104 128.61 -20.31 -54.85
N THR U 105 128.45 -18.99 -54.72
CA THR U 105 128.27 -18.15 -55.91
C THR U 105 129.58 -17.80 -56.61
N CYS U 106 130.42 -16.96 -55.96
CA CYS U 106 131.63 -16.37 -56.56
C CYS U 106 131.41 -15.78 -57.95
N LYS U 107 130.31 -15.03 -58.11
CA LYS U 107 129.94 -14.60 -59.45
C LYS U 107 130.70 -13.35 -59.90
N ASP U 108 130.42 -12.22 -59.27
CA ASP U 108 130.91 -10.96 -59.79
C ASP U 108 132.06 -10.38 -58.97
N ARG U 109 132.43 -11.06 -57.88
CA ARG U 109 133.71 -10.84 -57.22
C ARG U 109 134.85 -10.90 -58.23
N GLU U 110 134.79 -11.85 -59.14
CA GLU U 110 135.83 -12.05 -60.14
C GLU U 110 135.86 -10.90 -61.14
N ILE U 111 134.68 -10.50 -61.62
CA ILE U 111 134.58 -9.39 -62.57
C ILE U 111 135.08 -8.10 -61.94
N ILE U 112 134.56 -7.76 -60.76
CA ILE U 112 134.88 -6.46 -60.16
C ILE U 112 136.25 -6.47 -59.52
N ARG U 113 136.92 -7.61 -59.45
CA ARG U 113 138.34 -7.62 -59.15
C ARG U 113 139.21 -7.47 -60.39
N HIS U 114 138.84 -8.13 -61.50
CA HIS U 114 139.71 -8.12 -62.67
C HIS U 114 139.44 -6.95 -63.61
N ASP U 115 138.22 -6.83 -64.13
CA ASP U 115 137.92 -5.93 -65.24
C ASP U 115 136.80 -4.98 -64.84
N PRO U 116 137.12 -3.85 -64.21
CA PRO U 116 136.08 -2.89 -63.84
C PRO U 116 135.71 -1.97 -64.98
N HIS U 117 136.65 -1.77 -65.90
CA HIS U 117 136.45 -0.80 -66.97
C HIS U 117 135.44 -1.31 -67.99
N LYS U 118 135.29 -2.62 -68.11
CA LYS U 118 134.23 -3.14 -68.96
C LYS U 118 132.87 -3.00 -68.29
N LEU U 119 132.84 -2.97 -66.95
CA LEU U 119 131.62 -2.59 -66.27
C LEU U 119 131.33 -1.11 -66.45
N VAL U 120 132.37 -0.28 -66.57
CA VAL U 120 132.17 1.13 -66.91
C VAL U 120 131.57 1.27 -68.31
N GLU U 121 132.09 0.48 -69.26
CA GLU U 121 131.50 0.36 -70.59
C GLU U 121 130.02 -0.01 -70.52
N GLY U 122 129.71 -1.03 -69.73
CA GLY U 122 128.35 -1.53 -69.69
C GLY U 122 127.39 -0.57 -69.02
N CYS U 123 127.82 0.10 -67.94
CA CYS U 123 126.93 1.03 -67.27
C CYS U 123 126.73 2.29 -68.10
N LEU U 124 127.75 2.70 -68.86
CA LEU U 124 127.56 3.84 -69.76
C LEU U 124 126.61 3.50 -70.90
N VAL U 125 126.73 2.28 -71.44
CA VAL U 125 125.82 1.83 -72.50
C VAL U 125 124.41 1.67 -71.97
N GLY U 126 124.27 1.22 -70.72
CA GLY U 126 122.94 1.10 -70.14
C GLY U 126 122.30 2.46 -69.84
N GLY U 127 123.10 3.41 -69.37
CA GLY U 127 122.57 4.73 -69.07
C GLY U 127 122.18 5.51 -70.32
N ARG U 128 123.02 5.44 -71.36
CA ARG U 128 122.68 6.07 -72.63
C ARG U 128 121.62 5.27 -73.39
N ALA U 129 121.45 3.99 -73.05
CA ALA U 129 120.64 3.09 -73.87
C ALA U 129 119.14 3.34 -73.70
N MET U 130 118.62 3.14 -72.49
CA MET U 130 117.18 3.17 -72.27
C MET U 130 116.69 4.52 -71.78
N GLY U 131 117.56 5.52 -71.71
CA GLY U 131 117.17 6.85 -71.28
C GLY U 131 117.45 7.19 -69.84
N ALA U 132 118.41 6.52 -69.21
CA ALA U 132 118.72 6.77 -67.81
C ALA U 132 119.54 8.04 -67.66
N ARG U 133 119.89 8.37 -66.42
CA ARG U 133 120.63 9.58 -66.12
C ARG U 133 121.94 9.33 -65.38
N ALA U 134 121.93 8.45 -64.39
CA ALA U 134 123.13 8.16 -63.62
C ALA U 134 123.03 6.74 -63.09
N ALA U 135 124.18 6.14 -62.82
CA ALA U 135 124.23 4.79 -62.30
C ALA U 135 124.67 4.82 -60.84
N TYR U 136 123.91 4.13 -60.00
CA TYR U 136 124.28 3.88 -58.62
C TYR U 136 124.63 2.41 -58.50
N ILE U 137 125.86 2.14 -58.12
CA ILE U 137 126.32 0.77 -57.93
C ILE U 137 126.20 0.46 -56.44
N TYR U 138 125.62 -0.70 -56.12
CA TYR U 138 125.61 -1.18 -54.74
C TYR U 138 126.52 -2.39 -54.70
N ILE U 139 127.63 -2.26 -54.02
CA ILE U 139 128.49 -3.41 -53.77
C ILE U 139 128.27 -3.85 -52.33
N ARG U 140 128.39 -5.16 -52.12
CA ARG U 140 128.31 -5.77 -50.79
C ARG U 140 129.40 -5.21 -49.89
N GLY U 141 129.08 -5.09 -48.59
CA GLY U 141 129.98 -4.46 -47.65
C GLY U 141 131.24 -5.24 -47.37
N GLU U 142 131.27 -6.52 -47.68
CA GLU U 142 132.40 -7.39 -47.40
C GLU U 142 133.50 -7.29 -48.46
N PHE U 143 133.40 -6.35 -49.39
CA PHE U 143 134.20 -6.37 -50.60
C PHE U 143 135.10 -5.15 -50.67
N TYR U 144 135.82 -4.90 -49.57
CA TYR U 144 136.65 -3.71 -49.45
C TYR U 144 137.73 -3.64 -50.52
N ASN U 145 138.40 -4.76 -50.79
CA ASN U 145 139.53 -4.79 -51.71
C ASN U 145 139.09 -4.47 -53.13
N GLU U 146 138.07 -5.17 -53.61
CA GLU U 146 137.66 -5.00 -54.99
C GLU U 146 136.85 -3.74 -55.19
N ALA U 147 136.13 -3.30 -54.15
CA ALA U 147 135.45 -2.02 -54.21
C ALA U 147 136.45 -0.87 -54.30
N SER U 148 137.56 -0.96 -53.58
CA SER U 148 138.57 0.08 -53.67
C SER U 148 139.35 0.00 -54.97
N ASN U 149 139.50 -1.20 -55.54
CA ASN U 149 140.03 -1.31 -56.90
C ASN U 149 139.10 -0.62 -57.90
N LEU U 150 137.79 -0.76 -57.71
CA LEU U 150 136.83 -0.02 -58.52
C LEU U 150 136.94 1.49 -58.28
N GLN U 151 137.23 1.90 -57.04
CA GLN U 151 137.43 3.32 -56.74
C GLN U 151 138.64 3.89 -57.47
N VAL U 152 139.75 3.14 -57.47
CA VAL U 152 140.94 3.58 -58.18
C VAL U 152 140.68 3.58 -59.69
N ALA U 153 139.86 2.65 -60.19
CA ALA U 153 139.47 2.68 -61.59
C ALA U 153 138.61 3.89 -61.93
N ILE U 154 137.76 4.30 -60.98
CA ILE U 154 136.98 5.54 -61.15
C ILE U 154 137.90 6.75 -61.18
N ARG U 155 138.92 6.77 -60.32
CA ARG U 155 139.89 7.86 -60.32
C ARG U 155 140.70 7.90 -61.61
N GLU U 156 141.01 6.73 -62.17
CA GLU U 156 141.69 6.67 -63.47
C GLU U 156 140.78 7.21 -64.57
N ALA U 157 139.52 6.77 -64.59
CA ALA U 157 138.60 7.20 -65.64
C ALA U 157 138.19 8.65 -65.51
N TYR U 158 138.36 9.25 -64.33
CA TYR U 158 138.09 10.66 -64.12
C TYR U 158 139.32 11.54 -64.25
N GLU U 159 140.52 11.01 -64.02
CA GLU U 159 141.73 11.72 -64.39
C GLU U 159 141.86 11.79 -65.90
N ALA U 160 141.49 10.71 -66.59
CA ALA U 160 141.28 10.82 -68.02
C ALA U 160 140.03 11.62 -68.32
N GLY U 161 139.02 11.53 -67.46
CA GLY U 161 137.80 12.30 -67.61
C GLY U 161 136.93 11.87 -68.76
N LEU U 162 136.92 10.58 -69.07
CA LEU U 162 136.22 10.11 -70.27
C LEU U 162 134.74 9.86 -70.00
N ILE U 163 134.35 9.64 -68.76
CA ILE U 163 132.96 9.70 -68.36
C ILE U 163 132.80 10.86 -67.38
N GLY U 164 131.55 11.22 -67.10
CA GLY U 164 131.23 12.38 -66.31
C GLY U 164 130.34 13.35 -67.05
N LYS U 165 130.55 14.63 -66.81
CA LYS U 165 129.85 15.67 -67.55
C LYS U 165 130.33 15.66 -69.00
N ASN U 166 129.38 15.51 -69.93
CA ASN U 166 129.61 15.44 -71.37
C ASN U 166 130.58 14.30 -71.73
N ALA U 167 130.14 13.08 -71.45
CA ALA U 167 130.96 11.91 -71.69
C ALA U 167 131.05 11.60 -73.17
N CYS U 168 132.18 10.99 -73.55
CA CYS U 168 132.48 10.51 -74.91
C CYS U 168 132.44 11.64 -75.95
N GLY U 169 132.71 12.87 -75.53
CA GLY U 169 132.65 14.01 -76.43
C GLY U 169 131.27 14.38 -76.92
N SER U 170 130.21 13.85 -76.30
CA SER U 170 128.85 14.13 -76.70
C SER U 170 128.09 14.72 -75.52
N GLY U 171 127.01 15.44 -75.85
CA GLY U 171 126.23 16.13 -74.84
C GLY U 171 125.33 15.23 -74.02
N TYR U 172 125.92 14.39 -73.17
CA TYR U 172 125.14 13.49 -72.34
C TYR U 172 125.96 13.19 -71.08
N ASP U 173 125.64 13.89 -70.00
CA ASP U 173 126.33 13.69 -68.74
C ASP U 173 125.85 12.41 -68.06
N PHE U 174 126.77 11.76 -67.35
CA PHE U 174 126.49 10.46 -66.74
C PHE U 174 127.52 10.20 -65.66
N ASP U 175 127.06 9.95 -64.43
CA ASP U 175 127.95 9.71 -63.30
C ASP U 175 127.61 8.39 -62.62
N VAL U 176 128.64 7.79 -62.02
CA VAL U 176 128.52 6.51 -61.33
C VAL U 176 128.91 6.72 -59.86
N PHE U 177 127.97 6.41 -58.96
CA PHE U 177 128.21 6.54 -57.53
C PHE U 177 128.16 5.17 -56.89
N VAL U 178 129.28 4.74 -56.30
CA VAL U 178 129.44 3.42 -55.74
C VAL U 178 129.16 3.50 -54.25
N VAL U 179 128.23 2.69 -53.76
CA VAL U 179 127.87 2.64 -52.35
C VAL U 179 128.14 1.23 -51.86
N ARG U 180 128.91 1.12 -50.78
CA ARG U 180 129.16 -0.17 -50.19
C ARG U 180 127.96 -0.61 -49.34
N GLY U 181 127.95 -1.88 -48.97
CA GLY U 181 126.89 -2.44 -48.17
C GLY U 181 127.26 -2.51 -46.70
N ALA U 182 126.42 -3.23 -45.94
CA ALA U 182 126.70 -3.45 -44.53
C ALA U 182 126.38 -4.87 -44.09
N GLY U 183 126.04 -5.77 -45.02
CA GLY U 183 125.94 -7.17 -44.72
C GLY U 183 124.53 -7.66 -44.50
N ALA U 184 123.92 -8.24 -45.54
CA ALA U 184 122.63 -8.91 -45.52
C ALA U 184 122.44 -9.61 -46.85
N TYR U 185 121.77 -10.77 -46.82
CA TYR U 185 121.34 -11.40 -48.06
C TYR U 185 120.27 -10.57 -48.75
N ILE U 186 119.40 -9.94 -47.96
CA ILE U 186 118.28 -9.20 -48.53
C ILE U 186 118.71 -7.90 -49.17
N CYS U 187 119.94 -7.44 -48.88
CA CYS U 187 120.52 -6.37 -49.68
C CYS U 187 120.74 -6.81 -51.11
N GLY U 188 121.03 -8.09 -51.33
CA GLY U 188 121.16 -8.65 -52.65
C GLY U 188 119.86 -8.90 -53.38
N GLU U 189 118.73 -8.47 -52.85
CA GLU U 189 117.44 -8.65 -53.50
C GLU U 189 117.24 -7.58 -54.57
N GLU U 190 116.00 -7.46 -55.05
CA GLU U 190 115.72 -6.45 -56.06
C GLU U 190 115.30 -5.11 -55.47
N THR U 191 114.45 -5.12 -54.44
CA THR U 191 113.86 -3.87 -53.97
C THR U 191 114.35 -3.45 -52.59
N ALA U 192 114.67 -4.39 -51.71
CA ALA U 192 115.42 -4.04 -50.51
C ALA U 192 116.81 -3.55 -50.84
N LEU U 193 117.36 -3.95 -51.99
CA LEU U 193 118.47 -3.25 -52.61
C LEU U 193 118.19 -1.76 -52.75
N ILE U 194 117.04 -1.43 -53.33
CA ILE U 194 116.68 -0.04 -53.62
C ILE U 194 116.51 0.75 -52.34
N GLU U 195 115.89 0.14 -51.33
CA GLU U 195 115.73 0.85 -50.07
C GLU U 195 116.85 0.59 -49.08
N SER U 196 117.90 -0.11 -49.49
CA SER U 196 119.17 0.02 -48.80
C SER U 196 119.93 1.21 -49.33
N ILE U 197 119.74 1.52 -50.63
CA ILE U 197 120.25 2.77 -51.17
C ILE U 197 119.55 3.97 -50.53
N GLU U 198 118.24 3.87 -50.32
CA GLU U 198 117.42 5.00 -49.91
C GLU U 198 117.56 5.36 -48.43
N GLY U 199 118.52 4.79 -47.71
CA GLY U 199 118.79 5.22 -46.36
C GLY U 199 117.79 4.81 -45.31
N LYS U 200 116.84 3.95 -45.65
CA LYS U 200 115.90 3.41 -44.68
C LYS U 200 116.56 2.24 -43.96
N GLN U 201 115.78 1.51 -43.18
CA GLN U 201 116.23 0.17 -42.85
C GLN U 201 116.03 -0.73 -44.07
N GLY U 202 116.81 -1.79 -44.15
CA GLY U 202 116.81 -2.54 -45.38
C GLY U 202 115.70 -3.56 -45.45
N LYS U 203 114.58 -3.19 -46.06
CA LYS U 203 113.41 -4.05 -46.22
C LYS U 203 112.77 -3.73 -47.55
N PRO U 204 112.19 -4.72 -48.24
CA PRO U 204 111.71 -4.49 -49.60
C PRO U 204 110.42 -3.69 -49.69
N ARG U 205 109.93 -3.53 -50.90
CA ARG U 205 108.61 -2.99 -51.17
C ARG U 205 107.72 -4.07 -51.73
N LEU U 206 106.44 -3.73 -51.88
CA LEU U 206 105.54 -4.63 -52.56
C LEU U 206 105.84 -4.63 -54.06
N LYS U 207 105.55 -5.73 -54.70
CA LYS U 207 105.72 -5.87 -56.15
C LYS U 207 104.75 -5.14 -57.08
N PRO U 208 103.45 -4.94 -56.77
CA PRO U 208 102.58 -4.19 -57.72
C PRO U 208 102.98 -2.74 -57.96
N PRO U 209 103.75 -2.06 -57.08
CA PRO U 209 104.54 -0.93 -57.57
C PRO U 209 105.85 -1.39 -58.18
N PHE U 210 105.95 -1.31 -59.48
CA PHE U 210 107.11 -1.76 -60.23
C PHE U 210 108.15 -0.64 -60.28
N PRO U 211 109.41 -0.98 -60.61
CA PRO U 211 110.41 0.08 -60.84
C PRO U 211 110.16 0.93 -62.07
N ALA U 212 109.18 0.59 -62.91
CA ALA U 212 108.84 1.44 -64.05
C ALA U 212 108.12 2.72 -63.65
N ASP U 213 107.61 2.79 -62.43
CA ASP U 213 106.96 4.01 -61.93
C ASP U 213 107.71 4.63 -60.76
N VAL U 214 107.89 3.88 -59.68
CA VAL U 214 108.53 4.39 -58.47
C VAL U 214 109.63 3.42 -58.09
N GLY U 215 110.88 3.83 -58.23
CA GLY U 215 112.00 3.04 -57.78
C GLY U 215 112.81 3.74 -56.71
N VAL U 216 114.00 4.21 -57.09
CA VAL U 216 114.92 4.85 -56.16
C VAL U 216 114.37 6.22 -55.82
N PHE U 217 113.76 6.33 -54.63
CA PHE U 217 113.11 7.49 -54.03
C PHE U 217 111.83 7.92 -54.74
N GLY U 218 111.52 7.33 -55.88
CA GLY U 218 110.52 7.92 -56.75
C GLY U 218 111.09 8.32 -58.09
N CYS U 219 112.24 7.76 -58.43
CA CYS U 219 112.78 7.84 -59.77
C CYS U 219 112.50 6.56 -60.51
N PRO U 220 112.06 6.60 -61.76
CA PRO U 220 111.91 5.36 -62.51
C PRO U 220 113.28 4.78 -62.85
N THR U 221 113.66 3.75 -62.12
CA THR U 221 114.99 3.18 -62.17
C THR U 221 114.91 1.76 -62.71
N THR U 222 116.07 1.14 -62.90
CA THR U 222 116.10 -0.29 -63.13
C THR U 222 117.33 -0.90 -62.46
N VAL U 223 117.18 -2.18 -62.14
CA VAL U 223 118.20 -2.95 -61.44
C VAL U 223 118.85 -3.89 -62.45
N ALA U 224 120.17 -3.82 -62.56
CA ALA U 224 120.89 -4.60 -63.56
C ALA U 224 121.94 -5.48 -62.90
N ASN U 225 122.08 -6.68 -63.44
CA ASN U 225 123.09 -7.62 -62.97
C ASN U 225 124.44 -7.32 -63.62
N VAL U 226 125.50 -7.68 -62.90
CA VAL U 226 126.86 -7.43 -63.37
C VAL U 226 127.20 -8.29 -64.58
N GLU U 227 126.59 -9.48 -64.68
CA GLU U 227 126.78 -10.29 -65.89
C GLU U 227 126.17 -9.61 -67.11
N THR U 228 124.95 -9.08 -66.97
CA THR U 228 124.30 -8.42 -68.08
C THR U 228 124.95 -7.08 -68.42
N VAL U 229 125.45 -6.36 -67.41
CA VAL U 229 126.16 -5.12 -67.67
C VAL U 229 127.49 -5.40 -68.35
N ALA U 230 128.24 -6.39 -67.86
CA ALA U 230 129.53 -6.75 -68.43
C ALA U 230 129.41 -7.35 -69.82
N VAL U 231 128.28 -7.96 -70.15
CA VAL U 231 128.09 -8.43 -71.52
C VAL U 231 127.50 -7.34 -72.40
N SER U 232 126.88 -6.31 -71.81
CA SER U 232 125.98 -5.43 -72.55
C SER U 232 126.58 -4.59 -73.69
N PRO U 233 127.82 -4.02 -73.62
CA PRO U 233 128.30 -3.31 -74.82
C PRO U 233 128.82 -4.27 -75.86
N THR U 234 129.30 -5.43 -75.40
CA THR U 234 129.82 -6.45 -76.28
C THR U 234 128.72 -7.11 -77.10
N ILE U 235 127.49 -7.10 -76.59
CA ILE U 235 126.34 -7.53 -77.37
C ILE U 235 126.18 -6.66 -78.61
N CYS U 236 126.31 -5.35 -78.44
CA CYS U 236 126.16 -4.45 -79.57
C CYS U 236 127.37 -4.52 -80.50
N ARG U 237 128.57 -4.37 -79.93
CA ARG U 237 129.76 -4.23 -80.77
C ARG U 237 130.23 -5.54 -81.35
N ARG U 238 129.88 -6.68 -80.78
CA ARG U 238 130.32 -7.96 -81.29
C ARG U 238 129.23 -8.55 -82.19
N GLY U 239 129.39 -9.83 -82.55
CA GLY U 239 128.54 -10.47 -83.52
C GLY U 239 127.09 -10.62 -83.15
N GLY U 240 126.24 -9.82 -83.79
CA GLY U 240 124.82 -9.94 -83.59
C GLY U 240 124.26 -11.16 -84.30
N ALA U 241 123.22 -11.74 -83.68
CA ALA U 241 122.59 -13.02 -84.08
C ALA U 241 123.62 -14.16 -84.12
N TRP U 242 124.65 -14.04 -83.31
CA TRP U 242 125.73 -15.00 -83.20
C TRP U 242 125.90 -15.29 -81.72
N PHE U 243 125.59 -14.27 -80.92
CA PHE U 243 125.31 -14.49 -79.50
C PHE U 243 124.04 -15.32 -79.32
N ALA U 244 123.11 -15.22 -80.26
CA ALA U 244 121.98 -16.15 -80.32
C ALA U 244 122.39 -17.52 -80.86
N SER U 245 123.57 -17.63 -81.47
CA SER U 245 124.06 -18.89 -82.00
C SER U 245 124.90 -19.65 -80.99
N PHE U 246 124.72 -19.38 -79.70
CA PHE U 246 125.52 -20.00 -78.65
C PHE U 246 124.62 -20.83 -77.76
N GLY U 247 124.84 -22.13 -77.72
CA GLY U 247 124.03 -22.99 -76.87
C GLY U 247 122.64 -23.16 -77.44
N ARG U 248 121.66 -23.25 -76.55
CA ARG U 248 120.28 -23.42 -76.97
C ARG U 248 119.72 -22.12 -77.53
N GLU U 249 118.91 -22.23 -78.59
CA GLU U 249 118.44 -21.07 -79.33
C GLU U 249 117.50 -20.19 -78.53
N ARG U 250 116.67 -20.79 -77.66
CA ARG U 250 115.73 -20.00 -76.88
C ARG U 250 116.46 -19.18 -75.82
N ASN U 251 117.15 -19.85 -74.91
CA ASN U 251 117.98 -19.21 -73.90
C ASN U 251 119.44 -19.29 -74.35
N SER U 252 119.87 -18.29 -75.09
CA SER U 252 121.23 -18.22 -75.60
C SER U 252 122.06 -17.29 -74.73
N GLY U 253 123.32 -17.63 -74.55
CA GLY U 253 124.21 -16.74 -73.83
C GLY U 253 125.51 -17.42 -73.45
N THR U 254 126.46 -16.58 -73.05
CA THR U 254 127.66 -17.01 -72.37
C THR U 254 127.49 -16.71 -70.88
N LYS U 255 128.13 -17.54 -70.06
CA LYS U 255 127.90 -17.46 -68.63
C LYS U 255 129.09 -18.06 -67.91
N LEU U 256 129.32 -17.60 -66.68
CA LEU U 256 130.18 -18.31 -65.76
C LEU U 256 129.56 -19.66 -65.39
N PHE U 257 130.41 -20.53 -64.85
CA PHE U 257 129.97 -21.76 -64.19
C PHE U 257 130.87 -21.97 -62.98
N ASN U 258 130.26 -22.04 -61.80
CA ASN U 258 130.97 -21.97 -60.54
C ASN U 258 130.90 -23.36 -59.91
N ILE U 259 131.95 -24.15 -60.14
CA ILE U 259 131.97 -25.53 -59.69
C ILE U 259 132.73 -25.58 -58.38
N SER U 260 132.01 -25.56 -57.27
CA SER U 260 132.62 -25.82 -55.98
C SER U 260 132.24 -27.22 -55.50
N GLY U 261 132.62 -27.53 -54.27
CA GLY U 261 132.24 -28.81 -53.70
C GLY U 261 133.39 -29.79 -53.64
N HIS U 262 133.06 -31.08 -53.74
CA HIS U 262 134.05 -32.15 -53.59
C HIS U 262 134.64 -32.51 -54.95
N VAL U 263 135.38 -31.56 -55.51
CA VAL U 263 136.09 -31.75 -56.77
C VAL U 263 137.54 -31.32 -56.61
N ASN U 264 138.37 -31.78 -57.54
CA ASN U 264 139.78 -31.39 -57.59
C ASN U 264 139.88 -29.93 -57.97
N ASN U 265 140.39 -29.10 -57.03
CA ASN U 265 140.60 -27.66 -57.20
C ASN U 265 139.33 -26.93 -57.64
N PRO U 266 138.36 -26.74 -56.76
CA PRO U 266 137.10 -26.09 -57.15
C PRO U 266 137.30 -24.64 -57.52
N CYS U 267 136.57 -24.20 -58.55
CA CYS U 267 136.90 -22.93 -59.18
C CYS U 267 135.68 -22.43 -59.97
N THR U 268 135.90 -21.42 -60.82
CA THR U 268 134.89 -20.88 -61.73
C THR U 268 135.46 -20.85 -63.14
N VAL U 269 134.60 -21.10 -64.13
CA VAL U 269 134.99 -21.12 -65.53
C VAL U 269 134.04 -20.24 -66.33
N GLU U 270 134.40 -19.99 -67.58
CA GLU U 270 133.54 -19.32 -68.55
C GLU U 270 133.14 -20.31 -69.62
N GLU U 271 131.84 -20.43 -69.88
CA GLU U 271 131.37 -21.27 -70.98
C GLU U 271 130.21 -20.57 -71.68
N GLU U 272 129.59 -21.28 -72.61
CA GLU U 272 128.36 -20.85 -73.24
C GLU U 272 127.18 -21.28 -72.36
N MET U 273 125.95 -21.19 -72.88
CA MET U 273 124.79 -21.52 -72.07
C MET U 273 124.63 -23.02 -71.87
N SER U 274 124.41 -23.75 -72.96
CA SER U 274 124.13 -25.17 -72.88
C SER U 274 125.43 -25.95 -72.81
N VAL U 275 125.45 -26.95 -71.92
CA VAL U 275 126.57 -27.89 -71.80
C VAL U 275 126.04 -29.13 -71.09
N PRO U 276 126.49 -30.33 -71.47
CA PRO U 276 126.28 -31.48 -70.59
C PRO U 276 127.01 -31.29 -69.27
N LEU U 277 126.35 -31.68 -68.19
CA LEU U 277 126.87 -31.39 -66.86
C LEU U 277 128.10 -32.23 -66.54
N LYS U 278 128.18 -33.45 -67.08
CA LYS U 278 129.39 -34.26 -66.86
C LYS U 278 130.59 -33.67 -67.58
N GLU U 279 130.39 -33.17 -68.81
CA GLU U 279 131.45 -32.45 -69.51
C GLU U 279 131.88 -31.20 -68.75
N LEU U 280 130.90 -30.47 -68.19
CA LEU U 280 131.20 -29.27 -67.41
C LEU U 280 132.01 -29.59 -66.17
N ILE U 281 131.64 -30.65 -65.46
CA ILE U 281 132.32 -30.95 -64.20
C ILE U 281 133.70 -31.55 -64.45
N GLU U 282 133.83 -32.48 -65.39
CA GLU U 282 135.10 -33.17 -65.54
C GLU U 282 136.04 -32.50 -66.52
N LYS U 283 135.54 -32.09 -67.69
CA LYS U 283 136.40 -31.70 -68.80
C LYS U 283 136.76 -30.23 -68.80
N HIS U 284 136.37 -29.48 -67.78
CA HIS U 284 136.77 -28.07 -67.69
C HIS U 284 137.25 -27.63 -66.31
N ALA U 285 136.88 -28.31 -65.22
CA ALA U 285 137.29 -27.87 -63.89
C ALA U 285 137.47 -29.09 -62.99
N GLY U 286 138.69 -29.61 -62.97
CA GLY U 286 139.03 -30.74 -62.10
C GLY U 286 138.27 -32.02 -62.36
N GLY U 287 137.39 -32.38 -61.43
CA GLY U 287 136.67 -33.63 -61.49
C GLY U 287 136.42 -34.18 -60.10
N VAL U 288 135.49 -35.12 -59.98
CA VAL U 288 135.05 -35.59 -58.67
C VAL U 288 136.12 -36.48 -58.05
N THR U 289 136.48 -36.18 -56.80
CA THR U 289 137.62 -36.78 -56.12
C THR U 289 137.34 -38.25 -55.82
N GLY U 290 137.96 -39.14 -56.57
CA GLY U 290 137.80 -40.57 -56.38
C GLY U 290 136.96 -41.26 -57.43
N GLY U 291 136.22 -40.51 -58.24
CA GLY U 291 135.41 -41.08 -59.30
C GLY U 291 134.10 -40.34 -59.45
N TRP U 292 133.54 -40.42 -60.66
CA TRP U 292 132.26 -39.76 -60.94
C TRP U 292 131.12 -40.41 -60.18
N ASP U 293 131.15 -41.72 -60.01
CA ASP U 293 130.08 -42.44 -59.37
C ASP U 293 130.18 -42.46 -57.85
N ASN U 294 131.19 -41.77 -57.31
CA ASN U 294 131.43 -41.74 -55.87
C ASN U 294 130.47 -40.79 -55.16
N LEU U 295 130.05 -39.71 -55.83
CA LEU U 295 129.35 -38.61 -55.20
C LEU U 295 127.96 -39.02 -54.73
N LEU U 296 127.44 -38.28 -53.75
CA LEU U 296 126.09 -38.53 -53.26
C LEU U 296 125.06 -37.82 -54.12
N ALA U 297 125.26 -36.53 -54.35
CA ALA U 297 124.29 -35.74 -55.10
C ALA U 297 124.99 -34.58 -55.78
N VAL U 298 124.23 -33.87 -56.61
CA VAL U 298 124.65 -32.68 -57.33
C VAL U 298 123.54 -31.67 -57.17
N ILE U 299 123.87 -30.44 -56.79
CA ILE U 299 122.91 -29.35 -56.81
C ILE U 299 123.42 -28.26 -57.76
N PRO U 300 122.65 -27.91 -58.78
CA PRO U 300 122.92 -26.68 -59.54
C PRO U 300 122.35 -25.50 -58.79
N GLY U 301 122.60 -24.31 -59.33
CA GLY U 301 121.95 -23.11 -58.81
C GLY U 301 122.52 -22.56 -57.51
N GLY U 302 122.85 -23.44 -56.57
CA GLY U 302 123.25 -23.06 -55.24
C GLY U 302 122.18 -23.30 -54.20
N SER U 303 121.52 -22.24 -53.77
CA SER U 303 120.60 -22.32 -52.65
C SER U 303 119.14 -22.22 -53.07
N SER U 304 118.84 -21.67 -54.24
CA SER U 304 117.47 -21.50 -54.71
C SER U 304 117.02 -22.63 -55.61
N THR U 305 117.60 -23.82 -55.46
CA THR U 305 117.43 -24.85 -56.45
C THR U 305 117.30 -26.23 -55.81
N PRO U 306 116.28 -27.01 -56.19
CA PRO U 306 116.18 -28.39 -55.71
C PRO U 306 117.32 -29.26 -56.22
N LEU U 307 117.41 -30.46 -55.64
CA LEU U 307 118.59 -31.27 -55.89
C LEU U 307 118.42 -32.09 -57.16
N ILE U 308 119.55 -32.66 -57.60
CA ILE U 308 119.60 -33.48 -58.80
C ILE U 308 120.34 -34.77 -58.47
N PRO U 309 119.75 -35.94 -58.67
CA PRO U 309 120.46 -37.19 -58.39
C PRO U 309 121.48 -37.55 -59.46
N LYS U 310 122.05 -38.74 -59.34
CA LYS U 310 123.10 -39.20 -60.23
C LYS U 310 122.60 -39.40 -61.66
N SER U 311 121.51 -40.15 -61.82
CA SER U 311 121.02 -40.52 -63.14
C SER U 311 120.48 -39.33 -63.93
N VAL U 312 120.13 -38.24 -63.27
CA VAL U 312 119.70 -37.04 -63.98
C VAL U 312 120.88 -36.14 -64.29
N CYS U 313 121.86 -36.03 -63.39
CA CYS U 313 123.01 -35.16 -63.65
C CYS U 313 123.98 -35.76 -64.65
N GLU U 314 123.90 -37.07 -64.90
CA GLU U 314 124.77 -37.67 -65.91
C GLU U 314 124.42 -37.26 -67.33
N THR U 315 123.20 -36.81 -67.60
CA THR U 315 122.76 -36.66 -68.99
C THR U 315 122.20 -35.29 -69.34
N VAL U 316 121.60 -34.57 -68.40
CA VAL U 316 120.79 -33.40 -68.72
C VAL U 316 121.69 -32.21 -69.06
N LEU U 317 121.49 -31.65 -70.25
CA LEU U 317 122.14 -30.43 -70.68
C LEU U 317 121.67 -29.24 -69.85
N MET U 318 122.57 -28.28 -69.64
CA MET U 318 122.35 -27.20 -68.69
C MET U 318 121.65 -26.03 -69.38
N ASP U 319 120.33 -26.01 -69.28
CA ASP U 319 119.51 -24.93 -69.82
C ASP U 319 118.40 -24.61 -68.83
N PHE U 320 117.88 -23.38 -68.94
CA PHE U 320 116.86 -22.88 -68.02
C PHE U 320 115.57 -23.67 -68.10
N ASP U 321 114.99 -23.79 -69.31
CA ASP U 321 113.71 -24.49 -69.45
C ASP U 321 113.86 -25.99 -69.23
N ALA U 322 115.02 -26.54 -69.59
CA ALA U 322 115.32 -27.94 -69.27
C ALA U 322 115.34 -28.18 -67.78
N LEU U 323 115.96 -27.27 -67.01
CA LEU U 323 115.97 -27.44 -65.56
C LEU U 323 114.62 -27.14 -64.93
N ILE U 324 113.86 -26.21 -65.50
CA ILE U 324 112.55 -25.88 -64.94
C ILE U 324 111.59 -27.04 -65.12
N GLN U 325 111.58 -27.65 -66.31
CA GLN U 325 110.78 -28.85 -66.47
C GLN U 325 111.46 -30.10 -65.91
N ALA U 326 112.71 -29.97 -65.44
CA ALA U 326 113.30 -30.94 -64.51
C ALA U 326 113.19 -30.48 -63.07
N GLN U 327 112.20 -29.63 -62.77
CA GLN U 327 111.76 -29.25 -61.43
C GLN U 327 112.83 -28.50 -60.64
N THR U 328 113.73 -27.77 -61.31
CA THR U 328 114.78 -27.03 -60.61
C THR U 328 114.93 -25.64 -61.22
N GLY U 329 115.56 -24.76 -60.47
CA GLY U 329 115.96 -23.50 -61.01
C GLY U 329 117.35 -23.56 -61.59
N LEU U 330 117.77 -22.43 -62.17
CA LEU U 330 119.16 -22.21 -62.54
C LEU U 330 119.55 -20.86 -61.96
N GLY U 331 120.39 -20.90 -60.93
CA GLY U 331 120.67 -19.70 -60.18
C GLY U 331 121.74 -18.85 -60.83
N THR U 332 122.80 -18.59 -60.07
CA THR U 332 123.94 -17.81 -60.54
C THR U 332 125.14 -18.73 -60.67
N ALA U 333 124.88 -19.88 -61.30
CA ALA U 333 125.84 -20.87 -61.79
C ALA U 333 126.58 -21.60 -60.69
N ALA U 334 126.05 -21.57 -59.46
CA ALA U 334 126.66 -22.34 -58.38
C ALA U 334 126.31 -23.81 -58.53
N VAL U 335 127.09 -24.53 -59.35
CA VAL U 335 126.84 -25.94 -59.65
C VAL U 335 127.83 -26.77 -58.83
N ILE U 336 127.41 -27.23 -57.65
CA ILE U 336 128.33 -27.88 -56.75
C ILE U 336 127.87 -29.32 -56.53
N VAL U 337 128.81 -30.15 -56.10
CA VAL U 337 128.56 -31.55 -55.90
C VAL U 337 128.73 -31.88 -54.42
N MET U 338 128.29 -33.08 -54.02
CA MET U 338 128.60 -33.56 -52.68
C MET U 338 128.72 -35.07 -52.68
N ASP U 339 129.73 -35.55 -51.95
CA ASP U 339 130.11 -36.95 -51.82
C ASP U 339 129.26 -37.62 -50.75
N ARG U 340 129.32 -38.94 -50.69
CA ARG U 340 128.51 -39.71 -49.76
C ARG U 340 129.05 -39.64 -48.33
N SER U 341 130.26 -39.13 -48.13
CA SER U 341 130.86 -39.08 -46.81
C SER U 341 130.28 -37.98 -45.92
N THR U 342 129.40 -37.13 -46.43
CA THR U 342 128.85 -36.01 -45.67
C THR U 342 127.35 -36.17 -45.45
N ASP U 343 126.86 -35.50 -44.41
CA ASP U 343 125.44 -35.49 -44.07
C ASP U 343 124.77 -34.38 -44.88
N ILE U 344 124.08 -34.77 -45.95
CA ILE U 344 123.44 -33.81 -46.82
C ILE U 344 122.26 -33.14 -46.10
N VAL U 345 121.68 -33.83 -45.12
CA VAL U 345 120.62 -33.23 -44.31
C VAL U 345 121.20 -32.15 -43.41
N LYS U 346 122.41 -32.37 -42.91
CA LYS U 346 123.12 -31.33 -42.18
C LYS U 346 123.48 -30.16 -43.09
N ALA U 347 123.78 -30.44 -44.36
CA ALA U 347 124.06 -29.35 -45.30
C ALA U 347 122.83 -28.50 -45.56
N ILE U 348 121.67 -29.14 -45.73
CA ILE U 348 120.42 -28.42 -45.90
C ILE U 348 120.09 -27.63 -44.63
N ALA U 349 120.35 -28.22 -43.46
CA ALA U 349 120.09 -27.52 -42.20
C ALA U 349 121.00 -26.32 -42.02
N ARG U 350 122.23 -26.40 -42.50
CA ARG U 350 123.09 -25.22 -42.47
C ARG U 350 122.58 -24.13 -43.41
N LEU U 351 122.01 -24.53 -44.55
CA LEU U 351 121.39 -23.55 -45.43
C LEU U 351 120.17 -22.90 -44.76
N ILE U 352 119.41 -23.67 -44.00
CA ILE U 352 118.27 -23.12 -43.28
C ILE U 352 118.74 -22.20 -42.14
N GLU U 353 119.90 -22.51 -41.54
CA GLU U 353 120.47 -21.61 -40.55
C GLU U 353 120.88 -20.28 -41.18
N PHE U 354 121.41 -20.34 -42.41
CA PHE U 354 121.68 -19.12 -43.17
C PHE U 354 120.42 -18.32 -43.43
N TYR U 355 119.33 -19.02 -43.77
CA TYR U 355 118.06 -18.35 -44.01
C TYR U 355 117.51 -17.70 -42.75
N LYS U 356 117.74 -18.31 -41.59
CA LYS U 356 117.32 -17.68 -40.35
C LYS U 356 118.18 -16.47 -40.01
N HIS U 357 119.50 -16.58 -40.22
CA HIS U 357 120.39 -15.48 -39.89
C HIS U 357 120.18 -14.27 -40.79
N GLU U 358 119.76 -14.48 -42.03
CA GLU U 358 119.50 -13.35 -42.92
C GLU U 358 118.11 -13.47 -43.54
N SER U 359 117.14 -12.82 -42.90
CA SER U 359 115.80 -12.61 -43.41
C SER U 359 115.18 -11.44 -42.65
N CYS U 360 114.37 -10.65 -43.33
CA CYS U 360 113.76 -9.52 -42.63
C CYS U 360 112.40 -9.94 -42.10
N GLY U 361 111.64 -8.99 -41.54
CA GLY U 361 110.43 -9.36 -40.85
C GLY U 361 109.17 -8.71 -41.36
N GLN U 362 109.12 -8.39 -42.65
CA GLN U 362 107.87 -7.91 -43.23
C GLN U 362 106.83 -9.01 -43.25
N CYS U 363 107.12 -10.10 -43.95
CA CYS U 363 106.13 -11.15 -44.14
C CYS U 363 106.16 -12.08 -42.95
N THR U 364 104.98 -12.32 -42.38
CA THR U 364 104.84 -13.40 -41.41
C THR U 364 105.21 -14.81 -41.93
N PRO U 365 104.88 -15.25 -43.16
CA PRO U 365 105.10 -16.68 -43.46
C PRO U 365 106.54 -17.09 -43.60
N CYS U 366 107.43 -16.26 -44.16
CA CYS U 366 108.82 -16.72 -44.28
C CYS U 366 109.48 -16.80 -42.92
N ARG U 367 109.18 -15.81 -42.08
CA ARG U 367 109.69 -15.76 -40.71
C ARG U 367 109.27 -17.00 -39.93
N GLU U 368 107.97 -17.27 -39.88
CA GLU U 368 107.47 -18.41 -39.13
C GLU U 368 107.87 -19.74 -39.76
N GLY U 369 107.88 -19.81 -41.10
CA GLY U 369 108.20 -21.05 -41.77
C GLY U 369 109.67 -21.40 -41.69
N VAL U 370 110.54 -20.40 -41.77
CA VAL U 370 111.97 -20.67 -41.60
C VAL U 370 112.27 -21.02 -40.15
N ASP U 371 111.50 -20.50 -39.20
CA ASP U 371 111.66 -20.96 -37.81
C ASP U 371 111.26 -22.44 -37.66
N TRP U 372 110.11 -22.82 -38.22
CA TRP U 372 109.68 -24.21 -38.16
C TRP U 372 110.64 -25.12 -38.90
N MET U 373 111.12 -24.70 -40.07
CA MET U 373 112.02 -25.54 -40.83
C MET U 373 113.38 -25.63 -40.17
N ASN U 374 113.82 -24.60 -39.44
CA ASN U 374 115.06 -24.70 -38.67
C ASN U 374 114.94 -25.77 -37.60
N LYS U 375 113.90 -25.69 -36.77
CA LYS U 375 113.79 -26.66 -35.67
C LYS U 375 113.52 -28.06 -36.19
N VAL U 376 112.72 -28.20 -37.25
CA VAL U 376 112.38 -29.52 -37.74
C VAL U 376 113.52 -30.12 -38.56
N MET U 377 114.30 -29.32 -39.30
CA MET U 377 115.46 -29.87 -39.99
C MET U 377 116.59 -30.19 -39.03
N ALA U 378 116.71 -29.47 -37.91
CA ALA U 378 117.61 -29.92 -36.86
C ALA U 378 117.16 -31.26 -36.29
N ARG U 379 115.84 -31.43 -36.09
CA ARG U 379 115.34 -32.70 -35.61
C ARG U 379 115.53 -33.83 -36.62
N PHE U 380 115.54 -33.51 -37.92
CA PHE U 380 115.78 -34.54 -38.93
C PHE U 380 117.26 -34.87 -39.04
N VAL U 381 118.13 -33.89 -38.79
CA VAL U 381 119.55 -34.18 -38.59
C VAL U 381 119.72 -35.17 -37.45
N ARG U 382 118.97 -34.99 -36.37
CA ARG U 382 119.01 -35.98 -35.32
C ARG U 382 117.92 -37.05 -35.45
N GLY U 383 117.09 -37.00 -36.50
CA GLY U 383 116.17 -38.08 -36.83
C GLY U 383 115.06 -38.39 -35.84
N ASP U 384 114.31 -37.37 -35.40
CA ASP U 384 113.52 -37.51 -34.18
C ASP U 384 112.20 -38.26 -34.41
N ALA U 385 111.31 -37.68 -35.20
CA ALA U 385 109.90 -38.07 -35.21
C ALA U 385 109.67 -39.27 -36.14
N ARG U 386 108.41 -39.46 -36.55
CA ARG U 386 107.84 -40.35 -37.56
C ARG U 386 107.65 -39.59 -38.88
N PRO U 387 107.54 -40.29 -40.03
CA PRO U 387 107.43 -39.59 -41.32
C PRO U 387 106.14 -38.79 -41.54
N ALA U 388 105.19 -38.81 -40.60
CA ALA U 388 104.14 -37.79 -40.62
C ALA U 388 104.73 -36.40 -40.50
N GLU U 389 105.86 -36.28 -39.79
CA GLU U 389 106.56 -35.01 -39.72
C GLU U 389 107.15 -34.62 -41.07
N ILE U 390 107.64 -35.59 -41.84
CA ILE U 390 108.27 -35.19 -43.11
C ILE U 390 107.21 -34.86 -44.15
N ASP U 391 106.04 -35.48 -44.08
CA ASP U 391 104.99 -35.03 -44.99
C ASP U 391 104.36 -33.72 -44.51
N SER U 392 104.42 -33.45 -43.22
CA SER U 392 104.06 -32.12 -42.72
C SER U 392 105.05 -31.06 -43.18
N LEU U 393 106.32 -31.44 -43.29
CA LEU U 393 107.30 -30.52 -43.84
C LEU U 393 107.05 -30.28 -45.32
N TRP U 394 106.56 -31.30 -46.03
CA TRP U 394 106.09 -31.09 -47.39
C TRP U 394 104.86 -30.19 -47.44
N GLU U 395 103.98 -30.31 -46.44
CA GLU U 395 102.78 -29.47 -46.37
C GLU U 395 103.16 -28.00 -46.19
N ILE U 396 104.04 -27.71 -45.24
CA ILE U 396 104.44 -26.31 -45.03
C ILE U 396 105.26 -25.80 -46.21
N SER U 397 106.09 -26.66 -46.82
CA SER U 397 106.89 -26.22 -47.96
C SER U 397 106.04 -25.97 -49.19
N LYS U 398 104.86 -26.59 -49.28
CA LYS U 398 103.92 -26.17 -50.30
C LYS U 398 103.07 -24.99 -49.84
N GLN U 399 102.95 -24.75 -48.54
CA GLN U 399 102.22 -23.58 -48.05
C GLN U 399 102.99 -22.28 -48.31
N ILE U 400 104.32 -22.32 -48.26
CA ILE U 400 105.07 -21.06 -48.28
C ILE U 400 105.16 -20.48 -49.69
N GLU U 401 105.34 -21.36 -50.69
CA GLU U 401 105.68 -21.02 -52.08
C GLU U 401 104.83 -19.94 -52.72
N GLY U 402 105.45 -18.80 -53.02
CA GLY U 402 104.74 -17.72 -53.66
C GLY U 402 103.77 -16.98 -52.76
N HIS U 403 103.96 -17.03 -51.45
CA HIS U 403 103.12 -16.31 -50.50
C HIS U 403 103.93 -15.23 -49.76
N THR U 404 104.88 -14.62 -50.43
CA THR U 404 105.82 -13.72 -49.78
C THR U 404 105.80 -12.35 -50.45
N ILE U 405 106.76 -11.51 -50.07
CA ILE U 405 107.13 -10.36 -50.86
C ILE U 405 108.27 -10.75 -51.77
N CYS U 406 109.36 -11.25 -51.20
CA CYS U 406 110.56 -11.49 -51.98
C CYS U 406 110.66 -12.97 -52.31
N ALA U 407 111.80 -13.37 -52.87
CA ALA U 407 112.02 -14.74 -53.29
C ALA U 407 112.79 -15.56 -52.27
N LEU U 408 113.00 -15.03 -51.06
CA LEU U 408 113.70 -15.82 -50.05
C LEU U 408 112.79 -16.88 -49.44
N GLY U 409 111.48 -16.62 -49.39
CA GLY U 409 110.55 -17.66 -49.00
C GLY U 409 110.53 -18.82 -49.98
N ASP U 410 110.55 -18.51 -51.28
CA ASP U 410 110.64 -19.58 -52.29
C ASP U 410 111.98 -20.28 -52.22
N GLY U 411 113.06 -19.52 -52.02
CA GLY U 411 114.39 -20.09 -51.86
C GLY U 411 114.56 -20.91 -50.59
N ALA U 412 113.73 -20.67 -49.60
CA ALA U 412 113.65 -21.58 -48.46
C ALA U 412 112.75 -22.75 -48.74
N ALA U 413 111.84 -22.63 -49.71
CA ALA U 413 110.98 -23.75 -50.04
C ALA U 413 111.73 -24.80 -50.85
N TRP U 414 112.53 -24.37 -51.84
CA TRP U 414 113.05 -25.30 -52.85
C TRP U 414 114.00 -26.39 -52.36
N PRO U 415 114.98 -26.16 -51.48
CA PRO U 415 115.83 -27.30 -51.06
C PRO U 415 115.09 -28.35 -50.28
N VAL U 416 114.16 -27.93 -49.42
CA VAL U 416 113.30 -28.86 -48.70
C VAL U 416 112.45 -29.66 -49.69
N GLN U 417 111.97 -29.00 -50.74
CA GLN U 417 111.21 -29.68 -51.78
C GLN U 417 112.06 -30.72 -52.49
N GLY U 418 113.30 -30.38 -52.86
CA GLY U 418 114.16 -31.34 -53.53
C GLY U 418 114.55 -32.50 -52.64
N LEU U 419 114.76 -32.21 -51.35
CA LEU U 419 115.01 -33.25 -50.35
C LEU U 419 113.87 -34.25 -50.26
N ILE U 420 112.63 -33.75 -50.22
CA ILE U 420 111.48 -34.64 -50.15
C ILE U 420 111.28 -35.38 -51.47
N ARG U 421 111.58 -34.72 -52.60
CA ARG U 421 111.35 -35.35 -53.90
C ARG U 421 112.37 -36.45 -54.19
N HIS U 422 113.57 -36.39 -53.62
CA HIS U 422 114.52 -37.41 -54.03
C HIS U 422 115.15 -38.22 -52.90
N PHE U 423 115.23 -37.69 -51.69
CA PHE U 423 115.97 -38.35 -50.63
C PHE U 423 115.06 -38.78 -49.50
N ARG U 424 113.94 -39.40 -49.87
CA ARG U 424 113.08 -40.10 -48.91
C ARG U 424 113.76 -41.22 -48.11
N PRO U 425 114.44 -42.23 -48.72
CA PRO U 425 114.80 -43.42 -47.92
C PRO U 425 115.92 -43.19 -46.93
N GLU U 426 116.83 -42.27 -47.21
CA GLU U 426 117.88 -41.94 -46.24
C GLU U 426 117.29 -41.32 -44.99
N LEU U 427 116.26 -40.48 -45.16
CA LEU U 427 115.55 -39.91 -44.02
C LEU U 427 114.78 -40.97 -43.26
N GLU U 428 114.14 -41.90 -44.00
CA GLU U 428 113.42 -43.00 -43.36
C GLU U 428 114.34 -43.85 -42.48
N GLU U 429 115.49 -44.24 -43.03
CA GLU U 429 116.47 -45.01 -42.26
C GLU U 429 117.07 -44.21 -41.12
N ARG U 430 117.28 -42.90 -41.31
CA ARG U 430 117.81 -42.05 -40.24
C ARG U 430 116.86 -41.98 -39.05
N MET U 431 115.57 -41.79 -39.34
CA MET U 431 114.58 -41.71 -38.27
C MET U 431 114.37 -43.05 -37.60
N GLN U 432 114.48 -44.16 -38.35
CA GLN U 432 114.38 -45.48 -37.72
C GLN U 432 115.60 -45.80 -36.85
N ARG U 433 116.79 -45.40 -37.31
CA ARG U 433 118.02 -45.52 -36.51
C ARG U 433 117.89 -44.77 -35.20
N PHE U 434 117.44 -43.51 -35.25
CA PHE U 434 117.37 -42.76 -34.02
C PHE U 434 116.20 -43.20 -33.14
N ALA U 435 115.14 -43.76 -33.72
CA ALA U 435 114.08 -44.32 -32.90
C ALA U 435 114.58 -45.55 -32.14
N GLN U 436 115.39 -46.38 -32.78
CA GLN U 436 115.95 -47.53 -32.09
C GLN U 436 117.07 -47.15 -31.12
N GLN U 437 117.69 -45.99 -31.29
CA GLN U 437 118.66 -45.56 -30.28
C GLN U 437 117.99 -44.84 -29.10
N HIS U 438 116.91 -44.08 -29.37
CA HIS U 438 116.10 -43.51 -28.30
C HIS U 438 115.47 -44.61 -27.46
N GLN U 439 115.09 -45.71 -28.08
CA GLN U 439 114.75 -46.91 -27.33
C GLN U 439 115.91 -47.89 -27.40
N ALA V 5 119.02 -10.84 -27.68
CA ALA V 5 120.47 -10.91 -27.57
C ALA V 5 121.06 -9.50 -27.45
N LEU V 6 120.58 -8.79 -26.42
CA LEU V 6 121.01 -7.42 -26.08
C LEU V 6 120.76 -6.45 -27.24
N PHE V 7 119.48 -6.34 -27.63
CA PHE V 7 119.06 -5.41 -28.67
C PHE V 7 118.20 -4.28 -28.11
N VAL V 8 118.24 -4.09 -26.79
CA VAL V 8 117.63 -2.95 -26.12
C VAL V 8 118.85 -2.25 -25.52
N HIS V 9 118.66 -1.14 -24.78
CA HIS V 9 119.75 -0.20 -24.50
C HIS V 9 120.83 -0.78 -23.60
N ARG V 10 120.45 -1.20 -22.38
CA ARG V 10 121.38 -1.68 -21.35
C ARG V 10 122.45 -0.65 -20.98
N ASP V 11 122.08 0.39 -20.22
CA ASP V 11 122.96 1.51 -19.92
C ASP V 11 124.15 1.15 -19.04
N THR V 12 125.08 0.43 -19.64
CA THR V 12 126.36 -0.06 -19.15
C THR V 12 127.30 1.14 -19.02
N PRO V 13 128.45 1.03 -18.34
CA PRO V 13 129.57 1.95 -18.62
C PRO V 13 130.03 1.87 -20.07
N LYS V 14 130.90 2.83 -20.43
CA LYS V 14 131.23 3.30 -21.78
C LYS V 14 130.01 3.42 -22.69
N ASN V 15 128.89 3.84 -22.10
CA ASN V 15 127.59 4.07 -22.73
C ASN V 15 126.89 5.13 -21.89
N ASN V 16 125.54 5.16 -21.98
CA ASN V 16 124.66 6.13 -21.31
C ASN V 16 125.02 7.53 -21.79
N PRO V 17 124.57 7.89 -22.99
CA PRO V 17 124.98 9.16 -23.61
C PRO V 17 124.51 10.37 -22.81
N GLU V 18 125.36 11.40 -22.71
CA GLU V 18 126.58 11.55 -23.50
C GLU V 18 127.87 11.07 -22.83
N THR V 19 128.29 9.88 -23.22
CA THR V 19 129.69 9.51 -23.08
C THR V 19 130.51 10.49 -23.90
N PRO V 20 131.61 11.04 -23.36
CA PRO V 20 132.38 12.07 -24.09
C PRO V 20 133.00 11.54 -25.37
N PHE V 21 132.73 12.25 -26.46
CA PHE V 21 133.05 11.79 -27.80
C PHE V 21 133.00 12.97 -28.75
N ASP V 22 133.92 12.98 -29.72
CA ASP V 22 133.89 13.97 -30.79
C ASP V 22 134.64 13.40 -31.99
N PHE V 23 134.28 13.91 -33.17
CA PHE V 23 134.86 13.45 -34.43
C PHE V 23 136.08 14.29 -34.80
N THR V 24 136.52 14.18 -36.05
CA THR V 24 137.50 15.03 -36.69
C THR V 24 136.79 15.88 -37.73
N PRO V 25 137.08 17.18 -37.83
CA PRO V 25 136.49 17.99 -38.91
C PRO V 25 136.92 17.58 -40.31
N GLU V 26 138.04 16.87 -40.44
CA GLU V 26 138.38 16.24 -41.71
C GLU V 26 137.36 15.16 -42.05
N ASN V 27 136.91 14.42 -41.04
CA ASN V 27 135.82 13.48 -41.26
C ASN V 27 134.51 14.20 -41.52
N TYR V 28 134.34 15.42 -41.01
CA TYR V 28 133.19 16.22 -41.38
C TYR V 28 133.26 16.63 -42.85
N LYS V 29 134.48 16.84 -43.36
CA LYS V 29 134.64 17.08 -44.79
C LYS V 29 134.28 15.83 -45.61
N ARG V 30 134.62 14.64 -45.09
CA ARG V 30 134.12 13.40 -45.68
C ARG V 30 132.59 13.35 -45.70
N ILE V 31 131.96 13.72 -44.58
CA ILE V 31 130.50 13.71 -44.48
C ILE V 31 129.89 14.64 -45.51
N GLU V 32 130.50 15.81 -45.70
CA GLU V 32 130.03 16.73 -46.73
C GLU V 32 130.25 16.18 -48.13
N ALA V 33 131.30 15.38 -48.34
CA ALA V 33 131.49 14.71 -49.64
C ALA V 33 130.40 13.67 -49.90
N ILE V 34 130.05 12.87 -48.90
CA ILE V 34 129.03 11.85 -49.09
C ILE V 34 127.65 12.47 -49.26
N VAL V 35 127.34 13.54 -48.52
CA VAL V 35 126.07 14.23 -48.73
C VAL V 35 126.07 14.95 -50.08
N LYS V 36 127.25 15.36 -50.57
CA LYS V 36 127.35 15.85 -51.94
C LYS V 36 127.05 14.75 -52.96
N ASN V 37 127.39 13.50 -52.64
CA ASN V 37 127.10 12.36 -53.52
C ASN V 37 125.64 11.94 -53.54
N TYR V 38 124.73 12.64 -52.86
CA TYR V 38 123.35 12.20 -52.78
C TYR V 38 122.40 13.32 -53.21
N PRO V 39 121.27 12.98 -53.83
CA PRO V 39 120.33 14.01 -54.26
C PRO V 39 119.62 14.66 -53.08
N GLU V 40 119.49 15.98 -53.17
CA GLU V 40 118.90 16.77 -52.10
C GLU V 40 117.37 16.65 -52.16
N GLY V 41 116.75 16.60 -50.99
CA GLY V 41 115.35 16.25 -50.84
C GLY V 41 115.14 14.89 -50.22
N HIS V 42 116.18 14.04 -50.25
CA HIS V 42 116.19 12.74 -49.61
C HIS V 42 117.52 12.57 -48.88
N LYS V 43 117.85 13.55 -48.03
CA LYS V 43 119.18 13.68 -47.43
C LYS V 43 119.55 12.54 -46.50
N ALA V 44 118.58 11.73 -46.07
CA ALA V 44 118.81 10.64 -45.13
C ALA V 44 119.45 9.40 -45.77
N ALA V 45 119.96 9.48 -46.99
CA ALA V 45 120.61 8.32 -47.58
C ALA V 45 122.02 8.11 -47.08
N ALA V 46 122.60 9.09 -46.39
CA ALA V 46 123.99 9.04 -45.98
C ALA V 46 124.21 8.25 -44.69
N VAL V 47 123.16 7.62 -44.18
CA VAL V 47 123.20 6.99 -42.85
C VAL V 47 124.19 5.84 -42.83
N LEU V 48 124.13 4.96 -43.84
CA LEU V 48 125.02 3.80 -43.87
C LEU V 48 126.49 4.18 -44.08
N PRO V 49 126.89 5.05 -45.04
CA PRO V 49 128.34 5.36 -45.10
C PRO V 49 128.84 6.22 -43.96
N VAL V 50 128.02 7.16 -43.46
CA VAL V 50 128.45 7.98 -42.32
C VAL V 50 128.60 7.12 -41.08
N LEU V 51 127.73 6.12 -40.92
CA LEU V 51 127.80 5.28 -39.74
C LEU V 51 128.93 4.26 -39.88
N ASP V 52 129.25 3.86 -41.11
CA ASP V 52 130.47 3.09 -41.37
C ASP V 52 131.71 3.91 -41.03
N LEU V 53 131.68 5.21 -41.31
CA LEU V 53 132.78 6.08 -40.94
C LEU V 53 132.91 6.17 -39.42
N ALA V 54 131.78 6.16 -38.72
CA ALA V 54 131.82 6.17 -37.25
C ALA V 54 132.40 4.87 -36.71
N GLN V 55 132.11 3.74 -37.36
CA GLN V 55 132.73 2.49 -36.95
C GLN V 55 134.23 2.48 -37.24
N ARG V 56 134.64 3.00 -38.39
CA ARG V 56 136.06 3.02 -38.70
C ARG V 56 136.82 4.03 -37.86
N GLN V 57 136.14 5.03 -37.31
CA GLN V 57 136.77 5.88 -36.32
C GLN V 57 136.89 5.14 -35.00
N ASN V 58 135.77 4.78 -34.40
CA ASN V 58 135.74 4.13 -33.09
C ASN V 58 135.29 2.70 -33.28
N GLY V 59 136.14 1.74 -32.88
CA GLY V 59 136.09 0.33 -33.28
C GLY V 59 134.75 -0.38 -33.18
N TRP V 60 134.29 -0.65 -31.97
CA TRP V 60 132.87 -0.90 -31.79
C TRP V 60 132.17 0.43 -31.65
N LEU V 61 130.96 0.52 -32.16
CA LEU V 61 130.42 1.87 -32.17
C LEU V 61 129.59 2.12 -30.92
N PRO V 62 129.83 3.22 -30.23
CA PRO V 62 128.95 3.60 -29.11
C PRO V 62 127.77 4.39 -29.59
N ILE V 63 127.00 4.91 -28.64
CA ILE V 63 125.71 5.50 -28.93
C ILE V 63 125.76 7.02 -29.07
N SER V 64 126.75 7.68 -28.47
CA SER V 64 126.87 9.13 -28.61
C SER V 64 127.27 9.54 -30.02
N ALA V 65 128.01 8.67 -30.72
CA ALA V 65 128.27 8.87 -32.14
C ALA V 65 126.99 8.84 -32.95
N MET V 66 126.10 7.90 -32.64
CA MET V 66 124.83 7.80 -33.35
C MET V 66 123.93 8.97 -33.05
N ASN V 67 123.96 9.45 -31.81
CA ASN V 67 123.17 10.63 -31.44
C ASN V 67 123.69 11.88 -32.14
N LYS V 68 125.02 12.00 -32.28
CA LYS V 68 125.61 13.10 -33.02
C LYS V 68 125.25 13.03 -34.50
N VAL V 69 125.26 11.84 -35.09
CA VAL V 69 124.90 11.67 -36.50
C VAL V 69 123.42 12.00 -36.71
N ALA V 70 122.57 11.61 -35.76
CA ALA V 70 121.15 11.95 -35.84
C ALA V 70 120.92 13.45 -35.71
N GLU V 71 121.73 14.12 -34.89
CA GLU V 71 121.64 15.59 -34.79
C GLU V 71 122.08 16.26 -36.08
N ILE V 72 123.14 15.75 -36.71
CA ILE V 72 123.68 16.41 -37.90
C ILE V 72 122.77 16.17 -39.10
N LEU V 73 122.39 14.92 -39.36
CA LEU V 73 121.70 14.55 -40.58
C LEU V 73 120.19 14.69 -40.49
N GLN V 74 119.69 15.50 -39.53
CA GLN V 74 118.28 15.93 -39.38
C GLN V 74 117.27 14.79 -39.46
N VAL V 75 117.61 13.65 -38.85
CA VAL V 75 116.69 12.52 -38.78
C VAL V 75 116.39 12.20 -37.32
N PRO V 76 115.21 11.68 -37.01
CA PRO V 76 114.94 11.19 -35.65
C PRO V 76 115.78 9.96 -35.37
N PRO V 77 116.33 9.85 -34.15
CA PRO V 77 117.42 8.91 -33.91
C PRO V 77 117.00 7.44 -33.94
N MET V 78 115.71 7.15 -33.78
CA MET V 78 115.24 5.77 -33.78
C MET V 78 115.49 5.09 -35.13
N ARG V 79 115.42 5.84 -36.22
CA ARG V 79 115.77 5.30 -37.53
C ARG V 79 117.25 4.94 -37.59
N VAL V 80 118.09 5.75 -36.94
CA VAL V 80 119.50 5.48 -36.88
C VAL V 80 119.77 4.22 -36.05
N TYR V 81 119.01 4.02 -34.98
CA TYR V 81 119.19 2.79 -34.20
C TYR V 81 118.68 1.57 -34.95
N GLU V 82 117.63 1.73 -35.77
CA GLU V 82 117.18 0.66 -36.65
C GLU V 82 118.27 0.24 -37.61
N VAL V 83 118.84 1.20 -38.33
CA VAL V 83 119.89 0.91 -39.31
C VAL V 83 121.16 0.41 -38.61
N ALA V 84 121.36 0.82 -37.36
CA ALA V 84 122.49 0.32 -36.58
C ALA V 84 122.33 -1.17 -36.25
N THR V 85 121.25 -1.53 -35.57
CA THR V 85 121.06 -2.91 -35.16
C THR V 85 120.65 -3.83 -36.29
N PHE V 86 120.40 -3.31 -37.48
CA PHE V 86 119.93 -4.17 -38.55
C PHE V 86 121.05 -4.97 -39.22
N TYR V 87 122.31 -4.58 -39.05
CA TYR V 87 123.39 -5.20 -39.79
C TYR V 87 124.41 -5.83 -38.84
N THR V 88 125.35 -6.59 -39.42
CA THR V 88 126.39 -7.26 -38.66
C THR V 88 127.75 -6.60 -38.78
N MET V 89 127.90 -5.58 -39.63
CA MET V 89 129.08 -4.73 -39.56
C MET V 89 129.10 -3.95 -38.26
N TYR V 90 127.94 -3.51 -37.81
CA TYR V 90 127.86 -2.55 -36.74
C TYR V 90 127.64 -3.29 -35.44
N ASN V 91 128.73 -3.57 -34.74
CA ASN V 91 128.72 -4.27 -33.47
C ASN V 91 128.82 -3.29 -32.31
N ARG V 92 127.95 -3.48 -31.32
CA ARG V 92 127.81 -2.56 -30.20
C ARG V 92 128.28 -3.15 -28.89
N LYS V 93 128.32 -4.46 -28.76
CA LYS V 93 129.11 -5.09 -27.73
C LYS V 93 130.58 -4.73 -27.95
N PRO V 94 131.33 -4.43 -26.90
CA PRO V 94 132.68 -3.86 -27.08
C PRO V 94 133.67 -4.88 -27.63
N VAL V 95 134.26 -4.56 -28.78
CA VAL V 95 135.18 -5.47 -29.45
C VAL V 95 136.55 -4.83 -29.52
N GLY V 96 137.51 -5.54 -30.10
CA GLY V 96 138.85 -5.01 -30.29
C GLY V 96 139.31 -5.06 -31.74
N LYS V 97 140.62 -4.99 -31.94
CA LYS V 97 141.23 -4.91 -33.27
C LYS V 97 140.97 -6.13 -34.15
N TYR V 98 141.54 -7.28 -33.79
CA TYR V 98 141.51 -8.45 -34.67
C TYR V 98 140.15 -9.10 -34.54
N HIS V 99 139.29 -8.85 -35.52
CA HIS V 99 137.91 -9.32 -35.55
C HIS V 99 137.85 -10.51 -36.50
N ILE V 100 138.12 -11.69 -35.97
CA ILE V 100 138.13 -12.91 -36.77
C ILE V 100 136.70 -13.28 -37.13
N GLN V 101 136.40 -13.34 -38.42
CA GLN V 101 135.17 -13.94 -38.91
C GLN V 101 135.53 -15.20 -39.68
N VAL V 102 135.04 -16.34 -39.20
CA VAL V 102 135.21 -17.60 -39.90
C VAL V 102 133.95 -17.85 -40.71
N CYS V 103 134.05 -17.73 -42.03
CA CYS V 103 132.89 -17.99 -42.88
C CYS V 103 132.73 -19.46 -43.15
N THR V 104 131.49 -19.94 -42.95
CA THR V 104 131.15 -21.36 -43.13
C THR V 104 129.66 -21.51 -43.45
N THR V 105 129.32 -21.66 -44.75
CA THR V 105 127.98 -22.18 -45.01
C THR V 105 127.82 -23.45 -45.85
N THR V 106 127.84 -23.31 -47.19
CA THR V 106 127.55 -24.51 -47.97
C THR V 106 128.77 -25.23 -48.55
N PRO V 107 129.73 -24.58 -49.24
CA PRO V 107 130.95 -25.34 -49.58
C PRO V 107 131.96 -25.30 -48.47
N CYS V 108 131.88 -24.30 -47.61
CA CYS V 108 132.86 -24.09 -46.57
C CYS V 108 132.68 -25.11 -45.46
N MET V 109 131.43 -25.46 -45.13
CA MET V 109 131.19 -26.62 -44.28
C MET V 109 131.59 -27.89 -44.97
N LEU V 110 131.34 -27.99 -46.28
CA LEU V 110 131.56 -29.21 -47.03
C LEU V 110 133.03 -29.46 -47.31
N ARG V 111 133.91 -28.51 -46.97
CA ARG V 111 135.35 -28.67 -47.13
C ARG V 111 136.07 -28.42 -45.81
N ASN V 112 135.67 -29.15 -44.76
CA ASN V 112 136.32 -29.20 -43.45
C ASN V 112 136.31 -27.87 -42.71
N SER V 113 135.12 -27.38 -42.37
CA SER V 113 135.00 -26.17 -41.56
C SER V 113 135.39 -26.44 -40.11
N ASP V 114 134.92 -27.56 -39.57
CA ASP V 114 135.09 -27.82 -38.13
C ASP V 114 136.52 -28.17 -37.77
N SER V 115 137.34 -28.61 -38.73
CA SER V 115 138.77 -28.72 -38.50
C SER V 115 139.37 -27.33 -38.26
N ILE V 116 139.03 -26.39 -39.15
CA ILE V 116 139.45 -25.00 -38.98
C ILE V 116 138.85 -24.41 -37.72
N LEU V 117 137.58 -24.73 -37.43
CA LEU V 117 136.91 -24.16 -36.26
C LEU V 117 137.52 -24.65 -34.95
N GLU V 118 137.83 -25.94 -34.86
CA GLU V 118 138.50 -26.41 -33.66
C GLU V 118 139.95 -25.94 -33.60
N ALA V 119 140.57 -25.68 -34.76
CA ALA V 119 141.91 -25.12 -34.76
C ALA V 119 141.94 -23.71 -34.19
N ILE V 120 141.00 -22.87 -34.62
CA ILE V 120 140.86 -21.53 -34.05
C ILE V 120 140.46 -21.62 -32.58
N GLN V 121 139.65 -22.63 -32.24
CA GLN V 121 139.14 -22.77 -30.89
C GLN V 121 140.24 -23.13 -29.91
N LYS V 122 141.10 -24.08 -30.26
CA LYS V 122 142.19 -24.45 -29.36
C LYS V 122 143.46 -23.65 -29.62
N LYS V 123 143.44 -22.71 -30.56
CA LYS V 123 144.51 -21.74 -30.61
C LYS V 123 144.20 -20.49 -29.80
N LEU V 124 142.97 -19.98 -29.89
CA LEU V 124 142.61 -18.77 -29.15
C LEU V 124 142.12 -19.08 -27.74
N GLY V 125 141.51 -20.25 -27.53
CA GLY V 125 141.08 -20.66 -26.21
C GLY V 125 139.61 -20.40 -25.89
N ILE V 126 139.13 -19.19 -26.19
CA ILE V 126 137.78 -18.81 -25.82
C ILE V 126 136.77 -19.39 -26.81
N LYS V 127 135.51 -19.37 -26.41
CA LYS V 127 134.46 -19.94 -27.25
C LYS V 127 134.04 -18.98 -28.34
N VAL V 128 133.33 -19.53 -29.34
CA VAL V 128 132.95 -18.74 -30.50
C VAL V 128 131.85 -17.77 -30.14
N GLY V 129 131.86 -16.60 -30.79
CA GLY V 129 131.02 -15.49 -30.42
C GLY V 129 131.61 -14.59 -29.36
N GLU V 130 132.52 -15.10 -28.55
CA GLU V 130 133.10 -14.39 -27.41
C GLU V 130 134.38 -13.68 -27.82
N THR V 131 135.13 -13.24 -26.82
CA THR V 131 136.44 -12.64 -27.03
C THR V 131 137.40 -13.16 -25.97
N THR V 132 138.68 -12.85 -26.18
CA THR V 132 139.76 -13.21 -25.27
C THR V 132 139.60 -12.48 -23.94
N PRO V 133 140.23 -12.99 -22.84
CA PRO V 133 140.25 -12.22 -21.58
C PRO V 133 141.27 -11.09 -21.52
N ASP V 134 141.37 -10.35 -22.62
CA ASP V 134 141.91 -9.00 -22.76
C ASP V 134 141.29 -8.45 -24.04
N LYS V 135 141.89 -7.42 -24.60
CA LYS V 135 141.28 -6.81 -25.77
C LYS V 135 141.75 -7.48 -27.07
N LEU V 136 141.26 -6.92 -28.17
CA LEU V 136 141.78 -7.00 -29.53
C LEU V 136 141.70 -8.38 -30.18
N PHE V 137 140.93 -9.33 -29.66
CA PHE V 137 140.70 -10.59 -30.38
C PHE V 137 139.27 -11.06 -30.16
N THR V 138 138.41 -10.87 -31.16
CA THR V 138 137.02 -11.29 -31.11
C THR V 138 136.76 -12.30 -32.21
N LEU V 139 136.33 -13.49 -31.82
CA LEU V 139 136.09 -14.61 -32.73
C LEU V 139 134.60 -14.82 -32.94
N ILE V 140 134.14 -14.69 -34.19
CA ILE V 140 132.78 -15.07 -34.56
C ILE V 140 132.83 -15.86 -35.86
N GLU V 141 131.85 -16.73 -36.04
CA GLU V 141 131.61 -17.40 -37.31
C GLU V 141 130.49 -16.66 -38.02
N VAL V 142 130.52 -16.72 -39.35
CA VAL V 142 129.59 -15.94 -40.17
C VAL V 142 129.16 -16.73 -41.39
N GLU V 143 128.22 -16.12 -42.11
CA GLU V 143 127.62 -16.68 -43.31
C GLU V 143 128.53 -16.38 -44.49
N CYS V 144 128.01 -16.60 -45.71
CA CYS V 144 128.82 -16.56 -46.92
C CYS V 144 129.45 -15.20 -47.20
N LEU V 145 130.73 -15.23 -47.54
CA LEU V 145 131.47 -14.02 -47.83
C LEU V 145 132.05 -13.98 -49.22
N GLY V 146 131.87 -15.05 -50.00
CA GLY V 146 132.27 -15.05 -51.39
C GLY V 146 133.56 -15.77 -51.72
N ALA V 147 134.16 -16.47 -50.77
CA ALA V 147 135.27 -17.38 -51.07
C ALA V 147 134.76 -18.81 -51.23
N CYS V 148 133.74 -18.98 -52.06
CA CYS V 148 133.04 -20.26 -52.17
C CYS V 148 133.84 -21.28 -52.95
N VAL V 149 134.87 -20.87 -53.66
CA VAL V 149 135.71 -21.78 -54.41
C VAL V 149 136.90 -22.23 -53.58
N ASN V 150 136.83 -22.05 -52.27
CA ASN V 150 138.00 -22.12 -51.42
C ASN V 150 137.66 -22.92 -50.17
N ALA V 151 138.56 -22.86 -49.20
CA ALA V 151 138.34 -23.40 -47.89
C ALA V 151 137.40 -22.46 -47.14
N PRO V 152 136.83 -22.88 -45.99
CA PRO V 152 136.15 -21.93 -45.12
C PRO V 152 137.06 -20.82 -44.66
N MET V 153 136.59 -19.59 -44.78
CA MET V 153 137.58 -18.53 -44.91
C MET V 153 137.76 -17.76 -43.62
N VAL V 154 138.87 -17.03 -43.54
CA VAL V 154 139.22 -16.25 -42.36
C VAL V 154 139.28 -14.79 -42.76
N GLN V 155 138.33 -14.00 -42.27
CA GLN V 155 138.31 -12.57 -42.52
C GLN V 155 138.85 -11.85 -41.30
N ILE V 156 139.85 -11.00 -41.52
CA ILE V 156 140.25 -10.03 -40.52
C ILE V 156 139.85 -8.69 -41.12
N ASN V 157 140.13 -7.58 -40.43
CA ASN V 157 139.50 -6.29 -40.74
C ASN V 157 139.84 -5.80 -42.14
N ASP V 158 138.84 -5.92 -43.02
CA ASP V 158 138.94 -5.61 -44.45
C ASP V 158 140.08 -6.36 -45.14
N ASN V 159 140.30 -7.61 -44.74
CA ASN V 159 141.29 -8.47 -45.39
C ASN V 159 140.82 -9.91 -45.37
N TYR V 160 141.06 -10.62 -46.47
CA TYR V 160 140.64 -11.99 -46.64
C TYR V 160 141.78 -12.98 -46.38
N TYR V 161 141.39 -14.22 -46.12
CA TYR V 161 142.31 -15.36 -46.09
C TYR V 161 141.56 -16.56 -46.64
N GLU V 162 142.10 -17.17 -47.69
CA GLU V 162 141.47 -18.26 -48.41
C GLU V 162 142.37 -19.48 -48.43
N ASP V 163 141.76 -20.64 -48.68
CA ASP V 163 142.44 -21.92 -48.92
C ASP V 163 143.35 -22.33 -47.77
N LEU V 164 142.78 -22.36 -46.57
CA LEU V 164 143.60 -22.57 -45.40
C LEU V 164 143.65 -24.06 -45.05
N THR V 165 144.42 -24.36 -44.00
CA THR V 165 144.70 -25.70 -43.52
C THR V 165 145.26 -25.52 -42.12
N PRO V 166 145.16 -26.52 -41.22
CA PRO V 166 145.51 -26.29 -39.80
C PRO V 166 146.94 -25.87 -39.53
N LYS V 167 147.91 -26.33 -40.32
CA LYS V 167 149.26 -25.81 -40.14
C LYS V 167 149.37 -24.36 -40.62
N ASP V 168 148.63 -23.99 -41.66
CA ASP V 168 148.58 -22.59 -42.05
C ASP V 168 147.82 -21.75 -41.03
N ILE V 169 146.79 -22.34 -40.40
CA ILE V 169 146.13 -21.71 -39.25
C ILE V 169 147.14 -21.36 -38.17
N GLU V 170 147.97 -22.35 -37.80
CA GLU V 170 148.96 -22.15 -36.73
C GLU V 170 149.99 -21.09 -37.11
N GLU V 171 150.45 -21.11 -38.35
CA GLU V 171 151.49 -20.16 -38.76
C GLU V 171 150.94 -18.74 -38.90
N ILE V 172 149.73 -18.59 -39.47
CA ILE V 172 149.11 -17.29 -39.60
C ILE V 172 148.82 -16.70 -38.22
N ILE V 173 148.31 -17.50 -37.28
CA ILE V 173 148.01 -16.92 -35.97
C ILE V 173 149.29 -16.69 -35.15
N ASP V 174 150.36 -17.47 -35.40
CA ASP V 174 151.66 -17.13 -34.82
C ASP V 174 152.13 -15.75 -35.26
N GLU V 175 152.00 -15.45 -36.56
CA GLU V 175 152.39 -14.13 -37.01
C GLU V 175 151.40 -13.05 -36.57
N LEU V 176 150.12 -13.39 -36.41
CA LEU V 176 149.12 -12.41 -35.98
C LEU V 176 149.32 -12.01 -34.52
N LYS V 177 149.47 -12.99 -33.63
CA LYS V 177 149.77 -12.70 -32.23
C LYS V 177 151.16 -12.09 -32.09
N ALA V 178 152.07 -12.38 -33.01
CA ALA V 178 153.36 -11.71 -33.03
C ALA V 178 153.32 -10.35 -33.73
N GLY V 179 152.22 -10.02 -34.41
CA GLY V 179 152.09 -8.72 -35.03
C GLY V 179 152.51 -8.64 -36.49
N LYS V 180 152.48 -9.76 -37.21
CA LYS V 180 152.84 -9.78 -38.63
C LYS V 180 151.64 -10.23 -39.44
N ILE V 181 151.36 -9.52 -40.53
CA ILE V 181 150.28 -9.87 -41.44
C ILE V 181 150.87 -10.44 -42.72
N PRO V 182 150.42 -11.61 -43.18
CA PRO V 182 150.87 -12.12 -44.48
C PRO V 182 150.13 -11.47 -45.63
N LYS V 183 150.32 -12.00 -46.84
CA LYS V 183 149.54 -11.55 -47.98
C LYS V 183 148.07 -11.92 -47.80
N PRO V 184 147.14 -10.99 -48.04
CA PRO V 184 145.72 -11.31 -47.85
C PRO V 184 145.08 -12.03 -49.03
N GLY V 185 145.89 -12.58 -49.93
CA GLY V 185 145.37 -13.34 -51.04
C GLY V 185 145.08 -14.78 -50.66
N PRO V 186 144.81 -15.63 -51.66
CA PRO V 186 144.51 -17.04 -51.38
C PRO V 186 145.74 -17.83 -50.95
N ARG V 187 145.55 -19.12 -50.65
CA ARG V 187 146.69 -19.98 -50.37
C ARG V 187 146.62 -21.22 -51.25
N SER V 188 147.51 -22.19 -51.00
CA SER V 188 147.67 -23.42 -51.79
C SER V 188 147.85 -23.12 -53.27
N GLY V 189 148.69 -22.12 -53.56
CA GLY V 189 148.84 -21.62 -54.91
C GLY V 189 147.61 -20.86 -55.35
N ARG V 190 147.40 -20.87 -56.67
CA ARG V 190 146.24 -20.31 -57.38
C ARG V 190 145.95 -18.86 -56.94
N PHE V 191 146.83 -17.97 -57.40
CA PHE V 191 146.82 -16.55 -57.02
C PHE V 191 145.55 -15.79 -57.41
N SER V 192 144.61 -16.40 -58.14
CA SER V 192 143.26 -15.89 -58.29
C SER V 192 142.32 -17.10 -58.20
N CYS V 193 141.07 -16.93 -58.60
CA CYS V 193 140.17 -18.08 -58.71
C CYS V 193 140.61 -18.92 -59.90
N GLU V 194 141.41 -19.94 -59.65
CA GLU V 194 142.08 -20.63 -60.74
C GLU V 194 141.78 -22.11 -60.72
N PRO V 195 141.69 -22.73 -61.89
CA PRO V 195 142.08 -24.14 -62.01
C PRO V 195 143.60 -24.22 -61.93
N ALA V 196 144.10 -25.11 -61.07
CA ALA V 196 145.53 -25.15 -60.81
C ALA V 196 146.33 -25.78 -61.93
N GLY V 197 145.68 -26.33 -62.96
CA GLY V 197 146.36 -27.06 -64.02
C GLY V 197 147.04 -26.16 -65.03
N GLY V 198 147.19 -26.69 -66.24
CA GLY V 198 147.98 -26.03 -67.27
C GLY V 198 147.18 -25.13 -68.19
N LEU V 199 146.53 -24.11 -67.60
CA LEU V 199 145.81 -23.05 -68.31
C LEU V 199 144.69 -23.62 -69.18
N THR V 200 143.69 -24.20 -68.48
CA THR V 200 142.52 -24.73 -69.17
C THR V 200 141.62 -23.64 -69.76
N SER V 201 141.83 -22.39 -69.36
CA SER V 201 141.21 -21.24 -70.00
C SER V 201 142.02 -20.85 -71.24
N LEU V 202 141.79 -19.62 -71.74
CA LEU V 202 142.39 -19.14 -72.97
C LEU V 202 143.91 -19.13 -72.89
N THR V 203 144.56 -19.39 -74.02
CA THR V 203 146.01 -19.50 -74.10
C THR V 203 146.65 -18.36 -74.86
N GLU V 204 146.09 -17.98 -76.01
CA GLU V 204 146.68 -16.91 -76.80
C GLU V 204 146.42 -15.55 -76.16
N PRO V 205 147.38 -14.64 -76.23
CA PRO V 205 147.14 -13.27 -75.77
C PRO V 205 146.18 -12.55 -76.70
N PRO V 206 145.04 -12.09 -76.18
CA PRO V 206 143.92 -11.73 -77.05
C PRO V 206 144.16 -10.43 -77.81
N LYS V 207 143.37 -10.28 -78.89
CA LYS V 207 143.49 -9.16 -79.80
C LYS V 207 142.52 -8.04 -79.44
N GLY V 208 141.23 -8.34 -79.49
CA GLY V 208 140.21 -7.35 -79.22
C GLY V 208 139.43 -6.97 -80.45
N PRO V 209 139.66 -5.76 -80.97
CA PRO V 209 138.91 -5.28 -82.13
C PRO V 209 139.43 -5.77 -83.47
N GLY V 210 140.51 -6.56 -83.49
CA GLY V 210 141.01 -7.08 -84.74
C GLY V 210 140.08 -8.11 -85.35
N PHE V 211 139.58 -9.02 -84.53
CA PHE V 211 138.46 -9.86 -84.91
C PHE V 211 137.16 -9.11 -84.58
N GLY V 212 136.02 -9.82 -84.65
CA GLY V 212 134.69 -9.27 -84.88
C GLY V 212 134.22 -8.00 -84.19
N VAL V 213 133.95 -6.98 -85.00
CA VAL V 213 133.40 -5.70 -84.53
C VAL V 213 132.10 -5.45 -85.29
N GLN V 214 131.45 -4.32 -85.02
CA GLN V 214 130.19 -4.02 -85.67
C GLN V 214 129.96 -2.51 -85.69
N ALA V 215 129.52 -2.01 -86.85
CA ALA V 215 129.09 -0.62 -87.08
C ALA V 215 130.19 0.40 -86.82
N GLY V 216 131.44 -0.02 -86.95
CA GLY V 216 132.57 0.87 -86.72
C GLY V 216 132.96 1.65 -87.95
N SER W 6 84.78 6.93 -67.63
CA SER W 6 85.55 7.91 -66.88
C SER W 6 85.74 7.48 -65.43
N ASN W 7 86.84 6.75 -65.19
CA ASN W 7 87.27 6.29 -63.87
C ASN W 7 86.22 5.41 -63.19
N LEU W 8 85.51 4.60 -63.97
CA LEU W 8 84.53 3.65 -63.46
C LEU W 8 84.91 2.27 -63.99
N ILE W 9 85.53 1.47 -63.13
CA ILE W 9 86.25 0.27 -63.51
C ILE W 9 85.43 -0.96 -63.18
N GLU W 10 85.30 -1.87 -64.14
CA GLU W 10 84.47 -3.06 -63.97
C GLU W 10 85.25 -4.15 -63.24
N VAL W 11 84.87 -4.42 -62.00
CA VAL W 11 85.37 -5.62 -61.37
C VAL W 11 84.18 -6.46 -60.93
N PHE W 12 84.40 -7.76 -60.91
CA PHE W 12 83.37 -8.74 -60.64
C PHE W 12 83.71 -9.36 -59.29
N VAL W 13 82.79 -9.24 -58.35
CA VAL W 13 82.88 -9.97 -57.09
C VAL W 13 82.08 -11.23 -57.29
N ASP W 14 82.80 -12.35 -57.50
CA ASP W 14 82.25 -13.69 -57.72
C ASP W 14 81.29 -13.73 -58.91
N GLY W 15 81.50 -12.85 -59.89
CA GLY W 15 80.64 -12.73 -61.05
C GLY W 15 79.82 -11.46 -61.10
N GLN W 16 79.61 -10.77 -59.98
CA GLN W 16 78.71 -9.63 -59.95
C GLN W 16 79.47 -8.32 -60.16
N SER W 17 78.95 -7.48 -61.04
CA SER W 17 79.68 -6.30 -61.49
C SER W 17 79.58 -5.15 -60.48
N VAL W 18 80.66 -4.36 -60.42
CA VAL W 18 80.71 -3.16 -59.61
C VAL W 18 81.75 -2.22 -60.19
N MET W 19 81.43 -0.91 -60.16
CA MET W 19 82.27 0.15 -60.70
C MET W 19 83.18 0.71 -59.61
N VAL W 20 84.47 0.78 -59.90
CA VAL W 20 85.52 1.03 -58.93
C VAL W 20 86.48 2.07 -59.49
N GLU W 21 86.82 3.07 -58.66
CA GLU W 21 87.78 4.09 -59.03
C GLU W 21 89.18 3.49 -59.18
N PRO W 22 90.01 4.05 -60.07
CA PRO W 22 91.41 3.61 -60.14
C PRO W 22 92.19 4.12 -58.95
N GLY W 23 93.15 3.31 -58.50
CA GLY W 23 93.91 3.58 -57.31
C GLY W 23 93.32 2.96 -56.06
N THR W 24 92.00 2.87 -55.99
CA THR W 24 91.35 2.16 -54.89
C THR W 24 91.58 0.66 -55.02
N THR W 25 91.66 -0.01 -53.88
CA THR W 25 92.18 -1.36 -53.81
C THR W 25 91.10 -2.40 -54.05
N VAL W 26 91.49 -3.67 -53.90
CA VAL W 26 90.54 -4.77 -53.91
C VAL W 26 89.59 -4.67 -52.73
N LEU W 27 90.13 -4.23 -51.59
CA LEU W 27 89.39 -4.27 -50.35
C LEU W 27 88.27 -3.23 -50.32
N GLN W 28 88.52 -2.05 -50.90
CA GLN W 28 87.46 -1.05 -50.93
C GLN W 28 86.36 -1.45 -51.92
N ALA W 29 86.69 -2.22 -52.96
CA ALA W 29 85.68 -2.82 -53.81
C ALA W 29 84.82 -3.83 -53.07
N CYS W 30 85.47 -4.70 -52.29
CA CYS W 30 84.72 -5.70 -51.52
C CYS W 30 83.87 -5.05 -50.43
N GLU W 31 84.36 -3.95 -49.85
CA GLU W 31 83.55 -3.20 -48.90
C GLU W 31 82.41 -2.48 -49.61
N LYS W 32 82.58 -2.17 -50.88
CA LYS W 32 81.48 -1.60 -51.65
C LYS W 32 80.38 -2.63 -51.89
N VAL W 33 80.76 -3.88 -52.18
CA VAL W 33 79.73 -4.89 -52.46
C VAL W 33 79.19 -5.60 -51.23
N GLY W 34 79.85 -5.47 -50.08
CA GLY W 34 79.40 -6.12 -48.86
C GLY W 34 80.37 -7.12 -48.27
N MET W 35 81.45 -7.46 -48.95
CA MET W 35 82.43 -8.41 -48.44
C MET W 35 83.48 -7.74 -47.57
N GLN W 36 84.09 -8.55 -46.72
CA GLN W 36 85.32 -8.18 -46.04
C GLN W 36 86.35 -9.26 -46.26
N ILE W 37 87.61 -8.85 -46.23
CA ILE W 37 88.74 -9.77 -46.32
C ILE W 37 89.41 -9.74 -44.96
N PRO W 38 89.80 -10.88 -44.39
CA PRO W 38 90.53 -10.85 -43.12
C PRO W 38 91.89 -10.19 -43.26
N ARG W 39 92.23 -9.35 -42.29
CA ARG W 39 93.39 -8.48 -42.45
C ARG W 39 93.91 -8.07 -41.08
N PHE W 40 95.21 -7.84 -41.00
CA PHE W 40 95.83 -7.30 -39.79
C PHE W 40 96.53 -5.97 -40.03
N CYS W 41 97.45 -5.89 -40.97
CA CYS W 41 98.27 -4.68 -41.02
C CYS W 41 97.61 -3.56 -41.79
N TYR W 42 96.47 -3.81 -42.41
CA TYR W 42 95.68 -2.72 -42.93
C TYR W 42 94.86 -2.12 -41.80
N HIS W 43 94.56 -0.84 -41.92
CA HIS W 43 93.58 -0.21 -41.08
C HIS W 43 92.99 0.92 -41.92
N GLU W 44 91.66 1.06 -41.85
CA GLU W 44 90.95 1.90 -42.81
C GLU W 44 91.27 3.38 -42.67
N ARG W 45 91.76 3.83 -41.52
CA ARG W 45 92.14 5.23 -41.33
C ARG W 45 93.61 5.36 -40.98
N LEU W 46 94.45 4.46 -41.49
CA LEU W 46 95.88 4.56 -41.32
C LEU W 46 96.55 4.27 -42.65
N SER W 47 97.87 4.19 -42.64
CA SER W 47 98.65 3.96 -43.85
C SER W 47 98.51 2.51 -44.31
N VAL W 48 99.04 2.24 -45.49
CA VAL W 48 98.83 0.97 -46.18
C VAL W 48 100.17 0.33 -46.46
N ALA W 49 100.33 -0.91 -46.00
CA ALA W 49 101.46 -1.74 -46.41
C ALA W 49 100.99 -3.18 -46.46
N GLY W 50 101.80 -4.02 -47.09
CA GLY W 50 101.43 -5.40 -47.32
C GLY W 50 102.12 -6.35 -46.37
N ASN W 51 102.17 -6.00 -45.09
CA ASN W 51 103.01 -6.73 -44.15
C ASN W 51 102.38 -8.05 -43.74
N CYS W 52 101.10 -8.03 -43.36
CA CYS W 52 100.59 -9.10 -42.52
C CYS W 52 100.23 -10.36 -43.29
N ARG W 53 100.10 -10.28 -44.62
CA ARG W 53 99.96 -11.39 -45.55
C ARG W 53 98.60 -12.12 -45.41
N MET W 54 97.76 -11.72 -44.46
CA MET W 54 96.50 -12.42 -44.24
C MET W 54 95.49 -12.19 -45.37
N CYS W 55 95.56 -11.04 -46.04
CA CYS W 55 94.50 -10.65 -46.95
C CYS W 55 94.63 -11.27 -48.34
N LEU W 56 95.34 -12.39 -48.47
CA LEU W 56 95.52 -13.06 -49.76
C LEU W 56 94.19 -13.49 -50.37
N VAL W 57 94.15 -13.48 -51.70
CA VAL W 57 92.89 -13.69 -52.42
C VAL W 57 93.24 -14.20 -53.81
N GLU W 58 92.30 -14.92 -54.42
CA GLU W 58 92.50 -15.55 -55.71
C GLU W 58 91.65 -14.85 -56.76
N ILE W 59 92.26 -14.57 -57.89
CA ILE W 59 91.57 -14.03 -59.06
C ILE W 59 91.40 -15.18 -60.04
N GLU W 60 90.27 -15.21 -60.75
CA GLU W 60 90.09 -16.15 -61.85
C GLU W 60 91.15 -15.91 -62.93
N LYS W 61 91.77 -17.00 -63.39
CA LYS W 61 92.94 -17.00 -64.27
C LYS W 61 94.09 -16.19 -63.66
N ALA W 62 94.55 -16.65 -62.51
CA ALA W 62 95.70 -16.03 -61.86
C ALA W 62 96.49 -17.07 -61.07
N PRO W 63 97.66 -17.47 -61.55
CA PRO W 63 98.50 -18.43 -60.81
C PRO W 63 99.35 -17.80 -59.73
N LYS W 64 99.15 -16.53 -59.39
CA LYS W 64 99.97 -15.83 -58.40
C LYS W 64 99.03 -15.15 -57.42
N VAL W 65 99.03 -15.63 -56.17
CA VAL W 65 98.10 -15.15 -55.17
C VAL W 65 98.63 -13.87 -54.57
N VAL W 66 97.82 -12.81 -54.61
CA VAL W 66 98.26 -11.47 -54.25
C VAL W 66 97.60 -11.03 -52.96
N ALA W 67 98.22 -10.05 -52.30
CA ALA W 67 97.69 -9.48 -51.06
C ALA W 67 96.75 -8.34 -51.41
N ALA W 68 95.49 -8.46 -51.02
CA ALA W 68 94.44 -7.58 -51.50
C ALA W 68 94.38 -6.25 -50.77
N CYS W 69 95.31 -5.96 -49.87
CA CYS W 69 95.25 -4.69 -49.18
C CYS W 69 95.79 -3.55 -50.02
N ALA W 70 96.77 -3.83 -50.89
CA ALA W 70 97.53 -2.78 -51.56
C ALA W 70 97.70 -3.08 -53.04
N MET W 71 96.62 -3.41 -53.71
CA MET W 71 96.68 -3.68 -55.14
C MET W 71 96.02 -2.56 -55.93
N PRO W 72 96.73 -1.92 -56.87
CA PRO W 72 96.07 -1.03 -57.82
C PRO W 72 95.21 -1.86 -58.76
N VAL W 73 93.96 -1.46 -58.91
CA VAL W 73 92.95 -2.26 -59.59
C VAL W 73 92.86 -1.81 -61.04
N MET W 74 93.23 -2.70 -61.95
CA MET W 74 93.09 -2.48 -63.39
C MET W 74 91.65 -2.77 -63.81
N LYS W 75 91.36 -2.58 -65.10
CA LYS W 75 89.99 -2.74 -65.58
C LYS W 75 89.64 -4.21 -65.72
N GLY W 76 88.44 -4.57 -65.26
CA GLY W 76 87.89 -5.87 -65.55
C GLY W 76 88.51 -7.00 -64.77
N TRP W 77 88.30 -7.00 -63.46
CA TRP W 77 88.76 -8.14 -62.68
C TRP W 77 87.59 -9.06 -62.32
N ASN W 78 87.92 -10.16 -61.65
CA ASN W 78 86.93 -11.06 -61.06
C ASN W 78 87.59 -11.77 -59.90
N ILE W 79 86.99 -11.66 -58.72
CA ILE W 79 87.64 -11.94 -57.46
C ILE W 79 86.93 -13.09 -56.77
N LEU W 80 87.68 -14.16 -56.49
CA LEU W 80 87.15 -15.31 -55.75
C LEU W 80 87.40 -15.12 -54.26
N THR W 81 86.32 -15.06 -53.48
CA THR W 81 86.42 -14.93 -52.04
C THR W 81 85.88 -16.16 -51.30
N ASN W 82 85.67 -17.27 -52.01
CA ASN W 82 85.25 -18.51 -51.39
C ASN W 82 85.91 -19.73 -52.03
N SER W 83 86.98 -19.53 -52.80
CA SER W 83 87.53 -20.59 -53.63
C SER W 83 88.38 -21.53 -52.79
N GLU W 84 89.15 -22.38 -53.46
CA GLU W 84 89.87 -23.46 -52.79
C GLU W 84 91.16 -22.95 -52.17
N LYS W 85 92.09 -22.46 -53.00
CA LYS W 85 93.37 -22.04 -52.47
C LYS W 85 93.28 -20.73 -51.70
N THR W 86 92.19 -19.99 -51.83
CA THR W 86 91.94 -18.84 -50.95
C THR W 86 91.89 -19.28 -49.49
N LYS W 87 91.00 -20.23 -49.20
CA LYS W 87 90.90 -20.77 -47.86
C LYS W 87 92.14 -21.54 -47.45
N LYS W 88 92.79 -22.21 -48.41
CA LYS W 88 94.04 -22.92 -48.09
C LYS W 88 95.14 -21.97 -47.66
N ALA W 89 95.28 -20.84 -48.36
CA ALA W 89 96.30 -19.87 -48.02
C ALA W 89 95.99 -19.19 -46.70
N ARG W 90 94.72 -18.87 -46.45
CA ARG W 90 94.36 -18.23 -45.18
C ARG W 90 94.58 -19.18 -44.00
N GLU W 91 94.25 -20.46 -44.15
CA GLU W 91 94.47 -21.41 -43.06
C GLU W 91 95.95 -21.66 -42.83
N GLY W 92 96.74 -21.65 -43.91
CA GLY W 92 98.19 -21.76 -43.77
C GLY W 92 98.77 -20.61 -42.98
N VAL W 93 98.45 -19.37 -43.38
CA VAL W 93 98.94 -18.18 -42.69
C VAL W 93 98.43 -18.12 -41.26
N MET W 94 97.23 -18.64 -41.02
CA MET W 94 96.71 -18.68 -39.66
C MET W 94 97.47 -19.66 -38.79
N GLU W 95 97.89 -20.80 -39.37
CA GLU W 95 98.74 -21.70 -38.61
C GLU W 95 100.14 -21.12 -38.41
N PHE W 96 100.56 -20.23 -39.31
CA PHE W 96 101.84 -19.56 -39.11
C PHE W 96 101.80 -18.56 -37.96
N LEU W 97 100.75 -17.72 -37.90
CA LEU W 97 100.73 -16.63 -36.93
C LEU W 97 100.60 -17.10 -35.50
N LEU W 98 99.98 -18.26 -35.28
CA LEU W 98 99.66 -18.72 -33.94
C LEU W 98 100.70 -19.69 -33.41
N ALA W 99 101.96 -19.53 -33.80
CA ALA W 99 103.05 -20.36 -33.30
C ALA W 99 103.89 -19.63 -32.27
N ASN W 100 104.31 -18.40 -32.56
CA ASN W 100 105.00 -17.58 -31.58
C ASN W 100 104.02 -16.59 -30.95
N HIS W 101 103.05 -17.15 -30.24
CA HIS W 101 102.12 -16.35 -29.45
C HIS W 101 101.81 -17.15 -28.19
N PRO W 102 102.05 -16.58 -27.01
CA PRO W 102 101.98 -17.38 -25.79
C PRO W 102 100.55 -17.60 -25.35
N LEU W 103 100.38 -18.68 -24.58
CA LEU W 103 99.07 -19.12 -24.09
C LEU W 103 98.62 -18.17 -22.98
N ASP W 104 98.11 -17.01 -23.38
CA ASP W 104 97.78 -15.96 -22.42
C ASP W 104 96.36 -15.43 -22.56
N CYS W 105 95.50 -16.08 -23.31
CA CYS W 105 94.14 -15.61 -23.57
C CYS W 105 93.25 -15.45 -22.33
N PRO W 106 93.46 -16.15 -21.20
CA PRO W 106 92.85 -15.66 -19.96
C PRO W 106 93.43 -14.34 -19.47
N ILE W 107 94.76 -14.27 -19.27
CA ILE W 107 95.36 -13.09 -18.65
C ILE W 107 95.53 -11.92 -19.61
N CYS W 108 95.17 -12.09 -20.87
CA CYS W 108 95.15 -10.97 -21.78
C CYS W 108 93.97 -10.07 -21.47
N ASP W 109 94.13 -8.78 -21.76
CA ASP W 109 93.06 -7.84 -21.47
C ASP W 109 92.07 -7.68 -22.60
N GLN W 110 92.44 -8.10 -23.81
CA GLN W 110 91.54 -8.01 -24.97
C GLN W 110 90.96 -9.37 -25.29
N GLY W 111 90.64 -10.14 -24.26
CA GLY W 111 90.13 -11.49 -24.46
C GLY W 111 88.76 -11.52 -25.12
N GLY W 112 87.90 -10.57 -24.76
CA GLY W 112 86.64 -10.47 -25.47
C GLY W 112 86.75 -9.78 -26.80
N GLU W 113 87.78 -8.97 -26.99
CA GLU W 113 87.91 -8.11 -28.17
C GLU W 113 89.24 -8.34 -28.85
N CYS W 114 89.56 -9.61 -29.07
CA CYS W 114 90.76 -9.97 -29.81
C CYS W 114 90.48 -9.90 -31.32
N ASP W 115 91.50 -10.22 -32.10
CA ASP W 115 91.37 -10.37 -33.53
C ASP W 115 91.90 -11.72 -34.00
N LEU W 116 92.99 -12.19 -33.38
CA LEU W 116 93.48 -13.54 -33.60
C LEU W 116 92.41 -14.57 -33.26
N GLN W 117 91.63 -14.32 -32.22
CA GLN W 117 90.60 -15.27 -31.81
C GLN W 117 89.47 -15.34 -32.82
N ASP W 118 88.96 -14.19 -33.26
CA ASP W 118 87.83 -14.19 -34.19
C ASP W 118 88.24 -14.71 -35.55
N GLN W 119 89.43 -14.34 -36.02
CA GLN W 119 89.86 -14.90 -37.30
C GLN W 119 90.32 -16.35 -37.19
N SER W 120 90.76 -16.80 -36.03
CA SER W 120 91.11 -18.20 -35.89
C SER W 120 89.89 -19.08 -35.76
N MET W 121 88.78 -18.55 -35.25
CA MET W 121 87.52 -19.26 -35.39
C MET W 121 87.07 -19.29 -36.84
N MET W 122 86.86 -18.12 -37.41
CA MET W 122 86.11 -18.10 -38.65
C MET W 122 86.94 -18.41 -39.88
N PHE W 123 88.27 -18.49 -39.76
CA PHE W 123 89.10 -18.69 -40.94
C PHE W 123 90.28 -19.62 -40.72
N GLY W 124 90.41 -20.25 -39.55
CA GLY W 124 91.61 -20.97 -39.19
C GLY W 124 91.43 -22.48 -39.14
N SER W 125 92.54 -23.16 -38.90
CA SER W 125 92.55 -24.60 -38.75
C SER W 125 92.33 -24.95 -37.28
N ASP W 126 92.44 -26.24 -36.93
CA ASP W 126 92.18 -26.55 -35.53
C ASP W 126 93.26 -27.39 -34.86
N ARG W 127 93.83 -28.35 -35.56
CA ARG W 127 94.77 -29.31 -34.95
C ARG W 127 96.17 -28.82 -35.27
N SER W 128 96.80 -28.15 -34.30
CA SER W 128 98.04 -27.43 -34.58
C SER W 128 99.23 -28.39 -34.67
N ARG W 129 100.41 -27.81 -34.83
CA ARG W 129 101.66 -28.53 -35.02
C ARG W 129 102.71 -27.81 -34.19
N PHE W 130 103.99 -28.08 -34.50
CA PHE W 130 105.14 -27.37 -33.93
C PHE W 130 105.20 -27.56 -32.41
N LEU W 131 105.57 -28.79 -32.05
CA LEU W 131 105.43 -29.29 -30.69
C LEU W 131 106.31 -28.57 -29.69
N GLU W 132 107.46 -28.02 -30.11
CA GLU W 132 108.42 -27.43 -29.19
C GLU W 132 108.93 -26.10 -29.73
N GLY W 133 109.06 -25.10 -28.85
CA GLY W 133 109.63 -23.82 -29.24
C GLY W 133 109.07 -22.61 -28.53
N LYS W 134 108.65 -21.59 -29.32
CA LYS W 134 107.95 -20.40 -28.85
C LYS W 134 108.79 -19.59 -27.85
N ARG W 135 109.82 -18.94 -28.38
CA ARG W 135 110.60 -18.00 -27.59
C ARG W 135 109.75 -16.84 -27.07
N ALA W 136 110.28 -16.16 -26.06
CA ALA W 136 109.58 -15.05 -25.42
C ALA W 136 110.51 -13.85 -25.32
N VAL W 137 109.92 -12.65 -25.28
CA VAL W 137 110.65 -11.39 -25.34
C VAL W 137 110.40 -10.61 -24.06
N GLU W 138 111.47 -10.08 -23.47
CA GLU W 138 111.39 -9.23 -22.30
C GLU W 138 110.66 -7.93 -22.62
N ASP W 139 109.81 -7.49 -21.70
CA ASP W 139 109.12 -6.23 -21.88
C ASP W 139 109.89 -5.09 -21.24
N LYS W 140 109.41 -3.87 -21.47
CA LYS W 140 109.85 -2.66 -20.78
C LYS W 140 108.69 -1.68 -20.86
N ASN W 141 108.52 -0.91 -19.78
CA ASN W 141 107.40 0.02 -19.70
C ASN W 141 107.56 1.15 -20.72
N ILE W 142 106.56 1.28 -21.58
CA ILE W 142 106.57 2.37 -22.54
C ILE W 142 106.20 3.68 -21.84
N GLY W 143 105.62 3.59 -20.65
CA GLY W 143 105.27 4.72 -19.84
C GLY W 143 104.58 4.26 -18.57
N PRO W 144 104.03 5.21 -17.80
CA PRO W 144 103.19 4.83 -16.66
C PRO W 144 101.75 4.59 -17.03
N LEU W 145 101.33 4.96 -18.24
CA LEU W 145 99.93 4.94 -18.60
C LEU W 145 99.54 3.80 -19.51
N VAL W 146 100.49 3.18 -20.20
CA VAL W 146 100.22 2.08 -21.13
C VAL W 146 101.04 0.88 -20.67
N LYS W 147 100.34 -0.16 -20.21
CA LYS W 147 101.01 -1.39 -19.85
C LYS W 147 101.49 -2.10 -21.11
N THR W 148 102.69 -2.65 -21.04
CA THR W 148 103.38 -3.19 -22.20
C THR W 148 103.84 -4.60 -21.92
N ILE W 149 103.39 -5.55 -22.75
CA ILE W 149 104.01 -6.86 -22.86
C ILE W 149 104.47 -7.00 -24.30
N MET W 150 105.77 -7.17 -24.49
CA MET W 150 106.35 -7.30 -25.81
C MET W 150 106.18 -8.70 -26.39
N THR W 151 105.57 -9.63 -25.66
CA THR W 151 105.56 -11.01 -26.09
C THR W 151 104.42 -11.30 -27.06
N ARG W 152 103.23 -10.77 -26.79
CA ARG W 152 102.06 -10.98 -27.62
C ARG W 152 102.05 -10.17 -28.90
N CYS W 153 103.12 -9.44 -29.22
CA CYS W 153 103.16 -8.64 -30.44
C CYS W 153 103.31 -9.56 -31.65
N ILE W 154 102.37 -9.46 -32.59
CA ILE W 154 102.41 -10.26 -33.80
C ILE W 154 103.18 -9.52 -34.88
N GLN W 155 103.81 -8.40 -34.50
CA GLN W 155 104.73 -7.63 -35.34
C GLN W 155 104.02 -7.11 -36.58
N CYS W 156 102.77 -6.69 -36.39
CA CYS W 156 101.92 -6.30 -37.49
C CYS W 156 102.30 -4.95 -38.06
N THR W 157 103.00 -4.13 -37.28
CA THR W 157 103.45 -2.78 -37.63
C THR W 157 102.25 -1.91 -38.00
N ARG W 158 101.45 -1.67 -36.98
CA ARG W 158 100.39 -0.68 -37.07
C ARG W 158 100.61 0.49 -36.13
N CYS W 159 101.17 0.23 -34.95
CA CYS W 159 101.53 1.30 -34.03
C CYS W 159 102.67 2.14 -34.59
N ILE W 160 103.61 1.51 -35.27
CA ILE W 160 104.82 2.17 -35.72
C ILE W 160 104.51 3.19 -36.80
N ARG W 161 103.71 2.80 -37.79
CA ARG W 161 103.37 3.71 -38.86
C ARG W 161 102.44 4.82 -38.38
N PHE W 162 101.58 4.50 -37.41
CA PHE W 162 100.78 5.53 -36.75
C PHE W 162 101.66 6.58 -36.09
N ALA W 163 102.68 6.14 -35.36
CA ALA W 163 103.61 7.08 -34.73
C ALA W 163 104.35 7.90 -35.77
N SER W 164 104.88 7.22 -36.80
CA SER W 164 105.71 7.83 -37.83
C SER W 164 104.96 8.86 -38.67
N GLU W 165 103.65 8.69 -38.82
CA GLU W 165 102.91 9.59 -39.69
C GLU W 165 102.00 10.55 -38.95
N ILE W 166 101.68 10.29 -37.69
CA ILE W 166 100.73 11.14 -37.00
C ILE W 166 101.32 11.68 -35.70
N ALA W 167 102.01 10.81 -34.93
CA ALA W 167 102.45 11.26 -33.62
C ALA W 167 103.68 12.16 -33.71
N GLY W 168 104.60 11.84 -34.61
CA GLY W 168 105.78 12.65 -34.81
C GLY W 168 106.82 12.53 -33.71
N VAL W 169 106.62 11.66 -32.73
CA VAL W 169 107.64 11.45 -31.70
C VAL W 169 108.77 10.61 -32.25
N ASP W 170 108.42 9.54 -32.99
CA ASP W 170 109.33 8.74 -33.81
C ASP W 170 110.41 8.08 -32.95
N ASP W 171 109.97 7.40 -31.89
CA ASP W 171 110.86 6.65 -31.02
C ASP W 171 110.52 5.16 -31.01
N LEU W 172 109.69 4.71 -31.93
CA LEU W 172 109.16 3.35 -31.91
C LEU W 172 109.53 2.69 -33.23
N GLY W 173 110.55 1.84 -33.20
CA GLY W 173 110.99 1.12 -34.38
C GLY W 173 111.22 -0.35 -34.07
N THR W 174 111.69 -1.05 -35.09
CA THR W 174 111.99 -2.47 -34.97
C THR W 174 113.49 -2.70 -34.96
N THR W 175 113.93 -3.57 -34.06
CA THR W 175 115.32 -3.94 -33.94
C THR W 175 115.45 -5.43 -34.23
N GLY W 176 116.66 -5.83 -34.62
CA GLY W 176 116.94 -7.21 -34.89
C GLY W 176 116.42 -7.64 -36.24
N ARG W 177 116.55 -8.94 -36.51
CA ARG W 177 116.14 -9.49 -37.80
C ARG W 177 115.44 -10.83 -37.59
N GLY W 178 114.67 -11.20 -38.63
CA GLY W 178 114.16 -12.55 -38.74
C GLY W 178 113.12 -12.85 -37.67
N ASN W 179 113.31 -13.98 -37.01
CA ASN W 179 112.52 -14.29 -35.82
C ASN W 179 112.80 -13.26 -34.73
N ASP W 180 114.06 -12.97 -34.49
CA ASP W 180 114.42 -12.10 -33.37
C ASP W 180 114.26 -10.65 -33.81
N MET W 181 113.01 -10.19 -33.81
CA MET W 181 112.70 -8.79 -34.04
C MET W 181 111.91 -8.27 -32.86
N GLN W 182 112.36 -7.17 -32.29
CA GLN W 182 111.67 -6.52 -31.19
C GLN W 182 111.10 -5.19 -31.64
N VAL W 183 109.99 -4.81 -31.03
CA VAL W 183 109.23 -3.63 -31.44
C VAL W 183 109.27 -2.64 -30.29
N GLY W 184 109.35 -1.35 -30.62
CA GLY W 184 109.17 -0.33 -29.61
C GLY W 184 110.33 0.64 -29.47
N THR W 185 111.05 0.54 -28.36
CA THR W 185 112.05 1.52 -27.98
C THR W 185 113.41 0.85 -27.91
N TYR W 186 114.43 1.49 -28.49
CA TYR W 186 115.78 0.98 -28.35
C TYR W 186 116.52 1.56 -27.16
N ILE W 187 116.28 2.82 -26.82
CA ILE W 187 117.06 3.50 -25.81
C ILE W 187 116.35 3.56 -24.47
N GLU W 188 115.30 2.74 -24.28
CA GLU W 188 114.59 2.59 -23.02
C GLU W 188 113.98 3.90 -22.52
N LYS W 189 113.66 4.79 -23.45
CA LYS W 189 113.11 6.10 -23.12
C LYS W 189 111.59 6.02 -23.11
N MET W 190 110.98 6.56 -22.06
CA MET W 190 109.54 6.49 -21.89
C MET W 190 108.82 7.38 -22.91
N PHE W 191 107.59 7.01 -23.21
CA PHE W 191 106.78 7.67 -24.22
C PHE W 191 105.63 8.39 -23.52
N MET W 192 105.79 9.70 -23.31
CA MET W 192 104.77 10.55 -22.71
C MET W 192 104.52 11.72 -23.66
N SER W 193 103.63 11.51 -24.61
CA SER W 193 103.22 12.57 -25.52
C SER W 193 101.70 12.62 -25.58
N GLU W 194 101.16 13.45 -26.47
CA GLU W 194 99.72 13.46 -26.66
C GLU W 194 99.27 12.21 -27.39
N LEU W 195 98.01 11.83 -27.12
CA LEU W 195 97.34 10.67 -27.70
C LEU W 195 98.09 9.37 -27.44
N SER W 196 98.82 9.30 -26.31
CA SER W 196 99.53 8.07 -25.96
C SER W 196 98.57 6.99 -25.50
N GLY W 197 97.35 7.36 -25.08
CA GLY W 197 96.34 6.37 -24.77
C GLY W 197 95.66 5.80 -25.99
N ASN W 198 95.81 6.43 -27.15
CA ASN W 198 95.19 5.98 -28.40
C ASN W 198 95.97 4.92 -29.12
N ILE W 199 96.78 4.15 -28.41
CA ILE W 199 97.45 2.99 -28.99
C ILE W 199 96.87 1.70 -28.46
N ILE W 200 95.96 1.76 -27.50
CA ILE W 200 95.26 0.56 -27.07
C ILE W 200 94.07 0.23 -27.95
N ASP W 201 93.63 1.17 -28.78
CA ASP W 201 92.57 0.90 -29.74
C ASP W 201 93.14 0.43 -31.07
N ILE W 202 94.44 0.62 -31.26
CA ILE W 202 95.09 0.40 -32.53
C ILE W 202 95.84 -0.92 -32.57
N CYS W 203 96.44 -1.29 -31.44
CA CYS W 203 97.13 -2.57 -31.34
C CYS W 203 96.13 -3.70 -31.44
N PRO W 204 96.12 -4.45 -32.55
CA PRO W 204 95.01 -5.37 -32.81
C PRO W 204 95.04 -6.62 -31.95
N VAL W 205 96.14 -6.87 -31.27
CA VAL W 205 96.24 -7.94 -30.31
C VAL W 205 96.37 -7.27 -28.94
N GLY W 206 96.40 -8.07 -27.88
CA GLY W 206 96.47 -7.48 -26.56
C GLY W 206 97.88 -7.21 -26.06
N ALA W 207 98.72 -6.64 -26.91
CA ALA W 207 100.10 -6.36 -26.51
C ALA W 207 100.20 -5.06 -25.72
N LEU W 208 99.88 -3.94 -26.37
CA LEU W 208 99.94 -2.63 -25.73
C LEU W 208 98.57 -2.30 -25.16
N THR W 209 98.40 -2.50 -23.86
CA THR W 209 97.10 -2.36 -23.23
C THR W 209 97.12 -1.21 -22.24
N SER W 210 95.97 -0.94 -21.66
CA SER W 210 95.85 0.18 -20.75
C SER W 210 96.36 -0.18 -19.36
N LYS W 211 97.24 0.66 -18.80
CA LYS W 211 97.71 0.43 -17.44
C LYS W 211 96.64 0.66 -16.37
N PRO W 212 95.89 1.79 -16.32
CA PRO W 212 94.94 1.92 -15.21
C PRO W 212 93.71 1.05 -15.35
N TYR W 213 93.31 0.71 -16.58
CA TYR W 213 92.15 -0.14 -16.80
C TYR W 213 92.43 -1.60 -16.47
N ALA W 214 93.71 -1.98 -16.43
CA ALA W 214 94.24 -3.29 -16.81
C ALA W 214 93.41 -4.50 -16.44
N PHE W 215 93.07 -4.66 -15.17
CA PHE W 215 92.44 -5.89 -14.74
C PHE W 215 91.17 -5.61 -13.92
N THR W 216 90.31 -4.72 -14.42
CA THR W 216 89.13 -4.34 -13.68
C THR W 216 87.83 -4.77 -14.32
N ALA W 217 87.87 -5.29 -15.55
CA ALA W 217 86.66 -5.73 -16.24
C ALA W 217 87.05 -6.74 -17.29
N ARG W 218 86.11 -7.03 -18.20
CA ARG W 218 86.23 -7.99 -19.28
C ARG W 218 85.14 -7.59 -20.26
N PRO W 219 85.39 -7.62 -21.58
CA PRO W 219 84.48 -6.93 -22.50
C PRO W 219 83.10 -7.55 -22.67
N TRP W 220 82.90 -8.85 -22.39
CA TRP W 220 81.59 -9.43 -22.65
C TRP W 220 80.61 -9.24 -21.49
N GLU W 221 80.92 -8.36 -20.54
CA GLU W 221 80.07 -8.14 -19.38
C GLU W 221 79.64 -6.70 -19.23
N THR W 222 79.99 -5.83 -20.18
CA THR W 222 79.78 -4.39 -20.09
C THR W 222 78.79 -3.96 -21.14
N ARG W 223 77.75 -3.23 -20.74
CA ARG W 223 76.82 -2.70 -21.71
C ARG W 223 77.20 -1.26 -22.04
N LYS W 224 76.94 -0.86 -23.28
CA LYS W 224 77.51 0.36 -23.81
C LYS W 224 76.50 1.48 -23.90
N THR W 225 76.98 2.72 -23.86
CA THR W 225 76.11 3.88 -23.93
C THR W 225 76.83 5.02 -24.67
N GLU W 226 76.09 5.70 -25.54
CA GLU W 226 76.55 6.91 -26.22
C GLU W 226 76.94 8.01 -25.24
N SER W 227 78.06 8.68 -25.51
CA SER W 227 78.48 9.82 -24.70
C SER W 227 79.30 10.78 -25.54
N ILE W 228 79.54 11.97 -24.98
CA ILE W 228 80.18 13.09 -25.65
C ILE W 228 81.45 13.43 -24.92
N ASP W 229 82.52 13.69 -25.68
CA ASP W 229 83.82 14.07 -25.13
C ASP W 229 83.72 15.38 -24.37
N VAL W 230 84.29 15.39 -23.18
CA VAL W 230 84.30 16.56 -22.31
C VAL W 230 85.73 17.00 -22.10
N MET W 231 85.89 18.16 -21.47
CA MET W 231 87.15 18.89 -21.29
C MET W 231 87.85 19.20 -22.61
N ASP W 232 87.08 19.28 -23.70
CA ASP W 232 87.55 19.72 -25.00
C ASP W 232 86.51 20.66 -25.58
N ALA W 233 86.63 20.96 -26.87
CA ALA W 233 85.60 21.68 -27.59
C ALA W 233 85.26 21.00 -28.91
N VAL W 234 85.59 19.71 -29.05
CA VAL W 234 85.44 19.00 -30.31
C VAL W 234 84.38 17.90 -30.21
N GLY W 235 84.32 17.17 -29.10
CA GLY W 235 83.24 16.20 -28.91
C GLY W 235 83.28 14.96 -29.77
N SER W 236 84.23 14.06 -29.52
CA SER W 236 84.30 12.77 -30.20
C SER W 236 83.10 11.89 -29.85
N ASN W 237 82.86 10.87 -30.66
CA ASN W 237 81.63 10.08 -30.52
C ASN W 237 81.88 8.97 -29.49
N ILE W 238 82.05 9.36 -28.24
CA ILE W 238 82.67 8.40 -27.33
C ILE W 238 81.60 7.50 -26.75
N VAL W 239 82.02 6.40 -26.14
CA VAL W 239 81.12 5.42 -25.59
C VAL W 239 81.58 5.09 -24.18
N VAL W 240 80.66 5.19 -23.24
CA VAL W 240 80.90 4.69 -21.89
C VAL W 240 80.48 3.22 -21.90
N SER W 241 81.46 2.34 -21.91
CA SER W 241 81.21 0.93 -21.71
C SER W 241 81.04 0.77 -20.22
N THR W 242 79.78 0.84 -19.79
CA THR W 242 79.39 0.87 -18.39
C THR W 242 79.18 -0.53 -17.86
N ARG W 243 79.35 -0.65 -16.55
CA ARG W 243 79.40 -1.95 -15.90
C ARG W 243 79.10 -1.78 -14.42
N THR W 244 78.23 -2.69 -13.93
CA THR W 244 77.87 -2.98 -12.52
C THR W 244 77.42 -1.76 -11.73
N GLY W 245 76.29 -1.18 -12.17
CA GLY W 245 75.73 0.00 -11.54
C GLY W 245 76.62 1.23 -11.64
N GLU W 246 77.64 1.15 -12.47
CA GLU W 246 78.82 2.01 -12.52
C GLU W 246 79.31 1.98 -13.96
N VAL W 247 80.60 2.19 -14.13
CA VAL W 247 81.10 2.59 -15.45
C VAL W 247 82.17 1.63 -15.91
N MET W 248 83.37 1.77 -15.34
CA MET W 248 84.55 0.92 -15.52
C MET W 248 85.17 0.85 -16.92
N ARG W 249 84.60 1.47 -17.97
CA ARG W 249 85.32 1.48 -19.25
C ARG W 249 84.83 2.63 -20.12
N ILE W 250 85.74 3.29 -20.84
CA ILE W 250 85.38 4.26 -21.87
C ILE W 250 86.21 4.02 -23.12
N LEU W 251 85.65 4.39 -24.27
CA LEU W 251 86.27 4.17 -25.57
C LEU W 251 85.80 5.27 -26.51
N PRO W 252 86.53 5.50 -27.63
CA PRO W 252 86.03 6.45 -28.62
C PRO W 252 85.25 5.79 -29.75
N ARG W 253 84.45 6.57 -30.47
CA ARG W 253 83.71 6.08 -31.63
C ARG W 253 83.65 7.18 -32.68
N MET W 254 83.53 6.73 -33.92
CA MET W 254 83.71 7.54 -35.10
C MET W 254 82.54 8.50 -35.32
N HIS W 255 82.83 9.63 -35.95
CA HIS W 255 81.81 10.54 -36.45
C HIS W 255 82.16 10.85 -37.90
N GLU W 256 81.19 11.43 -38.62
CA GLU W 256 81.34 11.79 -40.02
C GLU W 256 82.47 12.79 -40.23
N ASP W 257 82.30 13.98 -39.68
CA ASP W 257 83.23 15.08 -39.92
C ASP W 257 84.34 15.15 -38.89
N ILE W 258 84.02 14.92 -37.62
CA ILE W 258 84.91 15.28 -36.52
C ILE W 258 85.46 14.01 -35.88
N ASN W 259 86.72 14.11 -35.44
CA ASN W 259 87.32 13.26 -34.40
C ASN W 259 87.27 11.77 -34.77
N GLU W 260 88.05 11.42 -35.81
CA GLU W 260 87.88 10.17 -36.55
C GLU W 260 87.89 8.90 -35.70
N GLU W 261 89.03 8.56 -35.12
CA GLU W 261 89.10 7.32 -34.37
C GLU W 261 89.93 7.51 -33.11
N TRP W 262 89.90 8.70 -32.53
CA TRP W 262 90.89 9.07 -31.53
C TRP W 262 90.19 9.81 -30.40
N ILE W 263 90.99 10.13 -29.38
CA ILE W 263 90.50 10.80 -28.18
C ILE W 263 91.72 11.37 -27.48
N SER W 264 91.50 12.34 -26.59
CA SER W 264 92.56 12.80 -25.71
C SER W 264 92.92 11.71 -24.71
N ASP W 265 94.22 11.57 -24.44
CA ASP W 265 94.69 10.64 -23.41
C ASP W 265 94.16 11.04 -22.04
N LYS W 266 94.07 12.36 -21.80
CA LYS W 266 93.48 12.91 -20.58
C LYS W 266 92.05 12.46 -20.39
N THR W 267 91.25 12.54 -21.46
CA THR W 267 89.87 12.08 -21.42
C THR W 267 89.81 10.58 -21.19
N ARG W 268 90.65 9.82 -21.92
CA ARG W 268 90.63 8.36 -21.85
C ARG W 268 90.95 7.86 -20.46
N PHE W 269 91.88 8.51 -19.76
CA PHE W 269 92.20 8.10 -18.41
C PHE W 269 91.63 9.06 -17.38
N ALA W 270 90.58 9.78 -17.74
CA ALA W 270 89.89 10.72 -16.85
C ALA W 270 88.57 10.17 -16.35
N TYR W 271 88.51 8.88 -16.00
CA TYR W 271 87.31 8.34 -15.38
C TYR W 271 87.47 8.05 -13.89
N ASP W 272 88.70 7.79 -13.43
CA ASP W 272 88.94 7.61 -12.00
C ASP W 272 88.62 8.88 -11.23
N GLY W 273 89.17 10.00 -11.67
CA GLY W 273 88.89 11.29 -11.06
C GLY W 273 87.45 11.72 -11.20
N LEU W 274 86.75 11.21 -12.22
CA LEU W 274 85.30 11.34 -12.25
C LEU W 274 84.66 10.61 -11.08
N LYS W 275 85.16 9.42 -10.75
CA LYS W 275 84.56 8.64 -9.66
C LYS W 275 85.37 8.69 -8.36
N ARG W 276 86.17 9.74 -8.15
CA ARG W 276 87.15 9.68 -7.06
C ARG W 276 86.68 10.35 -5.77
N GLN W 277 86.35 11.64 -5.80
CA GLN W 277 86.10 12.38 -4.55
C GLN W 277 84.88 13.29 -4.68
N ARG W 278 83.80 12.77 -5.26
CA ARG W 278 82.66 13.59 -5.67
C ARG W 278 81.93 14.21 -4.49
N LEU W 279 81.28 15.34 -4.76
CA LEU W 279 80.38 15.94 -3.79
C LEU W 279 79.07 15.18 -3.80
N THR W 280 78.60 14.78 -2.61
CA THR W 280 77.48 13.86 -2.52
C THR W 280 76.30 14.34 -1.71
N GLU W 281 76.48 15.29 -0.81
CA GLU W 281 75.40 15.69 0.09
C GLU W 281 75.27 17.20 0.15
N PRO W 282 74.06 17.72 0.31
CA PRO W 282 73.89 19.17 0.50
C PRO W 282 74.40 19.58 1.87
N MET W 283 75.18 20.68 1.88
CA MET W 283 75.95 21.05 3.07
C MET W 283 75.77 22.51 3.42
N VAL W 284 75.62 22.77 4.72
CA VAL W 284 75.41 24.08 5.31
C VAL W 284 76.55 24.34 6.30
N ARG W 285 76.97 25.60 6.39
CA ARG W 285 77.95 25.98 7.39
C ARG W 285 77.36 25.91 8.80
N ASN W 286 78.24 25.72 9.78
CA ASN W 286 77.90 25.40 11.16
C ASN W 286 78.46 26.49 12.06
N GLU W 287 77.90 26.53 13.29
CA GLU W 287 77.93 27.70 14.18
C GLU W 287 79.34 28.16 14.50
N LYS W 288 80.27 27.23 14.71
CA LYS W 288 81.67 27.61 14.80
C LYS W 288 82.20 28.08 13.45
N GLY W 289 81.57 27.65 12.36
CA GLY W 289 81.94 28.04 11.02
C GLY W 289 82.34 26.83 10.22
N LEU W 290 81.76 25.67 10.56
CA LEU W 290 82.27 24.40 10.05
C LEU W 290 81.29 23.85 9.01
N LEU W 291 81.80 23.53 7.83
CA LEU W 291 80.96 23.03 6.74
C LEU W 291 80.50 21.62 7.08
N THR W 292 79.25 21.49 7.53
CA THR W 292 78.65 20.20 7.83
C THR W 292 77.55 19.89 6.83
N HIS W 293 77.07 18.66 6.86
CA HIS W 293 76.08 18.19 5.89
C HIS W 293 74.71 18.05 6.52
N THR W 294 73.68 18.10 5.67
CA THR W 294 72.31 18.01 6.15
C THR W 294 71.43 17.48 5.02
N THR W 295 70.14 17.36 5.32
CA THR W 295 69.12 16.96 4.37
C THR W 295 68.83 18.13 3.44
N TRP W 296 68.29 17.82 2.25
CA TRP W 296 67.90 18.83 1.28
C TRP W 296 66.81 19.76 1.80
N GLU W 297 66.00 19.30 2.77
CA GLU W 297 64.87 20.04 3.30
C GLU W 297 65.30 21.36 3.92
N ASP W 298 66.05 21.27 5.02
CA ASP W 298 66.44 22.45 5.78
C ASP W 298 67.41 23.31 4.99
N ALA W 299 68.30 22.68 4.22
CA ALA W 299 69.28 23.40 3.42
C ALA W 299 68.61 24.23 2.33
N LEU W 300 67.75 23.61 1.54
CA LEU W 300 67.11 24.35 0.46
C LEU W 300 66.03 25.29 0.97
N SER W 301 65.44 25.03 2.14
CA SER W 301 64.53 26.02 2.71
C SER W 301 65.29 27.26 3.16
N ARG W 302 66.48 27.08 3.75
CA ARG W 302 67.34 28.19 4.14
C ARG W 302 67.74 29.02 2.92
N VAL W 303 68.23 28.35 1.87
CA VAL W 303 68.68 29.04 0.67
C VAL W 303 67.52 29.70 -0.07
N ALA W 304 66.34 29.08 -0.07
CA ALA W 304 65.21 29.67 -0.77
C ALA W 304 64.64 30.87 -0.02
N GLY W 305 64.65 30.83 1.32
CA GLY W 305 64.24 32.00 2.08
C GLY W 305 65.22 33.16 1.91
N MET W 306 66.52 32.85 1.87
CA MET W 306 67.51 33.89 1.59
C MET W 306 67.36 34.45 0.19
N LEU W 307 66.93 33.62 -0.78
CA LEU W 307 66.69 34.15 -2.12
C LEU W 307 65.40 34.96 -2.18
N GLN W 308 64.44 34.66 -1.31
CA GLN W 308 63.28 35.53 -1.15
C GLN W 308 63.67 36.87 -0.54
N SER W 309 64.73 36.90 0.27
CA SER W 309 65.21 38.16 0.82
C SER W 309 65.85 39.06 -0.24
N CYS W 310 66.90 38.57 -0.88
CA CYS W 310 67.75 39.41 -1.73
C CYS W 310 67.09 39.73 -3.06
N GLN W 311 67.40 40.93 -3.56
CA GLN W 311 66.86 41.44 -4.82
C GLN W 311 67.98 42.19 -5.54
N GLY W 312 67.63 42.83 -6.65
CA GLY W 312 68.53 43.74 -7.33
C GLY W 312 69.53 43.07 -8.25
N ASN W 313 70.44 43.91 -8.74
CA ASN W 313 71.57 43.52 -9.59
C ASN W 313 72.66 42.80 -8.80
N ASP W 314 72.55 42.74 -7.48
CA ASP W 314 73.58 42.12 -6.64
C ASP W 314 73.36 40.64 -6.42
N VAL W 315 72.76 39.96 -7.39
CA VAL W 315 72.71 38.50 -7.38
C VAL W 315 73.29 38.00 -8.70
N ALA W 316 74.27 37.10 -8.58
CA ALA W 316 75.13 36.70 -9.69
C ALA W 316 75.17 35.18 -9.80
N ALA W 317 75.64 34.71 -10.94
CA ALA W 317 75.80 33.27 -11.14
C ALA W 317 76.92 32.99 -12.12
N ILE W 318 77.99 32.38 -11.64
CA ILE W 318 79.16 32.08 -12.45
C ILE W 318 79.06 30.65 -12.93
N ALA W 319 78.90 30.46 -14.23
CA ALA W 319 78.77 29.15 -14.85
C ALA W 319 80.10 28.78 -15.49
N GLY W 320 81.04 28.36 -14.65
CA GLY W 320 82.36 27.96 -15.11
C GLY W 320 82.45 26.45 -15.27
N GLY W 321 83.29 26.02 -16.21
CA GLY W 321 83.51 24.60 -16.41
C GLY W 321 82.30 23.89 -16.99
N LEU W 322 82.11 22.64 -16.55
CA LEU W 322 81.08 21.77 -17.10
C LEU W 322 79.75 22.08 -16.43
N VAL W 323 78.87 22.79 -17.12
CA VAL W 323 77.45 22.88 -16.79
C VAL W 323 76.65 22.57 -18.04
N ASP W 324 75.32 22.58 -17.91
CA ASP W 324 74.44 22.02 -18.90
C ASP W 324 73.76 23.09 -19.74
N ALA W 325 73.10 22.62 -20.79
CA ALA W 325 72.04 23.42 -21.40
C ALA W 325 70.88 23.61 -20.43
N GLU W 326 70.50 22.53 -19.74
CA GLU W 326 69.43 22.61 -18.75
C GLU W 326 69.82 23.50 -17.58
N ALA W 327 71.08 23.44 -17.16
CA ALA W 327 71.57 24.28 -16.07
C ALA W 327 71.49 25.74 -16.43
N LEU W 328 71.97 26.10 -17.62
CA LEU W 328 71.95 27.49 -18.05
C LEU W 328 70.53 27.99 -18.26
N ILE W 329 69.66 27.18 -18.85
CA ILE W 329 68.29 27.62 -19.09
C ILE W 329 67.53 27.77 -17.78
N ALA W 330 67.69 26.81 -16.86
CA ALA W 330 66.99 26.89 -15.58
C ALA W 330 67.51 28.03 -14.72
N LEU W 331 68.82 28.26 -14.77
CA LEU W 331 69.40 29.36 -14.01
C LEU W 331 69.01 30.71 -14.58
N LYS W 332 68.94 30.82 -15.92
CA LYS W 332 68.49 32.04 -16.56
C LYS W 332 67.04 32.33 -16.22
N ASP W 333 66.19 31.30 -16.26
CA ASP W 333 64.77 31.49 -15.96
C ASP W 333 64.55 31.87 -14.50
N LEU W 334 65.30 31.23 -13.58
CA LEU W 334 65.20 31.58 -12.17
C LEU W 334 65.65 33.01 -11.91
N LEU W 335 66.84 33.35 -12.39
CA LEU W 335 67.42 34.64 -12.06
C LEU W 335 66.73 35.78 -12.80
N ASN W 336 66.06 35.49 -13.93
CA ASN W 336 65.15 36.47 -14.50
C ASN W 336 63.89 36.58 -13.65
N ARG W 337 63.43 35.44 -13.11
CA ARG W 337 62.18 35.43 -12.37
C ARG W 337 62.29 36.16 -11.04
N VAL W 338 63.49 36.28 -10.45
CA VAL W 338 63.60 36.91 -9.14
C VAL W 338 63.34 38.41 -9.25
N ASP W 339 64.29 39.17 -9.79
CA ASP W 339 63.94 40.43 -10.43
C ASP W 339 64.82 40.70 -11.65
N SER W 340 66.11 40.41 -11.52
CA SER W 340 67.12 40.77 -12.50
C SER W 340 68.36 39.93 -12.20
N ASP W 341 69.39 40.15 -12.98
CA ASP W 341 70.46 39.17 -13.11
C ASP W 341 71.84 39.80 -13.13
N THR W 342 72.84 38.99 -12.80
CA THR W 342 74.09 39.02 -13.56
C THR W 342 74.62 37.59 -13.71
N LEU W 343 74.41 37.04 -14.90
CA LEU W 343 74.97 35.74 -15.29
C LEU W 343 76.37 35.98 -15.83
N CYS W 344 77.33 35.17 -15.38
CA CYS W 344 78.72 35.40 -15.73
C CYS W 344 79.38 34.06 -16.03
N THR W 345 80.46 34.13 -16.79
CA THR W 345 81.31 32.98 -17.08
C THR W 345 82.69 33.18 -16.48
N GLU W 346 83.43 32.08 -16.36
CA GLU W 346 84.78 32.16 -15.80
C GLU W 346 85.73 32.82 -16.80
N GLU W 347 85.91 32.21 -17.96
CA GLU W 347 86.78 32.78 -18.97
C GLU W 347 86.10 33.99 -19.61
N VAL W 348 86.70 35.16 -19.44
CA VAL W 348 86.07 36.39 -19.89
C VAL W 348 86.17 36.50 -21.40
N PHE W 349 85.01 36.70 -22.04
CA PHE W 349 84.98 36.91 -23.48
C PHE W 349 84.85 38.40 -23.74
N PRO W 350 85.91 39.07 -24.19
CA PRO W 350 85.84 40.54 -24.33
C PRO W 350 84.96 40.96 -25.50
N THR W 351 84.02 41.85 -25.20
CA THR W 351 83.14 42.43 -26.20
C THR W 351 83.33 43.94 -26.24
N ALA W 352 83.59 44.46 -27.44
CA ALA W 352 83.62 45.90 -27.69
C ALA W 352 82.89 46.29 -28.96
N GLY W 353 82.66 45.37 -29.89
CA GLY W 353 81.87 45.61 -31.07
C GLY W 353 80.66 44.71 -31.14
N ALA W 354 79.98 44.58 -29.99
CA ALA W 354 78.83 43.69 -29.78
C ALA W 354 79.20 42.23 -30.09
N GLY W 355 80.14 41.72 -29.31
CA GLY W 355 80.60 40.36 -29.46
C GLY W 355 79.70 39.29 -28.89
N THR W 356 78.68 39.68 -28.11
CA THR W 356 77.76 38.70 -27.54
C THR W 356 76.87 38.10 -28.62
N ASP W 357 76.13 38.94 -29.33
CA ASP W 357 75.40 38.56 -30.54
C ASP W 357 76.33 38.53 -31.75
N LEU W 358 75.75 38.54 -32.95
CA LEU W 358 76.47 38.39 -34.23
C LEU W 358 77.24 37.07 -34.27
N ARG W 359 76.43 36.00 -34.36
CA ARG W 359 76.75 34.59 -34.19
C ARG W 359 78.12 34.12 -34.69
N SER W 360 78.56 34.64 -35.83
CA SER W 360 79.75 34.10 -36.45
C SER W 360 81.06 34.54 -35.78
N ASN W 361 81.04 35.54 -34.89
CA ASN W 361 82.32 36.07 -34.45
C ASN W 361 82.98 35.26 -33.34
N TYR W 362 82.23 34.42 -32.63
CA TYR W 362 82.76 33.74 -31.45
C TYR W 362 83.03 32.25 -31.63
N LEU W 363 82.76 31.67 -32.81
CA LEU W 363 82.86 30.23 -32.95
C LEU W 363 83.75 29.85 -34.11
N LEU W 364 84.08 28.56 -34.17
CA LEU W 364 84.89 28.02 -35.26
C LEU W 364 84.02 27.95 -36.50
N ASN W 365 84.14 29.00 -37.33
CA ASN W 365 83.17 29.23 -38.40
C ASN W 365 83.35 28.23 -39.53
N THR W 366 84.55 27.70 -39.71
CA THR W 366 84.81 26.77 -40.79
C THR W 366 84.39 25.36 -40.36
N THR W 367 84.64 24.41 -41.25
CA THR W 367 84.35 23.00 -40.99
C THR W 367 85.61 22.34 -40.45
N ILE W 368 85.44 21.52 -39.40
CA ILE W 368 86.58 20.80 -38.83
C ILE W 368 87.17 19.84 -39.85
N ALA W 369 86.32 19.07 -40.53
CA ALA W 369 86.79 18.26 -41.65
C ALA W 369 87.18 19.12 -42.85
N GLY W 370 86.72 20.37 -42.91
CA GLY W 370 87.06 21.31 -43.95
C GLY W 370 88.41 21.97 -43.84
N VAL W 371 89.20 21.61 -42.82
CA VAL W 371 90.59 22.05 -42.81
C VAL W 371 91.39 21.25 -43.83
N GLU W 372 90.89 20.09 -44.24
CA GLU W 372 91.50 19.35 -45.34
C GLU W 372 91.22 20.02 -46.67
N GLU W 373 90.12 20.75 -46.75
CA GLU W 373 89.80 21.50 -47.95
C GLU W 373 90.66 22.75 -48.06
N ALA W 374 91.29 23.18 -46.98
CA ALA W 374 92.03 24.42 -46.90
C ALA W 374 93.35 24.35 -47.67
N ASP W 375 93.90 25.53 -47.96
CA ASP W 375 95.26 25.67 -48.46
C ASP W 375 96.13 26.54 -47.58
N VAL W 376 95.61 27.68 -47.11
CA VAL W 376 96.40 28.66 -46.38
C VAL W 376 95.73 28.87 -45.03
N VAL W 377 96.35 28.35 -43.97
CA VAL W 377 95.85 28.46 -42.62
C VAL W 377 96.91 29.16 -41.79
N LEU W 378 96.53 30.26 -41.14
CA LEU W 378 97.41 30.83 -40.14
C LEU W 378 96.80 30.64 -38.77
N LEU W 379 97.63 30.78 -37.75
CA LEU W 379 97.28 30.37 -36.40
C LEU W 379 97.74 31.45 -35.43
N VAL W 380 96.80 32.22 -34.91
CA VAL W 380 97.13 33.26 -33.95
C VAL W 380 96.87 32.76 -32.54
N GLY W 381 97.71 33.24 -31.62
CA GLY W 381 98.17 32.55 -30.43
C GLY W 381 97.32 31.62 -29.59
N THR W 382 97.78 30.37 -29.55
CA THR W 382 97.38 29.30 -28.64
C THR W 382 98.41 28.19 -28.79
N ASN W 383 98.13 27.03 -28.20
CA ASN W 383 98.94 25.83 -28.44
C ASN W 383 97.96 24.69 -28.72
N PRO W 384 97.63 24.45 -29.99
CA PRO W 384 96.55 23.52 -30.32
C PRO W 384 96.89 22.07 -30.10
N ARG W 385 98.15 21.74 -29.75
CA ARG W 385 98.46 20.39 -29.32
C ARG W 385 97.74 20.07 -28.03
N PHE W 386 97.57 21.05 -27.15
CA PHE W 386 96.92 20.82 -25.87
C PHE W 386 95.42 21.14 -25.94
N GLU W 387 95.09 22.37 -26.35
CA GLU W 387 93.70 22.73 -26.60
C GLU W 387 93.22 21.99 -27.84
N ALA W 388 92.29 21.04 -27.65
CA ALA W 388 91.68 20.20 -28.68
C ALA W 388 92.74 19.48 -29.51
N PRO W 389 93.37 18.42 -28.99
CA PRO W 389 94.47 17.78 -29.72
C PRO W 389 94.05 17.12 -31.03
N LEU W 390 92.79 16.74 -31.19
CA LEU W 390 92.36 16.10 -32.42
C LEU W 390 92.23 17.10 -33.56
N PHE W 391 91.99 18.36 -33.22
CA PHE W 391 92.07 19.46 -34.17
C PHE W 391 93.47 19.56 -34.77
N ASN W 392 94.50 19.51 -33.92
CA ASN W 392 95.88 19.52 -34.38
C ASN W 392 96.20 18.25 -35.17
N ALA W 393 95.63 17.12 -34.77
CA ALA W 393 95.90 15.87 -35.47
C ALA W 393 95.32 15.89 -36.88
N ARG W 394 94.12 16.45 -37.04
CA ARG W 394 93.54 16.55 -38.37
C ARG W 394 94.26 17.60 -39.21
N ILE W 395 94.77 18.66 -38.57
CA ILE W 395 95.61 19.62 -39.29
C ILE W 395 96.88 18.95 -39.79
N ARG W 396 97.50 18.09 -38.96
CA ARG W 396 98.73 17.43 -39.39
C ARG W 396 98.46 16.40 -40.47
N LYS W 397 97.31 15.72 -40.40
CA LYS W 397 96.97 14.77 -41.46
C LYS W 397 96.66 15.48 -42.77
N SER W 398 96.00 16.64 -42.70
CA SER W 398 95.76 17.43 -43.90
C SER W 398 97.05 17.98 -44.48
N TRP W 399 97.96 18.45 -43.62
CA TRP W 399 99.27 18.89 -44.08
C TRP W 399 100.07 17.75 -44.69
N LEU W 400 99.88 16.53 -44.17
CA LEU W 400 100.55 15.38 -44.74
C LEU W 400 100.00 15.07 -46.12
N HIS W 401 98.68 15.10 -46.28
CA HIS W 401 98.08 14.69 -47.55
C HIS W 401 98.11 15.80 -48.61
N ASN W 402 97.38 16.90 -48.38
CA ASN W 402 97.26 17.92 -49.42
C ASN W 402 97.97 19.22 -49.05
N ASP W 403 98.99 19.12 -48.18
CA ASP W 403 100.10 20.08 -48.07
C ASP W 403 99.62 21.50 -47.71
N LEU W 404 99.11 21.61 -46.48
CA LEU W 404 98.69 22.88 -45.94
C LEU W 404 99.85 23.89 -45.87
N LYS W 405 99.50 25.16 -45.92
CA LYS W 405 100.45 26.25 -45.75
C LYS W 405 100.07 26.93 -44.44
N VAL W 406 100.82 26.64 -43.38
CA VAL W 406 100.42 26.97 -42.02
C VAL W 406 101.39 27.97 -41.44
N ALA W 407 100.85 29.09 -40.94
CA ALA W 407 101.62 30.10 -40.22
C ALA W 407 101.25 30.13 -38.75
N LEU W 408 102.17 30.64 -37.94
CA LEU W 408 101.97 30.76 -36.50
C LEU W 408 102.40 32.13 -36.03
N ILE W 409 101.48 32.83 -35.37
CA ILE W 409 101.65 34.22 -34.94
C ILE W 409 101.27 34.33 -33.48
N GLY W 410 102.23 34.74 -32.65
CA GLY W 410 101.96 35.09 -31.27
C GLY W 410 102.98 34.58 -30.28
N SER W 411 103.50 33.37 -30.50
CA SER W 411 104.46 32.72 -29.61
C SER W 411 105.05 31.49 -30.27
N PRO W 412 106.35 31.24 -30.11
CA PRO W 412 106.94 29.98 -30.58
C PRO W 412 106.64 28.86 -29.61
N VAL W 413 105.84 27.89 -30.05
CA VAL W 413 105.36 26.84 -29.16
C VAL W 413 105.82 25.47 -29.65
N ASP W 414 105.39 24.43 -28.96
CA ASP W 414 105.82 23.07 -29.26
C ASP W 414 104.77 22.35 -30.11
N LEU W 415 104.63 22.81 -31.34
CA LEU W 415 103.88 22.10 -32.36
C LEU W 415 104.85 21.40 -33.30
N THR W 416 104.44 20.24 -33.81
CA THR W 416 105.40 19.35 -34.44
C THR W 416 105.11 19.04 -35.90
N TYR W 417 104.82 20.06 -36.73
CA TYR W 417 104.61 19.75 -38.13
C TYR W 417 105.20 20.79 -39.08
N ARG W 418 106.32 21.42 -38.69
CA ARG W 418 107.11 22.34 -39.51
C ARG W 418 106.25 23.53 -39.98
N TYR W 419 105.89 24.34 -38.99
CA TYR W 419 105.07 25.51 -39.21
C TYR W 419 105.92 26.69 -39.64
N ASP W 420 105.34 27.55 -40.49
CA ASP W 420 105.91 28.87 -40.69
C ASP W 420 105.63 29.72 -39.47
N HIS W 421 106.50 30.70 -39.22
CA HIS W 421 106.38 31.50 -38.01
C HIS W 421 106.52 32.97 -38.36
N LEU W 422 105.75 33.82 -37.68
CA LEU W 422 105.74 35.25 -38.00
C LEU W 422 105.82 36.09 -36.72
N GLY W 423 107.04 36.35 -36.27
CA GLY W 423 107.37 37.43 -35.36
C GLY W 423 106.71 37.55 -33.99
N ASP W 424 106.05 36.48 -33.54
CA ASP W 424 105.52 36.19 -32.20
C ASP W 424 104.98 37.38 -31.39
N SER W 425 104.29 38.32 -32.04
CA SER W 425 103.75 39.48 -31.32
C SER W 425 102.56 40.02 -32.07
N PRO W 426 101.47 40.41 -31.38
CA PRO W 426 100.25 40.84 -32.10
C PRO W 426 100.38 42.21 -32.74
N LYS W 427 101.35 43.02 -32.33
CA LYS W 427 101.63 44.23 -33.10
C LYS W 427 102.22 43.86 -34.45
N ILE W 428 102.99 42.77 -34.52
CA ILE W 428 103.43 42.26 -35.81
C ILE W 428 102.28 41.58 -36.54
N LEU W 429 101.24 41.11 -35.84
CA LEU W 429 100.02 40.68 -36.52
C LEU W 429 99.30 41.86 -37.18
N GLN W 430 99.29 43.03 -36.52
CA GLN W 430 98.76 44.20 -37.19
C GLN W 430 99.69 44.71 -38.27
N ASP W 431 100.99 44.40 -38.17
CA ASP W 431 101.91 44.66 -39.28
C ASP W 431 101.63 43.73 -40.46
N ILE W 432 101.14 42.52 -40.19
CA ILE W 432 100.63 41.66 -41.26
C ILE W 432 99.39 42.27 -41.89
N ALA W 433 98.47 42.75 -41.04
CA ALA W 433 97.20 43.27 -41.52
C ALA W 433 97.35 44.57 -42.29
N SER W 434 98.38 45.35 -42.01
CA SER W 434 98.62 46.60 -42.73
C SER W 434 99.69 46.45 -43.81
N GLY W 435 100.92 46.06 -43.42
CA GLY W 435 102.01 45.95 -44.34
C GLY W 435 102.21 44.53 -44.85
N SER W 436 103.26 44.39 -45.67
CA SER W 436 103.54 43.14 -46.37
C SER W 436 104.70 42.40 -45.73
N HIS W 437 104.69 41.09 -45.89
CA HIS W 437 105.62 40.16 -45.25
C HIS W 437 105.73 38.93 -46.15
N PRO W 438 106.80 38.12 -46.00
CA PRO W 438 106.93 36.93 -46.86
C PRO W 438 105.88 35.84 -46.67
N PHE W 439 104.98 35.96 -45.70
CA PHE W 439 103.76 35.16 -45.71
C PHE W 439 102.55 35.95 -46.18
N SER W 440 102.60 37.28 -46.08
CA SER W 440 101.44 38.09 -46.40
C SER W 440 101.16 38.14 -47.89
N GLN W 441 102.17 37.94 -48.73
CA GLN W 441 101.95 37.97 -50.18
C GLN W 441 101.13 36.76 -50.64
N VAL W 442 101.52 35.56 -50.22
CA VAL W 442 100.75 34.36 -50.52
C VAL W 442 99.43 34.38 -49.77
N LEU W 443 99.41 35.02 -48.60
CA LEU W 443 98.19 35.11 -47.80
C LEU W 443 97.14 35.99 -48.47
N GLN W 444 97.55 37.12 -49.05
CA GLN W 444 96.60 38.02 -49.70
C GLN W 444 96.24 37.55 -51.10
N GLU W 445 97.23 37.11 -51.89
CA GLU W 445 96.96 36.55 -53.20
C GLU W 445 96.79 35.05 -53.17
N ALA W 446 96.29 34.52 -52.06
CA ALA W 446 96.10 33.09 -51.88
C ALA W 446 94.79 32.66 -52.52
N LYS W 447 94.40 31.42 -52.22
CA LYS W 447 93.12 30.89 -52.68
C LYS W 447 92.16 30.66 -51.52
N LYS W 448 92.64 30.16 -50.40
CA LYS W 448 91.78 29.58 -49.36
C LYS W 448 92.23 30.03 -47.97
N PRO W 449 91.60 31.07 -47.41
CA PRO W 449 92.00 31.58 -46.09
C PRO W 449 91.26 31.00 -44.88
N MET W 450 92.01 30.37 -43.99
CA MET W 450 91.52 29.94 -42.70
C MET W 450 92.39 30.54 -41.61
N VAL W 451 91.78 31.19 -40.62
CA VAL W 451 92.58 31.88 -39.59
C VAL W 451 92.15 31.36 -38.22
N VAL W 452 92.95 30.47 -37.64
CA VAL W 452 92.57 29.83 -36.39
C VAL W 452 93.04 30.70 -35.23
N LEU W 453 92.10 31.25 -34.49
CA LEU W 453 92.39 32.08 -33.33
C LEU W 453 92.26 31.25 -32.06
N GLY W 454 93.21 31.43 -31.14
CA GLY W 454 93.12 30.83 -29.83
C GLY W 454 92.58 31.76 -28.75
N SER W 455 92.27 31.16 -27.60
CA SER W 455 91.64 31.88 -26.50
C SER W 455 92.47 31.83 -25.21
N SER W 456 93.76 31.48 -25.31
CA SER W 456 94.61 31.51 -24.13
C SER W 456 94.97 32.95 -23.74
N ALA W 457 95.33 33.76 -24.74
CA ALA W 457 95.64 35.17 -24.52
C ALA W 457 94.43 36.08 -24.69
N LEU W 458 93.23 35.53 -24.56
CA LEU W 458 92.00 36.31 -24.70
C LEU W 458 91.58 36.95 -23.37
N GLN W 459 92.17 36.54 -22.26
CA GLN W 459 91.75 37.06 -20.96
C GLN W 459 92.33 38.44 -20.68
N ARG W 460 93.47 38.78 -21.26
CA ARG W 460 93.99 40.14 -21.17
C ARG W 460 93.11 41.09 -21.97
N ASN W 461 93.25 42.39 -21.70
CA ASN W 461 92.37 43.39 -22.29
C ASN W 461 92.87 43.90 -23.64
N ASP W 462 93.59 43.08 -24.39
CA ASP W 462 93.97 43.37 -25.76
C ASP W 462 92.99 42.78 -26.76
N GLY W 463 91.80 42.37 -26.32
CA GLY W 463 90.93 41.56 -27.15
C GLY W 463 90.29 42.33 -28.29
N ALA W 464 89.99 43.61 -28.07
CA ALA W 464 89.23 44.40 -29.03
C ALA W 464 90.02 44.65 -30.31
N ALA W 465 91.26 45.11 -30.17
CA ALA W 465 92.05 45.44 -31.34
C ALA W 465 92.58 44.20 -32.04
N ILE W 466 92.88 43.12 -31.30
CA ILE W 466 93.30 41.89 -31.95
C ILE W 466 92.14 41.27 -32.71
N LEU W 467 90.94 41.31 -32.14
CA LEU W 467 89.76 40.82 -32.86
C LEU W 467 89.43 41.72 -34.05
N ALA W 468 89.74 43.03 -33.95
CA ALA W 468 89.55 43.93 -35.07
C ALA W 468 90.53 43.63 -36.20
N ALA W 469 91.78 43.31 -35.85
CA ALA W 469 92.77 42.94 -36.88
C ALA W 469 92.42 41.60 -37.53
N VAL W 470 91.85 40.67 -36.75
CA VAL W 470 91.34 39.42 -37.30
C VAL W 470 90.23 39.69 -38.30
N SER W 471 89.29 40.57 -37.93
CA SER W 471 88.20 40.94 -38.84
C SER W 471 88.71 41.67 -40.09
N ASN W 472 89.78 42.47 -39.95
CA ASN W 472 90.34 43.17 -41.09
C ASN W 472 91.00 42.21 -42.08
N ILE W 473 91.80 41.27 -41.55
CA ILE W 473 92.38 40.19 -42.37
C ILE W 473 91.28 39.40 -43.07
N ALA W 474 90.23 39.04 -42.32
CA ALA W 474 89.15 38.23 -42.85
C ALA W 474 88.41 38.92 -43.99
N GLN W 475 87.97 40.16 -43.74
CA GLN W 475 87.26 40.94 -44.74
C GLN W 475 88.13 41.22 -45.96
N LYS W 476 89.39 41.58 -45.73
CA LYS W 476 90.27 41.98 -46.84
C LYS W 476 90.61 40.80 -47.74
N ILE W 477 90.88 39.62 -47.15
CA ILE W 477 91.19 38.49 -48.02
C ILE W 477 89.92 37.90 -48.63
N ARG W 478 88.79 37.92 -47.92
CA ARG W 478 87.57 37.32 -48.46
C ARG W 478 86.99 38.17 -49.58
N THR W 479 87.09 39.50 -49.48
CA THR W 479 86.78 40.36 -50.60
C THR W 479 87.93 40.46 -51.59
N SER W 480 89.11 39.95 -51.25
CA SER W 480 90.26 39.90 -52.13
C SER W 480 90.35 38.52 -52.78
N SER W 481 91.48 38.27 -53.46
CA SER W 481 91.86 36.98 -54.08
C SER W 481 90.86 36.49 -55.11
N GLY W 482 90.15 37.40 -55.78
CA GLY W 482 89.25 37.03 -56.87
C GLY W 482 88.05 36.22 -56.47
N VAL W 483 87.62 36.30 -55.21
CA VAL W 483 86.53 35.48 -54.70
C VAL W 483 85.53 36.37 -53.99
N THR W 484 84.25 35.99 -54.08
CA THR W 484 83.19 36.68 -53.35
C THR W 484 82.93 36.06 -51.98
N GLY W 485 83.54 34.92 -51.68
CA GLY W 485 83.29 34.24 -50.43
C GLY W 485 83.16 32.74 -50.62
N ASP W 486 82.07 32.17 -50.10
CA ASP W 486 81.63 30.78 -50.21
C ASP W 486 82.55 29.80 -49.45
N TRP W 487 83.65 30.28 -48.88
CA TRP W 487 84.50 29.48 -48.00
C TRP W 487 85.23 30.46 -47.09
N LYS W 488 85.59 30.01 -45.89
CA LYS W 488 85.77 30.92 -44.77
C LYS W 488 87.21 30.91 -44.23
N VAL W 489 87.39 31.69 -43.16
CA VAL W 489 88.59 32.40 -42.71
C VAL W 489 88.62 32.27 -41.17
N MET W 490 89.18 33.23 -40.43
CA MET W 490 88.86 33.62 -39.03
C MET W 490 88.09 32.65 -38.10
N ASN W 491 88.39 31.36 -38.12
CA ASN W 491 87.72 30.47 -37.17
C ASN W 491 88.44 30.50 -35.82
N ILE W 492 87.70 30.76 -34.75
CA ILE W 492 88.32 30.85 -33.43
C ILE W 492 87.87 29.65 -32.62
N LEU W 493 88.65 29.31 -31.59
CA LEU W 493 88.28 28.17 -30.77
C LEU W 493 88.30 28.57 -29.29
N HIS W 494 87.96 27.60 -28.45
CA HIS W 494 87.76 27.83 -27.02
C HIS W 494 88.34 26.64 -26.28
N ARG W 495 88.01 26.52 -24.99
CA ARG W 495 88.33 25.32 -24.23
C ARG W 495 87.09 24.64 -23.66
N ILE W 496 86.21 25.39 -23.03
CA ILE W 496 85.07 24.83 -22.33
C ILE W 496 83.86 24.86 -23.26
N ALA W 497 83.06 23.78 -23.24
CA ALA W 497 81.86 23.71 -24.08
C ALA W 497 80.77 24.65 -23.58
N SER W 498 80.67 24.83 -22.26
CA SER W 498 79.65 25.70 -21.70
C SER W 498 79.92 27.16 -21.99
N GLN W 499 81.16 27.53 -22.33
CA GLN W 499 81.44 28.88 -22.82
C GLN W 499 80.70 29.17 -24.10
N VAL W 500 80.79 28.26 -25.07
CA VAL W 500 80.12 28.45 -26.35
C VAL W 500 78.61 28.31 -26.18
N ALA W 501 78.17 27.46 -25.23
CA ALA W 501 76.75 27.38 -24.94
C ALA W 501 76.22 28.68 -24.33
N ALA W 502 77.01 29.32 -23.46
CA ALA W 502 76.59 30.58 -22.85
C ALA W 502 76.60 31.71 -23.87
N LEU W 503 77.54 31.68 -24.81
CA LEU W 503 77.54 32.68 -25.89
C LEU W 503 76.37 32.47 -26.84
N ASP W 504 76.01 31.21 -27.09
CA ASP W 504 74.83 30.91 -27.90
C ASP W 504 73.55 31.27 -27.18
N LEU W 505 73.55 31.32 -25.86
CA LEU W 505 72.38 31.81 -25.15
C LEU W 505 72.41 33.32 -24.93
N GLY W 506 73.47 33.99 -25.34
CA GLY W 506 73.55 35.44 -25.21
C GLY W 506 73.68 35.92 -23.78
N TYR W 507 74.82 35.64 -23.15
CA TYR W 507 75.03 35.97 -21.75
C TYR W 507 76.08 37.04 -21.57
N LYS W 508 76.00 37.71 -20.44
CA LYS W 508 76.92 38.76 -20.03
C LYS W 508 78.28 38.13 -19.80
N PRO W 509 79.27 38.38 -20.65
CA PRO W 509 80.48 37.56 -20.61
C PRO W 509 81.44 37.98 -19.50
N GLY W 510 82.00 36.98 -18.83
CA GLY W 510 83.06 37.19 -17.86
C GLY W 510 82.56 37.76 -16.55
N VAL W 511 83.53 38.00 -15.65
CA VAL W 511 83.26 38.46 -14.29
C VAL W 511 83.37 39.98 -14.24
N GLU W 512 83.20 40.61 -15.40
CA GLU W 512 83.23 42.06 -15.51
C GLU W 512 82.13 42.71 -14.68
N ALA W 513 80.91 42.19 -14.80
CA ALA W 513 79.78 42.74 -14.04
C ALA W 513 79.89 42.43 -12.55
N ILE W 514 80.70 41.46 -12.16
CA ILE W 514 80.93 41.18 -10.75
C ILE W 514 82.01 42.11 -10.20
N ARG W 515 83.06 42.37 -10.97
CA ARG W 515 84.06 43.32 -10.51
C ARG W 515 83.56 44.76 -10.56
N LYS W 516 82.51 45.04 -11.34
CA LYS W 516 81.87 46.35 -11.28
C LYS W 516 80.88 46.43 -10.13
N ASN W 517 79.91 45.51 -10.10
CA ASN W 517 78.97 45.39 -8.98
C ASN W 517 79.31 44.13 -8.20
N PRO W 518 80.01 44.23 -7.08
CA PRO W 518 80.27 43.04 -6.26
C PRO W 518 79.00 42.59 -5.56
N PRO W 519 78.51 41.42 -5.89
CA PRO W 519 77.12 41.06 -5.57
C PRO W 519 76.94 40.53 -4.15
N LYS W 520 75.66 40.44 -3.76
CA LYS W 520 75.31 39.90 -2.44
C LYS W 520 75.29 38.37 -2.46
N MET W 521 74.38 37.80 -3.25
CA MET W 521 74.22 36.36 -3.37
C MET W 521 74.75 35.94 -4.72
N LEU W 522 75.50 34.84 -4.75
CA LEU W 522 75.87 34.32 -6.07
C LEU W 522 75.98 32.80 -6.05
N PHE W 523 75.80 32.24 -7.25
CA PHE W 523 75.74 30.80 -7.46
C PHE W 523 76.99 30.38 -8.22
N LEU W 524 77.85 29.62 -7.57
CA LEU W 524 79.08 29.14 -8.19
C LEU W 524 78.83 27.77 -8.79
N LEU W 525 78.52 27.74 -10.09
CA LEU W 525 78.32 26.48 -10.82
C LEU W 525 79.65 26.13 -11.47
N GLY W 526 80.40 25.25 -10.83
CA GLY W 526 81.68 24.83 -11.37
C GLY W 526 82.78 25.87 -11.23
N ALA W 527 83.11 26.21 -9.98
CA ALA W 527 84.16 27.20 -9.70
C ALA W 527 85.37 26.48 -9.16
N ASP W 528 86.40 26.36 -9.98
CA ASP W 528 87.67 25.80 -9.54
C ASP W 528 88.84 26.74 -9.81
N GLY W 529 88.80 27.50 -10.90
CA GLY W 529 89.82 28.48 -11.14
C GLY W 529 89.66 29.69 -10.24
N GLY W 530 90.72 30.48 -10.16
CA GLY W 530 90.74 31.63 -9.28
C GLY W 530 89.96 32.82 -9.80
N CYS W 531 88.63 32.72 -9.81
CA CYS W 531 87.79 33.81 -10.29
C CYS W 531 87.64 34.90 -9.25
N VAL W 532 87.04 34.58 -8.10
CA VAL W 532 86.81 35.55 -7.04
C VAL W 532 87.33 35.00 -5.72
N THR W 533 87.50 35.91 -4.76
CA THR W 533 87.75 35.59 -3.37
C THR W 533 86.67 36.26 -2.52
N ARG W 534 86.50 35.76 -1.30
CA ARG W 534 85.53 36.37 -0.40
C ARG W 534 85.99 37.71 0.12
N GLN W 535 87.31 37.92 0.23
CA GLN W 535 87.80 39.21 0.70
C GLN W 535 87.82 40.27 -0.39
N ASP W 536 87.43 39.91 -1.62
CA ASP W 536 87.24 40.86 -2.71
C ASP W 536 85.76 40.90 -3.03
N LEU W 537 84.94 40.95 -1.98
CA LEU W 537 83.50 40.76 -2.03
C LEU W 537 82.93 41.40 -0.77
N PRO W 538 81.73 42.01 -0.84
CA PRO W 538 81.22 42.76 0.31
C PRO W 538 80.74 41.88 1.44
N LYS W 539 80.12 42.49 2.46
CA LYS W 539 79.81 41.79 3.70
C LYS W 539 78.69 40.77 3.54
N ASP W 540 77.87 40.87 2.51
CA ASP W 540 76.95 39.79 2.13
C ASP W 540 77.77 38.71 1.43
N CYS W 541 78.36 37.83 2.22
CA CYS W 541 79.26 36.79 1.72
C CYS W 541 78.50 35.50 1.43
N PHE W 542 77.41 35.58 0.69
CA PHE W 542 76.49 34.45 0.57
C PHE W 542 76.61 33.81 -0.82
N ILE W 543 77.25 32.63 -0.86
CA ILE W 543 77.44 31.91 -2.10
C ILE W 543 76.86 30.50 -1.97
N VAL W 544 76.27 30.03 -3.05
CA VAL W 544 75.83 28.66 -3.17
C VAL W 544 76.76 28.00 -4.19
N TYR W 545 77.73 27.25 -3.70
CA TYR W 545 78.66 26.51 -4.54
C TYR W 545 78.02 25.17 -4.89
N GLN W 546 77.69 25.00 -6.16
CA GLN W 546 77.08 23.77 -6.66
C GLN W 546 78.05 23.11 -7.62
N GLY W 547 78.42 21.87 -7.33
CA GLY W 547 79.36 21.20 -8.19
C GLY W 547 79.67 19.75 -7.84
N HIS W 548 80.86 19.31 -8.20
CA HIS W 548 81.25 17.92 -8.06
C HIS W 548 82.76 17.81 -7.89
N HIS W 549 83.17 17.00 -6.92
CA HIS W 549 84.53 16.85 -6.39
C HIS W 549 85.25 18.20 -6.26
N GLY W 550 84.64 19.09 -5.48
CA GLY W 550 85.17 20.41 -5.26
C GLY W 550 86.48 20.44 -4.49
N ASP W 551 87.56 20.84 -5.16
CA ASP W 551 88.85 21.02 -4.50
C ASP W 551 89.03 22.48 -4.09
N VAL W 552 89.04 23.37 -5.07
CA VAL W 552 89.31 24.78 -4.83
C VAL W 552 87.99 25.53 -4.85
N GLY W 553 87.60 26.06 -3.69
CA GLY W 553 86.35 26.79 -3.53
C GLY W 553 85.38 26.10 -2.58
N ALA W 554 85.47 24.79 -2.46
CA ALA W 554 84.58 24.06 -1.57
C ALA W 554 84.90 24.23 -0.08
N PRO W 555 86.16 24.36 0.37
CA PRO W 555 86.36 24.85 1.74
C PRO W 555 86.04 26.33 1.92
N ILE W 556 86.06 27.11 0.84
CA ILE W 556 85.72 28.53 0.91
C ILE W 556 84.22 28.72 1.10
N ALA W 557 83.43 27.73 0.69
CA ALA W 557 82.04 27.91 0.33
C ALA W 557 81.12 28.08 1.53
N ASP W 558 79.87 28.44 1.22
CA ASP W 558 78.81 28.63 2.20
C ASP W 558 77.72 27.58 2.09
N VAL W 559 77.12 27.36 0.93
CA VAL W 559 76.18 26.24 0.79
C VAL W 559 76.64 25.33 -0.36
N ILE W 560 76.93 24.07 -0.04
CA ILE W 560 77.35 23.09 -1.02
C ILE W 560 76.11 22.38 -1.58
N LEU W 561 75.96 22.40 -2.91
CA LEU W 561 74.97 21.59 -3.59
C LEU W 561 75.64 20.57 -4.50
N PRO W 562 75.47 19.27 -4.25
CA PRO W 562 76.20 18.25 -5.00
C PRO W 562 75.63 17.96 -6.38
N GLY W 563 76.04 18.72 -7.39
CA GLY W 563 75.55 18.52 -8.73
C GLY W 563 76.08 17.25 -9.38
N ALA W 564 75.41 16.84 -10.45
CA ALA W 564 75.80 15.68 -11.22
C ALA W 564 76.82 16.07 -12.30
N ALA W 565 77.44 15.06 -12.90
CA ALA W 565 78.46 15.25 -13.92
C ALA W 565 77.94 14.83 -15.28
N TYR W 566 78.85 14.83 -16.27
CA TYR W 566 78.47 14.69 -17.68
C TYR W 566 77.94 13.30 -18.02
N THR W 567 78.40 12.26 -17.33
CA THR W 567 77.89 10.91 -17.57
C THR W 567 76.50 10.69 -17.01
N GLU W 568 76.00 11.59 -16.16
CA GLU W 568 74.91 11.29 -15.26
C GLU W 568 73.61 12.01 -15.64
N LYS W 569 73.58 12.71 -16.77
CA LYS W 569 72.42 13.53 -17.09
C LYS W 569 72.35 13.79 -18.58
N SER W 570 71.13 13.75 -19.11
CA SER W 570 70.90 13.90 -20.55
C SER W 570 70.97 15.37 -20.92
N ALA W 571 72.20 15.87 -20.99
CA ALA W 571 72.47 17.28 -21.24
C ALA W 571 72.99 17.48 -22.65
N THR W 572 72.48 18.52 -23.31
CA THR W 572 72.90 18.85 -24.67
C THR W 572 74.08 19.79 -24.62
N TYR W 573 75.20 19.37 -25.21
CA TYR W 573 76.41 20.18 -25.23
C TYR W 573 76.74 20.61 -26.65
N VAL W 574 77.60 21.62 -26.74
CA VAL W 574 77.94 22.29 -28.00
C VAL W 574 79.45 22.21 -28.17
N ASN W 575 79.89 21.80 -29.35
CA ASN W 575 81.31 21.82 -29.67
C ASN W 575 81.73 23.24 -30.09
N THR W 576 82.92 23.38 -30.65
CA THR W 576 83.41 24.70 -31.02
C THR W 576 82.81 25.24 -32.32
N GLU W 577 82.08 24.43 -33.07
CA GLU W 577 81.49 24.88 -34.33
C GLU W 577 79.96 24.84 -34.29
N GLY W 578 79.38 24.98 -33.10
CA GLY W 578 77.95 25.15 -32.97
C GLY W 578 77.12 23.89 -33.09
N ARG W 579 77.74 22.75 -33.37
CA ARG W 579 76.99 21.49 -33.48
C ARG W 579 76.55 21.02 -32.11
N ALA W 580 75.29 20.63 -32.00
CA ALA W 580 74.66 20.27 -30.73
C ALA W 580 74.63 18.75 -30.61
N GLN W 581 75.45 18.22 -29.71
CA GLN W 581 75.46 16.81 -29.35
C GLN W 581 74.88 16.64 -27.96
N GLN W 582 74.60 15.39 -27.58
CA GLN W 582 74.06 15.16 -26.25
C GLN W 582 74.50 13.81 -25.71
N THR W 583 74.44 13.68 -24.39
CA THR W 583 74.67 12.43 -23.68
C THR W 583 73.35 11.86 -23.19
N LYS W 584 73.42 10.61 -22.73
CA LYS W 584 72.33 9.96 -22.03
C LYS W 584 72.79 9.62 -20.63
N VAL W 585 71.83 9.31 -19.76
CA VAL W 585 72.15 9.02 -18.37
C VAL W 585 72.78 7.63 -18.32
N ALA W 586 74.10 7.57 -18.19
CA ALA W 586 74.77 6.28 -18.08
C ALA W 586 74.57 5.68 -16.70
N VAL W 587 74.93 6.42 -15.66
CA VAL W 587 74.79 5.99 -14.28
C VAL W 587 74.05 7.09 -13.53
N MET W 588 73.02 6.72 -12.78
CA MET W 588 72.41 7.68 -11.87
C MET W 588 73.39 8.02 -10.75
N PRO W 589 73.41 9.29 -10.29
CA PRO W 589 74.60 9.78 -9.58
C PRO W 589 74.71 9.20 -8.19
N PRO W 590 75.93 9.04 -7.67
CA PRO W 590 76.12 8.50 -6.33
C PRO W 590 76.02 9.58 -5.26
N GLY W 591 75.67 9.15 -4.06
CA GLY W 591 75.24 10.09 -3.05
C GLY W 591 73.78 10.43 -3.24
N LEU W 592 73.39 11.63 -2.81
CA LEU W 592 72.02 12.09 -3.11
C LEU W 592 71.94 12.66 -4.51
N ALA W 593 72.62 13.79 -4.75
CA ALA W 593 73.20 14.18 -6.03
C ALA W 593 72.18 14.23 -7.19
N ARG W 594 71.27 15.19 -7.10
CA ARG W 594 70.30 15.38 -8.17
C ARG W 594 70.96 16.14 -9.33
N GLU W 595 70.19 16.33 -10.41
CA GLU W 595 70.70 17.02 -11.60
C GLU W 595 70.71 18.52 -11.37
N ASP W 596 70.98 19.28 -12.44
CA ASP W 596 71.12 20.72 -12.31
C ASP W 596 69.78 21.44 -12.41
N TRP W 597 69.05 21.20 -13.50
CA TRP W 597 67.74 21.82 -13.69
C TRP W 597 66.75 21.32 -12.66
N LYS W 598 66.94 20.08 -12.20
CA LYS W 598 66.10 19.53 -11.14
C LYS W 598 66.29 20.28 -9.83
N ILE W 599 67.55 20.56 -9.47
CA ILE W 599 67.85 21.35 -8.28
C ILE W 599 67.34 22.78 -8.41
N ILE W 600 67.49 23.38 -9.59
CA ILE W 600 67.06 24.76 -9.76
C ILE W 600 65.54 24.88 -9.71
N ARG W 601 64.83 23.90 -10.28
CA ARG W 601 63.38 23.98 -10.26
C ARG W 601 62.82 23.61 -8.88
N ALA W 602 63.53 22.75 -8.13
CA ALA W 602 63.13 22.51 -6.75
C ALA W 602 63.39 23.72 -5.87
N LEU W 603 64.49 24.44 -6.15
CA LEU W 603 64.77 25.68 -5.42
C LEU W 603 63.71 26.73 -5.73
N SER W 604 63.26 26.80 -6.98
CA SER W 604 62.17 27.68 -7.34
C SER W 604 60.87 27.28 -6.67
N GLU W 605 60.65 25.98 -6.50
CA GLU W 605 59.43 25.51 -5.83
C GLU W 605 59.44 25.85 -4.35
N ILE W 606 60.57 25.67 -3.68
CA ILE W 606 60.66 25.95 -2.25
C ILE W 606 60.63 27.46 -2.01
N ALA W 607 61.23 28.24 -2.90
CA ALA W 607 61.06 29.67 -2.82
C ALA W 607 59.68 30.07 -3.32
N GLY W 608 59.34 31.34 -3.12
CA GLY W 608 58.01 31.83 -3.46
C GLY W 608 57.83 32.20 -4.91
N MET W 609 57.93 31.22 -5.81
CA MET W 609 57.73 31.39 -7.25
C MET W 609 57.58 29.99 -7.85
N THR W 610 57.62 29.91 -9.18
CA THR W 610 57.56 28.62 -9.86
C THR W 610 58.23 28.75 -11.23
N LEU W 611 58.58 27.59 -11.79
CA LEU W 611 59.11 27.50 -13.15
C LEU W 611 58.18 26.61 -13.96
N PRO W 612 57.61 27.11 -15.07
CA PRO W 612 56.54 26.38 -15.77
C PRO W 612 57.00 25.26 -16.69
N TYR W 613 57.86 24.38 -16.17
CA TYR W 613 58.22 23.14 -16.86
C TYR W 613 58.76 22.14 -15.85
N ASP W 614 58.49 20.86 -16.11
CA ASP W 614 58.82 19.80 -15.17
C ASP W 614 59.57 18.63 -15.81
N THR W 615 59.32 18.38 -17.10
CA THR W 615 59.90 17.24 -17.78
C THR W 615 60.84 17.71 -18.89
N LEU W 616 61.65 16.77 -19.39
CA LEU W 616 62.70 17.12 -20.33
C LEU W 616 62.15 17.49 -21.69
N ASP W 617 60.98 16.97 -22.06
CA ASP W 617 60.31 17.42 -23.28
C ASP W 617 59.90 18.88 -23.17
N GLN W 618 59.41 19.27 -22.01
CA GLN W 618 59.10 20.67 -21.74
C GLN W 618 60.37 21.51 -21.70
N VAL W 619 61.47 20.92 -21.19
CA VAL W 619 62.76 21.59 -21.16
C VAL W 619 63.23 21.91 -22.58
N ARG W 620 63.09 20.96 -23.49
CA ARG W 620 63.58 21.19 -24.84
C ARG W 620 62.62 22.01 -25.69
N ASN W 621 61.33 22.01 -25.38
CA ASN W 621 60.42 22.98 -25.98
C ASN W 621 60.79 24.39 -25.56
N ARG W 622 61.08 24.60 -24.27
CA ARG W 622 61.55 25.91 -23.84
C ARG W 622 62.95 26.21 -24.38
N LEU W 623 63.74 25.17 -24.63
CA LEU W 623 65.07 25.35 -25.21
C LEU W 623 64.97 25.89 -26.63
N GLU W 624 64.06 25.37 -27.43
CA GLU W 624 63.83 25.94 -28.75
C GLU W 624 63.19 27.31 -28.64
N GLU W 625 62.30 27.50 -27.67
CA GLU W 625 61.70 28.81 -27.45
C GLU W 625 62.63 29.81 -26.77
N VAL W 626 63.87 29.43 -26.51
CA VAL W 626 64.95 30.38 -26.29
C VAL W 626 65.82 30.53 -27.53
N SER W 627 66.18 29.40 -28.16
CA SER W 627 67.00 29.41 -29.37
C SER W 627 66.83 28.13 -30.18
N PRO W 628 66.65 28.22 -31.50
CA PRO W 628 66.39 27.03 -32.30
C PRO W 628 67.62 26.23 -32.68
N ASN W 629 68.81 26.62 -32.24
CA ASN W 629 70.03 25.92 -32.64
C ASN W 629 70.34 24.70 -31.78
N LEU W 630 69.46 24.32 -30.86
CA LEU W 630 69.78 23.25 -29.91
C LEU W 630 68.70 22.17 -29.91
N VAL W 631 68.03 21.96 -31.02
CA VAL W 631 67.12 20.82 -31.16
C VAL W 631 67.49 20.02 -32.39
N ARG W 632 68.12 20.66 -33.37
CA ARG W 632 68.54 19.98 -34.59
C ARG W 632 69.92 19.38 -34.36
N TYR W 633 69.91 18.20 -33.77
CA TYR W 633 71.15 17.55 -33.35
C TYR W 633 71.95 17.07 -34.54
N ASP W 634 73.28 17.18 -34.41
CA ASP W 634 74.26 16.69 -35.39
C ASP W 634 74.05 17.32 -36.77
N ASP W 635 73.66 18.59 -36.79
CA ASP W 635 73.53 19.36 -38.02
C ASP W 635 74.41 20.58 -37.92
N VAL W 636 75.35 20.71 -38.85
CA VAL W 636 76.32 21.78 -38.81
C VAL W 636 75.64 23.11 -39.15
N GLU W 637 75.94 24.14 -38.37
CA GLU W 637 75.32 25.46 -38.51
C GLU W 637 76.40 26.47 -38.84
N GLY W 638 76.18 27.25 -39.89
CA GLY W 638 77.16 28.23 -40.32
C GLY W 638 76.61 29.63 -40.45
N ALA W 639 77.11 30.54 -39.62
CA ALA W 639 76.62 31.90 -39.60
C ALA W 639 77.38 32.77 -40.60
N ASN W 640 77.04 34.04 -40.64
CA ASN W 640 77.40 34.93 -41.74
C ASN W 640 77.58 36.35 -41.20
N TYR W 641 77.45 37.33 -42.09
CA TYR W 641 77.37 38.77 -41.79
C TYR W 641 78.69 39.30 -41.25
N PHE W 642 79.76 39.03 -41.99
CA PHE W 642 81.09 39.45 -41.62
C PHE W 642 81.22 40.96 -41.72
N GLN W 643 80.59 41.55 -42.74
CA GLN W 643 80.61 43.01 -42.91
C GLN W 643 79.85 43.70 -41.79
N GLN W 644 78.73 43.12 -41.35
CA GLN W 644 77.96 43.72 -40.25
C GLN W 644 78.71 43.62 -38.93
N ALA W 645 79.38 42.49 -38.68
CA ALA W 645 80.21 42.36 -37.49
C ALA W 645 81.40 43.31 -37.53
N SER W 646 81.97 43.52 -38.73
CA SER W 646 83.12 44.41 -38.85
C SER W 646 82.72 45.87 -38.69
N GLU W 647 81.57 46.26 -39.24
CA GLU W 647 81.13 47.65 -39.09
C GLU W 647 80.59 47.92 -37.69
N LEU W 648 80.20 46.89 -36.94
CA LEU W 648 79.93 47.10 -35.53
C LEU W 648 81.20 47.07 -34.69
N SER W 649 82.28 46.46 -35.18
CA SER W 649 83.48 46.29 -34.37
C SER W 649 84.38 47.52 -34.33
N LYS W 650 84.06 48.58 -35.09
CA LYS W 650 84.95 49.72 -35.22
C LYS W 650 84.66 50.85 -34.23
N LEU W 651 84.12 50.53 -33.05
CA LEU W 651 83.76 51.60 -32.11
C LEU W 651 84.96 52.07 -31.31
N VAL W 652 85.53 51.21 -30.47
CA VAL W 652 86.62 51.55 -29.58
C VAL W 652 87.80 50.64 -29.87
N ASN W 653 88.95 51.25 -30.13
CA ASN W 653 90.19 50.50 -30.34
C ASN W 653 91.27 51.10 -29.44
N GLN W 654 92.28 50.28 -29.15
CA GLN W 654 93.32 50.63 -28.18
C GLN W 654 94.70 50.38 -28.78
N GLN W 655 95.69 51.03 -28.19
CA GLN W 655 97.08 50.63 -28.40
C GLN W 655 97.30 49.28 -27.74
N LEU W 656 98.08 48.43 -28.40
CA LEU W 656 98.29 47.08 -27.87
C LEU W 656 99.35 47.09 -26.79
N LEU W 657 99.31 46.06 -25.95
CA LEU W 657 100.36 45.89 -24.97
C LEU W 657 101.61 45.34 -25.66
N ALA W 658 102.76 45.89 -25.32
CA ALA W 658 104.01 45.54 -25.99
C ALA W 658 104.54 44.18 -25.61
N ASP W 659 103.91 43.48 -24.66
CA ASP W 659 104.34 42.14 -24.30
C ASP W 659 103.97 41.16 -25.39
N PRO W 660 104.92 40.37 -25.89
CA PRO W 660 104.56 39.25 -26.78
C PRO W 660 103.82 38.19 -25.97
N LEU W 661 102.73 37.67 -26.54
CA LEU W 661 101.89 36.75 -25.79
C LEU W 661 102.58 35.40 -25.62
N VAL W 662 102.21 34.70 -24.56
CA VAL W 662 102.82 33.43 -24.22
C VAL W 662 101.75 32.51 -23.62
N PRO W 663 101.67 31.26 -24.05
CA PRO W 663 100.62 30.37 -23.56
C PRO W 663 100.94 29.88 -22.16
N PRO W 664 99.92 29.67 -21.33
CA PRO W 664 100.14 28.86 -20.13
C PRO W 664 100.28 27.38 -20.47
N GLN W 665 99.53 26.88 -21.45
CA GLN W 665 99.59 25.50 -21.89
C GLN W 665 100.89 25.31 -22.67
N LEU W 666 101.98 25.12 -21.93
CA LEU W 666 103.32 25.09 -22.52
C LEU W 666 103.92 23.69 -22.56
N THR W 667 103.48 22.78 -21.71
CA THR W 667 104.10 21.45 -21.67
C THR W 667 103.08 20.42 -21.21
N ILE W 668 103.55 19.17 -21.14
CA ILE W 668 102.67 18.01 -20.97
C ILE W 668 102.12 17.94 -19.56
N LYS W 669 102.98 18.15 -18.56
CA LYS W 669 102.54 18.15 -17.17
C LYS W 669 101.61 19.33 -16.88
N ASP W 670 101.82 20.45 -17.59
CA ASP W 670 100.92 21.59 -17.46
C ASP W 670 99.56 21.29 -18.05
N PHE W 671 99.54 20.55 -19.17
CA PHE W 671 98.26 20.10 -19.74
C PHE W 671 97.56 19.13 -18.81
N TYR W 672 98.33 18.29 -18.12
CA TYR W 672 97.72 17.28 -17.26
C TYR W 672 97.07 17.89 -16.04
N MET W 673 97.86 18.57 -15.20
CA MET W 673 97.34 18.96 -13.89
C MET W 673 96.36 20.13 -13.93
N THR W 674 96.14 20.77 -15.08
CA THR W 674 95.28 21.95 -15.15
C THR W 674 93.89 21.58 -15.67
N ASP W 675 93.18 20.78 -14.87
CA ASP W 675 91.73 20.59 -14.88
C ASP W 675 91.32 19.83 -13.62
N SER W 676 90.00 19.78 -13.40
CA SER W 676 89.46 19.33 -12.12
C SER W 676 89.55 17.81 -11.97
N ILE W 677 89.31 17.07 -13.05
CA ILE W 677 89.27 15.62 -12.96
C ILE W 677 90.69 15.06 -12.80
N SER W 678 91.64 15.59 -13.58
CA SER W 678 93.03 15.17 -13.42
C SER W 678 93.61 15.71 -12.13
N ARG W 679 93.08 16.84 -11.64
CA ARG W 679 93.44 17.33 -10.32
C ARG W 679 92.93 16.39 -9.24
N ALA W 680 91.82 15.69 -9.51
CA ALA W 680 91.34 14.66 -8.59
C ALA W 680 92.17 13.38 -8.70
N SER W 681 92.28 12.83 -9.92
CA SER W 681 92.63 11.42 -10.14
C SER W 681 94.04 11.09 -9.67
N GLN W 682 94.17 9.87 -9.15
CA GLN W 682 95.47 9.36 -8.71
C GLN W 682 96.39 9.13 -9.90
N THR W 683 95.82 8.64 -11.01
CA THR W 683 96.64 8.14 -12.10
C THR W 683 97.30 9.28 -12.87
N MET W 684 96.65 10.44 -12.96
CA MET W 684 97.30 11.58 -13.58
C MET W 684 98.42 12.13 -12.71
N ALA W 685 98.28 12.06 -11.38
CA ALA W 685 99.40 12.39 -10.51
C ALA W 685 100.54 11.41 -10.69
N LYS W 686 100.21 10.13 -10.90
CA LYS W 686 101.22 9.10 -11.15
C LYS W 686 101.97 9.36 -12.45
N CYS W 687 101.25 9.74 -13.50
CA CYS W 687 101.94 9.98 -14.76
C CYS W 687 102.71 11.29 -14.75
N VAL W 688 102.27 12.29 -13.98
CA VAL W 688 103.05 13.52 -13.85
C VAL W 688 104.35 13.26 -13.10
N LYS W 689 104.26 12.54 -11.97
CA LYS W 689 105.48 12.22 -11.23
C LYS W 689 106.36 11.22 -11.96
N ALA W 690 105.81 10.48 -12.92
CA ALA W 690 106.62 9.63 -13.78
C ALA W 690 107.13 10.34 -15.03
N VAL W 691 106.59 11.51 -15.37
CA VAL W 691 107.26 12.39 -16.32
C VAL W 691 108.45 13.07 -15.66
N THR W 692 108.25 13.58 -14.44
CA THR W 692 109.33 14.24 -13.74
C THR W 692 110.41 13.26 -13.31
N GLU W 693 110.01 12.08 -12.83
CA GLU W 693 110.94 11.17 -12.18
C GLU W 693 110.97 9.80 -12.85
N ALA X 1 -32.65 -24.06 -39.19
CA ALA X 1 -33.66 -25.04 -38.84
C ALA X 1 -34.61 -24.46 -37.79
N ARG X 2 -34.47 -23.15 -37.55
CA ARG X 2 -35.42 -22.28 -36.86
C ARG X 2 -35.48 -22.52 -35.34
N GLN X 3 -34.86 -23.58 -34.86
CA GLN X 3 -34.82 -23.89 -33.45
C GLN X 3 -33.57 -23.26 -32.84
N TRP X 4 -33.69 -22.76 -31.62
CA TRP X 4 -32.53 -22.19 -30.96
C TRP X 4 -31.57 -23.28 -30.52
N GLN X 5 -30.28 -23.01 -30.71
CA GLN X 5 -29.24 -23.90 -30.26
C GLN X 5 -28.28 -23.16 -29.35
N PRO X 6 -27.68 -23.84 -28.38
CA PRO X 6 -26.66 -23.19 -27.55
C PRO X 6 -25.43 -22.84 -28.38
N ASP X 7 -24.70 -21.85 -27.88
CA ASP X 7 -23.81 -21.08 -28.75
C ASP X 7 -22.47 -20.88 -28.07
N VAL X 8 -21.69 -19.96 -28.64
CA VAL X 8 -20.29 -19.78 -28.27
C VAL X 8 -20.16 -19.20 -26.87
N GLU X 9 -21.08 -18.32 -26.48
CA GLU X 9 -20.96 -17.75 -25.14
C GLU X 9 -21.42 -18.74 -24.05
N TRP X 10 -22.41 -19.60 -24.35
CA TRP X 10 -22.72 -20.71 -23.45
C TRP X 10 -21.55 -21.67 -23.35
N ALA X 11 -20.85 -21.86 -24.47
CA ALA X 11 -19.67 -22.71 -24.49
C ALA X 11 -18.54 -22.11 -23.66
N GLU X 12 -18.40 -20.78 -23.70
CA GLU X 12 -17.41 -20.11 -22.87
C GLU X 12 -17.77 -20.18 -21.40
N GLN X 13 -19.08 -20.16 -21.09
CA GLN X 13 -19.49 -20.34 -19.70
C GLN X 13 -19.17 -21.74 -19.21
N TYR X 14 -19.49 -22.76 -20.00
CA TYR X 14 -19.31 -24.15 -19.58
C TYR X 14 -17.90 -24.65 -19.97
N GLY X 15 -16.91 -23.93 -19.50
CA GLY X 15 -15.53 -24.26 -19.79
C GLY X 15 -14.62 -23.55 -18.82
N GLY X 16 -13.42 -23.25 -19.27
CA GLY X 16 -12.47 -22.61 -18.38
C GLY X 16 -11.91 -23.61 -17.38
N ALA X 17 -11.53 -23.10 -16.21
CA ALA X 17 -11.03 -23.95 -15.13
C ALA X 17 -12.14 -24.34 -14.17
N VAL X 18 -12.77 -23.35 -13.53
CA VAL X 18 -13.94 -23.59 -12.71
C VAL X 18 -15.07 -22.73 -13.25
N MET X 19 -16.29 -23.13 -12.90
CA MET X 19 -17.49 -22.49 -13.43
C MET X 19 -17.66 -21.07 -12.90
N TYR X 20 -17.77 -20.92 -11.58
CA TYR X 20 -18.16 -19.65 -10.99
C TYR X 20 -16.92 -18.87 -10.58
N PRO X 21 -16.69 -17.68 -11.13
CA PRO X 21 -15.48 -16.94 -10.80
C PRO X 21 -15.58 -16.24 -9.45
N THR X 22 -14.41 -16.03 -8.85
CA THR X 22 -14.29 -15.28 -7.61
C THR X 22 -13.25 -14.18 -7.78
N LYS X 23 -12.84 -13.58 -6.66
CA LYS X 23 -11.68 -12.71 -6.64
C LYS X 23 -10.37 -13.50 -6.61
N GLU X 24 -10.43 -14.82 -6.53
CA GLU X 24 -9.25 -15.67 -6.35
C GLU X 24 -9.10 -16.71 -7.45
N THR X 25 -10.01 -16.77 -8.41
CA THR X 25 -10.03 -17.83 -9.41
C THR X 25 -9.06 -17.60 -10.56
N ALA X 26 -8.39 -16.44 -10.61
CA ALA X 26 -7.50 -16.12 -11.73
C ALA X 26 -6.25 -16.99 -11.76
N HIS X 27 -5.89 -17.59 -10.63
CA HIS X 27 -4.74 -18.48 -10.59
C HIS X 27 -5.05 -19.86 -11.14
N TRP X 28 -6.32 -20.26 -11.19
CA TRP X 28 -6.67 -21.52 -11.83
C TRP X 28 -6.65 -21.39 -13.35
N LYS X 29 -6.26 -22.47 -13.99
CA LYS X 29 -6.07 -22.59 -15.42
C LYS X 29 -6.74 -23.87 -15.91
N PRO X 30 -7.19 -23.92 -17.17
CA PRO X 30 -7.70 -25.18 -17.69
C PRO X 30 -6.58 -26.19 -17.84
N PRO X 31 -6.87 -27.48 -17.63
CA PRO X 31 -5.79 -28.47 -17.61
C PRO X 31 -5.27 -28.70 -19.02
N PRO X 32 -4.02 -29.14 -19.15
CA PRO X 32 -3.52 -29.52 -20.47
C PRO X 32 -4.15 -30.82 -20.93
N TRP X 33 -4.39 -30.91 -22.22
CA TRP X 33 -5.14 -32.03 -22.77
C TRP X 33 -4.28 -33.29 -22.81
N ASN X 34 -2.97 -33.12 -22.86
CA ASN X 34 -2.04 -34.23 -22.67
C ASN X 34 -1.94 -34.63 -21.21
N ASP X 35 -2.42 -33.77 -20.30
CA ASP X 35 -2.17 -33.85 -18.84
C ASP X 35 -0.68 -33.83 -18.51
N VAL X 36 0.13 -33.19 -19.34
CA VAL X 36 1.57 -33.13 -19.18
C VAL X 36 1.98 -31.67 -19.13
N ASP X 37 2.80 -31.31 -18.13
CA ASP X 37 3.40 -29.97 -18.05
C ASP X 37 4.92 -30.11 -18.10
N PRO X 38 5.49 -30.25 -19.30
CA PRO X 38 6.92 -30.61 -19.41
C PRO X 38 7.92 -29.56 -18.92
N PRO X 39 7.92 -28.31 -19.41
CA PRO X 39 9.21 -27.61 -19.49
C PRO X 39 9.72 -27.06 -18.16
N LYS X 40 10.82 -27.66 -17.69
CA LYS X 40 11.68 -27.05 -16.69
C LYS X 40 13.06 -27.64 -16.88
N ASP X 41 14.08 -26.87 -16.50
CA ASP X 41 15.46 -27.24 -16.76
C ASP X 41 16.23 -27.26 -15.44
N THR X 42 16.83 -28.41 -15.13
CA THR X 42 17.54 -28.63 -13.87
C THR X 42 19.01 -28.88 -14.18
N LEU X 43 19.79 -27.81 -14.25
CA LEU X 43 21.24 -27.90 -14.39
C LEU X 43 21.98 -27.16 -13.28
N VAL X 44 21.28 -26.83 -12.19
CA VAL X 44 21.94 -26.21 -11.04
C VAL X 44 22.86 -27.22 -10.36
N SER X 45 22.52 -28.50 -10.43
CA SER X 45 23.41 -29.55 -9.92
C SER X 45 24.45 -29.97 -10.95
N ASN X 46 25.15 -28.99 -11.51
CA ASN X 46 26.41 -29.22 -12.22
C ASN X 46 27.53 -28.96 -11.23
N LEU X 47 27.67 -29.87 -10.27
CA LEU X 47 28.36 -29.53 -9.04
C LEU X 47 29.87 -29.66 -9.21
N THR X 48 30.58 -28.64 -8.77
CA THR X 48 31.99 -28.50 -9.10
C THR X 48 32.86 -29.21 -8.07
N LEU X 49 34.07 -29.52 -8.49
CA LEU X 49 35.05 -30.17 -7.61
C LEU X 49 36.43 -29.86 -8.15
N ASN X 50 37.28 -29.31 -7.30
CA ASN X 50 38.64 -28.96 -7.67
C ASN X 50 39.56 -30.12 -7.33
N PHE X 51 39.74 -31.03 -8.27
CA PHE X 51 40.76 -32.05 -8.15
C PHE X 51 42.09 -31.33 -8.31
N GLY X 52 42.69 -30.92 -7.21
CA GLY X 52 43.67 -29.86 -7.24
C GLY X 52 45.10 -30.30 -7.38
N PRO X 53 46.03 -29.39 -7.09
CA PRO X 53 47.45 -29.61 -7.39
C PRO X 53 48.11 -30.70 -6.55
N GLN X 54 47.99 -30.59 -5.23
CA GLN X 54 48.81 -31.40 -4.34
C GLN X 54 48.25 -32.80 -4.11
N HIS X 55 47.18 -33.15 -4.80
CA HIS X 55 46.55 -34.44 -4.67
C HIS X 55 47.53 -35.55 -5.06
N PRO X 56 47.61 -36.64 -4.31
CA PRO X 56 48.66 -37.64 -4.57
C PRO X 56 48.43 -38.45 -5.82
N ALA X 57 47.18 -38.66 -6.23
CA ALA X 57 46.93 -39.31 -7.51
C ALA X 57 47.16 -38.37 -8.69
N ALA X 58 47.08 -37.06 -8.47
CA ALA X 58 47.51 -36.11 -9.49
C ALA X 58 49.02 -36.16 -9.56
N HIS X 59 49.53 -36.90 -10.54
CA HIS X 59 50.97 -37.16 -10.67
C HIS X 59 51.66 -35.87 -11.09
N GLY X 60 52.37 -35.25 -10.15
CA GLY X 60 52.82 -33.89 -10.33
C GLY X 60 51.76 -32.94 -9.82
N VAL X 61 51.42 -31.94 -10.63
CA VAL X 61 50.27 -31.07 -10.36
C VAL X 61 49.44 -30.93 -11.62
N LEU X 62 48.13 -30.98 -11.45
CA LEU X 62 47.17 -30.80 -12.53
C LEU X 62 45.89 -30.30 -11.90
N ARG X 63 45.58 -29.03 -12.05
CA ARG X 63 44.30 -28.55 -11.53
C ARG X 63 43.21 -29.09 -12.43
N LEU X 64 42.14 -29.58 -11.84
CA LEU X 64 41.13 -30.25 -12.64
C LEU X 64 39.78 -29.80 -12.10
N VAL X 65 39.15 -28.85 -12.80
CA VAL X 65 37.81 -28.44 -12.41
C VAL X 65 36.87 -29.46 -13.03
N MET X 66 36.41 -30.43 -12.23
CA MET X 66 35.43 -31.39 -12.72
C MET X 66 34.05 -30.90 -12.27
N GLU X 67 33.23 -30.52 -13.23
CA GLU X 67 31.85 -30.11 -12.99
C GLU X 67 31.01 -31.35 -13.27
N LEU X 68 30.73 -32.08 -12.21
CA LEU X 68 30.28 -33.45 -12.35
C LEU X 68 28.82 -33.58 -11.94
N SER X 69 28.17 -34.64 -12.43
CA SER X 69 27.05 -35.20 -11.69
C SER X 69 27.59 -36.34 -10.84
N GLY X 70 26.94 -36.54 -9.68
CA GLY X 70 27.50 -37.10 -8.47
C GLY X 70 28.14 -38.47 -8.57
N GLU X 71 29.48 -38.49 -8.48
CA GLU X 71 30.37 -39.63 -8.69
C GLU X 71 30.25 -40.26 -10.08
N MET X 72 29.55 -39.58 -10.99
CA MET X 72 29.37 -40.02 -12.36
C MET X 72 29.07 -38.71 -13.09
N VAL X 73 30.11 -38.14 -13.68
CA VAL X 73 30.46 -36.77 -14.07
C VAL X 73 29.48 -36.03 -14.97
N ARG X 74 29.83 -34.79 -15.35
CA ARG X 74 29.28 -34.19 -16.56
C ARG X 74 30.40 -33.69 -17.46
N LYS X 75 31.33 -32.94 -16.89
CA LYS X 75 32.45 -32.35 -17.60
C LYS X 75 33.66 -32.33 -16.69
N CYS X 76 34.83 -32.25 -17.31
CA CYS X 76 36.06 -32.04 -16.57
C CYS X 76 36.97 -31.17 -17.42
N ASP X 77 37.68 -30.26 -16.76
CA ASP X 77 38.58 -29.33 -17.45
C ASP X 77 39.96 -29.38 -16.79
N PRO X 78 40.97 -29.88 -17.50
CA PRO X 78 42.34 -29.82 -16.97
C PRO X 78 42.96 -28.46 -17.14
N HIS X 79 43.02 -27.71 -16.04
CA HIS X 79 43.78 -26.46 -16.00
C HIS X 79 45.21 -26.78 -15.64
N ILE X 80 46.11 -26.44 -16.56
CA ILE X 80 47.55 -26.61 -16.40
C ILE X 80 48.17 -25.27 -16.78
N GLY X 81 49.44 -25.11 -16.46
CA GLY X 81 50.09 -23.82 -16.44
C GLY X 81 50.39 -23.35 -15.05
N LEU X 82 49.98 -24.12 -14.04
CA LEU X 82 50.37 -23.83 -12.67
C LEU X 82 51.86 -24.03 -12.48
N LEU X 83 52.45 -24.93 -13.24
CA LEU X 83 53.90 -25.11 -13.24
C LEU X 83 54.53 -24.44 -14.47
N HIS X 84 54.32 -23.13 -14.62
CA HIS X 84 54.85 -22.40 -15.77
C HIS X 84 56.12 -21.65 -15.39
N ARG X 85 57.15 -21.77 -16.24
CA ARG X 85 58.48 -21.35 -15.86
C ARG X 85 59.15 -20.40 -16.85
N GLY X 86 58.61 -20.22 -18.05
CA GLY X 86 59.16 -19.23 -18.98
C GLY X 86 60.35 -19.69 -19.78
N THR X 87 60.43 -20.99 -20.09
CA THR X 87 61.62 -21.58 -20.64
C THR X 87 61.91 -21.11 -22.06
N GLU X 88 60.87 -20.86 -22.85
CA GLU X 88 61.09 -20.39 -24.21
C GLU X 88 61.68 -18.99 -24.23
N LYS X 89 61.18 -18.12 -23.35
CA LYS X 89 61.73 -16.76 -23.24
C LYS X 89 63.16 -16.80 -22.72
N LEU X 90 63.44 -17.73 -21.80
CA LEU X 90 64.80 -17.85 -21.29
C LEU X 90 65.79 -18.32 -22.34
N ILE X 91 65.39 -19.29 -23.18
CA ILE X 91 66.30 -19.73 -24.23
C ILE X 91 66.41 -18.67 -25.32
N GLU X 92 65.38 -17.83 -25.47
CA GLU X 92 65.55 -16.64 -26.30
C GLU X 92 66.61 -15.70 -25.74
N TYR X 93 66.74 -15.60 -24.42
CA TYR X 93 67.77 -14.74 -23.85
C TYR X 93 69.02 -15.50 -23.41
N LYS X 94 69.31 -16.65 -24.03
CA LYS X 94 70.54 -17.38 -23.75
C LYS X 94 71.12 -17.91 -25.05
N THR X 95 72.27 -18.59 -24.92
CA THR X 95 72.91 -19.27 -26.04
C THR X 95 72.62 -20.76 -25.97
N TYR X 96 73.25 -21.52 -26.86
CA TYR X 96 72.90 -22.93 -27.04
C TYR X 96 73.39 -23.78 -25.88
N LEU X 97 74.70 -23.78 -25.67
CA LEU X 97 75.31 -24.61 -24.65
C LEU X 97 74.92 -24.17 -23.25
N GLN X 98 74.64 -22.88 -23.08
CA GLN X 98 74.20 -22.39 -21.79
C GLN X 98 72.77 -22.78 -21.48
N ALA X 99 71.96 -23.09 -22.51
CA ALA X 99 70.54 -23.39 -22.29
C ALA X 99 70.20 -24.85 -22.56
N LEU X 100 71.20 -25.69 -22.80
CA LEU X 100 70.97 -27.13 -22.82
C LEU X 100 70.35 -27.73 -21.53
N PRO X 101 70.67 -27.28 -20.31
CA PRO X 101 69.93 -27.81 -19.15
C PRO X 101 68.45 -27.46 -19.11
N TYR X 102 67.94 -26.54 -19.93
CA TYR X 102 66.49 -26.44 -20.05
C TYR X 102 65.90 -27.69 -20.68
N PHE X 103 66.64 -28.30 -21.60
CA PHE X 103 66.22 -29.57 -22.16
C PHE X 103 66.67 -30.75 -21.33
N ASP X 104 67.52 -30.54 -20.33
CA ASP X 104 67.56 -31.49 -19.22
C ASP X 104 66.28 -31.44 -18.40
N ARG X 105 65.87 -30.24 -18.00
CA ARG X 105 64.88 -30.04 -16.95
C ARG X 105 63.46 -29.95 -17.45
N LEU X 106 63.23 -29.99 -18.77
CA LEU X 106 61.87 -29.78 -19.28
C LEU X 106 61.04 -31.03 -19.08
N ASP X 107 61.38 -32.09 -19.78
CA ASP X 107 60.93 -33.42 -19.38
C ASP X 107 61.95 -33.95 -18.39
N TYR X 108 61.47 -34.31 -17.22
CA TYR X 108 62.32 -34.66 -16.09
C TYR X 108 62.30 -36.15 -15.81
N VAL X 109 62.02 -36.93 -16.85
CA VAL X 109 62.11 -38.38 -16.81
C VAL X 109 63.08 -38.88 -17.88
N SER X 110 62.95 -38.35 -19.09
CA SER X 110 63.81 -38.72 -20.21
C SER X 110 65.04 -37.81 -20.23
N MET X 111 65.90 -38.02 -19.24
CA MET X 111 67.10 -37.21 -19.03
C MET X 111 68.14 -37.36 -20.14
N MET X 112 68.03 -38.40 -20.96
CA MET X 112 68.94 -38.62 -22.08
C MET X 112 68.25 -38.54 -23.42
N CYS X 113 66.95 -38.83 -23.48
CA CYS X 113 66.23 -38.81 -24.74
C CYS X 113 66.06 -37.39 -25.27
N ASN X 114 65.71 -36.44 -24.41
CA ASN X 114 65.52 -35.08 -24.89
C ASN X 114 66.85 -34.41 -25.20
N GLU X 115 67.90 -34.83 -24.50
CA GLU X 115 69.25 -34.40 -24.85
C GLU X 115 69.64 -34.91 -26.22
N GLN X 116 69.32 -36.19 -26.50
CA GLN X 116 69.49 -36.73 -27.85
C GLN X 116 68.69 -35.94 -28.88
N ALA X 117 67.47 -35.55 -28.52
CA ALA X 117 66.59 -34.82 -29.43
C ALA X 117 67.16 -33.44 -29.77
N TYR X 118 67.63 -32.72 -28.76
CA TYR X 118 68.15 -31.37 -29.01
C TYR X 118 69.52 -31.40 -29.68
N SER X 119 70.38 -32.37 -29.31
CA SER X 119 71.67 -32.47 -29.97
C SER X 119 71.52 -32.90 -31.42
N LEU X 120 70.58 -33.79 -31.72
CA LEU X 120 70.33 -34.13 -33.10
C LEU X 120 69.63 -33.01 -33.85
N ALA X 121 68.87 -32.17 -33.15
CA ALA X 121 68.32 -30.98 -33.78
C ALA X 121 69.43 -30.03 -34.22
N VAL X 122 70.42 -29.83 -33.36
CA VAL X 122 71.53 -28.94 -33.69
C VAL X 122 72.41 -29.55 -34.79
N GLU X 123 72.59 -30.87 -34.77
CA GLU X 123 73.39 -31.51 -35.81
C GLU X 123 72.66 -31.52 -37.16
N LYS X 124 71.33 -31.71 -37.15
CA LYS X 124 70.56 -31.67 -38.38
C LYS X 124 70.49 -30.26 -38.94
N LEU X 125 70.55 -29.26 -38.05
CA LEU X 125 70.65 -27.89 -38.50
C LEU X 125 72.03 -27.61 -39.08
N LEU X 126 73.06 -28.18 -38.47
CA LEU X 126 74.42 -27.72 -38.63
C LEU X 126 75.21 -28.56 -39.64
N ASN X 127 74.59 -29.60 -40.19
CA ASN X 127 75.18 -30.49 -41.22
C ASN X 127 76.45 -31.16 -40.72
N ILE X 128 76.34 -31.83 -39.57
CA ILE X 128 77.47 -32.53 -38.96
C ILE X 128 77.04 -33.91 -38.52
N GLN X 129 77.77 -34.93 -38.94
CA GLN X 129 77.62 -36.29 -38.46
C GLN X 129 78.55 -36.51 -37.27
N PRO X 130 78.06 -37.02 -36.14
CA PRO X 130 78.93 -37.38 -35.02
C PRO X 130 79.64 -38.69 -35.32
N PRO X 131 80.72 -39.01 -34.59
CA PRO X 131 81.36 -40.31 -34.80
C PRO X 131 80.45 -41.42 -34.31
N PRO X 132 80.56 -42.63 -34.88
CA PRO X 132 79.57 -43.67 -34.61
C PRO X 132 79.61 -44.24 -33.20
N ARG X 133 80.74 -44.15 -32.50
CA ARG X 133 80.80 -44.62 -31.11
C ARG X 133 79.87 -43.80 -30.22
N ALA X 134 79.85 -42.48 -30.43
CA ALA X 134 78.90 -41.63 -29.71
C ALA X 134 77.46 -41.94 -30.10
N GLN X 135 77.23 -42.34 -31.36
CA GLN X 135 75.90 -42.76 -31.79
C GLN X 135 75.45 -44.01 -31.04
N TRP X 136 76.34 -45.00 -30.92
CA TRP X 136 75.98 -46.22 -30.21
C TRP X 136 75.75 -45.97 -28.72
N ILE X 137 76.58 -45.13 -28.09
CA ILE X 137 76.40 -44.83 -26.67
C ILE X 137 75.13 -44.04 -26.44
N ARG X 138 74.80 -43.13 -27.35
CA ARG X 138 73.58 -42.34 -27.22
C ARG X 138 72.34 -43.21 -27.43
N VAL X 139 72.40 -44.20 -28.32
CA VAL X 139 71.27 -45.12 -28.50
C VAL X 139 71.13 -46.05 -27.30
N LEU X 140 72.27 -46.50 -26.74
CA LEU X 140 72.30 -47.27 -25.49
C LEU X 140 71.59 -46.52 -24.36
N PHE X 141 71.99 -45.28 -24.12
CA PHE X 141 71.34 -44.52 -23.05
C PHE X 141 69.93 -44.10 -23.42
N GLY X 142 69.61 -43.99 -24.71
CA GLY X 142 68.23 -43.74 -25.09
C GLY X 142 67.32 -44.88 -24.70
N GLU X 143 67.77 -46.11 -24.93
CA GLU X 143 66.98 -47.26 -24.49
C GLU X 143 66.98 -47.41 -22.98
N ILE X 144 68.07 -47.05 -22.32
CA ILE X 144 68.13 -47.12 -20.86
C ILE X 144 67.15 -46.13 -20.23
N THR X 145 67.13 -44.90 -20.72
CA THR X 145 66.21 -43.92 -20.20
C THR X 145 64.78 -44.21 -20.66
N ARG X 146 64.63 -44.89 -21.79
CA ARG X 146 63.34 -45.40 -22.20
C ARG X 146 62.82 -46.43 -21.21
N LEU X 147 63.73 -47.27 -20.70
CA LEU X 147 63.38 -48.25 -19.69
C LEU X 147 62.96 -47.58 -18.39
N LEU X 148 63.69 -46.52 -18.02
CA LEU X 148 63.35 -45.78 -16.82
C LEU X 148 62.00 -45.06 -16.97
N ASN X 149 61.68 -44.58 -18.17
CA ASN X 149 60.42 -43.88 -18.37
C ASN X 149 59.25 -44.86 -18.38
N HIS X 150 59.43 -46.03 -19.00
CA HIS X 150 58.37 -47.04 -18.97
C HIS X 150 58.15 -47.57 -17.57
N ILE X 151 59.21 -47.71 -16.78
CA ILE X 151 59.00 -48.22 -15.44
C ILE X 151 58.39 -47.13 -14.55
N MET X 152 58.64 -45.85 -14.83
CA MET X 152 57.93 -44.83 -14.09
C MET X 152 56.47 -44.78 -14.49
N ALA X 153 56.16 -45.06 -15.76
CA ALA X 153 54.77 -45.07 -16.20
C ALA X 153 53.99 -46.19 -15.52
N VAL X 154 54.58 -47.39 -15.49
CA VAL X 154 53.98 -48.52 -14.78
C VAL X 154 53.85 -48.22 -13.29
N THR X 155 54.84 -47.54 -12.72
CA THR X 155 54.84 -47.28 -11.29
C THR X 155 53.81 -46.23 -10.90
N THR X 156 53.68 -45.16 -11.70
CA THR X 156 52.69 -44.15 -11.37
C THR X 156 51.28 -44.62 -11.68
N HIS X 157 51.12 -45.53 -12.65
CA HIS X 157 49.80 -46.13 -12.82
C HIS X 157 49.47 -47.05 -11.67
N ALA X 158 50.49 -47.72 -11.12
CA ALA X 158 50.29 -48.56 -9.95
C ALA X 158 49.89 -47.73 -8.74
N LEU X 159 50.53 -46.57 -8.56
CA LEU X 159 50.14 -45.69 -7.45
C LEU X 159 48.76 -45.08 -7.67
N ASP X 160 48.40 -44.77 -8.91
CA ASP X 160 47.08 -44.21 -9.18
C ASP X 160 45.99 -45.27 -9.08
N ILE X 161 46.35 -46.55 -9.15
CA ILE X 161 45.35 -47.60 -9.08
C ILE X 161 45.32 -48.30 -7.72
N GLY X 162 46.32 -48.06 -6.87
CA GLY X 162 46.46 -48.83 -5.64
C GLY X 162 47.85 -49.38 -5.52
N ALA X 163 47.98 -50.72 -5.60
CA ALA X 163 49.16 -51.47 -6.05
C ALA X 163 50.45 -50.98 -5.40
N MET X 164 50.54 -51.21 -4.09
CA MET X 164 51.47 -50.42 -3.28
C MET X 164 52.92 -50.88 -3.43
N THR X 165 53.17 -52.19 -3.36
CA THR X 165 54.55 -52.69 -3.39
C THR X 165 55.37 -52.68 -4.70
N PRO X 166 54.82 -52.80 -5.93
CA PRO X 166 55.72 -52.83 -7.10
C PRO X 166 56.39 -51.49 -7.36
N PHE X 167 55.76 -50.40 -6.92
CA PHE X 167 56.40 -49.12 -6.67
C PHE X 167 57.77 -49.29 -6.00
N PHE X 168 57.80 -50.02 -4.88
CA PHE X 168 59.03 -50.16 -4.10
C PHE X 168 60.03 -51.07 -4.78
N TRP X 169 59.55 -52.15 -5.40
CA TRP X 169 60.44 -53.08 -6.11
C TRP X 169 61.15 -52.38 -7.26
N MET X 170 60.38 -51.78 -8.14
CA MET X 170 60.95 -51.20 -9.33
C MET X 170 61.63 -49.86 -9.06
N PHE X 171 61.36 -49.23 -7.91
CA PHE X 171 62.21 -48.10 -7.56
C PHE X 171 63.51 -48.50 -6.90
N GLU X 172 63.61 -49.71 -6.34
CA GLU X 172 64.94 -50.24 -6.02
C GLU X 172 65.74 -50.47 -7.31
N GLU X 173 65.07 -51.00 -8.34
CA GLU X 173 65.74 -51.15 -9.64
C GLU X 173 66.10 -49.80 -10.26
N ARG X 174 65.24 -48.80 -10.12
CA ARG X 174 65.56 -47.47 -10.62
C ARG X 174 66.64 -46.78 -9.79
N GLU X 175 66.82 -47.18 -8.52
CA GLU X 175 68.00 -46.75 -7.79
C GLU X 175 69.28 -47.31 -8.41
N LYS X 176 69.21 -48.55 -8.91
CA LYS X 176 70.38 -49.08 -9.64
C LYS X 176 70.62 -48.30 -10.93
N MET X 177 69.54 -47.90 -11.60
CA MET X 177 69.63 -47.04 -12.77
C MET X 177 70.30 -45.70 -12.45
N PHE X 178 69.93 -45.10 -11.32
CA PHE X 178 70.52 -43.82 -10.93
C PHE X 178 71.98 -43.96 -10.56
N GLU X 179 72.36 -45.10 -9.96
CA GLU X 179 73.78 -45.35 -9.73
C GLU X 179 74.54 -45.46 -11.05
N PHE X 180 73.90 -45.99 -12.09
CA PHE X 180 74.55 -46.01 -13.40
C PHE X 180 74.74 -44.60 -13.94
N TYR X 181 73.74 -43.74 -13.81
CA TYR X 181 73.89 -42.35 -14.26
C TYR X 181 74.94 -41.61 -13.46
N GLU X 182 75.05 -41.90 -12.16
CA GLU X 182 76.10 -41.31 -11.33
C GLU X 182 77.47 -41.71 -11.83
N ARG X 183 77.67 -43.02 -12.07
CA ARG X 183 78.95 -43.54 -12.51
C ARG X 183 79.33 -43.04 -13.89
N VAL X 184 78.35 -42.75 -14.74
CA VAL X 184 78.66 -42.27 -16.08
C VAL X 184 78.91 -40.77 -16.10
N SER X 185 77.93 -39.98 -15.70
CA SER X 185 78.01 -38.54 -15.92
C SER X 185 78.41 -37.76 -14.69
N GLY X 186 78.31 -38.34 -13.49
CA GLY X 186 78.50 -37.58 -12.29
C GLY X 186 77.29 -36.83 -11.81
N ALA X 187 76.12 -37.12 -12.40
CA ALA X 187 74.87 -36.49 -12.01
C ALA X 187 73.95 -37.52 -11.38
N ARG X 188 73.04 -37.02 -10.56
CA ARG X 188 72.03 -37.89 -9.97
C ARG X 188 70.93 -38.21 -10.97
N MET X 189 70.21 -37.19 -11.42
CA MET X 189 69.04 -37.37 -12.27
C MET X 189 69.02 -36.44 -13.49
N HIS X 190 69.70 -35.31 -13.44
CA HIS X 190 69.79 -34.42 -14.60
C HIS X 190 71.23 -34.47 -15.11
N ALA X 191 71.49 -35.44 -15.96
CA ALA X 191 72.77 -35.55 -16.65
C ALA X 191 72.68 -34.77 -17.95
N ALA X 192 73.51 -33.74 -18.08
CA ALA X 192 73.59 -33.08 -19.37
C ALA X 192 74.17 -34.02 -20.40
N TYR X 193 75.49 -34.24 -20.33
CA TYR X 193 76.24 -35.37 -20.89
C TYR X 193 76.20 -35.51 -22.41
N VAL X 194 75.33 -34.77 -23.09
CA VAL X 194 75.14 -34.88 -24.53
C VAL X 194 75.35 -33.48 -25.08
N ARG X 195 76.56 -33.17 -25.42
CA ARG X 195 76.79 -31.88 -26.02
C ARG X 195 76.37 -31.95 -27.50
N PRO X 196 75.89 -30.86 -28.05
CA PRO X 196 75.66 -30.83 -29.49
C PRO X 196 76.98 -30.89 -30.23
N GLY X 197 77.22 -32.00 -30.91
CA GLY X 197 78.55 -32.29 -31.41
C GLY X 197 79.11 -33.52 -30.74
N GLY X 198 78.24 -34.46 -30.41
CA GLY X 198 78.66 -35.73 -29.86
C GLY X 198 78.76 -35.69 -28.34
N VAL X 199 78.86 -36.90 -27.78
CA VAL X 199 78.90 -37.08 -26.34
C VAL X 199 80.26 -36.66 -25.81
N HIS X 200 80.27 -35.77 -24.82
CA HIS X 200 81.47 -35.37 -24.12
C HIS X 200 81.58 -36.16 -22.83
N GLN X 201 82.83 -36.33 -22.36
CA GLN X 201 83.17 -36.87 -21.04
C GLN X 201 82.66 -38.30 -20.89
N ASP X 202 83.26 -39.19 -21.69
CA ASP X 202 82.71 -40.51 -21.92
C ASP X 202 82.85 -41.42 -20.70
N LEU X 203 82.40 -42.65 -20.87
CA LEU X 203 82.29 -43.66 -19.85
C LEU X 203 83.65 -44.25 -19.50
N PRO X 204 83.88 -44.57 -18.24
CA PRO X 204 85.15 -45.18 -17.83
C PRO X 204 85.09 -46.70 -17.99
N LEU X 205 86.19 -47.35 -17.63
CA LEU X 205 86.21 -48.81 -17.57
C LEU X 205 85.46 -49.25 -16.32
N GLY X 206 84.43 -50.07 -16.51
CA GLY X 206 83.63 -50.50 -15.38
C GLY X 206 82.16 -50.18 -15.53
N LEU X 207 81.69 -50.07 -16.78
CA LEU X 207 80.30 -49.78 -17.04
C LEU X 207 79.58 -50.92 -17.75
N MET X 208 80.18 -51.45 -18.81
CA MET X 208 79.52 -52.48 -19.64
C MET X 208 79.29 -53.76 -18.85
N ASP X 209 80.15 -54.05 -17.87
CA ASP X 209 79.94 -55.19 -16.98
C ASP X 209 78.64 -55.04 -16.20
N ASP X 210 78.44 -53.86 -15.63
CA ASP X 210 77.23 -53.61 -14.86
C ASP X 210 76.00 -53.56 -15.75
N ILE X 211 76.14 -53.07 -17.00
CA ILE X 211 75.00 -53.07 -17.91
C ILE X 211 74.59 -54.50 -18.26
N TYR X 212 75.58 -55.38 -18.48
CA TYR X 212 75.31 -56.78 -18.77
C TYR X 212 74.61 -57.49 -17.61
N GLU X 213 75.16 -57.35 -16.41
CA GLU X 213 74.62 -58.06 -15.26
C GLU X 213 73.27 -57.47 -14.84
N PHE X 214 73.11 -56.16 -14.97
CA PHE X 214 71.85 -55.53 -14.67
C PHE X 214 70.78 -55.87 -15.69
N SER X 215 71.16 -56.11 -16.95
CA SER X 215 70.16 -56.54 -17.92
C SER X 215 69.66 -57.94 -17.63
N LYS X 216 70.55 -58.83 -17.16
CA LYS X 216 70.09 -60.16 -16.76
C LYS X 216 69.15 -60.10 -15.55
N ASN X 217 69.58 -59.37 -14.51
CA ASN X 217 68.75 -59.17 -13.32
C ASN X 217 67.43 -58.49 -13.65
N PHE X 218 67.43 -57.58 -14.61
CA PHE X 218 66.22 -56.84 -14.93
C PHE X 218 65.25 -57.69 -15.71
N SER X 219 65.75 -58.59 -16.56
CA SER X 219 64.87 -59.55 -17.22
C SER X 219 64.19 -60.43 -16.18
N LEU X 220 64.95 -60.85 -15.16
CA LEU X 220 64.34 -61.59 -14.06
C LEU X 220 63.28 -60.76 -13.31
N ARG X 221 63.54 -59.48 -13.09
CA ARG X 221 62.62 -58.67 -12.30
C ARG X 221 61.36 -58.28 -13.09
N ILE X 222 61.48 -58.09 -14.40
CA ILE X 222 60.28 -57.80 -15.17
C ILE X 222 59.45 -59.07 -15.33
N ASP X 223 60.08 -60.25 -15.33
CA ASP X 223 59.31 -61.47 -15.25
C ASP X 223 58.61 -61.62 -13.90
N GLU X 224 59.24 -61.14 -12.83
CA GLU X 224 58.56 -61.20 -11.53
C GLU X 224 57.44 -60.18 -11.41
N LEU X 225 57.54 -59.06 -12.12
CA LEU X 225 56.43 -58.13 -12.15
C LEU X 225 55.26 -58.69 -12.95
N GLU X 226 55.57 -59.40 -14.05
CA GLU X 226 54.53 -60.16 -14.75
C GLU X 226 53.98 -61.30 -13.93
N GLU X 227 54.74 -61.78 -12.95
CA GLU X 227 54.24 -62.79 -12.04
C GLU X 227 53.23 -62.19 -11.06
N MET X 228 53.58 -61.05 -10.47
CA MET X 228 52.71 -60.46 -9.44
C MET X 228 51.49 -59.81 -10.05
N LEU X 229 51.69 -58.79 -10.87
CA LEU X 229 50.61 -58.16 -11.61
C LEU X 229 50.54 -58.90 -12.95
N THR X 230 49.88 -58.33 -13.98
CA THR X 230 49.91 -58.81 -15.37
C THR X 230 49.31 -60.21 -15.49
N ASN X 231 47.97 -60.27 -15.60
CA ASN X 231 47.00 -61.37 -15.52
C ASN X 231 46.58 -61.64 -14.08
N ASN X 232 46.79 -60.65 -13.21
CA ASN X 232 46.05 -60.62 -11.96
C ASN X 232 44.56 -60.43 -12.26
N ARG X 233 43.72 -60.93 -11.35
CA ARG X 233 42.28 -60.90 -11.56
C ARG X 233 41.74 -59.48 -11.49
N ILE X 234 41.85 -58.85 -10.33
CA ILE X 234 41.04 -57.67 -10.07
C ILE X 234 41.70 -56.39 -10.58
N TRP X 235 43.02 -56.40 -10.81
CA TRP X 235 43.63 -55.30 -11.54
C TRP X 235 43.10 -55.26 -12.98
N ARG X 236 42.94 -56.44 -13.58
CA ARG X 236 42.38 -56.55 -14.92
C ARG X 236 40.92 -56.12 -14.95
N ASN X 237 40.10 -56.64 -14.02
CA ASN X 237 38.70 -56.25 -13.95
C ASN X 237 38.55 -54.77 -13.58
N ARG X 238 39.55 -54.18 -12.91
CA ARG X 238 39.58 -52.75 -12.70
C ARG X 238 39.78 -52.00 -14.01
N THR X 239 40.80 -52.36 -14.78
CA THR X 239 41.14 -51.61 -15.99
C THR X 239 41.22 -52.50 -17.23
N VAL X 240 40.09 -52.70 -17.89
CA VAL X 240 40.08 -53.10 -19.29
C VAL X 240 39.16 -52.17 -20.08
N ASP X 241 37.94 -52.00 -19.59
CA ASP X 241 36.84 -51.53 -20.44
C ASP X 241 36.77 -50.02 -20.54
N ILE X 242 37.89 -49.32 -20.33
CA ILE X 242 37.90 -47.88 -20.20
C ILE X 242 38.93 -47.26 -21.13
N GLY X 243 38.70 -46.00 -21.46
CA GLY X 243 39.66 -45.23 -22.23
C GLY X 243 39.71 -45.55 -23.71
N VAL X 244 38.61 -46.03 -24.27
CA VAL X 244 38.58 -46.37 -25.69
C VAL X 244 38.48 -45.11 -26.53
N VAL X 245 39.42 -44.96 -27.46
CA VAL X 245 39.44 -43.85 -28.41
C VAL X 245 39.51 -44.44 -29.80
N THR X 246 38.62 -44.00 -30.69
CA THR X 246 38.59 -44.50 -32.06
C THR X 246 39.84 -44.07 -32.80
N ALA X 247 40.34 -44.95 -33.66
CA ALA X 247 41.64 -44.75 -34.29
C ALA X 247 41.64 -43.59 -35.27
N GLU X 248 40.49 -43.31 -35.88
CA GLU X 248 40.33 -42.13 -36.72
C GLU X 248 40.52 -40.86 -35.89
N ASP X 249 39.83 -40.80 -34.76
CA ASP X 249 40.05 -39.69 -33.84
C ASP X 249 41.35 -39.81 -33.07
N ALA X 250 41.92 -41.01 -32.94
CA ALA X 250 43.26 -41.11 -32.37
C ALA X 250 44.30 -40.51 -33.31
N LEU X 251 44.02 -40.53 -34.61
CA LEU X 251 44.81 -39.72 -35.53
C LEU X 251 44.53 -38.24 -35.31
N ASN X 252 43.26 -37.84 -35.37
CA ASN X 252 42.93 -36.42 -35.44
C ASN X 252 42.53 -35.80 -34.10
N TYR X 253 43.09 -36.29 -32.99
CA TYR X 253 43.26 -35.48 -31.78
C TYR X 253 44.74 -35.17 -31.56
N GLY X 254 45.59 -35.48 -32.52
CA GLY X 254 47.01 -35.22 -32.34
C GLY X 254 47.72 -36.16 -31.41
N PHE X 255 47.13 -37.33 -31.12
CA PHE X 255 47.77 -38.31 -30.27
C PHE X 255 48.99 -38.91 -30.97
N SER X 256 49.91 -39.43 -30.16
CA SER X 256 51.15 -39.96 -30.70
C SER X 256 51.71 -40.97 -29.72
N GLY X 257 52.65 -41.77 -30.21
CA GLY X 257 53.34 -42.73 -29.38
C GLY X 257 52.45 -43.85 -28.86
N VAL X 258 52.34 -43.94 -27.54
CA VAL X 258 51.74 -45.10 -26.88
C VAL X 258 50.22 -45.13 -27.11
N MET X 259 49.60 -43.96 -27.28
CA MET X 259 48.19 -43.93 -27.65
C MET X 259 47.95 -44.55 -29.02
N LEU X 260 48.77 -44.16 -30.00
CA LEU X 260 48.65 -44.77 -31.31
C LEU X 260 49.18 -46.20 -31.35
N ARG X 261 50.01 -46.59 -30.37
CA ARG X 261 50.29 -48.01 -30.18
C ARG X 261 49.01 -48.75 -29.80
N GLY X 262 48.42 -48.38 -28.67
CA GLY X 262 47.37 -49.19 -28.07
C GLY X 262 46.05 -49.13 -28.80
N SER X 263 45.78 -48.05 -29.52
CA SER X 263 44.51 -47.93 -30.24
C SER X 263 44.79 -47.95 -31.74
N GLY X 264 44.88 -49.15 -32.30
CA GLY X 264 44.83 -49.25 -33.74
C GLY X 264 46.15 -49.25 -34.50
N ILE X 265 46.54 -48.06 -34.96
CA ILE X 265 47.45 -47.91 -36.10
C ILE X 265 48.85 -48.43 -35.76
N GLN X 266 49.57 -48.87 -36.80
CA GLN X 266 50.95 -49.32 -36.67
C GLN X 266 51.85 -48.18 -37.13
N TRP X 267 52.61 -47.61 -36.19
CA TRP X 267 53.39 -46.40 -36.49
C TRP X 267 54.53 -46.27 -35.51
N ASP X 268 55.77 -46.42 -35.98
CA ASP X 268 56.95 -46.19 -35.17
C ASP X 268 57.93 -45.31 -35.92
N LEU X 269 58.33 -44.21 -35.27
CA LEU X 269 59.31 -43.29 -35.85
C LEU X 269 60.67 -43.95 -35.99
N ARG X 270 60.97 -44.93 -35.13
CA ARG X 270 62.25 -45.63 -35.18
C ARG X 270 62.40 -46.43 -36.45
N LYS X 271 61.48 -47.37 -36.69
CA LYS X 271 61.62 -48.21 -37.86
C LYS X 271 61.06 -47.58 -39.12
N THR X 272 60.42 -46.42 -39.03
CA THR X 272 60.05 -45.72 -40.25
C THR X 272 61.02 -44.62 -40.64
N GLN X 273 61.76 -44.05 -39.68
CA GLN X 273 62.68 -42.96 -39.98
C GLN X 273 64.02 -43.15 -39.27
N PRO X 274 65.08 -43.50 -40.00
CA PRO X 274 66.39 -43.63 -39.38
C PRO X 274 67.01 -42.28 -39.08
N TYR X 275 67.07 -41.89 -37.80
CA TYR X 275 67.73 -40.67 -37.40
C TYR X 275 69.01 -40.91 -36.61
N ASP X 276 69.37 -42.17 -36.40
CA ASP X 276 70.55 -42.60 -35.66
C ASP X 276 70.85 -44.04 -36.10
N VAL X 277 71.55 -44.79 -35.27
CA VAL X 277 72.04 -46.13 -35.66
C VAL X 277 70.93 -47.19 -35.50
N TYR X 278 69.68 -46.76 -35.31
CA TYR X 278 68.51 -47.65 -35.29
C TYR X 278 68.35 -48.52 -36.54
N ASP X 279 68.93 -48.14 -37.67
CA ASP X 279 68.87 -48.96 -38.86
C ASP X 279 69.65 -50.26 -38.74
N GLN X 280 70.58 -50.36 -37.80
CA GLN X 280 71.43 -51.53 -37.67
C GLN X 280 71.01 -52.45 -36.54
N VAL X 281 69.97 -52.10 -35.79
CA VAL X 281 69.50 -52.94 -34.70
C VAL X 281 68.11 -53.47 -35.04
N GLU X 282 67.76 -54.61 -34.45
CA GLU X 282 66.54 -55.33 -34.81
C GLU X 282 65.76 -55.71 -33.56
N PHE X 283 64.46 -55.46 -33.61
CA PHE X 283 63.55 -55.66 -32.48
C PHE X 283 62.14 -55.76 -33.04
N ASP X 284 61.15 -55.75 -32.16
CA ASP X 284 59.76 -55.57 -32.58
C ASP X 284 59.02 -54.78 -31.50
N VAL X 285 57.97 -54.08 -31.92
CA VAL X 285 57.25 -53.14 -31.08
C VAL X 285 55.80 -53.58 -31.02
N PRO X 286 55.17 -53.65 -29.85
CA PRO X 286 53.78 -54.09 -29.78
C PRO X 286 52.79 -53.01 -30.21
N ILE X 287 51.76 -53.45 -30.91
CA ILE X 287 50.67 -52.60 -31.38
C ILE X 287 49.41 -53.06 -30.66
N GLY X 288 48.45 -52.15 -30.51
CA GLY X 288 47.28 -52.45 -29.71
C GLY X 288 46.25 -53.29 -30.45
N SER X 289 45.57 -54.14 -29.69
CA SER X 289 44.44 -54.88 -30.23
C SER X 289 43.29 -53.93 -30.57
N ARG X 290 42.60 -53.43 -29.53
CA ARG X 290 41.44 -52.54 -29.65
C ARG X 290 41.29 -51.78 -28.33
N GLY X 291 41.80 -50.54 -28.29
CA GLY X 291 41.61 -49.68 -27.13
C GLY X 291 42.22 -50.26 -25.87
N ASP X 292 41.41 -50.32 -24.81
CA ASP X 292 41.63 -51.24 -23.69
C ASP X 292 42.95 -51.07 -22.94
N CYS X 293 43.03 -50.07 -22.05
CA CYS X 293 44.20 -49.70 -21.23
C CYS X 293 45.06 -50.84 -20.67
N TYR X 294 44.44 -51.98 -20.37
CA TYR X 294 45.16 -53.22 -20.09
C TYR X 294 46.12 -53.59 -21.22
N ASP X 295 45.63 -53.51 -22.46
CA ASP X 295 46.49 -53.81 -23.60
C ASP X 295 47.58 -52.76 -23.76
N ARG X 296 47.30 -51.52 -23.38
CA ARG X 296 48.31 -50.47 -23.37
C ARG X 296 49.40 -50.78 -22.35
N TYR X 297 49.00 -51.34 -21.20
CA TYR X 297 49.96 -51.80 -20.20
C TYR X 297 50.84 -52.92 -20.73
N LEU X 298 50.23 -53.90 -21.41
CA LEU X 298 51.00 -54.97 -22.04
C LEU X 298 51.95 -54.43 -23.10
N CYS X 299 51.53 -53.38 -23.81
CA CYS X 299 52.39 -52.72 -24.78
C CYS X 299 53.61 -52.10 -24.11
N ARG X 300 53.42 -51.46 -22.94
CA ARG X 300 54.54 -50.89 -22.20
C ARG X 300 55.51 -51.98 -21.75
N VAL X 301 54.99 -53.09 -21.23
CA VAL X 301 55.86 -54.15 -20.72
C VAL X 301 56.66 -54.80 -21.84
N GLU X 302 56.04 -55.00 -23.01
CA GLU X 302 56.78 -55.60 -24.10
C GLU X 302 57.77 -54.62 -24.72
N GLU X 303 57.49 -53.32 -24.70
CA GLU X 303 58.53 -52.36 -25.09
C GLU X 303 59.71 -52.39 -24.12
N MET X 304 59.45 -52.65 -22.84
CA MET X 304 60.56 -52.80 -21.88
C MET X 304 61.45 -53.98 -22.21
N ARG X 305 60.83 -55.15 -22.45
CA ARG X 305 61.63 -56.33 -22.73
C ARG X 305 62.38 -56.22 -24.05
N GLN X 306 61.75 -55.60 -25.05
CA GLN X 306 62.46 -55.40 -26.30
C GLN X 306 63.54 -54.32 -26.18
N SER X 307 63.38 -53.38 -25.23
CA SER X 307 64.45 -52.46 -24.93
C SER X 307 65.66 -53.19 -24.35
N ILE X 308 65.42 -54.21 -23.52
CA ILE X 308 66.51 -55.03 -23.01
C ILE X 308 67.21 -55.77 -24.15
N ARG X 309 66.43 -56.24 -25.13
CA ARG X 309 67.06 -56.88 -26.29
C ARG X 309 67.90 -55.91 -27.12
N ILE X 310 67.43 -54.66 -27.27
CA ILE X 310 68.21 -53.67 -28.03
C ILE X 310 69.50 -53.33 -27.29
N ILE X 311 69.44 -53.27 -25.95
CA ILE X 311 70.66 -53.00 -25.17
C ILE X 311 71.64 -54.17 -25.28
N SER X 312 71.14 -55.41 -25.35
CA SER X 312 72.02 -56.55 -25.58
C SER X 312 72.69 -56.49 -26.94
N GLN X 313 71.94 -56.13 -27.99
CA GLN X 313 72.53 -55.95 -29.32
C GLN X 313 73.55 -54.81 -29.34
N CYS X 314 73.26 -53.72 -28.63
CA CYS X 314 74.16 -52.58 -28.63
C CYS X 314 75.44 -52.87 -27.87
N LEU X 315 75.39 -53.70 -26.83
CA LEU X 315 76.63 -54.18 -26.23
C LEU X 315 77.35 -55.15 -27.15
N ASN X 316 76.61 -55.85 -28.01
CA ASN X 316 77.28 -56.70 -29.00
C ASN X 316 77.96 -55.90 -30.09
N LYS X 317 77.55 -54.66 -30.34
CA LYS X 317 78.02 -53.89 -31.50
C LYS X 317 78.60 -52.54 -31.09
N MET X 318 79.53 -52.53 -30.14
CA MET X 318 80.15 -51.28 -29.71
C MET X 318 81.58 -51.15 -30.21
N PRO X 319 81.88 -50.24 -31.14
CA PRO X 319 83.26 -50.07 -31.61
C PRO X 319 84.01 -49.07 -30.73
N PRO X 320 85.32 -49.31 -30.48
CA PRO X 320 86.09 -48.38 -29.65
C PRO X 320 86.82 -47.30 -30.46
N GLY X 321 86.06 -46.49 -31.18
CA GLY X 321 86.66 -45.49 -32.05
C GLY X 321 87.12 -44.19 -31.41
N GLU X 322 86.17 -43.37 -30.95
CA GLU X 322 86.48 -42.00 -30.53
C GLU X 322 85.27 -41.49 -29.74
N ILE X 323 85.49 -40.43 -28.98
CA ILE X 323 84.47 -39.87 -28.11
C ILE X 323 83.65 -38.83 -28.87
N LYS X 324 84.30 -37.77 -29.32
CA LYS X 324 83.66 -36.58 -29.86
C LYS X 324 83.97 -36.44 -31.34
N VAL X 325 83.47 -35.37 -31.93
CA VAL X 325 83.62 -35.11 -33.37
C VAL X 325 85.05 -34.67 -33.68
N ASP X 326 85.40 -34.68 -34.96
CA ASP X 326 86.70 -34.23 -35.43
C ASP X 326 86.69 -32.77 -35.83
N ASP X 327 86.20 -31.91 -34.94
CA ASP X 327 86.11 -30.49 -35.23
C ASP X 327 86.19 -29.74 -33.91
N ALA X 328 87.31 -29.05 -33.68
CA ALA X 328 87.48 -28.30 -32.45
C ALA X 328 86.65 -27.03 -32.40
N LYS X 329 86.04 -26.63 -33.52
CA LYS X 329 85.13 -25.49 -33.54
C LYS X 329 83.71 -25.89 -33.20
N VAL X 330 83.51 -27.14 -32.78
CA VAL X 330 82.20 -27.64 -32.39
C VAL X 330 82.27 -28.13 -30.95
N SER X 331 83.17 -29.03 -30.69
CA SER X 331 83.40 -29.51 -29.35
C SER X 331 84.66 -28.89 -28.78
N PRO X 332 84.69 -28.60 -27.48
CA PRO X 332 85.93 -28.12 -26.88
C PRO X 332 86.95 -29.24 -26.85
N PRO X 333 88.22 -28.92 -26.93
CA PRO X 333 89.26 -29.96 -26.87
C PRO X 333 89.44 -30.49 -25.47
N LYS X 334 90.29 -31.49 -25.32
CA LYS X 334 90.53 -32.10 -24.02
C LYS X 334 91.69 -31.39 -23.33
N ARG X 335 92.14 -31.98 -22.23
CA ARG X 335 93.03 -31.27 -21.31
C ARG X 335 94.45 -31.13 -21.83
N ALA X 336 95.00 -32.17 -22.47
CA ALA X 336 96.38 -32.10 -22.92
C ALA X 336 96.56 -31.10 -24.06
N GLU X 337 95.64 -31.11 -25.02
CA GLU X 337 95.66 -30.10 -26.06
C GLU X 337 95.35 -28.72 -25.52
N MET X 338 94.47 -28.63 -24.50
CA MET X 338 94.17 -27.35 -23.88
C MET X 338 95.38 -26.74 -23.19
N LYS X 339 96.18 -27.59 -22.53
CA LYS X 339 97.36 -27.14 -21.80
C LYS X 339 98.60 -26.98 -22.68
N THR X 340 98.60 -27.51 -23.90
CA THR X 340 99.78 -27.35 -24.75
C THR X 340 99.52 -26.49 -25.98
N SER X 341 98.57 -26.85 -26.83
CA SER X 341 98.47 -26.27 -28.16
C SER X 341 97.70 -24.95 -28.14
N MET X 342 98.12 -24.03 -29.01
CA MET X 342 97.56 -22.67 -29.01
C MET X 342 96.14 -22.65 -29.54
N GLU X 343 95.92 -23.33 -30.66
CA GLU X 343 94.63 -23.31 -31.34
C GLU X 343 93.55 -23.95 -30.49
N SER X 344 93.92 -24.94 -29.67
CA SER X 344 92.98 -25.54 -28.75
C SER X 344 92.55 -24.54 -27.69
N LEU X 345 93.46 -23.70 -27.21
CA LEU X 345 93.08 -22.73 -26.19
C LEU X 345 92.23 -21.63 -26.79
N ILE X 346 92.54 -21.20 -28.02
CA ILE X 346 91.72 -20.18 -28.68
C ILE X 346 90.31 -20.70 -28.93
N HIS X 347 90.20 -21.94 -29.39
CA HIS X 347 88.90 -22.54 -29.65
C HIS X 347 88.13 -22.78 -28.36
N HIS X 348 88.84 -23.22 -27.30
CA HIS X 348 88.25 -23.37 -25.97
C HIS X 348 87.67 -22.05 -25.48
N PHE X 349 88.46 -20.98 -25.59
CA PHE X 349 88.09 -19.71 -24.99
C PHE X 349 86.93 -19.07 -25.75
N LYS X 350 86.99 -19.04 -27.07
CA LYS X 350 85.86 -18.45 -27.78
C LYS X 350 84.65 -19.36 -27.84
N LEU X 351 84.82 -20.68 -27.73
CA LEU X 351 83.70 -21.59 -27.70
C LEU X 351 82.95 -21.51 -26.38
N TYR X 352 83.65 -21.19 -25.29
CA TYR X 352 82.94 -21.02 -24.03
C TYR X 352 82.56 -19.58 -23.71
N THR X 353 83.09 -18.58 -24.41
CA THR X 353 82.48 -17.26 -24.30
C THR X 353 81.28 -17.14 -25.22
N GLU X 354 81.51 -17.21 -26.52
CA GLU X 354 80.43 -16.94 -27.46
C GLU X 354 79.60 -18.18 -27.73
N GLY X 355 80.26 -19.30 -27.90
CA GLY X 355 79.63 -20.42 -28.55
C GLY X 355 79.86 -20.37 -30.05
N TYR X 356 79.79 -21.55 -30.65
CA TYR X 356 80.01 -21.68 -32.08
C TYR X 356 78.88 -21.04 -32.86
N GLN X 357 79.22 -20.41 -33.98
CA GLN X 357 78.22 -19.73 -34.79
C GLN X 357 77.39 -20.75 -35.58
N VAL X 358 76.10 -20.47 -35.70
CA VAL X 358 75.14 -21.41 -36.22
C VAL X 358 74.46 -20.74 -37.41
N PRO X 359 74.36 -21.41 -38.57
CA PRO X 359 73.72 -20.77 -39.72
C PRO X 359 72.23 -20.62 -39.48
N PRO X 360 71.60 -19.62 -40.10
CA PRO X 360 70.16 -19.40 -39.84
C PRO X 360 69.32 -20.47 -40.49
N GLY X 361 68.25 -20.85 -39.79
CA GLY X 361 67.38 -21.91 -40.22
C GLY X 361 66.24 -22.13 -39.24
N ALA X 362 65.09 -22.49 -39.75
CA ALA X 362 63.91 -22.76 -38.94
C ALA X 362 63.64 -24.25 -39.04
N THR X 363 64.28 -25.03 -38.18
CA THR X 363 64.23 -26.48 -38.29
C THR X 363 63.32 -27.07 -37.23
N TYR X 364 62.94 -28.31 -37.48
CA TYR X 364 62.19 -29.12 -36.54
C TYR X 364 62.69 -30.55 -36.62
N THR X 365 62.74 -31.22 -35.49
CA THR X 365 62.87 -32.66 -35.52
C THR X 365 62.08 -33.24 -34.38
N ALA X 366 61.89 -34.55 -34.42
CA ALA X 366 61.10 -35.25 -33.42
C ALA X 366 61.69 -36.62 -33.20
N ILE X 367 61.68 -37.06 -31.95
CA ILE X 367 62.16 -38.38 -31.59
C ILE X 367 61.02 -39.19 -31.01
N GLU X 368 61.26 -40.50 -30.93
CA GLU X 368 60.31 -41.44 -30.34
C GLU X 368 60.67 -41.54 -28.86
N ALA X 369 60.29 -40.51 -28.11
CA ALA X 369 60.34 -40.56 -26.67
C ALA X 369 59.32 -41.57 -26.18
N PRO X 370 59.50 -42.13 -24.98
CA PRO X 370 58.54 -43.12 -24.48
C PRO X 370 57.16 -42.55 -24.20
N LYS X 371 57.03 -41.24 -24.12
CA LYS X 371 55.73 -40.60 -24.07
C LYS X 371 55.15 -40.35 -25.46
N GLY X 372 55.98 -40.26 -26.48
CA GLY X 372 55.50 -40.17 -27.85
C GLY X 372 56.45 -39.35 -28.73
N GLU X 373 55.84 -38.59 -29.65
CA GLU X 373 56.57 -37.78 -30.61
C GLU X 373 57.10 -36.52 -29.91
N PHE X 374 58.27 -36.63 -29.30
CA PHE X 374 58.87 -35.46 -28.66
C PHE X 374 59.44 -34.58 -29.75
N GLY X 375 58.89 -33.37 -29.91
CA GLY X 375 59.31 -32.48 -30.96
C GLY X 375 60.07 -31.29 -30.41
N VAL X 376 61.18 -30.96 -31.07
CA VAL X 376 61.91 -29.73 -30.79
C VAL X 376 62.00 -28.92 -32.08
N TYR X 377 61.61 -27.65 -31.99
CA TYR X 377 61.50 -26.75 -33.13
C TYR X 377 62.40 -25.56 -32.86
N LEU X 378 63.53 -25.52 -33.55
CA LEU X 378 64.50 -24.46 -33.39
C LEU X 378 64.31 -23.41 -34.47
N VAL X 379 64.57 -22.16 -34.10
CA VAL X 379 64.64 -21.05 -35.03
C VAL X 379 65.93 -20.33 -34.69
N SER X 380 66.89 -20.38 -35.60
CA SER X 380 68.24 -19.91 -35.33
C SER X 380 68.62 -18.83 -36.34
N ASP X 381 68.89 -17.64 -35.84
CA ASP X 381 69.51 -16.60 -36.66
C ASP X 381 70.96 -16.98 -36.90
N GLY X 382 71.57 -16.38 -37.93
CA GLY X 382 72.99 -16.53 -38.08
C GLY X 382 73.64 -15.77 -36.95
N SER X 383 74.06 -16.51 -35.94
CA SER X 383 74.16 -15.95 -34.59
C SER X 383 74.85 -16.96 -33.70
N SER X 384 74.88 -16.66 -32.41
CA SER X 384 75.24 -17.60 -31.37
C SER X 384 74.12 -17.84 -30.39
N ARG X 385 73.03 -17.11 -30.50
CA ARG X 385 71.81 -17.37 -29.76
C ARG X 385 70.74 -17.82 -30.71
N PRO X 386 70.03 -18.90 -30.41
CA PRO X 386 68.87 -19.27 -31.23
C PRO X 386 67.76 -18.27 -31.04
N TYR X 387 67.00 -18.05 -32.10
CA TYR X 387 66.02 -16.97 -32.07
C TYR X 387 64.78 -17.38 -31.29
N ARG X 388 64.20 -18.53 -31.60
CA ARG X 388 62.98 -18.96 -30.90
C ARG X 388 62.85 -20.48 -31.01
N CYS X 389 62.64 -21.15 -29.87
CA CYS X 389 62.48 -22.59 -29.87
C CYS X 389 61.20 -22.97 -29.14
N LYS X 390 60.58 -24.06 -29.60
CA LYS X 390 59.33 -24.53 -29.04
C LYS X 390 59.37 -26.05 -28.97
N ILE X 391 58.55 -26.63 -28.09
CA ILE X 391 58.57 -28.06 -27.82
C ILE X 391 57.18 -28.62 -28.05
N LYS X 392 57.07 -29.60 -28.95
CA LYS X 392 55.84 -30.37 -29.09
C LYS X 392 55.86 -31.48 -28.06
N ALA X 393 54.94 -31.39 -27.09
CA ALA X 393 54.91 -32.31 -25.97
C ALA X 393 53.86 -33.39 -26.21
N PRO X 394 54.27 -34.67 -26.24
CA PRO X 394 53.29 -35.75 -26.22
C PRO X 394 52.43 -35.75 -24.98
N GLY X 395 52.95 -35.25 -23.85
CA GLY X 395 52.11 -35.05 -22.69
C GLY X 395 51.00 -34.05 -22.94
N PHE X 396 51.31 -32.95 -23.63
CA PHE X 396 50.30 -31.97 -24.03
C PHE X 396 49.27 -32.57 -24.98
N ALA X 397 49.76 -33.36 -25.94
CA ALA X 397 48.88 -33.98 -26.92
C ALA X 397 47.97 -35.03 -26.29
N HIS X 398 48.51 -35.86 -25.41
CA HIS X 398 47.70 -36.85 -24.72
C HIS X 398 46.78 -36.22 -23.70
N LEU X 399 47.16 -35.04 -23.19
CA LEU X 399 46.29 -34.34 -22.26
C LEU X 399 45.12 -33.70 -22.98
N ALA X 400 45.30 -33.39 -24.28
CA ALA X 400 44.26 -32.73 -25.07
C ALA X 400 42.99 -33.59 -25.19
N GLY X 401 43.11 -34.91 -25.11
CA GLY X 401 41.95 -35.77 -25.26
C GLY X 401 41.39 -36.30 -23.97
N LEU X 402 41.65 -35.60 -22.86
CA LEU X 402 41.30 -36.12 -21.54
C LEU X 402 39.80 -36.16 -21.33
N ASP X 403 39.10 -35.09 -21.73
CA ASP X 403 37.64 -35.05 -21.59
C ASP X 403 36.97 -36.13 -22.41
N LYS X 404 37.47 -36.36 -23.63
CA LYS X 404 36.88 -37.37 -24.48
C LYS X 404 37.19 -38.78 -24.02
N MET X 405 38.35 -38.98 -23.39
CA MET X 405 38.61 -40.26 -22.75
C MET X 405 37.74 -40.46 -21.52
N SER X 406 37.32 -39.38 -20.86
CA SER X 406 36.57 -39.48 -19.62
C SER X 406 35.19 -38.86 -19.72
N LYS X 407 34.50 -39.05 -20.85
CA LYS X 407 33.11 -38.61 -20.94
C LYS X 407 32.18 -39.46 -20.08
N GLY X 408 32.08 -40.75 -20.39
CA GLY X 408 31.03 -41.58 -19.84
C GLY X 408 31.47 -42.54 -18.75
N HIS X 409 32.28 -42.06 -17.81
CA HIS X 409 32.82 -42.91 -16.77
C HIS X 409 32.73 -42.19 -15.44
N MET X 410 33.24 -42.81 -14.38
CA MET X 410 33.27 -42.16 -13.07
C MET X 410 34.64 -41.53 -12.83
N LEU X 411 34.79 -40.93 -11.65
CA LEU X 411 36.04 -40.24 -11.29
C LEU X 411 37.19 -41.21 -11.07
N ALA X 412 36.89 -42.46 -10.69
CA ALA X 412 37.93 -43.47 -10.56
C ALA X 412 38.58 -43.75 -11.91
N ASP X 413 37.77 -43.78 -12.97
CA ASP X 413 38.32 -43.87 -14.30
C ASP X 413 39.02 -42.60 -14.71
N VAL X 414 38.64 -41.44 -14.15
CA VAL X 414 39.37 -40.21 -14.45
C VAL X 414 40.78 -40.28 -13.89
N VAL X 415 40.93 -40.83 -12.68
CA VAL X 415 42.25 -41.05 -12.10
C VAL X 415 43.02 -42.08 -12.91
N ALA X 416 42.34 -43.16 -13.35
CA ALA X 416 43.03 -44.17 -14.15
C ALA X 416 43.41 -43.68 -15.54
N ILE X 417 42.73 -42.68 -16.07
CA ILE X 417 43.11 -42.13 -17.37
C ILE X 417 44.20 -41.06 -17.23
N ILE X 418 44.28 -40.38 -16.09
CA ILE X 418 45.53 -39.70 -15.75
C ILE X 418 46.66 -40.71 -15.61
N GLY X 419 46.36 -41.89 -15.07
CA GLY X 419 47.40 -42.90 -14.91
C GLY X 419 47.82 -43.57 -16.20
N THR X 420 46.92 -43.68 -17.18
CA THR X 420 47.22 -44.45 -18.38
C THR X 420 48.17 -43.74 -19.33
N GLN X 421 48.45 -42.47 -19.08
CA GLN X 421 49.34 -41.67 -19.91
C GLN X 421 50.31 -40.98 -18.97
N ASP X 422 51.61 -41.22 -19.16
CA ASP X 422 52.58 -40.74 -18.19
C ASP X 422 52.77 -39.23 -18.29
N ILE X 423 51.77 -38.48 -17.84
CA ILE X 423 51.88 -37.03 -17.81
C ILE X 423 52.90 -36.61 -16.75
N VAL X 424 53.69 -35.58 -17.10
CA VAL X 424 54.66 -35.02 -16.16
C VAL X 424 54.53 -33.53 -15.99
N PHE X 425 53.96 -32.81 -16.96
CA PHE X 425 53.56 -31.40 -16.94
C PHE X 425 54.71 -30.41 -16.82
N GLY X 426 55.94 -30.88 -16.68
CA GLY X 426 57.06 -30.01 -16.94
C GLY X 426 57.20 -29.96 -18.44
N GLU X 427 57.00 -31.11 -19.07
CA GLU X 427 57.08 -31.20 -20.52
C GLU X 427 55.87 -30.54 -21.17
N VAL X 428 54.69 -30.68 -20.55
CA VAL X 428 53.47 -30.06 -21.08
C VAL X 428 53.58 -28.55 -21.04
N ASP X 429 54.22 -28.03 -19.99
CA ASP X 429 54.44 -26.60 -19.91
C ASP X 429 55.54 -26.16 -20.87
N ARG X 430 55.30 -25.02 -21.51
CA ARG X 430 56.25 -24.44 -22.43
C ARG X 430 56.10 -22.94 -22.39
N THR Y 7 84.24 -34.81 -44.67
CA THR Y 7 83.66 -35.06 -45.97
C THR Y 7 82.94 -36.40 -45.99
N ARG Y 8 83.72 -37.47 -46.04
CA ARG Y 8 83.19 -38.83 -45.95
C ARG Y 8 82.90 -39.19 -44.49
N PRO Y 9 83.76 -38.84 -43.48
CA PRO Y 9 83.22 -38.74 -42.12
C PRO Y 9 82.86 -37.31 -41.76
N THR Y 10 82.23 -37.13 -40.59
CA THR Y 10 82.06 -35.85 -39.87
C THR Y 10 81.27 -34.76 -40.60
N VAL Y 11 80.77 -35.04 -41.80
CA VAL Y 11 79.85 -34.15 -42.48
C VAL Y 11 78.56 -34.94 -42.71
N ARG Y 12 77.44 -34.37 -42.29
CA ARG Y 12 76.17 -35.06 -42.39
C ARG Y 12 75.78 -35.18 -43.85
N PRO Y 13 75.61 -36.39 -44.37
CA PRO Y 13 75.39 -36.56 -45.81
C PRO Y 13 73.98 -36.14 -46.21
N ARG Y 14 73.88 -35.46 -47.34
CA ARG Y 14 72.59 -35.00 -47.82
C ARG Y 14 71.92 -36.08 -48.66
N ASN Y 15 70.60 -35.99 -48.75
CA ASN Y 15 69.84 -36.87 -49.61
C ASN Y 15 69.61 -36.22 -50.97
N ASP Y 16 69.32 -37.07 -51.97
CA ASP Y 16 69.07 -36.58 -53.31
C ASP Y 16 67.64 -36.85 -53.76
N VAL Y 17 67.20 -38.10 -53.74
CA VAL Y 17 65.93 -38.46 -54.36
C VAL Y 17 64.77 -37.98 -53.50
N ALA Y 18 64.93 -37.98 -52.18
CA ALA Y 18 63.91 -37.40 -51.31
C ALA Y 18 63.79 -35.90 -51.51
N HIS Y 19 64.92 -35.23 -51.72
CA HIS Y 19 64.92 -33.80 -52.05
C HIS Y 19 64.20 -33.55 -53.38
N LYS Y 20 64.44 -34.42 -54.36
CA LYS Y 20 63.76 -34.31 -55.65
C LYS Y 20 62.26 -34.49 -55.50
N GLN Y 21 61.85 -35.48 -54.70
CA GLN Y 21 60.42 -35.76 -54.54
C GLN Y 21 59.72 -34.65 -53.77
N LEU Y 22 60.39 -34.08 -52.76
CA LEU Y 22 59.77 -32.97 -52.05
C LEU Y 22 59.72 -31.70 -52.88
N SER Y 23 60.72 -31.47 -53.75
CA SER Y 23 60.63 -30.36 -54.69
C SER Y 23 59.48 -30.55 -55.67
N ALA Y 24 59.31 -31.80 -56.14
CA ALA Y 24 58.22 -32.11 -57.06
C ALA Y 24 56.87 -31.95 -56.37
N PHE Y 25 56.78 -32.35 -55.10
CA PHE Y 25 55.51 -32.26 -54.40
C PHE Y 25 55.16 -30.82 -54.04
N GLY Y 26 56.16 -30.03 -53.68
CA GLY Y 26 55.90 -28.62 -53.45
C GLY Y 26 55.49 -27.89 -54.71
N GLU Y 27 56.14 -28.21 -55.84
CA GLU Y 27 55.73 -27.65 -57.11
C GLU Y 27 54.32 -28.10 -57.49
N TYR Y 28 53.98 -29.35 -57.16
CA TYR Y 28 52.64 -29.90 -57.37
C TYR Y 28 51.59 -29.11 -56.62
N VAL Y 29 51.80 -28.89 -55.32
CA VAL Y 29 50.85 -28.13 -54.50
C VAL Y 29 50.75 -26.69 -54.99
N ALA Y 30 51.90 -26.11 -55.35
CA ALA Y 30 51.93 -24.71 -55.77
C ALA Y 30 51.21 -24.51 -57.10
N GLU Y 31 51.26 -25.50 -57.99
CA GLU Y 31 50.47 -25.43 -59.21
C GLU Y 31 48.99 -25.58 -58.90
N ILE Y 32 48.62 -26.61 -58.14
CA ILE Y 32 47.20 -26.96 -58.04
C ILE Y 32 46.45 -26.10 -57.03
N LEU Y 33 47.13 -25.21 -56.33
CA LEU Y 33 46.44 -24.13 -55.61
C LEU Y 33 47.05 -22.81 -56.03
N PRO Y 34 46.56 -22.20 -57.11
CA PRO Y 34 47.03 -20.87 -57.49
C PRO Y 34 46.49 -19.77 -56.59
N LYS Y 35 45.46 -20.05 -55.80
CA LYS Y 35 44.81 -18.97 -55.05
C LYS Y 35 45.60 -18.60 -53.80
N TYR Y 36 46.18 -19.58 -53.10
CA TYR Y 36 46.93 -19.29 -51.88
C TYR Y 36 48.30 -19.94 -51.96
N VAL Y 37 49.21 -19.29 -52.69
CA VAL Y 37 50.61 -19.70 -52.81
C VAL Y 37 51.45 -18.45 -53.05
N GLN Y 38 52.46 -18.28 -52.21
CA GLN Y 38 53.52 -17.31 -52.24
C GLN Y 38 54.88 -18.00 -52.28
N GLN Y 39 55.18 -18.88 -51.34
CA GLN Y 39 56.51 -19.45 -51.48
C GLN Y 39 56.51 -20.93 -51.14
N VAL Y 40 57.27 -21.72 -51.90
CA VAL Y 40 57.58 -23.09 -51.49
C VAL Y 40 59.09 -23.20 -51.49
N GLN Y 41 59.66 -23.81 -50.45
CA GLN Y 41 61.11 -23.90 -50.42
C GLN Y 41 61.55 -25.13 -49.67
N VAL Y 42 62.71 -25.64 -50.08
CA VAL Y 42 63.36 -26.77 -49.44
C VAL Y 42 64.75 -26.33 -49.02
N SER Y 43 65.11 -26.63 -47.77
CA SER Y 43 66.43 -26.38 -47.26
C SER Y 43 67.31 -27.59 -47.53
N CYS Y 44 68.49 -27.64 -46.89
CA CYS Y 44 69.43 -28.73 -47.16
C CYS Y 44 69.00 -30.03 -46.53
N PHE Y 45 68.31 -29.98 -45.40
CA PHE Y 45 67.93 -31.19 -44.70
C PHE Y 45 66.57 -31.74 -45.12
N SER Y 46 66.00 -31.21 -46.20
CA SER Y 46 64.89 -31.80 -46.97
C SER Y 46 63.62 -31.98 -46.13
N GLU Y 47 63.07 -30.84 -45.72
CA GLU Y 47 61.73 -30.79 -45.13
C GLU Y 47 60.97 -29.67 -45.81
N LEU Y 48 59.76 -29.96 -46.29
CA LEU Y 48 59.12 -29.04 -47.24
C LEU Y 48 58.55 -27.84 -46.52
N GLU Y 49 58.61 -26.66 -47.14
CA GLU Y 49 58.03 -25.47 -46.55
C GLU Y 49 57.08 -24.82 -47.54
N ILE Y 50 55.89 -24.50 -47.08
CA ILE Y 50 54.89 -23.75 -47.85
C ILE Y 50 54.59 -22.47 -47.05
N CYS Y 51 54.46 -21.34 -47.74
CA CYS Y 51 54.32 -20.04 -47.09
C CYS Y 51 53.17 -19.28 -47.73
N ILE Y 52 52.19 -18.88 -46.89
CA ILE Y 52 50.80 -18.69 -47.28
C ILE Y 52 50.24 -17.36 -46.76
N HIS Y 53 49.48 -16.70 -47.64
CA HIS Y 53 48.60 -15.59 -47.30
C HIS Y 53 47.46 -16.05 -46.39
N PRO Y 54 47.10 -15.28 -45.36
CA PRO Y 54 46.20 -15.81 -44.32
C PRO Y 54 44.72 -15.76 -44.65
N ASP Y 55 44.29 -16.12 -45.85
CA ASP Y 55 42.87 -16.16 -46.14
C ASP Y 55 42.39 -17.51 -46.61
N GLY Y 56 43.27 -18.51 -46.68
CA GLY Y 56 42.85 -19.82 -47.12
C GLY Y 56 43.35 -20.90 -46.20
N VAL Y 57 43.34 -20.61 -44.89
CA VAL Y 57 43.99 -21.51 -43.94
C VAL Y 57 43.21 -22.82 -43.80
N ILE Y 58 41.91 -22.73 -43.54
CA ILE Y 58 41.08 -23.94 -43.53
C ILE Y 58 41.01 -24.63 -44.90
N PRO Y 59 40.92 -23.93 -46.05
CA PRO Y 59 41.05 -24.66 -47.33
C PRO Y 59 42.36 -25.41 -47.53
N VAL Y 60 43.50 -24.82 -47.16
CA VAL Y 60 44.77 -25.52 -47.33
C VAL Y 60 44.87 -26.70 -46.38
N LEU Y 61 44.35 -26.57 -45.15
CA LEU Y 61 44.42 -27.69 -44.23
C LEU Y 61 43.45 -28.81 -44.59
N THR Y 62 42.29 -28.48 -45.17
CA THR Y 62 41.40 -29.53 -45.67
C THR Y 62 42.01 -30.21 -46.89
N PHE Y 63 42.68 -29.45 -47.75
CA PHE Y 63 43.28 -30.07 -48.91
C PHE Y 63 44.50 -30.90 -48.53
N LEU Y 64 45.15 -30.55 -47.45
CA LEU Y 64 46.33 -31.25 -46.99
C LEU Y 64 46.01 -32.31 -45.94
N ARG Y 65 44.73 -32.45 -45.59
CA ARG Y 65 44.27 -33.62 -44.84
C ARG Y 65 43.82 -34.73 -45.76
N ASP Y 66 43.32 -34.38 -46.94
CA ASP Y 66 42.72 -35.33 -47.87
C ASP Y 66 43.44 -35.11 -49.19
N HIS Y 67 42.77 -35.48 -50.31
CA HIS Y 67 43.19 -35.45 -51.74
C HIS Y 67 44.00 -36.72 -52.04
N SER Y 68 44.23 -37.57 -51.04
CA SER Y 68 44.60 -38.98 -51.15
C SER Y 68 45.98 -39.23 -51.74
N ASN Y 69 46.69 -38.21 -52.19
CA ASN Y 69 48.12 -38.28 -52.43
C ASN Y 69 48.87 -37.43 -51.42
N ALA Y 70 48.17 -36.99 -50.37
CA ALA Y 70 48.77 -36.33 -49.21
C ALA Y 70 47.84 -36.51 -48.02
N GLN Y 71 48.11 -37.51 -47.17
CA GLN Y 71 47.25 -37.67 -46.02
C GLN Y 71 47.54 -36.60 -44.97
N PHE Y 72 48.75 -36.62 -44.38
CA PHE Y 72 49.21 -35.65 -43.37
C PHE Y 72 48.21 -35.49 -42.23
N LYS Y 73 48.05 -36.56 -41.46
CA LYS Y 73 47.02 -36.63 -40.44
C LYS Y 73 47.51 -36.19 -39.06
N SER Y 74 48.79 -35.84 -38.90
CA SER Y 74 49.33 -35.48 -37.59
C SER Y 74 49.79 -34.03 -37.59
N LEU Y 75 49.35 -33.29 -36.58
CA LEU Y 75 49.58 -31.86 -36.46
C LEU Y 75 50.66 -31.57 -35.42
N ALA Y 76 51.35 -30.44 -35.59
CA ALA Y 76 52.27 -29.94 -34.59
C ALA Y 76 52.36 -28.42 -34.62
N ASP Y 77 52.21 -27.86 -33.42
CA ASP Y 77 52.81 -26.65 -32.87
C ASP Y 77 52.28 -25.27 -33.21
N LEU Y 78 51.60 -25.06 -34.35
CA LEU Y 78 50.83 -23.83 -34.63
C LEU Y 78 51.60 -22.49 -34.63
N THR Y 79 52.84 -22.45 -34.09
CA THR Y 79 53.42 -21.24 -33.49
C THR Y 79 53.48 -20.04 -34.42
N ALA Y 80 53.08 -18.89 -33.91
CA ALA Y 80 53.03 -17.61 -34.60
C ALA Y 80 54.29 -16.78 -34.35
N VAL Y 81 55.46 -17.40 -34.54
CA VAL Y 81 56.77 -16.99 -34.03
C VAL Y 81 57.07 -15.51 -34.25
N ASP Y 82 57.28 -14.79 -33.15
CA ASP Y 82 57.27 -13.34 -33.18
C ASP Y 82 58.54 -12.78 -33.80
N ILE Y 83 58.37 -11.95 -34.81
CA ILE Y 83 59.46 -11.25 -35.47
C ILE Y 83 59.07 -9.79 -35.58
N PRO Y 84 59.92 -8.86 -35.18
CA PRO Y 84 59.62 -7.44 -35.40
C PRO Y 84 59.91 -7.00 -36.83
N THR Y 85 59.89 -5.67 -37.05
CA THR Y 85 60.35 -4.94 -38.23
C THR Y 85 59.38 -5.07 -39.41
N ARG Y 86 58.47 -6.03 -39.36
CA ARG Y 86 57.67 -6.38 -40.52
C ARG Y 86 56.31 -5.71 -40.49
N GLN Y 87 55.66 -5.69 -41.65
CA GLN Y 87 54.24 -5.37 -41.72
C GLN Y 87 53.42 -6.39 -40.97
N ASN Y 88 53.77 -7.67 -41.11
CA ASN Y 88 53.11 -8.77 -40.42
C ASN Y 88 54.14 -9.42 -39.52
N ARG Y 89 54.01 -9.19 -38.21
CA ARG Y 89 54.91 -9.80 -37.24
C ARG Y 89 54.71 -11.30 -37.17
N PHE Y 90 53.50 -11.71 -36.82
CA PHE Y 90 53.26 -13.02 -36.26
C PHE Y 90 53.21 -14.07 -37.36
N GLU Y 91 53.80 -15.23 -37.08
CA GLU Y 91 53.89 -16.30 -38.07
C GLU Y 91 53.25 -17.56 -37.51
N ILE Y 92 52.07 -17.91 -38.02
CA ILE Y 92 51.49 -19.20 -37.70
C ILE Y 92 52.30 -20.27 -38.42
N VAL Y 93 52.83 -21.23 -37.65
CA VAL Y 93 53.64 -22.31 -38.21
C VAL Y 93 52.99 -23.64 -37.83
N TYR Y 94 52.26 -24.21 -38.77
CA TYR Y 94 51.80 -25.58 -38.71
C TYR Y 94 52.94 -26.50 -39.08
N ASN Y 95 52.91 -27.72 -38.56
CA ASN Y 95 53.96 -28.66 -38.91
C ASN Y 95 53.34 -30.06 -38.96
N LEU Y 96 53.27 -30.65 -40.15
CA LEU Y 96 52.44 -31.80 -40.37
C LEU Y 96 53.26 -33.02 -40.76
N LEU Y 97 52.82 -34.16 -40.23
CA LEU Y 97 53.40 -35.47 -40.44
C LEU Y 97 52.34 -36.41 -40.97
N SER Y 98 52.72 -37.21 -41.97
CA SER Y 98 51.83 -38.17 -42.61
C SER Y 98 52.07 -39.56 -42.06
N LEU Y 99 51.02 -40.38 -42.07
CA LEU Y 99 51.06 -41.72 -41.51
C LEU Y 99 51.42 -42.78 -42.55
N ARG Y 100 50.93 -42.63 -43.77
CA ARG Y 100 51.22 -43.58 -44.84
C ARG Y 100 52.45 -43.22 -45.64
N PHE Y 101 53.05 -42.05 -45.40
CA PHE Y 101 54.04 -41.50 -46.31
C PHE Y 101 55.45 -41.37 -45.77
N ASN Y 102 55.64 -41.06 -44.48
CA ASN Y 102 56.91 -40.65 -43.88
C ASN Y 102 57.46 -39.41 -44.59
N SER Y 103 56.73 -38.31 -44.42
CA SER Y 103 57.18 -37.03 -44.95
C SER Y 103 56.78 -35.91 -43.99
N ARG Y 104 57.47 -34.77 -44.10
CA ARG Y 104 57.25 -33.65 -43.19
C ARG Y 104 57.11 -32.34 -43.94
N ILE Y 105 56.00 -31.66 -43.67
CA ILE Y 105 55.77 -30.35 -44.26
C ILE Y 105 55.60 -29.33 -43.15
N ARG Y 106 56.02 -28.10 -43.44
CA ARG Y 106 55.77 -26.95 -42.61
C ARG Y 106 54.85 -26.02 -43.39
N VAL Y 107 53.82 -25.54 -42.72
CA VAL Y 107 52.77 -24.73 -43.34
C VAL Y 107 52.77 -23.41 -42.59
N LYS Y 108 53.45 -22.41 -43.13
CA LYS Y 108 53.69 -21.16 -42.45
C LYS Y 108 52.84 -20.09 -43.11
N THR Y 109 51.83 -19.60 -42.41
CA THR Y 109 51.06 -18.48 -42.92
C THR Y 109 51.34 -17.26 -42.05
N TYR Y 110 51.21 -16.09 -42.64
CA TYR Y 110 51.65 -14.90 -41.90
C TYR Y 110 50.48 -14.02 -41.50
N THR Y 111 50.66 -13.21 -40.45
CA THR Y 111 49.61 -12.31 -39.96
C THR Y 111 50.22 -11.20 -39.13
N ASP Y 112 49.42 -10.16 -38.87
CA ASP Y 112 49.80 -9.03 -38.03
C ASP Y 112 49.13 -9.12 -36.65
N GLU Y 113 49.22 -8.01 -35.90
CA GLU Y 113 48.85 -8.03 -34.49
C GLU Y 113 47.34 -8.07 -34.24
N LEU Y 114 46.50 -7.74 -35.22
CA LEU Y 114 45.09 -7.64 -34.90
C LEU Y 114 44.16 -8.44 -35.81
N THR Y 115 44.54 -8.66 -37.05
CA THR Y 115 43.64 -9.33 -38.00
C THR Y 115 43.53 -10.81 -37.67
N PRO Y 116 42.35 -11.33 -37.35
CA PRO Y 116 42.23 -12.73 -36.94
C PRO Y 116 42.34 -13.68 -38.11
N VAL Y 117 42.52 -14.95 -37.77
CA VAL Y 117 42.44 -16.03 -38.74
C VAL Y 117 41.31 -16.96 -38.29
N GLU Y 118 41.00 -17.93 -39.16
CA GLU Y 118 39.73 -18.63 -39.10
C GLU Y 118 39.72 -19.84 -38.17
N SER Y 119 40.75 -20.02 -37.32
CA SER Y 119 40.73 -20.94 -36.19
C SER Y 119 40.47 -22.40 -36.58
N SER Y 120 41.46 -23.09 -37.13
CA SER Y 120 41.27 -24.36 -37.83
C SER Y 120 41.00 -25.56 -36.93
N VAL Y 121 40.47 -25.33 -35.71
CA VAL Y 121 40.08 -26.39 -34.79
C VAL Y 121 39.04 -27.33 -35.39
N SER Y 122 38.23 -26.85 -36.33
CA SER Y 122 37.15 -27.66 -36.86
C SER Y 122 37.60 -28.76 -37.80
N VAL Y 123 38.89 -28.79 -38.19
CA VAL Y 123 39.37 -29.86 -39.05
C VAL Y 123 40.44 -30.67 -38.33
N TYR Y 124 41.14 -30.06 -37.38
CA TYR Y 124 42.08 -30.72 -36.48
C TYR Y 124 41.65 -30.42 -35.04
N LYS Y 125 41.16 -31.44 -34.34
CA LYS Y 125 40.75 -31.23 -32.95
C LYS Y 125 41.92 -31.04 -32.02
N ALA Y 126 43.14 -31.36 -32.47
CA ALA Y 126 44.32 -31.18 -31.63
C ALA Y 126 44.62 -29.71 -31.36
N ALA Y 127 44.28 -28.85 -32.31
CA ALA Y 127 44.65 -27.43 -32.24
C ALA Y 127 43.80 -26.62 -31.28
N ASN Y 128 42.91 -27.24 -30.50
CA ASN Y 128 42.03 -26.47 -29.62
C ASN Y 128 42.82 -25.83 -28.48
N TRP Y 129 43.54 -26.64 -27.71
CA TRP Y 129 44.34 -26.09 -26.63
C TRP Y 129 45.55 -25.35 -27.14
N TYR Y 130 46.07 -25.74 -28.31
CA TYR Y 130 47.14 -24.98 -28.94
C TYR Y 130 46.68 -23.56 -29.28
N GLU Y 131 45.48 -23.44 -29.86
CA GLU Y 131 44.96 -22.13 -30.22
C GLU Y 131 44.66 -21.29 -28.99
N ARG Y 132 44.15 -21.91 -27.92
CA ARG Y 132 43.94 -21.18 -26.68
C ARG Y 132 45.26 -20.70 -26.08
N GLU Y 133 46.29 -21.53 -26.16
CA GLU Y 133 47.60 -21.19 -25.60
C GLU Y 133 48.25 -20.05 -26.38
N ILE Y 134 48.20 -20.10 -27.71
CA ILE Y 134 48.83 -19.05 -28.50
C ILE Y 134 48.01 -17.76 -28.49
N TRP Y 135 46.71 -17.84 -28.24
CA TRP Y 135 45.97 -16.63 -27.89
C TRP Y 135 46.47 -16.03 -26.58
N ASP Y 136 46.72 -16.87 -25.57
CA ASP Y 136 47.16 -16.34 -24.29
C ASP Y 136 48.57 -15.76 -24.37
N MET Y 137 49.41 -16.30 -25.24
CA MET Y 137 50.79 -15.86 -25.21
C MET Y 137 51.14 -14.81 -26.26
N PHE Y 138 50.39 -14.72 -27.36
CA PHE Y 138 50.73 -13.76 -28.41
C PHE Y 138 49.66 -12.70 -28.61
N GLY Y 139 48.42 -13.10 -28.88
CA GLY Y 139 47.36 -12.17 -29.20
C GLY Y 139 46.77 -12.38 -30.57
N VAL Y 140 47.16 -13.46 -31.24
CA VAL Y 140 46.57 -13.75 -32.55
C VAL Y 140 45.15 -14.24 -32.31
N PHE Y 141 44.19 -13.34 -32.46
CA PHE Y 141 42.80 -13.67 -32.15
C PHE Y 141 42.24 -14.67 -33.15
N PHE Y 142 41.32 -15.51 -32.68
CA PHE Y 142 40.84 -16.67 -33.44
C PHE Y 142 39.32 -16.61 -33.54
N ALA Y 143 38.82 -16.15 -34.69
CA ALA Y 143 37.39 -16.11 -34.94
C ALA Y 143 36.88 -17.49 -35.34
N ASN Y 144 35.60 -17.74 -35.05
CA ASN Y 144 34.96 -19.06 -35.11
C ASN Y 144 35.73 -20.08 -34.28
N HIS Y 145 35.70 -19.85 -32.97
CA HIS Y 145 36.38 -20.69 -32.00
C HIS Y 145 35.49 -20.77 -30.77
N PRO Y 146 35.34 -21.96 -30.16
CA PRO Y 146 34.45 -22.11 -29.00
C PRO Y 146 34.87 -21.35 -27.74
N ASP Y 147 36.07 -21.61 -27.22
CA ASP Y 147 36.48 -21.04 -25.94
C ASP Y 147 37.91 -20.51 -26.04
N LEU Y 148 38.07 -19.23 -25.78
CA LEU Y 148 39.38 -18.60 -25.59
C LEU Y 148 39.47 -18.22 -24.11
N ARG Y 149 40.06 -19.11 -23.32
CA ARG Y 149 40.45 -18.79 -21.96
C ARG Y 149 41.96 -18.54 -21.93
N ARG Y 150 42.53 -18.47 -20.74
CA ARG Y 150 43.96 -18.26 -20.60
C ARG Y 150 44.62 -19.50 -20.03
N ILE Y 151 45.68 -19.96 -20.71
CA ILE Y 151 46.42 -21.17 -20.34
C ILE Y 151 47.90 -20.84 -20.37
N LEU Y 152 48.62 -21.30 -19.34
CA LEU Y 152 50.06 -21.15 -19.02
C LEU Y 152 50.33 -19.78 -18.40
N THR Y 153 49.30 -19.03 -18.06
CA THR Y 153 49.46 -17.73 -17.41
C THR Y 153 48.66 -17.70 -16.13
N ASP Y 154 48.97 -16.71 -15.29
CA ASP Y 154 48.13 -16.38 -14.16
C ASP Y 154 46.82 -15.77 -14.66
N TYR Y 155 45.80 -15.84 -13.80
CA TYR Y 155 44.51 -15.26 -14.13
C TYR Y 155 44.58 -13.74 -14.20
N GLY Y 156 45.00 -13.10 -13.11
CA GLY Y 156 45.10 -11.66 -13.05
C GLY Y 156 46.23 -11.05 -13.84
N PHE Y 157 47.09 -11.87 -14.42
CA PHE Y 157 48.18 -11.41 -15.24
C PHE Y 157 47.73 -11.29 -16.69
N GLU Y 158 48.27 -10.30 -17.38
CA GLU Y 158 48.02 -10.12 -18.80
C GLU Y 158 49.27 -9.53 -19.44
N GLY Y 159 49.23 -9.41 -20.76
CA GLY Y 159 50.32 -8.78 -21.48
C GLY Y 159 50.79 -9.57 -22.68
N HIS Y 160 50.42 -10.85 -22.74
CA HIS Y 160 50.82 -11.84 -23.73
C HIS Y 160 52.35 -11.93 -23.72
N PRO Y 161 52.93 -12.51 -22.68
CA PRO Y 161 54.31 -12.20 -22.29
C PRO Y 161 55.40 -12.81 -23.16
N PHE Y 162 55.09 -13.61 -24.17
CA PHE Y 162 56.14 -14.09 -25.06
C PHE Y 162 56.53 -13.06 -26.13
N ARG Y 163 56.03 -11.84 -26.07
CA ARG Y 163 56.43 -10.80 -27.01
C ARG Y 163 57.86 -10.35 -26.73
N LYS Y 164 58.44 -9.65 -27.70
CA LYS Y 164 59.73 -9.01 -27.46
C LYS Y 164 59.59 -7.68 -26.76
N ASP Y 165 58.37 -7.22 -26.49
CA ASP Y 165 58.13 -6.02 -25.72
C ASP Y 165 58.08 -6.30 -24.23
N PHE Y 166 57.46 -7.40 -23.85
CA PHE Y 166 57.44 -7.80 -22.47
C PHE Y 166 58.83 -8.28 -22.09
N PRO Y 167 59.45 -7.73 -21.08
CA PRO Y 167 60.85 -8.07 -20.77
C PRO Y 167 60.95 -9.42 -20.08
N LEU Y 168 62.18 -9.76 -19.68
CA LEU Y 168 62.45 -11.08 -19.13
C LEU Y 168 61.81 -11.26 -17.76
N SER Y 169 62.20 -10.41 -16.81
CA SER Y 169 61.43 -10.34 -15.59
C SER Y 169 60.15 -9.55 -15.85
N GLY Y 170 59.13 -9.82 -15.04
CA GLY Y 170 57.82 -9.27 -15.29
C GLY Y 170 57.62 -7.88 -14.73
N TYR Y 171 56.46 -7.31 -15.02
CA TYR Y 171 56.03 -6.09 -14.36
C TYR Y 171 55.38 -6.35 -13.03
N VAL Y 172 55.17 -7.62 -12.68
CA VAL Y 172 54.48 -7.99 -11.45
C VAL Y 172 55.42 -8.79 -10.58
N GLU Y 173 55.20 -8.67 -9.28
CA GLU Y 173 55.92 -9.45 -8.28
C GLU Y 173 54.91 -9.83 -7.21
N LEU Y 174 55.02 -11.03 -6.67
CA LEU Y 174 54.15 -11.44 -5.59
C LEU Y 174 54.94 -11.67 -4.30
N ARG Y 175 54.40 -11.18 -3.20
CA ARG Y 175 54.88 -11.54 -1.88
C ARG Y 175 53.67 -11.62 -0.96
N TYR Y 176 53.93 -11.92 0.30
CA TYR Y 176 52.89 -12.09 1.30
C TYR Y 176 52.97 -10.97 2.32
N ASP Y 177 51.81 -10.48 2.76
CA ASP Y 177 51.78 -9.64 3.94
C ASP Y 177 50.75 -10.16 4.94
N ASP Y 178 51.04 -9.92 6.21
CA ASP Y 178 50.15 -10.29 7.30
C ASP Y 178 49.28 -9.11 7.73
N GLU Y 179 49.48 -7.95 7.11
CA GLU Y 179 48.62 -6.80 7.34
C GLU Y 179 47.19 -7.11 6.91
N VAL Y 180 47.04 -7.64 5.71
CA VAL Y 180 45.75 -8.09 5.22
C VAL Y 180 45.73 -9.59 4.99
N LYS Y 181 46.76 -10.31 5.48
CA LYS Y 181 46.77 -11.77 5.62
C LYS Y 181 46.72 -12.47 4.25
N ARG Y 182 47.33 -11.90 3.22
CA ARG Y 182 47.21 -12.49 1.89
C ARG Y 182 48.39 -12.11 1.02
N VAL Y 183 48.34 -12.59 -0.22
CA VAL Y 183 49.40 -12.39 -1.20
C VAL Y 183 49.07 -11.14 -2.00
N VAL Y 184 50.04 -10.24 -2.11
CA VAL Y 184 49.88 -8.99 -2.83
C VAL Y 184 50.93 -8.89 -3.92
N ALA Y 185 50.65 -8.01 -4.88
CA ALA Y 185 51.53 -7.73 -6.00
C ALA Y 185 52.25 -6.41 -5.80
N GLU Y 186 53.40 -6.29 -6.43
CA GLU Y 186 54.29 -5.15 -6.34
C GLU Y 186 54.95 -4.95 -7.69
N PRO Y 187 55.42 -3.73 -7.97
CA PRO Y 187 56.39 -3.55 -9.06
C PRO Y 187 57.67 -4.31 -8.72
N VAL Y 188 58.32 -4.82 -9.77
CA VAL Y 188 59.31 -5.87 -9.60
C VAL Y 188 60.59 -5.29 -9.00
N GLU Y 189 61.27 -6.11 -8.19
CA GLU Y 189 62.51 -5.73 -7.53
C GLU Y 189 63.45 -6.91 -7.65
N LEU Y 190 64.27 -6.92 -8.70
CA LEU Y 190 65.29 -7.94 -8.86
C LEU Y 190 66.36 -7.78 -7.78
N ALA Y 191 66.98 -8.90 -7.42
CA ALA Y 191 68.10 -8.90 -6.50
C ALA Y 191 69.44 -8.98 -7.20
N GLN Y 192 69.45 -9.17 -8.51
CA GLN Y 192 70.69 -9.22 -9.28
C GLN Y 192 70.42 -8.53 -10.61
N GLU Y 193 71.50 -8.13 -11.28
CA GLU Y 193 71.39 -7.26 -12.44
C GLU Y 193 70.84 -7.98 -13.67
N PHE Y 194 71.08 -9.29 -13.79
CA PHE Y 194 71.03 -10.03 -15.05
C PHE Y 194 71.96 -9.37 -16.08
N ARG Y 195 73.24 -9.52 -15.80
CA ARG Y 195 74.30 -8.93 -16.61
C ARG Y 195 74.28 -9.51 -18.01
N LYS Y 196 73.76 -8.75 -18.98
CA LYS Y 196 73.55 -9.26 -20.33
C LYS Y 196 74.86 -9.33 -21.08
N PHE Y 197 75.10 -10.44 -21.76
CA PHE Y 197 76.38 -10.74 -22.37
C PHE Y 197 76.37 -10.35 -23.84
N ASP Y 198 77.18 -9.36 -24.20
CA ASP Y 198 77.35 -8.99 -25.60
C ASP Y 198 78.13 -10.07 -26.33
N LEU Y 199 77.49 -10.76 -27.26
CA LEU Y 199 78.07 -11.91 -27.95
C LEU Y 199 77.80 -11.83 -29.45
N ASN Y 200 78.09 -10.67 -30.05
CA ASN Y 200 77.89 -10.46 -31.48
C ASN Y 200 79.26 -10.32 -32.13
N SER Y 201 79.75 -11.42 -32.68
CA SER Y 201 81.12 -11.48 -33.19
C SER Y 201 81.24 -10.78 -34.53
N PRO Y 202 82.41 -10.19 -34.80
CA PRO Y 202 82.66 -9.64 -36.13
C PRO Y 202 83.13 -10.68 -37.14
N TRP Y 203 83.57 -10.20 -38.30
CA TRP Y 203 84.33 -10.94 -39.31
C TRP Y 203 83.51 -11.99 -40.06
N GLU Y 204 82.24 -11.67 -40.37
CA GLU Y 204 81.44 -12.36 -41.38
C GLU Y 204 81.26 -13.85 -41.08
N ALA Y 205 80.45 -14.12 -40.06
CA ALA Y 205 80.22 -15.48 -39.57
C ALA Y 205 79.78 -16.44 -40.67
N PHE Y 206 78.93 -16.00 -41.59
CA PHE Y 206 78.55 -16.87 -42.70
C PHE Y 206 78.46 -16.07 -44.00
N PRO Y 207 79.42 -16.22 -44.90
CA PRO Y 207 79.42 -15.42 -46.14
C PRO Y 207 78.35 -15.81 -47.14
N ALA Y 208 77.75 -16.99 -47.00
CA ALA Y 208 76.79 -17.44 -48.00
C ALA Y 208 75.43 -16.77 -47.84
N TYR Y 209 75.15 -16.18 -46.70
CA TYR Y 209 73.84 -15.60 -46.39
C TYR Y 209 73.87 -14.09 -46.41
N ARG Y 210 74.61 -13.51 -47.35
CA ARG Y 210 74.75 -12.06 -47.44
C ARG Y 210 73.60 -11.48 -48.27
N GLN Y 211 72.68 -10.80 -47.59
CA GLN Y 211 71.65 -10.01 -48.23
C GLN Y 211 72.29 -8.86 -49.00
N PRO Y 212 71.62 -8.31 -50.02
CA PRO Y 212 72.17 -7.15 -50.73
C PRO Y 212 72.24 -5.94 -49.83
N PRO Y 213 73.42 -5.32 -49.69
CA PRO Y 213 73.55 -4.21 -48.75
C PRO Y 213 72.90 -2.95 -49.28
N GLU Y 214 72.29 -2.19 -48.37
CA GLU Y 214 71.50 -1.03 -48.74
C GLU Y 214 72.37 0.13 -49.25
N SER Z 24 65.66 -27.44 43.30
CA SER Z 24 64.95 -26.91 42.14
C SER Z 24 64.07 -27.98 41.53
N ARG Z 25 63.15 -28.51 42.35
CA ARG Z 25 62.27 -29.59 41.90
C ARG Z 25 61.33 -29.14 40.79
N GLY Z 26 60.90 -27.87 40.81
CA GLY Z 26 59.98 -27.39 39.80
C GLY Z 26 60.63 -27.29 38.43
N GLU Z 27 61.80 -26.64 38.37
CA GLU Z 27 62.50 -26.51 37.10
C GLU Z 27 63.11 -27.82 36.63
N TYR Z 28 63.41 -28.75 37.55
CA TYR Z 28 63.85 -30.07 37.15
C TYR Z 28 62.72 -30.87 36.48
N VAL Z 29 61.51 -30.79 37.05
CA VAL Z 29 60.34 -31.43 36.44
C VAL Z 29 60.02 -30.79 35.08
N VAL Z 30 60.14 -29.46 34.99
CA VAL Z 30 59.90 -28.74 33.73
C VAL Z 30 60.90 -29.19 32.68
N ALA Z 31 62.17 -29.36 33.06
CA ALA Z 31 63.18 -29.81 32.10
C ALA Z 31 62.93 -31.23 31.64
N LYS Z 32 62.53 -32.11 32.56
CA LYS Z 32 62.22 -33.49 32.19
C LYS Z 32 61.04 -33.58 31.23
N LEU Z 33 59.96 -32.86 31.53
CA LEU Z 33 58.77 -32.94 30.68
C LEU Z 33 58.98 -32.27 29.32
N ASP Z 34 59.79 -31.20 29.29
CA ASP Z 34 60.09 -30.55 28.01
C ASP Z 34 60.96 -31.44 27.14
N ASP Z 35 61.92 -32.14 27.76
CA ASP Z 35 62.75 -33.09 27.03
C ASP Z 35 61.90 -34.23 26.48
N LEU Z 36 60.92 -34.69 27.27
CA LEU Z 36 59.99 -35.73 26.82
C LEU Z 36 59.18 -35.30 25.62
N ILE Z 37 58.55 -34.12 25.69
CA ILE Z 37 57.68 -33.71 24.58
C ILE Z 37 58.50 -33.37 23.35
N ASN Z 38 59.72 -32.86 23.52
CA ASN Z 38 60.57 -32.60 22.36
C ASN Z 38 61.01 -33.88 21.69
N TRP Z 39 61.29 -34.92 22.48
CA TRP Z 39 61.61 -36.22 21.91
C TRP Z 39 60.45 -36.80 21.14
N ALA Z 40 59.25 -36.68 21.72
CA ALA Z 40 58.04 -37.13 21.06
C ALA Z 40 57.74 -36.32 19.80
N ARG Z 41 58.19 -35.07 19.75
CA ARG Z 41 58.06 -34.30 18.53
C ARG Z 41 59.05 -34.78 17.46
N ARG Z 42 60.32 -34.92 17.84
CA ARG Z 42 61.35 -35.26 16.87
C ARG Z 42 61.34 -36.73 16.44
N SER Z 43 60.50 -37.56 17.05
CA SER Z 43 60.41 -38.96 16.64
C SER Z 43 59.96 -39.10 15.19
N SER Z 44 58.73 -38.68 14.90
CA SER Z 44 58.06 -39.13 13.68
C SER Z 44 58.26 -38.17 12.51
N LEU Z 45 57.74 -36.94 12.63
CA LEU Z 45 57.73 -35.92 11.59
C LEU Z 45 57.18 -36.44 10.26
N TRP Z 46 55.91 -36.82 10.27
CA TRP Z 46 55.31 -37.29 9.04
C TRP Z 46 54.96 -36.10 8.16
N PRO Z 47 55.46 -36.04 6.93
CA PRO Z 47 55.24 -34.86 6.09
C PRO Z 47 53.97 -34.96 5.26
N MET Z 48 53.79 -33.99 4.38
CA MET Z 48 52.82 -34.07 3.32
C MET Z 48 53.55 -34.22 1.98
N THR Z 49 52.90 -34.89 1.04
CA THR Z 49 53.50 -35.18 -0.26
C THR Z 49 53.15 -34.07 -1.23
N PHE Z 50 53.80 -32.93 -1.05
CA PHE Z 50 53.40 -31.77 -1.86
C PHE Z 50 53.97 -31.86 -3.27
N GLY Z 51 55.30 -31.79 -3.40
CA GLY Z 51 56.01 -32.25 -4.58
C GLY Z 51 55.64 -31.74 -5.97
N LEU Z 52 55.96 -30.48 -6.29
CA LEU Z 52 55.55 -29.91 -7.57
C LEU Z 52 56.25 -30.54 -8.77
N ALA Z 53 57.56 -30.37 -8.86
CA ALA Z 53 58.36 -30.83 -9.98
C ALA Z 53 59.37 -31.85 -9.47
N CYS Z 54 60.32 -32.23 -10.33
CA CYS Z 54 61.23 -33.37 -10.18
C CYS Z 54 61.98 -33.55 -8.86
N CYS Z 55 62.01 -32.53 -8.00
CA CYS Z 55 62.26 -32.81 -6.59
C CYS Z 55 61.18 -33.70 -5.96
N ALA Z 56 59.97 -33.74 -6.54
CA ALA Z 56 59.01 -34.78 -6.17
C ALA Z 56 59.52 -36.16 -6.53
N VAL Z 57 60.16 -36.30 -7.68
CA VAL Z 57 60.72 -37.58 -8.08
C VAL Z 57 61.85 -37.96 -7.14
N GLU Z 58 62.60 -36.96 -6.69
CA GLU Z 58 63.63 -37.23 -5.69
C GLU Z 58 63.03 -37.60 -4.33
N MET Z 59 61.85 -37.06 -4.00
CA MET Z 59 61.15 -37.51 -2.80
C MET Z 59 60.70 -38.96 -2.94
N MET Z 60 60.22 -39.32 -4.13
CA MET Z 60 59.81 -40.70 -4.39
C MET Z 60 60.98 -41.66 -4.33
N HIS Z 61 62.18 -41.18 -4.64
CA HIS Z 61 63.38 -41.99 -4.44
C HIS Z 61 64.02 -41.79 -3.08
N MET Z 62 63.48 -40.91 -2.26
CA MET Z 62 63.70 -41.02 -0.83
C MET Z 62 62.69 -41.98 -0.20
N ALA Z 63 61.64 -42.34 -0.94
CA ALA Z 63 60.80 -43.47 -0.56
C ALA Z 63 61.29 -44.79 -1.15
N ALA Z 64 62.55 -44.92 -1.40
CA ALA Z 64 63.18 -46.07 -1.98
C ALA Z 64 63.58 -47.07 -0.91
N PRO Z 65 63.67 -48.36 -1.25
CA PRO Z 65 64.20 -49.33 -0.28
C PRO Z 65 65.64 -49.12 0.08
N ARG Z 66 66.46 -48.57 -0.82
CA ARG Z 66 67.86 -48.36 -0.48
C ARG Z 66 68.07 -47.15 0.41
N TYR Z 67 67.07 -46.29 0.58
CA TYR Z 67 67.15 -45.18 1.53
C TYR Z 67 65.75 -45.03 2.13
N ASP Z 68 65.52 -45.66 3.27
CA ASP Z 68 64.17 -45.62 3.83
C ASP Z 68 63.94 -44.34 4.62
N MET Z 69 62.66 -43.99 4.74
CA MET Z 69 62.23 -42.94 5.65
C MET Z 69 61.41 -43.45 6.80
N ASP Z 70 60.80 -44.62 6.67
CA ASP Z 70 60.03 -45.22 7.75
C ASP Z 70 60.91 -45.83 8.82
N ARG Z 71 62.23 -45.84 8.62
CA ARG Z 71 63.14 -46.04 9.75
C ARG Z 71 63.04 -44.90 10.74
N PHE Z 72 62.71 -43.70 10.27
CA PHE Z 72 62.66 -42.51 11.08
C PHE Z 72 61.25 -42.00 11.30
N GLY Z 73 60.24 -42.79 11.00
CA GLY Z 73 58.86 -42.37 11.15
C GLY Z 73 58.40 -41.31 10.19
N VAL Z 74 59.20 -40.98 9.18
CA VAL Z 74 58.81 -40.06 8.12
C VAL Z 74 57.88 -40.84 7.19
N VAL Z 75 56.58 -40.64 7.37
CA VAL Z 75 55.53 -41.46 6.74
C VAL Z 75 54.68 -40.54 5.88
N PHE Z 76 54.38 -40.96 4.66
CA PHE Z 76 53.57 -40.16 3.75
C PHE Z 76 52.13 -40.09 4.24
N ARG Z 77 51.65 -38.87 4.47
CA ARG Z 77 50.28 -38.61 4.94
C ARG Z 77 49.76 -37.46 4.10
N ALA Z 78 48.89 -37.78 3.12
CA ALA Z 78 48.59 -36.84 2.05
C ALA Z 78 47.72 -35.67 2.50
N SER Z 79 46.94 -35.85 3.55
CA SER Z 79 46.06 -34.76 3.97
C SER Z 79 46.85 -33.73 4.77
N PRO Z 80 46.67 -32.44 4.49
CA PRO Z 80 47.57 -31.43 5.07
C PRO Z 80 47.28 -31.11 6.53
N ARG Z 81 46.10 -31.45 7.03
CA ARG Z 81 45.67 -31.07 8.37
C ARG Z 81 46.20 -31.98 9.45
N GLN Z 82 47.08 -32.91 9.10
CA GLN Z 82 47.76 -33.73 10.08
C GLN Z 82 49.23 -33.92 9.77
N SER Z 83 49.74 -33.37 8.69
CA SER Z 83 51.16 -33.48 8.40
C SER Z 83 51.95 -32.60 9.35
N ASP Z 84 53.16 -33.06 9.68
CA ASP Z 84 53.96 -32.37 10.68
C ASP Z 84 54.80 -31.26 10.07
N VAL Z 85 55.41 -31.54 8.93
CA VAL Z 85 56.20 -30.56 8.20
C VAL Z 85 55.62 -30.44 6.81
N MET Z 86 56.15 -29.50 6.04
CA MET Z 86 55.79 -29.38 4.63
C MET Z 86 57.07 -29.27 3.83
N ILE Z 87 57.27 -30.24 2.94
CA ILE Z 87 58.47 -30.29 2.11
C ILE Z 87 58.11 -29.61 0.80
N VAL Z 88 58.45 -28.34 0.67
CA VAL Z 88 58.22 -27.62 -0.57
C VAL Z 88 59.27 -28.03 -1.57
N ALA Z 89 58.84 -28.68 -2.63
CA ALA Z 89 59.74 -29.28 -3.60
C ALA Z 89 59.17 -29.07 -4.98
N GLY Z 90 60.00 -28.61 -5.90
CA GLY Z 90 59.49 -28.21 -7.20
C GLY Z 90 59.37 -26.71 -7.32
N THR Z 91 59.26 -26.25 -8.56
CA THR Z 91 59.34 -24.83 -8.85
C THR Z 91 58.03 -24.15 -8.48
N LEU Z 92 58.05 -23.34 -7.44
CA LEU Z 92 56.89 -22.53 -7.10
C LEU Z 92 56.67 -21.44 -8.14
N THR Z 93 55.42 -21.27 -8.55
CA THR Z 93 55.05 -20.24 -9.51
C THR Z 93 54.03 -19.30 -8.88
N ASN Z 94 53.74 -18.21 -9.59
CA ASN Z 94 52.74 -17.26 -9.10
C ASN Z 94 51.33 -17.82 -9.21
N LYS Z 95 51.07 -18.68 -10.19
CA LYS Z 95 49.76 -19.30 -10.31
C LYS Z 95 49.55 -20.36 -9.22
N MET Z 96 50.63 -20.89 -8.66
CA MET Z 96 50.59 -21.93 -7.63
C MET Z 96 50.63 -21.35 -6.22
N ALA Z 97 51.31 -20.22 -6.04
CA ALA Z 97 51.62 -19.71 -4.70
C ALA Z 97 50.41 -19.42 -3.79
N PRO Z 98 49.26 -18.92 -4.26
CA PRO Z 98 48.11 -18.86 -3.34
C PRO Z 98 47.64 -20.22 -2.89
N ALA Z 99 47.73 -21.24 -3.73
CA ALA Z 99 47.40 -22.58 -3.28
C ALA Z 99 48.43 -23.10 -2.29
N LEU Z 100 49.71 -22.73 -2.46
CA LEU Z 100 50.74 -23.13 -1.52
C LEU Z 100 50.50 -22.55 -0.13
N ARG Z 101 50.23 -21.25 -0.06
CA ARG Z 101 50.04 -20.70 1.27
C ARG Z 101 48.69 -21.09 1.86
N LYS Z 102 47.63 -21.19 1.04
CA LYS Z 102 46.36 -21.61 1.60
C LYS Z 102 46.31 -23.10 1.95
N VAL Z 103 47.29 -23.88 1.50
CA VAL Z 103 47.54 -25.16 2.14
C VAL Z 103 48.29 -24.98 3.45
N TYR Z 104 49.32 -24.12 3.43
CA TYR Z 104 50.22 -23.97 4.57
C TYR Z 104 49.51 -23.42 5.81
N ASP Z 105 48.53 -22.55 5.61
CA ASP Z 105 47.97 -21.82 6.74
C ASP Z 105 47.02 -22.67 7.57
N GLN Z 106 46.65 -23.85 7.10
CA GLN Z 106 45.80 -24.75 7.85
C GLN Z 106 46.56 -26.05 8.07
N MET Z 107 46.90 -26.30 9.32
CA MET Z 107 47.90 -27.28 9.72
C MET Z 107 47.85 -27.34 11.24
N PRO Z 108 48.34 -28.41 11.85
CA PRO Z 108 48.58 -28.38 13.30
C PRO Z 108 49.56 -27.27 13.67
N GLU Z 109 49.39 -26.76 14.89
CA GLU Z 109 50.01 -25.50 15.31
C GLU Z 109 51.53 -25.49 15.33
N PRO Z 110 52.25 -26.56 15.69
CA PRO Z 110 53.66 -26.61 15.28
C PRO Z 110 53.74 -26.95 13.80
N ARG Z 111 54.52 -26.17 13.06
CA ARG Z 111 54.64 -26.38 11.63
C ARG Z 111 56.05 -26.00 11.21
N TYR Z 112 56.58 -26.75 10.25
CA TYR Z 112 57.95 -26.56 9.80
C TYR Z 112 57.98 -26.69 8.30
N VAL Z 113 58.97 -26.04 7.68
CA VAL Z 113 59.09 -26.04 6.23
C VAL Z 113 60.48 -26.51 5.87
N VAL Z 114 60.55 -27.57 5.09
CA VAL Z 114 61.79 -28.04 4.48
C VAL Z 114 61.73 -27.64 3.02
N SER Z 115 62.59 -26.71 2.64
CA SER Z 115 62.63 -26.27 1.25
C SER Z 115 63.67 -27.12 0.53
N MET Z 116 63.21 -27.93 -0.40
CA MET Z 116 64.00 -28.98 -1.01
C MET Z 116 64.29 -28.60 -2.45
N GLY Z 117 65.52 -28.20 -2.72
CA GLY Z 117 65.84 -27.99 -4.11
C GLY Z 117 66.04 -26.53 -4.45
N SER Z 118 66.91 -26.29 -5.45
CA SER Z 118 67.33 -24.95 -5.84
C SER Z 118 66.20 -24.13 -6.44
N CYS Z 119 65.19 -24.78 -7.02
CA CYS Z 119 63.99 -24.05 -7.45
C CYS Z 119 63.28 -23.41 -6.27
N ALA Z 120 63.10 -24.18 -5.20
CA ALA Z 120 62.28 -23.71 -4.10
C ALA Z 120 63.05 -22.77 -3.18
N ASN Z 121 64.36 -22.94 -3.03
CA ASN Z 121 65.00 -22.21 -1.95
C ASN Z 121 65.87 -21.06 -2.45
N GLY Z 122 65.33 -20.25 -3.35
CA GLY Z 122 66.10 -19.16 -3.91
C GLY Z 122 65.99 -19.06 -5.41
N GLY Z 123 64.95 -19.66 -5.97
CA GLY Z 123 64.65 -19.57 -7.40
C GLY Z 123 65.44 -20.51 -8.26
N GLY Z 124 66.75 -20.52 -8.13
CA GLY Z 124 67.56 -21.41 -8.93
C GLY Z 124 67.64 -20.94 -10.37
N TYR Z 125 67.47 -21.90 -11.26
CA TYR Z 125 67.66 -21.69 -12.69
C TYR Z 125 66.61 -20.77 -13.25
N TYR Z 126 65.40 -20.85 -12.71
CA TYR Z 126 64.34 -19.92 -13.09
C TYR Z 126 64.25 -18.77 -12.10
N HIS Z 127 65.37 -18.14 -11.72
CA HIS Z 127 65.24 -17.11 -10.69
C HIS Z 127 64.67 -15.82 -11.24
N TYR Z 128 64.97 -15.52 -12.49
CA TYR Z 128 64.34 -14.47 -13.26
C TYR Z 128 63.04 -15.03 -13.83
N SER Z 129 62.55 -14.44 -14.93
CA SER Z 129 61.55 -15.10 -15.77
C SER Z 129 60.20 -15.32 -15.10
N TYR Z 130 59.35 -14.31 -15.24
CA TYR Z 130 58.01 -14.09 -14.67
C TYR Z 130 57.18 -15.31 -14.34
N SER Z 131 56.35 -15.18 -13.31
CA SER Z 131 55.58 -16.26 -12.68
C SER Z 131 56.52 -17.30 -12.09
N VAL Z 132 57.59 -16.82 -11.46
CA VAL Z 132 58.36 -17.58 -10.48
C VAL Z 132 58.56 -16.70 -9.27
N VAL Z 133 58.08 -17.16 -8.12
CA VAL Z 133 58.42 -16.51 -6.86
C VAL Z 133 59.89 -16.75 -6.58
N ARG Z 134 60.63 -15.67 -6.29
CA ARG Z 134 62.09 -15.73 -6.18
C ARG Z 134 62.45 -16.43 -4.87
N GLY Z 135 62.32 -17.75 -4.88
CA GLY Z 135 62.46 -18.54 -3.67
C GLY Z 135 61.20 -18.56 -2.84
N CYS Z 136 60.99 -19.61 -2.07
CA CYS Z 136 59.79 -19.70 -1.27
C CYS Z 136 59.87 -18.91 0.03
N ASP Z 137 60.93 -18.13 0.24
CA ASP Z 137 61.02 -17.27 1.40
C ASP Z 137 60.00 -16.13 1.35
N ARG Z 138 59.53 -15.76 0.17
CA ARG Z 138 58.58 -14.68 0.01
C ARG Z 138 57.14 -15.09 0.33
N ILE Z 139 56.90 -16.35 0.68
CA ILE Z 139 55.55 -16.86 0.93
C ILE Z 139 55.41 -17.40 2.35
N VAL Z 140 56.33 -18.28 2.75
CA VAL Z 140 56.22 -18.97 4.03
C VAL Z 140 57.51 -18.76 4.81
N PRO Z 141 57.47 -18.92 6.13
CA PRO Z 141 58.72 -19.07 6.88
C PRO Z 141 59.34 -20.41 6.60
N VAL Z 142 60.65 -20.41 6.35
CA VAL Z 142 61.35 -21.60 5.90
C VAL Z 142 62.45 -21.91 6.91
N ASP Z 143 62.33 -23.05 7.59
CA ASP Z 143 63.37 -23.43 8.53
C ASP Z 143 64.53 -24.13 7.84
N ILE Z 144 64.29 -25.29 7.24
CA ILE Z 144 65.39 -26.16 6.86
C ILE Z 144 65.56 -26.14 5.36
N TYR Z 145 66.68 -25.60 4.91
CA TYR Z 145 67.04 -25.56 3.51
C TYR Z 145 67.86 -26.79 3.17
N VAL Z 146 67.52 -27.46 2.07
CA VAL Z 146 68.44 -28.43 1.47
C VAL Z 146 68.64 -28.09 0.00
N PRO Z 147 69.80 -27.60 -0.38
CA PRO Z 147 70.00 -27.14 -1.75
C PRO Z 147 70.62 -28.19 -2.64
N GLY Z 148 70.26 -28.13 -3.92
CA GLY Z 148 70.66 -29.09 -4.92
C GLY Z 148 69.71 -29.06 -6.09
N CYS Z 149 70.19 -29.50 -7.25
CA CYS Z 149 69.31 -29.75 -8.39
C CYS Z 149 69.67 -31.09 -9.00
N PRO Z 150 69.07 -32.17 -8.51
CA PRO Z 150 68.27 -32.24 -7.28
C PRO Z 150 69.20 -32.31 -6.08
N PRO Z 151 68.68 -32.12 -4.88
CA PRO Z 151 69.38 -32.62 -3.70
C PRO Z 151 69.48 -34.13 -3.81
N THR Z 152 70.57 -34.69 -3.30
CA THR Z 152 70.61 -36.14 -3.21
C THR Z 152 69.68 -36.60 -2.10
N ALA Z 153 69.21 -37.85 -2.21
CA ALA Z 153 68.34 -38.41 -1.18
C ALA Z 153 69.07 -38.51 0.15
N GLU Z 154 70.37 -38.76 0.11
CA GLU Z 154 71.22 -38.74 1.30
C GLU Z 154 71.23 -37.35 1.93
N ALA Z 155 71.31 -36.31 1.10
CA ALA Z 155 71.26 -34.94 1.62
C ALA Z 155 69.89 -34.60 2.18
N LEU Z 156 68.83 -35.13 1.57
CA LEU Z 156 67.49 -34.89 2.09
C LEU Z 156 67.32 -35.50 3.47
N LEU Z 157 67.81 -36.73 3.65
CA LEU Z 157 67.69 -37.37 4.94
C LEU Z 157 68.57 -36.67 5.97
N TYR Z 158 69.71 -36.11 5.53
CA TYR Z 158 70.50 -35.28 6.46
C TYR Z 158 69.78 -34.01 6.85
N GLY Z 159 69.01 -33.41 5.92
CA GLY Z 159 68.21 -32.26 6.28
C GLY Z 159 67.12 -32.59 7.28
N ILE Z 160 66.55 -33.78 7.17
CA ILE Z 160 65.53 -34.19 8.13
C ILE Z 160 66.16 -34.45 9.50
N LEU Z 161 67.38 -35.00 9.52
CA LEU Z 161 68.09 -35.18 10.80
C LEU Z 161 68.42 -33.85 11.45
N GLN Z 162 68.82 -32.86 10.65
CA GLN Z 162 69.13 -31.58 11.27
C GLN Z 162 67.87 -30.83 11.69
N LEU Z 163 66.76 -31.08 11.00
CA LEU Z 163 65.46 -30.63 11.50
C LEU Z 163 65.15 -31.25 12.85
N GLN Z 164 65.46 -32.55 13.02
CA GLN Z 164 65.26 -33.20 14.30
C GLN Z 164 66.17 -32.62 15.39
N LYS Z 165 67.34 -32.13 15.02
CA LYS Z 165 68.19 -31.49 16.03
C LYS Z 165 67.69 -30.10 16.40
N LYS Z 166 67.08 -29.40 15.43
CA LYS Z 166 66.34 -28.18 15.74
C LYS Z 166 65.20 -28.48 16.71
N ILE Z 167 64.56 -29.64 16.56
CA ILE Z 167 63.56 -30.06 17.54
C ILE Z 167 64.24 -30.41 18.87
N LYS Z 168 65.49 -30.87 18.82
CA LYS Z 168 66.19 -31.17 20.07
C LYS Z 168 66.52 -29.90 20.86
N ARG Z 169 66.59 -28.75 20.20
CA ARG Z 169 66.91 -27.54 20.97
C ARG Z 169 65.74 -26.55 21.09
N GLU Z 170 64.55 -27.04 21.44
CA GLU Z 170 63.38 -26.17 21.53
C GLU Z 170 63.37 -25.32 22.79
N LYS Z 171 63.67 -25.93 23.95
CA LYS Z 171 63.49 -25.43 25.32
C LYS Z 171 62.18 -24.67 25.54
N ARG Z 172 61.09 -25.22 24.98
CA ARG Z 172 59.77 -24.60 25.01
C ARG Z 172 59.27 -24.39 26.43
N LEU Z 173 59.12 -25.48 27.19
CA LEU Z 173 58.52 -25.39 28.50
C LEU Z 173 59.47 -24.75 29.52
N ARG Z 174 60.79 -24.81 29.27
CA ARG Z 174 61.73 -24.07 30.10
C ARG Z 174 61.53 -22.57 29.95
N ILE Z 175 61.38 -22.09 28.70
CA ILE Z 175 61.05 -20.68 28.46
C ILE Z 175 59.70 -20.33 29.08
N TRP Z 176 58.74 -21.25 28.98
CA TRP Z 176 57.39 -20.99 29.50
C TRP Z 176 57.39 -20.88 31.01
N TYR Z 177 58.18 -21.70 31.70
CA TYR Z 177 58.17 -21.61 33.15
C TYR Z 177 59.00 -20.45 33.65
N ARG Z 178 60.18 -20.19 33.06
CA ARG Z 178 60.95 -19.08 33.57
C ARG Z 178 60.45 -17.73 33.08
N ARG Z 179 59.47 -17.72 32.17
CA ARG Z 179 58.68 -16.53 31.90
C ARG Z 179 58.01 -16.01 33.17
N THR AA 1 58.55 -55.06 -38.15
CA THR AA 1 58.34 -56.08 -37.13
C THR AA 1 57.47 -55.57 -35.99
N TYR AA 2 56.26 -56.12 -35.88
CA TYR AA 2 55.35 -55.77 -34.80
C TYR AA 2 54.83 -57.05 -34.15
N LYS AA 3 54.52 -56.94 -32.86
CA LYS AA 3 54.09 -58.07 -32.04
C LYS AA 3 52.84 -57.66 -31.26
N TYR AA 4 51.68 -57.78 -31.86
CA TYR AA 4 50.48 -57.22 -31.24
C TYR AA 4 49.80 -58.26 -30.37
N VAL AA 5 49.25 -57.78 -29.25
CA VAL AA 5 48.84 -58.64 -28.14
C VAL AA 5 47.34 -58.50 -27.88
N ASN AA 6 46.86 -59.31 -26.93
CA ASN AA 6 45.44 -59.52 -26.61
C ASN AA 6 44.61 -59.87 -27.85
N LEU AA 7 44.93 -61.03 -28.40
CA LEU AA 7 44.09 -61.66 -29.42
C LEU AA 7 43.97 -63.14 -29.05
N ARG AA 8 42.82 -63.53 -28.52
CA ARG AA 8 42.55 -64.94 -28.29
C ARG AA 8 41.03 -65.14 -28.32
N GLU AA 9 40.64 -66.26 -28.80
CA GLU AA 9 39.33 -66.69 -28.33
C GLU AA 9 39.52 -67.62 -27.12
N PRO AA 10 38.59 -67.61 -26.17
CA PRO AA 10 38.71 -68.54 -25.03
C PRO AA 10 38.47 -69.97 -25.49
N SER AA 11 39.43 -70.85 -25.19
CA SER AA 11 39.36 -72.23 -25.61
C SER AA 11 38.25 -72.95 -24.86
N MET AA 12 37.28 -73.49 -25.61
CA MET AA 12 36.08 -74.08 -25.03
C MET AA 12 36.21 -75.57 -24.78
N ASP AA 13 37.41 -76.06 -24.51
CA ASP AA 13 37.56 -77.44 -24.05
C ASP AA 13 36.99 -77.59 -22.65
N MET AA 14 36.62 -78.83 -22.30
CA MET AA 14 36.09 -79.10 -20.98
C MET AA 14 37.15 -78.92 -19.91
N LYS AA 15 38.39 -79.34 -20.19
CA LYS AA 15 39.48 -79.21 -19.24
C LYS AA 15 39.86 -77.75 -19.02
N SER AA 16 39.89 -76.97 -20.11
CA SER AA 16 40.18 -75.54 -20.01
C SER AA 16 39.10 -74.81 -19.24
N VAL AA 17 37.83 -75.14 -19.47
CA VAL AA 17 36.78 -74.41 -18.80
C VAL AA 17 36.64 -74.85 -17.35
N THR AA 18 37.01 -76.08 -17.00
CA THR AA 18 36.96 -76.43 -15.59
C THR AA 18 38.18 -75.87 -14.84
N ASP AA 19 39.33 -75.72 -15.50
CA ASP AA 19 40.45 -75.04 -14.85
C ASP AA 19 40.16 -73.56 -14.62
N ARG AA 20 39.54 -72.91 -15.60
CA ARG AA 20 39.19 -71.50 -15.43
C ARG AA 20 38.04 -71.31 -14.44
N ALA AA 21 37.13 -72.28 -14.34
CA ALA AA 21 36.09 -72.20 -13.32
C ALA AA 21 36.65 -72.41 -11.92
N ALA AA 22 37.63 -73.31 -11.77
CA ALA AA 22 38.30 -73.46 -10.49
C ALA AA 22 39.10 -72.21 -10.14
N GLN AA 23 39.65 -71.54 -11.15
CA GLN AA 23 40.31 -70.26 -10.93
C GLN AA 23 39.31 -69.19 -10.48
N THR AA 24 38.08 -69.24 -11.00
CA THR AA 24 37.07 -68.28 -10.58
C THR AA 24 36.60 -68.56 -9.16
N LEU AA 25 36.41 -69.84 -8.80
CA LEU AA 25 35.87 -70.15 -7.48
C LEU AA 25 36.91 -70.04 -6.37
N LEU AA 26 38.14 -70.51 -6.58
CA LEU AA 26 39.11 -70.56 -5.49
C LEU AA 26 40.00 -69.34 -5.39
N TRP AA 27 39.94 -68.42 -6.37
CA TRP AA 27 40.87 -67.30 -6.53
C TRP AA 27 42.32 -67.81 -6.54
N THR AA 28 42.64 -68.63 -7.55
CA THR AA 28 43.87 -69.42 -7.50
C THR AA 28 45.11 -68.57 -7.76
N GLU AA 29 45.12 -67.81 -8.85
CA GLU AA 29 46.30 -66.98 -9.08
C GLU AA 29 46.34 -65.77 -8.15
N LEU AA 30 45.24 -65.45 -7.47
CA LEU AA 30 45.29 -64.59 -6.30
C LEU AA 30 46.19 -65.19 -5.22
N ILE AA 31 46.05 -66.49 -4.96
CA ILE AA 31 46.92 -67.18 -4.00
C ILE AA 31 48.35 -67.25 -4.56
N ARG AA 32 48.50 -67.29 -5.88
CA ARG AA 32 49.83 -67.20 -6.49
C ARG AA 32 50.46 -65.83 -6.25
N GLY AA 33 49.64 -64.78 -6.31
CA GLY AA 33 50.11 -63.45 -5.93
C GLY AA 33 50.56 -63.38 -4.48
N LEU AA 34 49.79 -64.00 -3.58
CA LEU AA 34 50.21 -64.14 -2.18
C LEU AA 34 51.53 -64.90 -2.06
N GLY AA 35 51.74 -65.90 -2.92
CA GLY AA 35 52.99 -66.63 -2.90
C GLY AA 35 54.17 -65.75 -3.30
N MET AA 36 53.96 -64.87 -4.28
CA MET AA 36 55.00 -63.93 -4.66
C MET AA 36 55.29 -62.95 -3.52
N THR AA 37 54.25 -62.53 -2.80
CA THR AA 37 54.45 -61.63 -1.67
C THR AA 37 55.24 -62.30 -0.56
N LEU AA 38 54.99 -63.57 -0.31
CA LEU AA 38 55.81 -64.28 0.67
C LEU AA 38 57.24 -64.49 0.17
N SER AA 39 57.41 -64.69 -1.14
CA SER AA 39 58.74 -64.90 -1.69
C SER AA 39 59.60 -63.65 -1.55
N TYR AA 40 58.99 -62.47 -1.61
CA TYR AA 40 59.76 -61.30 -1.22
C TYR AA 40 59.72 -61.00 0.27
N LEU AA 41 58.80 -61.61 1.00
CA LEU AA 41 58.81 -61.45 2.45
C LEU AA 41 60.02 -62.12 3.07
N PHE AA 42 60.42 -63.28 2.53
CA PHE AA 42 61.46 -64.07 3.17
C PHE AA 42 62.85 -63.75 2.61
N ARG AA 43 63.04 -62.56 2.05
CA ARG AA 43 64.35 -62.08 1.64
C ARG AA 43 65.02 -61.31 2.78
N GLU AA 44 66.10 -60.61 2.46
CA GLU AA 44 66.69 -59.65 3.37
C GLU AA 44 66.80 -58.30 2.67
N PRO AA 45 66.42 -57.21 3.34
CA PRO AA 45 66.29 -55.92 2.65
C PRO AA 45 67.63 -55.30 2.31
N ALA AA 46 67.68 -54.63 1.15
CA ALA AA 46 68.87 -53.90 0.73
C ALA AA 46 68.72 -52.42 1.08
N THR AA 47 68.63 -52.15 2.37
CA THR AA 47 68.66 -50.79 2.86
C THR AA 47 70.09 -50.44 3.26
N ILE AA 48 70.29 -49.17 3.60
CA ILE AA 48 71.49 -48.76 4.31
C ILE AA 48 71.03 -48.04 5.57
N ASN AA 49 71.80 -48.18 6.64
CA ASN AA 49 71.54 -47.43 7.86
C ASN AA 49 72.29 -46.11 7.75
N TYR AA 50 71.61 -44.99 8.01
CA TYR AA 50 72.00 -43.74 7.37
C TYR AA 50 73.30 -43.12 7.89
N PRO AA 51 73.48 -42.82 9.19
CA PRO AA 51 74.73 -42.15 9.56
C PRO AA 51 75.90 -43.10 9.57
N PHE AA 52 75.64 -44.40 9.69
CA PHE AA 52 76.69 -45.36 9.98
C PHE AA 52 77.10 -46.15 8.76
N GLU AA 53 76.24 -46.26 7.75
CA GLU AA 53 76.49 -47.03 6.53
C GLU AA 53 76.08 -46.14 5.35
N LYS AA 54 77.00 -45.32 4.86
CA LYS AA 54 76.62 -44.35 3.84
C LYS AA 54 76.52 -45.00 2.48
N GLY AA 55 75.65 -44.43 1.64
CA GLY AA 55 75.45 -44.91 0.29
C GLY AA 55 76.61 -44.59 -0.62
N PRO AA 56 76.82 -45.40 -1.65
CA PRO AA 56 77.95 -45.19 -2.55
C PRO AA 56 77.75 -43.98 -3.44
N LEU AA 57 78.81 -43.64 -4.15
CA LEU AA 57 78.84 -42.46 -5.01
C LEU AA 57 79.71 -42.77 -6.23
N SER AA 58 80.14 -41.73 -6.91
CA SER AA 58 80.94 -41.79 -8.12
C SER AA 58 82.12 -40.83 -7.97
N PRO AA 59 83.21 -41.07 -8.69
CA PRO AA 59 84.32 -40.09 -8.66
C PRO AA 59 83.96 -38.73 -9.24
N ARG AA 60 83.05 -38.66 -10.19
CA ARG AA 60 82.70 -37.40 -10.83
C ARG AA 60 81.54 -36.69 -10.16
N PHE AA 61 81.29 -36.94 -8.87
CA PHE AA 61 80.17 -36.30 -8.20
C PHE AA 61 80.48 -34.84 -7.92
N ARG AA 62 79.42 -34.01 -7.90
CA ARG AA 62 79.52 -32.55 -7.90
C ARG AA 62 78.77 -31.95 -6.72
N GLY AA 63 79.50 -31.58 -5.68
CA GLY AA 63 78.93 -31.05 -4.46
C GLY AA 63 79.28 -29.62 -4.07
N GLU AA 64 80.33 -29.54 -3.25
CA GLU AA 64 80.60 -28.44 -2.32
C GLU AA 64 80.97 -27.12 -3.01
N HIS AA 65 81.43 -27.14 -4.28
CA HIS AA 65 81.99 -25.97 -4.97
C HIS AA 65 83.18 -25.36 -4.21
N ALA AA 66 84.25 -26.14 -4.08
CA ALA AA 66 85.40 -25.64 -3.34
C ALA AA 66 86.36 -24.93 -4.29
N LEU AA 67 87.52 -24.53 -3.77
CA LEU AA 67 88.59 -23.95 -4.56
C LEU AA 67 89.91 -24.63 -4.20
N ARG AA 68 90.73 -24.85 -5.22
CA ARG AA 68 92.08 -25.35 -5.00
C ARG AA 68 93.06 -24.19 -5.01
N ARG AA 69 94.21 -24.41 -4.39
CA ARG AA 69 95.36 -23.53 -4.57
C ARG AA 69 96.55 -24.38 -4.98
N TYR AA 70 97.64 -23.70 -5.29
CA TYR AA 70 98.80 -24.32 -5.90
C TYR AA 70 99.50 -25.28 -4.94
N PRO AA 71 100.29 -26.24 -5.48
CA PRO AA 71 101.15 -27.04 -4.61
C PRO AA 71 102.22 -26.20 -3.94
N SER AA 72 102.07 -26.00 -2.64
CA SER AA 72 102.85 -25.04 -1.84
C SER AA 72 102.84 -23.66 -2.49
N GLY AA 73 101.63 -23.15 -2.70
CA GLY AA 73 101.47 -21.91 -3.40
C GLY AA 73 100.16 -21.24 -3.08
N GLU AA 74 99.89 -20.17 -3.81
CA GLU AA 74 98.75 -19.30 -3.58
C GLU AA 74 97.60 -19.63 -4.51
N GLU AA 75 96.64 -18.71 -4.56
CA GLU AA 75 95.32 -18.92 -5.15
C GLU AA 75 95.38 -19.27 -6.62
N ARG AA 76 94.74 -20.37 -6.99
CA ARG AA 76 94.84 -20.88 -8.35
C ARG AA 76 94.01 -20.07 -9.33
N CYS AA 77 92.99 -19.35 -8.87
CA CYS AA 77 92.18 -18.57 -9.78
C CYS AA 77 92.92 -17.35 -10.30
N ILE AA 78 92.49 -16.89 -11.46
CA ILE AA 78 93.08 -15.73 -12.11
C ILE AA 78 92.08 -14.57 -12.16
N ALA AA 79 90.78 -14.87 -12.01
CA ALA AA 79 89.64 -14.06 -12.43
C ALA AA 79 89.66 -13.83 -13.94
N CYS AA 80 89.50 -14.95 -14.65
CA CYS AA 80 89.39 -14.91 -16.10
C CYS AA 80 87.96 -14.94 -16.59
N LYS AA 81 87.00 -15.11 -15.68
CA LYS AA 81 85.55 -14.92 -15.86
C LYS AA 81 84.90 -15.89 -16.84
N LEU AA 82 85.59 -16.96 -17.25
CA LEU AA 82 84.94 -17.99 -18.05
C LEU AA 82 83.83 -18.70 -17.29
N CYS AA 83 83.97 -18.80 -15.97
CA CYS AA 83 82.91 -19.44 -15.20
C CYS AA 83 81.67 -18.57 -15.12
N GLU AA 84 81.81 -17.25 -15.16
CA GLU AA 84 80.62 -16.43 -15.31
C GLU AA 84 80.07 -16.52 -16.72
N ALA AA 85 80.96 -16.62 -17.72
CA ALA AA 85 80.49 -16.69 -19.10
C ALA AA 85 79.76 -18.00 -19.40
N VAL AA 86 80.05 -19.08 -18.66
CA VAL AA 86 79.37 -20.34 -18.88
C VAL AA 86 78.37 -20.67 -17.79
N CYS AA 87 78.30 -19.88 -16.73
CA CYS AA 87 77.38 -20.20 -15.66
C CYS AA 87 75.96 -19.84 -16.08
N PRO AA 88 75.06 -20.80 -16.19
CA PRO AA 88 73.83 -20.56 -16.94
C PRO AA 88 72.82 -19.78 -16.14
N ALA AA 89 72.80 -19.98 -14.82
CA ALA AA 89 71.92 -19.19 -13.97
C ALA AA 89 72.58 -17.90 -13.52
N GLN AA 90 73.76 -17.59 -14.06
CA GLN AA 90 74.55 -16.39 -13.74
C GLN AA 90 74.87 -16.30 -12.25
N ALA AA 91 75.08 -17.45 -11.61
CA ALA AA 91 75.37 -17.43 -10.19
C ALA AA 91 76.78 -16.97 -9.89
N ILE AA 92 77.68 -17.09 -10.86
CA ILE AA 92 79.04 -16.59 -10.68
C ILE AA 92 79.03 -15.08 -10.77
N THR AA 93 79.40 -14.43 -9.69
CA THR AA 93 79.60 -12.98 -9.69
C THR AA 93 81.06 -12.71 -9.37
N ILE AA 94 81.79 -12.19 -10.35
CA ILE AA 94 83.22 -11.91 -10.20
C ILE AA 94 83.46 -10.45 -10.54
N GLU AA 95 83.99 -9.72 -9.57
CA GLU AA 95 84.64 -8.43 -9.83
C GLU AA 95 86.08 -8.53 -9.38
N ALA AA 96 86.98 -8.48 -10.35
CA ALA AA 96 88.40 -8.66 -10.10
C ALA AA 96 89.03 -7.39 -9.58
N GLU AA 97 90.13 -7.53 -8.84
CA GLU AA 97 91.14 -6.50 -8.78
C GLU AA 97 92.50 -7.18 -8.88
N PRO AA 98 93.45 -6.56 -9.58
CA PRO AA 98 94.84 -6.93 -9.40
C PRO AA 98 95.27 -6.63 -7.98
N ARG AA 99 96.16 -7.45 -7.46
CA ARG AA 99 96.56 -7.37 -6.07
C ARG AA 99 97.59 -6.26 -5.88
N ALA AA 100 98.21 -6.23 -4.70
CA ALA AA 100 99.17 -5.19 -4.35
C ALA AA 100 100.53 -5.38 -5.01
N ASP AA 101 100.73 -6.42 -5.81
CA ASP AA 101 101.97 -6.61 -6.54
C ASP AA 101 101.82 -6.44 -8.05
N GLY AA 102 100.66 -6.75 -8.61
CA GLY AA 102 100.44 -6.49 -10.02
C GLY AA 102 99.82 -7.64 -10.79
N SER AA 103 100.01 -8.86 -10.30
CA SER AA 103 99.45 -10.03 -10.97
C SER AA 103 97.94 -10.05 -10.79
N ARG AA 104 97.23 -10.39 -11.87
CA ARG AA 104 95.78 -10.22 -11.88
C ARG AA 104 95.10 -11.28 -11.02
N ARG AA 105 94.26 -10.82 -10.10
CA ARG AA 105 93.51 -11.62 -9.14
C ARG AA 105 92.19 -10.89 -8.91
N THR AA 106 91.56 -11.09 -7.78
CA THR AA 106 90.11 -10.93 -7.60
C THR AA 106 89.83 -9.77 -6.65
N THR AA 107 88.53 -9.51 -6.43
CA THR AA 107 88.03 -9.09 -5.13
C THR AA 107 86.79 -9.89 -4.74
N ARG AA 108 85.78 -9.84 -5.60
CA ARG AA 108 84.44 -10.29 -5.27
C ARG AA 108 84.18 -11.55 -6.07
N TYR AA 109 84.26 -12.68 -5.40
CA TYR AA 109 84.02 -13.99 -5.98
C TYR AA 109 82.82 -14.60 -5.27
N ASP AA 110 81.74 -14.82 -5.99
CA ASP AA 110 80.49 -15.22 -5.38
C ASP AA 110 79.86 -16.34 -6.18
N ILE AA 111 79.62 -17.48 -5.54
CA ILE AA 111 78.81 -18.54 -6.09
C ILE AA 111 77.48 -18.52 -5.37
N ASP AA 112 76.42 -18.15 -6.08
CA ASP AA 112 75.10 -18.06 -5.47
C ASP AA 112 74.52 -19.46 -5.43
N MET AA 113 74.70 -20.13 -4.28
CA MET AA 113 74.31 -21.54 -4.13
C MET AA 113 72.81 -21.73 -4.22
N THR AA 114 72.02 -20.68 -3.98
CA THR AA 114 70.60 -20.75 -4.26
C THR AA 114 70.32 -20.80 -5.74
N LYS AA 115 71.24 -20.36 -6.60
CA LYS AA 115 71.03 -20.36 -8.03
C LYS AA 115 71.83 -21.42 -8.76
N CYS AA 116 72.82 -22.04 -8.13
CA CYS AA 116 73.67 -23.02 -8.79
C CYS AA 116 72.89 -24.26 -9.17
N ILE AA 117 73.11 -24.75 -10.39
CA ILE AA 117 72.36 -25.89 -10.89
C ILE AA 117 73.30 -27.07 -11.20
N TYR AA 118 74.54 -26.99 -10.70
CA TYR AA 118 75.39 -28.17 -10.45
C TYR AA 118 75.78 -28.89 -11.74
N CYS AA 119 76.08 -28.14 -12.79
CA CYS AA 119 76.37 -28.79 -14.07
C CYS AA 119 77.80 -29.28 -14.08
N GLY AA 120 78.74 -28.39 -13.80
CA GLY AA 120 80.11 -28.61 -14.12
C GLY AA 120 80.60 -27.85 -15.32
N PHE AA 121 79.85 -26.85 -15.80
CA PHE AA 121 80.39 -26.03 -16.88
C PHE AA 121 81.50 -25.14 -16.38
N CYS AA 122 81.42 -24.67 -15.13
CA CYS AA 122 82.55 -23.97 -14.55
C CYS AA 122 83.69 -24.93 -14.27
N GLN AA 123 83.41 -26.22 -14.10
CA GLN AA 123 84.48 -27.20 -13.99
C GLN AA 123 85.15 -27.44 -15.34
N GLU AA 124 84.39 -27.39 -16.43
CA GLU AA 124 84.95 -27.55 -17.75
C GLU AA 124 85.75 -26.33 -18.17
N ALA AA 125 85.17 -25.15 -17.98
CA ALA AA 125 85.75 -23.93 -18.53
C ALA AA 125 86.96 -23.43 -17.76
N CYS AA 126 87.16 -23.91 -16.54
CA CYS AA 126 88.19 -23.32 -15.69
C CYS AA 126 89.56 -23.75 -16.18
N PRO AA 127 90.36 -22.84 -16.74
CA PRO AA 127 91.54 -23.26 -17.49
C PRO AA 127 92.69 -23.71 -16.63
N VAL AA 128 92.61 -23.52 -15.31
CA VAL AA 128 93.63 -23.98 -14.39
C VAL AA 128 93.09 -24.99 -13.39
N ASP AA 129 91.81 -25.36 -13.51
CA ASP AA 129 91.07 -26.14 -12.53
C ASP AA 129 91.12 -25.49 -11.15
N ALA AA 130 90.75 -24.21 -11.11
CA ALA AA 130 90.70 -23.50 -9.84
C ALA AA 130 89.41 -23.80 -9.09
N ILE AA 131 88.27 -23.47 -9.70
CA ILE AA 131 87.01 -23.91 -9.14
C ILE AA 131 86.81 -25.38 -9.45
N VAL AA 132 86.47 -26.16 -8.43
CA VAL AA 132 86.20 -27.59 -8.58
C VAL AA 132 84.90 -27.88 -7.87
N GLU AA 133 84.05 -28.68 -8.51
CA GLU AA 133 82.90 -29.25 -7.84
C GLU AA 133 83.35 -30.12 -6.69
N GLY AA 134 82.87 -29.81 -5.49
CA GLY AA 134 83.30 -30.52 -4.30
C GLY AA 134 82.69 -31.90 -4.21
N PRO AA 135 83.13 -32.69 -3.23
CA PRO AA 135 82.64 -34.07 -3.12
C PRO AA 135 81.40 -34.27 -2.26
N ASN AA 136 81.20 -33.46 -1.23
CA ASN AA 136 80.18 -33.75 -0.23
C ASN AA 136 79.03 -32.77 -0.29
N PHE AA 137 77.99 -33.09 0.45
CA PHE AA 137 76.71 -32.43 0.34
C PHE AA 137 76.09 -32.24 1.72
N GLU AA 138 76.57 -31.22 2.45
CA GLU AA 138 75.96 -30.88 3.74
C GLU AA 138 75.98 -29.35 3.81
N PHE AA 139 74.93 -28.74 3.29
CA PHE AA 139 74.78 -27.30 3.40
C PHE AA 139 73.71 -26.99 4.43
N SER AA 140 72.50 -27.53 4.21
CA SER AA 140 71.63 -28.05 5.25
C SER AA 140 71.27 -26.99 6.29
N THR AA 141 70.88 -25.83 5.80
CA THR AA 141 71.06 -24.59 6.54
C THR AA 141 69.76 -24.15 7.19
N GLU AA 142 69.87 -23.59 8.39
CA GLU AA 142 68.76 -22.98 9.10
C GLU AA 142 68.56 -21.52 8.74
N THR AA 143 69.37 -20.96 7.84
CA THR AA 143 69.28 -19.56 7.44
C THR AA 143 69.39 -19.46 5.92
N HIS AA 144 69.10 -18.26 5.41
CA HIS AA 144 69.32 -17.99 4.00
C HIS AA 144 70.67 -17.36 3.73
N GLU AA 145 71.18 -16.56 4.68
CA GLU AA 145 72.42 -15.84 4.49
C GLU AA 145 73.61 -16.78 4.35
N GLU AA 146 73.58 -17.92 5.01
CA GLU AA 146 74.69 -18.86 5.02
C GLU AA 146 74.76 -19.69 3.75
N LEU AA 147 73.80 -19.56 2.84
CA LEU AA 147 73.89 -20.24 1.57
C LEU AA 147 74.83 -19.52 0.61
N LEU AA 148 74.73 -18.20 0.54
CA LEU AA 148 75.48 -17.39 -0.41
C LEU AA 148 76.94 -17.29 0.05
N TYR AA 149 77.87 -17.68 -0.80
CA TYR AA 149 79.26 -17.79 -0.38
C TYR AA 149 80.08 -16.59 -0.85
N ASN AA 150 81.29 -16.49 -0.30
CA ASN AA 150 82.26 -15.47 -0.67
C ASN AA 150 83.63 -16.10 -0.84
N LYS AA 151 84.62 -15.25 -1.11
CA LYS AA 151 85.96 -15.73 -1.43
C LYS AA 151 86.61 -16.40 -0.22
N GLU AA 152 86.51 -15.79 0.95
CA GLU AA 152 87.14 -16.38 2.14
C GLU AA 152 86.39 -17.60 2.62
N LYS AA 153 85.07 -17.64 2.42
CA LYS AA 153 84.31 -18.85 2.71
C LYS AA 153 84.73 -20.00 1.82
N LEU AA 154 84.87 -19.73 0.51
CA LEU AA 154 85.26 -20.78 -0.41
C LEU AA 154 86.70 -21.21 -0.21
N LEU AA 155 87.57 -20.30 0.22
CA LEU AA 155 88.92 -20.75 0.46
C LEU AA 155 89.07 -21.47 1.78
N ASN AA 156 88.28 -21.12 2.80
CA ASN AA 156 88.23 -21.96 4.00
C ASN AA 156 87.60 -23.31 3.70
N ASN AA 157 86.69 -23.35 2.74
CA ASN AA 157 86.05 -24.57 2.30
C ASN AA 157 86.99 -25.42 1.46
N GLY AA 158 87.95 -24.80 0.80
CA GLY AA 158 89.01 -25.51 0.12
C GLY AA 158 90.20 -25.84 0.97
N ASP AA 159 90.33 -25.23 2.14
CA ASP AA 159 91.36 -25.61 3.09
C ASP AA 159 90.93 -26.70 4.04
N LYS AA 160 89.65 -27.08 4.01
CA LYS AA 160 89.21 -28.18 4.85
C LYS AA 160 89.63 -29.51 4.26
N TRP AA 161 89.76 -29.58 2.93
CA TRP AA 161 90.35 -30.73 2.27
C TRP AA 161 90.96 -30.29 0.95
N GLU AA 162 92.13 -30.83 0.65
CA GLU AA 162 92.72 -30.72 -0.68
C GLU AA 162 92.94 -32.08 -1.32
N ALA AA 163 93.52 -33.03 -0.58
CA ALA AA 163 93.91 -34.32 -1.16
C ALA AA 163 92.70 -35.15 -1.55
N GLU AA 164 91.55 -34.88 -0.96
CA GLU AA 164 90.26 -35.31 -1.49
C GLU AA 164 90.10 -34.90 -2.95
N ILE AA 165 90.19 -33.60 -3.21
CA ILE AA 165 89.94 -33.07 -4.54
C ILE AA 165 91.04 -33.48 -5.50
N ALA AA 166 92.29 -33.50 -5.00
CA ALA AA 166 93.41 -33.96 -5.82
C ALA AA 166 93.26 -35.43 -6.19
N ALA AA 167 92.71 -36.24 -5.27
CA ALA AA 167 92.48 -37.65 -5.57
C ALA AA 167 91.39 -37.83 -6.62
N ASN AA 168 90.31 -37.05 -6.51
CA ASN AA 168 89.25 -37.16 -7.51
C ASN AA 168 89.69 -36.66 -8.88
N ILE AA 169 90.51 -35.61 -8.92
CA ILE AA 169 90.99 -35.11 -10.21
C ILE AA 169 92.00 -36.08 -10.81
N GLN AA 170 92.86 -36.66 -9.97
CA GLN AA 170 93.81 -37.66 -10.46
C GLN AA 170 93.10 -38.93 -10.92
N ALA AA 171 91.92 -39.20 -10.38
CA ALA AA 171 91.11 -40.27 -10.96
C ALA AA 171 90.46 -39.84 -12.27
N ASP AA 172 90.11 -38.56 -12.41
CA ASP AA 172 89.23 -38.12 -13.50
C ASP AA 172 89.90 -37.27 -14.56
N TYR AA 173 91.23 -37.12 -14.56
CA TYR AA 173 91.80 -36.13 -15.46
C TYR AA 173 91.94 -36.62 -16.90
N LEU AA 174 91.98 -37.93 -17.12
CA LEU AA 174 92.10 -38.42 -18.48
C LEU AA 174 90.80 -38.31 -19.26
N TYR AA 175 89.66 -38.40 -18.58
CA TYR AA 175 88.38 -38.44 -19.28
C TYR AA 175 87.91 -37.04 -19.65
N ARG AA 176 87.67 -36.20 -18.66
CA ARG AA 176 87.28 -34.83 -18.90
C ARG AA 176 88.52 -34.00 -19.12
N ASN BA 35 151.19 -15.27 -68.57
CA ASN BA 35 151.53 -14.37 -67.49
C ASN BA 35 151.35 -15.08 -66.15
N THR BA 36 152.44 -15.21 -65.41
CA THR BA 36 152.51 -16.04 -64.21
C THR BA 36 152.70 -15.20 -62.94
N THR BA 37 152.17 -13.98 -62.93
CA THR BA 37 152.31 -13.12 -61.76
C THR BA 37 151.00 -12.38 -61.56
N TYR BA 38 150.53 -12.35 -60.32
CA TYR BA 38 149.25 -11.73 -59.97
C TYR BA 38 149.34 -10.22 -60.15
N LYS BA 39 148.73 -9.72 -61.23
CA LYS BA 39 148.88 -8.33 -61.64
C LYS BA 39 147.94 -7.38 -60.90
N ASN BA 40 147.26 -7.87 -59.88
CA ASN BA 40 146.83 -7.07 -58.74
C ASN BA 40 148.00 -6.93 -57.78
N LEU BA 41 147.69 -6.74 -56.48
CA LEU BA 41 148.58 -6.55 -55.31
C LEU BA 41 149.00 -5.08 -55.26
N GLN BA 42 148.39 -4.24 -56.11
CA GLN BA 42 148.31 -2.83 -55.83
C GLN BA 42 147.26 -2.52 -54.78
N HIS BA 43 146.40 -3.49 -54.46
CA HIS BA 43 145.46 -3.44 -53.35
C HIS BA 43 146.08 -3.88 -52.04
N HIS BA 44 147.27 -4.51 -52.10
CA HIS BA 44 147.91 -5.14 -50.97
C HIS BA 44 148.26 -4.17 -49.87
N ASP BA 45 148.42 -2.89 -50.20
CA ASP BA 45 148.83 -1.85 -49.26
C ASP BA 45 147.67 -0.96 -48.83
N TYR BA 46 146.49 -1.54 -48.61
CA TYR BA 46 145.33 -0.73 -48.21
C TYR BA 46 145.37 -0.35 -46.75
N SER BA 47 145.11 0.92 -46.48
CA SER BA 47 144.92 1.46 -45.14
C SER BA 47 143.42 1.42 -44.80
N THR BA 48 143.02 2.10 -43.74
CA THR BA 48 141.62 2.08 -43.32
C THR BA 48 140.79 3.09 -44.09
N TYR BA 49 141.32 4.30 -44.30
CA TYR BA 49 140.53 5.42 -44.81
C TYR BA 49 140.55 5.53 -46.33
N THR BA 50 140.91 4.46 -47.05
CA THR BA 50 141.21 4.60 -48.48
C THR BA 50 139.96 4.86 -49.31
N PHE BA 51 138.86 4.18 -49.01
CA PHE BA 51 137.61 4.35 -49.74
C PHE BA 51 137.06 5.76 -49.61
N LEU BA 52 136.95 6.24 -48.37
CA LEU BA 52 136.38 7.55 -48.12
C LEU BA 52 137.34 8.65 -48.56
N ASP BA 53 138.65 8.42 -48.48
CA ASP BA 53 139.60 9.38 -49.03
C ASP BA 53 139.49 9.46 -50.53
N LEU BA 54 139.20 8.35 -51.22
CA LEU BA 54 138.98 8.42 -52.66
C LEU BA 54 137.71 9.19 -52.97
N ASN BA 55 136.67 8.98 -52.16
CA ASN BA 55 135.41 9.68 -52.35
C ASN BA 55 135.58 11.18 -52.14
N LEU BA 56 136.47 11.58 -51.23
CA LEU BA 56 136.78 12.99 -51.08
C LEU BA 56 137.68 13.48 -52.22
N ASP BA 57 138.54 12.62 -52.74
CA ASP BA 57 139.42 12.97 -53.85
C ASP BA 57 138.66 13.19 -55.16
N LEU BA 58 137.46 12.64 -55.31
CA LEU BA 58 136.68 12.86 -56.51
C LEU BA 58 135.47 13.74 -56.24
N SER BA 59 135.65 14.77 -55.40
CA SER BA 59 134.55 15.62 -54.97
C SER BA 59 134.19 16.70 -55.99
N LYS BA 60 134.90 16.80 -57.10
CA LYS BA 60 134.76 17.92 -58.02
C LYS BA 60 134.23 17.46 -59.37
N PHE BA 61 134.10 18.43 -60.29
CA PHE BA 61 133.44 18.38 -61.61
C PHE BA 61 132.10 17.67 -61.62
N ARG BA 62 131.36 17.74 -60.53
CA ARG BA 62 130.20 16.88 -60.38
C ARG BA 62 128.98 17.47 -61.08
N MET BA 63 128.20 16.57 -61.66
CA MET BA 63 126.81 16.88 -61.99
C MET BA 63 126.07 17.23 -60.69
N PRO BA 64 125.21 18.26 -60.70
CA PRO BA 64 124.76 18.88 -59.44
C PRO BA 64 123.89 18.01 -58.52
N GLN BA 65 123.47 16.81 -58.95
CA GLN BA 65 122.63 15.87 -58.20
C GLN BA 65 121.36 16.56 -57.74
N PRO BA 66 120.40 16.77 -58.63
CA PRO BA 66 119.47 17.89 -58.51
C PRO BA 66 118.47 17.71 -57.37
N SER BA 67 118.23 18.82 -56.67
CA SER BA 67 117.22 18.84 -55.64
C SER BA 67 115.83 18.90 -56.29
N SER BA 68 114.82 18.58 -55.48
CA SER BA 68 113.43 18.68 -55.89
C SER BA 68 112.70 19.44 -54.80
N GLY BA 69 112.77 20.77 -54.85
CA GLY BA 69 112.19 21.54 -53.78
C GLY BA 69 112.98 21.42 -52.50
N ARG BA 70 112.48 20.60 -51.58
CA ARG BA 70 112.95 20.51 -50.21
C ARG BA 70 114.38 19.93 -50.14
N GLU BA 71 114.92 19.95 -48.91
CA GLU BA 71 116.17 19.28 -48.57
C GLU BA 71 115.96 17.98 -47.81
N SER BA 72 114.75 17.74 -47.32
CA SER BA 72 114.35 16.52 -46.64
C SER BA 72 112.83 16.46 -46.66
N PRO BA 73 112.24 15.25 -46.58
CA PRO BA 73 110.77 15.19 -46.47
C PRO BA 73 110.26 15.75 -45.14
N ARG BA 74 111.05 15.67 -44.09
CA ARG BA 74 110.77 16.34 -42.82
C ARG BA 74 111.44 17.71 -42.75
N HIS BA 75 111.21 18.53 -43.77
CA HIS BA 75 111.96 19.78 -43.95
C HIS BA 75 111.61 20.83 -42.91
N GLY CA 1 98.71 -13.63 8.29
CA GLY CA 1 98.17 -13.31 9.60
C GLY CA 1 97.20 -12.15 9.58
N VAL CA 2 96.32 -12.12 10.58
CA VAL CA 2 95.30 -11.08 10.65
C VAL CA 2 95.88 -9.87 11.37
N ARG CA 3 95.48 -8.69 10.93
CA ARG CA 3 95.93 -7.45 11.54
C ARG CA 3 94.92 -6.99 12.59
N THR CA 4 95.08 -5.75 13.04
CA THR CA 4 94.23 -5.16 14.07
C THR CA 4 93.62 -3.89 13.53
N SER CA 5 92.33 -3.91 13.24
CA SER CA 5 91.58 -2.70 12.96
C SER CA 5 91.29 -1.99 14.28
N PRO CA 6 90.87 -0.71 14.25
CA PRO CA 6 90.42 -0.06 15.50
C PRO CA 6 89.13 -0.65 16.08
N THR CA 7 88.43 -1.52 15.35
CA THR CA 7 87.28 -2.23 15.89
C THR CA 7 87.68 -3.41 16.78
N GLY CA 8 88.97 -3.74 16.83
CA GLY CA 8 89.42 -4.88 17.61
C GLY CA 8 89.14 -6.21 16.97
N GLU CA 9 89.07 -6.27 15.64
CA GLU CA 9 88.72 -7.51 14.95
C GLU CA 9 89.72 -7.86 13.86
N LYS CA 10 89.39 -8.85 13.05
CA LYS CA 10 90.28 -9.34 12.01
C LYS CA 10 89.99 -8.62 10.70
N VAL CA 11 91.03 -8.02 10.11
CA VAL CA 11 90.91 -7.32 8.85
C VAL CA 11 90.89 -8.36 7.73
N THR CA 12 90.60 -7.90 6.53
CA THR CA 12 90.60 -8.77 5.36
C THR CA 12 91.90 -8.63 4.59
N HIS CA 13 92.18 -9.63 3.75
CA HIS CA 13 93.40 -9.62 2.93
C HIS CA 13 93.33 -8.56 1.84
N THR CA 14 92.11 -8.18 1.43
CA THR CA 14 91.90 -7.05 0.54
C THR CA 14 91.07 -6.04 1.30
N GLY CA 15 91.39 -4.76 1.12
CA GLY CA 15 91.02 -3.73 2.09
C GLY CA 15 89.56 -3.38 2.13
N GLN CA 16 88.74 -4.26 2.71
CA GLN CA 16 87.32 -4.00 2.87
C GLN CA 16 86.90 -3.93 4.33
N VAL CA 17 87.87 -3.90 5.26
CA VAL CA 17 87.58 -3.93 6.69
C VAL CA 17 86.81 -2.68 7.11
N TYR CA 18 85.89 -2.86 8.05
CA TYR CA 18 84.79 -1.93 8.27
C TYR CA 18 85.26 -0.64 8.93
N ASP CA 19 84.47 0.41 8.69
CA ASP CA 19 84.58 1.65 9.44
C ASP CA 19 83.98 1.46 10.83
N ASP CA 20 84.20 2.44 11.70
CA ASP CA 20 83.75 2.32 13.08
C ASP CA 20 82.27 2.55 13.25
N GLU CA 21 81.57 3.07 12.23
CA GLU CA 21 80.13 3.27 12.31
C GLU CA 21 79.43 2.63 11.13
N ASP CA 22 79.78 1.38 10.83
CA ASP CA 22 79.07 0.58 9.85
C ASP CA 22 78.13 -0.36 10.58
N TYR CA 23 76.86 -0.37 10.19
CA TYR CA 23 75.92 -1.27 10.84
C TYR CA 23 75.98 -2.69 10.27
N ARG CA 24 76.85 -2.92 9.29
CA ARG CA 24 77.14 -4.30 8.92
C ARG CA 24 77.93 -5.00 10.03
N ARG CA 25 78.68 -4.23 10.81
CA ARG CA 25 79.27 -4.75 12.04
C ARG CA 25 78.19 -5.23 13.01
N VAL CA 26 77.09 -4.48 13.11
CA VAL CA 26 76.03 -4.86 14.03
C VAL CA 26 75.01 -5.79 13.37
N ARG CA 27 75.25 -6.20 12.12
CA ARG CA 27 74.66 -7.46 11.69
C ARG CA 27 75.66 -8.61 11.77
N PHE CA 28 76.91 -8.35 12.14
CA PHE CA 28 77.83 -9.44 12.50
C PHE CA 28 77.78 -9.79 13.99
N VAL CA 29 76.64 -9.59 14.64
CA VAL CA 29 76.54 -9.74 16.09
C VAL CA 29 76.52 -11.21 16.47
N GLY CA 30 77.48 -11.62 17.30
CA GLY CA 30 77.42 -12.92 17.94
C GLY CA 30 77.76 -14.10 17.06
N ARG CA 31 78.38 -13.87 15.91
CA ARG CA 31 78.72 -14.95 14.99
C ARG CA 31 80.10 -14.68 14.39
N GLN CA 32 80.66 -15.71 13.77
CA GLN CA 32 82.02 -15.65 13.24
C GLN CA 32 82.05 -14.87 11.94
N LYS CA 33 82.72 -13.74 11.93
CA LYS CA 33 83.20 -13.16 10.68
C LYS CA 33 84.36 -14.03 10.22
N GLU CA 34 84.08 -14.99 9.35
CA GLU CA 34 85.07 -15.99 8.99
C GLU CA 34 86.12 -15.40 8.05
N VAL CA 35 87.36 -15.83 8.24
CA VAL CA 35 88.47 -15.35 7.44
C VAL CA 35 89.43 -16.52 7.25
N ASN CA 36 90.06 -16.57 6.07
CA ASN CA 36 91.13 -17.51 5.80
C ASN CA 36 92.42 -16.85 6.26
N GLU CA 37 92.93 -17.28 7.43
CA GLU CA 37 94.13 -16.67 7.99
C GLU CA 37 95.37 -16.90 7.15
N ASN CA 38 95.40 -17.96 6.35
CA ASN CA 38 96.43 -18.07 5.35
C ASN CA 38 96.15 -17.07 4.24
N PHE CA 39 97.13 -16.22 3.96
CA PHE CA 39 97.02 -15.22 2.90
C PHE CA 39 97.89 -15.62 1.72
N ALA CA 40 97.57 -15.03 0.57
CA ALA CA 40 98.24 -15.42 -0.68
C ALA CA 40 99.67 -14.89 -0.74
N ILE CA 41 99.88 -13.65 -0.32
CA ILE CA 41 101.20 -13.02 -0.41
C ILE CA 41 102.18 -13.63 0.58
N ASP CA 42 101.68 -14.24 1.66
CA ASP CA 42 102.54 -14.80 2.70
C ASP CA 42 103.32 -16.04 2.26
N LEU CA 43 103.02 -16.62 1.10
CA LEU CA 43 103.77 -17.79 0.65
C LEU CA 43 104.83 -17.45 -0.37
N ILE CA 44 104.69 -16.33 -1.09
CA ILE CA 44 105.67 -15.93 -2.09
C ILE CA 44 106.99 -15.55 -1.44
N ALA CA 45 106.93 -14.98 -0.23
CA ALA CA 45 108.14 -14.60 0.50
C ALA CA 45 108.99 -15.79 0.90
N GLU CA 46 108.42 -16.99 0.95
CA GLU CA 46 109.16 -18.21 1.27
C GLU CA 46 109.43 -19.06 0.04
N GLN CA 47 109.54 -18.44 -1.13
CA GLN CA 47 109.76 -19.20 -2.36
C GLN CA 47 111.22 -19.13 -2.76
N PRO CA 48 111.92 -20.25 -2.82
CA PRO CA 48 113.26 -20.23 -3.41
C PRO CA 48 113.20 -20.09 -4.92
N VAL CA 49 113.56 -18.92 -5.43
CA VAL CA 49 113.52 -18.69 -6.87
C VAL CA 49 114.67 -19.45 -7.51
N SER CA 50 114.35 -20.36 -8.42
CA SER CA 50 115.35 -21.28 -8.95
C SER CA 50 116.22 -20.61 -10.00
N GLN CA 51 117.26 -21.34 -10.42
CA GLN CA 51 118.34 -20.82 -11.26
C GLN CA 51 118.56 -21.74 -12.45
N VAL CA 52 117.82 -21.52 -13.53
CA VAL CA 52 117.86 -22.38 -14.71
C VAL CA 52 118.86 -21.80 -15.69
N GLY CA 53 119.73 -22.66 -16.24
CA GLY CA 53 120.83 -22.27 -17.11
C GLY CA 53 120.50 -21.93 -18.55
N SER CA 54 119.23 -21.97 -18.95
CA SER CA 54 118.85 -21.62 -20.32
C SER CA 54 118.56 -20.12 -20.39
N ARG CA 55 117.89 -19.68 -21.45
CA ARG CA 55 117.58 -18.27 -21.63
C ARG CA 55 116.09 -18.00 -21.53
N VAL CA 56 115.27 -18.66 -22.34
CA VAL CA 56 113.82 -18.54 -22.29
C VAL CA 56 113.28 -19.90 -21.89
N ILE CA 57 112.58 -19.96 -20.76
CA ILE CA 57 112.26 -21.23 -20.13
C ILE CA 57 110.75 -21.41 -20.07
N SER CA 58 110.37 -22.61 -19.63
CA SER CA 58 109.01 -23.12 -19.63
C SER CA 58 108.45 -23.18 -18.23
N CYS CA 59 107.12 -23.21 -18.15
CA CYS CA 59 106.45 -23.42 -16.88
C CYS CA 59 105.12 -24.11 -17.13
N ASP CA 60 104.87 -25.18 -16.38
CA ASP CA 60 103.68 -26.01 -16.46
C ASP CA 60 102.96 -26.12 -15.13
N GLY CA 61 103.70 -26.21 -14.03
CA GLY CA 61 103.10 -26.29 -12.71
C GLY CA 61 102.92 -27.71 -12.23
N GLY CA 62 103.92 -28.55 -12.46
CA GLY CA 62 103.86 -29.91 -11.96
C GLY CA 62 102.94 -30.83 -12.75
N GLY CA 63 103.29 -31.12 -13.99
CA GLY CA 63 102.53 -32.06 -14.79
C GLY CA 63 101.43 -31.40 -15.58
N GLY CA 64 101.29 -31.78 -16.85
CA GLY CA 64 100.20 -31.28 -17.66
C GLY CA 64 98.87 -31.81 -17.16
N ALA CA 65 97.83 -31.01 -17.42
CA ALA CA 65 96.43 -31.21 -17.01
C ALA CA 65 96.23 -31.18 -15.50
N LEU CA 66 97.27 -30.91 -14.72
CA LEU CA 66 97.18 -30.64 -13.29
C LEU CA 66 97.98 -29.36 -13.10
N GLY CA 67 97.34 -28.23 -13.34
CA GLY CA 67 98.04 -26.97 -13.30
C GLY CA 67 97.65 -26.03 -14.41
N HIS CA 68 98.63 -25.35 -14.99
CA HIS CA 68 98.33 -24.30 -15.95
C HIS CA 68 99.01 -24.59 -17.28
N PRO CA 69 98.50 -24.07 -18.40
CA PRO CA 69 99.11 -24.35 -19.70
C PRO CA 69 100.50 -23.75 -19.83
N ARG CA 70 101.24 -24.27 -20.81
CA ARG CA 70 102.66 -23.96 -21.01
C ARG CA 70 102.90 -22.48 -21.21
N VAL CA 71 103.53 -21.83 -20.24
CA VAL CA 71 103.87 -20.42 -20.39
C VAL CA 71 105.38 -20.29 -20.44
N TYR CA 72 105.86 -19.39 -21.28
CA TYR CA 72 107.27 -19.28 -21.61
C TYR CA 72 107.74 -17.89 -21.23
N ILE CA 73 108.70 -17.83 -20.30
CA ILE CA 73 109.14 -16.55 -19.77
C ILE CA 73 110.62 -16.36 -20.06
N ASN CA 74 111.06 -15.11 -19.92
CA ASN CA 74 112.37 -14.68 -20.41
C ASN CA 74 113.26 -14.27 -19.23
N LEU CA 75 114.56 -14.51 -19.42
CA LEU CA 75 115.57 -14.25 -18.40
C LEU CA 75 116.67 -13.34 -18.97
N ASP CA 76 116.25 -12.23 -19.57
CA ASP CA 76 117.18 -11.24 -20.11
C ASP CA 76 117.69 -10.29 -19.03
N LYS CA 77 116.79 -9.52 -18.42
CA LYS CA 77 117.19 -8.47 -17.48
C LYS CA 77 117.53 -9.08 -16.13
N GLU CA 78 118.71 -8.76 -15.63
CA GLU CA 78 119.18 -9.24 -14.34
C GLU CA 78 118.74 -8.33 -13.19
N THR CA 79 118.04 -7.24 -13.48
CA THR CA 79 117.49 -6.39 -12.45
C THR CA 79 116.06 -6.78 -12.07
N LYS CA 80 115.41 -7.61 -12.87
CA LYS CA 80 114.04 -8.03 -12.61
C LYS CA 80 113.94 -9.54 -12.77
N THR CA 81 113.30 -10.20 -11.82
CA THR CA 81 113.09 -11.63 -11.91
C THR CA 81 111.92 -11.95 -12.85
N GLY CA 82 112.03 -13.07 -13.54
CA GLY CA 82 110.99 -13.46 -14.48
C GLY CA 82 109.80 -14.08 -13.79
N THR CA 83 108.69 -13.33 -13.74
CA THR CA 83 107.51 -13.74 -13.00
C THR CA 83 106.49 -14.40 -13.92
N CYS CA 84 106.05 -15.60 -13.56
CA CYS CA 84 104.98 -16.24 -14.29
C CYS CA 84 103.66 -15.54 -14.05
N GLY CA 85 102.82 -15.50 -15.09
CA GLY CA 85 101.50 -14.94 -14.93
C GLY CA 85 100.53 -15.89 -14.26
N TYR CA 86 100.73 -17.19 -14.42
CA TYR CA 86 99.87 -18.19 -13.81
C TYR CA 86 100.42 -18.69 -12.48
N CYS CA 87 101.70 -19.10 -12.45
CA CYS CA 87 102.28 -19.72 -11.25
C CYS CA 87 102.38 -18.73 -10.10
N GLY CA 88 102.72 -17.48 -10.39
CA GLY CA 88 103.01 -16.55 -9.31
C GLY CA 88 104.32 -16.84 -8.61
N LEU CA 89 105.28 -17.48 -9.29
CA LEU CA 89 106.60 -17.71 -8.74
C LEU CA 89 107.65 -17.38 -9.79
N GLN CA 90 108.78 -16.84 -9.33
CA GLN CA 90 109.74 -16.21 -10.21
C GLN CA 90 110.75 -17.23 -10.74
N PHE CA 91 111.64 -16.74 -11.61
CA PHE CA 91 112.72 -17.56 -12.16
C PHE CA 91 113.93 -16.66 -12.39
N ARG CA 92 115.12 -17.27 -12.33
CA ARG CA 92 116.37 -16.58 -12.59
C ARG CA 92 117.28 -17.47 -13.41
N GLN CA 93 118.35 -16.86 -13.95
CA GLN CA 93 119.38 -17.60 -14.66
C GLN CA 93 120.74 -17.35 -14.01
N GLN CA 94 121.66 -18.26 -14.31
CA GLN CA 94 123.08 -18.06 -14.00
C GLN CA 94 123.90 -18.48 -15.20
N HIS CA 95 125.16 -18.04 -15.21
CA HIS CA 95 126.07 -18.33 -16.32
C HIS CA 95 127.51 -18.17 -15.86
N THR DA 8 35.90 -7.50 -44.87
CA THR DA 8 35.25 -7.51 -46.17
C THR DA 8 35.26 -6.07 -46.70
N GLN DA 9 36.46 -5.61 -47.06
CA GLN DA 9 36.73 -4.25 -47.57
C GLN DA 9 36.19 -3.17 -46.62
N LEU DA 10 36.55 -3.28 -45.35
CA LEU DA 10 36.12 -2.28 -44.37
C LEU DA 10 36.91 -0.98 -44.56
N ILE DA 11 36.41 0.06 -43.90
CA ILE DA 11 36.91 1.41 -44.11
C ILE DA 11 38.30 1.56 -43.50
N THR DA 12 39.10 2.42 -44.13
CA THR DA 12 40.43 2.76 -43.64
C THR DA 12 40.39 4.16 -43.00
N VAL DA 13 41.36 4.43 -42.13
CA VAL DA 13 41.45 5.72 -41.48
C VAL DA 13 42.93 6.06 -41.32
N ASP DA 14 43.24 7.36 -41.42
CA ASP DA 14 44.61 7.85 -41.34
C ASP DA 14 45.03 8.00 -39.87
N GLU DA 15 45.17 6.86 -39.20
CA GLU DA 15 45.48 6.84 -37.79
C GLU DA 15 46.66 5.93 -37.51
N LYS DA 16 47.17 6.05 -36.29
CA LYS DA 16 48.21 5.21 -35.74
C LYS DA 16 47.55 3.99 -35.09
N LEU DA 17 48.35 3.16 -34.44
CA LEU DA 17 47.84 1.99 -33.74
C LEU DA 17 47.98 2.19 -32.23
N ASP DA 18 47.13 1.51 -31.46
CA ASP DA 18 46.88 1.86 -30.07
C ASP DA 18 46.92 0.63 -29.16
N ILE DA 19 48.00 -0.15 -29.25
CA ILE DA 19 48.19 -1.33 -28.41
C ILE DA 19 48.74 -0.94 -27.04
N THR DA 20 48.97 0.36 -26.81
CA THR DA 20 49.56 0.86 -25.58
C THR DA 20 48.70 0.63 -24.33
N THR DA 21 47.43 0.32 -24.49
CA THR DA 21 46.60 -0.15 -23.39
C THR DA 21 46.18 -1.60 -23.57
N LEU DA 22 46.58 -2.23 -24.67
CA LEU DA 22 46.33 -3.65 -24.86
C LEU DA 22 47.42 -4.50 -24.23
N THR DA 23 48.64 -3.97 -24.15
CA THR DA 23 49.75 -4.72 -23.57
C THR DA 23 49.87 -4.57 -22.06
N GLY DA 24 49.19 -3.59 -21.47
CA GLY DA 24 49.05 -3.54 -20.01
C GLY DA 24 50.28 -3.14 -19.23
N VAL DA 25 51.30 -2.59 -19.89
CA VAL DA 25 52.50 -2.09 -19.19
C VAL DA 25 52.11 -0.86 -18.36
N PRO DA 26 52.65 -0.70 -17.14
CA PRO DA 26 52.26 0.44 -16.30
C PRO DA 26 52.68 1.79 -16.87
N GLU DA 27 52.03 2.84 -16.37
CA GLU DA 27 51.95 4.11 -17.09
C GLU DA 27 53.26 4.88 -17.06
N GLU DA 28 54.06 4.74 -16.00
CA GLU DA 28 55.35 5.39 -15.95
C GLU DA 28 56.30 4.75 -16.95
N HIS DA 29 56.22 3.42 -17.08
CA HIS DA 29 57.00 2.71 -18.07
C HIS DA 29 56.46 2.92 -19.47
N ILE DA 30 55.22 3.36 -19.61
CA ILE DA 30 54.72 3.80 -20.92
C ILE DA 30 55.35 5.12 -21.30
N LYS DA 31 55.10 6.15 -20.49
CA LYS DA 31 55.38 7.52 -20.92
C LYS DA 31 56.84 7.88 -20.76
N THR DA 32 57.44 7.59 -19.61
CA THR DA 32 58.69 8.23 -19.26
C THR DA 32 59.89 7.60 -19.95
N ARG DA 33 59.77 6.36 -20.41
CA ARG DA 33 60.89 5.69 -21.05
C ARG DA 33 61.15 6.25 -22.44
N LYS DA 34 61.97 7.29 -22.50
CA LYS DA 34 62.36 7.88 -23.78
C LYS DA 34 63.32 6.93 -24.48
N ALA DA 35 62.84 6.31 -25.54
CA ALA DA 35 63.64 5.32 -26.24
C ALA DA 35 64.73 5.99 -27.07
N ARG DA 36 65.73 5.19 -27.44
CA ARG DA 36 66.79 5.64 -28.31
C ARG DA 36 66.99 4.59 -29.40
N ILE DA 37 66.84 5.02 -30.64
CA ILE DA 37 67.14 4.17 -31.80
C ILE DA 37 68.55 4.52 -32.25
N PHE DA 38 69.43 3.54 -32.32
CA PHE DA 38 70.79 3.87 -32.72
C PHE DA 38 71.41 2.71 -33.50
N VAL DA 39 72.47 3.06 -34.24
CA VAL DA 39 73.31 2.06 -34.88
C VAL DA 39 74.46 1.76 -33.94
N PRO DA 40 74.56 0.55 -33.40
CA PRO DA 40 75.76 0.19 -32.64
C PRO DA 40 76.95 0.06 -33.58
N ALA DA 41 77.85 1.04 -33.53
CA ALA DA 41 78.89 1.19 -34.54
C ALA DA 41 80.00 0.18 -34.31
N ARG DA 42 81.10 0.34 -35.05
CA ARG DA 42 82.20 -0.61 -34.98
C ARG DA 42 82.92 -0.51 -33.65
N ASN DA 43 83.02 -1.65 -32.96
CA ASN DA 43 83.82 -1.75 -31.75
C ASN DA 43 85.28 -1.55 -32.13
N ASN DA 44 85.83 -0.40 -31.75
CA ASN DA 44 87.08 0.07 -32.33
C ASN DA 44 88.27 -0.76 -31.86
N MET DA 45 88.18 -1.40 -30.69
CA MET DA 45 89.24 -2.29 -30.27
C MET DA 45 89.25 -3.57 -31.09
N GLN DA 46 88.12 -3.93 -31.68
CA GLN DA 46 88.07 -4.99 -32.69
C GLN DA 46 88.25 -4.36 -34.07
N SER DA 47 87.97 -5.15 -35.11
CA SER DA 47 87.97 -4.66 -36.48
C SER DA 47 86.88 -5.40 -37.24
N GLY DA 48 86.17 -4.68 -38.10
CA GLY DA 48 85.09 -5.28 -38.86
C GLY DA 48 83.75 -4.72 -38.47
N VAL DA 49 82.88 -4.52 -39.46
CA VAL DA 49 81.58 -3.88 -39.24
C VAL DA 49 80.49 -4.91 -39.43
N ASN DA 50 80.77 -6.17 -39.07
CA ASN DA 50 79.76 -7.22 -39.12
C ASN DA 50 78.62 -6.95 -38.15
N ASN DA 51 78.91 -6.28 -37.03
CA ASN DA 51 77.92 -5.98 -36.00
C ASN DA 51 77.07 -4.74 -36.35
N THR DA 52 77.24 -4.19 -37.54
CA THR DA 52 76.48 -3.03 -37.98
C THR DA 52 75.19 -3.56 -38.62
N LYS DA 53 74.48 -2.72 -39.39
CA LYS DA 53 73.33 -3.04 -40.24
C LYS DA 53 72.07 -3.39 -39.45
N LYS DA 54 72.14 -3.36 -38.12
CA LYS DA 54 71.01 -3.75 -37.29
C LYS DA 54 70.67 -2.56 -36.38
N TRP DA 55 69.55 -1.92 -36.66
CA TRP DA 55 69.10 -0.81 -35.84
C TRP DA 55 68.64 -1.32 -34.49
N LYS DA 56 69.26 -0.86 -33.42
CA LYS DA 56 68.85 -1.28 -32.09
C LYS DA 56 68.01 -0.19 -31.47
N MET DA 57 66.76 -0.51 -31.18
CA MET DA 57 65.96 0.30 -30.27
C MET DA 57 66.23 -0.18 -28.85
N GLU DA 58 66.75 0.71 -28.02
CA GLU DA 58 66.96 0.40 -26.60
C GLU DA 58 66.40 1.54 -25.77
N PHE DA 59 66.46 1.39 -24.46
CA PHE DA 59 65.81 2.33 -23.57
C PHE DA 59 66.83 3.05 -22.69
N ASP DA 60 66.37 4.16 -22.11
CA ASP DA 60 67.18 4.90 -21.18
C ASP DA 60 67.42 4.10 -19.91
N THR DA 61 68.57 4.34 -19.29
CA THR DA 61 68.92 3.62 -18.08
C THR DA 61 68.45 4.39 -16.85
N ARG DA 62 68.19 3.65 -15.78
CA ARG DA 62 67.86 4.26 -14.51
C ARG DA 62 68.82 3.75 -13.45
N GLU DA 63 68.50 4.02 -12.19
CA GLU DA 63 69.44 3.77 -11.10
C GLU DA 63 69.65 2.28 -10.86
N ARG DA 64 70.85 1.96 -10.40
CA ARG DA 64 71.17 0.63 -9.88
C ARG DA 64 71.86 0.88 -8.55
N TRP DA 65 71.24 0.45 -7.47
CA TRP DA 65 71.80 0.71 -6.16
C TRP DA 65 72.47 -0.52 -5.59
N GLU DA 66 73.23 -0.28 -4.53
CA GLU DA 66 73.94 -1.33 -3.82
C GLU DA 66 72.95 -2.28 -3.14
N ASN DA 67 73.09 -3.56 -3.41
CA ASN DA 67 72.39 -4.57 -2.66
C ASN DA 67 72.95 -4.57 -1.25
N PRO DA 68 72.15 -4.36 -0.22
CA PRO DA 68 72.71 -4.16 1.13
C PRO DA 68 73.26 -5.39 1.82
N LEU DA 69 73.50 -6.48 1.07
CA LEU DA 69 74.13 -7.65 1.66
C LEU DA 69 75.34 -8.06 0.84
N MET DA 70 75.33 -7.76 -0.46
CA MET DA 70 76.37 -8.23 -1.34
C MET DA 70 76.98 -7.16 -2.22
N GLY DA 71 76.45 -5.95 -2.23
CA GLY DA 71 76.98 -4.94 -3.13
C GLY DA 71 76.59 -5.14 -4.57
N TRP DA 72 75.60 -5.99 -4.83
CA TRP DA 72 75.08 -6.20 -6.17
C TRP DA 72 74.26 -4.99 -6.61
N ALA DA 73 73.97 -4.92 -7.91
CA ALA DA 73 73.24 -3.79 -8.46
C ALA DA 73 71.78 -4.19 -8.64
N SER DA 74 71.03 -4.12 -7.54
CA SER DA 74 69.59 -4.37 -7.62
C SER DA 74 68.90 -3.18 -8.24
N THR DA 75 68.03 -3.43 -9.21
CA THR DA 75 67.37 -2.39 -9.96
C THR DA 75 65.86 -2.52 -9.87
N ALA DA 76 65.16 -1.40 -9.95
CA ALA DA 76 63.72 -1.39 -10.14
C ALA DA 76 63.35 -1.13 -11.59
N ASP DA 77 63.88 -1.93 -12.51
CA ASP DA 77 63.70 -1.70 -13.93
C ASP DA 77 63.31 -2.98 -14.66
N PRO DA 78 62.08 -3.08 -15.16
CA PRO DA 78 61.81 -4.12 -16.15
C PRO DA 78 62.41 -3.80 -17.50
N LEU DA 79 62.39 -2.54 -17.90
CA LEU DA 79 62.71 -2.14 -19.26
C LEU DA 79 64.15 -1.73 -19.44
N SER DA 80 65.08 -2.35 -18.71
CA SER DA 80 66.48 -1.98 -18.81
C SER DA 80 67.28 -2.86 -19.75
N ASN DA 81 66.90 -4.13 -19.91
CA ASN DA 81 67.70 -5.07 -20.68
C ASN DA 81 67.11 -5.38 -22.05
N LEU DA 82 66.15 -4.61 -22.51
CA LEU DA 82 65.56 -4.87 -23.81
C LEU DA 82 66.47 -4.39 -24.94
N VAL DA 83 66.44 -5.14 -26.04
CA VAL DA 83 67.10 -4.71 -27.27
C VAL DA 83 66.27 -5.18 -28.47
N LEU DA 84 65.65 -4.24 -29.17
CA LEU DA 84 64.77 -4.57 -30.28
C LEU DA 84 65.56 -4.40 -31.58
N THR DA 85 65.66 -5.47 -32.35
CA THR DA 85 66.52 -5.53 -33.51
C THR DA 85 65.71 -5.28 -34.78
N PHE DA 86 66.06 -4.21 -35.50
CA PHE DA 86 65.36 -3.77 -36.69
C PHE DA 86 66.33 -3.75 -37.87
N SER DA 87 65.77 -3.58 -39.06
CA SER DA 87 66.53 -3.53 -40.30
C SER DA 87 66.49 -2.17 -40.97
N THR DA 88 65.43 -1.41 -40.78
CA THR DA 88 65.29 -0.10 -41.40
C THR DA 88 65.05 0.96 -40.33
N LYS DA 89 64.69 2.15 -40.79
CA LYS DA 89 64.37 3.28 -39.93
C LYS DA 89 62.88 3.61 -39.94
N GLU DA 90 62.25 3.47 -41.11
CA GLU DA 90 60.81 3.71 -41.22
C GLU DA 90 60.02 2.72 -40.39
N ASP DA 91 60.45 1.45 -40.39
CA ASP DA 91 59.77 0.44 -39.57
C ASP DA 91 60.05 0.66 -38.09
N ALA DA 92 61.20 1.26 -37.77
CA ALA DA 92 61.49 1.63 -36.39
C ALA DA 92 60.51 2.71 -35.90
N ILE DA 93 60.32 3.73 -36.73
CA ILE DA 93 59.35 4.79 -36.41
C ILE DA 93 57.94 4.22 -36.35
N ALA DA 94 57.63 3.26 -37.24
CA ALA DA 94 56.30 2.65 -37.25
C ALA DA 94 56.06 1.82 -35.99
N PHE DA 95 57.07 1.08 -35.54
CA PHE DA 95 56.91 0.29 -34.32
C PHE DA 95 56.80 1.18 -33.09
N ALA DA 96 57.55 2.28 -33.08
CA ALA DA 96 57.51 3.19 -31.95
C ALA DA 96 56.18 3.92 -31.87
N GLU DA 97 55.62 4.30 -33.01
CA GLU DA 97 54.29 4.89 -33.00
C GLU DA 97 53.22 3.85 -32.74
N LYS DA 98 53.51 2.59 -33.06
CA LYS DA 98 52.53 1.53 -32.89
C LYS DA 98 52.40 1.15 -31.41
N ASN DA 99 53.50 1.08 -30.69
CA ASN DA 99 53.42 0.62 -29.32
C ASN DA 99 53.27 1.76 -28.32
N GLY DA 100 53.73 2.95 -28.64
CA GLY DA 100 53.30 4.11 -27.88
C GLY DA 100 54.31 5.15 -27.45
N TRP DA 101 55.54 4.75 -27.13
CA TRP DA 101 56.46 5.67 -26.49
C TRP DA 101 57.14 6.59 -27.50
N SER DA 102 57.96 7.51 -26.98
CA SER DA 102 58.75 8.44 -27.78
C SER DA 102 60.20 7.97 -27.84
N TYR DA 103 61.02 8.72 -28.57
CA TYR DA 103 62.31 8.20 -29.00
C TYR DA 103 63.18 9.32 -29.57
N ASP DA 104 64.49 9.06 -29.56
CA ASP DA 104 65.50 9.91 -30.15
C ASP DA 104 66.30 9.10 -31.15
N VAL DA 105 66.71 9.73 -32.25
CA VAL DA 105 67.20 9.04 -33.43
C VAL DA 105 68.63 9.48 -33.73
N GLU DA 106 69.54 8.50 -33.81
CA GLU DA 106 70.85 8.71 -34.42
C GLU DA 106 70.81 8.33 -35.88
N GLU DA 107 71.74 8.90 -36.64
CA GLU DA 107 71.87 8.54 -38.05
C GLU DA 107 72.76 7.31 -38.20
N ARG DA 108 73.02 6.95 -39.43
CA ARG DA 108 73.98 5.91 -39.77
C ARG DA 108 75.14 6.57 -40.50
N LYS DA 109 76.34 6.43 -39.94
CA LYS DA 109 77.50 7.21 -40.35
C LYS DA 109 78.53 6.25 -40.96
N VAL DA 110 78.39 5.98 -42.25
CA VAL DA 110 79.21 5.01 -42.97
C VAL DA 110 80.62 5.57 -43.12
N PRO DA 111 81.66 4.72 -43.22
CA PRO DA 111 83.01 5.23 -43.45
C PRO DA 111 83.15 5.79 -44.86
N LYS DA 112 83.59 7.05 -44.93
CA LYS DA 112 83.94 7.67 -46.20
C LYS DA 112 85.16 6.99 -46.80
N PRO DA 113 85.08 6.41 -48.00
CA PRO DA 113 86.26 5.78 -48.60
C PRO DA 113 87.26 6.81 -49.07
N LYS DA 114 88.53 6.58 -48.75
CA LYS DA 114 89.61 7.49 -49.11
C LYS DA 114 90.59 6.76 -50.02
N SER DA 115 91.18 7.50 -50.95
CA SER DA 115 92.14 6.91 -51.87
C SER DA 115 93.46 6.66 -51.14
N LYS DA 116 93.91 5.40 -51.16
CA LYS DA 116 95.16 5.02 -50.50
C LYS DA 116 95.93 4.07 -51.39
N SER DA 117 97.25 4.21 -51.38
CA SER DA 117 98.11 3.39 -52.23
C SER DA 117 99.51 3.34 -51.65
N TYR DA 118 100.17 2.21 -51.86
CA TYR DA 118 101.57 2.08 -51.49
C TYR DA 118 102.43 2.93 -52.41
N GLY DA 119 102.06 2.99 -53.69
CA GLY DA 119 102.66 3.91 -54.64
C GLY DA 119 102.35 5.37 -54.38
N ALA DA 120 101.40 5.65 -53.49
CA ALA DA 120 101.24 6.98 -52.92
C ALA DA 120 102.02 7.16 -51.63
N ASN DA 121 102.28 6.05 -50.91
CA ASN DA 121 103.16 6.11 -49.74
C ASN DA 121 104.59 6.42 -50.14
N PHE DA 122 104.98 6.11 -51.37
CA PHE DA 122 106.29 6.51 -51.86
C PHE DA 122 106.18 7.57 -52.94
N SER DA 123 107.13 8.52 -52.92
CA SER DA 123 107.10 9.66 -53.82
C SER DA 123 108.45 10.34 -53.84
N TRP DA 124 108.78 10.92 -55.01
CA TRP DA 124 109.98 11.71 -55.19
C TRP DA 124 109.82 13.14 -54.68
N ASN DA 125 108.63 13.71 -54.81
CA ASN DA 125 108.45 15.12 -54.48
C ASN DA 125 107.15 15.37 -53.72
N LYS DA 126 106.68 14.38 -52.97
CA LYS DA 126 105.62 14.58 -52.00
C LYS DA 126 106.12 14.15 -50.63
N ARG DA 127 105.49 14.67 -49.58
CA ARG DA 127 106.00 14.56 -48.22
C ARG DA 127 105.37 13.42 -47.44
N THR DA 128 105.07 12.30 -48.08
CA THR DA 128 104.70 11.08 -47.38
C THR DA 128 105.91 10.15 -47.44
N ARG DA 129 106.52 9.90 -46.28
CA ARG DA 129 107.78 9.17 -46.20
C ARG DA 129 107.75 8.31 -44.96
N VAL DA 130 107.66 6.99 -45.14
CA VAL DA 130 107.60 6.11 -43.98
C VAL DA 130 108.97 5.99 -43.32
N SER DA 131 110.04 5.97 -44.13
CA SER DA 131 111.45 5.96 -43.74
C SER DA 131 111.87 4.79 -42.86
N THR DA 132 111.00 3.78 -42.67
CA THR DA 132 111.32 2.64 -41.82
C THR DA 132 110.83 1.33 -42.39
N LYS DA 133 110.38 1.30 -43.65
CA LYS DA 133 109.88 0.07 -44.23
C LYS DA 133 110.40 -0.03 -45.66
N LEU EA 1 75.51 11.39 8.19
CA LEU EA 1 75.04 10.08 7.78
C LEU EA 1 76.08 9.38 6.91
N HIS EA 2 76.32 8.12 7.24
CA HIS EA 2 77.35 7.31 6.61
C HIS EA 2 76.90 6.93 5.20
N HIS EA 3 77.87 6.51 4.39
CA HIS EA 3 77.53 6.01 3.06
C HIS EA 3 76.85 4.66 3.17
N ALA EA 4 76.05 4.35 2.15
CA ALA EA 4 75.11 3.21 2.12
C ALA EA 4 74.14 3.25 3.30
N VAL EA 5 73.73 4.45 3.70
CA VAL EA 5 72.67 4.65 4.68
C VAL EA 5 71.66 5.54 3.98
N ILE EA 6 72.14 6.28 2.98
CA ILE EA 6 71.36 7.15 2.12
C ILE EA 6 70.27 6.37 1.40
N PRO EA 7 69.11 6.96 1.13
CA PRO EA 7 68.02 6.20 0.48
C PRO EA 7 68.33 5.95 -0.99
N HIS EA 8 67.63 4.96 -1.55
CA HIS EA 8 67.89 4.50 -2.90
C HIS EA 8 66.61 3.96 -3.53
N GLY EA 9 66.42 4.32 -4.81
CA GLY EA 9 65.44 3.68 -5.68
C GLY EA 9 63.99 3.80 -5.27
N LYS EA 10 63.14 3.02 -5.94
CA LYS EA 10 61.74 2.92 -5.55
C LYS EA 10 61.61 2.18 -4.23
N GLY EA 11 60.44 2.32 -3.60
CA GLY EA 11 60.26 1.81 -2.26
C GLY EA 11 60.09 0.29 -2.22
N GLY EA 12 60.57 -0.29 -1.12
CA GLY EA 12 60.36 -1.69 -0.82
C GLY EA 12 61.27 -2.65 -1.54
N ARG EA 13 61.63 -3.75 -0.85
CA ARG EA 13 62.39 -4.88 -1.39
C ARG EA 13 63.74 -4.45 -1.95
N SER EA 14 64.69 -4.18 -1.03
CA SER EA 14 65.99 -3.53 -1.22
C SER EA 14 65.82 -2.07 -1.62
N SER EA 15 65.22 -1.30 -0.72
CA SER EA 15 65.25 0.16 -0.75
C SER EA 15 65.91 0.58 0.55
N VAL EA 16 67.22 0.83 0.51
CA VAL EA 16 67.99 0.98 1.74
C VAL EA 16 67.71 2.37 2.29
N SER EA 17 66.68 2.49 3.12
CA SER EA 17 66.20 3.79 3.55
C SER EA 17 67.13 4.39 4.59
N GLY EA 18 66.83 5.63 4.99
CA GLY EA 18 67.65 6.37 5.91
C GLY EA 18 67.50 6.00 7.37
N ILE EA 19 66.84 4.88 7.65
CA ILE EA 19 66.67 4.38 9.00
C ILE EA 19 67.33 3.01 9.12
N VAL EA 20 67.83 2.74 10.32
CA VAL EA 20 68.24 1.40 10.73
C VAL EA 20 67.51 1.16 12.05
N ALA EA 21 66.51 0.30 12.02
CA ALA EA 21 65.56 0.21 13.11
C ALA EA 21 66.00 -0.83 14.13
N THR EA 22 65.82 -0.50 15.41
CA THR EA 22 66.00 -1.46 16.49
C THR EA 22 64.73 -1.46 17.31
N VAL EA 23 64.01 -2.57 17.26
CA VAL EA 23 62.67 -2.68 17.83
C VAL EA 23 62.73 -3.56 19.06
N PHE EA 24 62.19 -3.07 20.18
CA PHE EA 24 62.05 -3.95 21.33
C PHE EA 24 60.60 -4.41 21.45
N GLY EA 25 60.44 -5.63 21.94
CA GLY EA 25 59.15 -6.29 21.94
C GLY EA 25 58.94 -7.08 20.65
N ALA EA 26 57.85 -6.78 19.93
CA ALA EA 26 57.54 -7.22 18.57
C ALA EA 26 57.26 -8.71 18.41
N THR EA 27 57.43 -9.49 19.47
CA THR EA 27 56.98 -10.88 19.44
C THR EA 27 55.45 -10.94 19.50
N GLY EA 28 54.85 -9.94 20.11
CA GLY EA 28 53.40 -9.84 20.17
C GLY EA 28 52.79 -9.24 18.92
N PHE EA 29 51.89 -8.28 19.13
CA PHE EA 29 50.97 -7.81 18.10
C PHE EA 29 51.47 -6.57 17.36
N LEU EA 30 51.60 -5.47 18.10
CA LEU EA 30 51.76 -4.16 17.46
C LEU EA 30 53.16 -4.03 16.88
N GLY EA 31 54.16 -4.56 17.61
CA GLY EA 31 55.51 -4.56 17.08
C GLY EA 31 55.69 -5.46 15.88
N ARG EA 32 54.92 -6.56 15.81
CA ARG EA 32 55.00 -7.41 14.63
C ARG EA 32 54.43 -6.71 13.42
N TYR EA 33 53.31 -5.99 13.57
CA TYR EA 33 52.80 -5.25 12.43
C TYR EA 33 53.67 -4.03 12.10
N LEU EA 34 54.40 -3.53 13.08
CA LEU EA 34 55.35 -2.47 12.81
C LEU EA 34 56.55 -2.98 12.01
N VAL EA 35 57.04 -4.18 12.34
CA VAL EA 35 58.10 -4.80 11.54
C VAL EA 35 57.58 -5.16 10.16
N ASN EA 36 56.28 -5.48 10.07
CA ASN EA 36 55.64 -5.71 8.77
C ASN EA 36 55.72 -4.47 7.90
N HIS EA 37 55.38 -3.30 8.45
CA HIS EA 37 55.53 -2.09 7.66
C HIS EA 37 56.98 -1.67 7.45
N LEU EA 38 57.91 -2.08 8.32
CA LEU EA 38 59.31 -1.75 8.07
C LEU EA 38 59.89 -2.60 6.96
N GLY EA 39 59.50 -3.87 6.90
CA GLY EA 39 59.90 -4.71 5.78
C GLY EA 39 59.20 -4.31 4.49
N ARG EA 40 58.01 -3.71 4.61
CA ARG EA 40 57.41 -3.04 3.47
C ARG EA 40 58.23 -1.82 3.06
N MET EA 41 58.79 -1.11 4.04
CA MET EA 41 59.65 0.03 3.76
C MET EA 41 61.02 -0.41 3.31
N GLY EA 42 61.53 -1.50 3.87
CA GLY EA 42 62.76 -2.09 3.38
C GLY EA 42 64.01 -1.68 4.12
N SER EA 43 63.93 -1.52 5.44
CA SER EA 43 65.10 -1.21 6.25
C SER EA 43 65.56 -2.47 7.00
N GLN EA 44 66.69 -2.34 7.68
CA GLN EA 44 67.19 -3.41 8.52
C GLN EA 44 66.64 -3.30 9.93
N VAL EA 45 66.02 -4.37 10.40
CA VAL EA 45 65.38 -4.43 11.71
C VAL EA 45 66.19 -5.35 12.61
N ILE EA 46 66.78 -4.78 13.65
CA ILE EA 46 67.38 -5.55 14.72
C ILE EA 46 66.31 -5.77 15.78
N VAL EA 47 65.97 -7.03 16.01
CA VAL EA 47 64.99 -7.32 17.04
C VAL EA 47 65.51 -8.43 17.94
N PRO EA 48 65.43 -8.25 19.24
CA PRO EA 48 65.74 -9.35 20.13
C PRO EA 48 64.49 -10.08 20.58
N TYR EA 49 64.69 -11.22 21.23
CA TYR EA 49 63.62 -12.04 21.76
C TYR EA 49 64.23 -12.93 22.83
N ARG EA 50 63.47 -13.21 23.87
CA ARG EA 50 63.84 -14.22 24.83
C ARG EA 50 62.93 -15.44 24.75
N CYS EA 51 62.05 -15.48 23.76
CA CYS EA 51 61.03 -16.50 23.67
C CYS EA 51 61.50 -17.66 22.81
N GLU EA 52 60.60 -18.63 22.61
CA GLU EA 52 60.83 -19.69 21.65
C GLU EA 52 60.87 -19.09 20.25
N PRO EA 53 61.77 -19.55 19.37
CA PRO EA 53 61.96 -18.87 18.08
C PRO EA 53 60.82 -18.96 17.07
N TYR EA 54 59.63 -19.46 17.44
CA TYR EA 54 58.53 -19.60 16.50
C TYR EA 54 58.07 -18.25 15.94
N ASP EA 55 57.88 -17.26 16.80
CA ASP EA 55 57.38 -15.98 16.32
C ASP EA 55 58.43 -15.23 15.53
N THR EA 56 59.70 -15.46 15.82
CA THR EA 56 60.72 -14.78 15.05
C THR EA 56 60.94 -15.48 13.71
N MET EA 57 60.70 -16.80 13.64
CA MET EA 57 60.60 -17.45 12.33
C MET EA 57 59.37 -16.95 11.59
N HIS EA 58 58.29 -16.70 12.33
CA HIS EA 58 57.02 -16.23 11.76
C HIS EA 58 57.18 -14.86 11.11
N LEU EA 59 58.03 -14.02 11.68
CA LEU EA 59 58.31 -12.73 11.06
C LEU EA 59 59.56 -12.73 10.19
N ARG EA 60 60.23 -13.88 10.02
CA ARG EA 60 61.26 -13.99 8.97
C ARG EA 60 60.82 -13.68 7.53
N PRO EA 61 59.64 -14.10 6.99
CA PRO EA 61 59.39 -13.81 5.56
C PRO EA 61 59.01 -12.38 5.26
N MET EA 62 59.27 -11.46 6.18
CA MET EA 62 58.86 -10.07 6.08
C MET EA 62 59.85 -9.23 5.29
N GLY EA 63 61.10 -9.21 5.73
CA GLY EA 63 62.12 -8.41 5.08
C GLY EA 63 62.66 -9.09 3.83
N ASP EA 64 63.64 -8.42 3.23
CA ASP EA 64 64.27 -8.84 1.98
C ASP EA 64 65.35 -9.88 2.30
N LEU EA 65 66.25 -10.14 1.36
CA LEU EA 65 67.31 -11.13 1.53
C LEU EA 65 68.25 -10.73 2.65
N GLY EA 66 68.12 -11.43 3.78
CA GLY EA 66 69.02 -11.26 4.92
C GLY EA 66 68.99 -9.90 5.58
N GLN EA 67 67.84 -9.22 5.55
CA GLN EA 67 67.79 -7.89 6.13
C GLN EA 67 67.60 -7.92 7.64
N ILE EA 68 66.49 -8.50 8.10
CA ILE EA 68 66.20 -8.49 9.52
C ILE EA 68 67.14 -9.44 10.25
N ILE EA 69 67.41 -9.14 11.52
CA ILE EA 69 68.33 -9.96 12.30
C ILE EA 69 67.86 -10.01 13.74
N PHE EA 70 68.17 -11.13 14.41
CA PHE EA 70 67.55 -11.52 15.67
C PHE EA 70 68.63 -11.69 16.73
N MET EA 71 68.30 -11.37 17.97
CA MET EA 71 69.22 -11.66 19.07
C MET EA 71 68.42 -11.91 20.35
N ASP EA 72 69.12 -11.92 21.49
CA ASP EA 72 68.56 -12.34 22.76
C ASP EA 72 68.87 -11.30 23.83
N TRP EA 73 68.01 -11.24 24.85
CA TRP EA 73 68.19 -10.38 26.01
C TRP EA 73 67.29 -10.89 27.12
N ASN EA 74 67.36 -10.25 28.28
CA ASN EA 74 66.44 -10.54 29.37
C ASN EA 74 66.33 -9.31 30.27
N GLY EA 75 65.36 -9.34 31.17
CA GLY EA 75 65.17 -8.24 32.09
C GLY EA 75 66.05 -8.30 33.32
N ARG EA 76 67.29 -8.72 33.15
CA ARG EA 76 68.31 -8.80 34.19
C ARG EA 76 69.60 -8.09 33.80
N ASP EA 77 69.98 -8.13 32.53
CA ASP EA 77 71.33 -7.80 32.10
C ASP EA 77 71.40 -6.41 31.48
N LYS EA 78 72.63 -6.02 31.12
CA LYS EA 78 72.89 -4.73 30.50
C LYS EA 78 73.69 -4.93 29.23
N ASP EA 79 74.49 -5.99 29.19
CA ASP EA 79 75.40 -6.24 28.08
C ASP EA 79 74.64 -6.57 26.80
N SER EA 80 73.57 -7.35 26.91
CA SER EA 80 72.80 -7.73 25.74
C SER EA 80 72.02 -6.54 25.18
N ILE EA 81 71.53 -5.68 26.06
CA ILE EA 81 70.84 -4.47 25.62
C ILE EA 81 71.81 -3.55 24.90
N ARG EA 82 73.01 -3.38 25.46
CA ARG EA 82 74.04 -2.58 24.81
C ARG EA 82 74.44 -3.16 23.47
N ARG EA 83 74.49 -4.49 23.39
CA ARG EA 83 74.79 -5.16 22.13
C ARG EA 83 73.69 -4.97 21.10
N ALA EA 84 72.44 -4.85 21.57
CA ALA EA 84 71.35 -4.52 20.66
C ALA EA 84 71.45 -3.09 20.16
N VAL EA 85 71.83 -2.16 21.03
CA VAL EA 85 71.86 -0.74 20.65
C VAL EA 85 73.27 -0.27 20.31
N GLU EA 86 74.15 -1.19 19.90
CA GLU EA 86 75.50 -0.82 19.45
C GLU EA 86 75.47 0.18 18.30
N HIS EA 87 74.76 -0.14 17.23
CA HIS EA 87 74.74 0.73 16.04
C HIS EA 87 73.31 0.78 15.51
N SER EA 88 72.54 1.73 16.03
CA SER EA 88 71.13 1.84 15.72
C SER EA 88 70.80 3.27 15.35
N ASN EA 89 70.20 3.46 14.17
CA ASN EA 89 69.76 4.79 13.77
C ASN EA 89 68.51 5.20 14.53
N VAL EA 90 67.46 4.40 14.46
CA VAL EA 90 66.24 4.66 15.23
C VAL EA 90 65.95 3.47 16.13
N VAL EA 91 65.26 3.72 17.22
CA VAL EA 91 65.02 2.68 18.22
C VAL EA 91 63.67 2.92 18.89
N ILE EA 92 62.88 1.86 19.02
CA ILE EA 92 61.56 1.97 19.63
C ILE EA 92 61.41 0.97 20.76
N ASN EA 93 60.55 1.34 21.70
CA ASN EA 93 60.31 0.62 22.94
C ASN EA 93 58.82 0.33 23.05
N LEU EA 94 58.48 -0.91 22.71
CA LEU EA 94 57.23 -1.57 23.09
C LEU EA 94 57.55 -2.68 24.06
N VAL EA 95 56.85 -2.71 25.19
CA VAL EA 95 57.07 -3.74 26.20
C VAL EA 95 55.83 -3.78 27.08
N GLY EA 96 55.61 -4.90 27.75
CA GLY EA 96 54.58 -4.98 28.77
C GLY EA 96 53.71 -6.22 28.65
N ARG EA 97 53.68 -7.01 29.71
CA ARG EA 97 52.79 -8.16 29.80
C ARG EA 97 51.56 -7.75 30.60
N GLU EA 98 50.38 -8.08 30.09
CA GLU EA 98 49.14 -7.60 30.67
C GLU EA 98 48.66 -8.43 31.86
N TRP EA 99 49.47 -9.37 32.34
CA TRP EA 99 49.18 -10.11 33.55
C TRP EA 99 50.48 -10.36 34.30
N GLU EA 100 50.36 -10.79 35.55
CA GLU EA 100 51.52 -10.93 36.42
C GLU EA 100 52.08 -12.34 36.31
N THR EA 101 53.31 -12.46 35.83
CA THR EA 101 54.03 -13.71 35.94
C THR EA 101 54.58 -13.85 37.35
N LYS EA 102 55.19 -15.01 37.64
CA LYS EA 102 55.69 -15.26 38.98
C LYS EA 102 56.95 -14.46 39.31
N ASN EA 103 57.60 -13.83 38.33
CA ASN EA 103 58.79 -13.05 38.59
C ASN EA 103 58.74 -11.63 38.05
N PHE EA 104 57.91 -11.36 37.04
CA PHE EA 104 57.71 -10.00 36.54
C PHE EA 104 56.32 -9.55 37.00
N ASP EA 105 56.29 -8.58 37.91
CA ASP EA 105 55.02 -7.97 38.30
C ASP EA 105 54.62 -6.91 37.27
N PHE EA 106 53.47 -6.28 37.47
CA PHE EA 106 53.22 -5.01 36.81
C PHE EA 106 54.21 -3.96 37.28
N GLU EA 107 54.61 -4.04 38.55
CA GLU EA 107 55.73 -3.28 39.05
C GLU EA 107 57.02 -3.73 38.34
N ASP EA 108 57.92 -2.76 38.15
CA ASP EA 108 59.33 -2.92 37.82
C ASP EA 108 59.61 -3.34 36.38
N VAL EA 109 58.59 -3.69 35.61
CA VAL EA 109 58.79 -3.80 34.17
C VAL EA 109 58.84 -2.42 33.52
N PHE EA 110 57.83 -1.60 33.77
CA PHE EA 110 57.79 -0.23 33.26
C PHE EA 110 58.74 0.68 34.03
N VAL EA 111 59.20 0.23 35.19
CA VAL EA 111 60.17 0.99 35.96
C VAL EA 111 61.59 0.64 35.57
N LYS EA 112 61.91 -0.65 35.52
CA LYS EA 112 63.30 -1.08 35.33
C LYS EA 112 63.67 -1.23 33.87
N ILE EA 113 62.73 -1.56 32.98
CA ILE EA 113 63.10 -1.82 31.60
C ILE EA 113 63.28 -0.54 30.76
N PRO EA 114 62.38 0.46 30.72
CA PRO EA 114 62.66 1.63 29.87
C PRO EA 114 63.77 2.52 30.38
N GLN EA 115 64.08 2.49 31.67
CA GLN EA 115 65.20 3.25 32.23
C GLN EA 115 66.52 2.82 31.63
N ALA EA 116 66.85 1.53 31.74
CA ALA EA 116 68.14 1.03 31.29
C ALA EA 116 68.28 1.15 29.78
N ILE EA 117 67.24 0.81 29.03
CA ILE EA 117 67.37 0.79 27.59
C ILE EA 117 67.37 2.21 27.03
N ALA EA 118 66.58 3.12 27.61
CA ALA EA 118 66.59 4.50 27.14
C ALA EA 118 67.86 5.21 27.56
N GLN EA 119 68.43 4.82 28.71
CA GLN EA 119 69.68 5.41 29.14
C GLN EA 119 70.83 4.99 28.24
N VAL EA 120 70.92 3.69 27.92
CA VAL EA 120 71.98 3.28 27.01
C VAL EA 120 71.69 3.71 25.58
N SER EA 121 70.43 4.04 25.26
CA SER EA 121 70.12 4.62 23.97
C SER EA 121 70.66 6.04 23.85
N LYS EA 122 70.45 6.87 24.89
CA LYS EA 122 71.08 8.18 24.92
C LYS EA 122 72.59 8.07 24.99
N GLU EA 123 73.11 7.06 25.69
CA GLU EA 123 74.54 6.80 25.76
C GLU EA 123 75.08 6.16 24.49
N ALA EA 124 74.22 5.80 23.55
CA ALA EA 124 74.64 5.41 22.21
C ALA EA 124 74.44 6.52 21.19
N GLY EA 125 73.93 7.68 21.63
CA GLY EA 125 73.81 8.83 20.76
C GLY EA 125 72.76 8.70 19.67
N VAL EA 126 71.69 7.95 19.92
CA VAL EA 126 70.68 7.70 18.90
C VAL EA 126 69.81 8.93 18.73
N GLU EA 127 69.03 8.95 17.66
CA GLU EA 127 68.07 10.00 17.41
C GLU EA 127 66.68 9.40 17.37
N LYS EA 128 65.72 10.13 17.95
CA LYS EA 128 64.30 9.82 17.89
C LYS EA 128 63.96 8.46 18.51
N PHE EA 129 64.40 8.27 19.75
CA PHE EA 129 63.92 7.14 20.53
C PHE EA 129 62.43 7.28 20.80
N ILE EA 130 61.66 6.27 20.40
CA ILE EA 130 60.22 6.29 20.54
C ILE EA 130 59.81 5.29 21.61
N HIS EA 131 58.90 5.71 22.50
CA HIS EA 131 58.39 4.84 23.54
C HIS EA 131 56.87 4.89 23.55
N ILE EA 132 56.23 3.72 23.65
CA ILE EA 132 54.77 3.72 23.68
C ILE EA 132 54.26 4.06 25.08
N SER EA 133 52.98 4.39 25.14
CA SER EA 133 52.26 4.58 26.39
C SER EA 133 50.78 4.48 26.09
N HIS EA 134 50.02 4.05 27.07
CA HIS EA 134 48.57 4.01 26.89
C HIS EA 134 48.02 5.42 27.04
N LEU EA 135 46.81 5.62 26.51
CA LEU EA 135 46.07 6.85 26.78
C LEU EA 135 45.71 6.92 28.26
N ASN EA 136 45.52 8.15 28.74
CA ASN EA 136 45.21 8.58 30.12
C ASN EA 136 45.90 7.74 31.20
N ALA EA 137 47.20 7.56 31.03
CA ALA EA 137 48.05 6.98 32.07
C ALA EA 137 48.20 7.99 33.18
N ASP EA 138 47.35 7.90 34.20
CA ASP EA 138 47.32 8.85 35.30
C ASP EA 138 47.86 8.24 36.58
N ILE EA 139 48.33 9.12 37.47
CA ILE EA 139 48.74 8.71 38.82
C ILE EA 139 47.51 8.38 39.66
N LYS EA 140 46.33 8.84 39.22
CA LYS EA 140 45.05 8.54 39.85
C LYS EA 140 44.80 7.04 39.92
N SER EA 141 43.95 6.65 40.88
CA SER EA 141 43.88 5.28 41.35
C SER EA 141 43.10 4.40 40.36
N SER EA 142 42.84 3.17 40.81
CA SER EA 142 42.10 2.11 40.10
C SER EA 142 42.75 1.70 38.78
N SER EA 143 44.06 1.95 38.60
CA SER EA 143 44.74 1.49 37.39
C SER EA 143 46.23 1.30 37.72
N LYS EA 144 46.59 0.06 38.07
CA LYS EA 144 48.00 -0.31 38.19
C LYS EA 144 48.72 -0.17 36.86
N TYR EA 145 48.05 -0.62 35.80
CA TYR EA 145 48.55 -0.55 34.43
C TYR EA 145 48.86 0.89 34.02
N LEU EA 146 47.89 1.78 34.20
CA LEU EA 146 48.08 3.17 33.77
C LEU EA 146 49.04 3.91 34.69
N ARG EA 147 49.07 3.60 35.99
CA ARG EA 147 50.00 4.34 36.84
C ARG EA 147 51.44 3.88 36.60
N ASN EA 148 51.65 2.61 36.29
CA ASN EA 148 53.00 2.17 35.95
C ASN EA 148 53.45 2.72 34.60
N LYS EA 149 52.51 2.86 33.65
CA LYS EA 149 52.89 3.51 32.40
C LYS EA 149 53.12 5.02 32.57
N ALA EA 150 52.45 5.63 33.55
CA ALA EA 150 52.73 7.03 33.84
C ALA EA 150 54.10 7.20 34.47
N VAL EA 151 54.50 6.25 35.33
CA VAL EA 151 55.86 6.26 35.87
C VAL EA 151 56.88 6.02 34.75
N GLY EA 152 56.53 5.18 33.78
CA GLY EA 152 57.39 5.01 32.62
C GLY EA 152 57.53 6.27 31.77
N GLU EA 153 56.42 7.00 31.60
CA GLU EA 153 56.46 8.31 30.94
C GLU EA 153 57.36 9.28 31.70
N LYS EA 154 57.27 9.26 33.03
CA LYS EA 154 58.10 10.13 33.86
C LYS EA 154 59.59 9.80 33.71
N GLU EA 155 59.93 8.51 33.70
CA GLU EA 155 61.32 8.10 33.57
C GLU EA 155 61.89 8.45 32.20
N VAL EA 156 61.12 8.20 31.14
CA VAL EA 156 61.57 8.51 29.78
C VAL EA 156 61.63 10.02 29.56
N ARG EA 157 60.78 10.79 30.24
CA ARG EA 157 60.93 12.23 30.14
C ARG EA 157 62.11 12.74 30.97
N GLU EA 158 62.48 11.99 32.01
CA GLU EA 158 63.63 12.40 32.82
C GLU EA 158 64.94 12.18 32.08
N THR EA 159 65.21 10.94 31.67
CA THR EA 159 66.44 10.66 30.94
C THR EA 159 66.17 10.63 29.43
N PHE EA 160 66.99 11.38 28.67
CA PHE EA 160 66.77 11.76 27.28
C PHE EA 160 65.39 12.40 27.14
N PRO EA 161 65.24 13.68 27.51
CA PRO EA 161 63.91 14.29 27.55
C PRO EA 161 63.23 14.42 26.20
N GLU EA 162 64.00 14.57 25.12
CA GLU EA 162 63.40 14.70 23.79
C GLU EA 162 63.18 13.36 23.11
N ALA EA 163 62.59 12.41 23.83
CA ALA EA 163 62.15 11.16 23.24
C ALA EA 163 60.69 11.29 22.87
N THR EA 164 60.30 10.59 21.82
CA THR EA 164 58.94 10.67 21.30
C THR EA 164 58.06 9.69 22.08
N ILE EA 165 57.24 10.22 22.96
CA ILE EA 165 56.23 9.43 23.66
C ILE EA 165 54.99 9.39 22.79
N ILE EA 166 54.50 8.19 22.49
CA ILE EA 166 53.32 8.03 21.66
C ILE EA 166 52.22 7.39 22.49
N LYS EA 167 51.07 8.04 22.53
CA LYS EA 167 49.91 7.49 23.23
C LYS EA 167 48.72 7.38 22.28
N PRO EA 168 48.35 6.18 21.89
CA PRO EA 168 47.07 6.00 21.23
C PRO EA 168 46.01 5.58 22.23
N ALA EA 169 44.76 5.47 21.76
CA ALA EA 169 43.69 4.84 22.52
C ALA EA 169 43.77 3.33 22.37
N ASP EA 170 42.70 2.62 22.74
CA ASP EA 170 42.65 1.18 22.52
C ASP EA 170 42.69 0.86 21.03
N ILE EA 171 43.34 -0.26 20.69
CA ILE EA 171 43.71 -0.56 19.31
C ILE EA 171 42.94 -1.78 18.82
N PHE EA 172 42.06 -1.59 17.84
CA PHE EA 172 41.39 -2.69 17.18
C PHE EA 172 42.10 -2.98 15.87
N GLY EA 173 42.18 -4.27 15.52
CA GLY EA 173 43.08 -4.72 14.48
C GLY EA 173 42.67 -6.06 13.90
N ARG EA 174 43.65 -6.97 13.73
CA ARG EA 174 43.40 -8.32 13.26
C ARG EA 174 43.51 -9.36 14.36
N GLU EA 175 44.42 -9.16 15.31
CA GLU EA 175 44.57 -10.05 16.46
C GLU EA 175 44.43 -9.26 17.75
N ASP EA 176 43.35 -8.49 17.86
CA ASP EA 176 43.08 -7.65 19.03
C ASP EA 176 42.85 -8.50 20.27
N ARG EA 177 43.07 -7.89 21.44
CA ARG EA 177 42.87 -8.50 22.74
C ARG EA 177 41.56 -8.09 23.39
N PHE EA 178 41.30 -6.78 23.51
CA PHE EA 178 40.09 -6.34 24.20
C PHE EA 178 38.85 -6.66 23.38
N LEU EA 179 38.95 -6.58 22.06
CA LEU EA 179 37.79 -6.95 21.25
C LEU EA 179 37.61 -8.45 21.19
N ASN EA 180 38.69 -9.22 21.37
CA ASN EA 180 38.53 -10.66 21.57
C ASN EA 180 37.79 -10.95 22.86
N TYR EA 181 38.12 -10.20 23.93
CA TYR EA 181 37.38 -10.35 25.19
C TYR EA 181 35.94 -9.88 25.05
N PHE EA 182 35.69 -8.89 24.20
CA PHE EA 182 34.33 -8.52 23.83
C PHE EA 182 33.62 -9.68 23.17
N ALA EA 183 34.30 -10.36 22.24
CA ALA EA 183 33.72 -11.54 21.61
C ALA EA 183 33.68 -12.73 22.54
N ASN EA 184 34.55 -12.76 23.56
CA ASN EA 184 34.58 -13.87 24.49
C ASN EA 184 33.38 -13.80 25.41
N ILE EA 185 32.29 -14.46 25.02
CA ILE EA 185 31.08 -14.52 25.83
C ILE EA 185 30.53 -15.95 25.76
N ARG EA 186 30.15 -16.47 26.93
CA ARG EA 186 29.50 -17.78 27.11
C ARG EA 186 30.31 -18.95 26.56
N SER EA 195 25.42 -11.61 31.79
CA SER EA 195 24.39 -10.72 32.32
C SER EA 195 25.01 -9.64 33.19
N LEU EA 196 25.16 -8.45 32.62
CA LEU EA 196 25.78 -7.32 33.30
C LEU EA 196 25.36 -6.03 32.62
N GLY EA 197 25.06 -5.00 33.42
CA GLY EA 197 24.69 -3.71 32.86
C GLY EA 197 25.45 -2.52 33.40
N LYS EA 198 26.27 -1.88 32.56
CA LYS EA 198 27.10 -0.75 32.95
C LYS EA 198 27.19 0.22 31.77
N LYS EA 199 27.98 1.29 31.95
CA LYS EA 199 28.26 2.23 30.88
C LYS EA 199 29.54 3.00 31.20
N THR EA 200 30.29 3.34 30.14
CA THR EA 200 31.48 4.19 30.16
C THR EA 200 31.85 4.59 28.73
N VAL EA 201 32.05 5.88 28.46
CA VAL EA 201 32.37 6.27 27.09
C VAL EA 201 33.79 5.84 26.72
N LYS EA 202 34.01 5.65 25.43
CA LYS EA 202 35.17 4.95 24.90
C LYS EA 202 35.25 5.17 23.40
N GLN EA 203 36.46 5.39 22.87
CA GLN EA 203 36.65 5.36 21.43
C GLN EA 203 37.99 4.71 21.06
N PRO EA 204 37.97 3.71 20.18
CA PRO EA 204 39.22 3.03 19.80
C PRO EA 204 39.89 3.62 18.56
N VAL EA 205 40.99 3.01 18.13
CA VAL EA 205 41.77 3.49 16.99
C VAL EA 205 42.33 2.29 16.24
N TYR EA 206 42.42 2.41 14.91
CA TYR EA 206 42.78 1.28 14.07
C TYR EA 206 44.29 1.16 13.93
N ILE EA 207 44.76 -0.09 13.80
CA ILE EA 207 46.16 -0.42 13.99
C ILE EA 207 47.04 0.07 12.84
N VAL EA 208 46.53 0.10 11.59
CA VAL EA 208 47.45 0.44 10.51
C VAL EA 208 47.58 1.96 10.36
N ASP EA 209 46.55 2.73 10.75
CA ASP EA 209 46.72 4.17 10.82
C ASP EA 209 47.66 4.55 11.96
N VAL EA 210 47.60 3.79 13.05
CA VAL EA 210 48.55 3.95 14.15
C VAL EA 210 49.97 3.73 13.67
N THR EA 211 50.22 2.62 12.97
CA THR EA 211 51.61 2.38 12.57
C THR EA 211 52.07 3.25 11.41
N LYS EA 212 51.16 3.76 10.57
CA LYS EA 212 51.55 4.78 9.61
C LYS EA 212 51.93 6.08 10.31
N GLY EA 213 51.20 6.42 11.37
CA GLY EA 213 51.63 7.54 12.20
C GLY EA 213 52.95 7.30 12.90
N ILE EA 214 53.23 6.04 13.24
CA ILE EA 214 54.50 5.69 13.86
C ILE EA 214 55.65 5.90 12.88
N ILE EA 215 55.50 5.44 11.64
CA ILE EA 215 56.61 5.59 10.70
C ILE EA 215 56.75 7.04 10.22
N ASN EA 216 55.64 7.78 10.13
CA ASN EA 216 55.75 9.21 9.88
C ASN EA 216 56.43 9.94 11.04
N ALA EA 217 56.20 9.50 12.27
CA ALA EA 217 56.90 10.09 13.40
C ALA EA 217 58.37 9.70 13.42
N ILE EA 218 58.70 8.51 12.92
CA ILE EA 218 60.07 8.05 13.01
C ILE EA 218 60.93 8.57 11.86
N LYS EA 219 60.32 9.02 10.75
CA LYS EA 219 61.12 9.59 9.69
C LYS EA 219 60.76 11.04 9.34
N ASP EA 220 59.89 11.68 10.12
CA ASP EA 220 59.56 13.09 9.89
C ASP EA 220 59.95 13.91 11.10
N PRO EA 221 61.06 14.66 11.06
CA PRO EA 221 61.43 15.50 12.20
C PRO EA 221 60.57 16.74 12.28
N ASP EA 222 60.78 17.48 13.39
CA ASP EA 222 59.99 18.45 14.14
C ASP EA 222 59.06 17.71 15.11
N ALA EA 223 59.28 16.41 15.26
CA ALA EA 223 58.39 15.56 16.04
C ALA EA 223 58.87 15.29 17.45
N ARG EA 224 60.15 15.48 17.74
CA ARG EA 224 60.74 15.07 19.01
C ARG EA 224 60.26 15.96 20.15
N GLY EA 225 60.58 15.52 21.37
CA GLY EA 225 60.21 16.24 22.56
C GLY EA 225 58.73 16.12 22.88
N LYS EA 226 57.89 16.71 22.04
CA LYS EA 226 56.47 16.75 22.29
C LYS EA 226 55.84 15.40 21.97
N THR EA 227 55.04 14.90 22.90
CA THR EA 227 54.36 13.62 22.76
C THR EA 227 53.21 13.73 21.78
N PHE EA 228 52.85 12.59 21.17
CA PHE EA 228 51.79 12.54 20.17
C PHE EA 228 50.70 11.58 20.61
N ALA EA 229 49.48 11.82 20.12
CA ALA EA 229 48.33 10.98 20.44
C ALA EA 229 47.68 10.50 19.14
N PHE EA 230 47.07 9.31 19.21
CA PHE EA 230 46.48 8.69 18.02
C PHE EA 230 45.14 8.04 18.37
N VAL EA 231 44.06 8.79 18.19
CA VAL EA 231 42.72 8.35 18.55
C VAL EA 231 41.83 8.41 17.31
N GLY EA 232 41.01 7.37 17.12
CA GLY EA 232 39.99 7.39 16.10
C GLY EA 232 38.84 8.32 16.46
N PRO EA 233 38.11 8.79 15.45
CA PRO EA 233 37.13 9.86 15.70
C PRO EA 233 35.76 9.40 16.21
N ASN EA 234 35.67 8.20 16.79
CA ASN EA 234 34.38 7.58 17.12
C ASN EA 234 33.52 8.34 18.13
N ARG EA 235 33.96 8.38 19.40
CA ARG EA 235 33.36 9.15 20.49
C ARG EA 235 31.89 8.75 20.72
N TYR EA 236 31.71 7.50 21.16
CA TYR EA 236 30.39 7.03 21.56
C TYR EA 236 30.54 6.11 22.78
N LEU EA 237 29.47 5.39 23.09
CA LEU EA 237 29.29 4.72 24.37
C LEU EA 237 29.64 3.24 24.27
N LEU EA 238 29.94 2.64 25.43
CA LEU EA 238 30.27 1.22 25.51
C LEU EA 238 29.07 0.34 25.15
N PHE EA 239 27.86 0.79 25.48
CA PHE EA 239 26.67 -0.02 25.24
C PHE EA 239 26.34 -0.10 23.76
N ASP EA 240 26.50 1.02 23.04
CA ASP EA 240 26.36 0.99 21.58
C ASP EA 240 27.43 0.13 20.94
N LEU EA 241 28.63 0.10 21.51
CA LEU EA 241 29.68 -0.73 20.94
C LEU EA 241 29.43 -2.20 21.21
N VAL EA 242 28.83 -2.54 22.34
CA VAL EA 242 28.47 -3.93 22.61
C VAL EA 242 27.34 -4.39 21.69
N GLN EA 243 26.33 -3.52 21.48
CA GLN EA 243 25.29 -3.81 20.49
C GLN EA 243 25.87 -3.99 19.09
N TYR EA 244 26.84 -3.14 18.74
CA TYR EA 244 27.46 -3.20 17.42
C TYR EA 244 28.24 -4.50 17.23
N VAL EA 245 29.06 -4.85 18.21
CA VAL EA 245 29.93 -6.01 18.05
C VAL EA 245 29.11 -7.30 18.13
N PHE EA 246 28.02 -7.33 18.90
CA PHE EA 246 27.20 -8.53 18.90
C PHE EA 246 26.22 -8.59 17.75
N ALA EA 247 25.87 -7.45 17.14
CA ALA EA 247 25.08 -7.51 15.92
C ALA EA 247 25.91 -7.95 14.73
N VAL EA 248 27.20 -7.62 14.72
CA VAL EA 248 28.05 -8.10 13.64
C VAL EA 248 28.44 -9.55 13.87
N ALA EA 249 28.69 -9.94 15.12
CA ALA EA 249 28.99 -11.34 15.40
C ALA EA 249 27.75 -12.24 15.33
N HIS EA 250 26.56 -11.65 15.45
CA HIS EA 250 25.27 -12.34 15.46
C HIS EA 250 25.21 -13.38 16.58
N ARG EA 251 25.26 -12.85 17.80
CA ARG EA 251 25.00 -13.64 18.99
C ARG EA 251 23.97 -12.92 19.84
N PRO EA 252 23.13 -13.66 20.59
CA PRO EA 252 22.14 -12.98 21.43
C PRO EA 252 22.76 -12.26 22.63
N TRP EA 278 44.64 -16.67 32.02
CA TRP EA 278 45.42 -15.57 32.57
C TRP EA 278 44.74 -14.24 32.31
N THR EA 279 43.63 -13.99 33.02
CA THR EA 279 42.88 -12.74 32.91
C THR EA 279 42.63 -12.17 34.30
N THR EA 280 42.69 -10.84 34.41
CA THR EA 280 42.44 -10.13 35.66
C THR EA 280 41.34 -9.08 35.45
N ARG EA 281 40.91 -8.46 36.55
CA ARG EA 281 39.90 -7.41 36.49
C ARG EA 281 40.51 -6.04 36.28
N ASP EA 282 41.82 -5.95 36.09
CA ASP EA 282 42.40 -4.72 35.55
C ASP EA 282 41.93 -4.48 34.12
N LYS EA 283 41.64 -5.57 33.40
CA LYS EA 283 40.98 -5.49 32.10
C LYS EA 283 39.64 -4.76 32.20
N VAL EA 284 38.82 -5.13 33.19
CA VAL EA 284 37.49 -4.53 33.26
C VAL EA 284 37.59 -3.11 33.83
N GLU EA 285 38.65 -2.84 34.61
CA GLU EA 285 38.93 -1.46 35.04
C GLU EA 285 39.31 -0.59 33.85
N ARG EA 286 40.12 -1.12 32.92
CA ARG EA 286 40.49 -0.38 31.72
C ARG EA 286 39.28 -0.09 30.85
N ILE EA 287 38.44 -1.11 30.62
CA ILE EA 287 37.32 -0.91 29.70
C ILE EA 287 36.15 -0.20 30.36
N HIS EA 288 36.19 0.02 31.68
CA HIS EA 288 35.26 0.95 32.30
C HIS EA 288 35.96 2.22 32.82
N THR EA 289 37.15 2.53 32.32
CA THR EA 289 37.74 3.77 32.83
C THR EA 289 37.11 5.01 32.18
N THR EA 290 37.49 5.33 30.93
CA THR EA 290 37.08 6.48 30.11
C THR EA 290 37.85 6.46 28.79
N ASP EA 291 37.51 7.41 27.91
CA ASP EA 291 38.41 7.89 26.84
C ASP EA 291 38.17 9.39 26.70
N ARG EA 292 38.98 10.18 27.39
CA ARG EA 292 38.92 11.63 27.33
C ARG EA 292 40.04 12.17 26.45
N THR EA 293 39.84 13.38 25.95
CA THR EA 293 40.78 13.98 25.02
C THR EA 293 41.68 14.98 25.73
N LEU EA 294 42.80 15.30 25.09
CA LEU EA 294 43.72 16.33 25.55
C LEU EA 294 44.02 17.26 24.38
N PRO EA 295 43.59 18.52 24.42
CA PRO EA 295 43.84 19.43 23.30
C PRO EA 295 45.23 20.03 23.28
N HIS EA 296 46.12 19.67 24.21
CA HIS EA 296 47.46 20.25 24.22
C HIS EA 296 48.33 19.69 23.10
N LEU EA 297 48.07 18.47 22.65
CA LEU EA 297 48.99 17.81 21.75
C LEU EA 297 48.33 17.48 20.43
N PRO EA 298 49.08 17.51 19.33
CA PRO EA 298 48.48 17.22 18.02
C PRO EA 298 48.26 15.73 17.80
N GLY EA 299 47.46 15.43 16.78
CA GLY EA 299 47.03 14.06 16.53
C GLY EA 299 47.19 13.57 15.10
N LEU EA 300 46.08 13.07 14.53
CA LEU EA 300 46.14 12.38 13.24
C LEU EA 300 46.34 13.35 12.08
N GLU EA 301 45.42 14.29 11.92
CA GLU EA 301 45.41 15.17 10.76
C GLU EA 301 46.57 16.16 10.80
N ASP EA 302 47.01 16.54 12.00
CA ASP EA 302 48.16 17.43 12.12
C ASP EA 302 49.45 16.72 11.72
N LEU EA 303 49.52 15.41 11.95
CA LEU EA 303 50.66 14.62 11.52
C LEU EA 303 50.48 14.10 10.09
N GLY EA 304 49.25 14.00 9.61
CA GLY EA 304 49.00 13.79 8.20
C GLY EA 304 48.84 12.36 7.75
N VAL EA 305 47.94 11.62 8.39
CA VAL EA 305 47.56 10.28 7.94
C VAL EA 305 46.05 10.12 8.16
N GLN EA 306 45.39 9.56 7.16
CA GLN EA 306 43.93 9.52 7.13
C GLN EA 306 43.39 8.51 8.14
N ALA EA 307 42.42 8.94 8.95
CA ALA EA 307 41.82 8.10 9.97
C ALA EA 307 40.68 7.29 9.37
N THR EA 308 40.69 5.98 9.63
CA THR EA 308 39.63 5.10 9.15
C THR EA 308 38.75 4.68 10.32
N PRO EA 309 37.43 4.74 10.18
CA PRO EA 309 36.54 4.22 11.23
C PRO EA 309 36.57 2.71 11.37
N LEU EA 310 35.69 2.17 12.22
CA LEU EA 310 35.81 0.79 12.65
C LEU EA 310 34.93 -0.19 11.88
N GLU EA 311 34.27 0.25 10.80
CA GLU EA 311 33.16 -0.53 10.24
C GLU EA 311 33.64 -1.81 9.53
N LEU EA 312 34.40 -1.67 8.45
CA LEU EA 312 34.74 -2.85 7.66
C LEU EA 312 35.88 -3.62 8.29
N LYS EA 313 36.71 -2.94 9.07
CA LYS EA 313 37.74 -3.65 9.82
C LYS EA 313 37.12 -4.44 10.96
N ALA EA 314 36.01 -3.96 11.52
CA ALA EA 314 35.26 -4.76 12.48
C ALA EA 314 34.60 -5.94 11.80
N ILE EA 315 34.14 -5.75 10.55
CA ILE EA 315 33.61 -6.88 9.78
C ILE EA 315 34.68 -7.93 9.53
N GLU EA 316 35.93 -7.47 9.33
CA GLU EA 316 37.08 -8.39 9.25
C GLU EA 316 37.26 -9.16 10.55
N VAL EA 317 37.33 -8.46 11.67
CA VAL EA 317 37.83 -9.07 12.90
C VAL EA 317 36.67 -9.70 13.69
N LEU EA 318 35.47 -9.67 13.13
CA LEU EA 318 34.31 -10.31 13.77
C LEU EA 318 33.92 -11.63 13.11
N ARG EA 319 34.89 -12.48 12.81
CA ARG EA 319 34.66 -13.82 12.29
C ARG EA 319 34.26 -14.80 13.39
N ARG EA 320 34.45 -16.10 13.12
CA ARG EA 320 34.26 -17.30 13.93
C ARG EA 320 32.79 -17.73 13.96
N HIS EA 321 31.85 -16.94 13.44
CA HIS EA 321 30.45 -17.32 13.49
C HIS EA 321 30.15 -18.36 12.41
N ARG EA 322 29.14 -19.18 12.68
CA ARG EA 322 29.06 -20.50 12.05
C ARG EA 322 28.56 -20.46 10.60
N THR EA 323 27.42 -19.83 10.31
CA THR EA 323 26.92 -19.91 8.95
C THR EA 323 26.32 -18.63 8.37
N TYR EA 324 26.39 -17.52 9.08
CA TYR EA 324 26.03 -16.22 8.50
C TYR EA 324 27.29 -15.53 8.03
N ARG EA 325 27.51 -15.52 6.72
CA ARG EA 325 28.65 -14.82 6.13
C ARG EA 325 28.26 -14.08 4.86
N LEU FA 13 58.21 46.95 -18.29
CA LEU FA 13 59.08 47.60 -17.31
C LEU FA 13 60.43 47.91 -17.95
N GLY FA 14 61.51 47.40 -17.35
CA GLY FA 14 62.83 47.59 -17.92
C GLY FA 14 63.00 46.77 -19.18
N LEU FA 15 63.28 47.43 -20.30
CA LEU FA 15 63.35 46.80 -21.62
C LEU FA 15 64.63 45.98 -21.72
N ARG FA 16 64.56 44.73 -21.27
CA ARG FA 16 65.79 43.95 -21.09
C ARG FA 16 66.36 43.47 -22.42
N GLU FA 17 65.66 42.57 -23.11
CA GLU FA 17 66.27 41.94 -24.28
C GLU FA 17 65.25 41.67 -25.38
N ILE FA 18 65.75 41.60 -26.62
CA ILE FA 18 64.97 41.32 -27.81
C ILE FA 18 65.67 40.21 -28.59
N ARG FA 19 64.90 39.24 -29.09
CA ARG FA 19 65.43 38.12 -29.84
C ARG FA 19 64.84 38.08 -31.24
N ILE FA 20 65.66 37.71 -32.23
CA ILE FA 20 65.22 37.51 -33.60
C ILE FA 20 65.65 36.12 -34.05
N HIS FA 21 64.69 35.30 -34.46
CA HIS FA 21 64.94 33.94 -34.92
C HIS FA 21 64.74 33.89 -36.42
N LEU FA 22 65.78 33.49 -37.16
CA LEU FA 22 65.79 33.54 -38.61
C LEU FA 22 66.22 32.21 -39.21
N CYS FA 23 66.16 32.15 -40.54
CA CYS FA 23 66.32 30.91 -41.28
C CYS FA 23 67.01 31.23 -42.61
N GLN FA 24 66.89 30.31 -43.57
CA GLN FA 24 67.51 30.47 -44.88
C GLN FA 24 66.54 30.80 -46.00
N ARG FA 25 65.27 30.39 -45.90
CA ARG FA 25 64.29 30.76 -46.91
C ARG FA 25 62.88 30.78 -46.32
N SER FA 26 62.20 31.91 -46.54
CA SER FA 26 60.80 32.24 -46.32
C SER FA 26 60.66 33.66 -46.87
N PRO FA 27 59.50 34.07 -47.38
CA PRO FA 27 59.41 35.44 -47.92
C PRO FA 27 59.47 36.52 -46.86
N GLY FA 28 58.81 36.30 -45.71
CA GLY FA 28 58.97 37.23 -44.61
C GLY FA 28 60.37 37.20 -44.03
N SER FA 29 60.98 36.01 -44.00
CA SER FA 29 62.38 35.95 -43.61
C SER FA 29 63.28 36.55 -44.66
N GLN FA 30 62.86 36.57 -45.93
CA GLN FA 30 63.59 37.32 -46.93
C GLN FA 30 63.46 38.81 -46.70
N GLY FA 31 62.31 39.26 -46.20
CA GLY FA 31 62.19 40.65 -45.76
C GLY FA 31 63.09 40.97 -44.59
N VAL FA 32 63.28 40.01 -43.67
CA VAL FA 32 64.18 40.28 -42.55
C VAL FA 32 65.64 40.12 -42.99
N ARG FA 33 65.92 39.34 -44.04
CA ARG FA 33 67.24 39.43 -44.68
C ARG FA 33 67.47 40.82 -45.28
N ASP FA 34 66.42 41.41 -45.84
CA ASP FA 34 66.54 42.80 -46.28
C ASP FA 34 66.73 43.74 -45.11
N PHE FA 35 66.16 43.40 -43.95
CA PHE FA 35 66.35 44.21 -42.74
C PHE FA 35 67.79 44.11 -42.23
N ILE FA 36 68.35 42.90 -42.18
CA ILE FA 36 69.71 42.73 -41.70
C ILE FA 36 70.74 43.24 -42.71
N GLU FA 37 70.37 43.32 -43.99
CA GLU FA 37 71.28 43.95 -44.94
C GLU FA 37 71.19 45.47 -44.89
N LYS FA 38 70.00 46.00 -44.67
CA LYS FA 38 69.80 47.44 -44.74
C LYS FA 38 69.93 48.14 -43.37
N ARG FA 39 69.09 47.74 -42.42
CA ARG FA 39 68.82 48.58 -41.26
C ARG FA 39 69.07 47.83 -39.95
N TYR FA 40 70.25 47.22 -39.82
CA TYR FA 40 70.63 46.62 -38.54
C TYR FA 40 71.61 47.46 -37.74
N VAL FA 41 72.60 48.08 -38.41
CA VAL FA 41 73.67 48.79 -37.71
C VAL FA 41 73.15 50.02 -36.98
N GLU FA 42 72.03 50.58 -37.44
CA GLU FA 42 71.34 51.66 -36.74
C GLU FA 42 70.90 51.23 -35.35
N LEU FA 43 70.42 49.99 -35.23
CA LEU FA 43 69.84 49.51 -33.98
C LEU FA 43 70.88 49.40 -32.89
N LYS FA 44 71.90 48.57 -33.10
CA LYS FA 44 72.90 48.36 -32.05
C LYS FA 44 73.87 49.54 -31.96
N LYS FA 45 74.14 50.22 -33.08
CA LYS FA 45 75.01 51.38 -33.05
C LYS FA 45 74.38 52.53 -32.28
N ALA FA 46 73.05 52.67 -32.34
CA ALA FA 46 72.38 53.68 -31.54
C ALA FA 46 72.06 53.21 -30.13
N ASN FA 47 72.23 51.92 -29.83
CA ASN FA 47 71.83 51.36 -28.53
C ASN FA 47 72.92 50.40 -28.06
N PRO FA 48 73.88 50.89 -27.27
CA PRO FA 48 74.99 50.03 -26.85
C PRO FA 48 74.63 49.02 -25.77
N ASP FA 49 73.76 49.38 -24.83
CA ASP FA 49 73.37 48.51 -23.73
C ASP FA 49 71.94 48.01 -23.88
N LEU FA 50 71.53 47.71 -25.11
CA LEU FA 50 70.24 47.11 -25.41
C LEU FA 50 70.51 45.79 -26.13
N PRO FA 51 70.78 44.71 -25.38
CA PRO FA 51 71.28 43.48 -26.01
C PRO FA 51 70.24 42.67 -26.78
N ILE FA 52 70.02 43.04 -28.06
CA ILE FA 52 69.30 42.17 -28.99
C ILE FA 52 70.19 40.98 -29.35
N LEU FA 53 69.56 39.92 -29.87
CA LEU FA 53 70.34 38.77 -30.31
C LEU FA 53 69.68 38.12 -31.52
N ILE FA 54 70.50 37.41 -32.29
CA ILE FA 54 70.11 36.76 -33.53
C ILE FA 54 70.37 35.27 -33.39
N ARG FA 55 69.39 34.43 -33.74
CA ARG FA 55 69.57 32.98 -33.70
C ARG FA 55 69.07 32.34 -34.98
N GLU FA 56 69.91 31.47 -35.56
CA GLU FA 56 69.59 30.71 -36.76
C GLU FA 56 70.12 29.29 -36.61
N CYS FA 57 69.32 28.29 -37.00
CA CYS FA 57 69.84 26.93 -37.13
C CYS FA 57 69.77 26.40 -38.55
N SER FA 58 68.58 26.12 -39.08
CA SER FA 58 68.43 25.85 -40.52
C SER FA 58 67.16 26.47 -41.07
N ASP FA 59 66.08 26.36 -40.30
CA ASP FA 59 64.73 26.59 -40.82
C ASP FA 59 63.80 26.80 -39.64
N VAL FA 60 63.22 28.00 -39.53
CA VAL FA 60 62.33 28.34 -38.43
C VAL FA 60 61.49 29.52 -38.90
N GLN FA 61 60.38 29.76 -38.21
CA GLN FA 61 59.66 31.02 -38.40
C GLN FA 61 60.52 32.18 -37.91
N PRO FA 62 60.56 33.30 -38.63
CA PRO FA 62 61.33 34.44 -38.17
C PRO FA 62 60.69 35.12 -36.96
N LYS FA 63 60.92 34.55 -35.79
CA LYS FA 63 60.24 34.99 -34.58
C LYS FA 63 60.86 36.27 -34.03
N LEU FA 64 60.05 37.30 -33.85
CA LEU FA 64 60.47 38.53 -33.19
C LEU FA 64 59.92 38.50 -31.77
N TRP FA 65 60.79 38.22 -30.82
CA TRP FA 65 60.40 38.04 -29.44
C TRP FA 65 61.09 39.09 -28.57
N ALA FA 66 60.55 39.29 -27.37
CA ALA FA 66 61.10 40.29 -26.48
C ALA FA 66 60.90 39.84 -25.04
N ARG FA 67 62.02 39.68 -24.33
CA ARG FA 67 62.03 39.23 -22.93
C ARG FA 67 62.29 40.46 -22.07
N TYR FA 68 61.22 40.99 -21.48
CA TYR FA 68 61.33 42.08 -20.53
C TYR FA 68 60.09 42.07 -19.63
N ALA FA 69 59.99 43.09 -18.77
CA ALA FA 69 58.95 43.24 -17.75
C ALA FA 69 58.88 42.01 -16.83
N PHE FA 70 60.07 41.58 -16.37
CA PHE FA 70 60.25 40.54 -15.35
C PHE FA 70 59.65 39.20 -15.78
N GLY FA 71 60.18 38.67 -16.87
CA GLY FA 71 59.70 37.39 -17.37
C GLY FA 71 58.46 37.49 -18.22
N GLN FA 72 58.36 38.53 -19.04
CA GLN FA 72 57.33 38.64 -20.06
C GLN FA 72 57.98 38.47 -21.43
N GLU FA 73 57.54 37.46 -22.16
CA GLU FA 73 58.05 37.16 -23.48
C GLU FA 73 56.97 37.56 -24.49
N LYS FA 74 57.03 38.82 -24.93
CA LYS FA 74 56.19 39.25 -26.03
C LYS FA 74 56.64 38.59 -27.32
N ASN FA 75 55.68 38.39 -28.22
CA ASN FA 75 55.77 37.33 -29.22
C ASN FA 75 55.05 37.80 -30.47
N VAL FA 76 55.79 38.12 -31.53
CA VAL FA 76 55.19 38.29 -32.85
C VAL FA 76 56.01 37.47 -33.83
N SER FA 77 55.35 37.08 -34.92
CA SER FA 77 56.02 36.38 -36.01
C SER FA 77 56.26 37.36 -37.15
N LEU FA 78 57.07 36.92 -38.11
CA LEU FA 78 57.40 37.76 -39.27
C LEU FA 78 57.29 36.98 -40.57
N ASN FA 79 56.39 36.01 -40.62
CA ASN FA 79 56.11 35.35 -41.88
C ASN FA 79 55.32 36.29 -42.78
N ASN FA 80 55.75 36.37 -44.05
CA ASN FA 80 55.29 37.27 -45.14
C ASN FA 80 54.93 38.68 -44.65
N PHE FA 81 55.81 39.26 -43.83
CA PHE FA 81 55.65 40.62 -43.35
C PHE FA 81 56.72 41.52 -43.93
N SER FA 82 56.39 42.81 -44.03
CA SER FA 82 57.26 43.79 -44.63
C SER FA 82 58.39 44.19 -43.67
N ALA FA 83 59.39 44.87 -44.21
CA ALA FA 83 60.44 45.43 -43.37
C ALA FA 83 59.95 46.66 -42.62
N ASP FA 84 58.95 47.35 -43.17
CA ASP FA 84 58.32 48.45 -42.44
C ASP FA 84 57.55 47.91 -41.24
N GLN FA 85 56.94 46.73 -41.37
CA GLN FA 85 56.29 46.13 -40.20
C GLN FA 85 57.33 45.63 -39.19
N VAL FA 86 58.52 45.25 -39.66
CA VAL FA 86 59.63 44.95 -38.76
C VAL FA 86 60.02 46.18 -37.95
N THR FA 87 60.16 47.32 -38.63
CA THR FA 87 60.47 48.58 -37.95
C THR FA 87 59.32 49.02 -37.03
N ARG FA 88 58.08 48.73 -37.45
CA ARG FA 88 56.89 49.13 -36.71
C ARG FA 88 56.76 48.37 -35.40
N ALA FA 89 56.85 47.03 -35.45
CA ALA FA 89 56.86 46.25 -34.23
C ALA FA 89 58.14 46.45 -33.43
N LEU FA 90 59.25 46.82 -34.10
CA LEU FA 90 60.48 47.16 -33.39
C LEU FA 90 60.28 48.40 -32.53
N GLU FA 91 59.56 49.39 -33.06
CA GLU FA 91 59.25 50.58 -32.29
C GLU FA 91 58.19 50.30 -31.23
N ASN FA 92 57.24 49.41 -31.53
CA ASN FA 92 56.22 49.06 -30.54
C ASN FA 92 56.83 48.33 -29.35
N VAL FA 93 57.82 47.48 -29.59
CA VAL FA 93 58.57 46.89 -28.49
C VAL FA 93 59.43 47.95 -27.81
N LEU FA 94 60.11 48.77 -28.60
CA LEU FA 94 60.84 49.92 -28.07
C LEU FA 94 59.90 50.98 -27.50
N LYS GA 5 35.55 -60.68 -43.22
CA LYS GA 5 36.42 -61.48 -42.38
C LYS GA 5 36.08 -61.29 -40.90
N LYS GA 6 37.11 -61.27 -40.05
CA LYS GA 6 36.89 -61.30 -38.61
C LYS GA 6 38.16 -60.80 -37.91
N THR GA 7 37.98 -60.06 -36.81
CA THR GA 7 39.03 -59.42 -36.00
C THR GA 7 39.96 -58.56 -36.85
N THR GA 8 39.39 -57.48 -37.37
CA THR GA 8 40.19 -56.47 -38.04
C THR GA 8 40.97 -55.63 -37.03
N GLY GA 9 41.93 -54.86 -37.54
CA GLY GA 9 42.94 -54.23 -36.71
C GLY GA 9 42.51 -53.02 -35.91
N LEU GA 10 42.02 -51.99 -36.59
CA LEU GA 10 41.79 -50.70 -35.94
C LEU GA 10 40.51 -50.74 -35.09
N VAL GA 11 40.35 -49.72 -34.26
CA VAL GA 11 39.19 -49.66 -33.38
C VAL GA 11 37.98 -49.14 -34.15
N GLY GA 12 38.08 -47.92 -34.68
CA GLY GA 12 37.00 -47.34 -35.45
C GLY GA 12 37.00 -47.78 -36.89
N LEU GA 13 36.85 -49.10 -37.10
CA LEU GA 13 36.96 -49.68 -38.43
C LEU GA 13 36.16 -50.98 -38.41
N ALA GA 14 34.96 -50.97 -38.99
CA ALA GA 14 34.12 -52.15 -39.07
C ALA GA 14 33.70 -52.33 -40.53
N VAL GA 15 34.30 -53.30 -41.21
CA VAL GA 15 34.13 -53.42 -42.66
C VAL GA 15 32.76 -53.97 -42.99
N CYS GA 16 32.32 -53.68 -44.22
CA CYS GA 16 31.02 -54.11 -44.69
C CYS GA 16 31.11 -55.50 -45.30
N GLU GA 17 29.97 -56.00 -45.78
CA GLU GA 17 29.91 -57.38 -46.26
C GLU GA 17 30.52 -57.53 -47.65
N THR GA 18 30.45 -56.49 -48.48
CA THR GA 18 30.93 -56.54 -49.87
C THR GA 18 31.73 -55.27 -50.10
N PRO GA 19 33.05 -55.32 -49.85
CA PRO GA 19 33.84 -54.08 -49.86
C PRO GA 19 34.05 -53.52 -51.26
N HIS GA 20 34.13 -54.39 -52.25
CA HIS GA 20 34.54 -53.98 -53.60
C HIS GA 20 33.49 -53.11 -54.26
N GLU GA 21 32.22 -53.50 -54.15
CA GLU GA 21 31.17 -52.71 -54.78
C GLU GA 21 30.95 -51.38 -54.07
N ARG GA 22 31.13 -51.35 -52.74
CA ARG GA 22 31.08 -50.08 -52.01
C ARG GA 22 32.19 -49.15 -52.45
N LEU GA 23 33.40 -49.68 -52.62
CA LEU GA 23 34.52 -48.86 -53.06
C LEU GA 23 34.33 -48.37 -54.49
N LYS GA 24 33.72 -49.22 -55.34
CA LYS GA 24 33.42 -48.81 -56.71
C LYS GA 24 32.38 -47.70 -56.76
N ILE GA 25 31.32 -47.80 -55.95
CA ILE GA 25 30.30 -46.76 -56.03
C ILE GA 25 30.75 -45.48 -55.36
N LEU GA 26 31.64 -45.59 -54.35
CA LEU GA 26 32.37 -44.41 -53.87
C LEU GA 26 33.14 -43.73 -54.98
N TYR GA 27 33.87 -44.51 -55.79
CA TYR GA 27 34.69 -43.88 -56.82
C TYR GA 27 33.87 -43.37 -58.00
N THR GA 28 32.70 -43.95 -58.26
CA THR GA 28 31.82 -43.35 -59.25
C THR GA 28 31.23 -42.04 -58.74
N LYS GA 29 30.93 -41.93 -57.44
CA LYS GA 29 30.53 -40.63 -56.93
C LYS GA 29 31.68 -39.63 -56.93
N ILE GA 30 32.92 -40.10 -56.78
CA ILE GA 30 34.09 -39.24 -56.93
C ILE GA 30 34.15 -38.66 -58.34
N LEU GA 31 34.05 -39.54 -59.35
CA LEU GA 31 34.04 -39.09 -60.74
C LEU GA 31 32.86 -38.19 -61.05
N ASP GA 32 31.70 -38.41 -60.42
CA ASP GA 32 30.53 -37.56 -60.65
C ASP GA 32 30.73 -36.14 -60.11
N VAL GA 33 31.06 -36.04 -58.81
CA VAL GA 33 31.24 -34.75 -58.17
C VAL GA 33 32.43 -34.01 -58.78
N LEU GA 34 33.43 -34.76 -59.23
CA LEU GA 34 34.50 -34.17 -60.03
C LEU GA 34 34.00 -33.74 -61.40
N GLY GA 35 32.96 -34.39 -61.91
CA GLY GA 35 32.31 -33.96 -63.13
C GLY GA 35 31.59 -32.64 -62.99
N HIS GA 36 31.20 -32.27 -61.76
CA HIS GA 36 30.70 -30.90 -61.57
C HIS GA 36 31.79 -29.84 -61.76
N ILE GA 37 33.05 -30.19 -61.49
CA ILE GA 37 34.15 -29.22 -61.44
C ILE GA 37 34.58 -28.86 -62.86
N PRO GA 38 34.93 -27.60 -63.15
CA PRO GA 38 35.42 -27.22 -64.49
C PRO GA 38 36.72 -27.91 -64.86
N LYS GA 39 37.06 -27.76 -66.15
CA LYS GA 39 38.12 -28.52 -66.81
C LYS GA 39 39.51 -27.96 -66.59
N ASN GA 40 39.70 -26.65 -66.77
CA ASN GA 40 41.04 -26.08 -66.86
C ASN GA 40 41.79 -26.04 -65.53
N ALA GA 41 41.11 -26.27 -64.41
CA ALA GA 41 41.81 -26.38 -63.13
C ALA GA 41 42.54 -27.71 -63.06
N ALA GA 42 43.74 -27.70 -62.49
CA ALA GA 42 44.56 -28.90 -62.42
C ALA GA 42 44.01 -29.92 -61.43
N TYR GA 43 43.14 -29.49 -60.51
CA TYR GA 43 42.51 -30.37 -59.54
C TYR GA 43 41.77 -31.51 -60.22
N ARG GA 44 40.99 -31.18 -61.26
CA ARG GA 44 40.28 -32.19 -62.03
C ARG GA 44 41.24 -33.14 -62.72
N LYS GA 45 42.34 -32.60 -63.27
CA LYS GA 45 43.33 -33.39 -64.00
C LYS GA 45 43.94 -34.45 -63.11
N TYR GA 46 44.51 -34.02 -61.97
CA TYR GA 46 45.22 -34.95 -61.10
C TYR GA 46 44.27 -35.89 -60.36
N THR GA 47 43.11 -35.40 -59.90
CA THR GA 47 42.18 -36.28 -59.19
C THR GA 47 41.53 -37.30 -60.11
N GLU GA 48 41.18 -36.90 -61.35
CA GLU GA 48 40.59 -37.86 -62.26
C GLU GA 48 41.61 -38.88 -62.72
N GLN GA 49 42.87 -38.47 -62.88
CA GLN GA 49 43.93 -39.42 -63.18
C GLN GA 49 44.10 -40.44 -62.08
N ILE GA 50 44.21 -39.97 -60.82
CA ILE GA 50 44.49 -40.91 -59.73
C ILE GA 50 43.28 -41.79 -59.44
N THR GA 51 42.06 -41.28 -59.62
CA THR GA 51 40.91 -42.10 -59.29
C THR GA 51 40.61 -43.10 -60.40
N ASN GA 52 40.82 -42.72 -61.67
CA ASN GA 52 40.68 -43.71 -62.74
C ASN GA 52 41.78 -44.75 -62.69
N GLU GA 53 42.99 -44.39 -62.25
CA GLU GA 53 44.02 -45.41 -62.10
C GLU GA 53 43.70 -46.36 -60.96
N LYS GA 54 43.17 -45.86 -59.84
CA LYS GA 54 42.83 -46.76 -58.74
C LYS GA 54 41.62 -47.62 -59.07
N LEU GA 55 40.63 -47.06 -59.78
CA LEU GA 55 39.48 -47.85 -60.19
C LEU GA 55 39.86 -48.89 -61.23
N SER GA 56 40.81 -48.57 -62.12
CA SER GA 56 41.30 -49.55 -63.07
C SER GA 56 42.15 -50.62 -62.39
N ILE GA 57 42.77 -50.33 -61.25
CA ILE GA 57 43.31 -51.40 -60.43
C ILE GA 57 42.18 -52.29 -59.91
N VAL GA 58 41.09 -51.68 -59.44
CA VAL GA 58 40.04 -52.42 -58.73
C VAL GA 58 39.20 -53.29 -59.66
N LYS GA 59 39.02 -52.89 -60.92
CA LYS GA 59 38.16 -53.61 -61.87
C LYS GA 59 38.63 -55.04 -62.15
N ALA GA 60 39.90 -55.36 -61.91
CA ALA GA 60 40.44 -56.70 -62.07
C ALA GA 60 40.80 -57.34 -60.74
N GLU GA 61 39.96 -57.14 -59.72
CA GLU GA 61 40.22 -57.66 -58.38
C GLU GA 61 39.04 -58.49 -57.89
N PRO GA 62 39.15 -59.81 -57.93
CA PRO GA 62 38.05 -60.64 -57.41
C PRO GA 62 38.15 -60.90 -55.92
N ASP GA 63 39.34 -60.77 -55.36
CA ASP GA 63 39.58 -61.15 -53.97
C ASP GA 63 39.90 -59.93 -53.13
N VAL GA 64 39.42 -59.94 -51.89
CA VAL GA 64 39.63 -58.82 -50.99
C VAL GA 64 41.09 -58.76 -50.54
N LYS GA 65 41.66 -59.92 -50.19
CA LYS GA 65 43.06 -60.00 -49.78
C LYS GA 65 43.99 -59.60 -50.92
N LYS GA 66 43.62 -59.95 -52.16
CA LYS GA 66 44.42 -59.57 -53.32
C LYS GA 66 44.38 -58.07 -53.57
N LEU GA 67 43.23 -57.43 -53.31
CA LEU GA 67 43.17 -55.98 -53.45
C LEU GA 67 43.91 -55.30 -52.32
N GLU GA 68 43.89 -55.89 -51.12
CA GLU GA 68 44.71 -55.35 -50.02
C GLU GA 68 46.19 -55.48 -50.32
N GLU GA 69 46.58 -56.52 -51.05
CA GLU GA 69 47.98 -56.67 -51.44
C GLU GA 69 48.38 -55.66 -52.52
N GLN GA 70 47.68 -55.67 -53.66
CA GLN GA 70 48.19 -54.96 -54.83
C GLN GA 70 48.00 -53.46 -54.71
N LEU GA 71 46.82 -53.01 -54.27
CA LEU GA 71 46.61 -51.59 -54.03
C LEU GA 71 47.41 -51.13 -52.82
N GLN GA 72 48.14 -50.03 -52.98
CA GLN GA 72 49.00 -49.51 -51.94
C GLN GA 72 48.27 -48.43 -51.15
N GLY GA 73 48.35 -48.51 -49.83
CA GLY GA 73 47.61 -47.62 -48.97
C GLY GA 73 46.50 -48.36 -48.23
N GLY GA 74 46.71 -49.64 -47.96
CA GLY GA 74 45.68 -50.51 -47.44
C GLY GA 74 45.33 -50.25 -45.97
N GLN GA 75 44.61 -51.20 -45.37
CA GLN GA 75 44.17 -52.46 -46.00
C GLN GA 75 42.86 -52.36 -46.78
N ILE GA 76 41.74 -52.13 -46.11
CA ILE GA 76 40.49 -52.00 -46.85
C ILE GA 76 39.68 -50.77 -46.46
N GLU GA 77 39.33 -50.61 -45.19
CA GLU GA 77 38.47 -49.50 -44.82
C GLU GA 77 39.27 -48.24 -44.54
N GLU GA 78 40.60 -48.34 -44.45
CA GLU GA 78 41.40 -47.13 -44.54
C GLU GA 78 41.31 -46.53 -45.93
N VAL GA 79 41.25 -47.39 -46.96
CA VAL GA 79 41.03 -46.91 -48.32
C VAL GA 79 39.63 -46.33 -48.47
N ILE GA 80 38.64 -46.94 -47.81
CA ILE GA 80 37.27 -46.43 -47.85
C ILE GA 80 37.18 -45.08 -47.16
N LEU GA 81 37.89 -44.92 -46.03
CA LEU GA 81 37.89 -43.67 -45.29
C LEU GA 81 38.60 -42.57 -46.07
N GLN GA 82 39.71 -42.93 -46.73
CA GLN GA 82 40.39 -42.04 -47.66
C GLN GA 82 39.44 -41.57 -48.76
N ALA GA 83 38.62 -42.49 -49.30
CA ALA GA 83 37.65 -42.16 -50.33
C ALA GA 83 36.56 -41.23 -49.81
N GLU GA 84 36.04 -41.51 -48.61
CA GLU GA 84 34.97 -40.72 -48.03
C GLU GA 84 35.43 -39.30 -47.74
N ASN GA 85 36.63 -39.16 -47.21
CA ASN GA 85 37.15 -37.83 -46.89
C ASN GA 85 37.52 -37.07 -48.15
N GLU GA 86 37.96 -37.78 -49.21
CA GLU GA 86 38.18 -37.13 -50.49
C GLU GA 86 36.87 -36.65 -51.10
N LEU GA 87 35.80 -37.43 -50.94
CA LEU GA 87 34.47 -36.99 -51.39
C LEU GA 87 34.01 -35.76 -50.64
N SER GA 88 34.27 -35.71 -49.34
CA SER GA 88 33.86 -34.55 -48.55
C SER GA 88 34.63 -33.30 -48.96
N LEU GA 89 35.94 -33.44 -49.23
CA LEU GA 89 36.62 -32.23 -49.69
C LEU GA 89 36.21 -31.86 -51.11
N ALA GA 90 35.83 -32.81 -51.95
CA ALA GA 90 35.38 -32.44 -53.29
C ALA GA 90 34.09 -31.65 -53.24
N ARG GA 91 33.15 -32.10 -52.39
CA ARG GA 91 31.94 -31.32 -52.12
C ARG GA 91 32.26 -29.93 -51.58
N LYS GA 92 33.31 -29.83 -50.77
CA LYS GA 92 33.73 -28.49 -50.35
C LYS GA 92 34.44 -27.73 -51.48
N MET GA 93 35.05 -28.44 -52.42
CA MET GA 93 35.82 -27.78 -53.48
C MET GA 93 34.94 -27.30 -54.62
N ILE GA 94 33.66 -27.67 -54.67
CA ILE GA 94 32.74 -26.85 -55.46
C ILE GA 94 32.73 -25.43 -54.92
N GLN GA 95 32.68 -25.28 -53.59
CA GLN GA 95 32.81 -23.99 -52.95
C GLN GA 95 34.27 -23.53 -52.95
N TRP GA 96 34.48 -22.35 -52.36
CA TRP GA 96 35.73 -21.68 -52.03
C TRP GA 96 36.49 -21.13 -53.24
N LYS GA 97 36.10 -21.56 -54.45
CA LYS GA 97 36.74 -21.34 -55.75
C LYS GA 97 38.27 -21.24 -55.71
N PRO GA 98 39.00 -22.30 -55.28
CA PRO GA 98 40.42 -22.11 -54.99
C PRO GA 98 41.36 -22.16 -56.18
N TRP GA 99 40.85 -22.06 -57.41
CA TRP GA 99 41.69 -22.01 -58.60
C TRP GA 99 41.76 -20.61 -59.20
N GLU GA 100 41.52 -19.58 -58.38
CA GLU GA 100 41.60 -18.20 -58.81
C GLU GA 100 43.07 -17.80 -59.04
N PRO GA 101 43.32 -16.65 -59.68
CA PRO GA 101 44.68 -16.11 -59.68
C PRO GA 101 45.15 -15.72 -58.29
N LEU GA 102 46.46 -15.45 -58.20
CA LEU GA 102 47.13 -15.29 -56.92
C LEU GA 102 46.64 -14.04 -56.19
N VAL GA 103 46.28 -14.22 -54.92
CA VAL GA 103 45.92 -13.11 -54.05
C VAL GA 103 47.16 -12.23 -53.80
N GLU GA 104 46.91 -11.03 -53.28
CA GLU GA 104 47.81 -9.89 -53.43
C GLU GA 104 49.14 -10.07 -52.71
N GLU GA 105 50.00 -9.07 -52.92
CA GLU GA 105 51.42 -9.21 -52.71
C GLU GA 105 51.79 -9.28 -51.23
N PRO GA 106 52.90 -9.94 -50.90
CA PRO GA 106 53.49 -9.79 -49.59
C PRO GA 106 54.24 -8.47 -49.49
N PRO GA 107 54.84 -8.14 -48.34
CA PRO GA 107 55.79 -7.01 -48.31
C PRO GA 107 57.07 -7.22 -49.12
N ALA GA 108 57.29 -8.42 -49.69
CA ALA GA 108 58.30 -8.79 -50.68
C ALA GA 108 59.71 -8.87 -50.11
N SER GA 109 59.90 -8.46 -48.86
CA SER GA 109 61.10 -8.74 -48.09
C SER GA 109 60.75 -9.38 -46.76
N GLN GA 110 59.50 -9.80 -46.61
CA GLN GA 110 59.08 -10.48 -45.38
C GLN GA 110 59.76 -11.83 -45.23
N TRP GA 111 59.93 -12.54 -46.34
CA TRP GA 111 60.50 -13.87 -46.29
C TRP GA 111 62.01 -13.88 -46.43
N LYS GA 112 62.63 -12.72 -46.63
CA LYS GA 112 64.07 -12.63 -46.48
C LYS GA 112 64.39 -12.85 -45.01
N TRP GA 113 65.02 -14.00 -44.70
CA TRP GA 113 65.10 -14.43 -43.31
C TRP GA 113 66.07 -13.62 -42.44
N PRO GA 114 67.41 -13.47 -42.79
CA PRO GA 114 68.36 -13.09 -41.74
C PRO GA 114 68.27 -11.66 -41.21
N ILE GA 115 67.25 -10.90 -41.65
CA ILE GA 115 66.75 -9.63 -41.09
C ILE GA 115 67.83 -8.59 -40.83
N THR HA 14 44.78 0.28 -45.72
CA THR HA 14 44.49 -0.43 -44.48
C THR HA 14 43.01 -0.77 -44.38
N SER HA 15 42.53 -1.56 -45.35
CA SER HA 15 41.16 -2.07 -45.34
C SER HA 15 41.10 -3.33 -44.50
N VAL HA 16 41.14 -3.12 -43.19
CA VAL HA 16 41.36 -4.19 -42.22
C VAL HA 16 40.06 -4.98 -42.05
N LYS HA 17 40.20 -6.29 -41.85
CA LYS HA 17 39.06 -7.10 -41.43
C LYS HA 17 38.53 -6.63 -40.08
N PRO HA 18 37.22 -6.68 -39.86
CA PRO HA 18 36.67 -6.25 -38.56
C PRO HA 18 36.81 -7.36 -37.53
N ILE HA 19 36.28 -7.11 -36.34
CA ILE HA 19 36.26 -8.13 -35.30
C ILE HA 19 34.82 -8.50 -34.99
N PHE HA 20 34.09 -7.54 -34.45
CA PHE HA 20 32.68 -7.66 -34.08
C PHE HA 20 31.84 -6.54 -34.67
N SER HA 21 32.37 -5.33 -34.72
CA SER HA 21 31.60 -4.14 -35.05
C SER HA 21 32.05 -3.56 -36.38
N ARG HA 22 31.10 -2.98 -37.11
CA ARG HA 22 31.41 -2.30 -38.35
C ARG HA 22 31.71 -0.83 -38.15
N ASP HA 23 31.24 -0.25 -37.06
CA ASP HA 23 31.59 1.12 -36.69
C ASP HA 23 31.57 1.21 -35.16
N MET HA 24 31.52 2.44 -34.65
CA MET HA 24 31.57 2.66 -33.22
C MET HA 24 30.24 2.37 -32.52
N ASN HA 25 29.17 2.14 -33.28
CA ASN HA 25 27.85 1.96 -32.68
C ASN HA 25 27.76 0.63 -31.94
N GLU HA 26 28.09 -0.47 -32.61
CA GLU HA 26 28.10 -1.75 -31.93
C GLU HA 26 29.24 -1.85 -30.93
N ALA HA 27 30.30 -1.07 -31.12
CA ALA HA 27 31.36 -0.99 -30.11
C ALA HA 27 30.83 -0.43 -28.80
N LYS HA 28 30.10 0.70 -28.87
CA LYS HA 28 29.51 1.28 -27.67
C LYS HA 28 28.41 0.37 -27.11
N ARG HA 29 27.67 -0.31 -27.98
CA ARG HA 29 26.62 -1.21 -27.50
C ARG HA 29 27.20 -2.42 -26.77
N ARG HA 30 28.29 -3.00 -27.29
CA ARG HA 30 28.88 -4.15 -26.64
C ARG HA 30 29.59 -3.77 -25.35
N VAL HA 31 30.21 -2.59 -25.31
CA VAL HA 31 30.87 -2.22 -24.06
C VAL HA 31 29.84 -1.78 -23.00
N ARG HA 32 28.69 -1.23 -23.41
CA ARG HA 32 27.68 -0.91 -22.40
C ARG HA 32 26.97 -2.17 -21.94
N GLU HA 33 26.89 -3.19 -22.79
CA GLU HA 33 26.39 -4.49 -22.34
C GLU HA 33 27.37 -5.14 -21.37
N LEU HA 34 28.67 -4.96 -21.62
CA LEU HA 34 29.68 -5.44 -20.69
C LEU HA 34 29.56 -4.76 -19.33
N TYR HA 35 29.36 -3.44 -19.33
CA TYR HA 35 29.22 -2.71 -18.07
C TYR HA 35 27.92 -3.05 -17.36
N ARG HA 36 26.87 -3.37 -18.12
CA ARG HA 36 25.63 -3.88 -17.54
C ARG HA 36 25.88 -5.19 -16.82
N ALA HA 37 26.63 -6.10 -17.46
CA ALA HA 37 26.96 -7.38 -16.84
C ALA HA 37 27.85 -7.20 -15.61
N TRP HA 38 28.76 -6.22 -15.64
CA TRP HA 38 29.59 -6.00 -14.47
C TRP HA 38 28.81 -5.37 -13.33
N TYR HA 39 27.82 -4.53 -13.62
CA TYR HA 39 27.00 -3.99 -12.54
C TYR HA 39 26.17 -5.08 -11.89
N ARG HA 40 25.60 -5.97 -12.69
CA ARG HA 40 24.84 -7.07 -12.10
C ARG HA 40 25.74 -8.24 -11.71
N GLU HA 41 27.05 -8.09 -11.81
CA GLU HA 41 28.01 -9.12 -11.50
C GLU HA 41 28.68 -8.93 -10.14
N VAL HA 42 28.72 -7.70 -9.64
CA VAL HA 42 29.35 -7.37 -8.36
C VAL HA 42 28.71 -8.03 -7.13
N PRO HA 43 27.40 -7.94 -6.85
CA PRO HA 43 26.92 -8.36 -5.52
C PRO HA 43 27.02 -9.85 -5.25
N ASN HA 44 26.79 -10.67 -6.29
CA ASN HA 44 26.94 -12.12 -6.17
C ASN HA 44 28.37 -12.49 -5.79
N THR HA 45 29.34 -11.87 -6.44
CA THR HA 45 30.73 -12.22 -6.17
C THR HA 45 31.22 -11.66 -4.84
N VAL HA 46 30.76 -10.47 -4.47
CA VAL HA 46 31.23 -9.91 -3.20
C VAL HA 46 30.51 -10.54 -2.02
N HIS HA 47 29.35 -11.17 -2.25
CA HIS HA 47 28.76 -11.96 -1.18
C HIS HA 47 29.33 -13.37 -1.13
N LEU HA 48 29.73 -13.91 -2.29
CA LEU HA 48 30.25 -15.28 -2.32
C LEU HA 48 31.69 -15.34 -1.81
N PHE HA 49 32.55 -14.44 -2.27
CA PHE HA 49 33.98 -14.53 -2.01
C PHE HA 49 34.38 -14.06 -0.62
N GLN HA 50 33.43 -13.54 0.17
CA GLN HA 50 33.62 -13.12 1.56
C GLN HA 50 34.70 -12.05 1.69
N LEU HA 51 34.42 -10.90 1.09
CA LEU HA 51 35.37 -9.80 1.04
C LEU HA 51 35.14 -8.85 2.22
N ASP HA 52 35.89 -7.74 2.23
CA ASP HA 52 35.88 -6.78 3.32
C ASP HA 52 35.39 -5.41 2.87
N ILE HA 53 34.80 -5.34 1.69
CA ILE HA 53 34.60 -4.09 0.97
C ILE HA 53 33.13 -3.98 0.59
N SER HA 54 32.58 -2.77 0.71
CA SER HA 54 31.21 -2.50 0.32
C SER HA 54 30.99 -2.75 -1.16
N VAL HA 55 29.72 -2.98 -1.51
CA VAL HA 55 29.33 -3.22 -2.89
C VAL HA 55 29.56 -1.97 -3.73
N LYS HA 56 29.30 -0.79 -3.14
CA LYS HA 56 29.44 0.46 -3.87
C LYS HA 56 30.89 0.78 -4.19
N GLN HA 57 31.83 0.39 -3.32
CA GLN HA 57 33.24 0.64 -3.60
C GLN HA 57 33.74 -0.23 -4.74
N GLY HA 58 33.32 -1.49 -4.78
CA GLY HA 58 33.68 -2.35 -5.89
C GLY HA 58 33.07 -1.91 -7.20
N ARG HA 59 31.81 -1.47 -7.15
CA ARG HA 59 31.17 -0.92 -8.35
C ARG HA 59 31.83 0.37 -8.80
N ASP HA 60 32.34 1.17 -7.86
CA ASP HA 60 33.04 2.37 -8.25
C ASP HA 60 34.42 2.07 -8.84
N LYS HA 61 35.07 0.99 -8.40
CA LYS HA 61 36.31 0.64 -9.09
C LYS HA 61 36.03 0.03 -10.46
N VAL HA 62 34.88 -0.63 -10.63
CA VAL HA 62 34.49 -1.10 -11.96
C VAL HA 62 34.28 0.07 -12.92
N ARG HA 63 33.50 1.06 -12.48
CA ARG HA 63 33.30 2.23 -13.34
C ARG HA 63 34.57 3.07 -13.47
N GLU HA 64 35.49 3.00 -12.51
CA GLU HA 64 36.77 3.68 -12.66
C GLU HA 64 37.65 3.01 -13.71
N MET HA 65 37.65 1.68 -13.73
CA MET HA 65 38.39 0.95 -14.75
C MET HA 65 37.80 1.14 -16.14
N PHE HA 66 36.49 1.36 -16.22
CA PHE HA 66 35.94 1.82 -17.49
C PHE HA 66 36.33 3.25 -17.80
N LYS HA 67 36.49 4.10 -16.77
CA LYS HA 67 36.91 5.48 -17.01
C LYS HA 67 38.36 5.60 -17.41
N LYS HA 68 39.18 4.57 -17.16
CA LYS HA 68 40.60 4.65 -17.49
C LYS HA 68 40.84 4.67 -19.01
N ASN HA 69 39.93 4.05 -19.77
CA ASN HA 69 40.17 3.77 -21.18
C ASN HA 69 39.43 4.72 -22.11
N ALA HA 70 39.40 6.01 -21.76
CA ALA HA 70 38.62 6.97 -22.54
C ALA HA 70 39.23 7.28 -23.90
N HIS HA 71 40.53 7.07 -24.08
CA HIS HA 71 41.21 7.45 -25.32
C HIS HA 71 41.19 6.34 -26.36
N VAL HA 72 40.46 5.26 -26.13
CA VAL HA 72 40.45 4.12 -27.03
C VAL HA 72 39.49 4.43 -28.19
N THR HA 73 39.98 4.30 -29.42
CA THR HA 73 39.26 4.77 -30.59
C THR HA 73 38.91 3.68 -31.59
N ASP HA 74 39.88 2.83 -31.94
CA ASP HA 74 39.70 1.88 -33.05
C ASP HA 74 38.67 0.80 -32.69
N PRO HA 75 37.84 0.36 -33.65
CA PRO HA 75 36.82 -0.64 -33.34
C PRO HA 75 37.39 -2.00 -33.00
N ARG HA 76 38.52 -2.37 -33.62
CA ARG HA 76 39.25 -3.58 -33.23
C ARG HA 76 39.66 -3.53 -31.76
N VAL HA 77 40.15 -2.37 -31.30
CA VAL HA 77 40.67 -2.29 -29.95
C VAL HA 77 39.55 -2.28 -28.93
N VAL HA 78 38.44 -1.58 -29.23
CA VAL HA 78 37.29 -1.56 -28.33
C VAL HA 78 36.68 -2.95 -28.22
N ASP HA 79 36.57 -3.65 -29.37
CA ASP HA 79 36.09 -5.02 -29.34
C ASP HA 79 37.04 -5.94 -28.58
N LEU HA 80 38.34 -5.68 -28.65
CA LEU HA 80 39.29 -6.54 -27.94
C LEU HA 80 39.24 -6.29 -26.43
N LEU HA 81 38.99 -5.04 -26.02
CA LEU HA 81 38.73 -4.76 -24.61
C LEU HA 81 37.44 -5.44 -24.13
N VAL HA 82 36.41 -5.46 -24.98
CA VAL HA 82 35.19 -6.18 -24.63
C VAL HA 82 35.45 -7.68 -24.53
N ILE HA 83 36.35 -8.21 -25.36
CA ILE HA 83 36.72 -9.62 -25.29
C ILE HA 83 37.47 -9.94 -23.99
N LYS HA 84 38.40 -9.07 -23.60
CA LYS HA 84 39.11 -9.24 -22.33
C LYS HA 84 38.15 -9.16 -21.14
N GLY HA 85 37.23 -8.21 -21.17
CA GLY HA 85 36.26 -8.07 -20.09
C GLY HA 85 35.31 -9.26 -20.01
N LYS HA 86 34.95 -9.82 -21.16
CA LYS HA 86 34.06 -10.98 -21.15
C LYS HA 86 34.79 -12.23 -20.67
N MET HA 87 36.07 -12.38 -21.03
CA MET HA 87 36.87 -13.48 -20.51
C MET HA 87 37.06 -13.37 -18.99
N GLU HA 88 37.32 -12.17 -18.50
CA GLU HA 88 37.45 -12.01 -17.05
C GLU HA 88 36.12 -12.19 -16.33
N LEU HA 89 35.01 -11.83 -16.98
CA LEU HA 89 33.73 -12.05 -16.34
C LEU HA 89 33.37 -13.53 -16.32
N GLU HA 90 33.84 -14.29 -17.32
CA GLU HA 90 33.76 -15.74 -17.25
C GLU HA 90 34.57 -16.29 -16.09
N GLU HA 91 35.81 -15.82 -15.96
CA GLU HA 91 36.68 -16.34 -14.90
C GLU HA 91 36.28 -15.84 -13.51
N THR HA 92 35.42 -14.84 -13.41
CA THR HA 92 34.89 -14.44 -12.11
C THR HA 92 33.48 -14.95 -11.84
N ILE HA 93 32.71 -15.31 -12.87
CA ILE HA 93 31.45 -16.02 -12.60
C ILE HA 93 31.76 -17.49 -12.29
N ASN HA 94 32.91 -17.98 -12.71
CA ASN HA 94 33.47 -19.17 -12.10
C ASN HA 94 34.44 -18.77 -11.00
N VAL HA 95 34.92 -19.76 -10.26
CA VAL HA 95 35.76 -19.50 -9.11
C VAL HA 95 37.13 -20.05 -9.50
N TRP HA 96 37.42 -19.94 -10.79
CA TRP HA 96 38.78 -20.17 -11.29
C TRP HA 96 39.74 -19.17 -10.68
N LYS HA 97 39.32 -17.92 -10.57
CA LYS HA 97 40.07 -16.90 -9.85
C LYS HA 97 39.76 -17.02 -8.36
N GLN HA 98 40.33 -16.12 -7.56
CA GLN HA 98 40.13 -16.20 -6.12
C GLN HA 98 40.01 -14.80 -5.52
N ARG HA 99 40.04 -14.81 -4.18
CA ARG HA 99 40.03 -13.60 -3.38
C ARG HA 99 41.29 -12.77 -3.61
N THR HA 100 42.41 -13.45 -3.86
CA THR HA 100 43.68 -12.76 -4.10
C THR HA 100 43.63 -11.91 -5.37
N HIS HA 101 42.98 -12.41 -6.41
CA HIS HA 101 42.93 -11.67 -7.67
C HIS HA 101 42.00 -10.48 -7.57
N VAL HA 102 40.87 -10.63 -6.88
CA VAL HA 102 39.92 -9.53 -6.75
C VAL HA 102 40.49 -8.44 -5.84
N MET HA 103 41.19 -8.85 -4.77
CA MET HA 103 41.91 -7.88 -3.97
C MET HA 103 43.15 -7.35 -4.66
N ARG HA 104 43.59 -7.98 -5.75
CA ARG HA 104 44.65 -7.41 -6.57
C ARG HA 104 44.11 -6.38 -7.54
N PHE HA 105 42.82 -6.48 -7.91
CA PHE HA 105 42.19 -5.36 -8.61
C PHE HA 105 42.13 -4.12 -7.72
N PHE HA 106 41.77 -4.30 -6.46
CA PHE HA 106 41.91 -3.23 -5.48
C PHE HA 106 43.40 -2.95 -5.27
N HIS HA 107 43.72 -1.71 -4.94
CA HIS HA 107 45.10 -1.35 -4.63
C HIS HA 107 45.09 -0.76 -3.23
N GLU HA 108 45.15 -1.63 -2.23
CA GLU HA 108 44.98 -1.24 -0.83
C GLU HA 108 46.27 -1.20 -0.06
N THR HA 109 47.13 -2.20 -0.22
CA THR HA 109 48.42 -2.23 0.46
C THR HA 109 49.32 -1.21 -0.21
N GLU HA 110 49.39 -0.02 0.38
CA GLU HA 110 50.22 1.06 -0.13
C GLU HA 110 51.69 0.70 0.00
N ALA HA 111 52.55 1.02 -0.99
CA ALA HA 111 52.45 1.87 -2.22
C ALA HA 111 51.74 3.25 -2.21
N PRO HA 112 52.19 4.21 -1.37
CA PRO HA 112 51.61 5.55 -1.44
C PRO HA 112 52.36 6.47 -2.39
N ARG HA 113 53.18 5.88 -3.29
CA ARG HA 113 54.17 6.48 -4.18
C ARG HA 113 53.75 7.79 -4.82
N PRO HA 114 54.55 8.84 -4.69
CA PRO HA 114 54.06 10.21 -4.88
C PRO HA 114 54.02 10.63 -6.35
N LYS HA 115 53.54 11.86 -6.54
CA LYS HA 115 53.51 12.50 -7.85
C LYS HA 115 54.06 13.92 -7.86
N ASP HA 116 54.18 14.57 -6.69
CA ASP HA 116 54.69 15.93 -6.65
C ASP HA 116 56.18 15.95 -6.97
N PHE HA 117 56.59 16.99 -7.69
CA PHE HA 117 58.00 17.13 -8.07
C PHE HA 117 58.89 17.35 -6.85
N LEU HA 118 58.34 17.98 -5.80
CA LEU HA 118 59.07 18.14 -4.56
C LEU HA 118 59.26 16.78 -3.87
N SER HA 119 58.23 15.94 -3.90
CA SER HA 119 58.34 14.60 -3.34
C SER HA 119 58.95 13.62 -4.35
N LYS HA 120 58.98 13.96 -5.63
CA LYS HA 120 59.86 13.27 -6.56
C LYS HA 120 61.30 13.76 -6.47
N PHE HA 121 61.54 14.81 -5.68
CA PHE HA 121 62.87 15.40 -5.54
C PHE HA 121 63.56 14.94 -4.25
N TYR HA 122 62.87 15.02 -3.11
CA TYR HA 122 63.47 14.52 -1.87
C TYR HA 122 63.63 13.01 -1.91
N VAL HA 123 62.53 12.28 -2.06
CA VAL HA 123 62.61 10.88 -2.40
C VAL HA 123 62.85 10.86 -3.90
N GLY HA 124 64.12 10.88 -4.31
CA GLY HA 124 64.45 11.23 -5.68
C GLY HA 124 65.00 10.11 -6.54
N HIS HA 125 66.00 10.46 -7.36
CA HIS HA 125 66.48 9.64 -8.48
C HIS HA 125 65.33 9.20 -9.36
N ASP HA 126 64.41 10.12 -9.60
CA ASP HA 126 63.12 9.88 -10.23
C ASP HA 126 62.81 11.04 -11.17
N PRO HA 127 62.02 10.80 -12.23
CA PRO HA 127 61.63 11.92 -13.10
C PRO HA 127 60.65 12.87 -12.43
N ALA IA 1 73.46 -65.08 -0.32
CA ALA IA 1 73.88 -66.19 0.52
C ALA IA 1 73.61 -65.89 2.00
N SER IA 2 74.28 -66.66 2.87
CA SER IA 2 74.17 -66.55 4.33
C SER IA 2 72.73 -66.71 4.82
N ALA IA 3 72.08 -67.77 4.34
CA ALA IA 3 70.72 -68.08 4.74
C ALA IA 3 70.60 -69.58 4.97
N THR IA 4 69.65 -69.97 5.82
CA THR IA 4 69.39 -71.38 6.05
C THR IA 4 68.69 -71.99 4.84
N ARG IA 5 68.81 -73.32 4.73
CA ARG IA 5 68.27 -74.01 3.56
C ARG IA 5 66.75 -74.17 3.63
N LEU IA 6 66.17 -74.08 4.83
CA LEU IA 6 64.72 -74.22 4.96
C LEU IA 6 64.00 -73.00 4.39
N ILE IA 7 64.49 -71.80 4.68
CA ILE IA 7 63.87 -70.63 4.09
C ILE IA 7 64.19 -70.51 2.61
N GLN IA 8 65.30 -71.07 2.15
CA GLN IA 8 65.56 -71.16 0.72
C GLN IA 8 64.57 -72.09 0.03
N GLY IA 9 64.26 -73.21 0.68
CA GLY IA 9 63.22 -74.09 0.17
C GLY IA 9 61.85 -73.44 0.18
N LEU IA 10 61.57 -72.60 1.19
CA LEU IA 10 60.32 -71.85 1.19
C LEU IA 10 60.29 -70.80 0.08
N ARG IA 11 61.44 -70.19 -0.24
CA ARG IA 11 61.50 -69.21 -1.31
C ARG IA 11 61.30 -69.87 -2.68
N ASN IA 12 61.82 -71.08 -2.85
CA ASN IA 12 61.51 -71.81 -4.08
C ASN IA 12 60.08 -72.34 -4.10
N TRP IA 13 59.55 -72.69 -2.92
CA TRP IA 13 58.19 -73.21 -2.79
C TRP IA 13 57.14 -72.14 -3.01
N ALA IA 14 57.48 -70.88 -2.76
CA ALA IA 14 56.52 -69.81 -2.95
C ALA IA 14 56.29 -69.54 -4.42
N SER IA 15 57.35 -69.51 -5.21
CA SER IA 15 57.23 -69.37 -6.66
C SER IA 15 58.47 -69.98 -7.31
N GLY IA 16 58.27 -70.52 -8.51
CA GLY IA 16 59.35 -71.13 -9.26
C GLY IA 16 60.24 -70.11 -9.93
N ARG IA 17 61.04 -69.39 -9.14
CA ARG IA 17 61.90 -68.33 -9.64
C ARG IA 17 63.37 -68.54 -9.34
N ASP IA 18 63.73 -69.47 -8.45
CA ASP IA 18 65.11 -69.80 -8.08
C ASP IA 18 65.83 -68.57 -7.53
N LEU IA 19 65.34 -68.08 -6.39
CA LEU IA 19 65.76 -66.81 -5.82
C LEU IA 19 67.20 -66.86 -5.30
N GLN IA 20 67.74 -68.06 -5.05
CA GLN IA 20 69.14 -68.17 -4.65
C GLN IA 20 70.09 -67.75 -5.77
N ALA IA 21 69.66 -67.92 -7.04
CA ALA IA 21 70.54 -67.67 -8.17
C ALA IA 21 70.83 -66.19 -8.34
N LYS IA 22 69.81 -65.38 -8.59
CA LYS IA 22 69.95 -63.94 -8.74
C LYS IA 22 69.07 -63.27 -7.70
N LEU IA 23 69.68 -62.52 -6.77
CA LEU IA 23 69.03 -62.22 -5.50
C LEU IA 23 68.99 -60.74 -5.11
N GLN IA 24 69.49 -59.83 -5.95
CA GLN IA 24 69.59 -58.38 -5.68
C GLN IA 24 70.44 -58.12 -4.43
N LEU IA 25 71.62 -58.73 -4.42
CA LEU IA 25 72.69 -58.41 -3.46
C LEU IA 25 73.97 -58.52 -4.29
N ARG IA 26 74.39 -57.40 -4.85
CA ARG IA 26 75.60 -57.40 -5.67
C ARG IA 26 76.84 -57.47 -4.77
N TYR IA 27 77.53 -58.61 -4.79
CA TYR IA 27 78.58 -58.88 -3.79
C TYR IA 27 79.96 -58.45 -4.26
N GLN IA 28 80.46 -59.12 -5.30
CA GLN IA 28 81.78 -58.81 -5.87
C GLN IA 28 81.74 -58.76 -7.38
N GLU IA 29 80.55 -58.77 -7.98
CA GLU IA 29 80.42 -58.68 -9.42
C GLU IA 29 80.80 -57.29 -9.94
N ILE IA 30 80.71 -56.26 -9.09
CA ILE IA 30 81.21 -54.94 -9.44
C ILE IA 30 82.72 -55.04 -9.63
N SER IA 31 83.22 -54.46 -10.71
CA SER IA 31 84.64 -54.39 -10.95
C SER IA 31 85.31 -53.58 -9.85
N LYS IA 32 86.45 -54.07 -9.38
CA LYS IA 32 87.14 -53.46 -8.25
C LYS IA 32 87.66 -52.08 -8.65
N ARG IA 33 87.20 -51.05 -7.94
CA ARG IA 33 87.44 -49.67 -8.29
C ARG IA 33 88.92 -49.31 -8.16
N THR IA 34 89.28 -48.17 -8.75
CA THR IA 34 90.66 -47.69 -8.91
C THR IA 34 91.53 -48.72 -9.63
N GLN IA 35 91.16 -48.93 -10.90
CA GLN IA 35 92.01 -49.67 -11.83
C GLN IA 35 93.17 -48.78 -12.27
N PRO IA 36 94.20 -49.34 -12.89
CA PRO IA 36 95.18 -48.50 -13.60
C PRO IA 36 94.54 -47.71 -14.72
N PRO IA 37 94.97 -46.47 -14.94
CA PRO IA 37 94.18 -45.54 -15.74
C PRO IA 37 94.30 -45.84 -17.23
N PRO IA 38 93.17 -45.92 -17.93
CA PRO IA 38 93.20 -46.19 -19.37
C PRO IA 38 93.25 -44.91 -20.21
N LYS IA 39 93.93 -45.01 -21.34
CA LYS IA 39 94.16 -43.87 -22.21
C LYS IA 39 92.97 -43.66 -23.15
N LEU IA 40 92.82 -42.42 -23.61
CA LEU IA 40 91.68 -42.02 -24.44
C LEU IA 40 92.19 -41.46 -25.76
N PRO IA 41 92.25 -42.26 -26.81
CA PRO IA 41 92.88 -41.80 -28.06
C PRO IA 41 92.01 -40.88 -28.89
N VAL IA 42 92.47 -40.53 -30.09
CA VAL IA 42 91.77 -39.65 -31.03
C VAL IA 42 91.62 -40.40 -32.35
N GLY IA 43 90.44 -40.28 -32.97
CA GLY IA 43 90.07 -41.06 -34.14
C GLY IA 43 90.48 -40.43 -35.45
N PRO IA 44 89.52 -40.21 -36.36
CA PRO IA 44 89.87 -39.79 -37.73
C PRO IA 44 90.33 -38.33 -37.86
N SER IA 45 91.37 -37.97 -37.14
CA SER IA 45 92.03 -36.66 -37.21
C SER IA 45 93.38 -36.80 -36.51
N HIS IA 46 94.04 -35.68 -36.28
CA HIS IA 46 95.27 -35.44 -35.49
C HIS IA 46 96.51 -36.10 -36.09
N ARG IA 47 96.37 -36.90 -37.14
CA ARG IA 47 97.46 -37.17 -38.06
C ARG IA 47 97.77 -35.90 -38.84
N LEU IA 48 99.05 -35.69 -39.11
CA LEU IA 48 99.49 -34.45 -39.72
C LEU IA 48 99.27 -34.51 -41.23
N SER IA 49 99.73 -33.47 -41.93
CA SER IA 49 100.09 -33.47 -43.36
C SER IA 49 98.93 -33.50 -44.34
N ASN IA 50 97.72 -33.75 -43.88
CA ASN IA 50 96.58 -33.74 -44.81
C ASN IA 50 95.35 -33.05 -44.26
N ASN IA 51 95.14 -33.03 -42.94
CA ASN IA 51 93.85 -32.67 -42.35
C ASN IA 51 93.62 -31.16 -42.43
N TYR IA 52 93.23 -30.72 -43.62
CA TYR IA 52 92.81 -29.33 -43.79
C TYR IA 52 91.44 -29.13 -43.19
N TYR IA 53 91.24 -27.96 -42.59
CA TYR IA 53 89.89 -27.52 -42.29
C TYR IA 53 89.19 -26.98 -43.52
N CYS IA 54 89.93 -26.73 -44.60
CA CYS IA 54 89.31 -26.37 -45.87
C CYS IA 54 88.48 -27.51 -46.45
N ALA IA 55 88.87 -28.75 -46.17
CA ALA IA 55 88.16 -29.90 -46.73
C ALA IA 55 86.87 -30.20 -45.97
N ARG IA 56 86.99 -30.50 -44.68
CA ARG IA 56 85.85 -31.01 -43.92
C ARG IA 56 85.07 -29.91 -43.21
N ASP IA 57 84.77 -28.84 -43.94
CA ASP IA 57 84.12 -27.68 -43.35
C ASP IA 57 82.61 -27.73 -43.63
N GLY IA 58 81.97 -28.73 -43.03
CA GLY IA 58 80.54 -28.91 -43.21
C GLY IA 58 79.70 -27.83 -42.57
N ARG IA 59 80.26 -27.10 -41.62
CA ARG IA 59 79.57 -25.97 -41.03
C ARG IA 59 79.39 -24.83 -42.03
N ARG IA 60 80.39 -24.58 -42.87
CA ARG IA 60 80.35 -23.50 -43.82
C ARG IA 60 79.73 -23.91 -45.15
N GLU IA 61 79.07 -25.06 -45.21
CA GLU IA 61 78.41 -25.51 -46.42
C GLU IA 61 76.90 -25.49 -46.29
N ALA IA 62 76.38 -24.75 -45.30
CA ALA IA 62 74.94 -24.63 -45.11
C ALA IA 62 74.36 -23.80 -46.25
N MET IA 63 73.63 -24.45 -47.14
CA MET IA 63 73.19 -23.83 -48.38
C MET IA 63 71.98 -22.93 -48.12
N PRO IA 64 71.82 -21.87 -48.91
CA PRO IA 64 70.59 -21.08 -48.83
C PRO IA 64 69.40 -21.86 -49.34
N PRO IA 65 68.19 -21.54 -48.91
CA PRO IA 65 67.03 -22.38 -49.25
C PRO IA 65 66.64 -22.24 -50.71
N SER IA 66 66.38 -23.38 -51.35
CA SER IA 66 66.00 -23.38 -52.76
C SER IA 66 64.49 -23.24 -52.89
N ILE IA 67 64.06 -22.41 -53.82
CA ILE IA 67 62.67 -21.97 -53.89
C ILE IA 67 62.01 -22.45 -55.17
N VAL IA 68 60.71 -22.71 -55.08
CA VAL IA 68 59.77 -22.77 -56.20
C VAL IA 68 58.55 -21.98 -55.76
N MET IA 69 57.49 -22.03 -56.58
CA MET IA 69 56.48 -20.99 -56.83
C MET IA 69 55.98 -20.16 -55.64
N SER IA 70 55.56 -18.94 -55.94
CA SER IA 70 55.85 -17.72 -55.22
C SER IA 70 54.67 -16.76 -55.22
N SER IA 71 55.00 -15.47 -55.11
CA SER IA 71 54.29 -14.38 -55.77
C SER IA 71 55.12 -13.79 -56.89
N GLN IA 72 56.44 -13.82 -56.75
CA GLN IA 72 57.39 -13.36 -57.77
C GLN IA 72 57.32 -14.23 -59.02
N SER IA 89 47.10 -32.95 -70.05
CA SER IA 89 47.89 -34.10 -70.45
C SER IA 89 49.18 -34.18 -69.65
N GLU IA 90 49.07 -34.47 -68.36
CA GLU IA 90 50.24 -34.63 -67.49
C GLU IA 90 50.12 -35.93 -66.72
N LYS IA 91 51.03 -36.87 -67.00
CA LYS IA 91 51.08 -38.15 -66.31
C LYS IA 91 51.98 -37.98 -65.10
N LYS IA 92 51.38 -37.53 -63.99
CA LYS IA 92 52.08 -36.91 -62.87
C LYS IA 92 51.37 -37.27 -61.57
N ALA IA 93 51.48 -36.39 -60.57
CA ALA IA 93 50.99 -36.51 -59.18
C ALA IA 93 51.68 -37.62 -58.39
N VAL IA 94 52.98 -37.44 -58.17
CA VAL IA 94 53.76 -38.28 -57.26
C VAL IA 94 53.44 -37.92 -55.81
N SER IA 95 53.88 -38.76 -54.90
CA SER IA 95 53.80 -38.58 -53.46
C SER IA 95 55.01 -37.83 -52.96
N PRO IA 96 54.95 -37.23 -51.75
CA PRO IA 96 56.17 -36.64 -51.18
C PRO IA 96 57.26 -37.66 -50.92
N ALA IA 97 56.87 -38.87 -50.52
CA ALA IA 97 57.80 -39.94 -50.19
C ALA IA 97 57.12 -41.23 -50.59
N PRO IA 98 57.89 -42.28 -50.91
CA PRO IA 98 57.26 -43.52 -51.40
C PRO IA 98 56.44 -44.20 -50.33
N PRO IA 99 55.30 -44.81 -50.70
CA PRO IA 99 54.48 -45.53 -49.71
C PRO IA 99 55.21 -46.74 -49.17
N ILE IA 100 55.60 -46.68 -47.90
CA ILE IA 100 56.36 -47.77 -47.30
C ILE IA 100 55.44 -48.95 -47.06
N LYS IA 101 55.90 -50.13 -47.48
CA LYS IA 101 55.10 -51.33 -47.43
C LYS IA 101 54.83 -51.74 -45.98
N ARG IA 102 53.67 -52.35 -45.75
CA ARG IA 102 53.21 -52.75 -44.43
C ARG IA 102 54.18 -53.75 -43.81
N TRP IA 103 54.29 -53.69 -42.48
CA TRP IA 103 55.35 -54.36 -41.76
C TRP IA 103 55.14 -55.87 -41.71
N GLU IA 104 55.99 -56.54 -40.95
CA GLU IA 104 56.03 -57.98 -40.82
C GLU IA 104 55.51 -58.38 -39.44
N LEU IA 105 54.84 -59.53 -39.36
CA LEU IA 105 54.50 -60.11 -38.07
C LEU IA 105 55.77 -60.50 -37.30
N SER IA 106 55.59 -60.67 -35.99
CA SER IA 106 56.72 -61.04 -35.14
C SER IA 106 57.14 -62.48 -35.38
N GLN IA 107 58.45 -62.71 -35.30
CA GLN IA 107 58.97 -64.06 -35.37
C GLN IA 107 58.70 -64.80 -34.06
N ASP IA 108 59.16 -64.24 -32.95
CA ASP IA 108 59.07 -64.88 -31.64
C ASP IA 108 57.77 -64.46 -30.96
N GLU IA 109 56.76 -65.31 -31.07
CA GLU IA 109 55.48 -65.27 -30.35
C GLU IA 109 54.71 -63.94 -30.48
N PRO IA 110 54.08 -63.66 -31.61
CA PRO IA 110 53.01 -62.66 -31.62
C PRO IA 110 51.69 -63.31 -31.18
N TYR IA 111 50.63 -62.50 -31.21
CA TYR IA 111 49.27 -62.96 -30.88
C TYR IA 111 48.35 -62.49 -32.00
N LEU IA 112 48.19 -63.28 -33.06
CA LEU IA 112 48.74 -64.63 -33.20
C LEU IA 112 50.13 -64.64 -33.84
N TYR JA 23 77.92 -53.13 25.65
CA TYR JA 23 77.06 -53.54 24.56
C TYR JA 23 75.89 -52.58 24.38
N LEU JA 24 75.45 -51.95 25.48
CA LEU JA 24 74.35 -50.99 25.43
C LEU JA 24 74.71 -49.78 24.58
N ARG JA 25 76.00 -49.44 24.55
CA ARG JA 25 76.60 -48.54 23.56
C ARG JA 25 76.12 -48.82 22.14
N VAL JA 26 76.35 -50.04 21.65
CA VAL JA 26 75.97 -50.36 20.28
C VAL JA 26 74.54 -50.89 20.19
N LEU JA 27 73.95 -51.32 21.32
CA LEU JA 27 72.55 -51.77 21.29
C LEU JA 27 71.61 -50.59 21.15
N PHE JA 28 71.95 -49.45 21.74
CA PHE JA 28 71.19 -48.22 21.58
C PHE JA 28 71.98 -47.16 20.82
N ARG JA 29 73.02 -47.57 20.09
CA ARG JA 29 73.62 -46.64 19.13
C ARG JA 29 72.79 -46.64 17.84
N ALA JA 30 72.84 -47.73 17.05
CA ALA JA 30 71.69 -48.01 16.22
C ALA JA 30 71.14 -49.43 16.36
N ASN JA 31 71.85 -50.41 15.79
CA ASN JA 31 71.40 -51.81 15.81
C ASN JA 31 72.50 -52.87 15.85
N ASP JA 32 73.69 -52.54 15.36
CA ASP JA 32 74.60 -53.55 14.82
C ASP JA 32 75.32 -54.34 15.91
N VAL JA 33 75.83 -55.51 15.52
CA VAL JA 33 76.70 -56.35 16.33
C VAL JA 33 77.88 -56.85 15.48
N ARG JA 34 78.09 -56.25 14.31
CA ARG JA 34 78.89 -56.87 13.25
C ARG JA 34 80.37 -56.50 13.31
N VAL JA 35 80.92 -56.23 14.48
CA VAL JA 35 82.37 -56.08 14.61
C VAL JA 35 83.02 -57.44 14.36
N GLY JA 36 84.21 -57.44 13.74
CA GLY JA 36 84.82 -58.66 13.29
C GLY JA 36 85.66 -58.55 12.03
N THR JA 37 85.78 -57.34 11.47
CA THR JA 37 86.71 -57.09 10.37
C THR JA 37 87.86 -56.16 10.73
N LEU JA 38 87.60 -55.08 11.48
CA LEU JA 38 88.62 -54.28 12.20
C LEU JA 38 89.67 -53.68 11.26
N VAL JA 39 89.24 -52.77 10.40
CA VAL JA 39 90.20 -52.12 9.50
C VAL JA 39 91.01 -51.07 10.25
N GLY JA 40 90.35 -50.17 10.98
CA GLY JA 40 91.13 -49.28 11.82
C GLY JA 40 90.30 -48.18 12.43
N GLU JA 41 91.01 -47.13 12.84
CA GLU JA 41 90.41 -45.95 13.46
C GLU JA 41 91.15 -44.72 12.97
N ASP JA 42 90.70 -43.56 13.44
CA ASP JA 42 91.39 -42.31 13.13
C ASP JA 42 91.19 -41.36 14.30
N LYS JA 43 92.10 -40.37 14.37
CA LYS JA 43 92.02 -39.29 15.34
C LYS JA 43 90.70 -38.56 15.22
N TYR JA 44 90.19 -38.11 16.38
CA TYR JA 44 88.80 -38.04 16.85
C TYR JA 44 88.30 -39.42 17.27
N GLY JA 45 89.16 -40.44 17.20
CA GLY JA 45 88.89 -41.76 17.71
C GLY JA 45 87.97 -42.63 16.88
N ASN JA 46 87.45 -42.13 15.76
CA ASN JA 46 86.33 -42.79 15.09
C ASN JA 46 86.78 -44.07 14.38
N LYS JA 47 85.86 -45.04 14.32
CA LYS JA 47 86.23 -46.38 13.91
C LYS JA 47 85.65 -46.71 12.54
N TYR JA 48 86.44 -47.43 11.73
CA TYR JA 48 86.11 -47.73 10.35
C TYR JA 48 86.35 -49.21 10.10
N TYR JA 49 85.30 -49.89 9.62
CA TYR JA 49 85.27 -51.33 9.45
C TYR JA 49 84.83 -51.66 8.03
N GLU JA 50 85.67 -52.37 7.27
CA GLU JA 50 85.34 -52.78 5.91
C GLU JA 50 85.17 -54.28 5.84
N ASP JA 51 84.03 -54.73 5.29
CA ASP JA 51 83.75 -56.14 5.10
C ASP JA 51 83.54 -56.43 3.61
N ASN JA 52 83.80 -57.69 3.25
CA ASN JA 52 83.48 -58.20 1.92
C ASN JA 52 82.34 -59.19 1.95
N LYS JA 53 81.93 -59.66 3.13
CA LYS JA 53 80.96 -60.74 3.22
C LYS JA 53 79.54 -60.26 2.92
N GLN JA 54 79.25 -58.98 3.13
CA GLN JA 54 77.94 -58.45 2.84
C GLN JA 54 77.89 -57.91 1.41
N PHE JA 55 76.80 -57.23 1.07
CA PHE JA 55 76.58 -56.73 -0.28
C PHE JA 55 77.36 -55.44 -0.50
N PHE JA 56 77.17 -54.83 -1.68
CA PHE JA 56 77.76 -53.54 -1.98
C PHE JA 56 76.84 -52.46 -1.43
N GLY JA 57 77.27 -51.83 -0.34
CA GLY JA 57 76.45 -50.87 0.38
C GLY JA 57 76.68 -50.96 1.87
N ARG JA 58 77.09 -52.15 2.32
CA ARG JA 58 77.53 -52.35 3.69
C ARG JA 58 78.91 -52.98 3.73
N HIS JA 59 79.76 -52.65 2.75
CA HIS JA 59 81.19 -52.91 2.89
C HIS JA 59 81.74 -52.17 4.09
N ARG JA 60 81.66 -50.85 4.04
CA ARG JA 60 82.40 -49.96 4.93
C ARG JA 60 81.42 -49.25 5.83
N TRP JA 61 81.54 -49.47 7.13
CA TRP JA 61 80.70 -48.77 8.08
C TRP JA 61 81.56 -48.11 9.14
N VAL JA 62 80.95 -47.16 9.85
CA VAL JA 62 81.65 -46.23 10.73
C VAL JA 62 80.97 -46.22 12.09
N ILE JA 63 81.76 -46.16 13.14
CA ILE JA 63 81.28 -46.00 14.50
C ILE JA 63 81.79 -44.67 15.03
N TYR JA 64 80.87 -43.82 15.48
CA TYR JA 64 81.18 -42.49 15.99
C TYR JA 64 81.42 -42.54 17.50
N THR JA 65 82.45 -41.84 17.96
CA THR JA 65 82.83 -41.83 19.36
C THR JA 65 82.01 -40.80 20.14
N THR JA 66 82.47 -40.49 21.35
CA THR JA 66 81.76 -39.62 22.28
C THR JA 66 82.61 -38.39 22.56
N GLU JA 67 81.98 -37.21 22.43
CA GLU JA 67 82.58 -35.90 22.74
C GLU JA 67 83.86 -35.65 21.95
N MET JA 68 83.79 -35.84 20.63
CA MET JA 68 84.97 -35.67 19.80
C MET JA 68 85.38 -34.21 19.69
N ASN JA 69 84.43 -33.28 19.81
CA ASN JA 69 84.74 -31.87 19.95
C ASN JA 69 83.81 -31.27 21.00
N GLY JA 70 83.55 -32.04 22.06
CA GLY JA 70 82.83 -31.53 23.20
C GLY JA 70 81.35 -31.32 22.99
N LYS JA 71 80.77 -31.93 21.96
CA LYS JA 71 79.36 -31.74 21.66
C LYS JA 71 78.53 -32.97 22.01
N ASN JA 72 79.08 -33.89 22.82
CA ASN JA 72 78.39 -35.07 23.36
C ASN JA 72 77.84 -35.94 22.23
N THR JA 73 78.73 -36.32 21.31
CA THR JA 73 78.32 -36.96 20.07
C THR JA 73 78.15 -38.47 20.20
N PHE JA 74 77.88 -38.98 21.40
CA PHE JA 74 77.29 -40.31 21.53
C PHE JA 74 75.87 -40.29 20.97
N TRP JA 75 75.05 -39.38 21.48
CA TRP JA 75 73.76 -39.06 20.90
C TRP JA 75 73.96 -38.07 19.76
N ASP JA 76 72.85 -37.67 19.13
CA ASP JA 76 72.66 -36.67 18.06
C ASP JA 76 73.82 -36.58 17.06
N VAL JA 77 74.20 -37.72 16.51
CA VAL JA 77 75.41 -37.82 15.70
C VAL JA 77 75.23 -37.11 14.37
N ASP JA 78 76.29 -36.47 13.88
CA ASP JA 78 76.26 -35.72 12.65
C ASP JA 78 77.00 -36.46 11.55
N GLY JA 79 76.56 -36.24 10.33
CA GLY JA 79 77.43 -36.46 9.20
C GLY JA 79 78.53 -35.42 9.16
N SER JA 80 79.62 -35.79 8.48
CA SER JA 80 80.84 -34.99 8.37
C SER JA 80 81.44 -34.63 9.72
N MET JA 81 81.26 -35.51 10.70
CA MET JA 81 82.19 -35.62 11.81
C MET JA 81 83.36 -36.53 11.47
N VAL JA 82 83.43 -36.99 10.23
CA VAL JA 82 84.52 -37.82 9.74
C VAL JA 82 85.53 -36.91 9.04
N PRO JA 83 86.82 -37.24 9.10
CA PRO JA 83 87.80 -36.51 8.29
C PRO JA 83 87.65 -36.86 6.82
N PRO JA 84 88.12 -35.99 5.91
CA PRO JA 84 87.76 -36.15 4.49
C PRO JA 84 88.41 -37.34 3.78
N GLU JA 85 89.56 -37.85 4.24
CA GLU JA 85 90.11 -39.03 3.58
C GLU JA 85 89.26 -40.25 3.82
N TRP JA 86 88.67 -40.36 5.01
CA TRP JA 86 87.71 -41.42 5.25
C TRP JA 86 86.35 -41.12 4.61
N HIS JA 87 86.08 -39.85 4.31
CA HIS JA 87 84.90 -39.51 3.52
C HIS JA 87 85.03 -40.04 2.09
N ARG JA 88 86.22 -39.92 1.50
CA ARG JA 88 86.40 -40.49 0.16
C ARG JA 88 86.44 -42.01 0.21
N TRP JA 89 87.03 -42.57 1.27
CA TRP JA 89 87.08 -44.02 1.39
C TRP JA 89 85.71 -44.63 1.60
N LEU JA 90 84.83 -43.94 2.31
CA LEU JA 90 83.62 -44.56 2.81
C LEU JA 90 82.42 -44.38 1.89
N HIS JA 91 82.47 -43.42 0.97
CA HIS JA 91 81.42 -43.28 -0.05
C HIS JA 91 81.66 -44.13 -1.28
N CYS JA 92 82.53 -45.14 -1.18
CA CYS JA 92 82.84 -46.11 -2.23
C CYS JA 92 83.37 -45.43 -3.50
N MET JA 93 84.48 -44.72 -3.32
CA MET JA 93 85.24 -44.15 -4.41
C MET JA 93 86.60 -44.79 -4.58
N THR JA 94 87.09 -45.50 -3.56
CA THR JA 94 88.37 -46.21 -3.59
C THR JA 94 88.16 -47.60 -3.00
N ASP JA 95 89.24 -48.38 -3.01
CA ASP JA 95 89.22 -49.74 -2.51
C ASP JA 95 90.17 -49.99 -1.35
N ASP JA 96 90.98 -49.01 -0.96
CA ASP JA 96 91.97 -49.18 0.08
C ASP JA 96 91.87 -48.05 1.09
N PRO JA 97 92.10 -48.33 2.38
CA PRO JA 97 91.97 -47.29 3.40
C PRO JA 97 93.07 -46.25 3.28
N PRO JA 98 92.89 -45.05 3.85
CA PRO JA 98 93.96 -44.03 3.79
C PRO JA 98 95.17 -44.32 4.66
N THR JA 99 95.19 -45.43 5.39
CA THR JA 99 96.42 -45.90 6.01
C THR JA 99 97.29 -46.72 5.05
N VAL JA 100 96.86 -46.85 3.80
CA VAL JA 100 97.75 -47.39 2.76
C VAL JA 100 98.72 -46.32 2.30
N LYS JA 101 98.24 -45.10 2.10
CA LYS JA 101 99.07 -43.96 1.71
C LYS JA 101 98.88 -42.84 2.75
N PRO JA 102 99.71 -42.81 3.78
CA PRO JA 102 99.58 -41.75 4.80
C PRO JA 102 100.00 -40.35 4.32
N PRO JA 103 101.21 -40.10 3.79
CA PRO JA 103 101.65 -38.70 3.73
C PRO JA 103 101.22 -37.96 2.46
N THR JA 104 101.29 -36.64 2.55
CA THR JA 104 101.18 -35.76 1.39
C THR JA 104 101.96 -34.48 1.70
N ALA JA 105 102.72 -34.00 0.72
CA ALA JA 105 103.64 -32.89 0.94
C ALA JA 105 103.01 -31.54 0.61
N ARG JA 106 101.83 -31.29 1.18
CA ARG JA 106 101.17 -30.00 1.09
C ARG JA 106 101.05 -29.45 2.50
N LYS JA 107 101.41 -28.18 2.70
CA LYS JA 107 101.29 -27.57 4.02
C LYS JA 107 100.55 -26.24 3.90
N PHE JA 108 99.23 -26.32 3.86
CA PHE JA 108 98.38 -25.19 4.21
C PHE JA 108 97.07 -25.61 4.86
N ILE JA 109 96.85 -26.88 5.10
CA ILE JA 109 95.51 -27.46 5.28
C ILE JA 109 95.12 -27.32 6.74
N TRP JA 110 93.83 -27.17 7.00
CA TRP JA 110 93.29 -27.31 8.34
C TRP JA 110 93.63 -28.69 8.93
N THR JA 111 94.07 -28.68 10.19
CA THR JA 111 94.19 -29.89 10.98
C THR JA 111 93.38 -29.78 12.27
N ASN JA 112 92.40 -28.88 12.30
CA ASN JA 112 91.47 -28.73 13.42
C ASN JA 112 90.11 -29.33 13.10
N HIS JA 113 89.67 -29.23 11.84
CA HIS JA 113 88.42 -29.77 11.32
C HIS JA 113 87.21 -29.22 12.09
N LYS JA 114 86.99 -27.92 11.89
CA LYS JA 114 85.75 -27.30 12.32
C LYS JA 114 84.60 -27.97 11.56
N PHE JA 115 83.81 -28.77 12.27
CA PHE JA 115 82.86 -29.69 11.65
C PHE JA 115 81.59 -28.95 11.24
N ASN JA 116 80.53 -29.70 10.94
CA ASN JA 116 79.29 -29.08 10.44
C ASN JA 116 78.63 -28.27 11.54
N LEU JA 117 78.22 -27.06 11.19
CA LEU JA 117 78.02 -26.02 12.20
C LEU JA 117 76.76 -25.17 12.01
N SER JA 118 75.88 -25.52 11.08
CA SER JA 118 74.68 -24.73 10.87
C SER JA 118 73.72 -24.94 12.04
N GLY JA 119 73.58 -23.92 12.87
CA GLY JA 119 72.74 -24.01 14.05
C GLY JA 119 73.47 -23.70 15.34
N THR JA 120 74.54 -22.93 15.25
CA THR JA 120 75.38 -22.55 16.38
C THR JA 120 75.37 -21.03 16.49
N PRO JA 121 76.07 -20.43 17.46
CA PRO JA 121 76.46 -19.03 17.30
C PRO JA 121 77.82 -18.88 16.61
N GLN JA 122 78.33 -19.95 16.00
CA GLN JA 122 79.61 -19.91 15.28
C GLN JA 122 79.40 -20.50 13.89
N GLN JA 123 78.92 -19.68 12.97
CA GLN JA 123 78.72 -20.13 11.60
C GLN JA 123 78.91 -18.96 10.66
N TYR JA 124 78.71 -19.22 9.38
CA TYR JA 124 79.08 -18.26 8.36
C TYR JA 124 78.11 -17.11 8.29
N VAL JA 125 78.64 -15.91 8.02
CA VAL JA 125 77.85 -14.76 7.62
C VAL JA 125 78.45 -14.18 6.35
N PRO JA 126 77.63 -13.74 5.40
CA PRO JA 126 78.17 -13.24 4.14
C PRO JA 126 78.50 -11.75 4.19
N TYR JA 127 79.51 -11.40 3.40
CA TYR JA 127 80.00 -10.03 3.29
C TYR JA 127 80.80 -9.91 2.01
N SER JA 128 80.59 -8.82 1.29
CA SER JA 128 81.25 -8.64 0.00
C SER JA 128 82.68 -8.17 0.22
N THR JA 129 83.65 -8.98 -0.23
CA THR JA 129 85.05 -8.60 -0.15
C THR JA 129 85.31 -7.54 -1.22
N THR JA 130 84.92 -6.30 -0.89
CA THR JA 130 84.91 -5.22 -1.86
C THR JA 130 85.16 -3.92 -1.09
N ARG JA 131 86.12 -3.13 -1.57
CA ARG JA 131 86.45 -1.88 -0.91
C ARG JA 131 85.41 -0.81 -1.26
N LYS JA 132 85.71 0.44 -0.87
CA LYS JA 132 84.81 1.55 -1.11
C LYS JA 132 84.73 1.86 -2.60
N LYS JA 133 83.54 2.24 -3.06
CA LYS JA 133 83.30 2.45 -4.49
C LYS JA 133 83.58 3.88 -4.93
N ILE JA 134 82.84 4.84 -4.38
CA ILE JA 134 82.86 6.20 -4.92
C ILE JA 134 83.65 7.20 -4.08
N GLN JA 135 83.86 6.91 -2.78
CA GLN JA 135 84.79 7.65 -1.91
C GLN JA 135 84.44 9.13 -1.78
N GLU JA 136 83.39 9.45 -1.01
CA GLU JA 136 82.85 10.80 -0.87
C GLU JA 136 83.90 11.84 -0.49
N TRP JA 137 83.61 13.09 -0.85
CA TRP JA 137 84.50 14.22 -0.57
C TRP JA 137 84.65 14.42 0.94
N VAL JA 138 85.86 14.78 1.34
CA VAL JA 138 86.19 14.99 2.76
C VAL JA 138 85.83 16.44 3.12
N PRO JA 139 84.99 16.67 4.11
CA PRO JA 139 84.78 18.03 4.60
C PRO JA 139 86.03 18.54 5.29
N PRO JA 140 86.33 19.84 5.16
CA PRO JA 140 87.63 20.35 5.62
C PRO JA 140 87.71 20.40 7.13
N SER JA 141 88.93 20.21 7.64
CA SER JA 141 89.14 20.18 9.07
C SER JA 141 88.96 21.56 9.69
N THR JA 142 89.70 22.55 9.21
CA THR JA 142 89.62 23.88 9.78
C THR JA 142 88.34 24.59 9.34
N PRO JA 143 87.75 25.40 10.24
CA PRO JA 143 86.59 26.20 9.83
C PRO JA 143 87.00 27.52 9.21
N TYR JA 144 86.00 28.33 8.87
CA TYR JA 144 86.24 29.60 8.20
C TYR JA 144 85.24 30.61 8.72
N LYS JA 145 85.66 31.88 8.74
CA LYS JA 145 84.85 33.04 9.16
C LYS JA 145 84.37 32.88 10.61
N PRO KA 5 -4.44 0.30 -12.81
CA PRO KA 5 -3.62 0.87 -11.72
C PRO KA 5 -2.23 1.28 -12.20
N LEU KA 6 -1.78 0.67 -13.29
CA LEU KA 6 -0.46 0.93 -13.84
C LEU KA 6 -0.53 1.98 -14.95
N THR KA 7 -1.04 3.15 -14.58
CA THR KA 7 -1.12 4.29 -15.48
C THR KA 7 0.16 5.12 -15.31
N LEU KA 8 0.14 6.37 -15.82
CA LEU KA 8 1.33 7.21 -15.81
C LEU KA 8 1.74 7.61 -14.40
N GLU KA 9 0.78 7.70 -13.48
CA GLU KA 9 1.02 8.34 -12.19
C GLU KA 9 1.86 7.46 -11.26
N GLY KA 10 1.48 6.19 -11.09
CA GLY KA 10 2.24 5.31 -10.23
C GLY KA 10 3.62 5.00 -10.78
N ILE KA 11 3.72 4.91 -12.10
CA ILE KA 11 5.00 4.66 -12.74
C ILE KA 11 5.94 5.87 -12.57
N LYS KA 12 5.42 7.08 -12.78
CA LYS KA 12 6.28 8.26 -12.65
C LYS KA 12 6.67 8.49 -11.20
N ASP KA 13 5.76 8.21 -10.25
CA ASP KA 13 6.11 8.36 -8.84
C ASP KA 13 7.12 7.30 -8.40
N ARG KA 14 7.05 6.09 -8.96
CA ARG KA 14 8.02 5.11 -8.52
C ARG KA 14 9.38 5.33 -9.18
N VAL KA 15 9.39 5.81 -10.42
CA VAL KA 15 10.63 6.30 -11.03
C VAL KA 15 11.21 7.45 -10.22
N LEU KA 16 10.33 8.32 -9.68
CA LEU KA 16 10.77 9.44 -8.86
C LEU KA 16 11.47 8.98 -7.59
N TYR KA 17 10.88 8.02 -6.87
CA TYR KA 17 11.58 7.63 -5.64
C TYR KA 17 12.78 6.72 -5.90
N VAL KA 18 12.81 5.98 -7.01
CA VAL KA 18 14.04 5.21 -7.23
C VAL KA 18 15.16 6.05 -7.84
N LEU KA 19 14.85 7.18 -8.48
CA LEU KA 19 15.90 8.13 -8.85
C LEU KA 19 16.37 8.92 -7.64
N LYS KA 20 15.48 9.21 -6.70
CA LYS KA 20 15.91 9.75 -5.41
C LYS KA 20 16.78 8.75 -4.67
N LEU KA 21 16.48 7.46 -4.79
CA LEU KA 21 17.27 6.41 -4.18
C LEU KA 21 18.57 6.15 -4.93
N TYR KA 22 18.67 6.58 -6.19
CA TYR KA 22 19.93 6.48 -6.93
C TYR KA 22 20.98 7.38 -6.31
N ASP KA 23 22.24 6.93 -6.41
CA ASP KA 23 23.32 7.46 -5.58
C ASP KA 23 23.82 8.83 -6.06
N LYS KA 24 24.37 8.87 -7.26
CA LYS KA 24 25.14 10.03 -7.71
C LYS KA 24 24.31 11.01 -8.53
N ILE KA 25 23.02 11.16 -8.21
CA ILE KA 25 22.19 12.15 -8.89
C ILE KA 25 22.45 13.51 -8.25
N ASP KA 26 23.05 14.43 -9.01
CA ASP KA 26 23.77 15.57 -8.45
C ASP KA 26 23.37 16.91 -9.08
N PRO KA 27 22.40 17.63 -8.50
CA PRO KA 27 21.51 17.29 -7.39
C PRO KA 27 20.35 16.44 -7.87
N GLU KA 28 19.25 16.36 -7.10
CA GLU KA 28 18.13 15.50 -7.47
C GLU KA 28 17.51 15.95 -8.78
N LYS KA 29 16.91 17.15 -8.81
CA LYS KA 29 16.76 17.98 -10.01
C LYS KA 29 15.94 17.28 -11.09
N LEU KA 30 14.87 16.61 -10.66
CA LEU KA 30 14.07 15.80 -11.56
C LEU KA 30 13.19 16.68 -12.44
N SER KA 31 13.02 16.26 -13.69
CA SER KA 31 12.18 16.99 -14.63
C SER KA 31 11.62 16.01 -15.65
N VAL KA 32 10.42 16.32 -16.15
CA VAL KA 32 9.86 15.57 -17.27
C VAL KA 32 10.42 16.04 -18.59
N ASN KA 33 11.23 17.10 -18.59
CA ASN KA 33 12.04 17.52 -19.73
C ASN KA 33 13.49 17.68 -19.28
N SER KA 34 13.98 16.65 -18.60
CA SER KA 34 15.31 16.67 -18.02
C SER KA 34 16.40 16.57 -19.08
N HIS KA 35 16.46 15.43 -19.79
CA HIS KA 35 17.48 15.09 -20.77
C HIS KA 35 18.89 15.22 -20.18
N PHE KA 36 19.16 14.36 -19.21
CA PHE KA 36 20.35 14.46 -18.35
C PHE KA 36 21.64 13.98 -19.03
N MET KA 37 21.65 13.79 -20.34
CA MET KA 37 22.88 13.49 -21.06
C MET KA 37 23.62 14.76 -21.50
N LYS KA 38 22.89 15.77 -21.97
CA LYS KA 38 23.50 17.02 -22.39
C LYS KA 38 22.91 18.23 -21.67
N ASP KA 39 22.15 18.03 -20.61
CA ASP KA 39 21.60 19.14 -19.82
C ASP KA 39 21.94 19.07 -18.34
N LEU KA 40 22.29 17.92 -17.81
CA LEU KA 40 22.53 17.77 -16.38
C LEU KA 40 23.92 17.24 -16.06
N GLY KA 41 24.72 16.93 -17.07
CA GLY KA 41 26.07 16.44 -16.82
C GLY KA 41 26.15 15.04 -16.26
N LEU KA 42 25.34 14.12 -16.77
CA LEU KA 42 25.41 12.72 -16.36
C LEU KA 42 25.79 11.88 -17.56
N ASP KA 43 26.86 11.10 -17.41
CA ASP KA 43 27.52 10.40 -18.51
C ASP KA 43 26.69 9.20 -18.94
N SER KA 44 27.04 8.67 -20.13
CA SER KA 44 26.34 7.50 -20.67
C SER KA 44 26.56 6.26 -19.82
N LEU KA 45 27.67 6.21 -19.10
CA LEU KA 45 27.87 5.23 -18.05
C LEU KA 45 26.76 5.31 -17.00
N ASP KA 46 26.49 6.51 -16.50
CA ASP KA 46 25.40 6.68 -15.55
C ASP KA 46 24.04 6.48 -16.19
N GLN KA 47 23.93 6.78 -17.49
CA GLN KA 47 22.70 6.51 -18.24
C GLN KA 47 22.34 5.04 -18.22
N VAL KA 48 23.30 4.18 -18.61
CA VAL KA 48 22.99 2.75 -18.63
C VAL KA 48 22.85 2.19 -17.22
N GLU KA 49 23.53 2.82 -16.23
CA GLU KA 49 23.28 2.49 -14.82
C GLU KA 49 21.82 2.72 -14.44
N ILE KA 50 21.27 3.87 -14.81
CA ILE KA 50 19.87 4.20 -14.53
C ILE KA 50 18.93 3.23 -15.22
N ILE KA 51 19.21 2.90 -16.48
CA ILE KA 51 18.27 2.09 -17.26
C ILE KA 51 18.20 0.67 -16.73
N MET KA 52 19.35 0.01 -16.54
CA MET KA 52 19.22 -1.33 -15.98
C MET KA 52 18.97 -1.31 -14.47
N ALA KA 53 19.09 -0.16 -13.81
CA ALA KA 53 18.57 -0.04 -12.46
C ALA KA 53 17.04 -0.10 -12.45
N MET KA 54 16.41 0.56 -13.43
CA MET KA 54 14.95 0.45 -13.57
C MET KA 54 14.54 -0.97 -13.91
N GLU KA 55 15.32 -1.62 -14.77
CA GLU KA 55 15.14 -3.04 -15.07
C GLU KA 55 15.21 -3.89 -13.81
N ASP KA 56 16.21 -3.63 -12.96
CA ASP KA 56 16.37 -4.38 -11.72
C ASP KA 56 15.24 -4.13 -10.74
N GLU KA 57 14.68 -2.92 -10.75
CA GLU KA 57 13.64 -2.60 -9.77
C GLU KA 57 12.28 -3.13 -10.20
N PHE KA 58 11.71 -2.62 -11.29
CA PHE KA 58 10.33 -2.98 -11.59
C PHE KA 58 10.00 -3.15 -13.06
N GLY KA 59 10.96 -3.03 -13.97
CA GLY KA 59 10.68 -2.95 -15.38
C GLY KA 59 10.66 -4.31 -16.06
N PHE KA 60 10.63 -4.26 -17.39
CA PHE KA 60 10.70 -5.42 -18.25
C PHE KA 60 12.16 -5.77 -18.48
N GLU KA 61 12.44 -6.62 -19.49
CA GLU KA 61 13.83 -6.98 -19.77
C GLU KA 61 14.64 -5.81 -20.33
N ILE KA 62 13.97 -4.90 -21.05
CA ILE KA 62 14.52 -3.65 -21.58
C ILE KA 62 15.71 -3.95 -22.48
N PRO KA 63 15.49 -4.43 -23.72
CA PRO KA 63 16.60 -4.80 -24.60
C PRO KA 63 17.47 -3.60 -24.97
N ASP KA 64 18.67 -3.91 -25.45
CA ASP KA 64 19.80 -2.98 -25.41
C ASP KA 64 19.59 -1.73 -26.26
N ILE KA 65 18.87 -1.85 -27.38
CA ILE KA 65 18.59 -0.64 -28.15
C ILE KA 65 17.52 0.21 -27.46
N ASP KA 66 16.47 -0.42 -26.92
CA ASP KA 66 15.51 0.32 -26.11
C ASP KA 66 16.07 0.66 -24.73
N ALA KA 67 17.08 -0.08 -24.26
CA ALA KA 67 17.81 0.35 -23.08
C ALA KA 67 18.69 1.55 -23.37
N GLU KA 68 19.09 1.75 -24.62
CA GLU KA 68 19.87 2.91 -25.01
C GLU KA 68 19.00 4.12 -25.30
N LYS KA 69 17.78 3.93 -25.80
CA LYS KA 69 16.99 5.02 -26.35
C LYS KA 69 15.93 5.56 -25.39
N LEU KA 70 16.24 5.70 -24.10
CA LEU KA 70 15.35 6.40 -23.19
C LEU KA 70 15.85 7.81 -22.84
N MET KA 71 17.10 7.94 -22.37
CA MET KA 71 17.85 9.20 -22.28
C MET KA 71 17.32 10.24 -21.30
N CYS KA 72 16.16 10.00 -20.70
CA CYS KA 72 15.34 11.02 -20.06
C CYS KA 72 14.20 10.33 -19.30
N PRO KA 73 13.78 10.85 -18.15
CA PRO KA 73 12.70 10.18 -17.40
C PRO KA 73 11.35 10.17 -18.08
N GLN KA 74 11.11 11.08 -19.03
CA GLN KA 74 9.84 11.10 -19.76
C GLN KA 74 9.65 9.85 -20.58
N GLU KA 75 10.67 9.45 -21.34
CA GLU KA 75 10.57 8.25 -22.15
C GLU KA 75 10.57 7.00 -21.30
N ILE KA 76 11.16 7.07 -20.10
CA ILE KA 76 11.09 5.96 -19.15
C ILE KA 76 9.66 5.75 -18.69
N VAL KA 77 9.02 6.84 -18.25
CA VAL KA 77 7.61 6.79 -17.82
C VAL KA 77 6.73 6.32 -18.97
N ASP KA 78 6.99 6.82 -20.19
CA ASP KA 78 6.16 6.47 -21.33
C ASP KA 78 6.33 5.02 -21.74
N TYR KA 79 7.56 4.49 -21.73
CA TYR KA 79 7.74 3.11 -22.18
C TYR KA 79 7.24 2.11 -21.15
N ILE KA 80 7.48 2.36 -19.86
CA ILE KA 80 6.98 1.41 -18.88
C ILE KA 80 5.45 1.53 -18.73
N ALA KA 81 4.89 2.72 -18.94
CA ALA KA 81 3.44 2.84 -19.02
C ALA KA 81 2.88 2.31 -20.34
N ASP KA 82 3.75 2.13 -21.35
CA ASP KA 82 3.33 1.62 -22.65
C ASP KA 82 3.23 0.10 -22.63
N LYS KA 83 4.31 -0.58 -22.26
CA LYS KA 83 4.31 -2.03 -22.27
C LYS KA 83 3.50 -2.61 -21.10
N LYS KA 84 3.41 -1.87 -20.00
CA LYS KA 84 2.62 -2.32 -18.85
C LYS KA 84 1.37 -1.45 -18.69
N VAL LA 5 99.54 -46.40 -26.36
CA VAL LA 5 98.60 -47.52 -26.33
C VAL LA 5 97.17 -47.03 -26.21
N LYS LA 6 96.23 -47.84 -26.65
CA LYS LA 6 94.80 -47.49 -26.64
C LYS LA 6 94.07 -48.47 -25.74
N GLN LA 7 93.35 -47.93 -24.75
CA GLN LA 7 92.69 -48.74 -23.73
C GLN LA 7 91.25 -48.28 -23.51
N ASP LA 8 90.48 -48.18 -24.60
CA ASP LA 8 89.08 -47.78 -24.49
C ASP LA 8 88.21 -48.91 -23.97
N MET LA 9 86.91 -48.82 -24.16
CA MET LA 9 86.01 -49.82 -23.58
C MET LA 9 85.30 -50.68 -24.64
N PRO LA 10 85.92 -51.75 -25.14
CA PRO LA 10 85.17 -52.72 -25.93
C PRO LA 10 84.64 -53.82 -25.04
N PRO LA 11 83.70 -54.66 -25.54
CA PRO LA 11 83.32 -55.86 -24.77
C PRO LA 11 84.37 -56.96 -24.80
N VAL LA 12 84.08 -58.07 -24.15
CA VAL LA 12 85.04 -59.15 -23.96
C VAL LA 12 84.52 -60.36 -24.72
N GLY LA 13 85.06 -60.58 -25.92
CA GLY LA 13 84.77 -61.74 -26.74
C GLY LA 13 83.35 -61.89 -27.23
N GLY LA 14 82.54 -60.84 -27.13
CA GLY LA 14 81.13 -60.94 -27.46
C GLY LA 14 80.34 -61.40 -26.24
N TYR LA 15 79.39 -60.59 -25.80
CA TYR LA 15 78.63 -60.94 -24.60
C TYR LA 15 77.59 -62.01 -24.91
N GLY LA 16 77.27 -62.79 -23.88
CA GLY LA 16 76.27 -63.83 -24.00
C GLY LA 16 74.87 -63.26 -24.11
N PRO LA 17 73.93 -64.06 -24.57
CA PRO LA 17 72.57 -63.56 -24.77
C PRO LA 17 71.82 -63.40 -23.45
N ILE LA 18 70.84 -62.52 -23.48
CA ILE LA 18 69.99 -62.22 -22.33
C ILE LA 18 68.56 -62.53 -22.75
N ASP LA 19 67.83 -63.26 -21.91
CA ASP LA 19 66.57 -63.87 -22.32
C ASP LA 19 65.47 -62.85 -22.54
N TYR LA 20 64.45 -63.29 -23.28
CA TYR LA 20 63.30 -62.47 -23.65
C TYR LA 20 62.01 -63.28 -23.52
N LYS LA 21 62.02 -64.36 -22.76
CA LYS LA 21 60.90 -65.28 -22.70
C LYS LA 21 60.27 -65.22 -21.33
N ARG LA 22 58.94 -65.29 -21.30
CA ARG LA 22 58.17 -65.16 -20.07
C ARG LA 22 58.30 -66.44 -19.27
N ASN LA 23 59.11 -66.43 -18.21
CA ASN LA 23 59.27 -67.58 -17.32
C ASN LA 23 58.03 -67.67 -16.44
N LEU LA 24 56.95 -68.14 -17.03
CA LEU LA 24 55.67 -68.30 -16.35
C LEU LA 24 55.29 -69.76 -16.42
N PRO LA 25 55.57 -70.55 -15.38
CA PRO LA 25 55.51 -72.02 -15.50
C PRO LA 25 54.12 -72.60 -15.45
N ARG LA 26 53.08 -71.76 -15.33
CA ARG LA 26 51.67 -72.08 -15.07
C ARG LA 26 51.54 -73.14 -13.98
N ARG LA 27 51.96 -72.77 -12.76
CA ARG LA 27 51.91 -73.62 -11.57
C ARG LA 27 50.47 -74.06 -11.31
N GLY LA 28 50.18 -75.33 -11.57
CA GLY LA 28 48.83 -75.76 -11.82
C GLY LA 28 48.21 -76.63 -10.75
N LEU LA 29 46.90 -76.82 -10.90
CA LEU LA 29 46.10 -77.77 -10.15
C LEU LA 29 45.14 -78.42 -11.14
N SER LA 30 44.09 -79.06 -10.62
CA SER LA 30 43.06 -79.59 -11.50
C SER LA 30 41.71 -79.43 -10.82
N GLY LA 31 40.66 -79.39 -11.65
CA GLY LA 31 39.31 -79.38 -11.11
C GLY LA 31 38.95 -80.66 -10.40
N TYR LA 32 39.56 -81.77 -10.82
CA TYR LA 32 39.36 -83.04 -10.12
C TYR LA 32 39.99 -83.02 -8.73
N SER LA 33 41.14 -82.35 -8.60
CA SER LA 33 41.79 -82.23 -7.30
C SER LA 33 40.98 -81.35 -6.36
N MET LA 34 40.45 -80.23 -6.88
CA MET LA 34 39.56 -79.36 -6.12
C MET LA 34 38.33 -80.12 -5.66
N PHE LA 35 37.71 -80.85 -6.59
CA PHE LA 35 36.52 -81.64 -6.29
C PHE LA 35 36.80 -82.67 -5.20
N ALA LA 36 37.93 -83.37 -5.32
CA ALA LA 36 38.29 -84.42 -4.38
C ALA LA 36 38.54 -83.86 -2.98
N VAL LA 37 39.42 -82.86 -2.86
CA VAL LA 37 39.78 -82.39 -1.52
C VAL LA 37 38.62 -81.61 -0.89
N GLY LA 38 37.83 -80.89 -1.70
CA GLY LA 38 36.75 -80.12 -1.15
C GLY LA 38 35.61 -81.00 -0.66
N ILE LA 39 35.15 -81.93 -1.50
CA ILE LA 39 34.04 -82.78 -1.09
C ILE LA 39 34.49 -83.78 -0.03
N GLY LA 40 35.76 -84.17 -0.04
CA GLY LA 40 36.26 -85.07 1.00
C GLY LA 40 36.31 -84.42 2.37
N ALA LA 41 36.98 -83.26 2.48
CA ALA LA 41 37.06 -82.58 3.77
C ALA LA 41 35.70 -82.06 4.21
N LEU LA 42 34.86 -81.66 3.27
CA LEU LA 42 33.54 -81.13 3.58
C LEU LA 42 32.62 -82.22 4.12
N LEU LA 43 32.59 -83.39 3.47
CA LEU LA 43 31.75 -84.48 3.94
C LEU LA 43 32.32 -85.10 5.20
N PHE LA 44 33.64 -85.04 5.38
CA PHE LA 44 34.29 -85.43 6.62
C PHE LA 44 33.80 -84.57 7.79
N GLY LA 45 33.77 -83.25 7.57
CA GLY LA 45 33.25 -82.35 8.58
C GLY LA 45 31.78 -82.57 8.86
N TYR LA 46 31.01 -82.91 7.83
CA TYR LA 46 29.57 -83.17 8.01
C TYR LA 46 29.34 -84.40 8.87
N TRP LA 47 30.05 -85.49 8.57
CA TRP LA 47 29.88 -86.71 9.35
C TRP LA 47 30.35 -86.52 10.79
N SER LA 48 31.47 -85.80 10.97
CA SER LA 48 32.01 -85.61 12.32
C SER LA 48 31.07 -84.78 13.17
N MET LA 49 30.54 -83.68 12.61
CA MET LA 49 29.65 -82.85 13.41
C MET LA 49 28.29 -83.53 13.60
N MET LA 50 27.90 -84.41 12.67
CA MET LA 50 26.67 -85.19 12.84
C MET LA 50 26.77 -86.11 14.05
N ARG LA 51 27.88 -86.86 14.15
CA ARG LA 51 28.07 -87.75 15.28
C ARG LA 51 28.18 -86.98 16.59
N TRP LA 52 28.81 -85.79 16.53
CA TRP LA 52 28.88 -84.99 17.75
C TRP LA 52 27.53 -84.41 18.14
N ASN LA 53 26.68 -84.08 17.17
CA ASN LA 53 25.30 -83.67 17.50
C ASN LA 53 24.53 -84.79 18.16
N ARG LA 54 24.77 -86.03 17.75
CA ARG LA 54 24.06 -87.15 18.39
C ARG LA 54 24.51 -87.35 19.84
N GLU LA 55 25.83 -87.31 20.10
CA GLU LA 55 26.31 -87.40 21.47
C GLU LA 55 25.84 -86.22 22.32
N ARG LA 56 25.71 -85.06 21.70
CA ARG LA 56 25.33 -83.88 22.43
C ARG LA 56 23.84 -83.87 22.72
N ARG LA 57 23.03 -84.49 21.87
CA ARG LA 57 21.62 -84.69 22.21
C ARG LA 57 21.44 -85.69 23.33
N ARG LA 58 22.33 -86.70 23.42
CA ARG LA 58 22.35 -87.58 24.59
C ARG LA 58 22.55 -86.77 25.86
N LEU LA 59 23.55 -85.88 25.85
CA LEU LA 59 23.80 -85.00 26.99
C LEU LA 59 22.59 -84.11 27.30
N GLN LA 60 21.93 -83.61 26.26
CA GLN LA 60 20.83 -82.66 26.43
C GLN LA 60 19.63 -83.33 27.06
N ILE LA 61 19.31 -84.57 26.63
CA ILE LA 61 18.25 -85.34 27.26
C ILE LA 61 18.61 -85.68 28.70
N GLU LA 62 19.90 -85.89 28.99
CA GLU LA 62 20.30 -86.13 30.37
C GLU LA 62 20.05 -84.90 31.26
N ASP LA 63 20.32 -83.70 30.73
CA ASP LA 63 20.02 -82.47 31.46
C ASP LA 63 18.53 -82.32 31.72
N PHE LA 64 17.72 -82.72 30.74
CA PHE LA 64 16.27 -82.66 30.92
C PHE LA 64 15.78 -83.64 31.97
N GLU LA 65 16.39 -84.83 32.02
CA GLU LA 65 15.99 -85.78 33.05
C GLU LA 65 16.36 -85.27 34.44
N ALA LA 66 17.49 -84.56 34.53
CA ALA LA 66 17.84 -83.88 35.78
C ALA LA 66 16.77 -82.87 36.19
N ARG LA 67 16.38 -81.98 35.27
CA ARG LA 67 15.43 -80.93 35.67
C ARG LA 67 14.03 -81.47 35.92
N ILE LA 68 13.63 -82.54 35.22
CA ILE LA 68 12.31 -83.10 35.46
C ILE LA 68 12.28 -83.84 36.79
N ALA LA 69 13.33 -84.60 37.10
CA ALA LA 69 13.34 -85.35 38.34
C ALA LA 69 13.44 -84.44 39.57
N LEU LA 70 14.09 -83.29 39.43
CA LEU LA 70 14.22 -82.42 40.60
C LEU LA 70 12.94 -81.65 40.93
N MET LA 71 12.14 -81.33 39.91
CA MET LA 71 11.19 -80.21 39.96
C MET LA 71 10.18 -80.13 41.12
N PRO LA 72 9.50 -81.21 41.57
CA PRO LA 72 8.41 -81.00 42.54
C PRO LA 72 8.84 -80.51 43.90
N LEU LA 73 10.05 -80.83 44.33
CA LEU LA 73 10.58 -80.24 45.56
C LEU LA 73 10.73 -78.74 45.43
N LEU LA 74 11.24 -78.27 44.29
CA LEU LA 74 11.33 -76.83 44.01
C LEU LA 74 9.95 -76.18 43.98
N GLN LA 75 8.97 -76.91 43.44
CA GLN LA 75 7.60 -76.43 43.40
C GLN LA 75 7.04 -76.21 44.80
N ALA LA 76 7.24 -77.19 45.68
CA ALA LA 76 6.75 -77.06 47.06
C ALA LA 76 7.52 -76.01 47.85
N GLU LA 77 8.81 -75.85 47.58
CA GLU LA 77 9.59 -74.81 48.24
C GLU LA 77 9.11 -73.43 47.84
N LYS LA 78 8.83 -73.23 46.55
CA LYS LA 78 8.25 -71.98 46.09
C LYS LA 78 6.88 -71.75 46.71
N ASP LA 79 6.10 -72.82 46.91
CA ASP LA 79 4.78 -72.70 47.52
C ASP LA 79 4.87 -72.21 48.95
N ARG LA 80 5.71 -72.85 49.77
CA ARG LA 80 5.89 -72.43 51.15
C ARG LA 80 6.43 -71.01 51.24
N ARG LA 81 7.30 -70.63 50.31
CA ARG LA 81 7.91 -69.30 50.36
C ARG LA 81 6.88 -68.22 50.00
N VAL LA 82 6.07 -68.45 48.98
CA VAL LA 82 5.09 -67.41 48.62
C VAL LA 82 3.94 -67.37 49.61
N LEU LA 83 3.60 -68.50 50.24
CA LEU LA 83 2.58 -68.44 51.28
C LEU LA 83 3.11 -67.73 52.52
N GLN LA 84 4.40 -67.88 52.80
CA GLN LA 84 5.02 -67.13 53.90
C GLN LA 84 5.01 -65.63 53.63
N MET LA 85 5.36 -65.22 52.40
CA MET LA 85 5.31 -63.81 52.07
C MET LA 85 3.89 -63.27 52.09
N LEU LA 86 2.91 -64.07 51.65
CA LEU LA 86 1.53 -63.58 51.67
C LEU LA 86 0.98 -63.44 53.08
N ARG LA 87 1.24 -64.42 53.95
CA ARG LA 87 0.73 -64.33 55.32
C ARG LA 87 1.41 -63.19 56.08
N GLU LA 88 2.73 -63.09 55.98
CA GLU LA 88 3.43 -62.02 56.66
C GLU LA 88 3.12 -60.66 56.07
N ASN LA 89 2.83 -60.59 54.77
CA ASN LA 89 2.57 -59.30 54.17
C ASN LA 89 1.14 -58.84 54.43
N LEU LA 90 0.17 -59.77 54.54
CA LEU LA 90 -1.14 -59.35 55.01
C LEU LA 90 -1.11 -58.97 56.48
N GLU LA 91 -0.21 -59.56 57.27
CA GLU LA 91 -0.04 -59.06 58.64
C GLU LA 91 0.57 -57.66 58.65
N GLU LA 92 1.53 -57.41 57.74
CA GLU LA 92 2.09 -56.08 57.57
C GLU LA 92 1.02 -55.06 57.20
N GLU LA 93 0.13 -55.45 56.27
CA GLU LA 93 -0.96 -54.57 55.85
C GLU LA 93 -1.94 -54.31 56.98
N ALA LA 94 -2.31 -55.36 57.71
CA ALA LA 94 -3.24 -55.21 58.82
C ALA LA 94 -2.65 -54.41 59.97
N THR LA 95 -1.32 -54.38 60.09
CA THR LA 95 -0.72 -53.49 61.05
C THR LA 95 -0.69 -52.05 60.53
N ILE LA 96 -0.36 -51.87 59.26
CA ILE LA 96 0.04 -50.55 58.77
C ILE LA 96 -1.12 -49.67 58.32
N MET LA 97 -2.29 -50.26 58.02
CA MET LA 97 -3.40 -49.50 57.48
C MET LA 97 -4.58 -49.43 58.43
N LYS LA 98 -4.41 -49.85 59.68
CA LYS LA 98 -5.54 -50.09 60.58
C LYS LA 98 -6.09 -48.82 61.23
N ASP LA 99 -5.76 -47.64 60.72
CA ASP LA 99 -6.22 -46.39 61.31
C ASP LA 99 -7.05 -45.55 60.37
N VAL LA 100 -6.67 -45.48 59.09
CA VAL LA 100 -7.46 -44.81 58.06
C VAL LA 100 -8.79 -45.54 57.87
N PRO LA 101 -9.93 -44.83 57.73
CA PRO LA 101 -11.20 -45.53 57.54
C PRO LA 101 -11.37 -46.15 56.17
N GLY LA 102 -12.52 -46.78 55.92
CA GLY LA 102 -12.65 -47.66 54.78
C GLY LA 102 -11.83 -48.91 55.02
N TRP LA 103 -11.32 -49.48 53.92
CA TRP LA 103 -10.22 -50.46 53.94
C TRP LA 103 -10.50 -51.72 54.74
N LYS LA 104 -11.26 -52.66 54.19
CA LYS LA 104 -11.22 -54.00 54.77
C LYS LA 104 -9.81 -54.57 54.67
N VAL LA 105 -9.47 -55.44 55.62
CA VAL LA 105 -8.07 -55.78 55.86
C VAL LA 105 -7.50 -56.70 54.77
N GLY LA 106 -8.24 -57.72 54.36
CA GLY LA 106 -7.68 -58.71 53.46
C GLY LA 106 -8.66 -59.22 52.42
N GLU LA 107 -9.59 -58.39 51.99
CA GLU LA 107 -10.54 -58.83 50.98
C GLU LA 107 -9.88 -58.93 49.61
N SER LA 108 -10.44 -59.80 48.79
CA SER LA 108 -9.92 -60.03 47.46
C SER LA 108 -10.18 -58.83 46.56
N VAL LA 109 -9.33 -58.69 45.55
CA VAL LA 109 -9.58 -57.70 44.52
C VAL LA 109 -10.72 -58.17 43.62
N PHE LA 110 -10.87 -59.49 43.46
CA PHE LA 110 -11.71 -60.06 42.43
C PHE LA 110 -13.02 -60.57 43.02
N HIS LA 111 -14.03 -60.68 42.16
CA HIS LA 111 -15.36 -61.09 42.57
C HIS LA 111 -15.47 -62.59 42.83
N THR LA 112 -14.59 -63.38 42.22
CA THR LA 112 -14.58 -64.82 42.46
C THR LA 112 -13.68 -65.14 43.65
N THR LA 113 -13.52 -66.43 43.93
CA THR LA 113 -12.66 -66.89 45.02
C THR LA 113 -11.78 -68.01 44.47
N ARG LA 114 -10.64 -67.64 43.89
CA ARG LA 114 -9.64 -68.60 43.49
C ARG LA 114 -8.26 -68.05 43.83
N TRP LA 115 -7.27 -68.93 43.75
CA TRP LA 115 -5.88 -68.55 44.00
C TRP LA 115 -5.36 -67.72 42.84
N VAL LA 116 -5.45 -66.40 42.97
CA VAL LA 116 -4.87 -65.52 41.96
C VAL LA 116 -3.35 -65.56 42.05
N THR LA 117 -2.70 -65.58 40.89
CA THR LA 117 -1.25 -65.54 40.86
C THR LA 117 -0.77 -64.13 41.18
N PRO LA 118 0.14 -63.96 42.16
CA PRO LA 118 0.56 -62.62 42.58
C PRO LA 118 1.44 -61.88 41.58
N MET LA 119 1.91 -60.69 41.97
CA MET LA 119 2.38 -59.71 41.00
C MET LA 119 3.79 -59.17 41.27
N MET LA 120 4.52 -59.74 42.24
CA MET LA 120 5.82 -59.26 42.73
C MET LA 120 5.73 -57.84 43.32
N GLY LA 121 4.55 -57.43 43.75
CA GLY LA 121 4.43 -56.35 44.72
C GLY LA 121 3.57 -56.79 45.88
N GLU LA 122 2.63 -57.69 45.59
CA GLU LA 122 1.93 -58.39 46.66
C GLU LA 122 2.91 -59.25 47.44
N LEU LA 123 3.85 -59.86 46.75
CA LEU LA 123 4.98 -60.51 47.41
C LEU LA 123 6.01 -59.47 47.82
N TYR LA 124 6.63 -58.84 46.83
CA TYR LA 124 7.76 -57.96 47.05
C TYR LA 124 7.31 -56.50 46.97
N GLY LA 125 6.64 -56.07 48.02
CA GLY LA 125 6.38 -54.66 48.26
C GLY LA 125 7.10 -54.28 49.54
N LEU LA 126 7.54 -53.01 49.59
CA LEU LA 126 8.13 -52.35 50.76
C LEU LA 126 9.30 -53.12 51.38
N ARG LA 127 10.06 -53.85 50.56
CA ARG LA 127 11.24 -54.56 51.04
C ARG LA 127 12.50 -53.71 50.95
N THR LA 128 12.36 -52.39 50.81
CA THR LA 128 13.41 -51.38 50.89
C THR LA 128 14.50 -51.61 49.83
N GLY LA 129 14.06 -51.48 48.58
CA GLY LA 129 14.97 -51.22 47.48
C GLY LA 129 15.85 -52.37 47.00
N GLU LA 130 16.81 -52.76 47.84
CA GLU LA 130 17.83 -53.72 47.42
C GLU LA 130 17.25 -55.11 47.22
N GLU LA 131 16.29 -55.49 48.07
CA GLU LA 131 15.75 -56.84 48.01
C GLU LA 131 14.86 -57.02 46.79
N ILE LA 132 13.95 -56.06 46.54
CA ILE LA 132 13.12 -56.12 45.34
C ILE LA 132 13.95 -55.91 44.08
N LEU LA 133 15.05 -55.15 44.18
CA LEU LA 133 15.90 -54.91 43.03
C LEU LA 133 16.66 -56.18 42.64
N SER LA 134 17.17 -56.92 43.63
CA SER LA 134 17.83 -58.18 43.35
C SER LA 134 16.85 -59.30 43.04
N SER LA 135 15.58 -59.12 43.40
CA SER LA 135 14.59 -60.16 43.12
C SER LA 135 14.01 -60.04 41.71
N THR LA 136 13.52 -58.86 41.35
CA THR LA 136 12.76 -58.71 40.12
C THR LA 136 13.62 -58.38 38.91
N TYR LA 137 14.86 -57.92 39.12
CA TYR LA 137 15.69 -57.41 38.04
C TYR LA 137 17.04 -58.09 37.93
N GLY LA 138 17.32 -59.12 38.72
CA GLY LA 138 18.65 -59.70 38.70
C GLY LA 138 18.94 -60.49 37.44
N PHE LA 139 18.00 -61.37 37.06
CA PHE LA 139 18.17 -62.22 35.88
C PHE LA 139 18.23 -61.42 34.59
N ILE LA 140 17.60 -60.25 34.58
CA ILE LA 140 17.54 -59.45 33.35
C ILE LA 140 18.91 -58.95 32.97
N TRP LA 141 19.57 -58.23 33.87
CA TRP LA 141 20.83 -57.61 33.51
C TRP LA 141 21.98 -57.99 34.44
N TYR LA 142 21.97 -59.22 34.96
CA TYR LA 142 23.11 -59.69 35.72
C TYR LA 142 23.17 -61.19 35.60
N THR LA 143 24.36 -61.71 35.26
CA THR LA 143 24.68 -63.14 35.17
C THR LA 143 23.79 -63.92 34.19
N MET MA 1 22.45 -53.34 33.61
CA MET MA 1 23.10 -52.05 33.76
C MET MA 1 24.58 -52.24 33.93
N ASN MA 2 25.06 -53.48 33.85
CA ASN MA 2 26.51 -53.70 33.86
C ASN MA 2 27.12 -53.34 32.51
N LEU MA 3 26.41 -53.62 31.42
CA LEU MA 3 26.86 -53.10 30.14
C LEU MA 3 26.69 -51.59 30.07
N MET MA 4 25.72 -51.05 30.83
CA MET MA 4 25.64 -49.60 30.98
C MET MA 4 26.82 -49.06 31.79
N ILE MA 5 27.33 -49.84 32.74
CA ILE MA 5 28.55 -49.48 33.46
C ILE MA 5 29.73 -49.42 32.50
N THR MA 6 29.84 -50.41 31.61
CA THR MA 6 30.91 -50.39 30.60
C THR MA 6 30.76 -49.21 29.65
N LEU MA 7 29.52 -48.89 29.25
CA LEU MA 7 29.26 -47.72 28.42
C LEU MA 7 29.62 -46.43 29.14
N LEU MA 8 29.38 -46.39 30.45
CA LEU MA 8 29.74 -45.23 31.25
C LEU MA 8 31.25 -45.05 31.33
N THR MA 9 32.00 -46.14 31.57
CA THR MA 9 33.45 -46.06 31.63
C THR MA 9 34.03 -45.65 30.30
N ASN MA 10 33.45 -46.13 29.20
CA ASN MA 10 33.98 -45.71 27.91
C ASN MA 10 33.58 -44.29 27.55
N PHE MA 11 32.43 -43.82 28.06
CA PHE MA 11 32.08 -42.41 27.90
C PHE MA 11 33.05 -41.52 28.66
N THR MA 12 33.41 -41.92 29.88
CA THR MA 12 34.38 -41.14 30.65
C THR MA 12 35.76 -41.17 30.01
N LEU MA 13 36.14 -42.31 29.45
CA LEU MA 13 37.42 -42.42 28.73
C LEU MA 13 37.42 -41.53 27.49
N ALA MA 14 36.33 -41.51 26.75
CA ALA MA 14 36.27 -40.72 25.53
C ALA MA 14 36.23 -39.22 25.84
N THR MA 15 35.52 -38.82 26.90
CA THR MA 15 35.50 -37.42 27.28
C THR MA 15 36.83 -36.97 27.85
N LEU MA 16 37.55 -37.85 28.57
CA LEU MA 16 38.87 -37.44 29.03
C LEU MA 16 39.85 -37.35 27.88
N LEU MA 17 39.65 -38.14 26.82
CA LEU MA 17 40.47 -37.95 25.62
C LEU MA 17 40.14 -36.62 24.92
N VAL MA 18 38.86 -36.22 24.92
CA VAL MA 18 38.48 -34.90 24.40
C VAL MA 18 39.17 -33.79 25.19
N THR MA 19 39.10 -33.86 26.52
CA THR MA 19 39.65 -32.79 27.33
C THR MA 19 41.17 -32.78 27.30
N ILE MA 20 41.81 -33.94 27.18
CA ILE MA 20 43.26 -33.95 27.09
C ILE MA 20 43.70 -33.51 25.70
N ALA MA 21 42.81 -33.61 24.70
CA ALA MA 21 43.12 -33.03 23.40
C ALA MA 21 43.00 -31.52 23.44
N PHE MA 22 41.93 -31.01 24.05
CA PHE MA 22 41.66 -29.58 24.00
C PHE MA 22 42.55 -28.79 24.96
N TRP MA 23 42.47 -29.09 26.25
CA TRP MA 23 42.94 -28.13 27.24
C TRP MA 23 44.41 -28.25 27.57
N LEU MA 24 45.01 -29.44 27.44
CA LEU MA 24 46.38 -29.60 27.92
C LEU MA 24 47.45 -28.91 27.05
N PRO MA 25 47.67 -29.29 25.73
CA PRO MA 25 48.99 -29.04 25.12
C PRO MA 25 49.45 -27.59 24.92
N GLN MA 26 48.74 -26.78 24.14
CA GLN MA 26 49.21 -25.42 23.80
C GLN MA 26 48.03 -24.50 23.59
N LEU MA 27 48.28 -23.39 22.89
CA LEU MA 27 47.31 -22.32 22.64
C LEU MA 27 46.38 -22.68 21.48
N ASN MA 28 45.59 -21.71 21.02
CA ASN MA 28 44.49 -21.94 20.07
C ASN MA 28 44.35 -20.80 19.06
N VAL MA 29 45.44 -20.38 18.41
CA VAL MA 29 45.38 -19.25 17.48
C VAL MA 29 44.65 -19.67 16.20
N TYR MA 30 43.45 -19.15 16.01
CA TYR MA 30 42.56 -19.39 14.88
C TYR MA 30 42.70 -18.30 13.79
N SER MA 31 41.63 -18.15 12.99
CA SER MA 31 41.22 -17.14 12.00
C SER MA 31 41.71 -17.36 10.56
N GLU MA 32 42.49 -18.38 10.25
CA GLU MA 32 42.58 -18.85 8.88
C GLU MA 32 42.55 -20.37 8.78
N LYS MA 33 42.89 -21.09 9.84
CA LYS MA 33 42.82 -22.55 9.87
C LYS MA 33 41.40 -23.06 9.69
N THR MA 34 40.41 -22.25 10.03
CA THR MA 34 39.01 -22.65 9.98
C THR MA 34 38.43 -22.62 8.57
N SER MA 35 39.20 -22.18 7.56
CA SER MA 35 38.66 -22.03 6.22
C SER MA 35 38.44 -23.40 5.58
N PRO MA 36 37.39 -23.56 4.76
CA PRO MA 36 37.13 -24.87 4.15
C PRO MA 36 38.13 -25.18 3.04
N TYR MA 37 38.75 -26.35 3.15
CA TYR MA 37 39.79 -26.79 2.24
C TYR MA 37 39.25 -27.90 1.35
N GLU MA 38 39.41 -27.76 0.03
CA GLU MA 38 39.17 -28.92 -0.80
C GLU MA 38 40.46 -29.56 -1.30
N CYS MA 39 41.21 -28.86 -2.14
CA CYS MA 39 42.51 -29.42 -2.53
C CYS MA 39 43.57 -28.35 -2.73
N GLY MA 40 43.28 -27.08 -2.46
CA GLY MA 40 44.27 -26.04 -2.56
C GLY MA 40 43.67 -24.72 -2.97
N PHE MA 41 42.42 -24.76 -3.40
CA PHE MA 41 41.76 -23.58 -3.90
C PHE MA 41 40.42 -23.38 -3.20
N ASP MA 42 40.09 -22.12 -2.97
CA ASP MA 42 38.83 -21.76 -2.34
C ASP MA 42 37.67 -22.03 -3.30
N PRO MA 43 36.75 -22.92 -2.97
CA PRO MA 43 35.73 -23.33 -3.94
C PRO MA 43 34.49 -22.46 -3.90
N MET MA 44 33.48 -22.84 -4.68
CA MET MA 44 32.20 -22.14 -4.68
C MET MA 44 31.29 -22.74 -3.62
N GLY MA 45 30.75 -21.86 -2.76
CA GLY MA 45 29.81 -22.29 -1.74
C GLY MA 45 30.46 -23.18 -0.71
N SER MA 46 29.84 -24.33 -0.49
CA SER MA 46 30.28 -25.32 0.47
C SER MA 46 29.64 -26.65 0.07
N ALA MA 47 29.59 -27.59 1.00
CA ALA MA 47 28.71 -28.74 0.86
C ALA MA 47 27.27 -28.32 1.17
N ARG MA 48 26.39 -29.30 1.31
CA ARG MA 48 24.92 -29.22 1.45
C ARG MA 48 24.27 -28.79 0.15
N LEU MA 49 25.03 -28.65 -0.93
CA LEU MA 49 24.48 -28.47 -2.26
C LEU MA 49 23.76 -29.74 -2.68
N PRO MA 50 22.70 -29.64 -3.51
CA PRO MA 50 22.01 -30.85 -3.97
C PRO MA 50 22.90 -31.76 -4.80
N PHE MA 51 23.19 -32.91 -4.22
CA PHE MA 51 24.20 -33.85 -4.72
C PHE MA 51 23.45 -35.07 -5.25
N SER MA 52 23.07 -35.00 -6.52
CA SER MA 52 22.25 -36.04 -7.14
C SER MA 52 23.04 -37.33 -7.28
N MET MA 53 22.47 -38.42 -6.80
CA MET MA 53 23.21 -39.66 -6.65
C MET MA 53 22.95 -40.67 -7.73
N LYS MA 54 23.87 -41.63 -7.80
CA LYS MA 54 23.87 -42.64 -8.84
C LYS MA 54 22.79 -43.68 -8.60
N PHE MA 55 22.91 -44.41 -7.48
CA PHE MA 55 22.02 -45.53 -7.21
C PHE MA 55 20.69 -45.04 -6.66
N PHE MA 56 19.62 -45.62 -7.18
CA PHE MA 56 18.26 -45.37 -6.71
C PHE MA 56 17.63 -46.63 -6.17
N LEU MA 57 17.73 -47.72 -6.92
CA LEU MA 57 17.11 -48.99 -6.55
C LEU MA 57 17.90 -49.73 -5.49
N VAL MA 58 19.16 -49.40 -5.30
CA VAL MA 58 20.05 -50.26 -4.51
C VAL MA 58 19.81 -50.09 -3.02
N ALA MA 59 19.49 -48.86 -2.59
CA ALA MA 59 19.24 -48.65 -1.17
C ALA MA 59 17.90 -49.25 -0.74
N ILE MA 60 16.87 -49.10 -1.58
CA ILE MA 60 15.59 -49.76 -1.33
C ILE MA 60 15.75 -51.27 -1.40
N THR MA 61 16.63 -51.74 -2.28
CA THR MA 61 16.95 -53.15 -2.40
C THR MA 61 17.56 -53.68 -1.11
N PHE MA 62 18.54 -52.95 -0.57
CA PHE MA 62 19.10 -53.25 0.75
C PHE MA 62 18.04 -53.28 1.83
N LEU MA 63 17.11 -52.33 1.78
CA LEU MA 63 16.09 -52.24 2.81
C LEU MA 63 15.18 -53.47 2.80
N LEU MA 64 14.71 -53.85 1.61
CA LEU MA 64 13.79 -54.97 1.53
C LEU MA 64 14.49 -56.31 1.78
N PHE MA 65 15.75 -56.44 1.37
CA PHE MA 65 16.42 -57.68 1.72
C PHE MA 65 16.85 -57.73 3.17
N ASP MA 66 17.05 -56.58 3.82
CA ASP MA 66 17.22 -56.57 5.26
C ASP MA 66 15.94 -56.99 5.96
N LEU MA 67 14.80 -56.64 5.37
CA LEU MA 67 13.52 -57.11 5.91
C LEU MA 67 13.35 -58.62 5.78
N GLU MA 68 13.82 -59.19 4.66
CA GLU MA 68 13.72 -60.64 4.60
C GLU MA 68 14.80 -61.34 5.42
N ILE MA 69 15.91 -60.67 5.70
CA ILE MA 69 16.82 -61.11 6.76
C ILE MA 69 16.09 -61.18 8.07
N ALA MA 70 15.24 -60.18 8.34
CA ALA MA 70 14.48 -60.15 9.58
C ALA MA 70 13.51 -61.32 9.68
N LEU MA 71 12.87 -61.67 8.57
CA LEU MA 71 12.00 -62.85 8.62
C LEU MA 71 12.78 -64.16 8.68
N LEU MA 72 14.00 -64.20 8.14
CA LEU MA 72 14.72 -65.45 8.09
C LEU MA 72 15.53 -65.75 9.35
N LEU MA 73 15.98 -64.74 10.08
CA LEU MA 73 16.89 -64.92 11.22
C LEU MA 73 16.45 -65.83 12.37
N PRO MA 74 15.14 -66.14 12.60
CA PRO MA 74 14.86 -67.26 13.52
C PRO MA 74 14.84 -68.62 12.83
N LEU MA 75 15.96 -68.98 12.22
CA LEU MA 75 16.18 -70.35 11.75
C LEU MA 75 16.57 -71.39 12.81
N PRO MA 76 17.37 -71.09 13.85
CA PRO MA 76 17.61 -72.16 14.84
C PRO MA 76 16.38 -72.55 15.63
N TRP MA 77 15.55 -71.60 16.01
CA TRP MA 77 14.30 -71.98 16.68
C TRP MA 77 13.28 -72.56 15.72
N ALA MA 78 13.46 -72.36 14.41
CA ALA MA 78 12.66 -73.11 13.45
C ALA MA 78 12.94 -74.60 13.56
N SER MA 79 14.21 -74.96 13.71
CA SER MA 79 14.66 -76.33 13.53
C SER MA 79 14.32 -77.26 14.70
N GLN MA 80 13.57 -76.82 15.71
CA GLN MA 80 13.17 -77.74 16.77
C GLN MA 80 11.66 -77.62 17.08
N THR MA 81 10.86 -78.26 16.24
CA THR MA 81 9.47 -78.56 16.55
C THR MA 81 9.07 -79.82 15.81
N THR MA 82 7.91 -80.36 16.16
CA THR MA 82 7.47 -81.64 15.63
C THR MA 82 6.88 -81.54 14.22
N ASN MA 83 6.77 -80.34 13.66
CA ASN MA 83 6.30 -80.17 12.29
C ASN MA 83 7.51 -79.88 11.41
N LEU MA 84 8.20 -80.95 11.02
CA LEU MA 84 9.39 -80.81 10.18
C LEU MA 84 9.02 -80.39 8.78
N ASN MA 85 7.86 -80.85 8.29
CA ASN MA 85 7.45 -80.60 6.91
C ASN MA 85 7.18 -79.12 6.66
N THR MA 86 6.38 -78.48 7.53
CA THR MA 86 6.07 -77.07 7.35
C THR MA 86 7.28 -76.20 7.60
N MET MA 87 8.13 -76.62 8.53
CA MET MA 87 9.40 -75.97 8.83
C MET MA 87 10.26 -75.86 7.59
N LEU MA 88 10.63 -77.01 7.01
CA LEU MA 88 11.48 -77.04 5.83
C LEU MA 88 10.79 -76.42 4.63
N THR MA 89 9.47 -76.56 4.53
CA THR MA 89 8.74 -76.04 3.39
C THR MA 89 8.72 -74.52 3.36
N MET MA 90 8.32 -73.89 4.48
CA MET MA 90 8.28 -72.43 4.50
C MET MA 90 9.67 -71.81 4.53
N ALA MA 91 10.67 -72.52 5.08
CA ALA MA 91 12.04 -72.03 5.00
C ALA MA 91 12.53 -71.98 3.55
N LEU MA 92 12.32 -73.08 2.81
CA LEU MA 92 12.69 -73.10 1.40
C LEU MA 92 11.88 -72.11 0.58
N LEU MA 93 10.62 -71.90 0.95
CA LEU MA 93 9.77 -70.99 0.20
C LEU MA 93 10.21 -69.55 0.42
N LEU MA 94 10.65 -69.20 1.63
CA LEU MA 94 11.12 -67.84 1.89
C LEU MA 94 12.45 -67.54 1.19
N ILE MA 95 13.40 -68.49 1.26
CA ILE MA 95 14.67 -68.23 0.56
C ILE MA 95 14.47 -68.25 -0.95
N PHE MA 96 13.55 -69.08 -1.44
CA PHE MA 96 13.31 -69.14 -2.87
C PHE MA 96 12.59 -67.90 -3.35
N LEU MA 97 11.73 -67.32 -2.52
CA LEU MA 97 11.10 -66.05 -2.88
C LEU MA 97 12.13 -64.92 -2.90
N LEU MA 98 13.09 -64.95 -1.98
CA LEU MA 98 14.18 -63.97 -1.98
C LEU MA 98 14.99 -64.09 -3.27
N ALA MA 99 15.31 -65.33 -3.67
CA ALA MA 99 16.02 -65.55 -4.93
C ALA MA 99 15.19 -65.19 -6.14
N VAL MA 100 13.86 -65.33 -6.06
CA VAL MA 100 12.98 -64.97 -7.18
C VAL MA 100 12.97 -63.47 -7.40
N SER MA 101 12.82 -62.70 -6.31
CA SER MA 101 12.85 -61.24 -6.43
C SER MA 101 14.21 -60.75 -6.91
N LEU MA 102 15.28 -61.34 -6.37
CA LEU MA 102 16.63 -61.06 -6.83
C LEU MA 102 16.80 -61.39 -8.31
N ALA MA 103 16.21 -62.50 -8.75
CA ALA MA 103 16.35 -62.92 -10.13
C ALA MA 103 15.59 -62.00 -11.07
N TYR MA 104 14.43 -61.52 -10.63
CA TYR MA 104 13.69 -60.53 -11.41
C TYR MA 104 14.48 -59.26 -11.61
N GLU MA 105 14.92 -58.65 -10.51
CA GLU MA 105 15.62 -57.38 -10.66
C GLU MA 105 17.06 -57.55 -11.15
N TRP MA 106 17.56 -58.77 -11.21
CA TRP MA 106 18.82 -59.05 -11.88
C TRP MA 106 18.62 -59.18 -13.40
N THR MA 107 17.55 -59.85 -13.82
CA THR MA 107 17.28 -60.00 -15.25
C THR MA 107 16.70 -58.73 -15.87
N GLN MA 108 16.16 -57.82 -15.08
CA GLN MA 108 15.57 -56.61 -15.63
C GLN MA 108 16.45 -55.38 -15.42
N LYS MA 109 17.77 -55.60 -15.38
CA LYS MA 109 18.86 -54.64 -15.17
C LYS MA 109 18.55 -53.58 -14.11
N GLY MA 110 17.96 -54.02 -13.00
CA GLY MA 110 17.72 -53.15 -11.86
C GLY MA 110 18.96 -52.82 -11.07
N LEU MA 111 20.08 -53.49 -11.36
CA LEU MA 111 21.35 -53.13 -10.78
C LEU MA 111 22.37 -52.69 -11.82
N GLU MA 112 22.06 -52.77 -13.10
CA GLU MA 112 23.02 -52.44 -14.16
C GLU MA 112 22.89 -50.97 -14.59
N TRP MA 113 22.86 -50.05 -13.64
CA TRP MA 113 22.80 -48.62 -13.96
C TRP MA 113 23.25 -47.81 -12.75
N THR MA 114 24.39 -47.10 -12.90
CA THR MA 114 24.92 -46.12 -11.95
C THR MA 114 25.00 -46.68 -10.54
N GLU MA 115 25.90 -47.64 -10.40
CA GLU MA 115 25.80 -48.62 -9.33
C GLU MA 115 26.42 -48.09 -8.03
N MET NA 1 35.69 -55.61 41.92
CA MET NA 1 36.62 -56.26 41.00
C MET NA 1 36.11 -56.18 39.56
N PHE NA 2 34.83 -55.84 39.42
CA PHE NA 2 34.25 -55.67 38.09
C PHE NA 2 34.83 -54.45 37.40
N MET NA 3 35.11 -53.38 38.17
CA MET NA 3 35.84 -52.25 37.64
C MET NA 3 37.25 -52.65 37.24
N ILE NA 4 37.86 -53.60 37.95
CA ILE NA 4 39.18 -54.07 37.58
C ILE NA 4 39.11 -54.86 36.28
N ASN NA 5 38.03 -55.60 36.04
CA ASN NA 5 37.90 -56.30 34.76
C ASN NA 5 37.63 -55.32 33.62
N VAL NA 6 36.88 -54.25 33.90
CA VAL NA 6 36.72 -53.16 32.93
C VAL NA 6 38.09 -52.58 32.57
N LEU NA 7 38.95 -52.39 33.56
CA LEU NA 7 40.28 -51.84 33.30
C LEU NA 7 41.15 -52.83 32.53
N THR NA 8 41.07 -54.12 32.85
CA THR NA 8 41.84 -55.11 32.10
C THR NA 8 41.21 -55.46 30.76
N LEU NA 9 40.08 -54.85 30.41
CA LEU NA 9 39.66 -54.87 29.02
C LEU NA 9 39.99 -53.57 28.27
N ILE NA 10 39.94 -52.42 28.94
CA ILE NA 10 40.20 -51.15 28.23
C ILE NA 10 41.68 -50.82 28.11
N ILE NA 11 42.52 -51.34 29.00
CA ILE NA 11 43.96 -51.10 28.89
C ILE NA 11 44.62 -51.92 27.77
N PRO NA 12 44.44 -53.26 27.64
CA PRO NA 12 45.22 -53.98 26.62
C PRO NA 12 44.81 -53.69 25.19
N ILE NA 13 43.62 -53.16 24.94
CA ILE NA 13 43.25 -52.80 23.58
C ILE NA 13 44.07 -51.60 23.10
N LEU NA 14 44.51 -50.73 24.02
CA LEU NA 14 45.27 -49.55 23.62
C LEU NA 14 46.68 -49.94 23.18
N LEU NA 15 47.34 -50.77 23.99
CA LEU NA 15 48.63 -51.33 23.62
C LEU NA 15 48.52 -52.20 22.38
N ALA NA 16 47.39 -52.91 22.23
CA ALA NA 16 47.12 -53.70 21.04
C ALA NA 16 47.10 -52.84 19.79
N VAL NA 17 46.39 -51.70 19.85
CA VAL NA 17 46.32 -50.81 18.70
C VAL NA 17 47.68 -50.18 18.40
N ALA NA 18 48.42 -49.76 19.44
CA ALA NA 18 49.69 -49.07 19.22
C ALA NA 18 50.74 -50.01 18.63
N PHE NA 19 50.92 -51.19 19.23
CA PHE NA 19 51.88 -52.09 18.63
C PHE NA 19 51.35 -52.77 17.38
N LEU NA 20 50.03 -52.71 17.13
CA LEU NA 20 49.56 -53.11 15.81
C LEU NA 20 49.95 -52.09 14.76
N THR NA 21 49.97 -50.81 15.09
CA THR NA 21 50.49 -49.80 14.16
C THR NA 21 51.96 -50.06 13.86
N LEU NA 22 52.72 -50.44 14.90
CA LEU NA 22 54.12 -50.82 14.70
C LEU NA 22 54.25 -52.01 13.77
N VAL NA 23 53.46 -53.07 14.01
CA VAL NA 23 53.59 -54.28 13.22
C VAL NA 23 53.07 -54.06 11.80
N GLU NA 24 52.10 -53.15 11.61
CA GLU NA 24 51.72 -52.70 10.28
C GLU NA 24 52.89 -52.12 9.53
N ARG NA 25 53.58 -51.15 10.16
CA ARG NA 25 54.70 -50.50 9.48
C ARG NA 25 55.84 -51.47 9.23
N LYS NA 26 56.11 -52.38 10.18
CA LYS NA 26 57.29 -53.24 10.03
C LYS NA 26 57.03 -54.41 9.08
N VAL NA 27 55.86 -55.05 9.17
CA VAL NA 27 55.49 -56.11 8.23
C VAL NA 27 55.35 -55.54 6.83
N LEU NA 28 54.79 -54.32 6.72
CA LEU NA 28 54.67 -53.67 5.43
C LEU NA 28 56.03 -53.32 4.85
N GLY NA 29 56.99 -52.97 5.70
CA GLY NA 29 58.35 -52.73 5.22
C GLY NA 29 59.05 -54.00 4.74
N TYR NA 30 58.99 -55.06 5.56
CA TYR NA 30 59.64 -56.32 5.16
C TYR NA 30 58.93 -56.98 3.99
N MET NA 31 57.65 -56.70 3.82
CA MET NA 31 56.96 -57.07 2.59
C MET NA 31 57.50 -56.30 1.40
N GLN NA 32 57.68 -55.00 1.55
CA GLN NA 32 58.02 -54.14 0.42
C GLN NA 32 59.52 -54.01 0.22
N PHE NA 33 60.28 -55.05 0.55
CA PHE NA 33 61.70 -55.25 0.24
C PHE NA 33 62.61 -54.30 1.02
N ARG NA 34 62.04 -53.39 1.82
CA ARG NA 34 62.76 -52.43 2.64
C ARG NA 34 62.77 -52.88 4.10
N LYS NA 35 63.19 -51.98 4.99
CA LYS NA 35 63.19 -52.27 6.41
C LYS NA 35 62.39 -51.20 7.14
N GLY NA 36 61.70 -51.60 8.20
CA GLY NA 36 60.80 -50.71 8.91
C GLY NA 36 61.51 -49.82 9.89
N PRO NA 37 60.78 -49.37 10.92
CA PRO NA 37 61.40 -48.56 11.98
C PRO NA 37 62.35 -49.39 12.83
N ASN NA 38 63.63 -49.02 12.79
CA ASN NA 38 64.68 -49.81 13.42
C ASN NA 38 65.58 -48.97 14.32
N VAL NA 39 65.74 -47.69 13.98
CA VAL NA 39 66.68 -46.85 14.72
C VAL NA 39 66.09 -46.39 16.04
N VAL NA 40 64.89 -45.83 16.00
CA VAL NA 40 64.34 -45.07 17.12
C VAL NA 40 63.92 -46.01 18.25
N GLY NA 41 64.32 -45.67 19.47
CA GLY NA 41 64.03 -46.43 20.67
C GLY NA 41 64.59 -47.85 20.66
N PRO NA 42 64.12 -48.68 21.58
CA PRO NA 42 64.18 -50.12 21.35
C PRO NA 42 63.30 -50.42 20.15
N TYR NA 43 63.63 -51.50 19.44
CA TYR NA 43 63.64 -51.58 17.98
C TYR NA 43 62.65 -50.69 17.25
N GLY NA 44 61.39 -50.69 17.65
CA GLY NA 44 60.51 -49.64 17.20
C GLY NA 44 59.67 -49.00 18.29
N LEU NA 45 59.57 -49.65 19.44
CA LEU NA 45 58.36 -49.65 20.27
C LEU NA 45 58.02 -48.27 20.83
N LEU NA 46 59.02 -47.59 21.32
CA LEU NA 46 58.70 -46.33 21.97
C LEU NA 46 58.42 -45.23 20.94
N GLN NA 47 58.56 -45.52 19.62
CA GLN NA 47 58.11 -44.56 18.61
C GLN NA 47 56.60 -44.61 18.38
N PRO NA 48 55.90 -45.76 18.37
CA PRO NA 48 54.42 -45.67 18.50
C PRO NA 48 53.95 -45.09 19.80
N ILE NA 49 54.65 -45.31 20.93
CA ILE NA 49 54.29 -44.55 22.13
C ILE NA 49 54.48 -43.04 21.90
N ALA NA 50 55.58 -42.67 21.23
CA ALA NA 50 55.83 -41.28 20.88
C ALA NA 50 54.83 -40.75 19.87
N ASP NA 51 54.24 -41.64 19.07
CA ASP NA 51 53.21 -41.22 18.12
C ASP NA 51 51.93 -40.87 18.85
N ALA NA 52 51.61 -41.64 19.90
CA ALA NA 52 50.48 -41.29 20.77
C ALA NA 52 50.69 -39.91 21.41
N ILE NA 53 51.89 -39.67 21.95
CA ILE NA 53 52.17 -38.37 22.56
C ILE NA 53 52.18 -37.26 21.51
N LYS NA 54 52.76 -37.54 20.34
CA LYS NA 54 52.91 -36.57 19.26
C LYS NA 54 51.56 -36.14 18.72
N LEU NA 55 50.62 -37.05 18.65
CA LEU NA 55 49.30 -36.67 18.17
C LEU NA 55 48.45 -36.10 19.28
N PHE NA 56 48.79 -36.36 20.55
CA PHE NA 56 48.17 -35.61 21.64
C PHE NA 56 48.54 -34.14 21.60
N ILE NA 57 49.77 -33.84 21.15
CA ILE NA 57 50.28 -32.47 21.23
C ILE NA 57 49.58 -31.52 20.24
N LYS NA 58 49.12 -32.03 19.10
CA LYS NA 58 48.90 -31.20 17.91
C LYS NA 58 47.74 -30.21 17.97
N GLU NA 59 47.04 -30.04 19.11
CA GLU NA 59 46.07 -28.96 19.32
C GLU NA 59 44.93 -28.95 18.30
N PRO NA 60 43.93 -29.84 18.44
CA PRO NA 60 42.83 -29.91 17.48
C PRO NA 60 42.02 -28.62 17.39
N LEU NA 61 41.40 -28.43 16.24
CA LEU NA 61 40.81 -27.15 15.88
C LEU NA 61 39.78 -27.34 14.77
N ARG NA 62 38.66 -26.51 14.82
CA ARG NA 62 37.41 -26.72 14.11
C ARG NA 62 37.40 -26.05 12.75
N PRO NA 63 36.64 -26.63 11.80
CA PRO NA 63 36.41 -25.94 10.52
C PRO NA 63 35.30 -24.91 10.60
N ALA NA 64 34.97 -24.30 9.46
CA ALA NA 64 34.09 -23.13 9.39
C ALA NA 64 32.66 -23.42 9.83
N THR NA 65 31.93 -24.21 9.05
CA THR NA 65 30.54 -24.51 9.35
C THR NA 65 30.43 -26.01 9.54
N SER NA 66 30.59 -26.45 10.78
CA SER NA 66 30.91 -27.85 10.98
C SER NA 66 30.20 -28.49 12.17
N SER NA 67 28.93 -28.14 12.42
CA SER NA 67 28.31 -27.93 13.73
C SER NA 67 28.85 -28.79 14.88
N ILE NA 68 29.25 -28.10 15.94
CA ILE NA 68 30.24 -28.57 16.90
C ILE NA 68 29.74 -29.78 17.67
N SER NA 69 28.43 -29.82 17.94
CA SER NA 69 27.83 -30.94 18.67
C SER NA 69 27.98 -32.25 17.91
N MET NA 70 27.45 -32.30 16.67
CA MET NA 70 27.61 -33.46 15.80
C MET NA 70 29.07 -33.77 15.53
N PHE NA 71 29.88 -32.74 15.33
CA PHE NA 71 31.32 -32.81 15.08
C PHE NA 71 32.06 -33.59 16.15
N ILE NA 72 31.99 -33.11 17.39
CA ILE NA 72 32.73 -33.77 18.46
C ILE NA 72 32.01 -34.99 19.01
N LEU NA 73 30.74 -35.20 18.65
CA LEU NA 73 30.08 -36.42 19.08
C LEU NA 73 30.25 -37.58 18.13
N ALA NA 74 30.73 -37.36 16.88
CA ALA NA 74 30.94 -38.50 15.99
C ALA NA 74 32.10 -39.42 16.43
N PRO NA 75 33.36 -38.96 16.58
CA PRO NA 75 34.42 -39.93 16.89
C PRO NA 75 34.39 -40.45 18.31
N ILE NA 76 33.71 -39.73 19.20
CA ILE NA 76 33.49 -40.23 20.56
C ILE NA 76 32.59 -41.46 20.55
N LEU NA 77 31.50 -41.40 19.78
CA LEU NA 77 30.68 -42.60 19.61
C LEU NA 77 31.41 -43.67 18.82
N ALA NA 78 32.33 -43.28 17.92
CA ALA NA 78 33.17 -44.25 17.22
C ALA NA 78 34.00 -45.08 18.18
N LEU NA 79 34.79 -44.41 19.02
CA LEU NA 79 35.69 -45.14 19.90
C LEU NA 79 34.93 -45.82 21.04
N THR NA 80 33.82 -45.23 21.49
CA THR NA 80 33.03 -45.86 22.54
C THR NA 80 32.40 -47.16 22.05
N LEU NA 81 31.80 -47.15 20.85
CA LEU NA 81 31.18 -48.36 20.35
C LEU NA 81 32.23 -49.38 19.89
N ALA NA 82 33.38 -48.90 19.41
CA ALA NA 82 34.48 -49.81 19.10
C ALA NA 82 35.05 -50.46 20.35
N LEU NA 83 34.94 -49.82 21.51
CA LEU NA 83 35.29 -50.54 22.72
C LEU NA 83 34.18 -51.51 23.11
N THR NA 84 32.92 -51.04 23.12
CA THR NA 84 31.85 -51.86 23.63
C THR NA 84 31.46 -53.00 22.70
N MET NA 85 32.11 -53.16 21.55
CA MET NA 85 31.97 -54.41 20.83
C MET NA 85 32.55 -55.57 21.62
N TRP NA 86 33.65 -55.35 22.34
CA TRP NA 86 34.36 -56.45 22.97
C TRP NA 86 33.76 -56.92 24.28
N ILE NA 87 32.49 -56.63 24.53
CA ILE NA 87 31.84 -57.08 25.76
C ILE NA 87 31.62 -58.60 25.78
N PRO NA 88 30.95 -59.26 24.83
CA PRO NA 88 30.64 -60.68 25.05
C PRO NA 88 31.68 -61.66 24.54
N LEU NA 89 32.87 -61.19 24.16
CA LEU NA 89 33.79 -62.05 23.43
C LEU NA 89 34.41 -63.11 24.35
N PRO NA 90 34.23 -64.40 24.07
CA PRO NA 90 34.60 -65.45 25.03
C PRO NA 90 36.09 -65.78 25.03
N MET NA 91 36.91 -64.77 25.31
CA MET NA 91 38.17 -65.04 25.95
C MET NA 91 37.82 -65.68 27.29
N PRO NA 92 38.46 -66.79 27.68
CA PRO NA 92 37.74 -67.99 28.16
C PRO NA 92 36.37 -67.81 28.79
N TYR NA 93 36.22 -66.83 29.69
CA TYR NA 93 34.92 -66.45 30.22
C TYR NA 93 34.74 -64.96 30.01
N PRO NA 94 33.76 -64.53 29.20
CA PRO NA 94 33.70 -63.12 28.78
C PRO NA 94 33.17 -62.21 29.90
N LEU NA 95 33.00 -60.93 29.54
CA LEU NA 95 32.62 -59.93 30.52
C LEU NA 95 31.14 -60.04 30.88
N ILE NA 96 30.26 -59.82 29.91
CA ILE NA 96 28.84 -60.09 30.07
C ILE NA 96 28.51 -61.34 29.28
N ASN NA 97 28.04 -62.36 29.99
CA ASN NA 97 27.66 -63.62 29.37
C ASN NA 97 26.31 -63.42 28.68
N MET NA 98 26.37 -62.84 27.50
CA MET NA 98 25.15 -62.54 26.76
C MET NA 98 24.53 -63.82 26.23
N ASN NA 99 23.20 -63.86 26.23
CA ASN NA 99 22.45 -64.96 25.65
C ASN NA 99 22.38 -64.85 24.13
N LEU NA 100 22.98 -63.81 23.56
CA LEU NA 100 23.00 -63.55 22.13
C LEU NA 100 24.13 -62.56 21.85
N GLY NA 101 25.06 -62.95 20.98
CA GLY NA 101 26.22 -62.11 20.79
C GLY NA 101 26.47 -61.64 19.37
N VAL NA 102 26.11 -62.46 18.40
CA VAL NA 102 26.52 -62.17 17.03
C VAL NA 102 25.62 -61.12 16.40
N LEU NA 103 24.37 -61.06 16.83
CA LEU NA 103 23.49 -59.99 16.36
C LEU NA 103 23.90 -58.67 17.01
N PHE NA 104 24.45 -58.76 18.23
CA PHE NA 104 25.08 -57.61 18.87
C PHE NA 104 26.32 -57.16 18.10
N MET NA 105 27.07 -58.11 17.54
CA MET NA 105 28.22 -57.78 16.69
C MET NA 105 27.79 -56.99 15.47
N LEU NA 106 26.71 -57.44 14.82
CA LEU NA 106 26.20 -56.75 13.64
C LEU NA 106 25.70 -55.35 13.98
N ALA NA 107 25.02 -55.21 15.13
CA ALA NA 107 24.51 -53.92 15.56
C ALA NA 107 25.62 -52.91 15.78
N MET NA 108 26.64 -53.28 16.56
CA MET NA 108 27.68 -52.30 16.84
C MET NA 108 28.59 -52.06 15.64
N SER NA 109 28.68 -53.01 14.69
CA SER NA 109 29.39 -52.73 13.43
C SER NA 109 28.64 -51.69 12.61
N SER NA 110 27.31 -51.79 12.57
CA SER NA 110 26.52 -50.75 11.89
C SER NA 110 26.67 -49.40 12.57
N LEU NA 111 26.84 -49.41 13.89
CA LEU NA 111 27.06 -48.15 14.60
C LEU NA 111 28.43 -47.54 14.28
N ALA NA 112 29.44 -48.38 14.08
CA ALA NA 112 30.74 -47.87 13.62
C ALA NA 112 30.62 -47.22 12.25
N VAL NA 113 29.80 -47.83 11.39
CA VAL NA 113 29.51 -47.21 10.09
C VAL NA 113 28.85 -45.85 10.26
N TYR NA 114 27.88 -45.75 11.18
CA TYR NA 114 27.26 -44.46 11.45
C TYR NA 114 28.24 -43.43 11.98
N SER NA 115 29.25 -43.86 12.71
CA SER NA 115 30.23 -42.93 13.23
C SER NA 115 31.06 -42.34 12.09
N ILE NA 116 31.50 -43.21 11.17
CA ILE NA 116 32.18 -42.75 9.96
C ILE NA 116 31.28 -41.81 9.15
N LEU NA 117 29.99 -42.13 9.13
CA LEU NA 117 29.00 -41.34 8.39
C LEU NA 117 28.84 -39.95 8.96
N TRP NA 118 28.64 -39.85 10.28
CA TRP NA 118 28.46 -38.57 10.93
C TRP NA 118 29.71 -37.72 10.86
N SER NA 119 30.90 -38.34 10.94
CA SER NA 119 32.12 -37.55 10.78
C SER NA 119 32.25 -37.03 9.36
N GLY NA 120 31.90 -37.85 8.36
CA GLY NA 120 31.96 -37.41 6.99
C GLY NA 120 30.94 -36.34 6.65
N TRP NA 121 29.81 -36.32 7.35
CA TRP NA 121 28.88 -35.23 7.12
C TRP NA 121 29.28 -33.97 7.87
N ALA NA 122 29.74 -34.11 9.12
CA ALA NA 122 29.95 -32.94 9.96
C ALA NA 122 31.26 -32.25 9.63
N SER NA 123 32.20 -32.94 8.97
CA SER NA 123 33.45 -32.28 8.60
C SER NA 123 33.21 -31.21 7.54
N ASN NA 124 32.26 -31.44 6.64
CA ASN NA 124 31.61 -30.42 5.82
C ASN NA 124 32.57 -29.69 4.90
N SER NA 125 33.25 -30.42 4.01
CA SER NA 125 34.13 -29.80 3.03
C SER NA 125 34.09 -30.49 1.68
N LYS NA 126 33.00 -31.20 1.40
CA LYS NA 126 32.61 -31.86 0.14
C LYS NA 126 33.43 -33.11 -0.19
N TYR NA 127 34.65 -33.22 0.35
CA TYR NA 127 35.39 -34.46 0.16
C TYR NA 127 35.01 -35.47 1.23
N ALA NA 128 34.74 -34.98 2.43
CA ALA NA 128 34.18 -35.83 3.45
C ALA NA 128 32.78 -36.28 3.06
N LEU NA 129 32.06 -35.46 2.28
CA LEU NA 129 30.78 -35.88 1.73
C LEU NA 129 30.95 -37.01 0.71
N ILE NA 130 31.94 -36.87 -0.18
CA ILE NA 130 32.23 -37.93 -1.16
C ILE NA 130 32.57 -39.24 -0.47
N GLY NA 131 33.52 -39.20 0.46
CA GLY NA 131 33.93 -40.40 1.18
C GLY NA 131 32.84 -41.00 2.04
N ALA NA 132 31.97 -40.14 2.60
CA ALA NA 132 30.85 -40.63 3.40
C ALA NA 132 29.86 -41.38 2.53
N LEU NA 133 29.59 -40.89 1.32
CA LEU NA 133 28.66 -41.64 0.49
C LEU NA 133 29.30 -42.90 -0.10
N ARG NA 134 30.62 -42.91 -0.30
CA ARG NA 134 31.29 -44.16 -0.64
C ARG NA 134 31.15 -45.19 0.48
N ALA NA 135 31.26 -44.74 1.73
CA ALA NA 135 31.07 -45.62 2.88
C ALA NA 135 29.64 -46.13 2.96
N VAL NA 136 28.67 -45.26 2.65
CA VAL NA 136 27.26 -45.66 2.65
C VAL NA 136 27.01 -46.72 1.59
N ALA NA 137 27.64 -46.60 0.42
CA ALA NA 137 27.45 -47.62 -0.60
C ALA NA 137 28.08 -48.95 -0.20
N GLN NA 138 29.29 -48.92 0.35
CA GLN NA 138 29.89 -50.19 0.75
C GLN NA 138 29.26 -50.79 2.00
N THR NA 139 28.41 -50.05 2.70
CA THR NA 139 27.61 -50.64 3.76
C THR NA 139 26.22 -51.09 3.28
N ILE NA 140 25.70 -50.49 2.21
CA ILE NA 140 24.58 -51.10 1.47
C ILE NA 140 24.99 -52.49 0.99
N SER NA 141 26.23 -52.63 0.53
CA SER NA 141 26.69 -53.93 0.07
C SER NA 141 26.91 -54.90 1.23
N TYR NA 142 27.56 -54.46 2.31
CA TYR NA 142 28.10 -55.42 3.25
C TYR NA 142 27.47 -55.43 4.64
N GLU NA 143 26.15 -55.39 4.72
CA GLU NA 143 25.46 -55.90 5.90
C GLU NA 143 24.39 -56.92 5.55
N VAL NA 144 24.08 -57.11 4.28
CA VAL NA 144 23.24 -58.23 3.88
C VAL NA 144 24.02 -59.54 4.01
N THR NA 145 25.11 -59.64 3.23
CA THR NA 145 25.78 -60.91 2.99
C THR NA 145 26.46 -61.43 4.25
N LEU NA 146 27.09 -60.54 5.01
CA LEU NA 146 27.77 -60.95 6.24
C LEU NA 146 26.77 -61.46 7.28
N ALA NA 147 25.60 -60.81 7.36
CA ALA NA 147 24.59 -61.25 8.31
C ALA NA 147 23.99 -62.59 7.92
N ILE NA 148 23.76 -62.82 6.63
CA ILE NA 148 23.13 -64.08 6.26
C ILE NA 148 24.13 -65.24 6.34
N ILE NA 149 25.41 -64.99 6.02
CA ILE NA 149 26.44 -66.01 6.21
C ILE NA 149 26.60 -66.33 7.69
N LEU NA 150 26.52 -65.30 8.54
CA LEU NA 150 26.48 -65.49 9.99
C LEU NA 150 25.34 -66.40 10.40
N LEU NA 151 24.14 -66.15 9.86
CA LEU NA 151 22.96 -66.98 10.16
C LEU NA 151 23.19 -68.43 9.75
N SER NA 152 23.87 -68.64 8.63
CA SER NA 152 24.20 -70.00 8.20
C SER NA 152 25.14 -70.69 9.18
N VAL NA 153 26.25 -70.03 9.54
CA VAL NA 153 27.25 -70.70 10.36
C VAL NA 153 26.79 -70.84 11.81
N LEU NA 154 25.81 -70.06 12.25
CA LEU NA 154 25.25 -70.29 13.57
C LEU NA 154 24.08 -71.25 13.55
N LEU NA 155 23.51 -71.51 12.36
CA LEU NA 155 22.36 -72.41 12.28
C LEU NA 155 22.70 -73.82 12.67
N MET NA 156 23.86 -74.32 12.22
CA MET NA 156 24.17 -75.72 12.45
C MET NA 156 24.55 -75.98 13.89
N ASN NA 157 25.33 -75.10 14.49
CA ASN NA 157 25.93 -75.42 15.79
C ASN NA 157 25.84 -74.32 16.84
N GLY NA 158 25.68 -73.05 16.46
CA GLY NA 158 25.85 -71.98 17.41
C GLY NA 158 24.69 -71.72 18.35
N SER NA 159 23.55 -71.30 17.79
CA SER NA 159 22.39 -70.80 18.53
C SER NA 159 22.77 -69.63 19.45
N PHE NA 160 23.45 -68.64 18.88
CA PHE NA 160 23.64 -67.29 19.42
C PHE NA 160 24.49 -67.20 20.68
N THR NA 161 24.87 -68.31 21.29
CA THR NA 161 25.55 -68.30 22.58
C THR NA 161 26.96 -68.81 22.39
N LEU NA 162 27.93 -67.94 22.63
CA LEU NA 162 29.30 -68.21 22.22
C LEU NA 162 29.96 -69.26 23.12
N SER NA 163 29.46 -69.43 24.35
CA SER NA 163 29.92 -70.53 25.18
C SER NA 163 29.52 -71.88 24.61
N THR NA 164 28.29 -71.99 24.09
CA THR NA 164 27.92 -73.21 23.39
C THR NA 164 28.69 -73.37 22.09
N LEU NA 165 29.12 -72.27 21.49
CA LEU NA 165 29.97 -72.35 20.31
C LEU NA 165 31.34 -72.93 20.65
N ILE NA 166 31.91 -72.54 21.79
CA ILE NA 166 33.17 -73.15 22.18
C ILE NA 166 32.98 -74.58 22.70
N ILE NA 167 31.75 -74.95 23.07
CA ILE NA 167 31.45 -76.37 23.27
C ILE NA 167 31.51 -77.11 21.94
N THR NA 168 30.92 -76.50 20.88
CA THR NA 168 30.89 -77.15 19.56
C THR NA 168 32.26 -77.31 18.96
N GLN NA 169 33.17 -76.38 19.22
CA GLN NA 169 34.52 -76.46 18.63
C GLN NA 169 35.41 -77.47 19.37
N GLU NA 170 35.00 -78.73 19.34
CA GLU NA 170 35.77 -79.81 19.95
C GLU NA 170 36.28 -80.83 18.94
N GLN NA 171 35.38 -81.46 18.18
CA GLN NA 171 35.81 -82.57 17.34
C GLN NA 171 36.48 -82.06 16.07
N VAL NA 172 35.77 -81.29 15.27
CA VAL NA 172 36.33 -80.64 14.10
C VAL NA 172 36.01 -79.15 14.17
N TRP NA 173 36.89 -78.36 13.57
CA TRP NA 173 36.66 -76.94 13.41
C TRP NA 173 35.50 -76.73 12.44
N LEU NA 174 34.84 -75.59 12.55
CA LEU NA 174 33.73 -75.32 11.65
C LEU NA 174 34.21 -74.78 10.29
N ILE NA 175 35.52 -74.73 10.08
CA ILE NA 175 36.04 -74.47 8.74
C ILE NA 175 35.74 -75.65 7.81
N PHE NA 176 35.66 -76.86 8.34
CA PHE NA 176 35.45 -78.00 7.45
C PHE NA 176 33.99 -78.21 7.02
N PRO NA 177 32.95 -78.09 7.87
CA PRO NA 177 31.60 -78.13 7.32
C PRO NA 177 31.21 -76.91 6.51
N ALA NA 178 31.93 -75.79 6.63
CA ALA NA 178 31.68 -74.65 5.74
C ALA NA 178 33.02 -73.96 5.47
N TRP NA 179 33.73 -74.42 4.44
CA TRP NA 179 34.85 -73.64 3.95
C TRP NA 179 34.53 -72.57 2.89
N PRO NA 180 33.70 -72.79 1.85
CA PRO NA 180 33.51 -71.68 0.90
C PRO NA 180 32.67 -70.56 1.48
N LEU NA 181 31.70 -70.91 2.33
CA LEU NA 181 30.96 -69.93 3.11
C LEU NA 181 31.90 -69.11 3.98
N ALA NA 182 32.93 -69.77 4.52
CA ALA NA 182 33.93 -69.09 5.33
C ALA NA 182 34.78 -68.16 4.50
N MET NA 183 35.09 -68.54 3.26
CA MET NA 183 35.89 -67.66 2.42
C MET NA 183 35.11 -66.42 2.02
N MET NA 184 33.82 -66.60 1.70
CA MET NA 184 32.97 -65.44 1.39
C MET NA 184 32.82 -64.54 2.60
N TRP NA 185 32.77 -65.15 3.80
CA TRP NA 185 32.66 -64.35 5.01
C TRP NA 185 33.95 -63.62 5.32
N PHE NA 186 35.10 -64.21 5.03
CA PHE NA 186 36.37 -63.53 5.26
C PHE NA 186 36.51 -62.35 4.33
N ILE NA 187 36.06 -62.50 3.09
CA ILE NA 187 36.02 -61.37 2.15
C ILE NA 187 35.10 -60.27 2.68
N SER NA 188 33.96 -60.67 3.23
CA SER NA 188 33.02 -59.67 3.76
C SER NA 188 33.55 -58.99 5.02
N THR NA 189 34.28 -59.71 5.87
CA THR NA 189 34.88 -59.07 7.04
C THR NA 189 35.98 -58.11 6.63
N LEU NA 190 36.75 -58.46 5.60
CA LEU NA 190 37.76 -57.55 5.10
C LEU NA 190 37.14 -56.33 4.44
N ALA NA 191 35.94 -56.45 3.89
CA ALA NA 191 35.26 -55.27 3.36
C ALA NA 191 34.69 -54.40 4.46
N GLU NA 192 33.90 -55.00 5.37
CA GLU NA 192 33.19 -54.25 6.39
C GLU NA 192 34.12 -53.65 7.42
N THR NA 193 35.26 -54.31 7.67
CA THR NA 193 36.28 -53.80 8.58
C THR NA 193 36.96 -52.54 8.03
N ASN NA 194 36.84 -52.31 6.71
CA ASN NA 194 37.30 -51.11 6.03
C ASN NA 194 38.81 -50.95 6.15
N ARG NA 195 39.51 -52.07 6.07
CA ARG NA 195 40.94 -52.07 5.83
C ARG NA 195 41.14 -52.89 4.56
N ALA NA 196 42.38 -52.95 4.06
CA ALA NA 196 42.83 -53.76 2.95
C ALA NA 196 42.11 -53.40 1.66
N PRO NA 197 42.55 -52.31 0.97
CA PRO NA 197 41.81 -51.74 -0.18
C PRO NA 197 41.50 -52.64 -1.36
N PHE NA 198 41.89 -53.91 -1.29
CA PHE NA 198 41.18 -54.99 -1.98
C PHE NA 198 39.66 -54.82 -1.90
N ASP NA 199 39.13 -54.50 -0.72
CA ASP NA 199 37.71 -54.23 -0.53
C ASP NA 199 37.50 -52.99 0.33
N LEU NA 200 38.18 -51.89 -0.03
CA LEU NA 200 38.04 -50.63 0.70
C LEU NA 200 38.21 -49.46 -0.25
N THR NA 201 37.22 -48.55 -0.26
CA THR NA 201 37.23 -47.37 -1.12
C THR NA 201 37.01 -46.11 -0.28
N GLU NA 202 37.76 -45.98 0.80
CA GLU NA 202 37.63 -44.80 1.66
C GLU NA 202 38.94 -44.07 1.88
N GLY NA 203 40.04 -44.80 2.04
CA GLY NA 203 41.35 -44.20 2.21
C GLY NA 203 42.17 -44.27 0.94
N GLU NA 204 41.52 -44.00 -0.19
CA GLU NA 204 42.18 -44.08 -1.47
C GLU NA 204 43.14 -42.91 -1.66
N SER NA 205 44.01 -43.05 -2.65
CA SER NA 205 44.74 -41.90 -3.17
C SER NA 205 43.92 -41.14 -4.20
N GLU NA 206 42.84 -41.73 -4.71
CA GLU NA 206 41.94 -41.01 -5.60
C GLU NA 206 41.19 -39.92 -4.88
N LEU NA 207 40.92 -40.13 -3.59
CA LEU NA 207 40.49 -39.09 -2.69
C LEU NA 207 41.67 -38.77 -1.78
N VAL NA 208 41.45 -37.91 -0.78
CA VAL NA 208 42.45 -37.81 0.27
C VAL NA 208 41.72 -38.01 1.59
N SER NA 209 41.62 -39.28 2.01
CA SER NA 209 41.11 -39.71 3.31
C SER NA 209 39.74 -39.11 3.61
N GLY NA 210 38.74 -39.59 2.86
CA GLY NA 210 37.39 -39.04 2.94
C GLY NA 210 36.76 -39.10 4.32
N PHE NA 211 37.17 -40.06 5.13
CA PHE NA 211 36.73 -40.09 6.53
C PHE NA 211 37.42 -39.02 7.37
N ASN NA 212 38.61 -38.56 6.98
CA ASN NA 212 39.40 -37.63 7.78
C ASN NA 212 40.02 -36.52 6.93
N VAL NA 213 39.20 -35.86 6.11
CA VAL NA 213 39.68 -34.81 5.21
C VAL NA 213 40.20 -33.64 6.03
N GLU NA 214 39.31 -32.99 6.77
CA GLU NA 214 39.71 -32.10 7.87
C GLU NA 214 38.76 -32.47 9.00
N TYR NA 215 39.11 -33.48 9.79
CA TYR NA 215 38.34 -33.52 11.01
C TYR NA 215 39.00 -32.58 12.00
N ALA NA 216 40.15 -33.00 12.56
CA ALA NA 216 40.94 -32.25 13.52
C ALA NA 216 42.17 -33.07 13.84
N ALA NA 217 43.28 -32.43 14.20
CA ALA NA 217 44.52 -33.16 14.44
C ALA NA 217 44.47 -34.00 15.71
N GLY NA 218 43.61 -33.66 16.66
CA GLY NA 218 43.48 -34.41 17.88
C GLY NA 218 42.82 -35.78 17.70
N PRO NA 219 41.52 -35.80 17.37
CA PRO NA 219 40.79 -37.08 17.32
C PRO NA 219 41.06 -37.98 16.12
N PHE NA 220 42.08 -37.65 15.32
CA PHE NA 220 42.60 -38.61 14.34
C PHE NA 220 43.09 -39.87 15.03
N ALA NA 221 43.65 -39.73 16.24
CA ALA NA 221 43.99 -40.88 17.07
C ALA NA 221 42.76 -41.70 17.42
N LEU NA 222 41.63 -41.04 17.73
CA LEU NA 222 40.41 -41.74 18.10
C LEU NA 222 39.89 -42.56 16.94
N PHE NA 223 39.83 -41.96 15.76
CA PHE NA 223 39.27 -42.62 14.60
C PHE NA 223 40.20 -43.74 14.11
N PHE NA 224 41.51 -43.47 14.18
CA PHE NA 224 42.55 -44.41 13.84
C PHE NA 224 42.50 -45.65 14.73
N MET NA 225 42.40 -45.42 16.04
CA MET NA 225 42.29 -46.49 17.02
C MET NA 225 41.00 -47.27 16.85
N ALA NA 226 39.92 -46.59 16.46
CA ALA NA 226 38.66 -47.26 16.23
C ALA NA 226 38.74 -48.24 15.06
N GLU NA 227 39.36 -47.83 13.94
CA GLU NA 227 39.48 -48.77 12.82
C GLU NA 227 40.46 -49.91 13.11
N TYR NA 228 41.50 -49.67 13.88
CA TYR NA 228 42.39 -50.83 14.09
C TYR NA 228 41.84 -51.76 15.16
N ALA NA 229 41.04 -51.22 16.10
CA ALA NA 229 40.26 -52.08 16.97
C ALA NA 229 39.21 -52.85 16.20
N ASN NA 230 38.69 -52.27 15.11
CA ASN NA 230 37.83 -53.04 14.19
C ASN NA 230 38.59 -54.21 13.59
N ILE NA 231 39.87 -54.02 13.25
CA ILE NA 231 40.65 -55.12 12.67
C ILE NA 231 40.86 -56.25 13.68
N ILE NA 232 41.37 -55.91 14.87
CA ILE NA 232 41.54 -56.91 15.93
C ILE NA 232 40.21 -57.52 16.32
N MET NA 233 39.14 -56.74 16.25
CA MET NA 233 37.80 -57.12 16.62
C MET NA 233 37.26 -58.22 15.73
N MET NA 234 37.23 -57.97 14.43
CA MET NA 234 36.74 -58.97 13.51
C MET NA 234 37.71 -60.14 13.34
N ASN NA 235 39.00 -59.96 13.62
CA ASN NA 235 39.86 -61.14 13.55
C ASN NA 235 39.67 -62.05 14.76
N ILE NA 236 39.47 -61.47 15.95
CA ILE NA 236 39.14 -62.27 17.13
C ILE NA 236 37.77 -62.93 16.94
N PHE NA 237 36.82 -62.21 16.35
CA PHE NA 237 35.51 -62.80 16.11
C PHE NA 237 35.56 -63.89 15.05
N THR NA 238 36.44 -63.76 14.06
CA THR NA 238 36.66 -64.85 13.11
C THR NA 238 37.31 -66.03 13.79
N THR NA 239 38.30 -65.77 14.64
CA THR NA 239 39.06 -66.83 15.30
C THR NA 239 38.19 -67.61 16.27
N THR NA 240 37.26 -66.94 16.93
CA THR NA 240 36.29 -67.64 17.77
C THR NA 240 35.27 -68.37 16.91
N LEU NA 241 34.72 -67.69 15.89
CA LEU NA 241 33.50 -68.14 15.23
C LEU NA 241 33.69 -69.43 14.43
N PHE NA 242 34.89 -69.65 13.89
CA PHE NA 242 35.10 -70.80 13.04
C PHE NA 242 35.87 -71.93 13.70
N LEU NA 243 37.06 -71.64 14.22
CA LEU NA 243 38.01 -72.69 14.57
C LEU NA 243 38.56 -72.41 15.96
N GLY NA 244 39.64 -73.10 16.32
CA GLY NA 244 40.24 -72.83 17.61
C GLY NA 244 40.78 -74.08 18.27
N ALA NA 245 40.44 -74.28 19.55
CA ALA NA 245 41.04 -75.37 20.30
C ALA NA 245 40.05 -75.86 21.35
N PHE NA 246 39.93 -77.18 21.46
CA PHE NA 246 39.31 -77.79 22.62
C PHE NA 246 40.15 -77.44 23.83
N HIS NA 247 39.63 -76.57 24.68
CA HIS NA 247 40.45 -75.93 25.68
C HIS NA 247 40.82 -76.90 26.79
N ASN NA 248 41.86 -76.53 27.52
CA ASN NA 248 42.18 -77.20 28.76
C ASN NA 248 41.02 -76.97 29.72
N PRO NA 249 40.33 -78.02 30.16
CA PRO NA 249 39.11 -77.84 30.96
C PRO NA 249 39.39 -77.22 32.32
N TYR NA 250 38.58 -76.20 32.65
CA TYR NA 250 38.72 -75.29 33.81
C TYR NA 250 40.13 -74.71 33.99
N MET NA 251 40.90 -74.61 32.91
CA MET NA 251 42.25 -74.06 32.95
C MET NA 251 42.39 -73.05 31.81
N PRO NA 252 42.62 -71.80 32.09
CA PRO NA 252 42.43 -70.76 31.06
C PRO NA 252 43.65 -70.43 30.22
N GLU NA 253 44.85 -70.68 30.74
CA GLU NA 253 46.05 -70.09 30.14
C GLU NA 253 46.40 -70.75 28.83
N LEU NA 254 46.18 -72.06 28.71
CA LEU NA 254 46.46 -72.79 27.48
C LEU NA 254 45.53 -72.34 26.34
N TYR NA 255 44.24 -72.21 26.65
CA TYR NA 255 43.27 -71.73 25.67
C TYR NA 255 43.58 -70.31 25.24
N THR NA 256 43.96 -69.46 26.20
CA THR NA 256 44.24 -68.07 25.89
C THR NA 256 45.47 -67.92 24.99
N ILE NA 257 46.51 -68.72 25.27
CA ILE NA 257 47.71 -68.72 24.44
C ILE NA 257 47.40 -69.17 23.02
N ASN NA 258 46.68 -70.30 22.89
CA ASN NA 258 46.44 -70.85 21.56
C ASN NA 258 45.48 -69.97 20.75
N PHE NA 259 44.49 -69.39 21.41
CA PHE NA 259 43.58 -68.45 20.77
C PHE NA 259 44.29 -67.19 20.31
N THR NA 260 45.17 -66.64 21.15
CA THR NA 260 45.91 -65.44 20.78
C THR NA 260 46.84 -65.70 19.60
N ILE NA 261 47.49 -66.87 19.58
CA ILE NA 261 48.40 -67.20 18.48
C ILE NA 261 47.64 -67.34 17.17
N LYS NA 262 46.52 -68.08 17.19
CA LYS NA 262 45.70 -68.21 15.98
C LYS NA 262 45.16 -66.87 15.50
N SER NA 263 44.67 -66.04 16.42
CA SER NA 263 44.05 -64.78 16.04
C SER NA 263 45.08 -63.79 15.51
N LEU NA 264 46.27 -63.76 16.10
CA LEU NA 264 47.24 -62.77 15.65
C LEU NA 264 47.94 -63.20 14.37
N LEU NA 265 48.17 -64.49 14.16
CA LEU NA 265 48.68 -64.90 12.86
C LEU NA 265 47.64 -64.71 11.76
N LEU NA 266 46.34 -64.84 12.08
CA LEU NA 266 45.33 -64.51 11.09
C LEU NA 266 45.28 -63.01 10.82
N SER NA 267 45.56 -62.18 11.83
CA SER NA 267 45.64 -60.74 11.59
C SER NA 267 46.87 -60.38 10.74
N ILE NA 268 47.96 -61.12 10.89
CA ILE NA 268 49.10 -60.92 10.00
C ILE NA 268 48.75 -61.31 8.57
N THR NA 269 47.95 -62.37 8.41
CA THR NA 269 47.45 -62.74 7.09
C THR NA 269 46.57 -61.63 6.50
N PHE NA 270 45.74 -61.01 7.34
CA PHE NA 270 44.91 -59.87 6.94
C PHE NA 270 45.76 -58.70 6.46
N LEU NA 271 46.80 -58.37 7.23
CA LEU NA 271 47.70 -57.27 6.88
C LEU NA 271 48.47 -57.59 5.60
N TRP NA 272 48.84 -58.85 5.44
CA TRP NA 272 49.55 -59.33 4.26
C TRP NA 272 48.69 -59.35 3.02
N ILE NA 273 47.37 -59.46 3.19
CA ILE NA 273 46.46 -59.25 2.08
C ILE NA 273 46.35 -57.77 1.74
N ARG NA 274 46.42 -56.91 2.76
CA ARG NA 274 46.45 -55.46 2.49
C ARG NA 274 47.68 -55.05 1.70
N ALA NA 275 48.82 -55.66 2.00
CA ALA NA 275 50.08 -55.25 1.38
C ALA NA 275 50.25 -55.73 -0.06
N SER NA 276 49.21 -56.19 -0.74
CA SER NA 276 49.44 -56.97 -1.95
C SER NA 276 48.68 -56.46 -3.18
N TYR NA 277 47.48 -55.93 -2.99
CA TYR NA 277 46.56 -55.86 -4.10
C TYR NA 277 46.13 -54.43 -4.44
N PRO NA 278 45.78 -54.17 -5.70
CA PRO NA 278 45.31 -52.85 -6.07
C PRO NA 278 43.96 -52.53 -5.47
N ARG NA 279 43.58 -51.26 -5.59
CA ARG NA 279 42.33 -50.78 -5.01
C ARG NA 279 41.16 -51.22 -5.88
N PHE NA 280 39.96 -50.76 -5.53
CA PHE NA 280 38.76 -51.40 -6.02
C PHE NA 280 37.86 -50.32 -6.62
N ARG NA 281 36.62 -50.67 -6.96
CA ARG NA 281 35.78 -49.78 -7.73
C ARG NA 281 34.34 -49.86 -7.23
N TYR NA 282 33.65 -48.71 -7.31
CA TYR NA 282 32.30 -48.53 -6.81
C TYR NA 282 31.29 -49.46 -7.48
N ASP NA 283 31.12 -49.29 -8.79
CA ASP NA 283 30.19 -50.13 -9.54
C ASP NA 283 30.65 -51.57 -9.57
N GLN NA 284 31.97 -51.80 -9.60
CA GLN NA 284 32.48 -53.16 -9.49
C GLN NA 284 32.19 -53.76 -8.12
N LEU NA 285 32.09 -52.92 -7.08
CA LEU NA 285 31.74 -53.48 -5.78
C LEU NA 285 30.28 -53.92 -5.74
N MET NA 286 29.37 -53.11 -6.27
CA MET NA 286 27.96 -53.51 -6.31
C MET NA 286 27.77 -54.77 -7.16
N HIS NA 287 28.32 -54.76 -8.37
CA HIS NA 287 28.20 -55.89 -9.29
C HIS NA 287 28.82 -57.15 -8.70
N LEU NA 288 30.08 -57.07 -8.26
CA LEU NA 288 30.81 -58.21 -7.72
C LEU NA 288 30.11 -58.77 -6.50
N LEU NA 289 29.75 -57.90 -5.54
CA LEU NA 289 29.13 -58.34 -4.28
C LEU NA 289 27.82 -59.05 -4.53
N TRP NA 290 26.84 -58.34 -5.11
CA TRP NA 290 25.51 -58.93 -5.28
C TRP NA 290 25.56 -60.13 -6.21
N LYS NA 291 26.02 -59.91 -7.45
CA LYS NA 291 25.94 -60.93 -8.48
C LYS NA 291 27.07 -61.94 -8.41
N ASN NA 292 27.86 -61.97 -7.34
CA ASN NA 292 28.70 -63.14 -7.17
C ASN NA 292 28.51 -63.82 -5.83
N PHE NA 293 28.35 -63.06 -4.75
CA PHE NA 293 28.17 -63.70 -3.47
C PHE NA 293 26.75 -64.18 -3.27
N LEU NA 294 25.75 -63.36 -3.66
CA LEU NA 294 24.45 -63.46 -2.99
C LEU NA 294 23.68 -64.74 -3.30
N PRO NA 295 23.55 -65.22 -4.56
CA PRO NA 295 22.87 -66.51 -4.73
C PRO NA 295 23.66 -67.70 -4.20
N LEU NA 296 24.99 -67.59 -4.15
CA LEU NA 296 25.77 -68.67 -3.56
C LEU NA 296 25.58 -68.72 -2.05
N THR NA 297 25.42 -67.55 -1.42
CA THR NA 297 25.11 -67.51 0.01
C THR NA 297 23.72 -68.08 0.29
N LEU NA 298 22.73 -67.75 -0.56
CA LEU NA 298 21.39 -68.31 -0.40
C LEU NA 298 21.40 -69.82 -0.57
N ALA NA 299 22.21 -70.32 -1.48
CA ALA NA 299 22.31 -71.76 -1.67
C ALA NA 299 22.97 -72.43 -0.48
N LEU NA 300 24.01 -71.80 0.09
CA LEU NA 300 24.61 -72.35 1.30
C LEU NA 300 23.66 -72.30 2.49
N CYS NA 301 22.82 -71.26 2.57
CA CYS NA 301 21.85 -71.17 3.65
C CYS NA 301 20.78 -72.24 3.53
N MET NA 302 20.28 -72.50 2.32
CA MET NA 302 19.23 -73.50 2.19
C MET NA 302 19.79 -74.92 2.36
N TRP NA 303 21.04 -75.13 1.98
CA TRP NA 303 21.62 -76.45 2.18
C TRP NA 303 22.00 -76.67 3.63
N HIS NA 304 22.37 -75.61 4.37
CA HIS NA 304 22.54 -75.72 5.81
C HIS NA 304 21.24 -75.68 6.60
N VAL NA 305 20.12 -75.32 5.97
CA VAL NA 305 18.82 -75.61 6.57
C VAL NA 305 18.52 -77.08 6.42
N SER NA 306 18.66 -77.61 5.20
CA SER NA 306 18.27 -78.98 4.93
C SER NA 306 19.22 -80.01 5.52
N LEU NA 307 20.46 -79.62 5.83
CA LEU NA 307 21.41 -80.62 6.33
C LEU NA 307 21.08 -81.12 7.75
N PRO NA 308 20.58 -80.31 8.69
CA PRO NA 308 20.00 -80.90 9.90
C PRO NA 308 18.73 -81.72 9.68
N ILE NA 309 18.13 -81.73 8.49
CA ILE NA 309 17.08 -82.69 8.20
C ILE NA 309 17.56 -83.77 7.23
N LEU NA 310 18.66 -83.55 6.51
CA LEU NA 310 19.25 -84.62 5.72
C LEU NA 310 20.05 -85.60 6.56
N LEU NA 311 20.66 -85.14 7.65
CA LEU NA 311 21.50 -85.99 8.46
C LEU NA 311 21.15 -85.95 9.94
N SER NA 312 19.98 -85.40 10.30
CA SER NA 312 19.48 -85.30 11.67
C SER NA 312 20.42 -84.54 12.59
N SER NA 313 21.16 -83.57 12.04
CA SER NA 313 22.06 -82.74 12.83
C SER NA 313 21.37 -81.47 13.32
N ILE NA 314 20.19 -81.63 13.92
CA ILE NA 314 19.52 -80.50 14.54
C ILE NA 314 20.27 -80.22 15.84
N PRO NA 315 20.40 -78.95 16.24
CA PRO NA 315 21.20 -78.63 17.42
C PRO NA 315 20.51 -79.04 18.70
N PRO NA 316 21.23 -79.15 19.80
CA PRO NA 316 20.62 -79.38 21.12
C PRO NA 316 20.24 -78.08 21.81
N GLN NA 317 19.41 -77.29 21.13
CA GLN NA 317 19.35 -75.86 21.39
C GLN NA 317 18.64 -75.56 22.71
N THR NA 318 19.38 -74.96 23.63
CA THR NA 318 18.88 -74.56 24.93
C THR NA 318 17.86 -73.44 24.75
N MET OA 1 19.62 -47.07 44.44
CA MET OA 1 18.65 -46.02 44.69
C MET OA 1 17.51 -46.08 43.67
N MET OA 2 17.89 -46.31 42.41
CA MET OA 2 16.90 -46.33 41.33
C MET OA 2 16.08 -47.60 41.35
N THR OA 3 14.78 -47.44 41.13
CA THR OA 3 13.87 -48.55 40.94
C THR OA 3 12.90 -48.25 39.81
N TYR OA 4 12.84 -46.99 39.35
CA TYR OA 4 11.98 -46.54 38.28
C TYR OA 4 12.66 -46.58 36.93
N ILE OA 5 13.57 -47.55 36.71
CA ILE OA 5 14.57 -47.42 35.64
C ILE OA 5 13.96 -47.54 34.26
N VAL OA 6 12.84 -48.26 34.12
CA VAL OA 6 12.20 -48.34 32.82
C VAL OA 6 11.47 -47.04 32.51
N PHE OA 7 10.87 -46.43 33.53
CA PHE OA 7 10.28 -45.10 33.40
C PHE OA 7 11.34 -44.06 33.07
N ILE OA 8 12.53 -44.19 33.65
CA ILE OA 8 13.63 -43.25 33.38
C ILE OA 8 14.11 -43.38 31.94
N LEU OA 9 14.39 -44.61 31.49
CA LEU OA 9 14.76 -44.86 30.11
C LEU OA 9 13.67 -44.44 29.15
N SER OA 10 12.41 -44.55 29.57
CA SER OA 10 11.32 -44.07 28.73
C SER OA 10 11.30 -42.55 28.67
N ILE OA 11 11.71 -41.86 29.75
CA ILE OA 11 11.81 -40.40 29.70
C ILE OA 11 12.91 -39.95 28.76
N ILE OA 12 14.07 -40.62 28.81
CA ILE OA 12 15.13 -40.34 27.83
C ILE OA 12 14.66 -40.64 26.41
N PHE OA 13 13.88 -41.71 26.23
CA PHE OA 13 13.31 -42.03 24.93
C PHE OA 13 12.35 -40.96 24.44
N VAL OA 14 11.51 -40.45 25.34
CA VAL OA 14 10.54 -39.42 24.95
C VAL OA 14 11.26 -38.11 24.65
N MET OA 15 12.34 -37.79 25.36
CA MET OA 15 13.12 -36.59 25.06
C MET OA 15 13.72 -36.66 23.67
N GLY OA 16 14.49 -37.73 23.40
CA GLY OA 16 15.11 -37.89 22.11
C GLY OA 16 14.11 -38.03 20.97
N PHE OA 17 12.95 -38.58 21.26
CA PHE OA 17 11.95 -38.84 20.23
C PHE OA 17 11.05 -37.64 19.95
N VAL OA 18 10.82 -36.77 20.94
CA VAL OA 18 10.16 -35.51 20.65
C VAL OA 18 11.10 -34.60 19.87
N GLY OA 19 12.39 -34.56 20.23
CA GLY OA 19 13.34 -33.80 19.45
C GLY OA 19 13.54 -34.36 18.05
N PHE OA 20 13.37 -35.67 17.91
CA PHE OA 20 13.24 -36.31 16.61
C PHE OA 20 12.05 -35.76 15.83
N SER OA 21 10.85 -35.90 16.36
CA SER OA 21 9.65 -35.57 15.61
C SER OA 21 9.32 -34.09 15.60
N SER OA 22 10.18 -33.23 16.13
CA SER OA 22 9.99 -31.79 16.01
C SER OA 22 10.45 -31.24 14.67
N LYS OA 23 10.96 -32.11 13.80
CA LYS OA 23 11.48 -31.85 12.46
C LYS OA 23 12.53 -30.75 12.36
N PRO OA 24 13.77 -31.01 12.79
CA PRO OA 24 14.90 -30.25 12.28
C PRO OA 24 15.33 -30.79 10.91
N SER OA 25 16.52 -30.41 10.46
CA SER OA 25 17.15 -31.09 9.34
C SER OA 25 17.17 -32.60 9.59
N PRO OA 26 16.85 -33.41 8.56
CA PRO OA 26 16.65 -34.85 8.78
C PRO OA 26 17.90 -35.61 9.21
N ILE OA 27 19.08 -35.04 9.04
CA ILE OA 27 20.28 -35.69 9.57
C ILE OA 27 20.33 -35.55 11.09
N TYR OA 28 19.95 -34.38 11.60
CA TYR OA 28 19.76 -34.24 13.04
C TYR OA 28 18.59 -35.07 13.52
N GLY OA 29 17.55 -35.21 12.70
CA GLY OA 29 16.46 -36.12 13.01
C GLY OA 29 16.93 -37.56 13.13
N GLY OA 30 17.86 -37.96 12.27
CA GLY OA 30 18.38 -39.31 12.34
C GLY OA 30 19.31 -39.54 13.52
N LEU OA 31 20.05 -38.49 13.91
CA LEU OA 31 20.76 -38.52 15.19
C LEU OA 31 19.78 -38.80 16.32
N GLY OA 32 18.68 -38.05 16.36
CA GLY OA 32 17.64 -38.29 17.35
C GLY OA 32 17.01 -39.67 17.24
N LEU OA 33 16.91 -40.20 16.02
CA LEU OA 33 16.25 -41.48 15.83
C LEU OA 33 17.14 -42.63 16.26
N ILE OA 34 18.45 -42.53 16.03
CA ILE OA 34 19.36 -43.57 16.48
C ILE OA 34 19.48 -43.55 18.00
N VAL OA 35 19.48 -42.35 18.62
CA VAL OA 35 19.45 -42.27 20.07
C VAL OA 35 18.16 -42.88 20.64
N SER OA 36 17.02 -42.54 20.02
CA SER OA 36 15.74 -43.04 20.47
C SER OA 36 15.60 -44.54 20.27
N GLY OA 37 16.10 -45.07 19.15
CA GLY OA 37 16.05 -46.50 18.91
C GLY OA 37 16.96 -47.27 19.85
N GLY OA 38 18.12 -46.69 20.17
CA GLY OA 38 19.02 -47.33 21.12
C GLY OA 38 18.43 -47.42 22.52
N VAL OA 39 17.86 -46.32 23.00
CA VAL OA 39 17.27 -46.39 24.33
C VAL OA 39 15.94 -47.14 24.33
N GLY OA 40 15.24 -47.23 23.20
CA GLY OA 40 14.04 -48.06 23.16
C GLY OA 40 14.37 -49.54 23.19
N CYS OA 41 15.43 -49.92 22.46
CA CYS OA 41 16.02 -51.26 22.63
C CYS OA 41 16.40 -51.52 24.07
N GLY OA 42 16.96 -50.50 24.75
CA GLY OA 42 17.28 -50.65 26.17
C GLY OA 42 16.05 -50.84 27.04
N ILE OA 43 14.97 -50.13 26.72
CA ILE OA 43 13.70 -50.28 27.45
C ILE OA 43 13.17 -51.69 27.34
N VAL OA 44 13.04 -52.19 26.11
CA VAL OA 44 12.44 -53.50 25.92
C VAL OA 44 13.41 -54.60 26.35
N LEU OA 45 14.72 -54.33 26.34
CA LEU OA 45 15.68 -55.31 26.84
C LEU OA 45 15.61 -55.42 28.35
N ASN OA 46 15.69 -54.29 29.04
CA ASN OA 46 15.64 -54.28 30.49
C ASN OA 46 14.26 -54.61 31.03
N PHE OA 47 13.22 -54.57 30.20
CA PHE OA 47 11.93 -55.06 30.64
C PHE OA 47 11.91 -56.57 30.78
N GLY OA 48 12.68 -57.27 29.96
CA GLY OA 48 12.70 -58.72 30.02
C GLY OA 48 12.77 -59.33 28.63
N GLY OA 49 12.75 -58.47 27.62
CA GLY OA 49 12.88 -58.94 26.25
C GLY OA 49 14.26 -59.48 25.99
N SER OA 50 14.34 -60.65 25.35
CA SER OA 50 15.63 -61.30 25.17
C SER OA 50 16.39 -60.67 24.01
N PHE OA 51 15.83 -60.72 22.80
CA PHE OA 51 16.55 -60.39 21.59
C PHE OA 51 15.82 -59.40 20.70
N LEU OA 52 14.50 -59.26 20.84
CA LEU OA 52 13.68 -58.58 19.85
C LEU OA 52 13.99 -57.09 19.78
N GLY OA 53 14.44 -56.51 20.89
CA GLY OA 53 14.88 -55.12 20.86
C GLY OA 53 16.17 -54.93 20.11
N LEU OA 54 17.12 -55.86 20.26
CA LEU OA 54 18.37 -55.75 19.52
C LEU OA 54 18.12 -56.02 18.04
N MET OA 55 17.14 -56.88 17.76
CA MET OA 55 16.69 -57.14 16.40
C MET OA 55 16.13 -55.88 15.73
N VAL OA 56 15.21 -55.20 16.42
CA VAL OA 56 14.60 -54.02 15.82
C VAL OA 56 15.59 -52.87 15.77
N PHE OA 57 16.54 -52.84 16.71
CA PHE OA 57 17.68 -51.92 16.66
C PHE OA 57 18.43 -52.06 15.34
N LEU OA 58 18.77 -53.31 14.98
CA LEU OA 58 19.46 -53.59 13.72
C LEU OA 58 18.64 -53.19 12.50
N ILE OA 59 17.39 -53.68 12.41
CA ILE OA 59 16.57 -53.50 11.22
C ILE OA 59 16.24 -52.03 11.00
N TYR OA 60 15.62 -51.43 12.01
CA TYR OA 60 15.19 -50.05 11.99
C TYR OA 60 16.37 -49.09 11.80
N LEU OA 61 17.53 -49.49 12.28
CA LEU OA 61 18.71 -48.65 12.15
C LEU OA 61 19.28 -48.70 10.74
N GLY OA 62 19.28 -49.88 10.09
CA GLY OA 62 19.64 -49.92 8.68
C GLY OA 62 18.68 -49.17 7.79
N GLY OA 63 17.39 -49.18 8.16
CA GLY OA 63 16.43 -48.30 7.50
C GLY OA 63 16.78 -46.83 7.64
N MET OA 64 17.22 -46.42 8.83
CA MET OA 64 17.65 -45.03 9.02
C MET OA 64 18.90 -44.71 8.20
N MET OA 65 19.77 -45.69 7.97
CA MET OA 65 20.92 -45.46 7.09
C MET OA 65 20.49 -45.16 5.66
N VAL OA 66 19.48 -45.89 5.17
CA VAL OA 66 18.93 -45.61 3.85
C VAL OA 66 18.26 -44.23 3.81
N VAL OA 67 17.58 -43.85 4.90
CA VAL OA 67 16.95 -42.53 4.97
C VAL OA 67 18.00 -41.42 4.96
N PHE OA 68 19.15 -41.66 5.60
CA PHE OA 68 20.26 -40.71 5.51
C PHE OA 68 20.76 -40.57 4.09
N GLY OA 69 20.92 -41.70 3.39
CA GLY OA 69 21.39 -41.67 2.02
C GLY OA 69 20.49 -40.85 1.11
N TYR OA 70 19.18 -40.99 1.29
CA TYR OA 70 18.29 -40.18 0.46
C TYR OA 70 18.21 -38.71 0.91
N THR OA 71 18.30 -38.42 2.21
CA THR OA 71 18.23 -37.02 2.61
C THR OA 71 19.53 -36.28 2.31
N THR OA 72 20.61 -37.01 2.05
CA THR OA 72 21.81 -36.35 1.55
C THR OA 72 21.75 -36.20 0.03
N ALA OA 73 21.17 -37.20 -0.65
CA ALA OA 73 21.15 -37.17 -2.10
C ALA OA 73 20.19 -36.12 -2.65
N MET OA 74 19.02 -35.97 -2.04
CA MET OA 74 17.93 -35.31 -2.76
C MET OA 74 17.90 -33.79 -2.58
N ALA OA 75 17.69 -33.30 -1.36
CA ALA OA 75 17.49 -31.87 -1.19
C ALA OA 75 17.81 -31.44 0.23
N THR OA 76 18.75 -30.50 0.34
CA THR OA 76 19.05 -29.80 1.57
C THR OA 76 19.04 -28.30 1.28
N GLU OA 77 19.04 -27.50 2.34
CA GLU OA 77 19.01 -26.05 2.19
C GLU OA 77 20.42 -25.51 1.94
N GLN OA 78 20.51 -24.18 1.77
CA GLN OA 78 21.82 -23.56 1.67
C GLN OA 78 22.57 -23.62 3.00
N TYR OA 79 21.84 -23.49 4.10
CA TYR OA 79 22.38 -23.79 5.42
C TYR OA 79 21.33 -24.60 6.17
N PRO OA 80 21.64 -25.81 6.59
CA PRO OA 80 20.65 -26.62 7.30
C PRO OA 80 20.56 -26.18 8.75
N GLU OA 81 19.34 -26.18 9.27
CA GLU OA 81 19.09 -25.70 10.62
C GLU OA 81 19.08 -26.85 11.61
N VAL OA 82 19.37 -26.50 12.86
CA VAL OA 82 19.52 -27.46 13.95
C VAL OA 82 18.31 -27.15 14.83
N TRP OA 83 18.16 -27.83 15.97
CA TRP OA 83 17.07 -27.57 16.89
C TRP OA 83 17.06 -26.12 17.35
N VAL OA 84 18.15 -25.66 17.96
CA VAL OA 84 18.19 -24.28 18.42
C VAL OA 84 18.76 -23.37 17.33
N SER OA 85 17.97 -23.14 16.28
CA SER OA 85 18.26 -22.11 15.30
C SER OA 85 17.07 -21.19 15.07
N ASN OA 86 15.91 -21.79 14.85
CA ASN OA 86 14.72 -21.12 14.35
C ASN OA 86 13.83 -20.72 15.52
N LYS OA 87 12.84 -19.86 15.22
CA LYS OA 87 11.77 -19.60 16.18
C LYS OA 87 10.96 -20.85 16.45
N VAL OA 88 10.38 -21.41 15.39
CA VAL OA 88 9.36 -22.45 15.53
C VAL OA 88 9.98 -23.77 15.99
N VAL OA 89 11.19 -24.07 15.50
CA VAL OA 89 11.85 -25.34 15.83
C VAL OA 89 12.25 -25.36 17.31
N LEU OA 90 12.88 -24.28 17.78
CA LEU OA 90 13.21 -24.13 19.19
C LEU OA 90 11.96 -24.11 20.06
N GLY OA 91 10.89 -23.46 19.58
CA GLY OA 91 9.66 -23.40 20.36
C GLY OA 91 9.00 -24.76 20.54
N THR OA 92 8.91 -25.54 19.46
CA THR OA 92 8.31 -26.86 19.55
C THR OA 92 9.18 -27.82 20.36
N PHE OA 93 10.51 -27.73 20.22
CA PHE OA 93 11.40 -28.60 20.97
C PHE OA 93 11.31 -28.31 22.47
N ILE OA 94 11.34 -27.02 22.84
CA ILE OA 94 11.31 -26.69 24.26
C ILE OA 94 9.93 -26.92 24.85
N THR OA 95 8.85 -26.75 24.08
CA THR OA 95 7.54 -27.05 24.66
C THR OA 95 7.27 -28.55 24.75
N GLY OA 96 7.83 -29.36 23.85
CA GLY OA 96 7.80 -30.80 24.07
C GLY OA 96 8.57 -31.20 25.31
N LEU OA 97 9.75 -30.60 25.50
CA LEU OA 97 10.53 -30.79 26.72
C LEU OA 97 9.75 -30.35 27.97
N LEU OA 98 8.96 -29.29 27.83
CA LEU OA 98 8.17 -28.78 28.95
C LEU OA 98 7.03 -29.73 29.27
N MET OA 99 6.41 -30.33 28.25
CA MET OA 99 5.40 -31.35 28.48
C MET OA 99 5.98 -32.57 29.20
N GLU OA 100 7.21 -32.94 28.82
CA GLU OA 100 7.90 -34.05 29.47
C GLU OA 100 8.16 -33.77 30.95
N PHE OA 101 8.81 -32.64 31.24
CA PHE OA 101 9.10 -32.27 32.62
C PHE OA 101 7.84 -32.00 33.41
N LEU OA 102 6.76 -31.55 32.76
CA LEU OA 102 5.52 -31.26 33.45
C LEU OA 102 4.80 -32.54 33.84
N MET OA 103 4.86 -33.56 32.99
CA MET OA 103 4.28 -34.85 33.37
C MET OA 103 5.13 -35.56 34.41
N VAL OA 104 6.45 -35.40 34.38
CA VAL OA 104 7.30 -35.91 35.45
C VAL OA 104 6.96 -35.25 36.78
N TYR OA 105 6.73 -33.93 36.75
CA TYR OA 105 6.33 -33.17 37.94
C TYR OA 105 4.99 -33.65 38.48
N TYR OA 106 3.96 -33.67 37.63
CA TYR OA 106 2.62 -34.09 38.03
C TYR OA 106 2.47 -35.60 38.21
N VAL OA 107 3.50 -36.41 38.01
CA VAL OA 107 3.47 -37.79 38.51
C VAL OA 107 4.24 -37.91 39.81
N LEU OA 108 5.45 -37.34 39.88
CA LEU OA 108 6.31 -37.54 41.03
C LEU OA 108 5.80 -36.81 42.28
N LYS OA 109 5.06 -35.73 42.12
CA LYS OA 109 4.50 -35.04 43.27
C LYS OA 109 3.01 -35.33 43.46
N ASP OA 110 2.45 -36.28 42.71
CA ASP OA 110 1.02 -36.55 42.80
C ASP OA 110 0.74 -38.03 42.97
N LYS OA 111 -0.53 -38.40 42.83
CA LYS OA 111 -0.97 -39.80 42.84
C LYS OA 111 -1.13 -40.35 41.42
N GLU OA 112 -1.96 -39.69 40.61
CA GLU OA 112 -2.31 -40.22 39.30
C GLU OA 112 -2.70 -39.07 38.37
N VAL OA 113 -2.58 -39.34 37.07
CA VAL OA 113 -2.94 -38.40 36.01
C VAL OA 113 -3.96 -39.09 35.11
N GLU OA 114 -5.03 -38.39 34.79
CA GLU OA 114 -6.13 -39.02 34.05
C GLU OA 114 -6.46 -38.27 32.77
N ILE OA 115 -5.44 -37.98 31.95
CA ILE OA 115 -5.67 -37.24 30.71
C ILE OA 115 -6.47 -38.06 29.70
N VAL OA 116 -6.15 -39.35 29.55
CA VAL OA 116 -6.95 -40.22 28.70
C VAL OA 116 -7.28 -41.51 29.47
N PHE OA 117 -6.43 -41.86 30.44
CA PHE OA 117 -6.65 -43.04 31.27
C PHE OA 117 -6.06 -42.78 32.64
N LYS OA 118 -6.51 -43.57 33.61
CA LYS OA 118 -5.99 -43.49 34.97
C LYS OA 118 -4.60 -44.11 35.01
N PHE OA 119 -3.56 -43.28 34.86
CA PHE OA 119 -2.20 -43.78 34.88
C PHE OA 119 -1.68 -43.85 36.31
N ASN OA 120 -1.19 -45.02 36.70
CA ASN OA 120 -0.71 -45.25 38.05
C ASN OA 120 0.76 -44.87 38.13
N GLY OA 121 1.08 -43.94 39.02
CA GLY OA 121 2.45 -43.48 39.11
C GLY OA 121 3.30 -44.24 40.10
N MET OA 122 4.00 -45.25 39.60
CA MET OA 122 5.07 -46.02 40.23
C MET OA 122 5.63 -46.94 39.16
N GLY OA 123 6.92 -47.25 39.30
CA GLY OA 123 7.62 -47.97 38.24
C GLY OA 123 7.15 -49.40 38.09
N ASP OA 124 7.40 -49.96 36.91
CA ASP OA 124 6.80 -51.22 36.52
C ASP OA 124 7.69 -52.41 36.86
N TRP OA 125 8.01 -52.54 38.14
CA TRP OA 125 8.27 -53.86 38.68
C TRP OA 125 6.98 -54.48 39.16
N VAL OA 126 5.89 -53.72 39.08
CA VAL OA 126 4.53 -54.22 39.20
C VAL OA 126 3.75 -53.73 37.98
N ILE OA 127 2.97 -54.63 37.36
CA ILE OA 127 2.90 -56.03 37.70
C ILE OA 127 3.89 -56.77 36.83
N TYR OA 128 4.31 -57.95 37.27
CA TYR OA 128 5.52 -58.56 36.73
C TYR OA 128 5.50 -60.05 37.07
N ASP OA 129 6.35 -60.82 36.36
CA ASP OA 129 6.43 -62.26 36.51
C ASP OA 129 6.92 -62.66 37.89
N THR OA 130 6.21 -63.59 38.52
CA THR OA 130 6.58 -64.10 39.84
C THR OA 130 7.48 -65.34 39.76
N GLY OA 131 8.52 -65.24 38.94
CA GLY OA 131 9.52 -66.29 38.81
C GLY OA 131 8.99 -67.62 38.31
N ASP OA 132 8.51 -67.66 37.07
CA ASP OA 132 8.04 -68.90 36.48
C ASP OA 132 9.22 -69.80 36.13
N SER OA 133 9.13 -71.06 36.55
CA SER OA 133 10.18 -72.05 36.29
C SER OA 133 10.03 -72.58 34.86
N GLY OA 134 10.20 -71.69 33.90
CA GLY OA 134 9.89 -72.00 32.52
C GLY OA 134 10.89 -72.88 31.81
N PHE OA 135 12.08 -72.31 31.52
CA PHE OA 135 13.21 -72.84 30.75
C PHE OA 135 12.88 -72.95 29.25
N PHE OA 136 11.64 -72.72 28.84
CA PHE OA 136 11.29 -72.66 27.43
C PHE OA 136 11.47 -71.25 26.85
N SER OA 137 11.58 -70.23 27.71
CA SER OA 137 12.06 -68.90 27.35
C SER OA 137 11.23 -68.19 26.28
N GLU OA 138 10.05 -67.69 26.69
CA GLU OA 138 8.90 -67.30 25.88
C GLU OA 138 9.16 -66.65 24.52
N GLU OA 139 10.13 -65.75 24.41
CA GLU OA 139 10.36 -65.10 23.12
C GLU OA 139 11.01 -66.04 22.11
N ALA OA 140 11.80 -67.00 22.59
CA ALA OA 140 12.41 -67.97 21.69
C ALA OA 140 11.37 -68.85 21.04
N MET OA 141 10.44 -69.41 21.83
CA MET OA 141 9.38 -70.21 21.24
C MET OA 141 8.38 -69.36 20.48
N GLY OA 142 8.23 -68.10 20.91
CA GLY OA 142 7.35 -67.18 20.21
C GLY OA 142 7.81 -66.92 18.79
N ILE OA 143 9.10 -66.66 18.60
CA ILE OA 143 9.57 -66.51 17.23
C ILE OA 143 9.89 -67.86 16.61
N ALA OA 144 9.82 -68.95 17.38
CA ALA OA 144 9.76 -70.29 16.81
C ALA OA 144 8.38 -70.63 16.27
N ALA OA 145 7.40 -69.74 16.48
CA ALA OA 145 6.26 -69.72 15.58
C ALA OA 145 6.63 -69.03 14.27
N LEU OA 146 5.63 -68.70 13.45
CA LEU OA 146 5.67 -68.28 12.04
C LEU OA 146 6.12 -69.39 11.10
N TYR OA 147 6.51 -70.53 11.61
CA TYR OA 147 7.11 -71.63 10.86
C TYR OA 147 6.40 -72.96 11.12
N SER OA 148 6.00 -73.22 12.37
CA SER OA 148 5.24 -74.41 12.69
C SER OA 148 3.75 -74.16 12.49
N TYR OA 149 3.23 -73.17 13.20
CA TYR OA 149 1.83 -72.80 13.08
C TYR OA 149 1.60 -71.73 12.02
N GLY OA 150 2.59 -70.88 11.77
CA GLY OA 150 2.44 -69.75 10.89
C GLY OA 150 2.53 -70.07 9.42
N THR OA 151 1.48 -70.64 8.86
CA THR OA 151 1.50 -71.09 7.47
C THR OA 151 1.21 -69.95 6.50
N TRP OA 152 -0.01 -69.41 6.56
CA TRP OA 152 -0.49 -68.39 5.63
C TRP OA 152 0.21 -67.06 5.79
N LEU OA 153 0.74 -66.82 6.99
CA LEU OA 153 1.19 -65.49 7.38
C LEU OA 153 2.49 -65.13 6.69
N VAL OA 154 3.45 -66.05 6.70
CA VAL OA 154 4.71 -65.80 6.00
C VAL OA 154 4.51 -65.84 4.49
N ILE OA 155 3.49 -66.56 4.02
CA ILE OA 155 3.14 -66.55 2.60
C ILE OA 155 2.76 -65.15 2.16
N VAL OA 156 1.81 -64.52 2.87
CA VAL OA 156 1.37 -63.21 2.41
C VAL OA 156 2.41 -62.14 2.73
N THR OA 157 3.25 -62.34 3.75
CA THR OA 157 4.29 -61.35 4.04
C THR OA 157 5.38 -61.35 2.97
N GLY OA 158 5.92 -62.54 2.66
CA GLY OA 158 6.89 -62.63 1.58
C GLY OA 158 6.33 -62.24 0.23
N TRP OA 159 5.05 -62.54 -0.01
CA TRP OA 159 4.42 -62.12 -1.25
C TRP OA 159 4.30 -60.61 -1.32
N SER OA 160 4.00 -59.97 -0.20
CA SER OA 160 4.01 -58.51 -0.13
C SER OA 160 5.40 -57.95 -0.39
N LEU OA 161 6.44 -58.63 0.07
CA LEU OA 161 7.79 -58.11 -0.16
C LEU OA 161 8.23 -58.28 -1.62
N LEU OA 162 7.85 -59.40 -2.23
CA LEU OA 162 8.12 -59.61 -3.66
C LEU OA 162 7.40 -58.58 -4.51
N ILE OA 163 6.13 -58.31 -4.18
CA ILE OA 163 5.39 -57.26 -4.86
C ILE OA 163 6.01 -55.91 -4.60
N GLY OA 164 6.54 -55.69 -3.40
CA GLY OA 164 7.26 -54.46 -3.12
C GLY OA 164 8.47 -54.26 -4.00
N VAL OA 165 9.22 -55.33 -4.24
CA VAL OA 165 10.41 -55.26 -5.09
C VAL OA 165 10.03 -54.91 -6.53
N VAL OA 166 9.04 -55.64 -7.09
CA VAL OA 166 8.64 -55.35 -8.47
C VAL OA 166 7.98 -53.96 -8.58
N VAL OA 167 7.34 -53.50 -7.50
CA VAL OA 167 6.72 -52.19 -7.51
C VAL OA 167 7.77 -51.07 -7.52
N ILE OA 168 8.82 -51.20 -6.71
CA ILE OA 168 9.87 -50.18 -6.69
C ILE OA 168 10.58 -50.13 -8.02
N MET OA 169 10.87 -51.30 -8.60
CA MET OA 169 11.56 -51.34 -9.88
C MET OA 169 10.70 -50.74 -10.99
N GLU OA 170 9.38 -50.98 -10.96
CA GLU OA 170 8.55 -50.42 -12.04
C GLU OA 170 8.20 -48.95 -11.82
N ILE OA 171 8.22 -48.46 -10.58
CA ILE OA 171 8.03 -47.02 -10.38
C ILE OA 171 9.23 -46.25 -10.89
N THR OA 172 10.45 -46.73 -10.59
CA THR OA 172 11.60 -46.06 -11.19
C THR OA 172 11.73 -46.35 -12.68
N ARG OA 173 11.14 -47.45 -13.16
CA ARG OA 173 11.19 -47.82 -14.56
C ARG OA 173 10.16 -47.05 -15.39
N GLY OA 174 9.11 -46.51 -14.76
CA GLY OA 174 7.96 -45.92 -15.43
C GLY OA 174 8.25 -44.69 -16.31
N ASN OA 175 9.49 -44.21 -16.32
CA ASN OA 175 9.91 -43.18 -17.27
C ASN OA 175 9.83 -43.75 -18.69
N MET PA 1 -1.54 -50.19 35.60
CA MET PA 1 -1.62 -49.44 34.36
C MET PA 1 -0.23 -49.40 33.70
N SER PA 2 0.80 -49.71 34.50
CA SER PA 2 2.18 -49.87 34.04
C SER PA 2 2.72 -48.61 33.37
N LEU PA 3 3.05 -47.61 34.19
CA LEU PA 3 3.33 -46.20 33.88
C LEU PA 3 4.12 -45.90 32.61
N VAL PA 4 4.97 -46.83 32.15
CA VAL PA 4 5.73 -46.66 30.92
C VAL PA 4 4.80 -46.53 29.70
N TYR PA 5 3.58 -47.10 29.79
CA TYR PA 5 2.59 -46.99 28.74
C TYR PA 5 2.17 -45.56 28.50
N MET PA 6 2.20 -44.73 29.56
CA MET PA 6 1.85 -43.32 29.42
C MET PA 6 2.86 -42.58 28.55
N ASN PA 7 4.15 -42.79 28.81
CA ASN PA 7 5.15 -42.09 28.02
C ASN PA 7 5.20 -42.61 26.59
N ILE PA 8 4.89 -43.89 26.38
CA ILE PA 8 4.92 -44.39 25.01
C ILE PA 8 3.71 -43.89 24.22
N MET PA 9 2.54 -43.78 24.87
CA MET PA 9 1.41 -43.15 24.20
C MET PA 9 1.65 -41.66 23.96
N MET PA 10 2.37 -41.00 24.88
CA MET PA 10 2.77 -39.61 24.68
C MET PA 10 3.68 -39.47 23.47
N ALA PA 11 4.64 -40.39 23.32
CA ALA PA 11 5.53 -40.37 22.17
C ALA PA 11 4.78 -40.64 20.88
N PHE PA 12 3.77 -41.51 20.92
CA PHE PA 12 2.91 -41.72 19.74
C PHE PA 12 2.19 -40.44 19.35
N THR PA 13 1.57 -39.75 20.31
CA THR PA 13 0.81 -38.56 19.98
C THR PA 13 1.70 -37.44 19.48
N VAL PA 14 2.90 -37.31 20.04
CA VAL PA 14 3.83 -36.29 19.56
C VAL PA 14 4.32 -36.64 18.16
N SER PA 15 4.61 -37.92 17.89
CA SER PA 15 5.00 -38.33 16.55
C SER PA 15 3.89 -38.16 15.54
N LEU PA 16 2.63 -38.32 15.98
CA LEU PA 16 1.51 -38.06 15.09
C LEU PA 16 1.37 -36.59 14.76
N THR PA 17 1.50 -35.71 15.77
CA THR PA 17 1.43 -34.27 15.50
C THR PA 17 2.61 -33.81 14.65
N GLY PA 18 3.77 -34.44 14.82
CA GLY PA 18 4.90 -34.14 13.95
C GLY PA 18 4.67 -34.63 12.53
N LEU PA 19 3.99 -35.76 12.37
CA LEU PA 19 3.60 -36.21 11.04
C LEU PA 19 2.63 -35.24 10.39
N LEU PA 20 1.73 -34.67 11.17
CA LEU PA 20 0.71 -33.80 10.59
C LEU PA 20 1.27 -32.41 10.26
N MET PA 21 1.77 -31.67 11.24
CA MET PA 21 2.34 -30.37 10.91
C MET PA 21 3.79 -30.54 10.48
N TYR PA 22 4.12 -30.00 9.30
CA TYR PA 22 5.49 -30.09 8.79
C TYR PA 22 5.77 -28.96 7.82
N ARG PA 23 7.03 -28.51 7.82
CA ARG PA 23 7.38 -27.25 7.17
C ARG PA 23 7.59 -27.39 5.68
N SER PA 24 8.64 -28.09 5.26
CA SER PA 24 8.94 -28.20 3.83
C SER PA 24 9.40 -29.57 3.35
N HIS PA 25 9.91 -30.45 4.21
CA HIS PA 25 10.56 -31.67 3.77
C HIS PA 25 9.63 -32.86 3.90
N LEU PA 26 9.35 -33.51 2.76
CA LEU PA 26 8.62 -34.77 2.76
C LEU PA 26 9.46 -35.91 3.31
N MET PA 27 10.79 -35.76 3.23
CA MET PA 27 11.73 -36.65 3.91
C MET PA 27 11.45 -36.71 5.39
N SER PA 28 11.21 -35.56 6.01
CA SER PA 28 10.89 -35.52 7.42
C SER PA 28 9.53 -36.17 7.70
N SER PA 29 8.60 -36.10 6.75
CA SER PA 29 7.31 -36.76 6.93
C SER PA 29 7.45 -38.27 6.93
N LEU PA 30 8.26 -38.80 6.00
CA LEU PA 30 8.54 -40.23 6.02
C LEU PA 30 9.30 -40.63 7.28
N LEU PA 31 10.17 -39.74 7.76
CA LEU PA 31 10.91 -39.99 8.98
C LEU PA 31 10.01 -40.07 10.21
N CYS PA 32 9.01 -39.18 10.29
CA CYS PA 32 8.05 -39.29 11.39
C CYS PA 32 7.12 -40.49 11.23
N LEU PA 33 6.88 -40.94 9.99
CA LEU PA 33 6.14 -42.19 9.81
C LEU PA 33 6.94 -43.37 10.36
N GLU PA 34 8.25 -43.36 10.14
CA GLU PA 34 9.13 -44.38 10.70
C GLU PA 34 9.13 -44.33 12.22
N GLY PA 35 9.12 -43.13 12.79
CA GLY PA 35 9.07 -43.01 14.24
C GLY PA 35 7.77 -43.51 14.84
N MET PA 36 6.66 -43.23 14.16
CA MET PA 36 5.37 -43.72 14.61
C MET PA 36 5.28 -45.25 14.54
N MET PA 37 5.92 -45.84 13.51
CA MET PA 37 6.14 -47.28 13.45
C MET PA 37 6.84 -47.80 14.70
N LEU PA 38 7.94 -47.14 15.08
CA LEU PA 38 8.70 -47.54 16.26
C LEU PA 38 7.87 -47.44 17.54
N SER PA 39 7.03 -46.41 17.64
CA SER PA 39 6.21 -46.21 18.82
C SER PA 39 5.18 -47.33 18.98
N LEU PA 40 4.47 -47.66 17.89
CA LEU PA 40 3.52 -48.76 17.93
C LEU PA 40 4.20 -50.10 18.19
N PHE PA 41 5.41 -50.26 17.64
CA PHE PA 41 6.23 -51.45 17.88
C PHE PA 41 6.49 -51.65 19.37
N ILE PA 42 7.05 -50.63 20.03
CA ILE PA 42 7.48 -50.77 21.41
C ILE PA 42 6.27 -50.93 22.33
N LEU PA 43 5.15 -50.25 22.02
CA LEU PA 43 3.97 -50.40 22.86
C LEU PA 43 3.37 -51.80 22.74
N ALA PA 44 3.27 -52.32 21.51
CA ALA PA 44 2.71 -53.66 21.32
C ALA PA 44 3.61 -54.74 21.92
N THR PA 45 4.93 -54.54 21.84
CA THR PA 45 5.85 -55.52 22.39
C THR PA 45 5.79 -55.55 23.92
N LEU PA 46 5.71 -54.38 24.55
CA LEU PA 46 5.58 -54.36 26.01
C LEU PA 46 4.24 -54.89 26.47
N MET PA 47 3.19 -54.72 25.64
CA MET PA 47 1.91 -55.40 25.88
C MET PA 47 2.06 -56.91 25.91
N ILE PA 48 2.69 -57.46 24.86
CA ILE PA 48 2.81 -58.91 24.73
C ILE PA 48 3.68 -59.48 25.84
N LEU PA 49 4.68 -58.73 26.29
CA LEU PA 49 5.51 -59.23 27.37
C LEU PA 49 4.87 -59.07 28.74
N ASN PA 50 3.97 -58.10 28.93
CA ASN PA 50 3.20 -58.10 30.17
C ASN PA 50 2.21 -59.25 30.20
N SER PA 51 1.65 -59.59 29.05
CA SER PA 51 0.60 -60.61 29.06
C SER PA 51 1.13 -62.03 29.11
N HIS PA 52 2.44 -62.23 28.84
CA HIS PA 52 3.05 -63.55 28.60
C HIS PA 52 2.33 -64.31 27.49
N PHE PA 53 1.78 -63.58 26.53
CA PHE PA 53 0.94 -64.16 25.48
C PHE PA 53 1.82 -64.46 24.27
N THR PA 54 2.77 -65.34 24.51
CA THR PA 54 3.91 -65.50 23.62
C THR PA 54 3.63 -66.38 22.43
N LEU PA 55 2.43 -66.94 22.32
CA LEU PA 55 2.03 -67.53 21.04
C LEU PA 55 1.96 -66.47 19.96
N ALA PA 56 1.36 -65.32 20.28
CA ALA PA 56 1.27 -64.21 19.35
C ALA PA 56 2.31 -63.14 19.70
N SER PA 57 3.55 -63.42 19.35
CA SER PA 57 4.56 -62.37 19.24
C SER PA 57 4.82 -62.05 17.76
N MET PA 58 3.77 -62.11 16.96
CA MET PA 58 3.85 -61.85 15.53
C MET PA 58 3.71 -60.37 15.21
N MET PA 59 2.98 -59.66 16.09
CA MET PA 59 2.84 -58.21 16.02
C MET PA 59 4.15 -57.45 15.78
N PRO PA 60 5.26 -57.65 16.58
CA PRO PA 60 6.45 -56.82 16.34
C PRO PA 60 7.10 -57.03 14.98
N ILE PA 61 7.47 -58.28 14.70
CA ILE PA 61 8.23 -58.59 13.48
C ILE PA 61 7.41 -58.28 12.24
N ILE PA 62 6.12 -58.58 12.26
CA ILE PA 62 5.34 -58.45 11.05
C ILE PA 62 4.87 -57.02 10.84
N LEU PA 63 4.47 -56.34 11.92
CA LEU PA 63 4.15 -54.92 11.87
C LEU PA 63 5.32 -54.10 11.34
N LEU PA 64 6.54 -54.38 11.81
CA LEU PA 64 7.62 -53.51 11.36
C LEU PA 64 8.17 -53.93 10.00
N VAL PA 65 8.07 -55.21 9.60
CA VAL PA 65 8.50 -55.52 8.24
C VAL PA 65 7.54 -54.90 7.21
N PHE PA 66 6.25 -54.91 7.51
CA PHE PA 66 5.29 -54.29 6.61
C PHE PA 66 5.43 -52.78 6.59
N ALA PA 67 5.48 -52.14 7.76
CA ALA PA 67 5.57 -50.68 7.76
C ALA PA 67 6.93 -50.21 7.24
N ALA PA 68 7.97 -51.02 7.33
CA ALA PA 68 9.24 -50.65 6.72
C ALA PA 68 9.21 -50.78 5.20
N CYS PA 69 8.46 -51.75 4.66
CA CYS PA 69 8.35 -51.76 3.19
C CYS PA 69 7.45 -50.63 2.70
N GLU PA 70 6.49 -50.20 3.53
CA GLU PA 70 5.77 -48.94 3.26
C GLU PA 70 6.73 -47.76 3.19
N ALA PA 71 7.65 -47.66 4.15
CA ALA PA 71 8.62 -46.58 4.15
C ALA PA 71 9.55 -46.64 2.93
N ALA PA 72 9.89 -47.85 2.50
CA ALA PA 72 10.67 -48.01 1.28
C ALA PA 72 9.91 -47.52 0.04
N LEU PA 73 8.61 -47.83 -0.03
CA LEU PA 73 7.77 -47.31 -1.11
C LEU PA 73 7.73 -45.79 -1.11
N GLY PA 74 7.60 -45.21 0.08
CA GLY PA 74 7.61 -43.76 0.18
C GLY PA 74 8.94 -43.16 -0.24
N LEU PA 75 10.04 -43.85 0.07
CA LEU PA 75 11.36 -43.34 -0.32
C LEU PA 75 11.53 -43.37 -1.83
N SER PA 76 11.02 -44.42 -2.49
CA SER PA 76 11.07 -44.44 -3.95
C SER PA 76 10.19 -43.37 -4.57
N LEU PA 77 9.04 -43.10 -3.94
CA LEU PA 77 8.20 -42.00 -4.40
C LEU PA 77 8.90 -40.67 -4.26
N LEU PA 78 9.66 -40.49 -3.18
CA LEU PA 78 10.40 -39.25 -3.01
C LEU PA 78 11.55 -39.15 -4.01
N VAL PA 79 12.13 -40.29 -4.39
CA VAL PA 79 13.10 -40.32 -5.48
C VAL PA 79 12.47 -39.82 -6.77
N MET PA 80 11.26 -40.30 -7.07
CA MET PA 80 10.59 -39.89 -8.30
C MET PA 80 10.20 -38.40 -8.27
N VAL PA 81 9.75 -37.91 -7.12
CA VAL PA 81 9.37 -36.51 -6.98
C VAL PA 81 10.57 -35.60 -7.16
N SER PA 82 11.68 -35.94 -6.51
CA SER PA 82 12.90 -35.15 -6.67
C SER PA 82 13.53 -35.34 -8.04
N ASN PA 83 13.16 -36.41 -8.76
CA ASN PA 83 13.62 -36.55 -10.14
C ASN PA 83 12.86 -35.58 -11.04
N THR PA 84 11.54 -35.55 -10.95
CA THR PA 84 10.76 -34.72 -11.86
C THR PA 84 10.67 -33.26 -11.42
N TYR PA 85 11.35 -32.88 -10.36
CA TYR PA 85 11.51 -31.48 -9.98
C TYR PA 85 12.95 -31.25 -9.59
N GLY PA 86 13.22 -30.10 -9.00
CA GLY PA 86 14.56 -29.84 -8.50
C GLY PA 86 14.73 -30.40 -7.10
N THR PA 87 13.79 -30.07 -6.23
CA THR PA 87 13.84 -30.50 -4.83
C THR PA 87 12.58 -31.28 -4.49
N ASP PA 88 12.35 -31.51 -3.21
CA ASP PA 88 11.17 -32.24 -2.74
C ASP PA 88 10.37 -31.38 -1.77
N TYR PA 89 10.22 -30.10 -2.08
CA TYR PA 89 9.56 -29.19 -1.17
C TYR PA 89 8.04 -29.40 -1.22
N VAL PA 90 7.37 -28.92 -0.17
CA VAL PA 90 5.92 -28.87 -0.18
C VAL PA 90 5.45 -27.84 -1.19
N GLN PA 91 6.16 -26.74 -1.28
CA GLN PA 91 6.01 -25.85 -2.41
C GLN PA 91 6.56 -26.52 -3.67
N ASN PA 92 6.10 -26.03 -4.82
CA ASN PA 92 6.21 -26.71 -6.13
C ASN PA 92 5.58 -28.10 -6.10
N LEU PA 93 4.53 -28.25 -5.29
CA LEU PA 93 3.55 -29.32 -5.43
C LEU PA 93 2.16 -28.76 -5.62
N ASN PA 94 2.02 -27.44 -5.59
CA ASN PA 94 0.73 -26.76 -5.66
C ASN PA 94 0.11 -26.81 -7.05
N LEU PA 95 0.82 -27.31 -8.06
CA LEU PA 95 0.18 -27.65 -9.31
C LEU PA 95 -0.65 -28.92 -9.13
N LEU PA 96 -1.38 -29.28 -10.19
CA LEU PA 96 -2.64 -30.02 -10.09
C LEU PA 96 -3.55 -29.30 -9.09
N GLN PA 97 -3.94 -28.10 -9.49
CA GLN PA 97 -4.73 -27.24 -8.64
C GLN PA 97 -6.15 -27.77 -8.54
N CYS PA 98 -6.66 -27.83 -7.33
CA CYS PA 98 -7.99 -28.38 -7.04
C CYS PA 98 -9.10 -27.57 -7.69
N MET QA 1 -105.72 -29.66 -19.77
CA MET QA 1 -105.64 -30.35 -21.04
C MET QA 1 -104.21 -30.34 -21.54
N ASN QA 2 -103.79 -31.43 -22.19
CA ASN QA 2 -102.44 -31.51 -22.72
C ASN QA 2 -102.24 -30.67 -23.99
N LEU QA 3 -103.33 -30.16 -24.57
CA LEU QA 3 -103.26 -29.30 -25.74
C LEU QA 3 -102.47 -28.03 -25.45
N PHE QA 4 -102.74 -27.43 -24.29
CA PHE QA 4 -102.12 -26.19 -23.86
C PHE QA 4 -100.60 -26.35 -23.74
N SER QA 5 -100.18 -27.39 -23.03
CA SER QA 5 -98.77 -27.72 -22.89
C SER QA 5 -98.12 -28.06 -24.22
N SER QA 6 -98.85 -28.78 -25.09
CA SER QA 6 -98.31 -29.21 -26.37
C SER QA 6 -98.07 -28.02 -27.29
N LEU QA 7 -98.99 -27.06 -27.30
CA LEU QA 7 -98.78 -25.90 -28.16
C LEU QA 7 -97.71 -24.96 -27.61
N THR QA 8 -97.57 -24.86 -26.28
CA THR QA 8 -96.45 -24.08 -25.75
C THR QA 8 -95.11 -24.71 -26.09
N LEU QA 9 -95.05 -26.04 -26.05
CA LEU QA 9 -93.82 -26.72 -26.41
C LEU QA 9 -93.53 -26.64 -27.90
N VAL QA 10 -94.55 -26.57 -28.75
CA VAL QA 10 -94.20 -26.42 -30.16
C VAL QA 10 -93.82 -24.98 -30.47
N THR QA 11 -94.33 -24.01 -29.71
CA THR QA 11 -93.81 -22.65 -29.87
C THR QA 11 -92.39 -22.51 -29.37
N LEU QA 12 -91.95 -23.37 -28.45
CA LEU QA 12 -90.52 -23.42 -28.16
C LEU QA 12 -89.76 -24.15 -29.25
N ILE QA 13 -90.31 -25.25 -29.78
CA ILE QA 13 -89.50 -26.14 -30.62
C ILE QA 13 -89.40 -25.65 -32.05
N LEU QA 14 -90.29 -24.73 -32.49
CA LEU QA 14 -90.14 -24.14 -33.81
C LEU QA 14 -88.90 -23.29 -33.95
N LEU QA 15 -88.35 -22.82 -32.84
CA LEU QA 15 -87.14 -22.01 -32.86
C LEU QA 15 -85.89 -22.86 -32.79
N THR QA 16 -85.82 -23.91 -33.59
CA THR QA 16 -84.57 -24.67 -33.70
C THR QA 16 -84.20 -25.02 -35.14
N MET QA 17 -85.18 -25.26 -36.00
CA MET QA 17 -84.91 -25.83 -37.33
C MET QA 17 -84.10 -24.93 -38.28
N PRO QA 18 -84.23 -23.59 -38.31
CA PRO QA 18 -83.30 -22.81 -39.16
C PRO QA 18 -81.82 -22.94 -38.79
N ILE QA 19 -81.50 -23.05 -37.50
CA ILE QA 19 -80.10 -23.07 -37.07
C ILE QA 19 -79.43 -24.38 -37.47
N ALA QA 20 -80.05 -25.51 -37.10
CA ALA QA 20 -79.53 -26.81 -37.51
C ALA QA 20 -79.66 -26.99 -39.02
N ALA QA 21 -80.60 -26.28 -39.65
CA ALA QA 21 -80.76 -26.32 -41.10
C ALA QA 21 -79.54 -25.72 -41.79
N ILE QA 22 -79.12 -24.53 -41.37
CA ILE QA 22 -77.95 -23.95 -42.03
C ILE QA 22 -76.67 -24.64 -41.59
N ASN QA 23 -76.64 -25.22 -40.39
CA ASN QA 23 -75.46 -25.97 -39.99
C ASN QA 23 -75.34 -27.31 -40.71
N PHE QA 24 -76.44 -27.84 -41.25
CA PHE QA 24 -76.42 -29.10 -41.97
C PHE QA 24 -76.76 -28.92 -43.44
N ASN QA 25 -76.51 -27.72 -43.99
CA ASN QA 25 -77.11 -27.37 -45.28
C ASN QA 25 -76.30 -27.94 -46.45
N THR QA 26 -75.08 -27.42 -46.65
CA THR QA 26 -74.08 -27.76 -47.67
C THR QA 26 -74.53 -27.40 -49.10
N HIS QA 27 -75.79 -26.99 -49.30
CA HIS QA 27 -76.29 -26.48 -50.56
C HIS QA 27 -76.90 -25.12 -50.29
N LYS QA 28 -76.34 -24.08 -50.89
CA LYS QA 28 -76.50 -22.70 -50.39
C LYS QA 28 -77.94 -22.22 -50.51
N PHE QA 29 -78.45 -21.65 -49.41
CA PHE QA 29 -79.75 -21.01 -49.40
C PHE QA 29 -79.61 -19.52 -49.69
N THR QA 30 -80.61 -18.97 -50.38
CA THR QA 30 -80.74 -17.53 -50.55
C THR QA 30 -82.03 -16.99 -49.97
N ASN QA 31 -83.08 -17.81 -49.83
CA ASN QA 31 -84.34 -17.41 -49.22
C ASN QA 31 -84.38 -17.74 -47.73
N TYR QA 32 -83.22 -17.76 -47.08
CA TYR QA 32 -83.18 -17.94 -45.63
C TYR QA 32 -83.92 -16.85 -44.84
N PRO QA 33 -83.94 -15.57 -45.24
CA PRO QA 33 -84.91 -14.65 -44.59
C PRO QA 33 -86.37 -15.03 -44.77
N LEU QA 34 -86.77 -15.53 -45.94
CA LEU QA 34 -88.12 -16.04 -46.13
C LEU QA 34 -88.40 -17.21 -45.19
N TYR QA 35 -87.40 -18.05 -44.96
CA TYR QA 35 -87.56 -19.21 -44.10
C TYR QA 35 -87.75 -18.79 -42.65
N VAL QA 36 -86.93 -17.84 -42.19
CA VAL QA 36 -87.08 -17.32 -40.84
C VAL QA 36 -88.40 -16.57 -40.68
N LYS QA 37 -88.83 -15.89 -41.75
CA LYS QA 37 -90.11 -15.17 -41.75
C LYS QA 37 -91.28 -16.11 -41.52
N THR QA 38 -91.35 -17.20 -42.28
CA THR QA 38 -92.49 -18.09 -42.14
C THR QA 38 -92.45 -18.87 -40.84
N THR QA 39 -91.25 -19.22 -40.32
CA THR QA 39 -91.25 -19.98 -39.08
C THR QA 39 -91.59 -19.09 -37.88
N ILE QA 40 -91.17 -17.82 -37.89
CA ILE QA 40 -91.54 -16.95 -36.77
C ILE QA 40 -93.00 -16.54 -36.87
N SER QA 41 -93.53 -16.43 -38.10
CA SER QA 41 -94.95 -16.13 -38.29
C SER QA 41 -95.83 -17.25 -37.74
N CYS QA 42 -95.47 -18.50 -38.04
CA CYS QA 42 -96.28 -19.58 -37.51
C CYS QA 42 -96.08 -19.77 -36.01
N ALA QA 43 -94.89 -19.41 -35.50
CA ALA QA 43 -94.69 -19.44 -34.06
C ALA QA 43 -95.58 -18.42 -33.34
N PHE QA 44 -95.76 -17.25 -33.95
CA PHE QA 44 -96.68 -16.25 -33.40
C PHE QA 44 -98.12 -16.73 -33.45
N ILE QA 45 -98.54 -17.31 -34.57
CA ILE QA 45 -99.94 -17.71 -34.69
C ILE QA 45 -100.24 -18.96 -33.86
N THR QA 46 -99.21 -19.72 -33.46
CA THR QA 46 -99.43 -20.79 -32.52
C THR QA 46 -99.19 -20.38 -31.07
N SER QA 47 -98.61 -19.21 -30.82
CA SER QA 47 -98.52 -18.73 -29.45
C SER QA 47 -99.66 -17.81 -29.06
N MET QA 48 -100.43 -17.29 -30.03
CA MET QA 48 -101.64 -16.55 -29.67
C MET QA 48 -102.71 -17.49 -29.12
N ILE QA 49 -102.66 -18.77 -29.51
CA ILE QA 49 -103.68 -19.73 -29.10
C ILE QA 49 -103.68 -20.03 -27.60
N PRO QA 50 -102.54 -20.37 -26.95
CA PRO QA 50 -102.62 -20.70 -25.53
C PRO QA 50 -102.98 -19.51 -24.65
N THR QA 51 -102.65 -18.28 -25.05
CA THR QA 51 -103.11 -17.14 -24.27
C THR QA 51 -104.61 -16.94 -24.41
N MET QA 52 -105.18 -17.27 -25.57
CA MET QA 52 -106.62 -17.26 -25.72
C MET QA 52 -107.26 -18.28 -24.78
N MET QA 53 -106.66 -19.47 -24.67
CA MET QA 53 -107.13 -20.45 -23.68
C MET QA 53 -106.92 -19.97 -22.26
N PHE QA 54 -105.84 -19.21 -22.01
CA PHE QA 54 -105.52 -18.71 -20.68
C PHE QA 54 -106.58 -17.75 -20.18
N ILE QA 55 -106.90 -16.72 -20.98
CA ILE QA 55 -107.93 -15.79 -20.55
C ILE QA 55 -109.31 -16.46 -20.60
N HIS QA 56 -109.48 -17.49 -21.46
CA HIS QA 56 -110.72 -18.25 -21.47
C HIS QA 56 -110.95 -19.04 -20.19
N THR QA 57 -109.89 -19.47 -19.53
CA THR QA 57 -110.10 -20.30 -18.36
C THR QA 57 -109.33 -19.84 -17.12
N GLY QA 58 -108.09 -19.39 -17.29
CA GLY QA 58 -107.16 -19.37 -16.18
C GLY QA 58 -106.17 -20.46 -16.46
N GLN QA 59 -106.21 -21.55 -15.68
CA GLN QA 59 -105.61 -22.85 -16.01
C GLN QA 59 -104.09 -22.71 -16.20
N GLU QA 60 -103.41 -22.43 -15.11
CA GLU QA 60 -101.98 -22.18 -15.21
C GLU QA 60 -101.24 -23.49 -15.07
N MET QA 61 -100.11 -23.65 -15.75
CA MET QA 61 -99.46 -24.95 -15.58
C MET QA 61 -97.96 -24.82 -15.74
N ILE QA 62 -97.25 -25.79 -15.16
CA ILE QA 62 -95.80 -25.92 -15.34
C ILE QA 62 -95.52 -27.28 -15.97
N ILE QA 63 -94.47 -27.33 -16.78
CA ILE QA 63 -94.02 -28.58 -17.38
C ILE QA 63 -92.57 -28.79 -16.95
N SER QA 64 -92.16 -30.05 -16.94
CA SER QA 64 -90.81 -30.43 -16.56
C SER QA 64 -90.51 -31.80 -17.14
N ASN QA 65 -89.28 -31.99 -17.61
CA ASN QA 65 -88.87 -33.30 -18.13
C ASN QA 65 -87.36 -33.44 -18.14
N TRP QA 66 -86.92 -34.70 -18.17
CA TRP QA 66 -85.54 -35.12 -18.41
C TRP QA 66 -84.60 -34.56 -17.34
N HIS QA 67 -84.76 -35.10 -16.14
CA HIS QA 67 -83.95 -34.63 -15.02
C HIS QA 67 -82.52 -35.12 -15.12
N TRP QA 68 -81.61 -34.31 -14.60
CA TRP QA 68 -80.20 -34.67 -14.54
C TRP QA 68 -79.56 -34.01 -13.34
N LEU QA 69 -78.58 -34.72 -12.78
CA LEU QA 69 -77.90 -34.44 -11.51
C LEU QA 69 -78.89 -34.22 -10.36
N THR QA 70 -79.58 -35.31 -10.04
CA THR QA 70 -80.39 -35.40 -8.82
C THR QA 70 -79.53 -35.81 -7.63
N ILE QA 71 -78.48 -35.02 -7.41
CA ILE QA 71 -77.33 -35.45 -6.60
C ILE QA 71 -77.62 -35.51 -5.11
N GLN QA 72 -77.88 -34.38 -4.49
CA GLN QA 72 -78.24 -34.27 -3.10
C GLN QA 72 -79.77 -34.23 -3.00
N THR QA 73 -80.27 -33.68 -1.90
CA THR QA 73 -81.70 -33.53 -1.66
C THR QA 73 -82.45 -32.69 -2.70
N LEU QA 74 -81.76 -32.03 -3.62
CA LEU QA 74 -82.42 -31.37 -4.73
C LEU QA 74 -82.22 -32.16 -6.02
N LYS QA 75 -82.79 -31.61 -7.08
CA LYS QA 75 -82.70 -32.15 -8.44
C LYS QA 75 -83.09 -31.03 -9.38
N LEU QA 76 -82.86 -31.25 -10.67
CA LEU QA 76 -83.25 -30.27 -11.66
C LEU QA 76 -83.46 -30.94 -13.00
N SER QA 77 -84.65 -30.74 -13.56
CA SER QA 77 -84.99 -31.14 -14.92
C SER QA 77 -85.04 -29.90 -15.78
N LEU QA 78 -85.12 -30.09 -17.10
CA LEU QA 78 -85.41 -28.92 -17.92
C LEU QA 78 -86.89 -28.65 -17.69
N SER QA 79 -87.16 -27.56 -17.00
CA SER QA 79 -88.45 -27.33 -16.36
C SER QA 79 -88.82 -25.88 -16.61
N PHE QA 80 -89.95 -25.65 -17.28
CA PHE QA 80 -90.37 -24.28 -17.46
C PHE QA 80 -91.88 -24.20 -17.35
N LYS QA 81 -92.34 -22.99 -17.13
CA LYS QA 81 -93.69 -22.78 -16.66
C LYS QA 81 -94.44 -21.91 -17.64
N MET QA 82 -95.75 -21.84 -17.41
CA MET QA 82 -96.60 -20.89 -18.11
C MET QA 82 -97.72 -20.49 -17.14
N ASP QA 83 -97.46 -19.37 -16.48
CA ASP QA 83 -98.36 -18.53 -15.72
C ASP QA 83 -98.47 -17.21 -16.46
N PHE QA 84 -99.18 -16.24 -15.84
CA PHE QA 84 -99.68 -15.03 -16.50
C PHE QA 84 -98.62 -14.24 -17.25
N PHE QA 85 -97.41 -14.12 -16.68
CA PHE QA 85 -96.36 -13.34 -17.31
C PHE QA 85 -95.80 -14.05 -18.54
N SER QA 86 -95.44 -15.32 -18.40
CA SER QA 86 -94.96 -16.08 -19.53
C SER QA 86 -96.05 -16.42 -20.53
N MET QA 87 -97.32 -16.21 -20.17
CA MET QA 87 -98.37 -16.25 -21.17
C MET QA 87 -98.35 -14.98 -22.00
N MET QA 88 -98.60 -13.84 -21.36
CA MET QA 88 -98.84 -12.61 -22.10
C MET QA 88 -97.59 -11.78 -22.29
N PHE QA 89 -96.41 -12.40 -22.29
CA PHE QA 89 -95.20 -11.75 -22.76
C PHE QA 89 -94.66 -12.31 -24.07
N VAL QA 90 -94.79 -13.62 -24.25
CA VAL QA 90 -94.13 -14.27 -25.40
C VAL QA 90 -94.64 -13.84 -26.76
N PRO QA 91 -95.96 -13.75 -27.05
CA PRO QA 91 -96.36 -13.25 -28.37
C PRO QA 91 -95.97 -11.81 -28.64
N VAL QA 92 -95.80 -11.01 -27.59
CA VAL QA 92 -95.33 -9.63 -27.76
C VAL QA 92 -93.91 -9.62 -28.31
N ALA QA 93 -93.01 -10.38 -27.67
CA ALA QA 93 -91.63 -10.45 -28.13
C ALA QA 93 -91.52 -11.08 -29.50
N LEU QA 94 -92.37 -12.09 -29.79
CA LEU QA 94 -92.34 -12.71 -31.11
C LEU QA 94 -92.80 -11.75 -32.20
N PHE QA 95 -93.84 -10.96 -31.92
CA PHE QA 95 -94.37 -10.02 -32.89
C PHE QA 95 -93.37 -8.92 -33.19
N VAL QA 96 -92.79 -8.37 -32.12
CA VAL QA 96 -91.71 -7.39 -32.24
C VAL QA 96 -90.55 -7.95 -33.06
N THR QA 97 -90.14 -9.18 -32.76
CA THR QA 97 -88.95 -9.69 -33.43
C THR QA 97 -89.25 -10.08 -34.87
N TRP QA 98 -90.49 -10.44 -35.20
CA TRP QA 98 -90.82 -10.70 -36.59
C TRP QA 98 -90.79 -9.42 -37.42
N SER QA 99 -91.25 -8.31 -36.84
CA SER QA 99 -91.09 -7.04 -37.54
C SER QA 99 -89.62 -6.64 -37.67
N ILE QA 100 -88.82 -6.97 -36.66
CA ILE QA 100 -87.40 -6.67 -36.76
C ILE QA 100 -86.73 -7.55 -37.81
N MET QA 101 -87.23 -8.78 -38.01
CA MET QA 101 -86.75 -9.60 -39.13
C MET QA 101 -87.03 -8.92 -40.46
N GLU QA 102 -88.23 -8.35 -40.61
CA GLU QA 102 -88.57 -7.63 -41.84
C GLU QA 102 -87.64 -6.45 -42.07
N PHE QA 103 -87.45 -5.65 -41.02
CA PHE QA 103 -86.63 -4.45 -41.16
C PHE QA 103 -85.16 -4.80 -41.35
N SER QA 104 -84.71 -5.95 -40.87
CA SER QA 104 -83.36 -6.38 -41.13
C SER QA 104 -83.20 -7.02 -42.50
N MET QA 105 -84.28 -7.55 -43.08
CA MET QA 105 -84.26 -7.92 -44.49
C MET QA 105 -83.96 -6.72 -45.34
N TRP QA 106 -84.66 -5.61 -45.08
CA TRP QA 106 -84.42 -4.46 -45.94
C TRP QA 106 -83.13 -3.73 -45.59
N TYR QA 107 -82.86 -3.52 -44.30
CA TYR QA 107 -81.75 -2.67 -43.89
C TYR QA 107 -80.41 -3.33 -44.17
N MET QA 108 -80.33 -4.65 -43.98
CA MET QA 108 -79.07 -5.37 -44.14
C MET QA 108 -79.08 -6.13 -45.46
N HIS QA 109 -79.69 -5.50 -46.48
CA HIS QA 109 -79.82 -6.09 -47.81
C HIS QA 109 -78.47 -6.20 -48.51
N SER QA 110 -77.51 -5.37 -48.14
CA SER QA 110 -76.27 -5.24 -48.91
C SER QA 110 -75.15 -6.14 -48.43
N ASP QA 111 -75.05 -6.39 -47.13
CA ASP QA 111 -73.97 -7.24 -46.60
C ASP QA 111 -74.18 -8.69 -46.99
N PRO QA 112 -73.22 -9.34 -47.66
CA PRO QA 112 -73.41 -10.74 -48.05
C PRO QA 112 -73.14 -11.76 -46.95
N ASN QA 113 -73.14 -11.33 -45.69
CA ASN QA 113 -73.05 -12.24 -44.56
C ASN QA 113 -74.35 -12.22 -43.76
N ILE QA 114 -75.48 -12.22 -44.45
CA ILE QA 114 -76.77 -12.11 -43.78
C ILE QA 114 -77.14 -13.38 -43.03
N ASN QA 115 -76.58 -14.53 -43.42
CA ASN QA 115 -76.97 -15.79 -42.83
C ASN QA 115 -76.44 -15.92 -41.40
N GLN QA 116 -75.19 -15.52 -41.18
CA GLN QA 116 -74.64 -15.59 -39.84
C GLN QA 116 -75.27 -14.53 -38.94
N PHE QA 117 -75.71 -13.42 -39.52
CA PHE QA 117 -76.45 -12.41 -38.78
C PHE QA 117 -77.78 -12.95 -38.29
N PHE QA 118 -78.50 -13.65 -39.16
CA PHE QA 118 -79.77 -14.24 -38.73
C PHE QA 118 -79.56 -15.39 -37.77
N LYS QA 119 -78.45 -16.12 -37.89
CA LYS QA 119 -78.12 -17.16 -36.91
C LYS QA 119 -77.93 -16.58 -35.52
N TYR QA 120 -77.14 -15.50 -35.42
CA TYR QA 120 -76.93 -14.83 -34.14
C TYR QA 120 -78.23 -14.26 -33.57
N LEU QA 121 -79.04 -13.64 -34.43
CA LEU QA 121 -80.24 -12.96 -33.94
C LEU QA 121 -81.28 -13.98 -33.48
N LEU QA 122 -81.43 -15.07 -34.23
CA LEU QA 122 -82.42 -16.09 -33.85
C LEU QA 122 -81.96 -16.89 -32.64
N LEU QA 123 -80.66 -17.11 -32.49
CA LEU QA 123 -80.15 -17.77 -31.30
C LEU QA 123 -80.35 -16.91 -30.07
N PHE QA 124 -80.16 -15.59 -30.22
CA PHE QA 124 -80.50 -14.64 -29.16
C PHE QA 124 -81.98 -14.69 -28.81
N LEU QA 125 -82.85 -14.87 -29.82
CA LEU QA 125 -84.27 -14.98 -29.57
C LEU QA 125 -84.59 -16.22 -28.73
N ILE QA 126 -83.95 -17.35 -29.08
CA ILE QA 126 -84.11 -18.60 -28.34
C ILE QA 126 -83.74 -18.41 -26.89
N THR QA 127 -82.60 -17.76 -26.65
CA THR QA 127 -82.10 -17.66 -25.29
C THR QA 127 -82.95 -16.71 -24.45
N MET QA 128 -83.46 -15.64 -25.05
CA MET QA 128 -84.35 -14.75 -24.31
C MET QA 128 -85.68 -15.43 -24.01
N LEU QA 129 -86.13 -16.31 -24.91
CA LEU QA 129 -87.33 -17.09 -24.66
C LEU QA 129 -87.14 -18.07 -23.50
N ILE QA 130 -85.99 -18.73 -23.46
CA ILE QA 130 -85.64 -19.63 -22.37
C ILE QA 130 -85.56 -18.88 -21.05
N LEU QA 131 -85.09 -17.63 -21.08
CA LEU QA 131 -85.15 -16.81 -19.87
C LEU QA 131 -86.58 -16.52 -19.45
N VAL QA 132 -87.46 -16.19 -20.39
CA VAL QA 132 -88.77 -15.73 -19.97
C VAL QA 132 -89.77 -16.86 -19.81
N THR QA 133 -89.33 -18.11 -19.93
CA THR QA 133 -90.24 -19.21 -19.61
C THR QA 133 -89.87 -20.00 -18.35
N ALA QA 134 -88.63 -19.93 -17.88
CA ALA QA 134 -88.14 -20.91 -16.91
C ALA QA 134 -88.58 -20.60 -15.48
N ASN QA 135 -88.75 -21.67 -14.69
CA ASN QA 135 -88.95 -21.55 -13.25
C ASN QA 135 -87.79 -22.12 -12.45
N ASN QA 136 -87.09 -23.11 -12.98
CA ASN QA 136 -85.83 -23.54 -12.41
C ASN QA 136 -84.82 -22.42 -12.57
N LEU QA 137 -84.27 -21.96 -11.45
CA LEU QA 137 -83.49 -20.73 -11.45
C LEU QA 137 -82.15 -20.89 -12.16
N PHE QA 138 -81.63 -22.11 -12.25
CA PHE QA 138 -80.42 -22.37 -13.03
C PHE QA 138 -80.66 -22.12 -14.52
N GLN QA 139 -81.85 -22.47 -15.00
CA GLN QA 139 -82.18 -22.20 -16.39
C GLN QA 139 -82.38 -20.71 -16.63
N LEU QA 140 -82.85 -19.97 -15.62
CA LEU QA 140 -82.90 -18.52 -15.70
C LEU QA 140 -81.51 -17.94 -15.83
N PHE QA 141 -80.55 -18.51 -15.10
CA PHE QA 141 -79.17 -18.08 -15.22
C PHE QA 141 -78.58 -18.41 -16.59
N ILE QA 142 -79.00 -19.55 -17.15
CA ILE QA 142 -78.61 -19.93 -18.50
C ILE QA 142 -79.07 -18.88 -19.52
N GLY QA 143 -80.36 -18.52 -19.45
CA GLY QA 143 -80.88 -17.49 -20.33
C GLY QA 143 -80.22 -16.15 -20.12
N TRP QA 144 -79.87 -15.85 -18.87
CA TRP QA 144 -79.21 -14.59 -18.52
C TRP QA 144 -77.86 -14.44 -19.22
N GLU QA 145 -76.95 -15.38 -18.97
CA GLU QA 145 -75.64 -15.23 -19.58
C GLU QA 145 -75.65 -15.51 -21.08
N GLY QA 146 -76.60 -16.32 -21.56
CA GLY QA 146 -76.69 -16.53 -22.98
C GLY QA 146 -77.11 -15.28 -23.75
N VAL QA 147 -78.07 -14.52 -23.21
CA VAL QA 147 -78.43 -13.28 -23.90
C VAL QA 147 -77.34 -12.23 -23.71
N GLY QA 148 -76.55 -12.33 -22.63
CA GLY QA 148 -75.36 -11.49 -22.54
C GLY QA 148 -74.34 -11.75 -23.64
N ILE QA 149 -74.07 -13.03 -23.90
CA ILE QA 149 -73.08 -13.40 -24.91
C ILE QA 149 -73.58 -13.07 -26.31
N MET QA 150 -74.88 -13.31 -26.57
CA MET QA 150 -75.45 -12.94 -27.84
C MET QA 150 -75.47 -11.43 -28.05
N SER QA 151 -75.66 -10.66 -26.97
CA SER QA 151 -75.55 -9.21 -27.07
C SER QA 151 -74.13 -8.79 -27.40
N PHE QA 152 -73.14 -9.49 -26.84
CA PHE QA 152 -71.74 -9.22 -27.16
C PHE QA 152 -71.46 -9.40 -28.64
N LEU QA 153 -71.78 -10.59 -29.17
CA LEU QA 153 -71.50 -10.89 -30.56
C LEU QA 153 -72.30 -9.99 -31.49
N LEU QA 154 -73.52 -9.68 -31.10
CA LEU QA 154 -74.43 -8.97 -31.97
C LEU QA 154 -74.22 -7.47 -31.93
N ILE QA 155 -73.50 -6.96 -30.93
CA ILE QA 155 -72.93 -5.62 -31.04
C ILE QA 155 -71.65 -5.66 -31.85
N GLY QA 156 -70.78 -6.63 -31.57
CA GLY QA 156 -69.49 -6.69 -32.24
C GLY QA 156 -69.49 -7.35 -33.60
N TRP QA 157 -70.67 -7.37 -34.23
CA TRP QA 157 -70.85 -7.77 -35.62
C TRP QA 157 -69.89 -7.06 -36.56
N TRP QA 158 -69.92 -5.74 -36.58
CA TRP QA 158 -68.98 -5.00 -37.41
C TRP QA 158 -67.58 -5.02 -36.82
N TYR QA 159 -66.76 -5.97 -37.25
CA TYR QA 159 -65.37 -5.95 -36.80
C TYR QA 159 -64.63 -4.81 -37.45
N GLY QA 160 -63.61 -4.34 -36.76
CA GLY QA 160 -63.14 -2.98 -36.95
C GLY QA 160 -63.98 -2.09 -36.08
N ARG QA 161 -63.71 -0.78 -36.14
CA ARG QA 161 -64.43 0.24 -35.36
C ARG QA 161 -64.33 -0.07 -33.86
N THR QA 162 -63.13 0.15 -33.33
CA THR QA 162 -62.78 -0.29 -31.97
C THR QA 162 -63.68 0.32 -30.90
N ASP QA 163 -64.37 1.42 -31.20
CA ASP QA 163 -65.44 1.89 -30.32
C ASP QA 163 -66.53 0.83 -30.15
N ALA QA 164 -66.84 0.09 -31.22
CA ALA QA 164 -67.95 -0.85 -31.16
C ALA QA 164 -67.61 -2.10 -30.35
N ASN QA 165 -66.43 -2.68 -30.55
CA ASN QA 165 -66.12 -3.83 -29.72
C ASN QA 165 -65.72 -3.42 -28.31
N THR QA 166 -65.28 -2.17 -28.12
CA THR QA 166 -65.17 -1.63 -26.76
C THR QA 166 -66.53 -1.54 -26.09
N ALA QA 167 -67.54 -1.11 -26.85
CA ALA QA 167 -68.91 -1.07 -26.36
C ALA QA 167 -69.40 -2.46 -25.97
N ALA QA 168 -69.08 -3.44 -26.79
CA ALA QA 168 -69.45 -4.83 -26.51
C ALA QA 168 -68.73 -5.34 -25.26
N LEU QA 169 -67.48 -4.92 -25.07
CA LEU QA 169 -66.74 -5.29 -23.88
C LEU QA 169 -67.35 -4.68 -22.62
N GLN QA 170 -67.81 -3.42 -22.71
CA GLN QA 170 -68.50 -2.80 -21.60
C GLN QA 170 -69.81 -3.51 -21.29
N ALA QA 171 -70.51 -3.95 -22.34
CA ALA QA 171 -71.77 -4.66 -22.16
C ALA QA 171 -71.57 -5.97 -21.44
N ILE QA 172 -70.53 -6.72 -21.81
CA ILE QA 172 -70.31 -7.99 -21.13
C ILE QA 172 -69.78 -7.77 -19.72
N LEU QA 173 -69.11 -6.66 -19.46
CA LEU QA 173 -68.63 -6.38 -18.11
C LEU QA 173 -69.79 -6.11 -17.16
N TYR QA 174 -70.76 -5.34 -17.63
CA TYR QA 174 -71.89 -5.08 -16.75
C TYR QA 174 -72.80 -6.29 -16.63
N ASN QA 175 -72.82 -7.17 -17.64
CA ASN QA 175 -73.46 -8.46 -17.45
C ASN QA 175 -72.78 -9.31 -16.40
N ARG QA 176 -71.45 -9.22 -16.25
CA ARG QA 176 -70.84 -10.02 -15.19
C ARG QA 176 -71.08 -9.42 -13.80
N ILE QA 177 -71.29 -8.11 -13.69
CA ILE QA 177 -71.72 -7.57 -12.40
C ILE QA 177 -73.15 -8.04 -12.08
N GLY QA 178 -74.00 -8.13 -13.10
CA GLY QA 178 -75.27 -8.80 -12.93
C GLY QA 178 -75.12 -10.25 -12.49
N ASP QA 179 -74.08 -10.92 -12.98
CA ASP QA 179 -73.83 -12.31 -12.61
C ASP QA 179 -73.43 -12.45 -11.15
N ILE QA 180 -72.56 -11.57 -10.63
CA ILE QA 180 -72.17 -11.71 -9.22
C ILE QA 180 -73.35 -11.47 -8.29
N GLY QA 181 -74.20 -10.46 -8.61
CA GLY QA 181 -75.41 -10.28 -7.82
C GLY QA 181 -76.35 -11.48 -7.87
N PHE QA 182 -76.49 -12.06 -9.06
CA PHE QA 182 -77.42 -13.17 -9.22
C PHE QA 182 -76.92 -14.44 -8.55
N ILE QA 183 -75.61 -14.68 -8.55
CA ILE QA 183 -75.13 -15.88 -7.88
C ILE QA 183 -75.12 -15.70 -6.37
N LEU QA 184 -75.04 -14.47 -5.86
CA LEU QA 184 -75.29 -14.29 -4.43
C LEU QA 184 -76.73 -14.66 -4.08
N ALA QA 185 -77.68 -14.27 -4.95
CA ALA QA 185 -79.07 -14.66 -4.74
C ALA QA 185 -79.25 -16.17 -4.76
N MET QA 186 -78.58 -16.84 -5.72
CA MET QA 186 -78.68 -18.30 -5.80
C MET QA 186 -78.03 -18.99 -4.60
N ALA QA 187 -76.94 -18.41 -4.09
CA ALA QA 187 -76.25 -18.99 -2.93
C ALA QA 187 -77.12 -18.91 -1.68
N TRP QA 188 -77.75 -17.76 -1.46
CA TRP QA 188 -78.61 -17.66 -0.29
C TRP QA 188 -79.85 -18.53 -0.44
N PHE QA 189 -80.39 -18.64 -1.67
CA PHE QA 189 -81.55 -19.48 -1.90
C PHE QA 189 -81.26 -20.94 -1.64
N LEU QA 190 -80.06 -21.41 -2.04
CA LEU QA 190 -79.67 -22.78 -1.75
C LEU QA 190 -79.48 -23.01 -0.26
N ILE QA 191 -78.65 -22.19 0.39
CA ILE QA 191 -78.24 -22.53 1.75
C ILE QA 191 -79.35 -22.31 2.77
N ASN QA 192 -80.29 -21.41 2.52
CA ASN QA 192 -81.39 -21.26 3.46
C ASN QA 192 -82.74 -21.75 2.94
N LEU QA 193 -82.80 -22.27 1.71
CA LEU QA 193 -84.08 -22.81 1.25
C LEU QA 193 -83.93 -24.09 0.43
N ASN QA 194 -82.82 -24.81 0.57
CA ASN QA 194 -82.60 -26.17 0.07
C ASN QA 194 -82.51 -26.26 -1.47
N THR QA 195 -82.81 -25.19 -2.19
CA THR QA 195 -82.96 -25.29 -3.62
C THR QA 195 -82.87 -23.92 -4.25
N TRP QA 196 -82.92 -23.91 -5.59
CA TRP QA 196 -83.20 -22.70 -6.35
C TRP QA 196 -84.33 -23.03 -7.33
N ASP QA 197 -85.55 -22.97 -6.81
CA ASP QA 197 -86.76 -23.22 -7.58
C ASP QA 197 -87.84 -22.27 -7.09
N LEU QA 198 -88.51 -21.62 -8.04
CA LEU QA 198 -89.42 -20.53 -7.72
C LEU QA 198 -90.63 -20.99 -6.92
N GLN QA 199 -91.05 -22.23 -7.11
CA GLN QA 199 -92.24 -22.76 -6.43
C GLN QA 199 -92.01 -22.87 -4.92
N GLN QA 200 -90.87 -23.43 -4.52
CA GLN QA 200 -90.59 -23.59 -3.09
C GLN QA 200 -90.23 -22.27 -2.42
N ILE QA 201 -89.54 -21.40 -3.16
CA ILE QA 201 -89.21 -20.07 -2.64
C ILE QA 201 -90.47 -19.23 -2.48
N PHE QA 202 -91.49 -19.47 -3.31
CA PHE QA 202 -92.77 -18.85 -3.04
C PHE QA 202 -93.50 -19.55 -1.90
N MET QA 203 -93.30 -20.87 -1.79
CA MET QA 203 -93.99 -21.70 -0.81
C MET QA 203 -93.60 -21.33 0.61
N LEU QA 204 -92.36 -20.93 0.83
CA LEU QA 204 -91.99 -20.36 2.10
C LEU QA 204 -91.95 -18.84 2.00
N ASN QA 205 -91.98 -18.19 3.16
CA ASN QA 205 -91.70 -16.76 3.27
C ASN QA 205 -90.55 -16.58 4.26
N PRO QA 206 -89.31 -16.71 3.80
CA PRO QA 206 -88.18 -16.37 4.67
C PRO QA 206 -88.10 -14.87 4.85
N ASN QA 207 -88.48 -14.40 6.04
CA ASN QA 207 -88.72 -12.98 6.22
C ASN QA 207 -87.44 -12.18 6.33
N ASP QA 208 -86.37 -12.77 6.87
CA ASP QA 208 -85.06 -12.13 6.81
C ASP QA 208 -84.54 -12.35 5.40
N SER QA 209 -84.68 -11.33 4.56
CA SER QA 209 -84.32 -11.43 3.15
C SER QA 209 -83.62 -10.16 2.68
N ASN QA 210 -82.65 -9.68 3.46
CA ASN QA 210 -81.93 -8.49 3.05
C ASN QA 210 -80.77 -8.80 2.13
N LEU QA 211 -79.94 -9.78 2.49
CA LEU QA 211 -78.88 -10.28 1.61
C LEU QA 211 -79.35 -10.70 0.21
N PRO QA 212 -80.38 -11.54 0.03
CA PRO QA 212 -80.74 -11.91 -1.35
C PRO QA 212 -81.37 -10.77 -2.11
N LEU QA 213 -82.08 -9.87 -1.44
CA LEU QA 213 -82.68 -8.75 -2.14
C LEU QA 213 -81.60 -7.76 -2.59
N MET QA 214 -80.57 -7.55 -1.77
CA MET QA 214 -79.45 -6.69 -2.20
C MET QA 214 -78.72 -7.31 -3.39
N GLY QA 215 -78.56 -8.64 -3.40
CA GLY QA 215 -77.99 -9.29 -4.56
C GLY QA 215 -78.85 -9.17 -5.81
N LEU QA 216 -80.17 -9.29 -5.64
CA LEU QA 216 -81.09 -9.17 -6.77
C LEU QA 216 -81.12 -7.75 -7.32
N ILE QA 217 -81.04 -6.76 -6.44
CA ILE QA 217 -80.99 -5.38 -6.91
C ILE QA 217 -79.68 -5.10 -7.62
N LEU QA 218 -78.58 -5.72 -7.18
CA LEU QA 218 -77.32 -5.59 -7.92
C LEU QA 218 -77.41 -6.23 -9.29
N ALA QA 219 -78.06 -7.40 -9.39
CA ALA QA 219 -78.22 -8.07 -10.69
C ALA QA 219 -79.13 -7.27 -11.61
N ALA QA 220 -80.18 -6.66 -11.05
CA ALA QA 220 -81.13 -5.93 -11.86
C ALA QA 220 -80.57 -4.59 -12.33
N THR QA 221 -79.81 -3.90 -11.48
CA THR QA 221 -79.16 -2.70 -11.97
C THR QA 221 -77.96 -3.01 -12.84
N GLY QA 222 -77.46 -4.24 -12.82
CA GLY QA 222 -76.47 -4.63 -13.80
C GLY QA 222 -77.07 -4.87 -15.17
N LYS QA 223 -78.19 -5.59 -15.22
CA LYS QA 223 -78.76 -5.93 -16.51
C LYS QA 223 -79.53 -4.78 -17.11
N SER QA 224 -80.29 -4.07 -16.30
CA SER QA 224 -81.29 -3.13 -16.76
C SER QA 224 -80.74 -1.75 -17.05
N ALA QA 225 -79.41 -1.57 -17.01
CA ALA QA 225 -78.71 -0.34 -17.39
C ALA QA 225 -79.18 0.86 -16.56
N GLN QA 226 -78.95 0.77 -15.26
CA GLN QA 226 -79.45 1.76 -14.31
C GLN QA 226 -78.28 2.40 -13.59
N PHE QA 227 -78.56 3.16 -12.53
CA PHE QA 227 -77.63 4.18 -12.04
C PHE QA 227 -76.37 3.55 -11.46
N GLY QA 228 -75.23 3.93 -12.02
CA GLY QA 228 -73.98 3.27 -11.72
C GLY QA 228 -73.56 2.38 -12.86
N LEU QA 229 -74.52 1.69 -13.48
CA LEU QA 229 -74.23 0.72 -14.52
C LEU QA 229 -75.05 0.96 -15.78
N HIS QA 230 -75.57 2.18 -15.95
CA HIS QA 230 -76.16 2.67 -17.19
C HIS QA 230 -75.29 2.95 -18.42
N PRO QA 231 -74.00 3.32 -18.37
CA PRO QA 231 -73.38 3.88 -19.58
C PRO QA 231 -73.13 2.90 -20.71
N TRP QA 232 -73.41 1.61 -20.53
CA TRP QA 232 -73.26 0.68 -21.65
C TRP QA 232 -74.41 0.75 -22.64
N LEU QA 233 -75.43 1.54 -22.34
CA LEU QA 233 -76.64 1.59 -23.15
C LEU QA 233 -76.47 2.48 -24.39
N PRO QA 234 -75.93 3.72 -24.33
CA PRO QA 234 -75.70 4.44 -25.60
C PRO QA 234 -74.51 3.90 -26.37
N SER QA 235 -73.49 3.46 -25.63
CA SER QA 235 -72.37 2.77 -26.24
C SER QA 235 -72.86 1.52 -26.97
N ALA QA 236 -73.85 0.83 -26.40
CA ALA QA 236 -74.50 -0.27 -27.07
C ALA QA 236 -75.42 0.18 -28.20
N MET QA 237 -75.93 1.42 -28.16
CA MET QA 237 -76.63 1.97 -29.32
C MET QA 237 -75.70 2.12 -30.51
N GLU QA 238 -74.39 2.23 -30.27
CA GLU QA 238 -73.47 2.38 -31.40
C GLU QA 238 -73.22 1.07 -32.17
N GLY QA 239 -74.05 0.04 -32.05
CA GLY QA 239 -74.07 -1.06 -32.99
C GLY QA 239 -75.01 -0.74 -34.14
N PRO QA 240 -75.33 -1.73 -34.98
CA PRO QA 240 -76.30 -1.49 -36.07
C PRO QA 240 -77.73 -1.29 -35.57
N THR QA 241 -78.65 -1.03 -36.49
CA THR QA 241 -79.97 -0.58 -36.07
C THR QA 241 -80.95 -1.69 -35.67
N PRO QA 242 -81.16 -2.79 -36.42
CA PRO QA 242 -82.05 -3.84 -35.87
C PRO QA 242 -81.42 -4.56 -34.71
N VAL QA 243 -80.09 -4.60 -34.68
CA VAL QA 243 -79.29 -4.87 -33.47
C VAL QA 243 -79.82 -4.08 -32.30
N SER QA 244 -79.91 -2.76 -32.46
CA SER QA 244 -80.31 -1.89 -31.35
C SER QA 244 -81.77 -2.09 -31.01
N ALA QA 245 -82.62 -2.25 -32.03
CA ALA QA 245 -84.06 -2.41 -31.84
C ALA QA 245 -84.37 -3.65 -31.03
N LEU QA 246 -83.88 -4.81 -31.46
CA LEU QA 246 -84.17 -6.04 -30.71
C LEU QA 246 -83.42 -6.07 -29.38
N LEU QA 247 -82.17 -5.59 -29.36
CA LEU QA 247 -81.36 -5.78 -28.17
C LEU QA 247 -81.78 -4.84 -27.04
N HIS QA 248 -82.45 -3.74 -27.34
CA HIS QA 248 -82.74 -2.77 -26.30
C HIS QA 248 -84.17 -2.27 -26.30
N SER QA 249 -85.05 -2.80 -27.14
CA SER QA 249 -86.44 -2.38 -27.08
C SER QA 249 -87.30 -3.37 -26.31
N SER QA 250 -87.23 -4.65 -26.68
CA SER QA 250 -88.12 -5.66 -26.13
C SER QA 250 -87.42 -6.77 -25.38
N THR QA 251 -86.11 -6.91 -25.54
CA THR QA 251 -85.33 -7.97 -24.94
C THR QA 251 -84.09 -7.37 -24.31
N MET QA 252 -83.45 -8.14 -23.42
CA MET QA 252 -82.07 -7.96 -22.98
C MET QA 252 -81.84 -6.72 -22.09
N VAL QA 253 -82.82 -5.83 -22.01
CA VAL QA 253 -82.72 -4.71 -21.08
C VAL QA 253 -83.95 -4.77 -20.18
N VAL QA 254 -85.03 -5.36 -20.69
CA VAL QA 254 -86.23 -5.54 -19.87
C VAL QA 254 -86.14 -6.79 -19.03
N ALA QA 255 -85.11 -7.62 -19.23
CA ALA QA 255 -84.95 -8.80 -18.41
C ALA QA 255 -84.46 -8.47 -17.01
N GLY QA 256 -83.87 -7.29 -16.82
CA GLY QA 256 -83.34 -6.94 -15.52
C GLY QA 256 -84.42 -6.71 -14.48
N ILE QA 257 -85.47 -5.97 -14.86
CA ILE QA 257 -86.62 -5.83 -13.97
C ILE QA 257 -87.59 -6.98 -14.09
N PHE QA 258 -87.45 -7.84 -15.11
CA PHE QA 258 -88.34 -8.97 -15.27
C PHE QA 258 -88.21 -9.94 -14.12
N LEU QA 259 -86.99 -10.10 -13.59
CA LEU QA 259 -86.78 -10.99 -12.47
C LEU QA 259 -87.39 -10.45 -11.18
N LEU QA 260 -87.32 -9.12 -10.99
CA LEU QA 260 -87.96 -8.53 -9.84
C LEU QA 260 -89.48 -8.62 -9.94
N ILE QA 261 -90.01 -8.57 -11.17
CA ILE QA 261 -91.43 -8.82 -11.39
C ILE QA 261 -91.75 -10.28 -11.11
N ARG QA 262 -90.81 -11.17 -11.39
CA ARG QA 262 -91.00 -12.60 -11.13
C ARG QA 262 -91.03 -12.90 -9.63
N PHE QA 263 -90.27 -12.16 -8.82
CA PHE QA 263 -90.18 -12.45 -7.39
C PHE QA 263 -91.15 -11.63 -6.56
N TYR QA 264 -92.34 -11.36 -7.10
CA TYR QA 264 -93.33 -10.57 -6.36
C TYR QA 264 -93.82 -11.18 -5.04
N PRO QA 265 -93.97 -12.50 -4.84
CA PRO QA 265 -94.34 -12.94 -3.48
C PRO QA 265 -93.23 -12.74 -2.47
N LEU QA 266 -91.98 -12.84 -2.91
CA LEU QA 266 -90.89 -12.59 -1.98
C LEU QA 266 -90.80 -11.11 -1.63
N THR QA 267 -91.13 -10.22 -2.57
CA THR QA 267 -91.09 -8.80 -2.24
C THR QA 267 -92.46 -8.23 -1.87
N GLU QA 268 -93.46 -9.07 -1.60
CA GLU QA 268 -94.68 -8.57 -0.95
C GLU QA 268 -94.38 -8.02 0.44
N ASN QA 269 -93.41 -8.59 1.13
CA ASN QA 269 -92.91 -8.05 2.39
C ASN QA 269 -91.70 -7.18 2.11
N ASN QA 270 -90.96 -6.82 3.17
CA ASN QA 270 -89.67 -6.13 3.14
C ASN QA 270 -89.80 -4.75 2.49
N LYS QA 271 -90.50 -3.87 3.21
CA LYS QA 271 -90.67 -2.47 2.81
C LYS QA 271 -89.33 -1.75 2.59
N PHE QA 272 -88.30 -2.16 3.34
CA PHE QA 272 -86.94 -1.70 3.09
C PHE QA 272 -86.49 -2.00 1.66
N GLY QA 273 -86.90 -3.17 1.15
CA GLY QA 273 -86.61 -3.51 -0.23
C GLY QA 273 -87.28 -2.59 -1.22
N GLN QA 274 -88.57 -2.28 -1.01
CA GLN QA 274 -89.25 -1.36 -1.91
C GLN QA 274 -88.73 0.07 -1.80
N SER QA 275 -88.24 0.46 -0.62
CA SER QA 275 -87.59 1.76 -0.50
C SER QA 275 -86.34 1.82 -1.36
N ILE QA 276 -85.52 0.75 -1.34
CA ILE QA 276 -84.33 0.70 -2.18
C ILE QA 276 -84.70 0.70 -3.67
N MET QA 277 -85.73 -0.09 -4.02
CA MET QA 277 -86.32 -0.11 -5.37
C MET QA 277 -86.63 1.28 -5.89
N LEU QA 278 -87.49 2.00 -5.18
CA LEU QA 278 -87.99 3.26 -5.73
C LEU QA 278 -86.95 4.36 -5.66
N CYS QA 279 -86.07 4.34 -4.65
CA CYS QA 279 -85.00 5.35 -4.61
C CYS QA 279 -84.05 5.19 -5.78
N LEU QA 280 -83.65 3.94 -6.09
CA LEU QA 280 -82.74 3.75 -7.22
C LEU QA 280 -83.41 4.06 -8.54
N GLY QA 281 -84.69 3.67 -8.69
CA GLY QA 281 -85.41 3.97 -9.91
C GLY QA 281 -85.61 5.45 -10.15
N ALA QA 282 -85.88 6.20 -9.07
CA ALA QA 282 -86.01 7.65 -9.20
C ALA QA 282 -84.69 8.30 -9.55
N MET QA 283 -83.59 7.78 -9.02
CA MET QA 283 -82.26 8.28 -9.36
C MET QA 283 -81.96 8.11 -10.85
N THR QA 284 -82.25 6.92 -11.39
CA THR QA 284 -82.04 6.66 -12.82
C THR QA 284 -82.92 7.55 -13.67
N THR QA 285 -84.18 7.72 -13.25
CA THR QA 285 -85.16 8.43 -14.06
C THR QA 285 -84.78 9.89 -14.20
N LEU QA 286 -84.45 10.54 -13.08
CA LEU QA 286 -84.01 11.93 -13.16
C LEU QA 286 -82.65 12.08 -13.82
N PHE QA 287 -81.76 11.10 -13.63
CA PHE QA 287 -80.42 11.21 -14.22
C PHE QA 287 -80.49 11.17 -15.74
N THR QA 288 -81.22 10.24 -16.31
CA THR QA 288 -81.33 10.20 -17.76
C THR QA 288 -82.22 11.30 -18.31
N ALA QA 289 -83.19 11.78 -17.53
CA ALA QA 289 -84.01 12.89 -17.98
C ALA QA 289 -83.20 14.17 -18.10
N MET QA 290 -82.36 14.46 -17.09
CA MET QA 290 -81.44 15.57 -17.20
C MET QA 290 -80.36 15.31 -18.25
N CYS QA 291 -80.01 14.05 -18.44
CA CYS QA 291 -78.91 13.68 -19.32
C CYS QA 291 -79.29 13.76 -20.80
N ALA QA 292 -80.58 13.72 -21.12
CA ALA QA 292 -81.01 13.68 -22.51
C ALA QA 292 -81.28 15.06 -23.09
N LEU QA 293 -80.54 16.08 -22.66
CA LEU QA 293 -80.55 17.38 -23.31
C LEU QA 293 -79.22 17.59 -24.03
N THR QA 294 -79.32 18.13 -25.24
CA THR QA 294 -78.23 18.34 -26.18
C THR QA 294 -77.48 17.03 -26.42
N GLN QA 295 -78.20 16.11 -27.04
CA GLN QA 295 -77.67 14.80 -27.41
C GLN QA 295 -78.00 14.61 -28.88
N ASN QA 296 -77.10 15.02 -29.76
CA ASN QA 296 -77.42 15.13 -31.18
C ASN QA 296 -77.40 13.80 -31.91
N ASP QA 297 -77.19 12.69 -31.22
CA ASP QA 297 -77.39 11.38 -31.79
C ASP QA 297 -78.81 10.95 -31.52
N ILE QA 298 -79.45 10.31 -32.50
CA ILE QA 298 -80.83 9.90 -32.32
C ILE QA 298 -80.90 8.69 -31.40
N LYS QA 299 -80.03 7.71 -31.64
CA LYS QA 299 -80.06 6.47 -30.89
C LYS QA 299 -79.73 6.67 -29.42
N LYS QA 300 -78.89 7.65 -29.10
CA LYS QA 300 -78.60 7.92 -27.70
C LYS QA 300 -79.78 8.59 -27.01
N ILE QA 301 -80.55 9.41 -27.74
CA ILE QA 301 -81.80 9.96 -27.21
C ILE QA 301 -82.74 8.83 -26.86
N ILE QA 302 -82.89 7.86 -27.76
CA ILE QA 302 -83.81 6.76 -27.50
C ILE QA 302 -83.28 5.87 -26.37
N ALA QA 303 -81.96 5.79 -26.20
CA ALA QA 303 -81.38 5.05 -25.08
C ALA QA 303 -81.73 5.69 -23.75
N PHE QA 304 -81.59 7.02 -23.66
CA PHE QA 304 -81.91 7.68 -22.41
C PHE QA 304 -83.40 7.66 -22.15
N SER QA 305 -84.21 7.67 -23.21
CA SER QA 305 -85.64 7.51 -23.07
C SER QA 305 -85.99 6.15 -22.48
N THR QA 306 -85.38 5.08 -23.00
CA THR QA 306 -85.75 3.76 -22.48
C THR QA 306 -85.17 3.50 -21.10
N SER QA 307 -84.06 4.17 -20.75
CA SER QA 307 -83.58 4.07 -19.37
C SER QA 307 -84.51 4.78 -18.41
N SER QA 308 -85.09 5.92 -18.82
CA SER QA 308 -86.10 6.58 -17.99
C SER QA 308 -87.36 5.73 -17.86
N GLN QA 309 -87.72 5.01 -18.92
CA GLN QA 309 -88.86 4.09 -18.83
C GLN QA 309 -88.58 2.96 -17.83
N LEU QA 310 -87.35 2.44 -17.84
CA LEU QA 310 -87.02 1.43 -16.85
C LEU QA 310 -86.93 2.00 -15.45
N GLY QA 311 -86.63 3.29 -15.31
CA GLY QA 311 -86.74 3.93 -14.02
C GLY QA 311 -88.18 4.00 -13.52
N LEU QA 312 -89.12 4.27 -14.43
CA LEU QA 312 -90.54 4.19 -14.06
C LEU QA 312 -90.94 2.78 -13.64
N MET QA 313 -90.40 1.76 -14.30
CA MET QA 313 -90.76 0.41 -13.88
C MET QA 313 -90.11 0.01 -12.56
N MET QA 314 -88.93 0.54 -12.26
CA MET QA 314 -88.37 0.31 -10.93
C MET QA 314 -89.15 1.03 -9.85
N VAL QA 315 -89.73 2.19 -10.15
CA VAL QA 315 -90.62 2.81 -9.17
C VAL QA 315 -91.92 2.00 -9.05
N THR QA 316 -92.38 1.45 -10.17
CA THR QA 316 -93.58 0.60 -10.18
C THR QA 316 -93.42 -0.64 -9.32
N ILE QA 317 -92.21 -1.19 -9.27
CA ILE QA 317 -91.92 -2.25 -8.31
C ILE QA 317 -91.61 -1.66 -6.93
N GLY QA 318 -91.30 -0.36 -6.87
CA GLY QA 318 -91.24 0.31 -5.58
C GLY QA 318 -92.58 0.39 -4.88
N ILE QA 319 -93.67 0.40 -5.63
CA ILE QA 319 -94.97 0.07 -5.06
C ILE QA 319 -95.15 -1.43 -5.26
N ASN QA 320 -95.97 -2.07 -4.43
CA ASN QA 320 -96.20 -3.52 -4.57
C ASN QA 320 -97.18 -3.78 -5.71
N GLN QA 321 -96.72 -3.51 -6.93
CA GLN QA 321 -97.56 -3.50 -8.13
C GLN QA 321 -96.80 -4.12 -9.29
N PRO QA 322 -96.82 -5.44 -9.41
CA PRO QA 322 -96.04 -6.08 -10.49
C PRO QA 322 -96.73 -6.04 -11.85
N HIS QA 323 -98.05 -6.14 -11.86
CA HIS QA 323 -98.74 -6.38 -13.12
C HIS QA 323 -98.85 -5.12 -13.96
N LEU QA 324 -98.91 -3.95 -13.32
CA LEU QA 324 -98.81 -2.70 -14.08
C LEU QA 324 -97.45 -2.57 -14.73
N ALA QA 325 -96.39 -3.03 -14.03
CA ALA QA 325 -95.06 -3.02 -14.64
C ALA QA 325 -94.98 -4.00 -15.80
N PHE QA 326 -95.68 -5.13 -15.72
CA PHE QA 326 -95.71 -6.07 -16.84
C PHE QA 326 -96.44 -5.49 -18.05
N LEU QA 327 -97.57 -4.84 -17.79
CA LEU QA 327 -98.32 -4.16 -18.85
C LEU QA 327 -97.48 -3.07 -19.49
N HIS QA 328 -96.67 -2.38 -18.68
CA HIS QA 328 -95.79 -1.35 -19.20
C HIS QA 328 -94.67 -1.96 -20.04
N ILE QA 329 -94.19 -3.15 -19.68
CA ILE QA 329 -93.23 -3.87 -20.52
C ILE QA 329 -93.83 -4.11 -21.91
N CYS QA 330 -95.09 -4.56 -21.95
CA CYS QA 330 -95.73 -4.86 -23.23
C CYS QA 330 -95.90 -3.61 -24.10
N THR QA 331 -96.43 -2.54 -23.50
CA THR QA 331 -96.65 -1.29 -24.24
C THR QA 331 -95.32 -0.68 -24.70
N HIS QA 332 -94.36 -0.59 -23.79
CA HIS QA 332 -93.00 -0.12 -24.09
C HIS QA 332 -92.32 -0.96 -25.16
N ALA QA 333 -92.60 -2.26 -25.20
CA ALA QA 333 -91.97 -3.14 -26.18
C ALA QA 333 -92.45 -2.83 -27.59
N PHE QA 334 -93.78 -2.86 -27.81
CA PHE QA 334 -94.33 -2.48 -29.13
C PHE QA 334 -93.91 -1.07 -29.51
N PHE QA 335 -93.95 -0.19 -28.52
CA PHE QA 335 -93.65 1.22 -28.64
C PHE QA 335 -92.26 1.49 -29.21
N LYS QA 336 -91.23 1.07 -28.49
CA LYS QA 336 -89.90 1.41 -28.98
C LYS QA 336 -89.36 0.45 -30.03
N ALA QA 337 -89.99 -0.70 -30.24
CA ALA QA 337 -89.68 -1.46 -31.45
C ALA QA 337 -90.07 -0.67 -32.69
N MET QA 338 -91.29 -0.14 -32.68
CA MET QA 338 -91.77 0.70 -33.78
C MET QA 338 -90.93 1.96 -33.91
N LEU QA 339 -90.49 2.51 -32.78
CA LEU QA 339 -89.73 3.76 -32.80
C LEU QA 339 -88.32 3.58 -33.35
N PHE QA 340 -87.60 2.52 -32.92
CA PHE QA 340 -86.30 2.24 -33.50
C PHE QA 340 -86.40 1.91 -34.97
N MET QA 341 -87.48 1.23 -35.39
CA MET QA 341 -87.59 0.89 -36.80
C MET QA 341 -87.83 2.14 -37.66
N CYS QA 342 -88.62 3.08 -37.15
CA CYS QA 342 -88.78 4.36 -37.84
C CYS QA 342 -87.48 5.15 -37.90
N SER QA 343 -86.72 5.15 -36.79
CA SER QA 343 -85.45 5.85 -36.75
C SER QA 343 -84.46 5.23 -37.74
N GLY QA 344 -84.46 3.91 -37.86
CA GLY QA 344 -83.59 3.26 -38.82
C GLY QA 344 -84.00 3.50 -40.25
N SER QA 345 -85.30 3.65 -40.49
CA SER QA 345 -85.79 4.06 -41.80
C SER QA 345 -85.21 5.42 -42.19
N ILE QA 346 -85.25 6.37 -41.26
CA ILE QA 346 -84.70 7.70 -41.50
C ILE QA 346 -83.21 7.63 -41.79
N ILE QA 347 -82.48 6.92 -40.93
CA ILE QA 347 -81.02 6.90 -40.97
C ILE QA 347 -80.52 6.20 -42.24
N HIS QA 348 -81.16 5.09 -42.63
CA HIS QA 348 -80.75 4.48 -43.89
C HIS QA 348 -81.25 5.26 -45.10
N SER QA 349 -82.31 6.06 -44.94
CA SER QA 349 -82.74 6.85 -46.07
C SER QA 349 -81.81 8.03 -46.34
N LEU QA 350 -81.02 8.44 -45.35
CA LEU QA 350 -80.04 9.46 -45.68
C LEU QA 350 -78.63 8.99 -45.31
N ASN QA 351 -78.26 7.81 -45.81
CA ASN QA 351 -76.87 7.39 -45.99
C ASN QA 351 -76.14 7.18 -44.67
N ASP QA 352 -76.89 6.83 -43.62
CA ASP QA 352 -76.38 6.56 -42.27
C ASP QA 352 -75.61 7.75 -41.68
N GLU QA 353 -76.07 8.97 -41.95
CA GLU QA 353 -75.43 10.11 -41.33
C GLU QA 353 -75.88 10.28 -39.89
N GLN QA 354 -77.09 9.83 -39.56
CA GLN QA 354 -77.48 9.32 -38.24
C GLN QA 354 -77.62 10.41 -37.18
N ASP QA 355 -77.25 11.64 -37.46
CA ASP QA 355 -77.21 12.67 -36.44
C ASP QA 355 -78.36 13.65 -36.64
N ILE QA 356 -78.67 14.39 -35.58
CA ILE QA 356 -79.70 15.42 -35.64
C ILE QA 356 -79.27 16.54 -36.59
N ARG QA 357 -78.05 17.03 -36.41
CA ARG QA 357 -77.47 17.94 -37.38
C ARG QA 357 -77.38 17.28 -38.74
N LYS QA 358 -77.52 18.09 -39.79
CA LYS QA 358 -77.50 17.68 -41.18
C LYS QA 358 -78.62 16.66 -41.45
N MET QA 359 -79.76 16.85 -40.79
CA MET QA 359 -80.94 16.03 -41.05
C MET QA 359 -82.24 16.82 -40.97
N GLY QA 360 -82.18 18.12 -40.63
CA GLY QA 360 -83.26 18.93 -40.11
C GLY QA 360 -84.70 18.77 -40.58
N GLY QA 361 -84.94 18.92 -41.88
CA GLY QA 361 -86.30 18.89 -42.41
C GLY QA 361 -86.64 17.55 -43.01
N LEU QA 362 -87.76 16.98 -42.57
CA LEU QA 362 -88.25 15.74 -43.17
C LEU QA 362 -89.74 15.70 -43.47
N PHE QA 363 -90.56 16.59 -42.94
CA PHE QA 363 -91.99 16.49 -43.19
C PHE QA 363 -92.29 16.92 -44.63
N LYS QA 364 -93.38 16.34 -45.16
CA LYS QA 364 -93.86 16.37 -46.55
C LYS QA 364 -92.96 15.61 -47.52
N ALA QA 365 -91.83 15.09 -47.05
CA ALA QA 365 -90.97 14.22 -47.84
C ALA QA 365 -91.09 12.84 -47.22
N MET QA 366 -91.71 11.91 -47.97
CA MET QA 366 -92.22 10.60 -47.55
C MET QA 366 -92.91 10.70 -46.20
N PRO QA 367 -94.13 11.23 -46.17
CA PRO QA 367 -94.81 11.46 -44.87
C PRO QA 367 -95.19 10.20 -44.12
N PHE QA 368 -94.96 9.02 -44.69
CA PHE QA 368 -95.22 7.75 -44.01
C PHE QA 368 -94.33 7.59 -42.79
N THR QA 369 -93.02 7.80 -42.95
CA THR QA 369 -92.14 7.65 -41.79
C THR QA 369 -92.23 8.82 -40.83
N THR QA 370 -92.58 10.02 -41.31
CA THR QA 370 -92.81 11.13 -40.40
C THR QA 370 -94.08 10.88 -39.58
N THR QA 371 -95.09 10.31 -40.23
CA THR QA 371 -96.29 9.85 -39.55
C THR QA 371 -95.95 8.81 -38.51
N ALA QA 372 -95.04 7.90 -38.84
CA ALA QA 372 -94.61 6.88 -37.89
C ALA QA 372 -93.94 7.49 -36.65
N LEU QA 373 -93.04 8.45 -36.87
CA LEU QA 373 -92.36 9.07 -35.74
C LEU QA 373 -93.32 9.91 -34.89
N ILE QA 374 -94.30 10.57 -35.51
CA ILE QA 374 -95.19 11.38 -34.68
C ILE QA 374 -96.19 10.51 -33.93
N ILE QA 375 -96.59 9.36 -34.49
CA ILE QA 375 -97.43 8.43 -33.73
C ILE QA 375 -96.66 7.87 -32.55
N GLY QA 376 -95.39 7.53 -32.76
CA GLY QA 376 -94.56 7.05 -31.66
C GLY QA 376 -94.36 8.08 -30.56
N SER QA 377 -94.06 9.32 -30.95
CA SER QA 377 -93.81 10.33 -29.93
C SER QA 377 -95.09 10.81 -29.25
N LEU QA 378 -96.23 10.78 -29.95
CA LEU QA 378 -97.49 11.06 -29.28
C LEU QA 378 -97.89 9.94 -28.34
N ALA QA 379 -97.52 8.70 -28.67
CA ALA QA 379 -97.72 7.63 -27.70
C ALA QA 379 -96.76 7.74 -26.53
N LEU QA 380 -95.63 8.41 -26.71
CA LEU QA 380 -94.83 8.79 -25.56
C LEU QA 380 -95.57 9.89 -24.81
N THR QA 381 -95.50 9.83 -23.47
CA THR QA 381 -96.25 10.59 -22.46
C THR QA 381 -97.74 10.27 -22.43
N GLY QA 382 -98.24 9.48 -23.36
CA GLY QA 382 -99.66 9.22 -23.45
C GLY QA 382 -100.47 10.46 -23.77
N MET QA 383 -100.38 10.95 -25.01
CA MET QA 383 -101.29 11.99 -25.48
C MET QA 383 -102.73 11.54 -25.31
N PRO QA 384 -103.63 12.38 -24.78
CA PRO QA 384 -104.84 11.89 -24.12
C PRO QA 384 -105.94 11.34 -25.03
N PHE QA 385 -106.23 10.04 -24.96
CA PHE QA 385 -105.54 9.05 -24.14
C PHE QA 385 -105.41 7.75 -24.93
N LEU QA 386 -104.18 7.25 -25.05
CA LEU QA 386 -103.83 6.20 -26.00
C LEU QA 386 -103.32 4.99 -25.23
N THR QA 387 -102.69 4.01 -25.90
CA THR QA 387 -102.13 2.86 -25.21
C THR QA 387 -101.04 3.24 -24.24
N GLY QA 388 -100.19 4.20 -24.62
CA GLY QA 388 -99.15 4.69 -23.72
C GLY QA 388 -99.65 5.46 -22.53
N PHE QA 389 -100.91 5.92 -22.58
CA PHE QA 389 -101.53 6.56 -21.43
C PHE QA 389 -101.71 5.58 -20.28
N TYR QA 390 -102.03 4.32 -20.59
CA TYR QA 390 -102.66 3.42 -19.62
C TYR QA 390 -101.71 3.01 -18.53
N SER QA 391 -100.63 2.30 -18.91
CA SER QA 391 -99.67 1.81 -17.94
C SER QA 391 -98.99 2.95 -17.21
N LYS QA 392 -98.53 3.96 -17.96
CA LYS QA 392 -97.75 5.05 -17.38
C LYS QA 392 -98.57 5.87 -16.39
N ASP QA 393 -99.82 6.14 -16.70
CA ASP QA 393 -100.57 6.95 -15.77
C ASP QA 393 -101.21 6.15 -14.65
N LEU QA 394 -101.47 4.86 -14.84
CA LEU QA 394 -101.77 4.03 -13.68
C LEU QA 394 -100.58 3.92 -12.74
N ILE QA 395 -99.36 3.94 -13.30
CA ILE QA 395 -98.16 3.94 -12.47
C ILE QA 395 -98.06 5.23 -11.66
N ILE QA 396 -98.26 6.39 -12.29
CA ILE QA 396 -98.10 7.63 -11.53
C ILE QA 396 -99.24 7.80 -10.52
N GLU QA 397 -100.44 7.31 -10.85
CA GLU QA 397 -101.55 7.41 -9.89
C GLU QA 397 -101.34 6.49 -8.70
N SER QA 398 -100.90 5.26 -8.94
CA SER QA 398 -100.63 4.35 -7.83
C SER QA 398 -99.41 4.81 -7.02
N ALA QA 399 -98.48 5.52 -7.66
CA ALA QA 399 -97.35 6.06 -6.92
C ALA QA 399 -97.77 7.24 -6.05
N ASN QA 400 -98.67 8.08 -6.56
CA ASN QA 400 -99.10 9.24 -5.79
C ASN QA 400 -100.03 8.83 -4.66
N THR QA 401 -100.81 7.77 -4.85
CA THR QA 401 -101.66 7.24 -3.79
C THR QA 401 -100.94 6.17 -2.97
N SER QA 402 -99.75 6.47 -2.45
CA SER QA 402 -99.00 5.44 -1.76
C SER QA 402 -98.20 6.05 -0.62
N TYR QA 403 -97.64 5.17 0.20
CA TYR QA 403 -96.75 5.56 1.29
C TYR QA 403 -95.34 5.68 0.73
N THR QA 404 -95.16 6.72 -0.08
CA THR QA 404 -93.99 6.89 -0.93
C THR QA 404 -92.95 7.67 -0.10
N ASN QA 405 -91.88 8.16 -0.74
CA ASN QA 405 -90.71 8.63 -0.04
C ASN QA 405 -90.51 10.14 -0.18
N ALA QA 406 -91.55 10.86 -0.60
CA ALA QA 406 -91.59 12.33 -0.77
C ALA QA 406 -90.59 12.91 -1.77
N TRP QA 407 -89.83 12.07 -2.42
CA TRP QA 407 -88.82 12.52 -3.36
C TRP QA 407 -88.95 11.79 -4.67
N ALA QA 408 -89.29 10.50 -4.64
CA ALA QA 408 -89.36 9.70 -5.86
C ALA QA 408 -90.52 10.14 -6.74
N LEU QA 409 -91.65 10.51 -6.12
CA LEU QA 409 -92.78 11.01 -6.88
C LEU QA 409 -92.44 12.30 -7.60
N LEU QA 410 -91.72 13.20 -6.92
CA LEU QA 410 -91.35 14.47 -7.53
C LEU QA 410 -90.33 14.26 -8.64
N MET QA 411 -89.38 13.34 -8.45
CA MET QA 411 -88.38 13.08 -9.48
C MET QA 411 -89.01 12.44 -10.71
N THR QA 412 -89.95 11.50 -10.52
CA THR QA 412 -90.62 10.90 -11.66
C THR QA 412 -91.53 11.89 -12.37
N LEU QA 413 -92.11 12.83 -11.63
CA LEU QA 413 -92.92 13.88 -12.25
C LEU QA 413 -92.05 14.80 -13.12
N VAL QA 414 -90.91 15.23 -12.59
CA VAL QA 414 -89.99 16.08 -13.34
C VAL QA 414 -89.43 15.33 -14.55
N ALA QA 415 -89.20 14.04 -14.39
CA ALA QA 415 -88.67 13.26 -15.51
C ALA QA 415 -89.72 12.97 -16.57
N THR QA 416 -91.00 12.89 -16.21
CA THR QA 416 -92.04 12.78 -17.22
C THR QA 416 -92.16 14.09 -18.01
N SER QA 417 -92.00 15.22 -17.31
CA SER QA 417 -91.91 16.50 -18.02
C SER QA 417 -90.70 16.54 -18.95
N PHE QA 418 -89.58 15.99 -18.52
CA PHE QA 418 -88.39 16.04 -19.36
C PHE QA 418 -88.48 15.07 -20.53
N THR QA 419 -89.15 13.93 -20.38
CA THR QA 419 -89.30 13.07 -21.54
C THR QA 419 -90.30 13.66 -22.53
N ALA QA 420 -91.24 14.47 -22.04
CA ALA QA 420 -92.05 15.29 -22.95
C ALA QA 420 -91.20 16.28 -23.72
N ILE QA 421 -90.22 16.92 -23.06
CA ILE QA 421 -89.48 17.94 -23.80
C ILE QA 421 -88.46 17.32 -24.77
N TYR QA 422 -87.86 16.17 -24.47
CA TYR QA 422 -86.98 15.65 -25.51
C TYR QA 422 -87.73 14.87 -26.59
N SER QA 423 -88.95 14.41 -26.31
CA SER QA 423 -89.80 13.96 -27.41
C SER QA 423 -90.16 15.12 -28.33
N THR QA 424 -90.41 16.30 -27.74
CA THR QA 424 -90.60 17.50 -28.54
C THR QA 424 -89.37 17.82 -29.37
N ARG QA 425 -88.18 17.65 -28.78
CA ARG QA 425 -86.97 18.06 -29.51
C ARG QA 425 -86.64 17.10 -30.64
N ILE QA 426 -86.87 15.79 -30.45
CA ILE QA 426 -86.64 14.87 -31.57
C ILE QA 426 -87.65 15.13 -32.69
N ILE QA 427 -88.91 15.46 -32.35
CA ILE QA 427 -89.88 15.86 -33.38
C ILE QA 427 -89.42 17.11 -34.12
N PHE QA 428 -89.06 18.15 -33.37
CA PHE QA 428 -88.85 19.46 -33.97
C PHE QA 428 -87.56 19.51 -34.77
N PHE QA 429 -86.51 18.85 -34.30
CA PHE QA 429 -85.28 18.91 -35.06
C PHE QA 429 -85.21 17.85 -36.15
N ALA QA 430 -85.99 16.77 -36.06
CA ALA QA 430 -85.93 15.78 -37.13
C ALA QA 430 -86.93 16.09 -38.25
N LEU QA 431 -88.01 16.79 -37.97
CA LEU QA 431 -89.08 16.90 -38.95
C LEU QA 431 -89.29 18.32 -39.46
N LEU QA 432 -89.56 19.27 -38.58
CA LEU QA 432 -90.25 20.50 -38.99
C LEU QA 432 -89.33 21.66 -39.31
N GLY QA 433 -88.03 21.51 -39.14
CA GLY QA 433 -87.13 22.60 -39.43
C GLY QA 433 -86.99 22.83 -40.92
N GLN QA 434 -86.36 23.94 -41.25
CA GLN QA 434 -85.95 24.19 -42.62
C GLN QA 434 -84.93 23.13 -43.02
N PRO QA 435 -85.04 22.55 -44.22
CA PRO QA 435 -84.32 21.32 -44.55
C PRO QA 435 -82.82 21.53 -44.67
N ARG QA 436 -82.08 20.91 -43.75
CA ARG QA 436 -80.62 20.96 -43.73
C ARG QA 436 -80.10 19.52 -43.79
N PHE QA 437 -79.53 19.16 -44.95
CA PHE QA 437 -78.93 17.89 -45.33
C PHE QA 437 -78.39 18.11 -46.75
N PRO QA 438 -77.37 17.40 -47.21
CA PRO QA 438 -76.79 17.71 -48.52
C PRO QA 438 -77.68 17.23 -49.66
N THR QA 439 -77.29 17.61 -50.86
CA THR QA 439 -78.01 17.26 -52.08
C THR QA 439 -77.66 15.85 -52.54
N LEU QA 440 -78.01 15.54 -53.80
CA LEU QA 440 -77.94 14.19 -54.38
C LEU QA 440 -78.79 13.25 -53.53
N ILE QA 441 -80.00 13.70 -53.23
CA ILE QA 441 -80.88 13.02 -52.28
C ILE QA 441 -81.44 11.76 -52.93
N ASN QA 442 -81.38 10.65 -52.20
CA ASN QA 442 -81.82 9.35 -52.67
C ASN QA 442 -82.92 8.81 -51.78
N ILE QA 443 -83.80 9.71 -51.34
CA ILE QA 443 -84.79 9.44 -50.31
C ILE QA 443 -85.88 8.56 -50.93
N ASN QA 444 -85.90 7.27 -50.56
CA ASN QA 444 -86.58 6.24 -51.35
C ASN QA 444 -87.46 5.37 -50.46
N GLU QA 445 -88.73 5.22 -50.86
CA GLU QA 445 -89.61 4.17 -50.35
C GLU QA 445 -90.40 3.52 -51.48
N ASN QA 446 -89.70 3.11 -52.54
CA ASN QA 446 -90.24 2.10 -53.45
C ASN QA 446 -89.84 0.73 -52.91
N ASN QA 447 -90.51 0.35 -51.83
CA ASN QA 447 -90.07 -0.71 -50.94
C ASN QA 447 -91.25 -1.33 -50.22
N PRO QA 448 -91.50 -2.62 -50.40
CA PRO QA 448 -92.65 -3.25 -49.74
C PRO QA 448 -92.43 -3.60 -48.28
N PHE QA 449 -91.20 -3.95 -47.94
CA PHE QA 449 -90.96 -4.59 -46.64
C PHE QA 449 -90.98 -3.60 -45.50
N LEU QA 450 -90.36 -2.43 -45.69
CA LEU QA 450 -90.37 -1.41 -44.64
C LEU QA 450 -91.77 -0.86 -44.43
N ILE QA 451 -92.54 -0.69 -45.50
CA ILE QA 451 -93.86 -0.13 -45.32
C ILE QA 451 -94.78 -1.16 -44.66
N ASN QA 452 -94.57 -2.46 -44.95
CA ASN QA 452 -95.34 -3.49 -44.27
C ASN QA 452 -94.97 -3.56 -42.78
N SER QA 453 -93.69 -3.39 -42.46
CA SER QA 453 -93.26 -3.53 -41.09
C SER QA 453 -93.70 -2.34 -40.24
N ILE QA 454 -93.48 -1.11 -40.74
CA ILE QA 454 -93.95 0.10 -40.07
C ILE QA 454 -95.47 0.09 -39.92
N LYS QA 455 -96.16 -0.32 -41.00
CA LYS QA 455 -97.61 -0.53 -41.01
C LYS QA 455 -98.06 -1.40 -39.85
N ARG QA 456 -97.47 -2.59 -39.74
CA ARG QA 456 -97.92 -3.57 -38.77
C ARG QA 456 -97.60 -3.12 -37.35
N LEU QA 457 -96.45 -2.48 -37.14
CA LEU QA 457 -96.16 -2.05 -35.77
C LEU QA 457 -96.89 -0.78 -35.34
N LEU QA 458 -97.28 0.10 -36.26
CA LEU QA 458 -98.13 1.18 -35.79
C LEU QA 458 -99.55 0.69 -35.54
N ILE QA 459 -100.01 -0.30 -36.32
CA ILE QA 459 -101.28 -0.95 -36.00
C ILE QA 459 -101.20 -1.62 -34.63
N GLY QA 460 -100.05 -2.21 -34.32
CA GLY QA 460 -99.86 -2.79 -33.00
C GLY QA 460 -99.83 -1.76 -31.89
N SER QA 461 -99.16 -0.63 -32.12
CA SER QA 461 -99.11 0.42 -31.11
C SER QA 461 -100.45 1.13 -30.94
N LEU QA 462 -101.32 1.08 -31.93
CA LEU QA 462 -102.64 1.70 -31.80
C LEU QA 462 -103.58 0.87 -30.93
N PHE QA 463 -103.61 -0.45 -31.13
CA PHE QA 463 -104.65 -1.28 -30.53
C PHE QA 463 -104.13 -2.24 -29.47
N ALA QA 464 -103.02 -2.93 -29.73
CA ALA QA 464 -102.61 -4.06 -28.90
C ALA QA 464 -102.24 -3.67 -27.48
N GLY QA 465 -101.86 -2.41 -27.25
CA GLY QA 465 -101.68 -1.95 -25.87
C GLY QA 465 -102.97 -2.01 -25.07
N PHE QA 466 -104.04 -1.43 -25.61
CA PHE QA 466 -105.34 -1.51 -24.96
C PHE QA 466 -105.90 -2.92 -24.94
N ILE QA 467 -105.61 -3.71 -25.98
CA ILE QA 467 -106.09 -5.10 -26.06
C ILE QA 467 -105.48 -5.94 -24.96
N ILE QA 468 -104.17 -5.79 -24.71
CA ILE QA 468 -103.54 -6.51 -23.62
C ILE QA 468 -103.99 -5.95 -22.28
N SER QA 469 -104.13 -4.63 -22.18
CA SER QA 469 -104.44 -4.00 -20.90
C SER QA 469 -105.85 -4.26 -20.42
N ASN QA 470 -106.78 -4.55 -21.32
CA ASN QA 470 -108.18 -4.53 -20.92
C ASN QA 470 -108.57 -5.83 -20.22
N ASN QA 471 -108.39 -6.97 -20.88
CA ASN QA 471 -108.91 -8.24 -20.37
C ASN QA 471 -107.83 -9.06 -19.67
N ILE QA 472 -107.41 -8.55 -18.52
CA ILE QA 472 -106.58 -9.31 -17.59
C ILE QA 472 -107.28 -9.32 -16.23
N PRO QA 473 -107.21 -10.41 -15.48
CA PRO QA 473 -107.79 -10.40 -14.14
C PRO QA 473 -106.97 -9.53 -13.22
N PRO QA 474 -107.55 -8.47 -12.66
CA PRO QA 474 -106.77 -7.49 -11.88
C PRO QA 474 -106.31 -8.08 -10.55
N MET QA 475 -104.99 -8.14 -10.37
CA MET QA 475 -104.40 -8.70 -9.17
C MET QA 475 -104.04 -7.62 -8.16
N THR QA 476 -104.76 -6.50 -8.17
CA THR QA 476 -104.49 -5.40 -7.29
C THR QA 476 -105.81 -4.68 -7.00
N ILE QA 477 -105.72 -3.59 -6.25
CA ILE QA 477 -106.87 -2.77 -5.88
C ILE QA 477 -106.81 -1.50 -6.72
N PRO QA 478 -107.78 -1.25 -7.60
CA PRO QA 478 -107.81 0.02 -8.34
C PRO QA 478 -108.20 1.15 -7.41
N GLN QA 479 -107.34 2.17 -7.32
CA GLN QA 479 -107.51 3.17 -6.27
C GLN QA 479 -108.67 4.11 -6.59
N MET QA 480 -108.66 4.70 -7.79
CA MET QA 480 -109.82 5.27 -8.48
C MET QA 480 -110.34 6.57 -7.85
N THR QA 481 -109.81 6.96 -6.70
CA THR QA 481 -110.32 8.08 -5.89
C THR QA 481 -109.20 9.06 -5.67
N MET QA 482 -108.99 9.94 -6.62
CA MET QA 482 -107.90 10.88 -6.43
C MET QA 482 -108.44 12.30 -6.31
N PRO QA 483 -107.76 13.16 -5.54
CA PRO QA 483 -108.22 14.54 -5.38
C PRO QA 483 -108.08 15.40 -6.63
N HIS QA 484 -108.40 16.68 -6.47
CA HIS QA 484 -108.01 17.69 -7.44
C HIS QA 484 -106.50 17.73 -7.55
N TYR QA 485 -106.01 18.02 -8.76
CA TYR QA 485 -104.60 17.99 -9.18
C TYR QA 485 -103.87 16.69 -8.78
N LEU QA 486 -104.59 15.56 -8.75
CA LEU QA 486 -103.93 14.27 -8.58
C LEU QA 486 -104.39 13.20 -9.57
N LYS QA 487 -105.19 13.57 -10.55
CA LYS QA 487 -105.49 12.60 -11.61
C LYS QA 487 -105.20 13.15 -12.99
N MET QA 488 -105.51 14.42 -13.24
CA MET QA 488 -105.23 15.07 -14.52
C MET QA 488 -103.86 15.76 -14.50
N THR QA 489 -103.17 15.71 -13.35
CA THR QA 489 -101.92 16.43 -13.17
C THR QA 489 -100.79 15.89 -14.04
N ALA QA 490 -100.83 14.61 -14.43
CA ALA QA 490 -99.81 14.08 -15.34
C ALA QA 490 -99.93 14.71 -16.71
N LEU QA 491 -101.16 14.78 -17.23
CA LEU QA 491 -101.41 15.45 -18.50
C LEU QA 491 -101.07 16.93 -18.41
N THR QA 492 -101.36 17.54 -17.26
CA THR QA 492 -101.02 18.94 -17.03
C THR QA 492 -99.52 19.17 -17.12
N VAL QA 493 -98.74 18.28 -16.49
CA VAL QA 493 -97.29 18.43 -16.48
C VAL QA 493 -96.69 18.17 -17.85
N THR QA 494 -97.24 17.20 -18.59
CA THR QA 494 -96.73 16.96 -19.95
C THR QA 494 -97.06 18.12 -20.89
N ILE QA 495 -98.22 18.74 -20.72
CA ILE QA 495 -98.56 19.88 -21.59
C ILE QA 495 -97.74 21.11 -21.23
N LEU QA 496 -97.48 21.34 -19.93
CA LEU QA 496 -96.61 22.47 -19.59
C LEU QA 496 -95.17 22.21 -20.01
N GLY QA 497 -94.76 20.94 -20.03
CA GLY QA 497 -93.47 20.61 -20.61
C GLY QA 497 -93.42 20.88 -22.10
N PHE QA 498 -94.52 20.62 -22.81
CA PHE QA 498 -94.59 21.00 -24.22
C PHE QA 498 -94.49 22.50 -24.40
N ILE QA 499 -95.09 23.27 -23.50
CA ILE QA 499 -94.98 24.73 -23.53
C ILE QA 499 -93.54 25.16 -23.31
N LEU QA 500 -92.86 24.52 -22.36
CA LEU QA 500 -91.47 24.87 -22.04
C LEU QA 500 -90.54 24.53 -23.20
N ALA QA 501 -90.74 23.38 -23.83
CA ALA QA 501 -89.92 23.03 -24.98
C ALA QA 501 -90.24 23.89 -26.20
N LEU QA 502 -91.49 24.32 -26.32
CA LEU QA 502 -91.88 25.24 -27.38
C LEU QA 502 -91.16 26.58 -27.24
N GLU QA 503 -91.07 27.10 -26.01
CA GLU QA 503 -90.38 28.38 -25.86
C GLU QA 503 -88.86 28.23 -25.98
N ILE QA 504 -88.33 27.04 -25.64
CA ILE QA 504 -86.93 26.73 -25.96
C ILE QA 504 -86.69 26.81 -27.46
N SER QA 505 -87.61 26.23 -28.24
CA SER QA 505 -87.51 26.25 -29.70
C SER QA 505 -87.57 27.67 -30.26
N ASN QA 506 -88.51 28.48 -29.74
CA ASN QA 506 -88.65 29.84 -30.25
C ASN QA 506 -87.47 30.73 -29.82
N THR QA 507 -86.83 30.44 -28.69
CA THR QA 507 -85.59 31.13 -28.39
C THR QA 507 -84.44 30.64 -29.26
N THR QA 508 -84.51 29.39 -29.71
CA THR QA 508 -83.50 28.86 -30.60
C THR QA 508 -83.65 29.42 -32.01
N HIS QA 509 -84.83 29.92 -32.36
CA HIS QA 509 -85.06 30.53 -33.67
C HIS QA 509 -84.25 31.80 -33.88
N TYR QA 510 -83.85 32.48 -32.81
CA TYR QA 510 -83.20 33.79 -32.90
C TYR QA 510 -81.74 33.62 -33.30
N LEU QA 511 -80.97 34.71 -33.25
CA LEU QA 511 -79.56 34.72 -33.62
C LEU QA 511 -78.76 35.40 -32.49
N LYS QA 512 -78.40 34.61 -31.48
CA LYS QA 512 -77.87 35.20 -30.25
C LYS QA 512 -76.49 34.69 -29.87
N PHE QA 513 -76.29 33.36 -29.84
CA PHE QA 513 -75.04 32.69 -29.44
C PHE QA 513 -74.63 33.11 -28.03
N ASN QA 514 -75.44 32.67 -27.07
CA ASN QA 514 -75.01 32.80 -25.69
C ASN QA 514 -74.06 31.66 -25.32
N TYR QA 515 -73.37 31.83 -24.21
CA TYR QA 515 -72.36 30.90 -23.77
C TYR QA 515 -73.00 29.63 -23.20
N PRO QA 516 -72.26 28.52 -23.21
CA PRO QA 516 -72.69 27.38 -22.40
C PRO QA 516 -72.44 27.63 -20.91
N SER QA 517 -73.41 27.23 -20.10
CA SER QA 517 -73.45 27.60 -18.68
C SER QA 517 -73.42 26.38 -17.79
N ASN QA 518 -72.69 25.35 -18.22
CA ASN QA 518 -72.26 24.19 -17.43
C ASN QA 518 -73.36 23.26 -16.96
N THR QA 519 -74.63 23.63 -17.09
CA THR QA 519 -75.66 22.60 -17.10
C THR QA 519 -75.75 22.01 -18.50
N PHE QA 520 -75.53 22.88 -19.48
CA PHE QA 520 -75.35 22.48 -20.86
C PHE QA 520 -74.13 21.58 -21.01
N LYS QA 521 -73.07 21.87 -20.25
CA LYS QA 521 -71.89 21.02 -20.26
C LYS QA 521 -72.05 19.81 -19.35
N PHE QA 522 -72.92 19.89 -18.35
CA PHE QA 522 -73.22 18.71 -17.55
C PHE QA 522 -74.08 17.72 -18.30
N SER QA 523 -74.85 18.18 -19.27
CA SER QA 523 -75.72 17.29 -20.02
C SER QA 523 -75.05 16.67 -21.24
N ASN QA 524 -73.98 17.27 -21.75
CA ASN QA 524 -73.33 16.74 -22.95
C ASN QA 524 -72.48 15.54 -22.65
N LEU QA 525 -71.63 15.62 -21.63
CA LEU QA 525 -70.72 14.55 -21.27
C LEU QA 525 -71.37 13.50 -20.37
N LEU QA 526 -72.70 13.41 -20.42
CA LEU QA 526 -73.51 12.35 -19.81
C LEU QA 526 -73.41 12.40 -18.29
N GLY QA 527 -73.45 13.61 -17.74
CA GLY QA 527 -73.24 13.82 -16.33
C GLY QA 527 -71.84 13.55 -15.85
N TYR QA 528 -70.88 13.45 -16.77
CA TYR QA 528 -69.45 13.16 -16.60
C TYR QA 528 -69.17 11.76 -16.06
N TYR QA 529 -70.20 10.95 -15.79
CA TYR QA 529 -70.00 9.62 -15.25
C TYR QA 529 -69.26 8.67 -16.20
N PRO QA 530 -69.69 8.46 -17.46
CA PRO QA 530 -68.94 7.50 -18.30
C PRO QA 530 -67.54 7.96 -18.59
N THR QA 531 -67.37 9.26 -18.82
CA THR QA 531 -66.05 9.83 -19.07
C THR QA 531 -65.13 9.62 -17.88
N ILE QA 532 -65.51 10.11 -16.70
CA ILE QA 532 -64.51 10.10 -15.64
C ILE QA 532 -64.37 8.70 -15.02
N MET QA 533 -65.39 7.85 -15.07
CA MET QA 533 -65.19 6.52 -14.51
C MET QA 533 -64.45 5.61 -15.48
N HIS QA 534 -64.72 5.71 -16.78
CA HIS QA 534 -64.01 4.90 -17.75
C HIS QA 534 -62.63 5.43 -18.05
N ARG QA 535 -62.29 6.64 -17.59
CA ARG QA 535 -60.91 7.06 -17.62
C ARG QA 535 -60.19 6.84 -16.30
N LEU QA 536 -60.93 6.70 -15.19
CA LEU QA 536 -60.25 6.54 -13.91
C LEU QA 536 -60.08 5.09 -13.50
N THR QA 537 -61.15 4.30 -13.51
CA THR QA 537 -61.00 2.91 -13.07
C THR QA 537 -60.21 1.99 -14.00
N PRO QA 538 -60.16 2.17 -15.33
CA PRO QA 538 -59.13 1.45 -16.09
C PRO QA 538 -57.73 1.99 -15.91
N TYR QA 539 -57.56 3.13 -15.24
CA TYR QA 539 -56.20 3.54 -14.93
C TYR QA 539 -55.73 2.92 -13.61
N MET QA 540 -56.63 2.83 -12.64
CA MET QA 540 -56.29 2.34 -11.30
C MET QA 540 -55.90 0.87 -11.33
N ASN QA 541 -56.83 0.00 -11.77
CA ASN QA 541 -56.61 -1.43 -11.70
C ASN QA 541 -55.51 -1.89 -12.63
N LEU QA 542 -55.40 -1.26 -13.80
CA LEU QA 542 -54.38 -1.70 -14.74
C LEU QA 542 -53.01 -1.16 -14.38
N THR QA 543 -52.94 0.03 -13.78
CA THR QA 543 -51.65 0.52 -13.30
C THR QA 543 -51.18 -0.30 -12.10
N MET QA 544 -52.12 -0.76 -11.26
CA MET QA 544 -51.73 -1.67 -10.18
C MET QA 544 -51.39 -3.06 -10.70
N SER QA 545 -51.95 -3.47 -11.83
CA SER QA 545 -51.53 -4.72 -12.45
C SER QA 545 -50.13 -4.61 -13.04
N GLN QA 546 -49.77 -3.42 -13.52
CA GLN QA 546 -48.39 -3.19 -13.94
C GLN QA 546 -47.45 -3.22 -12.74
N LYS QA 547 -47.80 -2.45 -11.71
CA LYS QA 547 -46.86 -2.15 -10.64
C LYS QA 547 -46.70 -3.35 -9.71
N SER QA 548 -47.79 -3.81 -9.11
CA SER QA 548 -47.73 -4.94 -8.21
C SER QA 548 -47.54 -6.25 -8.97
N ALA QA 549 -48.49 -6.60 -9.84
CA ALA QA 549 -48.54 -7.95 -10.37
C ALA QA 549 -47.46 -8.20 -11.42
N SER QA 550 -47.55 -7.51 -12.56
CA SER QA 550 -46.72 -7.90 -13.71
C SER QA 550 -45.27 -7.51 -13.52
N SER QA 551 -45.00 -6.46 -12.73
CA SER QA 551 -43.63 -6.07 -12.48
C SER QA 551 -43.13 -6.57 -11.13
N LEU QA 552 -43.73 -6.11 -10.03
CA LEU QA 552 -43.05 -6.32 -8.75
C LEU QA 552 -43.39 -7.64 -8.09
N LEU QA 553 -44.64 -7.82 -7.66
CA LEU QA 553 -44.89 -8.76 -6.58
C LEU QA 553 -44.85 -10.20 -7.06
N ASP QA 554 -45.30 -10.45 -8.27
CA ASP QA 554 -45.27 -11.82 -8.75
C ASP QA 554 -43.86 -12.22 -9.16
N LEU QA 555 -43.41 -11.63 -10.26
CA LEU QA 555 -42.26 -12.18 -10.99
C LEU QA 555 -40.97 -11.91 -10.25
N ILE QA 556 -40.61 -10.64 -10.10
CA ILE QA 556 -39.27 -10.33 -9.61
C ILE QA 556 -39.17 -10.58 -8.12
N TRP QA 557 -40.28 -10.43 -7.39
CA TRP QA 557 -40.18 -10.64 -5.96
C TRP QA 557 -40.22 -12.13 -5.61
N LEU QA 558 -40.96 -12.95 -6.37
CA LEU QA 558 -40.85 -14.38 -6.13
C LEU QA 558 -39.52 -14.94 -6.60
N GLU QA 559 -38.95 -14.38 -7.69
CA GLU QA 559 -37.63 -14.78 -8.13
C GLU QA 559 -36.54 -14.34 -7.15
N THR QA 560 -36.77 -13.31 -6.34
CA THR QA 560 -35.82 -12.97 -5.31
C THR QA 560 -36.07 -13.69 -3.99
N ILE QA 561 -37.29 -14.11 -3.71
CA ILE QA 561 -37.51 -14.91 -2.51
C ILE QA 561 -37.00 -16.33 -2.69
N LEU QA 562 -37.58 -17.08 -3.64
CA LEU QA 562 -37.24 -18.50 -3.56
C LEU QA 562 -35.94 -18.85 -4.30
N PRO QA 563 -35.73 -18.58 -5.61
CA PRO QA 563 -34.55 -19.15 -6.25
C PRO QA 563 -33.26 -18.42 -5.95
N LYS QA 564 -33.34 -17.09 -5.78
CA LYS QA 564 -32.11 -16.29 -5.67
C LYS QA 564 -31.38 -16.55 -4.37
N THR QA 565 -32.11 -16.59 -3.25
CA THR QA 565 -31.48 -16.76 -1.95
C THR QA 565 -30.83 -18.14 -1.83
N ILE QA 566 -31.56 -19.17 -2.23
CA ILE QA 566 -31.04 -20.54 -2.24
C ILE QA 566 -29.86 -20.65 -3.18
N SER QA 567 -30.00 -20.13 -4.40
CA SER QA 567 -28.98 -20.27 -5.44
C SER QA 567 -27.70 -19.51 -5.07
N LEU QA 568 -27.84 -18.32 -4.48
CA LEU QA 568 -26.65 -17.58 -4.09
C LEU QA 568 -26.00 -18.18 -2.86
N ALA QA 569 -26.79 -18.78 -1.96
CA ALA QA 569 -26.19 -19.48 -0.83
C ALA QA 569 -25.39 -20.69 -1.28
N GLN QA 570 -25.94 -21.47 -2.22
CA GLN QA 570 -25.19 -22.62 -2.73
C GLN QA 570 -23.97 -22.19 -3.53
N MET QA 571 -24.07 -21.06 -4.25
CA MET QA 571 -22.93 -20.52 -4.97
C MET QA 571 -21.82 -20.09 -4.02
N LYS QA 572 -22.17 -19.40 -2.94
CA LYS QA 572 -21.16 -18.95 -1.98
C LYS QA 572 -20.53 -20.12 -1.24
N MET QA 573 -21.33 -21.11 -0.83
CA MET QA 573 -20.74 -22.25 -0.13
C MET QA 573 -19.88 -23.09 -1.06
N SER QA 574 -20.25 -23.21 -2.33
CA SER QA 574 -19.40 -23.93 -3.28
C SER QA 574 -18.10 -23.18 -3.52
N THR QA 575 -18.17 -21.88 -3.77
CA THR QA 575 -16.97 -21.11 -4.03
C THR QA 575 -16.15 -20.82 -2.77
N THR QA 576 -16.61 -21.20 -1.59
CA THR QA 576 -15.70 -21.24 -0.45
C THR QA 576 -15.15 -22.63 -0.17
N ILE QA 577 -15.90 -23.70 -0.47
CA ILE QA 577 -15.40 -25.04 -0.18
C ILE QA 577 -14.39 -25.48 -1.23
N THR QA 578 -14.75 -25.42 -2.51
CA THR QA 578 -13.83 -25.98 -3.49
C THR QA 578 -12.68 -25.05 -3.83
N SER QA 579 -12.70 -23.80 -3.34
CA SER QA 579 -11.63 -22.84 -3.64
C SER QA 579 -10.48 -23.01 -2.65
N GLN QA 580 -9.79 -24.13 -2.81
CA GLN QA 580 -8.61 -24.45 -2.02
C GLN QA 580 -7.43 -24.69 -2.95
N LYS QA 581 -6.24 -24.49 -2.42
CA LYS QA 581 -5.01 -24.67 -3.17
C LYS QA 581 -4.22 -25.84 -2.63
N GLY QA 582 -3.18 -26.22 -3.37
CA GLY QA 582 -2.43 -27.42 -3.09
C GLY QA 582 -1.26 -27.26 -2.14
N LEU QA 583 -1.54 -26.85 -0.91
CA LEU QA 583 -0.55 -26.88 0.17
C LEU QA 583 -1.06 -27.88 1.18
N ILE QA 584 -0.48 -29.09 1.16
CA ILE QA 584 -1.05 -30.23 1.87
C ILE QA 584 -0.83 -30.10 3.37
N LYS QA 585 0.11 -29.24 3.77
CA LYS QA 585 0.28 -28.81 5.16
C LYS QA 585 -1.03 -28.31 5.76
N LEU QA 586 -1.81 -27.57 4.96
CA LEU QA 586 -3.10 -27.08 5.42
C LEU QA 586 -4.09 -28.21 5.65
N TYR QA 587 -4.01 -29.25 4.83
CA TYR QA 587 -4.97 -30.35 4.97
C TYR QA 587 -4.63 -31.21 6.17
N PHE QA 588 -3.34 -31.37 6.46
CA PHE QA 588 -2.99 -32.08 7.68
C PHE QA 588 -3.25 -31.23 8.92
N LEU QA 589 -3.20 -29.89 8.82
CA LEU QA 589 -3.64 -29.08 9.95
C LEU QA 589 -5.16 -29.19 10.17
N SER QA 590 -5.91 -29.36 9.08
CA SER QA 590 -7.35 -29.64 9.23
C SER QA 590 -7.57 -30.99 9.90
N PHE QA 591 -6.74 -31.97 9.56
CA PHE QA 591 -6.80 -33.28 10.22
C PHE QA 591 -6.49 -33.15 11.71
N LEU QA 592 -5.52 -32.30 12.05
CA LEU QA 592 -5.13 -32.08 13.43
C LEU QA 592 -6.26 -31.44 14.24
N ILE QA 593 -6.88 -30.40 13.68
CA ILE QA 593 -7.94 -29.73 14.44
C ILE QA 593 -9.17 -30.60 14.50
N THR QA 594 -9.36 -31.50 13.52
CA THR QA 594 -10.46 -32.46 13.61
C THR QA 594 -10.22 -33.46 14.73
N ILE QA 595 -8.98 -33.94 14.88
CA ILE QA 595 -8.67 -34.84 15.99
C ILE QA 595 -8.81 -34.13 17.33
N LEU QA 596 -8.38 -32.88 17.43
CA LEU QA 596 -8.49 -32.18 18.70
C LEU QA 596 -9.93 -31.80 19.04
N ILE QA 597 -10.75 -31.45 18.04
CA ILE QA 597 -12.16 -31.16 18.31
C ILE QA 597 -12.90 -32.46 18.64
N SER QA 598 -12.40 -33.60 18.17
CA SER QA 598 -12.98 -34.86 18.57
C SER QA 598 -12.59 -35.26 19.98
N THR QA 599 -11.38 -34.90 20.40
CA THR QA 599 -10.98 -35.27 21.76
C THR QA 599 -11.61 -34.35 22.80
N THR QA 600 -11.30 -33.05 22.75
CA THR QA 600 -11.61 -32.21 23.91
C THR QA 600 -12.92 -31.45 23.81
N LEU QA 601 -13.47 -31.24 22.61
CA LEU QA 601 -14.66 -30.41 22.55
C LEU QA 601 -15.91 -31.23 22.87
N LEU QA 602 -16.22 -32.22 22.05
CA LEU QA 602 -17.35 -33.09 22.29
C LEU QA 602 -16.80 -34.45 22.66
N ASN QA 603 -17.24 -34.99 23.79
CA ASN QA 603 -16.73 -36.27 24.25
C ASN QA 603 -17.24 -37.42 23.37
N PHE QA 604 -16.31 -38.25 22.96
CA PHE QA 604 -16.57 -39.37 22.05
C PHE QA 604 -16.18 -40.71 22.65
N HIS QA 605 -15.07 -40.77 23.37
CA HIS QA 605 -14.86 -41.90 24.25
C HIS QA 605 -15.80 -41.87 25.44
N GLU QA 606 -16.24 -40.69 25.85
CA GLU QA 606 -17.31 -40.58 26.83
C GLU QA 606 -18.54 -39.98 26.16
N MET RA 1 -57.34 -53.71 -14.91
CA MET RA 1 -56.94 -52.69 -15.87
C MET RA 1 -55.63 -53.08 -16.52
N LEU RA 2 -55.19 -54.31 -16.26
CA LEU RA 2 -54.01 -54.84 -16.92
C LEU RA 2 -54.29 -55.08 -18.41
N LYS RA 3 -55.57 -55.22 -18.77
CA LYS RA 3 -56.01 -55.15 -20.15
C LYS RA 3 -55.94 -53.75 -20.73
N TYR RA 4 -55.65 -52.72 -19.92
CA TYR RA 4 -55.26 -51.44 -20.46
C TYR RA 4 -53.76 -51.24 -20.46
N ILE RA 5 -53.08 -51.89 -19.53
CA ILE RA 5 -51.65 -51.70 -19.41
C ILE RA 5 -50.91 -52.43 -20.51
N ILE RA 6 -51.17 -53.72 -20.69
CA ILE RA 6 -50.45 -54.52 -21.67
C ILE RA 6 -50.69 -54.15 -23.14
N PRO RA 7 -51.82 -53.54 -23.60
CA PRO RA 7 -51.78 -53.01 -24.98
C PRO RA 7 -50.91 -51.79 -25.14
N THR RA 8 -50.65 -51.04 -24.07
CA THR RA 8 -49.73 -49.92 -24.17
C THR RA 8 -48.29 -50.41 -24.33
N MET RA 9 -47.93 -51.48 -23.62
CA MET RA 9 -46.66 -52.15 -23.87
C MET RA 9 -46.63 -52.85 -25.22
N MET RA 10 -47.77 -53.24 -25.77
CA MET RA 10 -47.76 -53.83 -27.11
C MET RA 10 -47.99 -52.81 -28.21
N LEU RA 11 -48.09 -51.53 -27.85
CA LEU RA 11 -48.18 -50.45 -28.83
C LEU RA 11 -46.84 -49.78 -29.08
N MET RA 12 -45.97 -49.78 -28.08
CA MET RA 12 -44.70 -49.07 -28.20
C MET RA 12 -43.72 -49.69 -29.19
N PRO RA 13 -43.38 -51.00 -29.16
CA PRO RA 13 -42.37 -51.49 -30.11
C PRO RA 13 -42.86 -51.54 -31.55
N LEU RA 14 -44.18 -51.50 -31.77
CA LEU RA 14 -44.73 -51.39 -33.10
C LEU RA 14 -44.27 -50.11 -33.79
N THR RA 15 -44.26 -49.01 -33.04
CA THR RA 15 -43.77 -47.74 -33.56
C THR RA 15 -42.27 -47.79 -33.84
N TRP RA 16 -41.52 -48.54 -33.03
CA TRP RA 16 -40.10 -48.74 -33.28
C TRP RA 16 -39.88 -49.46 -34.60
N LEU RA 17 -40.50 -50.64 -34.77
CA LEU RA 17 -40.39 -51.32 -36.06
C LEU RA 17 -41.58 -51.00 -36.98
N SER RA 18 -41.91 -49.73 -37.08
CA SER RA 18 -42.76 -49.23 -38.13
C SER RA 18 -41.88 -48.65 -39.24
N LYS RA 19 -42.29 -48.85 -40.49
CA LYS RA 19 -41.48 -48.39 -41.60
C LYS RA 19 -41.67 -46.89 -41.82
N ASN RA 20 -41.06 -46.39 -42.89
CA ASN RA 20 -41.15 -44.96 -43.18
C ASN RA 20 -42.53 -44.63 -43.73
N SER RA 21 -42.98 -43.41 -43.41
CA SER RA 21 -44.29 -42.86 -43.78
C SER RA 21 -45.46 -43.72 -43.31
N MET RA 22 -45.26 -44.47 -42.23
CA MET RA 22 -46.29 -45.36 -41.73
C MET RA 22 -46.32 -45.37 -40.21
N ILE RA 23 -45.48 -44.58 -39.55
CA ILE RA 23 -45.52 -44.46 -38.10
C ILE RA 23 -46.82 -43.84 -37.64
N TRP RA 24 -47.34 -42.92 -38.45
CA TRP RA 24 -48.37 -42.00 -38.02
C TRP RA 24 -49.72 -42.69 -37.93
N ILE RA 25 -50.07 -43.40 -38.99
CA ILE RA 25 -51.39 -44.02 -39.10
C ILE RA 25 -51.51 -45.14 -38.09
N ASN RA 26 -50.42 -45.88 -37.89
CA ASN RA 26 -50.38 -46.97 -36.92
C ASN RA 26 -50.60 -46.46 -35.50
N THR RA 27 -49.84 -45.43 -35.10
CA THR RA 27 -49.99 -44.89 -33.76
C THR RA 27 -51.37 -44.27 -33.53
N THR RA 28 -51.88 -43.52 -34.51
CA THR RA 28 -53.17 -42.84 -34.35
C THR RA 28 -54.31 -43.85 -34.26
N LEU RA 29 -54.35 -44.82 -35.18
CA LEU RA 29 -55.39 -45.84 -35.19
C LEU RA 29 -55.38 -46.66 -33.91
N HIS RA 30 -54.20 -47.03 -33.43
CA HIS RA 30 -54.19 -47.88 -32.26
C HIS RA 30 -54.47 -47.10 -30.99
N SER RA 31 -54.15 -45.81 -30.95
CA SER RA 31 -54.56 -45.02 -29.78
C SER RA 31 -56.06 -44.78 -29.77
N LEU RA 32 -56.70 -44.70 -30.94
CA LEU RA 32 -58.15 -44.58 -30.96
C LEU RA 32 -58.81 -45.88 -30.52
N LEU RA 33 -58.21 -47.02 -30.89
CA LEU RA 33 -58.64 -48.30 -30.34
C LEU RA 33 -58.54 -48.32 -28.82
N ILE RA 34 -57.44 -47.76 -28.28
CA ILE RA 34 -57.29 -47.60 -26.84
C ILE RA 34 -58.37 -46.69 -26.28
N SER RA 35 -58.85 -45.71 -27.05
CA SER RA 35 -59.90 -44.83 -26.56
C SER RA 35 -61.24 -45.56 -26.41
N LEU RA 36 -61.61 -46.41 -27.38
CA LEU RA 36 -62.82 -47.23 -27.19
C LEU RA 36 -62.65 -48.18 -26.02
N THR RA 37 -61.46 -48.76 -25.91
CA THR RA 37 -61.13 -49.68 -24.83
C THR RA 37 -61.27 -48.99 -23.47
N SER RA 38 -60.84 -47.73 -23.39
CA SER RA 38 -60.98 -46.92 -22.19
C SER RA 38 -62.44 -46.65 -21.88
N LEU RA 39 -63.23 -46.45 -22.93
CA LEU RA 39 -64.65 -46.20 -22.75
C LEU RA 39 -65.38 -47.42 -22.21
N LEU RA 40 -64.81 -48.62 -22.38
CA LEU RA 40 -65.46 -49.83 -21.83
C LEU RA 40 -65.51 -49.84 -20.31
N LEU RA 41 -64.56 -49.17 -19.63
CA LEU RA 41 -64.41 -49.35 -18.17
C LEU RA 41 -65.56 -48.76 -17.36
N LEU RA 42 -66.27 -47.76 -17.89
CA LEU RA 42 -67.10 -46.87 -17.10
C LEU RA 42 -68.29 -47.66 -16.55
N ASN RA 43 -68.13 -48.15 -15.32
CA ASN RA 43 -69.08 -49.10 -14.75
C ASN RA 43 -69.35 -48.87 -13.27
N GLN RA 44 -68.79 -47.81 -12.67
CA GLN RA 44 -68.74 -47.69 -11.22
C GLN RA 44 -70.12 -47.58 -10.60
N PHE RA 45 -70.50 -48.59 -9.83
CA PHE RA 45 -71.85 -48.71 -9.33
C PHE RA 45 -71.89 -48.55 -7.83
N GLY RA 46 -72.56 -47.50 -7.38
CA GLY RA 46 -73.11 -47.41 -6.04
C GLY RA 46 -72.18 -47.28 -4.85
N ASP RA 47 -72.17 -48.34 -4.04
CA ASP RA 47 -71.62 -48.24 -2.70
C ASP RA 47 -70.09 -48.20 -2.69
N ASN RA 48 -69.44 -49.07 -3.47
CA ASN RA 48 -68.00 -49.26 -3.36
C ASN RA 48 -67.29 -48.77 -4.61
N SER RA 49 -65.98 -49.02 -4.65
CA SER RA 49 -65.17 -48.80 -5.84
C SER RA 49 -65.39 -49.97 -6.79
N LEU RA 50 -64.60 -50.05 -7.85
CA LEU RA 50 -64.46 -51.33 -8.54
C LEU RA 50 -63.01 -51.75 -8.45
N ASN RA 51 -62.74 -52.80 -7.67
CA ASN RA 51 -61.40 -53.24 -7.31
C ASN RA 51 -60.91 -54.31 -8.27
N PHE RA 52 -59.62 -54.61 -8.15
CA PHE RA 52 -58.89 -55.53 -9.02
C PHE RA 52 -57.54 -55.77 -8.38
N SER RA 53 -57.06 -57.02 -8.45
CA SER RA 53 -56.06 -57.60 -7.53
C SER RA 53 -54.87 -56.68 -7.33
N LEU RA 54 -54.33 -56.72 -6.11
CA LEU RA 54 -54.14 -55.55 -5.24
C LEU RA 54 -53.97 -54.19 -5.91
N THR RA 55 -53.24 -54.10 -7.02
CA THR RA 55 -52.80 -52.82 -7.57
C THR RA 55 -53.94 -51.94 -8.08
N PHE RA 56 -55.03 -52.51 -8.62
CA PHE RA 56 -55.89 -51.68 -9.46
C PHE RA 56 -57.26 -51.43 -8.85
N PHE RA 57 -57.76 -50.20 -8.99
CA PHE RA 57 -59.19 -49.98 -8.79
C PHE RA 57 -59.61 -48.74 -9.54
N SER RA 58 -60.92 -48.50 -9.52
CA SER RA 58 -61.49 -47.36 -10.23
C SER RA 58 -62.61 -46.73 -9.39
N ASP RA 59 -62.55 -45.41 -9.31
CA ASP RA 59 -63.60 -44.53 -8.84
C ASP RA 59 -63.87 -43.47 -9.89
N SER RA 60 -64.94 -42.71 -9.68
CA SER RA 60 -65.21 -41.52 -10.48
C SER RA 60 -64.29 -40.36 -10.13
N LEU RA 61 -63.47 -40.50 -9.09
CA LEU RA 61 -62.32 -39.62 -8.96
C LEU RA 61 -61.26 -39.96 -9.99
N SER RA 62 -61.23 -41.20 -10.46
CA SER RA 62 -60.19 -41.65 -11.38
C SER RA 62 -60.69 -41.97 -12.77
N THR RA 63 -61.95 -42.40 -12.92
CA THR RA 63 -62.42 -42.87 -14.23
C THR RA 63 -62.54 -41.76 -15.28
N PRO RA 64 -63.13 -40.58 -15.00
CA PRO RA 64 -63.12 -39.55 -16.06
C PRO RA 64 -61.76 -38.96 -16.30
N LEU RA 65 -60.88 -38.94 -15.31
CA LEU RA 65 -59.51 -38.47 -15.56
C LEU RA 65 -58.74 -39.45 -16.44
N LEU RA 66 -58.95 -40.75 -16.22
CA LEU RA 66 -58.32 -41.77 -17.05
C LEU RA 66 -58.84 -41.70 -18.49
N ILE RA 67 -60.16 -41.55 -18.65
CA ILE RA 67 -60.75 -41.39 -19.97
C ILE RA 67 -60.25 -40.10 -20.63
N LEU RA 68 -60.04 -39.07 -19.82
CA LEU RA 68 -59.48 -37.81 -20.30
C LEU RA 68 -58.07 -38.00 -20.85
N THR RA 69 -57.24 -38.76 -20.14
CA THR RA 69 -55.87 -39.00 -20.59
C THR RA 69 -55.83 -39.82 -21.88
N MET RA 70 -56.60 -40.90 -21.92
CA MET RA 70 -56.52 -41.75 -23.10
C MET RA 70 -57.25 -41.15 -24.30
N TRP RA 71 -58.22 -40.28 -24.08
CA TRP RA 71 -58.77 -39.48 -25.17
C TRP RA 71 -57.80 -38.40 -25.60
N LEU RA 72 -57.01 -37.88 -24.67
CA LEU RA 72 -56.09 -36.79 -24.97
C LEU RA 72 -54.90 -37.25 -25.78
N LEU RA 73 -54.53 -38.54 -25.68
CA LEU RA 73 -53.34 -39.04 -26.37
C LEU RA 73 -53.33 -38.89 -27.90
N PRO RA 74 -54.39 -39.24 -28.67
CA PRO RA 74 -54.32 -38.98 -30.12
C PRO RA 74 -54.35 -37.50 -30.45
N LEU RA 75 -55.05 -36.72 -29.64
CA LEU RA 75 -55.10 -35.27 -29.81
C LEU RA 75 -53.73 -34.65 -29.60
N MET RA 76 -53.07 -35.07 -28.51
CA MET RA 76 -51.67 -34.79 -28.23
C MET RA 76 -50.78 -35.14 -29.41
N LEU RA 77 -50.95 -36.35 -29.94
CA LEU RA 77 -50.06 -36.86 -30.97
C LEU RA 77 -50.25 -36.10 -32.27
N MET RA 78 -51.48 -35.83 -32.66
CA MET RA 78 -51.73 -35.16 -33.93
C MET RA 78 -51.48 -33.66 -33.85
N ALA RA 79 -51.40 -33.10 -32.64
CA ALA RA 79 -50.79 -31.78 -32.54
C ALA RA 79 -49.28 -31.83 -32.78
N SER RA 80 -48.65 -32.98 -32.59
CA SER RA 80 -47.20 -33.08 -32.49
C SER RA 80 -46.54 -33.51 -33.81
N GLN RA 81 -47.05 -33.07 -34.95
CA GLN RA 81 -46.26 -33.09 -36.17
C GLN RA 81 -46.19 -31.68 -36.73
N HIS RA 82 -45.51 -31.57 -37.87
CA HIS RA 82 -45.27 -30.35 -38.65
C HIS RA 82 -44.33 -29.36 -37.94
N HIS RA 83 -43.97 -29.65 -36.69
CA HIS RA 83 -42.95 -28.88 -36.00
C HIS RA 83 -41.82 -29.78 -35.55
N LEU RA 84 -41.84 -31.04 -35.97
CA LEU RA 84 -40.64 -31.89 -35.99
C LEU RA 84 -40.61 -32.72 -37.25
N SER RA 85 -41.26 -32.25 -38.32
CA SER RA 85 -41.39 -33.04 -39.55
C SER RA 85 -40.06 -33.18 -40.27
N LYS RA 86 -39.23 -32.15 -40.25
CA LYS RA 86 -37.93 -32.21 -40.91
C LYS RA 86 -36.87 -32.87 -40.06
N GLU RA 87 -37.19 -33.24 -38.82
CA GLU RA 87 -36.24 -33.96 -37.98
C GLU RA 87 -36.20 -35.43 -38.39
N ASN RA 88 -35.31 -36.19 -37.75
CA ASN RA 88 -35.03 -37.56 -38.15
C ASN RA 88 -36.19 -38.49 -37.83
N LEU RA 89 -36.24 -39.58 -38.60
CA LEU RA 89 -37.21 -40.64 -38.34
C LEU RA 89 -36.95 -41.32 -37.00
N ALA RA 90 -35.68 -41.49 -36.66
CA ALA RA 90 -35.34 -42.11 -35.37
C ALA RA 90 -35.70 -41.19 -34.21
N ARG RA 91 -35.43 -39.89 -34.36
CA ARG RA 91 -35.79 -38.95 -33.30
C ARG RA 91 -37.29 -38.76 -33.20
N LYS RA 92 -38.00 -38.91 -34.31
CA LYS RA 92 -39.46 -38.86 -34.31
C LYS RA 92 -40.05 -40.08 -33.58
N LYS RA 93 -39.51 -41.26 -33.87
CA LYS RA 93 -39.91 -42.47 -33.14
C LYS RA 93 -39.59 -42.36 -31.67
N LEU RA 94 -38.46 -41.75 -31.34
CA LEU RA 94 -38.05 -41.57 -29.95
C LEU RA 94 -39.02 -40.66 -29.21
N PHE RA 95 -39.43 -39.56 -29.86
CA PHE RA 95 -40.40 -38.63 -29.26
C PHE RA 95 -41.76 -39.30 -29.05
N ILE RA 96 -42.24 -40.03 -30.06
CA ILE RA 96 -43.56 -40.63 -29.95
C ILE RA 96 -43.57 -41.75 -28.91
N SER RA 97 -42.51 -42.55 -28.86
CA SER RA 97 -42.42 -43.59 -27.83
C SER RA 97 -42.25 -42.98 -26.45
N MET RA 98 -41.63 -41.81 -26.35
CA MET RA 98 -41.55 -41.12 -25.07
C MET RA 98 -42.92 -40.69 -24.58
N LEU RA 99 -43.76 -40.18 -25.51
CA LEU RA 99 -45.13 -39.82 -25.12
C LEU RA 99 -45.95 -41.04 -24.75
N ILE RA 100 -45.73 -42.18 -25.41
CA ILE RA 100 -46.46 -43.40 -25.07
C ILE RA 100 -46.07 -43.88 -23.68
N LEU RA 101 -44.77 -43.81 -23.36
CA LEU RA 101 -44.30 -44.15 -22.02
C LEU RA 101 -44.89 -43.21 -20.97
N LEU RA 102 -45.01 -41.92 -21.31
CA LEU RA 102 -45.60 -40.97 -20.38
C LEU RA 102 -47.07 -41.27 -20.14
N GLN RA 103 -47.79 -41.68 -21.19
CA GLN RA 103 -49.19 -42.09 -21.02
C GLN RA 103 -49.29 -43.31 -20.14
N LEU RA 104 -48.38 -44.28 -20.35
CA LEU RA 104 -48.37 -45.51 -19.57
C LEU RA 104 -48.21 -45.23 -18.08
N PHE RA 105 -47.25 -44.36 -17.74
CA PHE RA 105 -47.09 -44.03 -16.33
C PHE RA 105 -48.21 -43.16 -15.79
N LEU RA 106 -48.90 -42.40 -16.66
CA LEU RA 106 -50.07 -41.68 -16.18
C LEU RA 106 -51.23 -42.60 -15.85
N ILE RA 107 -51.44 -43.64 -16.66
CA ILE RA 107 -52.47 -44.63 -16.36
C ILE RA 107 -52.13 -45.40 -15.10
N MET RA 108 -50.85 -45.75 -14.95
CA MET RA 108 -50.30 -46.26 -13.71
C MET RA 108 -50.58 -45.34 -12.53
N THR RA 109 -50.53 -44.03 -12.75
CA THR RA 109 -50.67 -43.10 -11.64
C THR RA 109 -52.13 -42.93 -11.24
N PHE RA 110 -53.04 -42.91 -12.21
CA PHE RA 110 -54.45 -42.76 -11.89
C PHE RA 110 -55.11 -44.06 -11.44
N THR RA 111 -54.48 -45.20 -11.68
CA THR RA 111 -55.13 -46.46 -11.33
C THR RA 111 -54.34 -47.11 -10.19
N ALA RA 112 -54.00 -46.33 -9.19
CA ALA RA 112 -53.08 -46.74 -8.14
C ALA RA 112 -53.84 -47.05 -6.85
N THR RA 113 -53.46 -48.16 -6.21
CA THR RA 113 -54.00 -48.48 -4.89
C THR RA 113 -53.25 -47.76 -3.79
N GLU RA 114 -51.96 -48.02 -3.66
CA GLU RA 114 -51.22 -47.46 -2.55
C GLU RA 114 -50.63 -46.11 -2.92
N LEU RA 115 -50.50 -45.26 -1.90
CA LEU RA 115 -49.91 -43.95 -2.10
C LEU RA 115 -48.41 -44.02 -2.34
N ILE RA 116 -47.77 -45.12 -1.93
CA ILE RA 116 -46.37 -45.35 -2.26
C ILE RA 116 -46.21 -45.56 -3.76
N PHE RA 117 -47.02 -46.45 -4.31
CA PHE RA 117 -47.09 -46.64 -5.76
C PHE RA 117 -47.50 -45.36 -6.46
N PHE RA 118 -48.36 -44.57 -5.82
CA PHE RA 118 -48.72 -43.27 -6.35
C PHE RA 118 -47.53 -42.32 -6.37
N TYR RA 119 -46.64 -42.41 -5.39
CA TYR RA 119 -45.45 -41.56 -5.39
C TYR RA 119 -44.47 -41.98 -6.47
N ILE RA 120 -44.28 -43.29 -6.63
CA ILE RA 120 -43.41 -43.81 -7.68
C ILE RA 120 -43.91 -43.38 -9.04
N MET RA 121 -45.21 -43.54 -9.28
CA MET RA 121 -45.77 -43.14 -10.56
C MET RA 121 -45.92 -41.64 -10.70
N PHE RA 122 -45.91 -40.90 -9.59
CA PHE RA 122 -45.89 -39.44 -9.61
C PHE RA 122 -44.59 -38.93 -10.20
N GLU RA 123 -43.47 -39.40 -9.67
CA GLU RA 123 -42.24 -38.91 -10.30
C GLU RA 123 -41.89 -39.67 -11.58
N ALA RA 124 -42.55 -40.79 -11.84
CA ALA RA 124 -42.50 -41.37 -13.17
C ALA RA 124 -43.23 -40.52 -14.20
N THR RA 125 -44.31 -39.86 -13.78
CA THR RA 125 -44.93 -38.81 -14.60
C THR RA 125 -43.97 -37.66 -14.81
N LEU RA 126 -43.21 -37.32 -13.75
CA LEU RA 126 -42.27 -36.20 -13.81
C LEU RA 126 -41.22 -36.37 -14.91
N VAL RA 127 -40.56 -37.53 -14.97
CA VAL RA 127 -39.28 -37.63 -15.70
C VAL RA 127 -39.35 -37.41 -17.21
N PRO RA 128 -40.36 -37.93 -18.02
CA PRO RA 128 -40.18 -37.78 -19.47
C PRO RA 128 -40.47 -36.37 -19.98
N THR RA 129 -41.37 -35.68 -19.27
CA THR RA 129 -41.78 -34.33 -19.63
C THR RA 129 -40.62 -33.36 -19.56
N LEU RA 130 -39.70 -33.58 -18.62
CA LEU RA 130 -38.43 -32.87 -18.54
C LEU RA 130 -37.68 -32.92 -19.87
N ILE RA 131 -37.43 -34.13 -20.35
CA ILE RA 131 -36.63 -34.34 -21.55
C ILE RA 131 -37.35 -33.75 -22.77
N ILE RA 132 -38.67 -33.89 -22.80
CA ILE RA 132 -39.47 -33.38 -23.92
C ILE RA 132 -39.38 -31.86 -23.99
N ILE RA 133 -39.70 -31.17 -22.88
CA ILE RA 133 -39.76 -29.70 -22.96
C ILE RA 133 -38.37 -29.10 -23.06
N THR RA 134 -37.35 -29.74 -22.48
CA THR RA 134 -36.02 -29.17 -22.55
C THR RA 134 -35.39 -29.41 -23.91
N ARG RA 135 -35.68 -30.54 -24.56
CA ARG RA 135 -35.13 -30.75 -25.88
C ARG RA 135 -35.85 -29.93 -26.93
N TRP RA 136 -37.18 -29.99 -26.97
CA TRP RA 136 -37.93 -29.40 -28.07
C TRP RA 136 -38.63 -28.09 -27.69
N GLY RA 137 -38.17 -27.40 -26.64
CA GLY RA 137 -38.87 -26.22 -26.19
C GLY RA 137 -38.82 -25.02 -27.13
N ASN RA 138 -37.86 -25.01 -28.06
CA ASN RA 138 -37.81 -24.08 -29.19
C ASN RA 138 -37.69 -22.62 -28.75
N GLN RA 139 -36.98 -22.36 -27.64
CA GLN RA 139 -36.63 -20.99 -27.27
C GLN RA 139 -35.37 -21.08 -26.43
N THR RA 140 -34.80 -19.93 -26.10
CA THR RA 140 -33.49 -19.91 -25.46
C THR RA 140 -33.50 -20.26 -23.98
N GLU RA 141 -34.67 -20.36 -23.34
CA GLU RA 141 -34.66 -20.74 -21.94
C GLU RA 141 -35.54 -21.94 -21.65
N ARG RA 142 -35.69 -22.84 -22.64
CA ARG RA 142 -36.25 -24.16 -22.39
C ARG RA 142 -35.42 -24.94 -21.38
N LEU RA 143 -34.11 -24.66 -21.36
CA LEU RA 143 -33.18 -25.10 -20.33
C LEU RA 143 -33.69 -24.71 -18.94
N ASN RA 144 -33.92 -23.41 -18.74
CA ASN RA 144 -34.36 -22.87 -17.46
C ASN RA 144 -35.75 -23.40 -17.09
N ALA RA 145 -36.60 -23.59 -18.10
CA ALA RA 145 -37.95 -24.06 -17.86
C ALA RA 145 -37.96 -25.50 -17.35
N GLY RA 146 -37.23 -26.38 -18.03
CA GLY RA 146 -37.13 -27.76 -17.57
C GLY RA 146 -36.47 -27.87 -16.21
N LEU RA 147 -35.51 -26.99 -15.93
CA LEU RA 147 -34.78 -27.06 -14.67
C LEU RA 147 -35.65 -26.61 -13.49
N TYR RA 148 -36.38 -25.50 -13.66
CA TYR RA 148 -37.35 -25.07 -12.65
C TYR RA 148 -38.43 -26.11 -12.43
N PHE RA 149 -38.91 -26.72 -13.53
CA PHE RA 149 -39.90 -27.80 -13.45
C PHE RA 149 -39.44 -28.95 -12.58
N LEU RA 150 -38.26 -29.49 -12.89
CA LEU RA 150 -37.79 -30.69 -12.19
C LEU RA 150 -37.45 -30.37 -10.74
N PHE RA 151 -36.82 -29.22 -10.47
CA PHE RA 151 -36.42 -28.96 -9.10
C PHE RA 151 -37.59 -28.58 -8.21
N TYR RA 152 -38.62 -27.90 -8.74
CA TYR RA 152 -39.75 -27.63 -7.86
C TYR RA 152 -40.55 -28.90 -7.60
N THR RA 153 -40.71 -29.76 -8.61
CA THR RA 153 -41.54 -30.94 -8.40
C THR RA 153 -40.84 -31.95 -7.49
N LEU RA 154 -39.52 -32.13 -7.65
CA LEU RA 154 -38.79 -32.98 -6.70
C LEU RA 154 -38.74 -32.37 -5.31
N ALA RA 155 -38.28 -31.12 -5.19
CA ALA RA 155 -38.03 -30.51 -3.89
C ALA RA 155 -39.31 -30.27 -3.10
N GLY RA 156 -40.46 -30.23 -3.75
CA GLY RA 156 -41.69 -30.25 -3.00
C GLY RA 156 -42.11 -31.67 -2.70
N SER RA 157 -42.06 -32.54 -3.72
CA SER RA 157 -42.68 -33.86 -3.61
C SER RA 157 -41.91 -34.83 -2.72
N LEU RA 158 -40.72 -34.48 -2.29
CA LEU RA 158 -39.83 -35.44 -1.65
C LEU RA 158 -40.15 -35.79 -0.18
N PRO RA 159 -40.43 -34.86 0.76
CA PRO RA 159 -40.75 -35.30 2.12
C PRO RA 159 -42.11 -35.97 2.26
N LEU RA 160 -42.95 -35.85 1.23
CA LEU RA 160 -44.16 -36.65 1.11
C LEU RA 160 -43.87 -38.14 1.24
N LEU RA 161 -42.74 -38.59 0.68
CA LEU RA 161 -42.34 -39.98 0.79
C LEU RA 161 -42.08 -40.39 2.23
N VAL RA 162 -41.41 -39.52 3.00
CA VAL RA 162 -41.10 -39.86 4.38
C VAL RA 162 -42.37 -39.89 5.23
N ALA RA 163 -43.30 -38.96 4.97
CA ALA RA 163 -44.59 -39.01 5.66
C ALA RA 163 -45.39 -40.25 5.28
N LEU RA 164 -45.28 -40.70 4.03
CA LEU RA 164 -45.98 -41.92 3.62
C LEU RA 164 -45.36 -43.16 4.24
N ILE RA 165 -44.04 -43.19 4.41
CA ILE RA 165 -43.43 -44.32 5.10
C ILE RA 165 -43.82 -44.30 6.58
N TYR RA 166 -44.01 -43.11 7.15
CA TYR RA 166 -44.46 -43.02 8.52
C TYR RA 166 -45.89 -43.53 8.69
N ILE RA 167 -46.78 -43.18 7.74
CA ILE RA 167 -48.14 -43.71 7.76
C ILE RA 167 -48.15 -45.21 7.50
N GLN RA 168 -47.19 -45.70 6.69
CA GLN RA 168 -47.02 -47.13 6.48
C GLN RA 168 -46.71 -47.86 7.78
N ASN RA 169 -45.67 -47.44 8.48
CA ASN RA 169 -45.29 -48.17 9.68
C ASN RA 169 -45.99 -47.65 10.94
N THR RA 170 -47.06 -46.87 10.81
CA THR RA 170 -47.96 -46.65 11.94
C THR RA 170 -49.35 -47.21 11.74
N MET RA 171 -49.73 -47.63 10.53
CA MET RA 171 -51.09 -48.13 10.32
C MET RA 171 -51.16 -49.37 9.46
N GLY RA 172 -50.07 -50.13 9.33
CA GLY RA 172 -50.10 -51.24 8.42
C GLY RA 172 -50.08 -50.74 6.98
N SER RA 173 -50.53 -51.61 6.08
CA SER RA 173 -50.44 -51.38 4.65
C SER RA 173 -51.29 -50.18 4.21
N LEU RA 174 -51.09 -49.77 2.96
CA LEU RA 174 -51.58 -48.47 2.51
C LEU RA 174 -52.55 -48.60 1.35
N ASN RA 175 -53.44 -49.59 1.40
CA ASN RA 175 -54.60 -49.56 0.53
C ASN RA 175 -55.47 -48.36 0.86
N PHE RA 176 -56.14 -47.83 -0.16
CA PHE RA 176 -57.12 -46.78 0.05
C PHE RA 176 -58.30 -47.28 0.86
N LEU RA 177 -58.60 -48.58 0.78
CA LEU RA 177 -59.74 -49.13 1.52
C LEU RA 177 -59.44 -49.30 3.00
N ILE RA 178 -58.23 -49.80 3.33
CA ILE RA 178 -57.82 -49.90 4.72
C ILE RA 178 -57.75 -48.52 5.35
N LEU RA 179 -57.23 -47.55 4.60
CA LEU RA 179 -57.19 -46.18 5.09
C LEU RA 179 -58.57 -45.57 5.18
N GLN RA 180 -59.56 -46.09 4.44
CA GLN RA 180 -60.93 -45.75 4.77
C GLN RA 180 -61.37 -46.41 6.07
N TYR RA 181 -60.79 -47.57 6.40
CA TYR RA 181 -61.36 -48.39 7.47
C TYR RA 181 -60.54 -48.43 8.74
N TRP RA 182 -59.25 -48.07 8.69
CA TRP RA 182 -58.42 -48.03 9.88
C TRP RA 182 -57.99 -46.62 10.27
N VAL RA 183 -58.61 -45.61 9.72
CA VAL RA 183 -58.15 -44.26 10.02
C VAL RA 183 -58.70 -43.85 11.38
N GLN RA 184 -57.96 -42.95 12.02
CA GLN RA 184 -58.37 -42.35 13.28
C GLN RA 184 -57.78 -40.96 13.32
N PRO RA 185 -58.47 -40.00 13.94
CA PRO RA 185 -58.00 -38.61 13.89
C PRO RA 185 -56.74 -38.40 14.70
N MET RA 186 -55.93 -37.43 14.26
CA MET RA 186 -54.70 -37.08 14.94
C MET RA 186 -54.82 -35.64 15.40
N PRO RA 187 -54.82 -35.37 16.70
CA PRO RA 187 -55.22 -34.06 17.22
C PRO RA 187 -54.12 -33.03 17.02
N ASN RA 188 -54.40 -31.82 17.52
CA ASN RA 188 -53.52 -30.67 17.29
C ASN RA 188 -52.30 -30.77 18.20
N SER RA 189 -51.37 -31.63 17.78
CA SER RA 189 -50.00 -31.60 18.26
C SER RA 189 -49.20 -30.70 17.31
N TRP RA 190 -47.88 -30.77 17.36
CA TRP RA 190 -47.10 -30.09 16.34
C TRP RA 190 -46.67 -31.01 15.22
N SER RA 191 -46.34 -32.28 15.51
CA SER RA 191 -45.86 -33.19 14.48
C SER RA 191 -46.96 -33.57 13.50
N ASN RA 192 -48.21 -33.60 13.97
CA ASN RA 192 -49.35 -33.77 13.07
C ASN RA 192 -49.40 -32.63 12.06
N THR RA 193 -49.17 -31.40 12.54
CA THR RA 193 -49.15 -30.24 11.66
C THR RA 193 -47.99 -30.32 10.67
N PHE RA 194 -46.84 -30.84 11.10
CA PHE RA 194 -45.71 -30.97 10.18
C PHE RA 194 -45.95 -32.03 9.13
N MET RA 195 -46.55 -33.16 9.50
CA MET RA 195 -46.81 -34.22 8.52
C MET RA 195 -47.85 -33.77 7.51
N TRP RA 196 -48.91 -33.12 7.99
CA TRP RA 196 -49.91 -32.56 7.11
C TRP RA 196 -49.32 -31.48 6.22
N LEU RA 197 -48.41 -30.68 6.77
CA LEU RA 197 -47.79 -29.60 6.02
C LEU RA 197 -46.87 -30.15 4.93
N ALA RA 198 -46.17 -31.24 5.22
CA ALA RA 198 -45.30 -31.86 4.21
C ALA RA 198 -46.12 -32.42 3.05
N CYS RA 199 -47.16 -33.22 3.37
CA CYS RA 199 -47.98 -33.84 2.32
C CYS RA 199 -48.70 -32.78 1.48
N MET RA 200 -49.45 -31.91 2.15
CA MET RA 200 -50.19 -30.88 1.45
C MET RA 200 -49.27 -29.89 0.76
N MET RA 201 -48.04 -29.67 1.25
CA MET RA 201 -47.12 -28.74 0.62
C MET RA 201 -46.53 -29.30 -0.66
N ALA RA 202 -46.20 -30.60 -0.66
CA ALA RA 202 -45.83 -31.29 -1.89
C ALA RA 202 -46.91 -31.13 -2.95
N PHE RA 203 -48.16 -31.34 -2.55
CA PHE RA 203 -49.23 -31.20 -3.53
C PHE RA 203 -49.48 -29.75 -3.93
N MET RA 204 -49.38 -28.81 -2.98
CA MET RA 204 -49.42 -27.36 -3.23
C MET RA 204 -48.45 -26.95 -4.33
N VAL RA 205 -47.20 -27.44 -4.25
CA VAL RA 205 -46.22 -27.17 -5.30
C VAL RA 205 -46.67 -27.78 -6.61
N LYS RA 206 -47.32 -28.93 -6.55
CA LYS RA 206 -47.79 -29.51 -7.81
C LYS RA 206 -49.01 -28.76 -8.39
N MET RA 207 -49.72 -27.93 -7.61
CA MET RA 207 -51.02 -27.42 -8.06
C MET RA 207 -50.98 -26.40 -9.21
N PRO RA 208 -50.15 -25.34 -9.18
CA PRO RA 208 -49.30 -24.68 -8.18
C PRO RA 208 -50.11 -23.73 -7.30
N LEU RA 209 -49.74 -23.65 -6.02
CA LEU RA 209 -50.24 -22.58 -5.19
C LEU RA 209 -49.57 -21.27 -5.59
N TYR RA 210 -50.10 -20.17 -5.06
CA TYR RA 210 -49.61 -18.85 -5.45
C TYR RA 210 -48.21 -18.55 -4.92
N GLY RA 211 -47.79 -19.21 -3.84
CA GLY RA 211 -46.46 -18.95 -3.33
C GLY RA 211 -45.36 -19.51 -4.20
N LEU RA 212 -45.67 -20.56 -4.96
CA LEU RA 212 -44.67 -21.26 -5.76
C LEU RA 212 -45.22 -21.57 -7.15
N HIS RA 213 -45.78 -20.57 -7.81
CA HIS RA 213 -46.33 -20.75 -9.15
C HIS RA 213 -45.44 -20.15 -10.23
N LEU RA 214 -44.25 -19.67 -9.88
CA LEU RA 214 -43.30 -19.29 -10.93
C LEU RA 214 -42.76 -20.52 -11.64
N TRP RA 215 -42.90 -21.69 -11.02
CA TRP RA 215 -42.80 -22.99 -11.66
C TRP RA 215 -43.42 -23.05 -13.05
N LEU RA 216 -44.67 -22.61 -13.16
CA LEU RA 216 -45.44 -22.92 -14.36
C LEU RA 216 -45.02 -22.13 -15.61
N PRO RA 217 -45.02 -20.78 -15.62
CA PRO RA 217 -45.17 -20.06 -16.91
C PRO RA 217 -43.98 -20.19 -17.85
N LYS RA 218 -42.79 -20.41 -17.32
CA LYS RA 218 -41.65 -20.70 -18.18
C LYS RA 218 -41.80 -22.06 -18.82
N ALA RA 219 -42.30 -23.04 -18.05
CA ALA RA 219 -42.50 -24.38 -18.57
C ALA RA 219 -43.68 -24.48 -19.54
N HIS RA 220 -44.55 -23.45 -19.60
CA HIS RA 220 -45.54 -23.40 -20.66
C HIS RA 220 -45.09 -22.61 -21.88
N VAL RA 221 -44.37 -21.49 -21.68
CA VAL RA 221 -43.92 -20.74 -22.85
C VAL RA 221 -42.76 -21.42 -23.55
N GLU RA 222 -42.11 -22.39 -22.92
CA GLU RA 222 -40.88 -22.97 -23.44
C GLU RA 222 -41.01 -24.49 -23.53
N ALA RA 223 -42.10 -24.94 -24.16
CA ALA RA 223 -42.40 -26.34 -24.34
C ALA RA 223 -42.97 -26.57 -25.74
N PRO RA 224 -42.82 -27.77 -26.29
CA PRO RA 224 -43.61 -28.14 -27.47
C PRO RA 224 -45.05 -28.40 -27.07
N ILE RA 225 -45.90 -28.59 -28.08
CA ILE RA 225 -47.34 -28.54 -27.84
C ILE RA 225 -47.86 -29.80 -27.12
N ALA RA 226 -47.28 -30.96 -27.40
CA ALA RA 226 -47.68 -32.21 -26.74
C ALA RA 226 -47.37 -32.14 -25.25
N GLY RA 227 -46.13 -31.78 -24.93
CA GLY RA 227 -45.74 -31.61 -23.54
C GLY RA 227 -46.44 -30.46 -22.86
N SER RA 228 -46.82 -29.43 -23.62
CA SER RA 228 -47.61 -28.32 -23.06
C SER RA 228 -48.95 -28.82 -22.56
N MET RA 229 -49.69 -29.55 -23.41
CA MET RA 229 -51.01 -30.04 -23.02
C MET RA 229 -50.91 -31.08 -21.91
N VAL RA 230 -49.90 -31.95 -21.98
CA VAL RA 230 -49.70 -32.95 -20.93
C VAL RA 230 -49.42 -32.29 -19.60
N LEU RA 231 -48.43 -31.38 -19.59
CA LEU RA 231 -48.02 -30.62 -18.42
C LEU RA 231 -49.21 -29.98 -17.74
N ALA RA 232 -49.89 -29.08 -18.47
CA ALA RA 232 -51.03 -28.35 -17.92
C ALA RA 232 -52.16 -29.27 -17.46
N ALA RA 233 -52.81 -29.96 -18.40
CA ALA RA 233 -54.03 -30.70 -18.04
C ALA RA 233 -53.70 -31.87 -17.11
N ILE RA 234 -52.85 -32.79 -17.57
CA ILE RA 234 -52.75 -34.01 -16.80
C ILE RA 234 -51.89 -33.81 -15.55
N LEU RA 235 -50.87 -32.96 -15.55
CA LEU RA 235 -50.08 -32.83 -14.34
C LEU RA 235 -50.82 -32.04 -13.25
N LEU RA 236 -51.52 -30.96 -13.61
CA LEU RA 236 -52.19 -30.21 -12.55
C LEU RA 236 -53.39 -30.97 -12.03
N LYS RA 237 -54.12 -31.65 -12.91
CA LYS RA 237 -55.26 -32.40 -12.43
C LYS RA 237 -54.83 -33.68 -11.74
N LEU RA 238 -53.61 -34.17 -12.04
CA LEU RA 238 -53.04 -35.28 -11.29
C LEU RA 238 -52.67 -34.86 -9.88
N GLY RA 239 -52.15 -33.63 -9.72
CA GLY RA 239 -51.88 -33.12 -8.39
C GLY RA 239 -53.14 -33.00 -7.55
N GLY RA 240 -54.21 -32.46 -8.16
CA GLY RA 240 -55.48 -32.37 -7.44
C GLY RA 240 -56.08 -33.72 -7.10
N TYR RA 241 -55.95 -34.68 -8.01
CA TYR RA 241 -56.33 -36.07 -7.78
C TYR RA 241 -55.60 -36.65 -6.58
N GLY RA 242 -54.30 -36.39 -6.48
CA GLY RA 242 -53.53 -36.92 -5.37
C GLY RA 242 -53.90 -36.29 -4.04
N MET RA 243 -54.25 -35.00 -4.07
CA MET RA 243 -54.70 -34.36 -2.84
C MET RA 243 -56.05 -34.91 -2.40
N MET RA 244 -56.97 -35.12 -3.35
CA MET RA 244 -58.25 -35.76 -3.03
C MET RA 244 -58.08 -37.16 -2.48
N ARG RA 245 -57.06 -37.88 -2.94
CA ARG RA 245 -56.79 -39.18 -2.37
C ARG RA 245 -56.26 -39.10 -0.95
N ILE RA 246 -55.29 -38.22 -0.69
CA ILE RA 246 -54.65 -38.26 0.63
C ILE RA 246 -55.48 -37.59 1.71
N THR RA 247 -56.39 -36.68 1.35
CA THR RA 247 -57.07 -35.90 2.39
C THR RA 247 -58.16 -36.67 3.12
N LEU RA 248 -58.38 -37.95 2.80
CA LEU RA 248 -59.33 -38.75 3.55
C LEU RA 248 -58.83 -39.02 4.95
N LEU RA 249 -57.52 -39.22 5.09
CA LEU RA 249 -56.91 -39.23 6.41
C LEU RA 249 -56.58 -37.80 6.81
N LEU RA 250 -56.36 -37.61 8.11
CA LEU RA 250 -56.03 -36.32 8.75
C LEU RA 250 -57.11 -35.28 8.48
N ASN RA 251 -58.28 -35.56 9.01
CA ASN RA 251 -59.32 -34.54 9.10
C ASN RA 251 -59.25 -33.47 10.21
N PRO RA 252 -58.92 -33.75 11.48
CA PRO RA 252 -59.30 -32.77 12.52
C PRO RA 252 -58.40 -31.54 12.60
N ILE RA 253 -57.27 -31.50 11.92
CA ILE RA 253 -56.34 -30.38 12.02
C ILE RA 253 -56.34 -29.48 10.79
N THR RA 254 -57.01 -29.88 9.72
CA THR RA 254 -57.09 -29.03 8.55
C THR RA 254 -57.92 -27.78 8.81
N ASP RA 255 -58.80 -27.81 9.81
CA ASP RA 255 -59.50 -26.59 10.21
C ASP RA 255 -58.57 -25.62 10.91
N PHE RA 256 -57.50 -26.13 11.52
CA PHE RA 256 -56.58 -25.25 12.21
C PHE RA 256 -55.47 -24.73 11.31
N MET RA 257 -55.02 -25.52 10.34
CA MET RA 257 -53.88 -25.08 9.53
C MET RA 257 -54.23 -24.96 8.04
N ALA RA 258 -55.52 -25.00 7.68
CA ALA RA 258 -55.90 -24.71 6.31
C ALA RA 258 -56.17 -23.23 6.08
N TYR RA 259 -56.29 -22.45 7.15
CA TYR RA 259 -56.57 -21.01 7.00
C TYR RA 259 -55.48 -20.21 6.29
N PRO RA 260 -54.17 -20.52 6.37
CA PRO RA 260 -53.26 -19.80 5.46
C PRO RA 260 -53.39 -20.21 4.01
N PHE RA 261 -53.65 -21.49 3.73
CA PHE RA 261 -53.63 -21.95 2.35
C PHE RA 261 -54.83 -21.44 1.58
N ILE RA 262 -56.01 -21.42 2.21
CA ILE RA 262 -57.22 -20.89 1.58
C ILE RA 262 -57.05 -19.41 1.28
N MET RA 263 -56.48 -18.67 2.23
CA MET RA 263 -56.25 -17.24 2.04
C MET RA 263 -55.26 -16.97 0.93
N LEU RA 264 -54.15 -17.72 0.93
CA LEU RA 264 -53.13 -17.54 -0.08
C LEU RA 264 -53.67 -17.86 -1.46
N SER RA 265 -54.49 -18.90 -1.58
CA SER RA 265 -55.05 -19.26 -2.87
C SER RA 265 -56.10 -18.26 -3.34
N LEU RA 266 -56.90 -17.68 -2.43
CA LEU RA 266 -57.89 -16.69 -2.85
C LEU RA 266 -57.24 -15.40 -3.34
N TRP RA 267 -56.34 -14.84 -2.52
CA TRP RA 267 -55.72 -13.59 -2.95
C TRP RA 267 -54.79 -13.80 -4.13
N GLY RA 268 -54.19 -14.98 -4.24
CA GLY RA 268 -53.42 -15.27 -5.42
C GLY RA 268 -54.25 -15.52 -6.65
N MET RA 269 -55.48 -16.01 -6.47
CA MET RA 269 -56.40 -16.14 -7.58
C MET RA 269 -56.76 -14.77 -8.14
N ILE RA 270 -57.03 -13.81 -7.25
CA ILE RA 270 -57.33 -12.46 -7.70
C ILE RA 270 -56.11 -11.83 -8.39
N MET RA 271 -54.93 -11.99 -7.80
CA MET RA 271 -53.73 -11.39 -8.39
C MET RA 271 -53.33 -12.06 -9.70
N THR RA 272 -53.57 -13.36 -9.85
CA THR RA 272 -53.20 -14.05 -11.07
C THR RA 272 -54.18 -13.73 -12.20
N SER RA 273 -55.47 -13.66 -11.88
CA SER RA 273 -56.43 -13.22 -12.89
C SER RA 273 -56.20 -11.77 -13.28
N SER RA 274 -55.66 -10.95 -12.38
CA SER RA 274 -55.26 -9.61 -12.81
C SER RA 274 -53.97 -9.62 -13.62
N ILE RA 275 -53.03 -10.51 -13.34
CA ILE RA 275 -51.76 -10.45 -14.06
C ILE RA 275 -51.91 -11.03 -15.46
N CYS RA 276 -52.87 -11.92 -15.70
CA CYS RA 276 -53.08 -12.44 -17.05
C CYS RA 276 -54.05 -11.58 -17.85
N LEU RA 277 -54.10 -10.30 -17.55
CA LEU RA 277 -54.86 -9.33 -18.32
C LEU RA 277 -53.97 -8.53 -19.23
N ARG RA 278 -52.78 -8.20 -18.76
CA ARG RA 278 -52.01 -7.08 -19.29
C ARG RA 278 -50.66 -7.52 -19.83
N GLN RA 279 -50.34 -8.80 -19.76
CA GLN RA 279 -49.07 -9.29 -20.27
C GLN RA 279 -49.06 -9.33 -21.78
N THR RA 280 -47.85 -9.43 -22.32
CA THR RA 280 -47.62 -9.83 -23.69
C THR RA 280 -47.55 -11.35 -23.74
N ASP RA 281 -47.06 -11.91 -24.85
CA ASP RA 281 -46.74 -13.33 -25.00
C ASP RA 281 -47.98 -14.20 -24.80
N LEU RA 282 -48.88 -14.10 -25.80
CA LEU RA 282 -50.22 -14.69 -25.88
C LEU RA 282 -50.39 -16.09 -25.30
N LYS RA 283 -49.37 -16.93 -25.47
CA LYS RA 283 -49.32 -18.25 -24.84
C LYS RA 283 -49.47 -18.17 -23.32
N SER RA 284 -48.82 -17.20 -22.68
CA SER RA 284 -48.72 -17.17 -21.23
C SER RA 284 -50.03 -16.76 -20.56
N LEU RA 285 -50.94 -16.12 -21.30
CA LEU RA 285 -52.23 -15.75 -20.75
C LEU RA 285 -53.02 -16.97 -20.31
N ILE RA 286 -52.98 -18.04 -21.12
CA ILE RA 286 -53.67 -19.26 -20.77
C ILE RA 286 -52.94 -19.97 -19.64
N ALA RA 287 -51.63 -19.75 -19.51
CA ALA RA 287 -50.87 -20.34 -18.41
C ALA RA 287 -51.32 -19.77 -17.07
N TYR RA 288 -51.38 -18.44 -16.97
CA TYR RA 288 -51.87 -17.89 -15.71
C TYR RA 288 -53.38 -18.07 -15.55
N SER RA 289 -54.12 -18.28 -16.64
CA SER RA 289 -55.51 -18.69 -16.54
C SER RA 289 -55.65 -20.03 -15.83
N SER RA 290 -54.78 -20.98 -16.20
CA SER RA 290 -54.74 -22.27 -15.54
C SER RA 290 -54.33 -22.14 -14.08
N VAL RA 291 -53.42 -21.21 -13.78
CA VAL RA 291 -53.04 -20.95 -12.39
C VAL RA 291 -54.24 -20.48 -11.57
N SER RA 292 -55.03 -19.56 -12.15
CA SER RA 292 -56.19 -19.02 -11.46
C SER RA 292 -57.25 -20.09 -11.20
N HIS RA 293 -57.52 -20.92 -12.21
CA HIS RA 293 -58.51 -21.98 -12.04
C HIS RA 293 -58.03 -23.04 -11.04
N MET RA 294 -56.74 -23.36 -11.02
CA MET RA 294 -56.32 -24.34 -10.04
C MET RA 294 -56.27 -23.76 -8.63
N ALA RA 295 -56.13 -22.44 -8.50
CA ALA RA 295 -56.28 -21.83 -7.18
C ALA RA 295 -57.71 -21.98 -6.68
N LEU RA 296 -58.68 -21.77 -7.59
CA LEU RA 296 -60.08 -22.01 -7.24
C LEU RA 296 -60.32 -23.46 -6.86
N VAL RA 297 -59.68 -24.39 -7.58
CA VAL RA 297 -59.74 -25.81 -7.28
C VAL RA 297 -59.21 -26.10 -5.88
N ILE RA 298 -58.10 -25.47 -5.50
CA ILE RA 298 -57.50 -25.69 -4.18
C ILE RA 298 -58.41 -25.24 -3.06
N VAL RA 299 -59.03 -24.07 -3.23
CA VAL RA 299 -59.99 -23.60 -2.22
C VAL RA 299 -61.14 -24.58 -2.09
N ALA RA 300 -61.61 -25.10 -3.23
CA ALA RA 300 -62.69 -26.06 -3.25
C ALA RA 300 -62.31 -27.38 -2.56
N ILE RA 301 -61.07 -27.84 -2.77
CA ILE RA 301 -60.66 -29.09 -2.16
C ILE RA 301 -60.56 -28.95 -0.65
N LEU RA 302 -60.02 -27.84 -0.17
CA LEU RA 302 -59.77 -27.80 1.26
C LEU RA 302 -60.94 -27.31 2.09
N ILE RA 303 -62.02 -26.77 1.51
CA ILE RA 303 -63.14 -26.41 2.38
C ILE RA 303 -64.10 -27.57 2.65
N GLN RA 304 -63.90 -28.75 2.03
CA GLN RA 304 -64.44 -30.04 2.48
C GLN RA 304 -65.97 -30.08 2.53
N THR RA 305 -66.56 -30.07 1.35
CA THR RA 305 -67.98 -30.15 1.15
C THR RA 305 -68.26 -31.08 -0.03
N PRO RA 306 -69.32 -31.90 0.03
CA PRO RA 306 -69.63 -32.77 -1.13
C PRO RA 306 -69.97 -32.00 -2.39
N TRP RA 307 -70.70 -30.89 -2.26
CA TRP RA 307 -70.90 -29.96 -3.37
C TRP RA 307 -69.57 -29.46 -3.90
N SER RA 308 -68.63 -29.20 -2.99
CA SER RA 308 -67.33 -28.69 -3.37
C SER RA 308 -66.51 -29.73 -4.11
N TYR RA 309 -66.64 -31.00 -3.74
CA TYR RA 309 -65.87 -32.02 -4.44
C TYR RA 309 -66.46 -32.35 -5.81
N MET RA 310 -67.79 -32.33 -5.92
CA MET RA 310 -68.42 -32.51 -7.22
C MET RA 310 -68.06 -31.37 -8.17
N GLY RA 311 -68.15 -30.14 -7.69
CA GLY RA 311 -67.73 -29.01 -8.50
C GLY RA 311 -66.24 -29.00 -8.79
N ALA RA 312 -65.44 -29.56 -7.88
CA ALA RA 312 -64.00 -29.61 -8.06
C ALA RA 312 -63.63 -30.53 -9.21
N THR RA 313 -64.19 -31.74 -9.24
CA THR RA 313 -63.87 -32.63 -10.35
C THR RA 313 -64.49 -32.14 -11.66
N ALA RA 314 -65.63 -31.46 -11.61
CA ALA RA 314 -66.20 -30.90 -12.81
C ALA RA 314 -65.32 -29.79 -13.39
N LEU RA 315 -64.82 -28.92 -12.51
CA LEU RA 315 -63.92 -27.86 -12.94
C LEU RA 315 -62.60 -28.40 -13.45
N MET RA 316 -62.11 -29.51 -12.86
CA MET RA 316 -60.90 -30.16 -13.35
C MET RA 316 -61.06 -30.66 -14.78
N ILE RA 317 -62.14 -31.39 -15.04
CA ILE RA 317 -62.31 -31.99 -16.37
C ILE RA 317 -62.56 -30.91 -17.42
N ALA RA 318 -63.39 -29.92 -17.08
CA ALA RA 318 -63.69 -28.84 -18.01
C ALA RA 318 -62.48 -27.98 -18.32
N HIS RA 319 -61.67 -27.64 -17.30
CA HIS RA 319 -60.52 -26.81 -17.58
C HIS RA 319 -59.42 -27.57 -18.29
N GLY RA 320 -59.30 -28.89 -18.04
CA GLY RA 320 -58.36 -29.69 -18.81
C GLY RA 320 -58.67 -29.67 -20.29
N LEU RA 321 -59.95 -29.87 -20.64
CA LEU RA 321 -60.37 -29.83 -22.04
C LEU RA 321 -60.13 -28.45 -22.67
N THR RA 322 -60.59 -27.39 -21.98
CA THR RA 322 -60.53 -26.05 -22.56
C THR RA 322 -59.09 -25.56 -22.70
N SER RA 323 -58.24 -25.80 -21.69
CA SER RA 323 -56.87 -25.33 -21.78
C SER RA 323 -56.06 -26.12 -22.80
N SER RA 324 -56.33 -27.41 -22.96
CA SER RA 324 -55.64 -28.18 -24.01
C SER RA 324 -56.01 -27.65 -25.39
N MET RA 325 -57.30 -27.38 -25.61
CA MET RA 325 -57.74 -26.81 -26.88
C MET RA 325 -57.08 -25.48 -27.15
N LEU RA 326 -57.10 -24.59 -26.17
CA LEU RA 326 -56.65 -23.23 -26.38
C LEU RA 326 -55.15 -23.16 -26.57
N PHE RA 327 -54.41 -24.10 -25.95
CA PHE RA 327 -53.00 -24.28 -26.30
C PHE RA 327 -52.83 -24.70 -27.74
N CYS RA 328 -53.70 -25.58 -28.24
CA CYS RA 328 -53.55 -26.00 -29.63
C CYS RA 328 -53.85 -24.86 -30.62
N LEU RA 329 -54.82 -24.00 -30.30
CA LEU RA 329 -55.04 -22.84 -31.18
C LEU RA 329 -53.90 -21.84 -31.09
N ALA RA 330 -53.29 -21.71 -29.91
CA ALA RA 330 -52.10 -20.85 -29.78
C ALA RA 330 -50.95 -21.40 -30.62
N ASN RA 331 -50.81 -22.73 -30.69
CA ASN RA 331 -49.79 -23.30 -31.55
C ASN RA 331 -50.12 -23.06 -33.03
N SER RA 332 -51.41 -23.07 -33.38
CA SER RA 332 -51.78 -22.74 -34.75
C SER RA 332 -51.39 -21.30 -35.11
N ASN RA 333 -51.64 -20.37 -34.18
CA ASN RA 333 -51.27 -18.97 -34.44
C ASN RA 333 -49.76 -18.80 -34.52
N TYR RA 334 -49.01 -19.53 -33.69
CA TYR RA 334 -47.55 -19.46 -33.78
C TYR RA 334 -47.01 -20.13 -35.05
N GLU RA 335 -47.72 -21.15 -35.57
CA GLU RA 335 -47.39 -21.64 -36.90
C GLU RA 335 -47.59 -20.57 -37.95
N ARG RA 336 -48.60 -19.73 -37.77
CA ARG RA 336 -48.87 -18.69 -38.75
C ARG RA 336 -47.79 -17.61 -38.74
N VAL RA 337 -47.60 -16.94 -37.60
CA VAL RA 337 -46.90 -15.67 -37.60
C VAL RA 337 -45.47 -15.74 -37.07
N HIS RA 338 -45.05 -16.89 -36.51
CA HIS RA 338 -43.69 -17.11 -35.98
C HIS RA 338 -43.30 -16.10 -34.91
N SER RA 339 -44.24 -15.74 -34.05
CA SER RA 339 -44.03 -14.61 -33.16
C SER RA 339 -44.04 -14.98 -31.68
N ARG RA 340 -45.14 -15.58 -31.19
CA ARG RA 340 -45.58 -15.82 -29.81
C ARG RA 340 -46.03 -14.53 -29.12
N THR RA 341 -45.75 -13.36 -29.70
CA THR RA 341 -46.18 -12.12 -29.07
C THR RA 341 -47.59 -11.77 -29.49
N MET RA 342 -48.29 -11.07 -28.60
CA MET RA 342 -49.73 -10.91 -28.73
C MET RA 342 -50.10 -9.86 -29.77
N ILE RA 343 -49.49 -8.68 -29.69
CA ILE RA 343 -49.97 -7.53 -30.45
C ILE RA 343 -49.58 -7.58 -31.92
N LEU RA 344 -48.70 -8.50 -32.31
CA LEU RA 344 -48.25 -8.57 -33.70
C LEU RA 344 -49.29 -9.26 -34.58
N ALA RA 345 -49.68 -10.48 -34.21
CA ALA RA 345 -50.67 -11.23 -34.97
C ALA RA 345 -52.04 -10.61 -34.77
N ARG RA 346 -52.58 -9.99 -35.80
CA ARG RA 346 -53.84 -9.26 -35.69
C ARG RA 346 -54.72 -9.59 -36.88
N GLY RA 347 -55.96 -9.15 -36.81
CA GLY RA 347 -56.91 -9.39 -37.87
C GLY RA 347 -57.68 -10.68 -37.63
N LEU RA 348 -57.56 -11.62 -38.57
CA LEU RA 348 -58.12 -12.97 -38.48
C LEU RA 348 -59.65 -12.97 -38.34
N GLN RA 349 -60.29 -12.01 -38.99
CA GLN RA 349 -61.72 -12.06 -39.23
C GLN RA 349 -62.06 -12.17 -40.70
N THR RA 350 -61.49 -11.29 -41.51
CA THR RA 350 -61.46 -11.51 -42.94
C THR RA 350 -60.76 -12.82 -43.25
N LEU RA 351 -59.49 -12.88 -42.91
CA LEU RA 351 -58.71 -14.10 -43.02
C LEU RA 351 -59.22 -15.13 -42.02
N LEU RA 352 -59.22 -16.41 -42.44
CA LEU RA 352 -59.55 -17.58 -41.63
C LEU RA 352 -60.95 -17.49 -41.05
N PRO RA 353 -62.01 -17.59 -41.86
CA PRO RA 353 -63.35 -17.21 -41.37
C PRO RA 353 -64.01 -18.22 -40.44
N LEU RA 354 -63.43 -19.40 -40.22
CA LEU RA 354 -64.03 -20.38 -39.32
C LEU RA 354 -63.10 -20.83 -38.21
N MET RA 355 -61.79 -20.63 -38.35
CA MET RA 355 -60.87 -20.74 -37.22
C MET RA 355 -61.25 -19.80 -36.10
N ALA RA 356 -61.77 -18.63 -36.46
CA ALA RA 356 -62.30 -17.66 -35.51
C ALA RA 356 -63.48 -18.21 -34.73
N ALA RA 357 -64.30 -19.07 -35.35
CA ALA RA 357 -65.42 -19.66 -34.62
C ALA RA 357 -64.92 -20.60 -33.53
N TRP RA 358 -63.81 -21.28 -33.75
CA TRP RA 358 -63.26 -22.11 -32.69
C TRP RA 358 -62.57 -21.29 -31.62
N TRP RA 359 -61.92 -20.19 -31.99
CA TRP RA 359 -61.43 -19.25 -30.97
C TRP RA 359 -62.55 -18.73 -30.10
N LEU RA 360 -63.65 -18.33 -30.74
CA LEU RA 360 -64.82 -17.82 -30.04
C LEU RA 360 -65.40 -18.85 -29.09
N LEU RA 361 -65.58 -20.08 -29.58
CA LEU RA 361 -66.18 -21.13 -28.76
C LEU RA 361 -65.28 -21.52 -27.60
N ALA RA 362 -63.96 -21.53 -27.82
CA ALA RA 362 -63.04 -21.80 -26.72
C ALA RA 362 -63.07 -20.70 -25.68
N SER RA 363 -63.07 -19.44 -26.11
CA SER RA 363 -63.10 -18.34 -25.15
C SER RA 363 -64.44 -18.25 -24.42
N LEU RA 364 -65.51 -18.74 -25.03
CA LEU RA 364 -66.79 -18.78 -24.34
C LEU RA 364 -66.87 -19.92 -23.36
N THR RA 365 -66.22 -21.05 -23.65
CA THR RA 365 -66.11 -22.09 -22.62
C THR RA 365 -65.22 -21.63 -21.47
N ASN RA 366 -64.19 -20.83 -21.77
CA ASN RA 366 -63.34 -20.28 -20.72
C ASN RA 366 -64.07 -19.24 -19.89
N LEU RA 367 -64.97 -18.49 -20.52
CA LEU RA 367 -65.72 -17.40 -19.89
C LEU RA 367 -66.73 -17.89 -18.86
N ALA RA 368 -66.96 -19.20 -18.77
CA ALA RA 368 -68.13 -19.82 -18.15
C ALA RA 368 -69.43 -19.27 -18.76
N LEU RA 369 -69.60 -19.59 -20.04
CA LEU RA 369 -70.91 -19.59 -20.64
C LEU RA 369 -71.71 -20.76 -20.06
N PRO RA 370 -73.01 -20.62 -19.85
CA PRO RA 370 -73.72 -21.46 -18.86
C PRO RA 370 -73.92 -22.94 -19.23
N PRO RA 371 -73.91 -23.37 -20.49
CA PRO RA 371 -73.78 -24.82 -20.70
C PRO RA 371 -72.37 -25.36 -20.65
N SER RA 372 -71.34 -24.52 -20.50
CA SER RA 372 -70.00 -25.05 -20.30
C SER RA 372 -69.87 -25.63 -18.90
N ILE RA 373 -69.10 -26.71 -18.78
CA ILE RA 373 -68.98 -27.42 -17.51
C ILE RA 373 -68.08 -26.65 -16.55
N ASN RA 374 -67.28 -25.72 -17.09
CA ASN RA 374 -66.59 -24.71 -16.29
C ASN RA 374 -67.56 -23.99 -15.37
N LEU RA 375 -68.74 -23.65 -15.87
CA LEU RA 375 -69.71 -22.93 -15.06
C LEU RA 375 -70.32 -23.83 -13.99
N ILE RA 376 -70.52 -25.11 -14.31
CA ILE RA 376 -71.01 -26.06 -13.31
C ILE RA 376 -70.01 -26.19 -12.17
N GLY RA 377 -68.72 -26.26 -12.51
CA GLY RA 377 -67.70 -26.32 -11.47
C GLY RA 377 -67.64 -25.06 -10.63
N GLU RA 378 -67.55 -23.90 -11.29
CA GLU RA 378 -67.48 -22.62 -10.58
C GLU RA 378 -68.73 -22.37 -9.75
N LEU RA 379 -69.89 -22.82 -10.22
CA LEU RA 379 -71.13 -22.61 -9.50
C LEU RA 379 -71.17 -23.43 -8.22
N PHE RA 380 -70.78 -24.71 -8.30
CA PHE RA 380 -70.79 -25.51 -7.07
C PHE RA 380 -69.74 -25.04 -6.08
N VAL RA 381 -68.59 -24.57 -6.57
CA VAL RA 381 -67.56 -24.07 -5.66
C VAL RA 381 -68.03 -22.77 -5.00
N VAL RA 382 -68.77 -21.93 -5.73
CA VAL RA 382 -69.29 -20.70 -5.15
C VAL RA 382 -70.34 -21.01 -4.09
N MET RA 383 -71.22 -21.99 -4.34
CA MET RA 383 -72.20 -22.40 -3.34
C MET RA 383 -71.53 -22.90 -2.07
N SER RA 384 -70.50 -23.72 -2.23
CA SER RA 384 -69.81 -24.27 -1.07
C SER RA 384 -69.04 -23.22 -0.30
N THR RA 385 -68.42 -22.26 -1.00
CA THR RA 385 -67.62 -21.28 -0.27
C THR RA 385 -68.51 -20.22 0.39
N PHE RA 386 -69.71 -19.98 -0.15
CA PHE RA 386 -70.60 -19.09 0.56
C PHE RA 386 -71.23 -19.79 1.76
N SER RA 387 -71.35 -21.12 1.70
CA SER RA 387 -71.68 -21.83 2.92
C SER RA 387 -70.50 -21.85 3.89
N TRP RA 388 -69.29 -21.71 3.37
CA TRP RA 388 -68.12 -21.78 4.24
C TRP RA 388 -67.93 -20.50 5.04
N SER RA 389 -68.06 -19.33 4.41
CA SER RA 389 -67.79 -18.11 5.18
C SER RA 389 -68.71 -16.92 4.94
N ASN RA 390 -69.68 -16.98 4.02
CA ASN RA 390 -70.75 -16.01 3.82
C ASN RA 390 -70.30 -14.59 3.44
N ILE RA 391 -69.00 -14.36 3.30
CA ILE RA 391 -68.48 -13.07 2.85
C ILE RA 391 -67.45 -13.20 1.74
N THR RA 392 -66.86 -14.38 1.55
CA THR RA 392 -65.86 -14.61 0.53
C THR RA 392 -66.43 -14.77 -0.87
N ILE RA 393 -67.74 -14.56 -1.03
CA ILE RA 393 -68.35 -14.61 -2.35
C ILE RA 393 -67.94 -13.41 -3.19
N ILE RA 394 -67.48 -12.34 -2.55
CA ILE RA 394 -67.06 -11.13 -3.27
C ILE RA 394 -65.78 -11.40 -4.05
N LEU RA 395 -64.83 -12.11 -3.45
CA LEU RA 395 -63.63 -12.52 -4.18
C LEU RA 395 -63.96 -13.46 -5.32
N MET RA 396 -64.95 -14.33 -5.12
CA MET RA 396 -65.40 -15.24 -6.17
C MET RA 396 -65.97 -14.49 -7.36
N GLY RA 397 -66.88 -13.54 -7.10
CA GLY RA 397 -67.48 -12.81 -8.19
C GLY RA 397 -66.53 -11.84 -8.86
N LEU RA 398 -65.55 -11.33 -8.11
CA LEU RA 398 -64.56 -10.45 -8.71
C LEU RA 398 -63.63 -11.25 -9.63
N ASN RA 399 -63.29 -12.47 -9.20
CA ASN RA 399 -62.63 -13.45 -10.07
C ASN RA 399 -63.46 -13.73 -11.31
N MET RA 400 -64.79 -13.86 -11.16
CA MET RA 400 -65.69 -14.16 -12.28
C MET RA 400 -65.66 -13.05 -13.32
N VAL RA 401 -65.79 -11.79 -12.86
CA VAL RA 401 -65.77 -10.62 -13.73
C VAL RA 401 -64.44 -10.51 -14.45
N ILE RA 402 -63.34 -10.59 -13.70
CA ILE RA 402 -62.02 -10.45 -14.31
C ILE RA 402 -61.73 -11.62 -15.25
N THR RA 403 -62.25 -12.81 -14.95
CA THR RA 403 -62.02 -13.98 -15.80
C THR RA 403 -62.65 -13.80 -17.15
N ALA RA 404 -63.93 -13.39 -17.16
CA ALA RA 404 -64.60 -13.09 -18.42
C ALA RA 404 -63.91 -11.94 -19.15
N LEU RA 405 -63.38 -10.96 -18.39
CA LEU RA 405 -62.73 -9.81 -18.99
C LEU RA 405 -61.46 -10.21 -19.74
N TYR RA 406 -60.54 -10.94 -19.08
CA TYR RA 406 -59.28 -11.22 -19.77
C TYR RA 406 -59.48 -12.24 -20.88
N SER RA 407 -60.41 -13.21 -20.71
CA SER RA 407 -60.62 -14.17 -21.80
C SER RA 407 -61.22 -13.48 -23.02
N LEU RA 408 -62.17 -12.58 -22.81
CA LEU RA 408 -62.75 -11.93 -23.96
C LEU RA 408 -61.83 -10.86 -24.53
N TYR RA 409 -60.93 -10.30 -23.71
CA TYR RA 409 -59.92 -9.40 -24.24
C TYR RA 409 -58.91 -10.15 -25.09
N MET RA 410 -58.53 -11.36 -24.67
CA MET RA 410 -57.67 -12.20 -25.47
C MET RA 410 -58.32 -12.56 -26.79
N LEU RA 411 -59.64 -12.71 -26.80
CA LEU RA 411 -60.36 -12.89 -28.06
C LEU RA 411 -60.26 -11.64 -28.94
N ILE RA 412 -60.74 -10.50 -28.46
CA ILE RA 412 -60.94 -9.35 -29.34
C ILE RA 412 -59.67 -8.58 -29.64
N THR RA 413 -58.58 -8.82 -28.92
CA THR RA 413 -57.36 -8.07 -29.18
C THR RA 413 -56.70 -8.52 -30.47
N THR RA 414 -56.34 -9.79 -30.54
CA THR RA 414 -55.67 -10.32 -31.73
C THR RA 414 -56.64 -10.66 -32.84
N GLN RA 415 -57.91 -10.90 -32.52
CA GLN RA 415 -58.79 -11.52 -33.48
C GLN RA 415 -60.13 -10.79 -33.53
N ARG RA 416 -60.04 -9.46 -33.64
CA ARG RA 416 -61.20 -8.66 -34.02
C ARG RA 416 -60.67 -7.37 -34.63
N GLY RA 417 -60.67 -7.29 -35.97
CA GLY RA 417 -60.73 -5.98 -36.59
C GLY RA 417 -59.84 -5.56 -37.73
N LYS RA 418 -58.53 -5.83 -37.71
CA LYS RA 418 -57.69 -5.30 -38.80
C LYS RA 418 -56.39 -6.09 -38.89
N HIS RA 419 -56.16 -6.68 -40.06
CA HIS RA 419 -54.86 -7.22 -40.41
C HIS RA 419 -53.85 -6.09 -40.52
N THR RA 420 -52.59 -6.38 -40.20
CA THR RA 420 -51.58 -5.34 -40.24
C THR RA 420 -51.02 -5.11 -41.65
N HIS RA 421 -51.59 -5.78 -42.66
CA HIS RA 421 -51.24 -5.70 -44.09
C HIS RA 421 -49.73 -5.82 -44.36
N HIS RA 422 -49.02 -6.54 -43.51
CA HIS RA 422 -47.66 -6.94 -43.82
C HIS RA 422 -47.39 -8.37 -43.43
N ILE RA 423 -48.41 -9.10 -42.97
CA ILE RA 423 -48.23 -10.49 -42.57
C ILE RA 423 -48.03 -11.38 -43.78
N ASN RA 424 -48.98 -11.31 -44.72
CA ASN RA 424 -49.06 -11.88 -46.07
C ASN RA 424 -48.40 -13.25 -46.28
N ASN RA 425 -48.54 -14.14 -45.31
CA ASN RA 425 -48.10 -15.51 -45.50
C ASN RA 425 -49.05 -16.56 -44.92
N ILE RA 426 -50.18 -16.16 -44.36
CA ILE RA 426 -51.07 -17.14 -43.77
C ILE RA 426 -51.79 -17.89 -44.88
N LEU RA 427 -51.82 -19.18 -44.78
CA LEU RA 427 -52.62 -20.00 -45.64
C LEU RA 427 -53.95 -20.24 -44.95
N PRO RA 428 -55.00 -20.62 -45.68
CA PRO RA 428 -56.23 -21.03 -45.02
C PRO RA 428 -56.00 -22.28 -44.20
N SER RA 429 -56.78 -22.42 -43.12
CA SER RA 429 -56.46 -23.34 -42.06
C SER RA 429 -56.61 -24.79 -42.48
N PHE RA 430 -55.69 -25.63 -42.03
CA PHE RA 430 -55.63 -27.01 -42.46
C PHE RA 430 -56.78 -27.81 -41.88
N THR RA 431 -57.04 -28.95 -42.52
CA THR RA 431 -58.06 -29.86 -42.00
C THR RA 431 -57.60 -30.55 -40.73
N ARG RA 432 -56.28 -30.65 -40.52
CA ARG RA 432 -55.76 -31.24 -39.29
C ARG RA 432 -56.09 -30.38 -38.07
N GLU RA 433 -55.87 -29.06 -38.20
CA GLU RA 433 -56.14 -28.14 -37.09
C GLU RA 433 -57.61 -28.12 -36.74
N ASN RA 434 -58.47 -28.07 -37.76
CA ASN RA 434 -59.90 -28.11 -37.54
C ASN RA 434 -60.35 -29.46 -36.99
N ALA RA 435 -59.63 -30.53 -37.34
CA ALA RA 435 -59.92 -31.84 -36.78
C ALA RA 435 -59.61 -31.88 -35.29
N LEU RA 436 -58.51 -31.23 -34.89
CA LEU RA 436 -58.24 -31.13 -33.46
C LEU RA 436 -59.26 -30.25 -32.74
N MET RA 437 -59.81 -29.23 -33.42
CA MET RA 437 -60.86 -28.42 -32.80
C MET RA 437 -62.11 -29.24 -32.55
N SER RA 438 -62.60 -29.94 -33.57
CA SER RA 438 -63.79 -30.74 -33.41
C SER RA 438 -63.56 -32.05 -32.65
N LEU RA 439 -62.31 -32.41 -32.38
CA LEU RA 439 -62.05 -33.45 -31.40
C LEU RA 439 -61.98 -32.90 -29.98
N HIS RA 440 -61.69 -31.62 -29.80
CA HIS RA 440 -61.81 -31.04 -28.47
C HIS RA 440 -63.27 -30.82 -28.08
N MET RA 441 -64.03 -30.10 -28.92
CA MET RA 441 -65.24 -29.48 -28.39
C MET RA 441 -66.49 -30.33 -28.52
N LEU RA 442 -66.57 -31.20 -29.52
CA LEU RA 442 -67.71 -32.10 -29.61
C LEU RA 442 -67.88 -33.02 -28.39
N PRO RA 443 -66.83 -33.62 -27.79
CA PRO RA 443 -67.06 -34.30 -26.51
C PRO RA 443 -67.39 -33.36 -25.37
N LEU RA 444 -67.00 -32.09 -25.44
CA LEU RA 444 -67.38 -31.17 -24.37
C LEU RA 444 -68.87 -30.88 -24.38
N LEU RA 445 -69.45 -30.63 -25.56
CA LEU RA 445 -70.89 -30.40 -25.62
C LEU RA 445 -71.67 -31.70 -25.39
N LEU RA 446 -71.20 -32.81 -25.94
CA LEU RA 446 -71.92 -34.06 -25.73
C LEU RA 446 -71.72 -34.62 -24.33
N LEU RA 447 -70.77 -34.11 -23.58
CA LEU RA 447 -70.72 -34.32 -22.14
C LEU RA 447 -71.59 -33.32 -21.42
N SER RA 448 -71.76 -32.13 -22.00
CA SER RA 448 -72.60 -31.10 -21.39
C SER RA 448 -74.07 -31.44 -21.47
N LEU RA 449 -74.47 -32.34 -22.36
CA LEU RA 449 -75.85 -32.78 -22.38
C LEU RA 449 -76.21 -33.58 -21.13
N ASN RA 450 -75.50 -34.69 -20.89
CA ASN RA 450 -75.79 -35.58 -19.76
C ASN RA 450 -74.55 -35.68 -18.88
N PRO RA 451 -74.31 -34.68 -18.02
CA PRO RA 451 -73.04 -34.63 -17.30
C PRO RA 451 -73.03 -35.36 -15.98
N LYS RA 452 -73.98 -36.26 -15.73
CA LYS RA 452 -74.02 -36.98 -14.46
C LYS RA 452 -72.84 -37.94 -14.26
N ILE RA 453 -72.08 -38.20 -15.32
CA ILE RA 453 -70.90 -39.05 -15.22
C ILE RA 453 -69.80 -38.38 -14.43
N ILE RA 454 -69.43 -37.16 -14.84
CA ILE RA 454 -68.16 -36.58 -14.42
C ILE RA 454 -68.16 -36.07 -12.99
N LEU RA 455 -69.31 -35.99 -12.34
CA LEU RA 455 -69.34 -35.58 -10.95
C LEU RA 455 -68.72 -36.67 -10.08
N GLY RA 456 -68.29 -36.27 -8.88
CA GLY RA 456 -67.37 -37.05 -8.10
C GLY RA 456 -67.96 -38.28 -7.44
N PRO RA 457 -67.16 -38.92 -6.59
CA PRO RA 457 -67.65 -40.09 -5.85
C PRO RA 457 -68.72 -39.75 -4.83
N LEU RA 458 -68.88 -38.48 -4.48
CA LEU RA 458 -70.00 -38.06 -3.64
C LEU RA 458 -71.19 -37.66 -4.52
N TYR RA 459 -71.57 -38.53 -5.44
CA TYR RA 459 -72.67 -38.29 -6.34
C TYR RA 459 -73.98 -38.28 -5.58
N MET SA 1 6.03 -51.86 -17.34
CA MET SA 1 4.62 -52.23 -17.39
C MET SA 1 4.34 -53.38 -18.36
N ASN SA 2 5.02 -54.49 -18.12
CA ASN SA 2 4.73 -55.71 -18.84
C ASN SA 2 3.36 -56.26 -18.43
N PRO SA 3 2.56 -56.72 -19.39
CA PRO SA 3 1.16 -57.07 -19.08
C PRO SA 3 1.03 -58.26 -18.14
N ILE SA 4 1.99 -59.16 -18.13
CA ILE SA 4 2.02 -60.21 -17.10
C ILE SA 4 2.14 -59.60 -15.71
N ILE SA 5 3.05 -58.64 -15.56
CA ILE SA 5 3.23 -57.96 -14.29
C ILE SA 5 2.00 -57.15 -13.92
N LEU SA 6 1.28 -56.61 -14.91
CA LEU SA 6 0.04 -55.90 -14.60
C LEU SA 6 -1.04 -56.86 -14.13
N ILE SA 7 -1.10 -58.07 -14.71
CA ILE SA 7 -2.03 -59.09 -14.21
C ILE SA 7 -1.66 -59.50 -12.79
N ILE SA 8 -0.35 -59.56 -12.49
CA ILE SA 8 0.12 -59.86 -11.14
C ILE SA 8 -0.35 -58.80 -10.15
N ILE SA 9 -0.20 -57.53 -10.52
CA ILE SA 9 -0.54 -56.44 -9.60
C ILE SA 9 -2.06 -56.36 -9.39
N LEU SA 10 -2.83 -56.61 -10.44
CA LEU SA 10 -4.29 -56.66 -10.27
C LEU SA 10 -4.71 -57.84 -9.40
N MET SA 11 -4.02 -58.97 -9.53
CA MET SA 11 -4.33 -60.10 -8.65
C MET SA 11 -3.92 -59.81 -7.21
N THR SA 12 -2.91 -58.97 -7.00
CA THR SA 12 -2.58 -58.60 -5.63
C THR SA 12 -3.59 -57.62 -5.05
N VAL SA 13 -4.20 -56.77 -5.87
CA VAL SA 13 -5.29 -55.93 -5.39
C VAL SA 13 -6.46 -56.80 -4.96
N MET SA 14 -6.81 -57.79 -5.80
CA MET SA 14 -7.81 -58.79 -5.44
C MET SA 14 -7.44 -59.53 -4.17
N LEU SA 15 -6.16 -59.86 -4.00
CA LEU SA 15 -5.69 -60.60 -2.85
C LEU SA 15 -5.78 -59.79 -1.57
N GLY SA 16 -5.41 -58.51 -1.64
CA GLY SA 16 -5.54 -57.64 -0.48
C GLY SA 16 -6.98 -57.48 -0.05
N THR SA 17 -7.90 -57.33 -1.01
CA THR SA 17 -9.31 -57.20 -0.64
C THR SA 17 -9.88 -58.51 -0.09
N ILE SA 18 -9.44 -59.66 -0.63
CA ILE SA 18 -9.91 -60.95 -0.12
C ILE SA 18 -9.39 -61.21 1.29
N ILE SA 19 -8.12 -60.86 1.55
CA ILE SA 19 -7.55 -61.00 2.90
C ILE SA 19 -8.28 -60.11 3.89
N VAL SA 20 -8.72 -58.93 3.45
CA VAL SA 20 -9.60 -58.12 4.28
C VAL SA 20 -10.92 -58.83 4.53
N MET SA 21 -11.50 -59.43 3.50
CA MET SA 21 -12.80 -60.09 3.64
C MET SA 21 -12.76 -61.34 4.50
N ILE SA 22 -11.60 -61.97 4.68
CA ILE SA 22 -11.56 -63.39 5.00
C ILE SA 22 -11.16 -63.70 6.44
N SER SA 23 -10.55 -62.77 7.16
CA SER SA 23 -9.88 -63.13 8.40
C SER SA 23 -10.66 -62.70 9.63
N THR SA 24 -10.32 -63.34 10.75
CA THR SA 24 -10.76 -62.92 12.07
C THR SA 24 -9.65 -62.22 12.84
N HIS SA 25 -8.43 -62.25 12.32
CA HIS SA 25 -7.27 -61.68 12.99
C HIS SA 25 -7.06 -60.26 12.50
N TRP SA 26 -6.81 -59.35 13.43
CA TRP SA 26 -6.80 -57.93 13.08
C TRP SA 26 -5.56 -57.55 12.27
N LEU SA 27 -4.44 -58.21 12.54
CA LEU SA 27 -3.21 -57.92 11.80
C LEU SA 27 -3.33 -58.33 10.34
N LEU SA 28 -4.14 -59.36 10.04
CA LEU SA 28 -4.38 -59.70 8.65
C LEU SA 28 -5.21 -58.64 7.94
N ILE SA 29 -6.13 -57.99 8.65
CA ILE SA 29 -6.89 -56.90 8.05
C ILE SA 29 -5.97 -55.72 7.74
N TRP SA 30 -5.04 -55.44 8.66
CA TRP SA 30 -4.10 -54.36 8.40
C TRP SA 30 -3.16 -54.70 7.25
N ILE SA 31 -2.74 -55.95 7.15
CA ILE SA 31 -1.94 -56.43 6.02
C ILE SA 31 -2.73 -56.28 4.73
N GLY SA 32 -4.03 -56.56 4.76
CA GLY SA 32 -4.84 -56.44 3.56
C GLY SA 32 -4.98 -55.01 3.09
N PHE SA 33 -5.22 -54.07 4.03
CA PHE SA 33 -5.29 -52.65 3.67
C PHE SA 33 -3.96 -52.15 3.13
N GLU SA 34 -2.86 -52.61 3.71
CA GLU SA 34 -1.55 -52.16 3.29
C GLU SA 34 -1.18 -52.70 1.90
N MET SA 35 -1.41 -53.99 1.66
CA MET SA 35 -1.12 -54.57 0.36
C MET SA 35 -1.98 -53.94 -0.71
N ASN SA 36 -3.23 -53.59 -0.35
CA ASN SA 36 -4.09 -52.82 -1.25
C ASN SA 36 -3.45 -51.49 -1.60
N MET SA 37 -2.88 -50.80 -0.61
CA MET SA 37 -2.19 -49.53 -0.89
C MET SA 37 -0.97 -49.72 -1.78
N LEU SA 38 -0.13 -50.72 -1.45
CA LEU SA 38 1.13 -50.95 -2.16
C LEU SA 38 0.88 -51.28 -3.63
N ALA SA 39 -0.15 -52.05 -3.90
CA ALA SA 39 -0.44 -52.37 -5.29
C ALA SA 39 -1.30 -51.32 -5.98
N ILE SA 40 -1.99 -50.46 -5.23
CA ILE SA 40 -2.80 -49.45 -5.90
C ILE SA 40 -2.00 -48.20 -6.21
N ILE SA 41 -0.77 -48.09 -5.68
CA ILE SA 41 0.13 -47.03 -6.16
C ILE SA 41 0.51 -47.19 -7.64
N PRO SA 42 0.99 -48.34 -8.13
CA PRO SA 42 1.39 -48.37 -9.54
C PRO SA 42 0.29 -48.72 -10.53
N ILE SA 43 -0.97 -48.79 -10.11
CA ILE SA 43 -2.03 -48.71 -11.11
C ILE SA 43 -2.12 -47.28 -11.61
N MET SA 44 -1.89 -46.33 -10.71
CA MET SA 44 -1.55 -44.98 -11.13
C MET SA 44 -0.16 -44.95 -11.76
N MET SA 45 0.19 -43.80 -12.32
CA MET SA 45 1.44 -43.57 -13.06
C MET SA 45 1.58 -44.54 -14.23
N LYS SA 46 0.44 -44.92 -14.83
CA LYS SA 46 0.45 -45.67 -16.07
C LYS SA 46 0.92 -44.81 -17.22
N LYS SA 47 0.72 -43.50 -17.12
CA LYS SA 47 1.35 -42.52 -17.99
C LYS SA 47 2.69 -42.13 -17.38
N HIS SA 48 3.29 -41.06 -17.89
CA HIS SA 48 4.60 -40.60 -17.44
C HIS SA 48 4.56 -39.31 -16.63
N ASN SA 49 3.53 -38.49 -16.85
CA ASN SA 49 3.50 -37.09 -16.41
C ASN SA 49 3.52 -36.96 -14.89
N PRO SA 50 4.11 -35.89 -14.36
CA PRO SA 50 4.27 -35.78 -12.90
C PRO SA 50 3.00 -35.43 -12.15
N ARG SA 51 1.89 -35.16 -12.86
CA ARG SA 51 0.60 -35.06 -12.20
C ARG SA 51 0.25 -36.35 -11.47
N ALA SA 52 0.49 -37.49 -12.12
CA ALA SA 52 0.29 -38.78 -11.48
C ALA SA 52 1.26 -38.98 -10.34
N THR SA 53 2.47 -38.42 -10.45
CA THR SA 53 3.46 -38.53 -9.38
C THR SA 53 3.00 -37.81 -8.12
N GLU SA 54 2.53 -36.56 -8.26
CA GLU SA 54 2.05 -35.82 -7.11
C GLU SA 54 0.76 -36.40 -6.55
N ALA SA 55 -0.10 -36.94 -7.42
CA ALA SA 55 -1.34 -37.56 -6.95
C ALA SA 55 -1.04 -38.83 -6.15
N SER SA 56 -0.09 -39.63 -6.62
CA SER SA 56 0.32 -40.82 -5.88
C SER SA 56 1.00 -40.44 -4.56
N THR SA 57 1.72 -39.32 -4.54
CA THR SA 57 2.32 -38.83 -3.29
C THR SA 57 1.27 -38.51 -2.25
N LYS SA 58 0.28 -37.68 -2.63
CA LYS SA 58 -0.74 -37.25 -1.69
C LYS SA 58 -1.59 -38.42 -1.22
N TYR SA 59 -1.94 -39.32 -2.16
CA TYR SA 59 -2.71 -40.50 -1.80
C TYR SA 59 -1.94 -41.41 -0.88
N PHE SA 60 -0.63 -41.59 -1.11
CA PHE SA 60 0.18 -42.46 -0.28
C PHE SA 60 0.28 -41.92 1.14
N LEU SA 61 0.50 -40.61 1.29
CA LEU SA 61 0.64 -40.03 2.62
C LEU SA 61 -0.65 -40.18 3.42
N THR SA 62 -1.80 -39.85 2.82
CA THR SA 62 -3.05 -39.93 3.58
C THR SA 62 -3.47 -41.38 3.84
N GLN SA 63 -3.27 -42.28 2.86
CA GLN SA 63 -3.64 -43.66 3.05
C GLN SA 63 -2.78 -44.34 4.11
N SER SA 64 -1.48 -44.07 4.12
CA SER SA 64 -0.62 -44.70 5.11
C SER SA 64 -0.84 -44.14 6.50
N THR SA 65 -1.13 -42.84 6.63
CA THR SA 65 -1.39 -42.34 7.98
C THR SA 65 -2.73 -42.85 8.51
N ALA SA 66 -3.70 -43.10 7.62
CA ALA SA 66 -4.94 -43.74 8.07
C ALA SA 66 -4.70 -45.18 8.51
N SER SA 67 -3.85 -45.90 7.78
CA SER SA 67 -3.54 -47.28 8.16
C SER SA 67 -2.79 -47.36 9.49
N MET SA 68 -1.88 -46.40 9.73
CA MET SA 68 -1.16 -46.40 11.00
C MET SA 68 -2.07 -46.03 12.16
N LEU SA 69 -3.03 -45.12 11.93
CA LEU SA 69 -4.00 -44.82 12.99
C LEU SA 69 -4.89 -46.02 13.31
N LEU SA 70 -5.22 -46.82 12.28
CA LEU SA 70 -5.94 -48.06 12.52
C LEU SA 70 -5.12 -49.04 13.35
N MET SA 71 -3.81 -49.13 13.07
CA MET SA 71 -2.95 -50.01 13.86
C MET SA 71 -2.86 -49.54 15.31
N MET SA 72 -2.88 -48.22 15.53
CA MET SA 72 -3.00 -47.68 16.88
C MET SA 72 -4.28 -48.15 17.56
N ALA SA 73 -5.38 -48.15 16.80
CA ALA SA 73 -6.66 -48.58 17.37
C ALA SA 73 -6.63 -50.06 17.77
N ILE SA 74 -6.04 -50.90 16.94
CA ILE SA 74 -5.94 -52.33 17.26
C ILE SA 74 -5.02 -52.56 18.47
N ILE SA 75 -3.93 -51.79 18.54
CA ILE SA 75 -2.97 -51.99 19.63
C ILE SA 75 -3.55 -51.54 20.96
N ILE SA 76 -4.35 -50.47 20.96
CA ILE SA 76 -5.02 -50.08 22.21
C ILE SA 76 -6.14 -51.05 22.56
N ASN SA 77 -6.82 -51.60 21.55
CA ASN SA 77 -7.79 -52.67 21.77
C ASN SA 77 -7.16 -53.85 22.49
N LEU SA 78 -5.92 -54.17 22.17
CA LEU SA 78 -5.33 -55.31 22.87
C LEU SA 78 -4.54 -54.89 24.11
N MET SA 79 -4.29 -53.59 24.31
CA MET SA 79 -3.97 -53.13 25.67
C MET SA 79 -5.12 -53.44 26.61
N PHE SA 80 -6.33 -53.23 26.14
CA PHE SA 80 -7.51 -53.73 26.82
C PHE SA 80 -7.73 -55.19 26.45
N SER SA 81 -8.96 -55.68 26.61
CA SER SA 81 -9.34 -57.08 26.43
C SER SA 81 -8.74 -57.73 25.19
N GLY SA 82 -7.86 -58.71 25.41
CA GLY SA 82 -6.95 -59.14 24.40
C GLY SA 82 -7.42 -60.34 23.62
N GLN SA 83 -8.04 -60.10 22.48
CA GLN SA 83 -8.47 -61.17 21.60
C GLN SA 83 -8.25 -60.72 20.16
N TRP SA 84 -7.98 -61.70 19.31
CA TRP SA 84 -7.94 -61.44 17.89
C TRP SA 84 -9.20 -61.97 17.21
N THR SA 85 -10.35 -61.40 17.56
CA THR SA 85 -11.58 -61.59 16.81
C THR SA 85 -12.07 -60.24 16.33
N VAL SA 86 -12.67 -60.24 15.15
CA VAL SA 86 -13.27 -59.02 14.61
C VAL SA 86 -14.70 -59.02 15.10
N MET SA 87 -14.95 -58.29 16.18
CA MET SA 87 -16.21 -58.35 16.87
C MET SA 87 -16.47 -56.99 17.49
N LYS SA 88 -17.45 -56.96 18.41
CA LYS SA 88 -17.68 -55.80 19.24
C LYS SA 88 -16.43 -55.43 20.02
N LEU SA 89 -16.00 -54.18 19.90
CA LEU SA 89 -14.78 -53.74 20.56
C LEU SA 89 -15.02 -53.58 22.06
N PHE SA 90 -13.94 -53.29 22.78
CA PHE SA 90 -14.01 -53.14 24.22
C PHE SA 90 -13.22 -51.93 24.66
N ASN SA 91 -13.35 -50.85 23.91
CA ASN SA 91 -12.80 -49.53 24.20
C ASN SA 91 -13.55 -48.52 23.36
N PRO SA 92 -14.14 -47.49 23.99
CA PRO SA 92 -14.67 -46.38 23.18
C PRO SA 92 -13.60 -45.55 22.51
N MET SA 93 -12.42 -45.43 23.13
CA MET SA 93 -11.33 -44.67 22.51
C MET SA 93 -10.80 -45.39 21.28
N ALA SA 94 -10.65 -46.71 21.35
CA ALA SA 94 -10.21 -47.45 20.18
C ALA SA 94 -11.27 -47.47 19.09
N SER SA 95 -12.55 -47.45 19.44
CA SER SA 95 -13.59 -47.37 18.43
C SER SA 95 -13.60 -45.99 17.78
N MET SA 96 -13.30 -44.95 18.57
CA MET SA 96 -13.14 -43.60 18.04
C MET SA 96 -12.01 -43.54 17.02
N LEU SA 97 -10.82 -44.03 17.39
CA LEU SA 97 -9.68 -43.99 16.49
C LEU SA 97 -9.91 -44.87 15.27
N MET SA 98 -10.60 -46.00 15.45
CA MET SA 98 -10.82 -46.91 14.33
C MET SA 98 -11.79 -46.32 13.33
N THR SA 99 -12.89 -45.71 13.82
CA THR SA 99 -13.81 -45.04 12.92
C THR SA 99 -13.17 -43.84 12.24
N MET SA 100 -12.26 -43.14 12.91
CA MET SA 100 -11.65 -42.01 12.24
C MET SA 100 -10.58 -42.45 11.24
N ALA SA 101 -9.92 -43.58 11.49
CA ALA SA 101 -8.99 -44.11 10.50
C ALA SA 101 -9.73 -44.61 9.26
N LEU SA 102 -10.86 -45.28 9.45
CA LEU SA 102 -11.65 -45.68 8.29
C LEU SA 102 -12.28 -44.47 7.61
N ALA SA 103 -12.56 -43.41 8.36
CA ALA SA 103 -13.09 -42.19 7.77
C ALA SA 103 -12.05 -41.50 6.90
N MET SA 104 -10.80 -41.52 7.34
CA MET SA 104 -9.72 -41.02 6.49
C MET SA 104 -9.52 -41.90 5.27
N LYS SA 105 -9.70 -43.21 5.40
CA LYS SA 105 -9.46 -44.07 4.26
C LYS SA 105 -10.55 -43.95 3.20
N LEU SA 106 -11.78 -44.31 3.54
CA LEU SA 106 -12.82 -44.33 2.50
C LEU SA 106 -13.48 -42.98 2.26
N GLY SA 107 -12.98 -41.90 2.85
CA GLY SA 107 -13.49 -40.60 2.46
C GLY SA 107 -14.64 -40.09 3.30
N MET SA 108 -14.36 -39.09 4.13
CA MET SA 108 -15.38 -38.34 4.84
C MET SA 108 -15.01 -36.87 4.77
N ALA SA 109 -15.95 -36.02 5.18
CA ALA SA 109 -15.84 -34.60 4.89
C ALA SA 109 -14.68 -33.85 5.57
N PRO SA 110 -14.25 -34.15 6.79
CA PRO SA 110 -12.97 -33.57 7.23
C PRO SA 110 -11.76 -34.21 6.61
N PHE SA 111 -11.93 -35.31 5.86
CA PHE SA 111 -10.84 -36.21 5.51
C PHE SA 111 -10.77 -36.48 4.01
N HIS SA 112 -11.51 -35.74 3.19
CA HIS SA 112 -11.67 -36.05 1.77
C HIS SA 112 -10.79 -35.20 0.88
N PHE SA 113 -9.95 -34.34 1.43
CA PHE SA 113 -9.20 -33.35 0.66
C PHE SA 113 -8.16 -33.95 -0.29
N TRP SA 114 -7.97 -35.26 -0.26
CA TRP SA 114 -7.11 -35.95 -1.20
C TRP SA 114 -7.86 -36.55 -2.38
N VAL SA 115 -9.19 -36.60 -2.35
CA VAL SA 115 -9.93 -37.42 -3.32
C VAL SA 115 -10.03 -36.76 -4.70
N PRO SA 116 -10.41 -35.48 -4.87
CA PRO SA 116 -10.31 -34.91 -6.23
C PRO SA 116 -8.90 -34.72 -6.69
N GLU SA 117 -7.96 -34.56 -5.76
CA GLU SA 117 -6.56 -34.47 -6.12
C GLU SA 117 -6.05 -35.79 -6.67
N VAL SA 118 -6.47 -36.91 -6.09
CA VAL SA 118 -5.97 -38.18 -6.61
C VAL SA 118 -6.72 -38.54 -7.88
N THR SA 119 -7.99 -38.17 -8.02
CA THR SA 119 -8.71 -38.56 -9.22
C THR SA 119 -8.51 -37.61 -10.39
N GLN SA 120 -7.90 -36.43 -10.18
CA GLN SA 120 -7.78 -35.48 -11.29
C GLN SA 120 -6.74 -35.94 -12.31
N GLY SA 121 -5.52 -36.23 -11.87
CA GLY SA 121 -4.42 -36.40 -12.81
C GLY SA 121 -4.18 -37.79 -13.33
N ILE SA 122 -4.89 -38.79 -12.82
CA ILE SA 122 -4.64 -40.19 -13.16
C ILE SA 122 -5.53 -40.60 -14.32
N PRO SA 123 -5.20 -41.66 -15.07
CA PRO SA 123 -6.11 -42.13 -16.11
C PRO SA 123 -7.36 -42.78 -15.53
N LEU SA 124 -8.29 -43.08 -16.42
CA LEU SA 124 -9.63 -43.51 -16.00
C LEU SA 124 -9.64 -44.93 -15.46
N SER SA 125 -8.74 -45.80 -15.93
CA SER SA 125 -8.72 -47.18 -15.45
C SER SA 125 -8.30 -47.22 -13.99
N SER SA 126 -7.25 -46.47 -13.66
CA SER SA 126 -6.79 -46.37 -12.28
C SER SA 126 -7.85 -45.72 -11.38
N GLY SA 127 -8.52 -44.68 -11.89
CA GLY SA 127 -9.54 -44.02 -11.10
C GLY SA 127 -10.73 -44.92 -10.81
N LEU SA 128 -11.16 -45.68 -11.83
CA LEU SA 128 -12.24 -46.64 -11.66
C LEU SA 128 -11.88 -47.71 -10.66
N ILE SA 129 -10.67 -48.28 -10.77
CA ILE SA 129 -10.37 -49.41 -9.93
C ILE SA 129 -10.11 -48.96 -8.50
N LEU SA 130 -9.62 -47.73 -8.30
CA LEU SA 130 -9.44 -47.29 -6.92
C LEU SA 130 -10.76 -46.88 -6.30
N LEU SA 131 -11.66 -46.25 -7.07
CA LEU SA 131 -12.97 -45.93 -6.51
C LEU SA 131 -13.74 -47.18 -6.12
N THR SA 132 -13.77 -48.19 -7.01
CA THR SA 132 -14.48 -49.43 -6.70
C THR SA 132 -13.88 -50.16 -5.50
N TRP SA 133 -12.58 -50.46 -5.53
CA TRP SA 133 -12.08 -51.29 -4.44
C TRP SA 133 -11.84 -50.50 -3.15
N GLN SA 134 -11.27 -49.29 -3.23
CA GLN SA 134 -11.04 -48.51 -2.04
C GLN SA 134 -12.32 -47.95 -1.44
N LYS SA 135 -13.46 -47.98 -2.12
CA LYS SA 135 -14.71 -47.76 -1.41
C LYS SA 135 -15.45 -49.05 -1.10
N LEU SA 136 -14.98 -50.19 -1.63
CA LEU SA 136 -15.58 -51.45 -1.23
C LEU SA 136 -15.05 -51.92 0.12
N ALA SA 137 -13.74 -52.11 0.20
CA ALA SA 137 -13.18 -53.04 1.19
C ALA SA 137 -13.37 -52.65 2.67
N PRO SA 138 -13.25 -51.39 3.12
CA PRO SA 138 -13.53 -51.13 4.54
C PRO SA 138 -15.00 -51.16 4.91
N MET SA 139 -15.92 -51.27 3.95
CA MET SA 139 -17.32 -51.53 4.32
C MET SA 139 -17.49 -52.91 4.91
N SER SA 140 -16.65 -53.87 4.51
CA SER SA 140 -16.66 -55.18 5.14
C SER SA 140 -16.25 -55.08 6.60
N VAL SA 141 -15.17 -54.34 6.88
CA VAL SA 141 -14.68 -54.18 8.24
C VAL SA 141 -15.69 -53.41 9.08
N LEU SA 142 -16.33 -52.38 8.49
CA LEU SA 142 -17.36 -51.64 9.20
C LEU SA 142 -18.59 -52.49 9.51
N TYR SA 143 -18.98 -53.35 8.56
CA TYR SA 143 -20.04 -54.33 8.77
C TYR SA 143 -19.69 -55.28 9.90
N GLN SA 144 -18.40 -55.58 10.05
CA GLN SA 144 -18.00 -56.49 11.12
C GLN SA 144 -17.99 -55.80 12.49
N ILE SA 145 -17.51 -54.56 12.57
CA ILE SA 145 -17.30 -53.90 13.85
C ILE SA 145 -18.42 -52.93 14.20
N LEU SA 146 -19.56 -53.00 13.49
CA LEU SA 146 -20.68 -52.13 13.82
C LEU SA 146 -21.25 -52.19 15.25
N PRO SA 147 -21.27 -53.35 16.02
CA PRO SA 147 -21.98 -53.28 17.31
C PRO SA 147 -21.31 -52.50 18.44
N SER SA 148 -20.22 -51.77 18.18
CA SER SA 148 -19.56 -51.04 19.24
C SER SA 148 -19.15 -49.65 18.78
N ILE SA 149 -20.04 -48.96 18.07
CA ILE SA 149 -19.71 -47.65 17.53
C ILE SA 149 -20.64 -46.62 18.17
N ASN SA 150 -20.04 -45.57 18.74
CA ASN SA 150 -20.80 -44.38 19.11
C ASN SA 150 -21.44 -43.79 17.87
N LEU SA 151 -22.77 -43.64 17.93
CA LEU SA 151 -23.53 -43.27 16.73
C LEU SA 151 -23.28 -41.83 16.31
N ASP SA 152 -22.84 -40.97 17.23
CA ASP SA 152 -22.50 -39.59 16.88
C ASP SA 152 -21.39 -39.52 15.85
N LEU SA 153 -20.42 -40.43 15.94
CA LEU SA 153 -19.26 -40.41 15.05
C LEU SA 153 -19.65 -40.69 13.61
N ILE SA 154 -20.25 -41.86 13.37
CA ILE SA 154 -20.69 -42.25 12.04
C ILE SA 154 -21.73 -41.29 11.51
N LEU SA 155 -22.65 -40.85 12.37
CA LEU SA 155 -23.76 -40.05 11.88
C LEU SA 155 -23.29 -38.65 11.49
N THR SA 156 -22.42 -38.04 12.30
CA THR SA 156 -21.90 -36.71 11.98
C THR SA 156 -21.03 -36.75 10.74
N LEU SA 157 -20.15 -37.76 10.64
CA LEU SA 157 -19.35 -37.92 9.42
C LEU SA 157 -20.21 -38.14 8.19
N SER SA 158 -21.33 -38.85 8.35
CA SER SA 158 -22.17 -39.14 7.19
C SER SA 158 -22.93 -37.92 6.72
N ILE SA 159 -23.55 -37.18 7.67
CA ILE SA 159 -24.26 -35.95 7.35
C ILE SA 159 -23.33 -34.95 6.68
N LEU SA 160 -22.17 -34.74 7.31
CA LEU SA 160 -21.25 -33.75 6.79
C LEU SA 160 -20.64 -34.20 5.47
N SER SA 161 -20.49 -35.51 5.28
CA SER SA 161 -19.93 -36.03 4.03
C SER SA 161 -20.90 -35.84 2.88
N ILE SA 162 -22.19 -36.10 3.12
CA ILE SA 162 -23.19 -35.87 2.08
C ILE SA 162 -23.27 -34.41 1.73
N THR SA 163 -23.27 -33.52 2.73
CA THR SA 163 -23.44 -32.11 2.38
C THR SA 163 -22.18 -31.50 1.79
N ILE SA 164 -20.99 -31.99 2.14
CA ILE SA 164 -19.78 -31.46 1.51
C ILE SA 164 -19.63 -32.02 0.10
N GLY SA 165 -19.91 -33.31 -0.10
CA GLY SA 165 -19.92 -33.87 -1.44
C GLY SA 165 -20.98 -33.29 -2.34
N GLY SA 166 -22.04 -32.75 -1.77
CA GLY SA 166 -22.99 -32.00 -2.55
C GLY SA 166 -22.50 -30.61 -2.89
N TRP SA 167 -22.04 -29.87 -1.87
CA TRP SA 167 -21.67 -28.47 -2.07
C TRP SA 167 -20.44 -28.30 -2.94
N GLY SA 168 -19.54 -29.28 -2.92
CA GLY SA 168 -18.36 -29.18 -3.77
C GLY SA 168 -18.65 -29.49 -5.22
N GLY SA 169 -19.67 -30.31 -5.49
CA GLY SA 169 -19.89 -30.82 -6.82
C GLY SA 169 -20.46 -29.83 -7.81
N LEU SA 170 -20.98 -28.70 -7.34
CA LEU SA 170 -21.66 -27.78 -8.24
C LEU SA 170 -20.71 -26.98 -9.11
N ASN SA 171 -19.46 -26.83 -8.71
CA ASN SA 171 -18.58 -25.87 -9.35
C ASN SA 171 -17.70 -26.48 -10.41
N GLN SA 172 -17.36 -27.76 -10.31
CA GLN SA 172 -16.30 -28.31 -11.14
C GLN SA 172 -16.75 -28.52 -12.58
N THR SA 173 -15.99 -27.94 -13.50
CA THR SA 173 -16.17 -28.15 -14.93
C THR SA 173 -15.29 -29.26 -15.47
N GLN SA 174 -14.74 -30.09 -14.60
CA GLN SA 174 -14.06 -31.31 -15.00
C GLN SA 174 -15.08 -32.45 -15.02
N LEU SA 175 -14.61 -33.67 -15.05
CA LEU SA 175 -15.48 -34.82 -14.90
C LEU SA 175 -15.09 -35.68 -13.71
N ARG SA 176 -13.79 -35.86 -13.50
CA ARG SA 176 -13.31 -36.71 -12.43
C ARG SA 176 -13.60 -36.12 -11.07
N LYS SA 177 -13.59 -34.79 -10.96
CA LYS SA 177 -13.90 -34.19 -9.67
C LYS SA 177 -15.39 -34.24 -9.38
N ILE SA 178 -16.22 -34.17 -10.42
CA ILE SA 178 -17.65 -34.42 -10.26
C ILE SA 178 -17.89 -35.83 -9.77
N MET SA 179 -17.20 -36.80 -10.36
CA MET SA 179 -17.38 -38.19 -9.97
C MET SA 179 -16.86 -38.44 -8.56
N ALA SA 180 -15.79 -37.73 -8.17
CA ALA SA 180 -15.23 -37.91 -6.83
C ALA SA 180 -16.11 -37.30 -5.76
N TYR SA 181 -16.67 -36.12 -6.04
CA TYR SA 181 -17.62 -35.52 -5.10
C TYR SA 181 -18.88 -36.35 -4.97
N SER SA 182 -19.33 -36.96 -6.07
CA SER SA 182 -20.43 -37.89 -6.00
C SER SA 182 -20.07 -39.13 -5.20
N SER SA 183 -18.81 -39.55 -5.28
CA SER SA 183 -18.36 -40.69 -4.48
C SER SA 183 -18.42 -40.37 -3.00
N ILE SA 184 -18.02 -39.15 -2.63
CA ILE SA 184 -18.08 -38.74 -1.22
C ILE SA 184 -19.52 -38.70 -0.74
N ALA SA 185 -20.44 -38.21 -1.58
CA ALA SA 185 -21.85 -38.17 -1.21
C ALA SA 185 -22.44 -39.56 -1.03
N HIS SA 186 -22.10 -40.48 -1.94
CA HIS SA 186 -22.61 -41.83 -1.79
C HIS SA 186 -21.96 -42.59 -0.64
N MET SA 187 -20.70 -42.28 -0.30
CA MET SA 187 -20.12 -42.93 0.86
C MET SA 187 -20.73 -42.40 2.15
N GLY SA 188 -21.13 -41.13 2.17
CA GLY SA 188 -21.92 -40.63 3.30
C GLY SA 188 -23.25 -41.35 3.44
N TRP SA 189 -23.93 -41.59 2.31
CA TRP SA 189 -25.16 -42.38 2.35
C TRP SA 189 -24.92 -43.82 2.79
N MET SA 190 -23.87 -44.45 2.27
CA MET SA 190 -23.59 -45.84 2.58
C MET SA 190 -23.05 -46.03 3.98
N THR SA 191 -22.62 -44.97 4.64
CA THR SA 191 -22.22 -45.07 6.02
C THR SA 191 -23.35 -44.71 6.97
N ALA SA 192 -24.29 -43.86 6.53
CA ALA SA 192 -25.32 -43.33 7.43
C ALA SA 192 -26.31 -44.37 7.94
N VAL SA 193 -26.41 -45.53 7.30
CA VAL SA 193 -27.45 -46.51 7.59
C VAL SA 193 -26.86 -47.71 8.33
N LEU SA 194 -25.58 -47.63 8.71
CA LEU SA 194 -24.82 -48.80 9.08
C LEU SA 194 -25.27 -49.36 10.43
N LEU SA 195 -25.60 -48.49 11.36
CA LEU SA 195 -25.92 -48.91 12.71
C LEU SA 195 -27.37 -49.32 12.89
N TYR SA 196 -28.16 -49.35 11.81
CA TYR SA 196 -29.58 -49.65 11.90
C TYR SA 196 -29.96 -50.94 11.19
N ASN SA 197 -29.64 -51.06 9.90
CA ASN SA 197 -29.72 -52.35 9.24
C ASN SA 197 -28.73 -52.37 8.07
N PRO SA 198 -27.63 -53.11 8.21
CA PRO SA 198 -26.51 -52.96 7.27
C PRO SA 198 -26.70 -53.64 5.93
N THR SA 199 -27.78 -54.42 5.76
CA THR SA 199 -28.17 -54.92 4.45
C THR SA 199 -28.44 -53.77 3.49
N MET SA 200 -28.99 -52.67 4.01
CA MET SA 200 -29.21 -51.47 3.21
C MET SA 200 -27.90 -50.90 2.69
N THR SA 201 -26.89 -50.81 3.57
CA THR SA 201 -25.60 -50.24 3.18
C THR SA 201 -24.89 -51.12 2.17
N LEU SA 202 -24.91 -52.43 2.37
CA LEU SA 202 -24.18 -53.29 1.46
C LEU SA 202 -24.90 -53.43 0.11
N LEU SA 203 -26.23 -53.33 0.09
CA LEU SA 203 -26.92 -53.29 -1.20
C LEU SA 203 -26.71 -51.95 -1.89
N ASN SA 204 -26.61 -50.87 -1.12
CA ASN SA 204 -26.20 -49.59 -1.68
C ASN SA 204 -24.79 -49.67 -2.25
N LEU SA 205 -23.92 -50.48 -1.63
CA LEU SA 205 -22.58 -50.69 -2.15
C LEU SA 205 -22.62 -51.38 -3.50
N ILE SA 206 -23.44 -52.44 -3.61
CA ILE SA 206 -23.61 -53.15 -4.88
C ILE SA 206 -24.11 -52.21 -5.98
N ILE SA 207 -25.16 -51.44 -5.67
CA ILE SA 207 -25.76 -50.57 -6.67
C ILE SA 207 -24.82 -49.44 -7.06
N TYR SA 208 -24.13 -48.86 -6.08
CA TYR SA 208 -23.19 -47.78 -6.39
C TYR SA 208 -22.01 -48.27 -7.22
N ILE SA 209 -21.54 -49.49 -6.97
CA ILE SA 209 -20.41 -49.98 -7.74
C ILE SA 209 -20.85 -50.30 -9.17
N ILE SA 210 -22.08 -50.80 -9.35
CA ILE SA 210 -22.60 -51.01 -10.71
C ILE SA 210 -22.73 -49.68 -11.44
N MET SA 211 -23.19 -48.63 -10.74
CA MET SA 211 -23.36 -47.32 -11.35
C MET SA 211 -22.03 -46.71 -11.77
N THR SA 212 -21.04 -46.74 -10.87
CA THR SA 212 -19.73 -46.19 -11.19
C THR SA 212 -19.03 -46.99 -12.28
N SER SA 213 -19.29 -48.31 -12.35
CA SER SA 213 -18.75 -49.12 -13.43
C SER SA 213 -19.34 -48.70 -14.78
N THR SA 214 -20.65 -48.45 -14.83
CA THR SA 214 -21.25 -47.97 -16.07
C THR SA 214 -20.74 -46.59 -16.45
N MET SA 215 -20.51 -45.74 -15.45
CA MET SA 215 -20.04 -44.38 -15.70
C MET SA 215 -18.65 -44.40 -16.32
N PHE SA 216 -17.71 -45.05 -15.65
CA PHE SA 216 -16.35 -45.06 -16.16
C PHE SA 216 -16.16 -45.96 -17.37
N THR SA 217 -17.06 -46.91 -17.61
CA THR SA 217 -17.03 -47.60 -18.89
C THR SA 217 -17.46 -46.67 -20.02
N LEU SA 218 -18.52 -45.87 -19.79
CA LEU SA 218 -18.95 -44.91 -20.81
C LEU SA 218 -17.97 -43.77 -20.99
N PHE SA 219 -17.07 -43.53 -20.03
CA PHE SA 219 -15.99 -42.58 -20.28
C PHE SA 219 -14.71 -43.23 -20.80
N MET SA 220 -14.52 -44.54 -20.63
CA MET SA 220 -13.48 -45.21 -21.37
C MET SA 220 -13.83 -45.36 -22.84
N ALA SA 221 -15.12 -45.30 -23.18
CA ALA SA 221 -15.55 -45.42 -24.56
C ALA SA 221 -15.09 -44.25 -25.43
N ASN SA 222 -14.73 -43.12 -24.82
CA ASN SA 222 -14.32 -41.92 -25.55
C ASN SA 222 -13.54 -41.04 -24.61
N SER SA 223 -12.31 -40.68 -25.00
CA SER SA 223 -11.36 -40.04 -24.09
C SER SA 223 -11.78 -38.60 -23.85
N THR SA 224 -12.70 -38.43 -22.90
CA THR SA 224 -13.29 -37.13 -22.60
C THR SA 224 -12.96 -36.74 -21.17
N THR SA 225 -12.48 -35.51 -20.98
CA THR SA 225 -12.23 -34.96 -19.66
C THR SA 225 -13.01 -33.70 -19.35
N THR SA 226 -13.50 -33.00 -20.37
CA THR SA 226 -14.36 -31.83 -20.16
C THR SA 226 -15.69 -32.05 -20.85
N THR SA 227 -16.65 -31.19 -20.53
CA THR SA 227 -17.98 -31.31 -21.10
C THR SA 227 -18.03 -30.91 -22.57
N LEU SA 228 -17.05 -30.11 -23.01
CA LEU SA 228 -16.87 -29.80 -24.43
C LEU SA 228 -16.70 -31.07 -25.25
N SER SA 229 -15.86 -31.98 -24.74
CA SER SA 229 -15.67 -33.27 -25.38
C SER SA 229 -16.93 -34.11 -25.31
N LEU SA 230 -17.74 -33.93 -24.26
CA LEU SA 230 -19.01 -34.64 -24.19
C LEU SA 230 -19.98 -34.17 -25.27
N SER SA 231 -19.95 -32.88 -25.58
CA SER SA 231 -20.76 -32.39 -26.70
C SER SA 231 -20.26 -32.91 -28.04
N HIS SA 232 -18.95 -33.05 -28.17
CA HIS SA 232 -18.46 -33.58 -29.44
C HIS SA 232 -18.71 -35.08 -29.55
N THR SA 233 -18.83 -35.77 -28.43
CA THR SA 233 -19.30 -37.15 -28.48
C THR SA 233 -20.80 -37.26 -28.60
N TRP SA 234 -21.54 -36.17 -28.34
CA TRP SA 234 -22.90 -36.12 -28.85
C TRP SA 234 -22.90 -36.15 -30.36
N ASN SA 235 -22.10 -35.27 -30.96
CA ASN SA 235 -22.18 -35.14 -32.41
C ASN SA 235 -21.55 -36.32 -33.14
N LYS SA 236 -20.66 -37.09 -32.50
CA LYS SA 236 -20.08 -38.22 -33.22
C LYS SA 236 -20.70 -39.57 -32.88
N ALA SA 237 -21.28 -39.74 -31.69
CA ALA SA 237 -21.76 -41.04 -31.28
C ALA SA 237 -23.12 -40.92 -30.60
N PRO SA 238 -24.20 -41.32 -31.26
CA PRO SA 238 -25.54 -40.95 -30.78
C PRO SA 238 -26.11 -41.80 -29.65
N ILE SA 239 -25.71 -43.08 -29.57
CA ILE SA 239 -26.30 -43.94 -28.53
C ILE SA 239 -25.63 -43.67 -27.19
N MET SA 240 -24.36 -43.22 -27.23
CA MET SA 240 -23.65 -42.75 -26.04
C MET SA 240 -24.40 -41.63 -25.34
N THR SA 241 -25.08 -40.79 -26.11
CA THR SA 241 -25.82 -39.65 -25.57
C THR SA 241 -26.97 -40.12 -24.71
N ILE SA 242 -27.81 -41.01 -25.24
CA ILE SA 242 -28.96 -41.45 -24.48
C ILE SA 242 -28.54 -42.37 -23.35
N LEU SA 243 -27.39 -43.03 -23.44
CA LEU SA 243 -26.93 -43.79 -22.29
C LEU SA 243 -26.39 -42.87 -21.19
N VAL SA 244 -25.71 -41.79 -21.55
CA VAL SA 244 -25.31 -40.80 -20.56
C VAL SA 244 -26.53 -40.16 -19.91
N LEU SA 245 -27.57 -39.91 -20.71
CA LEU SA 245 -28.85 -39.42 -20.20
C LEU SA 245 -29.44 -40.36 -19.14
N ILE SA 246 -29.57 -41.64 -19.48
CA ILE SA 246 -30.22 -42.58 -18.58
C ILE SA 246 -29.38 -42.84 -17.35
N THR SA 247 -28.07 -43.03 -17.51
CA THR SA 247 -27.24 -43.31 -16.33
C THR SA 247 -27.05 -42.08 -15.45
N LEU SA 248 -27.07 -40.88 -16.02
CA LEU SA 248 -26.95 -39.68 -15.19
C LEU SA 248 -28.23 -39.41 -14.42
N LEU SA 249 -29.38 -39.68 -15.05
CA LEU SA 249 -30.62 -39.64 -14.28
C LEU SA 249 -30.68 -40.75 -13.24
N SER SA 250 -29.98 -41.86 -13.46
CA SER SA 250 -29.95 -42.92 -12.46
C SER SA 250 -29.01 -42.61 -11.30
N MET SA 251 -27.94 -41.87 -11.56
CA MET SA 251 -27.16 -41.33 -10.46
C MET SA 251 -27.93 -40.24 -9.73
N GLY SA 252 -28.87 -39.58 -10.40
CA GLY SA 252 -29.70 -38.61 -9.73
C GLY SA 252 -30.62 -39.23 -8.69
N GLY SA 253 -31.18 -40.40 -8.99
CA GLY SA 253 -32.10 -41.03 -8.07
C GLY SA 253 -33.56 -40.74 -8.34
N LEU SA 254 -34.01 -41.04 -9.55
CA LEU SA 254 -35.40 -40.81 -9.94
C LEU SA 254 -36.16 -42.14 -10.02
N PRO SA 255 -37.41 -42.17 -9.53
CA PRO SA 255 -38.07 -43.44 -9.16
C PRO SA 255 -38.32 -44.45 -10.28
N PRO SA 256 -38.80 -44.09 -11.49
CA PRO SA 256 -39.03 -45.17 -12.48
C PRO SA 256 -37.75 -45.76 -13.02
N LEU SA 257 -36.63 -45.12 -12.78
CA LEU SA 257 -35.30 -45.64 -13.05
C LEU SA 257 -34.76 -46.24 -11.76
N SER SA 258 -33.69 -47.03 -11.87
CA SER SA 258 -33.21 -47.83 -10.75
C SER SA 258 -32.18 -47.11 -9.89
N GLY SA 259 -32.21 -45.80 -9.83
CA GLY SA 259 -31.40 -45.10 -8.86
C GLY SA 259 -32.11 -44.75 -7.58
N PHE SA 260 -33.29 -45.32 -7.37
CA PHE SA 260 -34.21 -44.96 -6.30
C PHE SA 260 -34.27 -46.00 -5.20
N MET SA 261 -34.27 -47.28 -5.58
CA MET SA 261 -34.11 -48.44 -4.72
C MET SA 261 -32.99 -48.35 -3.67
N PRO SA 262 -31.81 -47.72 -3.93
CA PRO SA 262 -30.91 -47.47 -2.80
C PRO SA 262 -31.43 -46.48 -1.77
N LYS SA 263 -31.92 -45.31 -2.21
CA LYS SA 263 -32.25 -44.23 -1.27
C LYS SA 263 -33.50 -44.58 -0.47
N TRP SA 264 -34.54 -45.02 -1.17
CA TRP SA 264 -35.85 -45.13 -0.56
C TRP SA 264 -35.96 -46.30 0.40
N MET SA 265 -35.25 -47.40 0.12
CA MET SA 265 -35.22 -48.50 1.07
C MET SA 265 -34.46 -48.13 2.33
N ILE SA 266 -33.41 -47.33 2.18
CA ILE SA 266 -32.70 -46.73 3.30
C ILE SA 266 -33.62 -45.85 4.12
N ILE SA 267 -34.45 -45.04 3.46
CA ILE SA 267 -35.36 -44.16 4.19
C ILE SA 267 -36.44 -44.96 4.91
N GLN SA 268 -36.86 -46.09 4.32
CA GLN SA 268 -37.81 -46.96 4.99
C GLN SA 268 -37.25 -47.54 6.28
N GLU SA 269 -36.14 -48.26 6.18
CA GLU SA 269 -35.59 -48.84 7.41
C GLU SA 269 -34.82 -47.84 8.25
N MET SA 270 -34.80 -46.56 7.87
CA MET SA 270 -34.33 -45.47 8.70
C MET SA 270 -35.47 -44.85 9.51
N THR SA 271 -36.59 -44.56 8.86
CA THR SA 271 -37.73 -43.95 9.52
C THR SA 271 -38.65 -44.97 10.17
N LYS SA 272 -38.31 -46.26 10.15
CA LYS SA 272 -38.95 -47.12 11.13
C LYS SA 272 -38.39 -46.87 12.52
N ASN SA 273 -37.23 -46.23 12.62
CA ASN SA 273 -36.80 -45.61 13.85
C ASN SA 273 -37.52 -44.27 14.00
N ASP SA 274 -37.19 -43.52 15.06
CA ASP SA 274 -37.80 -42.23 15.31
C ASP SA 274 -36.95 -41.08 14.80
N SER SA 275 -36.24 -41.28 13.70
CA SER SA 275 -35.48 -40.24 13.04
C SER SA 275 -36.22 -39.87 11.77
N ILE SA 276 -36.74 -38.65 11.71
CA ILE SA 276 -37.55 -38.19 10.59
C ILE SA 276 -36.92 -36.91 10.05
N ILE SA 277 -36.56 -36.02 10.97
CA ILE SA 277 -35.89 -34.76 10.61
C ILE SA 277 -34.56 -35.02 9.90
N LEU SA 278 -33.85 -36.05 10.33
CA LEU SA 278 -32.59 -36.37 9.68
C LEU SA 278 -32.75 -37.01 8.29
N PRO SA 279 -33.67 -37.97 8.04
CA PRO SA 279 -33.87 -38.40 6.66
C PRO SA 279 -34.42 -37.34 5.74
N THR SA 280 -35.26 -36.41 6.23
CA THR SA 280 -35.70 -35.37 5.32
C THR SA 280 -34.58 -34.37 5.04
N LEU SA 281 -33.69 -34.13 6.01
CA LEU SA 281 -32.52 -33.28 5.74
C LEU SA 281 -31.57 -33.94 4.76
N MET SA 282 -31.29 -35.22 4.96
CA MET SA 282 -30.39 -35.97 4.07
C MET SA 282 -30.96 -36.08 2.67
N ALA SA 283 -32.26 -36.27 2.54
CA ALA SA 283 -32.81 -36.43 1.21
C ALA SA 283 -33.03 -35.09 0.50
N ILE SA 284 -33.18 -33.99 1.25
CA ILE SA 284 -33.10 -32.68 0.60
C ILE SA 284 -31.68 -32.40 0.12
N THR SA 285 -30.67 -32.87 0.86
CA THR SA 285 -29.31 -32.73 0.33
C THR SA 285 -29.07 -33.67 -0.86
N ALA SA 286 -29.76 -34.81 -0.91
CA ALA SA 286 -29.74 -35.65 -2.10
C ALA SA 286 -30.51 -35.01 -3.26
N LEU SA 287 -31.42 -34.09 -2.96
CA LEU SA 287 -31.91 -33.22 -4.02
C LEU SA 287 -30.83 -32.24 -4.46
N LEU SA 288 -29.99 -31.81 -3.51
CA LEU SA 288 -28.95 -30.82 -3.83
C LEU SA 288 -27.85 -31.41 -4.70
N ASN SA 289 -27.52 -32.69 -4.57
CA ASN SA 289 -26.40 -33.20 -5.35
C ASN SA 289 -26.80 -33.69 -6.74
N LEU SA 290 -27.88 -33.13 -7.29
CA LEU SA 290 -28.40 -33.55 -8.56
C LEU SA 290 -28.28 -32.47 -9.63
N TYR SA 291 -27.97 -31.24 -9.23
CA TYR SA 291 -27.92 -30.14 -10.18
C TYR SA 291 -26.71 -30.25 -11.10
N PHE SA 292 -25.57 -30.74 -10.59
CA PHE SA 292 -24.43 -30.87 -11.48
C PHE SA 292 -24.62 -32.02 -12.44
N TYR SA 293 -25.38 -33.04 -12.04
CA TYR SA 293 -25.85 -34.04 -12.98
C TYR SA 293 -26.73 -33.41 -14.06
N MET SA 294 -27.59 -32.46 -13.66
CA MET SA 294 -28.49 -31.85 -14.64
C MET SA 294 -27.73 -31.00 -15.64
N ARG SA 295 -26.76 -30.22 -15.18
CA ARG SA 295 -25.99 -29.43 -16.14
C ARG SA 295 -25.08 -30.30 -16.98
N LEU SA 296 -24.63 -31.45 -16.45
CA LEU SA 296 -23.87 -32.39 -17.24
C LEU SA 296 -24.73 -33.01 -18.34
N THR SA 297 -25.97 -33.36 -17.99
CA THR SA 297 -26.89 -33.95 -18.96
C THR SA 297 -27.30 -32.93 -20.02
N TYR SA 298 -27.48 -31.67 -19.60
CA TYR SA 298 -27.72 -30.57 -20.53
C TYR SA 298 -26.58 -30.41 -21.52
N SER SA 299 -25.34 -30.42 -21.02
CA SER SA 299 -24.19 -30.28 -21.89
C SER SA 299 -23.98 -31.48 -22.79
N THR SA 300 -24.44 -32.66 -22.40
CA THR SA 300 -24.30 -33.81 -23.29
C THR SA 300 -25.40 -33.86 -24.35
N ALA SA 301 -26.65 -34.07 -23.93
CA ALA SA 301 -27.65 -34.57 -24.86
C ALA SA 301 -28.89 -33.69 -25.00
N LEU SA 302 -29.33 -33.04 -23.93
CA LEU SA 302 -30.57 -32.27 -24.00
C LEU SA 302 -30.37 -30.98 -24.81
N THR SA 303 -29.16 -30.44 -24.80
CA THR SA 303 -28.79 -29.35 -25.68
C THR SA 303 -27.63 -29.79 -26.55
N MET SA 304 -27.40 -29.02 -27.62
CA MET SA 304 -26.52 -29.43 -28.71
C MET SA 304 -25.51 -28.31 -28.95
N PHE SA 305 -24.32 -28.44 -28.37
CA PHE SA 305 -23.31 -27.41 -28.49
C PHE SA 305 -22.74 -27.40 -29.91
N PRO SA 306 -22.14 -26.29 -30.36
CA PRO SA 306 -21.45 -26.32 -31.65
C PRO SA 306 -20.22 -27.19 -31.57
N SER SA 307 -19.97 -27.94 -32.63
CA SER SA 307 -18.93 -28.94 -32.63
C SER SA 307 -17.87 -28.60 -33.67
N THR SA 308 -16.62 -28.76 -33.25
CA THR SA 308 -15.48 -28.61 -34.15
C THR SA 308 -15.51 -29.74 -35.18
N ASN SA 309 -15.09 -29.44 -36.41
CA ASN SA 309 -14.95 -30.48 -37.40
C ASN SA 309 -13.66 -31.27 -37.16
N ASN SA 310 -13.28 -32.05 -38.18
CA ASN SA 310 -12.46 -33.26 -38.23
C ASN SA 310 -13.24 -34.45 -37.71
N MET SA 311 -14.43 -34.24 -37.14
CA MET SA 311 -15.38 -35.33 -37.02
C MET SA 311 -15.85 -35.79 -38.39
N LYS SA 312 -15.81 -34.92 -39.40
CA LYS SA 312 -15.99 -35.33 -40.79
C LYS SA 312 -14.97 -36.40 -41.18
N MET SA 313 -13.75 -36.28 -40.66
CA MET SA 313 -12.78 -37.35 -40.86
C MET SA 313 -13.09 -38.54 -39.98
N LYS SA 314 -13.55 -38.30 -38.76
CA LYS SA 314 -13.72 -39.35 -37.77
C LYS SA 314 -14.91 -40.25 -38.05
N TRP SA 315 -15.88 -39.79 -38.86
CA TRP SA 315 -17.10 -40.54 -39.12
C TRP SA 315 -16.87 -41.85 -39.84
N GLN SA 316 -15.78 -42.00 -40.60
CA GLN SA 316 -15.52 -43.28 -41.25
C GLN SA 316 -15.07 -44.34 -40.27
N PHE SA 317 -14.55 -43.94 -39.12
CA PHE SA 317 -13.98 -44.88 -38.16
C PHE SA 317 -14.92 -44.99 -36.98
N PRO SA 318 -15.59 -46.13 -36.78
CA PRO SA 318 -16.55 -46.26 -35.69
C PRO SA 318 -15.86 -46.42 -34.34
N THR SA 319 -16.68 -46.56 -33.29
CA THR SA 319 -16.17 -46.66 -31.94
C THR SA 319 -15.51 -48.00 -31.72
N THR SA 320 -14.20 -48.05 -31.94
CA THR SA 320 -13.45 -49.30 -31.95
C THR SA 320 -12.59 -49.44 -30.70
N LYS SA 321 -13.08 -48.95 -29.56
CA LYS SA 321 -12.44 -49.18 -28.27
C LYS SA 321 -12.77 -50.57 -27.75
N ARG SA 322 -12.49 -50.79 -26.47
CA ARG SA 322 -12.93 -51.97 -25.76
C ARG SA 322 -13.93 -51.56 -24.69
N MET SA 323 -14.95 -52.40 -24.48
CA MET SA 323 -15.93 -52.20 -23.43
C MET SA 323 -15.82 -53.34 -22.45
N THR SA 324 -15.74 -53.01 -21.16
CA THR SA 324 -15.53 -53.99 -20.11
C THR SA 324 -16.70 -54.97 -20.03
N LEU SA 325 -17.84 -54.48 -19.55
CA LEU SA 325 -19.12 -55.16 -19.79
C LEU SA 325 -20.16 -54.05 -19.72
N LEU SA 326 -20.42 -53.46 -20.87
CA LEU SA 326 -21.28 -52.28 -20.89
C LEU SA 326 -22.79 -52.57 -20.88
N PRO SA 327 -23.35 -53.45 -21.74
CA PRO SA 327 -24.82 -53.53 -21.76
C PRO SA 327 -25.42 -54.24 -20.56
N THR SA 328 -24.76 -55.29 -20.07
CA THR SA 328 -25.25 -56.03 -18.90
C THR SA 328 -25.27 -55.15 -17.67
N MET SA 329 -24.16 -54.47 -17.39
CA MET SA 329 -24.11 -53.53 -16.28
C MET SA 329 -25.07 -52.37 -16.47
N THR SA 330 -25.28 -51.95 -17.71
CA THR SA 330 -26.20 -50.84 -17.99
C THR SA 330 -27.64 -51.20 -17.64
N VAL SA 331 -28.16 -52.25 -18.27
CA VAL SA 331 -29.55 -52.63 -18.00
C VAL SA 331 -29.73 -53.26 -16.64
N LEU SA 332 -28.65 -53.65 -15.95
CA LEU SA 332 -28.77 -53.99 -14.55
C LEU SA 332 -28.83 -52.73 -13.70
N SER SA 333 -28.23 -51.64 -14.17
CA SER SA 333 -28.18 -50.40 -13.42
C SER SA 333 -29.42 -49.54 -13.62
N THR SA 334 -30.16 -49.76 -14.71
CA THR SA 334 -31.23 -48.85 -15.09
C THR SA 334 -32.63 -49.43 -14.93
N MET SA 335 -32.85 -50.65 -15.39
CA MET SA 335 -34.19 -51.24 -15.42
C MET SA 335 -34.47 -52.12 -14.21
N LEU SA 336 -33.92 -51.79 -13.05
CA LEU SA 336 -34.03 -52.63 -11.87
C LEU SA 336 -34.84 -51.91 -10.80
N LEU SA 337 -35.94 -51.27 -11.21
CA LEU SA 337 -36.91 -50.80 -10.21
C LEU SA 337 -37.74 -51.92 -9.59
N PRO SA 338 -38.49 -52.74 -10.34
CA PRO SA 338 -39.47 -53.61 -9.66
C PRO SA 338 -38.86 -54.79 -8.90
N LEU SA 339 -37.55 -54.98 -8.95
CA LEU SA 339 -36.93 -56.01 -8.12
C LEU SA 339 -36.39 -55.44 -6.81
N THR SA 340 -37.19 -54.64 -6.14
CA THR SA 340 -36.89 -54.28 -4.75
C THR SA 340 -36.93 -55.44 -3.75
N PRO SA 341 -37.70 -56.56 -3.93
CA PRO SA 341 -37.50 -57.68 -3.01
C PRO SA 341 -36.28 -58.54 -3.32
N ILE SA 342 -35.30 -58.00 -4.05
CA ILE SA 342 -33.95 -58.56 -4.09
C ILE SA 342 -33.13 -57.74 -3.09
N LEU SA 343 -33.82 -57.11 -2.14
CA LEU SA 343 -33.17 -56.65 -0.93
C LEU SA 343 -32.57 -57.82 -0.16
N SER SA 344 -33.35 -58.89 0.00
CA SER SA 344 -32.99 -59.98 0.90
C SER SA 344 -32.09 -61.01 0.26
N ILE SA 345 -31.51 -60.72 -0.89
CA ILE SA 345 -30.48 -61.61 -1.45
C ILE SA 345 -29.22 -61.54 -0.61
N LEU SA 346 -29.03 -60.44 0.12
CA LEU SA 346 -27.75 -60.10 0.72
C LEU SA 346 -27.46 -60.97 1.93
N GLU SA 347 -28.44 -61.14 2.81
CA GLU SA 347 -28.31 -62.07 3.92
C GLU SA 347 -29.62 -62.85 3.99
N ALA TA 1 -19.56 -28.59 24.29
CA ALA TA 1 -19.71 -29.90 24.90
C ALA TA 1 -21.16 -30.19 25.26
N LYS TA 2 -21.46 -31.50 25.27
CA LYS TA 2 -22.79 -31.98 25.57
C LYS TA 2 -23.22 -31.60 26.97
N THR TA 3 -22.27 -31.53 27.91
CA THR TA 3 -22.59 -31.16 29.28
C THR TA 3 -23.09 -29.73 29.39
N LEU TA 4 -22.52 -28.79 28.63
CA LEU TA 4 -23.02 -27.42 28.80
C LEU TA 4 -24.12 -27.05 27.82
N LEU TA 5 -24.30 -27.79 26.71
CA LEU TA 5 -25.58 -27.62 26.03
C LEU TA 5 -26.71 -28.21 26.87
N HIS TA 6 -26.41 -29.26 27.64
CA HIS TA 6 -27.36 -29.74 28.63
C HIS TA 6 -27.55 -28.74 29.76
N GLN TA 7 -26.51 -27.95 30.07
CA GLN TA 7 -26.69 -26.85 31.01
C GLN TA 7 -27.59 -25.77 30.44
N TYR TA 8 -27.50 -25.53 29.13
CA TYR TA 8 -28.43 -24.59 28.51
C TYR TA 8 -29.85 -25.12 28.53
N TRP TA 9 -30.02 -26.43 28.42
CA TRP TA 9 -31.36 -26.99 28.62
C TRP TA 9 -31.72 -27.16 30.09
N ASP TA 10 -30.78 -26.95 31.00
CA ASP TA 10 -31.02 -27.21 32.42
C ASP TA 10 -31.80 -26.08 33.09
N ILE TA 11 -31.72 -24.87 32.54
CA ILE TA 11 -32.49 -23.73 33.08
C ILE TA 11 -33.96 -23.97 32.80
N PRO TA 12 -34.85 -23.82 33.77
CA PRO TA 12 -36.29 -23.85 33.47
C PRO TA 12 -36.67 -22.65 32.62
N GLU TA 13 -37.73 -22.81 31.83
CA GLU TA 13 -37.97 -21.89 30.73
C GLU TA 13 -39.33 -21.17 30.70
N GLY TA 14 -39.76 -20.47 31.78
CA GLY TA 14 -38.98 -20.07 32.95
C GLY TA 14 -37.89 -19.04 32.72
N THR TA 15 -37.29 -18.56 33.82
CA THR TA 15 -36.20 -17.59 33.71
C THR TA 15 -35.33 -17.67 34.96
N GLU TA 16 -34.03 -17.86 34.76
CA GLU TA 16 -32.99 -17.79 35.78
C GLU TA 16 -31.84 -16.95 35.22
N CYS TA 17 -32.18 -15.74 34.77
CA CYS TA 17 -31.41 -15.00 33.79
C CYS TA 17 -30.08 -14.52 34.37
N HIS TA 18 -29.22 -14.04 33.46
CA HIS TA 18 -27.76 -13.90 33.42
C HIS TA 18 -27.06 -15.25 33.23
N ARG TA 19 -27.76 -16.34 33.53
CA ARG TA 19 -27.17 -17.67 33.46
C ARG TA 19 -27.51 -18.35 32.16
N LYS TA 20 -28.77 -18.23 31.72
CA LYS TA 20 -29.13 -18.66 30.38
C LYS TA 20 -28.39 -17.85 29.33
N THR TA 21 -28.23 -16.55 29.57
CA THR TA 21 -27.50 -15.71 28.63
C THR TA 21 -26.01 -16.02 28.65
N TYR TA 22 -25.45 -16.32 29.84
CA TYR TA 22 -24.04 -16.69 29.85
C TYR TA 22 -23.79 -18.05 29.20
N ALA TA 23 -24.72 -18.99 29.34
CA ALA TA 23 -24.61 -20.27 28.64
C ALA TA 23 -24.72 -20.07 27.13
N ALA TA 24 -25.57 -19.14 26.70
CA ALA TA 24 -25.68 -18.85 25.28
C ALA TA 24 -24.40 -18.22 24.73
N THR TA 25 -23.78 -17.31 25.51
CA THR TA 25 -22.51 -16.74 25.09
C THR TA 25 -21.41 -17.79 25.03
N SER TA 26 -21.43 -18.75 25.96
CA SER TA 26 -20.41 -19.79 25.96
C SER TA 26 -20.56 -20.70 24.74
N ILE TA 27 -21.80 -21.08 24.41
CA ILE TA 27 -22.04 -21.93 23.24
C ILE TA 27 -21.66 -21.21 21.95
N GLY TA 28 -22.04 -19.93 21.85
CA GLY TA 28 -21.69 -19.16 20.67
C GLY TA 28 -20.20 -18.93 20.53
N GLY TA 29 -19.51 -18.66 21.64
CA GLY TA 29 -18.07 -18.49 21.58
C GLY TA 29 -17.32 -19.77 21.27
N ALA TA 30 -17.85 -20.91 21.73
CA ALA TA 30 -17.25 -22.19 21.36
C ALA TA 30 -17.43 -22.47 19.87
N SER TA 31 -18.61 -22.20 19.33
CA SER TA 31 -18.83 -22.39 17.90
C SER TA 31 -18.00 -21.41 17.07
N GLY TA 32 -17.85 -20.19 17.56
CA GLY TA 32 -16.99 -19.22 16.87
C GLY TA 32 -15.53 -19.61 16.91
N LEU TA 33 -15.08 -20.23 18.01
CA LEU TA 33 -13.70 -20.69 18.07
C LEU TA 33 -13.48 -21.86 17.13
N VAL TA 34 -14.50 -22.71 16.96
CA VAL TA 34 -14.42 -23.81 16.00
C VAL TA 34 -14.29 -23.27 14.57
N VAL TA 35 -15.17 -22.35 14.18
CA VAL TA 35 -15.17 -21.82 12.82
C VAL TA 35 -13.93 -20.98 12.58
N SER TA 36 -13.43 -20.29 13.61
CA SER TA 36 -12.19 -19.53 13.46
C SER TA 36 -10.98 -20.45 13.33
N ALA TA 37 -11.01 -21.60 14.00
CA ALA TA 37 -9.94 -22.57 13.85
C ALA TA 37 -9.89 -23.14 12.44
N TYR TA 38 -11.06 -23.46 11.87
CA TYR TA 38 -11.13 -23.86 10.46
C TYR TA 38 -10.61 -22.76 9.55
N SER TA 39 -11.06 -21.53 9.76
CA SER TA 39 -10.71 -20.45 8.84
C SER TA 39 -9.28 -19.98 9.01
N VAL TA 40 -8.62 -20.31 10.13
CA VAL TA 40 -7.19 -20.03 10.22
C VAL TA 40 -6.36 -21.21 9.76
N ALA TA 41 -6.92 -22.42 9.76
CA ALA TA 41 -6.17 -23.57 9.28
C ALA TA 41 -6.31 -23.78 7.78
N LEU TA 42 -7.27 -23.11 7.14
CA LEU TA 42 -7.49 -23.32 5.71
C LEU TA 42 -7.16 -22.09 4.88
N LYS TA 43 -6.44 -21.13 5.44
CA LYS TA 43 -6.23 -19.89 4.68
C LYS TA 43 -4.78 -19.43 4.63
N THR TA 44 -3.97 -19.74 5.68
CA THR TA 44 -2.69 -19.10 6.00
C THR TA 44 -2.85 -17.60 6.02
N PRO TA 45 -3.38 -17.04 7.11
CA PRO TA 45 -3.72 -15.60 7.15
C PRO TA 45 -2.55 -14.65 6.93
N THR TA 46 -1.30 -15.10 7.17
CA THR TA 46 -0.02 -14.44 6.84
C THR TA 46 0.00 -12.94 7.21
N SER TA 47 0.02 -12.69 8.52
CA SER TA 47 0.65 -13.58 9.51
C SER TA 47 -0.18 -13.68 10.77
N PHE TA 48 0.52 -14.12 11.84
CA PHE TA 48 -0.10 -14.50 13.11
C PHE TA 48 -0.95 -13.39 13.72
N LEU TA 49 -0.56 -12.12 13.52
CA LEU TA 49 -1.38 -11.02 14.00
C LEU TA 49 -2.73 -10.96 13.31
N GLU TA 50 -2.74 -11.12 11.98
CA GLU TA 50 -4.01 -11.16 11.26
C GLU TA 50 -4.80 -12.41 11.59
N GLY TA 51 -4.13 -13.51 11.92
CA GLY TA 51 -4.84 -14.69 12.37
C GLY TA 51 -5.54 -14.47 13.69
N VAL TA 52 -4.87 -13.80 14.63
CA VAL TA 52 -5.50 -13.43 15.90
C VAL TA 52 -6.66 -12.48 15.67
N ALA TA 53 -6.52 -11.55 14.71
CA ALA TA 53 -7.59 -10.61 14.41
C ALA TA 53 -8.82 -11.29 13.81
N ARG TA 54 -8.61 -12.24 12.89
CA ARG TA 54 -9.73 -12.94 12.28
C ARG TA 54 -10.42 -13.87 13.28
N THR TA 55 -9.64 -14.55 14.13
CA THR TA 55 -10.25 -15.36 15.18
C THR TA 55 -11.02 -14.53 16.18
N GLY TA 56 -10.50 -13.34 16.49
CA GLY TA 56 -11.22 -12.43 17.37
C GLY TA 56 -12.52 -11.96 16.77
N ARG TA 57 -12.52 -11.69 15.46
CA ARG TA 57 -13.75 -11.26 14.81
C ARG TA 57 -14.79 -12.36 14.79
N TYR TA 58 -14.39 -13.59 14.43
CA TYR TA 58 -15.37 -14.67 14.33
C TYR TA 58 -15.88 -15.09 15.70
N THR TA 59 -15.00 -15.17 16.71
CA THR TA 59 -15.45 -15.50 18.06
C THR TA 59 -16.34 -14.42 18.64
N PHE TA 60 -15.97 -13.14 18.46
CA PHE TA 60 -16.78 -12.08 19.04
C PHE TA 60 -18.13 -11.95 18.35
N THR TA 61 -18.18 -12.19 17.03
CA THR TA 61 -19.46 -12.13 16.34
C THR TA 61 -20.36 -13.31 16.72
N ALA TA 62 -19.80 -14.53 16.82
CA ALA TA 62 -20.65 -15.66 17.18
C ALA TA 62 -21.10 -15.58 18.64
N ALA TA 63 -20.24 -15.08 19.52
CA ALA TA 63 -20.64 -14.88 20.90
C ALA TA 63 -21.66 -13.76 21.03
N ALA TA 64 -21.58 -12.73 20.19
CA ALA TA 64 -22.59 -11.68 20.22
C ALA TA 64 -23.94 -12.18 19.69
N ILE TA 65 -23.91 -13.08 18.70
CA ILE TA 65 -25.13 -13.76 18.26
C ILE TA 65 -25.76 -14.51 19.42
N GLY TA 66 -24.94 -15.29 20.15
CA GLY TA 66 -25.44 -16.01 21.31
C GLY TA 66 -25.97 -15.09 22.40
N ALA TA 67 -25.30 -13.95 22.61
CA ALA TA 67 -25.70 -13.01 23.64
C ALA TA 67 -27.03 -12.36 23.32
N ILE TA 68 -27.19 -11.86 22.10
CA ILE TA 68 -28.41 -11.18 21.71
C ILE TA 68 -29.57 -12.15 21.65
N PHE TA 69 -29.30 -13.40 21.23
CA PHE TA 69 -30.32 -14.43 21.25
C PHE TA 69 -30.78 -14.76 22.66
N GLY TA 70 -29.84 -14.91 23.59
CA GLY TA 70 -30.21 -15.17 24.98
C GLY TA 70 -30.94 -14.01 25.62
N LEU TA 71 -30.56 -12.77 25.27
CA LEU TA 71 -31.24 -11.59 25.80
C LEU TA 71 -32.70 -11.56 25.38
N THR TA 72 -32.96 -11.69 24.07
CA THR TA 72 -34.35 -11.57 23.64
C THR TA 72 -35.17 -12.81 24.01
N SER TA 73 -34.52 -13.97 24.16
CA SER TA 73 -35.21 -15.13 24.71
C SER TA 73 -35.63 -14.90 26.15
N CYS TA 74 -34.71 -14.39 26.98
CA CYS TA 74 -34.99 -14.14 28.39
C CYS TA 74 -36.08 -13.10 28.57
N ILE TA 75 -36.03 -12.02 27.77
CA ILE TA 75 -37.03 -10.97 27.91
C ILE TA 75 -38.39 -11.44 27.42
N SER TA 76 -38.44 -12.16 26.29
CA SER TA 76 -39.72 -12.64 25.78
C SER TA 76 -40.33 -13.68 26.72
N ALA TA 77 -39.50 -14.52 27.34
CA ALA TA 77 -40.02 -15.50 28.28
C ALA TA 77 -40.50 -14.84 29.57
N GLN TA 78 -39.83 -13.77 30.02
CA GLN TA 78 -40.31 -13.05 31.20
C GLN TA 78 -41.62 -12.33 30.91
N VAL TA 79 -41.75 -11.76 29.71
CA VAL TA 79 -42.93 -10.96 29.42
C VAL TA 79 -44.14 -11.84 29.15
N ARG TA 80 -44.03 -12.75 28.19
CA ARG TA 80 -45.22 -13.41 27.69
C ARG TA 80 -45.52 -14.73 28.39
N GLU TA 81 -44.52 -15.31 29.08
CA GLU TA 81 -44.70 -16.36 30.08
C GLU TA 81 -45.26 -17.66 29.51
N LYS TA 82 -45.01 -17.92 28.22
CA LYS TA 82 -45.56 -19.09 27.56
C LYS TA 82 -44.46 -20.05 27.15
N PRO TA 83 -44.24 -21.13 27.90
CA PRO TA 83 -43.25 -22.13 27.49
C PRO TA 83 -43.76 -23.11 26.45
N ASP TA 84 -45.01 -22.99 25.99
CA ASP TA 84 -45.52 -23.88 24.96
C ASP TA 84 -45.09 -23.43 23.57
N ASP TA 85 -45.42 -22.19 23.20
CA ASP TA 85 -45.18 -21.77 21.83
C ASP TA 85 -43.71 -21.41 21.62
N PRO TA 86 -43.15 -21.79 20.47
CA PRO TA 86 -41.78 -21.40 20.15
C PRO TA 86 -41.69 -20.04 19.47
N LEU TA 87 -42.78 -19.26 19.53
CA LEU TA 87 -42.80 -17.95 18.88
C LEU TA 87 -41.81 -17.00 19.53
N ASN TA 88 -41.54 -17.19 20.82
CA ASN TA 88 -40.47 -16.47 21.49
C ASN TA 88 -39.11 -16.73 20.84
N TYR TA 89 -38.83 -17.99 20.50
CA TYR TA 89 -37.54 -18.22 19.86
C TYR TA 89 -37.58 -17.91 18.37
N LEU TA 90 -38.77 -17.79 17.77
CA LEU TA 90 -38.88 -17.24 16.42
C LEU TA 90 -38.42 -15.79 16.41
N ILE TA 91 -38.92 -15.02 17.36
CA ILE TA 91 -38.44 -13.65 17.58
C ILE TA 91 -36.95 -13.64 17.88
N GLY TA 92 -36.49 -14.63 18.64
CA GLY TA 92 -35.07 -14.71 18.98
C GLY TA 92 -34.17 -14.95 17.78
N GLY TA 93 -34.57 -15.88 16.92
CA GLY TA 93 -33.80 -16.16 15.72
C GLY TA 93 -33.80 -15.00 14.74
N CYS TA 94 -34.92 -14.26 14.64
CA CYS TA 94 -34.92 -13.10 13.76
C CYS TA 94 -34.07 -11.97 14.32
N ALA TA 95 -34.05 -11.81 15.65
CA ALA TA 95 -33.20 -10.80 16.26
C ALA TA 95 -31.73 -11.12 16.08
N GLY TA 96 -31.37 -12.40 16.23
CA GLY TA 96 -30.01 -12.81 15.95
C GLY TA 96 -29.62 -12.64 14.49
N GLY TA 97 -30.57 -12.87 13.58
CA GLY TA 97 -30.30 -12.68 12.16
C GLY TA 97 -30.09 -11.23 11.80
N LEU TA 98 -30.91 -10.33 12.35
CA LEU TA 98 -30.75 -8.91 12.09
C LEU TA 98 -29.44 -8.38 12.69
N THR TA 99 -29.05 -8.89 13.85
CA THR TA 99 -27.77 -8.46 14.39
C THR TA 99 -26.58 -9.10 13.68
N LEU TA 100 -26.77 -10.27 13.06
CA LEU TA 100 -25.73 -10.81 12.18
C LEU TA 100 -25.60 -9.94 10.94
N GLY TA 101 -26.72 -9.45 10.43
CA GLY TA 101 -26.67 -8.48 9.34
C GLY TA 101 -26.01 -7.18 9.74
N ALA TA 102 -26.20 -6.78 10.99
CA ALA TA 102 -25.53 -5.58 11.49
C ALA TA 102 -24.03 -5.79 11.63
N ARG TA 103 -23.60 -6.97 12.09
CA ARG TA 103 -22.18 -7.25 12.22
C ARG TA 103 -21.51 -7.55 10.89
N THR TA 104 -22.27 -7.87 9.85
CA THR TA 104 -21.70 -7.95 8.52
C THR TA 104 -21.94 -6.69 7.70
N ARG TA 105 -22.78 -5.77 8.22
CA ARG TA 105 -23.06 -4.45 7.63
C ARG TA 105 -23.63 -4.55 6.22
N SER TA 106 -24.48 -5.56 6.01
CA SER TA 106 -25.31 -5.70 4.84
C SER TA 106 -26.76 -5.81 5.28
N TYR TA 107 -27.68 -5.68 4.34
CA TYR TA 107 -29.11 -5.74 4.68
C TYR TA 107 -29.82 -6.95 4.09
N GLY TA 108 -29.51 -7.35 2.86
CA GLY TA 108 -30.17 -8.50 2.27
C GLY TA 108 -29.78 -9.80 2.94
N ILE TA 109 -28.48 -9.97 3.23
CA ILE TA 109 -28.00 -11.14 3.97
C ILE TA 109 -28.56 -11.11 5.38
N GLY TA 110 -28.75 -9.93 5.96
CA GLY TA 110 -29.34 -9.85 7.29
C GLY TA 110 -30.80 -10.23 7.32
N ALA TA 111 -31.56 -9.86 6.28
CA ALA TA 111 -32.97 -10.23 6.24
C ALA TA 111 -33.12 -11.73 6.01
N ALA TA 112 -32.27 -12.30 5.15
CA ALA TA 112 -32.28 -13.74 4.95
C ALA TA 112 -31.83 -14.47 6.22
N ALA TA 113 -30.93 -13.87 6.99
CA ALA TA 113 -30.50 -14.46 8.24
C ALA TA 113 -31.60 -14.44 9.28
N CYS TA 114 -32.35 -13.33 9.36
CA CYS TA 114 -33.57 -13.28 10.17
C CYS TA 114 -34.53 -14.41 9.82
N ALA TA 115 -34.82 -14.58 8.52
CA ALA TA 115 -35.79 -15.59 8.10
C ALA TA 115 -35.32 -17.00 8.44
N TYR TA 116 -34.11 -17.36 8.03
CA TYR TA 116 -33.63 -18.72 8.20
C TYR TA 116 -33.35 -19.05 9.67
N MET TA 117 -32.71 -18.14 10.40
CA MET TA 117 -32.41 -18.40 11.81
C MET TA 117 -33.67 -18.41 12.65
N GLY TA 118 -34.65 -17.55 12.35
CA GLY TA 118 -35.89 -17.56 13.09
C GLY TA 118 -36.67 -18.85 12.88
N LEU TA 119 -36.76 -19.31 11.64
CA LEU TA 119 -37.48 -20.55 11.38
C LEU TA 119 -36.77 -21.76 11.98
N THR TA 120 -35.44 -21.83 11.88
CA THR TA 120 -34.73 -22.96 12.49
C THR TA 120 -34.79 -22.94 14.01
N ALA TA 121 -34.75 -21.76 14.63
CA ALA TA 121 -34.79 -21.72 16.09
C ALA TA 121 -36.18 -22.06 16.62
N ALA TA 122 -37.23 -21.59 15.93
CA ALA TA 122 -38.59 -22.01 16.26
C ALA TA 122 -38.76 -23.51 16.07
N LEU TA 123 -38.11 -24.06 15.04
CA LEU TA 123 -38.13 -25.51 14.82
C LEU TA 123 -37.43 -26.26 15.95
N VAL TA 124 -36.33 -25.70 16.46
CA VAL TA 124 -35.59 -26.35 17.55
C VAL TA 124 -36.42 -26.40 18.82
N LYS TA 125 -37.02 -25.27 19.19
CA LYS TA 125 -37.86 -25.26 20.38
C LYS TA 125 -39.11 -26.10 20.19
N MET TA 126 -39.64 -26.12 18.97
CA MET TA 126 -40.89 -26.80 18.67
C MET TA 126 -40.70 -28.31 18.75
N GLY TA 127 -39.60 -28.81 18.18
CA GLY TA 127 -39.27 -30.20 18.26
C GLY TA 127 -38.76 -30.65 19.61
N GLN TA 128 -38.19 -29.73 20.40
CA GLN TA 128 -37.83 -30.09 21.76
C GLN TA 128 -39.07 -30.19 22.63
N LEU TA 129 -40.02 -29.26 22.46
CA LEU TA 129 -41.19 -29.24 23.32
C LEU TA 129 -42.13 -30.39 22.99
N GLU TA 130 -42.22 -30.77 21.71
CA GLU TA 130 -43.01 -31.97 21.43
C GLU TA 130 -42.20 -33.23 21.69
N GLY TA 131 -40.89 -33.18 21.44
CA GLY TA 131 -39.99 -34.28 21.74
C GLY TA 131 -39.62 -35.07 20.50
N TRP TA 132 -38.48 -34.72 19.91
CA TRP TA 132 -37.91 -35.41 18.76
C TRP TA 132 -36.47 -35.71 19.14
N LYS TA 133 -36.10 -36.99 19.11
CA LYS TA 133 -34.85 -37.38 19.74
C LYS TA 133 -33.63 -36.95 18.93
N VAL TA 134 -32.52 -36.82 19.63
CA VAL TA 134 -31.27 -36.31 19.05
C VAL TA 134 -30.55 -37.49 18.40
N PHE TA 135 -30.51 -37.48 17.07
CA PHE TA 135 -29.64 -38.28 16.21
C PHE TA 135 -29.95 -39.77 16.12
N ALA TA 136 -30.82 -40.31 16.96
CA ALA TA 136 -30.96 -41.76 17.04
C ALA TA 136 -32.18 -42.13 17.85
N GLU TA 137 -32.57 -43.38 17.74
CA GLU TA 137 -33.29 -44.04 18.82
C GLU TA 137 -32.34 -44.57 19.90
N PRO TA 138 -31.24 -45.31 19.57
CA PRO TA 138 -30.67 -45.98 18.39
C PRO TA 138 -31.18 -47.39 18.20
N LYS TA 139 -32.24 -47.73 18.93
CA LYS TA 139 -32.86 -49.04 18.88
C LYS TA 139 -33.75 -49.15 17.63
N VAL TA 140 -34.57 -50.19 17.57
CA VAL TA 140 -35.52 -50.34 16.49
C VAL TA 140 -36.94 -50.33 17.06
N GLY UA 5 -71.99 -0.93 -67.33
CA GLY UA 5 -70.77 -1.38 -66.70
C GLY UA 5 -70.69 -0.90 -65.26
N LYS UA 6 -71.25 -1.67 -64.35
CA LYS UA 6 -71.41 -1.23 -62.97
C LYS UA 6 -70.86 -2.24 -61.97
N ARG UA 7 -71.04 -3.52 -62.24
CA ARG UA 7 -70.80 -4.55 -61.24
C ARG UA 7 -69.32 -4.82 -61.05
N LEU UA 8 -68.98 -5.31 -59.87
CA LEU UA 8 -67.61 -5.36 -59.37
C LEU UA 8 -67.31 -6.73 -58.78
N PHE UA 9 -66.07 -7.17 -58.96
CA PHE UA 9 -65.62 -8.43 -58.39
C PHE UA 9 -65.30 -8.25 -56.91
N ILE UA 10 -66.13 -8.84 -56.05
CA ILE UA 10 -65.83 -8.82 -54.63
C ILE UA 10 -64.68 -9.79 -54.36
N ILE UA 11 -63.91 -9.50 -53.31
CA ILE UA 11 -62.72 -10.27 -52.98
C ILE UA 11 -62.97 -11.01 -51.68
N LYS UA 12 -63.18 -12.30 -51.77
CA LYS UA 12 -63.27 -13.19 -50.62
C LYS UA 12 -61.92 -13.86 -50.39
N PRO UA 13 -61.63 -14.30 -49.16
CA PRO UA 13 -60.39 -15.04 -48.92
C PRO UA 13 -60.35 -16.39 -49.62
N SER UA 14 -61.28 -17.28 -49.28
CA SER UA 14 -61.36 -18.64 -49.84
C SER UA 14 -62.65 -19.27 -49.36
N GLY UA 15 -63.04 -20.36 -50.02
CA GLY UA 15 -64.14 -21.15 -49.53
C GLY UA 15 -63.84 -22.64 -49.47
N PHE UA 16 -62.81 -23.05 -50.22
CA PHE UA 16 -62.65 -24.46 -50.56
C PHE UA 16 -62.30 -25.31 -49.34
N TYR UA 17 -61.28 -24.90 -48.58
CA TYR UA 17 -60.79 -25.70 -47.47
C TYR UA 17 -61.80 -25.76 -46.34
N ASP UA 18 -62.47 -24.63 -46.07
CA ASP UA 18 -63.47 -24.57 -45.02
C ASP UA 18 -64.67 -25.44 -45.35
N LYS UA 19 -65.22 -25.28 -46.55
CA LYS UA 19 -66.37 -26.07 -46.96
C LYS UA 19 -66.01 -27.54 -47.11
N ARG UA 20 -64.75 -27.84 -47.46
CA ARG UA 20 -64.32 -29.23 -47.55
C ARG UA 20 -64.27 -29.89 -46.18
N PHE UA 21 -63.72 -29.18 -45.18
CA PHE UA 21 -63.69 -29.75 -43.84
C PHE UA 21 -65.09 -29.96 -43.27
N LEU UA 22 -65.95 -28.96 -43.42
CA LEU UA 22 -67.29 -29.11 -42.85
C LEU UA 22 -68.11 -30.13 -43.63
N LYS UA 23 -67.84 -30.29 -44.93
CA LYS UA 23 -68.47 -31.36 -45.71
C LYS UA 23 -68.06 -32.72 -45.20
N LEU UA 24 -66.76 -32.92 -44.97
CA LEU UA 24 -66.30 -34.20 -44.46
C LEU UA 24 -66.80 -34.45 -43.04
N LEU UA 25 -66.92 -33.40 -42.23
CA LEU UA 25 -67.39 -33.58 -40.86
C LEU UA 25 -68.86 -33.96 -40.82
N ARG UA 26 -69.70 -33.30 -41.62
CA ARG UA 26 -71.12 -33.66 -41.63
C ARG UA 26 -71.33 -35.04 -42.24
N PHE UA 27 -70.54 -35.39 -43.26
CA PHE UA 27 -70.73 -36.70 -43.88
C PHE UA 27 -70.22 -37.83 -42.98
N TYR UA 28 -69.22 -37.56 -42.16
CA TYR UA 28 -68.66 -38.59 -41.30
C TYR UA 28 -69.25 -38.62 -39.90
N ILE UA 29 -70.08 -37.65 -39.55
CA ILE UA 29 -71.04 -37.87 -38.46
C ILE UA 29 -72.27 -38.58 -39.00
N LEU UA 30 -72.68 -38.25 -40.22
CA LEU UA 30 -73.81 -38.89 -40.86
C LEU UA 30 -73.51 -40.33 -41.26
N LEU UA 31 -72.23 -40.72 -41.31
CA LEU UA 31 -71.86 -42.05 -41.81
C LEU UA 31 -72.33 -43.15 -40.87
N THR UA 32 -72.05 -43.02 -39.58
CA THR UA 32 -72.61 -43.92 -38.59
C THR UA 32 -73.56 -43.20 -37.64
N GLY UA 33 -74.32 -42.25 -38.18
CA GLY UA 33 -75.41 -41.67 -37.43
C GLY UA 33 -76.71 -42.29 -37.87
N ILE UA 34 -76.84 -42.46 -39.19
CA ILE UA 34 -78.01 -43.14 -39.75
C ILE UA 34 -78.14 -44.59 -39.30
N PRO UA 35 -77.08 -45.45 -39.31
CA PRO UA 35 -77.29 -46.82 -38.80
C PRO UA 35 -77.60 -46.89 -37.33
N VAL UA 36 -77.02 -46.03 -36.50
CA VAL UA 36 -77.25 -46.12 -35.06
C VAL UA 36 -78.67 -45.66 -34.71
N VAL UA 37 -79.10 -44.53 -35.28
CA VAL UA 37 -80.42 -43.99 -34.98
C VAL UA 37 -81.51 -44.87 -35.58
N ILE UA 38 -81.31 -45.37 -36.80
CA ILE UA 38 -82.30 -46.26 -37.39
C ILE UA 38 -82.33 -47.60 -36.65
N GLY UA 39 -81.16 -48.09 -36.20
CA GLY UA 39 -81.15 -49.34 -35.45
C GLY UA 39 -81.81 -49.23 -34.09
N ILE UA 40 -81.59 -48.13 -33.39
CA ILE UA 40 -82.24 -47.97 -32.09
C ILE UA 40 -83.73 -47.68 -32.27
N THR UA 41 -84.12 -47.11 -33.42
CA THR UA 41 -85.54 -46.96 -33.70
C THR UA 41 -86.18 -48.31 -33.98
N LEU UA 42 -85.46 -49.20 -34.68
CA LEU UA 42 -85.92 -50.57 -34.85
C LEU UA 42 -86.00 -51.31 -33.53
N ILE UA 43 -85.09 -51.01 -32.61
CA ILE UA 43 -85.11 -51.62 -31.28
C ILE UA 43 -86.37 -51.19 -30.52
N ASN UA 44 -86.61 -49.89 -30.42
CA ASN UA 44 -87.78 -49.53 -29.64
C ASN UA 44 -89.09 -49.59 -30.43
N VAL UA 45 -89.08 -50.00 -31.69
CA VAL UA 45 -90.34 -50.29 -32.37
C VAL UA 45 -90.60 -51.80 -32.47
N PHE UA 46 -89.59 -52.65 -32.27
CA PHE UA 46 -89.81 -54.08 -32.31
C PHE UA 46 -89.69 -54.75 -30.95
N ILE UA 47 -88.55 -54.63 -30.27
CA ILE UA 47 -88.25 -55.59 -29.20
C ILE UA 47 -88.84 -55.18 -27.84
N GLY UA 48 -89.08 -53.90 -27.59
CA GLY UA 48 -89.68 -53.46 -26.35
C GLY UA 48 -88.68 -53.37 -25.20
N GLU UA 49 -89.09 -52.67 -24.15
CA GLU UA 49 -88.15 -52.48 -23.05
C GLU UA 49 -88.14 -53.68 -22.12
N ALA UA 50 -89.17 -53.78 -21.28
CA ALA UA 50 -89.37 -54.81 -20.28
C ALA UA 50 -90.67 -54.49 -19.54
N GLU UA 51 -91.07 -55.38 -18.65
CA GLU UA 51 -92.15 -55.10 -17.72
C GLU UA 51 -91.60 -55.03 -16.30
N LEU UA 52 -92.44 -54.54 -15.39
CA LEU UA 52 -92.05 -54.22 -14.02
C LEU UA 52 -92.38 -55.33 -13.05
N ALA UA 53 -92.22 -56.59 -13.46
CA ALA UA 53 -92.64 -57.71 -12.63
C ALA UA 53 -91.72 -57.89 -11.43
N GLU UA 54 -92.06 -58.86 -10.59
CA GLU UA 54 -91.46 -58.99 -9.28
C GLU UA 54 -90.78 -60.35 -9.15
N ILE UA 55 -89.91 -60.46 -8.15
CA ILE UA 55 -89.18 -61.68 -7.86
C ILE UA 55 -90.15 -62.73 -7.32
N PRO UA 56 -90.27 -63.89 -7.94
CA PRO UA 56 -91.27 -64.87 -7.51
C PRO UA 56 -90.83 -65.69 -6.31
N GLU UA 57 -91.63 -66.69 -5.97
CA GLU UA 57 -91.41 -67.51 -4.77
C GLU UA 57 -90.25 -68.47 -5.03
N GLY UA 58 -89.08 -68.13 -4.51
CA GLY UA 58 -87.93 -69.01 -4.60
C GLY UA 58 -87.34 -69.11 -5.99
N TYR UA 59 -86.76 -68.01 -6.47
CA TYR UA 59 -86.10 -67.99 -7.77
C TYR UA 59 -84.97 -66.98 -7.73
N VAL UA 60 -83.87 -67.30 -8.41
CA VAL UA 60 -82.74 -66.39 -8.48
C VAL UA 60 -82.36 -66.14 -9.94
N PRO UA 61 -82.59 -64.94 -10.46
CA PRO UA 61 -82.25 -64.65 -11.86
C PRO UA 61 -80.82 -64.16 -12.04
N GLU UA 62 -80.51 -63.75 -13.27
CA GLU UA 62 -79.19 -63.27 -13.65
C GLU UA 62 -78.88 -61.94 -12.96
N HIS UA 63 -77.63 -61.49 -13.11
CA HIS UA 63 -77.33 -60.12 -12.70
C HIS UA 63 -77.72 -59.10 -13.76
N TRP UA 64 -78.01 -59.54 -14.98
CA TRP UA 64 -78.79 -58.72 -15.89
C TRP UA 64 -80.25 -59.07 -15.69
N GLU UA 65 -81.11 -58.59 -16.60
CA GLU UA 65 -82.56 -58.62 -16.48
C GLU UA 65 -83.05 -57.95 -15.19
N TYR UA 66 -82.31 -56.94 -14.74
CA TYR UA 66 -82.77 -55.99 -13.73
C TYR UA 66 -82.92 -54.59 -14.32
N PHE UA 67 -82.94 -54.48 -15.64
CA PHE UA 67 -82.84 -53.20 -16.33
C PHE UA 67 -84.00 -53.01 -17.30
N LYS UA 68 -84.36 -51.76 -17.52
CA LYS UA 68 -85.47 -51.42 -18.39
C LYS UA 68 -85.13 -51.63 -19.86
N HIS UA 69 -84.14 -50.91 -20.34
CA HIS UA 69 -83.85 -50.85 -21.77
C HIS UA 69 -83.11 -52.11 -22.21
N PRO UA 70 -83.46 -52.69 -23.36
CA PRO UA 70 -82.86 -53.99 -23.72
C PRO UA 70 -81.41 -53.89 -24.13
N ILE UA 71 -81.00 -52.79 -24.77
CA ILE UA 71 -79.60 -52.66 -25.15
C ILE UA 71 -78.75 -52.40 -23.91
N SER UA 72 -79.33 -51.75 -22.90
CA SER UA 72 -78.66 -51.65 -21.60
C SER UA 72 -78.46 -53.03 -21.00
N ARG UA 73 -79.46 -53.91 -21.13
CA ARG UA 73 -79.34 -55.27 -20.63
C ARG UA 73 -78.25 -56.03 -21.39
N TRP UA 74 -78.16 -55.81 -22.69
CA TRP UA 74 -77.15 -56.51 -23.50
C TRP UA 74 -75.75 -56.02 -23.15
N ILE UA 75 -75.58 -54.71 -22.94
CA ILE UA 75 -74.30 -54.15 -22.54
C ILE UA 75 -73.88 -54.70 -21.18
N ALA UA 76 -74.83 -54.78 -20.24
CA ALA UA 76 -74.50 -55.34 -18.94
C ALA UA 76 -74.21 -56.84 -19.02
N ARG UA 77 -74.82 -57.53 -19.98
CA ARG UA 77 -74.58 -58.97 -20.09
C ARG UA 77 -73.20 -59.24 -20.67
N THR UA 78 -72.85 -58.59 -21.77
CA THR UA 78 -71.69 -59.02 -22.54
C THR UA 78 -70.39 -58.32 -22.14
N PHE UA 79 -70.45 -57.27 -21.33
CA PHE UA 79 -69.25 -56.49 -21.04
C PHE UA 79 -68.88 -56.42 -19.57
N PHE UA 80 -69.86 -56.52 -18.66
CA PHE UA 80 -69.69 -56.03 -17.30
C PHE UA 80 -69.64 -57.18 -16.30
N ASP UA 81 -68.82 -57.01 -15.27
CA ASP UA 81 -68.75 -57.98 -14.20
C ASP UA 81 -69.97 -57.86 -13.30
N ALA UA 82 -70.38 -59.00 -12.73
CA ALA UA 82 -71.53 -59.02 -11.85
C ALA UA 82 -71.19 -58.33 -10.53
N PRO UA 83 -72.18 -57.69 -9.89
CA PRO UA 83 -71.94 -57.11 -8.56
C PRO UA 83 -71.60 -58.12 -7.50
N GLU UA 84 -72.06 -59.36 -7.66
CA GLU UA 84 -71.59 -60.43 -6.77
C GLU UA 84 -70.12 -60.73 -7.02
N LYS UA 85 -69.71 -60.76 -8.29
CA LYS UA 85 -68.33 -61.03 -8.65
C LYS UA 85 -67.40 -59.95 -8.12
N ASN UA 86 -67.73 -58.69 -8.39
CA ASN UA 86 -66.92 -57.57 -7.93
C ASN UA 86 -66.96 -57.46 -6.41
N TYR UA 87 -68.10 -57.74 -5.80
CA TYR UA 87 -68.25 -57.59 -4.36
C TYR UA 87 -67.44 -58.64 -3.61
N GLU UA 88 -67.47 -59.90 -4.09
CA GLU UA 88 -66.67 -60.93 -3.45
C GLU UA 88 -65.20 -60.76 -3.76
N ARG UA 89 -64.84 -60.14 -4.89
CA ARG UA 89 -63.46 -59.74 -5.11
C ARG UA 89 -63.00 -58.73 -4.07
N THR UA 90 -63.85 -57.74 -3.76
CA THR UA 90 -63.51 -56.76 -2.72
C THR UA 90 -63.35 -57.42 -1.36
N MET UA 91 -64.23 -58.37 -1.04
CA MET UA 91 -64.14 -58.99 0.28
C MET UA 91 -62.91 -59.88 0.40
N ALA UA 92 -62.56 -60.60 -0.68
CA ALA UA 92 -61.36 -61.42 -0.66
C ALA UA 92 -60.10 -60.57 -0.60
N ILE UA 93 -60.08 -59.45 -1.34
CA ILE UA 93 -58.89 -58.62 -1.37
C ILE UA 93 -58.73 -57.87 -0.04
N LEU UA 94 -59.83 -57.58 0.65
CA LEU UA 94 -59.68 -56.99 1.97
C LEU UA 94 -59.21 -58.00 3.00
N GLN UA 95 -59.59 -59.27 2.85
CA GLN UA 95 -59.06 -60.30 3.74
C GLN UA 95 -57.56 -60.47 3.55
N ILE UA 96 -57.10 -60.46 2.29
CA ILE UA 96 -55.67 -60.58 2.00
C ILE UA 96 -54.89 -59.40 2.57
N GLU UA 97 -55.39 -58.19 2.35
CA GLU UA 97 -54.68 -57.02 2.84
C GLU UA 97 -54.73 -56.90 4.36
N SER UA 98 -55.78 -57.44 4.99
CA SER UA 98 -55.81 -57.47 6.45
C SER UA 98 -54.75 -58.40 7.01
N GLU UA 99 -54.58 -59.58 6.40
CA GLU UA 99 -53.48 -60.46 6.80
C GLU UA 99 -52.13 -59.79 6.62
N LYS UA 100 -51.94 -59.08 5.50
CA LYS UA 100 -50.68 -58.38 5.23
C LYS UA 100 -50.38 -57.32 6.28
N ALA UA 101 -51.38 -56.52 6.64
CA ALA UA 101 -51.15 -55.43 7.58
C ALA UA 101 -50.91 -55.95 8.99
N GLU UA 102 -51.68 -56.96 9.41
CA GLU UA 102 -51.47 -57.53 10.75
C GLU UA 102 -50.11 -58.20 10.86
N LEU UA 103 -49.66 -58.86 9.79
CA LEU UA 103 -48.33 -59.46 9.83
C LEU UA 103 -47.23 -58.40 9.81
N ARG UA 104 -47.47 -57.26 9.16
CA ARG UA 104 -46.43 -56.22 9.14
C ARG UA 104 -46.28 -55.57 10.50
N LEU UA 105 -47.39 -55.31 11.19
CA LEU UA 105 -47.32 -54.80 12.56
C LEU UA 105 -46.70 -55.83 13.50
N LYS UA 106 -47.02 -57.11 13.29
CA LYS UA 106 -46.39 -58.19 14.06
C LYS UA 106 -44.89 -58.22 13.85
N GLU UA 107 -44.45 -57.96 12.61
CA GLU UA 107 -43.02 -57.97 12.30
C GLU UA 107 -42.29 -56.85 13.01
N LEU UA 108 -42.85 -55.64 13.00
CA LEU UA 108 -42.16 -54.54 13.69
C LEU UA 108 -42.16 -54.73 15.20
N GLU UA 109 -43.22 -55.34 15.75
CA GLU UA 109 -43.24 -55.67 17.18
C GLU UA 109 -42.14 -56.68 17.53
N VAL UA 110 -42.01 -57.73 16.70
CA VAL UA 110 -40.98 -58.75 16.93
C VAL UA 110 -39.59 -58.14 16.87
N ARG UA 111 -39.36 -57.25 15.91
CA ARG UA 111 -38.03 -56.68 15.76
C ARG UA 111 -37.68 -55.74 16.90
N ARG UA 112 -38.64 -54.93 17.37
CA ARG UA 112 -38.32 -54.01 18.45
C ARG UA 112 -38.12 -54.74 19.77
N LEU UA 113 -38.94 -55.75 20.06
CA LEU UA 113 -38.75 -56.51 21.31
C LEU UA 113 -37.50 -57.37 21.25
N MET UA 114 -37.11 -57.83 20.06
CA MET UA 114 -35.93 -58.68 19.98
C MET UA 114 -34.65 -57.87 20.07
N ARG UA 115 -34.66 -56.62 19.59
CA ARG UA 115 -33.51 -55.77 19.87
C ARG UA 115 -33.49 -55.34 21.33
N ALA UA 116 -34.67 -55.28 21.96
CA ALA UA 116 -34.71 -54.98 23.40
C ALA UA 116 -34.08 -56.08 24.23
N LYS UA 117 -34.61 -57.31 24.13
CA LYS UA 117 -34.13 -58.38 25.00
C LYS UA 117 -32.81 -58.96 24.51
N GLY UA 118 -32.67 -59.17 23.20
CA GLY UA 118 -31.56 -59.94 22.69
C GLY UA 118 -31.73 -61.44 22.81
N ASP UA 119 -32.89 -61.90 23.28
CA ASP UA 119 -33.11 -63.33 23.47
C ASP UA 119 -33.29 -64.05 22.14
N GLY UA 120 -33.90 -63.38 21.17
CA GLY UA 120 -34.28 -64.00 19.93
C GLY UA 120 -33.11 -64.29 19.03
N PRO UA 121 -33.35 -64.98 17.93
CA PRO UA 121 -32.25 -65.44 17.07
C PRO UA 121 -31.63 -64.38 16.18
N TRP UA 122 -32.27 -63.22 15.99
CA TRP UA 122 -31.81 -62.33 14.92
C TRP UA 122 -30.57 -61.53 15.32
N PHE UA 123 -30.71 -60.65 16.31
CA PHE UA 123 -29.64 -59.70 16.60
C PHE UA 123 -28.59 -60.31 17.52
N GLN UA 124 -27.97 -61.38 17.02
CA GLN UA 124 -26.96 -62.15 17.73
C GLN UA 124 -25.69 -62.05 16.91
N TYR UA 125 -24.94 -60.98 17.13
CA TYR UA 125 -23.67 -60.82 16.46
C TYR UA 125 -22.68 -61.86 17.00
N PRO UA 126 -21.76 -62.34 16.17
CA PRO UA 126 -20.92 -63.51 16.54
C PRO UA 126 -20.00 -63.22 17.72
N THR UA 127 -20.14 -64.03 18.76
CA THR UA 127 -19.21 -64.04 19.88
C THR UA 127 -18.13 -65.07 19.62
N ILE UA 128 -17.38 -65.44 20.66
CA ILE UA 128 -16.22 -66.31 20.53
C ILE UA 128 -16.67 -67.72 20.23
N ASP UA 129 -16.17 -68.28 19.12
CA ASP UA 129 -16.30 -69.70 18.86
C ASP UA 129 -15.42 -70.46 19.85
N LYS UA 130 -16.03 -71.26 20.72
CA LYS UA 130 -15.30 -71.86 21.83
C LYS UA 130 -14.78 -73.25 21.50
N ALA UA 131 -14.79 -73.64 20.23
CA ALA UA 131 -14.35 -74.97 19.84
C ALA UA 131 -12.84 -75.17 20.00
N LEU UA 132 -12.07 -74.09 20.09
CA LEU UA 132 -10.61 -74.17 20.09
C LEU UA 132 -9.99 -74.03 21.47
N ILE UA 133 -10.79 -73.82 22.51
CA ILE UA 133 -10.25 -73.75 23.87
C ILE UA 133 -9.92 -75.16 24.33
N ASP UA 134 -8.67 -75.37 24.73
CA ASP UA 134 -8.23 -76.65 25.27
C ASP UA 134 -7.75 -76.47 26.69
N HIS UA 135 -8.01 -77.49 27.51
CA HIS UA 135 -7.33 -77.67 28.79
C HIS UA 135 -6.56 -78.98 28.73
N SER UA 136 -5.25 -78.90 28.95
CA SER UA 136 -4.31 -80.00 28.85
C SER UA 136 -3.18 -79.54 29.76
N PRO UA 137 -2.51 -80.46 30.47
CA PRO UA 137 -1.69 -80.08 31.64
C PRO UA 137 -0.48 -79.23 31.28
N LYS UA 138 -0.47 -78.01 31.81
CA LYS UA 138 0.40 -76.93 31.36
C LYS UA 138 1.83 -77.04 31.91
N ALA UA 139 2.57 -75.94 31.81
CA ALA UA 139 3.92 -75.85 32.34
C ALA UA 139 3.98 -75.19 33.71
N THR UA 140 2.86 -74.69 34.23
CA THR UA 140 2.82 -74.05 35.53
C THR UA 140 1.40 -74.23 36.06
N PRO UA 141 1.23 -74.77 37.27
CA PRO UA 141 -0.13 -74.98 37.79
C PRO UA 141 -0.86 -73.71 38.11
N ASP UA 142 -0.17 -72.66 38.54
CA ASP UA 142 -0.79 -71.35 38.68
C ASP UA 142 -1.03 -70.75 37.30
N ASN UA 143 -2.13 -71.13 36.67
CA ASN UA 143 -2.42 -70.73 35.31
C ASN UA 143 -2.83 -69.27 35.24
N ASP VA 2 -78.36 1.26 -50.95
CA ASP VA 2 -76.99 1.70 -50.73
C ASP VA 2 -76.22 1.77 -52.04
N ALA VA 3 -76.76 2.46 -53.03
CA ALA VA 3 -76.08 2.62 -54.32
C ALA VA 3 -76.45 3.94 -55.01
N PRO VA 4 -75.80 5.04 -54.63
CA PRO VA 4 -75.60 6.12 -55.61
C PRO VA 4 -74.27 5.94 -56.33
N PRO VA 5 -74.28 5.91 -57.65
CA PRO VA 5 -73.02 5.95 -58.40
C PRO VA 5 -72.65 7.37 -58.80
N LEU VA 6 -71.37 7.55 -59.10
CA LEU VA 6 -70.82 8.84 -59.51
C LEU VA 6 -70.02 8.67 -60.80
N THR VA 7 -69.66 9.80 -61.40
CA THR VA 7 -68.84 9.85 -62.59
C THR VA 7 -67.75 10.89 -62.40
N LEU VA 8 -66.87 11.00 -63.39
CA LEU VA 8 -65.85 12.04 -63.36
C LEU VA 8 -66.40 13.34 -63.89
N GLU VA 9 -67.03 13.29 -65.07
CA GLU VA 9 -67.55 14.49 -65.72
C GLU VA 9 -68.69 15.10 -64.92
N GLY VA 10 -69.56 14.25 -64.37
CA GLY VA 10 -70.67 14.77 -63.58
C GLY VA 10 -70.22 15.40 -62.27
N ILE VA 11 -69.26 14.78 -61.59
CA ILE VA 11 -68.83 15.35 -60.32
C ILE VA 11 -67.96 16.59 -60.57
N LYS VA 12 -67.29 16.67 -61.73
CA LYS VA 12 -66.57 17.87 -62.08
C LYS VA 12 -67.53 19.01 -62.38
N ASP VA 13 -68.65 18.68 -63.04
CA ASP VA 13 -69.68 19.67 -63.28
C ASP VA 13 -70.31 20.13 -61.98
N ARG VA 14 -70.42 19.25 -60.99
CA ARG VA 14 -70.98 19.65 -59.71
C ARG VA 14 -70.03 20.57 -58.94
N VAL VA 15 -68.73 20.28 -58.98
CA VAL VA 15 -67.76 21.15 -58.29
C VAL VA 15 -67.66 22.50 -58.98
N LEU VA 16 -67.65 22.51 -60.31
CA LEU VA 16 -67.64 23.78 -61.03
C LEU VA 16 -68.93 24.56 -60.83
N TYR VA 17 -70.05 23.84 -60.69
CA TYR VA 17 -71.34 24.46 -60.37
C TYR VA 17 -71.28 25.18 -59.04
N VAL VA 18 -70.84 24.49 -57.99
CA VAL VA 18 -70.86 25.11 -56.68
C VAL VA 18 -69.73 26.13 -56.50
N LEU VA 19 -68.72 26.11 -57.36
CA LEU VA 19 -67.81 27.25 -57.39
C LEU VA 19 -68.43 28.43 -58.11
N LYS VA 20 -69.25 28.17 -59.13
CA LYS VA 20 -69.91 29.26 -59.85
C LYS VA 20 -70.98 29.91 -59.00
N LEU VA 21 -71.50 29.19 -58.01
CA LEU VA 21 -72.53 29.70 -57.13
C LEU VA 21 -72.02 30.80 -56.20
N TYR VA 22 -70.71 30.81 -55.94
CA TYR VA 22 -70.09 31.69 -54.96
C TYR VA 22 -70.17 33.16 -55.38
N ASP VA 23 -70.18 34.06 -54.40
CA ASP VA 23 -70.48 35.48 -54.68
C ASP VA 23 -69.31 36.22 -55.30
N LYS VA 24 -68.21 36.37 -54.57
CA LYS VA 24 -67.19 37.34 -54.95
C LYS VA 24 -66.11 36.75 -55.84
N ILE VA 25 -66.43 35.70 -56.59
CA ILE VA 25 -65.67 35.37 -57.79
C ILE VA 25 -66.61 35.62 -58.96
N ASP VA 26 -66.12 35.43 -60.18
CA ASP VA 26 -66.96 35.65 -61.33
C ASP VA 26 -67.14 34.39 -62.16
N PRO VA 27 -68.29 34.21 -62.81
CA PRO VA 27 -68.41 33.17 -63.84
C PRO VA 27 -67.91 33.62 -65.20
N GLU VA 28 -67.40 34.86 -65.29
CA GLU VA 28 -66.92 35.42 -66.54
C GLU VA 28 -65.67 34.66 -67.02
N LYS VA 29 -64.61 34.71 -66.23
CA LYS VA 29 -63.41 33.93 -66.47
C LYS VA 29 -63.38 32.84 -65.40
N LEU VA 30 -64.10 31.75 -65.66
CA LEU VA 30 -64.16 30.60 -64.76
C LEU VA 30 -63.99 29.33 -65.57
N SER VA 31 -62.99 28.55 -65.23
CA SER VA 31 -62.79 27.26 -65.86
C SER VA 31 -62.04 26.35 -64.90
N VAL VA 32 -61.77 25.13 -65.36
CA VAL VA 32 -61.15 24.13 -64.49
C VAL VA 32 -59.68 24.45 -64.28
N ASN VA 33 -59.02 25.02 -65.28
CA ASN VA 33 -57.62 25.43 -65.14
C ASN VA 33 -57.59 26.89 -64.72
N SER VA 34 -57.96 27.12 -63.46
CA SER VA 34 -58.01 28.46 -62.89
C SER VA 34 -57.53 28.40 -61.44
N HIS VA 35 -56.31 28.83 -61.21
CA HIS VA 35 -55.74 28.81 -59.87
C HIS VA 35 -56.38 29.86 -58.98
N PHE VA 36 -56.47 29.54 -57.70
CA PHE VA 36 -57.18 30.42 -56.78
C PHE VA 36 -56.29 31.57 -56.32
N MET VA 37 -55.20 31.24 -55.62
CA MET VA 37 -54.35 32.27 -55.04
C MET VA 37 -53.49 32.96 -56.09
N LYS VA 38 -53.21 32.27 -57.20
CA LYS VA 38 -52.29 32.79 -58.19
C LYS VA 38 -52.92 33.92 -59.02
N ASP VA 39 -53.99 33.60 -59.75
CA ASP VA 39 -54.53 34.53 -60.75
C ASP VA 39 -56.02 34.76 -60.64
N LEU VA 40 -56.69 34.29 -59.61
CA LEU VA 40 -58.02 34.78 -59.29
C LEU VA 40 -58.01 35.82 -58.17
N GLY VA 41 -56.86 36.04 -57.53
CA GLY VA 41 -56.67 37.15 -56.62
C GLY VA 41 -57.32 37.02 -55.26
N LEU VA 42 -58.15 36.01 -55.03
CA LEU VA 42 -58.85 35.92 -53.76
C LEU VA 42 -57.92 35.38 -52.69
N ASP VA 43 -58.32 35.60 -51.43
CA ASP VA 43 -57.49 35.21 -50.30
C ASP VA 43 -57.51 33.70 -50.08
N SER VA 44 -56.54 33.25 -49.30
CA SER VA 44 -56.52 31.88 -48.81
C SER VA 44 -57.67 31.64 -47.84
N LEU VA 45 -58.14 32.69 -47.18
CA LEU VA 45 -59.27 32.58 -46.27
C LEU VA 45 -60.53 32.13 -47.01
N ASP VA 46 -60.82 32.80 -48.12
CA ASP VA 46 -61.93 32.38 -48.97
C ASP VA 46 -61.69 31.03 -49.59
N GLN VA 47 -60.42 30.69 -49.85
CA GLN VA 47 -60.07 29.37 -50.38
C GLN VA 47 -60.43 28.27 -49.40
N VAL VA 48 -60.26 28.53 -48.10
CA VAL VA 48 -60.63 27.50 -47.14
C VAL VA 48 -62.12 27.53 -46.83
N GLU VA 49 -62.79 28.67 -47.04
CA GLU VA 49 -64.25 28.64 -47.12
C GLU VA 49 -64.73 27.77 -48.28
N ILE VA 50 -63.99 27.77 -49.40
CA ILE VA 50 -64.33 26.93 -50.54
C ILE VA 50 -64.19 25.46 -50.19
N ILE VA 51 -63.07 25.08 -49.59
CA ILE VA 51 -62.86 23.69 -49.21
C ILE VA 51 -63.86 23.26 -48.13
N MET VA 52 -64.25 24.20 -47.27
CA MET VA 52 -65.34 23.97 -46.33
C MET VA 52 -66.65 23.68 -47.04
N ALA VA 53 -66.93 24.40 -48.14
CA ALA VA 53 -68.16 24.15 -48.90
C ALA VA 53 -68.13 22.78 -49.57
N MET VA 54 -66.97 22.37 -50.07
CA MET VA 54 -66.86 21.04 -50.67
C MET VA 54 -67.05 19.93 -49.63
N GLU VA 55 -66.48 20.11 -48.43
CA GLU VA 55 -66.71 19.14 -47.36
C GLU VA 55 -68.16 19.11 -46.93
N ASP VA 56 -68.78 20.29 -46.77
CA ASP VA 56 -70.16 20.37 -46.30
C ASP VA 56 -71.15 19.88 -47.34
N GLU VA 57 -70.76 19.81 -48.61
CA GLU VA 57 -71.67 19.20 -49.57
C GLU VA 57 -71.42 17.70 -49.72
N PHE VA 58 -70.16 17.29 -49.87
CA PHE VA 58 -69.87 15.90 -50.21
C PHE VA 58 -69.79 14.97 -49.00
N GLY VA 59 -69.87 15.50 -47.79
CA GLY VA 59 -70.11 14.66 -46.62
C GLY VA 59 -68.95 13.81 -46.16
N PHE VA 60 -67.72 14.28 -46.31
CA PHE VA 60 -66.56 13.60 -45.76
C PHE VA 60 -65.47 14.62 -45.51
N GLU VA 61 -64.79 14.50 -44.37
CA GLU VA 61 -63.73 15.45 -44.05
C GLU VA 61 -62.50 15.17 -44.92
N ILE VA 62 -61.99 16.21 -45.57
CA ILE VA 62 -60.69 16.08 -46.23
C ILE VA 62 -59.70 16.56 -45.19
N PRO VA 63 -58.48 16.02 -45.16
CA PRO VA 63 -57.56 16.33 -44.06
C PRO VA 63 -57.02 17.75 -44.13
N ASP VA 64 -56.55 18.21 -42.97
CA ASP VA 64 -56.03 19.56 -42.82
C ASP VA 64 -54.70 19.73 -43.53
N ILE VA 65 -54.00 18.63 -43.82
CA ILE VA 65 -52.82 18.70 -44.67
C ILE VA 65 -53.23 18.97 -46.12
N ASP VA 66 -54.44 18.56 -46.52
CA ASP VA 66 -54.93 18.79 -47.86
C ASP VA 66 -55.85 20.00 -47.97
N ALA VA 67 -55.95 20.82 -46.92
CA ALA VA 67 -56.58 22.12 -47.01
C ALA VA 67 -55.58 23.23 -47.31
N GLU VA 68 -54.49 22.89 -47.96
CA GLU VA 68 -53.31 23.74 -48.09
C GLU VA 68 -52.88 23.96 -49.52
N LYS VA 69 -53.02 22.93 -50.37
CA LYS VA 69 -52.18 22.80 -51.56
C LYS VA 69 -52.96 22.31 -52.76
N LEU VA 70 -54.25 22.60 -52.84
CA LEU VA 70 -55.06 22.25 -54.00
C LEU VA 70 -55.17 23.41 -54.98
N MET VA 71 -55.79 24.51 -54.55
CA MET VA 71 -55.80 25.81 -55.22
C MET VA 71 -56.41 25.86 -56.62
N CYS VA 72 -56.95 24.75 -57.12
CA CYS VA 72 -57.46 24.71 -58.48
C CYS VA 72 -58.52 23.62 -58.56
N PRO VA 73 -59.55 23.80 -59.40
CA PRO VA 73 -60.67 22.85 -59.40
C PRO VA 73 -60.32 21.47 -59.93
N GLN VA 74 -59.32 21.35 -60.81
CA GLN VA 74 -58.97 20.05 -61.38
C GLN VA 74 -58.45 19.10 -60.31
N GLU VA 75 -57.54 19.58 -59.48
CA GLU VA 75 -57.02 18.75 -58.40
C GLU VA 75 -58.07 18.50 -57.33
N ILE VA 76 -59.05 19.40 -57.18
CA ILE VA 76 -60.16 19.14 -56.27
C ILE VA 76 -60.98 17.96 -56.76
N VAL VA 77 -61.33 17.97 -58.05
CA VAL VA 77 -62.13 16.89 -58.62
C VAL VA 77 -61.35 15.58 -58.59
N ASP VA 78 -60.04 15.65 -58.84
CA ASP VA 78 -59.20 14.47 -58.77
C ASP VA 78 -59.13 13.92 -57.34
N TYR VA 79 -59.02 14.80 -56.34
CA TYR VA 79 -58.88 14.31 -54.97
C TYR VA 79 -60.18 13.73 -54.45
N ILE VA 80 -61.31 14.33 -54.81
CA ILE VA 80 -62.60 13.77 -54.40
C ILE VA 80 -62.85 12.43 -55.10
N ALA VA 81 -62.45 12.32 -56.38
CA ALA VA 81 -62.59 11.03 -57.06
C ALA VA 81 -61.63 9.99 -56.50
N ASP VA 82 -60.51 10.43 -55.92
CA ASP VA 82 -59.62 9.48 -55.27
C ASP VA 82 -60.17 9.00 -53.94
N LYS VA 83 -60.70 9.92 -53.12
CA LYS VA 83 -61.24 9.52 -51.82
C LYS VA 83 -62.51 8.67 -51.99
N LYS VA 84 -63.30 8.92 -53.03
CA LYS VA 84 -64.49 8.12 -53.24
C LYS VA 84 -64.26 6.91 -54.13
N ASP VA 85 -63.08 6.78 -54.75
CA ASP VA 85 -62.67 5.62 -55.56
C ASP VA 85 -63.63 5.34 -56.71
N VAL VA 86 -63.86 6.37 -57.53
CA VAL VA 86 -64.86 6.25 -58.58
C VAL VA 86 -64.18 6.28 -59.94
N TYR VA 87 -63.94 5.09 -60.49
CA TYR VA 87 -63.50 4.93 -61.87
C TYR VA 87 -64.17 3.67 -62.43
N GLU VA 88 -63.93 3.40 -63.70
CA GLU VA 88 -64.44 2.19 -64.32
C GLU VA 88 -63.30 1.37 -64.87
N PRO WA 1 -15.11 -56.55 47.10
CA PRO WA 1 -15.58 -57.85 46.62
C PRO WA 1 -15.48 -58.92 47.70
N GLY WA 2 -15.11 -60.14 47.31
CA GLY WA 2 -15.05 -61.24 48.24
C GLY WA 2 -13.84 -61.17 49.16
N ILE WA 3 -13.89 -62.02 50.19
CA ILE WA 3 -12.79 -62.12 51.14
C ILE WA 3 -11.95 -63.32 50.77
N VAL WA 4 -10.71 -63.35 51.26
CA VAL WA 4 -9.85 -64.52 51.17
C VAL WA 4 -9.23 -64.76 52.53
N GLU WA 5 -8.77 -65.99 52.73
CA GLU WA 5 -8.05 -66.36 53.93
C GLU WA 5 -6.76 -67.06 53.54
N LEU WA 6 -5.80 -67.06 54.47
CA LEU WA 6 -4.48 -67.62 54.28
C LEU WA 6 -4.16 -68.56 55.43
N PRO WA 7 -3.33 -69.57 55.20
CA PRO WA 7 -2.84 -70.36 56.32
C PRO WA 7 -1.89 -69.54 57.17
N SER WA 8 -2.05 -69.65 58.49
CA SER WA 8 -1.17 -68.94 59.39
C SER WA 8 0.17 -69.66 59.49
N LEU WA 9 1.03 -69.15 60.37
CA LEU WA 9 2.38 -69.71 60.48
C LEU WA 9 2.43 -70.96 61.34
N GLU WA 10 1.28 -71.44 61.83
CA GLU WA 10 1.20 -72.76 62.42
C GLU WA 10 1.43 -73.84 61.36
N ASP WA 11 0.85 -73.66 60.17
CA ASP WA 11 0.91 -74.66 59.12
C ASP WA 11 2.21 -74.61 58.33
N LEU WA 12 2.86 -73.45 58.30
CA LEU WA 12 4.05 -73.28 57.47
C LEU WA 12 5.32 -73.46 58.29
N LYS WA 13 5.45 -74.65 58.88
CA LYS WA 13 6.66 -75.06 59.56
C LYS WA 13 7.07 -76.44 59.05
N VAL WA 14 7.77 -76.44 57.91
CA VAL WA 14 8.40 -77.63 57.38
C VAL WA 14 9.85 -77.28 57.13
N GLN WA 15 10.76 -78.06 57.71
CA GLN WA 15 12.18 -77.79 57.60
C GLN WA 15 12.66 -77.98 56.15
N GLU WA 16 13.36 -76.98 55.63
CA GLU WA 16 13.86 -77.09 54.27
C GLU WA 16 15.03 -78.04 54.21
N VAL WA 17 15.20 -78.64 53.04
CA VAL WA 17 16.37 -79.46 52.76
C VAL WA 17 17.48 -78.54 52.31
N LYS WA 18 18.15 -77.92 53.28
CA LYS WA 18 18.99 -76.78 53.00
C LYS WA 18 20.38 -77.19 52.51
N VAL WA 19 20.44 -78.00 51.47
CA VAL WA 19 21.69 -78.32 50.83
C VAL WA 19 21.83 -77.36 49.67
N SER WA 20 23.03 -77.25 49.11
CA SER WA 20 23.22 -76.35 47.98
C SER WA 20 22.53 -76.87 46.74
N SER WA 21 22.38 -75.99 45.77
CA SER WA 21 21.61 -76.32 44.58
C SER WA 21 22.36 -77.25 43.65
N SER WA 22 23.70 -77.23 43.70
CA SER WA 22 24.48 -78.01 42.75
C SER WA 22 24.42 -79.49 43.07
N VAL WA 23 24.58 -79.85 44.35
CA VAL WA 23 24.48 -81.25 44.75
C VAL WA 23 23.04 -81.75 44.56
N LEU WA 24 22.07 -80.88 44.78
CA LEU WA 24 20.66 -81.21 44.60
C LEU WA 24 20.34 -81.45 43.14
N LYS WA 25 20.99 -80.74 42.23
CA LYS WA 25 20.89 -81.04 40.81
C LYS WA 25 21.70 -82.27 40.44
N ALA WA 26 22.79 -82.53 41.17
CA ALA WA 26 23.71 -83.59 40.81
C ALA WA 26 23.11 -84.97 41.05
N ALA WA 27 22.54 -85.18 42.23
CA ALA WA 27 22.03 -86.50 42.59
C ALA WA 27 20.61 -86.73 42.10
N ALA WA 28 20.17 -85.98 41.07
CA ALA WA 28 18.75 -85.89 40.74
C ALA WA 28 18.21 -87.18 40.12
N HIS WA 29 19.06 -87.96 39.46
CA HIS WA 29 18.62 -89.22 38.88
C HIS WA 29 18.16 -90.19 39.98
N HIS WA 30 19.04 -90.46 40.94
CA HIS WA 30 18.65 -91.34 42.03
C HIS WA 30 17.76 -90.65 43.05
N TYR WA 31 17.70 -89.31 43.03
CA TYR WA 31 16.69 -88.61 43.83
C TYR WA 31 15.29 -88.89 43.29
N GLY WA 32 15.14 -88.87 41.96
CA GLY WA 32 13.88 -89.26 41.38
C GLY WA 32 13.65 -90.76 41.37
N ALA WA 33 14.70 -91.56 41.51
CA ALA WA 33 14.55 -93.00 41.39
C ALA WA 33 13.95 -93.61 42.66
N GLN WA 34 14.65 -93.50 43.78
CA GLN WA 34 14.16 -94.13 45.01
C GLN WA 34 13.00 -93.36 45.61
N CYS WA 35 13.22 -92.09 45.95
CA CYS WA 35 12.14 -91.22 46.39
C CYS WA 35 11.36 -90.78 45.15
N ASP WA 36 10.46 -89.82 45.34
CA ASP WA 36 9.61 -89.22 44.32
C ASP WA 36 8.67 -90.24 43.66
N LYS WA 37 8.39 -91.34 44.34
CA LYS WA 37 7.20 -92.13 44.05
C LYS WA 37 5.95 -91.55 44.70
N PRO WA 38 5.91 -91.14 45.99
CA PRO WA 38 4.66 -90.57 46.50
C PRO WA 38 4.40 -89.13 46.06
N ASN WA 39 5.40 -88.41 45.54
CA ASN WA 39 5.14 -87.00 45.25
C ASN WA 39 4.34 -86.79 43.99
N LYS WA 40 4.13 -87.84 43.18
CA LYS WA 40 3.22 -87.69 42.07
C LYS WA 40 1.78 -87.53 42.54
N GLU WA 41 1.45 -87.99 43.74
CA GLU WA 41 0.17 -87.64 44.34
C GLU WA 41 0.12 -86.15 44.66
N PHE WA 42 1.24 -85.59 45.11
CA PHE WA 42 1.34 -84.14 45.31
C PHE WA 42 1.18 -83.38 44.01
N MET WA 43 1.83 -83.88 42.95
CA MET WA 43 1.73 -83.23 41.65
C MET WA 43 0.32 -83.34 41.09
N LEU WA 44 -0.34 -84.48 41.30
CA LEU WA 44 -1.70 -84.67 40.83
C LEU WA 44 -2.66 -83.77 41.59
N CYS WA 45 -2.43 -83.59 42.89
CA CYS WA 45 -3.15 -82.60 43.67
C CYS WA 45 -2.95 -81.21 43.10
N ARG WA 46 -1.70 -80.89 42.74
CA ARG WA 46 -1.37 -79.55 42.30
C ARG WA 46 -1.95 -79.24 40.93
N TRP WA 47 -2.06 -80.24 40.05
CA TRP WA 47 -2.66 -79.96 38.76
C TRP WA 47 -4.18 -80.06 38.78
N GLU WA 48 -4.72 -81.12 39.39
CA GLU WA 48 -6.18 -81.30 39.43
C GLU WA 48 -6.88 -80.30 40.33
N GLU WA 49 -6.17 -79.62 41.22
CA GLU WA 49 -6.78 -78.56 41.99
C GLU WA 49 -6.45 -77.17 41.48
N LYS WA 50 -5.28 -77.02 40.84
CA LYS WA 50 -4.59 -75.74 40.59
C LYS WA 50 -4.75 -74.76 41.77
N ASP WA 51 -4.42 -75.27 42.95
CA ASP WA 51 -4.66 -74.56 44.20
C ASP WA 51 -3.57 -74.92 45.20
N PRO WA 52 -2.42 -74.27 45.12
CA PRO WA 52 -1.52 -74.27 46.28
C PRO WA 52 -2.12 -73.40 47.37
N ARG WA 53 -1.67 -73.65 48.60
CA ARG WA 53 -2.21 -73.44 49.96
C ARG WA 53 -3.13 -74.59 50.35
N ARG WA 54 -3.35 -75.56 49.47
CA ARG WA 54 -4.22 -76.69 49.78
C ARG WA 54 -3.47 -78.02 49.82
N CYS WA 55 -2.48 -78.22 48.94
CA CYS WA 55 -1.75 -79.47 48.86
C CYS WA 55 -0.51 -79.48 49.76
N LEU WA 56 -0.48 -78.64 50.80
CA LEU WA 56 0.72 -78.45 51.59
C LEU WA 56 1.07 -79.65 52.46
N GLU WA 57 0.11 -80.53 52.73
CA GLU WA 57 0.41 -81.71 53.54
C GLU WA 57 1.30 -82.68 52.78
N GLU WA 58 1.00 -82.93 51.51
CA GLU WA 58 1.91 -83.73 50.71
C GLU WA 58 3.17 -82.96 50.30
N GLY WA 59 3.15 -81.64 50.41
CA GLY WA 59 4.39 -80.89 50.33
C GLY WA 59 5.30 -81.16 51.52
N LYS WA 60 4.72 -81.26 52.72
CA LYS WA 60 5.45 -81.72 53.88
C LYS WA 60 5.95 -83.15 53.68
N LEU WA 61 5.14 -83.99 53.04
CA LEU WA 61 5.51 -85.38 52.83
C LEU WA 61 6.67 -85.51 51.83
N VAL WA 62 6.67 -84.72 50.76
CA VAL WA 62 7.79 -84.79 49.82
C VAL WA 62 9.05 -84.15 50.43
N ASN WA 63 8.89 -83.14 51.28
CA ASN WA 63 10.06 -82.56 51.92
C ASN WA 63 10.71 -83.53 52.89
N GLN WA 64 9.88 -84.28 53.64
CA GLN WA 64 10.48 -85.29 54.52
C GLN WA 64 11.00 -86.48 53.74
N CYS WA 65 10.44 -86.78 52.56
CA CYS WA 65 11.03 -87.83 51.73
C CYS WA 65 12.40 -87.42 51.22
N ALA WA 66 12.56 -86.15 50.85
CA ALA WA 66 13.86 -85.68 50.37
C ALA WA 66 14.89 -85.66 51.49
N LEU WA 67 14.48 -85.23 52.69
CA LEU WA 67 15.41 -85.21 53.81
C LEU WA 67 15.77 -86.63 54.24
N GLU WA 68 14.83 -87.58 54.14
CA GLU WA 68 15.16 -88.97 54.43
C GLU WA 68 16.08 -89.56 53.38
N PHE WA 69 15.92 -89.14 52.12
CA PHE WA 69 16.84 -89.57 51.06
C PHE WA 69 18.26 -89.10 51.33
N PHE WA 70 18.41 -87.83 51.71
CA PHE WA 70 19.73 -87.32 52.02
C PHE WA 70 20.30 -87.92 53.29
N ARG WA 71 19.45 -88.23 54.27
CA ARG WA 71 19.90 -88.95 55.46
C ARG WA 71 20.41 -90.34 55.12
N GLN WA 72 19.72 -91.04 54.21
CA GLN WA 72 20.14 -92.38 53.81
C GLN WA 72 21.45 -92.33 53.01
N ILE WA 73 21.60 -91.33 52.15
CA ILE WA 73 22.84 -91.28 51.37
C ILE WA 73 24.00 -90.73 52.19
N LYS WA 74 23.74 -90.03 53.30
CA LYS WA 74 24.85 -89.61 54.15
C LYS WA 74 25.29 -90.72 55.09
N ARG WA 75 24.33 -91.40 55.73
CA ARG WA 75 24.66 -92.39 56.75
C ARG WA 75 25.34 -93.62 56.15
N HIS WA 76 24.86 -94.08 55.01
CA HIS WA 76 25.45 -95.22 54.35
C HIS WA 76 26.45 -94.75 53.28
N CYS WA 77 26.82 -95.65 52.37
CA CYS WA 77 27.78 -95.43 51.30
C CYS WA 77 27.39 -94.24 50.42
N ALA WA 78 28.27 -93.24 50.25
CA ALA WA 78 29.61 -93.14 50.83
C ALA WA 78 30.04 -91.70 51.09
N GLU WA 79 31.35 -91.57 51.29
CA GLU WA 79 32.12 -90.33 51.40
C GLU WA 79 32.51 -89.65 50.09
N PRO WA 80 33.00 -90.34 49.04
CA PRO WA 80 33.37 -89.60 47.81
C PRO WA 80 32.20 -89.09 46.99
N PHE WA 81 30.96 -89.25 47.46
CA PHE WA 81 29.86 -88.46 46.93
C PHE WA 81 30.09 -86.97 47.14
N THR WA 82 30.75 -86.60 48.25
CA THR WA 82 31.13 -85.20 48.47
C THR WA 82 32.09 -84.73 47.40
N GLU WA 83 33.08 -85.57 47.08
CA GLU WA 83 34.01 -85.29 45.99
C GLU WA 83 33.29 -85.20 44.65
N TYR WA 84 32.26 -86.03 44.47
CA TYR WA 84 31.53 -86.03 43.20
C TYR WA 84 30.74 -84.74 43.00
N TRP WA 85 30.00 -84.30 44.03
CA TRP WA 85 29.25 -83.07 43.79
C TRP WA 85 30.14 -81.84 43.82
N THR WA 86 31.26 -81.88 44.54
CA THR WA 86 32.14 -80.73 44.40
C THR WA 86 32.97 -80.79 43.12
N CYS WA 87 32.96 -81.92 42.41
CA CYS WA 87 33.53 -81.98 41.08
C CYS WA 87 32.55 -81.51 40.02
N ILE WA 88 31.26 -81.75 40.23
CA ILE WA 88 30.25 -81.21 39.30
C ILE WA 88 29.90 -79.77 39.63
N ASP WA 89 30.28 -79.30 40.82
CA ASP WA 89 29.92 -77.96 41.25
C ASP WA 89 30.72 -76.90 40.52
N TYR WA 90 31.93 -77.25 40.09
CA TYR WA 90 32.89 -76.21 39.77
C TYR WA 90 32.67 -75.61 38.39
N SER WA 91 32.32 -76.42 37.40
CA SER WA 91 32.54 -76.03 36.01
C SER WA 91 31.55 -75.03 35.45
N GLY WA 92 31.38 -73.89 36.12
CA GLY WA 92 30.34 -72.96 35.72
C GLY WA 92 28.98 -73.60 35.88
N LEU WA 93 28.16 -73.51 34.85
CA LEU WA 93 26.92 -74.27 34.88
C LEU WA 93 27.24 -75.76 34.74
N GLN WA 94 26.32 -76.57 35.22
CA GLN WA 94 26.58 -78.01 35.33
C GLN WA 94 26.55 -78.68 33.97
N LEU WA 95 27.66 -79.32 33.61
CA LEU WA 95 27.71 -80.20 32.46
C LEU WA 95 28.06 -81.60 32.98
N PHE WA 96 27.27 -82.58 32.58
CA PHE WA 96 27.40 -83.92 33.13
C PHE WA 96 28.52 -84.73 32.47
N ARG WA 97 29.31 -84.11 31.61
CA ARG WA 97 30.49 -84.73 31.03
C ARG WA 97 31.80 -84.17 31.57
N ARG WA 98 31.73 -83.20 32.47
CA ARG WA 98 32.94 -82.69 33.10
C ARG WA 98 33.53 -83.66 34.10
N CYS WA 99 32.73 -84.58 34.61
CA CYS WA 99 33.17 -85.42 35.72
C CYS WA 99 32.43 -86.75 35.59
N ARG WA 100 33.16 -87.78 35.18
CA ARG WA 100 32.57 -89.08 34.84
C ARG WA 100 33.14 -90.21 35.68
N LYS WA 101 34.44 -90.16 36.00
CA LYS WA 101 35.05 -91.17 36.85
C LYS WA 101 34.42 -91.19 38.23
N GLU WA 102 34.15 -90.02 38.78
CA GLU WA 102 33.60 -89.96 40.13
C GLU WA 102 32.13 -90.33 40.13
N GLN WA 103 31.42 -90.05 39.03
CA GLN WA 103 30.07 -90.57 38.85
C GLN WA 103 30.08 -92.09 38.82
N ALA WA 104 31.05 -92.69 38.14
CA ALA WA 104 31.14 -94.14 38.08
C ALA WA 104 31.49 -94.74 39.42
N GLN WA 105 32.35 -94.08 40.20
CA GLN WA 105 32.73 -94.62 41.49
C GLN WA 105 31.59 -94.48 42.51
N PHE WA 106 30.87 -93.35 42.47
CA PHE WA 106 29.69 -93.20 43.32
C PHE WA 106 28.59 -94.18 42.94
N ASP WA 107 28.43 -94.44 41.64
CA ASP WA 107 27.44 -95.40 41.19
C ASP WA 107 27.82 -96.81 41.60
N LYS WA 108 29.11 -97.16 41.54
CA LYS WA 108 29.55 -98.49 41.98
C LYS WA 108 29.37 -98.66 43.47
N CYS WA 109 29.70 -97.64 44.26
CA CYS WA 109 29.37 -97.58 45.68
C CYS WA 109 27.91 -97.90 45.97
N VAL WA 110 27.01 -97.05 45.47
CA VAL WA 110 25.61 -97.17 45.86
C VAL WA 110 24.96 -98.39 45.22
N LEU WA 111 25.53 -98.90 44.12
CA LEU WA 111 24.96 -100.06 43.44
C LEU WA 111 25.35 -101.35 44.13
N ASP WA 112 26.66 -101.54 44.35
CA ASP WA 112 27.14 -102.76 44.97
C ASP WA 112 26.86 -102.80 46.45
N LYS WA 113 26.55 -101.67 47.08
CA LYS WA 113 26.37 -101.66 48.53
C LYS WA 113 24.97 -101.26 48.98
N LEU WA 114 24.16 -100.64 48.14
CA LEU WA 114 22.82 -100.26 48.58
C LEU WA 114 21.70 -100.57 47.58
N GLY WA 115 21.98 -100.64 46.27
CA GLY WA 115 20.94 -100.86 45.28
C GLY WA 115 20.86 -99.68 44.33
N TRP WA 116 19.62 -99.27 44.01
CA TRP WA 116 19.31 -98.05 43.26
C TRP WA 116 19.96 -98.03 41.88
N VAL WA 117 19.45 -98.92 41.01
CA VAL WA 117 19.88 -98.92 39.62
C VAL WA 117 19.54 -97.58 38.97
N ARG WA 118 20.48 -97.06 38.18
CA ARG WA 118 20.37 -95.68 37.71
C ARG WA 118 19.28 -95.57 36.65
N PRO WA 119 18.37 -94.61 36.78
CA PRO WA 119 17.34 -94.44 35.74
C PRO WA 119 17.94 -93.90 34.45
N ASP WA 120 18.07 -94.79 33.48
CA ASP WA 120 18.72 -94.47 32.23
C ASP WA 120 17.76 -93.64 31.37
N LEU WA 121 18.24 -93.17 30.23
CA LEU WA 121 17.34 -92.51 29.28
C LEU WA 121 16.48 -93.57 28.59
N GLY WA 122 15.17 -93.34 28.54
CA GLY WA 122 14.52 -92.12 29.01
C GLY WA 122 13.62 -92.27 30.21
N GLU WA 123 14.08 -92.96 31.26
CA GLU WA 123 13.19 -93.39 32.33
C GLU WA 123 12.73 -92.25 33.25
N LEU WA 124 13.33 -91.07 33.19
CA LEU WA 124 12.84 -89.92 33.96
C LEU WA 124 11.97 -89.03 33.08
N SER WA 125 10.96 -89.67 32.52
CA SER WA 125 10.00 -89.14 31.56
C SER WA 125 8.75 -89.95 31.79
N LYS WA 126 7.98 -90.20 30.72
CA LYS WA 126 7.08 -91.35 30.68
C LYS WA 126 5.92 -91.24 31.66
N VAL WA 127 4.91 -90.45 31.26
CA VAL WA 127 3.66 -90.12 31.96
C VAL WA 127 3.08 -91.32 32.71
N THR WA 128 2.64 -91.09 33.94
CA THR WA 128 2.50 -92.14 34.94
C THR WA 128 1.07 -92.24 35.42
N LYS WA 129 0.61 -93.46 35.69
CA LYS WA 129 -0.60 -93.65 36.48
C LYS WA 129 -0.23 -93.77 37.95
N VAL WA 130 -1.11 -93.27 38.81
CA VAL WA 130 -0.90 -93.36 40.25
C VAL WA 130 -2.26 -93.33 40.94
N LYS WA 131 -2.47 -94.27 41.86
CA LYS WA 131 -3.67 -94.26 42.67
C LYS WA 131 -3.56 -93.20 43.76
N THR WA 132 -4.72 -92.76 44.27
CA THR WA 132 -4.72 -91.74 45.31
C THR WA 132 -5.59 -92.17 46.48
N ASP WA 133 -5.85 -91.21 47.38
CA ASP WA 133 -6.73 -91.41 48.52
C ASP WA 133 -8.09 -90.75 48.27
N ARG WA 134 -8.09 -89.49 47.88
CA ARG WA 134 -9.32 -88.79 47.53
C ARG WA 134 -9.59 -88.92 46.04
N PRO WA 135 -10.85 -88.96 45.62
CA PRO WA 135 -11.17 -88.91 44.19
C PRO WA 135 -11.13 -87.49 43.66
N LEU WA 136 -11.05 -87.38 42.34
CA LEU WA 136 -10.91 -86.08 41.71
C LEU WA 136 -12.21 -85.29 41.79
N PRO WA 137 -12.19 -84.05 42.27
CA PRO WA 137 -13.42 -83.28 42.43
C PRO WA 137 -13.81 -82.54 41.16
N GLU WA 138 -15.10 -82.28 41.03
CA GLU WA 138 -15.57 -81.42 39.95
C GLU WA 138 -15.34 -79.96 40.29
N ASN WA 139 -15.52 -79.11 39.26
CA ASN WA 139 -15.41 -77.65 39.12
C ASN WA 139 -14.37 -77.00 40.06
N PRO WA 140 -13.07 -77.26 39.85
CA PRO WA 140 -12.06 -76.59 40.69
C PRO WA 140 -12.01 -75.10 40.47
N TYR WA 141 -12.43 -74.64 39.30
CA TYR WA 141 -12.77 -73.24 39.10
C TYR WA 141 -13.96 -72.91 39.98
N HIS WA 142 -13.81 -71.92 40.86
CA HIS WA 142 -15.00 -71.41 41.51
C HIS WA 142 -15.80 -70.61 40.51
N SER WA 143 -16.75 -71.28 39.85
CA SER WA 143 -17.50 -70.71 38.75
C SER WA 143 -18.98 -70.99 38.94
N ARG WA 144 -19.81 -70.01 38.58
CA ARG WA 144 -21.23 -70.27 38.46
C ARG WA 144 -21.51 -71.08 37.20
N ALA WA 145 -22.73 -71.58 37.10
CA ALA WA 145 -23.09 -72.45 35.98
C ALA WA 145 -23.36 -71.63 34.72
N ARG WA 146 -23.81 -72.32 33.69
CA ARG WA 146 -24.03 -71.67 32.40
C ARG WA 146 -25.27 -70.80 32.46
N PRO WA 147 -25.25 -69.62 31.84
CA PRO WA 147 -26.42 -68.73 31.88
C PRO WA 147 -27.65 -69.29 31.17
N GLU WA 148 -27.54 -69.52 29.87
CA GLU WA 148 -28.63 -70.03 29.05
C GLU WA 148 -28.05 -70.74 27.84
N PRO WA 149 -28.71 -71.78 27.35
CA PRO WA 149 -28.39 -72.30 26.02
C PRO WA 149 -29.11 -71.51 24.94
N ASN WA 150 -29.00 -71.98 23.69
CA ASN WA 150 -29.63 -71.32 22.56
C ASN WA 150 -30.90 -72.07 22.18
N PRO WA 151 -32.07 -71.43 22.17
CA PRO WA 151 -33.26 -72.11 21.66
C PRO WA 151 -33.18 -72.32 20.16
N GLU WA 152 -32.93 -73.55 19.71
CA GLU WA 152 -32.77 -73.81 18.29
C GLU WA 152 -34.14 -73.83 17.62
N VAL WA 153 -34.38 -72.86 16.76
CA VAL WA 153 -35.59 -72.82 15.94
C VAL WA 153 -35.48 -73.92 14.88
N GLU WA 154 -36.36 -74.92 14.96
CA GLU WA 154 -36.30 -76.05 14.06
C GLU WA 154 -37.71 -76.43 13.62
N GLY WA 155 -37.78 -77.44 12.75
CA GLY WA 155 -39.03 -77.95 12.23
C GLY WA 155 -39.11 -77.82 10.73
N ASP WA 156 -40.16 -78.42 10.17
CA ASP WA 156 -40.47 -78.26 8.77
C ASP WA 156 -40.97 -76.84 8.53
N LEU WA 157 -40.31 -76.12 7.64
CA LEU WA 157 -40.64 -74.72 7.41
C LEU WA 157 -41.72 -74.61 6.34
N LYS WA 158 -42.65 -73.68 6.58
CA LYS WA 158 -43.75 -73.45 5.68
C LYS WA 158 -43.27 -72.72 4.44
N PRO WA 159 -44.04 -72.78 3.35
CA PRO WA 159 -43.87 -71.80 2.29
C PRO WA 159 -44.27 -70.42 2.77
N ALA WA 160 -43.86 -69.41 2.01
CA ALA WA 160 -43.84 -68.03 2.46
C ALA WA 160 -45.24 -67.49 2.69
N ARG WA 161 -45.31 -66.37 3.40
CA ARG WA 161 -46.56 -65.71 3.73
C ARG WA 161 -46.64 -64.42 2.93
N HIS WA 162 -47.43 -64.48 1.84
CA HIS WA 162 -47.76 -63.32 0.99
C HIS WA 162 -46.52 -62.68 0.38
N GLY WA 163 -45.60 -63.52 -0.10
CA GLY WA 163 -44.47 -63.03 -0.85
C GLY WA 163 -43.42 -62.30 -0.01
N SER WA 164 -43.38 -60.97 -0.16
CA SER WA 164 -42.35 -60.17 0.49
C SER WA 164 -42.85 -59.45 1.73
N ARG WA 165 -44.15 -59.13 1.76
CA ARG WA 165 -44.73 -58.17 2.71
C ARG WA 165 -43.99 -56.83 2.70
N LEU WA 166 -43.54 -56.45 1.52
CA LEU WA 166 -43.07 -55.08 1.27
C LEU WA 166 -44.30 -54.31 0.82
N PHE WA 167 -44.13 -53.13 0.21
CA PHE WA 167 -45.25 -52.27 -0.12
C PHE WA 167 -46.18 -52.90 -1.14
N PHE WA 168 -45.60 -53.59 -2.12
CA PHE WA 168 -46.32 -54.51 -2.99
C PHE WA 168 -45.32 -55.56 -3.44
N TRP WA 169 -45.51 -56.15 -4.62
CA TRP WA 169 -44.78 -57.32 -5.14
C TRP WA 169 -45.03 -58.55 -4.27
N THR WA 170 -46.27 -59.02 -4.33
CA THR WA 170 -46.63 -60.30 -3.73
C THR WA 170 -46.24 -61.44 -4.68
N MET WA 171 -46.72 -62.64 -4.37
CA MET WA 171 -46.51 -63.88 -5.14
C MET WA 171 -45.03 -64.23 -5.33
N SER XA 3 -99.41 -46.35 -14.85
CA SER XA 3 -99.47 -45.27 -13.86
C SER XA 3 -98.47 -45.51 -12.73
N TRP XA 4 -98.95 -45.39 -11.50
CA TRP XA 4 -98.14 -45.55 -10.31
C TRP XA 4 -99.07 -45.92 -9.16
N ASP XA 5 -98.55 -45.84 -7.93
CA ASP XA 5 -99.35 -46.05 -6.73
C ASP XA 5 -99.91 -44.70 -6.28
N LYS XA 6 -101.22 -44.57 -6.31
CA LYS XA 6 -101.85 -43.33 -5.91
C LYS XA 6 -101.94 -43.17 -4.40
N ASP XA 7 -101.50 -44.16 -3.63
CA ASP XA 7 -101.31 -43.92 -2.21
C ASP XA 7 -100.06 -43.08 -1.96
N VAL XA 8 -99.00 -43.31 -2.74
CA VAL XA 8 -97.72 -42.68 -2.48
C VAL XA 8 -97.52 -41.41 -3.29
N TYR XA 9 -98.21 -41.26 -4.42
CA TYR XA 9 -98.22 -40.02 -5.20
C TYR XA 9 -99.66 -39.52 -5.30
N PRO XA 10 -100.21 -38.99 -4.22
CA PRO XA 10 -101.63 -38.67 -4.21
C PRO XA 10 -101.89 -37.33 -4.87
N GLU XA 11 -103.17 -37.08 -5.10
CA GLU XA 11 -103.67 -35.81 -5.59
C GLU XA 11 -104.95 -35.47 -4.85
N PRO XA 12 -105.38 -34.21 -4.90
CA PRO XA 12 -106.77 -33.90 -4.60
C PRO XA 12 -107.66 -34.39 -5.74
N PRO XA 13 -108.95 -34.59 -5.47
CA PRO XA 13 -109.86 -35.00 -6.55
C PRO XA 13 -110.03 -33.90 -7.59
N ARG XA 14 -110.24 -34.33 -8.83
CA ARG XA 14 -110.36 -33.40 -9.95
C ARG XA 14 -111.70 -32.69 -9.90
N ARG XA 15 -111.70 -31.43 -10.32
CA ARG XA 15 -112.90 -30.61 -10.36
C ARG XA 15 -112.91 -29.85 -11.68
N THR XA 16 -114.05 -29.86 -12.34
CA THR XA 16 -114.19 -29.15 -13.60
C THR XA 16 -115.55 -28.45 -13.63
N PRO XA 17 -115.60 -27.14 -13.82
CA PRO XA 17 -116.87 -26.44 -13.96
C PRO XA 17 -117.28 -26.35 -15.42
N ALA XA 18 -118.59 -26.23 -15.63
CA ALA XA 18 -119.13 -26.15 -16.97
C ALA XA 18 -119.36 -24.70 -17.35
N PRO XA 19 -118.69 -24.17 -18.37
CA PRO XA 19 -118.98 -22.81 -18.82
C PRO XA 19 -120.37 -22.73 -19.46
N SER XA 20 -120.85 -21.50 -19.62
CA SER XA 20 -122.21 -21.26 -20.11
C SER XA 20 -122.29 -19.91 -20.80
N PRO XA 21 -121.99 -19.86 -22.10
CA PRO XA 21 -122.37 -18.68 -22.90
C PRO XA 21 -123.89 -18.68 -23.09
N GLN XA 22 -124.58 -17.52 -22.92
CA GLN XA 22 -124.29 -16.08 -22.66
C GLN XA 22 -123.57 -15.32 -23.79
N THR XA 23 -123.16 -16.03 -24.84
CA THR XA 23 -122.81 -15.42 -26.12
C THR XA 23 -123.39 -16.28 -27.22
N SER XA 24 -123.44 -15.73 -28.43
CA SER XA 24 -123.58 -16.54 -29.64
C SER XA 24 -122.51 -16.07 -30.63
N LEU XA 25 -121.28 -16.51 -30.42
CA LEU XA 25 -120.24 -16.32 -31.42
C LEU XA 25 -120.26 -17.46 -32.45
N PRO XA 26 -120.29 -18.76 -32.06
CA PRO XA 26 -120.03 -19.53 -30.83
C PRO XA 26 -118.62 -20.15 -30.71
N ASN XA 27 -117.85 -19.69 -29.71
CA ASN XA 27 -116.71 -20.35 -29.06
C ASN XA 27 -115.64 -20.89 -30.01
N PRO XA 28 -114.76 -20.02 -30.53
CA PRO XA 28 -113.79 -20.47 -31.56
C PRO XA 28 -112.77 -21.47 -31.06
N ILE XA 29 -112.44 -21.46 -29.76
CA ILE XA 29 -111.52 -22.44 -29.22
C ILE XA 29 -112.12 -23.84 -29.20
N THR XA 30 -113.44 -23.97 -29.16
CA THR XA 30 -114.05 -25.28 -29.29
C THR XA 30 -113.87 -25.83 -30.69
N TYR XA 31 -114.04 -24.96 -31.70
CA TYR XA 31 -113.73 -25.32 -33.08
C TYR XA 31 -112.27 -25.75 -33.24
N LEU XA 32 -111.37 -25.03 -32.57
CA LEU XA 32 -109.95 -25.33 -32.72
C LEU XA 32 -109.55 -26.59 -31.95
N THR XA 33 -110.16 -26.86 -30.80
CA THR XA 33 -109.81 -28.10 -30.12
C THR XA 33 -110.44 -29.31 -30.78
N LYS XA 34 -111.58 -29.15 -31.45
CA LYS XA 34 -112.12 -30.27 -32.23
C LYS XA 34 -111.26 -30.53 -33.46
N ALA XA 35 -110.77 -29.47 -34.10
CA ALA XA 35 -109.87 -29.62 -35.24
C ALA XA 35 -108.54 -30.25 -34.79
N PHE XA 36 -108.06 -29.88 -33.61
CA PHE XA 36 -106.86 -30.51 -33.06
C PHE XA 36 -107.08 -31.98 -32.79
N ASP XA 37 -108.23 -32.34 -32.22
CA ASP XA 37 -108.52 -33.73 -31.89
C ASP XA 37 -108.56 -34.58 -33.15
N LEU XA 38 -109.27 -34.12 -34.18
CA LEU XA 38 -109.38 -34.94 -35.37
C LEU XA 38 -108.09 -34.92 -36.20
N LEU XA 39 -107.29 -33.85 -36.13
CA LEU XA 39 -106.05 -33.85 -36.91
C LEU XA 39 -104.92 -34.57 -36.22
N VAL XA 40 -104.88 -34.57 -34.89
CA VAL XA 40 -103.70 -35.00 -34.16
C VAL XA 40 -103.97 -36.25 -33.33
N ASP XA 41 -105.10 -36.30 -32.62
CA ASP XA 41 -105.28 -37.32 -31.58
C ASP XA 41 -105.50 -38.71 -32.17
N ARG XA 42 -106.10 -38.80 -33.35
CA ARG XA 42 -106.30 -40.11 -33.95
C ARG XA 42 -105.04 -40.71 -34.61
N PRO XA 43 -104.20 -39.99 -35.38
CA PRO XA 43 -102.97 -40.62 -35.88
C PRO XA 43 -101.98 -40.95 -34.78
N VAL XA 44 -101.90 -40.14 -33.72
CA VAL XA 44 -101.07 -40.47 -32.57
C VAL XA 44 -101.56 -41.74 -31.90
N THR XA 45 -102.89 -41.89 -31.81
CA THR XA 45 -103.47 -43.09 -31.21
C THR XA 45 -103.19 -44.31 -32.07
N LEU XA 46 -103.21 -44.16 -33.39
CA LEU XA 46 -102.90 -45.29 -34.25
C LEU XA 46 -101.42 -45.67 -34.18
N VAL XA 47 -100.54 -44.67 -34.01
CA VAL XA 47 -99.10 -44.95 -33.86
C VAL XA 47 -98.85 -45.74 -32.58
N ARG XA 48 -99.40 -45.26 -31.47
CA ARG XA 48 -99.21 -45.98 -30.20
C ARG XA 48 -99.91 -47.33 -30.21
N GLU XA 49 -101.00 -47.48 -30.96
CA GLU XA 49 -101.68 -48.77 -31.02
C GLU XA 49 -100.86 -49.79 -31.82
N PHE XA 50 -100.24 -49.35 -32.92
CA PHE XA 50 -99.35 -50.22 -33.68
C PHE XA 50 -98.14 -50.63 -32.85
N ILE XA 51 -97.56 -49.68 -32.10
CA ILE XA 51 -96.41 -50.02 -31.27
C ILE XA 51 -96.83 -50.92 -30.10
N GLU XA 52 -98.06 -50.74 -29.60
CA GLU XA 52 -98.63 -51.64 -28.59
C GLU XA 52 -98.72 -53.07 -29.09
N ARG XA 53 -99.22 -53.27 -30.30
CA ARG XA 53 -99.32 -54.64 -30.83
C ARG XA 53 -97.93 -55.23 -31.12
N GLN XA 54 -97.04 -54.42 -31.71
CA GLN XA 54 -95.70 -54.88 -32.06
C GLN XA 54 -94.89 -55.27 -30.83
N HIS XA 55 -95.12 -54.64 -29.68
CA HIS XA 55 -94.48 -55.14 -28.48
C HIS XA 55 -95.36 -56.09 -27.69
N ALA XA 56 -96.64 -56.18 -28.00
CA ALA XA 56 -97.51 -57.16 -27.37
C ALA XA 56 -97.32 -58.55 -27.94
N LYS XA 57 -96.53 -58.69 -29.00
CA LYS XA 57 -96.11 -60.02 -29.43
C LYS XA 57 -95.30 -60.74 -28.34
N ASN XA 58 -94.15 -60.19 -27.96
CA ASN XA 58 -93.26 -60.85 -27.02
C ASN XA 58 -92.75 -59.87 -25.97
N LYS XA 59 -92.35 -60.41 -24.83
CA LYS XA 59 -92.06 -59.59 -23.65
C LYS XA 59 -90.65 -59.81 -23.14
N TYR XA 60 -90.22 -58.89 -22.29
CA TYR XA 60 -89.10 -59.00 -21.36
C TYR XA 60 -89.62 -58.75 -19.95
N TYR XA 61 -88.71 -58.76 -18.98
CA TYR XA 61 -89.04 -58.42 -17.60
C TYR XA 61 -87.82 -57.79 -16.94
N TYR XA 62 -88.06 -57.08 -15.84
CA TYR XA 62 -86.97 -56.76 -14.92
C TYR XA 62 -87.53 -56.74 -13.51
N TYR XA 63 -86.64 -56.97 -12.55
CA TYR XA 63 -87.00 -57.11 -11.16
C TYR XA 63 -86.28 -56.06 -10.32
N HIS XA 64 -87.00 -55.48 -9.36
CA HIS XA 64 -86.36 -54.57 -8.42
C HIS XA 64 -85.51 -55.37 -7.45
N ARG XA 65 -84.25 -54.97 -7.29
CA ARG XA 65 -83.31 -55.74 -6.49
C ARG XA 65 -83.55 -55.56 -5.00
N GLU XA 66 -83.70 -56.66 -4.28
CA GLU XA 66 -83.81 -56.66 -2.83
C GLU XA 66 -82.60 -57.35 -2.20
N PHE XA 67 -82.48 -57.20 -0.88
CA PHE XA 67 -81.28 -57.54 -0.13
C PHE XA 67 -81.63 -58.35 1.11
N ARG XA 68 -80.59 -58.87 1.73
CA ARG XA 68 -80.68 -59.39 3.09
C ARG XA 68 -80.34 -58.26 4.04
N ARG XA 69 -80.09 -58.57 5.32
CA ARG XA 69 -79.68 -57.57 6.28
C ARG XA 69 -78.43 -58.06 7.01
N VAL XA 70 -77.35 -57.32 6.87
CA VAL XA 70 -76.16 -57.49 7.71
C VAL XA 70 -76.51 -56.81 9.03
N PRO XA 71 -75.98 -57.28 10.20
CA PRO XA 71 -76.50 -56.78 11.48
C PRO XA 71 -76.32 -55.30 11.76
N ASP XA 72 -75.09 -54.81 11.91
CA ASP XA 72 -74.83 -53.41 12.26
C ASP XA 72 -73.33 -53.17 12.26
N ILE XA 73 -72.94 -51.89 12.27
CA ILE XA 73 -71.55 -51.53 12.51
C ILE XA 73 -71.18 -51.71 13.98
N THR XA 74 -72.13 -51.55 14.90
CA THR XA 74 -71.85 -51.61 16.34
C THR XA 74 -71.48 -53.01 16.80
N GLU XA 75 -71.84 -54.04 16.03
CA GLU XA 75 -71.51 -55.41 16.37
C GLU XA 75 -70.30 -55.91 15.60
N CYS XA 76 -69.45 -55.01 15.13
CA CYS XA 76 -68.14 -55.35 14.61
C CYS XA 76 -67.09 -54.91 15.64
N HIS XA 77 -65.92 -55.57 15.61
CA HIS XA 77 -64.89 -55.33 16.60
C HIS XA 77 -64.09 -54.06 16.30
N GLU XA 78 -62.92 -53.95 16.94
CA GLU XA 78 -62.08 -52.77 16.80
C GLU XA 78 -61.58 -52.59 15.38
N LYS XA 79 -61.18 -53.67 14.71
CA LYS XA 79 -60.55 -53.55 13.40
C LYS XA 79 -61.41 -54.07 12.26
N ASP XA 80 -61.76 -55.37 12.25
CA ASP XA 80 -62.78 -56.03 11.42
C ASP XA 80 -62.94 -55.54 9.98
N VAL XA 81 -61.92 -55.74 9.15
CA VAL XA 81 -61.88 -55.18 7.80
C VAL XA 81 -63.04 -55.70 6.95
N LEU XA 82 -63.46 -56.94 7.16
CA LEU XA 82 -64.51 -57.54 6.36
C LEU XA 82 -65.90 -57.46 6.98
N CYS XA 83 -66.01 -57.14 8.27
CA CYS XA 83 -67.32 -56.91 8.89
C CYS XA 83 -67.83 -55.50 8.59
N MET XA 84 -66.95 -54.51 8.82
CA MET XA 84 -67.27 -53.10 8.57
C MET XA 84 -67.55 -52.84 7.11
N PHE XA 85 -67.00 -53.65 6.20
CA PHE XA 85 -67.25 -53.47 4.77
C PHE XA 85 -68.73 -53.64 4.45
N GLU XA 86 -69.30 -54.77 4.87
CA GLU XA 86 -70.72 -55.02 4.72
C GLU XA 86 -71.55 -53.97 5.44
N ALA XA 87 -71.17 -53.64 6.67
CA ALA XA 87 -71.95 -52.70 7.47
C ALA XA 87 -72.00 -51.32 6.84
N GLU XA 88 -70.85 -50.84 6.37
CA GLU XA 88 -70.78 -49.48 5.85
C GLU XA 88 -71.36 -49.38 4.45
N MET XA 89 -71.26 -50.42 3.62
CA MET XA 89 -71.91 -50.31 2.32
C MET XA 89 -73.41 -50.42 2.45
N GLN XA 90 -73.90 -51.18 3.44
CA GLN XA 90 -75.33 -51.20 3.72
C GLN XA 90 -75.81 -49.83 4.20
N TRP XA 91 -75.01 -49.18 5.05
CA TRP XA 91 -75.34 -47.83 5.50
C TRP XA 91 -75.33 -46.83 4.36
N LYS XA 92 -74.40 -46.97 3.42
CA LYS XA 92 -74.33 -46.03 2.31
C LYS XA 92 -75.50 -46.21 1.35
N ARG XA 93 -75.97 -47.45 1.17
CA ARG XA 93 -77.18 -47.64 0.37
C ARG XA 93 -78.41 -47.05 1.07
N ASP XA 94 -78.45 -47.12 2.41
CA ASP XA 94 -79.51 -46.43 3.13
C ASP XA 94 -79.43 -44.92 2.94
N TYR XA 95 -78.22 -44.37 2.87
CA TYR XA 95 -78.06 -42.95 2.63
C TYR XA 95 -78.56 -42.56 1.24
N LYS XA 96 -78.34 -43.42 0.25
CA LYS XA 96 -78.84 -43.16 -1.11
C LYS XA 96 -80.36 -43.15 -1.16
N VAL XA 97 -80.99 -44.21 -0.61
CA VAL XA 97 -82.45 -44.28 -0.64
C VAL XA 97 -83.08 -43.17 0.21
N ASP XA 98 -82.35 -42.69 1.22
CA ASP XA 98 -82.87 -41.64 2.09
C ASP XA 98 -82.84 -40.28 1.41
N GLN XA 99 -81.77 -40.00 0.65
CA GLN XA 99 -81.77 -38.83 -0.23
C GLN XA 99 -82.94 -38.86 -1.20
N GLU XA 100 -83.24 -40.03 -1.77
CA GLU XA 100 -84.36 -40.06 -2.70
C GLU XA 100 -85.72 -39.91 -2.01
N ILE XA 101 -85.81 -40.30 -0.74
CA ILE XA 101 -87.01 -40.00 0.04
C ILE XA 101 -87.21 -38.50 0.18
N VAL XA 102 -86.13 -37.77 0.48
CA VAL XA 102 -86.25 -36.31 0.60
C VAL XA 102 -86.60 -35.69 -0.76
N ASN XA 103 -86.07 -36.25 -1.85
CA ASN XA 103 -86.45 -35.80 -3.20
C ASN XA 103 -87.94 -35.96 -3.47
N ILE XA 104 -88.51 -37.09 -3.05
CA ILE XA 104 -89.93 -37.34 -3.25
C ILE XA 104 -90.79 -36.39 -2.42
N ILE XA 105 -90.37 -36.10 -1.18
CA ILE XA 105 -91.16 -35.18 -0.36
C ILE XA 105 -91.08 -33.75 -0.90
N GLN XA 106 -89.94 -33.35 -1.46
CA GLN XA 106 -89.86 -32.03 -2.06
C GLN XA 106 -90.67 -31.95 -3.35
N GLU XA 107 -90.76 -33.06 -4.09
CA GLU XA 107 -91.68 -33.13 -5.23
C GLU XA 107 -93.12 -32.92 -4.81
N ARG XA 108 -93.53 -33.54 -3.68
CA ARG XA 108 -94.88 -33.34 -3.16
C ARG XA 108 -95.12 -31.88 -2.80
N LEU XA 109 -94.14 -31.24 -2.15
CA LEU XA 109 -94.31 -29.85 -1.75
C LEU XA 109 -94.45 -28.93 -2.95
N LYS XA 110 -93.66 -29.17 -4.00
CA LYS XA 110 -93.82 -28.40 -5.24
C LYS XA 110 -95.15 -28.66 -5.91
N ALA XA 111 -95.66 -29.88 -5.79
CA ALA XA 111 -96.96 -30.19 -6.37
C ALA XA 111 -98.07 -29.43 -5.65
N CYS XA 112 -98.01 -29.36 -4.32
CA CYS XA 112 -99.04 -28.63 -3.57
C CYS XA 112 -98.93 -27.14 -3.82
N GLN XA 113 -97.71 -26.64 -4.06
CA GLN XA 113 -97.57 -25.23 -4.40
C GLN XA 113 -98.18 -24.92 -5.75
N GLN XA 114 -97.89 -25.71 -6.77
CA GLN XA 114 -98.37 -25.33 -8.09
C GLN XA 114 -99.85 -25.62 -8.28
N ARG XA 115 -100.39 -26.64 -7.60
CA ARG XA 115 -101.83 -26.90 -7.71
C ARG XA 115 -102.67 -25.79 -7.11
N GLU XA 116 -102.39 -25.42 -5.85
CA GLU XA 116 -103.27 -24.55 -5.10
C GLU XA 116 -103.22 -23.10 -5.53
N GLY XA 117 -102.29 -22.72 -6.41
CA GLY XA 117 -102.27 -21.38 -6.93
C GLY XA 117 -101.86 -20.31 -5.94
N GLU XA 118 -102.81 -19.50 -5.49
CA GLU XA 118 -102.58 -18.53 -4.43
C GLU XA 118 -103.28 -18.94 -3.14
N SER XA 119 -103.95 -20.08 -3.14
CA SER XA 119 -104.56 -20.64 -1.93
C SER XA 119 -103.56 -21.55 -1.21
N HIS XA 120 -102.48 -20.93 -0.75
CA HIS XA 120 -101.38 -21.69 -0.17
C HIS XA 120 -101.73 -22.20 1.23
N ARG XA 121 -102.00 -21.28 2.14
CA ARG XA 121 -102.02 -21.63 3.55
C ARG XA 121 -103.27 -22.38 3.96
N GLN XA 122 -104.26 -22.43 3.08
CA GLN XA 122 -105.31 -23.42 3.17
C GLN XA 122 -104.92 -24.61 2.30
N ASN XA 123 -104.90 -25.79 2.92
CA ASN XA 123 -104.72 -27.09 2.24
C ASN XA 123 -103.33 -27.23 1.61
N CYS XA 124 -102.30 -26.68 2.27
CA CYS XA 124 -100.93 -27.13 2.06
C CYS XA 124 -100.12 -27.21 3.35
N ALA XA 125 -100.67 -26.84 4.51
CA ALA XA 125 -99.89 -26.80 5.73
C ALA XA 125 -99.54 -28.19 6.23
N LYS XA 126 -100.32 -29.21 5.86
CA LYS XA 126 -99.97 -30.59 6.17
C LYS XA 126 -98.63 -30.98 5.55
N GLU XA 127 -98.41 -30.58 4.30
CA GLU XA 127 -97.19 -30.98 3.62
C GLU XA 127 -95.99 -30.20 4.12
N LEU XA 128 -96.16 -28.92 4.42
CA LEU XA 128 -95.06 -28.16 5.02
C LEU XA 128 -94.73 -28.68 6.41
N GLN XA 129 -95.75 -29.14 7.14
CA GLN XA 129 -95.52 -29.69 8.47
C GLN XA 129 -94.73 -30.99 8.39
N GLN XA 130 -95.16 -31.92 7.54
CA GLN XA 130 -94.42 -33.18 7.42
C GLN XA 130 -93.06 -32.97 6.76
N PHE XA 131 -92.93 -31.93 5.93
CA PHE XA 131 -91.65 -31.65 5.29
C PHE XA 131 -90.64 -31.13 6.28
N THR XA 132 -91.05 -30.19 7.14
CA THR XA 132 -90.13 -29.72 8.18
C THR XA 132 -89.85 -30.82 9.21
N GLN XA 133 -90.80 -31.74 9.41
CA GLN XA 133 -90.53 -32.93 10.23
C GLN XA 133 -89.39 -33.76 9.66
N VAL XA 134 -89.55 -34.22 8.40
CA VAL XA 134 -88.57 -35.13 7.82
C VAL XA 134 -87.24 -34.42 7.59
N VAL XA 135 -87.26 -33.11 7.33
CA VAL XA 135 -86.00 -32.44 7.08
C VAL XA 135 -85.33 -32.03 8.39
N LYS XA 136 -86.10 -31.91 9.48
CA LYS XA 136 -85.47 -31.75 10.78
C LYS XA 136 -84.78 -33.03 11.20
N ALA XA 137 -85.38 -34.17 10.87
CA ALA XA 137 -84.71 -35.46 11.07
C ALA XA 137 -83.41 -35.55 10.26
N TYR XA 138 -83.46 -35.12 9.00
CA TYR XA 138 -82.28 -35.20 8.14
C TYR XA 138 -81.17 -34.26 8.59
N GLN XA 139 -81.55 -33.03 8.95
CA GLN XA 139 -80.63 -32.06 9.53
C GLN XA 139 -79.99 -32.58 10.81
N ASP XA 140 -80.77 -33.28 11.64
CA ASP XA 140 -80.21 -33.80 12.88
C ASP XA 140 -79.28 -34.97 12.63
N ARG XA 141 -79.52 -35.75 11.58
CA ARG XA 141 -78.78 -37.00 11.44
C ARG XA 141 -77.62 -36.93 10.45
N TYR XA 142 -77.85 -36.51 9.21
CA TYR XA 142 -76.85 -36.69 8.17
C TYR XA 142 -76.11 -35.42 7.78
N HIS XA 143 -76.23 -34.34 8.56
CA HIS XA 143 -75.81 -33.05 8.03
C HIS XA 143 -74.34 -32.76 8.28
N ASP XA 144 -73.95 -32.66 9.55
CA ASP XA 144 -72.65 -32.11 9.90
C ASP XA 144 -71.59 -33.22 10.00
N LEU XA 145 -71.47 -34.02 8.95
CA LEU XA 145 -70.53 -35.14 8.95
C LEU XA 145 -69.47 -35.03 7.88
N GLY XA 146 -69.37 -33.91 7.19
CA GLY XA 146 -68.29 -33.71 6.25
C GLY XA 146 -68.42 -34.54 4.99
N ALA XA 147 -67.33 -34.54 4.23
CA ALA XA 147 -67.31 -35.19 2.93
C ALA XA 147 -66.75 -36.59 2.97
N HIS XA 148 -65.77 -36.87 3.83
CA HIS XA 148 -65.25 -38.22 3.95
C HIS XA 148 -66.03 -39.04 4.96
N TYR XA 149 -67.34 -39.10 4.78
CA TYR XA 149 -68.17 -39.97 5.59
C TYR XA 149 -67.97 -41.40 5.14
N SER XA 150 -67.80 -42.32 6.09
CA SER XA 150 -67.78 -43.73 5.75
C SER XA 150 -68.97 -44.45 6.36
N ALA XA 151 -69.00 -44.63 7.68
CA ALA XA 151 -70.24 -44.64 8.46
C ALA XA 151 -69.91 -44.17 9.87
N ARG XA 152 -68.61 -44.16 10.19
CA ARG XA 152 -68.19 -44.12 11.58
C ARG XA 152 -68.41 -42.74 12.20
N LYS XA 153 -68.30 -41.71 11.38
CA LYS XA 153 -68.57 -40.36 11.87
C LYS XA 153 -70.05 -40.19 12.18
N CYS XA 154 -70.93 -40.92 11.50
CA CYS XA 154 -72.34 -40.87 11.84
C CYS XA 154 -72.61 -41.46 13.22
N LEU XA 155 -71.89 -42.54 13.57
CA LEU XA 155 -72.02 -43.11 14.90
C LEU XA 155 -71.47 -42.17 15.95
N ALA XA 156 -70.36 -41.50 15.65
CA ALA XA 156 -69.79 -40.57 16.61
C ALA XA 156 -70.70 -39.37 16.83
N LYS XA 157 -71.31 -38.86 15.76
CA LYS XA 157 -72.29 -37.80 15.89
C LYS XA 157 -73.53 -38.25 16.66
N GLN XA 158 -73.92 -39.52 16.47
CA GLN XA 158 -75.06 -40.07 17.20
C GLN XA 158 -74.80 -40.12 18.69
N LYS XA 159 -73.63 -40.67 19.07
CA LYS XA 159 -73.22 -40.70 20.47
C LYS XA 159 -73.12 -39.30 21.05
N GLN XA 160 -72.57 -38.37 20.27
CA GLN XA 160 -72.40 -37.00 20.75
C GLN XA 160 -73.73 -36.32 21.00
N ARG XA 161 -74.69 -36.54 20.10
CA ARG XA 161 -75.98 -35.88 20.22
C ARG XA 161 -76.79 -36.43 21.39
N MET XA 162 -76.87 -37.76 21.50
CA MET XA 162 -77.66 -38.29 22.62
C MET XA 162 -76.95 -38.08 23.95
N LEU XA 163 -75.62 -37.99 23.95
CA LEU XA 163 -74.89 -37.70 25.19
C LEU XA 163 -75.14 -36.27 25.64
N ALA XA 164 -75.11 -35.32 24.70
CA ALA XA 164 -75.39 -33.93 25.05
C ALA XA 164 -76.83 -33.74 25.52
N GLU XA 165 -77.79 -34.39 24.84
CA GLU XA 165 -79.19 -34.26 25.25
C GLU XA 165 -79.44 -34.92 26.59
N ARG XA 166 -78.80 -36.07 26.86
CA ARG XA 166 -78.94 -36.75 28.13
C ARG XA 166 -78.36 -35.91 29.27
N LYS XA 167 -77.18 -35.32 29.05
CA LYS XA 167 -76.57 -34.50 30.09
C LYS XA 167 -77.35 -33.22 30.34
N ALA XA 168 -77.91 -32.63 29.28
CA ALA XA 168 -78.71 -31.42 29.43
C ALA XA 168 -80.00 -31.70 30.19
N THR XA 169 -80.72 -32.77 29.81
CA THR XA 169 -81.95 -33.08 30.53
C THR XA 169 -81.69 -33.63 31.93
N LYS XA 170 -80.48 -34.14 32.19
CA LYS XA 170 -80.19 -34.60 33.54
C LYS XA 170 -79.91 -33.44 34.46
N GLU XA 171 -79.03 -32.52 34.03
CA GLU XA 171 -78.70 -31.40 34.90
C GLU XA 171 -79.72 -30.27 34.81
N ALA XA 172 -80.74 -30.38 33.95
CA ALA XA 172 -81.90 -29.50 34.02
C ALA XA 172 -83.15 -30.23 34.49
N ALA XA 173 -83.06 -31.52 34.80
CA ALA XA 173 -84.18 -32.26 35.34
C ALA XA 173 -84.28 -32.04 36.84
N LEU YA 1 -10.27 -59.58 -37.17
CA LEU YA 1 -8.91 -59.46 -36.68
C LEU YA 1 -8.81 -59.87 -35.21
N GLN YA 2 -7.58 -60.14 -34.75
CA GLN YA 2 -7.36 -60.45 -33.34
C GLN YA 2 -5.92 -60.05 -33.00
N TYR YA 3 -5.76 -58.88 -32.38
CA TYR YA 3 -4.46 -58.41 -31.91
C TYR YA 3 -4.65 -57.63 -30.62
N GLY YA 4 -3.79 -57.92 -29.64
CA GLY YA 4 -3.90 -57.30 -28.34
C GLY YA 4 -2.77 -57.73 -27.42
N PRO YA 5 -2.92 -57.46 -26.12
CA PRO YA 5 -1.88 -57.87 -25.18
C PRO YA 5 -1.94 -59.36 -24.86
N LEU YA 6 -3.15 -59.94 -24.89
CA LEU YA 6 -3.28 -61.36 -24.63
C LEU YA 6 -2.67 -62.19 -25.75
N ALA YA 7 -2.91 -61.79 -26.99
CA ALA YA 7 -2.24 -62.41 -28.13
C ALA YA 7 -0.74 -62.11 -28.14
N TYR YA 8 -0.32 -61.01 -27.53
CA TYR YA 8 1.10 -60.74 -27.39
C TYR YA 8 1.76 -61.70 -26.41
N ILE YA 9 1.13 -61.91 -25.26
CA ILE YA 9 1.72 -62.78 -24.25
C ILE YA 9 1.68 -64.24 -24.69
N LEU YA 10 0.52 -64.70 -25.14
CA LEU YA 10 0.39 -66.06 -25.65
C LEU YA 10 1.18 -66.27 -26.94
N GLY YA 11 1.46 -65.19 -27.68
CA GLY YA 11 2.32 -65.26 -28.83
C GLY YA 11 3.77 -65.05 -28.47
N GLU YA 12 4.60 -65.07 -29.51
CA GLU YA 12 6.05 -65.03 -29.37
C GLU YA 12 6.55 -63.71 -28.79
N LYS YA 13 6.48 -62.64 -29.59
CA LYS YA 13 7.16 -61.37 -29.33
C LYS YA 13 6.59 -60.25 -30.19
N THR YA 14 7.31 -59.12 -30.22
CA THR YA 14 7.11 -58.09 -31.23
C THR YA 14 8.45 -57.52 -31.72
N THR YA 15 9.56 -58.19 -31.44
CA THR YA 15 10.90 -57.64 -31.54
C THR YA 15 11.69 -58.17 -32.72
N LYS YA 16 11.56 -59.47 -33.02
CA LYS YA 16 12.45 -60.19 -33.93
C LYS YA 16 12.32 -59.83 -35.41
N LYS YA 17 11.56 -58.79 -35.72
CA LYS YA 17 11.36 -58.36 -37.10
C LYS YA 17 12.25 -57.16 -37.42
N MET YA 18 13.56 -57.36 -37.35
CA MET YA 18 14.57 -56.33 -37.56
C MET YA 18 15.79 -57.00 -38.18
N THR YA 19 16.51 -56.31 -39.07
CA THR YA 19 16.35 -54.91 -39.48
C THR YA 19 16.79 -54.77 -40.94
N GLU YA 20 17.13 -53.55 -41.36
CA GLU YA 20 17.78 -53.14 -42.60
C GLU YA 20 16.83 -53.13 -43.77
N ASN YA 21 15.60 -53.54 -43.61
CA ASN YA 21 14.56 -53.32 -44.61
C ASN YA 21 13.36 -52.62 -43.99
N SER YA 22 13.04 -52.94 -42.75
CA SER YA 22 12.01 -52.23 -42.01
C SER YA 22 12.57 -50.89 -41.56
N LYS YA 23 12.14 -49.81 -42.21
CA LYS YA 23 12.65 -48.48 -41.91
C LYS YA 23 11.71 -47.41 -42.45
N LEU YA 24 11.74 -46.25 -41.81
CA LEU YA 24 10.99 -45.07 -42.24
C LEU YA 24 11.92 -44.18 -43.04
N ILE YA 25 11.96 -44.39 -44.35
CA ILE YA 25 12.68 -43.46 -45.21
C ILE YA 25 11.67 -42.43 -45.68
N THR YA 26 12.03 -41.15 -45.61
CA THR YA 26 11.05 -40.09 -45.82
C THR YA 26 11.67 -39.03 -46.71
N VAL YA 27 11.25 -39.00 -47.97
CA VAL YA 27 11.74 -38.02 -48.92
C VAL YA 27 10.82 -36.81 -48.83
N ASP YA 28 11.37 -35.70 -48.36
CA ASP YA 28 10.60 -34.48 -48.23
C ASP YA 28 11.29 -33.34 -48.97
N GLY YA 29 10.52 -32.31 -49.28
CA GLY YA 29 11.08 -31.19 -49.99
C GLY YA 29 10.02 -30.16 -50.32
N ASN YA 30 10.36 -29.31 -51.26
CA ASN YA 30 9.53 -28.19 -51.63
C ASN YA 30 8.40 -28.65 -52.54
N ILE YA 31 7.39 -27.81 -52.70
CA ILE YA 31 6.26 -28.14 -53.54
C ILE YA 31 6.69 -28.18 -55.00
N CYS YA 32 5.98 -28.99 -55.80
CA CYS YA 32 6.14 -29.24 -57.24
C CYS YA 32 7.43 -29.99 -57.58
N SER YA 33 8.31 -30.25 -56.60
CA SER YA 33 9.56 -30.95 -56.85
C SER YA 33 9.63 -32.29 -56.14
N GLY YA 34 9.50 -32.32 -54.83
CA GLY YA 34 9.63 -33.57 -54.11
C GLY YA 34 8.31 -34.29 -54.02
N LYS YA 35 8.09 -35.20 -54.96
CA LYS YA 35 6.82 -35.89 -55.08
C LYS YA 35 7.08 -37.29 -55.64
N SER YA 36 6.03 -37.89 -56.21
CA SER YA 36 5.96 -39.32 -56.51
C SER YA 36 7.05 -39.82 -57.44
N LYS YA 37 7.73 -38.94 -58.18
CA LYS YA 37 8.80 -39.36 -59.06
C LYS YA 37 9.93 -40.03 -58.30
N LEU YA 38 10.59 -39.28 -57.42
CA LEU YA 38 11.75 -39.80 -56.70
C LEU YA 38 11.34 -40.85 -55.68
N ALA YA 39 10.17 -40.67 -55.05
CA ALA YA 39 9.70 -41.62 -54.06
C ALA YA 39 9.33 -42.96 -54.70
N LYS YA 40 8.70 -42.93 -55.87
CA LYS YA 40 8.42 -44.20 -56.52
C LYS YA 40 9.65 -44.79 -57.21
N GLU YA 41 10.65 -43.95 -57.54
CA GLU YA 41 11.94 -44.50 -57.96
C GLU YA 41 12.60 -45.31 -56.83
N VAL YA 42 12.58 -44.78 -55.61
CA VAL YA 42 13.23 -45.54 -54.54
C VAL YA 42 12.34 -46.70 -54.11
N ALA YA 43 11.02 -46.60 -54.29
CA ALA YA 43 10.14 -47.73 -54.02
C ALA YA 43 10.35 -48.85 -55.04
N GLU YA 44 10.67 -48.48 -56.28
CA GLU YA 44 11.15 -49.45 -57.26
C GLU YA 44 12.45 -50.09 -56.79
N LYS YA 45 13.49 -49.28 -56.66
CA LYS YA 45 14.85 -49.80 -56.56
C LYS YA 45 15.23 -50.20 -55.15
N LEU YA 46 14.28 -50.26 -54.20
CA LEU YA 46 14.61 -50.78 -52.89
C LEU YA 46 13.76 -51.99 -52.50
N GLY YA 47 12.59 -52.17 -53.10
CA GLY YA 47 11.74 -53.29 -52.73
C GLY YA 47 11.10 -53.03 -51.38
N LEU YA 48 10.26 -52.01 -51.33
CA LEU YA 48 9.82 -51.39 -50.09
C LEU YA 48 8.58 -50.57 -50.39
N LYS YA 49 7.59 -50.63 -49.50
CA LYS YA 49 6.28 -50.13 -49.85
C LYS YA 49 6.22 -48.61 -49.81
N HIS YA 50 5.16 -48.09 -50.42
CA HIS YA 50 5.07 -46.68 -50.77
C HIS YA 50 3.68 -46.20 -50.39
N PHE YA 51 3.56 -44.88 -50.17
CA PHE YA 51 2.26 -44.27 -49.95
C PHE YA 51 2.09 -43.09 -50.90
N PRO YA 52 0.94 -42.96 -51.55
CA PRO YA 52 0.73 -41.88 -52.52
C PRO YA 52 0.54 -40.51 -51.88
N GLU YA 53 0.16 -39.54 -52.70
CA GLU YA 53 -0.04 -38.15 -52.29
C GLU YA 53 -1.05 -38.01 -51.16
N ALA YA 54 -0.57 -37.66 -49.97
CA ALA YA 54 -1.43 -37.56 -48.80
C ALA YA 54 -2.20 -36.24 -48.87
N GLY YA 55 -3.39 -36.29 -49.44
CA GLY YA 55 -4.18 -35.10 -49.67
C GLY YA 55 -5.46 -35.05 -48.86
N ILE YA 56 -6.51 -34.50 -49.47
CA ILE YA 56 -7.76 -34.28 -48.75
C ILE YA 56 -8.47 -35.60 -48.50
N HIS YA 57 -8.73 -36.36 -49.57
CA HIS YA 57 -9.58 -37.53 -49.48
C HIS YA 57 -8.82 -38.82 -49.19
N TYR YA 58 -7.70 -38.74 -48.48
CA TYR YA 58 -7.05 -39.95 -48.00
C TYR YA 58 -7.92 -40.66 -46.97
N ALA YA 59 -8.64 -39.89 -46.15
CA ALA YA 59 -9.58 -40.47 -45.19
C ALA YA 59 -10.75 -41.16 -45.87
N ASP YA 60 -11.05 -40.78 -47.12
CA ASP YA 60 -11.96 -41.57 -47.94
C ASP YA 60 -11.25 -42.80 -48.51
N SER YA 61 -9.99 -42.65 -48.92
CA SER YA 61 -9.28 -43.73 -49.57
C SER YA 61 -8.86 -44.84 -48.61
N THR YA 62 -8.89 -44.58 -47.31
CA THR YA 62 -8.38 -45.55 -46.35
C THR YA 62 -9.40 -46.62 -45.95
N THR YA 63 -10.65 -46.50 -46.38
CA THR YA 63 -11.68 -47.43 -45.93
C THR YA 63 -12.78 -47.52 -46.97
N GLY YA 64 -13.55 -48.60 -46.87
CA GLY YA 64 -14.65 -48.87 -47.78
C GLY YA 64 -14.13 -49.05 -49.20
N ASP YA 65 -14.61 -48.20 -50.10
CA ASP YA 65 -13.98 -48.01 -51.39
C ASP YA 65 -13.24 -46.68 -51.36
N GLY YA 66 -12.29 -46.52 -52.28
CA GLY YA 66 -11.45 -45.34 -52.29
C GLY YA 66 -12.03 -44.18 -53.06
N LYS YA 67 -13.35 -44.04 -53.01
CA LYS YA 67 -14.02 -42.99 -53.73
C LYS YA 67 -13.81 -41.66 -53.03
N PRO YA 68 -13.33 -40.65 -53.71
CA PRO YA 68 -13.29 -39.31 -53.11
C PRO YA 68 -14.67 -38.72 -52.94
N LEU YA 69 -15.15 -38.69 -51.70
CA LEU YA 69 -16.42 -38.08 -51.39
C LEU YA 69 -16.32 -36.57 -51.57
N PRO YA 70 -17.42 -35.90 -51.92
CA PRO YA 70 -17.36 -34.45 -52.13
C PRO YA 70 -17.10 -33.68 -50.84
N VAL YA 71 -16.90 -32.37 -51.00
CA VAL YA 71 -16.37 -31.54 -49.91
C VAL YA 71 -17.41 -31.20 -48.86
N ARG YA 72 -18.63 -31.70 -48.98
CA ARG YA 72 -19.59 -31.60 -47.89
C ARG YA 72 -19.38 -32.67 -46.84
N PHE YA 73 -18.51 -33.65 -47.09
CA PHE YA 73 -18.29 -34.72 -46.15
C PHE YA 73 -16.80 -34.93 -45.91
N SER YA 74 -16.00 -34.58 -46.90
CA SER YA 74 -14.55 -34.68 -46.80
C SER YA 74 -13.87 -33.33 -46.82
N GLY YA 75 -14.63 -32.25 -46.93
CA GLY YA 75 -14.04 -30.92 -46.90
C GLY YA 75 -13.97 -30.36 -45.51
N ASN YA 76 -14.33 -29.10 -45.31
CA ASN YA 76 -14.71 -28.18 -46.38
C ASN YA 76 -13.52 -27.36 -46.82
N CYS YA 77 -12.56 -28.03 -47.45
CA CYS YA 77 -11.24 -27.45 -47.68
C CYS YA 77 -11.26 -26.41 -48.78
N SER YA 78 -11.73 -26.79 -49.97
CA SER YA 78 -11.76 -25.97 -51.18
C SER YA 78 -10.35 -25.50 -51.55
N LEU YA 79 -9.52 -26.48 -51.92
CA LEU YA 79 -8.12 -26.26 -52.24
C LEU YA 79 -7.96 -25.33 -53.44
N GLU YA 80 -8.82 -25.49 -54.44
CA GLU YA 80 -8.77 -24.60 -55.60
C GLU YA 80 -9.20 -23.18 -55.24
N LYS YA 81 -10.14 -23.03 -54.29
CA LYS YA 81 -10.44 -21.69 -53.80
C LYS YA 81 -9.29 -21.12 -52.98
N PHE YA 82 -8.53 -21.98 -52.29
CA PHE YA 82 -7.37 -21.50 -51.56
C PHE YA 82 -6.27 -21.02 -52.50
N TYR YA 83 -6.10 -21.70 -53.63
CA TYR YA 83 -5.13 -21.23 -54.60
C TYR YA 83 -5.64 -20.07 -55.42
N ASP YA 84 -6.95 -19.88 -55.52
CA ASP YA 84 -7.47 -18.69 -56.19
C ASP YA 84 -7.30 -17.46 -55.30
N ASP YA 85 -7.97 -17.45 -54.15
CA ASP YA 85 -7.97 -16.29 -53.25
C ASP YA 85 -7.83 -16.75 -51.81
N PRO YA 86 -6.59 -16.75 -51.27
CA PRO YA 86 -6.37 -17.16 -49.88
C PRO YA 86 -6.50 -16.01 -48.88
N LYS YA 87 -7.61 -15.26 -48.98
CA LYS YA 87 -7.76 -14.07 -48.15
C LYS YA 87 -9.14 -13.94 -47.54
N SER YA 88 -10.00 -14.95 -47.65
CA SER YA 88 -11.43 -14.77 -47.37
C SER YA 88 -11.70 -14.67 -45.88
N ASN YA 89 -12.74 -13.90 -45.54
CA ASN YA 89 -13.16 -13.77 -44.15
C ASN YA 89 -13.84 -15.04 -43.66
N ASP YA 90 -14.44 -15.81 -44.57
CA ASP YA 90 -15.24 -16.98 -44.23
C ASP YA 90 -14.41 -18.19 -43.84
N GLY YA 91 -13.09 -18.14 -43.96
CA GLY YA 91 -12.27 -19.20 -43.44
C GLY YA 91 -11.99 -20.25 -44.50
N ASN YA 92 -10.79 -20.22 -45.07
CA ASN YA 92 -10.42 -21.19 -46.09
C ASN YA 92 -9.01 -21.71 -45.92
N SER YA 93 -8.17 -21.08 -45.10
CA SER YA 93 -6.81 -21.52 -44.91
C SER YA 93 -6.71 -22.56 -43.81
N TYR YA 94 -7.28 -22.26 -42.65
CA TYR YA 94 -6.97 -23.08 -41.49
C TYR YA 94 -7.75 -24.39 -41.48
N ARG YA 95 -8.98 -24.39 -41.97
CA ARG YA 95 -9.74 -25.64 -42.08
C ARG YA 95 -9.02 -26.61 -43.01
N LEU YA 96 -8.50 -26.09 -44.12
CA LEU YA 96 -7.67 -26.87 -45.02
C LEU YA 96 -6.39 -27.36 -44.34
N GLN YA 97 -5.77 -26.50 -43.54
CA GLN YA 97 -4.53 -26.87 -42.87
C GLN YA 97 -4.76 -27.96 -41.82
N ALA YA 98 -5.81 -27.82 -41.02
CA ALA YA 98 -6.11 -28.82 -40.00
C ALA YA 98 -6.55 -30.13 -40.61
N TRP YA 99 -7.26 -30.07 -41.74
CA TRP YA 99 -7.63 -31.29 -42.46
C TRP YA 99 -6.41 -32.00 -43.01
N LEU YA 100 -5.47 -31.24 -43.58
CA LEU YA 100 -4.23 -31.84 -44.05
C LEU YA 100 -3.42 -32.43 -42.90
N TYR YA 101 -3.44 -31.76 -41.73
CA TYR YA 101 -2.73 -32.27 -40.57
C TYR YA 101 -3.31 -33.58 -40.09
N ALA YA 102 -4.64 -33.67 -40.01
CA ALA YA 102 -5.27 -34.90 -39.54
C ALA YA 102 -5.09 -36.03 -40.56
N SER YA 103 -5.14 -35.71 -41.86
CA SER YA 103 -4.99 -36.76 -42.86
C SER YA 103 -3.55 -37.27 -42.94
N ARG YA 104 -2.58 -36.36 -42.82
CA ARG YA 104 -1.20 -36.78 -42.75
C ARG YA 104 -0.88 -37.53 -41.48
N LEU YA 105 -1.54 -37.20 -40.36
CA LEU YA 105 -1.33 -37.99 -39.14
C LEU YA 105 -1.91 -39.38 -39.31
N LEU YA 106 -3.02 -39.49 -40.03
CA LEU YA 106 -3.60 -40.80 -40.33
C LEU YA 106 -2.67 -41.64 -41.19
N GLN YA 107 -2.11 -41.05 -42.26
CA GLN YA 107 -1.24 -41.83 -43.12
C GLN YA 107 0.10 -42.13 -42.44
N TYR YA 108 0.53 -41.25 -41.53
CA TYR YA 108 1.72 -41.53 -40.75
C TYR YA 108 1.49 -42.69 -39.80
N ALA YA 109 0.30 -42.75 -39.19
CA ALA YA 109 -0.02 -43.90 -38.34
C ALA YA 109 -0.15 -45.17 -39.15
N ASP YA 110 -0.67 -45.09 -40.38
CA ASP YA 110 -0.72 -46.24 -41.27
C ASP YA 110 0.68 -46.75 -41.59
N ALA YA 111 1.59 -45.83 -41.89
CA ALA YA 111 2.98 -46.19 -42.19
C ALA YA 111 3.66 -46.82 -40.97
N LEU YA 112 3.44 -46.25 -39.79
CA LEU YA 112 4.10 -46.79 -38.61
C LEU YA 112 3.50 -48.13 -38.19
N GLU YA 113 2.19 -48.30 -38.40
CA GLU YA 113 1.54 -49.57 -38.08
C GLU YA 113 1.99 -50.68 -39.01
N HIS YA 114 2.08 -50.40 -40.31
CA HIS YA 114 2.57 -51.42 -41.23
C HIS YA 114 4.06 -51.67 -41.05
N LEU YA 115 4.81 -50.66 -40.58
CA LEU YA 115 6.20 -50.88 -40.23
C LEU YA 115 6.34 -51.83 -39.05
N LEU YA 116 5.53 -51.62 -38.01
CA LEU YA 116 5.61 -52.52 -36.86
C LEU YA 116 5.07 -53.90 -37.21
N SER YA 117 4.17 -54.00 -38.18
CA SER YA 117 3.67 -55.30 -38.63
C SER YA 117 4.68 -55.91 -39.61
N THR YA 118 5.78 -56.42 -39.03
CA THR YA 118 6.73 -57.38 -39.61
C THR YA 118 7.63 -56.75 -40.69
N GLY YA 119 7.34 -55.52 -41.08
CA GLY YA 119 8.04 -54.88 -42.18
C GLY YA 119 7.08 -54.56 -43.31
N GLN YA 120 7.64 -54.22 -44.47
CA GLN YA 120 9.08 -54.23 -44.72
C GLN YA 120 9.58 -52.82 -45.00
N GLY YA 121 9.16 -51.87 -44.16
CA GLY YA 121 9.61 -50.51 -44.31
C GLY YA 121 8.80 -49.71 -45.30
N VAL YA 122 8.73 -48.40 -45.12
CA VAL YA 122 7.97 -47.55 -46.03
C VAL YA 122 8.74 -46.28 -46.35
N VAL YA 123 8.43 -45.74 -47.52
CA VAL YA 123 8.91 -44.43 -47.96
C VAL YA 123 7.74 -43.46 -47.90
N LEU YA 124 7.99 -42.29 -47.34
CA LEU YA 124 6.94 -41.31 -47.13
C LEU YA 124 7.29 -40.00 -47.80
N GLU YA 125 6.28 -39.16 -47.97
CA GLU YA 125 6.46 -37.83 -48.49
C GLU YA 125 5.58 -36.88 -47.69
N ARG YA 126 6.17 -35.72 -47.36
CA ARG YA 126 5.47 -34.57 -46.79
C ARG YA 126 4.75 -34.95 -45.49
N SER YA 127 5.54 -35.26 -44.48
CA SER YA 127 5.01 -35.71 -43.20
C SER YA 127 4.49 -34.54 -42.39
N ILE YA 128 4.17 -34.78 -41.12
CA ILE YA 128 3.46 -33.79 -40.33
C ILE YA 128 4.37 -32.66 -39.83
N TYR YA 129 5.67 -32.92 -39.73
CA TYR YA 129 6.63 -31.88 -39.38
C TYR YA 129 6.67 -30.82 -40.48
N SER YA 130 6.67 -31.28 -41.72
CA SER YA 130 6.59 -30.39 -42.86
C SER YA 130 5.27 -29.64 -42.91
N ASP YA 131 4.19 -30.23 -42.40
CA ASP YA 131 2.90 -29.51 -42.35
C ASP YA 131 2.94 -28.39 -41.32
N PHE YA 132 3.62 -28.63 -40.19
CA PHE YA 132 3.90 -27.56 -39.23
C PHE YA 132 4.65 -26.42 -39.90
N VAL YA 133 5.68 -26.76 -40.68
CA VAL YA 133 6.44 -25.74 -41.40
C VAL YA 133 5.58 -25.03 -42.43
N PHE YA 134 4.66 -25.77 -43.06
CA PHE YA 134 3.80 -25.23 -44.10
C PHE YA 134 2.85 -24.17 -43.54
N LEU YA 135 2.25 -24.46 -42.39
CA LEU YA 135 1.38 -23.47 -41.75
C LEU YA 135 2.18 -22.29 -41.23
N GLU YA 136 3.39 -22.53 -40.70
CA GLU YA 136 4.20 -21.41 -40.23
C GLU YA 136 4.61 -20.49 -41.37
N ALA YA 137 4.84 -21.06 -42.56
CA ALA YA 137 5.17 -20.26 -43.74
C ALA YA 137 3.97 -19.44 -44.20
N MET YA 138 2.79 -20.07 -44.29
CA MET YA 138 1.66 -19.25 -44.70
C MET YA 138 1.13 -18.36 -43.60
N TYR YA 139 1.64 -18.48 -42.37
CA TYR YA 139 1.45 -17.42 -41.39
C TYR YA 139 2.41 -16.27 -41.63
N ARG YA 140 3.66 -16.58 -42.03
CA ARG YA 140 4.59 -15.53 -42.44
C ARG YA 140 4.07 -14.73 -43.63
N GLN YA 141 3.29 -15.36 -44.50
CA GLN YA 141 2.60 -14.60 -45.54
C GLN YA 141 1.48 -13.72 -44.99
N GLY YA 142 0.99 -13.99 -43.78
CA GLY YA 142 -0.05 -13.17 -43.19
C GLY YA 142 -1.44 -13.56 -43.66
N PHE YA 143 -1.75 -14.85 -43.60
CA PHE YA 143 -3.03 -15.36 -44.02
C PHE YA 143 -3.87 -15.93 -42.88
N ILE YA 144 -3.30 -16.06 -41.69
CA ILE YA 144 -3.96 -16.67 -40.54
C ILE YA 144 -3.73 -15.76 -39.34
N ARG YA 145 -4.81 -15.42 -38.64
CA ARG YA 145 -4.67 -14.69 -37.39
C ARG YA 145 -3.95 -15.55 -36.36
N LYS YA 146 -3.04 -14.91 -35.61
CA LYS YA 146 -2.03 -15.60 -34.81
C LYS YA 146 -2.62 -16.45 -33.68
N GLN YA 147 -3.82 -16.10 -33.21
CA GLN YA 147 -4.54 -16.91 -32.24
C GLN YA 147 -4.81 -18.32 -32.76
N CYS YA 148 -5.13 -18.43 -34.04
CA CYS YA 148 -5.43 -19.72 -34.62
C CYS YA 148 -4.15 -20.52 -34.88
N VAL YA 149 -3.03 -19.81 -35.12
CA VAL YA 149 -1.72 -20.43 -35.13
C VAL YA 149 -1.41 -21.02 -33.76
N ASP YA 150 -1.78 -20.30 -32.70
CA ASP YA 150 -1.60 -20.82 -31.34
C ASP YA 150 -2.45 -22.05 -31.10
N HIS YA 151 -3.64 -22.10 -31.70
CA HIS YA 151 -4.47 -23.30 -31.61
C HIS YA 151 -3.79 -24.50 -32.25
N TYR YA 152 -3.25 -24.32 -33.47
CA TYR YA 152 -2.52 -25.40 -34.13
C TYR YA 152 -1.28 -25.78 -33.35
N ASN YA 153 -0.63 -24.80 -32.72
CA ASN YA 153 0.57 -25.07 -31.97
C ASN YA 153 0.26 -25.87 -30.73
N GLN YA 154 -0.91 -25.64 -30.13
CA GLN YA 154 -1.33 -26.45 -28.99
C GLN YA 154 -1.65 -27.88 -29.43
N VAL YA 155 -2.25 -28.04 -30.62
CA VAL YA 155 -2.50 -29.37 -31.17
C VAL YA 155 -1.18 -30.12 -31.37
N LYS YA 156 -0.19 -29.44 -31.93
CA LYS YA 156 1.09 -30.08 -32.23
C LYS YA 156 1.86 -30.40 -30.95
N LYS YA 157 1.72 -29.57 -29.91
CA LYS YA 157 2.34 -29.88 -28.62
C LYS YA 157 1.68 -31.10 -27.98
N VAL YA 158 0.37 -31.26 -28.15
CA VAL YA 158 -0.31 -32.37 -27.51
C VAL YA 158 -0.02 -33.68 -28.22
N THR YA 159 -0.12 -33.71 -29.56
CA THR YA 159 -0.20 -35.00 -30.23
C THR YA 159 1.15 -35.67 -30.42
N VAL YA 160 2.09 -35.02 -31.11
CA VAL YA 160 3.20 -35.74 -31.72
C VAL YA 160 4.28 -36.06 -30.69
N CYS YA 161 4.23 -35.40 -29.54
CA CYS YA 161 5.30 -35.48 -28.55
C CYS YA 161 5.33 -36.80 -27.79
N GLU YA 162 4.46 -37.77 -28.12
CA GLU YA 162 4.54 -39.12 -27.57
C GLU YA 162 4.67 -40.18 -28.66
N TYR YA 163 5.11 -39.80 -29.85
CA TYR YA 163 5.34 -40.73 -30.94
C TYR YA 163 6.84 -40.80 -31.26
N LEU YA 164 7.17 -41.50 -32.34
CA LEU YA 164 8.55 -41.56 -32.77
C LEU YA 164 8.78 -40.75 -34.03
N PRO YA 165 9.94 -40.14 -34.16
CA PRO YA 165 10.30 -39.49 -35.41
C PRO YA 165 10.65 -40.53 -36.48
N PRO YA 166 10.72 -40.15 -37.75
CA PRO YA 166 11.13 -41.11 -38.78
C PRO YA 166 12.60 -41.50 -38.65
N HIS YA 167 13.00 -42.48 -39.45
CA HIS YA 167 14.41 -42.84 -39.48
C HIS YA 167 15.22 -41.82 -40.26
N VAL YA 168 14.99 -41.68 -41.57
CA VAL YA 168 15.84 -40.79 -42.33
C VAL YA 168 15.00 -39.82 -43.16
N VAL YA 169 15.56 -38.63 -43.36
CA VAL YA 169 14.92 -37.55 -44.10
C VAL YA 169 15.79 -37.22 -45.29
N ILE YA 170 15.24 -37.37 -46.48
CA ILE YA 170 15.96 -37.07 -47.70
C ILE YA 170 15.38 -35.78 -48.25
N TYR YA 171 16.15 -34.71 -48.15
CA TYR YA 171 15.65 -33.40 -48.51
C TYR YA 171 15.95 -33.09 -49.97
N VAL YA 172 14.98 -32.52 -50.65
CA VAL YA 172 15.13 -32.02 -52.02
C VAL YA 172 15.16 -30.51 -51.96
N ASP YA 173 16.14 -29.90 -52.65
CA ASP YA 173 16.23 -28.45 -52.75
C ASP YA 173 16.14 -28.06 -54.21
N VAL YA 174 15.11 -27.29 -54.55
CA VAL YA 174 14.95 -26.70 -55.88
C VAL YA 174 14.65 -25.22 -55.69
N PRO YA 175 15.33 -24.31 -56.39
CA PRO YA 175 15.10 -22.87 -56.20
C PRO YA 175 13.78 -22.37 -56.75
N VAL YA 176 13.59 -21.05 -56.72
CA VAL YA 176 12.28 -20.45 -57.00
C VAL YA 176 11.91 -20.60 -58.47
N SER YA 177 12.81 -20.18 -59.37
CA SER YA 177 12.49 -20.11 -60.79
C SER YA 177 12.31 -21.48 -61.41
N GLU YA 178 13.02 -22.49 -60.89
CA GLU YA 178 12.88 -23.83 -61.45
C GLU YA 178 11.57 -24.47 -61.00
N VAL YA 179 11.13 -24.18 -59.77
CA VAL YA 179 9.79 -24.55 -59.33
C VAL YA 179 8.74 -23.85 -60.18
N GLN YA 180 8.97 -22.58 -60.50
CA GLN YA 180 8.02 -21.85 -61.35
C GLN YA 180 8.00 -22.42 -62.76
N SER YA 181 9.13 -22.90 -63.26
CA SER YA 181 9.18 -23.50 -64.59
C SER YA 181 8.44 -24.83 -64.61
N ARG YA 182 8.66 -25.69 -63.60
CA ARG YA 182 7.95 -26.96 -63.53
C ARG YA 182 6.45 -26.76 -63.33
N ILE YA 183 6.05 -25.74 -62.57
CA ILE YA 183 4.65 -25.53 -62.33
C ILE YA 183 3.98 -24.85 -63.53
N GLN YA 184 4.75 -24.16 -64.37
CA GLN YA 184 4.26 -23.81 -65.70
C GLN YA 184 4.03 -25.05 -66.53
N LYS YA 185 5.03 -25.94 -66.57
CA LYS YA 185 4.99 -27.10 -67.45
C LYS YA 185 3.95 -28.12 -67.03
N LYS YA 186 3.46 -28.09 -65.80
CA LYS YA 186 2.40 -29.02 -65.43
C LYS YA 186 1.06 -28.57 -66.01
N GLY YA 187 0.79 -27.27 -66.03
CA GLY YA 187 -0.34 -26.74 -66.77
C GLY YA 187 -1.56 -26.37 -65.95
N ASN YA 188 -1.56 -26.65 -64.65
CA ASN YA 188 -2.70 -26.28 -63.82
C ASN YA 188 -2.68 -24.77 -63.58
N PRO YA 189 -3.75 -24.04 -63.93
CA PRO YA 189 -3.73 -22.58 -63.69
C PRO YA 189 -3.79 -22.23 -62.22
N HIS YA 190 -4.53 -23.01 -61.43
CA HIS YA 190 -4.65 -22.77 -60.01
C HIS YA 190 -3.32 -22.97 -59.29
N GLU YA 191 -2.48 -23.86 -59.79
CA GLU YA 191 -1.13 -23.95 -59.29
C GLU YA 191 -0.30 -22.75 -59.69
N MET YA 192 -0.54 -22.18 -60.88
CA MET YA 192 0.19 -21.00 -61.30
C MET YA 192 -0.22 -19.76 -60.51
N LYS YA 193 -1.45 -19.72 -59.99
CA LYS YA 193 -1.94 -18.52 -59.33
C LYS YA 193 -1.31 -18.27 -57.97
N ILE YA 194 -0.52 -19.20 -57.43
CA ILE YA 194 0.15 -18.97 -56.16
C ILE YA 194 1.28 -17.97 -56.37
N THR YA 195 1.61 -17.23 -55.32
CA THR YA 195 2.57 -16.15 -55.43
C THR YA 195 3.98 -16.61 -55.09
N SER YA 196 4.95 -15.75 -55.38
CA SER YA 196 6.36 -16.13 -55.28
C SER YA 196 6.90 -15.97 -53.86
N ALA YA 197 6.42 -14.95 -53.14
CA ALA YA 197 6.87 -14.74 -51.77
C ALA YA 197 6.39 -15.85 -50.84
N TYR YA 198 5.28 -16.50 -51.20
CA TYR YA 198 4.80 -17.68 -50.48
C TYR YA 198 5.82 -18.80 -50.56
N LEU YA 199 6.30 -19.09 -51.77
CA LEU YA 199 7.37 -20.05 -51.96
C LEU YA 199 8.66 -19.59 -51.27
N GLN YA 200 8.88 -18.27 -51.22
CA GLN YA 200 10.08 -17.74 -50.57
C GLN YA 200 10.04 -17.99 -49.07
N ASP YA 201 8.87 -17.81 -48.45
CA ASP YA 201 8.75 -18.08 -47.02
C ASP YA 201 8.80 -19.58 -46.73
N ILE YA 202 8.27 -20.41 -47.63
CA ILE YA 202 8.44 -21.86 -47.50
C ILE YA 202 9.92 -22.22 -47.54
N GLU YA 203 10.67 -21.62 -48.47
CA GLU YA 203 12.11 -21.86 -48.56
C GLU YA 203 12.83 -21.41 -47.30
N ASN YA 204 12.52 -20.19 -46.82
CA ASN YA 204 13.23 -19.63 -45.68
C ASN YA 204 12.99 -20.42 -44.41
N VAL YA 205 11.72 -20.73 -44.12
CA VAL YA 205 11.42 -21.47 -42.90
C VAL YA 205 11.85 -22.93 -43.03
N TYR YA 206 11.61 -23.54 -44.18
CA TYR YA 206 11.85 -24.96 -44.37
C TYR YA 206 13.32 -25.30 -44.54
N LYS YA 207 14.18 -24.31 -44.78
CA LYS YA 207 15.62 -24.50 -44.71
C LYS YA 207 16.21 -24.07 -43.38
N GLY YA 208 15.70 -22.99 -42.79
CA GLY YA 208 16.31 -22.45 -41.60
C GLY YA 208 15.75 -22.92 -40.28
N THR YA 209 14.69 -23.70 -40.29
CA THR YA 209 14.13 -24.18 -39.03
C THR YA 209 14.03 -25.70 -38.96
N PHE YA 210 13.62 -26.35 -40.04
CA PHE YA 210 13.39 -27.79 -40.03
C PHE YA 210 14.71 -28.57 -40.01
N LEU YA 211 15.52 -28.39 -41.06
CA LEU YA 211 16.84 -29.01 -41.09
C LEU YA 211 17.76 -28.64 -39.92
N PRO YA 212 17.75 -27.42 -39.34
CA PRO YA 212 18.46 -27.26 -38.06
C PRO YA 212 17.88 -28.08 -36.93
N GLU YA 213 16.57 -27.96 -36.66
CA GLU YA 213 15.99 -28.60 -35.49
C GLU YA 213 15.83 -30.11 -35.64
N MET YA 214 16.19 -30.69 -36.78
CA MET YA 214 16.42 -32.12 -36.80
C MET YA 214 17.60 -32.49 -35.92
N SER YA 215 18.76 -31.89 -36.19
CA SER YA 215 19.94 -31.86 -35.30
C SER YA 215 20.43 -33.26 -34.94
N GLU YA 216 20.78 -34.01 -35.98
CA GLU YA 216 21.27 -35.40 -35.90
C GLU YA 216 20.28 -36.35 -35.25
N LYS YA 217 19.00 -35.97 -35.20
CA LYS YA 217 17.88 -36.88 -35.17
C LYS YA 217 17.20 -36.78 -36.52
N CYS YA 218 16.72 -37.92 -37.03
CA CYS YA 218 16.28 -38.07 -38.42
C CYS YA 218 17.39 -37.64 -39.37
N GLU YA 219 18.44 -38.47 -39.42
CA GLU YA 219 19.60 -38.19 -40.25
C GLU YA 219 19.22 -38.03 -41.72
N VAL YA 220 19.91 -37.11 -42.39
CA VAL YA 220 19.40 -36.49 -43.60
C VAL YA 220 20.26 -36.86 -44.80
N LEU YA 221 19.72 -36.58 -45.97
CA LEU YA 221 20.41 -36.67 -47.25
C LEU YA 221 19.94 -35.48 -48.07
N GLN YA 222 20.73 -34.41 -48.07
CA GLN YA 222 20.30 -33.14 -48.65
C GLN YA 222 20.78 -33.04 -50.09
N TYR YA 223 19.88 -33.25 -51.03
CA TYR YA 223 20.17 -33.20 -52.45
C TYR YA 223 19.69 -31.88 -53.04
N SER YA 224 20.38 -31.42 -54.06
CA SER YA 224 20.02 -30.21 -54.77
C SER YA 224 19.22 -30.53 -56.02
N ALA YA 225 18.92 -29.49 -56.78
CA ALA YA 225 18.11 -29.65 -57.99
C ALA YA 225 18.89 -30.33 -59.11
N TRP YA 226 20.17 -29.98 -59.25
CA TRP YA 226 20.98 -30.55 -60.32
C TRP YA 226 21.33 -32.00 -60.05
N GLU YA 227 21.51 -32.38 -58.79
CA GLU YA 227 21.79 -33.77 -58.43
C GLU YA 227 20.53 -34.35 -57.79
N ALA YA 228 19.72 -34.99 -58.62
CA ALA YA 228 18.49 -35.64 -58.22
C ALA YA 228 18.18 -36.67 -59.29
N GLU YA 229 16.92 -37.15 -59.31
CA GLU YA 229 16.32 -38.12 -60.23
C GLU YA 229 17.20 -39.35 -60.52
N ASP YA 230 17.96 -39.79 -59.52
CA ASP YA 230 18.77 -41.00 -59.60
C ASP YA 230 18.45 -41.84 -58.38
N ALA YA 231 17.73 -42.95 -58.59
CA ALA YA 231 17.41 -43.85 -57.49
C ALA YA 231 18.64 -44.59 -57.00
N GLU YA 232 19.62 -44.78 -57.89
CA GLU YA 232 20.80 -45.58 -57.56
C GLU YA 232 21.61 -44.93 -56.45
N LYS YA 233 21.94 -43.65 -56.62
CA LYS YA 233 22.80 -42.95 -55.65
C LYS YA 233 22.12 -42.81 -54.30
N VAL YA 234 20.81 -42.52 -54.28
CA VAL YA 234 20.14 -42.31 -53.01
C VAL YA 234 19.91 -43.65 -52.29
N VAL YA 235 19.66 -44.74 -53.02
CA VAL YA 235 19.52 -46.03 -52.37
C VAL YA 235 20.88 -46.53 -51.85
N GLU YA 236 21.96 -46.23 -52.57
CA GLU YA 236 23.30 -46.51 -52.07
C GLU YA 236 23.62 -45.67 -50.82
N ASP YA 237 23.17 -44.42 -50.79
CA ASP YA 237 23.40 -43.58 -49.61
C ASP YA 237 22.59 -44.05 -48.42
N ILE YA 238 21.41 -44.64 -48.67
CA ILE YA 238 20.63 -45.23 -47.58
C ILE YA 238 21.33 -46.47 -47.04
N GLN YA 239 21.91 -47.30 -47.92
CA GLN YA 239 22.68 -48.42 -47.37
C GLN YA 239 24.02 -48.00 -46.78
N TYR YA 240 24.50 -46.78 -47.06
CA TYR YA 240 25.64 -46.26 -46.30
C TYR YA 240 25.24 -45.96 -44.87
N LEU YA 241 23.98 -45.61 -44.65
CA LEU YA 241 23.53 -44.96 -43.42
C LEU YA 241 23.56 -45.97 -42.29
N LYS YA 242 24.61 -45.90 -41.47
CA LYS YA 242 24.64 -46.66 -40.24
C LYS YA 242 23.64 -46.08 -39.25
N TYR YA 243 22.94 -46.94 -38.55
CA TYR YA 243 21.82 -46.55 -37.70
C TYR YA 243 22.34 -46.47 -36.27
N ASP YA 244 22.63 -45.26 -35.80
CA ASP YA 244 23.17 -45.06 -34.47
C ASP YA 244 22.60 -43.88 -33.71
N LYS YA 245 21.89 -42.95 -34.35
CA LYS YA 245 21.39 -41.75 -33.69
C LYS YA 245 19.87 -41.78 -33.61
N GLY YA 246 19.34 -40.99 -32.68
CA GLY YA 246 17.91 -40.85 -32.53
C GLY YA 246 17.33 -41.75 -31.46
N PRO YA 247 16.02 -41.64 -31.23
CA PRO YA 247 15.37 -42.50 -30.24
C PRO YA 247 15.11 -43.92 -30.71
N TRP YA 248 15.23 -44.19 -32.01
CA TRP YA 248 14.93 -45.50 -32.56
C TRP YA 248 15.91 -46.59 -32.14
N LEU YA 249 17.09 -46.22 -31.63
CA LEU YA 249 18.07 -47.24 -31.28
C LEU YA 249 17.78 -47.88 -29.93
N ASP YA 250 17.05 -47.19 -29.05
CA ASP YA 250 16.70 -47.71 -27.74
C ASP YA 250 15.20 -47.59 -27.56
N GLN YA 251 14.50 -48.71 -27.46
CA GLN YA 251 13.05 -48.68 -27.36
C GLN YA 251 12.48 -49.09 -26.00
N ASP YA 252 12.79 -50.24 -25.38
CA ASP YA 252 13.62 -51.38 -25.78
C ASP YA 252 12.74 -52.36 -26.57
N ASP YA 253 11.69 -52.87 -25.90
CA ASP YA 253 10.68 -53.68 -26.54
C ASP YA 253 9.28 -53.19 -26.15
N ARG YA 254 9.17 -52.68 -24.93
CA ARG YA 254 7.87 -52.43 -24.33
C ARG YA 254 7.21 -51.19 -24.93
N LYS YA 255 7.99 -50.17 -25.27
CA LYS YA 255 7.41 -49.01 -25.91
C LYS YA 255 7.02 -49.30 -27.36
N LEU YA 256 7.71 -50.24 -28.00
CA LEU YA 256 7.25 -50.73 -29.30
C LEU YA 256 5.93 -51.47 -29.16
N HIS YA 257 5.76 -52.23 -28.07
CA HIS YA 257 4.46 -52.85 -27.81
C HIS YA 257 3.37 -51.81 -27.60
N ASN YA 258 3.72 -50.72 -26.89
CA ASN YA 258 2.78 -49.62 -26.69
C ASN YA 258 2.38 -48.98 -28.00
N LEU YA 259 3.33 -48.80 -28.91
CA LEU YA 259 3.01 -48.19 -30.20
C LEU YA 259 2.19 -49.13 -31.09
N ARG YA 260 2.48 -50.43 -31.05
CA ARG YA 260 1.70 -51.37 -31.84
C ARG YA 260 0.27 -51.43 -31.37
N MET YA 261 0.05 -51.52 -30.06
CA MET YA 261 -1.30 -51.64 -29.55
C MET YA 261 -1.94 -50.30 -29.27
N LEU YA 262 -1.27 -49.19 -29.62
CA LEU YA 262 -1.88 -47.87 -29.57
C LEU YA 262 -2.23 -47.33 -30.94
N VAL YA 263 -1.44 -47.63 -31.97
CA VAL YA 263 -1.72 -47.08 -33.28
C VAL YA 263 -2.91 -47.78 -33.94
N GLN YA 264 -3.14 -49.05 -33.62
CA GLN YA 264 -4.40 -49.70 -33.99
C GLN YA 264 -5.57 -49.01 -33.31
N ASP YA 265 -6.75 -49.20 -33.90
CA ASP YA 265 -8.01 -48.58 -33.47
C ASP YA 265 -7.88 -47.05 -33.47
N LYS YA 266 -7.76 -46.53 -34.70
CA LYS YA 266 -7.15 -45.23 -34.97
C LYS YA 266 -7.88 -44.05 -34.34
N LEU YA 267 -9.13 -44.23 -33.93
CA LEU YA 267 -9.83 -43.19 -33.17
C LEU YA 267 -9.17 -42.93 -31.82
N GLU YA 268 -8.43 -43.91 -31.28
CA GLU YA 268 -7.56 -43.67 -30.12
C GLU YA 268 -6.55 -42.56 -30.39
N VAL YA 269 -5.95 -42.58 -31.59
CA VAL YA 269 -5.07 -41.48 -31.99
C VAL YA 269 -5.89 -40.22 -32.22
N LEU YA 270 -7.08 -40.38 -32.80
CA LEU YA 270 -7.91 -39.24 -33.16
C LEU YA 270 -8.65 -38.61 -31.97
N ASN YA 271 -8.41 -39.09 -30.75
CA ASN YA 271 -8.97 -38.42 -29.56
C ASN YA 271 -8.49 -36.99 -29.45
N TYR YA 272 -7.24 -36.72 -29.81
CA TYR YA 272 -6.62 -35.42 -29.62
C TYR YA 272 -6.55 -34.61 -30.89
N THR YA 273 -7.37 -34.93 -31.89
CA THR YA 273 -7.38 -34.16 -33.12
C THR YA 273 -8.02 -32.81 -32.91
N SER YA 274 -9.29 -32.80 -32.53
CA SER YA 274 -9.98 -31.57 -32.13
C SER YA 274 -9.86 -31.43 -30.63
N ILE YA 275 -9.44 -30.26 -30.17
CA ILE YA 275 -9.12 -30.08 -28.76
C ILE YA 275 -10.41 -30.00 -27.92
N PRO YA 276 -11.36 -29.06 -28.14
CA PRO YA 276 -11.58 -27.84 -28.93
C PRO YA 276 -11.26 -26.59 -28.12
N VAL YA 277 -11.00 -25.48 -28.82
CA VAL YA 277 -10.80 -24.19 -28.18
C VAL YA 277 -11.88 -23.18 -28.61
N PHE YA 278 -12.61 -23.47 -29.70
CA PHE YA 278 -13.85 -22.86 -30.24
C PHE YA 278 -13.66 -21.61 -31.09
N LEU YA 279 -12.44 -21.30 -31.52
CA LEU YA 279 -12.13 -21.20 -32.95
C LEU YA 279 -13.17 -20.55 -33.85
N PRO YA 280 -13.25 -19.24 -33.92
CA PRO YA 280 -14.27 -18.60 -34.76
C PRO YA 280 -14.17 -18.81 -36.27
N GLU YA 281 -13.25 -19.66 -36.75
CA GLU YA 281 -13.23 -20.05 -38.16
C GLU YA 281 -13.52 -21.53 -38.39
N VAL YA 282 -13.59 -22.35 -37.33
CA VAL YA 282 -13.53 -23.80 -37.47
C VAL YA 282 -14.81 -24.47 -37.01
N THR YA 283 -15.42 -23.99 -35.92
CA THR YA 283 -16.57 -24.66 -35.34
C THR YA 283 -17.82 -24.46 -36.18
N ILE YA 284 -18.23 -25.51 -36.88
CA ILE YA 284 -19.50 -25.51 -37.59
C ILE YA 284 -20.63 -25.61 -36.57
N GLY YA 285 -21.64 -24.76 -36.73
CA GLY YA 285 -22.80 -24.77 -35.86
C GLY YA 285 -23.65 -26.03 -35.96
N ALA YA 286 -24.76 -26.01 -35.24
CA ALA YA 286 -25.47 -27.25 -34.96
C ALA YA 286 -26.28 -27.76 -36.15
N HIS YA 287 -26.98 -26.86 -36.85
CA HIS YA 287 -27.92 -27.28 -37.89
C HIS YA 287 -27.20 -27.89 -39.07
N GLN YA 288 -26.11 -27.25 -39.50
CA GLN YA 288 -25.31 -27.76 -40.60
C GLN YA 288 -24.68 -29.10 -40.23
N SER YA 289 -24.23 -29.24 -38.98
CA SER YA 289 -23.66 -30.50 -38.53
C SER YA 289 -24.69 -31.61 -38.53
N ASP YA 290 -25.93 -31.28 -38.16
CA ASP YA 290 -27.00 -32.28 -38.15
C ASP YA 290 -27.31 -32.78 -39.56
N ARG YA 291 -27.51 -31.85 -40.50
CA ARG YA 291 -27.89 -32.31 -41.83
C ARG YA 291 -26.71 -32.91 -42.57
N VAL YA 292 -25.48 -32.51 -42.25
CA VAL YA 292 -24.31 -33.14 -42.87
C VAL YA 292 -24.12 -34.56 -42.35
N PHE YA 293 -24.30 -34.78 -41.04
CA PHE YA 293 -24.16 -36.14 -40.52
C PHE YA 293 -25.27 -37.06 -41.01
N GLN YA 294 -26.49 -36.54 -41.16
CA GLN YA 294 -27.56 -37.37 -41.69
C GLN YA 294 -27.33 -37.70 -43.16
N GLU YA 295 -27.01 -36.69 -43.98
CA GLU YA 295 -26.76 -36.95 -45.38
C GLU YA 295 -25.43 -37.65 -45.62
N PHE YA 296 -24.61 -37.83 -44.60
CA PHE YA 296 -23.51 -38.78 -44.67
C PHE YA 296 -23.99 -40.19 -44.37
N THR YA 297 -24.80 -40.36 -43.32
CA THR YA 297 -25.20 -41.71 -42.96
C THR YA 297 -26.27 -42.29 -43.86
N GLU YA 298 -26.81 -41.54 -44.83
CA GLU YA 298 -27.57 -42.22 -45.87
C GLU YA 298 -26.72 -42.62 -47.08
N LEU YA 299 -25.38 -42.54 -46.99
CA LEU YA 299 -24.63 -43.19 -48.05
C LEU YA 299 -24.63 -44.70 -47.86
N PRO YA 300 -24.72 -45.49 -48.94
CA PRO YA 300 -24.86 -46.95 -48.78
C PRO YA 300 -23.61 -47.66 -48.32
N GLY YA 301 -22.43 -47.04 -48.45
CA GLY YA 301 -21.22 -47.71 -48.05
C GLY YA 301 -20.84 -47.47 -46.60
N ARG YA 302 -20.98 -46.23 -46.15
CA ARG YA 302 -20.59 -45.83 -44.80
C ARG YA 302 -21.72 -45.96 -43.81
N LYS YA 303 -22.61 -46.93 -44.01
CA LYS YA 303 -23.87 -47.01 -43.29
C LYS YA 303 -23.73 -48.04 -42.18
N TYR YA 304 -23.25 -47.57 -41.02
CA TYR YA 304 -23.16 -48.32 -39.76
C TYR YA 304 -22.34 -49.61 -39.84
N ARG YA 305 -21.01 -49.49 -39.77
CA ARG YA 305 -20.09 -50.62 -39.62
C ARG YA 305 -20.15 -51.51 -40.86
N ALA YA 306 -19.53 -51.03 -41.94
CA ALA YA 306 -19.63 -51.57 -43.30
C ALA YA 306 -19.44 -53.08 -43.41
N GLY YA 307 -18.74 -53.71 -42.46
CA GLY YA 307 -18.73 -55.16 -42.39
C GLY YA 307 -20.09 -55.78 -42.16
N TYR YA 308 -21.03 -55.04 -41.57
CA TYR YA 308 -22.38 -55.52 -41.36
C TYR YA 308 -23.41 -54.75 -42.19
N ASN YA 309 -22.97 -53.99 -43.19
CA ASN YA 309 -23.86 -53.08 -43.91
C ASN YA 309 -24.67 -53.87 -44.92
N GLU YA 310 -25.99 -53.90 -44.74
CA GLU YA 310 -26.89 -54.56 -45.68
C GLU YA 310 -26.88 -53.86 -47.03
N ASP YA 311 -27.21 -54.61 -48.08
CA ASP YA 311 -27.10 -54.30 -49.50
C ASP YA 311 -25.66 -54.07 -49.97
N VAL YA 312 -24.68 -54.36 -49.12
CA VAL YA 312 -23.27 -54.39 -49.52
C VAL YA 312 -22.76 -55.77 -49.12
N GLY YA 313 -23.36 -56.35 -48.09
CA GLY YA 313 -23.00 -57.68 -47.65
C GLY YA 313 -23.38 -57.88 -46.19
N ASP YA 314 -22.71 -58.84 -45.55
CA ASP YA 314 -21.81 -59.80 -46.19
C ASP YA 314 -22.53 -61.11 -46.44
N LYS YA 315 -23.84 -61.00 -46.71
CA LYS YA 315 -24.75 -62.11 -46.98
C LYS YA 315 -24.86 -63.09 -45.82
N TRP YA 316 -24.52 -62.65 -44.61
CA TRP YA 316 -24.59 -63.49 -43.40
C TRP YA 316 -25.01 -62.58 -42.25
N ILE YA 317 -26.31 -62.51 -42.02
CA ILE YA 317 -26.84 -61.79 -40.87
C ILE YA 317 -27.80 -62.72 -40.12
N TRP YA 318 -27.67 -64.03 -40.37
CA TRP YA 318 -28.34 -65.10 -39.63
C TRP YA 318 -29.87 -64.98 -39.72
N LEU YA 319 -30.37 -65.26 -40.92
CA LEU YA 319 -31.81 -65.27 -41.27
C LEU YA 319 -32.43 -63.88 -41.12
N PRO ZA 1 -18.76 -57.63 4.17
CA PRO ZA 1 -19.29 -58.81 4.85
C PRO ZA 1 -18.22 -59.54 5.64
N PHE ZA 2 -18.62 -60.57 6.37
CA PHE ZA 2 -17.73 -61.41 7.15
C PHE ZA 2 -17.84 -62.82 6.60
N PHE ZA 3 -17.06 -63.10 5.56
CA PHE ZA 3 -17.08 -64.41 4.93
C PHE ZA 3 -16.15 -65.36 5.67
N ASP ZA 4 -16.63 -66.57 5.88
CA ASP ZA 4 -15.86 -67.56 6.63
C ASP ZA 4 -15.59 -68.77 5.75
N VAL ZA 5 -15.04 -68.52 4.57
CA VAL ZA 5 -14.43 -69.56 3.74
C VAL ZA 5 -13.38 -70.33 4.54
N GLN ZA 6 -12.73 -69.65 5.49
CA GLN ZA 6 -12.12 -70.16 6.70
C GLN ZA 6 -12.84 -71.37 7.30
N LYS ZA 7 -14.14 -71.22 7.54
CA LYS ZA 7 -14.91 -72.33 8.09
C LYS ZA 7 -15.32 -73.33 7.01
N LYS ZA 8 -15.72 -72.82 5.84
CA LYS ZA 8 -16.37 -73.68 4.83
C LYS ZA 8 -15.39 -74.66 4.21
N LEU ZA 9 -14.15 -74.23 3.95
CA LEU ZA 9 -13.18 -75.15 3.39
C LEU ZA 9 -12.72 -76.19 4.40
N GLY ZA 10 -12.77 -75.85 5.69
CA GLY ZA 10 -12.31 -76.75 6.73
C GLY ZA 10 -10.82 -76.64 6.96
N VAL ZA 11 -10.28 -75.43 6.87
CA VAL ZA 11 -8.88 -75.15 7.14
C VAL ZA 11 -8.81 -74.07 8.21
N ASP ZA 12 -8.20 -74.40 9.35
CA ASP ZA 12 -8.01 -73.44 10.44
C ASP ZA 12 -6.64 -72.80 10.27
N LEU ZA 13 -6.61 -71.71 9.53
CA LEU ZA 13 -5.40 -70.94 9.29
C LEU ZA 13 -5.31 -69.67 10.12
N ASP ZA 14 -6.44 -69.13 10.58
CA ASP ZA 14 -6.45 -67.89 11.31
C ASP ZA 14 -7.02 -68.02 12.72
N HIS ZA 15 -7.64 -69.15 13.04
CA HIS ZA 15 -8.22 -69.33 14.35
C HIS ZA 15 -7.18 -69.61 15.44
N TRP ZA 16 -5.99 -70.08 15.07
CA TRP ZA 16 -5.01 -70.45 16.09
C TRP ZA 16 -4.35 -69.25 16.75
N MET ZA 17 -4.49 -68.07 16.16
CA MET ZA 17 -3.90 -66.83 16.65
C MET ZA 17 -4.86 -65.96 17.42
N THR ZA 18 -5.91 -66.54 18.02
CA THR ZA 18 -7.05 -65.71 18.33
C THR ZA 18 -7.02 -65.12 19.73
N ILE ZA 19 -7.04 -65.96 20.78
CA ILE ZA 19 -7.04 -65.45 22.14
C ILE ZA 19 -5.96 -66.21 22.91
N GLN ZA 20 -5.85 -65.92 24.21
CA GLN ZA 20 -5.24 -66.87 25.12
C GLN ZA 20 -6.12 -68.12 25.21
N SER ZA 21 -5.54 -69.17 25.80
CA SER ZA 21 -6.06 -70.54 25.96
C SER ZA 21 -6.13 -71.29 24.63
N ALA ZA 22 -5.74 -70.67 23.52
CA ALA ZA 22 -5.39 -71.41 22.33
C ALA ZA 22 -4.03 -72.07 22.52
N GLU ZA 23 -3.62 -72.86 21.54
CA GLU ZA 23 -2.40 -73.64 21.70
C GLU ZA 23 -1.14 -72.81 21.58
N GLN ZA 24 -0.68 -72.28 22.71
CA GLN ZA 24 0.69 -71.77 22.82
C GLN ZA 24 1.65 -72.92 22.56
N PRO ZA 25 2.81 -72.65 21.90
CA PRO ZA 25 3.44 -73.70 21.06
C PRO ZA 25 3.93 -74.93 21.81
N HIS ZA 26 4.46 -74.76 22.99
CA HIS ZA 26 4.61 -75.85 23.94
C HIS ZA 26 3.62 -75.63 25.06
N ARG ZA 27 3.30 -76.69 25.77
CA ARG ZA 27 2.10 -76.70 26.61
C ARG ZA 27 2.38 -75.88 27.87
N ILE ZA 28 2.28 -74.57 27.70
CA ILE ZA 28 2.58 -73.58 28.72
C ILE ZA 28 1.28 -72.87 29.07
N PRO ZA 29 1.19 -72.16 30.19
CA PRO ZA 29 0.08 -71.25 30.40
C PRO ZA 29 0.44 -69.84 29.97
N ALA ZA 30 -0.59 -69.01 29.87
CA ALA ZA 30 -0.45 -67.56 29.75
C ALA ZA 30 -0.51 -66.96 31.15
N ARG ZA 31 -0.68 -65.64 31.25
CA ARG ZA 31 -0.87 -65.04 32.56
C ARG ZA 31 -2.32 -65.15 33.04
N CYS ZA 32 -3.28 -65.05 32.12
CA CYS ZA 32 -4.70 -65.03 32.46
C CYS ZA 32 -5.46 -66.13 31.75
N HIS ZA 33 -4.97 -67.37 31.85
CA HIS ZA 33 -5.61 -68.50 31.17
C HIS ZA 33 -7.00 -68.79 31.71
N ALA ZA 34 -7.11 -68.95 33.04
CA ALA ZA 34 -8.35 -69.41 33.65
C ALA ZA 34 -9.46 -68.38 33.54
N PHE ZA 35 -9.14 -67.10 33.60
CA PHE ZA 35 -10.18 -66.09 33.53
C PHE ZA 35 -10.77 -65.99 32.13
N GLU ZA 36 -9.96 -66.20 31.09
CA GLU ZA 36 -10.56 -66.31 29.78
C GLU ZA 36 -11.34 -67.58 29.61
N LYS ZA 37 -10.93 -68.67 30.25
CA LYS ZA 37 -11.72 -69.88 30.15
C LYS ZA 37 -13.08 -69.70 30.80
N GLU ZA 38 -13.12 -68.94 31.91
CA GLU ZA 38 -14.37 -68.50 32.53
C GLU ZA 38 -15.24 -67.71 31.55
N TRP ZA 39 -14.67 -66.67 30.94
CA TRP ZA 39 -15.45 -65.77 30.12
C TRP ZA 39 -15.94 -66.43 28.84
N ILE ZA 40 -15.12 -67.30 28.26
CA ILE ZA 40 -15.51 -67.98 27.04
C ILE ZA 40 -16.52 -69.10 27.33
N GLU ZA 41 -16.42 -69.76 28.49
CA GLU ZA 41 -17.47 -70.67 28.89
C GLU ZA 41 -18.76 -69.95 29.24
N CYS ZA 42 -18.68 -68.67 29.62
CA CYS ZA 42 -19.91 -67.92 29.84
C CYS ZA 42 -20.56 -67.50 28.53
N ALA ZA 43 -19.76 -67.13 27.53
CA ALA ZA 43 -20.30 -66.35 26.43
C ALA ZA 43 -20.18 -67.01 25.06
N HIS ZA 44 -20.61 -68.27 24.93
CA HIS ZA 44 -20.60 -68.91 23.61
C HIS ZA 44 -21.93 -68.79 22.86
N GLY ZA 45 -22.99 -69.40 23.40
CA GLY ZA 45 -24.25 -69.42 22.71
C GLY ZA 45 -25.11 -68.23 23.08
N ILE ZA 46 -24.52 -67.05 22.97
CA ILE ZA 46 -25.05 -65.83 23.57
C ILE ZA 46 -24.95 -64.72 22.55
N GLY ZA 47 -26.01 -63.92 22.43
CA GLY ZA 47 -26.12 -62.99 21.33
C GLY ZA 47 -25.45 -61.64 21.44
N SER ZA 48 -24.30 -61.58 22.13
CA SER ZA 48 -23.40 -60.43 22.17
C SER ZA 48 -24.00 -59.14 22.74
N ILE ZA 49 -25.19 -59.19 23.33
CA ILE ZA 49 -25.66 -58.06 24.12
C ILE ZA 49 -26.07 -58.56 25.49
N ARG ZA 50 -26.51 -59.80 25.58
CA ARG ZA 50 -26.65 -60.41 26.89
C ARG ZA 50 -25.34 -61.03 27.36
N ALA ZA 51 -24.30 -60.97 26.53
CA ALA ZA 51 -22.94 -61.17 27.03
C ALA ZA 51 -22.51 -60.00 27.91
N GLU ZA 52 -23.03 -58.80 27.65
CA GLU ZA 52 -22.78 -57.68 28.55
C GLU ZA 52 -23.88 -57.49 29.58
N LYS ZA 53 -25.07 -58.04 29.36
CA LYS ZA 53 -26.04 -58.09 30.45
C LYS ZA 53 -25.62 -59.08 31.52
N GLU ZA 54 -25.29 -60.32 31.11
CA GLU ZA 54 -25.14 -61.43 32.04
C GLU ZA 54 -23.69 -61.80 32.33
N CYS ZA 55 -22.82 -61.84 31.33
CA CYS ZA 55 -21.42 -62.23 31.53
C CYS ZA 55 -20.53 -61.04 31.86
N LYS ZA 56 -21.09 -60.02 32.53
CA LYS ZA 56 -20.35 -58.79 32.81
C LYS ZA 56 -19.30 -59.01 33.89
N ILE ZA 57 -19.66 -59.73 34.95
CA ILE ZA 57 -18.82 -59.89 36.14
C ILE ZA 57 -17.54 -60.63 35.79
N GLU ZA 58 -17.66 -61.68 34.99
CA GLU ZA 58 -16.53 -62.54 34.69
C GLU ZA 58 -15.59 -61.88 33.69
N PHE ZA 59 -16.14 -61.10 32.76
CA PHE ZA 59 -15.31 -60.31 31.87
C PHE ZA 59 -14.58 -59.20 32.61
N GLU ZA 60 -15.22 -58.59 33.61
CA GLU ZA 60 -14.51 -57.59 34.40
C GLU ZA 60 -13.43 -58.23 35.27
N ASP ZA 61 -13.66 -59.46 35.71
CA ASP ZA 61 -12.62 -60.22 36.40
C ASP ZA 61 -11.44 -60.47 35.47
N PHE ZA 62 -11.71 -60.74 34.20
CA PHE ZA 62 -10.61 -60.89 33.24
C PHE ZA 62 -9.87 -59.58 33.01
N ARG ZA 63 -10.60 -58.46 32.91
CA ARG ZA 63 -9.97 -57.16 32.70
C ARG ZA 63 -9.09 -56.78 33.89
N GLU ZA 64 -9.52 -57.14 35.09
CA GLU ZA 64 -8.71 -56.90 36.27
C GLU ZA 64 -7.66 -57.98 36.49
N CYS ZA 65 -7.72 -59.09 35.76
CA CYS ZA 65 -6.56 -59.98 35.68
C CYS ZA 65 -5.49 -59.37 34.80
N LEU ZA 66 -5.90 -58.79 33.67
CA LEU ZA 66 -4.95 -58.21 32.71
C LEU ZA 66 -4.28 -56.98 33.29
N LEU ZA 67 -5.06 -55.96 33.61
CA LEU ZA 67 -4.48 -54.69 34.01
C LEU ZA 67 -4.08 -54.66 35.48
N ARG ZA 68 -4.79 -55.41 36.32
CA ARG ZA 68 -4.63 -55.42 37.78
C ARG ZA 68 -4.74 -54.00 38.35
N GLN ZA 69 -5.80 -53.31 37.93
CA GLN ZA 69 -5.89 -51.88 38.17
C GLN ZA 69 -6.28 -51.57 39.62
N LYS ZA 70 -7.31 -52.27 40.13
CA LYS ZA 70 -7.68 -52.08 41.53
C LYS ZA 70 -6.60 -52.57 42.49
N THR ZA 71 -5.85 -53.59 42.07
CA THR ZA 71 -4.73 -54.07 42.87
C THR ZA 71 -3.65 -53.00 42.99
N MET ZA 72 -3.33 -52.34 41.87
CA MET ZA 72 -2.38 -51.24 41.92
C MET ZA 72 -2.92 -50.06 42.70
N LYS ZA 73 -4.24 -49.85 42.66
CA LYS ZA 73 -4.86 -48.78 43.44
C LYS ZA 73 -4.69 -49.02 44.94
N ARG ZA 74 -4.99 -50.26 45.37
CA ARG ZA 74 -4.87 -50.63 46.78
C ARG ZA 74 -3.42 -50.58 47.23
N LEU ZA 75 -2.49 -51.08 46.40
CA LEU ZA 75 -1.09 -51.11 46.78
C LEU ZA 75 -0.51 -49.70 46.83
N ASN ZA 76 -0.97 -48.81 45.95
CA ASN ZA 76 -0.51 -47.43 45.98
C ASN ZA 76 -1.04 -46.70 47.19
N ALA ZA 77 -2.29 -46.99 47.59
CA ALA ZA 77 -2.84 -46.40 48.81
C ALA ZA 77 -2.06 -46.87 50.04
N ILE ZA 78 -1.66 -48.15 50.05
CA ILE ZA 78 -0.87 -48.68 51.15
C ILE ZA 78 0.51 -48.02 51.21
N LYS ZA 79 1.15 -47.84 50.06
CA LYS ZA 79 2.45 -47.18 50.03
C LYS ZA 79 2.37 -45.72 50.47
N ARG ZA 80 1.32 -45.01 50.07
CA ARG ZA 80 1.24 -43.60 50.44
C ARG ZA 80 0.87 -43.41 51.90
N GLN ZA 81 0.03 -44.29 52.47
CA GLN ZA 81 -0.22 -44.22 53.90
C GLN ZA 81 1.01 -44.62 54.70
N ARG ZA 82 1.79 -45.59 54.19
CA ARG ZA 82 3.09 -45.93 54.76
C ARG ZA 82 4.02 -44.72 54.79
N ASP ZA 83 4.05 -43.96 53.70
CA ASP ZA 83 4.87 -42.76 53.62
C ASP ZA 83 4.44 -41.70 54.61
N LYS ZA 84 3.12 -41.46 54.72
CA LYS ZA 84 2.70 -40.40 55.64
C LYS ZA 84 2.88 -40.81 57.10
N LEU ZA 85 2.77 -42.10 57.43
CA LEU ZA 85 2.98 -42.48 58.82
C LEU ZA 85 4.46 -42.51 59.17
N ILE ZA 86 5.33 -42.87 58.23
CA ILE ZA 86 6.76 -42.81 58.54
C ILE ZA 86 7.26 -41.36 58.50
N LYS ZA 87 6.55 -40.47 57.81
CA LYS ZA 87 6.85 -39.05 57.90
C LYS ZA 87 6.42 -38.48 59.25
N GLU ZA 88 5.28 -38.94 59.76
CA GLU ZA 88 4.87 -38.55 61.11
C GLU ZA 88 5.80 -39.11 62.18
N GLY ZA 89 6.24 -40.35 62.00
CA GLY ZA 89 7.11 -40.98 62.97
C GLY ZA 89 6.35 -41.85 63.94
N LYS ZA 90 5.41 -42.62 63.43
CA LYS ZA 90 4.66 -43.59 64.23
C LYS ZA 90 5.14 -44.99 63.86
N TYR ZA 91 5.99 -45.56 64.74
CA TYR ZA 91 6.47 -46.94 64.71
C TYR ZA 91 7.04 -47.31 63.33
N THR ZA 92 8.22 -46.76 63.05
CA THR ZA 92 9.04 -47.20 61.93
C THR ZA 92 9.23 -48.72 62.02
N PRO ZA 93 8.60 -49.48 61.13
CA PRO ZA 93 8.40 -50.90 61.39
C PRO ZA 93 9.65 -51.69 61.04
N PRO ZA 94 9.94 -52.76 61.80
CA PRO ZA 94 11.11 -53.61 61.49
C PRO ZA 94 10.83 -54.95 60.81
N PRO ZA 95 9.65 -55.26 60.20
CA PRO ZA 95 9.32 -56.68 59.98
C PRO ZA 95 10.19 -57.38 58.92
N HIS ZA 96 10.61 -56.67 57.89
CA HIS ZA 96 11.58 -57.21 56.95
C HIS ZA 96 12.94 -57.32 57.63
N HIS ZA 97 13.74 -58.30 57.18
CA HIS ZA 97 15.11 -58.59 57.62
C HIS ZA 97 15.17 -59.04 59.08
N SER ZA 98 14.03 -59.23 59.75
CA SER ZA 98 14.00 -59.54 61.17
C SER ZA 98 12.64 -60.17 61.48
N GLY ZA 99 12.32 -60.25 62.76
CA GLY ZA 99 11.02 -60.72 63.21
C GLY ZA 99 10.27 -59.69 64.02
N ASN AB 10 28.62 -74.51 -22.87
CA ASN AB 10 27.22 -74.94 -22.80
C ASN AB 10 26.48 -74.26 -21.65
N VAL AB 11 25.66 -75.03 -20.94
CA VAL AB 11 24.85 -74.49 -19.85
C VAL AB 11 25.68 -74.25 -18.58
N TRP AB 12 26.93 -74.73 -18.54
CA TRP AB 12 27.76 -74.59 -17.35
C TRP AB 12 28.29 -73.18 -17.13
N ALA AB 13 29.11 -72.68 -18.06
CA ALA AB 13 29.96 -71.53 -17.79
C ALA AB 13 29.46 -70.25 -18.43
N LYS AB 14 28.15 -70.04 -18.48
CA LYS AB 14 27.63 -68.71 -18.77
C LYS AB 14 27.99 -67.77 -17.62
N GLU AB 15 27.56 -68.12 -16.41
CA GLU AB 15 28.04 -67.51 -15.17
C GLU AB 15 28.32 -68.67 -14.21
N PRO AB 16 29.58 -69.11 -14.09
CA PRO AB 16 29.83 -70.47 -13.58
C PRO AB 16 29.59 -70.63 -12.09
N VAL AB 17 29.95 -69.63 -11.28
CA VAL AB 17 29.66 -69.71 -9.85
C VAL AB 17 28.15 -69.62 -9.62
N LEU AB 18 27.43 -68.95 -10.53
CA LEU AB 18 25.99 -68.86 -10.41
C LEU AB 18 25.35 -70.21 -10.70
N VAL AB 19 25.81 -70.90 -11.74
CA VAL AB 19 25.26 -72.21 -12.08
C VAL AB 19 25.63 -73.25 -11.01
N ALA AB 20 26.81 -73.13 -10.41
CA ALA AB 20 27.15 -74.00 -9.28
C ALA AB 20 26.24 -73.73 -8.09
N SER AB 21 25.88 -72.46 -7.86
CA SER AB 21 24.94 -72.13 -6.81
C SER AB 21 23.55 -72.69 -7.11
N PHE AB 22 23.11 -72.63 -8.38
CA PHE AB 22 21.84 -73.25 -8.75
C PHE AB 22 21.88 -74.76 -8.61
N ALA AB 23 23.05 -75.38 -8.79
CA ALA AB 23 23.15 -76.83 -8.65
C ALA AB 23 23.04 -77.27 -7.21
N ILE AB 24 23.78 -76.59 -6.32
CA ILE AB 24 23.67 -76.94 -4.90
C ILE AB 24 22.29 -76.53 -4.35
N ALA AB 25 21.68 -75.48 -4.92
CA ALA AB 25 20.30 -75.13 -4.58
C ALA AB 25 19.31 -76.20 -5.03
N GLY AB 26 19.51 -76.75 -6.23
CA GLY AB 26 18.61 -77.76 -6.74
C GLY AB 26 18.73 -79.07 -5.99
N LEU AB 27 19.94 -79.44 -5.57
CA LEU AB 27 20.06 -80.65 -4.76
C LEU AB 27 19.53 -80.40 -3.36
N ALA AB 28 19.58 -79.15 -2.88
CA ALA AB 28 18.95 -78.84 -1.60
C ALA AB 28 17.43 -78.91 -1.70
N VAL AB 29 16.87 -78.61 -2.86
CA VAL AB 29 15.44 -78.79 -3.07
C VAL AB 29 15.08 -80.27 -3.14
N ILE AB 30 15.82 -81.03 -3.94
CA ILE AB 30 15.45 -82.39 -4.26
C ILE AB 30 15.68 -83.32 -3.07
N LEU AB 31 16.86 -83.23 -2.46
CA LEU AB 31 17.36 -84.32 -1.63
C LEU AB 31 16.60 -84.64 -0.34
N PRO AB 32 15.95 -83.71 0.39
CA PRO AB 32 15.16 -84.15 1.56
C PRO AB 32 13.89 -84.93 1.24
N THR AB 33 13.50 -85.07 -0.02
CA THR AB 33 12.40 -85.97 -0.36
C THR AB 33 12.82 -87.41 -0.12
N LEU AB 34 13.91 -87.84 -0.75
CA LEU AB 34 14.49 -89.15 -0.49
C LEU AB 34 15.41 -89.02 0.72
N SER AB 35 14.86 -89.26 1.90
CA SER AB 35 15.60 -89.00 3.13
C SER AB 35 15.30 -90.04 4.20
N PRO AB 36 16.28 -90.87 4.55
CA PRO AB 36 16.03 -91.93 5.55
C PRO AB 36 16.24 -91.48 6.98
N TYR AB 37 16.27 -90.17 7.24
CA TYR AB 37 16.55 -89.68 8.58
C TYR AB 37 15.59 -88.61 9.07
N THR AB 38 14.62 -88.19 8.25
CA THR AB 38 13.58 -87.30 8.73
C THR AB 38 12.74 -87.95 9.83
N LYS AB 39 12.54 -89.27 9.74
CA LYS AB 39 11.84 -89.97 10.81
C LYS AB 39 12.65 -90.02 12.09
N TYR AB 40 13.98 -90.10 11.99
CA TYR AB 40 14.80 -90.06 13.20
C TYR AB 40 14.79 -88.67 13.82
N SER AB 41 14.82 -87.62 12.99
CA SER AB 41 14.72 -86.27 13.49
C SER AB 41 13.38 -86.03 14.17
N LEU AB 42 12.31 -86.57 13.58
CA LEU AB 42 10.98 -86.44 14.18
C LEU AB 42 10.88 -87.19 15.50
N MET AB 43 11.46 -88.38 15.58
CA MET AB 43 11.42 -89.16 16.83
C MET AB 43 12.21 -88.48 17.94
N ILE AB 44 13.44 -88.03 17.62
CA ILE AB 44 14.27 -87.38 18.63
C ILE AB 44 13.65 -86.06 19.07
N ASN AB 45 13.09 -85.31 18.14
CA ASN AB 45 12.49 -84.04 18.48
C ASN AB 45 11.16 -84.20 19.21
N ARG AB 46 10.47 -85.33 19.01
CA ARG AB 46 9.30 -85.63 19.81
C ARG AB 46 9.67 -86.06 21.21
N ALA AB 47 10.82 -86.74 21.36
CA ALA AB 47 11.17 -87.35 22.64
C ALA AB 47 12.20 -86.54 23.40
N THR AB 48 12.11 -85.21 23.39
CA THR AB 48 12.82 -84.36 24.34
C THR AB 48 11.80 -83.52 25.10
N PRO AB 49 11.38 -83.94 26.29
CA PRO AB 49 10.34 -83.21 27.00
C PRO AB 49 10.88 -81.94 27.64
N TYR AB 50 10.25 -80.80 27.34
CA TYR AB 50 10.66 -79.56 27.96
C TYR AB 50 9.96 -79.34 29.29
N ASN AB 51 8.76 -79.88 29.45
CA ASN AB 51 7.95 -79.67 30.63
C ASN AB 51 7.68 -81.01 31.32
N TYR AB 52 6.93 -80.94 32.40
CA TYR AB 52 6.78 -82.08 33.29
C TYR AB 52 5.78 -83.08 32.71
N PRO AB 53 6.15 -84.34 32.53
CA PRO AB 53 5.14 -85.36 32.25
C PRO AB 53 4.28 -85.61 33.48
N VAL AB 54 3.05 -85.10 33.42
CA VAL AB 54 2.09 -85.04 34.51
C VAL AB 54 1.67 -86.46 34.88
N PRO AB 55 1.24 -86.73 36.10
CA PRO AB 55 0.49 -87.96 36.37
C PRO AB 55 -0.96 -87.79 35.93
N LEU AB 56 -1.74 -88.84 36.12
CA LEU AB 56 -3.16 -88.81 35.79
C LEU AB 56 -3.92 -89.63 36.82
N ARG AB 57 -5.25 -89.50 36.78
CA ARG AB 57 -6.13 -90.17 37.74
C ARG AB 57 -6.04 -91.68 37.55
N ASP AB 58 -6.23 -92.41 38.65
CA ASP AB 58 -5.68 -93.73 38.96
C ASP AB 58 -5.64 -94.73 37.81
N ASP AB 59 -6.81 -95.17 37.34
CA ASP AB 59 -7.20 -95.50 35.96
C ASP AB 59 -8.61 -96.07 36.01
N GLY AB 60 -9.18 -96.26 34.83
CA GLY AB 60 -10.24 -97.23 34.63
C GLY AB 60 -9.66 -98.55 34.19
N ASN AB 61 -8.59 -98.97 34.89
CA ASN AB 61 -7.77 -100.14 34.55
C ASN AB 61 -7.26 -100.08 33.10
N MET AB 62 -6.51 -99.05 32.82
CA MET AB 62 -5.75 -98.97 31.58
C MET AB 62 -4.59 -99.96 31.67
N PRO AB 63 -4.48 -100.94 30.74
CA PRO AB 63 -3.31 -101.82 30.77
C PRO AB 63 -2.12 -101.25 30.01
N ASP AB 64 -1.88 -99.95 30.21
CA ASP AB 64 -0.86 -99.16 29.56
C ASP AB 64 -0.46 -98.08 30.56
N VAL AB 65 0.33 -97.12 30.09
CA VAL AB 65 0.76 -95.87 30.75
C VAL AB 65 1.16 -96.13 32.20
N PRO AB 66 2.34 -96.73 32.42
CA PRO AB 66 2.55 -97.64 33.56
C PRO AB 66 2.60 -97.01 34.94
N SER AB 67 2.67 -97.88 35.95
CA SER AB 67 2.63 -97.46 37.35
C SER AB 67 3.95 -96.88 37.82
N HIS AB 68 5.06 -97.37 37.28
CA HIS AB 68 6.38 -96.85 37.57
C HIS AB 68 7.08 -96.65 36.25
N PRO AB 69 7.73 -95.50 36.04
CA PRO AB 69 8.54 -95.31 34.83
C PRO AB 69 9.77 -96.21 34.74
N GLN AB 70 10.09 -96.98 35.78
CA GLN AB 70 11.07 -98.06 35.63
C GLN AB 70 10.52 -99.17 34.73
N ASP AB 71 9.22 -99.44 34.83
CA ASP AB 71 8.59 -100.53 34.06
C ASP AB 71 8.53 -100.14 32.58
N PRO AB 72 9.03 -100.98 31.67
CA PRO AB 72 9.01 -100.64 30.25
C PRO AB 72 7.68 -100.84 29.52
N GLN AB 73 6.57 -100.87 30.27
CA GLN AB 73 5.24 -100.92 29.63
C GLN AB 73 5.00 -99.74 28.72
N GLY AB 74 5.35 -98.54 29.17
CA GLY AB 74 5.08 -97.33 28.41
C GLY AB 74 6.09 -97.07 27.32
N PRO AB 75 5.97 -95.91 26.67
CA PRO AB 75 6.90 -95.59 25.58
C PRO AB 75 8.26 -95.13 26.09
N SER AB 76 9.23 -96.03 26.03
CA SER AB 76 10.59 -95.72 26.41
C SER AB 76 11.42 -95.48 25.15
N LEU AB 77 12.68 -95.09 25.37
CA LEU AB 77 13.63 -94.93 24.28
C LEU AB 77 14.94 -95.60 24.66
N GLU AB 78 15.49 -96.36 23.70
CA GLU AB 78 16.76 -97.03 23.88
C GLU AB 78 17.72 -96.86 22.71
N TRP AB 79 17.27 -96.31 21.59
CA TRP AB 79 18.10 -96.27 20.38
C TRP AB 79 19.05 -95.09 20.36
N LEU AB 80 19.22 -94.36 21.46
CA LEU AB 80 20.23 -93.31 21.50
C LEU AB 80 21.63 -93.90 21.56
N LYS AB 81 21.87 -94.78 22.55
CA LYS AB 81 23.12 -95.51 22.61
C LYS AB 81 23.19 -96.60 21.55
N ARG AB 82 22.05 -97.04 21.03
CA ARG AB 82 21.98 -98.14 20.06
C ARG AB 82 21.95 -97.66 18.62
N LEU AB 83 22.71 -96.61 18.30
CA LEU AB 83 22.91 -96.09 16.93
C LEU AB 83 21.59 -95.56 16.36
N SER BB 11 -74.13 7.95 -66.56
CA SER BB 11 -75.25 8.40 -65.75
C SER BB 11 -75.37 9.92 -65.73
N LYS BB 12 -76.40 10.43 -66.39
CA LYS BB 12 -76.67 11.86 -66.35
C LYS BB 12 -77.23 12.24 -64.99
N MET BB 13 -77.19 13.54 -64.70
CA MET BB 13 -77.77 14.06 -63.48
C MET BB 13 -78.63 15.27 -63.82
N GLU BB 14 -78.26 15.93 -64.92
CA GLU BB 14 -78.94 17.02 -65.63
C GLU BB 14 -78.92 18.37 -64.92
N LEU BB 15 -78.53 18.40 -63.63
CA LEU BB 15 -78.04 19.56 -62.87
C LEU BB 15 -78.80 20.86 -63.07
N PRO BB 16 -79.96 21.06 -62.43
CA PRO BB 16 -80.66 22.35 -62.48
C PRO BB 16 -79.77 23.54 -62.14
N ASP BB 17 -79.59 24.40 -63.14
CA ASP BB 17 -78.38 25.18 -63.33
C ASP BB 17 -78.32 26.38 -62.38
N TYR BB 18 -77.22 27.11 -62.52
CA TYR BB 18 -76.86 28.22 -61.66
C TYR BB 18 -77.77 29.42 -61.91
N LYS BB 19 -77.69 30.39 -60.99
CA LYS BB 19 -78.40 31.67 -60.92
C LYS BB 19 -79.92 31.57 -61.08
N GLN BB 20 -80.47 30.36 -60.98
CA GLN BB 20 -81.91 30.16 -60.90
C GLN BB 20 -82.45 30.61 -59.55
N TRP BB 21 -81.58 30.68 -58.54
CA TRP BB 21 -82.02 30.87 -57.17
C TRP BB 21 -82.31 32.33 -56.88
N LYS BB 22 -81.37 33.23 -57.22
CA LYS BB 22 -81.61 34.67 -57.39
C LYS BB 22 -82.13 35.28 -56.09
N ILE BB 23 -81.25 35.28 -55.10
CA ILE BB 23 -81.47 34.64 -53.80
C ILE BB 23 -82.89 34.75 -53.22
N GLU BB 24 -83.40 35.96 -52.99
CA GLU BB 24 -84.81 36.28 -52.68
C GLU BB 24 -85.32 35.67 -51.37
N GLY BB 25 -84.53 34.84 -50.70
CA GLY BB 25 -85.04 34.02 -49.63
C GLY BB 25 -85.21 34.81 -48.36
N THR BB 26 -86.12 34.34 -47.51
CA THR BB 26 -86.43 35.09 -46.29
C THR BB 26 -85.30 35.07 -45.25
N PRO BB 27 -84.71 33.92 -44.85
CA PRO BB 27 -83.66 34.01 -43.82
C PRO BB 27 -82.37 34.61 -44.34
N LEU BB 28 -82.01 34.28 -45.58
CA LEU BB 28 -80.80 34.84 -46.16
C LEU BB 28 -80.99 36.31 -46.50
N GLU BB 29 -82.22 36.73 -46.77
CA GLU BB 29 -82.49 38.14 -47.00
C GLU BB 29 -82.39 38.93 -45.70
N THR BB 30 -82.86 38.34 -44.59
CA THR BB 30 -82.70 38.96 -43.28
C THR BB 30 -81.22 39.07 -42.90
N VAL BB 31 -80.43 38.04 -43.18
CA VAL BB 31 -79.03 38.12 -42.76
C VAL BB 31 -78.26 39.08 -43.67
N GLN BB 32 -78.65 39.22 -44.94
CA GLN BB 32 -78.04 40.23 -45.79
C GLN BB 32 -78.37 41.64 -45.32
N GLU BB 33 -79.63 41.89 -44.93
CA GLU BB 33 -79.99 43.22 -44.49
C GLU BB 33 -79.38 43.56 -43.14
N LYS BB 34 -79.29 42.59 -42.23
CA LYS BB 34 -78.69 42.88 -40.92
C LYS BB 34 -77.18 43.04 -41.01
N LEU BB 35 -76.52 42.19 -41.80
CA LEU BB 35 -75.08 42.33 -41.93
C LEU BB 35 -74.70 43.51 -42.81
N ALA BB 36 -75.60 43.98 -43.67
CA ALA BB 36 -75.36 45.23 -44.36
C ALA BB 36 -75.64 46.44 -43.47
N ALA BB 37 -76.56 46.30 -42.52
CA ALA BB 37 -76.69 47.32 -41.47
C ALA BB 37 -75.45 47.38 -40.61
N ARG BB 38 -74.79 46.23 -40.42
CA ARG BB 38 -73.47 46.24 -39.82
C ARG BB 38 -72.45 46.87 -40.77
N GLY BB 39 -72.61 46.67 -42.07
CA GLY BB 39 -71.78 47.36 -43.05
C GLY BB 39 -70.72 46.49 -43.70
N LEU BB 40 -71.09 45.25 -44.04
CA LEU BB 40 -70.14 44.33 -44.64
C LEU BB 40 -70.61 43.76 -45.97
N ARG BB 41 -71.90 43.44 -46.11
CA ARG BB 41 -72.57 43.04 -47.35
C ARG BB 41 -72.02 41.77 -47.99
N ASP BB 42 -71.19 40.98 -47.30
CA ASP BB 42 -70.55 39.82 -47.92
C ASP BB 42 -70.86 38.54 -47.15
N PRO BB 43 -72.00 37.90 -47.41
CA PRO BB 43 -72.17 36.51 -46.98
C PRO BB 43 -71.73 35.54 -48.06
N TRP BB 44 -71.93 34.25 -47.81
CA TRP BB 44 -71.82 33.27 -48.88
C TRP BB 44 -72.91 33.47 -49.92
N GLY BB 45 -74.10 33.82 -49.46
CA GLY BB 45 -75.16 34.31 -50.34
C GLY BB 45 -75.99 33.16 -50.91
N ARG BB 46 -75.82 32.91 -52.20
CA ARG BB 46 -76.83 32.25 -53.03
C ARG BB 46 -76.89 30.75 -52.87
N ASN BB 47 -76.30 30.16 -51.83
CA ASN BB 47 -76.33 28.70 -51.74
C ASN BB 47 -77.72 28.22 -51.36
N GLU BB 48 -78.18 28.57 -50.17
CA GLU BB 48 -79.20 27.78 -49.49
C GLU BB 48 -80.62 28.22 -49.83
N ALA BB 49 -80.81 28.87 -50.99
CA ALA BB 49 -82.14 29.09 -51.51
C ALA BB 49 -82.81 27.79 -51.92
N TRP BB 50 -82.05 26.76 -52.27
CA TRP BB 50 -82.68 25.47 -52.49
C TRP BB 50 -83.19 24.87 -51.20
N ARG BB 51 -82.52 25.15 -50.10
CA ARG BB 51 -83.07 24.79 -48.81
C ARG BB 51 -84.29 25.62 -48.47
N TYR BB 52 -84.36 26.83 -49.00
CA TYR BB 52 -85.35 27.78 -48.51
C TYR BB 52 -86.50 28.06 -49.47
N MET BB 53 -86.58 27.39 -50.62
CA MET BB 53 -87.77 27.46 -51.47
C MET BB 53 -87.81 26.25 -52.37
N GLY BB 54 -89.03 25.91 -52.80
CA GLY BB 54 -89.30 24.72 -53.60
C GLY BB 54 -90.58 24.04 -53.15
N GLY BB 55 -90.49 22.76 -52.78
CA GLY BB 55 -91.53 22.14 -51.99
C GLY BB 55 -91.40 22.39 -50.50
N PHE BB 56 -90.40 23.19 -50.15
CA PHE BB 56 -90.04 23.62 -48.82
C PHE BB 56 -90.85 24.90 -48.54
N ALA BB 57 -90.38 25.76 -47.62
CA ALA BB 57 -90.79 27.17 -47.60
C ALA BB 57 -92.26 27.42 -47.26
N ASN BB 58 -92.57 27.50 -45.96
CA ASN BB 58 -93.85 27.35 -45.25
C ASN BB 58 -94.25 25.89 -45.22
N ASN BB 59 -93.34 25.06 -44.71
CA ASN BB 59 -93.73 23.86 -44.02
C ASN BB 59 -94.56 24.21 -42.79
N VAL BB 60 -95.34 23.23 -42.32
CA VAL BB 60 -96.33 23.46 -41.28
C VAL BB 60 -95.65 23.80 -39.95
N SER BB 61 -96.34 24.61 -39.14
CA SER BB 61 -95.86 24.98 -37.81
C SER BB 61 -96.00 23.80 -36.85
N PHE BB 62 -95.59 24.03 -35.60
CA PHE BB 62 -95.35 22.91 -34.69
C PHE BB 62 -96.64 22.26 -34.22
N VAL BB 63 -97.65 23.05 -33.85
CA VAL BB 63 -98.90 22.43 -33.43
C VAL BB 63 -99.69 21.88 -34.62
N GLY BB 64 -99.38 22.32 -35.84
CA GLY BB 64 -100.10 21.82 -37.00
C GLY BB 64 -99.71 20.40 -37.38
N ALA BB 65 -98.41 20.07 -37.28
CA ALA BB 65 -97.96 18.74 -37.64
C ALA BB 65 -98.46 17.70 -36.65
N LEU BB 66 -98.50 18.04 -35.36
CA LEU BB 66 -99.07 17.13 -34.37
C LEU BB 66 -100.58 17.08 -34.50
N LEU BB 67 -101.23 18.25 -34.65
CA LEU BB 67 -102.68 18.34 -34.72
C LEU BB 67 -103.21 18.20 -36.14
N LYS BB 68 -102.47 17.52 -37.01
CA LYS BB 68 -102.90 17.23 -38.38
C LYS BB 68 -104.03 16.17 -38.42
N GLY BB 69 -104.42 15.63 -37.28
CA GLY BB 69 -105.33 14.49 -37.27
C GLY BB 69 -106.77 14.82 -37.61
N PHE BB 70 -107.29 15.96 -37.12
CA PHE BB 70 -108.73 16.20 -37.27
C PHE BB 70 -109.13 16.75 -38.64
N LYS BB 71 -108.28 16.68 -39.65
CA LYS BB 71 -108.72 17.02 -41.00
C LYS BB 71 -109.39 15.86 -41.72
N TRP BB 72 -109.42 14.67 -41.10
CA TRP BB 72 -110.19 13.55 -41.61
C TRP BB 72 -110.95 12.83 -40.52
N GLY BB 73 -110.64 13.07 -39.25
CA GLY BB 73 -111.26 12.32 -38.17
C GLY BB 73 -112.66 12.75 -37.81
N PHE BB 74 -113.03 14.00 -38.11
CA PHE BB 74 -114.35 14.50 -37.72
C PHE BB 74 -115.46 13.87 -38.55
N ALA BB 75 -115.22 13.63 -39.83
CA ALA BB 75 -116.26 13.03 -40.68
C ALA BB 75 -116.56 11.61 -40.24
N ALA BB 76 -115.51 10.80 -40.02
CA ALA BB 76 -115.71 9.46 -39.50
C ALA BB 76 -116.24 9.48 -38.08
N PHE BB 77 -115.93 10.52 -37.30
CA PHE BB 77 -116.48 10.61 -35.95
C PHE BB 77 -117.97 10.91 -35.98
N VAL BB 78 -118.41 11.74 -36.93
CA VAL BB 78 -119.84 12.01 -37.09
C VAL BB 78 -120.54 10.74 -37.58
N VAL BB 79 -119.87 9.94 -38.41
CA VAL BB 79 -120.40 8.63 -38.78
C VAL BB 79 -120.51 7.73 -37.54
N ALA BB 80 -119.53 7.82 -36.64
CA ALA BB 80 -119.56 6.99 -35.43
C ALA BB 80 -120.63 7.44 -34.45
N VAL BB 81 -120.93 8.74 -34.41
CA VAL BB 81 -122.05 9.23 -33.62
C VAL BB 81 -123.37 8.76 -34.23
N GLY BB 82 -123.49 8.85 -35.55
CA GLY BB 82 -124.69 8.41 -36.26
C GLY BB 82 -124.88 6.90 -36.29
N ALA BB 83 -123.84 6.13 -35.96
CA ALA BB 83 -123.95 4.69 -35.90
C ALA BB 83 -123.62 4.18 -34.51
N MET CB 2 -31.10 -58.93 9.50
CA MET CB 2 -31.02 -60.18 10.25
C MET CB 2 -29.56 -60.65 10.27
N THR CB 3 -29.14 -61.22 11.39
CA THR CB 3 -27.82 -61.81 11.53
C THR CB 3 -27.99 -63.28 11.91
N GLY CB 4 -27.20 -64.13 11.26
CA GLY CB 4 -27.36 -65.58 11.32
C GLY CB 4 -27.34 -66.25 12.68
N ARG CB 5 -28.22 -67.22 13.02
CA ARG CB 5 -29.36 -67.86 12.29
C ARG CB 5 -28.92 -68.51 10.96
N GLN CB 6 -28.23 -69.65 11.10
CA GLN CB 6 -27.35 -70.23 10.08
C GLN CB 6 -26.19 -69.26 9.82
N ALA CB 7 -25.60 -68.78 10.91
CA ALA CB 7 -24.19 -68.39 10.91
C ALA CB 7 -23.34 -69.55 11.42
N ARG CB 8 -23.57 -70.73 10.84
CA ARG CB 8 -22.71 -71.89 11.02
C ARG CB 8 -22.10 -72.31 9.69
N ALA CB 9 -22.93 -72.58 8.70
CA ALA CB 9 -22.45 -72.79 7.34
C ALA CB 9 -22.41 -71.42 6.69
N PRO CB 10 -21.21 -70.90 6.40
CA PRO CB 10 -21.08 -69.46 6.10
C PRO CB 10 -21.59 -69.07 4.73
N LEU CB 11 -21.39 -69.91 3.73
CA LEU CB 11 -21.86 -69.64 2.38
C LEU CB 11 -22.59 -70.86 1.83
N GLN CB 12 -23.33 -71.54 2.70
CA GLN CB 12 -24.36 -72.45 2.23
C GLN CB 12 -25.39 -71.64 1.47
N PHE CB 13 -25.39 -71.76 0.14
CA PHE CB 13 -26.26 -70.91 -0.67
C PHE CB 13 -27.72 -71.30 -0.50
N LEU CB 14 -27.98 -72.59 -0.30
CA LEU CB 14 -29.30 -73.08 0.06
C LEU CB 14 -29.14 -74.41 0.78
N PRO CB 15 -29.65 -74.52 2.00
CA PRO CB 15 -29.59 -75.80 2.70
C PRO CB 15 -30.65 -76.78 2.21
N ASP CB 16 -30.78 -77.90 2.91
CA ASP CB 16 -31.94 -78.77 2.73
C ASP CB 16 -33.21 -78.12 3.28
N GLU CB 17 -33.08 -77.07 4.09
CA GLU CB 17 -34.22 -76.27 4.50
C GLU CB 17 -34.90 -75.62 3.31
N ALA CB 18 -34.14 -75.28 2.26
CA ALA CB 18 -34.71 -74.71 1.05
C ALA CB 18 -35.38 -75.75 0.16
N ARG CB 19 -35.18 -77.04 0.43
CA ARG CB 19 -35.76 -78.10 -0.39
C ARG CB 19 -37.11 -78.56 0.14
N SER CB 20 -37.82 -77.71 0.87
CA SER CB 20 -39.15 -78.01 1.36
C SER CB 20 -40.21 -77.03 0.90
N LEU CB 21 -39.83 -75.89 0.44
CA LEU CB 21 -40.65 -74.88 -0.17
C LEU CB 21 -40.61 -75.04 -1.69
N PRO CB 22 -41.68 -74.67 -2.42
CA PRO CB 22 -41.67 -74.90 -3.85
C PRO CB 22 -40.77 -73.91 -4.57
N PRO CB 23 -40.13 -74.33 -5.66
CA PRO CB 23 -39.28 -73.42 -6.42
C PRO CB 23 -40.11 -72.44 -7.21
N PRO CB 24 -39.52 -71.38 -7.77
CA PRO CB 24 -40.29 -70.48 -8.65
C PRO CB 24 -40.73 -71.20 -9.91
N LYS CB 25 -42.01 -71.09 -10.20
CA LYS CB 25 -42.64 -71.90 -11.24
C LYS CB 25 -42.35 -71.34 -12.61
N LEU CB 26 -42.84 -72.05 -13.63
CA LEU CB 26 -42.79 -71.58 -15.00
C LEU CB 26 -43.75 -70.41 -15.16
N THR CB 27 -43.42 -69.52 -16.11
CA THR CB 27 -44.07 -68.24 -16.45
C THR CB 27 -44.54 -67.40 -15.25
N ASP CB 28 -43.76 -67.42 -14.18
CA ASP CB 28 -43.89 -66.37 -13.17
C ASP CB 28 -43.49 -65.04 -13.79
N PRO CB 29 -44.13 -63.93 -13.41
CA PRO CB 29 -43.88 -62.67 -14.13
C PRO CB 29 -42.51 -62.08 -13.89
N ARG CB 30 -41.84 -62.40 -12.77
CA ARG CB 30 -40.55 -61.77 -12.51
C ARG CB 30 -39.46 -62.35 -13.38
N LEU CB 31 -39.47 -63.66 -13.63
CA LEU CB 31 -38.49 -64.23 -14.54
C LEU CB 31 -38.76 -63.82 -15.98
N ALA CB 32 -40.03 -63.58 -16.34
CA ALA CB 32 -40.33 -63.05 -17.66
C ALA CB 32 -39.85 -61.61 -17.80
N TYR CB 33 -39.93 -60.84 -16.72
CA TYR CB 33 -39.35 -59.50 -16.71
C TYR CB 33 -37.83 -59.56 -16.91
N ILE CB 34 -37.18 -60.52 -16.25
CA ILE CB 34 -35.73 -60.68 -16.42
C ILE CB 34 -35.39 -61.09 -17.84
N GLY CB 35 -36.22 -61.93 -18.45
CA GLY CB 35 -35.99 -62.30 -19.84
C GLY CB 35 -36.17 -61.14 -20.80
N PHE CB 36 -37.14 -60.28 -20.55
CA PHE CB 36 -37.28 -59.08 -21.36
C PHE CB 36 -36.12 -58.13 -21.15
N LEU CB 37 -35.59 -58.08 -19.92
CA LEU CB 37 -34.38 -57.29 -19.68
C LEU CB 37 -33.18 -57.88 -20.41
N GLY CB 38 -33.14 -59.20 -20.56
CA GLY CB 38 -32.07 -59.82 -21.32
C GLY CB 38 -32.16 -59.51 -22.80
N TYR CB 39 -33.38 -59.50 -23.33
CA TYR CB 39 -33.57 -59.10 -24.71
C TYR CB 39 -33.22 -57.64 -24.92
N CYS CB 40 -33.49 -56.79 -23.92
CA CYS CB 40 -33.12 -55.38 -24.02
C CYS CB 40 -31.60 -55.21 -23.94
N SER CB 41 -30.93 -56.05 -23.16
CA SER CB 41 -29.48 -56.04 -23.12
C SER CB 41 -28.88 -56.44 -24.46
N GLY CB 42 -29.49 -57.44 -25.11
CA GLY CB 42 -29.04 -57.82 -26.44
C GLY CB 42 -29.29 -56.74 -27.48
N LEU CB 43 -30.44 -56.06 -27.37
CA LEU CB 43 -30.74 -54.95 -28.26
C LEU CB 43 -29.73 -53.83 -28.13
N ILE CB 44 -29.38 -53.46 -26.89
CA ILE CB 44 -28.44 -52.37 -26.75
C ILE CB 44 -27.01 -52.81 -27.05
N ASP CB 45 -26.68 -54.10 -26.89
CA ASP CB 45 -25.37 -54.56 -27.32
C ASP CB 45 -25.24 -54.52 -28.83
N ASN CB 46 -26.34 -54.80 -29.55
CA ASN CB 46 -26.33 -54.56 -30.99
C ASN CB 46 -26.29 -53.08 -31.31
N ALA CB 47 -26.80 -52.23 -30.41
CA ALA CB 47 -26.85 -50.81 -30.69
C ALA CB 47 -25.47 -50.15 -30.57
N ILE CB 48 -24.65 -50.58 -29.61
CA ILE CB 48 -23.40 -49.86 -29.34
C ILE CB 48 -22.37 -50.12 -30.43
N ARG CB 49 -22.23 -51.37 -30.88
CA ARG CB 49 -21.14 -51.74 -31.76
C ARG CB 49 -21.37 -51.36 -33.22
N ARG CB 50 -22.40 -50.55 -33.52
CA ARG CB 50 -22.76 -50.03 -34.83
C ARG CB 50 -23.19 -51.11 -35.82
N ARG CB 51 -23.34 -52.35 -35.38
CA ARG CB 51 -23.99 -53.37 -36.16
C ARG CB 51 -25.50 -53.10 -36.15
N PRO CB 52 -26.25 -53.63 -37.13
CA PRO CB 52 -27.70 -53.34 -37.16
C PRO CB 52 -28.43 -53.90 -35.96
N VAL CB 53 -29.19 -53.02 -35.31
CA VAL CB 53 -30.04 -53.41 -34.20
C VAL CB 53 -31.13 -54.33 -34.72
N LEU CB 54 -31.51 -55.32 -33.88
CA LEU CB 54 -32.45 -56.39 -34.20
C LEU CB 54 -31.98 -57.24 -35.38
N SER CB 55 -30.66 -57.36 -35.57
CA SER CB 55 -30.14 -58.12 -36.69
C SER CB 55 -28.72 -58.59 -36.38
N ALA CB 56 -28.37 -59.72 -36.98
CA ALA CB 56 -27.00 -60.24 -37.10
C ALA CB 56 -26.31 -60.50 -35.76
N GLY CB 57 -27.07 -60.63 -34.67
CA GLY CB 57 -26.48 -60.94 -33.39
C GLY CB 57 -27.34 -61.91 -32.61
N LEU CB 58 -28.06 -62.79 -33.33
CA LEU CB 58 -29.12 -63.58 -32.71
C LEU CB 58 -28.58 -64.64 -31.76
N HIS CB 59 -27.37 -65.15 -32.02
CA HIS CB 59 -26.74 -66.02 -31.04
C HIS CB 59 -26.37 -65.25 -29.78
N ARG CB 60 -25.98 -63.98 -29.91
CA ARG CB 60 -25.75 -63.16 -28.73
C ARG CB 60 -27.05 -62.82 -28.01
N GLN CB 61 -28.14 -62.64 -28.77
CA GLN CB 61 -29.46 -62.43 -28.17
C GLN CB 61 -29.84 -63.62 -27.29
N PHE CB 62 -29.74 -64.82 -27.85
CA PHE CB 62 -30.13 -66.02 -27.12
C PHE CB 62 -29.18 -66.31 -25.97
N LEU CB 63 -27.90 -65.92 -26.11
CA LEU CB 63 -26.94 -66.07 -25.02
C LEU CB 63 -27.31 -65.18 -23.84
N TYR CB 64 -27.60 -63.90 -24.11
CA TYR CB 64 -27.96 -62.97 -23.03
C TYR CB 64 -29.25 -63.38 -22.34
N ILE CB 65 -30.24 -63.83 -23.13
CA ILE CB 65 -31.51 -64.24 -22.54
C ILE CB 65 -31.33 -65.47 -21.65
N THR CB 66 -30.53 -66.44 -22.12
CA THR CB 66 -30.25 -67.64 -21.34
C THR CB 66 -29.55 -67.31 -20.03
N SER CB 67 -28.54 -66.44 -20.10
CA SER CB 67 -27.75 -66.11 -18.91
C SER CB 67 -28.60 -65.37 -17.88
N PHE CB 68 -29.39 -64.38 -18.31
CA PHE CB 68 -30.17 -63.63 -17.34
C PHE CB 68 -31.30 -64.45 -16.75
N VAL CB 69 -31.94 -65.31 -17.54
CA VAL CB 69 -33.01 -66.15 -17.00
C VAL CB 69 -32.44 -67.14 -15.98
N PHE CB 70 -31.26 -67.69 -16.24
CA PHE CB 70 -30.65 -68.63 -15.31
C PHE CB 70 -30.27 -67.96 -13.98
N VAL CB 71 -29.60 -66.81 -14.07
CA VAL CB 71 -29.18 -66.10 -12.86
C VAL CB 71 -30.38 -65.62 -12.06
N GLY CB 72 -31.39 -65.07 -12.75
CA GLY CB 72 -32.59 -64.63 -12.06
C GLY CB 72 -33.38 -65.78 -11.44
N TYR CB 73 -33.30 -66.97 -12.03
CA TYR CB 73 -33.96 -68.13 -11.45
C TYR CB 73 -33.33 -68.50 -10.11
N TYR CB 74 -31.99 -68.54 -10.07
CA TYR CB 74 -31.35 -68.85 -8.79
C TYR CB 74 -31.56 -67.74 -7.76
N LEU CB 75 -31.60 -66.48 -8.21
CA LEU CB 75 -31.85 -65.38 -7.27
C LEU CB 75 -33.25 -65.45 -6.70
N LEU CB 76 -34.24 -65.84 -7.52
CA LEU CB 76 -35.60 -65.99 -7.03
C LEU CB 76 -35.71 -67.14 -6.03
N LYS CB 77 -34.97 -68.22 -6.27
CA LYS CB 77 -34.98 -69.35 -5.33
C LYS CB 77 -34.44 -68.93 -3.96
N ARG CB 78 -33.27 -68.26 -3.95
CA ARG CB 78 -32.69 -67.80 -2.69
C ARG CB 78 -33.56 -66.76 -2.00
N GLN CB 79 -34.19 -65.87 -2.79
CA GLN CB 79 -35.10 -64.87 -2.26
C GLN CB 79 -36.27 -65.50 -1.51
N ASP CB 80 -36.93 -66.48 -2.14
CA ASP CB 80 -38.09 -67.11 -1.51
C ASP CB 80 -37.69 -67.91 -0.29
N TYR CB 81 -36.49 -68.51 -0.30
CA TYR CB 81 -36.00 -69.17 0.90
C TYR CB 81 -35.76 -68.18 2.03
N MET CB 82 -35.22 -67.00 1.72
CA MET CB 82 -34.92 -66.03 2.75
C MET CB 82 -36.18 -65.47 3.39
N TYR CB 83 -37.20 -65.18 2.59
CA TYR CB 83 -38.46 -64.72 3.18
C TYR CB 83 -39.16 -65.83 3.96
N ALA CB 84 -39.03 -67.08 3.51
CA ALA CB 84 -39.64 -68.18 4.24
C ALA CB 84 -38.98 -68.39 5.61
N VAL CB 85 -37.65 -68.27 5.68
CA VAL CB 85 -37.00 -68.48 6.97
C VAL CB 85 -37.22 -67.27 7.88
N ARG CB 86 -37.40 -66.07 7.31
CA ARG CB 86 -37.78 -64.91 8.11
C ARG CB 86 -39.16 -65.12 8.74
N ASP CB 87 -40.12 -65.62 7.95
CA ASP CB 87 -41.47 -65.87 8.45
C ASP CB 87 -41.46 -66.95 9.53
N HIS CB 88 -40.67 -68.00 9.32
CA HIS CB 88 -40.68 -69.10 10.27
C HIS CB 88 -40.01 -68.71 11.58
N ASP CB 89 -38.95 -67.90 11.53
CA ASP CB 89 -38.34 -67.43 12.76
C ASP CB 89 -39.24 -66.47 13.51
N MET CB 90 -39.98 -65.65 12.76
CA MET CB 90 -40.96 -64.75 13.37
C MET CB 90 -42.03 -65.53 14.11
N PHE CB 91 -42.56 -66.59 13.49
CA PHE CB 91 -43.60 -67.36 14.13
C PHE CB 91 -43.07 -68.21 15.27
N SER CB 92 -41.80 -68.62 15.20
CA SER CB 92 -41.20 -69.30 16.34
C SER CB 92 -41.07 -68.36 17.54
N TYR CB 93 -40.75 -67.09 17.28
CA TYR CB 93 -40.70 -66.16 18.40
C TYR CB 93 -42.09 -65.74 18.87
N ILE CB 94 -43.09 -65.80 17.98
CA ILE CB 94 -44.48 -65.63 18.42
C ILE CB 94 -44.88 -66.75 19.38
N LYS CB 95 -44.70 -68.00 18.96
CA LYS CB 95 -45.12 -69.14 19.76
C LYS CB 95 -44.25 -69.32 21.00
N SER CB 96 -43.04 -68.76 21.00
CA SER CB 96 -42.13 -68.94 22.12
C SER CB 96 -42.62 -68.19 23.36
N HIS CB 97 -42.76 -66.87 23.27
CA HIS CB 97 -43.11 -66.06 24.41
C HIS CB 97 -44.57 -65.63 24.33
N PRO CB 98 -45.45 -66.16 25.16
CA PRO CB 98 -46.87 -65.78 25.05
C PRO CB 98 -47.19 -64.43 25.66
N GLU CB 99 -46.56 -64.12 26.78
CA GLU CB 99 -47.06 -63.06 27.64
C GLU CB 99 -46.65 -61.67 27.19
N ASP CB 100 -45.65 -61.54 26.32
CA ASP CB 100 -45.30 -60.23 25.81
C ASP CB 100 -46.20 -59.77 24.68
N PHE CB 101 -47.04 -60.66 24.15
CA PHE CB 101 -47.93 -60.36 23.02
C PHE CB 101 -49.36 -60.64 23.45
N PRO CB 102 -49.99 -59.73 24.19
CA PRO CB 102 -51.32 -60.00 24.72
C PRO CB 102 -52.39 -59.79 23.66
N GLU CB 103 -53.40 -60.67 23.69
CA GLU CB 103 -54.59 -60.50 22.87
C GLU CB 103 -55.33 -59.26 23.35
N LYS CB 104 -55.32 -58.21 22.54
CA LYS CB 104 -56.04 -56.98 22.90
C LYS CB 104 -57.54 -57.25 22.88
N ASP CB 105 -58.20 -56.88 23.97
CA ASP CB 105 -59.61 -57.17 24.16
C ASP CB 105 -60.41 -56.29 23.20
N LYS CB 106 -60.80 -56.88 22.06
CA LYS CB 106 -61.36 -56.10 20.97
C LYS CB 106 -62.78 -55.66 21.30
N LYS CB 107 -62.91 -54.46 21.83
CA LYS CB 107 -64.21 -53.91 22.19
C LYS CB 107 -64.96 -53.51 20.93
N THR CB 108 -66.20 -53.96 20.82
CA THR CB 108 -67.02 -53.59 19.67
C THR CB 108 -67.44 -52.12 19.77
N TYR CB 109 -67.97 -51.61 18.66
CA TYR CB 109 -68.27 -50.18 18.55
C TYR CB 109 -69.46 -49.73 19.38
N ARG CB 110 -70.13 -50.62 20.11
CA ARG CB 110 -71.21 -50.20 20.99
C ARG CB 110 -70.69 -49.32 22.13
N GLU CB 111 -69.46 -49.56 22.58
CA GLU CB 111 -68.91 -48.85 23.73
C GLU CB 111 -67.63 -48.09 23.44
N VAL CB 112 -67.02 -48.26 22.26
CA VAL CB 112 -65.80 -47.55 21.94
C VAL CB 112 -66.15 -46.10 21.63
N PHE CB 113 -65.76 -45.19 22.52
CA PHE CB 113 -66.06 -43.78 22.32
C PHE CB 113 -65.10 -43.18 21.30
N GLU CB 114 -65.62 -42.20 20.55
CA GLU CB 114 -64.84 -41.48 19.55
C GLU CB 114 -65.04 -39.98 19.74
N GLU CB 115 -63.95 -39.23 19.83
CA GLU CB 115 -64.04 -37.79 19.70
C GLU CB 115 -64.37 -37.45 18.25
N PHE CB 116 -65.25 -36.47 18.04
CA PHE CB 116 -65.89 -36.32 16.75
C PHE CB 116 -65.39 -35.10 15.98
N HIS CB 117 -65.48 -33.90 16.56
CA HIS CB 117 -65.10 -32.62 15.96
C HIS CB 117 -65.78 -32.41 14.61
N PRO CB 118 -67.07 -32.06 14.59
CA PRO CB 118 -67.82 -31.95 13.32
C PRO CB 118 -67.25 -30.88 12.40
N VAL CB 119 -66.96 -31.29 11.17
CA VAL CB 119 -66.39 -30.38 10.18
C VAL CB 119 -67.51 -29.80 9.33
N ARG CB 120 -67.43 -28.49 9.09
CA ARG CB 120 -68.52 -27.78 8.45
C ARG CB 120 -68.10 -27.32 7.06
N SER DB 1 -59.61 34.64 -19.64
CA SER DB 1 -60.97 34.16 -19.87
C SER DB 1 -61.21 32.87 -19.11
N PHE DB 2 -60.13 32.23 -18.70
CA PHE DB 2 -60.19 30.86 -18.19
C PHE DB 2 -58.93 30.60 -17.37
N PRO DB 3 -58.98 29.65 -16.41
CA PRO DB 3 -57.77 29.31 -15.63
C PRO DB 3 -56.70 28.51 -16.36
N LYS DB 4 -56.74 28.49 -17.69
CA LYS DB 4 -55.69 28.03 -18.59
C LYS DB 4 -55.49 26.52 -18.57
N TYR DB 5 -56.49 25.76 -18.11
CA TYR DB 5 -56.64 24.34 -18.39
C TYR DB 5 -55.47 23.47 -17.94
N GLU DB 6 -55.34 23.25 -16.64
CA GLU DB 6 -54.31 22.35 -16.15
C GLU DB 6 -54.56 20.92 -16.67
N PRO DB 7 -53.50 20.18 -16.92
CA PRO DB 7 -53.65 18.75 -17.21
C PRO DB 7 -53.63 17.94 -15.94
N SER DB 8 -53.66 16.61 -16.07
CA SER DB 8 -53.57 15.72 -14.93
C SER DB 8 -52.85 14.46 -15.39
N ARG DB 9 -52.96 13.39 -14.61
CA ARG DB 9 -52.48 12.10 -15.09
C ARG DB 9 -53.39 11.50 -16.15
N LEU DB 10 -54.62 12.00 -16.26
CA LEU DB 10 -55.59 11.55 -17.24
C LEU DB 10 -55.98 12.62 -18.23
N ALA DB 11 -56.17 13.84 -17.77
CA ALA DB 11 -56.57 14.94 -18.65
C ALA DB 11 -55.42 15.30 -19.57
N SER DB 12 -55.60 15.04 -20.86
CA SER DB 12 -54.56 15.30 -21.83
C SER DB 12 -54.41 16.79 -22.07
N LEU DB 13 -53.17 17.26 -22.10
CA LEU DB 13 -52.90 18.64 -22.49
C LEU DB 13 -52.64 18.65 -23.99
N PRO DB 14 -53.53 19.22 -24.80
CA PRO DB 14 -53.38 19.13 -26.25
C PRO DB 14 -52.24 20.01 -26.75
N THR DB 15 -51.87 19.79 -28.00
CA THR DB 15 -50.80 20.54 -28.64
C THR DB 15 -51.25 21.86 -29.22
N THR DB 16 -52.52 22.25 -28.98
CA THR DB 16 -52.95 23.59 -29.35
C THR DB 16 -52.26 24.63 -28.47
N LEU DB 17 -52.53 24.59 -27.17
CA LEU DB 17 -51.93 25.52 -26.22
C LEU DB 17 -51.01 24.73 -25.29
N ASP DB 18 -49.72 24.96 -25.42
CA ASP DB 18 -48.77 24.35 -24.50
C ASP DB 18 -48.60 25.13 -23.18
N PRO DB 19 -48.37 26.47 -23.17
CA PRO DB 19 -48.13 27.54 -24.14
C PRO DB 19 -46.66 27.64 -24.54
N ALA DB 20 -45.83 26.77 -23.97
CA ALA DB 20 -44.37 26.78 -24.12
C ALA DB 20 -43.89 26.43 -25.54
N GLU DB 21 -44.79 26.13 -26.49
CA GLU DB 21 -44.37 26.00 -27.88
C GLU DB 21 -43.80 27.30 -28.42
N TYR DB 22 -44.45 28.41 -28.11
CA TYR DB 22 -44.29 29.67 -28.84
C TYR DB 22 -42.92 30.33 -28.63
N ASP DB 23 -42.17 29.88 -27.63
CA ASP DB 23 -40.78 30.32 -27.46
C ASP DB 23 -39.83 29.40 -28.22
N ILE DB 24 -40.00 29.35 -29.53
CA ILE DB 24 -39.16 28.53 -30.38
C ILE DB 24 -37.76 29.13 -30.41
N SER DB 25 -36.75 28.28 -30.33
CA SER DB 25 -35.38 28.68 -30.63
C SER DB 25 -34.89 27.87 -31.83
N SER DB 26 -33.66 28.18 -32.26
CA SER DB 26 -33.10 27.51 -33.43
C SER DB 26 -32.79 26.05 -33.15
N GLU DB 27 -32.39 25.74 -31.91
CA GLU DB 27 -32.09 24.35 -31.56
C GLU DB 27 -33.34 23.51 -31.49
N THR DB 28 -34.49 24.10 -31.17
CA THR DB 28 -35.74 23.36 -31.19
C THR DB 28 -36.17 23.02 -32.61
N ARG DB 29 -35.97 23.96 -33.56
CA ARG DB 29 -36.24 23.63 -34.95
C ARG DB 29 -35.25 22.60 -35.48
N LYS DB 30 -34.01 22.66 -35.01
CA LYS DB 30 -33.04 21.61 -35.34
C LYS DB 30 -33.49 20.26 -34.79
N ALA DB 31 -34.08 20.26 -33.60
CA ALA DB 31 -34.58 19.02 -33.01
C ALA DB 31 -35.76 18.46 -33.80
N GLN DB 32 -36.68 19.33 -34.21
CA GLN DB 32 -37.81 18.86 -35.01
C GLN DB 32 -37.36 18.38 -36.38
N ALA DB 33 -36.34 19.00 -36.95
CA ALA DB 33 -35.80 18.55 -38.23
C ALA DB 33 -35.12 17.19 -38.10
N GLU DB 34 -34.38 16.97 -37.01
CA GLU DB 34 -33.75 15.67 -36.80
C GLU DB 34 -34.78 14.57 -36.55
N ARG DB 35 -35.87 14.92 -35.83
CA ARG DB 35 -36.94 13.96 -35.61
C ARG DB 35 -37.61 13.57 -36.93
N LEU DB 36 -37.83 14.56 -37.79
CA LEU DB 36 -38.41 14.30 -39.10
C LEU DB 36 -37.49 13.43 -39.95
N ALA DB 37 -36.17 13.67 -39.86
CA ALA DB 37 -35.22 12.88 -40.62
C ALA DB 37 -35.18 11.44 -40.12
N ILE DB 38 -35.30 11.24 -38.81
CA ILE DB 38 -35.25 9.89 -38.26
C ILE DB 38 -36.48 9.09 -38.69
N ARG DB 39 -37.67 9.69 -38.59
CA ARG DB 39 -38.85 8.98 -39.08
C ARG DB 39 -38.84 8.78 -40.58
N SER DB 40 -38.21 9.71 -41.32
CA SER DB 40 -38.07 9.55 -42.76
C SER DB 40 -37.21 8.35 -43.11
N ARG DB 41 -36.05 8.22 -42.46
CA ARG DB 41 -35.14 7.13 -42.80
C ARG DB 41 -35.71 5.80 -42.35
N LEU DB 42 -36.41 5.77 -41.21
CA LEU DB 42 -36.99 4.52 -40.75
C LEU DB 42 -38.14 4.07 -41.66
N LYS DB 43 -38.97 5.02 -42.13
CA LYS DB 43 -40.02 4.64 -43.08
C LYS DB 43 -39.45 4.23 -44.43
N ARG DB 44 -38.34 4.84 -44.86
CA ARG DB 44 -37.72 4.43 -46.12
C ARG DB 44 -37.22 3.00 -46.05
N GLU DB 45 -36.53 2.66 -44.95
CA GLU DB 45 -36.08 1.28 -44.76
C GLU DB 45 -37.25 0.32 -44.63
N TYR DB 46 -38.35 0.78 -44.01
CA TYR DB 46 -39.54 -0.04 -43.87
C TYR DB 46 -40.17 -0.34 -45.22
N GLN DB 47 -40.29 0.67 -46.08
CA GLN DB 47 -40.89 0.47 -47.38
C GLN DB 47 -40.02 -0.42 -48.26
N LEU DB 48 -38.69 -0.30 -48.14
CA LEU DB 48 -37.83 -1.15 -48.95
C LEU DB 48 -37.82 -2.59 -48.44
N GLN DB 49 -38.02 -2.81 -47.15
CA GLN DB 49 -38.28 -4.17 -46.70
C GLN DB 49 -39.67 -4.64 -47.09
N TYR DB 50 -40.57 -3.71 -47.36
CA TYR DB 50 -41.98 -4.00 -47.49
C TYR DB 50 -42.43 -4.25 -48.93
N ASN DB 51 -41.62 -3.87 -49.91
CA ASN DB 51 -42.12 -3.89 -51.29
C ASN DB 51 -41.36 -4.84 -52.20
N ASP DB 52 -41.11 -6.05 -51.74
CA ASP DB 52 -40.57 -6.98 -52.71
C ASP DB 52 -41.61 -8.03 -53.06
N PRO DB 53 -41.64 -8.49 -54.31
CA PRO DB 53 -42.53 -9.60 -54.65
C PRO DB 53 -42.06 -10.93 -54.09
N SER DB 54 -40.76 -11.09 -53.84
CA SER DB 54 -40.23 -12.36 -53.36
C SER DB 54 -40.35 -12.51 -51.85
N ARG DB 55 -40.68 -11.45 -51.12
CA ARG DB 55 -40.85 -11.58 -49.68
C ARG DB 55 -42.15 -12.28 -49.37
N ARG DB 56 -42.08 -13.32 -48.53
CA ARG DB 56 -43.25 -14.07 -48.16
C ARG DB 56 -43.65 -13.88 -46.70
N GLY DB 57 -42.72 -13.99 -45.77
CA GLY DB 57 -43.02 -13.94 -44.36
C GLY DB 57 -43.32 -12.56 -43.82
N VAL DB 58 -43.17 -12.43 -42.50
CA VAL DB 58 -43.49 -11.21 -41.76
C VAL DB 58 -42.49 -10.09 -42.09
N VAL DB 59 -42.78 -8.89 -41.59
CA VAL DB 59 -41.95 -7.73 -41.87
C VAL DB 59 -40.72 -7.64 -40.98
N GLU DB 60 -40.64 -8.51 -39.96
CA GLU DB 60 -39.48 -8.65 -39.06
C GLU DB 60 -39.20 -7.36 -38.29
N ASP DB 61 -40.15 -6.97 -37.47
CA ASP DB 61 -40.02 -5.75 -36.66
C ASP DB 61 -39.00 -5.98 -35.56
N PRO DB 62 -37.96 -5.15 -35.44
CA PRO DB 62 -37.07 -5.26 -34.28
C PRO DB 62 -37.57 -4.53 -33.05
N ALA DB 63 -38.44 -3.53 -33.22
CA ALA DB 63 -38.88 -2.73 -32.08
C ALA DB 63 -39.80 -3.52 -31.16
N LEU DB 64 -40.70 -4.32 -31.74
CA LEU DB 64 -41.62 -5.09 -30.93
C LEU DB 64 -40.89 -6.20 -30.20
N ILE DB 65 -39.96 -6.87 -30.86
CA ILE DB 65 -39.16 -7.92 -30.23
C ILE DB 65 -38.29 -7.33 -29.13
N ARG DB 66 -37.76 -6.13 -29.37
CA ARG DB 66 -37.01 -5.39 -28.36
C ARG DB 66 -37.86 -5.13 -27.12
N TRP DB 67 -39.09 -4.65 -27.32
CA TRP DB 67 -39.96 -4.33 -26.21
C TRP DB 67 -40.39 -5.58 -25.44
N THR DB 68 -40.65 -6.68 -26.16
CA THR DB 68 -41.06 -7.91 -25.50
C THR DB 68 -39.94 -8.51 -24.67
N CYS DB 69 -38.71 -8.56 -25.21
CA CYS DB 69 -37.61 -9.09 -24.43
C CYS DB 69 -37.22 -8.15 -23.29
N ALA DB 70 -37.43 -6.86 -23.46
CA ALA DB 70 -37.16 -5.91 -22.40
C ALA DB 70 -38.23 -5.91 -21.32
N ARG DB 71 -39.41 -6.44 -21.62
CA ARG DB 71 -40.50 -6.50 -20.66
C ARG DB 71 -40.64 -7.87 -20.01
N SER DB 72 -40.16 -8.92 -20.65
CA SER DB 72 -40.41 -10.29 -20.17
C SER DB 72 -39.32 -10.78 -19.23
N ALA DB 73 -38.09 -10.87 -19.73
CA ALA DB 73 -37.01 -11.52 -18.99
C ALA DB 73 -35.80 -10.62 -18.80
N ASN DB 74 -35.89 -9.36 -19.18
CA ASN DB 74 -34.86 -8.37 -18.85
C ASN DB 74 -35.42 -7.39 -17.83
N VAL DB 75 -36.24 -7.89 -16.91
CA VAL DB 75 -36.67 -7.13 -15.76
C VAL DB 75 -35.93 -7.54 -14.50
N TYR DB 76 -35.61 -8.83 -14.40
CA TYR DB 76 -35.02 -9.37 -13.18
C TYR DB 76 -33.58 -8.88 -13.01
N PRO DB 77 -32.72 -8.82 -14.06
CA PRO DB 77 -31.78 -7.71 -14.12
C PRO DB 77 -32.30 -6.58 -15.01
N ASN DB 78 -32.15 -5.32 -14.64
CA ASN DB 78 -31.55 -4.90 -13.38
C ASN DB 78 -32.57 -4.82 -12.26
N PHE DB 79 -32.07 -4.92 -11.03
CA PHE DB 79 -32.87 -4.88 -9.82
C PHE DB 79 -31.95 -4.72 -8.63
N ARG DB 80 -32.38 -3.94 -7.66
CA ARG DB 80 -31.67 -3.79 -6.41
C ARG DB 80 -32.68 -3.66 -5.27
N PRO DB 81 -32.36 -4.18 -4.10
CA PRO DB 81 -33.27 -3.99 -2.96
C PRO DB 81 -33.10 -2.63 -2.32
N ASN DB 82 -34.05 -1.73 -2.57
CA ASN DB 82 -34.07 -0.42 -1.93
C ASN DB 82 -35.04 -0.46 -0.76
N THR DB 83 -35.16 0.68 -0.08
CA THR DB 83 -36.25 0.84 0.87
C THR DB 83 -37.58 0.88 0.14
N LYS DB 84 -37.60 1.49 -1.05
CA LYS DB 84 -38.83 1.63 -1.83
C LYS DB 84 -39.33 0.29 -2.33
N THR DB 85 -38.45 -0.51 -2.92
CA THR DB 85 -38.83 -1.81 -3.48
C THR DB 85 -39.27 -2.78 -2.40
N SER DB 86 -38.48 -2.88 -1.33
CA SER DB 86 -38.78 -3.82 -0.25
C SER DB 86 -40.06 -3.44 0.48
N LEU DB 87 -40.21 -2.14 0.82
CA LEU DB 87 -41.41 -1.71 1.54
C LEU DB 87 -42.64 -1.85 0.66
N LEU DB 88 -42.53 -1.54 -0.63
CA LEU DB 88 -43.68 -1.60 -1.49
C LEU DB 88 -44.09 -3.04 -1.77
N GLY DB 89 -43.12 -3.95 -1.86
CA GLY DB 89 -43.45 -5.35 -2.03
C GLY DB 89 -44.06 -5.96 -0.78
N ALA DB 90 -43.55 -5.58 0.39
CA ALA DB 90 -44.14 -6.09 1.63
C ALA DB 90 -45.49 -5.46 1.90
N LEU DB 91 -45.78 -4.29 1.34
CA LEU DB 91 -47.08 -3.67 1.52
C LEU DB 91 -48.10 -4.15 0.51
N PHE DB 92 -47.66 -4.60 -0.67
CA PHE DB 92 -48.60 -5.14 -1.66
C PHE DB 92 -48.63 -6.66 -1.69
N GLY DB 93 -47.82 -7.35 -0.90
CA GLY DB 93 -47.85 -8.79 -0.95
C GLY DB 93 -48.61 -9.47 0.16
N ILE DB 94 -48.32 -9.09 1.40
CA ILE DB 94 -48.87 -9.79 2.57
C ILE DB 94 -49.89 -8.93 3.30
N GLY DB 95 -49.95 -7.64 3.01
CA GLY DB 95 -50.91 -6.72 3.59
C GLY DB 95 -52.37 -7.09 3.38
N PRO DB 96 -52.83 -7.15 2.12
CA PRO DB 96 -54.23 -7.56 1.88
C PRO DB 96 -54.53 -8.97 2.32
N LEU DB 97 -53.55 -9.87 2.26
CA LEU DB 97 -53.76 -11.23 2.72
C LEU DB 97 -53.98 -11.27 4.23
N ILE DB 98 -53.17 -10.54 4.99
CA ILE DB 98 -53.35 -10.55 6.45
C ILE DB 98 -54.61 -9.77 6.83
N PHE DB 99 -55.03 -8.82 5.97
CA PHE DB 99 -56.28 -8.08 6.19
C PHE DB 99 -57.50 -8.99 6.07
N TRP DB 100 -57.64 -9.65 4.91
CA TRP DB 100 -58.78 -10.55 4.75
C TRP DB 100 -58.66 -11.79 5.64
N TYR DB 101 -57.45 -12.14 6.08
CA TYR DB 101 -57.31 -13.22 7.05
C TYR DB 101 -57.83 -12.82 8.42
N TYR DB 102 -57.63 -11.55 8.82
CA TYR DB 102 -58.25 -11.07 10.05
C TYR DB 102 -59.77 -11.04 9.94
N VAL DB 103 -60.30 -10.63 8.78
CA VAL DB 103 -61.76 -10.59 8.69
C VAL DB 103 -62.34 -12.00 8.63
N PHE DB 104 -61.57 -12.99 8.16
CA PHE DB 104 -62.09 -14.35 8.21
C PHE DB 104 -61.93 -14.97 9.59
N LYS DB 105 -60.91 -14.56 10.36
CA LYS DB 105 -60.88 -14.88 11.78
C LYS DB 105 -62.14 -14.41 12.47
N THR DB 106 -62.53 -13.16 12.19
CA THR DB 106 -63.71 -12.58 12.83
C THR DB 106 -64.99 -13.31 12.43
N ASP DB 107 -65.16 -13.55 11.12
CA ASP DB 107 -66.40 -14.19 10.66
C ASP DB 107 -66.46 -15.66 11.04
N ARG DB 108 -65.34 -16.36 11.07
CA ARG DB 108 -65.36 -17.74 11.52
C ARG DB 108 -65.59 -17.84 13.03
N ASP DB 109 -65.06 -16.91 13.83
CA ASP DB 109 -65.37 -16.87 15.25
C ASP DB 109 -66.86 -16.63 15.48
N ARG DB 110 -67.45 -15.69 14.72
CA ARG DB 110 -68.88 -15.43 14.84
C ARG DB 110 -69.71 -16.64 14.46
N LYS DB 111 -69.35 -17.32 13.36
CA LYS DB 111 -70.14 -18.47 12.92
C LYS DB 111 -70.01 -19.65 13.89
N GLU DB 112 -68.79 -19.92 14.36
CA GLU DB 112 -68.56 -21.01 15.32
C GLU DB 112 -69.32 -20.78 16.62
N LYS DB 113 -69.15 -19.59 17.23
CA LYS DB 113 -69.82 -19.32 18.49
C LYS DB 113 -71.33 -19.22 18.32
N LEU DB 114 -71.77 -18.76 17.15
CA LEU DB 114 -73.20 -18.58 16.90
C LEU DB 114 -73.91 -19.93 16.82
N ILE DB 115 -73.44 -20.83 15.95
CA ILE DB 115 -74.10 -22.14 15.90
C ILE DB 115 -73.64 -23.04 17.04
N GLN DB 116 -72.62 -22.64 17.80
CA GLN DB 116 -72.36 -23.25 19.08
C GLN DB 116 -73.51 -22.97 20.04
N GLU DB 117 -74.00 -21.73 20.03
CA GLU DB 117 -75.16 -21.39 20.84
C GLU DB 117 -76.41 -22.08 20.32
N GLY DB 118 -76.81 -21.76 19.09
CA GLY DB 118 -77.99 -22.39 18.53
C GLY DB 118 -78.98 -21.39 17.97
N LYS DB 119 -78.58 -20.14 17.87
CA LYS DB 119 -79.45 -19.10 17.31
C LYS DB 119 -79.10 -18.83 15.84
N LEU DB 120 -79.36 -19.83 15.01
CA LEU DB 120 -79.19 -19.70 13.57
C LEU DB 120 -80.49 -20.15 12.89
N ASP DB 121 -80.56 -19.92 11.58
CA ASP DB 121 -81.71 -20.25 10.75
C ASP DB 121 -81.65 -21.68 10.23
N ARG DB 122 -81.02 -22.59 10.97
CA ARG DB 122 -80.80 -23.96 10.53
C ARG DB 122 -81.89 -24.91 10.99
N THR DB 123 -83.14 -24.42 11.02
CA THR DB 123 -84.29 -25.31 11.00
C THR DB 123 -84.23 -26.26 9.82
N PHE DB 124 -83.76 -25.77 8.67
CA PHE DB 124 -83.29 -26.66 7.61
C PHE DB 124 -82.18 -25.95 6.84
N ASN DB 125 -80.99 -26.55 6.86
CA ASN DB 125 -79.77 -25.96 6.32
C ASN DB 125 -78.98 -27.03 5.58
N ILE DB 126 -79.68 -27.71 4.66
CA ILE DB 126 -79.37 -29.09 4.27
C ILE DB 126 -78.02 -29.19 3.55
N SER DB 127 -77.85 -28.40 2.49
CA SER DB 127 -76.75 -28.58 1.55
C SER DB 127 -75.44 -28.13 2.18
N TYR DB 128 -74.93 -28.99 3.07
CA TYR DB 128 -73.71 -28.69 3.84
C TYR DB 128 -72.50 -28.79 2.94
N SER EB 1 -49.10 27.47 -50.53
CA SER EB 1 -48.25 27.50 -51.71
C SER EB 1 -48.84 26.64 -52.82
N GLY EB 2 -48.94 25.36 -52.55
CA GLY EB 2 -49.43 24.39 -53.51
C GLY EB 2 -48.55 23.16 -53.56
N TYR EB 3 -48.88 22.28 -54.51
CA TYR EB 3 -48.01 21.15 -54.80
C TYR EB 3 -46.71 21.62 -55.40
N THR EB 4 -45.62 20.97 -55.04
CA THR EB 4 -44.44 21.02 -55.88
C THR EB 4 -44.71 20.13 -57.10
N PRO EB 5 -44.24 20.52 -58.29
CA PRO EB 5 -44.73 19.87 -59.52
C PRO EB 5 -44.28 18.43 -59.69
N ASP EB 6 -43.20 18.02 -59.01
CA ASP EB 6 -42.81 16.62 -59.02
C ASP EB 6 -43.86 15.76 -58.32
N GLU EB 7 -44.46 16.30 -57.26
CA GLU EB 7 -45.54 15.62 -56.58
C GLU EB 7 -46.79 15.56 -57.45
N LYS EB 8 -47.04 16.62 -58.24
CA LYS EB 8 -48.11 16.58 -59.24
C LYS EB 8 -47.88 15.46 -60.25
N LEU EB 9 -46.63 15.29 -60.69
CA LEU EB 9 -46.31 14.27 -61.69
C LEU EB 9 -46.48 12.86 -61.12
N ARG EB 10 -45.96 12.65 -59.91
CA ARG EB 10 -46.11 11.39 -59.19
C ARG EB 10 -47.57 11.05 -58.98
N LEU EB 11 -48.38 12.06 -58.62
CA LEU EB 11 -49.80 11.87 -58.45
C LEU EB 11 -50.48 11.51 -59.77
N GLN EB 12 -50.03 12.10 -60.88
CA GLN EB 12 -50.64 11.81 -62.18
C GLN EB 12 -50.36 10.38 -62.64
N GLN EB 13 -49.13 9.90 -62.43
CA GLN EB 13 -48.83 8.50 -62.74
C GLN EB 13 -49.65 7.57 -61.86
N LEU EB 14 -49.85 7.93 -60.60
CA LEU EB 14 -50.73 7.10 -59.78
C LEU EB 14 -52.20 7.21 -60.15
N ARG EB 15 -52.63 8.30 -60.76
CA ARG EB 15 -54.00 8.34 -61.26
C ARG EB 15 -54.18 7.39 -62.44
N GLU EB 16 -53.18 7.37 -63.34
CA GLU EB 16 -53.21 6.40 -64.45
C GLU EB 16 -53.22 4.96 -63.93
N LEU EB 17 -52.39 4.67 -62.94
CA LEU EB 17 -52.31 3.30 -62.43
C LEU EB 17 -53.56 2.90 -61.66
N ARG EB 18 -54.14 3.83 -60.91
CA ARG EB 18 -55.34 3.49 -60.14
C ARG EB 18 -56.54 3.30 -61.06
N ARG EB 19 -56.62 4.09 -62.13
CA ARG EB 19 -57.64 3.89 -63.15
C ARG EB 19 -57.52 2.53 -63.80
N ARG EB 20 -56.29 2.15 -64.18
CA ARG EB 20 -56.11 0.85 -64.83
C ARG EB 20 -56.36 -0.31 -63.87
N TRP EB 21 -56.04 -0.15 -62.59
CA TRP EB 21 -56.27 -1.24 -61.65
C TRP EB 21 -57.75 -1.41 -61.35
N LEU EB 22 -58.49 -0.30 -61.21
CA LEU EB 22 -59.93 -0.45 -60.99
C LEU EB 22 -60.62 -0.94 -62.26
N LYS EB 23 -60.07 -0.60 -63.44
CA LYS EB 23 -60.60 -1.16 -64.68
C LYS EB 23 -60.35 -2.65 -64.76
N ASP EB 24 -59.25 -3.13 -64.19
CA ASP EB 24 -59.06 -4.57 -64.03
C ASP EB 24 -60.09 -5.16 -63.08
N GLN EB 25 -60.36 -4.48 -61.97
CA GLN EB 25 -61.22 -5.04 -60.92
C GLN EB 25 -62.67 -5.22 -61.34
N GLU EB 26 -63.13 -4.52 -62.37
CA GLU EB 26 -64.47 -4.74 -62.88
C GLU EB 26 -64.49 -6.01 -63.71
N LEU EB 27 -65.55 -6.80 -63.54
CA LEU EB 27 -65.81 -7.88 -64.49
C LEU EB 27 -67.25 -7.80 -64.94
N SER EB 28 -67.45 -8.00 -66.24
CA SER EB 28 -68.71 -8.40 -66.85
C SER EB 28 -68.49 -8.98 -68.24
N PRO EB 29 -67.99 -10.21 -68.40
CA PRO EB 29 -67.95 -10.81 -69.73
C PRO EB 29 -69.29 -11.37 -70.18
N ARG EB 30 -70.33 -11.23 -69.36
CA ARG EB 30 -71.69 -11.79 -69.44
C ARG EB 30 -71.71 -13.30 -69.24
N GLU EB 31 -70.54 -13.92 -69.03
CA GLU EB 31 -70.42 -15.23 -68.39
C GLU EB 31 -69.49 -15.11 -67.17
N PRO EB 32 -69.86 -14.28 -66.17
CA PRO EB 32 -68.86 -13.84 -65.17
C PRO EB 32 -68.37 -14.94 -64.23
N VAL EB 33 -69.28 -15.59 -63.51
CA VAL EB 33 -68.96 -16.78 -62.74
C VAL EB 33 -69.15 -17.94 -63.70
N LEU EB 34 -68.66 -19.11 -63.32
CA LEU EB 34 -69.03 -20.34 -64.00
C LEU EB 34 -69.06 -21.46 -62.97
N PRO EB 35 -70.25 -21.90 -62.57
CA PRO EB 35 -70.35 -23.03 -61.65
C PRO EB 35 -70.02 -24.33 -62.36
N PRO EB 36 -69.33 -25.26 -61.68
CA PRO EB 36 -68.92 -26.55 -62.27
C PRO EB 36 -70.08 -27.44 -62.69
N SER EB 67 -96.44 -24.06 -48.81
CA SER EB 67 -97.73 -24.34 -48.18
C SER EB 67 -97.69 -25.68 -47.48
N ILE EB 68 -97.66 -26.75 -48.29
CA ILE EB 68 -97.65 -28.11 -47.75
C ILE EB 68 -96.33 -28.38 -47.02
N PHE EB 69 -95.22 -27.82 -47.51
CA PHE EB 69 -93.95 -27.89 -46.82
C PHE EB 69 -94.01 -27.15 -45.49
N ALA EB 70 -94.73 -26.03 -45.46
CA ALA EB 70 -94.86 -25.26 -44.23
C ALA EB 70 -95.66 -26.01 -43.17
N PHE EB 71 -96.83 -26.54 -43.53
CA PHE EB 71 -97.54 -27.19 -42.44
C PHE EB 71 -97.06 -28.61 -42.17
N THR EB 72 -96.27 -29.24 -43.04
CA THR EB 72 -95.63 -30.46 -42.54
C THR EB 72 -94.44 -30.12 -41.65
N HIS EB 73 -93.76 -29.00 -41.91
CA HIS EB 73 -92.71 -28.49 -41.04
C HIS EB 73 -93.25 -28.09 -39.68
N VAL EB 74 -94.52 -27.72 -39.62
CA VAL EB 74 -95.13 -27.44 -38.32
C VAL EB 74 -95.75 -28.68 -37.69
N LEU EB 75 -96.32 -29.58 -38.49
CA LEU EB 75 -97.08 -30.69 -37.94
C LEU EB 75 -96.20 -31.82 -37.45
N ILE EB 76 -95.08 -32.10 -38.11
CA ILE EB 76 -94.27 -33.23 -37.64
C ILE EB 76 -93.60 -32.95 -36.28
N PRO EB 77 -93.24 -31.71 -35.86
CA PRO EB 77 -92.92 -31.55 -34.44
C PRO EB 77 -94.11 -31.67 -33.52
N VAL EB 78 -95.31 -31.26 -33.96
CA VAL EB 78 -96.51 -31.45 -33.13
C VAL EB 78 -96.76 -32.94 -32.89
N TRP EB 79 -96.63 -33.75 -33.94
CA TRP EB 79 -96.83 -35.19 -33.82
C TRP EB 79 -95.78 -35.83 -32.94
N ILE EB 80 -94.51 -35.46 -33.13
CA ILE EB 80 -93.43 -36.05 -32.33
C ILE EB 80 -93.54 -35.64 -30.87
N ILE EB 81 -93.75 -34.35 -30.61
CA ILE EB 81 -93.74 -33.90 -29.21
C ILE EB 81 -95.06 -34.21 -28.54
N HIS EB 82 -96.13 -34.50 -29.27
CA HIS EB 82 -97.35 -34.92 -28.61
C HIS EB 82 -97.36 -36.41 -28.37
N TYR EB 83 -96.65 -37.17 -29.20
CA TYR EB 83 -96.35 -38.55 -28.84
C TYR EB 83 -95.45 -38.61 -27.62
N TYR EB 84 -94.53 -37.65 -27.49
CA TYR EB 84 -93.66 -37.62 -26.33
C TYR EB 84 -94.39 -37.16 -25.07
N LEU EB 85 -95.27 -36.19 -25.22
CA LEU EB 85 -95.86 -35.51 -24.07
C LEU EB 85 -97.06 -36.23 -23.51
N LYS EB 86 -97.70 -37.10 -24.29
CA LYS EB 86 -98.69 -38.00 -23.70
C LYS EB 86 -98.02 -39.06 -22.85
N TYR EB 87 -97.18 -39.88 -23.46
CA TYR EB 87 -96.90 -41.21 -22.94
C TYR EB 87 -95.83 -41.19 -21.85
N HIS EB 88 -94.62 -40.72 -22.17
CA HIS EB 88 -93.54 -40.71 -21.17
C HIS EB 88 -93.83 -39.70 -20.07
N VAL EB 89 -94.37 -38.54 -20.44
CA VAL EB 89 -94.67 -37.49 -19.48
C VAL EB 89 -95.84 -37.88 -18.59
N THR EB 90 -96.82 -38.61 -19.13
CA THR EB 90 -97.92 -39.08 -18.29
C THR EB 90 -97.46 -40.20 -17.37
N THR EB 91 -96.60 -41.11 -17.86
CA THR EB 91 -96.12 -42.18 -16.99
C THR EB 91 -95.14 -41.69 -15.92
N LYS EB 92 -94.52 -40.53 -16.10
CA LYS EB 92 -93.79 -39.93 -14.98
C LYS EB 92 -94.78 -39.15 -14.12
N PRO EB 93 -94.94 -39.49 -12.84
CA PRO EB 93 -96.06 -38.95 -12.04
C PRO EB 93 -96.09 -37.46 -11.73
N TYR EB 94 -95.10 -36.93 -11.02
CA TYR EB 94 -95.11 -35.52 -10.64
C TYR EB 94 -94.34 -34.76 -11.71
N THR EB 95 -95.10 -34.21 -12.64
CA THR EB 95 -94.67 -33.78 -13.96
C THR EB 95 -95.56 -32.58 -14.20
N ILE EB 96 -96.00 -32.36 -15.44
CA ILE EB 96 -96.89 -31.27 -15.83
C ILE EB 96 -98.08 -31.17 -14.87
N VAL EB 97 -98.21 -30.02 -14.22
CA VAL EB 97 -99.24 -29.83 -13.20
C VAL EB 97 -99.79 -28.42 -13.31
N GLU EB 98 -101.02 -28.26 -12.84
CA GLU EB 98 -101.81 -27.08 -13.16
C GLU EB 98 -102.38 -26.44 -11.89
N LYS EB 99 -102.20 -25.14 -11.77
CA LYS EB 99 -103.13 -24.31 -11.03
C LYS EB 99 -104.50 -24.51 -11.66
N LYS EB 100 -105.36 -25.11 -10.86
CA LYS EB 100 -106.65 -25.65 -11.25
C LYS EB 100 -107.57 -24.52 -11.69
N PRO EB 101 -108.52 -24.80 -12.60
CA PRO EB 101 -109.57 -23.81 -12.89
C PRO EB 101 -110.43 -23.54 -11.66
N ARG EB 102 -111.06 -22.38 -11.69
CA ARG EB 102 -111.58 -21.73 -10.49
C ARG EB 102 -113.10 -21.87 -10.49
N ILE EB 103 -113.59 -22.81 -9.70
CA ILE EB 103 -115.03 -22.99 -9.60
C ILE EB 103 -115.64 -21.86 -8.77
N PHE EB 104 -116.92 -21.62 -8.99
CA PHE EB 104 -117.62 -20.44 -8.51
C PHE EB 104 -118.83 -20.82 -7.69
N PRO EB 105 -119.25 -19.96 -6.73
CA PRO EB 105 -120.36 -20.34 -5.82
C PRO EB 105 -121.75 -20.38 -6.44
N GLY EB 106 -121.85 -20.21 -7.75
CA GLY EB 106 -123.12 -20.40 -8.43
C GLY EB 106 -123.05 -21.52 -9.45
N ASP EB 107 -121.84 -21.96 -9.80
CA ASP EB 107 -121.67 -22.96 -10.83
C ASP EB 107 -121.61 -24.37 -10.24
N THR EB 108 -121.48 -25.35 -11.13
CA THR EB 108 -121.51 -26.76 -10.74
C THR EB 108 -120.28 -27.51 -11.24
N ILE EB 109 -120.29 -28.84 -11.08
CA ILE EB 109 -119.13 -29.68 -11.33
C ILE EB 109 -119.42 -30.54 -12.56
N LEU EB 110 -118.40 -30.76 -13.39
CA LEU EB 110 -118.58 -31.64 -14.54
C LEU EB 110 -118.55 -33.10 -14.13
N GLU EB 111 -117.67 -33.49 -13.20
CA GLU EB 111 -117.54 -34.89 -12.83
C GLU EB 111 -118.61 -35.31 -11.82
N THR EB 112 -118.57 -34.73 -10.62
CA THR EB 112 -119.49 -35.14 -9.56
C THR EB 112 -120.87 -34.54 -9.76
N GLY EB 113 -120.97 -33.22 -9.68
CA GLY EB 113 -122.15 -32.51 -10.13
C GLY EB 113 -123.10 -32.15 -9.02
N GLU EB 114 -123.00 -30.90 -8.56
CA GLU EB 114 -123.92 -30.24 -7.65
C GLU EB 114 -123.51 -28.78 -7.62
N VAL EB 115 -124.41 -27.95 -7.14
CA VAL EB 115 -124.12 -26.54 -7.03
C VAL EB 115 -123.51 -26.26 -5.68
N ILE EB 116 -122.79 -25.14 -5.59
CA ILE EB 116 -122.44 -24.56 -4.30
C ILE EB 116 -123.57 -23.57 -4.07
N PRO EB 117 -124.04 -23.36 -2.84
CA PRO EB 117 -125.06 -22.34 -2.60
C PRO EB 117 -124.53 -20.96 -2.94
N PRO EB 118 -125.40 -20.06 -3.42
CA PRO EB 118 -124.93 -18.79 -3.94
C PRO EB 118 -124.45 -17.86 -2.84
N MET EB 119 -123.87 -16.74 -3.28
CA MET EB 119 -123.60 -15.63 -2.38
C MET EB 119 -124.93 -15.09 -1.86
N LYS EB 120 -124.90 -14.53 -0.66
CA LYS EB 120 -126.12 -14.20 0.06
C LYS EB 120 -126.77 -12.92 -0.44
N GLU EB 121 -127.66 -12.36 0.38
CA GLU EB 121 -128.43 -11.18 -0.02
C GLU EB 121 -127.52 -9.97 -0.22
N PHE EB 122 -127.94 -9.09 -1.11
CA PHE EB 122 -127.16 -7.96 -1.62
C PHE EB 122 -127.01 -6.71 -0.76
N PRO EB 123 -128.01 -6.31 0.10
CA PRO EB 123 -128.53 -4.93 0.11
C PRO EB 123 -127.58 -3.73 0.04
N ASP EB 124 -128.13 -2.62 -0.47
CA ASP EB 124 -127.41 -1.44 -0.97
C ASP EB 124 -126.47 -1.82 -2.11
N GLN EB 125 -127.09 -2.28 -3.19
CA GLN EB 125 -126.38 -2.62 -4.40
C GLN EB 125 -126.69 -1.62 -5.50
N GLY FB 1 -100.38 17.04 -0.91
CA GLY FB 1 -101.48 17.62 -0.16
C GLY FB 1 -101.07 18.78 0.70
N ALA FB 2 -101.94 19.17 1.64
CA ALA FB 2 -101.66 20.24 2.59
C ALA FB 2 -101.73 19.80 4.04
N HIS FB 3 -102.49 18.73 4.33
CA HIS FB 3 -102.48 18.12 5.65
C HIS FB 3 -101.10 17.59 6.02
N LEU FB 4 -100.36 17.10 5.03
CA LEU FB 4 -98.98 16.69 5.23
C LEU FB 4 -98.12 17.88 5.64
N ALA FB 5 -98.36 19.04 5.03
CA ALA FB 5 -97.61 20.24 5.37
C ALA FB 5 -97.97 20.74 6.76
N ARG FB 6 -99.25 20.61 7.14
CA ARG FB 6 -99.65 21.00 8.50
C ARG FB 6 -99.04 20.08 9.54
N ARG FB 7 -98.97 18.78 9.25
CA ARG FB 7 -98.38 17.83 10.18
C ARG FB 7 -96.87 18.00 10.29
N TYR FB 8 -96.20 18.39 9.21
CA TYR FB 8 -94.76 18.58 9.28
C TYR FB 8 -94.35 20.00 9.67
N LEU FB 9 -95.27 20.95 9.70
CA LEU FB 9 -94.92 22.32 10.08
C LEU FB 9 -95.69 22.82 11.29
N GLY FB 10 -96.41 21.96 11.98
CA GLY FB 10 -97.01 22.33 13.25
C GLY FB 10 -96.40 21.56 14.41
N ASP FB 11 -97.17 20.67 15.01
CA ASP FB 11 -96.68 19.80 16.07
C ASP FB 11 -97.17 18.38 15.83
N ALA FB 12 -96.41 17.41 16.34
CA ALA FB 12 -96.69 16.01 16.13
C ALA FB 12 -97.67 15.44 17.14
N SER FB 13 -98.21 16.27 18.03
CA SER FB 13 -99.19 15.77 18.98
C SER FB 13 -100.56 15.61 18.33
N VAL FB 14 -101.14 16.73 17.87
CA VAL FB 14 -102.55 16.72 17.48
C VAL FB 14 -102.79 16.04 16.15
N GLU FB 15 -101.78 15.90 15.31
CA GLU FB 15 -102.07 15.33 14.01
C GLU FB 15 -101.75 13.85 14.00
N PRO FB 16 -102.69 13.01 13.56
CA PRO FB 16 -102.54 11.57 13.71
C PRO FB 16 -101.52 11.00 12.74
N GLU FB 17 -101.13 9.76 13.00
CA GLU FB 17 -100.18 9.07 12.14
C GLU FB 17 -100.80 7.80 11.59
N PRO FB 18 -100.56 7.48 10.32
CA PRO FB 18 -100.88 6.15 9.81
C PRO FB 18 -99.94 5.11 10.39
N LEU FB 19 -100.30 3.83 10.17
CA LEU FB 19 -99.63 2.59 10.59
C LEU FB 19 -99.49 2.43 12.11
N ARG FB 20 -99.99 3.38 12.89
CA ARG FB 20 -100.22 3.26 14.33
C ARG FB 20 -101.56 3.89 14.65
N MET FB 21 -102.55 3.59 13.80
CA MET FB 21 -103.83 4.30 13.74
C MET FB 21 -104.75 4.04 14.93
N PRO FB 22 -105.19 2.78 15.29
CA PRO FB 22 -106.20 2.68 16.35
C PRO FB 22 -105.59 2.99 17.71
N THR FB 23 -105.83 4.21 18.17
CA THR FB 23 -105.25 4.71 19.41
C THR FB 23 -106.32 5.12 20.40
N PHE FB 24 -107.23 5.99 20.02
CA PHE FB 24 -108.48 6.12 20.76
C PHE FB 24 -109.42 5.05 20.23
N PRO FB 25 -109.92 4.16 21.09
CA PRO FB 25 -110.35 2.84 20.63
C PRO FB 25 -111.67 2.89 19.88
N PRO FB 26 -112.02 1.82 19.16
CA PRO FB 26 -113.40 1.65 18.71
C PRO FB 26 -114.32 1.45 19.91
N ASP FB 27 -115.62 1.57 19.64
CA ASP FB 27 -116.75 1.86 20.54
C ASP FB 27 -116.37 2.83 21.66
N TYR FB 28 -115.68 3.91 21.28
CA TYR FB 28 -115.37 4.99 22.20
C TYR FB 28 -116.65 5.70 22.67
N GLY FB 29 -117.43 6.21 21.73
CA GLY FB 29 -118.72 6.79 22.05
C GLY FB 29 -119.83 6.33 21.14
N PHE FB 30 -119.85 5.05 20.77
CA PHE FB 30 -120.79 4.59 19.75
C PHE FB 30 -122.21 4.54 20.29
N PRO FB 31 -123.21 4.83 19.46
CA PRO FB 31 -124.59 4.43 19.76
C PRO FB 31 -124.90 3.03 19.25
N GLU FB 32 -124.13 2.05 19.74
CA GLU FB 32 -124.30 0.60 19.46
C GLU FB 32 -124.15 0.28 17.97
N ARG FB 33 -123.23 0.95 17.30
CA ARG FB 33 -123.08 0.83 15.85
C ARG FB 33 -121.92 -0.11 15.53
N LYS FB 34 -122.24 -1.35 15.16
CA LYS FB 34 -121.28 -2.26 14.53
C LYS FB 34 -122.10 -3.30 13.77
N GLU FB 35 -121.97 -3.32 12.44
CA GLU FB 35 -122.66 -4.30 11.63
C GLU FB 35 -121.70 -5.18 10.84
N ARG FB 36 -120.79 -4.57 10.06
CA ARG FB 36 -119.65 -5.25 9.43
C ARG FB 36 -120.09 -6.37 8.49
N GLU FB 37 -120.65 -5.94 7.35
CA GLU FB 37 -121.53 -6.67 6.44
C GLU FB 37 -121.16 -8.13 6.15
N MET FB 38 -120.00 -8.36 5.53
CA MET FB 38 -119.35 -9.67 5.44
C MET FB 38 -120.25 -10.71 4.74
N VAL FB 39 -120.44 -10.46 3.45
CA VAL FB 39 -121.33 -11.30 2.64
C VAL FB 39 -120.40 -12.12 1.74
N ALA FB 40 -119.22 -12.42 2.28
CA ALA FB 40 -118.15 -12.97 1.45
C ALA FB 40 -118.30 -14.47 1.22
N THR FB 41 -118.75 -15.21 2.23
CA THR FB 41 -118.76 -16.68 2.27
C THR FB 41 -117.37 -17.23 1.97
N GLN FB 42 -116.48 -16.98 2.94
CA GLN FB 42 -115.04 -16.99 2.72
C GLN FB 42 -114.49 -18.33 2.24
N GLN FB 43 -115.14 -19.43 2.61
CA GLN FB 43 -114.69 -20.73 2.11
C GLN FB 43 -114.98 -20.88 0.61
N GLU FB 44 -116.10 -20.34 0.15
CA GLU FB 44 -116.38 -20.30 -1.28
C GLU FB 44 -115.41 -19.38 -2.00
N MET FB 45 -114.91 -18.35 -1.31
CA MET FB 45 -113.92 -17.46 -1.91
C MET FB 45 -112.56 -18.13 -1.97
N ASN FB 46 -112.25 -19.01 -1.02
CA ASN FB 46 -111.10 -19.90 -1.15
C ASN FB 46 -111.27 -20.81 -2.36
N ASP FB 47 -112.49 -21.32 -2.55
CA ASP FB 47 -112.79 -22.13 -3.73
C ASP FB 47 -112.69 -21.35 -5.04
N ALA FB 48 -112.82 -20.03 -4.99
CA ALA FB 48 -112.67 -19.22 -6.19
C ALA FB 48 -111.24 -18.74 -6.42
N GLN FB 49 -110.33 -18.98 -5.47
CA GLN FB 49 -108.89 -18.70 -5.58
C GLN FB 49 -108.59 -17.23 -5.85
N LEU FB 50 -108.95 -16.38 -4.89
CA LEU FB 50 -108.66 -14.96 -4.99
C LEU FB 50 -107.30 -14.64 -4.40
N VAL FB 51 -106.99 -13.37 -4.30
CA VAL FB 51 -105.66 -12.89 -3.94
C VAL FB 51 -105.73 -12.39 -2.50
N LEU FB 52 -104.61 -12.49 -1.79
CA LEU FB 52 -104.45 -11.70 -0.57
C LEU FB 52 -104.57 -10.22 -0.88
N GLN FB 53 -105.15 -9.49 0.07
CA GLN FB 53 -105.64 -8.11 -0.05
C GLN FB 53 -106.76 -7.99 -1.08
N GLN FB 54 -107.38 -9.11 -1.47
CA GLN FB 54 -108.65 -9.12 -2.16
C GLN FB 54 -109.63 -10.10 -1.55
N ARG FB 55 -109.20 -10.88 -0.55
CA ARG FB 55 -110.10 -11.68 0.30
C ARG FB 55 -110.70 -10.78 1.38
N ASP FB 56 -111.35 -9.71 0.94
CA ASP FB 56 -111.71 -8.60 1.82
C ASP FB 56 -113.15 -8.20 1.52
N TYR FB 57 -113.54 -7.06 2.07
CA TYR FB 57 -114.85 -6.52 1.77
C TYR FB 57 -114.87 -6.00 0.34
N CYS FB 58 -116.08 -5.96 -0.23
CA CYS FB 58 -116.34 -5.66 -1.64
C CYS FB 58 -115.59 -6.65 -2.55
N ALA FB 59 -115.98 -7.92 -2.41
CA ALA FB 59 -115.42 -8.98 -3.24
C ALA FB 59 -116.47 -9.89 -3.83
N HIS FB 60 -117.71 -9.84 -3.35
CA HIS FB 60 -118.78 -10.56 -4.01
C HIS FB 60 -119.08 -10.00 -5.39
N TYR FB 61 -118.93 -8.68 -5.56
CA TYR FB 61 -118.98 -8.09 -6.90
C TYR FB 61 -117.84 -8.61 -7.77
N LEU FB 62 -116.67 -8.82 -7.16
CA LEU FB 62 -115.55 -9.40 -7.88
C LEU FB 62 -115.85 -10.84 -8.30
N ILE FB 63 -116.59 -11.56 -7.44
CA ILE FB 63 -117.00 -12.92 -7.77
C ILE FB 63 -117.91 -12.93 -8.99
N ARG FB 64 -118.93 -12.07 -8.98
CA ARG FB 64 -119.83 -11.99 -10.12
C ARG FB 64 -119.13 -11.50 -11.38
N PHE FB 65 -118.16 -10.60 -11.23
CA PHE FB 65 -117.43 -10.06 -12.36
C PHE FB 65 -116.54 -11.10 -13.02
N LEU FB 66 -115.82 -11.88 -12.20
CA LEU FB 66 -115.03 -12.98 -12.73
C LEU FB 66 -115.92 -14.05 -13.31
N LYS FB 67 -117.13 -14.23 -12.76
CA LYS FB 67 -118.08 -15.20 -13.28
C LYS FB 67 -118.54 -14.83 -14.68
N CYS FB 68 -118.91 -13.57 -14.89
CA CYS FB 68 -119.39 -13.17 -16.21
C CYS FB 68 -118.23 -13.12 -17.22
N LYS FB 69 -117.03 -12.75 -16.76
CA LYS FB 69 -115.91 -12.68 -17.70
C LYS FB 69 -115.44 -14.06 -18.13
N ARG FB 70 -115.47 -15.03 -17.21
CA ARG FB 70 -115.13 -16.40 -17.58
C ARG FB 70 -116.22 -16.99 -18.47
N ASP FB 71 -117.49 -16.80 -18.11
CA ASP FB 71 -118.56 -17.44 -18.84
C ASP FB 71 -118.91 -16.76 -20.15
N SER FB 72 -118.41 -15.54 -20.37
CA SER FB 72 -118.64 -14.82 -21.62
C SER FB 72 -117.26 -14.34 -22.10
N PHE FB 73 -116.53 -15.21 -22.78
CA PHE FB 73 -115.15 -14.94 -23.12
C PHE FB 73 -114.91 -14.02 -24.32
N PRO FB 74 -115.55 -14.19 -25.49
CA PRO FB 74 -115.26 -13.22 -26.57
C PRO FB 74 -115.85 -11.84 -26.35
N ASN FB 75 -116.62 -11.62 -25.29
CA ASN FB 75 -117.03 -10.27 -24.93
C ASN FB 75 -115.88 -9.49 -24.35
N PHE FB 76 -115.21 -8.74 -25.21
CA PHE FB 76 -114.11 -7.88 -24.81
C PHE FB 76 -114.61 -6.65 -24.05
N LEU FB 77 -115.89 -6.29 -24.22
CA LEU FB 77 -116.41 -5.01 -23.77
C LEU FB 77 -117.69 -5.10 -22.95
N ALA FB 78 -118.30 -6.27 -22.81
CA ALA FB 78 -119.62 -6.34 -22.20
C ALA FB 78 -119.54 -6.21 -20.68
N CYS FB 79 -118.69 -7.01 -20.03
CA CYS FB 79 -118.60 -6.99 -18.57
C CYS FB 79 -117.91 -5.73 -18.08
N LYS FB 80 -118.69 -4.65 -17.93
CA LYS FB 80 -118.21 -3.43 -17.31
C LYS FB 80 -119.17 -2.85 -16.29
N HIS FB 81 -120.44 -3.24 -16.29
CA HIS FB 81 -121.38 -2.68 -15.32
C HIS FB 81 -121.16 -3.27 -13.93
N GLU FB 82 -120.94 -4.58 -13.85
CA GLU FB 82 -120.52 -5.17 -12.58
C GLU FB 82 -119.14 -4.70 -12.17
N GLN FB 83 -118.29 -4.38 -13.15
CA GLN FB 83 -116.97 -3.82 -12.86
C GLN FB 83 -117.09 -2.45 -12.22
N HIS FB 84 -118.00 -1.62 -12.73
CA HIS FB 84 -118.23 -0.32 -12.12
C HIS FB 84 -118.92 -0.45 -10.77
N ASP FB 85 -119.75 -1.47 -10.59
CA ASP FB 85 -120.35 -1.71 -9.27
C ASP FB 85 -119.29 -2.08 -8.25
N TRP FB 86 -118.31 -2.88 -8.68
CA TRP FB 86 -117.17 -3.23 -7.83
C TRP FB 86 -116.33 -2.01 -7.50
N ASP FB 87 -116.12 -1.13 -8.49
CA ASP FB 87 -115.41 0.11 -8.22
C ASP FB 87 -116.18 1.03 -7.30
N TYR FB 88 -117.51 1.01 -7.37
CA TYR FB 88 -118.32 1.84 -6.49
C TYR FB 88 -118.26 1.33 -5.06
N CYS FB 89 -118.22 0.00 -4.91
CA CYS FB 89 -118.07 -0.58 -3.58
C CYS FB 89 -116.70 -0.26 -3.00
N GLU FB 90 -115.66 -0.32 -3.83
CA GLU FB 90 -114.34 0.07 -3.34
C GLU FB 90 -114.21 1.56 -3.12
N HIS FB 91 -115.01 2.38 -3.80
CA HIS FB 91 -115.11 3.80 -3.46
C HIS FB 91 -115.72 3.98 -2.08
N LEU FB 92 -116.75 3.19 -1.77
CA LEU FB 92 -117.34 3.25 -0.43
C LEU FB 92 -116.33 2.80 0.62
N ASP FB 93 -115.49 1.81 0.29
CA ASP FB 93 -114.45 1.40 1.21
C ASP FB 93 -113.41 2.49 1.40
N TYR FB 94 -113.10 3.23 0.33
CA TYR FB 94 -112.12 4.31 0.44
C TYR FB 94 -112.66 5.45 1.30
N VAL FB 95 -113.93 5.79 1.11
CA VAL FB 95 -114.57 6.80 1.95
C VAL FB 95 -114.62 6.34 3.40
N LYS FB 96 -114.81 5.04 3.62
CA LYS FB 96 -114.80 4.48 4.98
C LYS FB 96 -113.44 4.67 5.64
N ARG FB 97 -112.36 4.39 4.90
CA ARG FB 97 -111.02 4.52 5.48
C ARG FB 97 -110.68 5.99 5.72
N MET FB 98 -111.13 6.88 4.84
CA MET FB 98 -110.90 8.29 5.08
C MET FB 98 -111.71 8.81 6.27
N LYS FB 99 -112.92 8.27 6.46
CA LYS FB 99 -113.70 8.57 7.65
C LYS FB 99 -112.99 8.11 8.89
N GLU FB 100 -112.32 6.96 8.84
CA GLU FB 100 -111.58 6.46 9.99
C GLU FB 100 -110.41 7.36 10.31
N PHE FB 101 -109.67 7.81 9.29
CA PHE FB 101 -108.52 8.70 9.52
C PHE FB 101 -108.97 10.04 10.10
N GLU FB 102 -109.95 10.68 9.46
CA GLU FB 102 -110.35 11.99 9.92
C GLU FB 102 -111.16 11.93 11.22
N ARG FB 103 -111.76 10.77 11.53
CA ARG FB 103 -112.38 10.61 12.84
C ARG FB 103 -111.33 10.53 13.93
N GLU FB 104 -110.23 9.80 13.69
CA GLU FB 104 -109.15 9.77 14.68
C GLU FB 104 -108.51 11.14 14.84
N ARG FB 105 -108.40 11.87 13.71
CA ARG FB 105 -107.90 13.25 13.74
C ARG FB 105 -108.77 14.15 14.61
N ARG FB 106 -110.10 14.08 14.42
CA ARG FB 106 -111.00 14.94 15.17
C ARG FB 106 -111.07 14.54 16.64
N LEU FB 107 -111.11 13.23 16.94
CA LEU FB 107 -111.11 12.76 18.32
C LEU FB 107 -109.89 13.23 19.07
N LEU FB 108 -108.71 13.02 18.47
CA LEU FB 108 -107.47 13.36 19.15
C LEU FB 108 -107.34 14.86 19.31
N GLN FB 109 -107.74 15.61 18.27
CA GLN FB 109 -107.68 17.07 18.32
C GLN FB 109 -108.58 17.63 19.42
N ARG FB 110 -109.84 17.20 19.45
CA ARG FB 110 -110.78 17.76 20.43
C ARG FB 110 -110.49 17.28 21.85
N LYS FB 111 -110.00 16.05 22.03
CA LYS FB 111 -109.74 15.58 23.39
C LYS FB 111 -108.49 16.22 23.96
N LYS FB 112 -107.40 16.31 23.18
CA LYS FB 112 -106.24 17.04 23.66
C LYS FB 112 -106.54 18.53 23.77
N ARG FB 113 -107.45 19.04 22.93
CA ARG FB 113 -107.93 20.41 23.04
C ARG FB 113 -108.62 20.67 24.37
N ARG FB 114 -109.51 19.75 24.77
CA ARG FB 114 -110.27 19.94 26.01
C ARG FB 114 -109.37 19.79 27.24
N GLU FB 115 -108.46 18.81 27.23
CA GLU FB 115 -107.58 18.71 28.39
C GLU FB 115 -106.50 19.80 28.39
N GLN FB 116 -106.25 20.46 27.27
CA GLN FB 116 -105.45 21.68 27.32
C GLN FB 116 -106.26 22.88 27.80
N ARG FB 117 -107.57 22.91 27.52
CA ARG FB 117 -108.39 23.97 28.10
C ARG FB 117 -108.55 23.80 29.60
N GLU FB 118 -108.55 22.57 30.08
CA GLU FB 118 -108.59 22.29 31.50
C GLU FB 118 -107.19 22.13 32.11
N ALA FB 119 -106.14 22.27 31.31
CA ALA FB 119 -104.78 22.27 31.81
C ALA FB 119 -103.97 23.40 31.18
N PHE GB 2 -46.04 17.88 -36.85
CA PHE GB 2 -46.25 16.46 -37.14
C PHE GB 2 -47.00 16.29 -38.46
N LEU GB 3 -46.26 16.07 -39.54
CA LEU GB 3 -46.76 16.05 -40.91
C LEU GB 3 -45.68 15.51 -41.84
N PRO GB 4 -46.05 14.86 -42.95
CA PRO GB 4 -45.03 14.19 -43.78
C PRO GB 4 -44.13 15.13 -44.58
N SER GB 5 -44.58 16.36 -44.85
CA SER GB 5 -43.79 17.25 -45.69
C SER GB 5 -42.62 17.86 -44.93
N ALA GB 6 -42.91 18.55 -43.84
CA ALA GB 6 -41.89 19.26 -43.08
C ALA GB 6 -42.17 19.04 -41.60
N ALA GB 7 -41.57 19.86 -40.74
CA ALA GB 7 -41.81 19.80 -39.31
C ALA GB 7 -42.61 21.00 -38.83
N TYR GB 8 -42.14 22.21 -39.09
CA TYR GB 8 -42.90 23.40 -38.79
C TYR GB 8 -44.06 23.54 -39.76
N LEU GB 9 -45.20 24.02 -39.27
CA LEU GB 9 -46.32 24.14 -40.19
C LEU GB 9 -46.22 25.44 -40.97
N THR GB 10 -46.54 26.54 -40.29
CA THR GB 10 -46.14 27.94 -40.38
C THR GB 10 -46.99 28.65 -39.34
N HIS GB 11 -46.79 29.94 -39.16
CA HIS GB 11 -47.79 30.72 -38.42
C HIS GB 11 -49.11 30.75 -39.17
N GLN GB 12 -49.05 30.91 -40.48
CA GLN GB 12 -50.24 30.97 -41.31
C GLN GB 12 -50.99 29.64 -41.31
N GLN GB 13 -50.26 28.53 -41.33
CA GLN GB 13 -50.91 27.23 -41.35
C GLN GB 13 -51.62 26.95 -40.03
N LYS GB 14 -51.02 27.37 -38.93
CA LYS GB 14 -51.65 27.19 -37.63
C LYS GB 14 -52.90 28.06 -37.48
N VAL GB 15 -52.80 29.32 -37.94
CA VAL GB 15 -53.95 30.22 -37.97
C VAL GB 15 -55.07 29.63 -38.81
N LEU GB 16 -54.72 29.03 -39.94
CA LEU GB 16 -55.71 28.50 -40.85
C LEU GB 16 -56.37 27.24 -40.29
N GLN GB 17 -55.60 26.38 -39.62
CA GLN GB 17 -56.20 25.19 -39.02
C GLN GB 17 -57.12 25.55 -37.88
N LEU GB 18 -56.74 26.55 -37.08
CA LEU GB 18 -57.66 27.08 -36.08
C LEU GB 18 -58.90 27.68 -36.72
N TYR GB 19 -58.75 28.30 -37.90
CA TYR GB 19 -59.90 28.87 -38.59
C TYR GB 19 -60.88 27.79 -39.01
N LYS GB 20 -60.37 26.70 -39.59
CA LYS GB 20 -61.24 25.60 -40.01
C LYS GB 20 -61.91 24.92 -38.82
N ARG GB 21 -61.15 24.72 -37.73
CA ARG GB 21 -61.72 24.08 -36.56
C ARG GB 21 -62.75 24.96 -35.86
N ALA GB 22 -62.49 26.27 -35.79
CA ALA GB 22 -63.43 27.17 -35.14
C ALA GB 22 -64.71 27.30 -35.96
N LEU GB 23 -64.57 27.33 -37.28
CA LEU GB 23 -65.75 27.43 -38.13
C LEU GB 23 -66.58 26.15 -38.07
N ARG GB 24 -65.92 24.99 -38.00
CA ARG GB 24 -66.62 23.73 -37.84
C ARG GB 24 -67.33 23.66 -36.49
N HIS GB 25 -66.70 24.17 -35.43
CA HIS GB 25 -67.36 24.20 -34.14
C HIS GB 25 -68.55 25.15 -34.14
N LEU GB 26 -68.49 26.24 -34.90
CA LEU GB 26 -69.64 27.12 -35.00
C LEU GB 26 -70.79 26.46 -35.77
N GLU GB 27 -70.45 25.69 -36.82
CA GLU GB 27 -71.42 24.83 -37.50
C GLU GB 27 -72.11 23.91 -36.52
N SER GB 28 -71.33 23.32 -35.61
CA SER GB 28 -71.92 22.41 -34.64
C SER GB 28 -72.75 23.14 -33.60
N ARG GB 29 -72.36 24.36 -33.23
CA ARG GB 29 -73.13 25.11 -32.24
C ARG GB 29 -74.45 25.59 -32.81
N CYS GB 30 -74.50 25.82 -34.11
CA CYS GB 30 -75.35 26.91 -34.56
C CYS GB 30 -76.37 26.48 -35.63
N VAL GB 31 -77.21 25.50 -35.30
CA VAL GB 31 -78.22 24.96 -36.22
C VAL GB 31 -79.25 26.01 -36.65
N HIS GB 32 -80.06 25.65 -37.66
CA HIS GB 32 -80.98 26.41 -38.50
C HIS GB 32 -80.25 27.19 -39.58
N ARG GB 33 -78.91 27.23 -39.56
CA ARG GB 33 -78.00 27.52 -40.66
C ARG GB 33 -77.98 28.99 -41.12
N ASP GB 34 -79.00 29.76 -40.75
CA ASP GB 34 -79.02 31.16 -41.12
C ASP GB 34 -78.34 32.02 -40.07
N LYS GB 35 -78.63 31.76 -38.80
CA LYS GB 35 -77.83 32.29 -37.70
C LYS GB 35 -76.39 31.79 -37.77
N TYR GB 36 -76.19 30.59 -38.34
CA TYR GB 36 -74.84 30.13 -38.65
C TYR GB 36 -74.17 31.01 -39.67
N ARG GB 37 -74.88 31.37 -40.74
CA ARG GB 37 -74.27 32.23 -41.76
C ARG GB 37 -73.92 33.60 -41.19
N TYR GB 38 -74.80 34.11 -40.33
CA TYR GB 38 -74.55 35.37 -39.60
C TYR GB 38 -73.29 35.30 -38.76
N PHE GB 39 -73.22 34.31 -37.85
CA PHE GB 39 -72.09 34.21 -36.93
C PHE GB 39 -70.81 33.81 -37.65
N ALA GB 40 -70.92 33.08 -38.76
CA ALA GB 40 -69.73 32.71 -39.52
C ALA GB 40 -69.14 33.92 -40.22
N CYS GB 41 -69.99 34.78 -40.79
CA CYS GB 41 -69.43 36.00 -41.35
C CYS GB 41 -69.01 36.99 -40.27
N LEU GB 42 -69.57 36.89 -39.06
CA LEU GB 42 -69.01 37.62 -37.92
C LEU GB 42 -67.61 37.15 -37.59
N LEU GB 43 -67.38 35.83 -37.67
CA LEU GB 43 -66.05 35.29 -37.41
C LEU GB 43 -65.07 35.72 -38.51
N ARG GB 44 -65.53 35.73 -39.75
CA ARG GB 44 -64.74 36.19 -40.88
C ARG GB 44 -64.41 37.67 -40.73
N ALA GB 45 -65.35 38.45 -40.20
CA ALA GB 45 -65.09 39.84 -39.85
C ALA GB 45 -64.03 39.96 -38.76
N ARG GB 46 -64.09 39.06 -37.76
CA ARG GB 46 -63.13 39.09 -36.67
C ARG GB 46 -61.72 38.82 -37.15
N PHE GB 47 -61.57 37.92 -38.13
CA PHE GB 47 -60.23 37.70 -38.66
C PHE GB 47 -59.82 38.73 -39.71
N ASP GB 48 -60.76 39.46 -40.30
CA ASP GB 48 -60.37 40.61 -41.12
C ASP GB 48 -60.42 41.93 -40.35
N GLU GB 49 -60.47 41.89 -39.03
CA GLU GB 49 -60.17 43.07 -38.22
C GLU GB 49 -58.74 43.55 -38.43
N HIS GB 50 -57.83 42.61 -38.69
CA HIS GB 50 -56.40 42.84 -38.58
C HIS GB 50 -55.65 42.19 -39.74
N LYS GB 51 -56.10 42.44 -40.97
CA LYS GB 51 -55.40 41.96 -42.16
C LYS GB 51 -54.02 42.57 -42.29
N ASN GB 52 -53.86 43.82 -41.86
CA ASN GB 52 -52.66 44.62 -42.11
C ASN GB 52 -51.54 44.36 -41.09
N GLU GB 53 -51.55 43.20 -40.43
CA GLU GB 53 -50.59 42.92 -39.37
C GLU GB 53 -49.23 42.63 -39.95
N LYS GB 54 -48.32 43.59 -39.84
CA LYS GB 54 -46.94 43.41 -40.22
C LYS GB 54 -46.08 42.90 -39.07
N ASP GB 55 -46.55 43.06 -37.83
CA ASP GB 55 -45.84 42.53 -36.67
C ASP GB 55 -45.92 41.01 -36.64
N MET GB 56 -45.13 40.43 -35.74
CA MET GB 56 -45.11 38.99 -35.57
C MET GB 56 -45.47 38.56 -34.15
N VAL GB 57 -44.92 39.23 -33.15
CA VAL GB 57 -45.22 38.87 -31.77
C VAL GB 57 -46.65 39.25 -31.42
N LYS GB 58 -47.18 40.33 -32.03
CA LYS GB 58 -48.58 40.67 -31.88
C LYS GB 58 -49.48 39.60 -32.47
N ALA GB 59 -49.11 39.07 -33.64
CA ALA GB 59 -49.90 38.04 -34.30
C ALA GB 59 -49.90 36.76 -33.49
N THR GB 60 -48.74 36.32 -32.99
CA THR GB 60 -48.71 35.07 -32.25
C THR GB 60 -49.35 35.20 -30.87
N GLN GB 61 -49.31 36.40 -30.28
CA GLN GB 61 -49.97 36.56 -28.98
C GLN GB 61 -51.48 36.62 -29.14
N LEU GB 62 -51.96 37.26 -30.21
CA LEU GB 62 -53.38 37.18 -30.53
C LEU GB 62 -53.81 35.77 -30.89
N LEU GB 63 -52.91 34.99 -31.49
CA LEU GB 63 -53.22 33.60 -31.78
C LEU GB 63 -53.37 32.77 -30.51
N ARG GB 64 -52.50 33.03 -29.53
CA ARG GB 64 -52.61 32.31 -28.26
C ARG GB 64 -53.87 32.72 -27.51
N GLU GB 65 -54.23 34.01 -27.57
CA GLU GB 65 -55.50 34.43 -26.97
C GLU GB 65 -56.69 33.88 -27.74
N ALA GB 66 -56.53 33.63 -29.04
CA ALA GB 66 -57.59 32.99 -29.81
C ALA GB 66 -57.77 31.54 -29.39
N GLU GB 67 -56.66 30.84 -29.10
CA GLU GB 67 -56.76 29.50 -28.57
C GLU GB 67 -57.43 29.49 -27.20
N LYS GB 68 -57.13 30.50 -26.37
CA LYS GB 68 -57.82 30.65 -25.09
C LYS GB 68 -59.32 30.86 -25.28
N GLU GB 69 -59.70 31.83 -26.10
CA GLU GB 69 -61.10 32.17 -26.31
C GLU GB 69 -61.85 31.10 -27.09
N PHE GB 70 -61.13 30.22 -27.78
CA PHE GB 70 -61.73 29.09 -28.46
C PHE GB 70 -61.95 27.91 -27.54
N TRP GB 71 -60.97 27.60 -26.70
CA TRP GB 71 -61.12 26.52 -25.74
C TRP GB 71 -62.10 26.90 -24.63
N HIS GB 72 -62.29 28.20 -24.41
CA HIS GB 72 -63.30 28.68 -23.47
C HIS GB 72 -64.71 28.39 -23.98
N GLY GB 73 -64.89 28.27 -25.29
CA GLY GB 73 -66.21 28.12 -25.86
C GLY GB 73 -66.37 27.08 -26.96
N GLN GB 74 -65.65 25.96 -26.86
CA GLN GB 74 -65.81 24.90 -27.84
C GLN GB 74 -67.07 24.08 -27.54
N HIS GB 75 -67.37 23.11 -28.39
CA HIS GB 75 -68.54 22.29 -28.20
C HIS GB 75 -68.14 20.83 -27.96
N PRO GB 76 -68.82 20.13 -27.04
CA PRO GB 76 -68.36 18.79 -26.64
C PRO GB 76 -68.50 17.71 -27.70
N GLN GB 77 -69.66 17.63 -28.37
CA GLN GB 77 -69.86 16.71 -29.48
C GLN GB 77 -70.03 17.50 -30.76
N PRO GB 78 -68.96 17.89 -31.44
CA PRO GB 78 -69.12 18.62 -32.69
C PRO GB 78 -69.65 17.70 -33.79
N TYR GB 79 -70.22 18.30 -34.82
CA TYR GB 79 -70.71 17.51 -35.94
C TYR GB 79 -69.51 17.09 -36.78
N ILE GB 80 -69.02 15.93 -36.50
CA ILE GB 80 -67.95 15.33 -37.26
C ILE GB 80 -68.57 14.44 -38.33
N PHE GB 81 -67.94 14.42 -39.49
CA PHE GB 81 -68.57 13.81 -40.66
C PHE GB 81 -68.54 12.29 -40.54
N PRO GB 82 -69.66 11.62 -40.73
CA PRO GB 82 -69.76 10.19 -40.44
C PRO GB 82 -69.17 9.29 -41.51
N GLU GB 83 -67.97 9.63 -41.98
CA GLU GB 83 -67.04 8.72 -42.62
C GLU GB 83 -65.62 8.97 -42.15
N SER GB 84 -65.36 10.09 -41.51
CA SER GB 84 -64.04 10.46 -41.05
C SER GB 84 -63.68 9.69 -39.79
N PRO GB 85 -62.39 9.62 -39.44
CA PRO GB 85 -62.04 9.10 -38.12
C PRO GB 85 -62.55 10.00 -37.01
N GLY GB 86 -63.11 9.37 -35.98
CA GLY GB 86 -63.88 10.02 -34.97
C GLY GB 86 -65.37 9.90 -35.19
N GLY GB 87 -65.80 9.86 -36.43
CA GLY GB 87 -67.20 9.92 -36.77
C GLY GB 87 -67.94 8.62 -36.54
N THR GB 88 -69.08 8.50 -37.22
CA THR GB 88 -69.98 7.38 -37.01
C THR GB 88 -69.61 6.17 -37.86
N SER GB 89 -68.97 6.36 -39.02
CA SER GB 89 -68.55 5.18 -39.76
C SER GB 89 -67.23 4.63 -39.23
N TYR GB 90 -66.13 5.37 -39.48
CA TYR GB 90 -64.75 5.00 -39.14
C TYR GB 90 -64.44 3.55 -39.50
N GLU GB 91 -64.35 3.27 -40.80
CA GLU GB 91 -64.21 1.91 -41.34
C GLU GB 91 -65.37 1.02 -40.88
N ARG GB 92 -66.57 1.58 -41.00
CA ARG GB 92 -67.81 0.85 -40.78
C ARG GB 92 -67.87 -0.39 -41.64
N TYR GB 93 -67.55 -0.23 -42.92
CA TYR GB 93 -67.59 -1.33 -43.87
C TYR GB 93 -66.22 -1.93 -44.09
N GLU GB 94 -65.48 -2.07 -43.00
CA GLU GB 94 -64.26 -2.87 -42.94
C GLU GB 94 -64.56 -4.37 -42.77
N CYS GB 95 -65.83 -4.76 -42.96
CA CYS GB 95 -66.18 -6.18 -42.95
C CYS GB 95 -65.63 -6.89 -44.18
N TYR GB 96 -65.37 -6.17 -45.26
CA TYR GB 96 -64.92 -6.82 -46.48
C TYR GB 96 -63.70 -6.16 -47.10
N LYS GB 97 -62.89 -5.46 -46.30
CA LYS GB 97 -61.62 -4.92 -46.80
C LYS GB 97 -60.54 -5.99 -46.73
N VAL GB 98 -60.76 -7.07 -47.46
CA VAL GB 98 -59.85 -8.20 -47.53
C VAL GB 98 -58.63 -7.76 -48.31
N PRO GB 99 -57.42 -7.88 -47.75
CA PRO GB 99 -56.23 -7.41 -48.44
C PRO GB 99 -55.93 -8.25 -49.67
N GLU GB 100 -55.22 -7.63 -50.60
CA GLU GB 100 -55.14 -8.14 -51.96
C GLU GB 100 -53.83 -8.86 -52.26
N TRP GB 101 -53.03 -9.12 -51.22
CA TRP GB 101 -52.03 -10.17 -51.33
C TRP GB 101 -52.68 -11.54 -51.32
N CYS GB 102 -53.89 -11.63 -50.77
CA CYS GB 102 -54.73 -12.81 -50.89
C CYS GB 102 -55.35 -12.81 -52.27
N LEU GB 103 -56.32 -13.72 -52.51
CA LEU GB 103 -56.83 -14.08 -53.83
C LEU GB 103 -55.71 -14.63 -54.72
N ASP GB 104 -54.68 -15.20 -54.09
CA ASP GB 104 -53.66 -15.97 -54.78
C ASP GB 104 -53.50 -17.36 -54.19
N ASP GB 105 -54.04 -17.60 -52.99
CA ASP GB 105 -54.10 -18.93 -52.42
C ASP GB 105 -55.53 -19.47 -52.54
N TRP GB 106 -55.95 -19.68 -53.78
CA TRP GB 106 -57.23 -20.34 -54.01
C TRP GB 106 -57.05 -21.71 -54.64
N HIS GB 107 -58.09 -22.52 -54.49
CA HIS GB 107 -58.10 -23.82 -55.14
C HIS GB 107 -58.25 -23.65 -56.65
N PRO GB 108 -57.56 -24.47 -57.45
CA PRO GB 108 -57.55 -24.24 -58.90
C PRO GB 108 -58.87 -24.50 -59.62
N SER GB 109 -59.85 -25.16 -59.01
CA SER GB 109 -61.18 -25.17 -59.62
C SER GB 109 -61.89 -23.85 -59.39
N GLU GB 110 -61.71 -23.28 -58.20
CA GLU GB 110 -62.18 -21.91 -57.96
C GLU GB 110 -61.42 -20.92 -58.82
N LYS GB 111 -60.17 -21.22 -59.16
CA LYS GB 111 -59.47 -20.41 -60.14
C LYS GB 111 -59.90 -20.71 -61.57
N ALA GB 112 -60.48 -21.87 -61.82
CA ALA GB 112 -61.08 -22.13 -63.12
C ALA GB 112 -62.43 -21.43 -63.25
N MET GB 113 -63.05 -21.06 -62.13
CA MET GB 113 -64.29 -20.32 -62.20
C MET GB 113 -64.11 -18.90 -62.75
N TYR GB 114 -62.97 -18.27 -62.48
CA TYR GB 114 -62.74 -16.86 -62.81
C TYR GB 114 -61.52 -16.73 -63.71
N PRO GB 115 -61.64 -17.09 -64.99
CA PRO GB 115 -60.44 -17.22 -65.84
C PRO GB 115 -59.75 -15.92 -66.22
N ASP GB 116 -60.51 -14.96 -66.78
CA ASP GB 116 -59.90 -13.82 -67.43
C ASP GB 116 -59.36 -12.82 -66.43
N TYR GB 117 -60.09 -12.66 -65.31
CA TYR GB 117 -59.59 -11.81 -64.24
C TYR GB 117 -58.31 -12.35 -63.64
N PHE GB 118 -58.17 -13.67 -63.57
CA PHE GB 118 -56.93 -14.23 -63.05
C PHE GB 118 -55.80 -14.15 -64.06
N ALA GB 119 -56.10 -14.23 -65.36
CA ALA GB 119 -55.06 -13.97 -66.35
C ALA GB 119 -54.58 -12.53 -66.29
N LYS GB 120 -55.50 -11.59 -66.08
CA LYS GB 120 -55.12 -10.19 -65.95
C LYS GB 120 -54.34 -9.94 -64.66
N ARG GB 121 -54.71 -10.61 -63.57
CA ARG GB 121 -53.94 -10.42 -62.34
C ARG GB 121 -52.55 -11.03 -62.48
N GLU GB 122 -52.44 -12.14 -63.20
CA GLU GB 122 -51.13 -12.73 -63.43
C GLU GB 122 -50.24 -11.82 -64.27
N GLN GB 123 -50.81 -11.14 -65.26
CA GLN GB 123 -49.96 -10.25 -66.04
C GLN GB 123 -49.67 -8.93 -65.30
N TRP GB 124 -50.55 -8.48 -64.39
CA TRP GB 124 -50.18 -7.39 -63.48
C TRP GB 124 -49.03 -7.79 -62.56
N LYS GB 125 -49.06 -9.02 -62.04
CA LYS GB 125 -48.01 -9.47 -61.14
C LYS GB 125 -46.69 -9.63 -61.86
N LYS GB 126 -46.76 -10.09 -63.12
CA LYS GB 126 -45.58 -10.12 -63.98
C LYS GB 126 -45.07 -8.71 -64.25
N LEU GB 127 -45.98 -7.73 -64.37
CA LEU GB 127 -45.56 -6.34 -64.48
C LEU GB 127 -44.90 -5.85 -63.19
N ARG GB 128 -45.39 -6.32 -62.04
CA ARG GB 128 -44.84 -5.90 -60.75
C ARG GB 128 -43.41 -6.38 -60.57
N ARG GB 129 -43.17 -7.68 -60.74
CA ARG GB 129 -41.80 -8.18 -60.62
C ARG GB 129 -40.95 -7.76 -61.82
N GLU GB 130 -41.59 -7.47 -62.95
CA GLU GB 130 -40.92 -7.16 -64.20
C GLU GB 130 -40.15 -5.84 -64.13
N SER GB 131 -40.61 -4.91 -63.30
CA SER GB 131 -40.02 -3.58 -63.25
C SER GB 131 -39.72 -3.18 -61.81
N TRP GB 132 -39.04 -4.06 -61.09
CA TRP GB 132 -38.61 -3.74 -59.73
C TRP GB 132 -37.13 -3.35 -59.65
N GLU GB 133 -36.26 -4.11 -60.32
CA GLU GB 133 -34.84 -4.06 -59.99
C GLU GB 133 -34.17 -2.75 -60.36
N ARG GB 134 -34.08 -2.46 -61.67
CA ARG GB 134 -33.22 -1.38 -62.12
C ARG GB 134 -33.80 -0.02 -61.76
N GLU GB 135 -35.10 0.18 -62.02
CA GLU GB 135 -35.72 1.48 -61.83
C GLU GB 135 -35.77 1.85 -60.36
N VAL GB 136 -36.29 0.96 -59.52
CA VAL GB 136 -36.47 1.32 -58.12
C VAL GB 136 -35.12 1.34 -57.39
N LYS GB 137 -34.21 0.42 -57.70
CA LYS GB 137 -32.91 0.44 -57.03
C LYS GB 137 -32.08 1.65 -57.45
N GLN GB 138 -32.11 2.00 -58.74
CA GLN GB 138 -31.36 3.17 -59.19
C GLN GB 138 -31.96 4.47 -58.66
N LEU GB 139 -33.28 4.56 -58.54
CA LEU GB 139 -33.84 5.77 -57.94
C LEU GB 139 -33.60 5.84 -56.44
N GLN GB 140 -33.67 4.71 -55.74
CA GLN GB 140 -33.48 4.75 -54.31
C GLN GB 140 -32.01 4.75 -53.90
N GLU GB 141 -31.09 4.66 -54.85
CA GLU GB 141 -29.69 4.96 -54.57
C GLU GB 141 -29.20 6.23 -55.22
N GLU GB 142 -29.95 6.80 -56.15
CA GLU GB 142 -29.54 8.02 -56.85
C GLU GB 142 -30.04 9.28 -56.14
N THR GB 143 -31.35 9.43 -56.05
CA THR GB 143 -32.00 10.57 -55.42
C THR GB 143 -31.83 10.76 -53.90
N PRO GB 144 -31.67 9.73 -53.04
CA PRO GB 144 -31.47 10.04 -51.61
C PRO GB 144 -30.08 10.59 -51.33
N VAL GB 145 -30.06 11.60 -50.45
CA VAL GB 145 -28.86 12.16 -49.84
C VAL GB 145 -28.54 11.23 -48.66
N GLY GB 146 -27.39 11.44 -47.99
CA GLY GB 146 -27.00 10.64 -46.83
C GLY GB 146 -28.04 10.52 -45.73
N GLY GB 147 -28.93 11.50 -45.62
CA GLY GB 147 -30.22 11.31 -45.00
C GLY GB 147 -31.32 11.49 -46.02
N PRO GB 148 -32.38 10.68 -45.95
CA PRO GB 148 -33.53 10.88 -46.85
C PRO GB 148 -34.28 12.15 -46.54
N ARG GB 149 -34.59 12.36 -45.26
CA ARG GB 149 -35.00 13.63 -44.66
C ARG GB 149 -36.35 14.15 -45.17
N THR GB 150 -37.12 13.33 -45.87
CA THR GB 150 -38.49 13.66 -46.24
C THR GB 150 -39.22 12.35 -46.48
N GLU GB 151 -40.54 12.45 -46.59
CA GLU GB 151 -41.36 11.24 -46.72
C GLU GB 151 -42.11 11.13 -48.04
N ALA GB 152 -42.53 12.25 -48.62
CA ALA GB 152 -43.10 12.21 -49.96
C ALA GB 152 -41.99 11.92 -50.96
N LEU GB 153 -42.21 10.95 -51.83
CA LEU GB 153 -41.12 10.49 -52.67
C LEU GB 153 -41.37 10.85 -54.13
N PRO GB 154 -40.32 11.16 -54.88
CA PRO GB 154 -40.49 11.58 -56.28
C PRO GB 154 -40.75 10.40 -57.19
N PRO GB 155 -41.38 10.63 -58.36
CA PRO GB 155 -41.70 9.51 -59.25
C PRO GB 155 -40.52 9.07 -60.10
N ALA GB 156 -40.76 8.15 -61.03
CA ALA GB 156 -39.74 7.75 -61.98
C ALA GB 156 -39.77 8.68 -63.19
N ARG GB 157 -39.42 9.93 -62.92
CA ARG GB 157 -39.46 10.95 -63.95
C ARG GB 157 -38.25 10.89 -64.88
N LYS GB 158 -37.26 10.06 -64.57
CA LYS GB 158 -36.03 10.02 -65.33
C LYS GB 158 -36.22 9.53 -66.76
N GLN GB 159 -36.53 8.23 -66.95
CA GLN GB 159 -36.64 7.72 -68.30
C GLN GB 159 -38.00 7.10 -68.63
N GLY GB 160 -38.39 6.03 -67.96
CA GLY GB 160 -39.40 5.15 -68.51
C GLY GB 160 -40.67 4.90 -67.73
N ASP GB 161 -40.75 3.69 -67.19
CA ASP GB 161 -41.95 3.12 -66.60
C ASP GB 161 -42.21 3.61 -65.18
N LEU GB 162 -43.03 2.84 -64.47
CA LEU GB 162 -43.85 3.29 -63.35
C LEU GB 162 -43.02 3.91 -62.22
N PRO GB 163 -43.62 4.85 -61.45
CA PRO GB 163 -42.91 5.40 -60.31
C PRO GB 163 -42.71 4.35 -59.24
N PRO GB 164 -41.64 4.44 -58.46
CA PRO GB 164 -41.34 3.39 -57.49
C PRO GB 164 -42.28 3.42 -56.30
N LEU GB 165 -42.29 2.29 -55.58
CA LEU GB 165 -42.97 2.11 -54.30
C LEU GB 165 -44.47 2.36 -54.43
N TRP GB 166 -45.11 1.51 -55.22
CA TRP GB 166 -46.45 1.80 -55.68
C TRP GB 166 -47.46 0.70 -55.43
N TRP GB 167 -47.05 -0.50 -55.06
CA TRP GB 167 -47.96 -1.65 -55.10
C TRP GB 167 -49.03 -1.56 -54.01
N HIS GB 168 -48.61 -1.39 -52.77
CA HIS GB 168 -49.55 -1.28 -51.66
C HIS GB 168 -50.14 0.12 -51.51
N ILE GB 169 -49.91 1.01 -52.47
CA ILE GB 169 -50.60 2.29 -52.54
C ILE GB 169 -51.66 2.27 -53.64
N VAL GB 170 -51.33 1.66 -54.79
CA VAL GB 170 -52.32 1.49 -55.83
C VAL GB 170 -53.34 0.43 -55.43
N THR GB 171 -52.88 -0.79 -55.16
CA THR GB 171 -53.80 -1.91 -54.97
C THR GB 171 -54.29 -1.95 -53.52
N ARG GB 172 -55.04 -0.92 -53.16
CA ARG GB 172 -55.81 -0.91 -51.93
C ARG GB 172 -57.27 -1.20 -52.26
N PRO GB 173 -58.04 -1.70 -51.30
CA PRO GB 173 -59.47 -1.92 -51.55
C PRO GB 173 -60.24 -0.63 -51.81
N ARG GB 174 -61.42 -0.79 -52.39
CA ARG GB 174 -62.13 0.31 -53.04
C ARG GB 174 -62.90 1.19 -52.08
N GLU GB 175 -62.87 0.91 -50.77
CA GLU GB 175 -63.63 1.57 -49.71
C GLU GB 175 -65.14 1.45 -49.89
N ARG GB 176 -65.60 0.60 -50.79
CA ARG GB 176 -66.99 0.14 -50.82
C ARG GB 176 -66.97 -1.31 -51.24
N PRO GB 177 -66.71 -2.24 -50.29
CA PRO GB 177 -66.64 -3.63 -50.73
C PRO GB 177 -67.92 -4.39 -50.43
N ALA HB 5 -90.99 1.72 -63.84
CA ALA HB 5 -89.82 2.60 -63.77
C ALA HB 5 -89.13 2.48 -62.40
N HIS HB 6 -87.84 2.79 -62.37
CA HIS HB 6 -87.07 2.69 -61.14
C HIS HB 6 -87.18 4.00 -60.36
N ILE HB 7 -86.34 4.15 -59.34
CA ILE HB 7 -86.26 5.37 -58.55
C ILE HB 7 -85.11 6.22 -59.07
N GLU HB 8 -85.31 7.53 -59.12
CA GLU HB 8 -84.26 8.42 -59.57
C GLU HB 8 -84.04 9.54 -58.56
N PRO HB 9 -82.81 9.94 -58.33
CA PRO HB 9 -82.52 11.05 -57.42
C PRO HB 9 -82.79 12.37 -58.12
N ARG HB 10 -82.58 13.45 -57.37
CA ARG HB 10 -82.58 14.78 -57.96
C ARG HB 10 -81.66 15.67 -57.15
N TYR HB 11 -81.34 16.83 -57.73
CA TYR HB 11 -80.30 17.71 -57.23
C TYR HB 11 -80.96 18.98 -56.72
N ARG HB 12 -81.00 19.14 -55.40
CA ARG HB 12 -81.45 20.35 -54.70
C ARG HB 12 -82.90 20.70 -55.00
N GLN HB 13 -83.72 19.70 -55.29
CA GLN HB 13 -85.14 19.92 -55.55
C GLN HB 13 -85.96 19.00 -54.66
N PHE HB 14 -87.22 19.36 -54.51
CA PHE HB 14 -88.11 18.61 -53.65
C PHE HB 14 -88.39 17.24 -54.26
N PRO HB 15 -88.27 16.16 -53.49
CA PRO HB 15 -88.29 14.81 -54.08
C PRO HB 15 -89.67 14.44 -54.60
N GLN HB 16 -89.70 13.36 -55.37
CA GLN HB 16 -90.95 12.89 -55.93
C GLN HB 16 -91.67 12.00 -54.94
N LEU HB 17 -93.00 12.06 -54.99
CA LEU HB 17 -93.85 11.34 -54.04
C LEU HB 17 -94.92 10.60 -54.83
N THR HB 18 -94.81 9.28 -54.89
CA THR HB 18 -95.94 8.47 -55.32
C THR HB 18 -97.03 8.56 -54.26
N ARG HB 19 -98.28 8.49 -54.69
CA ARG HB 19 -99.38 8.80 -53.78
C ARG HB 19 -99.73 7.65 -52.83
N SER HB 20 -99.05 6.51 -52.94
CA SER HB 20 -99.30 5.42 -52.01
C SER HB 20 -98.80 5.77 -50.61
N GLN HB 21 -97.59 6.32 -50.50
CA GLN HB 21 -97.05 6.69 -49.20
C GLN HB 21 -97.87 7.80 -48.55
N VAL HB 22 -98.40 8.73 -49.34
CA VAL HB 22 -99.20 9.78 -48.71
C VAL HB 22 -100.59 9.26 -48.37
N ILE HB 23 -101.12 8.27 -49.09
CA ILE HB 23 -102.44 7.79 -48.70
C ILE HB 23 -102.35 6.91 -47.46
N GLN HB 24 -101.28 6.11 -47.31
CA GLN HB 24 -101.13 5.39 -46.05
C GLN HB 24 -100.76 6.31 -44.90
N ALA HB 25 -100.06 7.42 -45.17
CA ALA HB 25 -99.77 8.39 -44.10
C ALA HB 25 -101.04 9.05 -43.58
N GLU HB 26 -101.89 9.53 -44.51
CA GLU HB 26 -103.18 10.09 -44.14
C GLU HB 26 -104.04 9.06 -43.40
N PHE HB 27 -104.08 7.83 -43.93
CA PHE HB 27 -104.90 6.76 -43.37
C PHE HB 27 -104.50 6.45 -41.95
N PHE HB 28 -103.21 6.31 -41.70
CA PHE HB 28 -102.74 5.87 -40.39
C PHE HB 28 -102.85 6.98 -39.35
N SER HB 29 -102.41 8.20 -39.69
CA SER HB 29 -102.50 9.29 -38.73
C SER HB 29 -103.95 9.64 -38.41
N ALA HB 30 -104.80 9.71 -39.42
CA ALA HB 30 -106.17 10.09 -39.16
C ALA HB 30 -106.98 8.96 -38.54
N THR HB 31 -106.61 7.69 -38.74
CA THR HB 31 -107.27 6.64 -37.97
C THR HB 31 -106.81 6.65 -36.53
N MET HB 32 -105.57 7.06 -36.26
CA MET HB 32 -105.17 7.29 -34.88
C MET HB 32 -106.03 8.37 -34.26
N TRP HB 33 -106.30 9.43 -35.01
CA TRP HB 33 -107.04 10.55 -34.43
C TRP HB 33 -108.52 10.22 -34.28
N PHE HB 34 -109.08 9.45 -35.22
CA PHE HB 34 -110.43 8.92 -35.05
C PHE HB 34 -110.52 8.00 -33.85
N TRP HB 35 -109.49 7.18 -33.64
CA TRP HB 35 -109.45 6.30 -32.48
C TRP HB 35 -109.41 7.09 -31.19
N ILE HB 36 -108.64 8.18 -31.17
CA ILE HB 36 -108.50 8.88 -29.91
C ILE HB 36 -109.75 9.74 -29.63
N LEU HB 37 -110.46 10.17 -30.68
CA LEU HB 37 -111.75 10.84 -30.43
C LEU HB 37 -112.83 9.86 -30.03
N TRP HB 38 -112.89 8.68 -30.66
CA TRP HB 38 -113.86 7.66 -30.27
C TRP HB 38 -113.51 7.05 -28.93
N ARG HB 39 -112.27 7.20 -28.50
CA ARG HB 39 -111.84 6.80 -27.18
C ARG HB 39 -112.20 7.85 -26.14
N PHE HB 40 -112.22 9.13 -26.53
CA PHE HB 40 -112.50 10.18 -25.55
C PHE HB 40 -113.99 10.42 -25.32
N TRP HB 41 -114.83 10.22 -26.34
CA TRP HB 41 -116.25 10.51 -26.18
C TRP HB 41 -117.08 9.27 -25.85
N HIS HB 42 -116.93 8.22 -26.66
CA HIS HB 42 -117.86 7.09 -26.65
C HIS HB 42 -117.78 6.27 -25.38
N ASP HB 43 -116.62 6.19 -24.78
CA ASP HB 43 -116.50 5.23 -23.71
C ASP HB 43 -115.97 5.82 -22.40
N SER HB 44 -115.01 6.74 -22.48
CA SER HB 44 -114.29 7.18 -21.29
C SER HB 44 -113.79 8.60 -21.53
N ASP HB 45 -113.93 9.56 -20.59
CA ASP HB 45 -114.10 9.51 -19.11
C ASP HB 45 -113.16 8.57 -18.36
N ALA HB 46 -111.93 8.49 -18.85
CA ALA HB 46 -110.83 7.89 -18.10
C ALA HB 46 -109.90 8.95 -17.53
N VAL HB 47 -109.88 10.14 -18.13
CA VAL HB 47 -109.18 11.28 -17.54
C VAL HB 47 -109.90 11.73 -16.27
N LEU HB 48 -111.22 11.75 -16.31
CA LEU HB 48 -112.05 12.05 -15.14
C LEU HB 48 -112.55 10.73 -14.57
N GLY HB 49 -112.29 10.50 -13.29
CA GLY HB 49 -112.34 9.15 -12.74
C GLY HB 49 -113.62 8.67 -12.10
N HIS HB 50 -114.77 8.98 -12.71
CA HIS HB 50 -116.07 8.33 -12.50
C HIS HB 50 -116.63 8.47 -11.08
N PHE HB 51 -115.99 9.23 -10.22
CA PHE HB 51 -116.38 9.30 -8.84
C PHE HB 51 -116.07 10.71 -8.36
N PRO HB 52 -117.02 11.38 -7.71
CA PRO HB 52 -116.73 12.70 -7.14
C PRO HB 52 -115.77 12.54 -5.96
N TYR HB 53 -114.64 13.23 -6.05
CA TYR HB 53 -113.73 13.23 -4.91
C TYR HB 53 -114.39 14.03 -3.79
N PRO HB 54 -114.57 13.46 -2.62
CA PRO HB 54 -115.38 14.11 -1.60
C PRO HB 54 -114.63 15.24 -0.92
N ASP HB 55 -115.36 15.94 -0.07
CA ASP HB 55 -114.82 16.85 0.90
C ASP HB 55 -114.13 16.06 2.03
N PRO HB 56 -113.48 16.72 2.99
CA PRO HB 56 -113.17 16.05 4.26
C PRO HB 56 -114.38 15.34 4.84
N SER HB 57 -114.15 14.09 5.26
CA SER HB 57 -114.99 12.92 5.04
C SER HB 57 -116.50 13.15 5.02
N GLN HB 58 -117.03 13.88 5.99
CA GLN HB 58 -118.45 14.24 5.98
C GLN HB 58 -118.74 15.69 6.31
N TRP HB 59 -117.84 16.40 7.00
CA TRP HB 59 -118.10 17.69 7.65
C TRP HB 59 -119.31 17.63 8.58
N THR HB 60 -119.52 16.49 9.21
CA THR HB 60 -120.62 16.29 10.15
C THR HB 60 -120.05 16.00 11.53
N ASP HB 61 -120.87 16.27 12.54
CA ASP HB 61 -120.48 16.04 13.92
C ASP HB 61 -121.50 15.13 14.58
N GLU HB 62 -121.28 14.91 15.90
CA GLU HB 62 -121.84 13.79 16.66
C GLU HB 62 -121.57 12.48 15.91
N GLU HB 63 -120.32 12.34 15.47
CA GLU HB 63 -119.88 11.20 14.68
C GLU HB 63 -119.20 10.21 15.62
N LEU HB 64 -119.97 9.19 16.01
CA LEU HB 64 -119.52 7.99 16.71
C LEU HB 64 -118.98 8.30 18.11
N GLY HB 65 -119.35 9.45 18.67
CA GLY HB 65 -118.93 9.80 20.01
C GLY HB 65 -117.76 10.76 20.10
N ILE HB 66 -117.83 11.86 19.34
CA ILE HB 66 -116.82 12.91 19.39
C ILE HB 66 -116.85 13.59 20.76
N PRO HB 67 -115.72 14.04 21.28
CA PRO HB 67 -115.70 14.64 22.62
C PRO HB 67 -116.04 16.11 22.58
N PRO HB 68 -117.02 16.56 23.39
CA PRO HB 68 -117.31 17.98 23.57
C PRO HB 68 -116.43 18.59 24.65
N SER IB 2 -31.89 -15.12 -36.68
CA SER IB 2 -30.65 -14.49 -36.23
C SER IB 2 -30.91 -13.09 -35.74
N HIS IB 3 -30.40 -12.79 -34.54
CA HIS IB 3 -30.57 -11.46 -33.97
C HIS IB 3 -29.45 -11.24 -32.96
N ILE IB 4 -28.96 -10.01 -32.91
CA ILE IB 4 -27.84 -9.68 -32.02
C ILE IB 4 -28.33 -9.65 -30.58
N THR IB 5 -27.60 -10.34 -29.69
CA THR IB 5 -27.95 -10.33 -28.27
C THR IB 5 -27.69 -8.97 -27.64
N LYS IB 6 -26.77 -8.18 -28.21
CA LYS IB 6 -26.52 -6.83 -27.73
C LYS IB 6 -27.67 -5.88 -28.02
N ASP IB 7 -28.58 -6.23 -28.93
CA ASP IB 7 -29.71 -5.38 -29.26
C ASP IB 7 -30.87 -5.51 -28.29
N MET IB 8 -30.70 -6.20 -27.18
CA MET IB 8 -31.59 -6.07 -26.03
C MET IB 8 -31.00 -4.98 -25.12
N LEU IB 9 -31.47 -4.87 -23.88
CA LEU IB 9 -31.13 -3.69 -23.08
C LEU IB 9 -31.02 -3.97 -21.57
N PRO IB 10 -29.84 -4.43 -21.12
CA PRO IB 10 -29.57 -4.43 -19.66
C PRO IB 10 -28.81 -3.20 -19.19
N GLY IB 11 -28.98 -2.84 -17.92
CA GLY IB 11 -28.16 -1.83 -17.31
C GLY IB 11 -28.60 -0.41 -17.63
N PRO IB 12 -28.57 0.46 -16.62
CA PRO IB 12 -29.01 1.85 -16.84
C PRO IB 12 -27.92 2.76 -17.38
N TYR IB 13 -28.25 4.04 -17.40
CA TYR IB 13 -27.54 5.21 -17.89
C TYR IB 13 -26.13 5.58 -17.39
N PRO IB 14 -25.61 5.16 -16.23
CA PRO IB 14 -24.18 5.41 -15.98
C PRO IB 14 -23.31 4.45 -16.79
N LYS IB 15 -22.29 4.98 -17.49
CA LYS IB 15 -21.90 6.38 -17.45
C LYS IB 15 -22.44 7.23 -18.60
N THR IB 16 -22.51 8.54 -18.36
CA THR IB 16 -23.31 9.43 -19.19
C THR IB 16 -22.90 9.61 -20.66
N PRO IB 17 -21.61 9.56 -21.10
CA PRO IB 17 -21.40 9.67 -22.55
C PRO IB 17 -21.86 8.45 -23.36
N GLU IB 18 -21.33 7.28 -23.03
CA GLU IB 18 -21.47 6.15 -23.94
C GLU IB 18 -22.79 5.42 -23.77
N GLU IB 19 -23.37 5.44 -22.57
CA GLU IB 19 -24.71 4.88 -22.38
C GLU IB 19 -25.74 5.67 -23.17
N ARG IB 20 -25.67 7.00 -23.11
CA ARG IB 20 -26.63 7.80 -23.85
C ARG IB 20 -26.39 7.72 -25.35
N ALA IB 21 -25.12 7.58 -25.76
CA ALA IB 21 -24.81 7.38 -27.17
C ALA IB 21 -25.38 6.07 -27.68
N ALA IB 22 -25.12 4.97 -26.96
CA ALA IB 22 -25.61 3.67 -27.38
C ALA IB 22 -27.14 3.57 -27.28
N ALA IB 23 -27.74 4.28 -26.33
CA ALA IB 23 -29.18 4.27 -26.19
C ALA IB 23 -29.85 5.00 -27.35
N ALA IB 24 -29.34 6.20 -27.70
CA ALA IB 24 -29.87 6.92 -28.84
C ALA IB 24 -29.59 6.22 -30.16
N LYS IB 25 -28.54 5.39 -30.23
CA LYS IB 25 -28.34 4.59 -31.43
C LYS IB 25 -29.33 3.43 -31.49
N LYS IB 26 -29.43 2.66 -30.40
CA LYS IB 26 -30.18 1.42 -30.41
C LYS IB 26 -31.69 1.66 -30.41
N TYR IB 27 -32.14 2.82 -29.93
CA TYR IB 27 -33.57 3.07 -29.81
C TYR IB 27 -34.15 3.89 -30.93
N ASN IB 28 -33.31 4.45 -31.81
CA ASN IB 28 -33.69 5.40 -32.85
C ASN IB 28 -34.46 6.58 -32.27
N MET IB 29 -33.76 7.36 -31.45
CA MET IB 29 -34.36 8.50 -30.79
C MET IB 29 -33.50 9.74 -30.95
N ARG IB 30 -34.09 10.85 -30.55
CA ARG IB 30 -33.34 12.08 -30.31
C ARG IB 30 -32.37 11.82 -29.16
N VAL IB 31 -31.17 12.40 -29.25
CA VAL IB 31 -30.08 12.01 -28.36
C VAL IB 31 -30.30 12.54 -26.95
N GLU IB 32 -30.35 13.86 -26.79
CA GLU IB 32 -30.48 14.41 -25.46
C GLU IB 32 -31.92 14.50 -24.98
N ASP IB 33 -32.88 14.08 -25.80
CA ASP IB 33 -34.26 13.97 -25.34
C ASP IB 33 -34.61 12.57 -24.89
N TYR IB 34 -33.74 11.60 -25.13
CA TYR IB 34 -33.81 10.34 -24.40
C TYR IB 34 -33.51 10.61 -22.93
N GLU IB 35 -34.45 10.26 -22.06
CA GLU IB 35 -34.20 10.34 -20.64
C GLU IB 35 -34.63 9.04 -19.98
N PRO IB 36 -33.74 8.39 -19.23
CA PRO IB 36 -34.12 7.19 -18.49
C PRO IB 36 -35.00 7.49 -17.29
N TYR IB 37 -35.41 6.47 -16.57
CA TYR IB 37 -36.57 6.63 -15.69
C TYR IB 37 -36.44 7.40 -14.37
N PRO IB 38 -35.31 7.39 -13.63
CA PRO IB 38 -33.96 6.82 -13.67
C PRO IB 38 -33.90 5.41 -13.14
N ASP IB 39 -32.70 5.01 -12.70
CA ASP IB 39 -32.45 3.69 -12.13
C ASP IB 39 -33.13 3.66 -10.77
N ASP IB 40 -34.42 3.35 -10.82
CA ASP IB 40 -35.28 3.35 -9.65
C ASP IB 40 -35.36 1.97 -9.01
N GLY IB 41 -34.71 0.97 -9.60
CA GLY IB 41 -34.71 -0.36 -9.05
C GLY IB 41 -36.00 -1.11 -9.18
N MET IB 42 -36.95 -0.60 -9.96
CA MET IB 42 -38.21 -1.30 -10.22
C MET IB 42 -38.15 -2.13 -11.47
N GLY IB 43 -36.98 -2.67 -11.79
CA GLY IB 43 -36.76 -3.21 -13.11
C GLY IB 43 -36.53 -2.08 -14.06
N TYR IB 44 -37.34 -2.01 -15.12
CA TYR IB 44 -37.47 -0.91 -16.08
C TYR IB 44 -36.26 -0.71 -16.98
N GLY IB 45 -35.14 -1.36 -16.68
CA GLY IB 45 -33.93 -1.30 -17.48
C GLY IB 45 -33.43 0.11 -17.72
N ASP IB 46 -33.13 0.39 -18.98
CA ASP IB 46 -32.79 1.71 -19.48
C ASP IB 46 -33.75 2.10 -20.59
N TYR IB 47 -35.00 1.73 -20.43
CA TYR IB 47 -36.06 1.89 -21.42
C TYR IB 47 -36.58 3.32 -21.35
N PRO IB 48 -36.92 3.92 -22.48
CA PRO IB 48 -37.18 5.37 -22.53
C PRO IB 48 -38.47 5.79 -21.85
N LYS IB 49 -38.49 7.07 -21.47
CA LYS IB 49 -39.69 7.75 -20.98
C LYS IB 49 -40.36 8.49 -22.12
N LEU IB 50 -41.68 8.40 -22.19
CA LEU IB 50 -42.49 8.91 -23.28
C LEU IB 50 -43.59 9.80 -22.72
N PRO IB 51 -44.25 10.64 -23.57
CA PRO IB 51 -45.29 11.53 -23.03
C PRO IB 51 -46.66 10.90 -22.76
N ASP IB 52 -46.72 9.58 -22.63
CA ASP IB 52 -47.74 8.89 -21.83
C ASP IB 52 -49.17 8.85 -22.38
N ARG IB 53 -49.47 9.53 -23.48
CA ARG IB 53 -50.86 9.54 -23.94
C ARG IB 53 -51.04 8.84 -25.29
N SER IB 54 -50.40 9.36 -26.34
CA SER IB 54 -49.96 8.66 -27.53
C SER IB 54 -51.03 8.05 -28.43
N GLN IB 55 -52.31 8.02 -28.02
CA GLN IB 55 -53.25 7.29 -28.87
C GLN IB 55 -54.49 8.07 -29.24
N GLN IB 56 -55.06 8.85 -28.32
CA GLN IB 56 -56.13 9.74 -28.73
C GLN IB 56 -55.60 11.03 -29.32
N GLU IB 57 -54.29 11.26 -29.21
CA GLU IB 57 -53.57 12.21 -30.03
C GLU IB 57 -53.19 11.49 -31.32
N ARG IB 58 -52.30 12.09 -32.12
CA ARG IB 58 -51.81 11.52 -33.38
C ARG IB 58 -52.98 11.24 -34.34
N ASP IB 59 -53.57 12.34 -34.83
CA ASP IB 59 -54.78 12.25 -35.65
C ASP IB 59 -54.53 11.39 -36.90
N PRO IB 60 -55.48 10.53 -37.27
CA PRO IB 60 -55.21 9.48 -38.27
C PRO IB 60 -55.09 9.97 -39.69
N TRP IB 61 -55.00 11.27 -39.93
CA TRP IB 61 -54.78 11.77 -41.28
C TRP IB 61 -53.31 11.88 -41.66
N TYR IB 62 -52.39 11.57 -40.74
CA TYR IB 62 -50.97 11.54 -41.10
C TYR IB 62 -50.65 10.37 -42.03
N ASP IB 63 -51.46 9.31 -41.96
CA ASP IB 63 -51.34 8.11 -42.79
C ASP IB 63 -49.98 7.44 -42.62
N TRP IB 64 -49.75 6.98 -41.39
CA TRP IB 64 -48.57 6.17 -41.08
C TRP IB 64 -48.84 4.70 -41.39
N ASP IB 65 -47.99 3.80 -40.89
CA ASP IB 65 -48.10 2.40 -41.27
C ASP IB 65 -49.25 1.67 -40.57
N HIS IB 66 -49.15 1.49 -39.26
CA HIS IB 66 -50.12 0.65 -38.55
C HIS IB 66 -51.44 1.38 -38.40
N PRO IB 67 -52.52 0.91 -39.00
CA PRO IB 67 -53.74 1.73 -39.11
C PRO IB 67 -54.50 1.88 -37.81
N ASP IB 68 -54.20 1.08 -36.79
CA ASP IB 68 -54.96 1.16 -35.55
C ASP IB 68 -54.06 1.30 -34.32
N LEU IB 69 -52.84 0.78 -34.41
CA LEU IB 69 -51.92 0.90 -33.29
C LEU IB 69 -51.33 2.30 -33.14
N ARG IB 70 -51.57 3.18 -34.12
CA ARG IB 70 -51.05 4.56 -34.13
C ARG IB 70 -49.53 4.60 -34.09
N LEU IB 71 -48.88 3.57 -34.59
CA LEU IB 71 -47.43 3.43 -34.58
C LEU IB 71 -46.90 3.33 -36.00
N ASN IB 72 -45.67 3.82 -36.19
CA ASN IB 72 -45.07 3.89 -37.52
C ASN IB 72 -43.79 3.09 -37.57
N TRP IB 73 -43.78 1.97 -36.83
CA TRP IB 73 -42.83 0.85 -36.87
C TRP IB 73 -41.44 1.18 -36.35
N GLY IB 74 -41.05 2.45 -36.30
CA GLY IB 74 -39.84 2.77 -35.58
C GLY IB 74 -40.08 3.88 -34.59
N GLU IB 75 -40.18 3.51 -33.33
CA GLU IB 75 -40.40 4.41 -32.20
C GLU IB 75 -39.86 3.69 -30.98
N PRO IB 76 -39.71 4.39 -29.84
CA PRO IB 76 -39.32 3.66 -28.63
C PRO IB 76 -40.36 2.68 -28.09
N MET IB 77 -41.61 2.70 -28.58
CA MET IB 77 -42.66 1.72 -28.25
C MET IB 77 -42.93 1.71 -26.74
N HIS IB 78 -43.58 2.81 -26.29
CA HIS IB 78 -43.81 3.17 -24.88
C HIS IB 78 -44.19 1.98 -24.00
N TRP IB 79 -43.58 1.96 -22.81
CA TRP IB 79 -43.60 0.83 -21.87
C TRP IB 79 -45.00 0.36 -21.49
N ASP IB 80 -46.01 1.23 -21.63
CA ASP IB 80 -47.41 0.85 -21.43
C ASP IB 80 -48.16 0.68 -22.73
N LEU IB 81 -47.52 0.07 -23.73
CA LEU IB 81 -48.24 -0.24 -24.97
C LEU IB 81 -49.26 -1.35 -24.75
N ASP IB 82 -49.18 -2.10 -23.64
CA ASP IB 82 -50.23 -3.06 -23.33
C ASP IB 82 -51.51 -2.41 -22.82
N MET IB 83 -51.47 -1.13 -22.45
CA MET IB 83 -52.62 -0.57 -21.76
C MET IB 83 -53.03 0.79 -22.32
N TYR IB 84 -52.10 1.55 -22.86
CA TYR IB 84 -52.46 2.89 -23.32
C TYR IB 84 -53.07 2.92 -24.70
N ILE IB 85 -53.44 1.77 -25.29
CA ILE IB 85 -53.98 1.74 -26.65
C ILE IB 85 -55.37 2.37 -26.66
N ARG IB 86 -55.80 2.76 -27.84
CA ARG IB 86 -57.21 2.84 -28.11
C ARG IB 86 -57.84 1.46 -27.94
N ASN IB 87 -59.11 1.48 -27.52
CA ASN IB 87 -60.07 0.44 -27.12
C ASN IB 87 -59.88 -0.01 -25.68
N ARG IB 88 -58.85 0.46 -24.99
CA ARG IB 88 -58.67 0.15 -23.58
C ARG IB 88 -58.77 1.40 -22.71
N VAL IB 89 -57.90 2.38 -22.92
CA VAL IB 89 -57.90 3.64 -22.18
C VAL IB 89 -57.75 4.76 -23.18
N ASP IB 90 -58.74 5.63 -23.26
CA ASP IB 90 -58.77 6.70 -24.26
C ASP IB 90 -58.51 8.03 -23.55
N THR IB 91 -57.30 8.54 -23.69
CA THR IB 91 -56.92 9.78 -23.00
C THR IB 91 -57.05 10.98 -23.93
N SER IB 92 -58.27 11.24 -24.38
CA SER IB 92 -58.57 12.47 -25.08
C SER IB 92 -58.51 13.64 -24.11
N PRO IB 93 -58.20 14.85 -24.60
CA PRO IB 93 -58.30 16.03 -23.73
C PRO IB 93 -59.76 16.33 -23.40
N THR IB 94 -60.04 16.43 -22.11
CA THR IB 94 -61.40 16.66 -21.66
C THR IB 94 -61.84 18.08 -22.01
N PRO IB 95 -63.13 18.28 -22.30
CA PRO IB 95 -63.59 19.60 -22.72
C PRO IB 95 -63.53 20.68 -21.65
N VAL IB 96 -63.51 20.32 -20.36
CA VAL IB 96 -63.59 21.38 -19.35
C VAL IB 96 -62.37 21.42 -18.43
N ASN IB 97 -62.19 20.42 -17.59
CA ASN IB 97 -61.12 20.35 -16.59
C ASN IB 97 -61.04 18.90 -16.12
N TRP IB 98 -60.39 18.68 -14.99
CA TRP IB 98 -60.48 17.39 -14.30
C TRP IB 98 -61.08 17.54 -12.91
N ASN IB 99 -60.52 18.44 -12.10
CA ASN IB 99 -61.02 18.65 -10.75
C ASN IB 99 -62.43 19.21 -10.75
N LEU IB 100 -62.76 20.05 -11.73
CA LEU IB 100 -64.12 20.58 -11.84
C LEU IB 100 -65.11 19.46 -12.14
N MET IB 101 -64.72 18.53 -13.02
CA MET IB 101 -65.54 17.37 -13.35
C MET IB 101 -65.81 16.50 -12.14
N CYS IB 102 -64.75 16.12 -11.41
CA CYS IB 102 -64.95 15.17 -10.32
C CYS IB 102 -65.68 15.82 -9.15
N LYS IB 103 -65.43 17.11 -8.89
CA LYS IB 103 -66.12 17.76 -7.78
C LYS IB 103 -67.59 17.98 -8.09
N HIS IB 104 -67.94 18.31 -9.36
CA HIS IB 104 -69.35 18.42 -9.69
C HIS IB 104 -70.06 17.09 -9.67
N LEU IB 105 -69.41 16.01 -10.10
CA LEU IB 105 -70.06 14.71 -10.09
C LEU IB 105 -70.32 14.23 -8.66
N PHE IB 106 -69.30 14.32 -7.79
CA PHE IB 106 -69.48 13.85 -6.43
C PHE IB 106 -70.41 14.76 -5.65
N GLY IB 107 -70.45 16.05 -5.98
CA GLY IB 107 -71.42 16.95 -5.38
C GLY IB 107 -72.85 16.60 -5.77
N PHE IB 108 -73.08 16.26 -7.04
CA PHE IB 108 -74.43 15.90 -7.46
C PHE IB 108 -74.89 14.58 -6.84
N VAL IB 109 -73.99 13.60 -6.77
CA VAL IB 109 -74.39 12.30 -6.21
C VAL IB 109 -74.63 12.41 -4.70
N ALA IB 110 -73.78 13.16 -3.99
CA ALA IB 110 -73.98 13.35 -2.56
C ALA IB 110 -75.22 14.19 -2.26
N PHE IB 111 -75.54 15.16 -3.13
CA PHE IB 111 -76.77 15.91 -2.99
C PHE IB 111 -77.99 15.02 -3.17
N MET IB 112 -77.94 14.10 -4.14
CA MET IB 112 -79.05 13.17 -4.34
C MET IB 112 -79.21 12.22 -3.16
N LEU IB 113 -78.10 11.78 -2.56
CA LEU IB 113 -78.22 10.90 -1.40
C LEU IB 113 -78.71 11.65 -0.16
N PHE IB 114 -78.29 12.90 0.00
CA PHE IB 114 -78.79 13.73 1.10
C PHE IB 114 -80.28 13.96 0.97
N MET IB 115 -80.77 14.21 -0.23
CA MET IB 115 -82.21 14.37 -0.38
C MET IB 115 -82.97 13.05 -0.33
N PHE IB 116 -82.31 11.93 -0.66
CA PHE IB 116 -82.90 10.62 -0.39
C PHE IB 116 -83.12 10.42 1.10
N TRP IB 117 -82.15 10.84 1.92
CA TRP IB 117 -82.32 10.68 3.37
C TRP IB 117 -83.36 11.64 3.93
N VAL IB 118 -83.41 12.87 3.39
CA VAL IB 118 -84.44 13.83 3.77
C VAL IB 118 -85.82 13.31 3.38
N GLY IB 119 -85.92 12.60 2.26
CA GLY IB 119 -87.17 11.96 1.91
C GLY IB 119 -87.50 10.78 2.82
N GLU IB 120 -86.48 10.02 3.23
CA GLU IB 120 -86.72 8.86 4.08
C GLU IB 120 -87.15 9.24 5.49
N THR IB 121 -86.72 10.40 5.98
CA THR IB 121 -87.19 10.82 7.30
C THR IB 121 -88.54 11.50 7.25
N TYR IB 122 -88.99 11.97 6.09
CA TYR IB 122 -90.28 12.65 5.94
C TYR IB 122 -91.11 11.90 4.90
N PRO IB 123 -91.86 10.87 5.29
CA PRO IB 123 -92.71 10.18 4.32
C PRO IB 123 -93.91 11.02 3.91
N THR IB 124 -94.56 10.59 2.84
CA THR IB 124 -95.84 11.13 2.40
C THR IB 124 -96.89 10.05 2.30
N TYR IB 125 -98.15 10.47 2.44
CA TYR IB 125 -99.30 9.57 2.54
C TYR IB 125 -100.57 10.38 2.37
N GLN IB 126 -101.52 9.83 1.64
CA GLN IB 126 -102.86 10.38 1.58
C GLN IB 126 -103.59 10.11 2.89
N PRO IB 127 -104.65 10.87 3.21
CA PRO IB 127 -105.39 10.55 4.43
C PRO IB 127 -106.20 9.27 4.25
N VAL IB 128 -105.63 8.18 4.74
CA VAL IB 128 -106.09 6.81 4.47
C VAL IB 128 -105.75 5.97 5.69
N GLY IB 129 -106.75 5.27 6.24
CA GLY IB 129 -106.51 4.40 7.36
C GLY IB 129 -106.02 3.03 6.93
N PRO IB 130 -105.94 2.10 7.88
CA PRO IB 130 -105.53 0.73 7.54
C PRO IB 130 -106.68 -0.04 6.90
N LYS IB 131 -106.32 -1.16 6.27
CA LYS IB 131 -107.34 -2.02 5.70
C LYS IB 131 -108.09 -2.76 6.79
N GLN IB 132 -109.28 -3.23 6.45
CA GLN IB 132 -110.16 -3.92 7.38
C GLN IB 132 -110.35 -5.36 6.88
N TYR IB 133 -109.42 -6.22 7.28
CA TYR IB 133 -109.45 -7.61 6.86
C TYR IB 133 -110.54 -8.34 7.64
N PRO IB 134 -111.21 -9.33 7.01
CA PRO IB 134 -112.37 -9.96 7.66
C PRO IB 134 -112.08 -10.81 8.88
N TYR IB 135 -111.21 -11.80 8.76
CA TYR IB 135 -111.03 -12.78 9.83
C TYR IB 135 -109.86 -12.36 10.73
N ASN IB 136 -110.07 -11.23 11.42
CA ASN IB 136 -109.21 -10.73 12.51
C ASN IB 136 -107.78 -10.47 12.02
N ASN IB 137 -107.70 -9.46 11.14
CA ASN IB 137 -106.50 -9.12 10.36
C ASN IB 137 -106.06 -10.31 9.53
N LEU IB 138 -107.05 -11.02 8.98
CA LEU IB 138 -106.90 -12.08 7.98
C LEU IB 138 -106.01 -13.20 8.50
N TYR IB 139 -106.57 -13.91 9.48
CA TYR IB 139 -105.96 -15.14 9.95
C TYR IB 139 -106.21 -16.25 8.91
N LEU IB 140 -105.59 -17.41 9.15
CA LEU IB 140 -105.69 -18.66 8.38
C LEU IB 140 -104.99 -18.61 7.03
N GLU IB 141 -104.52 -17.44 6.61
CA GLU IB 141 -103.76 -17.33 5.38
C GLU IB 141 -102.49 -16.52 5.60
N ARG IB 142 -102.19 -16.16 6.85
CA ARG IB 142 -100.86 -15.81 7.29
C ARG IB 142 -100.17 -17.09 7.74
N GLY IB 143 -99.08 -16.96 8.51
CA GLY IB 143 -98.18 -18.02 8.93
C GLY IB 143 -98.74 -19.35 9.43
N GLY IB 144 -99.98 -19.37 9.91
CA GLY IB 144 -100.63 -20.64 10.17
C GLY IB 144 -101.31 -20.80 11.50
N ASP IB 145 -101.09 -21.97 12.13
CA ASP IB 145 -101.78 -22.46 13.33
C ASP IB 145 -103.29 -22.39 13.09
N PRO IB 146 -103.84 -23.29 12.27
CA PRO IB 146 -105.19 -23.06 11.72
C PRO IB 146 -106.31 -23.24 12.73
N ASN IB 147 -106.06 -23.82 13.89
CA ASN IB 147 -107.12 -23.97 14.87
C ASN IB 147 -106.61 -23.77 16.28
N LYS IB 148 -105.55 -22.98 16.45
CA LYS IB 148 -104.85 -22.95 17.74
C LYS IB 148 -104.86 -21.58 18.40
N GLU IB 149 -104.40 -20.53 17.73
CA GLU IB 149 -104.27 -19.20 18.36
C GLU IB 149 -104.79 -18.09 17.47
N PRO IB 150 -106.08 -17.77 17.55
CA PRO IB 150 -106.55 -16.51 16.99
C PRO IB 150 -106.47 -15.40 18.03
N GLU IB 151 -106.18 -14.19 17.54
CA GLU IB 151 -106.26 -13.02 18.39
C GLU IB 151 -107.51 -12.24 18.02
N PRO IB 152 -108.56 -12.27 18.84
CA PRO IB 152 -109.83 -11.66 18.45
C PRO IB 152 -109.78 -10.14 18.49
N VAL IB 153 -109.70 -9.53 17.31
CA VAL IB 153 -109.96 -8.10 17.17
C VAL IB 153 -110.85 -7.88 15.96
N VAL IB 154 -112.13 -7.79 16.19
CA VAL IB 154 -113.08 -7.55 15.12
C VAL IB 154 -113.22 -6.05 14.93
N HIS IB 155 -113.52 -5.65 13.71
CA HIS IB 155 -113.66 -4.24 13.41
C HIS IB 155 -115.03 -3.74 13.85
N TYR IB 156 -115.07 -2.51 14.36
CA TYR IB 156 -116.31 -1.84 14.72
C TYR IB 156 -116.54 -0.73 13.71
N GLU IB 157 -117.78 -0.58 13.26
CA GLU IB 157 -118.04 0.28 12.12
C GLU IB 157 -117.86 1.75 12.45
N ILE IB 158 -117.62 2.52 11.40
CA ILE IB 158 -117.61 3.99 11.44
C ILE IB 158 -118.54 4.46 10.33
N PRO JB 22 -13.43 -8.56 -38.65
CA PRO JB 22 -12.37 -9.56 -38.81
C PRO JB 22 -12.68 -10.87 -38.10
N THR JB 23 -13.96 -11.11 -37.83
CA THR JB 23 -14.37 -12.30 -37.08
C THR JB 23 -15.81 -12.64 -37.44
N LEU JB 24 -16.15 -13.92 -37.31
CA LEU JB 24 -17.48 -14.40 -37.67
C LEU JB 24 -18.15 -15.25 -36.59
N ARG JB 25 -17.35 -16.05 -35.84
CA ARG JB 25 -17.77 -16.96 -34.77
C ARG JB 25 -18.65 -18.12 -35.21
N TRP JB 26 -18.99 -18.22 -36.49
CA TRP JB 26 -19.89 -19.27 -36.95
C TRP JB 26 -19.54 -19.65 -38.38
N GLN JB 27 -20.23 -20.67 -38.89
CA GLN JB 27 -20.11 -21.01 -40.31
C GLN JB 27 -21.43 -21.37 -40.97
N GLU JB 28 -22.49 -21.66 -40.23
CA GLU JB 28 -23.68 -22.33 -40.76
C GLU JB 28 -24.45 -21.47 -41.76
N ASP JB 29 -25.29 -22.13 -42.55
CA ASP JB 29 -26.02 -21.56 -43.67
C ASP JB 29 -27.28 -20.83 -43.19
N PRO JB 30 -27.74 -19.83 -43.96
CA PRO JB 30 -29.05 -19.23 -43.66
C PRO JB 30 -30.20 -20.19 -43.98
N GLU JB 31 -30.80 -20.73 -42.91
CA GLU JB 31 -31.81 -21.76 -42.99
C GLU JB 31 -32.85 -21.46 -41.94
N PRO JB 32 -34.09 -21.96 -42.10
CA PRO JB 32 -34.76 -22.60 -43.24
C PRO JB 32 -35.51 -21.60 -44.12
N GLU JB 33 -36.45 -22.12 -44.90
CA GLU JB 33 -37.32 -21.31 -45.74
C GLU JB 33 -38.77 -21.65 -45.43
N ASP JB 34 -39.69 -20.83 -45.94
CA ASP JB 34 -41.12 -21.12 -45.86
C ASP JB 34 -41.44 -22.23 -46.86
N GLU JB 35 -41.25 -23.47 -46.43
CA GLU JB 35 -41.70 -24.61 -47.22
C GLU JB 35 -43.22 -24.71 -47.02
N ASN JB 36 -43.94 -23.99 -47.88
CA ASN JB 36 -45.39 -24.02 -47.87
C ASN JB 36 -45.88 -25.42 -48.18
N LEU JB 37 -46.82 -25.89 -47.39
CA LEU JB 37 -47.42 -27.17 -47.69
C LEU JB 37 -48.43 -27.05 -48.82
N TYR JB 38 -48.85 -25.82 -49.14
CA TYR JB 38 -49.54 -25.52 -50.38
C TYR JB 38 -48.47 -25.14 -51.40
N GLU JB 39 -48.90 -24.55 -52.54
CA GLU JB 39 -48.10 -24.24 -53.74
C GLU JB 39 -47.53 -25.48 -54.44
N LYS JB 40 -47.80 -26.67 -53.93
CA LYS JB 40 -47.51 -27.94 -54.61
C LYS JB 40 -48.77 -28.77 -54.79
N ASN JB 41 -49.54 -28.94 -53.72
CA ASN JB 41 -50.70 -29.83 -53.71
C ASN JB 41 -51.84 -29.12 -53.00
N PRO JB 42 -52.56 -28.24 -53.70
CA PRO JB 42 -53.64 -27.49 -53.06
C PRO JB 42 -54.88 -28.33 -52.75
N ASP JB 43 -55.02 -29.51 -53.33
CA ASP JB 43 -56.07 -30.41 -52.87
C ASP JB 43 -55.75 -31.05 -51.54
N SER JB 44 -54.49 -31.05 -51.13
CA SER JB 44 -54.04 -31.90 -50.05
C SER JB 44 -54.50 -31.39 -48.69
N HIS JB 45 -54.53 -32.30 -47.73
CA HIS JB 45 -54.92 -32.03 -46.36
C HIS JB 45 -53.70 -31.56 -45.58
N GLY JB 46 -53.77 -31.64 -44.25
CA GLY JB 46 -52.96 -30.78 -43.41
C GLY JB 46 -51.46 -31.08 -43.43
N TYR JB 47 -51.08 -32.33 -43.24
CA TYR JB 47 -49.68 -32.62 -42.95
C TYR JB 47 -48.92 -32.98 -44.23
N ASP JB 48 -47.74 -33.59 -44.07
CA ASP JB 48 -46.61 -33.62 -45.00
C ASP JB 48 -46.94 -34.22 -46.37
N LYS JB 49 -45.96 -34.10 -47.25
CA LYS JB 49 -45.88 -34.12 -48.70
C LYS JB 49 -46.13 -35.45 -49.35
N ASP JB 50 -46.61 -36.51 -48.68
CA ASP JB 50 -46.90 -37.74 -49.39
C ASP JB 50 -48.39 -37.81 -49.68
N PRO JB 51 -48.82 -37.65 -50.93
CA PRO JB 51 -50.24 -37.39 -51.22
C PRO JB 51 -51.14 -38.61 -51.19
N ALA JB 52 -50.66 -39.78 -50.78
CA ALA JB 52 -51.52 -40.91 -50.54
C ALA JB 52 -51.83 -41.08 -49.05
N VAL JB 53 -50.77 -41.07 -48.22
CA VAL JB 53 -50.96 -41.29 -46.79
C VAL JB 53 -51.63 -40.10 -46.12
N ASP JB 54 -51.68 -38.94 -46.78
CA ASP JB 54 -52.52 -37.87 -46.29
C ASP JB 54 -54.00 -38.23 -46.41
N VAL JB 55 -54.38 -38.86 -47.53
CA VAL JB 55 -55.73 -39.36 -47.69
C VAL JB 55 -56.00 -40.49 -46.70
N TRP JB 56 -54.99 -41.32 -46.44
CA TRP JB 56 -55.13 -42.35 -45.41
C TRP JB 56 -55.32 -41.75 -44.02
N ASN JB 57 -54.67 -40.63 -43.74
CA ASN JB 57 -54.84 -39.99 -42.44
C ASN JB 57 -56.23 -39.36 -42.32
N MET JB 58 -56.72 -38.77 -43.41
CA MET JB 58 -58.11 -38.33 -43.49
C MET JB 58 -59.06 -39.46 -43.15
N ARG JB 59 -58.82 -40.63 -43.75
CA ARG JB 59 -59.66 -41.78 -43.50
C ARG JB 59 -59.60 -42.22 -42.04
N VAL JB 60 -58.41 -42.29 -41.45
CA VAL JB 60 -58.32 -42.86 -40.10
C VAL JB 60 -58.80 -41.87 -39.05
N VAL JB 61 -58.57 -40.57 -39.21
CA VAL JB 61 -58.99 -39.64 -38.17
C VAL JB 61 -60.40 -39.13 -38.39
N PHE JB 62 -60.99 -39.39 -39.56
CA PHE JB 62 -62.38 -39.03 -39.77
C PHE JB 62 -63.29 -40.24 -39.86
N PHE JB 63 -62.76 -41.44 -39.65
CA PHE JB 63 -63.60 -42.59 -39.34
C PHE JB 63 -63.39 -43.11 -37.94
N PHE JB 64 -62.22 -42.91 -37.35
CA PHE JB 64 -61.93 -43.42 -36.03
C PHE JB 64 -61.90 -42.34 -34.97
N GLY JB 65 -62.36 -41.14 -35.28
CA GLY JB 65 -62.45 -40.13 -34.24
C GLY JB 65 -63.86 -39.60 -34.13
N PHE JB 66 -64.60 -39.69 -35.21
CA PHE JB 66 -65.92 -39.11 -35.33
C PHE JB 66 -66.99 -40.14 -35.63
N SER JB 67 -66.66 -41.12 -36.46
CA SER JB 67 -67.65 -42.09 -36.89
C SER JB 67 -67.81 -43.21 -35.87
N ILE JB 68 -66.71 -43.83 -35.46
CA ILE JB 68 -66.79 -45.04 -34.65
C ILE JB 68 -66.56 -44.76 -33.16
N VAL JB 69 -66.07 -43.58 -32.80
CA VAL JB 69 -65.76 -43.26 -31.42
C VAL JB 69 -66.75 -42.25 -30.86
N LEU JB 70 -67.02 -41.18 -31.61
CA LEU JB 70 -67.75 -40.04 -31.07
C LEU JB 70 -69.23 -40.38 -30.89
N VAL JB 71 -69.90 -40.82 -31.96
CA VAL JB 71 -71.33 -41.07 -31.83
C VAL JB 71 -71.59 -42.38 -31.10
N LEU JB 72 -70.65 -43.34 -31.15
CA LEU JB 72 -70.80 -44.56 -30.37
C LEU JB 72 -70.65 -44.27 -28.88
N GLY JB 73 -69.71 -43.39 -28.52
CA GLY JB 73 -69.59 -42.97 -27.15
C GLY JB 73 -70.78 -42.13 -26.69
N SER JB 74 -71.35 -41.35 -27.60
CA SER JB 74 -72.54 -40.57 -27.27
C SER JB 74 -73.73 -41.48 -27.01
N THR JB 75 -73.90 -42.53 -27.80
CA THR JB 75 -74.97 -43.46 -27.51
C THR JB 75 -74.64 -44.40 -26.36
N PHE JB 76 -73.36 -44.55 -26.03
CA PHE JB 76 -73.02 -45.35 -24.87
C PHE JB 76 -73.33 -44.59 -23.58
N VAL JB 77 -73.00 -43.30 -23.55
CA VAL JB 77 -73.32 -42.48 -22.37
C VAL JB 77 -74.77 -42.03 -22.39
N ALA JB 78 -75.47 -42.17 -23.51
CA ALA JB 78 -76.89 -41.84 -23.54
C ALA JB 78 -77.69 -42.82 -22.71
N TYR JB 79 -77.28 -44.08 -22.72
CA TYR JB 79 -77.82 -45.07 -21.81
C TYR JB 79 -76.77 -46.14 -21.58
N LEU JB 80 -76.46 -46.34 -20.33
CA LEU JB 80 -75.58 -47.36 -19.79
C LEU JB 80 -76.38 -47.81 -18.57
N PRO JB 81 -75.96 -48.82 -17.78
CA PRO JB 81 -76.76 -49.17 -16.58
C PRO JB 81 -76.88 -48.08 -15.52
N ASP JB 82 -77.62 -48.36 -14.46
CA ASP JB 82 -77.96 -47.33 -13.50
C ASP JB 82 -76.73 -46.92 -12.70
N TYR JB 83 -76.00 -45.97 -13.28
CA TYR JB 83 -74.74 -45.48 -12.73
C TYR JB 83 -74.99 -44.82 -11.38
N ARG JB 84 -74.28 -45.34 -10.37
CA ARG JB 84 -74.45 -44.98 -8.95
C ARG JB 84 -75.89 -45.27 -8.50
N MET JB 85 -76.44 -46.40 -8.99
CA MET JB 85 -77.63 -47.06 -8.45
C MET JB 85 -78.87 -46.17 -8.44
N GLN JB 86 -79.06 -45.38 -9.50
CA GLN JB 86 -79.98 -44.25 -9.40
C GLN JB 86 -81.45 -44.66 -9.50
N GLU JB 87 -81.83 -45.35 -10.58
CA GLU JB 87 -83.22 -45.73 -10.76
C GLU JB 87 -83.64 -46.80 -9.74
N TRP JB 88 -82.69 -47.64 -9.33
CA TRP JB 88 -82.90 -48.52 -8.18
C TRP JB 88 -83.27 -47.72 -6.95
N ALA JB 89 -82.56 -46.61 -6.70
CA ALA JB 89 -82.84 -45.77 -5.54
C ALA JB 89 -84.21 -45.10 -5.65
N ARG JB 90 -84.59 -44.70 -6.87
CA ARG JB 90 -85.91 -44.13 -7.12
C ARG JB 90 -87.01 -45.09 -6.73
N ARG JB 91 -86.97 -46.30 -7.29
CA ARG JB 91 -88.04 -47.25 -7.04
C ARG JB 91 -88.03 -47.79 -5.62
N GLU JB 92 -86.85 -47.91 -5.00
CA GLU JB 92 -86.79 -48.37 -3.62
C GLU JB 92 -87.33 -47.31 -2.67
N ALA JB 93 -87.07 -46.02 -2.96
CA ALA JB 93 -87.62 -44.97 -2.12
C ALA JB 93 -89.12 -44.86 -2.29
N GLU JB 94 -89.63 -45.07 -3.51
CA GLU JB 94 -91.08 -45.11 -3.72
C GLU JB 94 -91.72 -46.21 -2.89
N ARG JB 95 -91.15 -47.42 -2.93
CA ARG JB 95 -91.75 -48.53 -2.19
C ARG JB 95 -91.62 -48.35 -0.68
N LEU JB 96 -90.53 -47.74 -0.21
CA LEU JB 96 -90.36 -47.56 1.24
C LEU JB 96 -91.26 -46.46 1.77
N VAL JB 97 -91.47 -45.39 1.01
CA VAL JB 97 -92.40 -44.36 1.46
C VAL JB 97 -93.83 -44.88 1.39
N LYS JB 98 -94.13 -45.77 0.44
CA LYS JB 98 -95.44 -46.43 0.45
C LYS JB 98 -95.61 -47.31 1.69
N TYR JB 99 -94.54 -48.00 2.09
CA TYR JB 99 -94.55 -48.78 3.34
C TYR JB 99 -94.85 -47.90 4.55
N ARG JB 100 -94.11 -46.80 4.69
CA ARG JB 100 -94.23 -45.96 5.86
C ARG JB 100 -95.44 -45.03 5.80
N GLU JB 101 -96.14 -44.98 4.68
CA GLU JB 101 -97.50 -44.48 4.68
C GLU JB 101 -98.47 -45.55 5.14
N ALA JB 102 -98.24 -46.80 4.73
CA ALA JB 102 -99.20 -47.87 5.01
C ALA JB 102 -99.22 -48.27 6.48
N HIS JB 103 -98.09 -48.12 7.18
CA HIS JB 103 -98.05 -48.52 8.58
C HIS JB 103 -98.23 -47.38 9.57
N GLY JB 104 -98.37 -46.14 9.09
CA GLY JB 104 -98.67 -45.02 9.94
C GLY JB 104 -97.53 -44.48 10.78
N LEU JB 105 -96.40 -45.16 10.83
CA LEU JB 105 -95.23 -44.65 11.54
C LEU JB 105 -94.64 -43.49 10.74
N PRO JB 106 -93.95 -42.55 11.40
CA PRO JB 106 -93.38 -41.41 10.67
C PRO JB 106 -92.27 -41.84 9.73
N LEU JB 107 -92.38 -41.40 8.48
CA LEU JB 107 -91.35 -41.66 7.49
C LEU JB 107 -90.06 -40.96 7.87
N MET JB 108 -88.95 -41.70 7.73
CA MET JB 108 -87.60 -41.26 8.08
C MET JB 108 -87.54 -40.86 9.57
N GLU JB 109 -87.69 -41.87 10.40
CA GLU JB 109 -87.38 -41.69 11.81
C GLU JB 109 -85.89 -41.41 11.97
N SER JB 110 -85.56 -40.50 12.89
CA SER JB 110 -84.17 -40.24 13.21
C SER JB 110 -83.57 -41.41 13.98
N ASN JB 111 -82.30 -41.27 14.33
CA ASN JB 111 -81.50 -42.31 14.98
C ASN JB 111 -81.47 -43.58 14.11
N CYS JB 112 -80.75 -43.47 12.98
CA CYS JB 112 -80.60 -44.60 12.06
C CYS JB 112 -80.00 -45.83 12.74
N PHE JB 113 -79.12 -45.63 13.72
CA PHE JB 113 -78.69 -46.75 14.54
C PHE JB 113 -79.61 -46.87 15.74
N ASP JB 114 -79.60 -48.05 16.34
CA ASP JB 114 -80.56 -48.39 17.40
C ASP JB 114 -80.30 -47.54 18.63
N PRO JB 115 -81.29 -46.77 19.11
CA PRO JB 115 -81.07 -45.97 20.33
C PRO JB 115 -80.86 -46.80 21.59
N SER JB 116 -81.29 -48.07 21.60
CA SER JB 116 -80.98 -48.93 22.73
C SER JB 116 -79.55 -49.45 22.65
N LYS JB 117 -79.11 -49.85 21.46
CA LYS JB 117 -77.77 -50.43 21.25
C LYS JB 117 -76.74 -49.31 21.24
N ILE JB 118 -76.44 -48.81 22.44
CA ILE JB 118 -75.51 -47.71 22.59
C ILE JB 118 -74.99 -47.74 24.03
N GLN JB 119 -73.77 -47.22 24.23
CA GLN JB 119 -73.16 -47.17 25.55
C GLN JB 119 -72.48 -45.82 25.70
N LEU JB 120 -73.15 -44.89 26.35
CA LEU JB 120 -72.55 -43.59 26.57
C LEU JB 120 -71.53 -43.67 27.69
N PRO JB 121 -70.35 -43.05 27.54
CA PRO JB 121 -69.41 -42.99 28.65
C PRO JB 121 -69.91 -42.06 29.74
N GLU JB 122 -70.37 -42.64 30.84
CA GLU JB 122 -71.06 -41.87 31.87
C GLU JB 122 -70.05 -41.26 32.82
N ASP JB 123 -70.51 -40.25 33.57
CA ASP JB 123 -69.65 -39.61 34.56
C ASP JB 123 -69.66 -40.42 35.84
N LYS KB 1 -16.87 -57.18 -52.71
CA LYS KB 1 -17.76 -56.13 -53.16
C LYS KB 1 -17.62 -54.91 -52.25
N PHE KB 2 -17.17 -53.80 -52.85
CA PHE KB 2 -17.03 -52.45 -52.29
C PHE KB 2 -15.86 -52.33 -51.31
N TYR KB 3 -15.27 -53.44 -50.86
CA TYR KB 3 -14.26 -53.33 -49.82
C TYR KB 3 -12.89 -53.16 -50.43
N ILE KB 4 -11.98 -52.63 -49.62
CA ILE KB 4 -10.57 -52.51 -49.96
C ILE KB 4 -9.77 -52.99 -48.78
N GLN KB 5 -8.78 -53.85 -49.06
CA GLN KB 5 -7.57 -54.20 -48.32
C GLN KB 5 -7.81 -55.07 -47.09
N GLU KB 6 -9.08 -55.21 -46.66
CA GLU KB 6 -9.84 -56.36 -46.16
C GLU KB 6 -11.19 -55.88 -45.62
N PRO KB 7 -12.19 -56.75 -45.61
CA PRO KB 7 -13.16 -56.71 -44.53
C PRO KB 7 -12.56 -57.31 -43.28
N PRO KB 8 -12.50 -56.55 -42.17
CA PRO KB 8 -11.84 -57.05 -40.96
C PRO KB 8 -12.54 -58.23 -40.33
N HIS KB 9 -13.86 -58.13 -40.16
CA HIS KB 9 -14.70 -59.28 -39.94
C HIS KB 9 -16.07 -58.98 -40.56
N GLY KB 10 -17.05 -59.81 -40.24
CA GLY KB 10 -18.31 -59.79 -40.95
C GLY KB 10 -18.56 -61.18 -41.49
N SER KB 11 -17.49 -61.80 -41.97
CA SER KB 11 -17.45 -63.24 -42.12
C SER KB 11 -17.02 -63.82 -40.79
N PRO KB 12 -17.94 -64.41 -40.04
CA PRO KB 12 -17.62 -64.84 -38.67
C PRO KB 12 -16.78 -66.10 -38.68
N ASN KB 13 -16.23 -66.40 -37.51
CA ASN KB 13 -15.57 -67.69 -37.33
C ASN KB 13 -16.61 -68.79 -37.16
N TRP KB 14 -16.15 -70.00 -36.99
CA TRP KB 14 -17.08 -71.10 -36.72
C TRP KB 14 -16.62 -71.90 -35.52
N LEU KB 15 -16.06 -71.21 -34.53
CA LEU KB 15 -15.94 -71.74 -33.19
C LEU KB 15 -16.66 -70.90 -32.15
N LYS KB 16 -16.75 -69.58 -32.33
CA LYS KB 16 -17.35 -68.75 -31.30
C LYS KB 16 -18.86 -68.87 -31.28
N VAL KB 17 -19.50 -68.89 -32.44
CA VAL KB 17 -20.96 -69.01 -32.48
C VAL KB 17 -21.40 -70.41 -32.06
N GLY KB 18 -20.60 -71.44 -32.41
CA GLY KB 18 -20.91 -72.77 -31.96
C GLY KB 18 -20.70 -72.94 -30.47
N LEU KB 19 -19.66 -72.29 -29.93
CA LEU KB 19 -19.40 -72.30 -28.49
C LEU KB 19 -20.54 -71.65 -27.72
N THR KB 20 -20.99 -70.47 -28.19
CA THR KB 20 -22.06 -69.75 -27.50
C THR KB 20 -23.39 -70.49 -27.56
N LEU KB 21 -23.74 -71.03 -28.74
CA LEU KB 21 -24.97 -71.81 -28.83
C LEU KB 21 -24.88 -73.09 -28.00
N GLY KB 22 -23.70 -73.71 -27.95
CA GLY KB 22 -23.55 -74.94 -27.20
C GLY KB 22 -23.69 -74.71 -25.70
N THR KB 23 -23.03 -73.69 -25.17
CA THR KB 23 -23.15 -73.41 -23.74
C THR KB 23 -24.52 -72.86 -23.40
N SER KB 24 -25.20 -72.21 -24.35
CA SER KB 24 -26.54 -71.71 -24.06
C SER KB 24 -27.54 -72.85 -23.97
N ALA KB 25 -27.52 -73.77 -24.95
CA ALA KB 25 -28.39 -74.92 -24.89
C ALA KB 25 -28.06 -75.84 -23.73
N PHE KB 26 -26.77 -75.93 -23.37
CA PHE KB 26 -26.36 -76.68 -22.19
C PHE KB 26 -26.93 -76.09 -20.91
N LEU KB 27 -26.93 -74.76 -20.80
CA LEU KB 27 -27.47 -74.12 -19.60
C LEU KB 27 -28.99 -74.24 -19.54
N TRP KB 28 -29.67 -74.20 -20.71
CA TRP KB 28 -31.11 -74.44 -20.73
C TRP KB 28 -31.46 -75.85 -20.29
N ILE KB 29 -30.71 -76.85 -20.77
CA ILE KB 29 -30.91 -78.23 -20.36
C ILE KB 29 -30.65 -78.39 -18.87
N TYR KB 30 -29.62 -77.71 -18.35
CA TYR KB 30 -29.31 -77.81 -16.93
C TYR KB 30 -30.39 -77.18 -16.06
N LEU KB 31 -30.96 -76.04 -16.49
CA LEU KB 31 -31.99 -75.42 -15.67
C LEU KB 31 -33.30 -76.20 -15.73
N ILE KB 32 -33.62 -76.80 -16.89
CA ILE KB 32 -34.78 -77.68 -16.96
C ILE KB 32 -34.62 -78.89 -16.06
N LYS KB 33 -33.40 -79.47 -16.05
CA LYS KB 33 -33.12 -80.60 -15.17
C LYS KB 33 -33.19 -80.18 -13.71
N GLN KB 34 -32.74 -78.96 -13.40
CA GLN KB 34 -32.82 -78.43 -12.05
C GLN KB 34 -34.27 -78.26 -11.60
N HIS KB 35 -35.12 -77.77 -12.49
CA HIS KB 35 -36.53 -77.58 -12.13
C HIS KB 35 -37.24 -78.91 -11.96
N ASN KB 36 -36.89 -79.91 -12.77
CA ASN KB 36 -37.49 -81.23 -12.61
C ASN KB 36 -37.05 -81.87 -11.31
N GLU KB 37 -35.77 -81.72 -10.96
CA GLU KB 37 -35.27 -82.20 -9.66
C GLU KB 37 -35.96 -81.51 -8.50
N ASP KB 38 -36.23 -80.20 -8.64
CA ASP KB 38 -36.83 -79.47 -7.53
C ASP KB 38 -38.30 -79.81 -7.34
N VAL KB 39 -39.02 -80.01 -8.44
CA VAL KB 39 -40.42 -80.45 -8.34
C VAL KB 39 -40.49 -81.86 -7.77
N LEU KB 40 -39.55 -82.73 -8.17
CA LEU KB 40 -39.49 -84.08 -7.60
C LEU KB 40 -39.18 -84.05 -6.11
N GLU KB 41 -38.25 -83.19 -5.70
CA GLU KB 41 -37.88 -83.08 -4.28
C GLU KB 41 -39.03 -82.52 -3.45
N TYR KB 42 -39.74 -81.53 -3.98
CA TYR KB 42 -40.87 -80.95 -3.26
C TYR KB 42 -41.99 -81.97 -3.10
N LYS KB 43 -42.31 -82.71 -4.16
CA LYS KB 43 -43.37 -83.70 -4.08
C LYS KB 43 -42.95 -84.96 -3.36
N ARG KB 44 -41.65 -85.18 -3.17
CA ARG KB 44 -41.16 -86.31 -2.38
C ARG KB 44 -41.09 -85.97 -0.91
N ARG KB 45 -40.86 -84.71 -0.57
CA ARG KB 45 -40.78 -84.31 0.83
C ARG KB 45 -42.15 -83.98 1.41
N ASN KB 46 -43.02 -83.38 0.62
CA ASN KB 46 -44.37 -83.09 1.09
C ASN KB 46 -45.39 -84.03 0.47
N VAL LB 6 -52.02 -61.39 -46.52
CA VAL LB 6 -52.49 -60.06 -46.17
C VAL LB 6 -52.28 -59.83 -44.68
N VAL LB 7 -52.35 -60.89 -43.88
CA VAL LB 7 -52.00 -60.80 -42.46
C VAL LB 7 -50.49 -61.00 -42.30
N ARG LB 8 -49.93 -61.96 -43.04
CA ARG LB 8 -48.49 -62.09 -43.10
C ARG LB 8 -47.85 -60.93 -43.86
N ASP LB 9 -48.60 -60.30 -44.78
CA ASP LB 9 -48.09 -59.13 -45.49
C ASP LB 9 -48.00 -57.93 -44.54
N HIS LB 10 -49.15 -57.50 -44.01
CA HIS LB 10 -49.15 -56.53 -42.92
C HIS LB 10 -49.80 -57.17 -41.70
N TRP LB 11 -49.01 -57.30 -40.64
CA TRP LB 11 -49.49 -57.70 -39.33
C TRP LB 11 -49.49 -56.52 -38.36
N ILE LB 12 -49.17 -55.33 -38.87
CA ILE LB 12 -48.91 -54.16 -38.03
C ILE LB 12 -50.19 -53.72 -37.32
N HIS LB 13 -51.32 -53.80 -38.00
CA HIS LB 13 -52.57 -53.27 -37.47
C HIS LB 13 -53.36 -54.28 -36.64
N VAL LB 14 -52.72 -55.35 -36.16
CA VAL LB 14 -53.44 -56.39 -35.43
C VAL LB 14 -52.79 -56.71 -34.09
N LEU LB 15 -51.69 -56.03 -33.74
CA LEU LB 15 -50.91 -56.43 -32.58
C LEU LB 15 -51.60 -56.06 -31.27
N VAL LB 16 -52.00 -54.81 -31.10
CA VAL LB 16 -52.68 -54.39 -29.88
C VAL LB 16 -54.07 -54.99 -29.63
N PRO LB 17 -54.88 -55.43 -30.63
CA PRO LB 17 -56.03 -56.26 -30.23
C PRO LB 17 -55.62 -57.59 -29.61
N VAL LB 18 -54.53 -58.19 -30.09
CA VAL LB 18 -54.00 -59.39 -29.47
C VAL LB 18 -53.51 -59.09 -28.05
N GLY LB 19 -52.92 -57.90 -27.88
CA GLY LB 19 -52.52 -57.48 -26.54
C GLY LB 19 -53.68 -57.28 -25.60
N PHE LB 20 -54.77 -56.69 -26.09
CA PHE LB 20 -55.95 -56.49 -25.25
C PHE LB 20 -56.63 -57.82 -24.94
N VAL LB 21 -56.66 -58.76 -25.90
CA VAL LB 21 -57.23 -60.08 -25.63
C VAL LB 21 -56.38 -60.82 -24.61
N PHE LB 22 -55.05 -60.68 -24.68
CA PHE LB 22 -54.18 -61.33 -23.71
C PHE LB 22 -54.33 -60.72 -22.33
N GLY LB 23 -54.51 -59.40 -22.27
CA GLY LB 23 -54.78 -58.76 -20.98
C GLY LB 23 -56.11 -59.20 -20.39
N TYR LB 24 -57.14 -59.34 -21.23
CA TYR LB 24 -58.43 -59.80 -20.76
C TYR LB 24 -58.37 -61.25 -20.29
N TYR LB 25 -57.55 -62.07 -20.96
CA TYR LB 25 -57.42 -63.46 -20.55
C TYR LB 25 -56.66 -63.56 -19.23
N LEU LB 26 -55.68 -62.67 -19.03
CA LEU LB 26 -55.01 -62.66 -17.74
C LEU LB 26 -55.94 -62.12 -16.65
N ASP LB 27 -56.90 -61.27 -17.03
CA ASP LB 27 -57.92 -60.85 -16.07
C ASP LB 27 -58.81 -62.01 -15.65
N ARG LB 28 -59.20 -62.86 -16.60
CA ARG LB 28 -60.04 -64.00 -16.23
C ARG LB 28 -59.25 -65.04 -15.43
N LYS LB 29 -57.96 -65.20 -15.73
CA LYS LB 29 -57.10 -66.04 -14.90
C LYS LB 29 -56.98 -65.50 -13.48
N ASN LB 30 -56.89 -64.16 -13.36
CA ASN LB 30 -56.91 -63.51 -12.06
C ASN LB 30 -58.24 -63.73 -11.34
N ASP LB 31 -59.34 -63.75 -12.09
CA ASP LB 31 -60.65 -64.03 -11.52
C ASP LB 31 -60.72 -65.43 -10.92
N GLU LB 32 -60.24 -66.42 -11.67
CA GLU LB 32 -60.22 -67.78 -11.12
C GLU LB 32 -59.08 -68.00 -10.12
N LYS LB 33 -58.15 -67.07 -9.99
CA LYS LB 33 -57.16 -67.14 -8.92
C LYS LB 33 -57.68 -66.57 -7.61
N LEU LB 34 -58.43 -65.47 -7.67
CA LEU LB 34 -58.93 -64.82 -6.47
C LEU LB 34 -60.36 -65.25 -6.19
N ALA LB 35 -60.64 -66.52 -6.43
CA ALA LB 35 -61.98 -67.09 -6.28
C ALA LB 35 -62.19 -67.67 -4.89
N ALA LB 36 -61.90 -66.86 -3.86
CA ALA LB 36 -62.29 -67.18 -2.49
C ALA LB 36 -63.58 -66.45 -2.16
N PHE LB 37 -64.24 -66.89 -1.09
CA PHE LB 37 -65.54 -66.38 -0.63
C PHE LB 37 -66.58 -66.47 -1.75
N ARG LB 38 -66.63 -67.61 -2.43
CA ARG LB 38 -67.53 -67.77 -3.58
C ARG LB 38 -68.99 -67.72 -3.15
N ASN LB 39 -69.31 -68.36 -2.03
CA ASN LB 39 -70.67 -68.34 -1.49
C ASN LB 39 -70.64 -68.14 0.02
N LYS LB 40 -69.62 -67.44 0.52
CA LYS LB 40 -69.40 -67.29 1.95
C LYS LB 40 -69.65 -65.88 2.44
N SER LB 41 -70.18 -64.99 1.60
CA SER LB 41 -70.57 -63.68 2.10
C SER LB 41 -71.90 -63.76 2.82
N LEU LB 42 -72.23 -62.73 3.60
CA LEU LB 42 -73.51 -62.68 4.29
C LEU LB 42 -74.62 -62.05 3.46
N LEU LB 43 -74.28 -61.18 2.52
CA LEU LB 43 -75.29 -60.47 1.76
C LEU LB 43 -75.53 -61.07 0.38
N TYR LB 44 -74.53 -61.75 -0.18
CA TYR LB 44 -74.67 -62.49 -1.43
C TYR LB 44 -74.49 -63.97 -1.10
N LYS LB 45 -75.58 -64.61 -0.65
CA LYS LB 45 -75.51 -66.00 -0.24
C LYS LB 45 -76.87 -66.65 -0.52
N ARG LB 46 -76.97 -67.28 -1.68
CA ARG LB 46 -78.09 -68.11 -2.04
C ARG LB 46 -77.63 -69.57 -2.04
N GLU LB 47 -78.56 -70.46 -2.34
CA GLU LB 47 -78.16 -71.85 -2.58
C GLU LB 47 -77.49 -71.95 -3.94
N LEU LB 48 -76.49 -72.82 -4.04
CA LEU LB 48 -75.89 -73.09 -5.33
C LEU LB 48 -76.92 -73.86 -6.16
N LYS LB 49 -77.45 -73.19 -7.18
CA LYS LB 49 -78.59 -73.71 -7.92
C LYS LB 49 -78.66 -73.00 -9.28
N PRO LB 50 -79.16 -73.68 -10.32
CA PRO LB 50 -79.34 -75.13 -10.36
C PRO LB 50 -78.38 -75.81 -11.33
N ASN LB 51 -77.50 -75.04 -11.98
CA ASN LB 51 -76.87 -75.58 -13.16
C ASN LB 51 -75.69 -76.49 -12.84
N GLU LB 52 -74.55 -75.89 -12.47
CA GLU LB 52 -73.33 -76.65 -12.14
C GLU LB 52 -72.41 -75.76 -11.30
N GLU LB 53 -72.50 -75.91 -9.97
CA GLU LB 53 -71.41 -75.68 -8.99
C GLU LB 53 -70.66 -74.36 -9.15
N VAL LB 54 -71.39 -73.29 -9.50
CA VAL LB 54 -70.76 -72.00 -9.77
C VAL LB 54 -71.77 -70.90 -9.42
N THR LB 55 -71.25 -69.72 -9.10
CA THR LB 55 -72.05 -68.51 -9.05
C THR LB 55 -71.45 -67.34 -9.80
N TRP LB 56 -70.15 -67.34 -10.07
CA TRP LB 56 -69.50 -66.37 -10.95
C TRP LB 56 -68.19 -66.97 -11.44
N LYS LB 57 -67.65 -66.38 -12.49
CA LYS LB 57 -66.40 -66.85 -13.06
C LYS LB 57 -65.65 -65.73 -13.75
N MET MB 1 65.26 -62.74 6.51
CA MET MB 1 64.04 -63.46 6.86
C MET MB 1 63.25 -62.70 7.92
N TRP MB 2 62.32 -63.39 8.58
CA TRP MB 2 61.44 -62.78 9.56
C TRP MB 2 62.05 -62.72 10.96
N PHE MB 3 63.38 -62.75 11.05
CA PHE MB 3 64.08 -62.87 12.33
C PHE MB 3 63.85 -61.65 13.23
N GLU MB 4 63.51 -60.49 12.67
CA GLU MB 4 63.37 -59.29 13.47
C GLU MB 4 61.93 -58.85 13.71
N VAL MB 5 60.97 -59.41 12.98
CA VAL MB 5 59.58 -58.99 13.18
C VAL MB 5 58.95 -59.72 14.35
N LEU MB 6 59.58 -60.80 14.81
CA LEU MB 6 59.03 -61.59 15.91
C LEU MB 6 58.90 -60.87 17.26
N PRO MB 7 59.82 -59.99 17.71
CA PRO MB 7 59.57 -59.33 19.01
C PRO MB 7 58.35 -58.42 19.03
N GLY MB 8 58.03 -57.73 17.92
CA GLY MB 8 56.84 -56.90 17.92
C GLY MB 8 55.57 -57.71 18.01
N ILE MB 9 55.51 -58.83 17.28
CA ILE MB 9 54.37 -59.73 17.33
C ILE MB 9 54.25 -60.35 18.72
N ALA MB 10 55.39 -60.70 19.33
CA ALA MB 10 55.36 -61.35 20.63
C ALA MB 10 54.92 -60.40 21.74
N VAL MB 11 55.41 -59.16 21.72
CA VAL MB 11 54.98 -58.18 22.71
C VAL MB 11 53.50 -57.83 22.52
N MET MB 12 53.06 -57.68 21.27
CA MET MB 12 51.67 -57.35 21.03
C MET MB 12 50.75 -58.54 21.31
N GLY MB 13 51.28 -59.77 21.25
CA GLY MB 13 50.50 -60.93 21.62
C GLY MB 13 50.43 -61.18 23.12
N VAL MB 14 51.46 -60.78 23.86
CA VAL MB 14 51.33 -60.75 25.32
C VAL MB 14 50.36 -59.65 25.71
N CYS MB 15 50.31 -58.55 24.94
CA CYS MB 15 49.26 -57.55 25.14
C CYS MB 15 47.89 -58.12 24.88
N LEU MB 16 47.75 -59.03 23.91
CA LEU MB 16 46.49 -59.74 23.77
C LEU MB 16 46.31 -60.88 24.76
N PHE MB 17 47.39 -61.31 25.42
CA PHE MB 17 47.26 -62.41 26.38
C PHE MB 17 46.63 -61.94 27.68
N ILE MB 18 47.04 -60.78 28.16
CA ILE MB 18 46.66 -60.26 29.48
C ILE MB 18 45.16 -60.02 29.70
N PRO MB 19 44.28 -59.76 28.71
CA PRO MB 19 42.84 -59.74 29.07
C PRO MB 19 42.30 -61.10 29.46
N GLY MB 20 42.74 -62.18 28.80
CA GLY MB 20 42.22 -63.49 29.13
C GLY MB 20 42.66 -63.97 30.50
N MET MB 21 43.96 -63.90 30.77
CA MET MB 21 44.47 -64.35 32.06
C MET MB 21 44.01 -63.43 33.19
N ALA MB 22 43.91 -62.11 32.91
CA ALA MB 22 43.42 -61.19 33.92
C ALA MB 22 41.95 -61.44 34.23
N THR MB 23 41.14 -61.71 33.20
CA THR MB 23 39.72 -61.96 33.41
C THR MB 23 39.50 -63.25 34.17
N ALA MB 24 40.26 -64.31 33.84
CA ALA MB 24 40.14 -65.57 34.57
C ALA MB 24 40.58 -65.43 36.01
N ARG MB 25 41.63 -64.64 36.25
CA ARG MB 25 42.08 -64.37 37.61
C ARG MB 25 41.03 -63.62 38.40
N ILE MB 26 40.35 -62.66 37.77
CA ILE MB 26 39.34 -61.89 38.49
C ILE MB 26 38.10 -62.73 38.77
N HIS MB 27 37.70 -63.60 37.82
CA HIS MB 27 36.57 -64.50 38.06
C HIS MB 27 36.85 -65.47 39.20
N ARG MB 28 38.03 -66.07 39.22
CA ARG MB 28 38.34 -66.98 40.32
C ARG MB 28 38.66 -66.25 41.61
N PHE MB 29 39.00 -64.96 41.54
CA PHE MB 29 39.23 -64.17 42.75
C PHE MB 29 37.92 -63.70 43.36
N SER MB 30 36.88 -63.59 42.55
CA SER MB 30 35.64 -62.94 42.98
C SER MB 30 34.67 -63.87 43.69
N ASN MB 31 34.73 -65.17 43.47
CA ASN MB 31 33.67 -66.05 43.93
C ASN MB 31 34.23 -67.27 44.66
N GLY MB 32 35.16 -67.02 45.59
CA GLY MB 32 35.64 -68.07 46.48
C GLY MB 32 36.42 -69.18 45.80
N GLY MB 33 37.08 -68.85 44.69
CA GLY MB 33 37.73 -69.85 43.88
C GLY MB 33 36.86 -70.45 42.81
N ARG MB 34 35.54 -70.36 42.94
CA ARG MB 34 34.62 -71.03 42.04
C ARG MB 34 34.55 -70.31 40.70
N GLU MB 35 34.68 -71.09 39.63
CA GLU MB 35 34.30 -70.66 38.30
C GLU MB 35 32.83 -70.21 38.28
N LYS MB 36 32.59 -69.09 37.60
CA LYS MB 36 31.34 -68.35 37.79
C LYS MB 36 30.14 -69.09 37.24
N ARG MB 37 29.10 -69.23 38.07
CA ARG MB 37 27.87 -69.89 37.68
C ARG MB 37 27.11 -69.04 36.70
N VAL MB 38 27.33 -69.24 35.39
CA VAL MB 38 26.61 -68.46 34.40
C VAL MB 38 25.17 -68.94 34.31
N ALA MB 39 24.24 -67.99 34.21
CA ALA MB 39 22.81 -68.28 34.30
C ALA MB 39 22.16 -67.92 32.96
N HIS MB 40 21.92 -68.93 32.14
CA HIS MB 40 21.28 -68.71 30.85
C HIS MB 40 19.80 -68.41 31.02
N TYR MB 41 19.05 -69.34 31.55
CA TYR MB 41 17.59 -69.22 31.59
C TYR MB 41 17.10 -69.05 33.02
N SER MB 42 15.79 -68.83 33.13
CA SER MB 42 15.17 -68.53 34.42
C SER MB 42 15.16 -69.72 35.35
N TYR MB 43 15.25 -70.94 34.81
CA TYR MB 43 15.44 -72.12 35.63
C TYR MB 43 16.77 -72.05 36.38
N GLN MB 44 17.84 -71.72 35.65
CA GLN MB 44 19.16 -71.60 36.26
C GLN MB 44 19.21 -70.42 37.22
N TRP MB 45 18.49 -69.34 36.91
CA TRP MB 45 18.49 -68.20 37.83
C TRP MB 45 17.72 -68.52 39.09
N TYR MB 46 16.63 -69.28 38.99
CA TYR MB 46 15.90 -69.62 40.20
C TYR MB 46 16.67 -70.63 41.05
N LEU MB 47 17.41 -71.52 40.39
CA LEU MB 47 18.29 -72.44 41.12
C LEU MB 47 19.43 -71.69 41.81
N MET MB 48 20.03 -70.73 41.11
CA MET MB 48 21.04 -69.86 41.72
C MET MB 48 20.44 -68.99 42.83
N GLU MB 49 19.15 -68.65 42.71
CA GLU MB 49 18.50 -67.82 43.72
C GLU MB 49 18.27 -68.61 45.00
N ARG MB 50 17.82 -69.85 44.89
CA ARG MB 50 17.72 -70.64 46.11
C ARG MB 50 19.09 -71.04 46.64
N ASP MB 51 20.10 -71.09 45.76
CA ASP MB 51 21.47 -71.32 46.19
C ASP MB 51 21.97 -70.17 47.06
N ARG MB 52 21.75 -68.93 46.62
CA ARG MB 52 22.13 -67.78 47.44
C ARG MB 52 21.15 -67.52 48.58
N ARG MB 53 19.99 -68.17 48.56
CA ARG MB 53 19.10 -68.10 49.71
C ARG MB 53 19.57 -69.00 50.85
N VAL MB 54 20.06 -70.21 50.54
CA VAL MB 54 20.37 -71.16 51.58
C VAL MB 54 21.77 -70.97 52.16
N SER MB 55 22.43 -69.88 51.80
CA SER MB 55 23.81 -69.66 52.24
C SER MB 55 23.90 -68.96 53.59
N GLY MB 56 23.09 -67.94 53.82
CA GLY MB 56 23.08 -67.19 55.05
C GLY MB 56 23.79 -65.86 54.97
N VAL MB 57 24.89 -65.79 54.21
CA VAL MB 57 25.63 -64.54 54.03
C VAL MB 57 25.23 -63.86 52.73
N ASN MB 58 24.21 -64.41 52.05
CA ASN MB 58 23.70 -63.94 50.75
C ASN MB 58 24.80 -63.95 49.69
N ARG MB 59 25.62 -64.99 49.72
CA ARG MB 59 26.57 -65.27 48.64
C ARG MB 59 26.49 -66.75 48.33
N TYR MB 60 26.11 -67.07 47.09
CA TYR MB 60 25.76 -68.44 46.70
C TYR MB 60 26.97 -69.38 46.75
N TYR MB 61 28.18 -68.86 46.54
CA TYR MB 61 29.33 -69.71 46.30
C TYR MB 61 29.87 -70.37 47.57
N VAL MB 62 29.29 -70.08 48.73
CA VAL MB 62 29.64 -70.83 49.94
C VAL MB 62 29.18 -72.28 49.81
N SER MB 63 27.89 -72.47 49.48
CA SER MB 63 27.28 -73.72 49.04
C SER MB 63 27.32 -74.84 50.08
N LYS MB 64 27.52 -74.47 51.36
CA LYS MB 64 27.02 -75.14 52.58
C LYS MB 64 27.11 -76.67 52.51
N GLY MB 65 28.33 -77.17 52.43
CA GLY MB 65 28.50 -78.49 51.84
C GLY MB 65 28.20 -79.71 52.67
N LEU MB 66 27.02 -80.28 52.44
CA LEU MB 66 26.53 -81.55 53.00
C LEU MB 66 26.65 -81.56 54.53
N GLU MB 67 26.09 -80.53 55.16
CA GLU MB 67 26.14 -80.43 56.61
C GLU MB 67 24.82 -80.02 57.23
N ASN MB 68 23.85 -79.54 56.46
CA ASN MB 68 22.50 -79.31 56.96
C ASN MB 68 21.58 -80.46 56.60
N ILE MB 69 22.13 -81.67 56.61
CA ILE MB 69 21.30 -82.87 56.60
C ILE MB 69 20.45 -82.92 57.87
N ASP MB 70 21.03 -82.49 58.99
CA ASP MB 70 20.32 -82.41 60.27
C ASP MB 70 19.38 -81.21 60.31
CHA HEM NB . -48.95 42.41 60.86
CHB HEM NB . -46.59 39.24 58.05
CHC HEM NB . -44.61 42.96 55.64
CHD HEM NB . -47.67 45.98 57.88
C1A HEM NB . -48.42 41.26 60.31
C2A HEM NB . -48.67 39.98 60.82
C3A HEM NB . -48.03 39.08 60.06
C4A HEM NB . -47.37 39.79 59.05
CMA HEM NB . -48.02 37.59 60.25
CAA HEM NB . -49.51 39.66 62.03
CBA HEM NB . -48.64 39.79 63.29
CGA HEM NB . -49.54 40.21 64.42
O1A HEM NB . -50.71 39.88 64.41
O2A HEM NB . -49.06 40.94 65.43
C1B HEM NB . -45.85 40.05 57.21
C2B HEM NB . -44.92 39.48 56.31
C3B HEM NB . -44.35 40.48 55.61
C4B HEM NB . -44.96 41.72 56.13
CMB HEM NB . -44.64 38.02 56.17
CAB HEM NB . -43.33 40.37 54.56
CBB HEM NB . -43.64 39.90 53.36
C1C HEM NB . -45.30 44.09 56.02
C2C HEM NB . -45.11 45.36 55.47
C3C HEM NB . -45.97 46.21 56.11
C4C HEM NB . -46.69 45.45 57.07
CMC HEM NB . -44.13 45.72 54.37
CAC HEM NB . -46.10 47.65 55.85
CBC HEM NB . -45.22 48.48 56.38
C1D HEM NB . -48.25 45.24 58.92
C2D HEM NB . -49.12 45.83 59.92
C3D HEM NB . -49.49 44.84 60.75
C4D HEM NB . -48.82 43.65 60.25
CMD HEM NB . -49.56 47.27 60.01
CAD HEM NB . -50.37 44.95 61.97
CBD HEM NB . -49.39 45.25 63.12
CGD HEM NB . -49.90 44.88 64.48
O1D HEM NB . -50.07 45.73 65.32
O2D HEM NB . -50.17 43.60 64.78
NA HEM NB . -47.62 41.11 59.21
NB HEM NB . -45.84 41.38 57.07
NC HEM NB . -46.26 44.15 56.97
ND HEM NB . -48.10 43.94 59.17
FE HEM NB . -46.99 42.66 58.12
CHA HEM OB . -36.22 58.57 45.19
CHB HEM OB . -37.30 54.27 47.12
CHC HEM OB . -41.92 55.71 47.39
CHD HEM OB . -40.91 59.19 44.20
C1A HEM OB . -36.12 57.32 45.76
C2A HEM OB . -34.90 56.67 46.09
C3A HEM OB . -35.21 55.46 46.62
C4A HEM OB . -36.60 55.35 46.65
CMA HEM OB . -34.26 54.40 47.12
CAA HEM OB . -33.52 57.19 45.87
CBA HEM OB . -32.95 57.82 47.15
CGA HEM OB . -33.21 59.30 47.13
O1A HEM OB . -32.36 60.05 46.75
O2A HEM OB . -34.39 59.78 47.55
C1B HEM OB . -38.66 54.38 47.39
C2B HEM OB . -39.31 53.41 48.17
C3B HEM OB . -40.61 53.78 48.27
C4B HEM OB . -40.72 55.05 47.51
CMB HEM OB . -38.71 52.17 48.79
CAB HEM OB . -41.68 53.09 48.99
CBB HEM OB . -42.37 52.15 48.35
C1C HEM OB . -42.04 56.76 46.51
C2C HEM OB . -43.25 57.36 46.19
C3C HEM OB . -42.97 58.35 45.28
C4C HEM OB . -41.56 58.34 45.06
CMC HEM OB . -44.60 57.00 46.75
CAC HEM OB . -43.96 59.24 44.67
CBC HEM OB . -44.77 58.83 43.70
C1D HEM OB . -39.54 59.37 44.26
C2D HEM OB . -38.85 60.48 43.62
C3D HEM OB . -37.54 60.31 43.89
C4D HEM OB . -37.42 59.08 44.70
CMD HEM OB . -39.50 61.57 42.82
CAD HEM OB . -36.42 61.21 43.44
CBD HEM OB . -36.27 62.40 44.40
CGD HEM OB . -35.26 63.36 43.86
O1D HEM OB . -35.19 64.47 44.31
O2D HEM OB . -34.41 62.98 42.88
NA HEM OB . -37.14 56.47 46.11
NB HEM OB . -39.51 55.33 47.01
NC HEM OB . -41.03 57.35 45.84
ND HEM OB . -38.65 58.59 44.86
FE HEM OB . -39.07 56.93 45.89
FE HEC PB . -66.03 42.59 87.26
CHA HEC PB . -66.94 43.96 84.24
CHB HEC PB . -63.12 44.33 87.15
CHC HEC PB . -64.94 40.97 90.11
CHD HEC PB . -68.89 40.83 87.33
NA HEC PB . -65.22 43.88 85.97
C1A HEC PB . -65.73 44.33 84.78
C2A HEC PB . -64.79 45.24 84.17
C3A HEC PB . -63.74 45.35 84.97
C4A HEC PB . -63.98 44.49 86.11
CMA HEC PB . -62.46 46.20 84.81
CAA HEC PB . -65.05 45.92 82.82
CBA HEC PB . -65.95 47.16 82.88
CGA HEC PB . -66.03 47.74 81.49
O1A HEC PB . -66.20 46.89 80.58
O2A HEC PB . -65.86 48.98 81.40
NB HEC PB . -64.39 42.64 88.40
C1B HEC PB . -63.28 43.43 88.17
C2B HEC PB . -62.30 43.19 89.18
C3B HEC PB . -62.80 42.26 90.00
C4B HEC PB . -64.11 41.90 89.53
CMB HEC PB . -60.95 43.95 89.15
CAB HEC PB . -62.09 41.65 91.27
CBB HEC PB . -61.93 42.52 92.35
NC HEC PB . -66.78 41.20 88.47
C1C HEC PB . -66.18 40.66 89.59
C2C HEC PB . -67.07 39.66 90.17
C3C HEC PB . -68.15 39.62 89.40
C4C HEC PB . -68.00 40.56 88.34
CMC HEC PB . -66.71 38.85 91.45
CAC HEC PB . -69.43 38.71 89.58
CBC HEC PB . -70.51 39.32 90.15
ND HEC PB . -67.60 42.43 86.03
C1D HEC PB . -68.70 41.64 86.24
C2D HEC PB . -69.60 41.78 85.13
C3D HEC PB . -69.08 42.64 84.27
C4D HEC PB . -67.80 43.06 84.83
CMD HEC PB . -70.94 41.01 85.07
CAD HEC PB . -69.63 43.14 82.93
CBD HEC PB . -70.86 44.05 82.91
CGD HEC PB . -71.88 43.67 81.89
O1D HEC PB . -73.04 44.13 82.11
O2D HEC PB . -71.52 42.94 80.92
FE1 FES QB . -34.00 3.15 63.07
FE2 FES QB . -32.74 4.12 60.46
S1 FES QB . -33.26 2.15 61.26
S2 FES QB . -33.86 5.10 62.08
CHA HEM RB . -47.86 21.66 49.05
CHB HEM RB . -47.93 26.48 48.75
CHC HEM RB . -44.21 26.33 45.66
CHD HEM RB . -44.19 21.50 45.94
C1A HEM RB . -48.16 22.99 49.21
C2A HEM RB . -49.19 23.44 50.07
C3A HEM RB . -49.21 24.80 49.99
C4A HEM RB . -48.21 25.18 49.09
CMA HEM RB . -50.09 25.78 50.71
CAA HEM RB . -50.04 22.54 50.92
CBA HEM RB . -51.48 22.45 50.40
CGA HEM RB . -51.71 21.17 49.66
O1A HEM RB . -50.79 20.43 49.41
O2A HEM RB . -52.96 20.84 49.30
C1B HEM RB . -46.91 26.77 47.87
C2B HEM RB . -46.62 28.13 47.59
C3B HEM RB . -45.58 28.13 46.72
C4B HEM RB . -45.24 26.71 46.50
CMB HEM RB . -47.34 29.32 48.15
CAB HEM RB . -44.91 29.30 46.13
CBB HEM RB . -44.14 30.09 46.87
C1C HEM RB . -43.89 25.01 45.48
C2C HEM RB . -42.84 24.57 44.68
C3C HEM RB . -42.83 23.19 44.76
C4C HEM RB . -43.89 22.81 45.63
CMC HEM RB . -41.93 25.50 43.91
CAC HEM RB . -41.90 22.27 44.09
CBC HEM RB . -41.80 22.19 42.77
C1D HEM RB . -45.19 21.15 46.82
C2D HEM RB . -45.48 19.77 47.19
C3D HEM RB . -46.50 19.81 48.07
C4D HEM RB . -46.83 21.23 48.22
CMD HEM RB . -44.77 18.54 46.69
CAD HEM RB . -47.19 18.65 48.73
CBD HEM RB . -48.39 18.33 47.84
CGD HEM RB . -49.29 17.30 48.46
O1D HEM RB . -48.88 16.56 49.32
O2D HEM RB . -50.56 17.20 48.04
NA HEM RB . -47.59 24.08 48.61
NB HEM RB . -46.08 25.96 47.22
NC HEM RB . -44.53 23.95 46.05
ND HEM RB . -46.03 21.96 47.45
FE HEM RB . -46.08 23.95 47.31
CHA HEM SB . -29.55 27.63 31.12
CHB HEM SB . -33.29 27.85 34.14
CHC HEM SB . -31.05 24.79 37.16
CHD HEM SB . -27.21 24.81 34.22
C1A HEM SB . -30.76 27.90 31.70
C2A HEM SB . -31.76 28.69 31.09
C3A HEM SB . -32.80 28.76 31.93
C4A HEM SB . -32.48 28.02 33.06
CMA HEM SB . -34.10 29.49 31.71
CAA HEM SB . -31.68 29.34 29.74
CBA HEM SB . -32.17 28.35 28.69
CGA HEM SB . -30.99 27.77 27.95
O1A HEM SB . -30.44 28.43 27.11
O2A HEM SB . -30.57 26.53 28.23
C1B HEM SB . -32.94 27.00 35.18
C2B HEM SB . -33.86 26.77 36.22
C3B HEM SB . -33.27 25.92 37.08
C4B HEM SB . -31.94 25.64 36.52
CMB HEM SB . -35.24 27.36 36.34
CAB HEM SB . -33.86 25.39 38.30
CBB HEM SB . -33.56 25.95 39.46
C1C HEM SB . -29.82 24.55 36.62
C2C HEM SB . -28.88 23.69 37.16
C3C HEM SB . -27.80 23.69 36.31
C4C HEM SB . -28.08 24.57 35.24
CMC HEM SB . -29.00 22.88 38.42
CAC HEM SB . -26.56 22.94 36.51
CBC HEM SB . -25.62 23.52 37.23
C1D HEM SB . -27.55 25.56 33.12
C2D HEM SB . -26.66 25.74 31.98
C3D HEM SB . -27.31 26.53 31.11
C4D HEM SB . -28.59 26.84 31.73
CMD HEM SB . -25.30 25.12 31.84
CAD HEM SB . -26.82 26.98 29.76
CBD HEM SB . -27.28 25.93 28.77
CGD HEM SB . -26.99 26.34 27.36
O1D HEM SB . -25.90 26.16 26.89
O2D HEM SB . -27.96 26.90 26.62
NA HEM SB . -31.23 27.50 32.92
NB HEM SB . -31.81 26.32 35.38
NC HEM SB . -29.35 25.08 35.44
ND HEM SB . -28.66 26.24 32.92
FE HEM SB . -30.20 26.34 34.17
FE HEC TB . -65.00 -2.71 59.30
CHA HEC TB . -61.59 -2.52 59.63
CHB HEC TB . -64.71 -1.87 56.04
CHC HEC TB . -68.43 -2.82 58.96
CHD HEC TB . -65.32 -3.07 62.63
NA HEC TB . -63.47 -2.28 58.09
C1A HEC TB . -62.13 -2.26 58.40
C2A HEC TB . -61.36 -1.90 57.22
C3A HEC TB . -62.22 -1.71 56.24
C4A HEC TB . -63.55 -1.96 56.76
CMA HEC TB . -61.96 -1.32 54.77
CAA HEC TB . -59.83 -1.75 57.23
CBA HEC TB . -59.03 -3.01 56.83
CGA HEC TB . -57.61 -2.65 56.46
O1A HEC TB . -57.15 -1.61 57.01
O2A HEC TB . -57.04 -3.41 55.66
NB HEC TB . -66.30 -2.42 57.81
C1B HEC TB . -65.96 -2.06 56.53
C2B HEC TB . -67.15 -1.93 55.75
C3B HEC TB . -68.18 -2.20 56.57
C4B HEC TB . -67.67 -2.50 57.85
CMB HEC TB . -67.15 -1.55 54.26
CAB HEC TB . -69.69 -2.18 56.16
CBB HEC TB . -70.08 -3.45 55.73
NC HEC TB . -66.54 -2.91 60.55
C1C HEC TB . -67.89 -2.93 60.21
C2C HEC TB . -68.70 -3.08 61.41
C3C HEC TB . -67.83 -3.14 62.41
C4C HEC TB . -66.50 -3.05 61.91
CMC HEC TB . -70.23 -3.14 61.42
CAC HEC TB . -68.21 -3.30 63.94
CBC HEC TB . -68.20 -4.60 64.37
ND HEC TB . -63.70 -2.79 60.82
C1D HEC TB . -64.04 -2.94 62.14
C2D HEC TB . -62.83 -2.95 62.93
C3D HEC TB . -61.80 -2.80 62.11
C4D HEC TB . -62.33 -2.69 60.77
CMD HEC TB . -62.84 -3.12 64.46
CAD HEC TB . -60.30 -2.73 62.46
CBD HEC TB . -59.38 -3.89 62.11
CGD HEC TB . -57.94 -3.50 62.04
O1D HEC TB . -57.74 -2.27 61.84
O2D HEC TB . -57.06 -4.39 62.15
FE1 FES UB . -73.92 53.24 57.72
FE2 FES UB . -71.65 54.66 56.17
S1 FES UB . -73.50 55.32 57.14
S2 FES UB . -72.05 52.58 56.78
FE1 SF4 VB . 110.83 -12.70 -45.46
FE2 SF4 VB . 111.46 -11.68 -47.87
FE3 SF4 VB . 109.11 -11.09 -46.67
FE4 SF4 VB . 111.49 -10.09 -45.73
S1 SF4 VB . 110.48 -9.60 -47.75
S2 SF4 VB . 109.77 -10.92 -44.47
S3 SF4 VB . 112.89 -11.88 -46.07
S4 SF4 VB . 109.76 -13.14 -47.44
N1 FMN WB . 120.86 -10.38 -58.05
C2 FMN WB . 122.18 -10.61 -58.18
O2 FMN WB . 122.87 -10.02 -59.03
N3 FMN WB . 122.81 -11.51 -57.34
C4 FMN WB . 122.20 -12.24 -56.33
O4 FMN WB . 122.86 -13.01 -55.65
C4A FMN WB . 120.79 -11.98 -56.21
N5 FMN WB . 120.13 -12.61 -55.28
C5A FMN WB . 118.77 -12.35 -55.15
C6 FMN WB . 118.07 -12.99 -54.13
C7 FMN WB . 116.72 -12.72 -53.93
C7M FMN WB . 115.99 -13.39 -52.80
C8 FMN WB . 116.06 -11.82 -54.77
C8M FMN WB . 114.61 -11.48 -54.56
C9 FMN WB . 116.76 -11.21 -55.81
C9A FMN WB . 118.11 -11.46 -55.99
N10 FMN WB . 118.86 -10.79 -56.97
C10 FMN WB . 120.20 -11.04 -57.12
C1' FMN WB . 118.23 -9.69 -57.73
C2' FMN WB . 117.68 -10.10 -59.08
O2' FMN WB . 118.48 -11.12 -59.68
C3' FMN WB . 117.66 -8.87 -59.98
O3' FMN WB . 116.60 -8.02 -59.55
C4' FMN WB . 117.47 -9.16 -61.47
O4' FMN WB . 118.35 -10.21 -61.86
C5' FMN WB . 117.71 -7.93 -62.32
O5' FMN WB . 117.18 -8.15 -63.64
P FMN WB . 117.98 -8.88 -64.79
O1P FMN WB . 117.28 -10.13 -65.16
O2P FMN WB . 118.09 -7.88 -65.94
O3P FMN WB . 119.39 -9.14 -64.23
FE1 FES XB . 131.94 -19.38 -47.24
FE2 FES XB . 130.41 -18.34 -49.68
S1 FES XB . 132.40 -17.99 -48.87
S2 FES XB . 129.99 -19.84 -48.12
FE1 SF4 YB . 94.18 -12.60 -28.67
FE2 SF4 YB . 94.89 -14.47 -26.88
FE3 SF4 YB . 96.79 -12.98 -28.09
FE4 SF4 YB . 95.16 -11.87 -26.25
S1 SF4 YB . 96.72 -13.52 -25.86
S2 SF4 YB . 95.72 -10.96 -28.27
S3 SF4 YB . 93.18 -12.96 -26.63
S4 SF4 YB . 95.41 -14.49 -29.11
FE1 SF4 ZB . 101.12 -4.38 -34.13
FE2 SF4 ZB . 102.96 -5.15 -32.28
FE3 SF4 ZB . 102.49 -2.53 -32.69
FE4 SF4 ZB . 100.60 -4.06 -31.50
S1 SF4 ZB . 102.67 -3.56 -30.64
S2 SF4 ZB . 100.25 -2.51 -33.14
S3 SF4 ZB . 100.87 -6.06 -32.59
S4 SF4 ZB . 103.39 -3.99 -34.21
FE1 FES AC . 98.25 -7.06 -44.14
FE2 FES AC . 97.17 -6.78 -46.96
S1 FES AC . 98.91 -7.78 -46.08
S2 FES AC . 96.41 -6.25 -44.97
P 3PE BC . -27.18 -19.07 -13.72
N 3PE BC . -25.22 -21.37 -17.49
O11 3PE BC . -28.33 -20.15 -13.51
O12 3PE BC . -27.75 -17.98 -14.54
O13 3PE BC . -26.10 -19.81 -14.62
O14 3PE BC . -26.57 -18.73 -12.41
C11 3PE BC . -25.89 -19.51 -16.02
C12 3PE BC . -24.76 -20.39 -16.47
C1 3PE BC . -28.07 -21.34 -12.74
C2 3PE BC . -28.90 -21.30 -11.48
C3 3PE BC . -30.37 -21.18 -11.76
O31 3PE BC . -31.07 -21.55 -10.55
O32 3PE BC . -32.25 -23.06 -11.68
C31 3PE BC . -31.96 -22.54 -10.65
C32 3PE BC . -32.54 -22.88 -9.31
C33 3PE BC . -33.64 -23.93 -9.42
C34 3PE BC . -34.06 -24.51 -8.08
C35 3PE BC . -34.75 -23.55 -7.14
C36 3PE BC . -34.67 -24.01 -5.69
C37 3PE BC . -35.06 -25.46 -5.48
C38 3PE BC . -36.47 -25.65 -4.97
C39 3PE BC . -36.70 -25.17 -3.56
C3A 3PE BC . -38.15 -25.22 -3.12
C3B 3PE BC . -38.40 -24.72 -1.70
C3C 3PE BC . -39.87 -24.70 -1.30
C3D 3PE BC . -40.10 -24.30 0.14
O21 3PE BC . -28.77 -22.59 -10.80
O22 3PE BC . -27.13 -21.79 -9.48
C21 3PE BC . -27.92 -22.66 -9.75
C22 3PE BC . -28.12 -23.91 -8.96
C23 3PE BC . -27.60 -23.82 -7.54
C24 3PE BC . -27.96 -25.05 -6.74
C25 3PE BC . -29.45 -25.24 -6.55
C26 3PE BC . -29.86 -26.64 -6.12
C27 3PE BC . -31.31 -26.77 -5.72
C28 3PE BC . -31.61 -26.31 -4.30
C29 3PE BC . -31.03 -27.20 -3.21
C2A 3PE BC . -31.06 -26.62 -1.81
C2B 3PE BC . -30.18 -27.39 -0.83
C2C 3PE BC . -30.26 -26.88 0.60
FE1 SF4 CC . 64.05 -27.72 -9.66
FE2 SF4 CC . 66.19 -29.26 -10.05
FE3 SF4 CC . 64.42 -29.89 -8.05
FE4 SF4 CC . 63.76 -30.28 -10.61
S1 SF4 CC . 65.44 -31.36 -9.49
S2 SF4 CC . 62.44 -29.24 -9.04
S3 SF4 CC . 64.76 -28.52 -11.67
S4 SF4 CC . 65.77 -28.03 -8.16
FE1 SF4 DC . 76.65 -24.73 -13.16
FE2 SF4 DC . 76.84 -24.09 -10.58
FE3 SF4 DC . 79.09 -24.01 -12.08
FE4 SF4 DC . 77.16 -22.16 -12.43
S1 SF4 DC . 78.43 -22.44 -10.53
S2 SF4 DC . 78.22 -23.34 -14.09
S3 SF4 DC . 75.24 -23.33 -12.03
S4 SF4 DC . 77.88 -25.88 -11.60
FE1 SF4 EC . 88.47 -20.57 -13.10
FE2 SF4 EC . 86.44 -18.76 -12.99
FE3 SF4 EC . 88.86 -18.14 -11.95
FE4 SF4 EC . 88.58 -18.35 -14.62
S1 SF4 EC . 87.57 -16.79 -13.30
S2 SF4 EC . 90.30 -19.21 -13.38
S3 SF4 EC . 87.02 -20.03 -14.81
S4 SF4 EC . 87.44 -19.78 -11.20
ZN ZN FC . 103.57 -20.77 -14.82
PA NDP GC . 52.13 -7.54 22.97
O1A NDP GC . 51.92 -8.97 23.27
O2A NDP GC . 51.82 -7.27 21.51
O5B NDP GC . 53.62 -7.02 23.25
C5B NDP GC . 54.23 -7.11 24.55
C4B NDP GC . 55.69 -7.41 24.37
O4B NDP GC . 56.40 -7.25 25.61
C3B NDP GC . 55.99 -8.85 23.90
O3B NDP GC . 56.94 -8.84 22.85
C2B NDP GC . 56.60 -9.50 25.13
O2B NDP GC . 57.52 -10.57 24.79
C1B NDP GC . 57.34 -8.30 25.73
N9A NDP GC . 57.67 -8.48 27.14
C8A NDP GC . 56.89 -8.19 28.22
N7A NDP GC . 57.46 -8.47 29.37
C5A NDP GC . 58.70 -8.99 29.01
C6A NDP GC . 59.79 -9.46 29.77
N6A NDP GC . 59.80 -9.51 31.10
N1A NDP GC . 60.89 -9.87 29.08
C2A NDP GC . 60.87 -9.81 27.76
N3A NDP GC . 59.90 -9.41 26.94
C4A NDP GC . 58.84 -8.99 27.63
O3 NDP GC . 51.13 -6.64 23.83
PN NDP GC . 49.91 -5.71 23.43
O1N NDP GC . 49.08 -6.37 22.40
O2N NDP GC . 49.07 -5.49 24.67
O5D NDP GC . 50.42 -4.29 22.95
C5D NDP GC . 51.67 -4.03 22.29
C4D NDP GC . 52.43 -2.89 22.95
O4D NDP GC . 51.58 -1.71 23.02
C3D NDP GC . 52.94 -3.13 24.36
O3D NDP GC . 54.22 -2.54 24.55
C2D NDP GC . 51.86 -2.49 25.26
O2D NDP GC . 52.40 -1.92 26.44
C1D NDP GC . 51.27 -1.40 24.35
N1N NDP GC . 49.82 -1.25 24.46
C2N NDP GC . 49.20 -0.14 23.96
C3N NDP GC . 47.86 0.04 24.03
C7N NDP GC . 47.32 1.24 23.42
O7N NDP GC . 47.92 2.31 23.54
N7N NDP GC . 46.18 1.12 22.75
C4N NDP GC . 46.99 -0.96 24.68
C5N NDP GC . 47.74 -2.15 25.10
C6N NDP GC . 49.06 -2.25 24.98
P2B NDP GC . 57.05 -12.11 24.69
O1X NDP GC . 55.66 -12.20 24.15
O2X NDP GC . 58.08 -12.81 23.80
O3X NDP GC . 57.15 -12.70 26.09
O7 ZMP HC . 28.69 7.05 -24.29
P1 ZMP HC . 29.15 7.79 -22.95
O6 ZMP HC . 29.48 9.20 -23.25
O5 ZMP HC . 30.50 7.03 -22.54
C21 ZMP HC . 30.46 5.66 -22.15
C18 ZMP HC . 31.68 4.97 -22.74
C19 ZMP HC . 32.92 5.31 -21.91
C20 ZMP HC . 31.44 3.46 -22.72
C17 ZMP HC . 31.83 5.47 -24.19
O4 ZMP HC . 30.91 4.75 -25.01
C16 ZMP HC . 33.24 5.34 -24.76
O3 ZMP HC . 33.99 6.32 -24.83
N2 ZMP HC . 33.56 4.14 -25.24
C15 ZMP HC . 34.87 3.87 -25.84
C14 ZMP HC . 35.61 2.80 -25.02
C13 ZMP HC . 35.88 3.33 -23.61
O2 ZMP HC . 35.92 4.55 -23.39
N1 ZMP HC . 36.06 2.41 -22.64
C12 ZMP HC . 36.02 0.96 -22.88
C11 ZMP HC . 36.48 0.23 -21.62
S1 ZMP HC . 36.27 -1.59 -21.76
C10 ZMP HC . 36.88 -2.10 -20.21
O1 ZMP HC . 37.07 -1.35 -19.24
C9 ZMP HC . 37.16 -3.60 -20.11
C8 ZMP HC . 37.84 -3.91 -18.78
C7 ZMP HC . 36.78 -4.29 -17.74
C6 ZMP HC . 37.50 -4.56 -16.41
C5 ZMP HC . 36.65 -5.43 -15.52
C4 ZMP HC . 37.39 -5.59 -14.19
C3 ZMP HC . 36.59 -6.50 -13.27
C2 ZMP HC . 36.68 -6.02 -11.83
C1 ZMP HC . 35.59 -6.72 -11.00
C22 ZMP HC . 35.54 -6.08 -9.60
C23 ZMP HC . 34.56 -6.75 -8.64
P 3PE IC . -64.46 4.11 -22.87
N 3PE IC . -65.63 7.22 -26.21
O11 3PE IC . -64.37 2.53 -22.67
O12 3PE IC . -63.15 4.68 -22.50
O13 3PE IC . -64.65 4.32 -24.43
O14 3PE IC . -65.67 4.61 -22.20
C11 3PE IC . -65.75 5.08 -24.98
C12 3PE IC . -65.33 6.52 -24.93
C1 3PE IC . -63.14 1.90 -22.22
C2 3PE IC . -63.48 0.62 -21.49
C3 3PE IC . -62.39 -0.41 -21.66
O31 3PE IC . -61.75 -0.61 -20.38
O32 3PE IC . -62.27 -2.79 -20.41
C31 3PE IC . -61.83 -1.82 -19.83
C32 3PE IC . -61.35 -1.83 -18.41
C33 3PE IC . -60.50 -3.04 -18.05
C34 3PE IC . -60.19 -3.13 -16.57
C35 3PE IC . -61.42 -3.27 -15.70
C36 3PE IC . -61.16 -3.72 -14.28
C37 3PE IC . -62.43 -3.99 -13.50
C38 3PE IC . -62.24 -4.50 -12.09
C39 3PE IC . -63.55 -4.69 -11.34
C3A 3PE IC . -63.39 -5.01 -9.87
C3B 3PE IC . -64.69 -5.02 -9.10
O21 3PE IC . -63.57 0.96 -20.06
O22 3PE IC . -65.18 -0.58 -19.76
C21 3PE IC . -64.47 0.28 -19.32
C22 3PE IC . -64.43 0.72 -17.89
C23 3PE IC . -64.78 -0.39 -16.91
C24 3PE IC . -66.28 -0.49 -16.65
C25 3PE IC . -66.73 0.13 -15.34
C26 3PE IC . -66.52 -0.76 -14.13
C27 3PE IC . -66.99 -0.17 -12.82
C28 3PE IC . -68.36 0.49 -12.91
C29 3PE IC . -69.04 0.66 -11.56
C2A 3PE IC . -68.30 1.55 -10.59
C2B 3PE IC . -68.89 1.52 -9.19
C2C 3PE IC . -70.38 1.87 -9.13
O12 PC1 JC . -42.17 -37.47 12.84
P PC1 JC . -41.81 -36.73 14.08
O14 PC1 JC . -40.59 -37.14 14.81
O13 PC1 JC . -43.05 -36.88 15.07
C11 PC1 JC . -43.23 -38.08 15.86
C12 PC1 JC . -44.26 -37.67 16.88
N PC1 JC . -44.44 -38.61 18.05
C13 PC1 JC . -45.51 -38.08 18.95
C14 PC1 JC . -44.82 -39.97 17.58
C15 PC1 JC . -43.15 -38.70 18.82
O11 PC1 JC . -41.65 -35.21 13.66
C1 PC1 JC . -40.42 -34.80 13.00
C2 PC1 JC . -40.70 -34.25 11.63
O21 PC1 JC . -40.58 -32.79 11.66
C21 PC1 JC . -39.69 -32.22 10.84
O22 PC1 JC . -38.97 -32.84 10.10
C22 PC1 JC . -39.70 -30.73 10.97
C23 PC1 JC . -39.13 -30.03 9.75
C3 PC1 JC . -42.08 -34.59 11.14
O31 PC1 JC . -42.16 -34.19 9.75
C31 PC1 JC . -42.53 -35.13 8.89
O32 PC1 JC . -42.88 -36.24 9.20
C32 PC1 JC . -42.44 -34.63 7.47
C33 PC1 JC . -41.01 -34.37 7.03
C34 PC1 JC . -40.57 -32.92 7.18
C35 PC1 JC . -41.16 -31.98 6.15
C36 PC1 JC . -40.62 -30.55 6.19
C37 PC1 JC . -41.17 -29.68 5.07
O7 ZMP KC . -53.00 32.96 -47.74
P1 ZMP KC . -54.24 33.72 -47.05
O6 ZMP KC . -54.88 34.62 -48.02
O5 ZMP KC . -53.51 34.60 -45.94
C21 ZMP KC . -54.09 34.77 -44.65
C18 ZMP KC . -53.42 35.96 -43.99
C19 ZMP KC . -51.90 35.79 -44.11
C20 ZMP KC . -53.88 37.22 -44.71
C17 ZMP KC . -53.84 36.00 -42.51
O4 ZMP KC . -55.13 36.61 -42.43
C16 ZMP KC . -52.86 36.78 -41.65
O3 ZMP KC . -52.72 37.99 -41.76
N2 ZMP KC . -52.22 36.06 -40.73
C15 ZMP KC . -51.25 36.66 -39.81
C14 ZMP KC . -51.69 36.41 -38.37
C13 ZMP KC . -53.00 37.16 -38.10
O2 ZMP KC . -53.39 38.02 -38.88
N1 ZMP KC . -53.66 36.85 -36.96
C12 ZMP KC . -53.23 35.85 -35.98
C11 ZMP KC . -54.16 35.98 -34.77
S1 ZMP KC . -55.92 35.80 -35.22
C10 ZMP KC . -56.61 36.85 -34.05
O1 ZMP KC . -56.28 38.02 -33.91
C9 ZMP KC . -57.68 36.21 -33.16
C8 ZMP KC . -58.74 37.23 -32.73
C7 ZMP KC . -59.70 36.60 -31.71
C6 ZMP KC . -60.21 35.24 -32.19
C5 ZMP KC . -61.26 34.69 -31.23
C4 ZMP KC . -61.98 33.49 -31.88
C3 ZMP KC . -62.85 32.81 -30.83
C2 ZMP KC . -63.57 31.61 -31.45
#